data_7QY7
#
_entry.id   7QY7
#
_cell.length_a   1.00
_cell.length_b   1.00
_cell.length_c   1.00
_cell.angle_alpha   90.00
_cell.angle_beta   90.00
_cell.angle_gamma   90.00
#
_symmetry.space_group_name_H-M   'P 1'
#
loop_
_entity.id
_entity.type
_entity.pdbx_description
1 polymer '26S proteasome non-ATPase regulatory subunit 13'
2 polymer '26S proteasome non-ATPase regulatory subunit 4'
3 polymer '26S proteasome non-ATPase regulatory subunit 14'
4 polymer '26S proteasome non-ATPase regulatory subunit 8'
5 polymer '26S proteasome complex subunit SEM1'
6 polymer '26S proteasome non-ATPase regulatory subunit 2'
7 polymer '26S proteasome non-ATPase regulatory subunit 1'
8 polymer '26S proteasome non-ATPase regulatory subunit 3'
9 polymer '26S proteasome non-ATPase regulatory subunit 12'
10 polymer '26S proteasome non-ATPase regulatory subunit 11'
11 polymer '26S proteasome non-ATPase regulatory subunit 6'
12 polymer '26S proteasome non-ATPase regulatory subunit 7'
13 polymer '26S protease regulatory subunit 7'
14 polymer '26S protease regulatory subunit 4'
15 polymer 'PSMC5 isoform 15'
16 polymer '26S protease regulatory subunit 6B'
17 polymer '26S proteasome regulatory subunit 10B'
18 polymer '26S protease regulatory subunit 6A'
19 polymer 'Proteasome subunit alpha type-6'
20 polymer 'Proteasome subunit alpha type-2'
21 polymer 'Proteasome subunit alpha type-4'
22 polymer 'Proteasome subunit alpha type-7'
23 polymer 'Proteasome subunit alpha type-5'
24 polymer 'Isoform Long of Proteasome subunit alpha type-1'
25 polymer 'Proteasome subunit alpha type-3'
26 polymer 'Proteasome subunit beta type-6'
27 polymer 'Proteasome subunit beta type-7'
28 polymer 'Proteasome subunit beta type-3'
29 polymer 'Proteasome subunit beta type-2'
30 polymer 'Proteasome subunit beta type-5'
31 polymer 'Proteasome subunit beta type-1'
32 polymer 'Proteasome subunit beta type-4'
33 non-polymer 'ZINC ION'
34 non-polymer "ADENOSINE-5'-TRIPHOSPHATE"
#
loop_
_entity_poly.entity_id
_entity_poly.type
_entity_poly.pdbx_seq_one_letter_code
_entity_poly.pdbx_strand_id
1 'polypeptide(L)'
;MKDVPGFLQQSQNSGPGQPAVWHRLEELYTKKLWHQLTLQVLDFVQDPCFAQGDGLIKLYENFISEFEHRVNPLSLVEII
LHVVRQMTDPNVALTFLEKTREKVKSSDEAVILCKTAIGALKLNIGDLQVTKETIEDVEEMLNNLPGVTSVHSRFYDLSS
KYYQTIGNHASYYKDALRFLGCVDIKDLPVSEQQERAFTLGLAGLLGEGVFNFGELLMHPVLESLRNTDRQWLIDTLYAF
NSGNVERFQTLKTAWGQQPDLAANEAQLLRKIQLLCLMEMTFTRPANHRQLTFEEIAKSAKITVNEVELLVMKALSVGLV
KGSIDEVDKRVHMTWVQPRVLDLQQIKGMKDRLEFWCTDVKSMEMLVEHQAHDILT
;
a
2 'polypeptide(L)'
;MVLESTMVCVDNSEYMRNGDFLPTRLQAQQDAVNIVCHSKTRSNPENNVGLITLANDCEVLTTLTPDTGRILSKLHTVQP
KGKITFCTGIRVAHLALKHRQGKNHKMRIIAFVGSPVEDNEKDLVKLAKRLKKEKVNVDIINFGEEEVNTEKLTAFVNTL
NGKDGTGSHLVTVPPGPSLADALISSPILAGEGGAMLGLGASDFEFGVDPSADPELALALRVSMEEQRQRQEEEARRAAA
ASAAEAGIATTGTEDSDDALLKMTISQQEFGRTGLPDLSSMTEEEQIAYAMQMSLQGAEFGQAESADIDASSAMDTSEPA
KEEDDYDVMQDPEFLQSVLENLPGVDPNNEAIRNAMGSLASQATKDGKKDKKEEDKK
;
b
3 'polypeptide(L)'
;DRLLRLGGGMPGLGQGPPTDAPAVDTAEQVYISSLALLKMLKHGRAGVPMEVMGLMLGEFVDDYTVRVIDVFAMPQSGTG
VSVEAVDPVFQAKMLDMLKQTGRPEMVVGWYHSHPGFGCWLSGVDINTQQSFEALSERAVAVVVDPIQSVKGKVVIDAFR
LINANMMVLGHEPRQTTSNLGHLNKPSIQALIHGLNRHYYSITINYRKNELEQKMLLNLHKKSWMEGLTLQDYSEHCKHN
ESVVKEMLELAKNYNKAVEEEDKMTPEQLAIKNVGKQDPKRHLEEHVDVLMTSNIVQCLAAMLDTVVFK
;
c
4 'polypeptide(L)'
;FIKGRAPRAPPRERRRATRGGLRQVVAPPRALGSTSRPHFRRASVCRRRCRKSGGLLAASRKMAAAAVNGAAGFSSSGPA
ATSGAVLQAATGMYEQLKGEWNRKSPNLSKCGEELGRLKLVLLELNFLPTTGTKLTKQQLILARDILEIGAQWSILRKDI
PSFERYMAQLKCYYFDYKEQLPESAYMHQLLGLNLLFLLSQNRVAEFHTELERLPAKDIQTNVYIKHPVSLEQYLMEGSY
NKVFLAKGNIPAESYTFFIDILLDTIRDEIAGCIEKAYEKILFTEATRILFFNTPKKMTDYAKKRGWVLGPNNYYSFASQ
QQKPEDTTIPSTELAKQVIEYARQLEMIV
;
d
5 'polypeptide(L)' MSEKKQPVDLGLLEEDDEFEEFPAEDWAGLDEDEDAHVWEDNWDDDNVEDDFSNQLRAELEKHGYKMETS e
6 'polypeptide(L)'
;MEEGGRDKAPVQPQQSPAAAPGGTDEKPSGKERRDAGDKDKEQELSEEDKQLQDELEMLVERLGEKDTSLYRPALEELRR
QIRSSTTSMTSVPKPLKFLRPHYGKLKEIYENMAPGENKRFAADIISVLAMTMSGERECLKYRLVGSQEELASWGHEYVR
HLAGEVAKEWQELDDAEKVQREPLLTLVKEIVPYNMAHNAEHEACDLLMEIEQVDMLEKDIDENAYAKVCLYLTSCVNYV
PEPENSALLRCALGVFRKFSRFPEALRLALMLNDMELVEDIFTSCKDVVVQKQMAFMLGRHGVFLELSEDVEEYEDLTEI
MSNVQLNSNFLALARELDIMEPKVPDDIYKTHLENNRFGGSGSQVDSARMNLASSFVNGFVNAAFGQDKLLTDDGNKWLY
KNKDHGMLSAAASLGMILLWDVDGGLTQIDKYLYSSEDYIKSGALLACGIVNSGVRNECDPALALLSDYVLHNSNTMRLG
SIFGLGLAYAGSNREDVLTLLLPVMGDSKSSMEVAGVTALACGMIAVGSCNGDVTSTILQTIMEKSETELKDTYARWLPL
GLGLNHLGKGEAIEAILAALEVVSEPFRSFANTLVDVCAYAGSGNVLKVQQLLHICSEHFDSKEKEEDKDKKEKKDKDKK
EAPADMGAHQGVAVLGIALIAMGEEIGAEMALRTFGHLLRYGEPTLRRAVPLALALISVSNPRLNILDTLSKFSHDADPE
VSYNSIFAMGMVGSGTNNARLAAMLRQLAQYHAKDPNNLFMVRLAQGLTHLGKGTLTLCPYHSDRQLMSQVAVAGLLTVL
VSFLDVRNIILGKSHYVLYGLVAAMQPRMLVTFDEELRPLPVSVRVGQAVDVVGQAGKPKTITGFQTHTTPVLLAHGERA
ELATEEFLPVTPILEGFVILRKNPNYDL
;
f
7 'polypeptide(L)'
;MITSAAGIISLLDEDEPQLKEFALHKLNAVVNDFWAEISESVDKIEVLYEDEGFRSRQFAALVASKVFYHLGAFEESLNY
ALGAGDLFNVNDNSEYVETIIAKCIDHYTKQCVENADLPEGEKKPIDQRLEGIVNKMFQRCLDDHKYKQAIGIALETRRL
DVFEKTILESNDVPGMLAYSLKLCMSLMQNKQFRNKVLRVLVKIYMNLEKPDFINVCQCLIFLDDPQAVSDILEKLVKED
NLLMAYQICFDLYESASQQFLSSVIQNLRTVGTPIASVPGSTNTGTVPGSEKDSDSMETEEKTSSAFVGKTPEASPEPKD
QTLKMIKILSGEMAIELHLQFLIRNNNTDLMILKNTKDAVRNSVCHTATVIANSFMHCGTTSDQFLRDNLEWLARATNWA
KFTATASLGVIHKGHEKEALQLMATYLPKDTSPGSAYQEGGGLYALGLIHANHGGDIIDYLLNQLKNASNDIVRHGGSLG
LGLAAMGTARQDVYDLLKTNLYQDDAVTGEAAGLALGLVMLGSKNAQAIEDMVGYAQETQHEKILRGLAVGIALVMYGRM
EEADALIESLCRDKDPILRRSGMYTVAMAYCGSGNNKAIRRLLHVAVSDVNDDVRRAAVESLGFILFRTPEQCPSVVSLL
SESYNPHVRYGAAMALGICCAGTGNKEAINLLEPMTNDPVNYVRQGALIASALIMIQQTEITCPKVNQFRQLYSKVINDK
HDDVMAKFGAILAQGILDAGGHNVTISLQSRTGHTHMPSVVGVLVFTQFWFWFPLSHFLSLAYTPTCVIGLNKDLKMPKV
QYKSNCKPSTFAYPAPLEVPKEKEKEKVSTAVLSITAKAKKKEKEKEKKEEEKMEVDEAEKKEEKEKKKEPEPNFQLLDN
PARVMPAQLKVLTMPETCRYQPFKPLSIGGIIILKDTSEDIEELVEPVAAHGPKIEEEEQEPEPPEPFEYIDD
;
U
8 'polypeptide(L)'
;KQEGSARRRGADKAKPPPGGGEQEPPPPPAPQDVEMKEEAATGGGSTGEADGKTAAAAAEHSQRELDTVTLEDIKEHVKQ
LEKAVSGKEPRFVLRALRMLPSTSRRLNHYVLYKAVQGFFTSNNATRDFLLPFLEEPMDTEADLQFRPRTGKAASTPLLP
EVEAYLQLLVVIFMMNSKRYKEAQKISDDLMQKISTQNRRALDLVAAKCYYYHARVYEFLDKLDVVRSFLHARLRTATLR
HDADGQATLLNLLLRNYLHYSLYDQAEKLVSKSVFPEQANNNEWARYLYYTGRIKAIQLEYSEARRTMTNALRKAPQHTA
VGFKQTVHKLLIVVELLLGEIPDRLQFRQPSLKRSLMPYFLLTQAVRTGNLAKFNQVLDQFGEKFQADGTYTLIIRLRHN
VIKTGVRMISLSYSRISLADIAQKLQLDSPEDAEFIVAKAIRDGVIEASINHEKGYVQSKEMIDIYSTREPQLAFHQRIS
FCLDIHNMSVKAMRFPPKSYNKDLESAEERREREQQDLEFAKEMAEDDDDSFP
;
V
9 'polypeptide(L)'
;MADGGSERADGRIVKMEVDYSATVDQRLPECAKLAKEGRLQEVIETLLSLEKQTRTASDMVSTSRILVAVVKMCYEAKEW
DLLNENIMLLSKRRSQLKQAVAKMVQQCCTYVEEITDLPIKLRLIDTLRMVTEGKIYVEIERARLTKTLATIKEQNGDVK
EAASILQELQVETYGSMEKKERVEFILEQMRLCLAVKDYIRTQIISKKINTKFFQEENTEKLKLKYYNLMIQLDQHEGSY
LSICKHYRAIYDTPCIQAESEKWQQALKSVVLYVILAPFDNEQSDLVHRISGDKKLEEIPKYKDLLKLFTTMELMRWSTL
VEDYGMELRKGSLESPATDVFGSTEEGEKRWKDLKNRVVEHNIRIMAKYYTRITMKRMAQLLDLSVDESEAFLSNLVVNK
TIFAKVDRLAGIINFQRPKDPNNLLNDWSQKLNSLMSLVNKTTHLIAKEEMIHNLQ
;
W
10 'polypeptide(L)'
;MAAAAVVEFQRAQSLLSTDREASIDILHSIVKRDIQENDEEAVQVKEQSILELGSLLAKTGQAAELGGLLKYVRPFLNSI
SKAKAARLVRSLLDLFLDMEAATGQEVELCLECIEWAKSEKRTFLRQALEARLVSLYFDTKRYQEALHLGSQLLRELKKM
DDKALLVEVQLLESKTYHALSNLPKARAALTSARTTANAIYCPPKLQATLDMQSGIIHAAEEKDWKTAYSYFYEAFEGYD
SIDSPKAITSLKYMLLCKIMLNTPEDVQALVSGKLALRYAGRQTEALKCVAQASKNRSLADFEKALTDYRAELRDDPIIS
THLAKLYDNLLEQNLIRVIEPFSRVQIEHISSLIKLSKADVERKLSQMILDKKFHGILDQGEGVLIIFDEPPVDKTYEAA
LETIQNMSKVVDSLYNKAKKLT
;
X
11 'polypeptide(L)'
;MPLENLEEEGLPKNPDLRIAQLRFLLSLPEHRGDAAVRDELMAAVRDNNMAPYYEALCKSLDWQIDVDLLNKMKKANEDE
LKRLDEELEDAEKNLGESEIRDAMMAKAEYLCRIGDKEGALTAFRKTYDKTVALGHRLDIVFYLLRIGLFYMDNDLITRN
TEKAKSLIEEGGDWDRRNRLKVYQGLYCVAIRDFKQAAELFLDTVSTFTSYELMDYKTFVTYTVYVSMIALERPDLREKV
IKGAEILEVLHSLPAVRQYLFSLYECRYSVFFQSLAVVEQEMKKDWLFAPHYRYYVREMRIHAYSQLLESYRSLTLGYMA
EAFGVGVEFIDQELSRFIAAGRLHCKIDKVNEIVETNRPDSKNWQYQETIKKGDLLLNRVQKLSRVINM
;
Y
12 'polypeptide(L)'
;MPELAVQKVVVHPLVLLSVVDHFNRIGKVGNQKRVVGVLLGSWQKKVLDVSNSFAVPFDEDDKDDSVWFLDHDYLENMYG
MFKKVNARERIVGWYHTGPKLHKNDIAINELMKRYCPNSVLVIIDVKPKDLGLPTEAYISVEEVHDDGTPTSKTFEHVTS
EIGAEEAEEVGVEHLLRDIKDTTVGTLSQRITNQVHGLKGLNSKLLDIRSYLEKVATGKLPINHQIIYQLQDVFNLLPDV
SLQEFVKAFYLKTNDQMVVVYLASLIRSVVALHNLINNKIANRDAEKKEGQEKEESKKDRKEDKEKDKDKEKSDVKKEEK
KEKK
;
Z
13 'polypeptide(L)'
;MPDYLGADQRKTKEDEKDDKPIRALDEGDIALLKTYGQSTYSRQIKQVEDDIQQLLKKINELTGIKESDTGLAPPALWDL
AADKQTLQSEQPLQVARCTKIINADSEDPKYIINVKQFAKFVVDLSDQVAPTDIEEGMRVGVDRNKYQIHIPLPPKIDPT
VTMMQVEEKPDVTYSDVGGCKEQIEKLREVVETPLLHPERFVNLGIEPPKGVLLFGPPGTGKTLCARAVANRTDACFIRV
IGSELVQKYVGEGARMVRELFEMARTKKACLIFFDEIDAIGGARFDDGAGGDNEVQRTMLELINQLDGFDPRGNIKVLMA
TNRPDTLDPALMRPGRLDRKIEFSLPDLEGRTHIFKIHARSMSVERDIRFELLARLCPNSTGAEIRSVCTEAGMFAIRAR
RKIATEKDFLEAVNKVIKSYAKFSATPRYMTYN
;
A
14 'polypeptide(L)'
;MGQSQSGGHGPGGGKKDDKDKKKKYEPPVPTRVGKKKKKTKGPDAASKLPLVTPHTQCRLKLLKLERIKDYLLMEEEFIR
NQEQMKPLEEKQEEERSKVDDLRGTPMSVGTLEEIIDDNHAIVSTSVGSEHYVSILSFVDKDLLEPGCSVLLNHKVHAVI
GVLMDDTDPLVTVMKVEKAPQETYADIGGLDNQIQEIKESVELPLTHPEYYEEMGIKPPKGVILYGPPGTGKTLLAKAVA
NQTSATFLRVVGSELIQKYLGDGPKLVRELFRVAEEHAPSIVFIDEIDAIGTKRYDSNSGGEREIQRTMLELLNQLDGFD
SRGDVKVIMATNRIETLDPALIRPGRIDRKIEFPLPDEKTKKRIFQIHTSRMTLADDVTLDDLIMAKDDLSGADIKAICT
EAGLMALRERRMKVTNEDFKKSKENVLYKKQEGTPEGLYL
;
B
15 'polypeptide(L)'
;MELEEGKAGSGLRQYYLSKIEELQLIVNDKSQNLRRLQAQRNELNAKVRLLREELQLLQEQGSYVGEVVRAMDKKKVLVK
VHPEGKFVVDVDKNIDINDVTPNCRVALRNDSYTLHKILPNKVDPLVSLMMVEKVPDSTYEMIGGLDKQIKEIKEVIELP
VKHPELFEALGIAQPKGVLLYGPPGTGKTLLARAVAHHTDCTFIRVSGSELVQKFIGEGARMVRELFVMAREHAPSIIFM
DEIDSIGSSRLEGGSGGDSEVQRTMLELLNQLDGFEATKNIKVIMATNRIDILDSALLRPGRIDRKIEFPPPNEEARLDI
LKIHSRKMNLTRGINLRKIAELMPGASGAEVKGVCTEAGMYALRERRVHVTQEDFEMAVAKVMQKDSEKNMSIK
;
C
16 'polypeptide(L)'
;MEEIGILVEKAQDEIPALSVSRPQTGLSFLGPEPEDLEDLYSRYKKLQQELEFLEVQEEYIKDEQKNLKKEFLHAQEEVK
RIQSIPLVIGQFLEAVDQNTAIVGSTTGSNYYVRILSTIDRELLKPNASVALHKHSNALVDVLPPEADSSIMMLTSDQKP
DVMYADIGGMDIQKQEVREAVELPLTHFELYKQIGIDPPRGVLMYGPPGCGKTMLAKAVAHHTTAAFIRVVGSEFVQKYL
GEGPRMVRDVFRLAKENAPAIIFIDEIDAIATKRFDAQTGADREVQRILLELLNQMDGFDQNVNVKVIMATNRADTLDPA
LLRPGRLDRKIEFPLPDRRQKRLIFSTITSKMNLSEEVDLEDYVARPDKISGADINSICQESGMLAVRENRYIVLAKDFE
KAYKTVIKKDEQEHEFYK
;
D
17 'polypeptide(L)'
;MAIPGIPYERRLLIMADPRDKALQDYRKKLLEHKEIDGRLKELREQLKELTKQYEKSENDLKALQSVGQIVGEVLKQLTE
EKFIVKATNGPRYVVGCRRQLDKSKLKPGTRVALDMTTLTIMRYLPREVDPLVYNMSHEDPGNVSYSEIGGLSEQIRELR
EVIELPLTNPELFQRVGIIPPKGCLLYGPPGTGKTLLARAVASQLDCNFLKVVSSSIVDKYIGESARLIREMFNYARDHQ
PCIIFMDEIDAIGGRRFSEGTSADREIQRTLMELLNQMDGFDTLHRVKMIMATNRPDTLDPALLRPGRLDRKIHIDLPNE
QARLDILKIHAGPITKHGEIDYEAIVKLSDGFNGADLRNVCTEAGMFAIRADHDFVVQEDFMKAVRKVADSKKLESKLDY
KPV
;
E
18 'polypeptide(L)'
;MNLLPNIESPVTRQEKMATVWDEAEQDGIGEEVLKMSTEEIIQRTRLLDSEIKIMKSEVLRVTHELQAMKDKIKENSEKI
KVNKTLPYLVSNVIELLDVDPNDQEEDGANIDLDSQRKGKCAVIKTSTRQTYFLPVIGLVDAEKLKPGDLVGVNKDSYLI
LETLPTEYDSRVKAMEVDERPTEQYSDIGGLDKQIQELVEAIVLPMNHKEKFENLGIQPPKGVLMYGPPGTGKTLLARAC
AAQTKATFLKLAGPQLVQMFIGDGAKLVRDAFALAKEKAPSIIFIDELDAIGTKRFDSEKAGDREVQRTMLELLNQLDGF
QPNTQVKVIAATNRVDILDPALLRSGRLDRKIEFPMPNEEARARIMQIHSRKMNVSPDVNYEELARCTDDFNGAQCKAVC
VEAGMIALRRGATELTHEDYMEGILEVQAKKKANLQYYA
;
F
19 'polypeptide(L)'
;SRGSSAGFDRHITIFSPEGRLYQVEYAFKAINQGGLTSVAVRGKDCAVIVTQKKVPDKLLDSSTVTHLFKITENIGCVMT
GMTADSRSQVQRARYEAANWKYKYGYEIPVDMLCKRIADISQVYTQNAEMRPLGCCMILIGIDEEQGPQVYKCDPAGYYC
GFKATAAGVKQTESTSFLEKKVKKKFDWTFEQTVETAITCLSTVLSIDFKPSEIEVGVVTVENPKFRILTEAEIDAHLVA
LAERD
;
G,g
20 'polypeptide(L)'
;AERGYSFSLTTFSPSGKLVQIEYALAAVAGGAPSVGIKAANGVVLATEKKQKSILYDERSVHKVEPITKHIGLVYSGMGP
DYRVLVHRARKLAQQYYLVYQEPIPTAQLVQRVASVMQEYTQSGGVRPFGVSLLICGWNEGRPYLFQSDPSGAYFAWKAT
AMGKNYVNGKTFLEKRYNEDLELEDAIHTAILTLKESFEGQMTEDNIEVGICNEAGFRRLTPTEVKDYLAAIA
;
H,h
21 'polypeptide(L)'
;SRRYDSRTTIFSPEGRLYQVEYAMEAIGHAGTCLGILANDGVLLAAERRNIHKLLDEVFFSEKIYKLNEDMACSVAGITS
DANVLTNELRLIAQRYLLQYQEPIPCEQLVTALCDIKQAYTQFGGKRPFGVSLLYIGWDKHYGFQLYQSDPSGNYGGWKA
TCIGNNSAAAVSMLKQDYKEGEMTLKSALALAIKVLNKTMDVSKLSAEKVEIATLTRENGKTVIRVLKQKEVEQLIKKHE
EEEAKAEREKKEKEQKEKDK
;
I,i
22 'polypeptide(L)'
;SYDRAITVFSPDGHLFQVEYAQEAVKKGSTAVGVRGRDIVVLGVEKKSVAKLQDERTVRKICALDDNVCMAFAGLTADAR
IVINRARVECQSHRLTVEDPVTVEYITRYIASLKQRYTQSNGRRPFGISALIVGFDFDGTPRLYQTDPSGTYHAWKANAI
GRGAKSVREFLEKNYTDEAIETDDLTIKLVIKALLEVVQSGGKNIELAVMRRDQSLKILNPEEIEKYVAEIEKEKEENEK
KKQKKAS
;
J,j
23 'polypeptide(L)'
;FLTRSEYDRGVNTFSPEGRLFQVEYAIEAIKLGSTAIGIQTSEGVCLAVEKRITSPLMEPSSIEKIVEIDAHIGCAMSGL
IADAKTLIDKARVETQNHWFTYNETMTVESVTQAVSNLALQFGEEDADPGAMSRPFGVALLFGGVDEKGPQLFHMDPSGT
FVQCDARAIGSASEGAQSSLQEVYHKSMTLKEAIKSSLIILKQVMEEKLNATNIELATVQPGQNFHMFTKEELEEVIKDI
;
K,k
24 'polypeptide(L)'
;QLSKVKFRNQYDNDVTVWSPQGRIHQIEYAMEAVKQGSATVGLKSKTHAVLVALKRAQSELAAHQKKILHVDNHIGISIA
GLTADARLLCNFMRQECLDSRFVFDRPLPVSRLVSLIGSKTQIPTQRYGRRPYGVGLLIAGYDDMGPHIFQTCPSANYFD
CRAMSIGARSQSARTYLERHMSEFMECNLNELVKHGLRALRETLPAEQDLTTKNVSIGIVGKDLEFTIYDDDDVSPFLEG
LEERPQRKAQPAQPADEPAEKADEPMEH
;
L,l
25 'polypeptide(L)'
;SSIGTGYDLSASTFSPDGRVFQVEYAMKAVENSSTAIGIRCKDGVVFGVEKLVLSKLYEEGSNKRLFNVDRHVGMAVAGL
LADARSLADIAREEASNFRSNFGYNIPLKHLADRVAMYVHAYTLYSAVRPFGCSFMLGSYSVNDGAQLYMIDPSGVSYGY
WGCAIGKARQAAKTEIEKLQMKEMTCRDIVKEVAKIIYIVHDEVKDKAFELELSWVGELTNGRHEIVPKDIREEAEKYAK
ESLKEEDESDDDNM
;
M,m
26 'polypeptide(L)'
;AATLLAARGAGPAPAWGPEAFTPDWESREVSTGTTIMAVQFDGGVVLGADSRTTTGSYIANRVTDKLTPIHDRIFCCRSG
SAADTQAVADAVTYQLGFHSIELNEPPLVHTAASLFKEMCYRYREDLMAGIIIAGWDPQEGGQVYSVPMGGMMVRQSFAI
GGSGSSYIYGYVDATYREGMTKEECLQFTANALALAMERDGSSGGVIRLAAIAESGVERQVLLGDQIPKFAVATLPPA
;
N,n
27 'polypeptide(L)'
;AAVSVYAPPVGGFSFDNCRRNAVLEADFAKRGYKLPKVRKTGTTIAGVVYKDGIVLGADTRATEGMVVADKNCSKIHFIS
PNIYCCGAGTAADTDMTTQLISSNLELHSLSTGRLPRVVTANRMLKQMLFRYQGYIGAALVLGGVDVTGPHLYSIYPHGS
TDKLPYVTMGSGSLAAMAVFEDKFRPDMEEEEAKNLVSEAIAAGIFNDLGSGSNIDLCVISKNKLDFLRPYTVPNKKGTR
LGRYRCEKGTTAVLTEKITPLEIEVLEETVQTMDTS
;
O,o
28 'polypeptide(L)'
;SIMSYNGGAVMAMKGKNCVAIAADRRFGIQAQMVTTDFQKIFPMGDRLYIGLAGLATDVQTVAQRLKFRLNLYELKEGRQ
IKPYTLMSMVANLLYEKRFGPYYTEPVIAGLDPKTFKPFICSLDLIGCPMVTDDFVVSGTCAEQMYGMCESLWEPNMDPD
HLFETISQAMLNAVDRDAVSGMGVIVHIIEKDKITTRTLKARMD
;
P,p
29 'polypeptide(L)'
;MEYLIGIQGPDYVLVASDRVAASNIVQMKDDHDKMFKMSEKILLLCVGEAGDTVQFAEYIQKNVQLYKMRNGYELSPTAA
ANFTRRNLADCLRSRTPYHVNLLLAGYDEHEGPALYYMDYLAALAKAPFAAHGYGAFLTLSILDRYYTPTISRERAVELL
RKCLEELQKRFILNLPTFSVRIIDKNGIHDLDNISFPKQGS
;
Q,q
30 'polypeptide(L)'
;ALASVLERPLPVNQRGFFGLGGRADLLDLGPGSLSDGLSLAAPGWGVPEEPGIEMLHGTTTLAFKFRHGVIVAADSRATA
GAYIASQTVKKVIEINPYLLGTMAGGAADCSFWERLLARQCRIYELRNKERISVAAASKLLANMVYQYKGMGLSMGTMIC
GWDKRGPGLYYVDSEGNRISGATFSVGSGSVYAYGVMDRGYSYDLEVEQAYDLARRAIYQATYRDAYSGGAVNLYHVRED
GWIRVSSDNVADLHEKYSGSTP
;
R,r
31 'polypeptide(L)'
;LSSTAMYSAPGRDLGMEPHRAAGPLQLRFSPYVFNGGTILAIAGEDFAIVASDTRLSEGFSIHTRDSPKCYKLTDKTVIG
CSGFHGDCLTLTKIIEARLKMYKHSNNKAMTTGAIAAMLSTILYSRRFFPYYVYNIIGGLDEEGKGAVYSFDPVGSYQRD
SFKAGGSASAMLQPLLDNQVGFKNMQNVEHVPLSLDRAMRLVKDVFISAAERDVYTGDALRICIVTKEGIREETVSLRKD
;
S,s
32 'polypeptide(L)'
;EAFLGSRSGLWAGGPAPGQFYRIPSTPDSFMDPASALYRGPITRTQNPMVTGTSVLGVKFEGGVVIAADMLGSYGSLARF
RNISRIMRVNNSTMLGASGDYADFQYLKQVLGQMVIDEELLGDGHSYSPRAIHSWLTRAMYSRRSKMNPLWNTMVIGGYA
DGESFLGYVDMLGVAYEAPSLATGYGAYLAQPLLREVLEKQPVLSQTEARDLVERCMRVLYYRDARSYNRFQIATVTEKG
VEIEGPLSTETNWDIAHMISGFE
;
T,t
#
loop_
_chem_comp.id
_chem_comp.type
_chem_comp.name
_chem_comp.formula
ATP non-polymer ADENOSINE-5'-TRIPHOSPHATE 'C10 H16 N5 O13 P3'
ZN non-polymer 'ZINC ION' 'Zn 2'
#
# COMPACT_ATOMS: atom_id res chain seq x y z
N VAL A 4 -111.53 -83.96 -13.11
CA VAL A 4 -110.29 -84.12 -13.88
C VAL A 4 -110.13 -85.56 -14.45
N PRO A 5 -110.45 -86.63 -13.69
CA PRO A 5 -110.64 -87.92 -14.39
C PRO A 5 -111.88 -87.91 -15.27
N GLY A 6 -112.97 -87.33 -14.77
CA GLY A 6 -114.17 -87.15 -15.57
C GLY A 6 -113.98 -86.20 -16.74
N PHE A 7 -112.93 -85.37 -16.69
CA PHE A 7 -112.61 -84.47 -17.80
C PHE A 7 -112.22 -85.25 -19.06
N LEU A 8 -111.64 -86.44 -18.89
CA LEU A 8 -111.45 -87.30 -20.06
C LEU A 8 -112.40 -88.49 -20.06
N GLN A 9 -113.20 -88.66 -19.01
CA GLN A 9 -114.31 -89.59 -19.14
C GLN A 9 -115.41 -89.00 -20.04
N GLN A 10 -115.49 -87.68 -20.11
CA GLN A 10 -116.43 -87.04 -21.03
C GLN A 10 -115.85 -86.88 -22.43
N SER A 11 -114.53 -86.80 -22.57
CA SER A 11 -113.88 -86.64 -23.86
C SER A 11 -113.12 -87.90 -24.25
N GLN A 12 -113.64 -89.06 -23.87
CA GLN A 12 -112.94 -90.31 -24.18
C GLN A 12 -113.08 -90.66 -25.66
N ASN A 13 -114.30 -90.78 -26.13
CA ASN A 13 -114.53 -91.18 -27.52
C ASN A 13 -114.23 -90.00 -28.44
N SER A 14 -113.31 -90.19 -29.38
CA SER A 14 -112.88 -89.13 -30.27
C SER A 14 -112.75 -89.63 -31.71
N GLY A 15 -113.58 -90.58 -32.10
CA GLY A 15 -113.59 -91.06 -33.47
C GLY A 15 -113.74 -92.57 -33.56
N PRO A 16 -113.89 -93.08 -34.79
CA PRO A 16 -114.02 -94.54 -34.97
C PRO A 16 -112.67 -95.24 -34.97
N GLY A 17 -112.52 -96.24 -34.10
CA GLY A 17 -111.23 -96.87 -33.89
C GLY A 17 -110.30 -96.11 -32.98
N GLN A 18 -110.49 -94.80 -32.84
CA GLN A 18 -109.82 -93.89 -31.92
C GLN A 18 -109.79 -94.34 -30.46
N PRO A 19 -110.91 -94.87 -29.82
CA PRO A 19 -110.80 -95.17 -28.39
C PRO A 19 -109.99 -96.41 -28.02
N ALA A 20 -109.28 -97.00 -28.97
CA ALA A 20 -108.32 -98.07 -28.67
C ALA A 20 -107.19 -97.58 -27.75
N VAL A 21 -106.88 -96.28 -27.79
CA VAL A 21 -105.92 -95.69 -26.85
C VAL A 21 -106.61 -94.88 -25.77
N TRP A 22 -107.93 -94.74 -25.82
CA TRP A 22 -108.66 -93.99 -24.81
C TRP A 22 -109.26 -94.88 -23.74
N HIS A 23 -109.67 -96.10 -24.10
CA HIS A 23 -109.96 -97.12 -23.09
C HIS A 23 -108.71 -97.56 -22.35
N ARG A 24 -107.53 -97.30 -22.89
CA ARG A 24 -106.25 -97.47 -22.21
C ARG A 24 -105.86 -96.20 -21.45
N LEU A 25 -106.08 -95.04 -22.09
CA LEU A 25 -105.75 -93.73 -21.50
C LEU A 25 -106.54 -93.47 -20.24
N GLU A 26 -107.77 -93.99 -20.16
CA GLU A 26 -108.51 -93.95 -18.90
C GLU A 26 -107.91 -94.87 -17.84
N GLU A 27 -106.87 -95.64 -18.16
CA GLU A 27 -106.11 -96.39 -17.16
C GLU A 27 -104.68 -95.89 -16.96
N LEU A 28 -104.14 -95.08 -17.89
CA LEU A 28 -102.78 -94.56 -17.73
C LEU A 28 -102.63 -93.68 -16.50
N TYR A 29 -103.50 -92.67 -16.36
CA TYR A 29 -103.37 -91.79 -15.20
C TYR A 29 -103.79 -92.47 -13.90
N THR A 30 -104.53 -93.57 -13.97
CA THR A 30 -104.76 -94.38 -12.78
C THR A 30 -103.51 -95.16 -12.42
N LYS A 31 -102.72 -95.54 -13.43
CA LYS A 31 -101.39 -96.08 -13.15
C LYS A 31 -100.40 -95.00 -12.76
N LYS A 32 -100.75 -93.73 -13.01
CA LYS A 32 -99.96 -92.53 -12.71
C LYS A 32 -98.59 -92.53 -13.37
N LEU A 33 -98.43 -93.26 -14.46
CA LEU A 33 -97.22 -93.16 -15.26
C LEU A 33 -97.25 -91.85 -16.05
N TRP A 34 -96.09 -91.43 -16.49
CA TRP A 34 -95.98 -90.20 -17.25
C TRP A 34 -95.06 -90.33 -18.45
N HIS A 35 -94.58 -91.54 -18.72
CA HIS A 35 -93.60 -91.72 -19.78
C HIS A 35 -94.29 -92.20 -21.05
N GLN A 36 -95.11 -93.25 -20.91
CA GLN A 36 -95.99 -93.67 -21.97
C GLN A 36 -97.20 -92.76 -22.11
N LEU A 37 -97.41 -91.87 -21.16
CA LEU A 37 -98.37 -90.78 -21.32
C LEU A 37 -97.78 -89.63 -22.12
N THR A 38 -96.48 -89.38 -21.94
CA THR A 38 -95.75 -88.56 -22.89
C THR A 38 -95.81 -89.18 -24.28
N LEU A 39 -95.67 -90.51 -24.35
CA LEU A 39 -95.86 -91.20 -25.62
C LEU A 39 -97.32 -91.29 -26.03
N GLN A 40 -98.26 -90.94 -25.14
CA GLN A 40 -99.66 -90.84 -25.54
C GLN A 40 -99.96 -89.47 -26.12
N VAL A 41 -99.27 -88.44 -25.63
CA VAL A 41 -99.27 -87.15 -26.33
C VAL A 41 -98.67 -87.32 -27.71
N LEU A 42 -97.55 -88.06 -27.79
CA LEU A 42 -96.93 -88.35 -29.07
C LEU A 42 -97.80 -89.26 -29.93
N ASP A 43 -98.62 -90.09 -29.31
CA ASP A 43 -99.56 -90.92 -30.04
C ASP A 43 -100.73 -90.10 -30.58
N PHE A 44 -101.11 -89.05 -29.86
CA PHE A 44 -102.13 -88.14 -30.37
C PHE A 44 -101.59 -87.25 -31.46
N VAL A 45 -100.27 -86.98 -31.44
CA VAL A 45 -99.61 -86.48 -32.63
C VAL A 45 -99.67 -87.54 -33.74
N GLN A 46 -99.52 -88.81 -33.37
CA GLN A 46 -99.44 -89.87 -34.35
C GLN A 46 -100.80 -90.21 -34.93
N ASP A 47 -101.81 -90.39 -34.07
CA ASP A 47 -103.16 -90.67 -34.57
C ASP A 47 -103.73 -89.41 -35.21
N PRO A 48 -104.44 -89.53 -36.36
CA PRO A 48 -104.97 -88.33 -37.01
C PRO A 48 -106.10 -87.66 -36.26
N CYS A 49 -105.75 -87.02 -35.15
CA CYS A 49 -106.68 -86.16 -34.44
C CYS A 49 -106.61 -84.76 -35.05
N PHE A 50 -107.77 -84.12 -35.18
CA PHE A 50 -107.88 -82.79 -35.76
C PHE A 50 -107.85 -81.70 -34.69
N ALA A 51 -107.09 -81.95 -33.62
CA ALA A 51 -106.85 -81.05 -32.49
C ALA A 51 -108.14 -80.68 -31.76
N GLN A 52 -108.77 -81.71 -31.18
CA GLN A 52 -109.91 -81.47 -30.30
C GLN A 52 -109.60 -81.92 -28.87
N GLY A 53 -108.73 -82.92 -28.73
CA GLY A 53 -108.47 -83.50 -27.43
C GLY A 53 -107.35 -82.76 -26.72
N ASP A 54 -106.39 -82.29 -27.51
CA ASP A 54 -105.27 -81.53 -26.96
C ASP A 54 -105.71 -80.15 -26.48
N GLY A 55 -106.57 -79.49 -27.26
CA GLY A 55 -107.08 -78.17 -26.92
C GLY A 55 -107.94 -78.16 -25.68
N LEU A 56 -108.59 -79.28 -25.38
CA LEU A 56 -109.20 -79.48 -24.07
C LEU A 56 -108.18 -79.82 -23.01
N ILE A 57 -107.27 -80.77 -23.31
CA ILE A 57 -106.41 -81.33 -22.27
C ILE A 57 -105.24 -80.42 -21.93
N LYS A 58 -105.14 -79.25 -22.56
CA LYS A 58 -104.07 -78.31 -22.24
C LYS A 58 -104.25 -77.71 -20.85
N LEU A 59 -105.48 -77.67 -20.33
CA LEU A 59 -105.69 -77.35 -18.93
C LEU A 59 -105.10 -78.44 -18.04
N TYR A 60 -105.26 -79.70 -18.44
CA TYR A 60 -104.60 -80.78 -17.72
C TYR A 60 -103.09 -80.75 -17.93
N GLU A 61 -102.61 -80.12 -19.01
CA GLU A 61 -101.18 -79.91 -19.17
C GLU A 61 -100.68 -78.85 -18.19
N ASN A 62 -101.52 -77.83 -17.92
CA ASN A 62 -101.22 -76.91 -16.83
C ASN A 62 -101.22 -77.65 -15.49
N PHE A 63 -102.08 -78.65 -15.36
CA PHE A 63 -102.04 -79.51 -14.18
C PHE A 63 -100.76 -80.33 -14.11
N ILE A 64 -100.23 -80.76 -15.27
CA ILE A 64 -98.93 -81.43 -15.31
C ILE A 64 -97.84 -80.47 -14.85
N SER A 65 -97.98 -79.19 -15.17
CA SER A 65 -97.09 -78.18 -14.61
C SER A 65 -97.34 -77.98 -13.12
N GLU A 66 -98.54 -78.33 -12.62
CA GLU A 66 -98.81 -78.15 -11.20
C GLU A 66 -98.23 -79.28 -10.36
N PHE A 67 -98.73 -80.50 -10.54
CA PHE A 67 -98.42 -81.58 -9.60
C PHE A 67 -97.49 -82.65 -10.16
N GLU A 68 -97.37 -82.79 -11.47
CA GLU A 68 -96.40 -83.74 -11.99
C GLU A 68 -94.99 -83.18 -11.85
N HIS A 69 -94.76 -82.03 -12.51
CA HIS A 69 -93.55 -81.18 -12.41
C HIS A 69 -92.24 -81.95 -12.54
N ARG A 70 -92.18 -82.96 -13.41
CA ARG A 70 -90.89 -83.60 -13.64
C ARG A 70 -90.56 -83.79 -15.12
N VAL A 71 -91.58 -84.04 -15.94
CA VAL A 71 -91.37 -84.39 -17.35
C VAL A 71 -90.83 -83.19 -18.12
N ASN A 72 -89.82 -83.46 -18.94
CA ASN A 72 -89.28 -82.50 -19.90
C ASN A 72 -90.41 -81.96 -20.78
N PRO A 73 -90.57 -80.63 -20.88
CA PRO A 73 -91.69 -80.08 -21.66
C PRO A 73 -91.56 -80.14 -23.17
N LEU A 74 -90.68 -81.02 -23.67
CA LEU A 74 -90.69 -81.46 -25.07
C LEU A 74 -92.11 -81.71 -25.57
N SER A 75 -92.82 -82.63 -24.93
CA SER A 75 -94.19 -82.94 -25.32
C SER A 75 -95.16 -81.83 -24.98
N LEU A 76 -94.78 -80.91 -24.10
CA LEU A 76 -95.61 -79.75 -23.84
C LEU A 76 -95.48 -78.71 -24.95
N VAL A 77 -94.27 -78.54 -25.46
CA VAL A 77 -94.06 -77.71 -26.65
C VAL A 77 -94.74 -78.34 -27.86
N GLU A 78 -94.63 -79.68 -27.97
CA GLU A 78 -95.37 -80.44 -28.97
C GLU A 78 -96.86 -80.20 -28.87
N ILE A 79 -97.39 -80.25 -27.65
CA ILE A 79 -98.84 -80.20 -27.52
C ILE A 79 -99.33 -78.77 -27.67
N ILE A 80 -98.49 -77.75 -27.46
CA ILE A 80 -98.99 -76.42 -27.82
C ILE A 80 -98.82 -76.17 -29.31
N LEU A 81 -97.83 -76.77 -29.97
CA LEU A 81 -97.74 -76.64 -31.42
C LEU A 81 -98.67 -77.60 -32.14
N HIS A 82 -99.46 -78.39 -31.42
CA HIS A 82 -100.58 -79.11 -32.00
C HIS A 82 -101.93 -78.59 -31.52
N VAL A 83 -101.96 -77.89 -30.38
CA VAL A 83 -103.12 -77.07 -30.02
C VAL A 83 -103.24 -75.88 -30.97
N VAL A 84 -102.12 -75.41 -31.54
CA VAL A 84 -102.16 -74.31 -32.50
C VAL A 84 -102.84 -74.69 -33.82
N ARG A 85 -103.07 -75.99 -34.07
CA ARG A 85 -104.00 -76.40 -35.11
C ARG A 85 -105.42 -75.97 -34.76
N GLN A 86 -105.83 -76.15 -33.51
CA GLN A 86 -107.13 -75.68 -33.06
C GLN A 86 -107.15 -74.16 -32.91
N MET A 87 -106.00 -73.57 -32.58
CA MET A 87 -105.90 -72.12 -32.37
C MET A 87 -105.84 -71.38 -33.70
N THR A 88 -104.81 -71.70 -34.50
CA THR A 88 -104.37 -70.91 -35.68
C THR A 88 -104.16 -69.44 -35.32
N ASP A 89 -103.61 -69.21 -34.12
CA ASP A 89 -103.23 -67.88 -33.66
C ASP A 89 -102.04 -68.02 -32.72
N PRO A 90 -100.84 -67.69 -33.18
CA PRO A 90 -99.65 -67.87 -32.34
C PRO A 90 -99.41 -66.77 -31.33
N ASN A 91 -100.18 -65.68 -31.38
CA ASN A 91 -99.87 -64.47 -30.62
C ASN A 91 -100.02 -64.67 -29.12
N VAL A 92 -100.87 -65.59 -28.69
CA VAL A 92 -100.91 -65.96 -27.28
C VAL A 92 -100.20 -67.29 -27.04
N ALA A 93 -99.90 -68.04 -28.11
CA ALA A 93 -99.12 -69.27 -27.96
C ALA A 93 -97.66 -68.96 -27.72
N LEU A 94 -97.21 -67.74 -28.05
CA LEU A 94 -95.84 -67.34 -27.75
C LEU A 94 -95.70 -66.95 -26.28
N THR A 95 -96.64 -66.14 -25.77
CA THR A 95 -96.65 -65.79 -24.36
C THR A 95 -96.91 -67.01 -23.49
N PHE A 96 -97.81 -67.88 -23.94
CA PHE A 96 -98.02 -69.16 -23.29
C PHE A 96 -96.78 -70.05 -23.42
N LEU A 97 -96.03 -69.89 -24.51
CA LEU A 97 -94.89 -70.75 -24.77
C LEU A 97 -93.70 -70.39 -23.88
N GLU A 98 -93.36 -69.11 -23.79
CA GLU A 98 -92.33 -68.69 -22.86
C GLU A 98 -92.80 -68.80 -21.42
N LYS A 99 -94.11 -68.70 -21.21
CA LYS A 99 -94.70 -69.00 -19.90
C LYS A 99 -94.39 -70.43 -19.49
N THR A 100 -94.69 -71.40 -20.35
CA THR A 100 -94.35 -72.79 -20.09
C THR A 100 -92.84 -73.03 -20.06
N ARG A 101 -92.06 -72.19 -20.72
CA ARG A 101 -90.61 -72.29 -20.61
C ARG A 101 -90.14 -71.93 -19.21
N GLU A 102 -90.65 -70.84 -18.67
CA GLU A 102 -90.16 -70.36 -17.38
C GLU A 102 -90.84 -71.01 -16.20
N LYS A 103 -91.98 -71.68 -16.39
CA LYS A 103 -92.70 -72.27 -15.27
C LYS A 103 -92.55 -73.78 -15.18
N VAL A 104 -92.14 -74.45 -16.26
CA VAL A 104 -91.86 -75.88 -16.22
C VAL A 104 -90.35 -76.03 -16.22
N LYS A 105 -89.82 -76.61 -15.15
CA LYS A 105 -88.38 -76.71 -14.97
C LYS A 105 -87.87 -78.04 -15.51
N SER A 106 -86.66 -78.00 -16.04
CA SER A 106 -85.93 -79.20 -16.43
C SER A 106 -84.45 -78.86 -16.45
N SER A 107 -83.64 -79.89 -16.24
CA SER A 107 -82.19 -79.77 -16.34
C SER A 107 -81.71 -79.79 -17.78
N ASP A 108 -82.61 -79.99 -18.74
CA ASP A 108 -82.27 -80.04 -20.14
C ASP A 108 -82.07 -78.64 -20.71
N GLU A 109 -81.54 -78.59 -21.92
CA GLU A 109 -81.48 -77.34 -22.68
C GLU A 109 -82.90 -77.04 -23.13
N ALA A 110 -83.65 -76.34 -22.28
CA ALA A 110 -85.05 -76.10 -22.57
C ALA A 110 -85.28 -74.79 -23.31
N VAL A 111 -84.27 -73.93 -23.37
CA VAL A 111 -84.48 -72.64 -24.03
C VAL A 111 -84.31 -72.76 -25.53
N ILE A 112 -83.52 -73.74 -26.00
CA ILE A 112 -83.29 -73.87 -27.44
C ILE A 112 -84.51 -74.43 -28.14
N LEU A 113 -85.22 -75.37 -27.51
CA LEU A 113 -86.42 -75.93 -28.10
C LEU A 113 -87.56 -74.91 -28.06
N CYS A 114 -87.54 -74.03 -27.07
CA CYS A 114 -88.59 -73.01 -26.98
C CYS A 114 -88.32 -71.86 -27.94
N LYS A 115 -87.06 -71.46 -28.11
CA LYS A 115 -86.79 -70.38 -29.03
C LYS A 115 -86.78 -70.83 -30.49
N THR A 116 -86.45 -72.10 -30.75
CA THR A 116 -86.73 -72.64 -32.07
C THR A 116 -88.19 -72.95 -32.26
N ALA A 117 -88.94 -73.08 -31.17
CA ALA A 117 -90.39 -73.12 -31.28
C ALA A 117 -90.95 -71.74 -31.60
N ILE A 118 -90.35 -70.69 -31.07
CA ILE A 118 -90.78 -69.33 -31.43
C ILE A 118 -90.37 -69.01 -32.85
N GLY A 119 -89.18 -69.45 -33.25
CA GLY A 119 -88.75 -69.31 -34.63
C GLY A 119 -89.57 -70.14 -35.59
N ALA A 120 -90.09 -71.28 -35.12
CA ALA A 120 -90.98 -72.10 -35.94
C ALA A 120 -92.35 -71.45 -36.08
N LEU A 121 -92.77 -70.67 -35.09
CA LEU A 121 -94.01 -69.90 -35.16
C LEU A 121 -93.76 -68.42 -35.42
N LYS A 122 -92.59 -68.07 -35.93
CA LYS A 122 -92.25 -66.70 -36.26
C LYS A 122 -92.75 -66.32 -37.65
N LEU A 123 -93.28 -67.26 -38.41
CA LEU A 123 -93.69 -67.00 -39.78
C LEU A 123 -94.92 -66.10 -39.87
N ASN A 124 -95.62 -65.90 -38.76
CA ASN A 124 -96.77 -65.02 -38.73
C ASN A 124 -96.41 -63.63 -38.21
N ILE A 125 -95.13 -63.29 -38.16
CA ILE A 125 -94.72 -62.04 -37.54
C ILE A 125 -94.46 -60.95 -38.57
N GLY A 126 -94.35 -61.28 -39.86
CA GLY A 126 -93.84 -60.29 -40.78
C GLY A 126 -92.36 -60.10 -40.52
N ASP A 127 -91.56 -61.07 -40.98
CA ASP A 127 -90.18 -61.32 -40.54
C ASP A 127 -89.18 -60.19 -40.77
N LEU A 128 -87.95 -60.41 -40.30
CA LEU A 128 -86.74 -59.57 -40.23
C LEU A 128 -86.82 -58.55 -39.09
N GLN A 129 -87.95 -58.43 -38.40
CA GLN A 129 -88.08 -57.52 -37.26
C GLN A 129 -87.81 -58.19 -35.92
N VAL A 130 -88.04 -59.50 -35.82
CA VAL A 130 -87.80 -60.24 -34.58
C VAL A 130 -87.00 -61.50 -34.84
N THR A 131 -86.60 -61.75 -36.09
CA THR A 131 -85.90 -62.97 -36.44
C THR A 131 -84.50 -63.02 -35.86
N LYS A 132 -83.70 -61.99 -36.12
CA LYS A 132 -82.26 -62.06 -35.91
C LYS A 132 -81.89 -62.15 -34.43
N GLU A 133 -82.74 -61.58 -33.57
CA GLU A 133 -82.47 -61.56 -32.14
C GLU A 133 -82.47 -62.96 -31.53
N THR A 134 -83.62 -63.62 -31.53
CA THR A 134 -83.72 -64.93 -30.90
C THR A 134 -83.26 -66.07 -31.81
N ILE A 135 -83.42 -65.91 -33.13
CA ILE A 135 -82.81 -66.82 -34.09
C ILE A 135 -81.30 -66.81 -33.93
N GLU A 136 -80.72 -65.64 -33.71
CA GLU A 136 -79.33 -65.54 -33.32
C GLU A 136 -79.07 -66.18 -31.97
N ASP A 137 -80.00 -66.01 -31.03
CA ASP A 137 -79.81 -66.52 -29.67
C ASP A 137 -79.78 -68.04 -29.61
N VAL A 138 -80.37 -68.72 -30.61
CA VAL A 138 -80.29 -70.18 -30.64
C VAL A 138 -78.86 -70.63 -30.89
N GLU A 139 -78.18 -70.05 -31.89
CA GLU A 139 -76.77 -70.41 -32.06
C GLU A 139 -75.88 -69.77 -31.01
N GLU A 140 -76.38 -68.77 -30.28
CA GLU A 140 -75.70 -68.34 -29.07
C GLU A 140 -75.76 -69.42 -28.00
N MET A 141 -76.81 -70.26 -28.02
CA MET A 141 -76.96 -71.34 -27.05
C MET A 141 -76.80 -72.72 -27.69
N LEU A 142 -76.43 -72.77 -28.97
CA LEU A 142 -76.14 -74.04 -29.63
C LEU A 142 -74.70 -74.49 -29.37
N ASN A 143 -73.92 -73.65 -28.72
CA ASN A 143 -72.49 -73.90 -28.58
C ASN A 143 -72.21 -75.00 -27.55
N ASN A 144 -73.06 -75.14 -26.54
CA ASN A 144 -72.85 -76.12 -25.48
C ASN A 144 -72.92 -77.55 -26.00
N LEU A 145 -74.10 -77.97 -26.47
CA LEU A 145 -74.26 -79.31 -26.99
C LEU A 145 -75.45 -79.38 -27.95
N PRO A 146 -75.20 -79.59 -29.25
CA PRO A 146 -76.29 -79.91 -30.18
C PRO A 146 -76.61 -81.41 -30.23
N GLY A 147 -76.81 -82.00 -29.05
CA GLY A 147 -77.17 -83.41 -28.96
C GLY A 147 -78.62 -83.68 -29.29
N VAL A 148 -79.48 -82.66 -29.21
CA VAL A 148 -80.85 -82.81 -29.67
C VAL A 148 -80.89 -82.90 -31.19
N THR A 149 -80.38 -81.86 -31.88
CA THR A 149 -80.07 -81.77 -33.31
C THR A 149 -81.34 -81.75 -34.18
N SER A 150 -82.51 -82.00 -33.60
CA SER A 150 -83.74 -81.57 -34.22
C SER A 150 -84.03 -80.12 -33.90
N VAL A 151 -83.42 -79.60 -32.83
CA VAL A 151 -83.34 -78.17 -32.62
C VAL A 151 -82.37 -77.56 -33.61
N HIS A 152 -81.48 -78.37 -34.17
CA HIS A 152 -80.68 -77.95 -35.31
C HIS A 152 -81.47 -78.05 -36.61
N SER A 153 -82.52 -78.88 -36.64
CA SER A 153 -83.41 -78.92 -37.79
C SER A 153 -84.35 -77.73 -37.79
N ARG A 154 -84.99 -77.49 -36.66
CA ARG A 154 -85.78 -76.27 -36.47
C ARG A 154 -84.91 -75.04 -36.62
N PHE A 155 -83.67 -75.12 -36.14
CA PHE A 155 -82.70 -74.05 -36.31
C PHE A 155 -82.33 -73.85 -37.77
N TYR A 156 -82.31 -74.94 -38.55
CA TYR A 156 -82.23 -74.75 -40.00
C TYR A 156 -83.46 -74.03 -40.52
N ASP A 157 -84.64 -74.39 -40.02
CA ASP A 157 -85.87 -73.89 -40.62
C ASP A 157 -86.03 -72.39 -40.37
N LEU A 158 -85.65 -71.93 -39.19
CA LEU A 158 -85.56 -70.49 -38.97
C LEU A 158 -84.34 -69.89 -39.63
N SER A 159 -83.31 -70.70 -39.88
CA SER A 159 -82.15 -70.22 -40.61
C SER A 159 -82.43 -70.09 -42.11
N SER A 160 -83.49 -70.72 -42.60
CA SER A 160 -83.81 -70.82 -44.02
C SER A 160 -85.02 -69.99 -44.40
N LYS A 161 -85.97 -69.84 -43.46
CA LYS A 161 -86.83 -68.67 -43.52
C LYS A 161 -86.00 -67.41 -43.31
N TYR A 162 -84.95 -67.51 -42.50
CA TYR A 162 -83.98 -66.44 -42.40
C TYR A 162 -83.12 -66.33 -43.65
N TYR A 163 -83.01 -67.41 -44.44
CA TYR A 163 -82.48 -67.25 -45.80
C TYR A 163 -83.48 -66.54 -46.69
N GLN A 164 -84.77 -66.82 -46.49
CA GLN A 164 -85.80 -66.11 -47.20
C GLN A 164 -85.94 -64.67 -46.76
N THR A 165 -85.42 -64.31 -45.59
CA THR A 165 -85.02 -62.93 -45.37
C THR A 165 -83.80 -62.72 -46.26
N ILE A 166 -83.99 -61.96 -47.34
CA ILE A 166 -83.08 -61.99 -48.48
C ILE A 166 -81.77 -61.30 -48.11
N GLY A 167 -80.66 -61.81 -48.65
CA GLY A 167 -79.41 -61.10 -48.56
C GLY A 167 -78.15 -61.93 -48.48
N ASN A 168 -78.26 -63.24 -48.26
CA ASN A 168 -77.07 -64.08 -48.35
C ASN A 168 -77.44 -65.28 -49.21
N HIS A 169 -77.36 -65.10 -50.52
CA HIS A 169 -78.02 -65.95 -51.50
C HIS A 169 -77.34 -67.31 -51.69
N ALA A 170 -76.15 -67.52 -51.15
CA ALA A 170 -75.61 -68.86 -51.08
C ALA A 170 -75.35 -69.28 -49.64
N SER A 171 -75.96 -68.58 -48.65
CA SER A 171 -76.08 -69.16 -47.32
C SER A 171 -77.08 -70.30 -47.29
N TYR A 172 -77.90 -70.43 -48.32
CA TYR A 172 -78.74 -71.60 -48.49
C TYR A 172 -77.91 -72.82 -48.86
N TYR A 173 -76.70 -72.64 -49.40
CA TYR A 173 -75.84 -73.77 -49.70
C TYR A 173 -75.31 -74.41 -48.42
N LYS A 174 -74.56 -73.64 -47.62
CA LYS A 174 -74.02 -74.15 -46.36
C LYS A 174 -75.13 -74.40 -45.35
N ASP A 175 -76.16 -73.56 -45.37
CA ASP A 175 -77.29 -73.76 -44.48
C ASP A 175 -78.07 -74.99 -44.87
N ALA A 176 -78.21 -75.24 -46.17
CA ALA A 176 -78.78 -76.49 -46.63
C ALA A 176 -77.88 -77.67 -46.32
N LEU A 177 -76.58 -77.45 -46.13
CA LEU A 177 -75.72 -78.50 -45.64
C LEU A 177 -75.92 -78.72 -44.15
N ARG A 178 -76.35 -77.69 -43.42
CA ARG A 178 -76.82 -77.90 -42.05
C ARG A 178 -78.11 -78.70 -42.02
N PHE A 179 -78.99 -78.46 -42.99
CA PHE A 179 -80.18 -79.31 -43.14
C PHE A 179 -79.80 -80.72 -43.57
N LEU A 180 -78.69 -80.85 -44.27
CA LEU A 180 -78.25 -82.16 -44.74
C LEU A 180 -77.78 -83.05 -43.59
N GLY A 181 -77.42 -82.47 -42.46
CA GLY A 181 -77.05 -83.26 -41.31
C GLY A 181 -77.70 -82.86 -40.01
N CYS A 182 -78.75 -82.04 -40.08
CA CYS A 182 -79.64 -81.89 -38.94
C CYS A 182 -80.24 -83.24 -38.59
N VAL A 183 -80.64 -83.97 -39.62
CA VAL A 183 -80.78 -85.43 -39.56
C VAL A 183 -80.16 -85.99 -40.84
N ASP A 184 -79.40 -87.08 -40.70
CA ASP A 184 -78.70 -87.60 -41.87
C ASP A 184 -79.65 -88.38 -42.76
N ILE A 185 -80.47 -89.27 -42.19
CA ILE A 185 -81.50 -89.94 -42.97
C ILE A 185 -82.58 -88.94 -43.32
N LYS A 186 -83.15 -89.10 -44.51
CA LYS A 186 -84.05 -88.08 -45.03
C LYS A 186 -85.44 -88.12 -44.40
N ASP A 187 -85.76 -89.19 -43.67
CA ASP A 187 -86.88 -89.41 -42.74
C ASP A 187 -88.23 -88.82 -43.15
N LEU A 188 -88.45 -88.71 -44.46
CA LEU A 188 -89.65 -88.16 -45.08
C LEU A 188 -89.54 -88.51 -46.55
N PRO A 189 -90.66 -88.57 -47.30
CA PRO A 189 -90.61 -89.08 -48.67
C PRO A 189 -89.78 -88.25 -49.63
N VAL A 190 -89.58 -88.85 -50.81
CA VAL A 190 -88.56 -88.38 -51.75
C VAL A 190 -89.01 -87.12 -52.46
N SER A 191 -90.32 -86.96 -52.69
CA SER A 191 -90.82 -85.95 -53.62
C SER A 191 -90.63 -84.54 -53.08
N GLU A 192 -90.93 -84.34 -51.79
CA GLU A 192 -90.78 -83.03 -51.17
C GLU A 192 -89.32 -82.58 -51.18
N GLN A 193 -88.43 -83.43 -50.69
CA GLN A 193 -87.02 -83.07 -50.65
C GLN A 193 -86.34 -83.09 -52.01
N GLN A 194 -86.92 -83.75 -53.02
CA GLN A 194 -86.33 -83.65 -54.35
C GLN A 194 -86.83 -82.42 -55.07
N GLU A 195 -87.97 -81.89 -54.64
CA GLU A 195 -88.26 -80.51 -54.98
C GLU A 195 -87.36 -79.57 -54.20
N ARG A 196 -86.89 -79.99 -53.02
CA ARG A 196 -85.87 -79.23 -52.32
C ARG A 196 -84.48 -79.45 -52.92
N ALA A 197 -84.33 -80.46 -53.78
CA ALA A 197 -83.11 -80.65 -54.53
C ALA A 197 -83.15 -79.86 -55.82
N PHE A 198 -84.35 -79.76 -56.39
CA PHE A 198 -84.63 -78.82 -57.46
C PHE A 198 -84.31 -77.39 -57.03
N THR A 199 -85.01 -76.89 -56.02
CA THR A 199 -84.75 -75.54 -55.53
C THR A 199 -83.48 -75.45 -54.71
N LEU A 200 -82.88 -76.57 -54.32
CA LEU A 200 -81.53 -76.53 -53.78
C LEU A 200 -80.53 -76.18 -54.86
N GLY A 201 -80.63 -76.86 -56.00
CA GLY A 201 -79.77 -76.53 -57.12
C GLY A 201 -80.01 -75.12 -57.63
N LEU A 202 -81.26 -74.66 -57.60
CA LEU A 202 -81.56 -73.32 -58.10
C LEU A 202 -81.11 -72.24 -57.12
N ALA A 203 -81.57 -72.35 -55.87
CA ALA A 203 -81.28 -71.33 -54.86
C ALA A 203 -79.82 -71.33 -54.43
N GLY A 204 -79.10 -72.43 -54.62
CA GLY A 204 -77.67 -72.40 -54.45
C GLY A 204 -77.01 -71.92 -55.72
N LEU A 205 -77.67 -72.16 -56.86
CA LEU A 205 -77.08 -71.89 -58.17
C LEU A 205 -76.96 -70.40 -58.44
N LEU A 206 -78.12 -69.74 -58.53
CA LEU A 206 -78.17 -68.36 -58.98
C LEU A 206 -77.66 -67.41 -57.91
N GLY A 207 -77.71 -67.84 -56.65
CA GLY A 207 -77.04 -67.13 -55.61
C GLY A 207 -75.54 -67.40 -55.61
N GLU A 208 -74.77 -66.33 -55.70
CA GLU A 208 -73.31 -66.45 -55.78
C GLU A 208 -72.72 -65.83 -54.52
N GLY A 209 -72.45 -66.68 -53.54
CA GLY A 209 -71.52 -66.36 -52.48
C GLY A 209 -70.47 -67.45 -52.50
N VAL A 210 -70.87 -68.59 -53.04
CA VAL A 210 -69.99 -69.74 -53.17
C VAL A 210 -69.36 -69.71 -54.56
N PHE A 211 -68.14 -70.22 -54.66
CA PHE A 211 -67.42 -70.31 -55.92
C PHE A 211 -67.11 -71.72 -56.36
N ASN A 212 -66.79 -72.62 -55.43
CA ASN A 212 -66.60 -74.03 -55.71
C ASN A 212 -67.96 -74.75 -55.67
N PHE A 213 -68.77 -74.43 -56.68
CA PHE A 213 -70.17 -74.81 -56.60
C PHE A 213 -70.36 -76.25 -57.05
N GLY A 214 -69.57 -76.71 -58.01
CA GLY A 214 -69.54 -78.11 -58.33
C GLY A 214 -68.66 -78.85 -57.36
N GLU A 215 -69.11 -79.04 -56.12
CA GLU A 215 -68.29 -79.68 -55.09
C GLU A 215 -68.89 -80.98 -54.56
N LEU A 216 -70.05 -80.94 -53.91
CA LEU A 216 -70.62 -82.12 -53.27
C LEU A 216 -71.85 -82.63 -54.01
N LEU A 217 -71.81 -82.59 -55.34
CA LEU A 217 -72.82 -83.25 -56.15
C LEU A 217 -72.74 -84.76 -56.04
N MET A 218 -71.61 -85.28 -55.57
CA MET A 218 -71.42 -86.69 -55.26
C MET A 218 -72.27 -87.17 -54.09
N HIS A 219 -72.79 -86.25 -53.27
CA HIS A 219 -73.37 -86.61 -51.98
C HIS A 219 -74.67 -87.40 -52.17
N PRO A 220 -74.87 -88.51 -51.45
CA PRO A 220 -75.92 -89.45 -51.85
C PRO A 220 -77.33 -88.99 -51.53
N VAL A 221 -77.56 -88.30 -50.41
CA VAL A 221 -78.92 -87.96 -50.02
C VAL A 221 -79.54 -86.91 -50.91
N LEU A 222 -78.75 -86.21 -51.72
CA LEU A 222 -79.25 -85.23 -52.67
C LEU A 222 -79.33 -85.75 -54.09
N GLU A 223 -78.42 -86.65 -54.47
CA GLU A 223 -78.46 -87.21 -55.82
C GLU A 223 -79.50 -88.32 -55.93
N SER A 224 -79.79 -89.00 -54.81
CA SER A 224 -80.94 -89.89 -54.73
C SER A 224 -82.24 -89.13 -54.99
N LEU A 225 -82.31 -87.89 -54.51
CA LEU A 225 -83.39 -86.99 -54.88
C LEU A 225 -83.29 -86.56 -56.32
N ARG A 226 -82.07 -86.40 -56.84
CA ARG A 226 -81.92 -85.92 -58.20
C ARG A 226 -82.11 -87.01 -59.25
N ASN A 227 -82.27 -88.27 -58.84
CA ASN A 227 -82.51 -89.30 -59.84
C ASN A 227 -83.88 -89.17 -60.49
N THR A 228 -84.82 -88.53 -59.82
CA THR A 228 -86.11 -88.21 -60.41
C THR A 228 -86.36 -86.71 -60.46
N ASP A 229 -85.32 -85.91 -60.61
CA ASP A 229 -85.45 -84.49 -60.90
C ASP A 229 -85.49 -84.35 -62.43
N ARG A 230 -85.62 -83.13 -62.95
CA ARG A 230 -85.54 -82.93 -64.39
C ARG A 230 -84.11 -83.21 -64.87
N GLN A 231 -84.01 -83.75 -66.07
CA GLN A 231 -82.77 -84.40 -66.48
C GLN A 231 -81.73 -83.44 -67.04
N TRP A 232 -81.95 -82.12 -66.95
CA TRP A 232 -80.90 -81.18 -67.30
C TRP A 232 -80.49 -80.26 -66.16
N LEU A 233 -81.26 -80.20 -65.08
CA LEU A 233 -80.79 -79.48 -63.91
C LEU A 233 -79.56 -80.14 -63.34
N ILE A 234 -79.56 -81.47 -63.27
CA ILE A 234 -78.38 -82.25 -62.90
C ILE A 234 -77.24 -81.96 -63.86
N ASP A 235 -77.55 -81.90 -65.15
CA ASP A 235 -76.52 -81.70 -66.15
C ASP A 235 -76.02 -80.25 -66.18
N THR A 236 -76.86 -79.27 -65.85
CA THR A 236 -76.33 -77.91 -65.77
C THR A 236 -75.65 -77.66 -64.43
N LEU A 237 -75.90 -78.50 -63.43
CA LEU A 237 -75.03 -78.52 -62.26
C LEU A 237 -73.70 -79.18 -62.60
N TYR A 238 -73.70 -80.11 -63.56
CA TYR A 238 -72.45 -80.65 -64.09
C TYR A 238 -71.71 -79.62 -64.91
N ALA A 239 -72.45 -78.68 -65.52
CA ALA A 239 -71.83 -77.59 -66.27
C ALA A 239 -71.04 -76.65 -65.37
N PHE A 240 -71.29 -76.65 -64.06
CA PHE A 240 -70.46 -75.94 -63.11
C PHE A 240 -69.68 -76.90 -62.24
N ASN A 241 -69.80 -78.20 -62.48
CA ASN A 241 -68.95 -79.18 -61.82
C ASN A 241 -67.81 -79.57 -62.75
N SER A 242 -68.11 -79.84 -64.01
CA SER A 242 -67.07 -79.89 -65.04
C SER A 242 -66.49 -78.50 -65.23
N GLY A 243 -67.34 -77.54 -65.58
CA GLY A 243 -67.05 -76.15 -65.36
C GLY A 243 -67.30 -75.19 -66.50
N ASN A 244 -66.91 -75.54 -67.72
CA ASN A 244 -67.46 -74.83 -68.88
C ASN A 244 -67.88 -75.73 -70.02
N VAL A 245 -67.20 -76.85 -70.25
CA VAL A 245 -67.33 -77.52 -71.53
C VAL A 245 -68.52 -78.49 -71.44
N GLU A 246 -69.69 -77.88 -71.41
CA GLU A 246 -71.00 -78.42 -71.76
C GLU A 246 -71.75 -77.18 -72.25
N ARG A 247 -71.62 -76.90 -73.55
CA ARG A 247 -72.07 -75.61 -74.06
C ARG A 247 -73.59 -75.53 -74.07
N PHE A 248 -74.25 -76.67 -74.31
CA PHE A 248 -75.70 -76.73 -74.17
C PHE A 248 -76.13 -76.81 -72.72
N GLN A 249 -75.21 -77.04 -71.77
CA GLN A 249 -75.64 -76.99 -70.38
C GLN A 249 -75.34 -75.66 -69.71
N THR A 250 -74.13 -75.13 -69.93
CA THR A 250 -73.85 -73.74 -69.58
C THR A 250 -74.65 -72.75 -70.43
N LEU A 251 -75.31 -73.22 -71.48
CA LEU A 251 -76.36 -72.49 -72.15
C LEU A 251 -77.75 -72.99 -71.77
N LYS A 252 -77.87 -74.21 -71.24
CA LYS A 252 -79.18 -74.75 -70.88
C LYS A 252 -79.71 -74.12 -69.61
N THR A 253 -78.82 -73.54 -68.81
CA THR A 253 -79.29 -72.61 -67.79
C THR A 253 -80.01 -71.41 -68.40
N ALA A 254 -79.67 -71.03 -69.64
CA ALA A 254 -80.40 -69.99 -70.34
C ALA A 254 -81.56 -70.52 -71.18
N TRP A 255 -81.50 -71.77 -71.61
CA TRP A 255 -82.60 -72.36 -72.37
C TRP A 255 -83.81 -72.55 -71.48
N GLY A 256 -83.66 -73.34 -70.42
CA GLY A 256 -84.79 -73.65 -69.58
C GLY A 256 -84.98 -72.74 -68.39
N GLN A 257 -83.94 -72.55 -67.57
CA GLN A 257 -84.13 -72.03 -66.22
C GLN A 257 -84.21 -70.52 -66.26
N GLN A 258 -85.42 -70.00 -66.36
CA GLN A 258 -85.70 -68.57 -66.48
C GLN A 258 -85.76 -67.73 -65.20
N PRO A 259 -86.39 -68.15 -64.07
CA PRO A 259 -86.46 -67.22 -62.93
C PRO A 259 -85.12 -67.08 -62.23
N ASP A 260 -84.84 -65.83 -61.82
CA ASP A 260 -83.62 -65.41 -61.14
C ASP A 260 -82.36 -65.66 -61.98
N LEU A 261 -82.52 -65.71 -63.30
CA LEU A 261 -81.44 -66.16 -64.18
C LEU A 261 -80.54 -65.01 -64.62
N ALA A 262 -81.10 -64.05 -65.34
CA ALA A 262 -80.29 -63.07 -66.06
C ALA A 262 -79.69 -62.01 -65.16
N ALA A 263 -79.98 -62.04 -63.86
CA ALA A 263 -79.40 -61.08 -62.93
C ALA A 263 -77.90 -61.29 -62.81
N ASN A 264 -77.47 -62.52 -62.57
CA ASN A 264 -76.05 -62.82 -62.42
C ASN A 264 -75.66 -63.98 -63.32
N GLU A 265 -76.29 -64.08 -64.48
CA GLU A 265 -75.87 -65.09 -65.45
C GLU A 265 -74.52 -64.74 -66.06
N ALA A 266 -74.23 -63.46 -66.24
CA ALA A 266 -72.89 -63.06 -66.68
C ALA A 266 -71.84 -63.33 -65.63
N GLN A 267 -72.25 -63.41 -64.36
CA GLN A 267 -71.36 -63.84 -63.31
C GLN A 267 -71.22 -65.35 -63.27
N LEU A 268 -72.27 -66.08 -63.68
CA LEU A 268 -72.13 -67.53 -63.83
C LEU A 268 -71.19 -67.85 -64.99
N LEU A 269 -71.33 -67.12 -66.09
CA LEU A 269 -70.39 -67.17 -67.20
C LEU A 269 -69.05 -66.55 -66.85
N ARG A 270 -68.97 -65.79 -65.77
CA ARG A 270 -67.67 -65.47 -65.21
C ARG A 270 -67.11 -66.66 -64.44
N LYS A 271 -67.99 -67.45 -63.84
CA LYS A 271 -67.56 -68.64 -63.11
C LYS A 271 -67.18 -69.79 -64.03
N ILE A 272 -67.64 -69.80 -65.29
CA ILE A 272 -67.13 -70.81 -66.21
C ILE A 272 -65.74 -70.42 -66.68
N GLN A 273 -65.37 -69.15 -66.50
CA GLN A 273 -64.07 -68.67 -66.89
C GLN A 273 -63.07 -68.86 -65.77
N LEU A 274 -63.44 -68.40 -64.57
CA LEU A 274 -62.66 -68.66 -63.36
C LEU A 274 -62.52 -70.16 -63.12
N LEU A 275 -63.58 -70.91 -63.33
CA LEU A 275 -63.54 -72.35 -63.21
C LEU A 275 -62.84 -72.96 -64.42
N CYS A 276 -62.88 -72.27 -65.56
CA CYS A 276 -62.13 -72.72 -66.73
C CYS A 276 -60.64 -72.56 -66.52
N LEU A 277 -60.22 -71.69 -65.59
CA LEU A 277 -58.80 -71.55 -65.27
C LEU A 277 -58.26 -72.80 -64.61
N MET A 278 -58.86 -73.21 -63.49
CA MET A 278 -58.44 -74.42 -62.80
C MET A 278 -58.68 -75.67 -63.64
N GLU A 279 -59.64 -75.61 -64.59
CA GLU A 279 -59.66 -76.58 -65.68
C GLU A 279 -58.35 -76.58 -66.44
N MET A 280 -58.04 -75.47 -67.12
CA MET A 280 -57.00 -75.45 -68.13
C MET A 280 -55.60 -75.56 -67.53
N THR A 281 -55.44 -75.28 -66.24
CA THR A 281 -54.18 -75.53 -65.57
C THR A 281 -54.16 -76.84 -64.82
N PHE A 282 -55.32 -77.46 -64.62
CA PHE A 282 -55.28 -78.84 -64.16
C PHE A 282 -55.11 -79.82 -65.31
N THR A 283 -55.88 -79.60 -66.39
CA THR A 283 -56.10 -80.65 -67.40
C THR A 283 -54.83 -80.99 -68.16
N ARG A 284 -54.05 -79.99 -68.55
CA ARG A 284 -52.67 -80.21 -68.91
C ARG A 284 -51.82 -79.84 -67.71
N PRO A 285 -51.18 -80.81 -67.04
CA PRO A 285 -50.38 -80.47 -65.85
C PRO A 285 -49.07 -79.82 -66.21
N ALA A 286 -48.56 -80.06 -67.41
CA ALA A 286 -47.19 -79.75 -67.77
C ALA A 286 -47.02 -78.26 -68.05
N ASN A 287 -45.92 -77.95 -68.72
CA ASN A 287 -45.50 -76.57 -68.95
C ASN A 287 -46.29 -75.98 -70.11
N HIS A 288 -45.76 -74.88 -70.68
CA HIS A 288 -46.51 -73.85 -71.42
C HIS A 288 -47.57 -73.27 -70.51
N ARG A 289 -47.18 -73.03 -69.26
CA ARG A 289 -48.09 -72.39 -68.32
C ARG A 289 -48.20 -70.90 -68.54
N GLN A 290 -47.35 -70.32 -69.37
CA GLN A 290 -47.58 -68.96 -69.86
C GLN A 290 -48.48 -69.07 -71.10
N LEU A 291 -49.75 -69.34 -70.83
CA LEU A 291 -50.69 -69.63 -71.90
C LEU A 291 -51.09 -68.37 -72.64
N THR A 292 -51.18 -68.49 -73.96
CA THR A 292 -51.85 -67.46 -74.72
C THR A 292 -53.34 -67.47 -74.41
N PHE A 293 -53.97 -66.33 -74.68
CA PHE A 293 -55.39 -66.10 -74.44
C PHE A 293 -56.31 -66.82 -75.42
N GLU A 294 -55.75 -67.66 -76.30
CA GLU A 294 -56.49 -68.19 -77.45
C GLU A 294 -57.58 -69.16 -77.00
N GLU A 295 -57.24 -70.09 -76.12
CA GLU A 295 -58.25 -70.95 -75.53
C GLU A 295 -59.12 -70.17 -74.56
N ILE A 296 -58.58 -69.10 -73.98
CA ILE A 296 -59.37 -68.25 -73.11
C ILE A 296 -60.38 -67.45 -73.91
N ALA A 297 -59.92 -66.78 -74.98
CA ALA A 297 -60.84 -66.02 -75.83
C ALA A 297 -61.75 -66.92 -76.65
N LYS A 298 -61.43 -68.21 -76.77
CA LYS A 298 -62.25 -69.13 -77.55
C LYS A 298 -63.27 -69.88 -76.71
N SER A 299 -62.79 -70.67 -75.76
CA SER A 299 -63.64 -71.60 -75.03
C SER A 299 -64.34 -70.96 -73.84
N ALA A 300 -63.75 -69.92 -73.25
CA ALA A 300 -64.34 -69.26 -72.12
C ALA A 300 -65.16 -68.04 -72.52
N LYS A 301 -65.55 -67.96 -73.80
CA LYS A 301 -66.51 -67.01 -74.38
C LYS A 301 -66.25 -65.55 -73.96
N ILE A 302 -64.99 -65.17 -74.06
CA ILE A 302 -64.53 -63.85 -73.66
C ILE A 302 -63.77 -63.25 -74.84
N THR A 303 -63.57 -61.93 -74.80
CA THR A 303 -62.79 -61.23 -75.80
C THR A 303 -61.42 -60.87 -75.24
N VAL A 304 -60.61 -60.26 -76.11
CA VAL A 304 -59.21 -60.01 -75.79
C VAL A 304 -59.09 -58.91 -74.75
N ASN A 305 -59.98 -57.93 -74.79
CA ASN A 305 -59.90 -56.81 -73.87
C ASN A 305 -60.36 -57.16 -72.46
N GLU A 306 -60.98 -58.31 -72.27
CA GLU A 306 -61.58 -58.64 -70.99
C GLU A 306 -60.84 -59.72 -70.23
N VAL A 307 -59.83 -60.36 -70.85
CA VAL A 307 -59.10 -61.44 -70.20
C VAL A 307 -58.40 -60.93 -68.95
N GLU A 308 -57.95 -59.66 -68.98
CA GLU A 308 -57.36 -59.02 -67.82
C GLU A 308 -58.37 -58.91 -66.70
N LEU A 309 -59.59 -58.48 -67.02
CA LEU A 309 -60.65 -58.50 -66.02
C LEU A 309 -60.93 -59.91 -65.57
N LEU A 310 -60.89 -60.86 -66.52
CA LEU A 310 -61.05 -62.27 -66.23
C LEU A 310 -60.00 -62.80 -65.26
N VAL A 311 -58.85 -62.14 -65.17
CA VAL A 311 -57.92 -62.49 -64.12
C VAL A 311 -57.88 -61.46 -62.99
N MET A 312 -58.20 -60.18 -63.26
CA MET A 312 -58.14 -59.22 -62.17
C MET A 312 -59.28 -59.41 -61.18
N LYS A 313 -60.47 -59.70 -61.69
CA LYS A 313 -61.52 -60.22 -60.84
C LYS A 313 -61.08 -61.53 -60.20
N ALA A 314 -60.35 -62.38 -60.93
CA ALA A 314 -59.77 -63.56 -60.31
C ALA A 314 -58.69 -63.20 -59.31
N LEU A 315 -58.04 -62.04 -59.50
CA LEU A 315 -57.16 -61.53 -58.45
C LEU A 315 -57.95 -61.23 -57.19
N SER A 316 -59.18 -60.75 -57.34
CA SER A 316 -60.05 -60.58 -56.19
C SER A 316 -60.54 -61.94 -55.69
N VAL A 317 -60.53 -62.95 -56.56
CA VAL A 317 -60.90 -64.29 -56.11
C VAL A 317 -59.76 -64.88 -55.30
N GLY A 318 -58.61 -65.08 -55.93
CA GLY A 318 -57.42 -65.51 -55.24
C GLY A 318 -57.14 -67.00 -55.21
N LEU A 319 -57.83 -67.80 -56.03
CA LEU A 319 -57.43 -69.19 -56.16
C LEU A 319 -56.25 -69.37 -57.09
N VAL A 320 -56.20 -68.62 -58.19
CA VAL A 320 -55.05 -68.57 -59.06
C VAL A 320 -54.59 -67.11 -59.12
N LYS A 321 -53.27 -66.93 -59.18
CA LYS A 321 -52.64 -65.62 -59.02
C LYS A 321 -51.59 -65.43 -60.11
N GLY A 322 -52.01 -65.66 -61.36
CA GLY A 322 -51.07 -65.74 -62.46
C GLY A 322 -50.36 -64.44 -62.73
N SER A 323 -49.15 -64.54 -63.27
CA SER A 323 -48.36 -63.37 -63.62
C SER A 323 -48.46 -63.12 -65.12
N ILE A 324 -49.61 -62.56 -65.50
CA ILE A 324 -50.03 -62.55 -66.89
C ILE A 324 -49.17 -61.60 -67.71
N ASP A 325 -48.59 -62.13 -68.78
CA ASP A 325 -47.81 -61.36 -69.72
C ASP A 325 -48.70 -60.35 -70.44
N GLU A 326 -48.15 -59.17 -70.66
CA GLU A 326 -48.84 -58.11 -71.39
C GLU A 326 -47.98 -57.52 -72.48
N VAL A 327 -46.88 -58.17 -72.87
CA VAL A 327 -46.17 -57.76 -74.07
C VAL A 327 -46.54 -58.76 -75.14
N ASP A 328 -47.06 -59.91 -74.72
CA ASP A 328 -47.51 -60.95 -75.62
C ASP A 328 -48.94 -61.38 -75.32
N LYS A 329 -49.61 -60.70 -74.38
CA LYS A 329 -50.97 -60.99 -73.93
C LYS A 329 -51.12 -62.42 -73.40
N ARG A 330 -50.06 -62.96 -72.82
CA ARG A 330 -50.07 -64.36 -72.42
C ARG A 330 -50.54 -64.51 -70.99
N VAL A 331 -51.61 -65.27 -70.82
CA VAL A 331 -52.23 -65.51 -69.53
C VAL A 331 -51.42 -66.59 -68.84
N HIS A 332 -50.59 -66.19 -67.88
CA HIS A 332 -49.68 -67.13 -67.25
C HIS A 332 -50.35 -67.89 -66.11
N MET A 333 -49.98 -69.16 -65.96
CA MET A 333 -50.56 -70.05 -64.95
C MET A 333 -49.59 -70.20 -63.78
N THR A 334 -49.99 -69.74 -62.61
CA THR A 334 -49.38 -70.06 -61.34
C THR A 334 -50.25 -71.05 -60.58
N TRP A 335 -49.96 -71.20 -59.29
CA TRP A 335 -50.69 -72.05 -58.37
C TRP A 335 -52.18 -71.75 -58.34
N VAL A 336 -52.97 -72.80 -58.16
CA VAL A 336 -54.41 -72.80 -58.37
C VAL A 336 -55.04 -73.61 -57.24
N GLN A 337 -56.37 -73.54 -57.15
CA GLN A 337 -57.16 -74.56 -56.48
C GLN A 337 -57.65 -75.53 -57.54
N PRO A 338 -57.03 -76.72 -57.67
CA PRO A 338 -57.17 -77.50 -58.90
C PRO A 338 -58.53 -78.11 -59.23
N ARG A 339 -59.06 -78.98 -58.37
CA ARG A 339 -60.26 -79.78 -58.70
C ARG A 339 -61.03 -80.05 -57.40
N VAL A 340 -61.98 -81.00 -57.46
CA VAL A 340 -62.76 -81.40 -56.30
C VAL A 340 -62.62 -82.90 -56.08
N LEU A 341 -62.75 -83.69 -57.14
CA LEU A 341 -62.49 -85.12 -57.10
C LEU A 341 -62.25 -85.67 -58.50
N ASP A 342 -61.12 -86.36 -58.67
CA ASP A 342 -60.87 -87.22 -59.82
C ASP A 342 -60.45 -88.57 -59.24
N LEU A 343 -61.43 -89.42 -58.93
CA LEU A 343 -61.14 -90.72 -58.32
C LEU A 343 -60.40 -91.64 -59.28
N GLN A 344 -60.59 -91.41 -60.59
CA GLN A 344 -59.80 -92.09 -61.59
C GLN A 344 -58.33 -91.66 -61.55
N GLN A 345 -58.05 -90.49 -60.98
CA GLN A 345 -56.70 -90.04 -60.72
C GLN A 345 -56.33 -90.11 -59.25
N ILE A 346 -57.29 -90.41 -58.38
CA ILE A 346 -56.93 -90.91 -57.05
C ILE A 346 -56.41 -92.34 -57.20
N LYS A 347 -56.87 -93.07 -58.21
CA LYS A 347 -56.19 -94.30 -58.58
C LYS A 347 -55.00 -94.01 -59.48
N GLY A 348 -55.19 -93.12 -60.47
CA GLY A 348 -54.21 -92.87 -61.51
C GLY A 348 -53.13 -91.87 -61.17
N MET A 349 -53.02 -91.56 -59.88
CA MET A 349 -51.94 -90.75 -59.35
C MET A 349 -50.66 -91.54 -59.15
N LYS A 350 -50.63 -92.81 -59.54
CA LYS A 350 -49.47 -93.67 -59.27
C LYS A 350 -48.28 -93.23 -60.10
N ASP A 351 -48.53 -92.71 -61.30
CA ASP A 351 -47.50 -92.24 -62.21
C ASP A 351 -46.90 -90.90 -61.79
N ARG A 352 -47.29 -90.41 -60.63
CA ARG A 352 -46.73 -89.24 -59.97
C ARG A 352 -46.27 -89.58 -58.56
N LEU A 353 -47.05 -90.41 -57.87
CA LEU A 353 -46.83 -90.74 -56.46
C LEU A 353 -45.78 -91.83 -56.33
N GLU A 354 -46.01 -92.96 -56.99
CA GLU A 354 -45.01 -94.03 -57.00
C GLU A 354 -43.83 -93.64 -57.85
N PHE A 355 -44.06 -92.84 -58.89
CA PHE A 355 -43.01 -92.16 -59.64
C PHE A 355 -42.09 -91.39 -58.71
N TRP A 356 -42.68 -90.58 -57.84
CA TRP A 356 -41.95 -89.85 -56.83
C TRP A 356 -41.26 -90.80 -55.86
N CYS A 357 -41.95 -91.88 -55.49
CA CYS A 357 -41.47 -92.81 -54.48
C CYS A 357 -40.21 -93.54 -54.94
N THR A 358 -40.33 -94.28 -56.03
CA THR A 358 -39.20 -95.06 -56.51
C THR A 358 -38.22 -94.24 -57.33
N ASP A 359 -38.56 -93.01 -57.70
CA ASP A 359 -37.57 -92.27 -58.44
C ASP A 359 -36.74 -91.36 -57.54
N VAL A 360 -37.37 -90.74 -56.56
CA VAL A 360 -36.57 -90.02 -55.56
C VAL A 360 -35.92 -91.03 -54.62
N LYS A 361 -36.53 -92.21 -54.44
CA LYS A 361 -35.91 -93.24 -53.62
C LYS A 361 -34.83 -93.99 -54.39
N SER A 362 -35.06 -94.23 -55.68
CA SER A 362 -34.07 -94.94 -56.48
C SER A 362 -32.87 -94.05 -56.76
N MET A 363 -33.12 -92.81 -57.17
CA MET A 363 -32.02 -91.86 -57.36
C MET A 363 -31.42 -91.43 -56.04
N GLU A 364 -32.20 -91.50 -54.96
CA GLU A 364 -31.65 -91.45 -53.61
C GLU A 364 -30.62 -92.55 -53.41
N MET A 365 -30.92 -93.75 -53.90
CA MET A 365 -29.96 -94.83 -53.80
C MET A 365 -28.90 -94.75 -54.90
N LEU A 366 -29.05 -93.83 -55.86
CA LEU A 366 -27.98 -93.60 -56.82
C LEU A 366 -26.98 -92.62 -56.25
N VAL A 367 -27.45 -91.66 -55.46
CA VAL A 367 -26.56 -90.80 -54.71
C VAL A 367 -25.85 -91.61 -53.64
N GLU A 368 -26.63 -92.32 -52.80
CA GLU A 368 -26.06 -93.10 -51.72
C GLU A 368 -25.29 -94.30 -52.23
N HIS A 369 -25.61 -94.76 -53.44
CA HIS A 369 -24.78 -95.76 -54.08
C HIS A 369 -23.51 -95.15 -54.65
N GLN A 370 -23.57 -93.89 -55.09
CA GLN A 370 -22.32 -93.22 -55.38
C GLN A 370 -21.61 -92.84 -54.09
N ALA A 371 -22.29 -92.15 -53.19
CA ALA A 371 -21.77 -91.88 -51.84
C ALA A 371 -21.84 -93.12 -50.98
N HIS A 372 -21.15 -94.17 -51.38
CA HIS A 372 -21.25 -95.49 -50.76
C HIS A 372 -20.11 -95.73 -49.78
N ASP A 373 -18.89 -95.78 -50.31
CA ASP A 373 -17.72 -96.10 -49.49
C ASP A 373 -17.02 -94.86 -48.98
N ILE A 374 -17.84 -93.97 -48.43
CA ILE A 374 -17.40 -92.85 -47.61
C ILE A 374 -18.18 -93.04 -46.32
N LEU A 375 -18.69 -94.27 -46.16
CA LEU A 375 -19.41 -94.67 -44.96
C LEU A 375 -18.51 -94.59 -43.74
N THR A 376 -17.23 -94.91 -43.95
CA THR A 376 -16.10 -94.54 -43.09
C THR A 376 -16.17 -95.14 -41.69
N MET B 1 -70.65 -111.59 9.78
CA MET B 1 -71.01 -110.97 8.51
C MET B 1 -70.42 -111.73 7.34
N VAL B 2 -71.25 -111.96 6.32
CA VAL B 2 -70.85 -112.69 5.13
C VAL B 2 -69.97 -111.79 4.28
N LEU B 3 -68.90 -112.37 3.71
CA LEU B 3 -67.85 -111.60 3.06
C LEU B 3 -68.17 -111.44 1.57
N GLU B 4 -68.60 -110.25 1.18
CA GLU B 4 -68.74 -109.94 -0.22
C GLU B 4 -68.53 -108.45 -0.40
N SER B 5 -68.16 -108.08 -1.62
CA SER B 5 -68.16 -106.68 -2.03
C SER B 5 -69.44 -106.44 -2.83
N THR B 6 -70.43 -105.90 -2.13
CA THR B 6 -71.69 -105.58 -2.79
C THR B 6 -71.53 -104.28 -3.58
N MET B 7 -71.85 -104.34 -4.86
CA MET B 7 -71.72 -103.19 -5.76
C MET B 7 -73.09 -102.63 -6.05
N VAL B 8 -73.33 -101.39 -5.63
CA VAL B 8 -74.61 -100.72 -5.82
C VAL B 8 -74.54 -99.92 -7.13
N CYS B 9 -75.62 -99.98 -7.89
CA CYS B 9 -75.75 -99.20 -9.12
C CYS B 9 -76.92 -98.24 -9.00
N VAL B 10 -76.64 -96.96 -9.21
CA VAL B 10 -77.68 -95.94 -9.17
C VAL B 10 -78.56 -96.10 -10.40
N ASP B 11 -79.87 -95.98 -10.19
CA ASP B 11 -80.83 -96.06 -11.28
C ASP B 11 -81.17 -94.64 -11.75
N ASN B 12 -80.13 -93.93 -12.18
CA ASN B 12 -80.28 -92.55 -12.65
C ASN B 12 -80.75 -92.48 -14.10
N SER B 13 -81.87 -93.14 -14.38
CA SER B 13 -82.45 -93.25 -15.71
C SER B 13 -83.82 -92.61 -15.71
N GLU B 14 -84.34 -92.38 -16.92
CA GLU B 14 -85.51 -91.54 -17.15
C GLU B 14 -86.81 -92.11 -16.61
N TYR B 15 -86.85 -93.37 -16.19
CA TYR B 15 -88.08 -93.94 -15.64
C TYR B 15 -88.03 -94.02 -14.11
N MET B 16 -87.28 -93.12 -13.48
CA MET B 16 -87.22 -93.02 -12.02
C MET B 16 -87.56 -91.60 -11.60
N ARG B 17 -88.65 -91.08 -12.14
CA ARG B 17 -88.85 -89.64 -12.14
C ARG B 17 -90.15 -89.14 -11.54
N ASN B 18 -91.27 -89.83 -11.74
CA ASN B 18 -92.57 -89.17 -11.61
C ASN B 18 -93.02 -89.06 -10.15
N GLY B 19 -94.29 -88.72 -9.97
CA GLY B 19 -94.84 -88.50 -8.66
C GLY B 19 -95.89 -89.53 -8.25
N ASP B 20 -95.62 -90.81 -8.49
CA ASP B 20 -96.63 -91.84 -8.24
C ASP B 20 -96.65 -92.31 -6.79
N PHE B 21 -95.50 -92.66 -6.21
CA PHE B 21 -95.48 -93.14 -4.82
C PHE B 21 -95.22 -92.00 -3.87
N LEU B 22 -94.03 -91.46 -3.95
CA LEU B 22 -93.72 -90.15 -3.44
C LEU B 22 -93.86 -89.21 -4.63
N PRO B 23 -93.83 -87.89 -4.42
CA PRO B 23 -93.56 -86.97 -5.54
C PRO B 23 -92.15 -87.08 -6.12
N THR B 24 -91.30 -87.94 -5.55
CA THR B 24 -89.91 -88.09 -5.94
C THR B 24 -89.51 -89.56 -5.79
N ARG B 25 -89.26 -90.20 -6.94
CA ARG B 25 -88.73 -91.56 -6.96
C ARG B 25 -87.25 -91.63 -6.60
N LEU B 26 -86.57 -90.49 -6.54
CA LEU B 26 -85.16 -90.47 -6.18
C LEU B 26 -84.99 -90.77 -4.69
N GLN B 27 -86.04 -90.52 -3.92
CA GLN B 27 -86.04 -90.84 -2.49
C GLN B 27 -86.01 -92.36 -2.29
N ALA B 28 -86.62 -93.11 -3.21
CA ALA B 28 -86.64 -94.57 -3.12
C ALA B 28 -85.24 -95.14 -3.29
N GLN B 29 -84.62 -94.87 -4.44
CA GLN B 29 -83.27 -95.35 -4.71
C GLN B 29 -82.24 -94.74 -3.76
N GLN B 30 -82.45 -93.48 -3.35
CA GLN B 30 -81.53 -92.79 -2.45
C GLN B 30 -81.53 -93.42 -1.07
N ASP B 31 -82.72 -93.68 -0.54
CA ASP B 31 -82.80 -94.34 0.76
C ASP B 31 -82.43 -95.82 0.67
N ALA B 32 -82.55 -96.43 -0.51
CA ALA B 32 -82.03 -97.77 -0.70
C ALA B 32 -80.52 -97.81 -0.57
N VAL B 33 -79.84 -96.85 -1.21
CA VAL B 33 -78.39 -96.72 -1.06
C VAL B 33 -78.04 -96.35 0.39
N ASN B 34 -78.95 -95.63 1.06
CA ASN B 34 -78.74 -95.32 2.48
C ASN B 34 -78.77 -96.59 3.34
N ILE B 35 -79.75 -97.47 3.11
CA ILE B 35 -79.89 -98.61 4.01
C ILE B 35 -78.86 -99.69 3.67
N VAL B 36 -78.47 -99.81 2.40
CA VAL B 36 -77.42 -100.78 2.11
C VAL B 36 -76.05 -100.22 2.48
N CYS B 37 -75.88 -98.89 2.48
CA CYS B 37 -74.56 -98.34 2.77
C CYS B 37 -74.34 -98.26 4.26
N HIS B 38 -75.39 -97.96 5.02
CA HIS B 38 -75.30 -98.07 6.47
C HIS B 38 -75.31 -99.53 6.90
N SER B 39 -75.89 -100.41 6.09
CA SER B 39 -75.83 -101.84 6.36
C SER B 39 -74.42 -102.38 6.19
N LYS B 40 -73.69 -101.91 5.17
CA LYS B 40 -72.31 -102.29 5.00
C LYS B 40 -71.37 -101.50 5.89
N THR B 41 -71.79 -100.34 6.36
CA THR B 41 -71.00 -99.56 7.29
C THR B 41 -71.03 -100.22 8.66
N ARG B 42 -72.21 -100.58 9.14
CA ARG B 42 -72.32 -101.32 10.39
C ARG B 42 -71.89 -102.76 10.22
N SER B 43 -71.92 -103.27 8.99
CA SER B 43 -71.57 -104.67 8.75
C SER B 43 -70.09 -104.91 8.88
N ASN B 44 -69.29 -104.26 8.05
CA ASN B 44 -67.86 -104.50 8.05
C ASN B 44 -67.15 -103.23 7.55
N PRO B 45 -66.19 -102.71 8.31
CA PRO B 45 -65.30 -101.66 7.80
C PRO B 45 -64.14 -102.21 6.97
N GLU B 46 -64.45 -103.17 6.09
CA GLU B 46 -63.49 -103.72 5.14
C GLU B 46 -64.10 -103.86 3.77
N ASN B 47 -65.37 -103.52 3.61
CA ASN B 47 -66.02 -103.57 2.31
C ASN B 47 -65.52 -102.42 1.45
N ASN B 48 -66.03 -102.35 0.23
CA ASN B 48 -65.75 -101.23 -0.65
C ASN B 48 -67.02 -100.99 -1.46
N VAL B 49 -67.83 -100.06 -0.99
CA VAL B 49 -69.09 -99.71 -1.63
C VAL B 49 -68.95 -98.26 -2.09
N GLY B 50 -68.80 -98.06 -3.39
CA GLY B 50 -68.67 -96.74 -3.95
C GLY B 50 -69.93 -96.41 -4.72
N LEU B 51 -69.80 -96.30 -6.04
CA LEU B 51 -70.95 -96.04 -6.90
C LEU B 51 -70.62 -96.50 -8.30
N ILE B 52 -71.66 -96.89 -9.03
CA ILE B 52 -71.56 -97.11 -10.47
C ILE B 52 -72.91 -96.75 -11.07
N THR B 53 -72.87 -96.26 -12.30
CA THR B 53 -74.09 -95.84 -12.98
C THR B 53 -74.35 -96.70 -14.22
N LEU B 54 -75.56 -96.54 -14.74
CA LEU B 54 -76.01 -97.24 -15.93
C LEU B 54 -76.36 -96.31 -17.08
N ALA B 55 -76.60 -95.03 -16.80
CA ALA B 55 -77.05 -94.09 -17.83
C ALA B 55 -75.86 -93.68 -18.69
N ASN B 56 -75.77 -94.28 -19.89
CA ASN B 56 -74.94 -93.85 -21.03
C ASN B 56 -73.44 -94.10 -20.79
N ASP B 57 -73.04 -94.49 -19.58
CA ASP B 57 -71.64 -94.60 -19.19
C ASP B 57 -71.59 -95.37 -17.87
N CYS B 58 -70.38 -95.77 -17.48
CA CYS B 58 -70.12 -96.37 -16.18
C CYS B 58 -69.09 -95.50 -15.46
N GLU B 59 -69.58 -94.46 -14.79
CA GLU B 59 -68.73 -93.43 -14.21
C GLU B 59 -68.44 -93.79 -12.77
N VAL B 60 -67.24 -94.29 -12.51
CA VAL B 60 -66.75 -94.48 -11.15
C VAL B 60 -66.26 -93.11 -10.70
N LEU B 61 -67.16 -92.31 -10.12
CA LEU B 61 -66.79 -90.98 -9.65
C LEU B 61 -65.81 -91.06 -8.49
N THR B 62 -66.23 -91.66 -7.40
CA THR B 62 -65.43 -91.74 -6.19
C THR B 62 -64.66 -93.05 -6.18
N THR B 63 -63.75 -93.16 -5.22
CA THR B 63 -63.05 -94.40 -4.97
C THR B 63 -64.04 -95.46 -4.49
N LEU B 64 -63.82 -96.69 -4.94
CA LEU B 64 -64.55 -97.82 -4.38
C LEU B 64 -64.06 -98.02 -2.95
N THR B 65 -64.71 -97.37 -1.99
CA THR B 65 -64.18 -97.14 -0.66
C THR B 65 -65.15 -97.62 0.39
N PRO B 66 -64.65 -97.97 1.58
CA PRO B 66 -65.59 -98.24 2.69
C PRO B 66 -66.32 -97.01 3.21
N ASP B 67 -65.88 -95.81 2.87
CA ASP B 67 -66.64 -94.63 3.24
C ASP B 67 -67.87 -94.50 2.34
N THR B 68 -68.87 -93.78 2.81
CA THR B 68 -70.07 -93.59 2.00
C THR B 68 -70.62 -92.18 1.96
N GLY B 69 -70.29 -91.29 2.90
CA GLY B 69 -70.96 -90.01 3.01
C GLY B 69 -70.73 -89.08 1.84
N ARG B 70 -69.58 -89.24 1.17
CA ARG B 70 -69.35 -88.54 -0.08
C ARG B 70 -70.26 -89.06 -1.18
N ILE B 71 -70.42 -90.38 -1.26
CA ILE B 71 -71.34 -90.99 -2.20
C ILE B 71 -72.77 -90.60 -1.84
N LEU B 72 -73.05 -90.43 -0.54
CA LEU B 72 -74.35 -89.90 -0.10
C LEU B 72 -74.57 -88.47 -0.57
N SER B 73 -73.50 -87.66 -0.63
CA SER B 73 -73.63 -86.36 -1.28
C SER B 73 -73.80 -86.49 -2.78
N LYS B 74 -73.24 -87.55 -3.38
CA LYS B 74 -73.46 -87.80 -4.79
C LYS B 74 -74.85 -88.32 -5.09
N LEU B 75 -75.56 -88.80 -4.07
CA LEU B 75 -76.96 -89.17 -4.27
C LEU B 75 -77.81 -87.95 -4.55
N HIS B 76 -77.45 -86.82 -3.94
CA HIS B 76 -78.02 -85.55 -4.37
C HIS B 76 -77.53 -85.22 -5.77
N THR B 77 -78.40 -84.57 -6.54
CA THR B 77 -78.35 -84.38 -8.00
C THR B 77 -77.78 -85.62 -8.73
N VAL B 78 -78.49 -86.74 -8.53
CA VAL B 78 -78.08 -87.98 -9.19
C VAL B 78 -78.44 -87.99 -10.66
N GLN B 79 -79.25 -87.02 -11.12
CA GLN B 79 -79.77 -86.86 -12.47
C GLN B 79 -80.48 -88.12 -12.94
N PRO B 80 -81.70 -88.36 -12.48
CA PRO B 80 -82.45 -89.58 -12.86
C PRO B 80 -82.96 -89.54 -14.30
N LYS B 81 -82.04 -89.53 -15.25
CA LYS B 81 -82.42 -89.50 -16.66
C LYS B 81 -81.25 -89.99 -17.49
N GLY B 82 -81.51 -90.89 -18.42
CA GLY B 82 -80.48 -91.37 -19.31
C GLY B 82 -80.83 -92.72 -19.88
N LYS B 83 -79.88 -93.27 -20.62
CA LYS B 83 -80.07 -94.55 -21.29
C LYS B 83 -79.70 -95.67 -20.32
N ILE B 84 -80.71 -96.29 -19.72
CA ILE B 84 -80.52 -97.40 -18.81
C ILE B 84 -79.93 -98.59 -19.58
N THR B 85 -78.95 -99.25 -18.97
CA THR B 85 -78.32 -100.40 -19.58
C THR B 85 -77.93 -101.37 -18.48
N PHE B 86 -78.41 -102.60 -18.59
CA PHE B 86 -78.12 -103.64 -17.61
C PHE B 86 -76.79 -104.32 -17.87
N CYS B 87 -76.31 -104.33 -19.11
CA CYS B 87 -75.15 -105.11 -19.51
C CYS B 87 -73.83 -104.54 -19.00
N THR B 88 -73.72 -103.23 -18.90
CA THR B 88 -72.42 -102.61 -18.68
C THR B 88 -72.07 -102.49 -17.19
N GLY B 89 -73.06 -102.26 -16.32
CA GLY B 89 -72.77 -102.04 -14.91
C GLY B 89 -72.29 -103.29 -14.22
N ILE B 90 -72.78 -104.45 -14.65
CA ILE B 90 -72.35 -105.71 -14.07
C ILE B 90 -70.95 -106.08 -14.54
N ARG B 91 -70.65 -105.83 -15.82
CA ARG B 91 -69.33 -106.11 -16.36
C ARG B 91 -68.26 -105.22 -15.73
N VAL B 92 -68.54 -103.91 -15.66
CA VAL B 92 -67.59 -103.00 -15.05
C VAL B 92 -67.59 -103.16 -13.53
N ALA B 93 -68.64 -103.75 -12.97
CA ALA B 93 -68.60 -104.08 -11.56
C ALA B 93 -67.76 -105.32 -11.32
N HIS B 94 -67.61 -106.15 -12.35
CA HIS B 94 -66.79 -107.34 -12.23
C HIS B 94 -65.32 -106.99 -12.38
N LEU B 95 -64.96 -106.24 -13.42
CA LEU B 95 -63.56 -105.87 -13.59
C LEU B 95 -63.17 -104.72 -12.64
N ALA B 96 -64.16 -103.98 -12.14
CA ALA B 96 -63.89 -103.09 -11.02
C ALA B 96 -63.72 -103.85 -9.73
N LEU B 97 -64.51 -104.91 -9.54
CA LEU B 97 -64.38 -105.76 -8.38
C LEU B 97 -63.29 -106.83 -8.52
N LYS B 98 -62.51 -106.77 -9.58
CA LYS B 98 -61.20 -107.42 -9.60
C LYS B 98 -60.07 -106.44 -9.32
N HIS B 99 -60.40 -105.18 -9.03
CA HIS B 99 -59.42 -104.18 -8.66
C HIS B 99 -59.54 -103.89 -7.19
N ARG B 100 -59.86 -104.92 -6.42
CA ARG B 100 -60.23 -104.77 -5.03
C ARG B 100 -59.03 -104.88 -4.11
N GLN B 101 -59.28 -104.92 -2.81
CA GLN B 101 -58.18 -104.91 -1.84
C GLN B 101 -57.58 -106.27 -1.54
N GLY B 102 -57.10 -106.43 -0.30
CA GLY B 102 -56.56 -107.71 0.13
C GLY B 102 -57.82 -108.53 0.04
N LYS B 103 -57.86 -109.45 -0.92
CA LYS B 103 -59.04 -110.26 -1.17
C LYS B 103 -59.74 -110.84 0.04
N ASN B 104 -60.60 -110.06 0.69
CA ASN B 104 -61.31 -110.62 1.82
C ASN B 104 -62.79 -110.82 1.53
N HIS B 105 -63.23 -110.45 0.34
CA HIS B 105 -64.65 -110.38 0.03
C HIS B 105 -64.91 -110.97 -1.34
N LYS B 106 -66.10 -111.54 -1.50
CA LYS B 106 -66.60 -112.02 -2.78
C LYS B 106 -67.21 -110.86 -3.55
N MET B 107 -67.88 -111.18 -4.66
CA MET B 107 -68.47 -110.17 -5.53
C MET B 107 -69.98 -110.31 -5.50
N ARG B 108 -70.66 -109.28 -5.01
CA ARG B 108 -72.11 -109.19 -5.07
C ARG B 108 -72.45 -107.94 -5.86
N ILE B 109 -73.58 -107.98 -6.55
CA ILE B 109 -74.09 -106.81 -7.28
C ILE B 109 -75.55 -106.64 -6.89
N ILE B 110 -75.95 -105.40 -6.61
CA ILE B 110 -77.36 -105.02 -6.62
C ILE B 110 -77.54 -104.01 -7.75
N ALA B 111 -78.56 -104.24 -8.58
CA ALA B 111 -78.77 -103.48 -9.80
C ALA B 111 -80.19 -102.90 -9.77
N PHE B 112 -80.28 -101.62 -9.41
CA PHE B 112 -81.56 -100.93 -9.35
C PHE B 112 -82.03 -100.68 -10.78
N VAL B 113 -83.14 -101.30 -11.17
CA VAL B 113 -83.68 -101.18 -12.51
C VAL B 113 -85.12 -100.71 -12.38
N GLY B 114 -85.41 -99.55 -12.95
CA GLY B 114 -86.75 -99.01 -12.94
C GLY B 114 -87.32 -98.91 -14.32
N SER B 115 -86.90 -99.80 -15.21
CA SER B 115 -87.26 -99.68 -16.61
C SER B 115 -87.41 -101.09 -17.19
N PRO B 116 -88.17 -101.23 -18.28
CA PRO B 116 -88.05 -102.45 -19.09
C PRO B 116 -86.74 -102.41 -19.85
N VAL B 117 -85.66 -102.89 -19.21
CA VAL B 117 -84.30 -102.56 -19.64
C VAL B 117 -83.99 -103.20 -20.99
N GLU B 118 -83.15 -102.52 -21.77
CA GLU B 118 -82.82 -102.91 -23.13
C GLU B 118 -81.73 -103.96 -23.05
N ASP B 119 -82.13 -105.23 -23.00
CA ASP B 119 -81.17 -106.32 -22.92
C ASP B 119 -81.72 -107.52 -23.66
N ASN B 120 -80.88 -108.16 -24.46
CA ASN B 120 -81.28 -109.33 -25.21
C ASN B 120 -81.41 -110.52 -24.27
N GLU B 121 -82.20 -111.51 -24.70
CA GLU B 121 -82.19 -112.79 -24.02
C GLU B 121 -80.84 -113.48 -24.17
N LYS B 122 -80.19 -113.29 -25.32
CA LYS B 122 -78.83 -113.77 -25.52
C LYS B 122 -77.84 -113.03 -24.62
N ASP B 123 -78.08 -111.74 -24.38
CA ASP B 123 -77.17 -110.98 -23.53
C ASP B 123 -77.31 -111.38 -22.07
N LEU B 124 -78.54 -111.62 -21.60
CA LEU B 124 -78.69 -112.04 -20.21
C LEU B 124 -78.22 -113.48 -20.03
N VAL B 125 -78.36 -114.32 -21.06
CA VAL B 125 -77.89 -115.68 -20.85
C VAL B 125 -76.36 -115.73 -20.98
N LYS B 126 -75.76 -114.90 -21.84
CA LYS B 126 -74.30 -114.86 -21.94
C LYS B 126 -73.69 -114.27 -20.69
N LEU B 127 -74.17 -113.09 -20.27
CA LEU B 127 -73.67 -112.47 -19.04
C LEU B 127 -73.94 -113.35 -17.82
N ALA B 128 -75.09 -114.02 -17.81
CA ALA B 128 -75.45 -114.81 -16.65
C ALA B 128 -74.64 -116.11 -16.58
N LYS B 129 -74.22 -116.64 -17.73
CA LYS B 129 -73.33 -117.80 -17.69
C LYS B 129 -71.86 -117.39 -17.55
N ARG B 130 -71.50 -116.17 -17.92
CA ARG B 130 -70.19 -115.66 -17.51
C ARG B 130 -70.13 -115.51 -15.99
N LEU B 131 -71.22 -115.02 -15.38
CA LEU B 131 -71.29 -114.99 -13.93
C LEU B 131 -71.42 -116.38 -13.31
N LYS B 132 -71.88 -117.37 -14.08
CA LYS B 132 -71.67 -118.75 -13.65
C LYS B 132 -70.18 -119.08 -13.63
N LYS B 133 -69.44 -118.70 -14.68
CA LYS B 133 -68.03 -119.04 -14.78
C LYS B 133 -67.16 -118.22 -13.83
N GLU B 134 -67.67 -117.11 -13.30
CA GLU B 134 -66.83 -116.15 -12.60
C GLU B 134 -67.22 -115.95 -11.15
N LYS B 135 -68.06 -116.83 -10.59
CA LYS B 135 -68.26 -116.99 -9.14
C LYS B 135 -68.83 -115.72 -8.51
N VAL B 136 -70.01 -115.32 -9.00
CA VAL B 136 -70.68 -114.10 -8.57
C VAL B 136 -72.13 -114.45 -8.24
N ASN B 137 -72.61 -113.97 -7.08
CA ASN B 137 -74.01 -114.05 -6.72
C ASN B 137 -74.59 -112.65 -6.64
N VAL B 138 -75.69 -112.43 -7.35
CA VAL B 138 -76.26 -111.10 -7.59
C VAL B 138 -77.64 -111.04 -6.93
N ASP B 139 -77.92 -109.91 -6.26
CA ASP B 139 -79.24 -109.64 -5.70
C ASP B 139 -79.95 -108.64 -6.63
N ILE B 140 -81.01 -109.09 -7.28
CA ILE B 140 -81.60 -108.36 -8.39
C ILE B 140 -82.87 -107.65 -7.91
N ILE B 141 -82.93 -106.33 -8.12
CA ILE B 141 -83.94 -105.46 -7.52
C ILE B 141 -84.62 -104.62 -8.60
N ASN B 142 -85.94 -104.63 -8.60
CA ASN B 142 -86.74 -103.69 -9.38
C ASN B 142 -87.16 -102.51 -8.52
N PHE B 143 -86.93 -101.31 -9.02
CA PHE B 143 -87.49 -100.08 -8.48
C PHE B 143 -88.42 -99.46 -9.51
N GLY B 144 -89.01 -98.31 -9.16
CA GLY B 144 -89.92 -97.58 -10.01
C GLY B 144 -91.09 -98.44 -10.47
N GLU B 145 -91.00 -98.85 -11.73
CA GLU B 145 -91.75 -100.00 -12.21
C GLU B 145 -90.94 -100.67 -13.30
N GLU B 146 -91.08 -101.98 -13.39
CA GLU B 146 -90.71 -102.69 -14.60
C GLU B 146 -92.01 -103.09 -15.26
N GLU B 147 -91.97 -103.27 -16.57
CA GLU B 147 -93.13 -103.76 -17.31
C GLU B 147 -93.54 -105.13 -16.79
N VAL B 148 -94.85 -105.39 -16.79
CA VAL B 148 -95.38 -106.67 -16.36
C VAL B 148 -94.86 -107.78 -17.29
N ASN B 149 -94.75 -108.99 -16.74
CA ASN B 149 -94.05 -110.14 -17.34
C ASN B 149 -92.59 -109.75 -17.63
N THR B 150 -91.89 -109.51 -16.52
CA THR B 150 -90.49 -109.12 -16.57
C THR B 150 -89.66 -110.24 -17.18
N GLU B 151 -89.00 -109.94 -18.29
CA GLU B 151 -88.23 -110.94 -19.00
C GLU B 151 -86.74 -110.87 -18.69
N LYS B 152 -86.20 -109.67 -18.61
CA LYS B 152 -84.75 -109.48 -18.54
C LYS B 152 -84.23 -109.93 -17.18
N LEU B 153 -84.78 -109.33 -16.13
CA LEU B 153 -84.23 -109.51 -14.79
C LEU B 153 -84.65 -110.84 -14.19
N THR B 154 -85.81 -111.36 -14.60
CA THR B 154 -86.29 -112.64 -14.08
C THR B 154 -85.51 -113.80 -14.70
N ALA B 155 -85.31 -113.77 -16.01
CA ALA B 155 -84.47 -114.79 -16.63
C ALA B 155 -82.99 -114.57 -16.32
N PHE B 156 -82.62 -113.37 -15.85
CA PHE B 156 -81.29 -113.19 -15.29
C PHE B 156 -81.18 -113.82 -13.91
N VAL B 157 -82.26 -113.80 -13.13
CA VAL B 157 -82.35 -114.58 -11.91
C VAL B 157 -82.25 -116.07 -12.22
N ASN B 158 -82.79 -116.46 -13.37
CA ASN B 158 -82.91 -117.87 -13.73
C ASN B 158 -81.54 -118.51 -13.96
N THR B 159 -80.78 -117.99 -14.92
CA THR B 159 -79.55 -118.63 -15.37
C THR B 159 -78.31 -118.04 -14.72
N LEU B 160 -78.40 -117.61 -13.46
CA LEU B 160 -77.30 -116.84 -12.89
C LEU B 160 -76.22 -117.73 -12.31
N ASN B 161 -76.62 -118.77 -11.59
CA ASN B 161 -75.73 -119.35 -10.59
C ASN B 161 -76.15 -120.77 -10.28
N GLY B 162 -75.68 -121.26 -9.14
CA GLY B 162 -75.58 -122.67 -8.86
C GLY B 162 -74.18 -122.95 -8.36
N LYS B 163 -74.06 -124.06 -7.62
CA LYS B 163 -72.82 -124.43 -6.91
C LYS B 163 -72.41 -123.31 -5.96
N ASP B 164 -73.21 -123.18 -4.90
CA ASP B 164 -73.34 -122.02 -4.01
C ASP B 164 -73.82 -120.82 -4.81
N GLY B 165 -75.04 -120.92 -5.30
CA GLY B 165 -75.69 -119.81 -5.96
C GLY B 165 -76.52 -119.06 -4.96
N THR B 166 -77.84 -119.30 -4.98
CA THR B 166 -78.87 -118.83 -4.02
C THR B 166 -78.77 -117.34 -3.69
N GLY B 167 -78.31 -116.55 -4.65
CA GLY B 167 -78.34 -115.12 -4.50
C GLY B 167 -79.35 -114.52 -5.45
N SER B 168 -79.52 -115.18 -6.59
CA SER B 168 -80.36 -114.68 -7.69
C SER B 168 -81.81 -114.74 -7.27
N HIS B 169 -82.39 -113.56 -7.01
CA HIS B 169 -83.79 -113.38 -6.66
C HIS B 169 -84.23 -112.01 -7.17
N LEU B 170 -85.52 -111.87 -7.45
CA LEU B 170 -86.05 -110.61 -7.96
C LEU B 170 -87.36 -110.25 -7.26
N VAL B 171 -87.45 -109.03 -6.78
CA VAL B 171 -88.73 -108.45 -6.35
C VAL B 171 -89.18 -107.45 -7.42
N THR B 172 -90.20 -107.82 -8.18
CA THR B 172 -90.80 -106.89 -9.12
C THR B 172 -91.74 -105.95 -8.39
N VAL B 173 -91.78 -104.70 -8.84
CA VAL B 173 -92.54 -103.64 -8.19
C VAL B 173 -93.57 -103.11 -9.18
N PRO B 174 -94.81 -102.92 -8.76
CA PRO B 174 -95.80 -102.27 -9.63
C PRO B 174 -95.79 -100.77 -9.42
N PRO B 175 -96.30 -99.97 -10.37
CA PRO B 175 -96.39 -98.51 -10.17
C PRO B 175 -97.71 -98.07 -9.55
N GLY B 176 -97.96 -98.49 -8.31
CA GLY B 176 -99.22 -98.23 -7.67
C GLY B 176 -99.19 -97.08 -6.70
N PRO B 177 -100.22 -96.95 -5.87
CA PRO B 177 -100.14 -96.09 -4.68
C PRO B 177 -99.49 -96.80 -3.51
N SER B 178 -98.26 -96.41 -3.20
CA SER B 178 -97.56 -96.91 -2.03
C SER B 178 -96.55 -95.85 -1.60
N LEU B 179 -95.68 -96.19 -0.65
CA LEU B 179 -94.60 -95.32 -0.24
C LEU B 179 -93.28 -96.04 -0.47
N ALA B 180 -92.22 -95.23 -0.61
CA ALA B 180 -90.95 -95.73 -1.12
C ALA B 180 -90.20 -96.60 -0.11
N ASP B 181 -90.49 -96.44 1.18
CA ASP B 181 -89.86 -97.29 2.18
C ASP B 181 -90.44 -98.68 2.20
N ALA B 182 -91.64 -98.87 1.64
CA ALA B 182 -92.14 -100.19 1.29
C ALA B 182 -91.63 -100.64 -0.07
N LEU B 183 -91.24 -99.71 -0.93
CA LEU B 183 -90.58 -100.04 -2.19
C LEU B 183 -89.12 -100.35 -2.03
N ILE B 184 -88.53 -100.08 -0.86
CA ILE B 184 -87.24 -100.66 -0.52
C ILE B 184 -87.38 -101.75 0.53
N SER B 185 -88.43 -101.70 1.36
CA SER B 185 -88.66 -102.74 2.35
C SER B 185 -89.15 -104.04 1.71
N SER B 186 -89.70 -103.96 0.50
CA SER B 186 -90.07 -105.19 -0.21
C SER B 186 -88.86 -105.86 -0.87
N PRO B 187 -87.86 -105.16 -1.42
CA PRO B 187 -86.60 -105.86 -1.76
C PRO B 187 -85.53 -105.87 -0.68
N ILE B 188 -85.80 -105.44 0.56
CA ILE B 188 -84.77 -105.52 1.59
C ILE B 188 -84.64 -106.97 2.08
N LEU B 189 -85.64 -107.80 1.81
CA LEU B 189 -85.66 -109.19 2.26
C LEU B 189 -84.88 -110.07 1.29
N ALA B 190 -85.33 -110.13 0.04
CA ALA B 190 -84.68 -110.93 -0.99
C ALA B 190 -84.39 -110.02 -2.18
N GLY B 191 -83.18 -109.50 -2.24
CA GLY B 191 -82.78 -108.63 -3.34
C GLY B 191 -82.68 -109.40 -4.64
N ALA C 23 -20.95 -109.72 10.17
CA ALA C 23 -19.78 -110.24 10.85
C ALA C 23 -18.58 -110.33 9.91
N VAL C 24 -18.73 -109.81 8.69
CA VAL C 24 -17.67 -109.79 7.71
C VAL C 24 -17.86 -108.56 6.82
N ASP C 25 -16.76 -108.08 6.23
CA ASP C 25 -16.76 -106.86 5.45
C ASP C 25 -16.42 -107.17 4.00
N THR C 26 -17.24 -106.65 3.09
CA THR C 26 -17.15 -106.95 1.67
C THR C 26 -17.27 -105.64 0.90
N ALA C 27 -16.53 -105.55 -0.20
CA ALA C 27 -16.68 -104.45 -1.14
C ALA C 27 -18.06 -104.51 -1.80
N GLU C 28 -18.88 -103.49 -1.58
CA GLU C 28 -20.25 -103.51 -2.11
C GLU C 28 -20.29 -102.93 -3.52
N GLN C 29 -21.51 -102.77 -4.03
CA GLN C 29 -21.75 -102.28 -5.39
C GLN C 29 -23.17 -101.74 -5.44
N VAL C 30 -23.40 -100.73 -6.28
CA VAL C 30 -24.70 -100.09 -6.41
C VAL C 30 -25.12 -100.17 -7.87
N TYR C 31 -25.94 -101.17 -8.18
CA TYR C 31 -26.59 -101.27 -9.49
C TYR C 31 -27.71 -100.25 -9.52
N ILE C 32 -27.42 -99.09 -10.12
CA ILE C 32 -28.34 -97.97 -10.12
C ILE C 32 -29.41 -97.87 -11.20
N SER C 33 -30.63 -97.58 -10.75
CA SER C 33 -31.75 -97.38 -11.64
C SER C 33 -31.48 -95.97 -12.16
N SER C 34 -31.44 -95.82 -13.47
CA SER C 34 -31.14 -94.52 -14.05
C SER C 34 -32.11 -93.45 -13.56
N LEU C 35 -33.35 -93.86 -13.27
CA LEU C 35 -34.38 -92.95 -12.77
C LEU C 35 -34.02 -92.39 -11.41
N ALA C 36 -33.18 -93.10 -10.65
CA ALA C 36 -32.66 -92.57 -9.40
C ALA C 36 -31.91 -91.27 -9.64
N LEU C 37 -30.91 -91.34 -10.52
CA LEU C 37 -30.12 -90.17 -10.86
C LEU C 37 -30.95 -89.13 -11.59
N LEU C 38 -31.99 -89.56 -12.28
CA LEU C 38 -32.92 -88.61 -12.90
C LEU C 38 -33.68 -87.83 -11.84
N LYS C 39 -34.16 -88.50 -10.80
CA LYS C 39 -34.87 -87.78 -9.76
C LYS C 39 -33.91 -87.03 -8.85
N MET C 40 -32.61 -87.33 -8.91
CA MET C 40 -31.66 -86.51 -8.18
C MET C 40 -31.28 -85.27 -8.98
N LEU C 41 -31.16 -85.39 -10.29
CA LEU C 41 -30.87 -84.21 -11.09
C LEU C 41 -32.08 -83.30 -11.19
N LYS C 42 -33.28 -83.87 -11.08
CA LYS C 42 -34.46 -83.03 -10.92
C LYS C 42 -34.56 -82.53 -9.49
N HIS C 43 -34.06 -83.32 -8.54
CA HIS C 43 -34.17 -82.97 -7.13
C HIS C 43 -33.08 -81.99 -6.71
N GLY C 44 -32.14 -81.66 -7.60
CA GLY C 44 -31.13 -80.67 -7.31
C GLY C 44 -31.14 -79.56 -8.34
N ARG C 45 -31.57 -79.90 -9.55
CA ARG C 45 -31.76 -78.89 -10.59
C ARG C 45 -32.93 -77.98 -10.23
N ALA C 46 -34.11 -78.56 -10.04
CA ALA C 46 -35.20 -77.82 -9.42
C ALA C 46 -35.04 -77.74 -7.92
N GLY C 47 -34.15 -78.54 -7.35
CA GLY C 47 -33.88 -78.48 -5.93
C GLY C 47 -32.96 -77.33 -5.64
N VAL C 48 -33.55 -76.14 -5.58
CA VAL C 48 -32.96 -74.83 -5.24
C VAL C 48 -31.94 -74.97 -4.13
N PRO C 49 -30.70 -74.43 -4.29
CA PRO C 49 -29.53 -74.90 -3.52
C PRO C 49 -29.58 -74.77 -2.00
N MET C 50 -30.67 -74.25 -1.44
CA MET C 50 -31.01 -74.57 -0.07
C MET C 50 -31.19 -76.08 0.07
N GLU C 51 -30.28 -76.70 0.82
CA GLU C 51 -30.14 -78.15 0.82
C GLU C 51 -31.35 -78.84 1.44
N VAL C 52 -31.61 -80.04 0.94
CA VAL C 52 -32.83 -80.79 1.24
C VAL C 52 -32.48 -82.25 1.47
N MET C 53 -33.52 -83.06 1.65
CA MET C 53 -33.39 -84.38 2.23
C MET C 53 -34.43 -85.32 1.63
N GLY C 54 -34.05 -86.57 1.43
CA GLY C 54 -35.01 -87.56 1.00
C GLY C 54 -34.70 -88.98 1.45
N LEU C 55 -35.47 -89.95 0.95
CA LEU C 55 -35.26 -91.35 1.30
C LEU C 55 -35.12 -92.19 0.04
N MET C 56 -34.28 -93.22 0.14
CA MET C 56 -33.84 -94.00 -1.00
C MET C 56 -34.49 -95.38 -0.97
N LEU C 57 -34.99 -95.80 -2.13
CA LEU C 57 -35.98 -96.87 -2.22
C LEU C 57 -35.53 -97.88 -3.26
N GLY C 58 -34.77 -98.89 -2.83
CA GLY C 58 -34.20 -99.81 -3.79
C GLY C 58 -34.59 -101.25 -3.55
N GLU C 59 -33.57 -102.11 -3.41
CA GLU C 59 -33.75 -103.47 -2.91
C GLU C 59 -32.39 -103.96 -2.43
N PHE C 60 -32.31 -104.39 -1.18
CA PHE C 60 -31.09 -105.02 -0.68
C PHE C 60 -30.97 -106.38 -1.33
N VAL C 61 -30.26 -106.45 -2.46
CA VAL C 61 -30.24 -107.67 -3.27
C VAL C 61 -29.38 -108.74 -2.60
N ASP C 62 -28.17 -108.40 -2.21
CA ASP C 62 -27.28 -109.36 -1.58
C ASP C 62 -26.31 -108.60 -0.70
N ASP C 63 -25.26 -109.31 -0.27
CA ASP C 63 -24.24 -108.67 0.54
C ASP C 63 -23.26 -107.87 -0.30
N TYR C 64 -22.72 -108.46 -1.35
CA TYR C 64 -21.64 -107.81 -2.07
C TYR C 64 -22.11 -106.79 -3.10
N THR C 65 -23.42 -106.65 -3.31
CA THR C 65 -23.95 -105.54 -4.08
C THR C 65 -25.12 -104.94 -3.32
N VAL C 66 -25.69 -103.90 -3.90
CA VAL C 66 -27.02 -103.41 -3.56
C VAL C 66 -27.51 -102.71 -4.82
N ARG C 67 -28.82 -102.64 -4.95
CA ARG C 67 -29.41 -101.94 -6.08
C ARG C 67 -30.36 -100.87 -5.58
N VAL C 68 -30.48 -99.80 -6.36
CA VAL C 68 -31.53 -98.82 -6.16
C VAL C 68 -32.47 -98.93 -7.35
N ILE C 69 -33.77 -98.88 -7.08
CA ILE C 69 -34.76 -98.94 -8.14
C ILE C 69 -35.65 -97.71 -8.11
N ASP C 70 -35.61 -96.92 -7.04
CA ASP C 70 -36.47 -95.75 -6.96
C ASP C 70 -35.84 -94.71 -6.05
N VAL C 71 -35.87 -93.48 -6.52
CA VAL C 71 -35.68 -92.29 -5.71
C VAL C 71 -36.96 -91.48 -5.86
N PHE C 72 -37.75 -91.40 -4.80
CA PHE C 72 -39.02 -90.70 -4.88
C PHE C 72 -38.82 -89.25 -4.48
N ALA C 73 -39.92 -88.50 -4.48
CA ALA C 73 -39.88 -87.07 -4.23
C ALA C 73 -40.37 -86.76 -2.82
N MET C 74 -39.92 -85.62 -2.32
CA MET C 74 -40.25 -85.15 -0.98
C MET C 74 -41.03 -83.85 -1.08
N PRO C 75 -41.87 -83.53 -0.09
CA PRO C 75 -42.56 -82.23 -0.10
C PRO C 75 -41.59 -81.10 0.20
N GLN C 76 -42.11 -79.87 0.09
CA GLN C 76 -41.28 -78.69 0.30
C GLN C 76 -40.91 -78.51 1.78
N SER C 77 -39.93 -79.28 2.23
CA SER C 77 -39.39 -79.14 3.58
C SER C 77 -38.33 -78.03 3.56
N GLY C 78 -38.82 -76.80 3.43
CA GLY C 78 -37.96 -75.63 3.42
C GLY C 78 -37.67 -75.09 4.80
N THR C 79 -37.64 -75.96 5.78
CA THR C 79 -37.37 -75.62 7.16
C THR C 79 -35.98 -76.05 7.59
N GLY C 80 -35.59 -77.29 7.31
CA GLY C 80 -34.27 -77.71 7.66
C GLY C 80 -33.99 -79.17 7.37
N VAL C 81 -32.79 -79.44 6.86
CA VAL C 81 -32.29 -80.81 6.75
C VAL C 81 -32.17 -81.38 8.16
N SER C 82 -32.97 -82.39 8.44
CA SER C 82 -33.06 -82.97 9.77
C SER C 82 -33.56 -84.39 9.64
N VAL C 83 -33.40 -85.14 10.72
CA VAL C 83 -33.96 -86.47 10.77
C VAL C 83 -35.48 -86.41 10.96
N GLU C 84 -36.00 -85.29 11.46
CA GLU C 84 -37.43 -85.13 11.69
C GLU C 84 -38.21 -84.76 10.44
N ALA C 85 -37.54 -84.52 9.32
CA ALA C 85 -38.23 -84.08 8.11
C ALA C 85 -38.95 -85.22 7.38
N VAL C 86 -38.90 -86.44 7.90
CA VAL C 86 -39.53 -87.58 7.25
C VAL C 86 -41.00 -87.64 7.64
N ASP C 87 -41.89 -87.71 6.65
CA ASP C 87 -43.31 -87.85 6.89
C ASP C 87 -43.67 -89.33 6.82
N PRO C 88 -44.01 -89.97 7.94
CA PRO C 88 -44.28 -91.42 7.89
C PRO C 88 -45.62 -91.76 7.28
N VAL C 89 -46.58 -90.83 7.27
CA VAL C 89 -47.82 -91.14 6.56
C VAL C 89 -47.61 -90.98 5.07
N PHE C 90 -46.62 -90.17 4.67
CA PHE C 90 -46.20 -90.14 3.29
C PHE C 90 -45.37 -91.37 2.94
N GLN C 91 -44.72 -91.96 3.95
CA GLN C 91 -44.08 -93.25 3.77
C GLN C 91 -45.11 -94.33 3.50
N ALA C 92 -46.11 -94.42 4.38
CA ALA C 92 -47.09 -95.49 4.31
C ALA C 92 -48.01 -95.32 3.11
N LYS C 93 -48.42 -94.09 2.85
CA LYS C 93 -49.25 -93.85 1.67
C LYS C 93 -48.43 -93.93 0.39
N MET C 94 -47.13 -93.63 0.48
CA MET C 94 -46.27 -93.75 -0.69
C MET C 94 -46.08 -95.21 -1.10
N LEU C 95 -45.74 -96.05 -0.11
CA LEU C 95 -45.64 -97.48 -0.36
C LEU C 95 -46.98 -98.07 -0.73
N ASP C 96 -48.06 -97.52 -0.19
CA ASP C 96 -49.41 -97.93 -0.57
C ASP C 96 -49.68 -97.61 -2.04
N MET C 97 -49.19 -96.48 -2.52
CA MET C 97 -49.33 -96.17 -3.93
C MET C 97 -48.37 -96.98 -4.78
N LEU C 98 -47.34 -97.56 -4.17
CA LEU C 98 -46.58 -98.60 -4.85
C LEU C 98 -47.31 -99.93 -4.83
N LYS C 99 -48.23 -100.11 -3.89
CA LYS C 99 -49.01 -101.33 -3.83
C LYS C 99 -50.15 -101.32 -4.84
N GLN C 100 -50.78 -100.16 -5.04
CA GLN C 100 -51.81 -100.06 -6.07
C GLN C 100 -51.21 -99.92 -7.45
N THR C 101 -49.94 -99.59 -7.54
CA THR C 101 -49.20 -99.77 -8.78
C THR C 101 -48.58 -101.18 -8.67
N GLY C 102 -47.71 -101.56 -9.61
CA GLY C 102 -47.27 -102.95 -9.65
C GLY C 102 -46.33 -103.38 -8.54
N ARG C 103 -45.32 -102.59 -8.23
CA ARG C 103 -44.24 -103.03 -7.35
C ARG C 103 -44.22 -102.24 -6.05
N PRO C 104 -44.48 -102.87 -4.92
CA PRO C 104 -44.14 -102.33 -3.59
C PRO C 104 -42.76 -102.76 -3.11
N GLU C 105 -41.72 -102.13 -3.64
CA GLU C 105 -40.35 -102.48 -3.30
C GLU C 105 -39.99 -101.95 -1.91
N MET C 106 -38.72 -102.12 -1.52
CA MET C 106 -38.26 -101.81 -0.18
C MET C 106 -37.35 -100.58 -0.22
N VAL C 107 -37.36 -99.77 0.85
CA VAL C 107 -36.37 -98.72 0.96
C VAL C 107 -35.01 -99.34 1.22
N VAL C 108 -33.95 -98.65 0.80
CA VAL C 108 -32.60 -99.06 1.15
C VAL C 108 -31.84 -97.97 1.87
N GLY C 109 -32.37 -96.76 1.97
CA GLY C 109 -31.64 -95.74 2.67
C GLY C 109 -32.20 -94.34 2.52
N TRP C 110 -31.35 -93.41 2.13
CA TRP C 110 -31.75 -92.02 2.11
C TRP C 110 -30.89 -91.22 1.16
N TYR C 111 -31.50 -90.21 0.51
CA TYR C 111 -30.77 -89.26 -0.29
C TYR C 111 -30.86 -87.87 0.32
N HIS C 112 -29.94 -87.02 -0.10
CA HIS C 112 -30.03 -85.60 0.19
C HIS C 112 -29.37 -84.86 -0.95
N SER C 113 -29.40 -83.53 -0.90
CA SER C 113 -28.85 -82.70 -1.96
C SER C 113 -27.91 -81.69 -1.35
N HIS C 114 -26.74 -81.54 -1.95
CA HIS C 114 -25.81 -80.45 -1.63
C HIS C 114 -25.50 -79.67 -2.91
N PRO C 115 -26.47 -78.96 -3.49
CA PRO C 115 -26.24 -78.33 -4.80
C PRO C 115 -25.42 -77.06 -4.71
N GLY C 116 -25.20 -76.54 -3.51
CA GLY C 116 -24.51 -75.28 -3.43
C GLY C 116 -23.00 -75.44 -3.40
N PHE C 117 -22.51 -76.17 -2.41
CA PHE C 117 -21.09 -76.19 -2.13
C PHE C 117 -20.46 -77.41 -2.78
N GLY C 118 -19.22 -77.72 -2.36
CA GLY C 118 -18.47 -78.80 -2.96
C GLY C 118 -18.82 -80.20 -2.47
N CYS C 119 -20.12 -80.45 -2.27
CA CYS C 119 -20.77 -81.75 -2.12
C CYS C 119 -20.04 -82.71 -1.16
N TRP C 120 -19.98 -82.29 0.08
CA TRP C 120 -19.35 -83.12 1.10
C TRP C 120 -20.29 -83.24 2.29
N LEU C 121 -20.01 -84.22 3.15
CA LEU C 121 -20.97 -84.72 4.14
C LEU C 121 -21.26 -83.72 5.24
N SER C 122 -22.49 -83.20 5.26
CA SER C 122 -22.84 -82.17 6.21
C SER C 122 -22.99 -82.75 7.62
N GLY C 123 -23.09 -81.84 8.60
CA GLY C 123 -23.17 -82.21 10.00
C GLY C 123 -24.52 -82.71 10.46
N VAL C 124 -25.49 -82.77 9.57
CA VAL C 124 -26.72 -83.49 9.86
C VAL C 124 -26.62 -84.91 9.31
N ASP C 125 -25.93 -85.03 8.18
CA ASP C 125 -25.63 -86.34 7.60
C ASP C 125 -24.82 -87.18 8.56
N ILE C 126 -23.91 -86.55 9.31
CA ILE C 126 -23.13 -87.21 10.35
C ILE C 126 -23.99 -87.56 11.56
N ASN C 127 -25.25 -87.13 11.59
CA ASN C 127 -26.23 -87.55 12.58
C ASN C 127 -27.35 -88.38 11.96
N THR C 128 -27.93 -87.91 10.87
CA THR C 128 -29.08 -88.60 10.32
C THR C 128 -28.69 -89.86 9.57
N GLN C 129 -27.40 -90.03 9.26
CA GLN C 129 -26.94 -91.29 8.67
C GLN C 129 -27.13 -92.44 9.65
N GLN C 130 -26.52 -92.35 10.83
CA GLN C 130 -26.71 -93.38 11.83
C GLN C 130 -28.08 -93.31 12.49
N SER C 131 -28.79 -92.21 12.32
CA SER C 131 -30.19 -92.20 12.73
C SER C 131 -31.03 -93.05 11.79
N PHE C 132 -30.61 -93.15 10.53
CA PHE C 132 -31.38 -93.94 9.58
C PHE C 132 -30.91 -95.39 9.52
N GLU C 133 -29.60 -95.61 9.49
CA GLU C 133 -29.06 -96.95 9.40
C GLU C 133 -29.11 -97.68 10.74
N ALA C 134 -29.57 -97.02 11.80
CA ALA C 134 -29.93 -97.74 13.01
C ALA C 134 -31.07 -98.71 12.75
N LEU C 135 -32.03 -98.30 11.91
CA LEU C 135 -33.10 -99.20 11.50
C LEU C 135 -32.68 -100.05 10.31
N SER C 136 -32.01 -99.43 9.34
CA SER C 136 -31.62 -100.11 8.12
C SER C 136 -30.38 -100.96 8.34
N GLU C 137 -29.87 -101.52 7.24
CA GLU C 137 -28.60 -102.22 7.26
C GLU C 137 -27.45 -101.31 6.85
N ARG C 138 -27.51 -100.78 5.63
CA ARG C 138 -26.45 -99.93 5.11
C ARG C 138 -26.86 -98.46 5.09
N ALA C 139 -27.97 -98.13 4.42
CA ALA C 139 -28.54 -96.78 4.33
C ALA C 139 -27.50 -95.76 3.87
N VAL C 140 -26.98 -95.98 2.66
CA VAL C 140 -25.83 -95.23 2.17
C VAL C 140 -26.26 -93.80 1.85
N ALA C 141 -25.41 -92.84 2.21
CA ALA C 141 -25.68 -91.43 1.91
C ALA C 141 -25.68 -91.20 0.40
N VAL C 142 -26.32 -90.10 -0.01
CA VAL C 142 -26.36 -89.69 -1.41
C VAL C 142 -26.15 -88.18 -1.45
N VAL C 143 -25.03 -87.75 -2.03
CA VAL C 143 -24.71 -86.33 -2.16
C VAL C 143 -24.70 -86.00 -3.65
N VAL C 144 -25.26 -84.84 -4.00
CA VAL C 144 -25.41 -84.46 -5.39
C VAL C 144 -25.19 -82.96 -5.52
N ASP C 145 -24.77 -82.53 -6.71
CA ASP C 145 -24.65 -81.14 -7.11
C ASP C 145 -24.68 -81.06 -8.63
N PRO C 146 -25.86 -80.91 -9.24
CA PRO C 146 -25.91 -80.75 -10.70
C PRO C 146 -25.48 -79.38 -11.19
N ILE C 147 -25.15 -78.48 -10.26
CA ILE C 147 -24.85 -77.09 -10.59
C ILE C 147 -23.33 -77.01 -10.73
N GLN C 148 -22.67 -78.16 -10.59
CA GLN C 148 -21.26 -78.24 -10.90
C GLN C 148 -20.98 -78.07 -12.38
N SER C 149 -21.51 -78.97 -13.22
CA SER C 149 -21.25 -78.88 -14.65
C SER C 149 -22.52 -79.25 -15.39
N VAL C 150 -22.42 -79.33 -16.71
CA VAL C 150 -23.54 -79.71 -17.56
C VAL C 150 -23.38 -81.13 -18.09
N LYS C 151 -22.19 -81.49 -18.56
CA LYS C 151 -21.92 -82.85 -19.00
C LYS C 151 -20.64 -83.40 -18.42
N GLY C 152 -19.66 -82.54 -18.14
CA GLY C 152 -18.32 -83.02 -17.87
C GLY C 152 -18.12 -83.62 -16.52
N LYS C 153 -18.61 -82.94 -15.49
CA LYS C 153 -18.51 -83.42 -14.11
C LYS C 153 -19.82 -84.04 -13.64
N VAL C 154 -19.77 -85.30 -13.25
CA VAL C 154 -20.94 -86.00 -12.74
C VAL C 154 -20.72 -86.18 -11.25
N VAL C 155 -21.18 -85.20 -10.48
CA VAL C 155 -20.98 -85.20 -9.03
C VAL C 155 -21.88 -86.10 -8.19
N ILE C 156 -22.08 -87.36 -8.57
CA ILE C 156 -22.88 -88.22 -7.73
C ILE C 156 -21.94 -88.69 -6.62
N ASP C 157 -22.50 -88.91 -5.44
CA ASP C 157 -21.63 -89.23 -4.32
C ASP C 157 -22.39 -90.08 -3.32
N ALA C 158 -21.68 -90.98 -2.65
CA ALA C 158 -22.31 -91.94 -1.77
C ALA C 158 -21.32 -92.46 -0.75
N PHE C 159 -21.78 -92.63 0.48
CA PHE C 159 -20.88 -93.01 1.56
C PHE C 159 -21.52 -93.97 2.53
N ARG C 160 -20.69 -94.90 2.99
CA ARG C 160 -21.02 -95.85 4.03
C ARG C 160 -20.32 -95.42 5.31
N LEU C 161 -21.10 -95.18 6.36
CA LEU C 161 -20.56 -94.75 7.64
C LEU C 161 -20.00 -95.93 8.38
N ILE C 162 -18.69 -96.02 8.45
CA ILE C 162 -18.07 -96.95 9.38
C ILE C 162 -18.07 -96.26 10.74
N ASN C 163 -17.92 -97.05 11.80
CA ASN C 163 -18.07 -96.56 13.14
C ASN C 163 -16.91 -97.01 14.01
N ALA C 164 -16.86 -96.47 15.22
CA ALA C 164 -15.81 -96.81 16.18
C ALA C 164 -16.06 -98.14 16.88
N ASN C 165 -17.22 -98.77 16.64
CA ASN C 165 -17.43 -100.11 17.18
C ASN C 165 -16.66 -101.14 16.38
N MET C 166 -16.47 -100.91 15.08
CA MET C 166 -15.83 -101.86 14.18
C MET C 166 -14.35 -101.60 14.01
N MET C 167 -13.75 -100.80 14.88
CA MET C 167 -12.31 -100.60 14.87
C MET C 167 -11.56 -101.72 15.55
N VAL C 168 -12.29 -102.68 16.13
CA VAL C 168 -11.69 -103.92 16.60
C VAL C 168 -10.99 -104.62 15.45
N LEU C 169 -11.75 -104.95 14.42
CA LEU C 169 -11.18 -105.39 13.15
C LEU C 169 -10.62 -104.17 12.43
N GLY C 170 -9.65 -104.42 11.56
CA GLY C 170 -9.26 -103.40 10.61
C GLY C 170 -10.37 -103.10 9.62
N HIS C 171 -10.34 -101.88 9.10
CA HIS C 171 -11.41 -101.41 8.23
C HIS C 171 -11.08 -101.72 6.77
N GLU C 172 -10.82 -102.99 6.51
CA GLU C 172 -10.41 -103.46 5.18
C GLU C 172 -11.28 -104.63 4.77
N PRO C 173 -12.40 -104.35 4.08
CA PRO C 173 -13.14 -105.44 3.41
C PRO C 173 -12.29 -106.12 2.35
N ARG C 174 -11.96 -105.34 1.31
CA ARG C 174 -10.98 -105.61 0.27
C ARG C 174 -11.25 -106.79 -0.66
N GLN C 175 -12.27 -107.60 -0.37
CA GLN C 175 -12.42 -108.98 -0.84
C GLN C 175 -12.41 -109.10 -2.35
N THR C 176 -13.19 -108.24 -2.99
CA THR C 176 -12.96 -107.89 -4.38
C THR C 176 -12.28 -106.54 -4.40
N THR C 177 -11.16 -106.43 -5.10
CA THR C 177 -10.43 -105.18 -5.12
C THR C 177 -10.50 -104.60 -6.54
N SER C 178 -9.89 -103.41 -6.71
CA SER C 178 -9.87 -102.54 -7.89
C SER C 178 -11.22 -101.91 -8.18
N ASN C 179 -12.26 -102.32 -7.46
CA ASN C 179 -13.50 -101.55 -7.45
C ASN C 179 -13.42 -100.43 -6.42
N LEU C 180 -12.95 -100.75 -5.22
CA LEU C 180 -12.53 -99.72 -4.28
C LEU C 180 -11.10 -99.30 -4.52
N GLY C 181 -10.40 -99.93 -5.47
CA GLY C 181 -9.18 -99.35 -5.97
C GLY C 181 -9.42 -98.23 -6.94
N HIS C 182 -10.49 -98.31 -7.72
CA HIS C 182 -10.84 -97.23 -8.62
C HIS C 182 -11.83 -96.25 -8.00
N LEU C 183 -12.55 -96.68 -6.97
CA LEU C 183 -13.15 -95.73 -6.05
C LEU C 183 -12.07 -95.03 -5.22
N ASN C 184 -10.98 -95.74 -4.95
CA ASN C 184 -9.80 -95.18 -4.30
C ASN C 184 -9.03 -94.27 -5.24
N LYS C 185 -9.22 -94.40 -6.55
CA LYS C 185 -8.49 -93.64 -7.54
C LYS C 185 -8.70 -92.13 -7.40
N PRO C 186 -9.95 -91.57 -7.25
CA PRO C 186 -10.00 -90.14 -6.90
C PRO C 186 -9.51 -89.84 -5.48
N SER C 187 -10.23 -90.31 -4.47
CA SER C 187 -9.98 -90.06 -3.03
C SER C 187 -9.70 -88.59 -2.70
N ILE C 188 -10.31 -87.66 -3.44
CA ILE C 188 -10.01 -86.24 -3.31
C ILE C 188 -11.32 -85.47 -3.12
N GLN C 189 -11.73 -85.30 -1.86
CA GLN C 189 -12.71 -84.32 -1.41
C GLN C 189 -12.21 -83.88 -0.05
N ALA C 190 -12.21 -82.57 0.19
CA ALA C 190 -11.36 -81.94 1.18
C ALA C 190 -11.62 -82.45 2.59
N LEU C 191 -12.82 -82.19 3.10
CA LEU C 191 -13.16 -82.70 4.42
C LEU C 191 -13.50 -84.18 4.38
N ILE C 192 -13.70 -84.76 3.20
CA ILE C 192 -14.03 -86.18 3.11
C ILE C 192 -12.77 -87.04 3.10
N HIS C 193 -11.74 -86.50 2.47
CA HIS C 193 -10.43 -87.12 2.50
C HIS C 193 -10.12 -87.13 4.00
N GLY C 194 -10.39 -86.00 4.66
CA GLY C 194 -10.21 -85.87 6.08
C GLY C 194 -11.13 -86.88 6.73
N LEU C 195 -12.39 -86.92 6.31
CA LEU C 195 -13.29 -87.92 6.90
C LEU C 195 -13.02 -89.33 6.40
N ASN C 196 -11.77 -89.71 6.21
CA ASN C 196 -11.47 -91.13 6.00
C ASN C 196 -11.86 -91.92 7.24
N ARG C 197 -11.62 -91.35 8.41
CA ARG C 197 -12.27 -91.83 9.62
C ARG C 197 -13.78 -91.69 9.48
N HIS C 198 -14.50 -92.72 9.93
CA HIS C 198 -15.95 -92.85 9.98
C HIS C 198 -16.59 -93.05 8.61
N TYR C 199 -15.84 -92.94 7.52
CA TYR C 199 -16.49 -93.02 6.23
C TYR C 199 -15.66 -93.79 5.24
N TYR C 200 -16.31 -94.73 4.57
CA TYR C 200 -15.78 -95.31 3.36
C TYR C 200 -16.91 -95.38 2.35
N SER C 201 -16.63 -94.91 1.14
CA SER C 201 -17.66 -94.80 0.13
C SER C 201 -18.07 -96.17 -0.40
N ILE C 202 -19.05 -96.15 -1.30
CA ILE C 202 -19.52 -97.35 -1.95
C ILE C 202 -19.29 -97.16 -3.45
N THR C 203 -19.24 -98.27 -4.17
CA THR C 203 -19.02 -98.22 -5.60
C THR C 203 -20.35 -98.15 -6.34
N ILE C 204 -20.40 -97.30 -7.35
CA ILE C 204 -21.59 -97.07 -8.14
C ILE C 204 -21.19 -97.25 -9.58
N ASN C 205 -21.69 -98.30 -10.21
CA ASN C 205 -21.68 -98.39 -11.65
C ASN C 205 -23.01 -97.89 -12.18
N TYR C 206 -23.09 -97.77 -13.49
CA TYR C 206 -24.36 -97.50 -14.13
C TYR C 206 -24.83 -98.80 -14.76
N ARG C 207 -26.13 -99.05 -14.67
CA ARG C 207 -26.66 -100.33 -15.10
C ARG C 207 -26.61 -100.43 -16.62
N LYS C 208 -26.53 -101.67 -17.10
CA LYS C 208 -26.65 -101.93 -18.52
C LYS C 208 -28.09 -101.63 -18.91
N ASN C 209 -28.33 -100.40 -19.31
CA ASN C 209 -29.68 -99.86 -19.39
C ASN C 209 -30.22 -99.88 -20.81
N GLU C 210 -29.77 -100.82 -21.63
CA GLU C 210 -30.10 -100.83 -23.06
C GLU C 210 -31.58 -101.09 -23.32
N LEU C 211 -32.30 -101.62 -22.32
CA LEU C 211 -33.75 -101.64 -22.40
C LEU C 211 -34.33 -100.24 -22.39
N GLU C 212 -33.61 -99.26 -21.83
CA GLU C 212 -33.96 -97.87 -22.00
C GLU C 212 -32.90 -97.10 -22.77
N GLN C 213 -31.63 -97.49 -22.72
CA GLN C 213 -30.60 -96.80 -23.48
C GLN C 213 -30.79 -97.01 -24.98
N LYS C 214 -31.42 -98.14 -25.34
CA LYS C 214 -31.87 -98.37 -26.70
C LYS C 214 -32.88 -97.32 -27.15
N MET C 215 -33.89 -97.09 -26.33
CA MET C 215 -34.97 -96.20 -26.74
C MET C 215 -34.63 -94.74 -26.50
N LEU C 216 -33.73 -94.48 -25.56
CA LEU C 216 -33.14 -93.17 -25.42
C LEU C 216 -32.22 -92.88 -26.59
N LEU C 217 -31.62 -93.94 -27.15
CA LEU C 217 -30.83 -93.78 -28.36
C LEU C 217 -31.72 -93.52 -29.57
N ASN C 218 -32.83 -94.25 -29.67
CA ASN C 218 -33.66 -94.17 -30.86
C ASN C 218 -34.49 -92.89 -30.85
N LEU C 219 -34.93 -92.46 -29.66
CA LEU C 219 -35.54 -91.14 -29.58
C LEU C 219 -34.49 -90.04 -29.56
N HIS C 220 -33.27 -90.38 -29.13
CA HIS C 220 -32.17 -89.42 -29.11
C HIS C 220 -31.81 -88.96 -30.51
N LYS C 221 -31.55 -89.90 -31.41
CA LYS C 221 -31.17 -89.54 -32.77
C LYS C 221 -32.35 -89.51 -33.73
N LYS C 222 -33.45 -90.19 -33.42
CA LYS C 222 -34.68 -89.98 -34.17
C LYS C 222 -35.28 -88.61 -33.87
N SER C 223 -34.92 -88.00 -32.75
CA SER C 223 -35.40 -86.68 -32.38
C SER C 223 -34.45 -85.55 -32.77
N TRP C 224 -33.16 -85.63 -32.44
CA TRP C 224 -32.33 -84.43 -32.37
C TRP C 224 -31.62 -84.12 -33.67
N MET C 225 -32.01 -84.73 -34.78
CA MET C 225 -31.47 -84.35 -36.09
C MET C 225 -32.64 -84.24 -37.05
N GLU C 226 -33.25 -83.05 -37.08
CA GLU C 226 -34.35 -82.65 -37.97
C GLU C 226 -35.59 -83.52 -37.85
N GLY C 227 -35.75 -84.21 -36.71
CA GLY C 227 -36.95 -85.00 -36.41
C GLY C 227 -37.25 -86.06 -37.44
N LEU C 228 -38.28 -85.76 -38.25
CA LEU C 228 -38.68 -86.53 -39.42
C LEU C 228 -37.65 -86.45 -40.56
N THR C 229 -36.68 -85.52 -40.48
CA THR C 229 -35.47 -85.37 -41.30
C THR C 229 -35.76 -84.90 -42.71
N LEU C 230 -37.03 -84.85 -43.10
CA LEU C 230 -37.44 -83.98 -44.20
C LEU C 230 -37.71 -82.63 -43.56
N GLN C 231 -36.62 -81.97 -43.16
CA GLN C 231 -36.73 -80.59 -42.69
C GLN C 231 -35.69 -79.65 -43.28
N ASP C 232 -34.44 -80.10 -43.45
CA ASP C 232 -33.40 -79.28 -44.08
C ASP C 232 -33.04 -79.77 -45.46
N TYR C 233 -33.86 -80.62 -46.05
CA TYR C 233 -33.47 -81.34 -47.25
C TYR C 233 -34.61 -81.39 -48.25
N VAL C 243 -29.73 -70.08 -44.07
CA VAL C 243 -30.30 -71.42 -44.03
C VAL C 243 -29.46 -72.34 -44.89
N VAL C 244 -29.20 -71.89 -46.10
CA VAL C 244 -28.44 -72.68 -47.07
C VAL C 244 -27.33 -71.81 -47.63
N LYS C 245 -27.66 -70.60 -48.10
CA LYS C 245 -26.74 -69.78 -48.91
C LYS C 245 -26.62 -68.32 -48.51
N GLU C 246 -27.58 -67.69 -47.83
CA GLU C 246 -27.22 -66.40 -47.25
C GLU C 246 -26.40 -66.59 -45.99
N MET C 247 -26.45 -67.80 -45.46
CA MET C 247 -25.61 -68.16 -44.33
C MET C 247 -24.20 -68.21 -44.90
N LEU C 248 -24.08 -68.73 -46.13
CA LEU C 248 -22.82 -68.82 -46.85
C LEU C 248 -22.37 -67.43 -47.24
N GLU C 249 -23.34 -66.57 -47.58
CA GLU C 249 -23.05 -65.20 -47.96
C GLU C 249 -22.35 -64.59 -46.75
N LEU C 250 -23.04 -64.61 -45.61
CA LEU C 250 -22.43 -64.17 -44.37
C LEU C 250 -21.20 -65.02 -44.05
N ALA C 251 -21.27 -66.31 -44.35
CA ALA C 251 -20.14 -67.19 -44.09
C ALA C 251 -19.03 -66.98 -45.11
N LYS C 252 -19.37 -66.54 -46.31
CA LYS C 252 -18.30 -66.28 -47.28
C LYS C 252 -17.65 -64.95 -46.98
N ASN C 253 -18.38 -64.04 -46.34
CA ASN C 253 -17.77 -62.79 -45.93
C ASN C 253 -16.96 -62.99 -44.66
N TYR C 254 -17.36 -63.96 -43.84
CA TYR C 254 -16.47 -64.46 -42.79
C TYR C 254 -15.21 -65.02 -43.42
N ASN C 255 -15.40 -65.90 -44.36
CA ASN C 255 -14.44 -66.70 -45.09
C ASN C 255 -13.86 -66.00 -46.24
N LYS C 256 -13.85 -64.68 -46.14
CA LYS C 256 -12.89 -63.83 -46.79
C LYS C 256 -12.33 -62.83 -45.80
N ALA C 257 -13.16 -62.45 -44.84
CA ALA C 257 -12.81 -61.41 -43.88
C ALA C 257 -11.77 -61.88 -42.88
N VAL C 258 -11.64 -63.17 -42.65
CA VAL C 258 -10.55 -63.64 -41.81
C VAL C 258 -9.35 -64.01 -42.69
N GLU C 259 -9.55 -64.13 -43.99
CA GLU C 259 -8.49 -64.63 -44.86
C GLU C 259 -7.31 -63.68 -44.99
N GLU C 260 -7.53 -62.37 -44.86
CA GLU C 260 -6.39 -61.48 -44.88
C GLU C 260 -5.59 -61.58 -43.58
N GLU C 261 -6.24 -61.83 -42.45
CA GLU C 261 -5.46 -61.98 -41.23
C GLU C 261 -5.01 -63.42 -41.05
N ASP C 262 -5.64 -64.35 -41.76
CA ASP C 262 -5.08 -65.70 -41.86
C ASP C 262 -3.81 -65.68 -42.69
N LYS C 263 -3.77 -64.84 -43.72
CA LYS C 263 -2.55 -64.74 -44.50
C LYS C 263 -1.58 -63.71 -43.94
N MET C 264 -1.76 -63.24 -42.72
CA MET C 264 -0.62 -62.53 -42.17
C MET C 264 0.44 -63.48 -41.65
N THR C 265 0.09 -64.73 -41.40
CA THR C 265 1.05 -65.73 -40.96
C THR C 265 2.18 -66.09 -41.95
N PRO C 266 2.00 -66.10 -43.28
CA PRO C 266 3.21 -66.23 -44.13
C PRO C 266 4.12 -65.04 -44.09
N GLU C 267 3.58 -63.84 -43.86
CA GLU C 267 4.45 -62.73 -43.48
C GLU C 267 5.13 -63.02 -42.16
N GLN C 268 4.40 -63.61 -41.22
CA GLN C 268 4.98 -64.05 -39.96
C GLN C 268 5.85 -65.28 -40.11
N LEU C 269 5.80 -65.96 -41.24
CA LEU C 269 6.76 -66.98 -41.60
C LEU C 269 7.97 -66.43 -42.32
N ALA C 270 7.97 -65.14 -42.64
CA ALA C 270 9.11 -64.52 -43.31
C ALA C 270 10.04 -63.94 -42.25
N ILE C 271 10.74 -64.88 -41.61
CA ILE C 271 11.76 -64.59 -40.60
C ILE C 271 13.17 -64.79 -41.18
N LYS C 272 13.22 -65.00 -42.50
CA LYS C 272 14.45 -65.19 -43.27
C LYS C 272 15.37 -66.35 -42.88
N ASN C 273 16.07 -66.22 -41.75
CA ASN C 273 17.02 -67.24 -41.34
C ASN C 273 16.41 -68.13 -40.26
N VAL C 274 16.29 -67.59 -39.06
CA VAL C 274 15.46 -68.09 -37.97
C VAL C 274 15.34 -66.95 -36.95
N GLY C 275 14.12 -66.66 -36.52
CA GLY C 275 13.94 -65.72 -35.43
C GLY C 275 12.71 -65.99 -34.59
N LYS C 276 12.16 -67.19 -34.73
CA LYS C 276 10.78 -67.45 -34.30
C LYS C 276 10.75 -68.67 -33.40
N GLN C 277 9.86 -68.68 -32.41
CA GLN C 277 9.72 -69.82 -31.52
C GLN C 277 8.77 -70.83 -32.16
N ASP C 278 7.62 -71.02 -31.53
CA ASP C 278 6.61 -71.93 -32.07
C ASP C 278 5.91 -71.18 -33.19
N PRO C 279 5.85 -71.78 -34.39
CA PRO C 279 5.20 -71.12 -35.54
C PRO C 279 3.93 -70.31 -35.35
N LYS C 280 3.24 -70.28 -34.21
CA LYS C 280 1.92 -69.60 -34.11
C LYS C 280 1.02 -70.04 -35.27
N ARG C 281 0.67 -71.31 -35.21
CA ARG C 281 0.04 -72.00 -36.32
C ARG C 281 -1.44 -71.64 -36.37
N HIS C 282 -1.79 -70.75 -37.28
CA HIS C 282 -3.19 -70.43 -37.57
C HIS C 282 -3.59 -71.03 -38.90
N LEU C 283 -2.91 -72.12 -39.25
CA LEU C 283 -3.22 -72.84 -40.48
C LEU C 283 -4.65 -73.37 -40.45
N GLU C 284 -5.04 -73.99 -39.35
CA GLU C 284 -6.37 -74.56 -39.27
C GLU C 284 -7.38 -73.51 -38.85
N GLU C 285 -8.56 -73.97 -38.46
CA GLU C 285 -9.78 -73.23 -38.11
C GLU C 285 -10.37 -72.49 -39.30
N HIS C 286 -9.76 -72.56 -40.47
CA HIS C 286 -10.28 -71.92 -41.66
C HIS C 286 -10.13 -72.82 -42.86
N VAL C 287 -9.29 -73.85 -42.78
CA VAL C 287 -9.38 -74.95 -43.70
C VAL C 287 -10.75 -75.61 -43.57
N ASP C 288 -11.00 -76.15 -42.38
CA ASP C 288 -12.05 -77.15 -42.21
C ASP C 288 -13.43 -76.51 -42.19
N VAL C 289 -13.50 -75.24 -41.81
CA VAL C 289 -14.75 -74.51 -41.89
C VAL C 289 -15.21 -74.43 -43.34
N LEU C 290 -14.28 -74.11 -44.23
CA LEU C 290 -14.57 -74.15 -45.65
C LEU C 290 -14.85 -75.56 -46.12
N MET C 291 -14.17 -76.54 -45.51
CA MET C 291 -14.30 -77.93 -45.92
C MET C 291 -15.70 -78.46 -45.67
N THR C 292 -16.09 -78.58 -44.40
CA THR C 292 -17.40 -79.13 -44.13
C THR C 292 -18.51 -78.14 -44.47
N SER C 293 -18.22 -76.84 -44.39
CA SER C 293 -19.24 -75.85 -44.75
C SER C 293 -19.57 -75.88 -46.23
N ASN C 294 -18.58 -76.15 -47.08
CA ASN C 294 -18.87 -76.17 -48.49
C ASN C 294 -19.11 -77.57 -49.04
N ILE C 295 -18.80 -78.59 -48.25
CA ILE C 295 -19.50 -79.88 -48.42
C ILE C 295 -20.99 -79.65 -48.25
N VAL C 296 -21.36 -78.91 -47.21
CA VAL C 296 -22.76 -78.53 -47.01
C VAL C 296 -23.25 -77.64 -48.15
N GLN C 297 -22.36 -76.84 -48.75
CA GLN C 297 -22.85 -76.02 -49.85
C GLN C 297 -23.01 -76.83 -51.13
N CYS C 298 -22.27 -77.94 -51.29
CA CYS C 298 -22.36 -78.64 -52.56
C CYS C 298 -23.42 -79.73 -52.52
N LEU C 299 -23.59 -80.38 -51.39
CA LEU C 299 -24.76 -81.24 -51.25
C LEU C 299 -26.02 -80.41 -51.10
N ALA C 300 -25.89 -79.22 -50.52
CA ALA C 300 -26.97 -78.25 -50.58
C ALA C 300 -27.26 -77.86 -52.01
N ALA C 301 -26.24 -77.83 -52.86
CA ALA C 301 -26.48 -77.68 -54.30
C ALA C 301 -27.07 -78.95 -54.89
N MET C 302 -26.89 -80.10 -54.24
CA MET C 302 -27.48 -81.32 -54.76
C MET C 302 -28.96 -81.40 -54.47
N LEU C 303 -29.41 -80.77 -53.38
CA LEU C 303 -30.75 -81.03 -52.83
C LEU C 303 -31.88 -80.65 -53.78
N ASP C 304 -31.61 -79.81 -54.78
CA ASP C 304 -32.62 -79.60 -55.82
C ASP C 304 -32.78 -80.83 -56.69
N THR C 305 -31.68 -81.37 -57.19
CA THR C 305 -31.75 -82.56 -58.01
C THR C 305 -31.81 -83.84 -57.19
N VAL C 306 -31.90 -83.74 -55.86
CA VAL C 306 -32.12 -84.88 -54.98
C VAL C 306 -33.59 -84.90 -54.59
N VAL C 307 -34.09 -83.74 -54.16
CA VAL C 307 -35.50 -83.65 -53.79
C VAL C 307 -36.38 -83.80 -55.04
N PHE C 308 -36.21 -82.91 -56.00
CA PHE C 308 -36.78 -83.14 -57.31
C PHE C 308 -35.98 -84.24 -58.01
N LYS C 309 -36.62 -85.42 -58.14
CA LYS C 309 -36.06 -86.63 -58.76
C LYS C 309 -34.75 -87.06 -58.13
N MET D 93 21.67 -118.23 -114.76
CA MET D 93 21.07 -119.09 -113.74
C MET D 93 19.59 -118.80 -113.61
N TYR D 94 18.78 -119.84 -113.80
CA TYR D 94 17.32 -119.84 -113.61
C TYR D 94 16.67 -118.80 -114.54
N GLU D 95 16.79 -119.11 -115.84
CA GLU D 95 16.46 -118.16 -116.90
C GLU D 95 14.95 -117.96 -117.03
N GLN D 96 14.16 -118.98 -116.65
CA GLN D 96 12.70 -119.00 -116.85
C GLN D 96 11.94 -118.01 -116.00
N LEU D 97 12.66 -117.34 -115.11
CA LEU D 97 12.11 -116.19 -114.41
C LEU D 97 11.80 -115.05 -115.36
N LYS D 98 12.52 -114.95 -116.47
CA LYS D 98 12.31 -113.86 -117.42
C LYS D 98 11.25 -114.16 -118.47
N GLY D 99 10.30 -115.05 -118.17
CA GLY D 99 9.28 -115.43 -119.12
C GLY D 99 8.22 -114.39 -119.39
N GLU D 100 8.16 -113.29 -118.64
CA GLU D 100 7.14 -112.28 -118.81
C GLU D 100 7.79 -110.89 -118.86
N TRP D 101 8.78 -110.75 -119.73
CA TRP D 101 9.73 -109.65 -119.58
C TRP D 101 9.24 -108.36 -120.22
N ASN D 102 8.77 -108.42 -121.48
CA ASN D 102 8.57 -107.21 -122.26
C ASN D 102 7.16 -107.04 -122.81
N ARG D 103 6.31 -108.05 -122.69
CA ARG D 103 4.98 -107.98 -123.27
C ARG D 103 3.90 -107.56 -122.29
N LYS D 104 4.04 -107.89 -121.01
CA LYS D 104 3.40 -107.25 -119.88
C LYS D 104 1.91 -107.55 -119.71
N SER D 105 1.28 -108.10 -120.74
CA SER D 105 -0.10 -108.57 -120.71
C SER D 105 -0.42 -109.49 -121.87
N PRO D 106 0.03 -110.75 -121.87
CA PRO D 106 -0.70 -111.74 -122.66
C PRO D 106 -2.01 -112.11 -121.98
N ASN D 107 -1.97 -112.23 -120.66
CA ASN D 107 -3.06 -112.78 -119.87
C ASN D 107 -2.99 -112.17 -118.47
N LEU D 108 -3.85 -112.66 -117.59
CA LEU D 108 -3.77 -112.42 -116.16
C LEU D 108 -3.23 -113.62 -115.40
N SER D 109 -3.50 -114.83 -115.90
CA SER D 109 -3.03 -116.04 -115.25
C SER D 109 -1.67 -116.50 -115.74
N LYS D 110 -1.20 -116.01 -116.89
CA LYS D 110 0.18 -116.24 -117.26
C LYS D 110 1.11 -115.39 -116.42
N CYS D 111 0.64 -114.21 -116.00
CA CYS D 111 1.30 -113.49 -114.94
C CYS D 111 1.16 -114.20 -113.59
N GLY D 112 0.12 -115.02 -113.44
CA GLY D 112 0.03 -115.89 -112.27
C GLY D 112 0.89 -117.13 -112.41
N GLU D 113 1.17 -117.54 -113.64
CA GLU D 113 2.24 -118.52 -113.87
C GLU D 113 3.59 -117.93 -113.49
N GLU D 114 3.78 -116.65 -113.81
CA GLU D 114 4.95 -115.92 -113.33
C GLU D 114 4.89 -115.73 -111.82
N LEU D 115 3.70 -115.76 -111.22
CA LEU D 115 3.59 -115.77 -109.76
C LEU D 115 3.99 -117.13 -109.20
N GLY D 116 3.77 -118.19 -109.96
CA GLY D 116 4.33 -119.47 -109.55
C GLY D 116 5.83 -119.52 -109.69
N ARG D 117 6.37 -118.87 -110.72
CA ARG D 117 7.81 -118.83 -110.93
C ARG D 117 8.50 -117.98 -109.86
N LEU D 118 7.94 -116.81 -109.57
CA LEU D 118 8.36 -115.99 -108.44
C LEU D 118 8.11 -116.68 -107.12
N LYS D 119 7.15 -117.59 -107.08
CA LYS D 119 6.94 -118.36 -105.86
C LYS D 119 8.05 -119.38 -105.70
N LEU D 120 8.58 -119.89 -106.81
CA LEU D 120 9.77 -120.71 -106.74
C LEU D 120 10.98 -119.90 -106.30
N VAL D 121 11.03 -118.62 -106.72
CA VAL D 121 12.05 -117.71 -106.21
C VAL D 121 11.87 -117.51 -104.70
N LEU D 122 10.62 -117.54 -104.23
CA LEU D 122 10.39 -117.45 -102.79
C LEU D 122 10.84 -118.71 -102.05
N LEU D 123 10.48 -119.89 -102.55
CA LEU D 123 10.88 -121.14 -101.92
C LEU D 123 12.39 -121.35 -101.94
N GLU D 124 13.06 -120.80 -102.95
CA GLU D 124 14.49 -121.03 -103.05
C GLU D 124 15.32 -120.02 -102.28
N LEU D 125 15.02 -118.72 -102.39
CA LEU D 125 15.90 -117.72 -101.78
C LEU D 125 15.46 -116.82 -100.61
N ASN D 126 14.38 -116.07 -100.80
CA ASN D 126 13.86 -115.11 -99.80
C ASN D 126 14.86 -114.00 -99.43
N PHE D 127 15.05 -113.11 -100.39
CA PHE D 127 15.95 -111.93 -100.34
C PHE D 127 16.07 -111.25 -98.98
N LEU D 128 15.01 -111.18 -98.22
CA LEU D 128 15.01 -110.27 -97.08
C LEU D 128 15.85 -110.74 -95.87
N PRO D 129 15.92 -112.02 -95.51
CA PRO D 129 16.94 -112.40 -94.52
C PRO D 129 18.30 -112.68 -95.12
N THR D 130 18.45 -112.64 -96.45
CA THR D 130 19.74 -112.88 -97.10
C THR D 130 20.70 -111.75 -96.74
N THR D 131 21.81 -112.10 -96.09
CA THR D 131 22.63 -111.10 -95.43
C THR D 131 23.52 -110.36 -96.42
N GLY D 132 24.43 -111.07 -97.07
CA GLY D 132 25.43 -110.44 -97.93
C GLY D 132 25.77 -111.28 -99.12
N THR D 133 27.03 -111.15 -99.57
CA THR D 133 27.58 -111.83 -100.74
C THR D 133 26.72 -111.53 -101.98
N LYS D 134 26.79 -110.27 -102.41
CA LYS D 134 25.81 -109.77 -103.38
C LYS D 134 26.02 -110.26 -104.81
N LEU D 135 26.10 -111.58 -104.95
CA LEU D 135 25.91 -112.29 -106.21
C LEU D 135 24.76 -113.27 -106.11
N THR D 136 24.40 -113.71 -104.90
CA THR D 136 23.11 -114.32 -104.61
C THR D 136 22.01 -113.28 -104.55
N LYS D 137 22.37 -112.00 -104.63
CA LYS D 137 21.42 -110.91 -104.64
C LYS D 137 21.26 -110.31 -106.02
N GLN D 138 22.02 -110.78 -107.02
CA GLN D 138 21.91 -110.19 -108.35
C GLN D 138 20.67 -110.69 -109.07
N GLN D 139 20.32 -111.95 -108.87
CA GLN D 139 19.00 -112.40 -109.29
C GLN D 139 17.91 -111.80 -108.41
N LEU D 140 18.29 -111.30 -107.24
CA LEU D 140 17.38 -110.49 -106.46
C LEU D 140 17.41 -109.02 -106.90
N ILE D 141 18.44 -108.59 -107.62
CA ILE D 141 18.32 -107.33 -108.35
C ILE D 141 17.32 -107.49 -109.48
N LEU D 142 17.37 -108.65 -110.16
CA LEU D 142 16.32 -109.01 -111.12
C LEU D 142 14.96 -109.08 -110.44
N ALA D 143 14.90 -109.60 -109.21
CA ALA D 143 13.61 -109.70 -108.51
C ALA D 143 13.09 -108.32 -108.12
N ARG D 144 13.99 -107.38 -107.79
CA ARG D 144 13.59 -105.99 -107.61
C ARG D 144 12.98 -105.44 -108.88
N ASP D 145 13.62 -105.69 -110.03
CA ASP D 145 13.15 -105.12 -111.29
C ASP D 145 11.82 -105.71 -111.74
N ILE D 146 11.67 -107.03 -111.60
CA ILE D 146 10.44 -107.68 -112.05
C ILE D 146 9.36 -107.68 -110.99
N LEU D 147 9.65 -107.19 -109.79
CA LEU D 147 8.55 -106.90 -108.89
C LEU D 147 8.18 -105.44 -108.89
N GLU D 148 9.05 -104.58 -109.42
CA GLU D 148 8.58 -103.34 -110.02
C GLU D 148 7.64 -103.64 -111.17
N ILE D 149 7.97 -104.62 -112.00
CA ILE D 149 7.12 -104.92 -113.15
C ILE D 149 5.87 -105.66 -112.68
N GLY D 150 5.96 -106.33 -111.53
CA GLY D 150 4.77 -106.87 -110.91
C GLY D 150 3.89 -105.77 -110.31
N ALA D 151 4.52 -104.70 -109.83
CA ALA D 151 3.75 -103.53 -109.40
C ALA D 151 3.03 -102.89 -110.59
N GLN D 152 3.71 -102.87 -111.75
CA GLN D 152 3.08 -102.46 -113.00
C GLN D 152 1.90 -103.36 -113.33
N TRP D 153 2.01 -104.64 -113.03
CA TRP D 153 0.87 -105.53 -113.20
C TRP D 153 -0.24 -105.22 -112.20
N SER D 154 0.11 -104.87 -110.97
CA SER D 154 -0.90 -104.63 -109.94
C SER D 154 -1.70 -103.37 -110.22
N ILE D 155 -1.04 -102.31 -110.67
CA ILE D 155 -1.80 -101.17 -111.16
C ILE D 155 -2.49 -101.51 -112.47
N LEU D 156 -1.94 -102.43 -113.25
CA LEU D 156 -2.63 -102.85 -114.47
C LEU D 156 -3.87 -103.69 -114.17
N ARG D 157 -3.81 -104.54 -113.16
CA ARG D 157 -4.92 -105.43 -112.85
C ARG D 157 -5.84 -104.85 -111.79
N LYS D 158 -5.59 -103.61 -111.35
CA LYS D 158 -6.42 -102.81 -110.42
C LYS D 158 -6.44 -103.43 -109.02
N ASP D 159 -5.52 -104.34 -108.72
CA ASP D 159 -5.56 -105.08 -107.46
C ASP D 159 -4.84 -104.27 -106.38
N ILE D 160 -5.57 -103.81 -105.38
CA ILE D 160 -5.04 -102.97 -104.32
C ILE D 160 -4.28 -103.78 -103.25
N PRO D 161 -4.73 -104.99 -102.82
CA PRO D 161 -3.81 -105.80 -102.00
C PRO D 161 -2.53 -106.22 -102.72
N SER D 162 -2.58 -106.45 -104.02
CA SER D 162 -1.34 -106.74 -104.74
C SER D 162 -0.51 -105.49 -104.94
N PHE D 163 -1.16 -104.33 -105.00
CA PHE D 163 -0.40 -103.08 -105.13
C PHE D 163 0.29 -102.72 -103.83
N GLU D 164 -0.39 -102.93 -102.70
CA GLU D 164 0.26 -102.68 -101.42
C GLU D 164 1.23 -103.78 -101.07
N ARG D 165 1.03 -104.97 -101.65
CA ARG D 165 1.91 -106.09 -101.37
C ARG D 165 3.22 -105.93 -102.11
N TYR D 166 3.15 -105.68 -103.42
CA TYR D 166 4.36 -105.43 -104.20
C TYR D 166 4.95 -104.07 -103.87
N MET D 167 4.12 -103.13 -103.45
CA MET D 167 4.64 -101.85 -103.00
C MET D 167 5.41 -102.01 -101.71
N ALA D 168 4.93 -102.90 -100.83
CA ALA D 168 5.67 -103.20 -99.61
C ALA D 168 6.90 -104.03 -99.91
N GLN D 169 6.90 -104.80 -101.00
CA GLN D 169 8.13 -105.41 -101.48
C GLN D 169 9.15 -104.35 -101.84
N LEU D 170 8.74 -103.36 -102.63
CA LEU D 170 9.65 -102.30 -103.05
C LEU D 170 10.09 -101.45 -101.88
N LYS D 171 9.24 -101.35 -100.85
CA LYS D 171 9.65 -100.70 -99.62
C LYS D 171 10.71 -101.52 -98.90
N CYS D 172 10.52 -102.84 -98.84
CA CYS D 172 11.49 -103.67 -98.15
C CYS D 172 12.79 -103.83 -98.93
N TYR D 173 12.77 -103.54 -100.23
CA TYR D 173 13.97 -103.66 -101.05
C TYR D 173 14.96 -102.56 -100.75
N TYR D 174 14.47 -101.38 -100.43
CA TYR D 174 15.32 -100.28 -100.04
C TYR D 174 15.68 -100.35 -98.58
N PHE D 175 14.83 -101.00 -97.77
CA PHE D 175 15.11 -101.23 -96.35
C PHE D 175 16.25 -102.21 -96.13
N ASP D 176 16.47 -103.12 -97.08
CA ASP D 176 17.43 -104.20 -96.91
C ASP D 176 18.83 -103.65 -96.72
N TYR D 177 19.52 -104.21 -95.73
CA TYR D 177 20.73 -103.63 -95.15
C TYR D 177 21.89 -103.60 -96.14
N LYS D 178 21.84 -104.40 -97.18
CA LYS D 178 22.62 -104.13 -98.39
C LYS D 178 21.82 -103.11 -99.21
N GLU D 179 21.86 -101.86 -98.73
CA GLU D 179 21.31 -100.75 -99.50
C GLU D 179 22.18 -100.45 -100.70
N GLN D 180 23.44 -100.87 -100.68
CA GLN D 180 24.40 -100.66 -101.76
C GLN D 180 23.97 -101.53 -102.94
N LEU D 181 22.99 -101.03 -103.67
CA LEU D 181 22.35 -101.72 -104.76
C LEU D 181 22.61 -100.97 -106.05
N PRO D 182 22.40 -101.62 -107.20
CA PRO D 182 22.25 -100.88 -108.44
C PRO D 182 21.04 -99.96 -108.40
N GLU D 183 21.07 -98.93 -109.24
CA GLU D 183 20.05 -97.88 -109.21
C GLU D 183 18.73 -98.42 -109.72
N SER D 184 17.72 -98.40 -108.84
CA SER D 184 16.40 -98.89 -109.19
C SER D 184 15.74 -97.97 -110.22
N ALA D 185 15.09 -98.58 -111.22
CA ALA D 185 14.63 -97.81 -112.37
C ALA D 185 13.38 -97.00 -112.05
N TYR D 186 12.39 -97.61 -111.42
CA TYR D 186 11.12 -96.98 -111.17
C TYR D 186 11.08 -96.25 -109.83
N MET D 187 12.27 -96.04 -109.23
CA MET D 187 12.41 -95.50 -107.88
C MET D 187 11.83 -94.09 -107.77
N HIS D 188 11.83 -93.35 -108.87
CA HIS D 188 11.30 -92.00 -108.86
C HIS D 188 9.79 -91.98 -108.72
N GLN D 189 9.10 -92.99 -109.22
CA GLN D 189 7.64 -92.90 -109.31
C GLN D 189 6.92 -93.95 -108.51
N LEU D 190 7.60 -95.04 -108.12
CA LEU D 190 6.97 -96.02 -107.23
C LEU D 190 6.64 -95.38 -105.89
N LEU D 191 7.59 -94.60 -105.35
CA LEU D 191 7.30 -93.72 -104.22
C LEU D 191 6.19 -92.74 -104.54
N GLY D 192 6.12 -92.28 -105.79
CA GLY D 192 5.01 -91.44 -106.21
C GLY D 192 3.69 -92.18 -106.16
N LEU D 193 3.70 -93.45 -106.61
CA LEU D 193 2.50 -94.27 -106.74
C LEU D 193 1.76 -94.38 -105.42
N ASN D 194 2.43 -94.97 -104.41
CA ASN D 194 1.91 -95.05 -103.06
C ASN D 194 1.53 -93.68 -102.54
N LEU D 195 2.36 -92.66 -102.82
CA LEU D 195 2.05 -91.30 -102.36
C LEU D 195 0.76 -90.79 -102.99
N LEU D 196 0.60 -91.01 -104.29
CA LEU D 196 -0.66 -90.60 -104.90
C LEU D 196 -1.77 -91.53 -104.46
N PHE D 197 -1.42 -92.80 -104.19
CA PHE D 197 -2.37 -93.68 -103.52
C PHE D 197 -2.66 -93.19 -102.12
N LEU D 198 -1.64 -92.67 -101.44
CA LEU D 198 -1.82 -91.94 -100.19
C LEU D 198 -2.77 -90.78 -100.40
N LEU D 199 -2.54 -90.04 -101.49
CA LEU D 199 -3.44 -88.95 -101.87
C LEU D 199 -4.78 -89.49 -102.31
N SER D 200 -4.83 -90.76 -102.71
CA SER D 200 -6.10 -91.41 -102.98
C SER D 200 -6.82 -91.76 -101.68
N GLN D 201 -6.08 -92.10 -100.64
CA GLN D 201 -6.69 -92.67 -99.44
C GLN D 201 -6.68 -91.72 -98.26
N ASN D 202 -6.20 -90.48 -98.45
CA ASN D 202 -6.29 -89.39 -97.47
C ASN D 202 -5.54 -89.74 -96.18
N ARG D 203 -4.23 -89.85 -96.28
CA ARG D 203 -3.41 -90.03 -95.08
C ARG D 203 -2.96 -88.68 -94.54
N VAL D 204 -2.69 -88.67 -93.24
CA VAL D 204 -2.28 -87.44 -92.56
C VAL D 204 -0.88 -87.52 -91.96
N ALA D 205 -0.40 -88.70 -91.56
CA ALA D 205 0.95 -88.83 -91.00
C ALA D 205 1.87 -89.65 -91.87
N GLU D 206 1.34 -90.50 -92.75
CA GLU D 206 2.20 -91.20 -93.70
C GLU D 206 2.71 -90.26 -94.78
N PHE D 207 2.01 -89.16 -95.00
CA PHE D 207 2.49 -88.14 -95.93
C PHE D 207 3.81 -87.54 -95.46
N HIS D 208 3.96 -87.36 -94.15
CA HIS D 208 5.14 -86.69 -93.63
C HIS D 208 6.29 -87.63 -93.39
N THR D 209 6.03 -88.91 -93.19
CA THR D 209 7.14 -89.85 -93.22
C THR D 209 7.53 -90.18 -94.65
N GLU D 210 6.60 -89.98 -95.59
CA GLU D 210 6.99 -89.90 -96.99
C GLU D 210 7.87 -88.68 -97.22
N LEU D 211 7.56 -87.57 -96.54
CA LEU D 211 8.45 -86.43 -96.57
C LEU D 211 9.74 -86.65 -95.79
N GLU D 212 9.78 -87.66 -94.92
CA GLU D 212 10.93 -87.87 -94.06
C GLU D 212 11.94 -88.87 -94.63
N ARG D 213 11.47 -89.89 -95.35
CA ARG D 213 12.37 -90.98 -95.70
C ARG D 213 13.36 -90.60 -96.80
N LEU D 214 12.94 -89.78 -97.75
CA LEU D 214 13.84 -89.27 -98.80
C LEU D 214 13.51 -87.81 -99.08
N PRO D 215 14.01 -86.89 -98.27
CA PRO D 215 13.65 -85.48 -98.45
C PRO D 215 14.44 -84.78 -99.55
N ALA D 216 15.69 -85.19 -99.74
CA ALA D 216 16.64 -84.44 -100.54
C ALA D 216 16.36 -84.49 -102.04
N LYS D 217 15.54 -85.45 -102.48
CA LYS D 217 15.29 -85.63 -103.90
C LYS D 217 13.91 -85.16 -104.31
N ASP D 218 13.28 -84.34 -103.48
CA ASP D 218 11.90 -83.92 -103.69
C ASP D 218 11.80 -82.53 -104.30
N ILE D 219 12.72 -81.64 -103.96
CA ILE D 219 12.67 -80.26 -104.43
C ILE D 219 13.51 -80.15 -105.69
N GLN D 220 14.67 -80.80 -105.69
CA GLN D 220 15.65 -80.63 -106.77
C GLN D 220 15.19 -81.25 -108.08
N THR D 221 14.52 -82.40 -108.00
CA THR D 221 14.21 -83.19 -109.19
C THR D 221 13.03 -84.10 -108.85
N ASN D 222 12.85 -85.14 -109.67
CA ASN D 222 11.87 -86.20 -109.47
C ASN D 222 10.44 -85.63 -109.46
N VAL D 223 10.02 -85.21 -110.66
CA VAL D 223 8.69 -84.65 -110.89
C VAL D 223 7.58 -85.64 -110.55
N TYR D 224 7.88 -86.95 -110.54
CA TYR D 224 6.94 -87.93 -110.00
C TYR D 224 6.77 -87.80 -108.49
N ILE D 225 7.72 -87.17 -107.81
CA ILE D 225 7.57 -86.75 -106.43
C ILE D 225 7.36 -85.25 -106.33
N LYS D 226 8.15 -84.47 -107.07
CA LYS D 226 8.12 -83.01 -107.01
C LYS D 226 6.78 -82.44 -107.44
N HIS D 227 6.13 -83.07 -108.40
CA HIS D 227 4.83 -82.63 -108.86
C HIS D 227 3.68 -82.99 -107.90
N PRO D 228 3.59 -84.20 -107.32
CA PRO D 228 2.48 -84.41 -106.37
C PRO D 228 2.65 -83.75 -105.01
N VAL D 229 3.84 -83.26 -104.65
CA VAL D 229 3.94 -82.67 -103.31
C VAL D 229 3.66 -81.18 -103.33
N SER D 230 4.12 -80.47 -104.37
CA SER D 230 3.71 -79.09 -104.54
C SER D 230 2.28 -79.02 -105.01
N LEU D 231 1.89 -80.00 -105.85
CA LEU D 231 0.48 -80.20 -106.18
C LEU D 231 -0.36 -80.44 -104.93
N GLU D 232 0.13 -81.28 -104.02
CA GLU D 232 -0.62 -81.57 -102.80
C GLU D 232 -0.66 -80.37 -101.87
N GLN D 233 0.38 -79.52 -101.91
CA GLN D 233 0.27 -78.21 -101.26
C GLN D 233 -0.83 -77.39 -101.88
N TYR D 234 -0.97 -77.48 -103.21
CA TYR D 234 -1.94 -76.65 -103.92
C TYR D 234 -3.36 -77.19 -103.79
N LEU D 235 -3.50 -78.47 -103.46
CA LEU D 235 -4.80 -78.97 -103.02
C LEU D 235 -5.21 -78.31 -101.71
N MET D 236 -4.32 -78.34 -100.72
CA MET D 236 -4.60 -77.75 -99.41
C MET D 236 -4.32 -76.26 -99.39
N GLU D 237 -3.84 -75.70 -100.49
CA GLU D 237 -3.87 -74.26 -100.65
C GLU D 237 -5.26 -73.75 -101.00
N GLY D 238 -6.04 -74.55 -101.72
CA GLY D 238 -7.33 -74.06 -102.15
C GLY D 238 -7.51 -73.96 -103.65
N SER D 239 -6.97 -74.92 -104.40
CA SER D 239 -7.23 -74.94 -105.84
C SER D 239 -7.64 -76.35 -106.24
N TYR D 240 -8.93 -76.53 -106.52
CA TYR D 240 -9.43 -77.73 -107.17
C TYR D 240 -9.27 -77.68 -108.67
N ASN D 241 -8.81 -76.56 -109.20
CA ASN D 241 -8.52 -76.42 -110.61
C ASN D 241 -7.04 -76.63 -110.92
N LYS D 242 -6.19 -76.63 -109.89
CA LYS D 242 -4.83 -77.12 -110.06
C LYS D 242 -4.82 -78.62 -110.31
N VAL D 243 -5.89 -79.31 -109.91
CA VAL D 243 -6.14 -80.68 -110.38
C VAL D 243 -6.15 -80.75 -111.89
N PHE D 244 -7.00 -79.94 -112.52
CA PHE D 244 -7.18 -80.04 -113.96
C PHE D 244 -6.03 -79.42 -114.73
N LEU D 245 -5.27 -78.53 -114.10
CA LEU D 245 -4.03 -78.07 -114.68
C LEU D 245 -2.95 -79.15 -114.57
N ALA D 246 -3.00 -79.94 -113.50
CA ALA D 246 -2.02 -81.00 -113.30
C ALA D 246 -2.29 -82.17 -114.24
N LYS D 247 -3.57 -82.46 -114.47
CA LYS D 247 -3.99 -83.60 -115.30
C LYS D 247 -3.74 -83.38 -116.78
N GLY D 248 -3.23 -82.21 -117.18
CA GLY D 248 -2.72 -82.01 -118.52
C GLY D 248 -1.58 -82.95 -118.82
N ASN D 249 -0.67 -83.15 -117.87
CA ASN D 249 0.35 -84.19 -118.03
C ASN D 249 0.55 -84.90 -116.69
N ILE D 250 -0.34 -85.88 -116.46
CA ILE D 250 -0.36 -86.73 -115.26
C ILE D 250 -0.46 -88.26 -115.49
N PRO D 251 -0.28 -88.77 -116.74
CA PRO D 251 -0.32 -90.22 -117.02
C PRO D 251 0.68 -90.88 -116.07
N ALA D 252 1.94 -90.56 -116.31
CA ALA D 252 3.02 -90.87 -115.35
C ALA D 252 3.14 -92.38 -115.10
N GLU D 253 3.17 -93.14 -116.19
CA GLU D 253 3.24 -94.60 -116.13
C GLU D 253 2.07 -95.17 -115.29
N SER D 254 0.88 -94.99 -115.87
CA SER D 254 -0.42 -95.41 -115.31
C SER D 254 -0.85 -94.70 -114.02
N TYR D 255 -0.67 -93.38 -113.98
CA TYR D 255 -1.09 -92.59 -112.84
C TYR D 255 -2.45 -92.02 -113.24
N THR D 256 -3.25 -92.92 -113.81
CA THR D 256 -4.58 -92.64 -114.34
C THR D 256 -5.67 -93.15 -113.40
N PHE D 257 -5.50 -94.37 -112.87
CA PHE D 257 -6.40 -94.86 -111.84
C PHE D 257 -6.33 -94.00 -110.60
N PHE D 258 -5.12 -93.59 -110.21
CA PHE D 258 -4.97 -92.79 -109.01
C PHE D 258 -5.47 -91.36 -109.21
N ILE D 259 -5.43 -90.84 -110.44
CA ILE D 259 -6.03 -89.52 -110.63
C ILE D 259 -7.53 -89.64 -110.81
N ASP D 260 -8.04 -90.84 -111.12
CA ASP D 260 -9.48 -91.05 -111.07
C ASP D 260 -9.99 -91.13 -109.64
N ILE D 261 -9.22 -91.77 -108.76
CA ILE D 261 -9.54 -91.76 -107.34
C ILE D 261 -9.26 -90.38 -106.76
N LEU D 262 -8.39 -89.61 -107.41
CA LEU D 262 -8.23 -88.20 -107.07
C LEU D 262 -9.48 -87.42 -107.45
N LEU D 263 -10.11 -87.78 -108.56
CA LEU D 263 -11.40 -87.17 -108.88
C LEU D 263 -12.46 -87.60 -107.90
N ASP D 264 -12.35 -88.83 -107.39
CA ASP D 264 -13.25 -89.29 -106.34
C ASP D 264 -13.06 -88.49 -105.07
N THR D 265 -11.81 -88.23 -104.68
CA THR D 265 -11.57 -87.45 -103.48
C THR D 265 -11.76 -85.95 -103.73
N ILE D 266 -11.99 -85.55 -104.98
CA ILE D 266 -12.64 -84.27 -105.22
C ILE D 266 -14.12 -84.37 -104.89
N ARG D 267 -14.83 -85.35 -105.49
CA ARG D 267 -16.28 -85.30 -105.53
C ARG D 267 -16.93 -85.64 -104.19
N ASP D 268 -16.34 -86.54 -103.42
CA ASP D 268 -16.94 -86.82 -102.12
C ASP D 268 -16.62 -85.74 -101.10
N GLU D 269 -15.53 -85.00 -101.31
CA GLU D 269 -15.30 -83.81 -100.50
C GLU D 269 -16.17 -82.67 -100.93
N ILE D 270 -16.60 -82.64 -102.19
CA ILE D 270 -17.73 -81.80 -102.56
C ILE D 270 -18.98 -82.26 -101.86
N ALA D 271 -19.15 -83.58 -101.72
CA ALA D 271 -20.30 -84.11 -100.99
C ALA D 271 -20.21 -83.76 -99.51
N GLY D 272 -19.02 -83.46 -99.01
CA GLY D 272 -18.90 -82.74 -97.76
C GLY D 272 -19.06 -81.24 -97.97
N CYS D 273 -18.20 -80.65 -98.80
CA CYS D 273 -18.15 -79.20 -98.98
C CYS D 273 -18.91 -78.75 -100.23
N ILE D 274 -20.23 -78.87 -100.18
CA ILE D 274 -21.10 -78.17 -101.13
C ILE D 274 -21.99 -77.15 -100.43
N GLU D 275 -22.45 -77.46 -99.18
CA GLU D 275 -23.08 -76.52 -98.25
C GLU D 275 -22.61 -76.97 -96.87
N LYS D 276 -21.48 -76.41 -96.44
CA LYS D 276 -20.96 -76.75 -95.12
C LYS D 276 -21.46 -75.75 -94.07
N ALA D 277 -21.20 -74.46 -94.30
CA ALA D 277 -21.80 -73.38 -93.52
C ALA D 277 -22.37 -72.34 -94.46
N TYR D 278 -22.91 -72.80 -95.57
CA TYR D 278 -23.29 -71.93 -96.66
C TYR D 278 -24.75 -71.50 -96.54
N GLU D 279 -25.09 -70.44 -97.27
CA GLU D 279 -26.48 -70.03 -97.39
C GLU D 279 -27.20 -71.01 -98.30
N LYS D 280 -26.75 -71.07 -99.56
CA LYS D 280 -27.30 -71.89 -100.62
C LYS D 280 -26.36 -71.78 -101.81
N ILE D 281 -26.55 -72.65 -102.80
CA ILE D 281 -25.92 -72.41 -104.09
C ILE D 281 -26.97 -72.53 -105.17
N LEU D 282 -26.56 -72.35 -106.43
CA LEU D 282 -27.43 -72.49 -107.58
C LEU D 282 -26.74 -73.47 -108.53
N PHE D 283 -27.33 -73.69 -109.69
CA PHE D 283 -26.85 -74.69 -110.64
C PHE D 283 -25.46 -74.37 -111.17
N THR D 284 -25.15 -73.09 -111.34
CA THR D 284 -23.84 -72.74 -111.90
C THR D 284 -22.71 -72.97 -110.92
N GLU D 285 -22.99 -72.96 -109.62
CA GLU D 285 -21.99 -73.40 -108.66
C GLU D 285 -21.79 -74.91 -108.73
N ALA D 286 -22.84 -75.64 -109.10
CA ALA D 286 -22.68 -77.06 -109.40
C ALA D 286 -22.06 -77.26 -110.79
N THR D 287 -21.95 -76.18 -111.56
CA THR D 287 -21.19 -76.25 -112.79
C THR D 287 -19.72 -75.93 -112.54
N ARG D 288 -19.44 -75.15 -111.50
CA ARG D 288 -18.06 -74.78 -111.20
C ARG D 288 -17.37 -75.80 -110.31
N ILE D 289 -17.92 -76.03 -109.11
CA ILE D 289 -17.23 -76.89 -108.14
C ILE D 289 -17.36 -78.35 -108.55
N LEU D 290 -18.59 -78.81 -108.77
CA LEU D 290 -18.78 -80.03 -109.54
C LEU D 290 -18.50 -79.74 -111.01
N PHE D 291 -18.34 -80.81 -111.79
CA PHE D 291 -18.11 -80.68 -113.21
C PHE D 291 -19.05 -81.64 -113.92
N PHE D 292 -18.73 -81.90 -115.19
CA PHE D 292 -19.49 -82.79 -116.06
C PHE D 292 -20.95 -82.36 -116.02
N ASN D 293 -21.14 -81.06 -116.21
CA ASN D 293 -22.45 -80.36 -116.18
C ASN D 293 -23.50 -81.01 -115.29
N THR D 294 -24.23 -81.96 -115.85
CA THR D 294 -25.25 -82.69 -115.10
C THR D 294 -25.20 -84.16 -115.49
N PRO D 295 -24.63 -84.99 -114.66
CA PRO D 295 -24.89 -86.42 -114.77
C PRO D 295 -26.09 -86.76 -113.91
N LYS D 296 -26.42 -88.05 -113.80
CA LYS D 296 -27.27 -88.49 -112.72
C LYS D 296 -26.49 -88.75 -111.44
N LYS D 297 -25.23 -88.34 -111.40
CA LYS D 297 -24.40 -88.37 -110.21
C LYS D 297 -24.59 -87.11 -109.37
N MET D 298 -24.78 -85.95 -109.99
CA MET D 298 -25.18 -84.80 -109.19
C MET D 298 -26.69 -84.79 -108.95
N THR D 299 -27.45 -85.41 -109.84
CA THR D 299 -28.85 -85.66 -109.53
C THR D 299 -28.94 -86.70 -108.42
N ASP D 300 -28.01 -87.65 -108.42
CA ASP D 300 -27.83 -88.53 -107.28
C ASP D 300 -27.45 -87.73 -106.04
N TYR D 301 -26.58 -86.73 -106.19
CA TYR D 301 -26.20 -85.89 -105.05
C TYR D 301 -27.41 -85.11 -104.52
N ALA D 302 -28.37 -84.82 -105.39
CA ALA D 302 -29.63 -84.25 -104.94
C ALA D 302 -30.56 -85.29 -104.37
N LYS D 303 -30.26 -86.59 -104.54
CA LYS D 303 -31.14 -87.65 -104.08
C LYS D 303 -30.41 -88.75 -103.30
N LYS D 304 -29.30 -88.44 -102.64
CA LYS D 304 -28.57 -89.43 -101.86
C LYS D 304 -28.45 -89.00 -100.40
N ARG D 305 -28.13 -87.73 -100.18
CA ARG D 305 -27.77 -87.25 -98.86
C ARG D 305 -28.93 -86.66 -98.09
N GLY D 306 -30.15 -86.75 -98.63
CA GLY D 306 -31.26 -86.02 -98.03
C GLY D 306 -31.19 -84.57 -98.41
N TRP D 307 -31.37 -84.29 -99.69
CA TRP D 307 -31.10 -82.97 -100.25
C TRP D 307 -32.40 -82.31 -100.70
N VAL D 308 -32.46 -80.99 -100.54
CA VAL D 308 -33.58 -80.19 -101.02
C VAL D 308 -33.14 -79.62 -102.36
N LEU D 309 -33.55 -80.26 -103.45
CA LEU D 309 -33.33 -79.69 -104.78
C LEU D 309 -34.35 -78.59 -104.96
N GLY D 310 -33.93 -77.36 -104.66
CA GLY D 310 -34.74 -76.21 -104.92
C GLY D 310 -34.86 -75.94 -106.41
N PRO D 311 -35.87 -75.16 -106.80
CA PRO D 311 -36.05 -74.85 -108.22
C PRO D 311 -34.97 -73.93 -108.74
N ASN D 312 -34.01 -74.51 -109.47
CA ASN D 312 -32.69 -73.93 -109.75
C ASN D 312 -32.07 -73.39 -108.45
N ASN D 313 -32.20 -74.19 -107.40
CA ASN D 313 -31.81 -73.74 -106.08
C ASN D 313 -31.36 -74.97 -105.32
N TYR D 314 -30.65 -74.75 -104.23
CA TYR D 314 -30.01 -75.83 -103.53
C TYR D 314 -30.04 -75.56 -102.04
N TYR D 315 -30.37 -76.59 -101.27
CA TYR D 315 -30.37 -76.47 -99.82
C TYR D 315 -29.86 -77.77 -99.23
N SER D 316 -29.05 -77.64 -98.19
CA SER D 316 -28.77 -78.80 -97.35
C SER D 316 -30.03 -79.24 -96.64
N PHE D 317 -30.64 -78.34 -95.89
CA PHE D 317 -31.97 -78.54 -95.33
C PHE D 317 -32.70 -77.20 -95.39
N ALA D 318 -33.84 -77.12 -94.74
CA ALA D 318 -34.47 -75.83 -94.48
C ALA D 318 -33.76 -75.07 -93.37
N SER D 319 -32.94 -75.75 -92.57
CA SER D 319 -32.19 -75.10 -91.50
C SER D 319 -30.71 -75.43 -91.49
N GLN D 320 -30.27 -76.52 -92.14
CA GLN D 320 -28.89 -76.89 -92.42
C GLN D 320 -28.15 -77.35 -91.16
N GLN D 321 -28.78 -77.22 -89.99
CA GLN D 321 -28.14 -77.44 -88.70
C GLN D 321 -28.99 -78.30 -87.77
N GLN D 322 -30.28 -78.47 -88.09
CA GLN D 322 -31.21 -79.40 -87.42
C GLN D 322 -31.45 -79.05 -85.96
N LYS D 323 -31.74 -77.77 -85.69
CA LYS D 323 -32.21 -77.23 -84.40
C LYS D 323 -31.29 -77.59 -83.22
N PRO D 324 -30.15 -76.91 -83.06
CA PRO D 324 -29.26 -77.24 -81.93
C PRO D 324 -29.69 -76.56 -80.63
N GLU D 325 -30.14 -77.37 -79.68
CA GLU D 325 -30.22 -76.97 -78.28
C GLU D 325 -29.65 -78.01 -77.34
N ASP D 326 -29.71 -79.30 -77.71
CA ASP D 326 -28.98 -80.46 -77.21
C ASP D 326 -29.39 -80.95 -75.83
N THR D 327 -29.99 -80.11 -75.03
CA THR D 327 -30.39 -80.54 -73.73
C THR D 327 -31.54 -79.70 -73.30
N THR D 328 -31.33 -78.38 -73.45
CA THR D 328 -32.22 -77.29 -73.03
C THR D 328 -32.14 -77.30 -71.51
N ILE D 329 -31.40 -78.29 -71.01
CA ILE D 329 -31.14 -78.42 -69.57
C ILE D 329 -29.67 -78.76 -69.39
N PRO D 330 -28.80 -77.79 -69.14
CA PRO D 330 -27.39 -78.11 -68.87
C PRO D 330 -27.06 -78.35 -67.40
N SER D 331 -28.05 -78.32 -66.50
CA SER D 331 -27.81 -78.16 -65.07
C SER D 331 -27.73 -79.48 -64.31
N THR D 332 -28.60 -80.43 -64.64
CA THR D 332 -28.74 -81.63 -63.82
C THR D 332 -27.56 -82.58 -63.99
N GLU D 333 -27.01 -82.66 -65.20
CA GLU D 333 -25.81 -83.46 -65.41
C GLU D 333 -24.61 -82.85 -64.70
N LEU D 334 -24.61 -81.53 -64.55
CA LEU D 334 -23.63 -80.88 -63.71
C LEU D 334 -23.88 -81.18 -62.25
N ALA D 335 -25.11 -81.51 -61.87
CA ALA D 335 -25.32 -82.00 -60.52
C ALA D 335 -24.81 -83.43 -60.38
N LYS D 336 -24.76 -84.18 -61.48
CA LYS D 336 -24.05 -85.45 -61.42
C LYS D 336 -22.55 -85.23 -61.28
N GLN D 337 -22.02 -84.18 -61.92
CA GLN D 337 -20.66 -83.74 -61.63
C GLN D 337 -20.50 -83.35 -60.18
N VAL D 338 -21.56 -82.81 -59.57
CA VAL D 338 -21.50 -82.54 -58.14
C VAL D 338 -21.56 -83.84 -57.34
N ILE D 339 -22.16 -84.90 -57.92
CA ILE D 339 -22.22 -86.18 -57.21
C ILE D 339 -20.83 -86.80 -57.09
N GLU D 340 -20.19 -87.10 -58.24
CA GLU D 340 -18.89 -87.74 -58.15
C GLU D 340 -17.80 -86.76 -57.71
N TYR D 341 -17.94 -85.48 -58.06
CA TYR D 341 -16.93 -84.49 -57.70
C TYR D 341 -16.98 -84.22 -56.21
N ALA D 342 -18.18 -84.07 -55.67
CA ALA D 342 -18.35 -83.91 -54.23
C ALA D 342 -17.90 -85.15 -53.48
N ARG D 343 -18.07 -86.33 -54.09
CA ARG D 343 -17.46 -87.52 -53.51
C ARG D 343 -15.95 -87.43 -53.52
N GLN D 344 -15.39 -86.84 -54.57
CA GLN D 344 -13.94 -86.66 -54.66
C GLN D 344 -13.41 -85.66 -53.66
N LEU D 345 -14.23 -84.70 -53.27
CA LEU D 345 -13.85 -83.81 -52.19
C LEU D 345 -13.80 -84.55 -50.87
N GLU D 346 -14.68 -85.53 -50.68
CA GLU D 346 -14.56 -86.46 -49.58
C GLU D 346 -13.46 -87.47 -49.91
N MET D 347 -13.05 -88.22 -48.88
CA MET D 347 -12.03 -89.26 -48.82
C MET D 347 -10.63 -88.65 -48.85
N ILE D 348 -10.51 -87.37 -49.15
CA ILE D 348 -9.25 -86.67 -49.16
C ILE D 348 -9.38 -85.51 -48.19
N VAL D 349 -8.26 -84.86 -47.93
CA VAL D 349 -8.18 -83.77 -46.98
C VAL D 349 -6.91 -82.97 -47.28
N MET E 1 26.75 -79.11 -70.28
CA MET E 1 28.18 -78.84 -70.34
C MET E 1 28.48 -77.35 -70.14
N SER E 2 28.85 -76.99 -68.91
CA SER E 2 29.12 -75.61 -68.54
C SER E 2 30.61 -75.33 -68.35
N GLU E 3 31.47 -75.91 -69.19
CA GLU E 3 32.91 -75.91 -68.93
C GLU E 3 33.57 -74.75 -69.69
N LYS E 4 33.44 -73.55 -69.10
CA LYS E 4 34.13 -72.35 -69.57
C LYS E 4 34.18 -71.27 -68.50
N LYS E 5 34.51 -70.04 -68.89
CA LYS E 5 34.65 -68.91 -67.98
C LYS E 5 33.33 -68.49 -67.33
N GLN E 6 32.19 -68.89 -67.91
CA GLN E 6 30.85 -68.37 -67.61
C GLN E 6 30.21 -68.48 -66.21
N PRO E 7 30.58 -69.44 -65.24
CA PRO E 7 29.77 -69.54 -63.99
C PRO E 7 29.70 -68.32 -63.08
N VAL E 8 30.39 -67.24 -63.40
CA VAL E 8 30.09 -65.95 -62.79
C VAL E 8 28.80 -65.37 -63.36
N ASP E 9 28.58 -65.53 -64.67
CA ASP E 9 27.37 -65.05 -65.32
C ASP E 9 26.16 -65.89 -64.95
N GLU E 40 1.10 -65.20 -80.07
CA GLU E 40 1.96 -64.02 -80.18
C GLU E 40 1.44 -62.84 -79.34
N ASP E 41 2.28 -62.36 -78.42
CA ASP E 41 1.84 -61.31 -77.52
C ASP E 41 2.00 -59.92 -78.14
N ASN E 42 3.27 -59.55 -78.29
CA ASN E 42 3.70 -58.30 -78.92
C ASN E 42 5.15 -58.44 -79.37
N TRP E 43 5.64 -59.68 -79.43
CA TRP E 43 7.03 -59.96 -79.83
C TRP E 43 7.24 -59.93 -81.34
N ASP E 44 6.57 -60.84 -82.06
CA ASP E 44 6.66 -60.90 -83.52
C ASP E 44 6.29 -59.53 -84.06
N ASP E 45 5.59 -58.78 -83.21
CA ASP E 45 5.17 -57.41 -83.48
C ASP E 45 6.16 -56.40 -82.93
N ASP E 46 6.94 -56.76 -81.91
CA ASP E 46 8.08 -55.92 -81.57
C ASP E 46 9.18 -56.02 -82.61
N ASN E 47 9.19 -57.08 -83.44
CA ASN E 47 10.18 -57.19 -84.50
C ASN E 47 9.75 -56.40 -85.75
N VAL E 48 8.49 -56.54 -86.17
CA VAL E 48 7.98 -55.72 -87.26
C VAL E 48 7.83 -54.28 -86.81
N GLU E 49 7.46 -54.08 -85.56
CA GLU E 49 7.43 -52.76 -84.94
C GLU E 49 8.84 -52.25 -84.64
N ASP E 50 9.85 -53.11 -84.69
CA ASP E 50 11.22 -52.65 -84.77
C ASP E 50 11.80 -52.79 -86.18
N ASP E 51 10.98 -53.19 -87.16
CA ASP E 51 11.36 -53.18 -88.57
C ASP E 51 11.02 -51.87 -89.27
N PHE E 52 9.97 -51.18 -88.82
CA PHE E 52 9.56 -49.91 -89.39
C PHE E 52 9.92 -48.74 -88.48
N SER E 53 11.12 -48.77 -87.88
CA SER E 53 11.42 -48.07 -86.62
C SER E 53 11.27 -46.55 -86.71
N ASN E 54 11.62 -45.95 -87.84
CA ASN E 54 11.40 -44.54 -88.08
C ASN E 54 10.27 -44.29 -89.06
N GLN E 55 9.57 -45.36 -89.42
CA GLN E 55 8.49 -45.36 -90.41
C GLN E 55 7.20 -44.59 -90.09
N LEU E 56 6.27 -44.68 -91.03
CA LEU E 56 4.97 -44.03 -90.93
C LEU E 56 3.84 -45.04 -90.75
N ARG E 57 3.90 -45.79 -89.66
CA ARG E 57 2.86 -46.78 -89.39
C ARG E 57 1.52 -46.09 -89.18
N ALA E 58 1.54 -44.99 -88.43
CA ALA E 58 0.34 -44.21 -88.16
C ALA E 58 0.44 -42.86 -88.85
N GLU E 59 0.89 -41.86 -88.11
CA GLU E 59 1.06 -40.50 -88.68
C GLU E 59 -0.12 -39.90 -89.46
N LEU E 60 -1.27 -39.81 -88.82
CA LEU E 60 -2.50 -39.31 -89.44
C LEU E 60 -2.37 -37.99 -90.23
N GLU E 61 -2.21 -36.90 -89.51
CA GLU E 61 -2.10 -35.57 -90.12
C GLU E 61 -1.04 -35.47 -91.21
N LYS E 62 -0.31 -36.57 -91.44
CA LYS E 62 0.73 -36.57 -92.43
C LYS E 62 0.25 -37.42 -93.58
N HIS E 63 0.06 -38.70 -93.32
CA HIS E 63 -0.46 -39.65 -94.30
C HIS E 63 -1.95 -39.51 -94.55
N GLY E 64 -2.64 -38.54 -93.96
CA GLY E 64 -4.06 -38.45 -94.19
C GLY E 64 -4.45 -37.14 -94.85
N TYR E 65 -3.69 -36.09 -94.55
CA TYR E 65 -3.97 -34.80 -95.14
C TYR E 65 -2.90 -34.36 -96.12
N LYS E 66 -2.11 -35.28 -96.66
CA LYS E 66 -1.43 -35.00 -97.92
C LYS E 66 -2.38 -35.02 -99.11
N MET E 67 -3.64 -35.40 -98.91
CA MET E 67 -4.64 -35.40 -99.98
C MET E 67 -4.97 -33.99 -100.44
N GLU E 68 -5.53 -33.17 -99.55
CA GLU E 68 -6.08 -31.88 -99.93
C GLU E 68 -5.08 -30.74 -99.78
N THR E 69 -3.80 -31.03 -99.56
CA THR E 69 -2.79 -29.98 -99.60
C THR E 69 -2.52 -29.46 -101.01
N SER E 70 -2.81 -30.25 -102.04
CA SER E 70 -2.68 -29.76 -103.40
C SER E 70 -3.80 -30.31 -104.27
N ARG F 6 51.70 -36.54 -21.62
CA ARG F 6 51.40 -36.14 -22.99
C ARG F 6 50.88 -37.29 -23.83
N ASP F 7 50.81 -37.06 -25.13
CA ASP F 7 50.45 -38.11 -26.06
C ASP F 7 51.62 -39.09 -26.19
N LYS F 8 51.28 -40.37 -26.37
CA LYS F 8 52.27 -41.42 -26.45
C LYS F 8 52.83 -41.59 -27.84
N ALA F 9 52.34 -40.81 -28.81
CA ALA F 9 52.83 -40.89 -30.18
C ALA F 9 54.33 -40.62 -30.36
N PRO F 10 55.02 -39.75 -29.59
CA PRO F 10 56.48 -39.76 -29.68
C PRO F 10 57.14 -40.91 -28.94
N VAL F 11 56.58 -41.32 -27.80
CA VAL F 11 57.34 -42.10 -26.83
C VAL F 11 56.98 -43.59 -26.81
N GLN F 12 55.79 -43.97 -27.28
CA GLN F 12 55.46 -45.39 -27.37
C GLN F 12 56.30 -46.18 -28.39
N PRO F 13 56.63 -45.70 -29.59
CA PRO F 13 57.49 -46.50 -30.47
C PRO F 13 58.95 -46.60 -30.05
N GLN F 14 59.34 -46.11 -28.87
CA GLN F 14 60.72 -46.26 -28.40
C GLN F 14 61.04 -47.70 -28.00
N GLN F 15 60.03 -48.50 -27.65
CA GLN F 15 60.26 -49.89 -27.29
C GLN F 15 60.51 -50.78 -28.50
N SER F 16 60.13 -50.35 -29.70
CA SER F 16 60.19 -51.20 -30.88
C SER F 16 61.60 -51.43 -31.44
N PRO F 17 62.53 -50.45 -31.50
CA PRO F 17 63.91 -50.83 -31.82
C PRO F 17 64.59 -51.51 -30.65
N ALA F 18 65.44 -52.48 -30.97
CA ALA F 18 66.28 -53.14 -30.00
C ALA F 18 67.66 -52.52 -29.93
N ALA F 19 67.82 -51.29 -30.41
CA ALA F 19 69.11 -50.62 -30.37
C ALA F 19 69.46 -50.26 -28.93
N ALA F 20 70.74 -50.42 -28.60
CA ALA F 20 71.20 -50.08 -27.25
C ALA F 20 71.09 -48.59 -26.89
N PRO F 21 71.51 -47.59 -27.70
CA PRO F 21 71.46 -46.20 -27.19
C PRO F 21 70.06 -45.65 -26.98
N GLY F 22 69.09 -46.08 -27.79
CA GLY F 22 67.71 -45.69 -27.56
C GLY F 22 67.13 -46.24 -26.28
N GLY F 23 67.54 -47.44 -25.90
CA GLY F 23 67.18 -47.95 -24.60
C GLY F 23 67.90 -47.21 -23.48
N THR F 24 69.19 -46.95 -23.66
CA THR F 24 69.97 -46.39 -22.57
C THR F 24 69.79 -44.88 -22.41
N ASP F 25 69.04 -44.21 -23.29
CA ASP F 25 68.52 -42.90 -22.94
C ASP F 25 67.01 -42.88 -22.74
N GLU F 26 66.31 -43.94 -23.16
CA GLU F 26 64.89 -44.04 -22.87
C GLU F 26 64.65 -44.40 -21.42
N LYS F 27 65.43 -45.33 -20.88
CA LYS F 27 65.28 -45.78 -19.50
C LYS F 27 65.63 -44.73 -18.44
N PRO F 28 66.58 -43.80 -18.66
CA PRO F 28 66.60 -42.63 -17.78
C PRO F 28 65.43 -41.68 -17.98
N SER F 29 64.90 -41.58 -19.20
CA SER F 29 63.71 -40.75 -19.42
C SER F 29 62.49 -41.41 -18.81
N GLY F 30 62.37 -42.73 -18.95
CA GLY F 30 61.35 -43.47 -18.23
C GLY F 30 61.54 -43.47 -16.74
N LYS F 31 62.79 -43.31 -16.28
CA LYS F 31 63.06 -43.08 -14.87
C LYS F 31 62.58 -41.70 -14.44
N GLU F 32 62.69 -40.73 -15.32
CA GLU F 32 62.19 -39.39 -15.04
C GLU F 32 60.67 -39.37 -14.95
N ARG F 33 59.99 -40.04 -15.89
CA ARG F 33 58.54 -40.19 -15.82
C ARG F 33 58.11 -41.33 -14.91
N ARG F 34 59.04 -41.97 -14.21
CA ARG F 34 58.71 -43.00 -13.22
C ARG F 34 58.32 -42.37 -11.88
N ASP F 35 58.33 -41.03 -11.78
CA ASP F 35 57.80 -40.35 -10.61
C ASP F 35 56.28 -40.52 -10.50
N ALA F 36 55.58 -40.60 -11.63
CA ALA F 36 54.17 -40.96 -11.66
C ALA F 36 53.96 -42.36 -12.24
N GLY F 37 55.04 -43.12 -12.42
CA GLY F 37 54.96 -44.42 -13.06
C GLY F 37 54.88 -44.30 -14.56
N ASP F 38 53.71 -43.90 -15.05
CA ASP F 38 53.53 -43.61 -16.46
C ASP F 38 52.45 -42.53 -16.55
N LYS F 39 51.91 -42.33 -17.75
CA LYS F 39 50.71 -41.51 -17.91
C LYS F 39 49.48 -42.23 -17.38
N ASP F 40 49.54 -43.54 -17.20
CA ASP F 40 48.38 -44.40 -17.01
C ASP F 40 48.80 -45.67 -16.30
N LYS F 41 47.98 -46.71 -16.44
CA LYS F 41 48.11 -48.01 -15.79
C LYS F 41 49.00 -48.97 -16.58
N GLU F 42 50.02 -48.45 -17.27
CA GLU F 42 51.06 -49.22 -17.98
C GLU F 42 50.47 -50.08 -19.10
N GLN F 43 49.97 -49.38 -20.12
CA GLN F 43 49.53 -50.02 -21.35
C GLN F 43 50.70 -50.45 -22.24
N GLU F 44 51.92 -50.15 -21.83
CA GLU F 44 53.10 -50.61 -22.56
C GLU F 44 53.39 -52.09 -22.33
N LEU F 45 52.66 -52.73 -21.41
CA LEU F 45 52.96 -54.08 -20.93
C LEU F 45 52.97 -55.12 -22.03
N SER F 46 51.94 -55.11 -22.89
CA SER F 46 51.75 -56.19 -23.84
C SER F 46 52.74 -56.14 -25.00
N GLU F 47 53.43 -55.02 -25.19
CA GLU F 47 54.40 -54.91 -26.28
C GLU F 47 55.84 -55.01 -25.83
N GLU F 48 56.09 -54.96 -24.51
CA GLU F 48 57.46 -54.97 -23.99
C GLU F 48 57.82 -56.27 -23.30
N ASP F 49 56.88 -57.20 -23.14
CA ASP F 49 57.24 -58.53 -22.68
C ASP F 49 57.88 -59.36 -23.79
N LYS F 50 57.81 -58.89 -25.04
CA LYS F 50 58.63 -59.43 -26.11
C LYS F 50 60.10 -59.11 -25.89
N GLN F 51 60.39 -57.98 -25.24
CA GLN F 51 61.73 -57.51 -24.90
C GLN F 51 62.33 -58.23 -23.68
N LEU F 52 61.64 -59.26 -23.18
CA LEU F 52 62.17 -60.11 -22.12
C LEU F 52 63.42 -60.85 -22.57
N GLN F 53 63.47 -61.27 -23.83
CA GLN F 53 64.60 -62.02 -24.36
C GLN F 53 65.84 -61.17 -24.58
N ASP F 54 65.70 -59.86 -24.67
CA ASP F 54 66.85 -59.01 -24.95
C ASP F 54 67.63 -58.70 -23.68
N GLU F 55 68.94 -58.60 -23.82
CA GLU F 55 69.83 -58.40 -22.68
C GLU F 55 70.38 -56.98 -22.64
N LEU F 70 74.07 -53.99 -22.47
CA LEU F 70 75.00 -53.12 -21.76
C LEU F 70 74.41 -52.61 -20.46
N TYR F 71 73.47 -51.69 -20.55
CA TYR F 71 72.74 -51.23 -19.38
C TYR F 71 71.48 -52.06 -19.16
N ARG F 72 71.65 -53.38 -19.21
CA ARG F 72 70.56 -54.29 -18.91
C ARG F 72 70.08 -54.34 -17.44
N PRO F 73 70.84 -53.97 -16.38
CA PRO F 73 70.17 -53.79 -15.08
C PRO F 73 69.18 -52.64 -15.05
N ALA F 74 69.38 -51.60 -15.86
CA ALA F 74 68.32 -50.61 -16.02
C ALA F 74 67.11 -51.21 -16.71
N LEU F 75 67.34 -52.17 -17.61
CA LEU F 75 66.23 -52.92 -18.21
C LEU F 75 65.56 -53.83 -17.19
N GLU F 76 66.32 -54.27 -16.17
CA GLU F 76 65.72 -54.99 -15.07
C GLU F 76 64.88 -54.06 -14.21
N GLU F 77 65.33 -52.81 -14.04
CA GLU F 77 64.54 -51.80 -13.32
C GLU F 77 63.24 -51.51 -14.05
N LEU F 78 63.31 -51.43 -15.38
CA LEU F 78 62.10 -51.31 -16.20
C LEU F 78 61.22 -52.54 -16.04
N ARG F 79 61.83 -53.73 -16.01
CA ARG F 79 61.05 -54.97 -16.02
C ARG F 79 60.36 -55.20 -14.69
N ARG F 80 61.07 -55.00 -13.58
CA ARG F 80 60.45 -55.06 -12.26
C ARG F 80 59.51 -53.89 -12.04
N GLN F 81 59.70 -52.77 -12.74
CA GLN F 81 58.79 -51.65 -12.60
C GLN F 81 57.44 -51.95 -13.23
N ILE F 82 57.43 -52.57 -14.41
CA ILE F 82 56.15 -52.84 -15.05
C ILE F 82 55.51 -54.13 -14.53
N ARG F 83 56.32 -55.17 -14.25
CA ARG F 83 55.76 -56.40 -13.69
C ARG F 83 55.31 -56.17 -12.25
N SER F 84 56.09 -55.37 -11.50
CA SER F 84 55.62 -54.91 -10.20
C SER F 84 54.46 -53.93 -10.32
N SER F 85 54.33 -53.30 -11.49
CA SER F 85 53.24 -52.35 -11.67
C SER F 85 51.91 -53.06 -11.90
N THR F 86 51.89 -54.18 -12.63
CA THR F 86 50.61 -54.89 -12.78
C THR F 86 50.42 -56.00 -11.74
N THR F 87 51.03 -57.18 -11.92
CA THR F 87 50.89 -58.33 -10.99
C THR F 87 51.86 -59.50 -11.25
N SER F 88 52.49 -60.01 -10.18
CA SER F 88 53.44 -61.13 -10.20
C SER F 88 53.80 -61.54 -8.77
N MET F 89 53.92 -62.83 -8.46
CA MET F 89 54.31 -63.17 -7.10
C MET F 89 55.76 -63.61 -6.96
N THR F 90 56.38 -64.11 -8.02
CA THR F 90 57.76 -64.55 -7.97
C THR F 90 58.63 -63.89 -9.03
N SER F 91 58.06 -63.58 -10.19
CA SER F 91 58.82 -62.93 -11.25
C SER F 91 58.95 -61.43 -11.04
N VAL F 92 58.24 -60.88 -10.08
CA VAL F 92 58.33 -59.46 -9.78
C VAL F 92 59.63 -59.12 -9.05
N PRO F 93 60.07 -59.79 -7.98
CA PRO F 93 61.35 -59.39 -7.38
C PRO F 93 62.57 -60.00 -8.05
N LYS F 94 62.37 -60.88 -9.04
CA LYS F 94 63.42 -61.53 -9.80
C LYS F 94 64.36 -60.57 -10.55
N PRO F 95 63.91 -59.45 -11.16
CA PRO F 95 64.89 -58.48 -11.66
C PRO F 95 65.68 -57.78 -10.57
N LEU F 96 65.07 -57.45 -9.44
CA LEU F 96 65.77 -56.73 -8.38
C LEU F 96 66.78 -57.62 -7.65
N LYS F 97 66.55 -58.93 -7.63
CA LYS F 97 67.61 -59.80 -7.12
C LYS F 97 68.68 -60.03 -8.17
N PHE F 98 68.41 -59.67 -9.42
CA PHE F 98 69.44 -59.58 -10.44
C PHE F 98 70.03 -58.18 -10.56
N LEU F 99 69.30 -57.15 -10.15
CA LEU F 99 69.75 -55.77 -10.32
C LEU F 99 70.82 -55.38 -9.31
N ARG F 100 70.69 -55.88 -8.06
CA ARG F 100 71.48 -55.46 -6.90
C ARG F 100 71.36 -53.95 -6.75
N PRO F 101 70.29 -53.47 -6.08
CA PRO F 101 69.69 -52.16 -6.36
C PRO F 101 70.65 -50.97 -6.45
N HIS F 102 70.57 -50.27 -7.57
CA HIS F 102 71.61 -49.38 -8.05
C HIS F 102 70.92 -48.15 -8.64
N TYR F 103 71.73 -47.17 -9.06
CA TYR F 103 71.31 -45.91 -9.67
C TYR F 103 70.41 -45.10 -8.72
N ASN F 118 63.64 -39.62 1.18
CA ASN F 118 62.29 -39.05 1.26
C ASN F 118 61.91 -38.39 -0.06
N LYS F 119 61.61 -39.22 -1.07
CA LYS F 119 61.13 -38.73 -2.35
C LYS F 119 59.80 -39.41 -2.65
N ARG F 120 59.01 -38.78 -3.53
CA ARG F 120 57.81 -39.43 -4.05
C ARG F 120 58.18 -40.61 -4.93
N PHE F 121 59.27 -40.48 -5.69
CA PHE F 121 59.85 -41.63 -6.39
C PHE F 121 60.34 -42.69 -5.41
N ALA F 122 60.99 -42.25 -4.33
CA ALA F 122 61.38 -43.18 -3.28
C ALA F 122 60.17 -43.68 -2.49
N ALA F 123 59.07 -42.91 -2.49
CA ALA F 123 57.83 -43.44 -1.96
C ALA F 123 57.20 -44.44 -2.92
N ASP F 124 57.59 -44.41 -4.19
CA ASP F 124 57.08 -45.38 -5.14
C ASP F 124 57.90 -46.66 -5.09
N ILE F 125 59.16 -46.58 -5.51
CA ILE F 125 59.91 -47.80 -5.84
C ILE F 125 60.58 -48.42 -4.63
N ILE F 126 60.67 -47.70 -3.51
CA ILE F 126 61.21 -48.28 -2.28
C ILE F 126 60.07 -48.62 -1.34
N SER F 127 59.22 -47.64 -1.05
CA SER F 127 58.21 -47.79 0.00
C SER F 127 57.17 -48.85 -0.35
N VAL F 128 56.33 -48.60 -1.35
CA VAL F 128 55.20 -49.51 -1.55
C VAL F 128 55.57 -50.63 -2.52
N LEU F 129 56.32 -50.33 -3.59
CA LEU F 129 56.65 -51.35 -4.58
C LEU F 129 57.64 -52.36 -4.03
N ALA F 130 58.65 -51.90 -3.31
CA ALA F 130 59.55 -52.85 -2.67
C ALA F 130 59.06 -53.27 -1.30
N MET F 131 58.00 -52.63 -0.78
CA MET F 131 57.37 -53.16 0.43
C MET F 131 56.58 -54.43 0.11
N THR F 132 55.68 -54.36 -0.86
CA THR F 132 54.90 -55.53 -1.24
C THR F 132 55.76 -56.51 -2.04
N MET F 133 56.65 -55.99 -2.88
CA MET F 133 57.55 -56.80 -3.68
C MET F 133 58.58 -57.53 -2.83
N SER F 134 59.25 -56.79 -1.94
CA SER F 134 60.19 -57.43 -1.04
C SER F 134 59.47 -58.26 0.01
N GLY F 135 58.21 -57.92 0.30
CA GLY F 135 57.45 -58.71 1.26
C GLY F 135 57.03 -60.05 0.70
N GLU F 136 56.64 -60.08 -0.58
CA GLU F 136 56.33 -61.36 -1.22
C GLU F 136 57.60 -62.11 -1.60
N ARG F 137 58.74 -61.42 -1.70
CA ARG F 137 59.99 -62.15 -1.84
C ARG F 137 60.39 -62.81 -0.52
N GLU F 138 60.22 -62.09 0.60
CA GLU F 138 60.53 -62.68 1.91
C GLU F 138 59.53 -63.76 2.28
N CYS F 139 58.27 -63.62 1.89
CA CYS F 139 57.28 -64.64 2.19
C CYS F 139 57.45 -65.84 1.27
N LEU F 140 57.64 -65.58 -0.03
CA LEU F 140 57.74 -66.66 -1.00
C LEU F 140 59.04 -67.44 -0.85
N LYS F 141 60.14 -66.78 -0.49
CA LYS F 141 61.36 -67.50 -0.19
C LYS F 141 61.42 -68.00 1.24
N TYR F 142 60.69 -67.37 2.16
CA TYR F 142 60.61 -67.89 3.51
C TYR F 142 59.81 -69.18 3.56
N ARG F 143 58.85 -69.35 2.65
CA ARG F 143 58.13 -70.60 2.56
C ARG F 143 58.68 -71.54 1.50
N LEU F 144 59.45 -71.02 0.55
CA LEU F 144 59.99 -71.85 -0.53
C LEU F 144 61.31 -72.53 -0.14
N VAL F 145 62.34 -71.75 0.14
CA VAL F 145 63.67 -72.28 0.40
C VAL F 145 63.95 -72.23 1.90
N GLY F 146 64.71 -73.20 2.38
CA GLY F 146 65.05 -73.29 3.79
C GLY F 146 65.56 -74.66 4.18
N ALA F 163 68.22 -67.76 0.95
CA ALA F 163 69.62 -67.47 0.75
C ALA F 163 70.03 -66.18 1.45
N GLY F 164 71.15 -65.60 1.02
CA GLY F 164 71.62 -64.36 1.59
C GLY F 164 71.23 -63.11 0.82
N GLU F 165 70.73 -63.28 -0.40
CA GLU F 165 70.26 -62.15 -1.19
C GLU F 165 69.05 -61.51 -0.52
N VAL F 166 68.14 -62.34 0.00
CA VAL F 166 67.02 -61.83 0.76
C VAL F 166 67.46 -61.28 2.11
N ALA F 167 68.62 -61.69 2.61
CA ALA F 167 69.14 -61.06 3.82
C ALA F 167 69.67 -59.66 3.52
N LYS F 168 70.33 -59.50 2.39
CA LYS F 168 70.91 -58.20 2.04
C LYS F 168 69.83 -57.21 1.62
N GLU F 169 68.89 -57.65 0.80
CA GLU F 169 67.75 -56.82 0.43
C GLU F 169 66.82 -56.60 1.61
N TRP F 170 66.76 -57.56 2.53
CA TRP F 170 65.91 -57.44 3.70
C TRP F 170 66.47 -56.40 4.67
N GLN F 171 67.79 -56.39 4.85
CA GLN F 171 68.40 -55.32 5.65
C GLN F 171 68.43 -54.01 4.89
N GLU F 172 68.37 -54.06 3.55
CA GLU F 172 68.24 -52.85 2.78
C GLU F 172 66.86 -52.23 2.96
N LEU F 173 65.83 -53.06 3.08
CA LEU F 173 64.49 -52.56 3.36
C LEU F 173 64.35 -52.17 4.83
N ASP F 174 65.10 -52.84 5.71
CA ASP F 174 65.17 -52.43 7.10
C ASP F 174 65.76 -51.03 7.23
N ASP F 175 66.88 -50.79 6.55
CA ASP F 175 67.51 -49.47 6.57
C ASP F 175 66.64 -48.44 5.85
N ALA F 176 65.97 -48.86 4.77
CA ALA F 176 65.15 -47.95 3.99
C ALA F 176 63.89 -47.54 4.75
N GLU F 177 63.34 -48.43 5.56
CA GLU F 177 62.25 -48.03 6.43
C GLU F 177 62.75 -47.35 7.70
N LYS F 178 64.04 -47.48 8.00
CA LYS F 178 64.63 -46.57 8.97
C LYS F 178 64.83 -45.18 8.38
N VAL F 179 64.89 -45.07 7.05
CA VAL F 179 64.87 -43.75 6.43
C VAL F 179 63.44 -43.21 6.37
N GLN F 180 62.50 -44.04 5.98
CA GLN F 180 61.11 -43.60 5.89
C GLN F 180 60.49 -43.38 7.26
N ARG F 181 60.96 -44.12 8.28
CA ARG F 181 60.62 -43.98 9.68
C ARG F 181 59.15 -44.23 9.99
N GLU F 182 58.49 -45.15 9.28
CA GLU F 182 57.15 -45.56 9.68
C GLU F 182 57.18 -46.97 10.26
N PRO F 183 56.86 -47.10 11.55
CA PRO F 183 56.79 -48.39 12.25
C PRO F 183 55.35 -48.91 12.23
N LEU F 184 55.07 -49.93 13.04
CA LEU F 184 53.73 -50.53 13.14
C LEU F 184 53.10 -51.03 11.82
N LEU F 185 53.95 -51.54 10.93
CA LEU F 185 53.53 -52.07 9.63
C LEU F 185 54.74 -52.81 9.08
N THR F 186 55.71 -52.03 8.61
CA THR F 186 56.98 -52.55 8.09
C THR F 186 57.58 -53.52 9.10
N LEU F 187 57.36 -53.27 10.39
CA LEU F 187 57.81 -54.17 11.44
C LEU F 187 57.11 -55.52 11.34
N VAL F 188 55.77 -55.51 11.29
CA VAL F 188 55.02 -56.77 11.24
C VAL F 188 55.18 -57.46 9.88
N LYS F 189 55.63 -56.73 8.86
CA LYS F 189 56.04 -57.38 7.62
C LYS F 189 57.38 -58.08 7.77
N GLU F 190 58.34 -57.43 8.45
CA GLU F 190 59.66 -58.02 8.64
C GLU F 190 59.74 -58.93 9.87
N ILE F 191 58.61 -59.27 10.47
CA ILE F 191 58.61 -60.31 11.50
C ILE F 191 58.85 -61.67 10.87
N VAL F 192 58.09 -61.97 9.80
CA VAL F 192 58.23 -63.24 9.10
C VAL F 192 59.68 -63.45 8.66
N PRO F 193 60.28 -62.44 8.01
CA PRO F 193 61.67 -62.51 7.55
C PRO F 193 62.65 -62.57 8.72
N LEU F 207 69.10 -64.10 15.64
CA LEU F 207 67.89 -64.15 14.82
C LEU F 207 67.86 -62.98 13.83
N LEU F 208 67.01 -63.10 12.82
CA LEU F 208 66.82 -61.99 11.88
C LEU F 208 66.12 -60.83 12.56
N MET F 209 65.06 -61.13 13.31
CA MET F 209 64.34 -60.10 14.05
C MET F 209 65.18 -59.54 15.19
N GLU F 210 66.11 -60.33 15.72
CA GLU F 210 67.02 -59.85 16.76
C GLU F 210 67.93 -58.75 16.24
N ILE F 211 68.63 -59.04 15.13
CA ILE F 211 69.51 -58.05 14.53
C ILE F 211 68.71 -56.94 13.86
N GLU F 212 67.42 -57.17 13.61
CA GLU F 212 66.52 -56.09 13.26
C GLU F 212 66.30 -55.15 14.45
N GLN F 213 66.12 -55.70 15.66
CA GLN F 213 65.83 -54.86 16.81
C GLN F 213 67.06 -54.08 17.26
N VAL F 214 68.22 -54.73 17.29
CA VAL F 214 69.43 -53.94 17.59
C VAL F 214 69.88 -53.14 16.37
N ASP F 215 69.33 -53.44 15.19
CA ASP F 215 69.57 -52.60 14.02
C ASP F 215 68.74 -51.31 14.06
N MET F 216 67.57 -51.35 14.69
CA MET F 216 66.66 -50.22 14.64
C MET F 216 66.59 -49.43 15.94
N LEU F 217 66.73 -50.08 17.10
CA LEU F 217 66.60 -49.38 18.37
C LEU F 217 67.86 -48.57 18.64
N GLU F 218 67.90 -47.36 18.10
CA GLU F 218 68.89 -46.39 18.54
C GLU F 218 68.25 -45.20 19.23
N LYS F 219 67.32 -44.52 18.56
CA LYS F 219 66.76 -43.27 19.06
C LYS F 219 65.32 -43.43 19.51
N ASP F 220 64.45 -43.94 18.64
CA ASP F 220 63.03 -44.09 18.97
C ASP F 220 62.87 -45.27 19.93
N ILE F 221 62.59 -44.96 21.19
CA ILE F 221 62.45 -45.97 22.22
C ILE F 221 60.99 -46.41 22.36
N ASP F 222 60.09 -45.48 22.68
CA ASP F 222 58.73 -45.81 23.04
C ASP F 222 57.87 -46.24 21.86
N GLU F 223 58.26 -45.92 20.63
CA GLU F 223 57.50 -46.37 19.48
C GLU F 223 57.69 -47.87 19.25
N ASN F 224 58.94 -48.33 19.27
CA ASN F 224 59.19 -49.75 19.09
C ASN F 224 58.81 -50.54 20.34
N ALA F 225 59.02 -49.95 21.51
CA ALA F 225 58.69 -50.64 22.75
C ALA F 225 57.18 -50.71 22.95
N TYR F 226 56.53 -49.55 23.05
CA TYR F 226 55.08 -49.53 23.27
C TYR F 226 54.34 -50.06 22.06
N ALA F 227 54.68 -49.56 20.88
CA ALA F 227 53.97 -49.98 19.67
C ALA F 227 54.35 -51.40 19.29
N LYS F 228 55.63 -51.64 19.01
CA LYS F 228 56.06 -52.94 18.50
C LYS F 228 55.95 -54.02 19.55
N VAL F 229 56.29 -53.70 20.80
CA VAL F 229 56.16 -54.69 21.86
C VAL F 229 54.70 -54.87 22.28
N CYS F 230 53.85 -53.85 22.12
CA CYS F 230 52.44 -54.04 22.43
C CYS F 230 51.75 -54.90 21.37
N LEU F 231 51.82 -54.49 20.10
CA LEU F 231 51.10 -55.21 19.05
C LEU F 231 51.78 -56.54 18.75
N TYR F 232 53.08 -56.61 18.87
CA TYR F 232 53.79 -57.83 18.60
C TYR F 232 53.82 -58.78 19.80
N LEU F 233 53.72 -58.25 21.02
CA LEU F 233 53.54 -59.12 22.18
C LEU F 233 52.12 -59.68 22.21
N THR F 234 51.13 -58.82 21.97
CA THR F 234 49.74 -59.24 22.00
C THR F 234 49.40 -60.17 20.85
N SER F 235 49.87 -59.83 19.64
CA SER F 235 49.72 -60.72 18.49
C SER F 235 50.64 -61.92 18.57
N CYS F 236 51.68 -61.86 19.41
CA CYS F 236 52.60 -62.98 19.52
C CYS F 236 52.11 -64.01 20.53
N VAL F 237 51.33 -63.58 21.51
CA VAL F 237 50.62 -64.54 22.35
C VAL F 237 49.26 -64.88 21.74
N ASN F 238 48.78 -64.04 20.82
CA ASN F 238 47.45 -64.22 20.25
C ASN F 238 47.50 -65.11 19.02
N TYR F 239 48.39 -64.77 18.07
CA TYR F 239 48.39 -65.41 16.76
C TYR F 239 49.69 -66.14 16.44
N VAL F 240 50.83 -65.53 16.74
CA VAL F 240 52.14 -66.14 16.43
C VAL F 240 52.36 -67.32 17.36
N PRO F 241 52.91 -68.44 16.89
CA PRO F 241 53.23 -69.54 17.80
C PRO F 241 54.38 -69.21 18.74
N GLU F 242 54.67 -70.18 19.58
CA GLU F 242 55.66 -70.01 20.65
C GLU F 242 57.10 -69.69 20.22
N PRO F 243 57.77 -70.41 19.29
CA PRO F 243 59.25 -70.35 19.25
C PRO F 243 59.84 -69.02 18.80
N GLU F 244 59.15 -68.24 17.98
CA GLU F 244 59.66 -66.90 17.65
C GLU F 244 59.46 -65.95 18.82
N ASN F 245 58.53 -66.26 19.72
CA ASN F 245 58.27 -65.50 20.94
C ASN F 245 59.50 -65.37 21.82
N SER F 246 60.32 -66.42 21.91
CA SER F 246 61.55 -66.32 22.66
C SER F 246 62.52 -65.35 22.00
N ALA F 247 62.49 -65.25 20.66
CA ALA F 247 63.22 -64.19 19.97
C ALA F 247 62.63 -62.83 20.29
N LEU F 248 61.35 -62.79 20.66
CA LEU F 248 60.82 -61.66 21.40
C LEU F 248 61.51 -61.53 22.74
N LEU F 249 61.37 -62.56 23.58
CA LEU F 249 61.73 -62.50 25.00
C LEU F 249 63.20 -62.25 25.27
N ARG F 250 64.08 -62.56 24.31
CA ARG F 250 65.50 -62.36 24.54
C ARG F 250 65.97 -61.01 24.02
N CYS F 251 65.59 -60.66 22.79
CA CYS F 251 66.09 -59.41 22.24
C CYS F 251 65.32 -58.21 22.78
N ALA F 252 64.06 -58.39 23.21
CA ALA F 252 63.45 -57.36 24.04
C ALA F 252 64.16 -57.29 25.39
N LEU F 253 64.75 -58.40 25.85
CA LEU F 253 65.69 -58.34 26.96
C LEU F 253 66.89 -57.46 26.62
N GLY F 254 67.31 -57.45 25.36
CA GLY F 254 68.51 -56.72 24.99
C GLY F 254 68.28 -55.21 24.96
N VAL F 255 67.32 -54.76 24.17
CA VAL F 255 67.11 -53.33 23.97
C VAL F 255 66.59 -52.66 25.24
N PHE F 256 65.78 -53.36 26.05
CA PHE F 256 65.36 -52.83 27.35
C PHE F 256 66.49 -52.88 28.37
N ARG F 257 67.53 -53.67 28.08
CA ARG F 257 68.78 -53.51 28.81
C ARG F 257 69.38 -52.13 28.58
N LYS F 258 69.22 -51.59 27.37
CA LYS F 258 69.69 -50.24 27.09
C LYS F 258 68.75 -49.19 27.64
N PHE F 259 67.55 -49.58 28.04
CA PHE F 259 66.48 -48.63 28.28
C PHE F 259 66.13 -48.57 29.76
N SER F 260 65.44 -47.49 30.14
CA SER F 260 64.90 -47.33 31.47
C SER F 260 63.47 -47.91 31.49
N ARG F 261 62.72 -47.58 32.55
CA ARG F 261 61.39 -48.14 32.85
C ARG F 261 61.46 -49.67 32.94
N PHE F 262 62.15 -50.10 33.98
CA PHE F 262 62.47 -51.49 34.31
C PHE F 262 61.35 -52.54 34.34
N PRO F 263 60.11 -52.29 34.83
CA PRO F 263 59.13 -53.39 34.90
C PRO F 263 58.72 -54.01 33.57
N GLU F 264 58.99 -53.38 32.42
CA GLU F 264 58.80 -54.07 31.14
C GLU F 264 59.73 -55.27 31.03
N ALA F 265 60.98 -55.12 31.49
CA ALA F 265 61.88 -56.25 31.69
C ALA F 265 61.30 -57.24 32.68
N LEU F 266 60.66 -56.76 33.75
CA LEU F 266 59.99 -57.65 34.68
C LEU F 266 58.78 -58.30 34.03
N ARG F 267 58.13 -57.62 33.08
CA ARG F 267 57.11 -58.29 32.30
C ARG F 267 57.75 -59.32 31.37
N LEU F 268 58.97 -59.03 30.91
CA LEU F 268 59.81 -60.06 30.30
C LEU F 268 60.10 -61.19 31.28
N ALA F 269 60.25 -60.86 32.56
CA ALA F 269 60.38 -61.89 33.58
C ALA F 269 59.07 -62.64 33.81
N LEU F 270 57.94 -62.11 33.35
CA LEU F 270 56.67 -62.82 33.51
C LEU F 270 56.61 -64.03 32.58
N MET F 271 57.35 -63.98 31.47
CA MET F 271 57.28 -65.04 30.48
C MET F 271 58.57 -65.84 30.37
N LEU F 272 59.71 -65.22 30.63
CA LEU F 272 61.00 -65.92 30.54
C LEU F 272 61.16 -66.94 31.67
N ASN F 273 60.85 -66.54 32.90
CA ASN F 273 61.22 -67.24 34.14
C ASN F 273 62.72 -67.54 34.15
N ASP F 274 63.49 -66.45 34.08
CA ASP F 274 64.94 -66.50 34.01
C ASP F 274 65.54 -65.86 35.25
N MET F 275 66.68 -66.40 35.69
CA MET F 275 67.33 -65.95 36.91
C MET F 275 68.36 -64.85 36.69
N GLU F 276 68.79 -64.60 35.44
CA GLU F 276 69.76 -63.54 35.20
C GLU F 276 69.10 -62.18 35.16
N LEU F 277 67.86 -62.12 34.65
CA LEU F 277 67.17 -60.84 34.52
C LEU F 277 66.78 -60.27 35.87
N VAL F 278 66.56 -61.12 36.87
CA VAL F 278 66.18 -60.57 38.17
C VAL F 278 67.39 -60.01 38.89
N GLU F 279 68.58 -60.59 38.65
CA GLU F 279 69.79 -60.01 39.19
C GLU F 279 70.16 -58.74 38.45
N ASP F 280 69.96 -58.73 37.12
CA ASP F 280 70.23 -57.53 36.33
C ASP F 280 69.26 -56.41 36.67
N ILE F 281 67.99 -56.74 36.93
CA ILE F 281 66.99 -55.75 37.30
C ILE F 281 67.11 -55.37 38.76
N PHE F 282 67.89 -56.10 39.57
CA PHE F 282 68.17 -55.66 40.93
C PHE F 282 69.45 -54.85 41.06
N THR F 283 70.49 -55.15 40.29
CA THR F 283 71.61 -54.22 40.24
C THR F 283 71.22 -52.95 39.50
N SER F 284 70.31 -53.06 38.54
CA SER F 284 69.86 -51.89 37.81
C SER F 284 68.78 -51.14 38.58
N CYS F 285 67.90 -51.87 39.25
CA CYS F 285 66.86 -51.23 40.05
C CYS F 285 67.37 -50.85 41.44
N LYS F 286 68.62 -51.15 41.75
CA LYS F 286 69.34 -50.46 42.80
C LYS F 286 70.12 -49.28 42.24
N ASP F 287 70.60 -49.38 41.00
CA ASP F 287 71.18 -48.24 40.32
C ASP F 287 70.13 -47.13 40.13
N VAL F 288 68.87 -47.49 39.93
CA VAL F 288 67.79 -46.51 39.95
C VAL F 288 67.03 -46.68 41.27
N VAL F 289 67.34 -45.81 42.23
CA VAL F 289 66.72 -45.89 43.54
C VAL F 289 65.30 -45.34 43.49
N MET F 297 57.59 -46.61 43.55
CA MET F 297 58.76 -46.42 44.41
C MET F 297 59.55 -47.73 44.60
N LEU F 298 60.39 -47.75 45.63
CA LEU F 298 61.30 -48.86 45.91
C LEU F 298 60.55 -50.09 46.42
N GLY F 299 59.86 -49.93 47.55
CA GLY F 299 59.00 -50.98 48.06
C GLY F 299 57.84 -51.32 47.15
N ARG F 300 57.45 -50.39 46.26
CA ARG F 300 56.42 -50.70 45.27
C ARG F 300 56.90 -51.76 44.28
N HIS F 301 58.11 -51.60 43.73
CA HIS F 301 58.62 -52.66 42.87
C HIS F 301 59.04 -53.89 43.66
N GLY F 302 59.23 -53.75 44.99
CA GLY F 302 59.17 -54.92 45.84
C GLY F 302 57.82 -55.62 45.79
N VAL F 303 56.73 -54.84 45.80
CA VAL F 303 55.38 -55.42 45.88
C VAL F 303 55.01 -56.12 44.58
N PHE F 304 55.06 -55.41 43.45
CA PHE F 304 54.78 -56.14 42.22
C PHE F 304 55.95 -56.98 41.74
N LEU F 305 57.12 -56.88 42.39
CA LEU F 305 58.13 -57.92 42.23
C LEU F 305 57.63 -59.23 42.81
N GLU F 306 57.03 -59.18 44.00
CA GLU F 306 56.56 -60.41 44.61
C GLU F 306 55.27 -60.91 43.96
N LEU F 307 54.42 -59.99 43.49
CA LEU F 307 53.19 -60.41 42.80
C LEU F 307 53.50 -60.89 41.38
N SER F 308 54.59 -60.39 40.78
CA SER F 308 54.91 -60.76 39.41
C SER F 308 55.66 -62.09 39.34
N GLU F 309 56.44 -62.40 40.37
CA GLU F 309 57.27 -63.59 40.35
C GLU F 309 56.42 -64.85 40.55
N ASP F 310 56.94 -65.96 40.08
CA ASP F 310 56.37 -67.27 40.35
C ASP F 310 56.97 -67.84 41.63
N VAL F 311 56.78 -69.14 41.87
CA VAL F 311 57.13 -69.71 43.16
C VAL F 311 58.61 -70.07 43.24
N GLU F 312 59.29 -70.19 42.10
CA GLU F 312 60.65 -70.71 42.11
C GLU F 312 61.66 -69.60 42.36
N GLU F 313 61.50 -68.46 41.69
CA GLU F 313 62.60 -67.52 41.56
C GLU F 313 62.78 -66.60 42.77
N TYR F 314 61.98 -66.71 43.82
CA TYR F 314 62.32 -65.99 45.04
C TYR F 314 63.13 -66.82 46.01
N GLU F 315 63.17 -68.14 45.82
CA GLU F 315 64.12 -68.99 46.52
C GLU F 315 65.48 -69.02 45.82
N ASP F 316 65.46 -69.14 44.49
CA ASP F 316 66.69 -68.93 43.73
C ASP F 316 67.16 -67.49 43.83
N LEU F 317 66.22 -66.55 43.91
CA LEU F 317 66.56 -65.15 44.14
C LEU F 317 67.07 -64.93 45.55
N THR F 318 66.52 -65.64 46.54
CA THR F 318 67.02 -65.41 47.89
C THR F 318 68.33 -66.16 48.16
N GLU F 319 68.73 -67.08 47.28
CA GLU F 319 70.08 -67.62 47.44
C GLU F 319 71.12 -66.83 46.62
N ILE F 320 70.78 -66.44 45.38
CA ILE F 320 71.73 -65.66 44.58
C ILE F 320 71.82 -64.23 45.10
N MET F 321 70.80 -63.77 45.83
CA MET F 321 70.94 -62.57 46.63
C MET F 321 71.32 -62.87 48.07
N SER F 322 71.25 -64.13 48.52
CA SER F 322 71.78 -64.39 49.86
C SER F 322 73.30 -64.35 49.87
N ASN F 323 73.93 -64.56 48.70
CA ASN F 323 75.39 -64.49 48.64
C ASN F 323 75.89 -63.04 48.75
N VAL F 324 75.40 -62.16 47.87
CA VAL F 324 76.01 -60.83 47.66
C VAL F 324 75.23 -59.76 48.40
N GLN F 325 73.95 -59.62 48.05
CA GLN F 325 72.83 -58.84 48.60
C GLN F 325 72.99 -57.33 48.53
N LEU F 326 74.23 -56.82 48.48
CA LEU F 326 74.63 -55.47 48.10
C LEU F 326 74.06 -54.33 48.96
N ASN F 327 72.98 -54.58 49.71
CA ASN F 327 72.48 -53.68 50.74
C ASN F 327 71.87 -54.49 51.88
N SER F 328 71.58 -55.77 51.61
CA SER F 328 70.74 -56.69 52.38
C SER F 328 69.31 -56.20 52.58
N ASN F 329 68.84 -55.24 51.78
CA ASN F 329 67.42 -54.87 51.79
C ASN F 329 66.64 -55.57 50.70
N PHE F 330 67.31 -56.01 49.63
CA PHE F 330 66.66 -56.85 48.63
C PHE F 330 66.35 -58.23 49.18
N LEU F 331 67.09 -58.68 50.19
CA LEU F 331 66.71 -59.87 50.93
C LEU F 331 65.46 -59.64 51.76
N ALA F 332 65.29 -58.44 52.30
CA ALA F 332 64.13 -58.17 53.15
C ALA F 332 62.90 -57.97 52.28
N LEU F 333 63.06 -57.34 51.12
CA LEU F 333 61.93 -57.15 50.21
C LEU F 333 61.54 -58.46 49.54
N ALA F 334 62.45 -59.04 48.76
CA ALA F 334 62.07 -60.04 47.77
C ALA F 334 62.13 -61.47 48.30
N ARG F 335 61.57 -61.72 49.47
CA ARG F 335 61.04 -63.05 49.73
C ARG F 335 59.62 -62.99 50.28
N GLU F 336 59.36 -62.10 51.24
CA GLU F 336 58.20 -62.09 52.13
C GLU F 336 58.46 -60.91 53.06
N LEU F 337 57.51 -60.58 53.95
CA LEU F 337 57.65 -59.72 55.12
C LEU F 337 57.74 -58.23 54.79
N ASP F 338 57.86 -57.89 53.51
CA ASP F 338 57.91 -56.49 53.11
C ASP F 338 56.99 -56.10 51.97
N ILE F 339 56.25 -57.04 51.39
CA ILE F 339 55.15 -56.67 50.51
C ILE F 339 53.94 -56.25 51.32
N MET F 340 53.72 -56.88 52.47
CA MET F 340 52.52 -56.64 53.25
C MET F 340 52.69 -55.56 54.31
N GLU F 341 53.92 -55.19 54.64
CA GLU F 341 54.10 -54.15 55.65
C GLU F 341 53.66 -52.74 55.27
N PRO F 342 53.60 -52.29 53.98
CA PRO F 342 52.91 -51.02 53.77
C PRO F 342 51.42 -51.22 53.76
N LYS F 343 50.99 -52.42 53.38
CA LYS F 343 49.59 -52.67 53.06
C LYS F 343 48.71 -52.66 54.30
N VAL F 344 48.95 -53.61 55.21
CA VAL F 344 47.99 -53.90 56.29
C VAL F 344 47.78 -52.72 57.25
N PRO F 345 48.81 -51.98 57.70
CA PRO F 345 48.49 -50.74 58.42
C PRO F 345 47.78 -49.70 57.57
N ASP F 346 48.17 -49.50 56.31
CA ASP F 346 47.44 -48.56 55.48
C ASP F 346 46.08 -49.10 55.06
N ASP F 347 45.93 -50.43 55.05
CA ASP F 347 44.60 -51.02 54.91
C ASP F 347 43.72 -50.65 56.09
N ILE F 348 44.29 -50.58 57.29
CA ILE F 348 43.52 -50.06 58.42
C ILE F 348 43.30 -48.55 58.28
N TYR F 349 44.27 -47.84 57.71
CA TYR F 349 44.26 -46.38 57.75
C TYR F 349 43.30 -45.79 56.74
N LYS F 350 43.55 -46.01 55.46
CA LYS F 350 42.79 -45.31 54.44
C LYS F 350 41.38 -45.86 54.25
N THR F 351 41.12 -47.06 54.74
CA THR F 351 39.81 -47.68 54.62
C THR F 351 39.17 -47.82 55.98
N HIS F 352 37.84 -47.83 56.01
CA HIS F 352 37.08 -47.99 57.24
C HIS F 352 35.85 -48.84 56.93
N LEU F 353 35.87 -50.08 57.41
CA LEU F 353 34.75 -51.00 57.24
C LEU F 353 33.86 -50.97 58.48
N GLU F 354 32.56 -51.13 58.27
CA GLU F 354 31.56 -50.90 59.30
C GLU F 354 31.23 -52.23 60.01
N ASN F 355 30.71 -52.15 61.23
CA ASN F 355 30.27 -53.30 62.00
C ASN F 355 29.00 -53.93 61.45
N ASN F 356 28.32 -53.29 60.49
CA ASN F 356 27.03 -53.73 59.99
C ASN F 356 27.13 -54.88 58.98
N ARG F 357 28.33 -55.36 58.67
CA ARG F 357 28.45 -56.62 57.96
C ARG F 357 28.96 -57.74 58.84
N PHE F 358 29.62 -57.40 59.95
CA PHE F 358 29.78 -58.37 61.04
C PHE F 358 28.42 -58.83 61.53
N GLY F 359 27.49 -57.87 61.72
CA GLY F 359 26.19 -58.19 62.24
C GLY F 359 25.13 -58.44 61.17
N GLY F 360 24.97 -57.53 60.22
CA GLY F 360 23.86 -57.59 59.27
C GLY F 360 23.94 -58.73 58.29
N SER F 361 25.10 -58.89 57.66
CA SER F 361 25.34 -60.10 56.88
C SER F 361 25.62 -61.28 57.79
N GLY F 362 25.99 -61.03 59.04
CA GLY F 362 26.17 -62.07 60.03
C GLY F 362 24.91 -62.45 60.77
N SER F 363 23.79 -61.76 60.51
CA SER F 363 22.50 -62.12 61.08
C SER F 363 21.75 -63.17 60.28
N GLN F 364 22.37 -63.72 59.24
CA GLN F 364 21.78 -64.81 58.47
C GLN F 364 21.71 -66.05 59.36
N VAL F 365 20.51 -66.63 59.46
CA VAL F 365 20.07 -67.49 60.58
C VAL F 365 20.92 -68.74 60.79
N ASP F 366 20.90 -69.26 62.01
CA ASP F 366 21.75 -70.36 62.43
C ASP F 366 21.13 -71.68 62.00
N SER F 367 21.97 -72.52 61.38
CA SER F 367 21.65 -73.92 61.15
C SER F 367 22.90 -74.75 61.41
N ALA F 368 23.91 -74.12 62.03
CA ALA F 368 25.27 -74.62 62.25
C ALA F 368 25.99 -74.96 60.95
N ARG F 369 25.47 -74.50 59.82
CA ARG F 369 26.09 -74.63 58.51
C ARG F 369 26.35 -73.27 57.90
N MET F 370 25.36 -72.39 57.97
CA MET F 370 25.55 -71.02 57.51
C MET F 370 26.04 -70.14 58.66
N ASN F 371 26.06 -70.68 59.87
CA ASN F 371 26.83 -70.05 60.95
C ASN F 371 28.31 -70.34 60.74
N LEU F 372 28.61 -71.54 60.25
CA LEU F 372 29.96 -71.90 59.86
C LEU F 372 30.43 -71.04 58.70
N ALA F 373 29.68 -71.03 57.60
CA ALA F 373 30.05 -70.26 56.42
C ALA F 373 29.92 -68.76 56.68
N SER F 374 29.03 -68.37 57.58
CA SER F 374 28.92 -66.96 57.94
C SER F 374 30.12 -66.52 58.78
N SER F 375 30.64 -67.43 59.61
CA SER F 375 31.88 -67.16 60.31
C SER F 375 33.05 -67.15 59.34
N PHE F 376 32.90 -67.81 58.19
CA PHE F 376 33.90 -67.78 57.15
C PHE F 376 33.86 -66.45 56.38
N VAL F 377 32.65 -65.95 56.09
CA VAL F 377 32.48 -64.62 55.49
C VAL F 377 33.00 -63.54 56.43
N ASN F 378 32.71 -63.68 57.73
CA ASN F 378 33.26 -62.76 58.72
C ASN F 378 34.75 -62.96 58.88
N GLY F 379 35.25 -64.15 58.54
CA GLY F 379 36.68 -64.34 58.41
C GLY F 379 37.27 -63.54 57.27
N PHE F 380 36.49 -63.29 56.22
CA PHE F 380 36.93 -62.44 55.13
C PHE F 380 36.40 -61.00 55.25
N VAL F 381 36.41 -60.44 56.45
CA VAL F 381 36.15 -59.01 56.55
C VAL F 381 37.43 -58.22 56.29
N ASN F 382 38.59 -58.87 56.46
CA ASN F 382 39.88 -58.22 56.25
C ASN F 382 40.65 -58.86 55.11
N GLN F 387 37.55 -51.42 63.09
CA GLN F 387 38.22 -51.75 61.84
C GLN F 387 39.48 -52.54 62.13
N ASP F 388 39.32 -53.68 62.79
CA ASP F 388 40.45 -54.45 63.24
C ASP F 388 40.14 -55.93 63.10
N LYS F 389 41.00 -56.74 63.71
CA LYS F 389 40.83 -58.20 63.74
C LYS F 389 39.83 -58.56 64.85
N LEU F 390 38.59 -58.11 64.65
CA LEU F 390 37.56 -58.20 65.67
C LEU F 390 37.00 -59.62 65.76
N LEU F 391 36.95 -60.33 64.62
CA LEU F 391 36.37 -61.67 64.62
C LEU F 391 37.31 -62.69 65.24
N THR F 392 38.59 -62.34 65.37
CA THR F 392 39.54 -63.20 66.07
C THR F 392 39.17 -63.36 67.54
N ASP F 393 38.73 -62.27 68.18
CA ASP F 393 38.51 -62.27 69.61
C ASP F 393 37.04 -62.08 69.98
N ASP F 394 36.13 -62.72 69.25
CA ASP F 394 34.71 -62.64 69.62
C ASP F 394 34.33 -63.76 70.58
N GLY F 395 35.08 -63.91 71.67
CA GLY F 395 34.68 -64.78 72.75
C GLY F 395 34.79 -66.25 72.41
N ASN F 396 33.78 -67.00 72.84
CA ASN F 396 33.76 -68.45 72.72
C ASN F 396 32.39 -68.82 72.17
N LYS F 397 32.14 -70.13 72.09
CA LYS F 397 30.89 -70.80 71.72
C LYS F 397 30.45 -70.55 70.28
N TRP F 398 31.25 -69.85 69.48
CA TRP F 398 31.04 -69.83 68.04
C TRP F 398 31.69 -71.04 67.38
N LEU F 399 32.84 -71.44 67.92
CA LEU F 399 33.51 -72.63 67.47
C LEU F 399 33.07 -73.86 68.25
N TYR F 400 32.42 -73.66 69.39
CA TYR F 400 31.90 -74.79 70.17
C TYR F 400 30.64 -75.38 69.54
N LYS F 401 29.90 -74.59 68.77
CA LYS F 401 28.73 -75.12 68.08
C LYS F 401 29.11 -75.80 66.76
N ASN F 402 30.39 -75.81 66.44
CA ASN F 402 30.88 -76.17 65.12
C ASN F 402 31.27 -77.65 65.07
N LYS F 403 31.25 -78.21 63.86
CA LYS F 403 31.55 -79.61 63.63
C LYS F 403 32.93 -79.69 62.96
N ASP F 404 33.36 -80.91 62.61
CA ASP F 404 34.76 -81.28 62.49
C ASP F 404 35.50 -80.52 61.38
N HIS F 405 35.03 -80.64 60.14
CA HIS F 405 35.71 -79.93 59.07
C HIS F 405 35.33 -78.46 59.05
N GLY F 406 34.20 -78.13 59.68
CA GLY F 406 33.98 -76.75 60.05
C GLY F 406 34.85 -76.28 61.19
N MET F 407 35.36 -77.21 62.01
CA MET F 407 36.35 -76.83 63.01
C MET F 407 37.71 -76.66 62.36
N LEU F 408 37.95 -77.35 61.24
CA LEU F 408 39.04 -76.98 60.35
C LEU F 408 38.80 -75.60 59.76
N SER F 409 37.54 -75.29 59.43
CA SER F 409 37.24 -74.00 58.83
C SER F 409 37.41 -72.86 59.82
N ALA F 410 37.02 -73.07 61.08
CA ALA F 410 37.05 -72.01 62.07
C ALA F 410 38.37 -71.94 62.82
N ALA F 411 39.06 -73.07 62.94
CA ALA F 411 40.41 -73.04 63.50
C ALA F 411 41.39 -72.42 62.52
N ALA F 412 41.12 -72.52 61.21
CA ALA F 412 41.92 -71.81 60.24
C ALA F 412 41.31 -70.48 59.84
N SER F 413 40.17 -70.11 60.44
CA SER F 413 39.54 -68.84 60.13
C SER F 413 40.36 -67.67 60.64
N LEU F 414 41.10 -67.86 61.74
CA LEU F 414 41.90 -66.79 62.31
C LEU F 414 43.06 -66.39 61.41
N GLY F 415 43.67 -67.37 60.74
CA GLY F 415 44.76 -67.04 59.83
C GLY F 415 44.29 -66.32 58.58
N MET F 416 43.04 -66.56 58.19
CA MET F 416 42.49 -65.84 57.05
C MET F 416 42.10 -64.42 57.41
N ILE F 417 42.03 -64.10 58.70
CA ILE F 417 41.95 -62.72 59.15
C ILE F 417 43.35 -62.12 59.25
N LEU F 418 44.38 -62.98 59.20
CA LEU F 418 45.72 -62.64 59.64
C LEU F 418 46.78 -63.03 58.62
N LEU F 419 46.63 -62.58 57.36
CA LEU F 419 47.71 -62.79 56.39
C LEU F 419 48.84 -61.77 56.54
N TRP F 420 49.28 -61.57 57.79
CA TRP F 420 50.28 -60.64 58.30
C TRP F 420 50.39 -60.98 59.78
N ASP F 421 51.12 -60.16 60.55
CA ASP F 421 51.24 -60.23 62.01
C ASP F 421 51.87 -61.56 62.45
N VAL F 422 53.16 -61.66 62.08
CA VAL F 422 53.96 -62.87 62.28
C VAL F 422 54.04 -63.26 63.75
N ASP F 423 54.48 -62.33 64.59
CA ASP F 423 54.58 -62.61 66.01
C ASP F 423 53.20 -62.68 66.66
N GLY F 424 52.25 -61.93 66.13
CA GLY F 424 50.89 -62.00 66.63
C GLY F 424 50.16 -63.24 66.22
N GLY F 425 50.55 -63.86 65.11
CA GLY F 425 49.94 -65.11 64.71
C GLY F 425 50.26 -66.23 65.68
N LEU F 426 51.47 -66.22 66.24
CA LEU F 426 51.82 -67.21 67.24
C LEU F 426 51.04 -67.01 68.53
N THR F 427 50.87 -65.76 68.97
CA THR F 427 50.15 -65.47 70.20
C THR F 427 48.64 -65.41 70.02
N GLN F 428 48.14 -65.57 68.80
CA GLN F 428 46.71 -65.79 68.63
C GLN F 428 46.36 -67.25 68.38
N ILE F 429 47.19 -67.97 67.61
CA ILE F 429 46.92 -69.39 67.37
C ILE F 429 47.34 -70.24 68.57
N ASP F 430 48.22 -69.72 69.44
CA ASP F 430 48.78 -70.53 70.54
C ASP F 430 47.72 -70.99 71.53
N LYS F 431 46.63 -70.23 71.67
CA LYS F 431 45.51 -70.68 72.48
C LYS F 431 44.87 -71.91 71.86
N TYR F 432 44.79 -71.94 70.53
CA TYR F 432 44.20 -73.06 69.82
C TYR F 432 45.24 -74.08 69.37
N LEU F 433 46.50 -73.86 69.72
CA LEU F 433 47.50 -74.91 69.53
C LEU F 433 47.39 -75.94 70.66
N TYR F 434 47.72 -77.20 70.31
CA TYR F 434 47.78 -78.38 71.20
C TYR F 434 46.53 -78.54 72.08
N SER F 435 45.38 -78.14 71.57
CA SER F 435 44.18 -78.04 72.38
C SER F 435 43.56 -79.43 72.57
N SER F 436 42.34 -79.46 73.11
CA SER F 436 41.69 -80.72 73.41
C SER F 436 41.11 -81.40 72.17
N GLU F 437 41.05 -80.70 71.05
CA GLU F 437 40.41 -81.21 69.85
C GLU F 437 41.40 -81.31 68.71
N ASP F 438 41.23 -82.35 67.91
CA ASP F 438 42.11 -82.62 66.77
C ASP F 438 41.94 -81.58 65.66
N TYR F 439 40.72 -81.10 65.44
CA TYR F 439 40.52 -80.17 64.36
C TYR F 439 40.84 -78.73 64.76
N ILE F 440 40.81 -78.43 66.07
CA ILE F 440 41.32 -77.15 66.54
C ILE F 440 42.82 -77.06 66.33
N LYS F 441 43.57 -78.12 66.67
CA LYS F 441 45.01 -78.06 66.52
C LYS F 441 45.44 -78.24 65.06
N SER F 442 44.72 -79.06 64.29
CA SER F 442 45.11 -79.30 62.91
C SER F 442 44.72 -78.13 62.02
N GLY F 443 43.52 -77.58 62.22
CA GLY F 443 43.17 -76.33 61.58
C GLY F 443 43.95 -75.14 62.13
N ALA F 444 44.51 -75.28 63.33
CA ALA F 444 45.33 -74.22 63.89
C ALA F 444 46.70 -74.18 63.22
N LEU F 445 47.32 -75.36 63.04
CA LEU F 445 48.54 -75.43 62.24
C LEU F 445 48.27 -75.10 60.78
N LEU F 446 47.05 -75.38 60.31
CA LEU F 446 46.63 -74.91 58.99
C LEU F 446 46.64 -73.39 58.91
N ALA F 447 46.13 -72.72 59.95
CA ALA F 447 46.18 -71.27 60.01
C ALA F 447 47.61 -70.76 60.10
N CYS F 448 48.48 -71.51 60.79
CA CYS F 448 49.90 -71.22 60.79
C CYS F 448 50.50 -71.34 59.40
N GLY F 449 49.96 -72.23 58.56
CA GLY F 449 50.33 -72.22 57.16
C GLY F 449 49.70 -71.09 56.39
N ILE F 450 48.58 -70.53 56.87
CA ILE F 450 47.91 -69.46 56.14
C ILE F 450 48.63 -68.13 56.35
N VAL F 451 49.04 -67.85 57.59
CA VAL F 451 49.38 -66.49 58.03
C VAL F 451 50.56 -65.89 57.27
N ASN F 452 51.55 -66.69 56.88
CA ASN F 452 52.81 -66.15 56.41
C ASN F 452 53.41 -67.07 55.35
N SER F 453 54.54 -66.63 54.81
CA SER F 453 55.32 -67.45 53.89
C SER F 453 56.83 -67.29 54.10
N GLY F 454 57.27 -66.67 55.19
CA GLY F 454 58.68 -66.42 55.40
C GLY F 454 59.17 -66.64 56.82
N VAL F 455 58.63 -67.65 57.50
CA VAL F 455 58.93 -67.83 58.93
C VAL F 455 59.79 -69.07 59.14
N ARG F 456 59.35 -70.22 58.59
CA ARG F 456 59.84 -71.59 58.79
C ARG F 456 60.12 -71.95 60.26
N ASN F 457 59.37 -71.35 61.18
CA ASN F 457 59.38 -71.73 62.59
C ASN F 457 58.06 -72.36 63.02
N GLU F 458 57.05 -72.35 62.14
CA GLU F 458 55.87 -73.16 62.34
C GLU F 458 55.99 -74.52 61.67
N CYS F 459 57.16 -74.83 61.13
CA CYS F 459 57.43 -76.15 60.57
C CYS F 459 57.47 -77.19 61.67
N ASP F 460 58.38 -77.03 62.63
CA ASP F 460 58.60 -78.04 63.67
C ASP F 460 57.48 -78.43 64.65
N PRO F 461 56.46 -77.62 64.98
CA PRO F 461 55.43 -78.19 65.87
C PRO F 461 54.54 -79.19 65.18
N ALA F 462 54.50 -79.20 63.84
CA ALA F 462 53.68 -80.15 63.10
C ALA F 462 54.51 -81.18 62.35
N LEU F 463 55.68 -80.78 61.86
CA LEU F 463 56.45 -81.58 60.91
C LEU F 463 56.99 -82.84 61.58
N ALA F 464 57.28 -82.75 62.87
CA ALA F 464 57.72 -83.93 63.61
C ALA F 464 56.54 -84.82 63.98
N LEU F 465 55.35 -84.24 64.09
CA LEU F 465 54.20 -85.03 64.52
C LEU F 465 53.67 -85.94 63.43
N LEU F 466 53.85 -85.54 62.15
CA LEU F 466 53.18 -86.04 60.96
C LEU F 466 53.00 -87.56 60.84
N SER F 467 54.01 -88.32 61.26
CA SER F 467 54.03 -89.76 61.03
C SER F 467 53.01 -90.47 61.89
N ASP F 468 52.02 -91.10 61.24
CA ASP F 468 50.94 -91.78 61.94
C ASP F 468 50.69 -93.20 61.46
N TYR F 469 51.00 -93.50 60.20
CA TYR F 469 50.97 -94.79 59.50
C TYR F 469 49.59 -95.32 59.17
N VAL F 470 48.52 -94.82 59.81
CA VAL F 470 47.22 -94.96 59.19
C VAL F 470 46.33 -93.71 59.35
N LEU F 471 45.81 -93.46 60.55
CA LEU F 471 44.62 -92.62 60.68
C LEU F 471 44.63 -91.82 61.98
N HIS F 472 45.76 -91.22 62.34
CA HIS F 472 45.83 -90.56 63.63
C HIS F 472 45.70 -89.04 63.43
N ASN F 473 45.75 -88.31 64.54
CA ASN F 473 45.55 -86.85 64.60
C ASN F 473 46.49 -86.11 63.65
N SER F 474 47.78 -86.44 63.68
CA SER F 474 48.77 -85.68 62.94
C SER F 474 48.66 -85.85 61.43
N ASN F 475 47.91 -86.87 60.97
CA ASN F 475 47.52 -86.92 59.56
C ASN F 475 46.65 -85.74 59.19
N THR F 476 45.67 -85.41 60.02
CA THR F 476 44.83 -84.24 59.80
C THR F 476 45.65 -82.94 59.89
N MET F 477 46.66 -82.93 60.77
CA MET F 477 47.63 -81.85 60.78
C MET F 477 48.51 -81.87 59.54
N ARG F 478 48.79 -83.07 59.02
CA ARG F 478 49.30 -83.26 57.67
C ARG F 478 48.34 -82.69 56.63
N LEU F 479 47.03 -82.73 56.90
CA LEU F 479 46.09 -81.97 56.09
C LEU F 479 46.36 -80.48 56.19
N GLY F 480 46.68 -79.99 57.39
CA GLY F 480 46.83 -78.55 57.57
C GLY F 480 48.19 -77.99 57.23
N SER F 481 49.26 -78.68 57.61
CA SER F 481 50.58 -78.08 57.55
C SER F 481 51.34 -78.34 56.27
N ILE F 482 51.14 -79.53 55.67
CA ILE F 482 51.81 -79.87 54.42
C ILE F 482 51.36 -78.94 53.30
N PHE F 483 50.05 -78.71 53.21
CA PHE F 483 49.56 -77.68 52.30
C PHE F 483 50.00 -76.30 52.74
N GLY F 484 49.93 -76.05 54.05
CA GLY F 484 50.35 -74.77 54.60
C GLY F 484 51.81 -74.45 54.38
N LEU F 485 52.69 -75.44 54.54
CA LEU F 485 54.08 -75.28 54.13
C LEU F 485 54.19 -75.13 52.62
N GLY F 486 53.31 -75.81 51.87
CA GLY F 486 53.15 -75.50 50.46
C GLY F 486 52.65 -74.09 50.25
N LEU F 487 51.82 -73.59 51.18
CA LEU F 487 51.50 -72.17 51.21
C LEU F 487 52.71 -71.34 51.60
N ALA F 488 53.58 -71.88 52.46
CA ALA F 488 54.64 -71.07 53.02
C ALA F 488 55.85 -71.01 52.09
N TYR F 489 56.32 -72.15 51.60
CA TYR F 489 57.56 -72.17 50.85
C TYR F 489 57.39 -72.97 49.57
N ALA F 490 58.23 -72.63 48.59
CA ALA F 490 58.36 -73.35 47.33
C ALA F 490 59.75 -73.01 46.80
N GLY F 491 60.63 -74.00 46.78
CA GLY F 491 61.98 -73.78 46.31
C GLY F 491 62.10 -73.94 44.80
N SER F 492 63.35 -74.10 44.36
CA SER F 492 63.58 -74.62 43.02
C SER F 492 63.04 -76.05 42.91
N ASN F 493 63.50 -76.93 43.81
CA ASN F 493 62.79 -78.16 44.14
C ASN F 493 63.09 -78.47 45.61
N ARG F 494 62.24 -77.99 46.51
CA ARG F 494 62.50 -78.17 47.93
C ARG F 494 62.16 -79.59 48.35
N GLU F 495 63.09 -80.25 49.05
CA GLU F 495 63.09 -81.70 49.09
C GLU F 495 62.92 -82.33 50.45
N ASP F 496 63.23 -81.62 51.56
CA ASP F 496 63.07 -82.24 52.88
C ASP F 496 61.59 -82.47 53.19
N VAL F 497 60.74 -81.52 52.78
CA VAL F 497 59.31 -81.67 52.89
C VAL F 497 58.82 -82.81 52.00
N LEU F 498 59.49 -83.06 50.88
CA LEU F 498 59.09 -84.14 49.99
C LEU F 498 59.57 -85.49 50.51
N THR F 499 60.74 -85.52 51.17
CA THR F 499 61.13 -86.74 51.86
C THR F 499 60.24 -86.99 53.06
N LEU F 500 59.61 -85.94 53.61
CA LEU F 500 58.47 -86.18 54.49
C LEU F 500 57.26 -86.68 53.71
N LEU F 501 57.09 -86.25 52.46
CA LEU F 501 55.94 -86.64 51.65
C LEU F 501 56.00 -88.06 51.14
N LEU F 502 57.16 -88.70 51.18
CA LEU F 502 57.23 -90.07 50.71
C LEU F 502 56.57 -91.05 51.70
N PRO F 503 56.65 -90.88 53.03
CA PRO F 503 55.71 -91.61 53.89
C PRO F 503 54.33 -90.98 53.99
N VAL F 504 54.09 -89.82 53.39
CA VAL F 504 52.74 -89.29 53.34
C VAL F 504 51.94 -90.03 52.27
N MET F 505 52.47 -90.09 51.06
CA MET F 505 51.87 -90.93 50.03
C MET F 505 52.09 -92.41 50.35
N GLY F 506 53.19 -92.73 51.06
CA GLY F 506 53.36 -94.07 51.60
C GLY F 506 52.39 -94.41 52.71
N ASP F 507 51.84 -93.42 53.39
CA ASP F 507 50.74 -93.68 54.31
C ASP F 507 49.49 -94.12 53.54
N SER F 508 49.04 -93.26 52.62
CA SER F 508 47.84 -93.43 51.81
C SER F 508 46.60 -93.68 52.69
N LYS F 509 46.32 -92.66 53.50
CA LYS F 509 45.16 -92.68 54.37
C LYS F 509 43.88 -92.67 53.54
N SER F 510 42.84 -93.33 54.07
CA SER F 510 41.55 -93.37 53.40
C SER F 510 40.88 -92.01 53.36
N SER F 511 41.29 -91.09 54.23
CA SER F 511 40.96 -89.69 54.08
C SER F 511 41.57 -89.17 52.79
N MET F 512 40.73 -88.51 51.98
CA MET F 512 41.13 -88.10 50.64
C MET F 512 42.22 -87.03 50.69
N GLU F 513 42.07 -86.06 51.58
CA GLU F 513 42.92 -84.86 51.60
C GLU F 513 44.35 -85.12 52.02
N VAL F 514 44.72 -86.34 52.42
CA VAL F 514 46.13 -86.66 52.61
C VAL F 514 46.84 -86.63 51.27
N ALA F 515 46.41 -87.46 50.33
CA ALA F 515 46.98 -87.43 48.99
C ALA F 515 46.56 -86.17 48.23
N GLY F 516 45.41 -85.60 48.60
CA GLY F 516 45.00 -84.30 48.10
C GLY F 516 46.03 -83.22 48.35
N VAL F 517 46.33 -82.92 49.62
CA VAL F 517 47.35 -81.89 49.90
C VAL F 517 48.75 -82.38 49.65
N THR F 518 48.95 -83.68 49.46
CA THR F 518 50.22 -84.18 48.96
C THR F 518 50.48 -83.66 47.56
N ALA F 519 49.59 -84.00 46.63
CA ALA F 519 49.73 -83.60 45.24
C ALA F 519 49.65 -82.08 45.10
N LEU F 520 48.71 -81.46 45.81
CA LEU F 520 48.54 -80.02 45.69
C LEU F 520 49.70 -79.26 46.33
N ALA F 521 50.20 -79.73 47.47
CA ALA F 521 51.28 -79.03 48.16
C ALA F 521 52.60 -79.17 47.42
N CYS F 522 52.93 -80.40 47.00
CA CYS F 522 54.14 -80.59 46.21
C CYS F 522 54.00 -79.98 44.83
N GLY F 523 52.77 -79.81 44.36
CA GLY F 523 52.56 -79.06 43.13
C GLY F 523 52.78 -77.58 43.33
N MET F 524 52.41 -77.05 44.49
CA MET F 524 52.72 -75.66 44.81
C MET F 524 54.22 -75.44 44.95
N ILE F 525 54.94 -76.47 45.40
CA ILE F 525 56.39 -76.43 45.31
C ILE F 525 56.83 -76.61 43.85
N ALA F 526 56.00 -77.27 43.05
CA ALA F 526 56.40 -77.86 41.78
C ALA F 526 55.83 -77.14 40.57
N VAL F 527 54.96 -76.14 40.75
CA VAL F 527 54.61 -75.27 39.64
C VAL F 527 55.80 -74.40 39.28
N GLY F 528 55.79 -73.88 38.06
CA GLY F 528 56.87 -73.02 37.61
C GLY F 528 58.19 -73.72 37.41
N SER F 529 58.19 -75.04 37.28
CA SER F 529 59.42 -75.79 37.20
C SER F 529 60.10 -75.60 35.84
N CYS F 530 61.31 -76.14 35.72
CA CYS F 530 62.05 -76.03 34.47
C CYS F 530 61.45 -76.99 33.44
N ASN F 531 60.40 -76.53 32.76
CA ASN F 531 59.58 -77.33 31.83
C ASN F 531 59.00 -78.56 32.51
N GLY F 532 58.64 -78.42 33.79
CA GLY F 532 58.24 -79.55 34.59
C GLY F 532 59.38 -80.54 34.78
N ASP F 533 58.98 -81.73 35.23
CA ASP F 533 59.86 -82.87 35.39
C ASP F 533 58.99 -84.11 35.56
N VAL F 534 59.53 -85.26 35.20
CA VAL F 534 58.80 -86.51 35.37
C VAL F 534 59.58 -87.26 36.44
N THR F 535 60.11 -86.51 37.39
CA THR F 535 60.89 -87.06 38.50
C THR F 535 60.06 -88.01 39.34
N SER F 536 60.76 -88.83 40.12
CA SER F 536 60.16 -89.96 40.84
C SER F 536 59.24 -89.53 41.98
N THR F 537 59.14 -88.25 42.27
CA THR F 537 58.18 -87.72 43.21
C THR F 537 56.77 -87.92 42.67
N ILE F 538 56.51 -87.24 41.55
CA ILE F 538 55.20 -87.37 40.93
C ILE F 538 55.09 -88.64 40.12
N LEU F 539 56.20 -89.21 39.65
CA LEU F 539 56.16 -90.53 39.05
C LEU F 539 55.81 -91.57 40.11
N GLN F 540 56.30 -91.35 41.33
CA GLN F 540 55.94 -92.18 42.46
C GLN F 540 54.46 -92.08 42.78
N THR F 541 53.90 -90.87 42.73
CA THR F 541 52.45 -90.85 42.94
C THR F 541 51.67 -91.24 41.68
N ILE F 542 52.31 -91.38 40.51
CA ILE F 542 51.64 -92.02 39.38
C ILE F 542 51.50 -93.51 39.64
N MET F 543 52.61 -94.17 39.97
CA MET F 543 52.59 -95.61 40.17
C MET F 543 51.80 -95.98 41.41
N GLU F 544 52.02 -95.27 42.51
CA GLU F 544 51.25 -95.48 43.73
C GLU F 544 49.84 -94.93 43.61
N LYS F 545 49.58 -94.03 42.65
CA LYS F 545 48.21 -93.72 42.28
C LYS F 545 47.54 -94.93 41.62
N SER F 546 48.22 -95.54 40.65
CA SER F 546 47.70 -96.70 39.94
C SER F 546 47.77 -97.98 40.76
N GLU F 547 48.29 -97.90 41.99
CA GLU F 547 48.31 -99.03 42.91
C GLU F 547 46.88 -99.47 43.26
N THR F 548 46.08 -98.54 43.77
CA THR F 548 44.71 -98.84 44.18
C THR F 548 43.75 -97.96 43.40
N GLU F 549 42.69 -98.57 42.87
CA GLU F 549 41.65 -97.84 42.14
C GLU F 549 40.41 -97.76 43.03
N LEU F 550 40.49 -96.92 44.06
CA LEU F 550 39.37 -96.69 44.96
C LEU F 550 39.27 -95.20 45.25
N LYS F 551 38.03 -94.72 45.48
CA LYS F 551 37.72 -93.34 45.86
C LYS F 551 38.25 -92.36 44.81
N ASP F 552 37.52 -92.34 43.68
CA ASP F 552 37.95 -91.70 42.43
C ASP F 552 38.27 -90.21 42.54
N THR F 553 37.99 -89.58 43.68
CA THR F 553 38.56 -88.29 44.01
C THR F 553 40.08 -88.35 44.05
N TYR F 554 40.65 -89.48 44.50
CA TYR F 554 42.09 -89.71 44.33
C TYR F 554 42.49 -89.68 42.86
N ALA F 555 41.73 -90.38 41.99
CA ALA F 555 41.92 -90.34 40.54
C ALA F 555 41.60 -88.96 39.94
N ARG F 556 41.01 -88.05 40.72
CA ARG F 556 40.79 -86.68 40.30
C ARG F 556 41.79 -85.70 40.89
N TRP F 557 42.03 -85.74 42.20
CA TRP F 557 42.88 -84.76 42.86
C TRP F 557 44.34 -85.14 42.87
N LEU F 558 44.70 -86.33 42.44
CA LEU F 558 46.12 -86.55 42.18
C LEU F 558 46.57 -85.97 40.83
N PRO F 559 45.82 -86.08 39.71
CA PRO F 559 46.24 -85.35 38.49
C PRO F 559 46.13 -83.85 38.60
N LEU F 560 45.44 -83.35 39.63
CA LEU F 560 45.60 -81.98 40.08
C LEU F 560 47.07 -81.62 40.27
N GLY F 561 47.72 -82.27 41.24
CA GLY F 561 49.10 -81.93 41.54
C GLY F 561 50.09 -82.43 40.51
N LEU F 562 49.72 -83.50 39.79
CA LEU F 562 50.50 -83.92 38.63
C LEU F 562 50.56 -82.82 37.59
N GLY F 563 49.39 -82.30 37.19
CA GLY F 563 49.32 -81.17 36.29
C GLY F 563 49.93 -79.90 36.85
N LEU F 564 49.98 -79.78 38.18
CA LEU F 564 50.74 -78.69 38.78
C LEU F 564 52.24 -78.85 38.56
N ASN F 565 52.73 -80.09 38.62
CA ASN F 565 54.15 -80.29 38.32
C ASN F 565 54.41 -80.23 36.82
N HIS F 566 53.37 -80.32 36.00
CA HIS F 566 53.57 -80.04 34.58
C HIS F 566 53.66 -78.55 34.29
N LEU F 567 53.32 -77.70 35.25
CA LEU F 567 53.37 -76.27 35.05
C LEU F 567 54.81 -75.78 35.14
N GLY F 568 55.09 -74.66 34.47
CA GLY F 568 56.44 -74.26 34.16
C GLY F 568 56.91 -74.72 32.80
N LYS F 569 56.06 -75.46 32.10
CA LYS F 569 56.31 -75.97 30.76
C LYS F 569 56.51 -74.84 29.75
N GLY F 570 57.33 -75.13 28.74
CA GLY F 570 57.23 -74.40 27.50
C GLY F 570 56.94 -75.34 26.36
N GLU F 571 57.49 -76.56 26.44
CA GLU F 571 57.47 -77.46 25.31
C GLU F 571 57.18 -78.90 25.70
N ALA F 572 56.41 -79.11 26.77
CA ALA F 572 56.41 -80.37 27.50
C ALA F 572 55.87 -81.53 26.68
N ILE F 573 56.69 -82.57 26.58
CA ILE F 573 56.33 -83.82 25.89
C ILE F 573 55.98 -84.78 27.02
N GLU F 574 55.87 -84.22 28.23
CA GLU F 574 55.37 -84.94 29.40
C GLU F 574 53.95 -85.45 29.22
N ALA F 575 53.16 -84.76 28.38
CA ALA F 575 51.85 -85.28 28.00
C ALA F 575 51.97 -86.56 27.20
N ILE F 576 53.04 -86.68 26.40
CA ILE F 576 53.26 -87.93 25.67
C ILE F 576 53.83 -88.98 26.61
N LEU F 577 54.64 -88.58 27.60
CA LEU F 577 55.24 -89.54 28.52
C LEU F 577 54.20 -90.14 29.46
N ALA F 578 53.36 -89.30 30.05
CA ALA F 578 52.21 -89.79 30.81
C ALA F 578 51.16 -90.41 29.89
N ALA F 579 51.14 -90.04 28.61
CA ALA F 579 50.25 -90.69 27.66
C ALA F 579 50.74 -92.10 27.33
N LEU F 580 52.01 -92.39 27.58
CA LEU F 580 52.48 -93.75 27.45
C LEU F 580 52.31 -94.52 28.76
N GLU F 581 52.59 -93.85 29.88
CA GLU F 581 52.62 -94.55 31.16
C GLU F 581 51.22 -94.82 31.70
N VAL F 582 50.36 -93.82 31.66
CA VAL F 582 49.24 -93.72 32.57
C VAL F 582 47.97 -94.33 31.99
N VAL F 583 47.76 -94.16 30.67
CA VAL F 583 46.43 -94.17 30.08
C VAL F 583 45.76 -95.54 30.19
N SER F 584 44.46 -95.51 30.46
CA SER F 584 43.63 -96.69 30.69
C SER F 584 42.19 -96.23 30.59
N GLU F 585 41.28 -97.01 31.17
CA GLU F 585 39.92 -96.65 31.58
C GLU F 585 39.86 -95.23 32.15
N PRO F 586 38.75 -94.46 31.91
CA PRO F 586 38.81 -92.98 32.00
C PRO F 586 39.12 -92.34 33.34
N PHE F 587 39.48 -93.11 34.36
CA PHE F 587 40.13 -92.54 35.52
C PHE F 587 41.49 -91.99 35.13
N ARG F 588 42.29 -92.82 34.46
CA ARG F 588 43.63 -92.44 34.03
C ARG F 588 43.66 -91.82 32.62
N SER F 589 42.62 -92.05 31.81
CA SER F 589 42.41 -91.18 30.65
C SER F 589 41.86 -89.84 31.06
N PHE F 590 41.22 -89.78 32.24
CA PHE F 590 40.91 -88.49 32.83
C PHE F 590 42.15 -87.85 33.42
N ALA F 591 43.10 -88.66 33.87
CA ALA F 591 44.42 -88.10 34.15
C ALA F 591 45.08 -87.59 32.86
N ASN F 592 44.86 -88.31 31.75
CA ASN F 592 45.37 -87.88 30.45
C ASN F 592 44.75 -86.56 30.03
N THR F 593 43.45 -86.37 30.29
CA THR F 593 42.87 -85.08 29.94
C THR F 593 43.27 -84.00 30.96
N LEU F 594 43.66 -84.37 32.17
CA LEU F 594 44.16 -83.37 33.12
C LEU F 594 45.54 -82.86 32.73
N VAL F 595 46.44 -83.76 32.31
CA VAL F 595 47.73 -83.33 31.80
C VAL F 595 47.57 -82.60 30.48
N ASP F 596 46.58 -83.02 29.68
CA ASP F 596 46.19 -82.30 28.47
C ASP F 596 45.77 -80.87 28.79
N VAL F 597 45.13 -80.65 29.94
CA VAL F 597 44.81 -79.28 30.36
C VAL F 597 46.06 -78.54 30.81
N CYS F 598 46.76 -79.07 31.81
CA CYS F 598 47.67 -78.24 32.59
C CYS F 598 49.00 -77.99 31.90
N ALA F 599 49.28 -78.70 30.80
CA ALA F 599 50.54 -78.51 30.10
C ALA F 599 50.40 -77.66 28.85
N TYR F 600 49.21 -77.13 28.58
CA TYR F 600 48.89 -76.46 27.31
C TYR F 600 48.28 -75.08 27.59
N ALA F 601 49.01 -74.26 28.36
CA ALA F 601 48.47 -73.05 28.99
C ALA F 601 47.86 -72.05 27.99
N GLY F 602 48.47 -71.88 26.83
CA GLY F 602 47.83 -71.02 25.84
C GLY F 602 48.72 -70.18 24.96
N SER F 603 48.43 -70.22 23.66
CA SER F 603 49.15 -69.49 22.61
C SER F 603 48.23 -69.41 21.41
N GLY F 604 48.79 -69.15 20.23
CA GLY F 604 48.02 -69.35 19.03
C GLY F 604 48.17 -70.80 18.59
N ASN F 605 47.24 -71.63 19.05
CA ASN F 605 47.39 -73.07 19.03
C ASN F 605 46.04 -73.74 18.72
N VAL F 606 45.41 -73.29 17.63
CA VAL F 606 44.06 -73.67 17.23
C VAL F 606 43.88 -75.16 16.98
N LEU F 607 44.97 -75.87 16.67
CA LEU F 607 44.89 -77.28 16.28
C LEU F 607 44.43 -78.16 17.44
N LYS F 608 44.78 -77.80 18.67
CA LYS F 608 44.20 -78.50 19.81
C LYS F 608 42.93 -77.84 20.31
N VAL F 609 42.66 -76.61 19.87
CA VAL F 609 41.38 -76.01 20.12
C VAL F 609 40.28 -76.70 19.33
N GLN F 610 40.52 -77.00 18.06
CA GLN F 610 39.55 -77.77 17.29
C GLN F 610 39.48 -79.22 17.76
N GLN F 611 40.59 -79.75 18.27
CA GLN F 611 40.55 -81.00 19.03
C GLN F 611 39.69 -80.83 20.27
N LEU F 612 39.79 -79.66 20.92
CA LEU F 612 38.84 -79.26 21.96
C LEU F 612 37.40 -79.31 21.46
N LEU F 613 37.18 -78.98 20.18
CA LEU F 613 35.85 -79.13 19.60
C LEU F 613 35.44 -80.59 19.50
N HIS F 614 36.40 -81.47 19.20
CA HIS F 614 36.04 -82.83 18.86
C HIS F 614 35.75 -83.66 20.11
N ILE F 615 36.70 -83.69 21.04
CA ILE F 615 36.56 -84.50 22.26
C ILE F 615 35.62 -83.84 23.26
N CYS F 616 35.06 -82.67 22.93
CA CYS F 616 33.89 -82.18 23.63
C CYS F 616 32.70 -83.12 23.46
N SER F 617 32.61 -83.82 22.32
CA SER F 617 31.50 -84.73 22.06
C SER F 617 31.74 -86.13 22.61
N GLU F 618 32.64 -86.28 23.57
CA GLU F 618 32.95 -87.59 24.12
C GLU F 618 31.84 -88.04 25.07
N HIS F 619 31.62 -89.36 25.14
CA HIS F 619 30.57 -89.90 25.99
C HIS F 619 30.87 -89.76 27.48
N PHE F 620 32.15 -89.83 27.86
CA PHE F 620 32.52 -89.68 29.26
C PHE F 620 32.43 -88.20 29.64
N ASP F 621 31.55 -87.88 30.59
CA ASP F 621 31.11 -86.51 30.80
C ASP F 621 31.93 -85.77 31.85
N SER F 622 32.96 -86.41 32.39
CA SER F 622 33.83 -85.72 33.34
C SER F 622 35.11 -85.21 32.70
N LYS F 623 35.62 -85.89 31.67
CA LYS F 623 36.75 -85.34 30.93
C LYS F 623 36.32 -84.13 30.11
N GLU F 624 35.02 -84.04 29.78
CA GLU F 624 34.47 -82.81 29.22
C GLU F 624 34.65 -81.64 30.17
N LYS F 625 34.55 -81.89 31.49
CA LYS F 625 34.50 -80.81 32.47
C LYS F 625 35.83 -80.08 32.56
N GLU F 626 36.92 -80.82 32.78
CA GLU F 626 38.22 -80.19 32.83
C GLU F 626 38.72 -79.83 31.44
N GLU F 627 38.47 -80.72 30.45
CA GLU F 627 38.99 -80.52 29.10
C GLU F 627 38.41 -79.25 28.47
N ASP F 628 37.14 -78.98 28.70
CA ASP F 628 36.56 -77.73 28.25
C ASP F 628 36.78 -76.59 29.23
N LYS F 629 37.05 -76.92 30.51
CA LYS F 629 37.40 -75.93 31.51
C LYS F 629 38.76 -75.28 31.23
N ASP F 630 39.58 -75.88 30.37
CA ASP F 630 40.84 -75.30 29.88
C ASP F 630 40.65 -73.96 29.16
N LYS F 631 39.42 -73.55 28.83
CA LYS F 631 39.15 -72.38 27.99
C LYS F 631 39.67 -71.09 28.60
N LYS F 632 39.31 -70.82 29.86
CA LYS F 632 39.68 -69.56 30.49
C LYS F 632 41.18 -69.48 30.76
N GLU F 633 41.88 -70.61 30.80
CA GLU F 633 43.33 -70.58 30.84
C GLU F 633 43.91 -70.29 29.46
N LYS F 634 43.32 -70.87 28.42
CA LYS F 634 43.86 -70.67 27.06
C LYS F 634 43.62 -69.25 26.57
N LYS F 635 42.37 -68.83 26.49
CA LYS F 635 41.99 -67.58 25.82
C LYS F 635 41.67 -66.46 26.79
N ASP F 636 42.48 -66.33 27.84
CA ASP F 636 42.29 -65.26 28.82
C ASP F 636 42.64 -63.87 28.28
N LYS F 637 43.30 -63.75 27.13
CA LYS F 637 43.68 -62.43 26.66
C LYS F 637 42.84 -61.95 25.48
N ASP F 638 42.68 -62.80 24.45
CA ASP F 638 41.74 -62.52 23.37
C ASP F 638 40.34 -63.00 23.80
N LYS F 639 39.81 -62.31 24.79
CA LYS F 639 38.61 -62.69 25.54
C LYS F 639 37.32 -62.46 24.78
N LYS F 640 37.38 -61.92 23.57
CA LYS F 640 36.17 -61.75 22.75
C LYS F 640 35.62 -63.09 22.30
N GLU F 641 36.48 -64.07 22.05
CA GLU F 641 36.06 -65.40 21.66
C GLU F 641 35.56 -66.21 22.86
N ALA F 642 35.89 -65.79 24.08
CA ALA F 642 35.49 -66.53 25.27
C ALA F 642 33.98 -66.63 25.51
N PRO F 643 33.13 -65.69 25.11
CA PRO F 643 31.71 -66.05 24.96
C PRO F 643 31.51 -67.04 23.82
N ALA F 644 31.01 -68.22 24.17
CA ALA F 644 30.69 -69.26 23.22
C ALA F 644 29.29 -69.78 23.52
N ASP F 645 28.93 -70.89 22.88
CA ASP F 645 27.59 -71.46 23.02
C ASP F 645 27.56 -72.58 24.06
N MET F 646 28.38 -72.47 25.11
CA MET F 646 28.41 -73.51 26.11
C MET F 646 27.16 -73.52 26.97
N GLY F 647 26.54 -72.36 27.17
CA GLY F 647 25.20 -72.35 27.72
C GLY F 647 24.19 -72.95 26.77
N ALA F 648 24.41 -72.78 25.47
CA ALA F 648 23.51 -73.33 24.45
C ALA F 648 23.67 -74.82 24.26
N HIS F 649 24.62 -75.46 24.93
CA HIS F 649 24.71 -76.90 24.92
C HIS F 649 23.85 -77.48 26.04
N GLN F 650 23.79 -78.81 26.10
CA GLN F 650 22.85 -79.48 26.98
C GLN F 650 23.50 -80.39 28.00
N GLY F 651 24.80 -80.62 27.92
CA GLY F 651 25.49 -81.46 28.89
C GLY F 651 25.78 -80.72 30.17
N VAL F 652 24.77 -80.60 31.04
CA VAL F 652 24.55 -79.57 32.07
C VAL F 652 25.80 -79.07 32.79
N ALA F 653 26.80 -79.95 32.95
CA ALA F 653 28.10 -79.53 33.46
C ALA F 653 28.82 -78.59 32.50
N VAL F 654 28.45 -78.56 31.22
CA VAL F 654 29.05 -77.63 30.27
C VAL F 654 28.66 -76.19 30.60
N LEU F 655 27.43 -75.98 31.04
CA LEU F 655 27.02 -74.69 31.57
C LEU F 655 27.82 -74.34 32.82
N GLY F 656 28.17 -75.36 33.61
CA GLY F 656 29.12 -75.16 34.69
C GLY F 656 30.50 -74.78 34.18
N ILE F 657 30.89 -75.29 33.01
CA ILE F 657 32.24 -75.04 32.49
C ILE F 657 32.40 -73.58 32.08
N ALA F 658 31.43 -73.06 31.32
CA ALA F 658 31.45 -71.63 31.02
C ALA F 658 31.28 -70.81 32.29
N LEU F 659 30.50 -71.34 33.24
CA LEU F 659 30.27 -70.72 34.53
C LEU F 659 31.56 -70.64 35.35
N ILE F 660 32.51 -71.52 35.08
CA ILE F 660 33.88 -71.32 35.54
C ILE F 660 34.57 -70.29 34.67
N ALA F 661 34.31 -70.33 33.36
CA ALA F 661 35.14 -69.61 32.40
C ALA F 661 34.93 -68.11 32.43
N MET F 662 33.92 -67.62 33.14
CA MET F 662 33.87 -66.18 33.42
C MET F 662 35.08 -65.72 34.21
N GLY F 663 35.20 -66.14 35.47
CA GLY F 663 36.40 -65.85 36.23
C GLY F 663 36.16 -64.84 37.34
N GLU F 664 37.21 -64.08 37.67
CA GLU F 664 37.22 -63.17 38.80
C GLU F 664 37.58 -61.74 38.44
N GLU F 665 37.68 -61.42 37.15
CA GLU F 665 38.23 -60.15 36.68
C GLU F 665 37.26 -59.00 36.80
N ILE F 666 37.46 -57.95 36.01
CA ILE F 666 36.67 -56.72 36.11
C ILE F 666 35.16 -56.92 35.90
N GLY F 667 34.73 -58.04 35.29
CA GLY F 667 33.32 -58.36 35.25
C GLY F 667 32.47 -57.53 34.31
N ALA F 668 32.64 -57.74 33.01
CA ALA F 668 31.99 -56.92 31.99
C ALA F 668 30.49 -57.22 31.92
N GLU F 669 29.82 -56.55 30.97
CA GLU F 669 28.36 -56.56 30.92
C GLU F 669 27.81 -57.83 30.30
N MET F 670 28.53 -58.47 29.39
CA MET F 670 28.06 -59.71 28.81
C MET F 670 28.23 -60.86 29.79
N ALA F 671 29.19 -60.71 30.71
CA ALA F 671 29.38 -61.68 31.77
C ALA F 671 28.16 -61.76 32.67
N LEU F 672 27.75 -60.62 33.23
CA LEU F 672 26.55 -60.59 34.05
C LEU F 672 25.29 -60.83 33.23
N ARG F 673 25.35 -60.53 31.92
CA ARG F 673 24.23 -60.88 31.04
C ARG F 673 24.10 -62.39 30.92
N THR F 674 25.22 -63.11 30.92
CA THR F 674 25.15 -64.56 31.02
C THR F 674 24.81 -65.01 32.44
N PHE F 675 25.10 -64.18 33.44
CA PHE F 675 24.70 -64.52 34.80
C PHE F 675 23.23 -64.27 35.06
N GLY F 676 22.52 -63.60 34.15
CA GLY F 676 21.07 -63.54 34.27
C GLY F 676 20.45 -64.91 34.09
N HIS F 677 20.79 -65.58 32.99
CA HIS F 677 20.26 -66.90 32.72
C HIS F 677 20.93 -67.95 33.59
N LEU F 678 22.26 -67.86 33.73
CA LEU F 678 22.99 -68.82 34.55
C LEU F 678 22.68 -68.64 36.03
N LEU F 679 22.21 -67.46 36.42
CA LEU F 679 21.72 -67.26 37.77
C LEU F 679 20.51 -68.13 38.05
N ARG F 680 19.67 -68.35 37.04
CA ARG F 680 18.42 -69.07 37.21
C ARG F 680 18.59 -70.49 36.67
N TYR F 681 18.87 -71.43 37.57
CA TYR F 681 18.86 -72.84 37.23
C TYR F 681 18.52 -73.62 38.50
N GLY F 682 17.97 -74.83 38.31
CA GLY F 682 17.35 -75.56 39.41
C GLY F 682 18.23 -76.53 40.19
N GLU F 683 19.23 -77.12 39.56
CA GLU F 683 20.06 -78.09 40.27
C GLU F 683 20.99 -77.36 41.24
N PRO F 684 21.01 -77.74 42.53
CA PRO F 684 21.78 -76.96 43.50
C PRO F 684 23.28 -77.11 43.35
N THR F 685 23.75 -78.03 42.52
CA THR F 685 25.17 -78.07 42.17
C THR F 685 25.53 -76.98 41.18
N LEU F 686 24.71 -76.77 40.15
CA LEU F 686 24.95 -75.73 39.18
C LEU F 686 24.51 -74.37 39.71
N ARG F 687 23.38 -74.35 40.43
CA ARG F 687 22.97 -73.14 41.13
C ARG F 687 23.93 -72.81 42.27
N ARG F 688 24.61 -73.82 42.81
CA ARG F 688 25.71 -73.57 43.72
C ARG F 688 26.97 -73.16 42.97
N ALA F 689 27.04 -73.48 41.68
CA ALA F 689 28.22 -73.11 40.90
C ALA F 689 28.14 -71.69 40.37
N VAL F 690 26.96 -71.10 40.27
CA VAL F 690 26.87 -69.72 39.78
C VAL F 690 27.32 -68.63 40.77
N PRO F 691 27.00 -68.62 42.08
CA PRO F 691 27.28 -67.40 42.87
C PRO F 691 28.76 -67.23 43.19
N LEU F 692 29.53 -68.32 43.12
CA LEU F 692 30.95 -68.29 43.38
C LEU F 692 31.68 -67.42 42.35
N ALA F 693 31.51 -67.74 41.07
CA ALA F 693 32.12 -66.92 40.03
C ALA F 693 31.35 -65.62 39.81
N LEU F 694 30.06 -65.61 40.18
CA LEU F 694 29.25 -64.40 40.05
C LEU F 694 29.75 -63.30 40.99
N ALA F 695 29.73 -63.55 42.28
CA ALA F 695 30.22 -62.58 43.23
C ALA F 695 31.75 -62.53 43.28
N LEU F 696 32.40 -63.56 42.73
CA LEU F 696 33.86 -63.54 42.64
C LEU F 696 34.35 -62.53 41.62
N ILE F 697 33.59 -62.32 40.55
CA ILE F 697 34.02 -61.38 39.52
C ILE F 697 33.66 -59.94 39.88
N SER F 698 33.01 -59.72 41.02
CA SER F 698 32.76 -58.38 41.55
C SER F 698 33.15 -58.40 43.02
N VAL F 699 34.43 -58.14 43.29
CA VAL F 699 34.90 -58.12 44.68
C VAL F 699 35.03 -56.67 45.17
N SER F 714 20.50 -52.31 43.94
CA SER F 714 21.93 -52.13 44.08
C SER F 714 22.67 -52.53 42.81
N HIS F 715 23.98 -52.73 42.95
CA HIS F 715 24.81 -53.19 41.85
C HIS F 715 25.43 -54.52 42.22
N ASP F 716 26.05 -54.57 43.39
CA ASP F 716 26.71 -55.81 43.84
C ASP F 716 25.73 -56.68 44.62
N ALA F 717 24.93 -56.07 45.48
CA ALA F 717 23.98 -56.80 46.30
C ALA F 717 22.65 -57.03 45.61
N ASP F 718 22.46 -56.45 44.44
CA ASP F 718 21.25 -56.74 43.65
C ASP F 718 21.19 -58.21 43.23
N PRO F 719 22.26 -58.86 42.72
CA PRO F 719 22.15 -60.32 42.54
C PRO F 719 22.10 -61.10 43.84
N GLU F 720 22.58 -60.53 44.95
CA GLU F 720 22.50 -61.21 46.25
C GLU F 720 21.06 -61.39 46.69
N VAL F 721 20.30 -60.30 46.72
CA VAL F 721 18.89 -60.36 47.09
C VAL F 721 18.10 -61.03 45.97
N SER F 722 18.65 -61.05 44.74
CA SER F 722 18.07 -61.89 43.70
C SER F 722 18.17 -63.37 44.03
N TYR F 723 19.29 -63.84 44.57
CA TYR F 723 19.37 -65.23 45.02
C TYR F 723 18.49 -65.47 46.24
N ASN F 724 18.37 -64.46 47.09
CA ASN F 724 17.39 -64.48 48.17
C ASN F 724 15.98 -64.66 47.63
N SER F 725 15.70 -64.15 46.44
CA SER F 725 14.44 -64.43 45.80
C SER F 725 14.42 -65.78 45.07
N ILE F 726 15.60 -66.31 44.73
CA ILE F 726 15.64 -67.63 44.09
C ILE F 726 15.22 -68.71 45.07
N PHE F 727 15.86 -68.77 46.23
CA PHE F 727 15.43 -69.77 47.19
C PHE F 727 14.22 -69.29 47.97
N ALA F 728 14.40 -68.24 48.77
CA ALA F 728 13.32 -67.72 49.60
C ALA F 728 12.44 -66.76 48.79
N ALA F 739 17.68 -75.85 48.93
CA ALA F 739 17.69 -76.37 50.30
C ALA F 739 18.69 -75.59 51.15
N ARG F 740 19.45 -76.30 51.99
CA ARG F 740 20.54 -75.66 52.69
C ARG F 740 21.73 -75.44 51.78
N LEU F 741 21.76 -76.13 50.63
CA LEU F 741 22.70 -75.79 49.57
C LEU F 741 22.41 -74.41 49.04
N ALA F 742 21.15 -73.99 49.06
CA ALA F 742 20.80 -72.66 48.58
C ALA F 742 21.25 -71.57 49.57
N ALA F 743 21.15 -71.85 50.86
CA ALA F 743 21.68 -70.91 51.84
C ALA F 743 23.20 -70.95 51.84
N MET F 744 23.80 -72.07 51.45
CA MET F 744 25.25 -72.16 51.43
C MET F 744 25.83 -71.45 50.21
N LEU F 745 25.14 -71.52 49.07
CA LEU F 745 25.56 -70.70 47.93
C LEU F 745 25.28 -69.23 48.19
N ARG F 746 24.26 -68.95 49.02
CA ARG F 746 24.01 -67.58 49.45
C ARG F 746 25.17 -67.04 50.29
N GLN F 747 25.67 -67.84 51.24
CA GLN F 747 26.84 -67.44 52.01
C GLN F 747 28.09 -67.44 51.14
N LEU F 748 28.07 -68.20 50.05
CA LEU F 748 29.18 -68.23 49.11
C LEU F 748 29.27 -66.91 48.35
N ALA F 749 28.12 -66.37 47.95
CA ALA F 749 28.10 -65.07 47.29
C ALA F 749 28.39 -63.94 48.26
N GLN F 750 27.87 -64.06 49.49
CA GLN F 750 28.20 -63.11 50.55
C GLN F 750 29.69 -63.15 50.87
N TYR F 751 30.32 -64.31 50.67
CA TYR F 751 31.76 -64.41 50.83
C TYR F 751 32.49 -63.69 49.70
N HIS F 752 32.18 -64.05 48.45
CA HIS F 752 32.98 -63.57 47.33
C HIS F 752 32.76 -62.09 47.04
N ALA F 753 31.66 -61.53 47.54
CA ALA F 753 31.40 -60.10 47.35
C ALA F 753 32.43 -59.26 48.08
N LYS F 754 32.45 -59.32 49.40
CA LYS F 754 33.41 -58.53 50.17
C LYS F 754 34.30 -59.43 50.99
N LYS F 773 49.84 -63.90 34.19
CA LYS F 773 49.49 -65.26 34.61
C LYS F 773 50.19 -65.67 35.90
N GLY F 774 49.80 -65.05 37.01
CA GLY F 774 50.33 -65.45 38.31
C GLY F 774 49.79 -66.80 38.71
N THR F 775 50.66 -67.73 39.08
CA THR F 775 50.24 -69.11 39.32
C THR F 775 49.45 -69.25 40.62
N LEU F 776 49.70 -68.35 41.58
CA LEU F 776 49.18 -68.49 42.92
C LEU F 776 47.67 -68.30 42.98
N THR F 777 47.10 -67.65 41.98
CA THR F 777 45.66 -67.52 41.86
C THR F 777 45.06 -68.51 40.86
N LEU F 778 45.88 -69.36 40.26
CA LEU F 778 45.42 -70.30 39.24
C LEU F 778 45.07 -71.67 39.81
N CYS F 779 45.70 -72.05 40.91
CA CYS F 779 45.46 -73.40 41.44
C CYS F 779 44.11 -73.57 42.16
N PRO F 780 43.78 -72.82 43.23
CA PRO F 780 42.86 -73.37 44.23
C PRO F 780 41.41 -73.46 43.79
N TYR F 781 41.00 -72.78 42.72
CA TYR F 781 39.67 -73.01 42.19
C TYR F 781 39.61 -74.25 41.32
N HIS F 782 40.69 -74.50 40.57
CA HIS F 782 40.87 -75.79 39.93
C HIS F 782 40.97 -76.91 40.97
N SER F 783 41.41 -76.60 42.19
CA SER F 783 41.21 -77.50 43.32
C SER F 783 39.76 -77.53 43.78
N ASP F 784 39.03 -76.44 43.57
CA ASP F 784 37.63 -76.36 43.99
C ASP F 784 36.69 -76.97 42.95
N ARG F 785 37.23 -77.60 41.91
CA ARG F 785 36.35 -78.18 40.89
C ARG F 785 35.68 -79.50 41.27
N GLN F 786 35.67 -80.01 42.49
CA GLN F 786 34.96 -81.25 42.81
C GLN F 786 34.03 -81.07 44.00
N LEU F 787 33.17 -80.05 43.92
CA LEU F 787 32.43 -79.56 45.08
C LEU F 787 31.28 -80.47 45.49
N MET F 788 30.79 -81.34 44.60
CA MET F 788 29.52 -82.03 44.82
C MET F 788 29.59 -83.17 45.85
N SER F 789 30.09 -82.86 47.04
CA SER F 789 30.57 -83.89 47.93
C SER F 789 30.46 -83.39 49.37
N GLN F 790 31.19 -84.06 50.26
CA GLN F 790 31.09 -83.90 51.70
C GLN F 790 31.62 -82.52 52.12
N VAL F 791 31.22 -82.10 53.33
CA VAL F 791 31.83 -80.95 54.00
C VAL F 791 33.30 -81.16 54.35
N ALA F 792 33.79 -82.41 54.28
CA ALA F 792 35.24 -82.64 54.30
C ALA F 792 35.91 -81.97 53.11
N VAL F 793 35.27 -82.00 51.95
CA VAL F 793 35.76 -81.23 50.81
C VAL F 793 35.54 -79.74 51.06
N ALA F 794 34.48 -79.38 51.77
CA ALA F 794 34.30 -77.99 52.18
C ALA F 794 35.22 -77.58 53.31
N GLY F 795 35.87 -78.53 53.99
CA GLY F 795 37.00 -78.16 54.81
C GLY F 795 38.19 -77.69 53.99
N LEU F 796 38.35 -78.22 52.79
CA LEU F 796 39.33 -77.76 51.82
C LEU F 796 38.80 -76.57 51.02
N LEU F 797 37.58 -76.13 51.27
CA LEU F 797 37.10 -74.92 50.63
C LEU F 797 37.76 -73.69 51.24
N THR F 798 38.21 -73.78 52.48
CA THR F 798 38.81 -72.63 53.16
C THR F 798 40.32 -72.60 52.97
N VAL F 799 40.79 -72.77 51.72
CA VAL F 799 42.21 -72.76 51.44
C VAL F 799 42.46 -71.81 50.27
N LEU F 800 41.39 -71.36 49.62
CA LEU F 800 41.49 -70.71 48.31
C LEU F 800 41.99 -69.27 48.46
N VAL F 801 43.25 -69.15 48.86
CA VAL F 801 43.88 -67.85 48.99
C VAL F 801 44.47 -67.40 47.66
N SER F 802 43.92 -66.32 47.11
CA SER F 802 44.38 -65.76 45.84
C SER F 802 44.32 -64.25 45.83
N PHE F 803 43.76 -63.65 46.88
CA PHE F 803 43.61 -62.21 46.99
C PHE F 803 44.68 -61.69 47.92
N LEU F 804 45.01 -60.41 47.76
CA LEU F 804 46.03 -59.73 48.54
C LEU F 804 45.74 -59.71 50.04
N GLY G 7 6.36 -102.58 -92.88
CA GLY G 7 5.42 -103.22 -93.78
C GLY G 7 5.83 -104.62 -94.15
N ILE G 8 6.06 -105.45 -93.15
CA ILE G 8 6.51 -106.82 -93.35
C ILE G 8 5.36 -107.81 -93.21
N ILE G 9 4.21 -107.37 -92.72
CA ILE G 9 3.05 -108.23 -92.59
C ILE G 9 2.09 -108.03 -93.75
N SER G 10 2.13 -106.89 -94.42
CA SER G 10 1.41 -106.72 -95.68
C SER G 10 2.03 -107.52 -96.82
N LEU G 11 3.21 -108.11 -96.59
CA LEU G 11 3.78 -109.09 -97.50
C LEU G 11 3.28 -110.48 -97.14
N LEU G 12 1.99 -110.62 -96.85
CA LEU G 12 1.42 -111.90 -96.44
C LEU G 12 0.01 -112.08 -96.97
N ASP G 13 -0.30 -111.50 -98.12
CA ASP G 13 -1.63 -111.69 -98.69
C ASP G 13 -1.82 -113.10 -99.23
N GLU G 14 -0.72 -113.80 -99.50
CA GLU G 14 -0.78 -115.21 -99.86
C GLU G 14 -1.20 -116.03 -98.64
N ASP G 15 -2.19 -116.89 -98.82
CA ASP G 15 -2.78 -117.58 -97.68
C ASP G 15 -2.15 -118.94 -97.41
N GLU G 16 -1.08 -119.27 -98.13
CA GLU G 16 -0.29 -120.45 -97.82
C GLU G 16 0.66 -120.15 -96.67
N PRO G 17 0.90 -121.13 -95.80
CA PRO G 17 1.83 -120.91 -94.67
C PRO G 17 3.29 -120.81 -95.08
N GLN G 18 3.63 -121.14 -96.32
CA GLN G 18 5.01 -121.14 -96.78
C GLN G 18 5.59 -119.75 -96.98
N LEU G 19 4.76 -118.73 -97.16
CA LEU G 19 5.23 -117.35 -97.09
C LEU G 19 5.24 -116.82 -95.67
N LYS G 20 4.37 -117.35 -94.80
CA LYS G 20 4.46 -117.07 -93.37
C LYS G 20 5.74 -117.64 -92.79
N GLU G 21 6.28 -118.70 -93.42
CA GLU G 21 7.58 -119.22 -93.02
C GLU G 21 8.71 -118.25 -93.33
N PHE G 22 8.57 -117.49 -94.40
CA PHE G 22 9.64 -116.57 -94.78
C PHE G 22 9.51 -115.26 -94.00
N ALA G 23 8.27 -114.89 -93.67
CA ALA G 23 8.06 -113.78 -92.74
C ALA G 23 8.53 -114.15 -91.34
N LEU G 24 8.31 -115.41 -90.99
CA LEU G 24 8.78 -115.91 -89.70
C LEU G 24 10.31 -115.86 -89.79
N HIS G 25 10.84 -116.10 -90.99
CA HIS G 25 12.26 -116.02 -91.24
C HIS G 25 12.67 -114.63 -90.84
N LYS G 26 11.87 -113.63 -91.21
CA LYS G 26 12.19 -112.27 -90.79
C LYS G 26 11.99 -112.10 -89.28
N LEU G 27 11.13 -112.92 -88.67
CA LEU G 27 10.81 -112.78 -87.26
C LEU G 27 11.95 -113.25 -86.36
N ASN G 28 12.66 -114.29 -86.78
CA ASN G 28 13.79 -114.69 -85.97
C ASN G 28 15.00 -113.76 -86.12
N ALA G 29 14.95 -112.80 -87.05
CA ALA G 29 16.06 -111.88 -87.26
C ALA G 29 15.80 -110.50 -86.67
N VAL G 30 14.72 -109.83 -87.10
CA VAL G 30 14.58 -108.40 -86.81
C VAL G 30 13.29 -108.06 -86.05
N VAL G 31 12.87 -108.94 -85.14
CA VAL G 31 11.66 -108.70 -84.35
C VAL G 31 11.85 -107.55 -83.37
N ASN G 32 13.05 -107.40 -82.79
CA ASN G 32 13.31 -106.35 -81.82
C ASN G 32 13.31 -104.97 -82.47
N ASP G 33 13.80 -104.87 -83.70
CA ASP G 33 13.68 -103.62 -84.42
C ASP G 33 12.24 -103.39 -84.88
N PHE G 34 11.45 -104.46 -84.97
CA PHE G 34 10.08 -104.39 -85.46
C PHE G 34 9.03 -104.61 -84.38
N TRP G 35 9.37 -104.38 -83.10
CA TRP G 35 8.39 -104.55 -82.02
C TRP G 35 7.23 -103.58 -82.14
N ALA G 36 7.46 -102.41 -82.75
CA ALA G 36 6.35 -101.57 -83.19
C ALA G 36 5.52 -102.29 -84.22
N GLU G 37 6.17 -102.77 -85.28
CA GLU G 37 5.58 -103.35 -86.47
C GLU G 37 4.78 -104.62 -86.18
N ILE G 38 5.29 -105.46 -85.28
CA ILE G 38 4.58 -106.69 -84.95
C ILE G 38 3.34 -106.40 -84.11
N SER G 39 3.33 -105.29 -83.40
CA SER G 39 2.28 -105.03 -82.43
C SER G 39 0.96 -104.66 -83.08
N GLU G 40 0.98 -104.24 -84.35
CA GLU G 40 -0.27 -104.07 -85.06
C GLU G 40 -0.69 -105.35 -85.76
N SER G 41 0.24 -106.28 -85.91
CA SER G 41 0.00 -107.53 -86.61
C SER G 41 -0.77 -108.55 -85.79
N VAL G 42 -1.12 -108.20 -84.54
CA VAL G 42 -1.53 -109.16 -83.51
C VAL G 42 -2.74 -109.98 -83.93
N ASP G 43 -3.75 -109.31 -84.50
CA ASP G 43 -4.96 -109.98 -84.99
C ASP G 43 -4.64 -111.01 -86.07
N LYS G 44 -3.73 -110.69 -86.99
CA LYS G 44 -3.31 -111.67 -87.98
C LYS G 44 -2.53 -112.80 -87.34
N ILE G 45 -1.77 -112.51 -86.27
CA ILE G 45 -1.19 -113.56 -85.46
C ILE G 45 -2.29 -114.39 -84.83
N GLU G 46 -3.39 -113.73 -84.43
CA GLU G 46 -4.58 -114.45 -84.02
C GLU G 46 -5.12 -115.30 -85.16
N VAL G 47 -5.09 -114.75 -86.38
CA VAL G 47 -5.44 -115.53 -87.58
C VAL G 47 -4.48 -116.69 -87.76
N LEU G 48 -3.21 -116.49 -87.39
CA LEU G 48 -2.26 -117.59 -87.45
C LEU G 48 -2.52 -118.62 -86.36
N TYR G 49 -3.08 -118.20 -85.23
CA TYR G 49 -3.32 -119.19 -84.18
C TYR G 49 -4.66 -119.88 -84.40
N GLU G 50 -5.64 -119.19 -84.97
CA GLU G 50 -6.93 -119.80 -85.21
C GLU G 50 -6.89 -120.77 -86.38
N ASP G 51 -5.96 -120.58 -87.30
CA ASP G 51 -5.85 -121.46 -88.45
C ASP G 51 -5.10 -122.72 -88.04
N GLU G 52 -5.76 -123.87 -88.15
CA GLU G 52 -5.11 -125.13 -87.86
C GLU G 52 -4.28 -125.63 -89.04
N GLY G 53 -4.63 -125.19 -90.25
CA GLY G 53 -3.82 -125.49 -91.41
C GLY G 53 -2.49 -124.78 -91.41
N PHE G 54 -2.41 -123.64 -90.73
CA PHE G 54 -1.12 -123.01 -90.46
C PHE G 54 -0.40 -123.83 -89.41
N ARG G 55 0.47 -124.72 -89.88
CA ARG G 55 1.14 -125.69 -89.03
C ARG G 55 2.25 -125.09 -88.19
N SER G 56 2.68 -123.86 -88.47
CA SER G 56 3.62 -123.16 -87.62
C SER G 56 2.93 -122.33 -86.56
N ARG G 57 1.73 -122.73 -86.13
CA ARG G 57 0.97 -122.01 -85.13
C ARG G 57 1.64 -122.05 -83.75
N GLN G 58 2.51 -123.04 -83.53
CA GLN G 58 3.40 -123.02 -82.38
C GLN G 58 4.28 -121.78 -82.42
N PHE G 59 4.84 -121.46 -83.60
CA PHE G 59 5.66 -120.26 -83.72
C PHE G 59 4.82 -118.99 -83.64
N ALA G 60 3.56 -119.06 -84.09
CA ALA G 60 2.64 -117.94 -83.93
C ALA G 60 2.41 -117.64 -82.46
N ALA G 61 2.36 -118.69 -81.64
CA ALA G 61 2.27 -118.48 -80.21
C ALA G 61 3.60 -118.10 -79.59
N LEU G 62 4.72 -118.50 -80.22
CA LEU G 62 6.05 -118.07 -79.78
C LEU G 62 6.23 -116.57 -79.89
N VAL G 63 6.25 -116.05 -81.13
CA VAL G 63 6.46 -114.61 -81.28
C VAL G 63 5.22 -113.82 -80.88
N ALA G 64 4.07 -114.49 -80.77
CA ALA G 64 2.94 -113.91 -80.05
C ALA G 64 3.33 -113.60 -78.61
N SER G 65 3.90 -114.58 -77.89
CA SER G 65 4.27 -114.30 -76.50
C SER G 65 5.57 -113.50 -76.39
N LYS G 66 6.31 -113.35 -77.48
CA LYS G 66 7.43 -112.42 -77.52
C LYS G 66 6.93 -110.98 -77.60
N VAL G 67 6.01 -110.70 -78.53
CA VAL G 67 5.54 -109.34 -78.64
C VAL G 67 4.50 -109.03 -77.56
N PHE G 68 3.91 -110.05 -76.95
CA PHE G 68 3.07 -109.82 -75.77
C PHE G 68 3.91 -109.71 -74.52
N TYR G 69 5.04 -110.43 -74.50
CA TYR G 69 6.04 -110.26 -73.47
C TYR G 69 6.64 -108.86 -73.51
N HIS G 70 6.78 -108.31 -74.71
CA HIS G 70 7.23 -106.92 -74.85
C HIS G 70 6.12 -105.94 -74.58
N LEU G 71 4.90 -106.25 -75.03
CA LEU G 71 3.74 -105.43 -74.75
C LEU G 71 3.20 -105.59 -73.34
N GLY G 72 3.77 -106.47 -72.53
CA GLY G 72 3.34 -106.59 -71.16
C GLY G 72 2.06 -107.36 -70.97
N ALA G 73 1.53 -107.99 -72.00
CA ALA G 73 0.52 -108.99 -71.79
C ALA G 73 1.22 -110.19 -71.18
N PHE G 74 0.70 -110.67 -70.10
CA PHE G 74 1.34 -111.84 -69.52
C PHE G 74 0.39 -112.99 -69.34
N GLU G 75 -0.89 -112.71 -69.10
CA GLU G 75 -1.88 -113.77 -69.16
C GLU G 75 -2.06 -114.24 -70.59
N GLU G 76 -1.94 -113.33 -71.56
CA GLU G 76 -1.97 -113.77 -72.94
C GLU G 76 -0.61 -114.30 -73.37
N SER G 77 0.47 -113.81 -72.76
CA SER G 77 1.75 -114.49 -72.88
C SER G 77 1.71 -115.84 -72.19
N LEU G 78 0.79 -116.04 -71.24
CA LEU G 78 0.58 -117.36 -70.67
C LEU G 78 -0.24 -118.24 -71.61
N ASN G 79 -1.25 -117.67 -72.27
CA ASN G 79 -2.09 -118.46 -73.17
C ASN G 79 -1.32 -118.91 -74.39
N TYR G 80 -0.51 -118.02 -74.96
CA TYR G 80 0.32 -118.41 -76.08
C TYR G 80 1.69 -118.89 -75.65
N ALA G 81 2.02 -118.75 -74.37
CA ALA G 81 3.10 -119.54 -73.81
C ALA G 81 2.70 -121.01 -73.77
N LEU G 82 1.42 -121.29 -73.53
CA LEU G 82 0.94 -122.66 -73.60
C LEU G 82 0.86 -123.12 -75.05
N GLY G 83 0.43 -122.27 -75.96
CA GLY G 83 0.34 -122.66 -77.36
C GLY G 83 1.67 -122.83 -78.06
N ALA G 84 2.79 -122.54 -77.38
CA ALA G 84 4.10 -122.50 -78.02
C ALA G 84 4.59 -123.90 -78.38
N GLY G 85 4.13 -124.92 -77.68
CA GLY G 85 4.56 -126.27 -77.99
C GLY G 85 5.59 -126.82 -77.04
N ASP G 86 6.40 -127.75 -77.54
CA ASP G 86 7.29 -128.52 -76.67
C ASP G 86 8.68 -127.91 -76.54
N LEU G 87 9.13 -127.15 -77.53
CA LEU G 87 10.41 -126.45 -77.48
C LEU G 87 10.42 -125.30 -76.47
N PHE G 88 9.26 -125.01 -75.89
CA PHE G 88 9.06 -123.99 -74.87
C PHE G 88 9.91 -124.25 -73.64
N ASN G 89 9.70 -125.40 -72.99
CA ASN G 89 10.28 -125.62 -71.66
C ASN G 89 11.77 -125.91 -71.72
N VAL G 90 12.28 -126.41 -72.84
CA VAL G 90 13.62 -126.97 -72.87
C VAL G 90 14.69 -125.89 -72.82
N ASN G 91 14.34 -124.64 -73.10
CA ASN G 91 15.35 -123.58 -73.21
C ASN G 91 15.86 -123.17 -71.83
N ASP G 92 17.04 -122.55 -71.84
CA ASP G 92 17.65 -122.02 -70.63
C ASP G 92 17.94 -120.53 -70.73
N ASN G 93 17.03 -119.76 -71.34
CA ASN G 93 17.24 -118.32 -71.44
C ASN G 93 17.01 -117.67 -70.09
N SER G 94 17.87 -116.70 -69.77
CA SER G 94 17.88 -116.04 -68.47
C SER G 94 16.99 -114.80 -68.41
N GLU G 95 16.39 -114.38 -69.52
CA GLU G 95 15.53 -113.20 -69.51
C GLU G 95 14.09 -113.54 -69.84
N TYR G 96 13.85 -114.31 -70.89
CA TYR G 96 12.48 -114.50 -71.36
C TYR G 96 11.85 -115.76 -70.76
N VAL G 97 12.45 -116.93 -71.03
CA VAL G 97 11.69 -118.15 -70.85
C VAL G 97 11.62 -118.53 -69.38
N GLU G 98 12.65 -118.23 -68.58
CA GLU G 98 12.58 -118.58 -67.17
C GLU G 98 11.63 -117.67 -66.42
N THR G 99 11.40 -116.47 -66.94
CA THR G 99 10.40 -115.59 -66.35
C THR G 99 8.99 -116.01 -66.73
N ILE G 100 8.79 -116.43 -67.97
CA ILE G 100 7.42 -116.77 -68.33
C ILE G 100 7.06 -118.17 -67.87
N ILE G 101 8.05 -119.01 -67.55
CA ILE G 101 7.72 -120.23 -66.81
C ILE G 101 7.71 -119.96 -65.32
N ALA G 102 8.33 -118.87 -64.87
CA ALA G 102 8.15 -118.49 -63.48
C ALA G 102 6.73 -118.01 -63.25
N LYS G 103 6.16 -117.33 -64.25
CA LYS G 103 4.78 -116.89 -64.15
C LYS G 103 3.83 -117.98 -64.57
N CYS G 104 4.27 -118.87 -65.47
CA CYS G 104 3.45 -120.00 -65.85
C CYS G 104 3.31 -120.99 -64.71
N ILE G 105 4.41 -121.26 -64.01
CA ILE G 105 4.38 -122.15 -62.85
C ILE G 105 3.90 -121.42 -61.61
N ASP G 106 3.97 -120.10 -61.61
CA ASP G 106 3.20 -119.33 -60.65
C ASP G 106 1.71 -119.56 -60.86
N HIS G 107 1.28 -119.60 -62.12
CA HIS G 107 -0.10 -119.94 -62.43
C HIS G 107 -0.40 -121.39 -62.09
N TYR G 108 0.61 -122.26 -62.19
CA TYR G 108 0.41 -123.65 -61.84
C TYR G 108 0.25 -123.82 -60.35
N THR G 109 1.02 -123.06 -59.56
CA THR G 109 0.94 -123.25 -58.12
C THR G 109 -0.26 -122.51 -57.53
N LYS G 110 -0.66 -121.38 -58.10
CA LYS G 110 -1.91 -120.79 -57.66
C LYS G 110 -3.08 -121.58 -58.20
N GLN G 111 -2.86 -122.33 -59.28
CA GLN G 111 -3.87 -123.26 -59.76
C GLN G 111 -3.99 -124.45 -58.82
N CYS G 112 -2.88 -124.91 -58.25
CA CYS G 112 -2.92 -126.02 -57.32
C CYS G 112 -3.37 -125.58 -55.94
N VAL G 113 -3.25 -124.29 -55.61
CA VAL G 113 -3.87 -123.79 -54.40
C VAL G 113 -5.36 -123.64 -54.61
N GLU G 114 -5.76 -123.12 -55.77
CA GLU G 114 -7.17 -122.96 -56.10
C GLU G 114 -7.88 -124.30 -56.18
N ASN G 115 -7.27 -125.28 -56.85
CA ASN G 115 -7.85 -126.61 -56.93
C ASN G 115 -7.60 -127.44 -55.69
N ALA G 116 -6.58 -127.08 -54.90
CA ALA G 116 -6.44 -127.64 -53.57
C ALA G 116 -7.54 -127.17 -52.64
N ASP G 117 -8.13 -126.01 -52.93
CA ASP G 117 -9.31 -125.52 -52.24
C ASP G 117 -10.59 -125.94 -52.92
N LEU G 118 -10.48 -126.67 -54.04
CA LEU G 118 -11.65 -127.08 -54.82
C LEU G 118 -11.85 -128.57 -54.62
N PRO G 119 -12.83 -128.97 -53.80
CA PRO G 119 -12.97 -130.39 -53.46
C PRO G 119 -13.60 -131.17 -54.59
N GLU G 120 -13.05 -132.38 -54.81
CA GLU G 120 -13.56 -133.38 -55.75
C GLU G 120 -13.58 -132.85 -57.18
N GLY G 121 -12.36 -132.66 -57.69
CA GLY G 121 -12.15 -132.36 -59.09
C GLY G 121 -12.65 -131.01 -59.55
N GLU G 122 -13.48 -131.04 -60.62
CA GLU G 122 -14.03 -129.89 -61.35
C GLU G 122 -13.00 -128.78 -61.60
N LYS G 123 -11.77 -129.20 -61.89
CA LYS G 123 -10.62 -128.32 -61.94
C LYS G 123 -10.47 -127.69 -63.32
N LYS G 124 -9.59 -126.71 -63.41
CA LYS G 124 -9.05 -126.33 -64.70
C LYS G 124 -7.97 -127.33 -65.07
N PRO G 125 -8.04 -127.95 -66.24
CA PRO G 125 -7.14 -129.07 -66.54
C PRO G 125 -5.71 -128.61 -66.79
N ILE G 126 -4.80 -129.56 -66.59
CA ILE G 126 -3.43 -129.39 -67.05
C ILE G 126 -3.47 -129.29 -68.56
N ASP G 127 -3.21 -128.10 -69.09
CA ASP G 127 -3.13 -127.96 -70.53
C ASP G 127 -1.89 -128.65 -71.06
N GLN G 128 -1.86 -128.87 -72.36
CA GLN G 128 -0.99 -129.87 -72.97
C GLN G 128 0.47 -129.48 -73.01
N ARG G 129 0.83 -128.30 -72.51
CA ARG G 129 2.21 -127.86 -72.52
C ARG G 129 2.66 -127.44 -71.12
N LEU G 130 1.97 -127.94 -70.09
CA LEU G 130 2.41 -127.77 -68.72
C LEU G 130 3.49 -128.80 -68.38
N GLU G 131 3.95 -128.74 -67.12
CA GLU G 131 4.62 -129.83 -66.41
C GLU G 131 6.02 -130.12 -66.93
N GLY G 132 6.45 -129.45 -68.01
CA GLY G 132 7.72 -129.72 -68.66
C GLY G 132 8.93 -129.40 -67.81
N ILE G 133 9.10 -128.14 -67.42
CA ILE G 133 10.17 -127.83 -66.47
C ILE G 133 9.82 -128.23 -65.05
N VAL G 134 8.56 -128.58 -64.77
CA VAL G 134 8.26 -129.25 -63.51
C VAL G 134 9.04 -130.54 -63.44
N ASN G 135 8.76 -131.47 -64.34
CA ASN G 135 9.50 -132.72 -64.33
C ASN G 135 10.82 -132.65 -65.11
N LYS G 136 11.34 -131.45 -65.38
CA LYS G 136 12.68 -131.29 -65.92
C LYS G 136 13.63 -130.57 -64.97
N MET G 137 13.30 -129.35 -64.58
CA MET G 137 14.07 -128.65 -63.56
C MET G 137 13.91 -129.31 -62.20
N PHE G 138 12.76 -129.96 -61.96
CA PHE G 138 12.63 -130.84 -60.81
C PHE G 138 13.65 -131.97 -60.86
N GLN G 139 13.93 -132.50 -62.06
CA GLN G 139 14.98 -133.52 -62.17
C GLN G 139 16.36 -132.91 -62.00
N ARG G 140 16.52 -131.64 -62.38
CA ARG G 140 17.78 -130.95 -62.08
C ARG G 140 17.98 -130.81 -60.57
N CYS G 141 16.89 -130.66 -59.83
CA CYS G 141 16.99 -130.49 -58.39
C CYS G 141 17.05 -131.82 -57.66
N LEU G 142 16.45 -132.88 -58.23
CA LEU G 142 16.67 -134.22 -57.71
C LEU G 142 18.12 -134.62 -57.90
N ASP G 143 18.63 -134.37 -59.11
CA ASP G 143 19.99 -134.68 -59.48
C ASP G 143 20.98 -133.63 -58.99
N ASP G 144 20.50 -132.58 -58.33
CA ASP G 144 21.35 -131.75 -57.50
C ASP G 144 21.59 -132.39 -56.14
N HIS G 145 20.81 -133.44 -55.81
CA HIS G 145 20.74 -134.10 -54.51
C HIS G 145 20.41 -133.12 -53.38
N LYS G 146 19.77 -132.01 -53.73
CA LYS G 146 19.25 -131.05 -52.78
C LYS G 146 17.75 -131.02 -52.97
N TYR G 147 17.06 -131.79 -52.16
CA TYR G 147 15.63 -132.00 -52.29
C TYR G 147 14.83 -130.93 -51.58
N LYS G 148 15.48 -129.84 -51.16
CA LYS G 148 14.76 -128.69 -50.64
C LYS G 148 13.94 -128.01 -51.72
N GLN G 149 14.44 -127.99 -52.95
CA GLN G 149 13.59 -127.60 -54.06
C GLN G 149 12.54 -128.66 -54.33
N ALA G 150 12.95 -129.92 -54.34
CA ALA G 150 12.04 -131.03 -54.63
C ALA G 150 10.93 -131.15 -53.59
N ILE G 151 11.21 -130.80 -52.34
CA ILE G 151 10.13 -130.62 -51.38
C ILE G 151 9.52 -129.24 -51.52
N GLY G 152 10.19 -128.33 -52.23
CA GLY G 152 9.63 -127.02 -52.50
C GLY G 152 8.41 -127.06 -53.38
N ILE G 153 8.48 -127.82 -54.48
CA ILE G 153 7.31 -128.00 -55.36
C ILE G 153 6.18 -128.68 -54.59
N ALA G 154 6.52 -129.65 -53.73
CA ALA G 154 5.53 -130.35 -52.92
C ALA G 154 4.83 -129.42 -51.96
N LEU G 155 5.54 -128.43 -51.42
CA LEU G 155 4.87 -127.32 -50.76
C LEU G 155 4.01 -126.55 -51.74
N GLU G 156 4.51 -126.28 -52.94
CA GLU G 156 3.83 -125.36 -53.85
C GLU G 156 2.57 -125.95 -54.45
N THR G 157 2.36 -127.26 -54.35
CA THR G 157 1.19 -127.88 -54.93
C THR G 157 0.10 -128.19 -53.91
N ARG G 158 0.47 -128.29 -52.62
CA ARG G 158 -0.42 -128.71 -51.52
C ARG G 158 -1.07 -130.06 -51.84
N ARG G 159 -0.26 -130.94 -52.42
CA ARG G 159 -0.78 -132.16 -53.03
C ARG G 159 0.26 -133.26 -52.83
N LEU G 160 -0.21 -134.42 -52.40
CA LEU G 160 0.68 -135.48 -51.94
C LEU G 160 0.90 -136.49 -53.06
N ASP G 161 1.32 -135.97 -54.21
CA ASP G 161 1.70 -136.79 -55.35
C ASP G 161 3.19 -136.65 -55.65
N VAL G 162 3.68 -135.43 -55.84
CA VAL G 162 5.12 -135.20 -55.89
C VAL G 162 5.67 -135.23 -54.47
N PHE G 163 4.82 -135.01 -53.48
CA PHE G 163 5.23 -135.08 -52.09
C PHE G 163 5.56 -136.50 -51.69
N GLU G 164 4.74 -137.46 -52.12
CA GLU G 164 5.00 -138.86 -51.80
C GLU G 164 6.25 -139.37 -52.50
N LYS G 165 6.54 -138.85 -53.68
CA LYS G 165 7.74 -139.24 -54.39
C LYS G 165 8.98 -138.57 -53.82
N THR G 166 8.82 -137.43 -53.17
CA THR G 166 9.94 -136.75 -52.53
C THR G 166 10.06 -137.06 -51.05
N ILE G 167 9.27 -138.02 -50.56
CA ILE G 167 9.57 -138.66 -49.29
C ILE G 167 9.94 -140.11 -49.46
N LEU G 168 9.60 -140.71 -50.60
CA LEU G 168 10.21 -141.94 -51.10
C LEU G 168 11.42 -141.64 -51.97
N GLU G 169 11.97 -140.43 -51.83
CA GLU G 169 13.02 -139.93 -52.71
C GLU G 169 14.34 -140.63 -52.47
N SER G 170 15.34 -140.24 -53.25
CA SER G 170 16.64 -140.87 -53.26
C SER G 170 17.48 -140.37 -52.08
N ASN G 171 18.71 -140.88 -52.05
CA ASN G 171 19.76 -140.64 -51.08
C ASN G 171 19.99 -139.22 -50.64
N ASP G 172 19.85 -139.10 -49.34
CA ASP G 172 19.98 -137.91 -48.52
C ASP G 172 19.64 -138.37 -47.09
N VAL G 173 19.85 -137.48 -46.13
CA VAL G 173 19.44 -137.88 -44.77
C VAL G 173 17.91 -137.91 -44.71
N PRO G 174 17.31 -138.87 -44.01
CA PRO G 174 15.86 -138.78 -43.73
C PRO G 174 15.51 -137.60 -42.85
N GLY G 175 16.48 -137.11 -42.07
CA GLY G 175 16.35 -135.94 -41.23
C GLY G 175 15.97 -134.66 -41.95
N MET G 176 16.15 -134.60 -43.28
CA MET G 176 15.60 -133.52 -44.09
C MET G 176 14.11 -133.36 -43.87
N LEU G 177 13.41 -134.49 -43.81
CA LEU G 177 11.99 -134.47 -43.51
C LEU G 177 11.75 -134.08 -42.05
N ALA G 178 12.69 -134.46 -41.17
CA ALA G 178 12.43 -134.47 -39.73
C ALA G 178 12.26 -133.06 -39.17
N TYR G 179 13.23 -132.17 -39.44
CA TYR G 179 13.02 -130.77 -39.08
C TYR G 179 11.87 -130.17 -39.88
N SER G 180 11.65 -130.65 -41.11
CA SER G 180 10.48 -130.25 -41.86
C SER G 180 9.20 -130.69 -41.17
N LEU G 181 9.25 -131.81 -40.41
CA LEU G 181 8.17 -132.20 -39.51
C LEU G 181 7.79 -131.05 -38.57
N LYS G 182 8.78 -130.37 -38.02
CA LYS G 182 8.47 -129.16 -37.28
C LYS G 182 8.18 -128.01 -38.23
N LEU G 183 8.90 -127.93 -39.34
CA LEU G 183 8.84 -126.71 -40.14
C LEU G 183 7.59 -126.65 -41.00
N CYS G 184 7.04 -127.80 -41.38
CA CYS G 184 5.68 -127.79 -41.92
C CYS G 184 4.70 -127.34 -40.87
N MET G 185 4.96 -127.70 -39.60
CA MET G 185 4.24 -127.11 -38.47
C MET G 185 4.45 -125.60 -38.38
N SER G 186 5.61 -125.11 -38.84
CA SER G 186 5.90 -123.68 -38.81
C SER G 186 4.99 -122.87 -39.73
N LEU G 187 4.89 -123.26 -41.00
CA LEU G 187 4.08 -122.54 -41.97
C LEU G 187 2.70 -123.14 -42.17
N MET G 188 2.21 -123.91 -41.20
CA MET G 188 0.95 -124.60 -41.38
C MET G 188 -0.21 -123.63 -41.26
N GLN G 189 -1.12 -123.71 -42.22
CA GLN G 189 -2.30 -122.88 -42.23
C GLN G 189 -3.55 -123.59 -41.79
N ASN G 190 -3.81 -124.78 -42.33
CA ASN G 190 -5.05 -125.50 -42.11
C ASN G 190 -4.79 -126.79 -41.33
N LYS G 191 -5.86 -127.35 -40.80
CA LYS G 191 -5.85 -128.71 -40.29
C LYS G 191 -6.06 -129.72 -41.40
N GLN G 192 -6.23 -129.26 -42.63
CA GLN G 192 -6.69 -130.11 -43.70
C GLN G 192 -5.60 -131.04 -44.21
N PHE G 193 -4.42 -130.52 -44.54
CA PHE G 193 -3.31 -131.39 -44.86
C PHE G 193 -2.21 -131.35 -43.82
N ARG G 194 -2.45 -130.69 -42.68
CA ARG G 194 -1.53 -130.83 -41.55
C ARG G 194 -1.53 -132.26 -41.05
N ASN G 195 -2.72 -132.80 -40.84
CA ASN G 195 -2.84 -134.18 -40.40
C ASN G 195 -2.50 -135.17 -41.50
N LYS G 196 -2.54 -134.73 -42.77
CA LYS G 196 -2.23 -135.62 -43.88
C LYS G 196 -0.73 -135.83 -44.01
N VAL G 197 0.02 -134.74 -44.13
CA VAL G 197 1.47 -134.79 -44.09
C VAL G 197 1.94 -135.38 -42.76
N LEU G 198 1.27 -134.99 -41.68
CA LEU G 198 1.56 -135.47 -40.34
C LEU G 198 1.31 -136.97 -40.19
N ARG G 199 0.40 -137.55 -40.98
CA ARG G 199 0.19 -138.98 -40.90
C ARG G 199 0.97 -139.75 -41.95
N VAL G 200 1.48 -139.10 -42.99
CA VAL G 200 2.18 -139.82 -44.04
C VAL G 200 3.69 -139.75 -43.85
N LEU G 201 4.19 -138.81 -43.04
CA LEU G 201 5.62 -138.83 -42.77
C LEU G 201 5.97 -139.85 -41.70
N VAL G 202 5.06 -140.06 -40.74
CA VAL G 202 5.27 -141.09 -39.73
C VAL G 202 5.20 -142.47 -40.36
N LYS G 203 4.50 -142.61 -41.48
CA LYS G 203 4.43 -143.86 -42.19
C LYS G 203 5.52 -144.02 -43.22
N ILE G 204 5.99 -142.92 -43.81
CA ILE G 204 7.16 -143.02 -44.68
C ILE G 204 8.41 -143.28 -43.85
N TYR G 205 8.38 -142.96 -42.55
CA TYR G 205 9.43 -143.42 -41.66
C TYR G 205 9.27 -144.89 -41.32
N MET G 206 8.02 -145.37 -41.27
CA MET G 206 7.79 -146.81 -41.17
C MET G 206 8.04 -147.50 -42.49
N ASN G 207 7.76 -146.84 -43.61
CA ASN G 207 8.18 -147.31 -44.93
C ASN G 207 9.69 -147.33 -45.03
N LEU G 208 10.35 -146.35 -44.42
CA LEU G 208 11.79 -146.41 -44.27
C LEU G 208 12.15 -147.49 -43.28
N GLU G 209 13.34 -148.06 -43.44
CA GLU G 209 13.73 -149.23 -42.67
C GLU G 209 13.95 -148.88 -41.21
N LYS G 210 14.67 -147.81 -40.95
CA LYS G 210 14.89 -147.36 -39.59
C LYS G 210 13.61 -146.76 -39.03
N PRO G 211 13.04 -147.33 -37.97
CA PRO G 211 11.88 -146.69 -37.36
C PRO G 211 12.28 -145.44 -36.61
N ASP G 212 11.52 -144.39 -36.82
CA ASP G 212 11.76 -143.14 -36.15
C ASP G 212 10.95 -143.15 -34.86
N PHE G 213 11.44 -142.41 -33.87
CA PHE G 213 10.77 -142.29 -32.59
C PHE G 213 10.29 -140.87 -32.31
N ILE G 214 10.83 -139.87 -33.00
CA ILE G 214 10.39 -138.51 -32.78
C ILE G 214 9.13 -138.23 -33.59
N ASN G 215 8.85 -139.06 -34.60
CA ASN G 215 7.67 -138.86 -35.43
C ASN G 215 6.39 -139.20 -34.66
N VAL G 216 6.43 -140.22 -33.82
CA VAL G 216 5.26 -140.56 -33.02
C VAL G 216 5.26 -139.75 -31.74
N CYS G 217 6.45 -139.26 -31.34
CA CYS G 217 6.55 -138.22 -30.33
C CYS G 217 5.87 -136.93 -30.79
N GLN G 218 5.81 -136.71 -32.10
CA GLN G 218 5.13 -135.55 -32.65
C GLN G 218 3.67 -135.83 -33.02
N CYS G 219 3.37 -136.98 -33.62
CA CYS G 219 1.99 -137.24 -34.01
C CYS G 219 1.15 -137.76 -32.85
N LEU G 220 1.75 -137.99 -31.69
CA LEU G 220 0.94 -138.19 -30.50
C LEU G 220 0.46 -136.86 -29.95
N ILE G 221 1.21 -135.79 -30.20
CA ILE G 221 0.85 -134.46 -29.70
C ILE G 221 0.42 -133.52 -30.80
N PHE G 222 0.24 -134.01 -32.03
CA PHE G 222 -0.35 -133.24 -33.11
C PHE G 222 -1.35 -134.00 -33.95
N LEU G 223 -1.27 -135.33 -33.98
CA LEU G 223 -2.24 -136.18 -34.67
C LEU G 223 -2.99 -137.07 -33.69
N ASP G 224 -2.53 -137.14 -32.44
CA ASP G 224 -3.13 -137.76 -31.23
C ASP G 224 -3.91 -139.05 -31.51
N ASP G 225 -3.15 -140.05 -31.99
CA ASP G 225 -3.71 -141.37 -32.25
C ASP G 225 -3.38 -142.29 -31.08
N PRO G 226 -4.35 -142.64 -30.23
CA PRO G 226 -4.05 -143.60 -29.15
C PRO G 226 -4.05 -145.06 -29.59
N GLN G 227 -4.18 -145.34 -30.88
CA GLN G 227 -4.18 -146.72 -31.34
C GLN G 227 -2.86 -147.13 -32.00
N ALA G 228 -2.16 -146.19 -32.65
CA ALA G 228 -0.87 -146.53 -33.24
C ALA G 228 0.20 -146.65 -32.18
N VAL G 229 0.04 -145.90 -31.10
CA VAL G 229 0.95 -145.99 -29.95
C VAL G 229 0.62 -147.22 -29.11
N SER G 230 -0.60 -147.75 -29.21
CA SER G 230 -0.86 -149.08 -28.65
C SER G 230 -0.15 -150.15 -29.46
N ASP G 231 -0.06 -149.94 -30.78
CA ASP G 231 0.55 -150.93 -31.66
C ASP G 231 2.06 -150.93 -31.51
N ILE G 232 2.67 -149.76 -31.62
CA ILE G 232 4.12 -149.68 -31.38
C ILE G 232 4.46 -149.79 -29.91
N LEU G 233 3.47 -149.67 -29.01
CA LEU G 233 3.68 -150.09 -27.63
C LEU G 233 3.73 -151.60 -27.53
N GLU G 234 2.95 -152.31 -28.35
CA GLU G 234 3.13 -153.74 -28.44
C GLU G 234 4.46 -154.10 -29.09
N LYS G 235 4.98 -153.21 -29.95
CA LYS G 235 6.38 -153.35 -30.35
C LYS G 235 7.32 -153.15 -29.18
N LEU G 236 7.02 -152.20 -28.28
CA LEU G 236 7.88 -151.97 -27.13
C LEU G 236 7.83 -153.12 -26.13
N VAL G 237 6.71 -153.81 -26.03
CA VAL G 237 6.69 -155.07 -25.31
C VAL G 237 7.47 -156.12 -26.10
N LYS G 238 7.40 -156.06 -27.43
CA LYS G 238 8.01 -157.03 -28.31
C LYS G 238 9.51 -156.81 -28.47
N GLU G 239 9.90 -155.61 -28.92
CA GLU G 239 11.31 -155.29 -29.09
C GLU G 239 12.01 -155.17 -27.74
N ASP G 240 11.25 -154.91 -26.68
CA ASP G 240 11.55 -155.06 -25.25
C ASP G 240 12.52 -153.98 -24.73
N ASN G 241 13.09 -153.14 -25.59
CA ASN G 241 14.08 -152.17 -25.12
C ASN G 241 13.32 -150.96 -24.58
N LEU G 242 13.31 -150.84 -23.26
CA LEU G 242 12.68 -149.70 -22.61
C LEU G 242 13.57 -148.47 -22.65
N LEU G 243 14.85 -148.64 -22.99
CA LEU G 243 15.79 -147.54 -22.97
C LEU G 243 15.67 -146.67 -24.22
N MET G 244 15.32 -147.27 -25.36
CA MET G 244 14.92 -146.47 -26.52
C MET G 244 13.45 -146.07 -26.46
N ALA G 245 12.71 -146.61 -25.49
CA ALA G 245 11.28 -146.34 -25.41
C ALA G 245 10.96 -145.07 -24.63
N TYR G 246 11.97 -144.32 -24.20
CA TYR G 246 11.75 -143.20 -23.28
C TYR G 246 10.94 -142.08 -23.94
N GLN G 247 11.13 -141.87 -25.24
CA GLN G 247 10.58 -140.71 -25.92
C GLN G 247 9.07 -140.78 -26.01
N ILE G 248 8.54 -141.94 -26.38
CA ILE G 248 7.10 -142.05 -26.57
C ILE G 248 6.41 -142.33 -25.23
N CYS G 249 7.10 -143.01 -24.31
CA CYS G 249 6.50 -143.33 -23.02
C CYS G 249 6.40 -142.09 -22.15
N PHE G 250 7.46 -141.30 -22.11
CA PHE G 250 7.51 -140.18 -21.20
C PHE G 250 7.32 -138.84 -21.88
N ASP G 251 7.32 -138.79 -23.21
CA ASP G 251 6.63 -137.70 -23.87
C ASP G 251 5.12 -137.95 -23.89
N LEU G 252 4.73 -139.23 -23.91
CA LEU G 252 3.34 -139.59 -23.66
C LEU G 252 2.90 -139.16 -22.27
N TYR G 253 3.74 -139.38 -21.27
CA TYR G 253 3.37 -138.86 -19.96
C TYR G 253 3.58 -137.35 -19.90
N GLU G 254 4.50 -136.83 -20.70
CA GLU G 254 4.88 -135.42 -20.58
C GLU G 254 3.89 -134.50 -21.29
N SER G 255 3.71 -134.70 -22.59
CA SER G 255 3.13 -133.66 -23.45
C SER G 255 1.76 -134.02 -23.98
N ALA G 256 1.12 -135.05 -23.44
CA ALA G 256 -0.20 -135.43 -23.90
C ALA G 256 -1.26 -134.79 -23.02
N SER G 257 -2.45 -134.59 -23.59
CA SER G 257 -3.55 -133.98 -22.86
C SER G 257 -4.15 -134.99 -21.88
N GLN G 258 -4.72 -134.46 -20.79
CA GLN G 258 -5.30 -135.29 -19.74
C GLN G 258 -6.47 -136.11 -20.27
N GLN G 259 -7.30 -135.51 -21.13
CA GLN G 259 -8.33 -136.27 -21.83
C GLN G 259 -7.71 -137.29 -22.77
N PHE G 260 -6.63 -136.90 -23.47
CA PHE G 260 -5.91 -137.86 -24.29
C PHE G 260 -5.14 -138.86 -23.45
N LEU G 261 -4.75 -138.48 -22.23
CA LEU G 261 -4.18 -139.46 -21.29
C LEU G 261 -5.22 -140.50 -20.90
N SER G 262 -6.47 -140.08 -20.72
CA SER G 262 -7.53 -141.02 -20.40
C SER G 262 -7.84 -141.92 -21.59
N SER G 263 -7.87 -141.35 -22.79
CA SER G 263 -8.10 -142.17 -23.98
C SER G 263 -6.93 -143.11 -24.24
N VAL G 264 -5.71 -142.67 -23.91
CA VAL G 264 -4.54 -143.46 -24.28
C VAL G 264 -4.31 -144.57 -23.24
N ILE G 265 -4.78 -144.37 -22.00
CA ILE G 265 -4.71 -145.45 -21.02
C ILE G 265 -5.89 -146.38 -21.26
N GLN G 266 -6.94 -145.88 -21.93
CA GLN G 266 -8.01 -146.77 -22.34
C GLN G 266 -7.56 -147.70 -23.46
N ASN G 267 -6.94 -147.14 -24.50
CA ASN G 267 -6.57 -147.93 -25.66
C ASN G 267 -5.27 -148.68 -25.49
N LEU G 268 -4.42 -148.26 -24.57
CA LEU G 268 -3.07 -148.83 -24.51
C LEU G 268 -2.98 -150.11 -23.73
N ARG G 269 -3.84 -150.31 -22.72
CA ARG G 269 -3.80 -151.55 -21.95
C ARG G 269 -4.25 -152.76 -22.74
N THR G 270 -4.88 -152.56 -23.90
CA THR G 270 -5.37 -153.66 -24.70
C THR G 270 -4.21 -154.38 -25.39
N ASP G 320 9.55 -154.61 -15.67
CA ASP G 320 8.96 -155.12 -16.90
C ASP G 320 7.96 -154.14 -17.49
N GLN G 321 7.91 -154.10 -18.82
CA GLN G 321 6.99 -153.23 -19.52
C GLN G 321 5.53 -153.66 -19.38
N THR G 322 5.27 -154.86 -18.86
CA THR G 322 3.90 -155.29 -18.60
C THR G 322 3.25 -154.41 -17.54
N LEU G 323 4.04 -153.96 -16.56
CA LEU G 323 3.58 -152.98 -15.60
C LEU G 323 4.17 -151.60 -15.82
N LYS G 324 5.31 -151.50 -16.51
CA LYS G 324 5.84 -150.19 -16.85
C LYS G 324 4.97 -149.50 -17.89
N MET G 325 4.18 -150.26 -18.66
CA MET G 325 3.21 -149.66 -19.56
C MET G 325 2.11 -148.89 -18.82
N ILE G 326 1.94 -149.13 -17.51
CA ILE G 326 1.02 -148.36 -16.70
C ILE G 326 1.83 -147.37 -15.87
N LYS G 327 3.06 -147.75 -15.51
CA LYS G 327 3.90 -146.87 -14.70
C LYS G 327 4.38 -145.64 -15.46
N ILE G 328 4.45 -145.71 -16.79
CA ILE G 328 4.69 -144.50 -17.57
C ILE G 328 3.48 -143.59 -17.51
N LEU G 329 2.28 -144.16 -17.41
CA LEU G 329 1.07 -143.37 -17.44
C LEU G 329 0.78 -142.74 -16.09
N SER G 330 1.08 -143.46 -15.01
CA SER G 330 1.09 -142.85 -13.69
C SER G 330 2.22 -141.83 -13.59
N GLY G 331 3.40 -142.20 -14.08
CA GLY G 331 4.53 -141.30 -14.26
C GLY G 331 5.03 -140.62 -13.00
N GLU G 332 4.76 -141.20 -11.83
CA GLU G 332 4.95 -140.48 -10.57
C GLU G 332 6.43 -140.32 -10.21
N MET G 333 7.35 -140.89 -10.99
CA MET G 333 8.76 -140.92 -10.66
C MET G 333 9.38 -139.53 -10.63
N ALA G 334 9.21 -138.75 -11.70
CA ALA G 334 9.74 -137.39 -11.71
C ALA G 334 8.92 -136.49 -10.81
N ILE G 335 7.73 -136.93 -10.42
CA ILE G 335 6.92 -136.16 -9.49
C ILE G 335 7.53 -136.22 -8.09
N GLU G 336 7.88 -137.43 -7.63
CA GLU G 336 8.42 -137.49 -6.28
C GLU G 336 9.92 -137.26 -6.22
N LEU G 337 10.66 -137.48 -7.32
CA LEU G 337 12.07 -137.12 -7.25
C LEU G 337 12.29 -135.67 -7.63
N HIS G 338 11.38 -135.08 -8.41
CA HIS G 338 11.33 -133.63 -8.50
C HIS G 338 10.84 -133.01 -7.20
N LEU G 339 10.00 -133.74 -6.46
CA LEU G 339 9.67 -133.35 -5.10
C LEU G 339 10.90 -133.42 -4.21
N GLN G 340 11.78 -134.39 -4.48
CA GLN G 340 13.08 -134.43 -3.82
C GLN G 340 13.92 -133.23 -4.22
N PHE G 341 13.80 -132.80 -5.48
CA PHE G 341 14.47 -131.57 -5.91
C PHE G 341 13.87 -130.34 -5.21
N LEU G 342 12.60 -130.42 -4.83
CA LEU G 342 11.94 -129.27 -4.21
C LEU G 342 12.03 -129.29 -2.70
N ILE G 343 12.56 -130.35 -2.11
CA ILE G 343 12.98 -130.25 -0.72
C ILE G 343 14.48 -129.95 -0.60
N ARG G 344 15.31 -130.48 -1.50
CA ARG G 344 16.76 -130.26 -1.33
C ARG G 344 17.19 -128.86 -1.76
N ASN G 345 16.86 -128.45 -2.99
CA ASN G 345 17.35 -127.18 -3.50
C ASN G 345 16.59 -126.02 -2.87
N ASN G 346 17.32 -124.98 -2.49
CA ASN G 346 16.76 -123.86 -1.76
C ASN G 346 17.72 -122.68 -1.84
N ASN G 347 17.14 -121.47 -1.86
CA ASN G 347 17.92 -120.26 -1.66
C ASN G 347 16.97 -119.17 -1.13
N THR G 348 16.91 -119.01 0.20
CA THR G 348 15.98 -118.07 0.82
C THR G 348 16.65 -116.73 1.10
N ASP G 349 15.79 -115.71 1.27
CA ASP G 349 16.20 -114.41 1.82
C ASP G 349 15.07 -113.98 2.75
N LEU G 350 15.19 -114.36 4.02
CA LEU G 350 14.15 -114.11 5.00
C LEU G 350 14.11 -112.65 5.44
N MET G 351 15.19 -111.90 5.18
CA MET G 351 15.22 -110.48 5.49
C MET G 351 14.18 -109.72 4.68
N ILE G 352 14.09 -110.02 3.38
CA ILE G 352 13.05 -109.46 2.54
C ILE G 352 11.68 -109.93 3.02
N LEU G 353 11.60 -111.15 3.55
CA LEU G 353 10.35 -111.63 4.10
C LEU G 353 9.95 -110.86 5.35
N LYS G 354 10.93 -110.29 6.06
CA LYS G 354 10.60 -109.44 7.21
C LYS G 354 10.25 -108.01 6.77
N ASN G 355 11.03 -107.44 5.85
CA ASN G 355 10.82 -106.06 5.41
C ASN G 355 9.65 -105.92 4.44
N THR G 356 9.10 -107.03 3.98
CA THR G 356 7.78 -107.08 3.39
C THR G 356 6.73 -107.50 4.42
N LYS G 357 7.15 -108.23 5.45
CA LYS G 357 6.26 -108.67 6.52
C LYS G 357 5.81 -107.50 7.42
N ASP G 358 6.52 -106.37 7.38
CA ASP G 358 6.19 -105.22 8.21
C ASP G 358 4.84 -104.58 7.92
N ALA G 359 4.33 -104.68 6.69
CA ALA G 359 3.13 -103.94 6.32
C ALA G 359 1.99 -104.88 5.93
N VAL G 360 1.79 -105.94 6.71
CA VAL G 360 0.79 -106.94 6.37
C VAL G 360 -0.60 -106.42 6.72
N ARG G 361 -1.54 -106.68 5.81
CA ARG G 361 -2.96 -106.50 6.05
C ARG G 361 -3.66 -107.70 5.42
N ASN G 362 -4.96 -107.60 5.21
CA ASN G 362 -5.69 -108.51 4.33
C ASN G 362 -5.22 -108.24 2.90
N SER G 363 -4.04 -108.78 2.57
CA SER G 363 -3.21 -108.21 1.53
C SER G 363 -2.28 -109.30 0.99
N VAL G 364 -1.45 -108.90 0.02
CA VAL G 364 -0.64 -109.85 -0.74
C VAL G 364 0.72 -110.01 -0.07
N CYS G 365 0.94 -109.33 1.05
CA CYS G 365 1.97 -109.79 1.97
C CYS G 365 1.62 -111.16 2.50
N HIS G 366 0.46 -111.27 3.16
CA HIS G 366 -0.01 -112.48 3.82
C HIS G 366 -0.12 -113.66 2.88
N THR G 367 -0.43 -113.41 1.61
CA THR G 367 -0.49 -114.46 0.61
C THR G 367 0.82 -114.69 -0.11
N ALA G 368 1.45 -113.63 -0.59
CA ALA G 368 2.65 -113.72 -1.41
C ALA G 368 3.89 -114.16 -0.65
N THR G 369 3.84 -114.21 0.69
CA THR G 369 4.86 -114.94 1.41
C THR G 369 4.80 -116.44 1.12
N VAL G 370 3.63 -117.05 1.33
CA VAL G 370 3.54 -118.49 1.11
C VAL G 370 3.47 -118.81 -0.38
N ILE G 371 3.00 -117.87 -1.19
CA ILE G 371 3.13 -117.98 -2.64
C ILE G 371 4.59 -117.89 -3.03
N ALA G 372 5.35 -117.07 -2.32
CA ALA G 372 6.76 -116.83 -2.64
C ALA G 372 7.59 -118.07 -2.37
N ASN G 373 7.61 -118.54 -1.13
CA ASN G 373 8.42 -119.73 -0.85
C ASN G 373 7.74 -121.02 -1.30
N SER G 374 6.44 -121.01 -1.55
CA SER G 374 5.81 -122.17 -2.15
C SER G 374 6.09 -122.27 -3.64
N PHE G 375 6.42 -121.16 -4.29
CA PHE G 375 6.94 -121.26 -5.65
C PHE G 375 8.40 -121.65 -5.63
N MET G 376 9.11 -121.26 -4.58
CA MET G 376 10.41 -121.85 -4.29
C MET G 376 10.27 -123.34 -4.04
N HIS G 377 9.22 -123.74 -3.32
CA HIS G 377 9.07 -125.09 -2.79
C HIS G 377 7.64 -125.58 -3.00
N CYS G 378 7.39 -126.23 -4.14
CA CYS G 378 6.10 -126.89 -4.36
C CYS G 378 6.19 -128.26 -3.71
N GLY G 379 5.92 -128.29 -2.41
CA GLY G 379 6.11 -129.52 -1.67
C GLY G 379 7.43 -129.61 -0.93
N THR G 380 7.74 -128.59 -0.12
CA THR G 380 8.84 -128.77 0.83
C THR G 380 8.43 -129.66 1.98
N THR G 381 7.12 -129.89 2.17
CA THR G 381 6.54 -130.76 3.20
C THR G 381 7.01 -130.35 4.60
N SER G 382 7.18 -129.05 4.80
CA SER G 382 7.76 -128.54 6.02
C SER G 382 7.26 -127.13 6.25
N ASP G 383 7.13 -126.75 7.53
CA ASP G 383 6.61 -125.46 7.92
C ASP G 383 7.74 -124.55 8.36
N GLN G 384 7.80 -123.37 7.81
CA GLN G 384 8.74 -122.36 8.25
C GLN G 384 8.07 -121.02 8.49
N PHE G 385 6.91 -120.81 7.89
CA PHE G 385 6.11 -119.63 8.21
C PHE G 385 4.96 -119.93 9.16
N LEU G 386 4.66 -121.21 9.37
CA LEU G 386 3.73 -121.55 10.43
C LEU G 386 4.45 -121.64 11.77
N ARG G 387 5.74 -121.97 11.75
CA ARG G 387 6.47 -122.26 12.97
C ARG G 387 6.97 -121.00 13.64
N ASP G 388 7.39 -120.01 12.85
CA ASP G 388 8.05 -118.84 13.39
C ASP G 388 7.10 -117.91 14.12
N ASN G 389 5.79 -118.03 13.90
CA ASN G 389 4.83 -117.07 14.43
C ASN G 389 3.42 -117.65 14.40
N LEU G 390 2.53 -116.98 15.12
CA LEU G 390 1.11 -117.25 15.04
C LEU G 390 0.36 -115.94 14.88
N GLU G 391 0.95 -114.85 15.37
CA GLU G 391 0.26 -113.57 15.48
C GLU G 391 0.26 -112.82 14.15
N TRP G 392 1.38 -112.89 13.42
CA TRP G 392 1.39 -112.48 12.03
C TRP G 392 0.45 -113.33 11.21
N LEU G 393 0.31 -114.59 11.57
CA LEU G 393 -0.67 -115.51 11.02
C LEU G 393 -2.06 -115.26 11.58
N ALA G 394 -2.20 -114.47 12.65
CA ALA G 394 -3.50 -114.19 13.28
C ALA G 394 -4.14 -112.94 12.70
N ARG G 395 -3.92 -112.68 11.43
CA ARG G 395 -4.52 -111.54 10.77
C ARG G 395 -5.53 -112.12 9.76
N ALA G 396 -6.32 -113.10 10.21
CA ALA G 396 -7.13 -113.94 9.35
C ALA G 396 -8.58 -113.48 9.35
N THR G 397 -9.07 -113.09 8.17
CA THR G 397 -10.49 -112.85 7.93
C THR G 397 -10.84 -113.09 6.46
N ASN G 398 -11.36 -114.29 6.21
CA ASN G 398 -12.17 -114.70 5.06
C ASN G 398 -11.41 -114.84 3.74
N TRP G 399 -10.20 -114.28 3.66
CA TRP G 399 -9.24 -114.66 2.64
C TRP G 399 -7.85 -114.81 3.21
N ALA G 400 -7.65 -114.30 4.42
CA ALA G 400 -6.52 -114.73 5.19
C ALA G 400 -6.93 -115.82 6.17
N LYS G 401 -8.23 -116.01 6.41
CA LYS G 401 -8.69 -117.30 6.90
C LYS G 401 -8.59 -118.36 5.81
N PHE G 402 -9.20 -118.06 4.66
CA PHE G 402 -9.18 -118.94 3.50
C PHE G 402 -7.76 -119.21 3.03
N THR G 403 -6.96 -118.15 2.91
CA THR G 403 -5.56 -118.29 2.56
C THR G 403 -4.78 -118.95 3.68
N ALA G 404 -5.15 -118.66 4.94
CA ALA G 404 -4.48 -119.29 6.08
C ALA G 404 -4.71 -120.79 6.17
N THR G 405 -5.73 -121.32 5.50
CA THR G 405 -5.91 -122.76 5.49
C THR G 405 -5.71 -123.41 4.13
N ALA G 406 -5.72 -122.64 3.04
CA ALA G 406 -5.34 -123.17 1.74
C ALA G 406 -3.83 -123.13 1.55
N SER G 407 -3.15 -122.32 2.35
CA SER G 407 -1.73 -122.10 2.19
C SER G 407 -0.90 -123.34 2.47
N LEU G 408 -1.43 -124.31 3.20
CA LEU G 408 -0.70 -125.54 3.44
C LEU G 408 -0.55 -126.32 2.14
N GLY G 409 -1.65 -126.52 1.41
CA GLY G 409 -1.57 -127.12 0.09
C GLY G 409 -0.96 -126.23 -0.96
N VAL G 410 -0.91 -124.92 -0.72
CA VAL G 410 -0.11 -124.05 -1.58
C VAL G 410 1.36 -124.43 -1.48
N ILE G 411 1.85 -124.65 -0.26
CA ILE G 411 3.22 -125.08 -0.04
C ILE G 411 3.40 -126.57 -0.29
N HIS G 412 2.31 -127.32 -0.39
CA HIS G 412 2.37 -128.76 -0.58
C HIS G 412 1.78 -129.15 -1.94
N LYS G 413 2.18 -128.41 -2.97
CA LYS G 413 1.88 -128.84 -4.33
C LYS G 413 2.62 -130.14 -4.62
N GLY G 414 1.94 -131.06 -5.32
CA GLY G 414 2.47 -132.39 -5.43
C GLY G 414 2.27 -133.07 -4.09
N HIS G 415 3.19 -133.99 -3.77
CA HIS G 415 3.26 -134.67 -2.48
C HIS G 415 1.96 -135.44 -2.19
N GLU G 416 1.73 -136.43 -3.05
CA GLU G 416 0.40 -136.97 -3.28
C GLU G 416 -0.06 -137.88 -2.15
N LYS G 417 0.76 -138.86 -1.79
CA LYS G 417 0.33 -139.91 -0.86
C LYS G 417 0.13 -139.37 0.54
N GLU G 418 0.94 -138.40 0.93
CA GLU G 418 0.81 -137.79 2.24
C GLU G 418 -0.03 -136.50 2.16
N ALA G 419 -1.11 -136.55 1.40
CA ALA G 419 -2.04 -135.43 1.39
C ALA G 419 -2.87 -135.40 2.66
N LEU G 420 -3.77 -136.37 2.80
CA LEU G 420 -4.85 -136.29 3.78
C LEU G 420 -4.33 -136.48 5.19
N GLN G 421 -3.25 -137.24 5.32
CA GLN G 421 -2.62 -137.43 6.61
C GLN G 421 -1.70 -136.29 7.00
N LEU G 422 -1.30 -135.42 6.07
CA LEU G 422 -0.60 -134.21 6.47
C LEU G 422 -1.57 -133.11 6.87
N MET G 423 -2.79 -133.20 6.35
CA MET G 423 -3.89 -132.35 6.78
C MET G 423 -4.81 -133.08 7.75
N ALA G 424 -4.22 -133.88 8.64
CA ALA G 424 -4.99 -134.48 9.73
C ALA G 424 -5.50 -133.42 10.69
N THR G 425 -4.77 -132.29 10.77
CA THR G 425 -5.32 -131.10 11.40
C THR G 425 -6.55 -130.60 10.65
N TYR G 426 -6.54 -130.73 9.33
CA TYR G 426 -7.48 -130.04 8.46
C TYR G 426 -8.50 -130.97 7.81
N LEU G 427 -8.96 -131.98 8.56
CA LEU G 427 -10.19 -132.66 8.20
C LEU G 427 -11.36 -131.72 8.43
N PRO G 428 -12.48 -131.89 7.69
CA PRO G 428 -13.59 -130.92 7.82
C PRO G 428 -14.47 -131.10 9.05
N LYS G 429 -13.88 -131.46 10.19
CA LYS G 429 -14.51 -131.23 11.49
C LYS G 429 -13.45 -130.86 12.53
N ASP G 430 -12.19 -130.71 12.13
CA ASP G 430 -11.07 -130.62 13.07
C ASP G 430 -10.41 -129.25 13.06
N THR G 431 -11.11 -128.24 12.53
CA THR G 431 -10.66 -126.86 12.65
C THR G 431 -11.41 -126.14 13.77
N SER G 432 -12.73 -126.15 13.71
CA SER G 432 -13.62 -125.51 14.67
C SER G 432 -13.31 -124.04 15.04
N PRO G 433 -13.43 -123.11 14.08
CA PRO G 433 -13.67 -121.72 14.51
C PRO G 433 -15.14 -121.40 14.35
N GLY G 434 -15.48 -120.12 14.44
CA GLY G 434 -16.82 -119.71 14.08
C GLY G 434 -17.08 -119.59 12.59
N SER G 435 -16.11 -119.92 11.75
CA SER G 435 -16.21 -119.69 10.32
C SER G 435 -15.92 -120.98 9.55
N ALA G 436 -16.42 -121.03 8.32
CA ALA G 436 -16.21 -122.20 7.48
C ALA G 436 -15.14 -121.98 6.42
N TYR G 437 -14.51 -120.81 6.38
CA TYR G 437 -13.44 -120.59 5.41
C TYR G 437 -12.16 -121.25 5.86
N GLN G 438 -11.91 -121.26 7.16
CA GLN G 438 -10.83 -121.98 7.82
C GLN G 438 -10.92 -123.48 7.60
N GLU G 439 -12.09 -124.02 7.32
CA GLU G 439 -12.22 -125.43 6.98
C GLU G 439 -12.49 -125.66 5.51
N GLY G 440 -13.06 -124.69 4.79
CA GLY G 440 -13.37 -124.88 3.39
C GLY G 440 -12.13 -124.77 2.54
N GLY G 441 -11.29 -123.80 2.85
CA GLY G 441 -10.06 -123.63 2.11
C GLY G 441 -9.03 -124.70 2.37
N GLY G 442 -9.13 -125.40 3.50
CA GLY G 442 -8.31 -126.58 3.69
C GLY G 442 -8.68 -127.67 2.73
N LEU G 443 -9.98 -127.86 2.50
CA LEU G 443 -10.42 -128.81 1.48
C LEU G 443 -10.08 -128.32 0.09
N TYR G 444 -10.01 -127.01 -0.09
CA TYR G 444 -9.42 -126.47 -1.31
C TYR G 444 -7.95 -126.87 -1.43
N ALA G 445 -7.23 -126.87 -0.32
CA ALA G 445 -5.82 -127.27 -0.36
C ALA G 445 -5.67 -128.76 -0.66
N LEU G 446 -6.66 -129.56 -0.25
CA LEU G 446 -6.78 -130.91 -0.78
C LEU G 446 -7.00 -130.88 -2.29
N GLY G 447 -7.73 -129.89 -2.79
CA GLY G 447 -7.80 -129.72 -4.24
C GLY G 447 -6.47 -129.34 -4.86
N LEU G 448 -5.65 -128.59 -4.13
CA LEU G 448 -4.36 -128.15 -4.63
C LEU G 448 -3.39 -129.29 -4.76
N ILE G 449 -3.44 -130.22 -3.81
CA ILE G 449 -2.55 -131.39 -3.88
C ILE G 449 -2.94 -132.27 -5.05
N HIS G 450 -4.24 -132.52 -5.20
CA HIS G 450 -4.73 -133.48 -6.18
C HIS G 450 -4.93 -132.85 -7.56
N ALA G 451 -3.89 -132.22 -8.08
CA ALA G 451 -3.96 -131.60 -9.40
C ALA G 451 -3.70 -132.66 -10.46
N ASN G 452 -4.76 -133.04 -11.18
CA ASN G 452 -4.74 -133.94 -12.34
C ASN G 452 -4.27 -135.36 -12.06
N HIS G 453 -3.98 -135.68 -10.79
CA HIS G 453 -3.69 -137.05 -10.36
C HIS G 453 -4.39 -137.25 -9.01
N GLY G 454 -5.64 -137.67 -9.07
CA GLY G 454 -6.42 -137.89 -7.86
C GLY G 454 -6.86 -139.33 -7.76
N GLY G 455 -8.10 -139.58 -8.16
CA GLY G 455 -8.66 -140.91 -8.14
C GLY G 455 -9.90 -140.94 -7.30
N ASP G 456 -9.84 -141.65 -6.18
CA ASP G 456 -10.95 -141.65 -5.25
C ASP G 456 -11.12 -140.32 -4.55
N ILE G 457 -10.02 -139.61 -4.29
CA ILE G 457 -10.10 -138.37 -3.55
C ILE G 457 -10.67 -137.26 -4.42
N ILE G 458 -10.61 -137.42 -5.75
CA ILE G 458 -11.50 -136.68 -6.64
C ILE G 458 -12.94 -136.95 -6.26
N ASP G 459 -13.35 -138.22 -6.26
CA ASP G 459 -14.72 -138.57 -5.92
C ASP G 459 -14.98 -138.41 -4.44
N TYR G 460 -13.95 -138.39 -3.60
CA TYR G 460 -14.19 -138.18 -2.18
C TYR G 460 -14.42 -136.72 -1.86
N LEU G 461 -13.71 -135.83 -2.55
CA LEU G 461 -14.06 -134.41 -2.49
C LEU G 461 -15.41 -134.15 -3.13
N LEU G 462 -15.77 -134.93 -4.15
CA LEU G 462 -17.13 -134.88 -4.69
C LEU G 462 -18.13 -135.29 -3.63
N ASN G 463 -17.76 -136.27 -2.79
CA ASN G 463 -18.61 -136.62 -1.67
C ASN G 463 -18.59 -135.56 -0.59
N GLN G 464 -17.47 -134.83 -0.46
CA GLN G 464 -17.39 -133.75 0.52
C GLN G 464 -18.34 -132.63 0.14
N LEU G 465 -18.51 -132.39 -1.16
CA LEU G 465 -19.53 -131.45 -1.59
C LEU G 465 -20.92 -132.06 -1.52
N LYS G 466 -21.01 -133.37 -1.36
CA LYS G 466 -22.30 -134.02 -1.23
C LYS G 466 -22.50 -134.65 0.14
N ASN G 467 -21.86 -134.11 1.18
CA ASN G 467 -22.21 -134.50 2.55
C ASN G 467 -23.26 -133.53 3.13
N ALA G 468 -24.32 -133.33 2.32
CA ALA G 468 -25.46 -132.48 2.65
C ALA G 468 -25.05 -131.06 3.08
N SER G 469 -24.02 -130.54 2.43
CA SER G 469 -23.39 -129.28 2.81
C SER G 469 -23.49 -128.29 1.67
N ASN G 470 -24.21 -127.21 1.88
CA ASN G 470 -24.35 -126.15 0.90
C ASN G 470 -23.52 -124.95 1.35
N ASP G 471 -22.65 -124.48 0.43
CA ASP G 471 -21.82 -123.28 0.42
C ASP G 471 -21.26 -122.84 1.77
N ILE G 472 -20.80 -123.80 2.56
CA ILE G 472 -19.89 -123.55 3.67
C ILE G 472 -18.62 -124.38 3.54
N VAL G 473 -18.77 -125.64 3.15
CA VAL G 473 -17.64 -126.44 2.66
C VAL G 473 -17.25 -126.01 1.25
N ARG G 474 -18.25 -125.66 0.41
CA ARG G 474 -18.02 -125.44 -1.01
C ARG G 474 -17.20 -124.20 -1.28
N HIS G 475 -17.10 -123.31 -0.28
CA HIS G 475 -16.28 -122.11 -0.23
C HIS G 475 -14.86 -122.32 -0.76
N GLY G 476 -14.24 -123.43 -0.37
CA GLY G 476 -13.01 -123.81 -1.00
C GLY G 476 -13.11 -125.17 -1.67
N GLY G 477 -13.95 -126.02 -1.10
CA GLY G 477 -14.09 -127.39 -1.58
C GLY G 477 -14.60 -127.49 -2.99
N SER G 478 -15.48 -126.57 -3.41
CA SER G 478 -15.96 -126.60 -4.79
C SER G 478 -14.85 -126.24 -5.78
N LEU G 479 -14.04 -125.26 -5.40
CA LEU G 479 -12.88 -124.88 -6.21
C LEU G 479 -11.88 -126.03 -6.29
N GLY G 480 -11.66 -126.72 -5.18
CA GLY G 480 -10.73 -127.84 -5.19
C GLY G 480 -11.28 -129.03 -5.94
N LEU G 481 -12.61 -129.15 -6.02
CA LEU G 481 -13.21 -130.26 -6.77
C LEU G 481 -13.09 -130.02 -8.27
N GLY G 482 -13.39 -128.81 -8.72
CA GLY G 482 -13.18 -128.50 -10.12
C GLY G 482 -11.70 -128.50 -10.48
N LEU G 483 -10.86 -128.18 -9.50
CA LEU G 483 -9.41 -128.24 -9.70
C LEU G 483 -8.91 -129.67 -9.83
N ALA G 484 -9.52 -130.60 -9.09
CA ALA G 484 -9.04 -131.97 -9.07
C ALA G 484 -9.38 -132.68 -10.38
N ALA G 485 -10.66 -132.72 -10.73
CA ALA G 485 -11.07 -133.38 -11.96
C ALA G 485 -11.07 -132.40 -13.12
N MET G 486 -9.97 -131.69 -13.31
CA MET G 486 -9.90 -130.67 -14.34
C MET G 486 -9.65 -131.32 -15.69
N GLY G 487 -10.54 -131.05 -16.64
CA GLY G 487 -10.38 -131.55 -18.00
C GLY G 487 -10.64 -133.01 -18.19
N THR G 488 -11.06 -133.72 -17.14
CA THR G 488 -11.30 -135.16 -17.23
C THR G 488 -12.67 -135.50 -17.78
N ALA G 489 -13.51 -134.48 -18.01
CA ALA G 489 -14.86 -134.60 -18.60
C ALA G 489 -15.74 -135.55 -17.79
N ARG G 490 -15.84 -135.25 -16.51
CA ARG G 490 -16.69 -136.05 -15.63
C ARG G 490 -18.15 -135.68 -15.82
N GLN G 491 -19.00 -136.35 -15.06
CA GLN G 491 -20.42 -136.09 -15.15
C GLN G 491 -21.04 -135.62 -13.84
N ASP G 492 -20.61 -136.18 -12.72
CA ASP G 492 -21.28 -135.89 -11.45
C ASP G 492 -21.00 -134.47 -10.98
N VAL G 493 -19.77 -134.01 -11.18
CA VAL G 493 -19.42 -132.63 -10.87
C VAL G 493 -20.17 -131.67 -11.79
N TYR G 494 -20.48 -132.08 -13.03
CA TYR G 494 -21.39 -131.30 -13.85
C TYR G 494 -22.79 -131.29 -13.24
N ASP G 495 -23.19 -132.40 -12.63
CA ASP G 495 -24.56 -132.51 -12.14
C ASP G 495 -24.79 -131.66 -10.90
N LEU G 496 -23.92 -131.80 -9.91
CA LEU G 496 -24.04 -130.98 -8.71
C LEU G 496 -23.51 -129.57 -8.91
N LEU G 497 -22.81 -129.33 -10.02
CA LEU G 497 -22.53 -127.96 -10.41
C LEU G 497 -23.57 -127.37 -11.37
N LYS G 498 -24.64 -128.11 -11.68
CA LYS G 498 -25.83 -127.45 -12.21
C LYS G 498 -26.65 -126.83 -11.08
N THR G 499 -26.76 -127.51 -9.96
CA THR G 499 -27.38 -126.86 -8.81
C THR G 499 -26.42 -125.91 -8.12
N ASN G 500 -25.11 -126.11 -8.26
CA ASN G 500 -24.20 -125.06 -7.86
C ASN G 500 -24.26 -123.91 -8.83
N LEU G 501 -24.59 -124.19 -10.09
CA LEU G 501 -24.92 -123.12 -11.04
C LEU G 501 -26.21 -122.44 -10.65
N TYR G 502 -27.08 -123.15 -9.95
CA TYR G 502 -28.41 -122.66 -9.60
C TYR G 502 -28.53 -122.36 -8.11
N GLN G 503 -27.40 -122.11 -7.43
CA GLN G 503 -27.46 -121.65 -6.04
C GLN G 503 -28.00 -120.23 -5.94
N ASP G 504 -27.82 -119.45 -7.01
CA ASP G 504 -27.95 -117.99 -7.00
C ASP G 504 -27.12 -117.39 -5.86
N ASP G 505 -25.86 -117.80 -5.79
CA ASP G 505 -24.94 -117.32 -4.76
C ASP G 505 -23.53 -117.44 -5.34
N ALA G 506 -22.92 -116.31 -5.67
CA ALA G 506 -21.67 -116.30 -6.43
C ALA G 506 -20.45 -116.70 -5.59
N VAL G 507 -20.59 -116.78 -4.26
CA VAL G 507 -19.45 -117.20 -3.44
C VAL G 507 -19.12 -118.67 -3.68
N THR G 508 -20.12 -119.44 -4.13
CA THR G 508 -19.89 -120.77 -4.66
C THR G 508 -20.34 -120.91 -6.09
N GLY G 509 -21.12 -119.95 -6.60
CA GLY G 509 -21.58 -120.04 -7.98
C GLY G 509 -20.55 -119.55 -8.97
N GLU G 510 -19.71 -118.61 -8.55
CA GLU G 510 -18.53 -118.30 -9.35
C GLU G 510 -17.60 -119.49 -9.39
N ALA G 511 -17.52 -120.24 -8.30
CA ALA G 511 -16.82 -121.52 -8.33
C ALA G 511 -17.53 -122.52 -9.22
N ALA G 512 -18.84 -122.39 -9.37
CA ALA G 512 -19.56 -123.28 -10.28
C ALA G 512 -19.24 -122.92 -11.72
N GLY G 513 -19.08 -121.63 -12.00
CA GLY G 513 -18.69 -121.22 -13.34
C GLY G 513 -17.28 -121.64 -13.67
N LEU G 514 -16.32 -121.23 -12.83
CA LEU G 514 -14.92 -121.55 -13.04
C LEU G 514 -14.67 -123.05 -13.02
N ALA G 515 -15.12 -123.72 -11.97
CA ALA G 515 -14.93 -125.15 -11.81
C ALA G 515 -15.68 -125.95 -12.87
N LEU G 516 -16.87 -125.48 -13.26
CA LEU G 516 -17.61 -126.18 -14.30
C LEU G 516 -16.96 -125.98 -15.66
N GLY G 517 -16.23 -124.87 -15.83
CA GLY G 517 -15.35 -124.79 -16.98
C GLY G 517 -14.17 -125.72 -16.86
N LEU G 518 -13.63 -125.87 -15.65
CA LEU G 518 -12.40 -126.63 -15.42
C LEU G 518 -12.59 -128.10 -15.73
N VAL G 519 -13.69 -128.69 -15.26
CA VAL G 519 -13.92 -130.11 -15.47
C VAL G 519 -14.24 -130.46 -16.91
N MET G 520 -14.54 -129.47 -17.74
CA MET G 520 -14.90 -129.70 -19.12
C MET G 520 -13.95 -128.94 -20.04
N LEU G 521 -12.64 -129.01 -19.78
CA LEU G 521 -11.65 -128.27 -20.56
C LEU G 521 -11.64 -128.72 -22.02
N GLY G 522 -11.94 -127.77 -22.91
CA GLY G 522 -12.03 -128.03 -24.34
C GLY G 522 -13.06 -129.08 -24.66
N SER G 523 -14.26 -128.98 -24.08
CA SER G 523 -15.21 -130.07 -24.13
C SER G 523 -15.82 -130.22 -25.51
N LYS G 524 -16.21 -129.09 -26.12
CA LYS G 524 -17.21 -129.03 -27.17
C LYS G 524 -18.43 -129.85 -26.76
N ASN G 525 -19.10 -129.36 -25.73
CA ASN G 525 -20.31 -130.00 -25.24
C ASN G 525 -21.54 -129.25 -25.69
N ALA G 526 -22.60 -129.99 -25.93
CA ALA G 526 -23.90 -129.41 -26.26
C ALA G 526 -24.71 -129.05 -25.02
N GLN G 527 -24.28 -129.46 -23.83
CA GLN G 527 -25.05 -129.16 -22.63
C GLN G 527 -24.27 -128.32 -21.64
N ALA G 528 -22.95 -128.37 -21.69
CA ALA G 528 -22.17 -127.48 -20.84
C ALA G 528 -22.13 -126.08 -21.44
N ILE G 529 -21.92 -126.00 -22.76
CA ILE G 529 -21.91 -124.71 -23.45
C ILE G 529 -23.30 -124.07 -23.39
N GLU G 530 -24.34 -124.86 -23.66
CA GLU G 530 -25.68 -124.30 -23.79
C GLU G 530 -26.28 -123.91 -22.44
N ASP G 531 -26.00 -124.67 -21.39
CA ASP G 531 -26.58 -124.32 -20.10
C ASP G 531 -25.73 -123.31 -19.35
N MET G 532 -24.41 -123.34 -19.51
CA MET G 532 -23.60 -122.29 -18.91
C MET G 532 -23.74 -120.95 -19.62
N VAL G 533 -24.08 -120.97 -20.91
CA VAL G 533 -24.49 -119.72 -21.53
C VAL G 533 -25.96 -119.47 -21.26
N GLY G 534 -26.69 -120.51 -20.84
CA GLY G 534 -28.11 -120.36 -20.61
C GLY G 534 -28.40 -119.64 -19.30
N TYR G 535 -27.64 -119.95 -18.26
CA TYR G 535 -27.80 -119.26 -16.99
C TYR G 535 -27.28 -117.83 -17.03
N ALA G 536 -26.46 -117.50 -18.02
CA ALA G 536 -25.69 -116.26 -18.00
C ALA G 536 -26.58 -115.03 -18.16
N GLN G 537 -27.70 -115.16 -18.85
CA GLN G 537 -28.47 -113.96 -19.18
C GLN G 537 -29.29 -113.49 -17.99
N GLU G 538 -29.98 -114.39 -17.32
CA GLU G 538 -30.96 -114.03 -16.30
C GLU G 538 -30.35 -113.88 -14.91
N THR G 539 -29.05 -114.04 -14.76
CA THR G 539 -28.46 -113.79 -13.46
C THR G 539 -28.46 -112.29 -13.17
N GLN G 540 -28.35 -111.96 -11.89
CA GLN G 540 -28.53 -110.59 -11.44
C GLN G 540 -27.23 -109.89 -11.10
N HIS G 541 -26.08 -110.51 -11.38
CA HIS G 541 -24.78 -109.88 -11.15
C HIS G 541 -23.88 -110.17 -12.34
N GLU G 542 -22.65 -109.68 -12.28
CA GLU G 542 -21.73 -109.84 -13.40
C GLU G 542 -20.35 -110.32 -12.97
N LYS G 543 -20.05 -110.35 -11.68
CA LYS G 543 -18.88 -111.08 -11.23
C LYS G 543 -19.16 -112.57 -11.25
N ILE G 544 -20.44 -112.92 -11.03
CA ILE G 544 -20.93 -114.25 -11.37
C ILE G 544 -20.77 -114.50 -12.87
N LEU G 545 -20.88 -113.46 -13.69
CA LEU G 545 -20.58 -113.58 -15.11
C LEU G 545 -19.10 -113.50 -15.40
N ARG G 546 -18.29 -113.13 -14.41
CA ARG G 546 -16.84 -113.26 -14.59
C ARG G 546 -16.40 -114.69 -14.35
N GLY G 547 -16.93 -115.30 -13.29
CA GLY G 547 -16.67 -116.71 -13.01
C GLY G 547 -17.21 -117.59 -14.12
N LEU G 548 -18.46 -117.32 -14.49
CA LEU G 548 -19.05 -117.99 -15.65
C LEU G 548 -18.36 -117.60 -16.95
N ALA G 549 -17.79 -116.39 -17.01
CA ALA G 549 -17.12 -115.93 -18.23
C ALA G 549 -15.87 -116.74 -18.51
N VAL G 550 -15.01 -116.89 -17.49
CA VAL G 550 -13.81 -117.68 -17.67
C VAL G 550 -14.16 -119.16 -17.75
N GLY G 551 -15.26 -119.56 -17.10
CA GLY G 551 -15.67 -120.96 -17.19
C GLY G 551 -16.10 -121.37 -18.58
N ILE G 552 -16.94 -120.55 -19.22
CA ILE G 552 -17.30 -120.82 -20.61
C ILE G 552 -16.17 -120.49 -21.57
N ALA G 553 -15.14 -119.76 -21.11
CA ALA G 553 -13.94 -119.66 -21.92
C ALA G 553 -13.16 -120.96 -21.90
N LEU G 554 -13.13 -121.64 -20.77
CA LEU G 554 -12.27 -122.80 -20.61
C LEU G 554 -12.90 -124.06 -21.20
N VAL G 555 -14.19 -124.01 -21.52
CA VAL G 555 -14.90 -125.19 -21.97
C VAL G 555 -14.65 -125.46 -23.45
N MET G 556 -14.10 -124.50 -24.18
CA MET G 556 -13.60 -124.70 -25.54
C MET G 556 -12.16 -124.21 -25.58
N TYR G 557 -11.24 -125.13 -25.81
CA TYR G 557 -9.83 -124.80 -25.85
C TYR G 557 -9.19 -125.33 -27.12
N GLY G 558 -8.50 -124.46 -27.84
CA GLY G 558 -7.77 -124.85 -29.03
C GLY G 558 -8.66 -125.33 -30.15
N ARG G 559 -9.90 -124.83 -30.21
CA ARG G 559 -10.83 -125.33 -31.22
C ARG G 559 -10.49 -124.77 -32.58
N MET G 560 -9.96 -123.55 -32.64
CA MET G 560 -9.19 -122.98 -33.74
C MET G 560 -10.00 -122.65 -35.00
N GLU G 561 -11.24 -123.14 -35.09
CA GLU G 561 -12.17 -122.68 -36.11
C GLU G 561 -13.60 -122.75 -35.59
N GLU G 562 -13.77 -123.32 -34.40
CA GLU G 562 -15.10 -123.82 -34.08
C GLU G 562 -15.92 -122.81 -33.33
N ALA G 563 -15.28 -122.07 -32.42
CA ALA G 563 -16.02 -121.16 -31.55
C ALA G 563 -16.39 -119.84 -32.21
N ASP G 564 -16.23 -119.72 -33.53
CA ASP G 564 -16.36 -118.42 -34.19
C ASP G 564 -17.80 -117.91 -34.13
N ALA G 565 -18.76 -118.83 -34.15
CA ALA G 565 -20.15 -118.45 -33.90
C ALA G 565 -20.34 -118.05 -32.44
N LEU G 566 -19.56 -118.63 -31.54
CA LEU G 566 -19.70 -118.28 -30.13
C LEU G 566 -18.91 -117.02 -29.79
N ILE G 567 -17.75 -116.82 -30.44
CA ILE G 567 -16.99 -115.58 -30.22
C ILE G 567 -17.74 -114.42 -30.81
N GLU G 568 -18.28 -114.62 -32.01
CA GLU G 568 -19.09 -113.59 -32.64
C GLU G 568 -20.45 -113.48 -31.95
N SER G 569 -20.87 -114.53 -31.26
CA SER G 569 -22.14 -114.51 -30.56
C SER G 569 -22.07 -113.72 -29.27
N LEU G 570 -21.06 -113.95 -28.45
CA LEU G 570 -20.94 -113.22 -27.19
C LEU G 570 -20.34 -111.85 -27.42
N CYS G 571 -19.47 -111.72 -28.41
CA CYS G 571 -18.99 -110.42 -28.86
C CYS G 571 -20.09 -109.63 -29.56
N ARG G 572 -21.08 -110.32 -30.11
CA ARG G 572 -22.27 -109.66 -30.64
C ARG G 572 -23.06 -108.97 -29.53
N ASP G 573 -23.05 -109.55 -28.34
CA ASP G 573 -23.72 -108.91 -27.21
C ASP G 573 -22.98 -107.63 -26.82
N LYS G 574 -23.69 -106.76 -26.12
CA LYS G 574 -23.18 -105.49 -25.65
C LYS G 574 -22.39 -105.60 -24.36
N ASP G 575 -22.52 -106.71 -23.65
CA ASP G 575 -21.95 -106.84 -22.31
C ASP G 575 -20.43 -106.98 -22.41
N PRO G 576 -19.67 -106.05 -21.86
CA PRO G 576 -18.21 -106.15 -21.93
C PRO G 576 -17.68 -107.21 -21.01
N ILE G 577 -18.49 -107.68 -20.08
CA ILE G 577 -18.11 -108.87 -19.34
C ILE G 577 -18.31 -110.09 -20.22
N LEU G 578 -19.35 -110.06 -21.04
CA LEU G 578 -19.60 -111.19 -21.93
C LEU G 578 -18.77 -111.08 -23.20
N ARG G 579 -18.58 -109.86 -23.70
CA ARG G 579 -17.59 -109.67 -24.75
C ARG G 579 -16.20 -110.00 -24.24
N ARG G 580 -15.94 -109.62 -22.99
CA ARG G 580 -14.71 -109.99 -22.30
C ARG G 580 -14.56 -111.50 -22.24
N SER G 581 -15.67 -112.20 -22.01
CA SER G 581 -15.68 -113.65 -22.11
C SER G 581 -15.40 -114.10 -23.53
N GLY G 582 -15.83 -113.30 -24.52
CA GLY G 582 -15.44 -113.58 -25.88
C GLY G 582 -13.95 -113.42 -26.11
N MET G 583 -13.29 -112.59 -25.30
CA MET G 583 -11.87 -112.39 -25.51
C MET G 583 -11.05 -113.43 -24.77
N TYR G 584 -11.52 -113.89 -23.61
CA TYR G 584 -10.89 -115.05 -22.97
C TYR G 584 -11.11 -116.29 -23.81
N THR G 585 -12.31 -116.45 -24.35
CA THR G 585 -12.65 -117.64 -25.09
C THR G 585 -11.96 -117.64 -26.44
N VAL G 586 -11.73 -116.47 -27.02
CA VAL G 586 -10.93 -116.43 -28.23
C VAL G 586 -9.44 -116.50 -27.90
N ALA G 587 -9.06 -116.24 -26.66
CA ALA G 587 -7.68 -116.50 -26.26
C ALA G 587 -7.45 -117.99 -26.07
N MET G 588 -8.51 -118.75 -25.82
CA MET G 588 -8.29 -120.17 -25.60
C MET G 588 -8.57 -121.00 -26.84
N ALA G 589 -9.56 -120.63 -27.63
CA ALA G 589 -9.77 -121.29 -28.90
C ALA G 589 -8.70 -120.94 -29.92
N TYR G 590 -8.15 -119.72 -29.85
CA TYR G 590 -7.05 -119.32 -30.72
C TYR G 590 -5.83 -119.06 -29.86
N CYS G 591 -4.71 -119.69 -30.23
CA CYS G 591 -3.41 -119.36 -29.66
C CYS G 591 -2.36 -119.74 -30.70
N GLY G 592 -1.66 -118.74 -31.22
CA GLY G 592 -0.71 -118.98 -32.30
C GLY G 592 -1.38 -118.82 -33.65
N SER G 593 -2.69 -119.03 -33.69
CA SER G 593 -3.46 -118.96 -34.93
C SER G 593 -3.64 -117.49 -35.32
N GLY G 594 -2.57 -116.91 -35.87
CA GLY G 594 -2.63 -115.56 -36.39
C GLY G 594 -3.29 -115.50 -37.74
N ASN G 595 -4.55 -115.93 -37.81
CA ASN G 595 -5.26 -116.18 -39.05
C ASN G 595 -5.72 -114.90 -39.71
N ASN G 596 -5.76 -113.80 -38.95
CA ASN G 596 -6.44 -112.52 -39.13
C ASN G 596 -7.94 -112.67 -38.91
N LYS G 597 -8.42 -113.91 -38.80
CA LYS G 597 -9.75 -114.16 -38.27
C LYS G 597 -9.84 -113.67 -36.85
N ALA G 598 -8.78 -113.85 -36.08
CA ALA G 598 -8.75 -113.43 -34.69
C ALA G 598 -7.84 -112.22 -34.43
N ILE G 599 -7.47 -111.52 -35.49
CA ILE G 599 -6.60 -110.35 -35.37
C ILE G 599 -7.33 -109.06 -35.75
N ARG G 600 -7.90 -109.06 -36.95
CA ARG G 600 -8.65 -107.92 -37.46
C ARG G 600 -9.70 -107.50 -36.46
N ARG G 601 -10.62 -108.41 -36.15
CA ARG G 601 -11.66 -108.09 -35.21
C ARG G 601 -11.17 -108.22 -33.78
N LEU G 602 -10.08 -108.96 -33.56
CA LEU G 602 -9.50 -108.97 -32.22
C LEU G 602 -8.86 -107.64 -31.91
N LEU G 603 -8.15 -107.05 -32.87
CA LEU G 603 -7.61 -105.72 -32.65
C LEU G 603 -8.73 -104.70 -32.59
N HIS G 604 -9.73 -104.88 -33.44
CA HIS G 604 -10.82 -103.92 -33.60
C HIS G 604 -11.67 -103.82 -32.33
N VAL G 605 -12.09 -104.97 -31.79
CA VAL G 605 -12.80 -104.91 -30.52
C VAL G 605 -11.82 -104.76 -29.37
N ALA G 606 -10.54 -104.98 -29.63
CA ALA G 606 -9.55 -104.94 -28.55
C ALA G 606 -9.30 -103.52 -28.10
N VAL G 607 -8.99 -102.63 -29.04
CA VAL G 607 -8.46 -101.33 -28.70
C VAL G 607 -9.38 -100.19 -29.11
N SER G 608 -10.39 -100.44 -29.96
CA SER G 608 -11.36 -99.40 -30.28
C SER G 608 -12.63 -99.51 -29.47
N ASP G 609 -12.69 -100.40 -28.49
CA ASP G 609 -13.88 -100.52 -27.67
C ASP G 609 -13.93 -99.39 -26.65
N VAL G 610 -15.04 -99.30 -25.93
CA VAL G 610 -15.24 -98.21 -24.99
C VAL G 610 -15.10 -98.63 -23.53
N ASN G 611 -15.25 -99.90 -23.21
CA ASN G 611 -15.13 -100.35 -21.83
C ASN G 611 -13.79 -101.04 -21.67
N ASP G 612 -13.02 -100.60 -20.69
CA ASP G 612 -11.61 -100.95 -20.60
C ASP G 612 -11.35 -102.37 -20.12
N ASP G 613 -12.36 -103.08 -19.64
CA ASP G 613 -12.10 -104.40 -19.07
C ASP G 613 -11.97 -105.46 -20.16
N VAL G 614 -12.90 -105.46 -21.11
CA VAL G 614 -12.78 -106.31 -22.28
C VAL G 614 -11.54 -105.94 -23.10
N ARG G 615 -11.17 -104.66 -23.07
CA ARG G 615 -9.92 -104.21 -23.67
C ARG G 615 -8.72 -104.84 -22.97
N ARG G 616 -8.78 -104.89 -21.63
CA ARG G 616 -7.69 -105.49 -20.86
C ARG G 616 -7.58 -107.00 -21.09
N ALA G 617 -8.71 -107.71 -21.13
CA ALA G 617 -8.67 -109.15 -21.41
C ALA G 617 -8.33 -109.42 -22.87
N ALA G 618 -8.52 -108.42 -23.72
CA ALA G 618 -8.13 -108.55 -25.12
C ALA G 618 -6.63 -108.44 -25.29
N VAL G 619 -5.99 -107.48 -24.60
CA VAL G 619 -4.53 -107.47 -24.62
C VAL G 619 -3.96 -108.58 -23.75
N GLU G 620 -4.77 -109.22 -22.92
CA GLU G 620 -4.42 -110.53 -22.38
C GLU G 620 -4.51 -111.62 -23.45
N SER G 621 -5.43 -111.49 -24.41
CA SER G 621 -5.51 -112.49 -25.47
C SER G 621 -4.32 -112.38 -26.42
N LEU G 622 -3.76 -111.17 -26.55
CA LEU G 622 -2.64 -110.93 -27.45
C LEU G 622 -1.39 -111.70 -27.05
N GLY G 623 -1.15 -111.85 -25.75
CA GLY G 623 0.00 -112.64 -25.33
C GLY G 623 -0.16 -114.12 -25.59
N PHE G 624 -1.39 -114.61 -25.52
CA PHE G 624 -1.66 -116.03 -25.71
C PHE G 624 -1.62 -116.44 -27.16
N ILE G 625 -2.05 -115.54 -28.07
CA ILE G 625 -1.90 -115.84 -29.49
C ILE G 625 -0.49 -115.58 -30.00
N LEU G 626 0.41 -115.06 -29.16
CA LEU G 626 1.76 -114.72 -29.58
C LEU G 626 2.80 -115.32 -28.65
N PHE G 627 2.62 -116.58 -28.28
CA PHE G 627 3.68 -117.31 -27.59
C PHE G 627 4.81 -117.65 -28.54
N ARG G 628 4.49 -117.83 -29.82
CA ARG G 628 5.37 -118.57 -30.72
C ARG G 628 6.56 -117.74 -31.15
N THR G 629 6.29 -116.57 -31.73
CA THR G 629 7.33 -115.62 -32.14
C THR G 629 7.26 -114.37 -31.29
N PRO G 630 8.03 -114.30 -30.20
CA PRO G 630 8.10 -113.07 -29.42
C PRO G 630 9.01 -111.99 -30.00
N GLU G 631 9.31 -112.03 -31.30
CA GLU G 631 10.20 -111.04 -31.90
C GLU G 631 9.44 -109.77 -32.28
N GLN G 632 8.31 -109.93 -32.98
CA GLN G 632 7.51 -108.78 -33.38
C GLN G 632 6.73 -108.20 -32.20
N CYS G 633 6.56 -108.97 -31.15
CA CYS G 633 5.77 -108.63 -29.97
C CYS G 633 6.29 -107.42 -29.19
N PRO G 634 7.60 -107.16 -29.05
CA PRO G 634 7.98 -105.81 -28.58
C PRO G 634 7.62 -104.71 -29.55
N SER G 635 7.73 -104.98 -30.85
CA SER G 635 7.47 -103.94 -31.84
C SER G 635 6.00 -103.58 -31.94
N VAL G 636 5.09 -104.46 -31.52
CA VAL G 636 3.68 -104.13 -31.55
C VAL G 636 3.11 -103.82 -30.17
N VAL G 637 3.53 -104.52 -29.13
CA VAL G 637 3.02 -104.21 -27.81
C VAL G 637 3.69 -102.96 -27.27
N SER G 638 4.87 -102.63 -27.78
CA SER G 638 5.44 -101.30 -27.56
C SER G 638 4.57 -100.20 -28.14
N LEU G 639 3.93 -100.47 -29.28
CA LEU G 639 2.93 -99.53 -29.77
C LEU G 639 1.68 -99.57 -28.91
N LEU G 640 1.43 -100.71 -28.27
CA LEU G 640 0.30 -100.79 -27.34
C LEU G 640 0.58 -100.09 -26.02
N SER G 641 1.82 -99.70 -25.78
CA SER G 641 2.14 -98.93 -24.59
C SER G 641 1.69 -97.49 -24.69
N GLU G 642 1.20 -97.07 -25.86
CA GLU G 642 0.74 -95.71 -26.12
C GLU G 642 -0.65 -95.46 -25.57
N SER G 643 -1.16 -96.37 -24.77
CA SER G 643 -2.56 -96.33 -24.38
C SER G 643 -2.81 -95.22 -23.37
N TYR G 644 -3.94 -94.57 -23.55
CA TYR G 644 -4.41 -93.52 -22.67
C TYR G 644 -4.93 -94.06 -21.35
N ASN G 645 -5.26 -95.34 -21.27
CA ASN G 645 -6.04 -95.85 -20.15
C ASN G 645 -5.24 -96.85 -19.32
N PRO G 646 -5.50 -96.90 -18.01
CA PRO G 646 -4.65 -97.74 -17.14
C PRO G 646 -4.97 -99.22 -17.25
N HIS G 647 -6.09 -99.58 -17.87
CA HIS G 647 -6.36 -101.01 -18.07
C HIS G 647 -5.61 -101.54 -19.28
N VAL G 648 -5.20 -100.67 -20.19
CA VAL G 648 -4.45 -101.11 -21.36
C VAL G 648 -3.00 -100.64 -21.25
N ARG G 649 -2.73 -99.64 -20.42
CA ARG G 649 -1.38 -99.52 -19.89
C ARG G 649 -1.05 -100.74 -19.05
N TYR G 650 -1.95 -101.09 -18.12
CA TYR G 650 -1.71 -102.20 -17.23
C TYR G 650 -1.81 -103.53 -17.96
N GLY G 651 -2.86 -103.70 -18.77
CA GLY G 651 -2.99 -104.91 -19.52
C GLY G 651 -1.99 -105.03 -20.65
N ALA G 652 -1.50 -103.89 -21.14
CA ALA G 652 -0.39 -103.93 -22.09
C ALA G 652 0.86 -104.43 -21.41
N ALA G 653 1.08 -103.99 -20.17
CA ALA G 653 2.18 -104.53 -19.37
C ALA G 653 1.99 -106.02 -19.12
N MET G 654 0.73 -106.44 -18.93
CA MET G 654 0.44 -107.87 -18.85
C MET G 654 0.73 -108.58 -20.15
N ALA G 655 0.56 -107.88 -21.29
CA ALA G 655 0.88 -108.48 -22.57
C ALA G 655 2.38 -108.67 -22.73
N LEU G 656 3.17 -107.72 -22.22
CA LEU G 656 4.61 -107.94 -22.11
C LEU G 656 4.92 -109.13 -21.22
N GLY G 657 4.17 -109.30 -20.14
CA GLY G 657 4.42 -110.38 -19.21
C GLY G 657 4.14 -111.75 -19.77
N ILE G 658 2.87 -112.04 -20.06
CA ILE G 658 2.49 -113.36 -20.53
C ILE G 658 2.92 -113.59 -21.99
N CYS G 659 3.22 -112.53 -22.73
CA CYS G 659 3.71 -112.76 -24.08
C CYS G 659 5.20 -113.08 -24.04
N CYS G 660 5.98 -112.20 -23.43
CA CYS G 660 7.42 -112.38 -23.29
C CYS G 660 7.74 -112.71 -21.84
N ALA G 661 7.65 -114.01 -21.52
CA ALA G 661 7.97 -114.45 -20.17
C ALA G 661 9.40 -114.99 -20.07
N GLY G 662 9.67 -116.08 -20.79
CA GLY G 662 10.98 -116.68 -20.74
C GLY G 662 11.97 -116.06 -21.70
N THR G 663 11.59 -114.99 -22.39
CA THR G 663 12.48 -114.36 -23.32
C THR G 663 13.55 -113.56 -22.58
N GLY G 664 14.64 -113.28 -23.26
CA GLY G 664 15.73 -112.53 -22.67
C GLY G 664 15.67 -111.08 -23.10
N ASN G 665 14.47 -110.52 -23.14
CA ASN G 665 14.29 -109.20 -23.71
C ASN G 665 14.73 -108.13 -22.72
N LYS G 666 15.56 -107.21 -23.21
CA LYS G 666 15.88 -105.99 -22.50
C LYS G 666 14.95 -104.85 -22.87
N GLU G 667 14.41 -104.88 -24.09
CA GLU G 667 13.49 -103.85 -24.54
C GLU G 667 12.18 -103.90 -23.78
N ALA G 668 11.79 -105.07 -23.27
CA ALA G 668 10.60 -105.16 -22.44
C ALA G 668 10.82 -104.45 -21.10
N ILE G 669 12.00 -104.63 -20.53
CA ILE G 669 12.41 -103.87 -19.35
C ILE G 669 12.43 -102.38 -19.67
N ASN G 670 12.91 -102.04 -20.87
CA ASN G 670 12.95 -100.65 -21.31
C ASN G 670 11.54 -100.08 -21.46
N LEU G 671 10.57 -100.93 -21.74
CA LEU G 671 9.18 -100.48 -21.75
C LEU G 671 8.66 -100.32 -20.33
N LEU G 672 8.93 -101.29 -19.47
CA LEU G 672 8.35 -101.31 -18.13
C LEU G 672 8.95 -100.25 -17.22
N GLU G 673 10.11 -99.72 -17.56
CA GLU G 673 10.75 -98.73 -16.69
C GLU G 673 9.98 -97.40 -16.64
N PRO G 674 9.41 -96.88 -17.74
CA PRO G 674 8.40 -95.82 -17.54
C PRO G 674 7.06 -96.33 -17.09
N MET G 675 6.80 -97.65 -17.11
CA MET G 675 5.51 -98.12 -16.63
C MET G 675 5.44 -98.15 -15.12
N THR G 676 6.58 -98.29 -14.44
CA THR G 676 6.61 -97.95 -13.03
C THR G 676 6.87 -96.47 -12.80
N ASN G 677 7.05 -95.69 -13.86
CA ASN G 677 7.06 -94.24 -13.74
C ASN G 677 5.72 -93.66 -14.20
N ASP G 678 4.66 -93.96 -13.45
CA ASP G 678 3.30 -93.66 -13.87
C ASP G 678 2.46 -93.47 -12.61
N PRO G 679 1.68 -92.38 -12.50
CA PRO G 679 0.92 -92.14 -11.25
C PRO G 679 -0.16 -93.16 -10.94
N VAL G 680 -0.55 -94.00 -11.88
CA VAL G 680 -1.38 -95.14 -11.54
C VAL G 680 -0.51 -96.14 -10.81
N ASN G 681 -0.96 -96.55 -9.62
CA ASN G 681 -0.17 -97.43 -8.77
C ASN G 681 -0.12 -98.85 -9.31
N TYR G 682 -1.25 -99.37 -9.76
CA TYR G 682 -1.25 -100.76 -10.14
C TYR G 682 -0.65 -101.01 -11.52
N VAL G 683 -0.38 -99.97 -12.30
CA VAL G 683 0.43 -100.17 -13.48
C VAL G 683 1.90 -100.13 -13.11
N ARG G 684 2.25 -99.46 -12.01
CA ARG G 684 3.60 -99.57 -11.49
C ARG G 684 3.85 -100.98 -10.98
N GLN G 685 2.84 -101.60 -10.36
CA GLN G 685 3.01 -103.02 -10.12
C GLN G 685 2.68 -103.85 -11.34
N GLY G 686 2.17 -103.23 -12.40
CA GLY G 686 2.27 -103.85 -13.70
C GLY G 686 3.71 -104.05 -14.11
N ALA G 687 4.56 -103.07 -13.78
CA ALA G 687 5.97 -103.21 -14.05
C ALA G 687 6.65 -104.14 -13.04
N LEU G 688 6.15 -104.16 -11.79
CA LEU G 688 6.72 -105.07 -10.80
C LEU G 688 6.44 -106.51 -11.16
N ILE G 689 5.18 -106.82 -11.41
CA ILE G 689 4.77 -108.20 -11.67
C ILE G 689 5.21 -108.63 -13.05
N ALA G 690 5.04 -107.75 -14.05
CA ALA G 690 5.42 -108.08 -15.41
C ALA G 690 6.94 -108.18 -15.56
N SER G 691 7.67 -107.30 -14.89
CA SER G 691 9.12 -107.42 -14.89
C SER G 691 9.57 -108.61 -14.06
N ALA G 692 8.77 -109.03 -13.09
CA ALA G 692 9.05 -110.32 -12.44
C ALA G 692 8.81 -111.45 -13.41
N LEU G 693 7.89 -111.27 -14.37
CA LEU G 693 7.67 -112.28 -15.39
C LEU G 693 8.73 -112.27 -16.48
N ILE G 694 9.48 -111.18 -16.64
CA ILE G 694 10.65 -111.28 -17.52
C ILE G 694 11.87 -111.75 -16.76
N MET G 695 11.91 -111.54 -15.44
CA MET G 695 13.03 -111.97 -14.61
C MET G 695 12.86 -113.38 -14.07
N ILE G 696 11.85 -114.13 -14.53
CA ILE G 696 11.86 -115.56 -14.29
C ILE G 696 12.96 -116.18 -15.13
N GLN G 697 13.41 -117.37 -14.71
CA GLN G 697 14.21 -118.33 -15.47
C GLN G 697 15.63 -117.83 -15.78
N GLN G 698 15.96 -116.57 -15.47
CA GLN G 698 17.13 -115.89 -16.02
C GLN G 698 17.92 -115.21 -14.93
N THR G 699 19.19 -114.97 -15.21
CA THR G 699 20.15 -114.47 -14.25
C THR G 699 20.68 -113.10 -14.69
N GLU G 700 21.70 -112.63 -13.98
CA GLU G 700 22.27 -111.32 -14.24
C GLU G 700 23.04 -111.28 -15.55
N ILE G 701 23.63 -112.41 -15.95
CA ILE G 701 24.36 -112.45 -17.22
C ILE G 701 23.39 -112.43 -18.40
N THR G 702 22.11 -112.75 -18.16
CA THR G 702 21.11 -112.66 -19.23
C THR G 702 20.80 -111.20 -19.54
N CYS G 703 20.53 -110.41 -18.50
CA CYS G 703 20.34 -108.97 -18.68
C CYS G 703 20.76 -108.29 -17.39
N PRO G 704 21.40 -107.12 -17.49
CA PRO G 704 21.95 -106.45 -16.30
C PRO G 704 20.92 -105.81 -15.39
N LYS G 705 19.64 -105.84 -15.74
CA LYS G 705 18.63 -105.17 -14.94
C LYS G 705 17.98 -106.08 -13.92
N VAL G 706 18.50 -107.30 -13.76
CA VAL G 706 17.90 -108.26 -12.83
C VAL G 706 18.09 -107.78 -11.39
N ASN G 707 19.34 -107.66 -10.97
CA ASN G 707 19.65 -107.30 -9.59
C ASN G 707 19.23 -105.87 -9.27
N GLN G 708 19.17 -105.03 -10.31
CA GLN G 708 18.62 -103.68 -10.18
C GLN G 708 17.21 -103.72 -9.64
N PHE G 709 16.43 -104.68 -10.10
CA PHE G 709 15.04 -104.74 -9.68
C PHE G 709 14.89 -105.61 -8.45
N ARG G 710 15.81 -106.55 -8.26
CA ARG G 710 15.83 -107.34 -7.03
C ARG G 710 16.05 -106.44 -5.82
N GLN G 711 17.01 -105.53 -5.92
CA GLN G 711 17.15 -104.55 -4.85
C GLN G 711 16.16 -103.42 -4.97
N LEU G 712 15.62 -103.19 -6.17
CA LEU G 712 14.78 -102.02 -6.36
C LEU G 712 13.38 -102.25 -5.83
N TYR G 713 12.95 -103.50 -5.69
CA TYR G 713 11.58 -103.74 -5.23
C TYR G 713 11.51 -103.68 -3.72
N SER G 714 12.54 -104.20 -3.07
CA SER G 714 12.71 -103.93 -1.65
C SER G 714 12.99 -102.46 -1.42
N LYS G 715 13.64 -101.80 -2.37
CA LYS G 715 13.88 -100.36 -2.26
C LYS G 715 12.58 -99.57 -2.29
N VAL G 716 11.64 -99.98 -3.15
CA VAL G 716 10.36 -99.29 -3.14
C VAL G 716 9.44 -99.83 -2.06
N ILE G 717 9.78 -100.94 -1.39
CA ILE G 717 9.00 -101.25 -0.21
C ILE G 717 9.61 -100.58 1.02
N ASN G 718 10.82 -100.03 0.90
CA ASN G 718 11.34 -99.18 1.96
C ASN G 718 10.56 -97.88 2.04
N ASP G 719 10.08 -97.38 0.90
CA ASP G 719 9.24 -96.20 0.94
C ASP G 719 7.90 -96.62 1.53
N LYS G 720 7.69 -96.27 2.80
CA LYS G 720 6.46 -96.60 3.50
C LYS G 720 5.25 -95.90 2.90
N HIS G 721 5.41 -94.66 2.46
CA HIS G 721 4.28 -93.87 2.00
C HIS G 721 3.98 -94.06 0.53
N ASP G 722 4.42 -95.17 -0.06
CA ASP G 722 3.86 -95.59 -1.32
C ASP G 722 2.46 -96.16 -1.10
N ASP G 723 1.75 -96.35 -2.20
CA ASP G 723 0.51 -97.11 -2.13
C ASP G 723 0.84 -98.55 -1.83
N VAL G 724 0.02 -99.18 -0.98
CA VAL G 724 0.10 -100.63 -0.85
C VAL G 724 -0.86 -101.26 -1.86
N MET G 725 -1.38 -100.46 -2.79
CA MET G 725 -1.79 -100.98 -4.08
C MET G 725 -0.62 -100.96 -5.07
N ALA G 726 0.36 -100.09 -4.83
CA ALA G 726 1.56 -100.15 -5.64
C ALA G 726 2.47 -101.29 -5.20
N LYS G 727 2.79 -101.38 -3.90
CA LYS G 727 3.52 -102.51 -3.34
C LYS G 727 2.58 -103.64 -2.91
N PHE G 728 1.41 -103.69 -3.52
CA PHE G 728 0.49 -104.81 -3.39
C PHE G 728 1.16 -106.10 -3.83
N GLY G 729 1.55 -106.18 -5.10
CA GLY G 729 2.22 -107.36 -5.59
C GLY G 729 3.74 -107.23 -5.62
N ALA G 730 4.31 -106.44 -4.72
CA ALA G 730 5.76 -106.30 -4.70
C ALA G 730 6.43 -107.53 -4.12
N ILE G 731 5.94 -107.99 -2.97
CA ILE G 731 6.35 -109.27 -2.42
C ILE G 731 5.95 -110.40 -3.35
N LEU G 732 4.85 -110.25 -4.09
CA LEU G 732 4.53 -111.18 -5.16
C LEU G 732 5.53 -111.08 -6.30
N ALA G 733 6.05 -109.88 -6.58
CA ALA G 733 7.09 -109.77 -7.60
C ALA G 733 8.39 -110.38 -7.12
N GLN G 734 8.58 -110.47 -5.81
CA GLN G 734 9.72 -111.21 -5.27
C GLN G 734 9.51 -112.71 -5.39
N GLY G 735 8.26 -113.16 -5.22
CA GLY G 735 7.98 -114.59 -5.32
C GLY G 735 8.04 -115.09 -6.75
N ILE G 736 7.53 -114.30 -7.69
CA ILE G 736 7.67 -114.62 -9.10
C ILE G 736 9.11 -114.42 -9.54
N LEU G 737 9.78 -113.44 -8.94
CA LEU G 737 11.21 -113.23 -9.13
C LEU G 737 12.04 -114.44 -8.71
N ASP G 738 11.59 -115.18 -7.70
CA ASP G 738 12.31 -116.36 -7.22
C ASP G 738 11.39 -117.57 -7.14
N ALA G 739 10.60 -117.79 -8.19
CA ALA G 739 9.78 -118.98 -8.30
C ALA G 739 10.70 -120.17 -8.58
N GLY G 740 10.88 -121.03 -7.57
CA GLY G 740 11.91 -122.02 -7.59
C GLY G 740 13.23 -121.53 -7.05
N GLY G 741 13.45 -120.23 -7.00
CA GLY G 741 14.79 -119.72 -7.01
C GLY G 741 15.41 -119.91 -8.37
N HIS G 742 14.66 -119.60 -9.43
CA HIS G 742 14.97 -119.88 -10.84
C HIS G 742 15.22 -121.36 -11.11
N ASN G 743 14.58 -122.24 -10.34
CA ASN G 743 14.73 -123.68 -10.55
C ASN G 743 13.67 -124.21 -11.49
N VAL G 744 12.46 -123.64 -11.42
CA VAL G 744 11.37 -123.99 -12.31
C VAL G 744 11.11 -122.81 -13.23
N THR G 745 10.19 -123.02 -14.17
CA THR G 745 9.83 -122.00 -15.14
C THR G 745 8.41 -122.24 -15.66
N ILE G 746 8.04 -121.39 -16.62
CA ILE G 746 6.74 -121.50 -17.27
C ILE G 746 6.79 -122.51 -18.40
N SER G 747 5.63 -123.11 -18.70
CA SER G 747 5.45 -123.94 -19.89
C SER G 747 4.18 -123.48 -20.59
N LEU G 748 4.27 -122.40 -21.35
CA LEU G 748 3.16 -122.04 -22.21
C LEU G 748 3.19 -122.84 -23.49
N GLN G 749 4.39 -123.05 -24.03
CA GLN G 749 4.61 -123.90 -25.18
C GLN G 749 5.81 -124.76 -24.82
N SER G 750 5.55 -126.05 -24.60
CA SER G 750 6.62 -126.93 -24.15
C SER G 750 7.63 -127.16 -25.28
N ARG G 751 8.82 -127.64 -24.87
CA ARG G 751 9.89 -127.97 -25.81
C ARG G 751 9.52 -129.13 -26.72
N THR G 752 8.53 -129.93 -26.30
CA THR G 752 8.04 -131.07 -27.07
C THR G 752 7.45 -130.65 -28.40
N GLY G 753 7.02 -129.40 -28.52
CA GLY G 753 6.43 -128.92 -29.75
C GLY G 753 5.00 -128.53 -29.49
N HIS G 754 4.38 -129.22 -28.54
CA HIS G 754 3.00 -128.96 -28.15
C HIS G 754 3.00 -128.06 -26.92
N THR G 755 1.91 -127.32 -26.73
CA THR G 755 1.74 -126.50 -25.56
C THR G 755 1.56 -127.34 -24.31
N HIS G 756 1.60 -126.68 -23.17
CA HIS G 756 1.31 -127.32 -21.90
C HIS G 756 0.10 -126.60 -21.31
N MET G 757 -1.08 -127.13 -21.62
CA MET G 757 -2.31 -126.38 -21.37
C MET G 757 -2.70 -126.12 -19.91
N PRO G 758 -2.40 -126.93 -18.87
CA PRO G 758 -2.80 -126.49 -17.53
C PRO G 758 -1.95 -125.37 -16.99
N SER G 759 -0.73 -125.21 -17.49
CA SER G 759 0.04 -124.00 -17.23
C SER G 759 -0.63 -122.79 -17.86
N VAL G 760 -1.17 -122.97 -19.06
CA VAL G 760 -1.91 -121.92 -19.75
C VAL G 760 -3.16 -121.56 -18.95
N VAL G 761 -3.81 -122.58 -18.37
CA VAL G 761 -4.95 -122.37 -17.49
C VAL G 761 -4.55 -121.57 -16.26
N GLY G 762 -3.40 -121.91 -15.67
CA GLY G 762 -2.96 -121.21 -14.47
C GLY G 762 -2.63 -119.75 -14.73
N VAL G 763 -2.03 -119.47 -15.89
CA VAL G 763 -1.67 -118.08 -16.18
C VAL G 763 -2.90 -117.27 -16.60
N LEU G 764 -3.86 -117.90 -17.28
CA LEU G 764 -4.98 -117.10 -17.77
C LEU G 764 -6.02 -116.86 -16.67
N VAL G 765 -6.24 -117.84 -15.79
CA VAL G 765 -7.14 -117.60 -14.67
C VAL G 765 -6.40 -116.83 -13.58
N PHE G 766 -5.06 -116.81 -13.66
CA PHE G 766 -4.23 -116.14 -12.67
C PHE G 766 -4.47 -114.63 -12.60
N THR G 767 -5.01 -114.04 -13.67
CA THR G 767 -4.86 -112.61 -13.95
C THR G 767 -5.49 -111.65 -12.94
N GLN G 768 -6.82 -111.57 -12.91
CA GLN G 768 -7.41 -110.41 -12.26
C GLN G 768 -7.73 -110.67 -10.80
N PHE G 769 -6.70 -110.92 -10.01
CA PHE G 769 -6.90 -111.42 -8.67
C PHE G 769 -7.34 -110.35 -7.68
N TRP G 770 -7.44 -109.09 -8.09
CA TRP G 770 -8.20 -108.13 -7.32
C TRP G 770 -9.65 -108.55 -7.23
N PHE G 771 -10.19 -109.00 -8.36
CA PHE G 771 -11.60 -109.32 -8.46
C PHE G 771 -11.91 -110.60 -7.68
N TRP G 772 -10.88 -111.43 -7.50
CA TRP G 772 -11.02 -112.67 -6.75
C TRP G 772 -9.63 -113.06 -6.28
N PHE G 773 -9.39 -112.97 -4.99
CA PHE G 773 -8.09 -113.27 -4.40
C PHE G 773 -7.53 -114.67 -4.68
N PRO G 774 -8.32 -115.76 -4.71
CA PRO G 774 -7.73 -117.04 -5.12
C PRO G 774 -7.30 -117.13 -6.57
N LEU G 775 -7.56 -116.12 -7.42
CA LEU G 775 -6.93 -116.12 -8.74
C LEU G 775 -5.43 -116.01 -8.61
N SER G 776 -4.96 -115.38 -7.52
CA SER G 776 -3.55 -115.40 -7.21
C SER G 776 -3.07 -116.81 -6.83
N HIS G 777 -3.93 -117.62 -6.21
CA HIS G 777 -3.49 -118.93 -5.74
C HIS G 777 -3.44 -119.97 -6.85
N PHE G 778 -3.90 -119.62 -8.05
CA PHE G 778 -4.11 -120.62 -9.09
C PHE G 778 -2.88 -120.88 -9.92
N LEU G 779 -1.73 -120.31 -9.56
CA LEU G 779 -0.54 -120.46 -10.38
C LEU G 779 0.25 -121.68 -9.93
N SER G 780 -0.43 -122.81 -9.81
CA SER G 780 0.25 -124.03 -9.40
C SER G 780 0.91 -124.72 -10.60
N LEU G 781 0.09 -125.11 -11.57
CA LEU G 781 0.50 -125.96 -12.68
C LEU G 781 1.31 -125.23 -13.75
N ALA G 782 1.85 -124.06 -13.44
CA ALA G 782 2.57 -123.26 -14.43
C ALA G 782 4.08 -123.39 -14.34
N TYR G 783 4.60 -124.44 -13.71
CA TYR G 783 6.03 -124.52 -13.46
C TYR G 783 6.58 -125.90 -13.75
N THR G 784 7.69 -125.94 -14.48
CA THR G 784 8.44 -127.10 -14.91
C THR G 784 9.90 -126.97 -14.48
N PRO G 785 10.54 -128.07 -14.09
CA PRO G 785 11.91 -127.95 -13.57
C PRO G 785 12.93 -127.63 -14.64
N THR G 786 13.83 -126.72 -14.30
CA THR G 786 15.01 -126.50 -15.13
C THR G 786 16.14 -127.27 -14.46
N CYS G 787 16.11 -128.60 -14.58
CA CYS G 787 17.14 -129.43 -13.98
C CYS G 787 17.45 -130.58 -14.93
N VAL G 788 18.38 -131.43 -14.51
CA VAL G 788 18.86 -132.55 -15.33
C VAL G 788 18.91 -133.82 -14.48
N ILE G 789 18.22 -134.86 -14.96
CA ILE G 789 18.00 -136.11 -14.23
C ILE G 789 18.35 -137.27 -15.15
N GLY G 790 19.39 -138.02 -14.82
CA GLY G 790 19.83 -139.17 -15.58
C GLY G 790 19.30 -140.53 -15.16
N LEU G 791 18.06 -140.84 -15.53
CA LEU G 791 17.38 -142.04 -15.04
C LEU G 791 17.61 -143.18 -16.03
N ASN G 792 18.19 -144.28 -15.53
CA ASN G 792 18.13 -145.56 -16.22
C ASN G 792 17.24 -146.55 -15.48
N LYS G 793 17.40 -146.61 -14.17
CA LYS G 793 16.52 -147.36 -13.28
C LYS G 793 15.93 -146.37 -12.29
N ASP G 794 14.64 -146.57 -11.99
CA ASP G 794 13.83 -145.54 -11.34
C ASP G 794 14.22 -145.26 -9.89
N LEU G 795 15.03 -146.11 -9.28
CA LEU G 795 15.56 -145.85 -7.95
C LEU G 795 17.04 -145.51 -7.97
N LYS G 796 17.73 -145.78 -9.07
CA LYS G 796 19.18 -145.72 -9.10
C LYS G 796 19.68 -144.29 -9.05
N MET G 797 20.73 -144.07 -8.26
CA MET G 797 21.50 -142.84 -8.18
C MET G 797 22.87 -143.02 -8.85
N PRO G 798 22.95 -142.90 -10.18
CA PRO G 798 24.22 -143.16 -10.86
C PRO G 798 25.17 -141.98 -10.73
N LYS G 799 26.41 -142.18 -11.16
CA LYS G 799 27.46 -141.20 -10.96
C LYS G 799 28.05 -140.81 -12.31
N VAL G 800 27.47 -139.79 -12.90
CA VAL G 800 27.90 -139.28 -14.19
C VAL G 800 28.47 -137.89 -13.92
N GLN G 801 29.38 -137.44 -14.79
CA GLN G 801 29.93 -136.09 -14.74
C GLN G 801 30.08 -135.62 -16.18
N TYR G 802 29.24 -134.70 -16.59
CA TYR G 802 29.40 -134.13 -17.91
C TYR G 802 29.55 -132.61 -17.80
N LYS G 803 29.93 -131.98 -18.90
CA LYS G 803 30.33 -130.58 -18.88
C LYS G 803 29.26 -129.70 -19.49
N SER G 804 29.17 -128.48 -18.97
CA SER G 804 28.43 -127.39 -19.58
C SER G 804 29.44 -126.35 -19.99
N ASN G 805 29.34 -125.89 -21.23
CA ASN G 805 30.38 -125.06 -21.83
C ASN G 805 30.04 -123.58 -21.82
N CYS G 806 29.12 -123.14 -20.97
CA CYS G 806 29.02 -121.72 -20.69
C CYS G 806 30.20 -121.27 -19.83
N LYS G 807 30.35 -119.96 -19.72
CA LYS G 807 31.25 -119.39 -18.75
C LYS G 807 30.73 -119.68 -17.34
N PRO G 808 31.60 -119.82 -16.34
CA PRO G 808 31.12 -120.13 -14.98
C PRO G 808 30.43 -118.98 -14.27
N SER G 809 30.30 -117.82 -14.92
CA SER G 809 29.47 -116.73 -14.45
C SER G 809 27.99 -117.01 -14.63
N THR G 810 27.63 -118.00 -15.45
CA THR G 810 26.25 -118.46 -15.57
C THR G 810 25.85 -119.34 -14.40
N PHE G 811 26.80 -119.73 -13.56
CA PHE G 811 26.54 -120.59 -12.41
C PHE G 811 25.95 -119.84 -11.23
N ALA G 812 25.75 -118.53 -11.36
CA ALA G 812 25.12 -117.72 -10.32
C ALA G 812 23.68 -118.17 -10.10
N TYR G 813 23.39 -118.69 -8.91
CA TYR G 813 22.16 -119.43 -8.63
C TYR G 813 21.40 -118.77 -7.48
N PRO G 814 20.47 -117.85 -7.80
CA PRO G 814 19.64 -117.21 -6.77
C PRO G 814 18.48 -118.09 -6.30
N THR G 836 33.95 -121.90 -18.72
CA THR G 836 34.62 -122.76 -17.77
C THR G 836 35.29 -123.93 -18.46
N ALA G 837 36.05 -124.70 -17.70
CA ALA G 837 36.56 -125.96 -18.22
C ALA G 837 35.44 -126.97 -18.39
N LYS G 838 34.67 -127.19 -17.33
CA LYS G 838 33.60 -128.17 -17.36
C LYS G 838 32.60 -127.83 -16.26
N ALA G 839 31.53 -128.61 -16.20
CA ALA G 839 30.57 -128.54 -15.10
C ALA G 839 30.42 -129.94 -14.52
N LYS G 840 29.57 -130.04 -13.50
CA LYS G 840 29.18 -131.31 -12.87
C LYS G 840 27.70 -131.15 -12.54
N LYS G 841 26.83 -131.57 -13.45
CA LYS G 841 25.39 -131.33 -13.27
C LYS G 841 24.67 -132.66 -13.31
N LYS G 842 24.71 -133.38 -12.18
CA LYS G 842 24.20 -134.74 -12.04
C LYS G 842 23.75 -135.01 -10.61
N GLU G 843 23.72 -136.30 -10.25
CA GLU G 843 23.57 -136.81 -8.89
C GLU G 843 22.21 -136.48 -8.28
N LYS G 844 21.15 -136.86 -8.97
CA LYS G 844 19.78 -136.83 -8.45
C LYS G 844 19.61 -137.65 -7.18
N ASN G 880 19.32 -134.27 -4.92
CA ASN G 880 18.48 -133.67 -5.95
C ASN G 880 19.21 -133.58 -7.27
N PRO G 881 18.48 -133.46 -8.38
CA PRO G 881 19.10 -133.05 -9.64
C PRO G 881 19.67 -131.64 -9.54
N ALA G 882 20.56 -131.33 -10.48
CA ALA G 882 21.19 -130.02 -10.52
C ALA G 882 20.38 -129.09 -11.39
N ARG G 883 20.09 -127.90 -10.85
CA ARG G 883 19.44 -126.84 -11.60
C ARG G 883 20.27 -126.44 -12.81
N VAL G 884 19.59 -126.15 -13.92
CA VAL G 884 20.27 -125.87 -15.17
C VAL G 884 19.67 -124.62 -15.77
N MET G 885 20.49 -123.90 -16.52
CA MET G 885 20.09 -122.81 -17.39
C MET G 885 19.77 -123.36 -18.77
N PRO G 886 18.76 -122.82 -19.44
CA PRO G 886 18.52 -123.21 -20.84
C PRO G 886 19.65 -122.80 -21.77
N ALA G 887 20.37 -121.73 -21.46
CA ALA G 887 21.59 -121.41 -22.19
C ALA G 887 22.66 -122.45 -21.92
N GLN G 888 22.63 -123.09 -20.75
CA GLN G 888 23.50 -124.22 -20.48
C GLN G 888 22.95 -125.50 -21.10
N LEU G 889 21.64 -125.56 -21.36
CA LEU G 889 21.03 -126.72 -22.01
C LEU G 889 21.31 -126.80 -23.50
N LYS G 890 21.88 -125.77 -24.11
CA LYS G 890 22.19 -125.80 -25.53
C LYS G 890 23.68 -125.93 -25.79
N VAL G 891 24.51 -125.83 -24.77
CA VAL G 891 25.96 -125.94 -24.91
C VAL G 891 26.51 -127.12 -24.12
N LEU G 892 25.65 -128.03 -23.68
CA LEU G 892 26.07 -129.18 -22.89
C LEU G 892 26.81 -130.19 -23.77
N THR G 893 27.47 -131.13 -23.11
CA THR G 893 28.23 -132.17 -23.80
C THR G 893 28.16 -133.45 -22.98
N MET G 894 27.87 -134.56 -23.65
CA MET G 894 27.84 -135.87 -23.02
C MET G 894 29.23 -136.27 -22.52
N PRO G 895 29.30 -137.07 -21.46
CA PRO G 895 30.61 -137.52 -20.99
C PRO G 895 31.15 -138.63 -21.88
N GLU G 896 32.43 -138.94 -21.66
CA GLU G 896 33.10 -139.99 -22.40
C GLU G 896 33.75 -141.04 -21.52
N THR G 897 33.97 -140.75 -20.24
CA THR G 897 34.67 -141.64 -19.34
C THR G 897 33.78 -142.23 -18.27
N CYS G 898 32.51 -141.84 -18.21
CA CYS G 898 31.61 -142.36 -17.20
C CYS G 898 31.25 -143.81 -17.47
N ARG G 899 30.85 -144.50 -16.40
CA ARG G 899 30.27 -145.83 -16.53
C ARG G 899 28.94 -145.78 -17.26
N TYR G 900 28.19 -144.69 -17.10
CA TYR G 900 26.86 -144.54 -17.68
C TYR G 900 26.95 -143.41 -18.69
N GLN G 901 27.41 -143.75 -19.88
CA GLN G 901 27.44 -142.82 -20.99
C GLN G 901 26.13 -142.92 -21.74
N PRO G 902 25.37 -141.82 -21.87
CA PRO G 902 23.96 -141.92 -22.24
C PRO G 902 23.77 -142.28 -23.71
N PHE G 903 22.50 -142.41 -24.08
CA PHE G 903 22.11 -142.99 -25.36
C PHE G 903 21.74 -141.95 -26.40
N LYS G 904 20.72 -141.16 -26.15
CA LYS G 904 20.14 -140.15 -27.03
C LYS G 904 20.96 -138.86 -26.96
N PRO G 905 21.12 -138.15 -28.07
CA PRO G 905 21.69 -136.80 -28.02
C PRO G 905 20.83 -135.87 -27.18
N LEU G 906 21.41 -135.36 -26.10
CA LEU G 906 20.68 -134.66 -25.07
C LEU G 906 20.44 -133.21 -25.47
N SER G 907 19.17 -132.82 -25.53
CA SER G 907 18.83 -131.43 -25.76
C SER G 907 17.71 -130.91 -24.86
N ILE G 908 16.95 -131.79 -24.22
CA ILE G 908 15.81 -131.40 -23.40
C ILE G 908 16.20 -131.55 -21.93
N GLY G 909 15.72 -130.63 -21.09
CA GLY G 909 15.97 -130.67 -19.67
C GLY G 909 15.01 -131.60 -18.93
N GLY G 910 14.91 -131.39 -17.62
CA GLY G 910 14.03 -132.19 -16.79
C GLY G 910 14.58 -133.56 -16.49
N ILE G 911 13.79 -134.60 -16.71
CA ILE G 911 14.23 -135.98 -16.56
C ILE G 911 14.48 -136.57 -17.93
N ILE G 912 15.63 -137.23 -18.10
CA ILE G 912 16.05 -137.70 -19.42
C ILE G 912 16.67 -139.10 -19.40
N ILE G 913 17.14 -139.53 -20.57
CA ILE G 913 17.64 -140.88 -20.83
C ILE G 913 18.93 -141.16 -20.08
N LEU G 914 19.29 -142.44 -19.97
CA LEU G 914 20.60 -142.85 -19.51
C LEU G 914 20.87 -144.24 -20.07
N LYS G 915 22.12 -144.47 -20.49
CA LYS G 915 22.55 -145.78 -20.96
C LYS G 915 23.83 -146.15 -20.25
N ASP G 916 23.98 -147.42 -19.91
CA ASP G 916 25.26 -147.93 -19.44
C ASP G 916 26.13 -148.32 -20.62
N THR G 917 27.41 -147.95 -20.56
CA THR G 917 28.37 -148.37 -21.56
C THR G 917 29.54 -149.11 -20.90
N PRO H 25 52.97 -81.10 -60.72
CA PRO H 25 52.90 -81.85 -59.45
C PRO H 25 52.16 -81.23 -58.22
N PRO H 26 51.93 -79.92 -58.13
CA PRO H 26 50.94 -79.43 -57.13
C PRO H 26 49.47 -79.53 -57.54
N PRO H 27 49.07 -79.42 -58.82
CA PRO H 27 47.65 -79.70 -59.16
C PRO H 27 47.20 -81.17 -59.02
N PRO H 28 47.98 -82.21 -59.38
CA PRO H 28 47.45 -83.61 -59.26
C PRO H 28 47.05 -84.06 -57.86
N PRO H 29 47.51 -83.44 -56.76
CA PRO H 29 46.82 -83.64 -55.47
C PRO H 29 45.33 -83.28 -55.46
N ALA H 30 44.83 -82.47 -56.38
CA ALA H 30 43.39 -82.23 -56.35
C ALA H 30 42.60 -83.42 -56.91
N PRO H 31 42.95 -84.06 -58.04
CA PRO H 31 42.31 -85.36 -58.34
C PRO H 31 42.63 -86.46 -57.35
N GLN H 32 43.83 -86.41 -56.75
CA GLN H 32 44.15 -87.34 -55.67
C GLN H 32 43.17 -87.20 -54.51
N ASP H 33 42.78 -85.97 -54.19
CA ASP H 33 41.87 -85.77 -53.08
C ASP H 33 40.43 -86.12 -53.46
N VAL H 34 39.96 -85.58 -54.59
CA VAL H 34 38.54 -85.72 -54.91
C VAL H 34 38.22 -87.12 -55.37
N GLU H 35 39.21 -87.83 -55.90
CA GLU H 35 39.07 -89.24 -56.24
C GLU H 35 38.79 -90.06 -55.00
N MET H 36 39.59 -89.86 -53.96
CA MET H 36 39.41 -90.58 -52.71
C MET H 36 38.11 -90.18 -52.02
N LYS H 37 37.72 -88.91 -52.15
CA LYS H 37 36.41 -88.51 -51.63
C LYS H 37 35.28 -89.13 -52.42
N GLU H 38 35.50 -89.45 -53.69
CA GLU H 38 34.47 -90.16 -54.46
C GLU H 38 34.32 -91.59 -54.00
N GLU H 39 35.38 -92.41 -54.07
CA GLU H 39 35.19 -93.81 -53.70
C GLU H 39 35.12 -94.03 -52.19
N ALA H 40 35.32 -93.00 -51.38
CA ALA H 40 35.13 -93.16 -49.95
C ALA H 40 33.64 -93.31 -49.63
N ALA H 41 32.88 -92.25 -49.90
CA ALA H 41 31.44 -92.26 -49.66
C ALA H 41 30.75 -93.22 -50.62
N THR H 42 31.28 -93.34 -51.83
CA THR H 42 30.68 -94.21 -52.84
C THR H 42 30.99 -95.68 -52.57
N GLY H 43 32.27 -96.02 -52.52
CA GLY H 43 32.67 -97.39 -52.28
C GLY H 43 32.28 -97.83 -50.88
N GLY H 44 32.94 -97.27 -49.87
CA GLY H 44 32.60 -97.65 -48.51
C GLY H 44 31.26 -97.06 -48.09
N GLY H 45 30.98 -95.87 -48.58
CA GLY H 45 29.76 -95.18 -48.18
C GLY H 45 28.52 -95.80 -48.79
N SER H 46 28.48 -95.93 -50.12
CA SER H 46 27.29 -96.49 -50.75
C SER H 46 27.24 -98.01 -50.65
N THR H 47 28.39 -98.66 -50.51
CA THR H 47 28.37 -100.09 -50.20
C THR H 47 27.79 -100.32 -48.82
N GLY H 48 28.18 -99.49 -47.85
CA GLY H 48 27.52 -99.47 -46.56
C GLY H 48 26.07 -99.01 -46.63
N GLU H 49 25.72 -98.24 -47.65
CA GLU H 49 24.34 -97.89 -47.95
C GLU H 49 23.69 -98.88 -48.89
N ALA H 50 24.30 -100.05 -49.09
CA ALA H 50 23.76 -101.06 -49.98
C ALA H 50 23.74 -102.45 -49.37
N ASP H 51 24.40 -102.64 -48.21
CA ASP H 51 24.45 -103.95 -47.57
C ASP H 51 23.07 -104.44 -47.14
N GLY H 52 22.50 -103.83 -46.11
CA GLY H 52 21.06 -103.88 -45.99
C GLY H 52 20.53 -102.48 -45.75
N LYS H 53 19.97 -101.89 -46.79
CA LYS H 53 19.42 -100.54 -46.78
C LYS H 53 18.33 -100.48 -47.82
N THR H 54 17.95 -99.27 -48.22
CA THR H 54 17.22 -98.94 -49.44
C THR H 54 15.88 -99.67 -49.52
N ALA H 55 15.01 -99.32 -48.57
CA ALA H 55 13.61 -99.74 -48.65
C ALA H 55 12.98 -99.19 -49.91
N ALA H 56 13.28 -97.94 -50.25
CA ALA H 56 13.24 -97.49 -51.63
C ALA H 56 14.63 -97.09 -52.13
N ALA H 57 15.26 -96.09 -51.50
CA ALA H 57 16.63 -95.69 -51.84
C ALA H 57 17.22 -94.95 -50.64
N ALA H 58 17.95 -95.70 -49.81
CA ALA H 58 18.76 -95.13 -48.75
C ALA H 58 20.17 -94.86 -49.21
N ALA H 59 20.53 -95.34 -50.40
CA ALA H 59 21.84 -95.08 -50.98
C ALA H 59 21.83 -93.65 -51.53
N GLU H 60 22.06 -92.70 -50.61
CA GLU H 60 22.21 -91.31 -51.00
C GLU H 60 23.55 -91.07 -51.66
N HIS H 61 24.53 -91.95 -51.46
CA HIS H 61 25.82 -91.83 -52.13
C HIS H 61 25.76 -92.30 -53.56
N SER H 62 24.65 -92.94 -53.96
CA SER H 62 24.39 -93.13 -55.38
C SER H 62 24.23 -91.79 -56.06
N GLN H 63 23.29 -90.98 -55.57
CA GLN H 63 23.03 -89.68 -56.17
C GLN H 63 24.16 -88.71 -55.90
N ARG H 64 24.82 -88.86 -54.75
CA ARG H 64 26.04 -88.09 -54.47
C ARG H 64 27.14 -88.43 -55.46
N GLU H 65 27.30 -89.72 -55.76
CA GLU H 65 28.31 -90.14 -56.74
C GLU H 65 27.96 -89.65 -58.13
N LEU H 66 26.67 -89.61 -58.48
CA LEU H 66 26.29 -89.01 -59.75
C LEU H 66 26.53 -87.51 -59.76
N ASP H 67 26.43 -86.86 -58.60
CA ASP H 67 26.81 -85.46 -58.51
C ASP H 67 28.31 -85.29 -58.69
N THR H 68 29.09 -86.30 -58.28
CA THR H 68 30.51 -86.27 -58.58
C THR H 68 30.79 -86.65 -60.03
N VAL H 69 29.85 -87.34 -60.68
CA VAL H 69 29.96 -87.54 -62.12
C VAL H 69 29.78 -86.22 -62.84
N THR H 70 28.79 -85.43 -62.39
CA THR H 70 28.66 -84.07 -62.90
C THR H 70 29.85 -83.21 -62.53
N LEU H 71 30.49 -83.49 -61.40
CA LEU H 71 31.72 -82.78 -61.03
C LEU H 71 32.86 -83.16 -61.96
N GLU H 72 32.95 -84.44 -62.33
CA GLU H 72 33.95 -84.89 -63.29
C GLU H 72 33.62 -84.46 -64.71
N ASP H 73 32.40 -84.01 -64.96
CA ASP H 73 32.07 -83.46 -66.27
C ASP H 73 32.29 -81.96 -66.31
N ILE H 74 32.13 -81.28 -65.17
CA ILE H 74 32.54 -79.88 -65.07
C ILE H 74 34.05 -79.77 -65.11
N LYS H 75 34.72 -80.48 -64.20
CA LYS H 75 36.17 -80.53 -64.15
C LYS H 75 36.67 -81.48 -65.25
N GLU H 76 37.99 -81.52 -65.46
CA GLU H 76 38.59 -82.72 -66.01
C GLU H 76 38.33 -83.88 -65.04
N HIS H 77 38.15 -85.07 -65.60
CA HIS H 77 37.68 -86.19 -64.80
C HIS H 77 38.67 -86.63 -63.72
N VAL H 78 39.77 -87.28 -64.10
CA VAL H 78 40.86 -87.46 -63.16
C VAL H 78 42.24 -87.30 -63.79
N LYS H 79 42.55 -88.08 -64.83
CA LYS H 79 43.88 -88.17 -65.42
C LYS H 79 43.78 -88.18 -66.94
N GLN H 80 43.05 -87.23 -67.49
CA GLN H 80 43.09 -87.06 -68.94
C GLN H 80 44.48 -86.60 -69.37
N LEU H 81 45.00 -85.54 -68.76
CA LEU H 81 46.45 -85.35 -68.65
C LEU H 81 46.90 -85.22 -67.19
N GLU H 82 46.43 -84.18 -66.50
CA GLU H 82 46.83 -83.78 -65.13
C GLU H 82 48.35 -83.77 -64.94
N LYS H 83 49.02 -83.00 -65.81
CA LYS H 83 50.45 -82.68 -65.81
C LYS H 83 51.36 -83.91 -65.90
N ALA H 84 50.80 -85.07 -66.16
CA ALA H 84 51.46 -86.37 -66.12
C ALA H 84 50.71 -87.26 -67.09
N VAL H 85 50.84 -88.57 -66.92
CA VAL H 85 49.97 -89.51 -67.62
C VAL H 85 49.67 -90.68 -66.69
N SER H 86 48.39 -91.04 -66.57
CA SER H 86 47.91 -92.35 -66.15
C SER H 86 48.35 -92.72 -64.73
N GLY H 87 47.86 -91.96 -63.76
CA GLY H 87 48.30 -92.19 -62.39
C GLY H 87 47.34 -92.94 -61.50
N LYS H 88 46.06 -92.58 -61.52
CA LYS H 88 45.12 -93.04 -60.51
C LYS H 88 44.56 -94.42 -60.84
N GLU H 89 44.33 -94.69 -62.12
CA GLU H 89 43.73 -95.96 -62.52
C GLU H 89 44.63 -97.17 -62.33
N PRO H 90 45.96 -97.14 -62.56
CA PRO H 90 46.77 -98.26 -62.05
C PRO H 90 46.86 -98.30 -60.53
N ARG H 91 46.61 -97.18 -59.87
CA ARG H 91 46.80 -97.09 -58.42
C ARG H 91 45.63 -97.68 -57.65
N PHE H 92 44.45 -97.09 -57.81
CA PHE H 92 43.33 -97.33 -56.92
C PHE H 92 42.48 -98.53 -57.29
N VAL H 93 42.72 -99.13 -58.46
CA VAL H 93 41.87 -100.23 -58.91
C VAL H 93 42.11 -101.50 -58.10
N LEU H 94 43.25 -101.60 -57.42
CA LEU H 94 43.55 -102.80 -56.67
C LEU H 94 42.84 -102.81 -55.32
N ARG H 95 43.11 -103.89 -54.58
CA ARG H 95 43.14 -104.01 -53.12
C ARG H 95 41.98 -103.34 -52.38
N ALA H 96 40.79 -103.88 -52.61
CA ALA H 96 39.67 -103.56 -51.74
C ALA H 96 39.45 -104.65 -50.70
N LEU H 97 39.35 -105.90 -51.18
CA LEU H 97 39.34 -107.19 -50.49
C LEU H 97 38.06 -107.49 -49.70
N ARG H 98 37.33 -106.45 -49.27
CA ARG H 98 36.21 -106.50 -48.33
C ARG H 98 36.44 -107.54 -47.23
N MET H 99 37.39 -107.28 -46.35
CA MET H 99 37.81 -108.26 -45.35
C MET H 99 37.68 -107.63 -43.98
N LEU H 100 38.33 -108.29 -43.00
CA LEU H 100 38.53 -107.91 -41.59
C LEU H 100 38.88 -106.43 -41.48
N PRO H 101 38.51 -105.73 -40.37
CA PRO H 101 38.42 -104.25 -40.41
C PRO H 101 39.73 -103.49 -40.55
N SER H 102 40.82 -104.18 -40.87
CA SER H 102 42.04 -103.58 -41.39
C SER H 102 41.98 -103.41 -42.91
N THR H 103 40.78 -103.30 -43.48
CA THR H 103 40.64 -102.89 -44.87
C THR H 103 40.44 -101.39 -45.01
N SER H 104 40.36 -100.66 -43.89
CA SER H 104 40.67 -99.24 -43.93
C SER H 104 42.15 -99.01 -44.19
N ARG H 105 42.99 -99.98 -43.83
CA ARG H 105 44.40 -99.93 -44.21
C ARG H 105 44.58 -100.11 -45.71
N ARG H 106 43.61 -100.74 -46.39
CA ARG H 106 43.65 -100.79 -47.85
C ARG H 106 43.35 -99.42 -48.44
N LEU H 107 42.49 -98.66 -47.77
CA LEU H 107 42.30 -97.26 -48.12
C LEU H 107 43.54 -96.44 -47.78
N ASN H 108 44.27 -96.83 -46.74
CA ASN H 108 45.55 -96.20 -46.46
C ASN H 108 46.59 -96.57 -47.51
N HIS H 109 46.46 -97.76 -48.09
CA HIS H 109 47.28 -98.11 -49.25
C HIS H 109 46.89 -97.25 -50.44
N TYR H 110 45.61 -96.94 -50.57
CA TYR H 110 45.16 -96.02 -51.62
C TYR H 110 45.73 -94.62 -51.41
N VAL H 111 45.78 -94.16 -50.17
CA VAL H 111 46.22 -92.80 -49.90
C VAL H 111 47.74 -92.67 -49.98
N LEU H 112 48.48 -93.62 -49.42
CA LEU H 112 49.93 -93.49 -49.30
C LEU H 112 50.68 -93.81 -50.59
N TYR H 113 49.99 -94.07 -51.69
CA TYR H 113 50.67 -94.24 -52.96
C TYR H 113 50.82 -92.93 -53.71
N LYS H 114 50.45 -91.81 -53.11
CA LYS H 114 50.43 -90.52 -53.78
C LYS H 114 51.79 -89.83 -53.77
N ALA H 115 52.83 -90.51 -53.29
CA ALA H 115 54.19 -90.05 -53.53
C ALA H 115 54.74 -90.54 -54.86
N VAL H 116 53.95 -91.26 -55.65
CA VAL H 116 54.37 -91.63 -56.99
C VAL H 116 54.21 -90.45 -57.94
N GLN H 117 53.07 -89.77 -57.88
CA GLN H 117 52.91 -88.54 -58.67
C GLN H 117 53.71 -87.39 -58.07
N GLY H 118 53.84 -87.35 -56.74
CA GLY H 118 54.49 -86.21 -56.11
C GLY H 118 56.01 -86.30 -56.17
N PHE H 119 56.56 -87.44 -55.76
CA PHE H 119 58.01 -87.59 -55.65
C PHE H 119 58.60 -88.42 -56.79
N PHE H 120 57.92 -89.48 -57.20
CA PHE H 120 58.47 -90.43 -58.15
C PHE H 120 58.13 -89.98 -59.57
N THR H 121 58.30 -90.87 -60.54
CA THR H 121 57.96 -90.60 -61.92
C THR H 121 56.63 -91.26 -62.26
N SER H 122 55.76 -90.52 -62.94
CA SER H 122 54.49 -91.07 -63.38
C SER H 122 54.66 -91.83 -64.69
N ASN H 123 53.83 -92.86 -64.88
CA ASN H 123 53.99 -93.78 -65.99
C ASN H 123 52.64 -94.06 -66.64
N ASN H 124 52.68 -94.56 -67.87
CA ASN H 124 51.48 -94.77 -68.66
C ASN H 124 50.95 -96.19 -68.41
N ALA H 125 49.87 -96.27 -67.63
CA ALA H 125 49.14 -97.50 -67.40
C ALA H 125 47.64 -97.24 -67.45
N THR H 126 47.18 -96.49 -68.45
CA THR H 126 45.77 -96.41 -68.79
C THR H 126 45.59 -96.66 -70.27
N ARG H 127 44.39 -97.11 -70.62
CA ARG H 127 43.83 -97.34 -71.96
C ARG H 127 44.44 -98.55 -72.66
N ASP H 128 45.51 -99.09 -72.11
CA ASP H 128 46.19 -100.28 -72.60
C ASP H 128 46.37 -101.30 -71.50
N PHE H 129 46.67 -100.86 -70.28
CA PHE H 129 46.86 -101.73 -69.15
C PHE H 129 45.63 -101.86 -68.29
N LEU H 130 44.55 -101.17 -68.65
CA LEU H 130 43.31 -101.26 -67.88
C LEU H 130 42.64 -102.62 -68.04
N LEU H 131 42.93 -103.33 -69.12
CA LEU H 131 42.30 -104.58 -69.49
C LEU H 131 42.52 -105.69 -68.45
N PRO H 132 43.68 -105.82 -67.80
CA PRO H 132 43.72 -106.64 -66.57
C PRO H 132 43.36 -105.88 -65.30
N PHE H 133 43.51 -104.55 -65.29
CA PHE H 133 43.22 -103.77 -64.09
C PHE H 133 41.77 -103.91 -63.68
N LEU H 134 40.86 -103.98 -64.66
CA LEU H 134 39.45 -104.20 -64.39
C LEU H 134 39.20 -105.56 -63.76
N GLU H 135 40.06 -106.54 -64.05
CA GLU H 135 40.00 -107.84 -63.41
C GLU H 135 40.65 -107.83 -62.05
N GLU H 136 41.48 -106.83 -61.75
CA GLU H 136 42.34 -106.86 -60.57
C GLU H 136 41.64 -106.80 -59.22
N PRO H 137 40.65 -105.93 -58.94
CA PRO H 137 39.97 -106.05 -57.64
C PRO H 137 39.10 -107.27 -57.53
N MET H 138 38.70 -107.86 -58.66
CA MET H 138 38.19 -109.21 -58.70
C MET H 138 39.28 -110.26 -58.54
N ASP H 139 40.51 -109.93 -58.93
CA ASP H 139 41.62 -110.85 -58.76
C ASP H 139 42.43 -110.58 -57.50
N THR H 140 42.06 -109.58 -56.71
CA THR H 140 42.57 -109.51 -55.34
C THR H 140 42.00 -110.64 -54.50
N GLU H 141 40.69 -110.82 -54.56
CA GLU H 141 39.94 -111.80 -53.79
C GLU H 141 38.58 -111.89 -54.46
N ALA H 142 37.78 -112.86 -54.04
CA ALA H 142 36.34 -112.70 -54.25
C ALA H 142 35.95 -111.55 -53.33
N ASP H 143 35.95 -110.34 -53.90
CA ASP H 143 36.01 -109.08 -53.17
C ASP H 143 34.76 -108.92 -52.32
N LEU H 144 33.62 -108.71 -52.94
CA LEU H 144 32.38 -108.56 -52.19
C LEU H 144 31.22 -108.97 -53.07
N GLN H 145 30.03 -109.03 -52.47
CA GLN H 145 28.87 -109.60 -53.13
C GLN H 145 28.15 -108.64 -54.05
N PHE H 146 28.05 -107.36 -53.67
CA PHE H 146 27.21 -106.43 -54.40
C PHE H 146 27.88 -105.92 -55.66
N ARG H 147 27.13 -105.98 -56.74
CA ARG H 147 27.47 -105.45 -58.06
C ARG H 147 27.71 -103.94 -58.20
N PRO H 148 27.26 -103.01 -57.34
CA PRO H 148 27.73 -101.62 -57.51
C PRO H 148 29.21 -101.39 -57.25
N ARG H 149 29.88 -102.29 -56.54
CA ARG H 149 31.33 -102.22 -56.52
C ARG H 149 31.92 -102.58 -57.88
N THR H 150 31.26 -103.48 -58.60
CA THR H 150 31.78 -103.92 -59.90
C THR H 150 31.47 -102.89 -60.98
N GLY H 151 30.27 -102.34 -60.98
CA GLY H 151 29.93 -101.28 -61.91
C GLY H 151 30.62 -99.98 -61.57
N LYS H 152 30.90 -99.76 -60.29
CA LYS H 152 31.84 -98.72 -59.91
C LYS H 152 33.22 -99.01 -60.47
N ALA H 153 33.63 -100.27 -60.43
CA ALA H 153 34.96 -100.66 -60.85
C ALA H 153 35.12 -100.66 -62.38
N ALA H 154 34.03 -100.70 -63.13
CA ALA H 154 34.08 -100.61 -64.57
C ALA H 154 33.46 -99.32 -65.08
N SER H 155 33.06 -98.44 -64.19
CA SER H 155 32.55 -97.13 -64.58
C SER H 155 33.48 -96.02 -64.13
N THR H 156 33.69 -95.90 -62.82
CA THR H 156 34.51 -94.84 -62.27
C THR H 156 35.98 -94.83 -62.73
N PRO H 157 36.61 -95.94 -63.20
CA PRO H 157 37.82 -95.75 -64.01
C PRO H 157 37.52 -95.44 -65.47
N LEU H 158 36.49 -96.07 -66.03
CA LEU H 158 36.33 -96.05 -67.48
C LEU H 158 35.54 -94.87 -67.99
N LEU H 159 34.58 -94.37 -67.22
CA LEU H 159 33.91 -93.12 -67.56
C LEU H 159 34.81 -91.87 -67.61
N PRO H 160 35.96 -91.80 -66.87
CA PRO H 160 36.94 -90.74 -67.20
C PRO H 160 37.60 -90.82 -68.57
N GLU H 161 37.36 -91.89 -69.33
CA GLU H 161 38.05 -92.09 -70.59
C GLU H 161 37.16 -91.75 -71.78
N VAL H 162 35.85 -91.66 -71.58
CA VAL H 162 34.91 -91.60 -72.69
C VAL H 162 34.88 -90.19 -73.30
N GLU H 163 35.44 -89.20 -72.62
CA GLU H 163 35.35 -87.81 -73.05
C GLU H 163 36.65 -87.30 -73.68
N ALA H 164 37.34 -88.11 -74.45
CA ALA H 164 38.53 -87.64 -75.14
C ALA H 164 38.53 -88.10 -76.58
N TYR H 165 37.36 -88.09 -77.24
CA TYR H 165 37.17 -88.76 -78.52
C TYR H 165 37.83 -87.96 -79.65
N LEU H 166 39.14 -88.04 -79.66
CA LEU H 166 39.94 -87.56 -80.77
C LEU H 166 40.14 -88.64 -81.82
N GLN H 167 39.37 -89.73 -81.73
CA GLN H 167 39.23 -90.81 -82.70
C GLN H 167 40.55 -91.47 -83.08
N LEU H 168 41.53 -91.37 -82.20
CA LEU H 168 42.85 -91.96 -82.42
C LEU H 168 43.32 -92.62 -81.13
N LEU H 169 43.23 -93.96 -81.11
CA LEU H 169 43.62 -94.75 -79.94
C LEU H 169 42.94 -94.23 -78.68
N VAL H 170 41.63 -94.05 -78.76
CA VAL H 170 40.86 -93.54 -77.64
C VAL H 170 39.37 -93.83 -77.81
N VAL H 171 38.96 -94.14 -79.03
CA VAL H 171 37.54 -94.42 -79.25
C VAL H 171 37.36 -95.92 -79.36
N ILE H 172 38.43 -96.63 -79.72
CA ILE H 172 38.41 -98.07 -79.64
C ILE H 172 38.50 -98.54 -78.20
N PHE H 173 38.98 -97.68 -77.31
CA PHE H 173 39.08 -98.03 -75.90
C PHE H 173 37.87 -97.59 -75.13
N MET H 174 37.19 -96.56 -75.62
CA MET H 174 35.80 -96.34 -75.27
C MET H 174 34.95 -97.52 -75.72
N MET H 175 35.22 -98.02 -76.92
CA MET H 175 34.51 -99.15 -77.52
C MET H 175 34.66 -100.39 -76.66
N ASN H 176 35.91 -100.73 -76.34
CA ASN H 176 36.21 -101.94 -75.59
C ASN H 176 35.88 -101.79 -74.12
N SER H 177 36.12 -100.61 -73.56
CA SER H 177 35.76 -100.35 -72.17
C SER H 177 34.25 -100.41 -71.98
N LYS H 178 33.49 -99.99 -72.99
CA LYS H 178 32.06 -100.21 -72.92
C LYS H 178 31.64 -101.59 -73.41
N ARG H 179 32.56 -102.39 -73.95
CA ARG H 179 32.29 -103.83 -74.00
C ARG H 179 32.41 -104.43 -72.61
N TYR H 180 33.31 -103.88 -71.79
CA TYR H 180 33.30 -104.26 -70.38
C TYR H 180 32.06 -103.75 -69.67
N LYS H 181 31.51 -102.63 -70.14
CA LYS H 181 30.22 -102.22 -69.59
C LYS H 181 29.07 -103.05 -70.17
N GLU H 182 29.26 -103.67 -71.34
CA GLU H 182 28.34 -104.73 -71.74
C GLU H 182 28.47 -105.93 -70.82
N ALA H 183 29.69 -106.16 -70.32
CA ALA H 183 29.87 -107.14 -69.24
C ALA H 183 29.40 -106.59 -67.91
N GLN H 184 28.99 -105.32 -67.86
CA GLN H 184 28.27 -104.83 -66.68
C GLN H 184 26.78 -104.99 -66.85
N LYS H 185 26.28 -105.04 -68.09
CA LYS H 185 24.95 -105.58 -68.29
C LYS H 185 24.91 -107.06 -67.96
N ILE H 186 25.94 -107.79 -68.41
CA ILE H 186 26.06 -109.21 -68.10
C ILE H 186 26.24 -109.42 -66.61
N SER H 187 27.02 -108.56 -65.97
CA SER H 187 27.10 -108.54 -64.52
C SER H 187 26.08 -107.58 -63.92
N ASP H 188 24.94 -107.39 -64.58
CA ASP H 188 23.81 -106.70 -64.00
C ASP H 188 22.56 -107.58 -63.98
N ASP H 189 22.26 -108.26 -65.09
CA ASP H 189 21.09 -109.11 -65.16
C ASP H 189 21.34 -110.46 -64.52
N LEU H 190 22.60 -110.83 -64.32
CA LEU H 190 22.95 -112.14 -63.80
C LEU H 190 23.66 -112.04 -62.46
N MET H 191 23.29 -111.04 -61.66
CA MET H 191 23.90 -110.84 -60.35
C MET H 191 22.85 -110.80 -59.26
N GLN H 192 23.22 -111.37 -58.10
CA GLN H 192 22.48 -111.58 -56.86
C GLN H 192 21.38 -112.64 -57.00
N LYS H 193 21.64 -113.62 -57.85
CA LYS H 193 20.71 -114.76 -58.07
C LYS H 193 19.27 -114.26 -58.15
N ILE H 194 19.20 -113.03 -58.66
CA ILE H 194 18.00 -112.26 -58.94
C ILE H 194 17.16 -111.60 -57.83
N SER H 195 17.13 -110.28 -58.03
CA SER H 195 16.29 -109.19 -57.46
C SER H 195 16.79 -108.49 -56.20
N THR H 196 18.09 -108.40 -55.96
CA THR H 196 18.59 -107.37 -55.07
C THR H 196 18.62 -106.08 -55.87
N GLN H 197 18.13 -105.00 -55.26
CA GLN H 197 17.71 -103.81 -56.01
C GLN H 197 18.86 -102.81 -56.13
N ASN H 198 19.95 -103.28 -56.72
CA ASN H 198 21.10 -102.43 -57.00
C ASN H 198 21.01 -101.74 -58.35
N ARG H 199 19.97 -102.06 -59.16
CA ARG H 199 19.65 -101.24 -60.32
C ARG H 199 19.36 -99.81 -59.92
N ARG H 200 18.71 -99.63 -58.77
CA ARG H 200 18.49 -98.34 -58.14
C ARG H 200 19.80 -97.65 -57.70
N ALA H 201 20.93 -98.33 -57.79
CA ALA H 201 22.22 -97.71 -58.02
C ALA H 201 22.67 -97.83 -59.46
N LEU H 202 22.66 -99.05 -60.02
CA LEU H 202 23.38 -99.28 -61.25
C LEU H 202 22.71 -98.70 -62.48
N ASP H 203 21.37 -98.71 -62.56
CA ASP H 203 20.72 -97.96 -63.63
C ASP H 203 20.92 -96.47 -63.47
N LEU H 204 21.08 -96.01 -62.22
CA LEU H 204 21.53 -94.65 -61.96
C LEU H 204 22.88 -94.35 -62.62
N VAL H 205 23.73 -95.37 -62.75
CA VAL H 205 24.87 -95.28 -63.65
C VAL H 205 24.49 -95.71 -65.06
N ALA H 206 23.68 -96.77 -65.20
CA ALA H 206 23.38 -97.28 -66.53
C ALA H 206 22.39 -96.42 -67.27
N ALA H 207 21.86 -95.37 -66.67
CA ALA H 207 21.38 -94.28 -67.51
C ALA H 207 22.55 -93.67 -68.26
N LYS H 208 23.44 -92.99 -67.52
CA LYS H 208 24.39 -92.02 -68.07
C LYS H 208 25.32 -92.64 -69.08
N CYS H 209 26.06 -93.66 -68.64
CA CYS H 209 27.02 -94.38 -69.46
C CYS H 209 26.39 -95.01 -70.70
N TYR H 210 25.11 -95.42 -70.63
CA TYR H 210 24.52 -96.02 -71.82
C TYR H 210 24.28 -94.97 -72.89
N TYR H 211 23.99 -93.74 -72.48
CA TYR H 211 23.99 -92.63 -73.42
C TYR H 211 25.36 -92.48 -74.05
N TYR H 212 26.40 -92.60 -73.23
CA TYR H 212 27.77 -92.62 -73.73
C TYR H 212 28.00 -93.77 -74.68
N HIS H 213 27.38 -94.92 -74.40
CA HIS H 213 27.32 -96.01 -75.37
C HIS H 213 26.80 -95.52 -76.72
N ALA H 214 25.60 -94.95 -76.72
CA ALA H 214 25.04 -94.46 -77.96
C ALA H 214 25.72 -93.17 -78.41
N ARG H 215 26.59 -92.59 -77.59
CA ARG H 215 27.49 -91.58 -78.12
C ARG H 215 28.56 -92.25 -78.97
N VAL H 216 29.31 -93.18 -78.38
CA VAL H 216 30.55 -93.60 -79.00
C VAL H 216 30.28 -94.56 -80.14
N TYR H 217 29.23 -95.37 -79.99
CA TYR H 217 28.78 -96.23 -81.09
C TYR H 217 28.24 -95.37 -82.23
N GLU H 218 27.76 -94.17 -81.92
CA GLU H 218 27.41 -93.18 -82.92
C GLU H 218 28.42 -92.06 -83.04
N PHE H 219 29.62 -92.23 -82.49
CA PHE H 219 30.71 -91.36 -82.93
C PHE H 219 31.21 -91.71 -84.31
N LEU H 220 30.89 -92.91 -84.80
CA LEU H 220 31.36 -93.38 -86.09
C LEU H 220 30.23 -93.68 -87.07
N ASP H 221 29.25 -94.49 -86.68
CA ASP H 221 28.22 -94.96 -87.60
C ASP H 221 26.91 -95.04 -86.85
N LYS H 222 25.87 -95.49 -87.53
CA LYS H 222 24.68 -95.88 -86.80
C LYS H 222 24.92 -97.23 -86.14
N LEU H 223 24.36 -97.39 -84.94
CA LEU H 223 24.41 -98.67 -84.24
C LEU H 223 23.18 -99.46 -84.62
N ASP H 224 23.36 -100.76 -84.83
CA ASP H 224 22.28 -101.61 -85.32
C ASP H 224 22.08 -102.83 -84.44
N VAL H 225 23.16 -103.34 -83.84
CA VAL H 225 23.04 -104.43 -82.87
C VAL H 225 23.02 -103.87 -81.45
N VAL H 226 23.55 -102.66 -81.24
CA VAL H 226 23.34 -101.96 -79.99
C VAL H 226 21.88 -101.52 -79.88
N ARG H 227 21.18 -101.45 -81.02
CA ARG H 227 19.72 -101.41 -80.99
C ARG H 227 19.18 -102.62 -80.24
N SER H 228 19.69 -103.80 -80.54
CA SER H 228 19.21 -105.00 -79.87
C SER H 228 19.67 -105.09 -78.42
N PHE H 229 20.92 -104.68 -78.16
CA PHE H 229 21.43 -104.49 -76.81
C PHE H 229 20.50 -103.61 -76.00
N LEU H 230 20.05 -102.52 -76.62
CA LEU H 230 19.07 -101.63 -76.03
C LEU H 230 17.71 -102.30 -75.88
N HIS H 231 17.37 -103.20 -76.81
CA HIS H 231 16.05 -103.82 -76.78
C HIS H 231 15.93 -104.80 -75.62
N ALA H 232 16.84 -105.77 -75.56
CA ALA H 232 16.85 -106.71 -74.45
C ALA H 232 17.19 -106.01 -73.14
N ARG H 233 17.99 -104.95 -73.20
CA ARG H 233 18.24 -104.14 -72.00
C ARG H 233 16.97 -103.45 -71.54
N LEU H 234 16.08 -103.10 -72.46
CA LEU H 234 14.77 -102.62 -72.03
C LEU H 234 13.94 -103.75 -71.45
N ARG H 235 14.12 -104.95 -71.99
CA ARG H 235 13.28 -106.07 -71.56
C ARG H 235 13.67 -106.58 -70.19
N THR H 236 14.93 -106.39 -69.79
CA THR H 236 15.28 -106.86 -68.45
C THR H 236 14.79 -105.92 -67.36
N ALA H 237 14.53 -104.66 -67.68
CA ALA H 237 13.98 -103.73 -66.71
C ALA H 237 12.47 -103.65 -66.82
N THR H 238 11.84 -104.75 -67.21
CA THR H 238 10.40 -104.74 -67.47
C THR H 238 9.61 -104.64 -66.17
N LEU H 239 9.68 -105.64 -65.34
CA LEU H 239 8.83 -105.61 -64.16
C LEU H 239 9.59 -105.82 -62.87
N ARG H 240 10.67 -106.61 -62.90
CA ARG H 240 11.37 -106.92 -61.66
C ARG H 240 12.15 -105.71 -61.14
N HIS H 241 12.63 -104.86 -62.04
CA HIS H 241 13.24 -103.59 -61.67
C HIS H 241 12.76 -102.59 -62.70
N ASP H 242 11.57 -102.05 -62.47
CA ASP H 242 11.04 -100.96 -63.28
C ASP H 242 11.45 -99.69 -62.56
N ALA H 243 12.75 -99.41 -62.56
CA ALA H 243 13.32 -98.30 -61.82
C ALA H 243 14.50 -97.77 -62.62
N ASP H 244 14.30 -96.59 -63.23
CA ASP H 244 15.27 -95.77 -63.96
C ASP H 244 15.75 -96.40 -65.26
N GLY H 245 15.35 -97.61 -65.57
CA GLY H 245 15.80 -98.21 -66.80
C GLY H 245 14.93 -97.74 -67.94
N GLN H 246 13.62 -97.97 -67.78
CA GLN H 246 12.68 -97.94 -68.89
C GLN H 246 12.58 -96.56 -69.53
N ALA H 247 12.72 -95.51 -68.72
CA ALA H 247 12.64 -94.16 -69.27
C ALA H 247 13.93 -93.75 -69.95
N THR H 248 15.07 -94.15 -69.40
CA THR H 248 16.36 -93.75 -69.98
C THR H 248 16.66 -94.55 -71.23
N LEU H 249 16.43 -95.86 -71.17
CA LEU H 249 16.51 -96.70 -72.35
C LEU H 249 15.46 -96.31 -73.37
N LEU H 250 14.34 -95.80 -72.89
CA LEU H 250 13.32 -95.22 -73.76
C LEU H 250 13.83 -93.97 -74.48
N ASN H 251 14.67 -93.18 -73.82
CA ASN H 251 15.29 -92.03 -74.48
C ASN H 251 16.28 -92.47 -75.53
N LEU H 252 17.07 -93.50 -75.22
CA LEU H 252 18.03 -94.03 -76.17
C LEU H 252 17.33 -94.61 -77.39
N LEU H 253 16.22 -95.30 -77.17
CA LEU H 253 15.41 -95.80 -78.27
C LEU H 253 14.79 -94.67 -79.08
N LEU H 254 14.36 -93.61 -78.40
CA LEU H 254 13.70 -92.52 -79.08
C LEU H 254 14.69 -91.76 -79.94
N ARG H 255 15.88 -91.49 -79.40
CA ARG H 255 16.88 -90.75 -80.16
C ARG H 255 17.53 -91.65 -81.19
N ASN H 256 17.45 -92.97 -80.99
CA ASN H 256 17.84 -93.90 -82.03
C ASN H 256 16.93 -93.77 -83.24
N TYR H 257 15.61 -93.87 -83.00
CA TYR H 257 14.66 -93.77 -84.11
C TYR H 257 14.57 -92.36 -84.65
N LEU H 258 15.04 -91.38 -83.89
CA LEU H 258 15.01 -89.99 -84.30
C LEU H 258 16.22 -89.64 -85.15
N HIS H 259 17.40 -90.08 -84.73
CA HIS H 259 18.59 -89.92 -85.56
C HIS H 259 18.49 -90.74 -86.84
N TYR H 260 17.81 -91.88 -86.77
CA TYR H 260 17.48 -92.67 -87.94
C TYR H 260 16.16 -92.12 -88.50
N SER H 261 15.69 -92.73 -89.58
CA SER H 261 14.45 -92.31 -90.23
C SER H 261 13.23 -92.65 -89.38
N LEU H 262 12.08 -92.24 -89.90
CA LEU H 262 10.83 -92.31 -89.17
C LEU H 262 10.10 -93.58 -89.60
N TYR H 263 10.29 -94.66 -88.86
CA TYR H 263 9.55 -95.88 -89.13
C TYR H 263 8.95 -96.52 -87.89
N ASP H 264 9.61 -96.41 -86.74
CA ASP H 264 9.25 -97.18 -85.56
C ASP H 264 8.60 -96.30 -84.50
N GLN H 265 7.97 -95.23 -84.94
CA GLN H 265 7.37 -94.27 -84.05
C GLN H 265 5.95 -94.65 -83.70
N ALA H 266 5.42 -95.69 -84.34
CA ALA H 266 4.16 -96.27 -83.93
C ALA H 266 4.31 -97.11 -82.68
N GLU H 267 5.55 -97.33 -82.22
CA GLU H 267 5.80 -98.11 -81.02
C GLU H 267 5.11 -97.51 -79.80
N LYS H 268 5.39 -96.24 -79.51
CA LYS H 268 4.71 -95.58 -78.42
C LYS H 268 3.23 -95.41 -78.71
N LEU H 269 2.87 -95.34 -79.99
CA LEU H 269 1.46 -95.30 -80.36
C LEU H 269 0.74 -96.60 -80.01
N VAL H 270 1.46 -97.72 -79.85
CA VAL H 270 0.83 -98.95 -79.41
C VAL H 270 1.35 -99.44 -78.06
N SER H 271 2.56 -99.06 -77.65
CA SER H 271 3.18 -99.54 -76.42
C SER H 271 3.45 -98.36 -75.52
N LYS H 272 2.43 -97.54 -75.35
CA LYS H 272 2.50 -96.34 -74.52
C LYS H 272 2.60 -96.78 -73.06
N SER H 273 3.83 -97.00 -72.61
CA SER H 273 4.09 -97.35 -71.22
C SER H 273 5.23 -96.51 -70.70
N VAL H 274 5.15 -95.20 -70.93
CA VAL H 274 6.30 -94.32 -70.90
C VAL H 274 6.38 -93.53 -69.61
N PHE H 275 5.77 -94.05 -68.54
CA PHE H 275 5.42 -93.27 -67.36
C PHE H 275 6.07 -93.87 -66.13
N PRO H 276 7.28 -93.45 -65.77
CA PRO H 276 7.79 -93.79 -64.46
C PRO H 276 7.31 -92.81 -63.41
N GLU H 277 7.91 -92.90 -62.22
CA GLU H 277 7.80 -91.88 -61.19
C GLU H 277 8.42 -90.54 -61.61
N GLN H 278 9.11 -90.49 -62.75
CA GLN H 278 9.84 -89.36 -63.33
C GLN H 278 10.77 -88.73 -62.29
N ALA H 279 11.71 -89.58 -61.87
CA ALA H 279 12.56 -89.25 -60.74
C ALA H 279 13.62 -88.21 -61.11
N ASN H 280 14.26 -88.38 -62.27
CA ASN H 280 15.39 -87.55 -62.64
C ASN H 280 15.02 -86.11 -62.90
N ASN H 281 13.76 -85.83 -63.26
CA ASN H 281 13.14 -84.51 -63.29
C ASN H 281 13.70 -83.60 -64.39
N ASN H 282 14.74 -84.04 -65.06
CA ASN H 282 15.25 -83.54 -66.33
C ASN H 282 15.05 -84.55 -67.43
N GLU H 283 15.12 -85.84 -67.09
CA GLU H 283 14.81 -86.91 -68.02
C GLU H 283 13.36 -86.79 -68.51
N TRP H 284 12.45 -86.49 -67.59
CA TRP H 284 11.06 -86.36 -67.96
C TRP H 284 10.85 -85.10 -68.79
N ALA H 285 11.61 -84.06 -68.48
CA ALA H 285 11.53 -82.80 -69.21
C ALA H 285 11.96 -82.98 -70.66
N ARG H 286 13.24 -83.29 -70.88
CA ARG H 286 13.74 -83.44 -72.24
C ARG H 286 13.16 -84.65 -72.94
N TYR H 287 12.70 -85.65 -72.18
CA TYR H 287 11.98 -86.77 -72.77
C TYR H 287 10.65 -86.32 -73.38
N LEU H 288 9.88 -85.56 -72.61
CA LEU H 288 8.63 -85.00 -73.11
C LEU H 288 8.88 -83.98 -74.22
N TYR H 289 10.06 -83.37 -74.21
CA TYR H 289 10.49 -82.60 -75.37
C TYR H 289 10.69 -83.50 -76.57
N TYR H 290 11.28 -84.67 -76.36
CA TYR H 290 11.62 -85.53 -77.50
C TYR H 290 10.38 -86.11 -78.14
N THR H 291 9.46 -86.62 -77.33
CA THR H 291 8.18 -87.02 -77.90
C THR H 291 7.36 -85.83 -78.34
N GLY H 292 7.68 -84.63 -77.86
CA GLY H 292 7.13 -83.44 -78.47
C GLY H 292 7.62 -83.26 -79.89
N ARG H 293 8.89 -83.58 -80.14
CA ARG H 293 9.39 -83.56 -81.51
C ARG H 293 8.76 -84.69 -82.33
N ILE H 294 8.40 -85.78 -81.65
CA ILE H 294 7.80 -86.93 -82.34
C ILE H 294 6.39 -86.57 -82.83
N LYS H 295 5.52 -86.18 -81.90
CA LYS H 295 4.17 -85.77 -82.29
C LYS H 295 4.17 -84.54 -83.16
N ALA H 296 5.18 -83.69 -83.00
CA ALA H 296 5.39 -82.56 -83.90
C ALA H 296 5.64 -83.03 -85.33
N ILE H 297 6.52 -84.00 -85.51
CA ILE H 297 6.91 -84.38 -86.86
C ILE H 297 5.88 -85.34 -87.47
N GLN H 298 5.03 -85.99 -86.66
CA GLN H 298 3.95 -86.78 -87.24
C GLN H 298 2.95 -85.91 -87.98
N LEU H 299 2.06 -85.29 -87.21
CA LEU H 299 1.33 -84.05 -87.50
C LEU H 299 0.61 -83.72 -86.21
N GLU H 300 0.87 -82.54 -85.64
CA GLU H 300 0.17 -82.04 -84.46
C GLU H 300 0.56 -80.60 -84.27
N TYR H 301 -0.43 -79.76 -83.94
CA TYR H 301 -0.15 -78.42 -83.45
C TYR H 301 -0.30 -78.35 -81.92
N SER H 302 -1.49 -78.68 -81.42
CA SER H 302 -1.89 -78.28 -80.08
C SER H 302 -1.17 -79.07 -79.00
N GLU H 303 -1.29 -80.40 -79.07
CA GLU H 303 -0.60 -81.26 -78.11
C GLU H 303 0.91 -81.11 -78.21
N ALA H 304 1.39 -80.95 -79.44
CA ALA H 304 2.82 -80.75 -79.68
C ALA H 304 3.29 -79.46 -79.04
N ARG H 305 2.59 -78.35 -79.27
CA ARG H 305 3.07 -77.08 -78.72
C ARG H 305 2.85 -76.99 -77.22
N ARG H 306 1.95 -77.80 -76.66
CA ARG H 306 1.73 -77.72 -75.23
C ARG H 306 2.65 -78.66 -74.47
N THR H 307 3.24 -79.64 -75.15
CA THR H 307 4.36 -80.31 -74.50
C THR H 307 5.69 -79.66 -74.88
N MET H 308 5.72 -78.85 -75.93
CA MET H 308 6.79 -77.88 -76.08
C MET H 308 6.74 -76.88 -74.94
N THR H 309 5.52 -76.51 -74.55
CA THR H 309 5.31 -75.59 -73.45
C THR H 309 5.63 -76.27 -72.12
N ASN H 310 5.18 -77.51 -71.94
CA ASN H 310 5.37 -78.20 -70.67
C ASN H 310 6.83 -78.59 -70.47
N ALA H 311 7.48 -79.09 -71.53
CA ALA H 311 8.91 -79.38 -71.44
C ALA H 311 9.71 -78.09 -71.34
N LEU H 312 9.18 -77.01 -71.91
CA LEU H 312 9.85 -75.72 -71.85
C LEU H 312 9.82 -75.16 -70.43
N ARG H 313 8.67 -75.30 -69.75
CA ARG H 313 8.59 -74.83 -68.37
C ARG H 313 9.16 -75.85 -67.40
N LYS H 314 9.53 -77.03 -67.88
CA LYS H 314 10.27 -77.99 -67.07
C LYS H 314 11.75 -77.99 -67.43
N ALA H 315 12.17 -77.02 -68.25
CA ALA H 315 13.60 -76.82 -68.48
C ALA H 315 14.25 -76.38 -67.17
N PRO H 316 15.30 -77.08 -66.71
CA PRO H 316 15.70 -77.03 -65.29
C PRO H 316 16.18 -75.69 -64.78
N GLN H 317 17.25 -75.15 -65.37
CA GLN H 317 17.83 -73.89 -64.94
C GLN H 317 18.48 -73.25 -66.16
N HIS H 318 19.26 -72.20 -65.91
CA HIS H 318 20.29 -71.80 -66.84
C HIS H 318 21.61 -72.15 -66.16
N THR H 319 21.94 -73.43 -66.25
CA THR H 319 23.19 -73.95 -65.74
C THR H 319 23.97 -74.65 -66.83
N ALA H 320 23.35 -74.84 -67.99
CA ALA H 320 24.01 -75.34 -69.19
C ALA H 320 23.64 -74.41 -70.34
N VAL H 321 24.62 -73.71 -70.89
CA VAL H 321 24.37 -72.75 -71.95
C VAL H 321 24.20 -73.51 -73.26
N GLY H 322 23.40 -72.97 -74.17
CA GLY H 322 23.29 -73.56 -75.50
C GLY H 322 22.37 -74.75 -75.60
N PHE H 323 22.40 -75.65 -74.61
CA PHE H 323 21.60 -76.87 -74.65
C PHE H 323 20.13 -76.61 -74.47
N LYS H 324 19.76 -75.51 -73.83
CA LYS H 324 18.40 -75.03 -73.95
C LYS H 324 18.25 -74.15 -75.19
N GLN H 325 19.34 -73.51 -75.63
CA GLN H 325 19.20 -72.46 -76.64
C GLN H 325 18.95 -73.05 -78.01
N THR H 326 19.71 -74.07 -78.39
CA THR H 326 19.52 -74.70 -79.68
C THR H 326 18.27 -75.58 -79.65
N VAL H 327 18.02 -76.21 -78.50
CA VAL H 327 16.86 -77.08 -78.37
C VAL H 327 15.59 -76.24 -78.32
N HIS H 328 15.72 -74.96 -77.98
CA HIS H 328 14.58 -74.08 -77.97
C HIS H 328 14.47 -73.33 -79.29
N LYS H 329 15.58 -73.23 -80.02
CA LYS H 329 15.49 -72.94 -81.46
C LYS H 329 14.68 -74.02 -82.16
N LEU H 330 14.80 -75.25 -81.71
CA LEU H 330 13.97 -76.28 -82.29
C LEU H 330 12.63 -76.44 -81.57
N LEU H 331 12.44 -75.79 -80.43
CA LEU H 331 11.21 -76.03 -79.66
C LEU H 331 10.01 -75.33 -80.30
N ILE H 332 10.18 -74.08 -80.72
CA ILE H 332 9.05 -73.26 -81.10
C ILE H 332 8.80 -73.28 -82.61
N VAL H 333 9.26 -74.33 -83.28
CA VAL H 333 9.08 -74.43 -84.72
C VAL H 333 7.62 -74.75 -85.06
N VAL H 334 6.96 -75.56 -84.22
CA VAL H 334 5.53 -75.79 -84.43
C VAL H 334 4.75 -74.53 -84.13
N GLU H 335 5.26 -73.68 -83.25
CA GLU H 335 4.62 -72.41 -83.00
C GLU H 335 4.94 -71.42 -84.11
N LEU H 336 6.08 -71.60 -84.78
CA LEU H 336 6.30 -70.94 -86.06
C LEU H 336 5.27 -71.40 -87.08
N LEU H 337 4.84 -72.65 -86.97
CA LEU H 337 3.81 -73.17 -87.86
C LEU H 337 2.39 -72.89 -87.39
N LEU H 338 2.23 -72.26 -86.22
CA LEU H 338 0.89 -71.80 -85.83
C LEU H 338 0.53 -70.51 -86.53
N GLY H 339 1.51 -69.62 -86.71
CA GLY H 339 1.27 -68.27 -87.15
C GLY H 339 1.15 -67.27 -86.03
N GLU H 340 0.80 -67.74 -84.84
CA GLU H 340 0.73 -66.90 -83.65
C GLU H 340 2.00 -66.98 -82.79
N ILE H 341 3.12 -66.47 -83.30
CA ILE H 341 4.38 -66.64 -82.58
C ILE H 341 5.09 -65.31 -82.35
N PRO H 342 5.62 -65.07 -81.12
CA PRO H 342 6.41 -63.86 -80.86
C PRO H 342 7.91 -64.09 -81.11
N ASP H 343 8.70 -63.04 -81.24
CA ASP H 343 10.10 -63.23 -81.62
C ASP H 343 11.00 -63.34 -80.39
N ARG H 344 11.71 -64.46 -80.31
CA ARG H 344 12.50 -64.85 -79.15
C ARG H 344 13.80 -64.06 -79.02
N LEU H 345 13.72 -62.81 -78.53
CA LEU H 345 14.93 -62.05 -78.33
C LEU H 345 15.40 -62.09 -76.89
N GLN H 346 14.51 -62.35 -75.93
CA GLN H 346 14.95 -62.52 -74.55
C GLN H 346 15.45 -63.93 -74.32
N PHE H 347 14.97 -64.89 -75.13
CA PHE H 347 15.59 -66.20 -75.19
C PHE H 347 16.95 -66.15 -75.87
N ARG H 348 17.15 -65.15 -76.72
CA ARG H 348 18.34 -65.07 -77.57
C ARG H 348 19.57 -64.81 -76.72
N GLN H 349 20.39 -65.84 -76.57
CA GLN H 349 21.78 -65.65 -76.23
C GLN H 349 22.43 -64.88 -77.38
N PRO H 350 23.25 -63.87 -77.10
CA PRO H 350 24.02 -63.22 -78.16
C PRO H 350 25.00 -64.16 -78.85
N SER H 351 25.46 -65.21 -78.19
CA SER H 351 26.15 -66.28 -78.88
C SER H 351 25.24 -67.09 -79.78
N LEU H 352 23.95 -67.16 -79.45
CA LEU H 352 22.97 -67.77 -80.34
C LEU H 352 22.51 -66.80 -81.42
N LYS H 353 22.73 -65.50 -81.23
CA LYS H 353 22.29 -64.48 -82.18
C LYS H 353 22.94 -64.66 -83.54
N ARG H 354 24.27 -64.88 -83.56
CA ARG H 354 24.97 -65.20 -84.80
C ARG H 354 24.54 -66.52 -85.41
N SER H 355 23.95 -67.41 -84.61
CA SER H 355 23.38 -68.63 -85.15
C SER H 355 21.88 -68.52 -85.39
N LEU H 356 21.20 -67.51 -84.86
CA LEU H 356 19.80 -67.31 -85.22
C LEU H 356 19.61 -66.18 -86.21
N MET H 357 20.69 -65.73 -86.88
CA MET H 357 20.62 -64.80 -88.00
C MET H 357 19.69 -65.25 -89.14
N PRO H 358 19.62 -66.54 -89.52
CA PRO H 358 18.49 -66.94 -90.38
C PRO H 358 17.16 -66.89 -89.68
N TYR H 359 17.19 -67.07 -88.36
CA TYR H 359 16.04 -67.56 -87.61
C TYR H 359 15.20 -66.40 -87.08
N PHE H 360 15.89 -65.39 -86.55
CA PHE H 360 15.34 -64.05 -86.40
C PHE H 360 14.69 -63.59 -87.71
N LEU H 361 15.42 -63.72 -88.82
CA LEU H 361 14.88 -63.33 -90.10
C LEU H 361 13.83 -64.33 -90.59
N LEU H 362 13.88 -65.57 -90.10
CA LEU H 362 12.84 -66.53 -90.44
C LEU H 362 11.50 -66.12 -89.86
N THR H 363 11.45 -65.83 -88.56
CA THR H 363 10.19 -65.37 -87.99
C THR H 363 9.84 -63.96 -88.44
N GLN H 364 10.84 -63.18 -88.86
CA GLN H 364 10.56 -61.94 -89.59
C GLN H 364 9.80 -62.21 -90.87
N ALA H 365 10.22 -63.25 -91.62
CA ALA H 365 9.48 -63.65 -92.80
C ALA H 365 8.14 -64.27 -92.46
N VAL H 366 8.00 -64.81 -91.25
CA VAL H 366 6.72 -65.36 -90.83
C VAL H 366 5.70 -64.24 -90.66
N ARG H 367 6.02 -63.23 -89.87
CA ARG H 367 5.00 -62.21 -89.59
C ARG H 367 4.80 -61.25 -90.74
N THR H 368 5.77 -61.13 -91.63
CA THR H 368 5.52 -60.37 -92.83
C THR H 368 4.79 -61.24 -93.83
N GLY H 369 3.77 -60.66 -94.45
CA GLY H 369 2.97 -61.35 -95.44
C GLY H 369 3.58 -61.38 -96.82
N ASN H 370 4.85 -61.01 -96.98
CA ASN H 370 5.46 -61.00 -98.30
C ASN H 370 5.78 -62.42 -98.76
N LEU H 371 5.70 -62.63 -100.07
CA LEU H 371 5.94 -63.92 -100.69
C LEU H 371 7.36 -64.02 -101.24
N ALA H 372 7.84 -62.95 -101.86
CA ALA H 372 9.23 -62.90 -102.31
C ALA H 372 10.19 -62.93 -101.12
N LYS H 373 9.76 -62.42 -99.97
CA LYS H 373 10.51 -62.60 -98.75
C LYS H 373 10.38 -64.01 -98.22
N PHE H 374 9.20 -64.62 -98.40
CA PHE H 374 8.95 -65.97 -97.91
C PHE H 374 9.84 -66.99 -98.63
N ASN H 375 10.02 -66.83 -99.93
CA ASN H 375 10.93 -67.69 -100.68
C ASN H 375 12.34 -67.13 -100.71
N GLN H 376 12.53 -65.88 -100.30
CA GLN H 376 13.84 -65.27 -100.25
C GLN H 376 14.62 -65.66 -99.01
N VAL H 377 13.94 -65.88 -97.89
CA VAL H 377 14.62 -66.36 -96.68
C VAL H 377 14.93 -67.83 -96.80
N LEU H 378 13.99 -68.61 -97.34
CA LEU H 378 14.22 -70.01 -97.66
C LEU H 378 15.36 -70.16 -98.66
N ASP H 379 15.33 -69.33 -99.70
CA ASP H 379 16.42 -69.23 -100.65
C ASP H 379 17.73 -68.82 -100.00
N GLN H 380 17.65 -67.97 -98.99
CA GLN H 380 18.86 -67.42 -98.40
C GLN H 380 19.50 -68.40 -97.43
N PHE H 381 18.71 -69.19 -96.71
CA PHE H 381 19.25 -70.04 -95.67
C PHE H 381 18.65 -71.44 -95.70
N GLY H 382 18.48 -72.02 -96.89
CA GLY H 382 18.07 -73.40 -96.98
C GLY H 382 19.07 -74.37 -96.39
N GLU H 383 20.35 -73.95 -96.31
CA GLU H 383 21.38 -74.77 -95.68
C GLU H 383 21.20 -74.83 -94.18
N LYS H 384 20.90 -73.69 -93.56
CA LYS H 384 20.59 -73.71 -92.13
C LYS H 384 19.25 -74.39 -91.89
N PHE H 385 18.36 -74.38 -92.89
CA PHE H 385 17.12 -75.15 -92.76
C PHE H 385 17.37 -76.63 -92.96
N GLN H 386 18.48 -76.98 -93.62
CA GLN H 386 18.92 -78.36 -93.63
C GLN H 386 19.55 -78.74 -92.31
N ALA H 387 20.24 -77.80 -91.66
CA ALA H 387 20.72 -78.02 -90.30
C ALA H 387 19.55 -78.18 -89.35
N ASP H 388 18.45 -77.49 -89.65
CA ASP H 388 17.18 -77.79 -89.00
C ASP H 388 16.70 -79.18 -89.41
N GLY H 389 16.70 -79.44 -90.72
CA GLY H 389 16.30 -80.74 -91.23
C GLY H 389 14.85 -81.08 -91.02
N THR H 390 13.98 -80.07 -90.99
CA THR H 390 12.58 -80.25 -90.61
C THR H 390 11.68 -79.53 -91.60
N TYR H 391 11.90 -79.80 -92.89
CA TYR H 391 11.23 -79.11 -93.98
C TYR H 391 9.74 -79.39 -94.12
N THR H 392 9.12 -80.05 -93.13
CA THR H 392 7.67 -79.90 -92.97
C THR H 392 7.29 -78.46 -92.62
N LEU H 393 8.26 -77.62 -92.21
CA LEU H 393 8.03 -76.20 -92.00
C LEU H 393 7.58 -75.51 -93.28
N ILE H 394 8.21 -75.82 -94.41
CA ILE H 394 8.01 -75.02 -95.61
C ILE H 394 6.82 -75.51 -96.41
N ILE H 395 6.41 -76.77 -96.20
CA ILE H 395 5.28 -77.32 -96.93
C ILE H 395 3.98 -76.76 -96.39
N ARG H 396 3.96 -76.33 -95.14
CA ARG H 396 2.78 -75.75 -94.53
C ARG H 396 3.02 -74.32 -94.07
N LEU H 397 4.14 -73.69 -94.44
CA LEU H 397 4.41 -72.37 -93.90
C LEU H 397 3.76 -71.29 -94.76
N ARG H 398 3.64 -71.53 -96.06
CA ARG H 398 2.82 -70.67 -96.92
C ARG H 398 1.34 -70.78 -96.54
N HIS H 399 0.91 -72.02 -96.25
CA HIS H 399 -0.38 -72.27 -95.62
C HIS H 399 -0.54 -71.49 -94.32
N ASN H 400 0.54 -71.39 -93.55
CA ASN H 400 0.50 -70.64 -92.30
C ASN H 400 0.39 -69.13 -92.58
N VAL H 401 0.95 -68.67 -93.71
CA VAL H 401 0.77 -67.28 -94.10
C VAL H 401 -0.69 -66.99 -94.36
N ILE H 402 -1.36 -67.85 -95.15
CA ILE H 402 -2.75 -67.56 -95.44
C ILE H 402 -3.65 -67.79 -94.22
N LYS H 403 -3.26 -68.68 -93.30
CA LYS H 403 -4.04 -68.86 -92.09
C LYS H 403 -3.85 -67.72 -91.10
N THR H 404 -2.66 -67.10 -91.10
CA THR H 404 -2.43 -65.95 -90.24
C THR H 404 -3.19 -64.74 -90.77
N GLY H 405 -3.18 -64.57 -92.09
CA GLY H 405 -3.95 -63.47 -92.68
C GLY H 405 -5.44 -63.63 -92.47
N VAL H 406 -5.95 -64.85 -92.65
CA VAL H 406 -7.39 -65.04 -92.50
C VAL H 406 -7.77 -65.04 -91.03
N ARG H 407 -6.83 -65.38 -90.14
CA ARG H 407 -7.11 -65.34 -88.71
C ARG H 407 -7.16 -63.90 -88.23
N MET H 408 -6.24 -63.09 -88.71
CA MET H 408 -6.19 -61.68 -88.34
C MET H 408 -7.41 -60.93 -88.87
N ILE H 409 -7.66 -61.07 -90.17
CA ILE H 409 -8.72 -60.27 -90.78
C ILE H 409 -10.09 -60.83 -90.44
N SER H 410 -10.22 -62.15 -90.40
CA SER H 410 -11.44 -62.79 -89.95
C SER H 410 -11.72 -62.49 -88.49
N LEU H 411 -10.68 -62.37 -87.70
CA LEU H 411 -10.81 -61.88 -86.34
C LEU H 411 -11.23 -60.42 -86.30
N SER H 412 -10.83 -59.63 -87.30
CA SER H 412 -11.13 -58.21 -87.24
C SER H 412 -12.59 -57.92 -87.58
N TYR H 413 -12.99 -58.21 -88.81
CA TYR H 413 -14.24 -57.69 -89.33
C TYR H 413 -15.33 -58.74 -89.36
N SER H 414 -16.53 -58.30 -88.98
CA SER H 414 -17.69 -59.18 -88.96
C SER H 414 -18.12 -59.55 -90.36
N ARG H 415 -18.48 -58.57 -91.18
CA ARG H 415 -18.83 -58.84 -92.57
C ARG H 415 -17.81 -58.15 -93.47
N ILE H 416 -16.73 -58.84 -93.75
CA ILE H 416 -15.79 -58.42 -94.78
C ILE H 416 -16.26 -59.08 -96.07
N SER H 417 -15.84 -58.56 -97.22
CA SER H 417 -15.97 -59.28 -98.47
C SER H 417 -14.72 -60.10 -98.73
N LEU H 418 -14.89 -61.19 -99.47
CA LEU H 418 -13.73 -61.94 -99.92
C LEU H 418 -12.91 -61.17 -100.95
N ALA H 419 -13.53 -60.24 -101.67
CA ALA H 419 -12.75 -59.40 -102.57
C ALA H 419 -11.87 -58.44 -101.81
N ASP H 420 -12.29 -58.10 -100.59
CA ASP H 420 -11.50 -57.18 -99.77
C ASP H 420 -10.22 -57.85 -99.32
N ILE H 421 -10.33 -59.04 -98.75
CA ILE H 421 -9.15 -59.75 -98.27
C ILE H 421 -8.37 -60.34 -99.44
N ALA H 422 -9.05 -60.62 -100.55
CA ALA H 422 -8.47 -61.44 -101.61
C ALA H 422 -7.46 -60.65 -102.42
N GLN H 423 -7.90 -59.57 -103.04
CA GLN H 423 -7.03 -58.76 -103.87
C GLN H 423 -6.19 -57.79 -103.06
N LYS H 424 -6.34 -57.78 -101.75
CA LYS H 424 -5.34 -57.25 -100.87
C LYS H 424 -4.23 -58.25 -100.57
N LEU H 425 -4.58 -59.51 -100.33
CA LEU H 425 -3.59 -60.56 -100.10
C LEU H 425 -3.22 -61.28 -101.39
N GLN H 426 -3.50 -60.65 -102.54
CA GLN H 426 -3.12 -61.13 -103.88
C GLN H 426 -3.71 -62.51 -104.17
N LEU H 427 -5.04 -62.56 -104.25
CA LEU H 427 -5.72 -63.81 -104.59
C LEU H 427 -6.34 -63.80 -105.98
N ASP H 428 -6.58 -62.59 -106.55
CA ASP H 428 -6.77 -62.36 -107.99
C ASP H 428 -8.07 -62.93 -108.54
N SER H 429 -8.86 -63.62 -107.71
CA SER H 429 -10.08 -64.26 -108.16
C SER H 429 -10.96 -64.49 -106.94
N PRO H 430 -12.27 -64.59 -107.12
CA PRO H 430 -13.16 -64.84 -105.99
C PRO H 430 -13.24 -66.30 -105.59
N GLU H 431 -13.05 -67.22 -106.53
CA GLU H 431 -13.39 -68.62 -106.28
C GLU H 431 -12.36 -69.32 -105.41
N ASP H 432 -11.06 -69.00 -105.55
CA ASP H 432 -10.10 -69.57 -104.62
C ASP H 432 -10.21 -68.92 -103.25
N ALA H 433 -10.70 -67.68 -103.21
CA ALA H 433 -11.07 -67.07 -101.94
C ALA H 433 -12.24 -67.79 -101.31
N GLU H 434 -13.19 -68.27 -102.12
CA GLU H 434 -14.27 -69.10 -101.61
C GLU H 434 -13.73 -70.44 -101.14
N PHE H 435 -12.64 -70.90 -101.74
CA PHE H 435 -11.99 -72.11 -101.25
C PHE H 435 -11.25 -71.85 -99.95
N ILE H 436 -10.73 -70.64 -99.77
CA ILE H 436 -10.09 -70.26 -98.51
C ILE H 436 -11.12 -70.18 -97.39
N VAL H 437 -12.27 -69.56 -97.69
CA VAL H 437 -13.37 -69.50 -96.74
C VAL H 437 -13.91 -70.90 -96.45
N ALA H 438 -13.96 -71.75 -97.48
CA ALA H 438 -14.45 -73.12 -97.33
C ALA H 438 -13.55 -73.93 -96.41
N LYS H 439 -12.24 -73.90 -96.65
CA LYS H 439 -11.34 -74.65 -95.79
C LYS H 439 -11.05 -73.94 -94.48
N ALA H 440 -11.48 -72.69 -94.34
CA ALA H 440 -11.42 -72.02 -93.05
C ALA H 440 -12.60 -72.43 -92.17
N ILE H 441 -13.78 -72.60 -92.78
CA ILE H 441 -14.90 -73.23 -92.10
C ILE H 441 -14.54 -74.66 -91.74
N ARG H 442 -13.92 -75.38 -92.68
CA ARG H 442 -13.49 -76.75 -92.46
C ARG H 442 -12.45 -76.83 -91.35
N ASP H 443 -11.54 -75.87 -91.30
CA ASP H 443 -10.62 -75.77 -90.18
C ASP H 443 -11.23 -75.10 -88.97
N GLY H 444 -12.39 -74.45 -89.14
CA GLY H 444 -13.15 -73.95 -88.01
C GLY H 444 -12.51 -72.80 -87.26
N VAL H 445 -12.37 -71.66 -87.93
CA VAL H 445 -11.90 -70.45 -87.28
C VAL H 445 -13.05 -69.48 -87.05
N ILE H 446 -13.90 -69.28 -88.05
CA ILE H 446 -14.99 -68.32 -87.99
C ILE H 446 -16.18 -68.94 -88.72
N GLU H 447 -17.37 -68.45 -88.38
CA GLU H 447 -18.61 -68.96 -88.96
C GLU H 447 -19.00 -68.11 -90.16
N ALA H 448 -18.01 -67.80 -90.98
CA ALA H 448 -18.23 -66.97 -92.15
C ALA H 448 -18.87 -67.69 -93.33
N SER H 449 -20.07 -67.23 -93.69
CA SER H 449 -20.80 -67.72 -94.83
C SER H 449 -20.48 -66.83 -96.03
N ILE H 450 -21.24 -66.98 -97.10
CA ILE H 450 -21.06 -66.18 -98.31
C ILE H 450 -22.44 -65.71 -98.76
N ASN H 451 -22.56 -64.42 -99.07
CA ASN H 451 -23.77 -63.95 -99.76
C ASN H 451 -23.69 -64.47 -101.18
N HIS H 452 -24.18 -65.68 -101.36
CA HIS H 452 -23.81 -66.52 -102.50
C HIS H 452 -24.45 -66.01 -103.77
N GLU H 453 -23.78 -65.09 -104.45
CA GLU H 453 -24.01 -64.93 -105.87
C GLU H 453 -22.73 -65.24 -106.63
N LYS H 454 -21.67 -64.46 -106.34
CA LYS H 454 -20.40 -64.54 -107.03
C LYS H 454 -19.24 -64.47 -106.04
N GLY H 455 -19.51 -64.73 -104.76
CA GLY H 455 -18.58 -64.42 -103.70
C GLY H 455 -19.16 -63.39 -102.76
N TYR H 456 -18.35 -62.43 -102.32
CA TYR H 456 -18.78 -61.26 -101.53
C TYR H 456 -19.41 -61.69 -100.20
N VAL H 457 -18.54 -62.21 -99.34
CA VAL H 457 -18.85 -62.82 -98.05
C VAL H 457 -19.81 -61.97 -97.22
N GLN H 458 -20.91 -62.59 -96.81
CA GLN H 458 -21.70 -62.08 -95.69
C GLN H 458 -21.40 -62.98 -94.50
N SER H 459 -21.15 -62.36 -93.36
CA SER H 459 -20.57 -63.11 -92.26
C SER H 459 -20.80 -62.37 -90.96
N LYS H 460 -20.06 -62.80 -89.94
CA LYS H 460 -20.19 -62.26 -88.61
C LYS H 460 -18.91 -62.53 -87.85
N GLU H 461 -18.70 -61.74 -86.81
CA GLU H 461 -17.82 -62.11 -85.71
C GLU H 461 -18.61 -63.05 -84.78
N MET H 462 -18.07 -63.34 -83.60
CA MET H 462 -18.83 -64.09 -82.61
C MET H 462 -18.55 -63.56 -81.20
N ILE H 463 -19.33 -62.57 -80.81
CA ILE H 463 -19.46 -62.17 -79.42
C ILE H 463 -20.93 -62.29 -79.05
N ASP H 464 -21.23 -61.98 -77.78
CA ASP H 464 -22.42 -62.44 -77.08
C ASP H 464 -22.55 -63.95 -77.26
N ILE H 465 -21.43 -64.63 -77.10
CA ILE H 465 -21.36 -66.04 -77.46
C ILE H 465 -21.78 -66.83 -76.23
N TYR H 466 -20.99 -66.76 -75.15
CA TYR H 466 -21.37 -67.03 -73.75
C TYR H 466 -20.17 -66.74 -72.85
N SER H 467 -20.46 -66.43 -71.58
CA SER H 467 -19.39 -66.09 -70.64
C SER H 467 -19.56 -66.52 -69.18
N THR H 468 -20.62 -67.23 -68.78
CA THR H 468 -20.83 -67.39 -67.35
C THR H 468 -20.75 -68.82 -66.84
N ARG H 469 -21.63 -69.70 -67.30
CA ARG H 469 -21.52 -71.11 -66.96
C ARG H 469 -20.29 -71.74 -67.58
N GLU H 470 -19.97 -71.43 -68.82
CA GLU H 470 -18.83 -71.99 -69.53
C GLU H 470 -17.47 -71.82 -68.82
N PRO H 471 -17.18 -70.70 -68.15
CA PRO H 471 -16.01 -70.71 -67.25
C PRO H 471 -16.13 -71.66 -66.07
N GLN H 472 -17.27 -71.73 -65.37
CA GLN H 472 -17.33 -72.65 -64.24
C GLN H 472 -17.46 -74.10 -64.68
N LEU H 473 -17.71 -74.34 -65.97
CA LEU H 473 -17.47 -75.64 -66.55
C LEU H 473 -15.98 -75.95 -66.55
N ALA H 474 -15.17 -74.98 -66.96
CA ALA H 474 -13.73 -75.16 -66.93
C ALA H 474 -13.18 -75.25 -65.51
N PHE H 475 -13.88 -74.66 -64.54
CA PHE H 475 -13.42 -74.68 -63.16
C PHE H 475 -13.51 -76.06 -62.54
N HIS H 476 -14.30 -76.96 -63.15
CA HIS H 476 -14.22 -78.37 -62.81
C HIS H 476 -12.82 -78.90 -63.05
N GLN H 477 -12.16 -78.43 -64.11
CA GLN H 477 -10.84 -78.95 -64.45
C GLN H 477 -9.76 -78.15 -63.78
N ARG H 478 -10.01 -76.85 -63.57
CA ARG H 478 -9.13 -76.03 -62.75
C ARG H 478 -9.01 -76.61 -61.36
N ILE H 479 -10.14 -76.90 -60.73
CA ILE H 479 -10.13 -77.19 -59.31
C ILE H 479 -10.16 -78.70 -59.05
N SER H 480 -10.66 -79.50 -60.00
CA SER H 480 -10.33 -80.91 -59.95
C SER H 480 -8.84 -81.11 -60.19
N PHE H 481 -8.26 -80.28 -61.06
CA PHE H 481 -6.81 -80.22 -61.19
C PHE H 481 -6.16 -79.74 -59.90
N CYS H 482 -6.84 -78.85 -59.18
CA CYS H 482 -6.28 -78.38 -57.91
C CYS H 482 -6.29 -79.50 -56.88
N LEU H 483 -7.35 -80.31 -56.82
CA LEU H 483 -7.37 -81.39 -55.85
C LEU H 483 -6.42 -82.50 -56.23
N ASP H 484 -6.13 -82.63 -57.53
CA ASP H 484 -5.02 -83.46 -57.96
C ASP H 484 -3.74 -83.00 -57.30
N ILE H 485 -3.48 -81.69 -57.36
CA ILE H 485 -2.26 -81.17 -56.77
C ILE H 485 -2.32 -81.24 -55.24
N HIS H 486 -3.52 -81.15 -54.66
CA HIS H 486 -3.73 -81.37 -53.23
C HIS H 486 -3.26 -82.74 -52.79
N ASN H 487 -3.67 -83.77 -53.51
CA ASN H 487 -3.25 -85.11 -53.11
C ASN H 487 -1.80 -85.35 -53.50
N MET H 488 -1.26 -84.55 -54.41
CA MET H 488 0.18 -84.53 -54.60
C MET H 488 0.89 -83.92 -53.39
N SER H 489 0.22 -83.03 -52.68
CA SER H 489 0.81 -82.51 -51.46
C SER H 489 0.65 -83.47 -50.30
N VAL H 490 -0.43 -84.25 -50.26
CA VAL H 490 -0.59 -85.24 -49.21
C VAL H 490 0.41 -86.36 -49.40
N LYS H 491 0.56 -86.81 -50.63
CA LYS H 491 1.60 -87.79 -50.91
C LYS H 491 3.00 -87.20 -50.83
N ALA H 492 3.12 -85.91 -51.02
CA ALA H 492 4.35 -85.22 -50.68
C ALA H 492 4.56 -85.20 -49.18
N MET H 493 3.50 -85.23 -48.40
CA MET H 493 3.65 -85.32 -46.96
C MET H 493 4.01 -86.74 -46.56
N ARG H 494 3.76 -87.71 -47.42
CA ARG H 494 4.14 -89.09 -47.11
C ARG H 494 5.65 -89.34 -47.14
N PHE H 495 6.48 -88.35 -47.49
CA PHE H 495 7.90 -88.64 -47.63
C PHE H 495 8.71 -88.81 -46.33
N PRO H 496 8.60 -87.92 -45.30
CA PRO H 496 9.61 -88.10 -44.25
C PRO H 496 9.37 -89.28 -43.31
N MET I 1 -66.45 12.94 1.58
CA MET I 1 -66.88 12.18 2.75
C MET I 1 -68.24 11.54 2.42
N ALA I 2 -68.69 10.60 3.27
CA ALA I 2 -69.95 9.88 3.04
C ALA I 2 -71.14 10.83 3.10
N ASP I 3 -71.17 11.71 4.10
CA ASP I 3 -72.23 12.72 4.15
C ASP I 3 -71.99 13.83 3.13
N GLY I 4 -70.73 14.11 2.81
CA GLY I 4 -70.39 15.08 1.78
C GLY I 4 -70.72 14.64 0.37
N GLY I 5 -70.81 13.34 0.14
CA GLY I 5 -71.29 12.82 -1.13
C GLY I 5 -72.75 12.41 -1.03
N SER I 6 -73.26 12.35 0.20
CA SER I 6 -74.68 12.07 0.42
C SER I 6 -75.49 13.34 0.25
N GLU I 7 -74.89 14.50 0.49
CA GLU I 7 -75.60 15.77 0.31
C GLU I 7 -75.53 16.25 -1.14
N ARG I 8 -74.48 15.88 -1.86
CA ARG I 8 -74.40 16.22 -3.27
C ARG I 8 -75.12 15.18 -4.11
N ALA I 9 -74.93 13.89 -3.77
CA ALA I 9 -75.63 12.82 -4.47
C ALA I 9 -77.12 12.83 -4.15
N ASP I 10 -77.47 13.03 -2.88
CA ASP I 10 -78.87 13.18 -2.51
C ASP I 10 -79.43 14.55 -2.88
N GLY I 11 -78.58 15.57 -2.98
CA GLY I 11 -79.06 16.93 -3.16
C GLY I 11 -78.99 17.48 -4.56
N ARG I 12 -78.49 16.69 -5.52
CA ARG I 12 -78.40 17.14 -6.91
C ARG I 12 -79.14 16.25 -7.89
N ILE I 13 -80.05 15.38 -7.41
CA ILE I 13 -80.85 14.58 -8.34
C ILE I 13 -82.05 15.37 -8.84
N VAL I 14 -82.43 16.44 -8.15
CA VAL I 14 -83.66 17.15 -8.49
C VAL I 14 -83.46 18.01 -9.73
N LYS I 15 -82.26 18.59 -9.86
CA LYS I 15 -82.01 19.62 -10.86
C LYS I 15 -81.79 19.07 -12.26
N MET I 16 -81.88 17.75 -12.45
CA MET I 16 -81.68 17.21 -13.79
C MET I 16 -82.97 17.23 -14.61
N GLU I 17 -84.12 17.13 -13.95
CA GLU I 17 -85.39 17.08 -14.67
C GLU I 17 -85.76 18.44 -15.27
N VAL I 18 -85.25 19.53 -14.71
CA VAL I 18 -85.60 20.88 -15.16
C VAL I 18 -84.44 21.56 -15.87
N ASP I 19 -83.29 21.63 -15.22
CA ASP I 19 -82.24 22.54 -15.65
C ASP I 19 -81.44 21.97 -16.80
N TYR I 20 -80.92 22.88 -17.63
CA TYR I 20 -79.82 22.61 -18.53
C TYR I 20 -78.57 22.24 -17.73
N SER I 21 -77.58 21.68 -18.42
CA SER I 21 -76.36 21.21 -17.77
C SER I 21 -75.47 22.34 -17.27
N ALA I 22 -76.01 23.18 -16.37
CA ALA I 22 -75.24 24.16 -15.62
C ALA I 22 -75.00 23.69 -14.19
N THR I 23 -75.90 22.87 -13.67
CA THR I 23 -75.63 22.13 -12.44
C THR I 23 -74.58 21.05 -12.66
N VAL I 24 -74.44 20.58 -13.90
CA VAL I 24 -73.36 19.65 -14.24
C VAL I 24 -72.03 20.39 -14.26
N ASP I 25 -72.01 21.64 -14.71
CA ASP I 25 -70.86 22.51 -14.51
C ASP I 25 -70.69 22.85 -13.03
N GLN I 26 -71.77 22.78 -12.26
CA GLN I 26 -71.71 22.71 -10.81
C GLN I 26 -71.65 21.28 -10.31
N ARG I 27 -71.06 20.38 -11.09
CA ARG I 27 -70.67 19.06 -10.61
C ARG I 27 -69.24 18.69 -11.04
N LEU I 28 -68.69 19.34 -12.07
CA LEU I 28 -67.30 19.10 -12.49
C LEU I 28 -66.27 19.33 -11.38
N PRO I 29 -66.27 20.46 -10.63
CA PRO I 29 -65.38 20.49 -9.45
C PRO I 29 -65.98 19.79 -8.25
N GLU I 30 -67.25 19.39 -8.29
CA GLU I 30 -67.80 18.61 -7.18
C GLU I 30 -67.40 17.14 -7.27
N CYS I 31 -67.50 16.55 -8.46
CA CYS I 31 -66.93 15.22 -8.66
C CYS I 31 -65.42 15.27 -8.66
N ALA I 32 -64.82 16.38 -9.11
CA ALA I 32 -63.37 16.50 -9.05
C ALA I 32 -62.88 16.60 -7.60
N LYS I 33 -63.58 17.36 -6.76
CA LYS I 33 -63.16 17.49 -5.37
C LYS I 33 -63.53 16.26 -4.55
N LEU I 34 -64.68 15.64 -4.84
CA LEU I 34 -65.02 14.40 -4.14
C LEU I 34 -64.12 13.24 -4.56
N ALA I 35 -63.62 13.25 -5.80
CA ALA I 35 -62.66 12.25 -6.22
C ALA I 35 -61.26 12.55 -5.71
N LYS I 36 -60.92 13.83 -5.55
CA LYS I 36 -59.65 14.18 -4.90
C LYS I 36 -59.67 13.81 -3.43
N GLU I 37 -60.83 13.93 -2.77
CA GLU I 37 -61.02 13.32 -1.47
C GLU I 37 -60.91 11.81 -1.62
N GLY I 38 -61.91 11.24 -2.30
CA GLY I 38 -61.94 9.83 -2.66
C GLY I 38 -61.73 8.85 -1.52
N ARG I 39 -62.80 8.56 -0.78
CA ARG I 39 -62.77 7.58 0.31
C ARG I 39 -62.25 6.26 -0.26
N LEU I 40 -61.10 5.83 0.26
CA LEU I 40 -60.37 4.66 -0.22
C LEU I 40 -60.90 3.22 -0.18
N GLN I 41 -62.21 2.96 -0.18
CA GLN I 41 -62.60 1.56 -0.17
C GLN I 41 -63.92 1.31 -0.87
N GLU I 42 -65.01 1.81 -0.29
CA GLU I 42 -66.34 1.58 -0.85
C GLU I 42 -67.22 2.82 -0.78
N VAL I 43 -66.73 3.94 -0.26
CA VAL I 43 -67.62 5.07 0.05
C VAL I 43 -67.85 5.95 -1.17
N ILE I 44 -66.81 6.66 -1.63
CA ILE I 44 -66.97 7.61 -2.74
C ILE I 44 -66.76 6.94 -4.07
N GLU I 45 -66.30 5.68 -4.07
CA GLU I 45 -66.43 4.87 -5.27
C GLU I 45 -67.90 4.66 -5.61
N THR I 46 -68.72 4.35 -4.60
CA THR I 46 -70.14 4.17 -4.83
C THR I 46 -70.89 5.51 -4.89
N LEU I 47 -70.45 6.51 -4.14
CA LEU I 47 -71.09 7.83 -4.21
C LEU I 47 -70.83 8.50 -5.55
N LEU I 48 -69.59 8.41 -6.04
CA LEU I 48 -69.29 8.87 -7.39
C LEU I 48 -69.89 7.98 -8.45
N SER I 49 -70.19 6.71 -8.14
CA SER I 49 -70.95 5.92 -9.10
C SER I 49 -72.39 6.44 -9.19
N LEU I 50 -72.93 6.90 -8.06
CA LEU I 50 -74.24 7.55 -8.07
C LEU I 50 -74.19 8.88 -8.81
N GLU I 51 -73.09 9.62 -8.64
CA GLU I 51 -72.99 10.93 -9.26
C GLU I 51 -72.67 10.85 -10.75
N LYS I 52 -71.91 9.83 -11.18
CA LYS I 52 -71.81 9.55 -12.61
C LYS I 52 -73.07 8.94 -13.15
N GLN I 53 -73.90 8.32 -12.29
CA GLN I 53 -75.19 7.80 -12.73
C GLN I 53 -76.17 8.93 -13.02
N THR I 54 -76.23 9.91 -12.11
CA THR I 54 -77.02 11.10 -12.38
C THR I 54 -76.37 11.96 -13.47
N ARG I 55 -75.05 11.82 -13.67
CA ARG I 55 -74.43 12.36 -14.86
C ARG I 55 -74.94 11.68 -16.13
N THR I 56 -75.26 10.39 -16.05
CA THR I 56 -75.88 9.73 -17.20
C THR I 56 -77.35 10.10 -17.33
N ALA I 57 -77.99 10.56 -16.25
CA ALA I 57 -79.29 11.20 -16.41
C ALA I 57 -79.14 12.53 -17.13
N SER I 58 -78.04 13.26 -16.85
CA SER I 58 -77.73 14.44 -17.65
C SER I 58 -77.28 14.08 -19.06
N ASP I 59 -76.94 12.81 -19.29
CA ASP I 59 -76.68 12.35 -20.65
C ASP I 59 -77.98 12.03 -21.35
N MET I 60 -78.99 11.61 -20.59
CA MET I 60 -80.35 11.48 -21.13
C MET I 60 -80.93 12.85 -21.43
N VAL I 61 -80.49 13.87 -20.70
CA VAL I 61 -80.92 15.23 -21.00
C VAL I 61 -80.16 15.78 -22.20
N SER I 62 -78.83 15.89 -22.08
CA SER I 62 -78.02 16.61 -23.06
C SER I 62 -77.57 15.74 -24.22
N THR I 63 -77.07 14.53 -23.96
CA THR I 63 -76.55 13.67 -25.02
C THR I 63 -77.62 12.72 -25.56
N SER I 64 -78.89 13.02 -25.35
CA SER I 64 -79.97 12.30 -25.99
C SER I 64 -80.92 13.25 -26.71
N ARG I 65 -80.61 14.54 -26.72
CA ARG I 65 -81.45 15.54 -27.35
C ARG I 65 -80.94 15.95 -28.72
N ILE I 66 -79.71 16.45 -28.78
CA ILE I 66 -79.13 17.00 -29.99
C ILE I 66 -77.97 16.16 -30.52
N LEU I 67 -77.31 15.39 -29.63
CA LEU I 67 -76.08 14.64 -29.92
C LEU I 67 -75.00 15.58 -30.45
N VAL I 68 -74.64 16.57 -29.62
CA VAL I 68 -73.67 17.56 -30.04
C VAL I 68 -72.27 16.95 -30.06
N ALA I 69 -71.98 16.10 -29.07
CA ALA I 69 -70.71 15.40 -28.77
C ALA I 69 -69.61 16.35 -28.29
N VAL I 70 -69.88 17.65 -28.29
CA VAL I 70 -69.01 18.60 -27.63
C VAL I 70 -69.33 18.61 -26.14
N VAL I 71 -70.61 18.46 -25.81
CA VAL I 71 -71.00 18.19 -24.43
C VAL I 71 -70.44 16.84 -23.98
N LYS I 72 -70.36 15.87 -24.90
CA LYS I 72 -69.78 14.59 -24.55
C LYS I 72 -68.28 14.71 -24.35
N MET I 73 -67.57 15.39 -25.25
CA MET I 73 -66.13 15.51 -25.06
C MET I 73 -65.75 16.46 -23.93
N CYS I 74 -66.68 17.29 -23.46
CA CYS I 74 -66.44 17.98 -22.19
C CYS I 74 -66.68 17.03 -21.02
N TYR I 75 -67.63 16.10 -21.17
CA TYR I 75 -67.90 15.16 -20.09
C TYR I 75 -66.79 14.12 -19.93
N GLU I 76 -66.21 13.66 -21.04
CA GLU I 76 -65.02 12.84 -20.93
C GLU I 76 -63.74 13.68 -20.95
N ALA I 77 -63.87 15.01 -21.05
CA ALA I 77 -62.74 15.86 -20.70
C ALA I 77 -62.59 15.95 -19.18
N LYS I 78 -63.71 16.02 -18.46
CA LYS I 78 -63.62 15.94 -17.01
C LYS I 78 -63.51 14.49 -16.54
N GLU I 79 -63.90 13.50 -17.34
CA GLU I 79 -63.47 12.15 -17.02
C GLU I 79 -61.99 11.95 -17.29
N TRP I 80 -61.46 12.67 -18.28
CA TRP I 80 -60.03 12.66 -18.53
C TRP I 80 -59.28 13.26 -17.35
N ASP I 81 -59.73 14.42 -16.89
CA ASP I 81 -59.11 15.06 -15.74
C ASP I 81 -59.40 14.30 -14.46
N LEU I 82 -60.50 13.55 -14.43
CA LEU I 82 -60.87 12.78 -13.24
C LEU I 82 -60.10 11.46 -13.18
N LEU I 83 -59.73 10.91 -14.33
CA LEU I 83 -58.74 9.84 -14.39
C LEU I 83 -57.32 10.34 -14.22
N ASN I 84 -57.10 11.66 -14.32
CA ASN I 84 -55.76 12.22 -14.17
C ASN I 84 -55.32 12.43 -12.72
N GLU I 85 -56.19 12.94 -11.82
CA GLU I 85 -55.68 13.37 -10.53
C GLU I 85 -55.31 12.22 -9.59
N ASN I 86 -56.07 11.14 -9.54
CA ASN I 86 -55.81 10.05 -8.60
C ASN I 86 -55.14 8.94 -9.41
N ILE I 87 -54.30 8.16 -8.75
CA ILE I 87 -53.45 7.23 -9.48
C ILE I 87 -54.26 6.09 -10.07
N MET I 88 -55.18 5.54 -9.27
CA MET I 88 -55.76 4.21 -9.48
C MET I 88 -54.64 3.19 -9.75
N LEU I 89 -53.75 2.96 -8.78
CA LEU I 89 -52.69 1.99 -9.02
C LEU I 89 -53.04 0.60 -8.48
N LEU I 90 -53.99 -0.08 -9.16
CA LEU I 90 -54.56 -1.39 -8.76
C LEU I 90 -54.95 -1.05 -7.36
N SER I 91 -55.62 0.10 -7.30
CA SER I 91 -55.92 0.78 -6.04
C SER I 91 -57.37 0.64 -5.55
N LYS I 92 -58.28 0.09 -6.37
CA LYS I 92 -59.70 -0.14 -6.00
C LYS I 92 -60.42 1.15 -5.63
N ARG I 93 -60.61 2.03 -6.62
CA ARG I 93 -61.71 2.98 -6.59
C ARG I 93 -62.17 3.12 -8.04
N ARG I 94 -63.10 2.24 -8.44
CA ARG I 94 -63.26 1.96 -9.86
C ARG I 94 -64.71 1.84 -10.33
N SER I 95 -65.70 1.69 -9.44
CA SER I 95 -67.11 1.68 -9.82
C SER I 95 -67.60 3.06 -10.28
N GLN I 96 -66.80 4.10 -10.10
CA GLN I 96 -66.97 5.38 -10.79
C GLN I 96 -66.84 5.25 -12.30
N LEU I 97 -66.23 4.17 -12.80
CA LEU I 97 -66.13 3.90 -14.22
C LEU I 97 -66.91 2.65 -14.64
N LYS I 98 -67.13 1.72 -13.71
CA LYS I 98 -67.71 0.42 -14.04
C LYS I 98 -69.14 0.50 -14.54
N GLN I 99 -70.07 0.93 -13.70
CA GLN I 99 -71.45 1.06 -14.16
C GLN I 99 -71.70 2.40 -14.83
N ALA I 100 -70.76 3.34 -14.71
CA ALA I 100 -70.86 4.57 -15.47
C ALA I 100 -70.62 4.32 -16.95
N VAL I 101 -69.46 3.74 -17.28
CA VAL I 101 -69.15 3.40 -18.67
C VAL I 101 -69.94 2.19 -19.15
N ALA I 102 -70.30 1.27 -18.23
CA ALA I 102 -71.22 0.21 -18.59
C ALA I 102 -72.60 0.76 -18.94
N LYS I 103 -73.01 1.82 -18.25
CA LYS I 103 -74.22 2.50 -18.70
C LYS I 103 -73.96 3.37 -19.94
N MET I 104 -72.70 3.72 -20.23
CA MET I 104 -72.43 4.44 -21.48
C MET I 104 -72.59 3.52 -22.67
N VAL I 105 -72.20 2.26 -22.54
CA VAL I 105 -72.45 1.34 -23.64
C VAL I 105 -73.86 0.78 -23.57
N GLN I 106 -74.54 0.91 -22.43
CA GLN I 106 -75.98 0.75 -22.45
C GLN I 106 -76.63 1.87 -23.25
N GLN I 107 -76.11 3.09 -23.11
CA GLN I 107 -76.59 4.21 -23.91
C GLN I 107 -76.30 4.00 -25.38
N CYS I 108 -75.10 3.50 -25.71
CA CYS I 108 -74.78 3.20 -27.10
C CYS I 108 -75.60 2.04 -27.64
N CYS I 109 -76.00 1.11 -26.77
CA CYS I 109 -77.02 0.13 -27.12
C CYS I 109 -78.36 0.79 -27.41
N THR I 110 -78.64 1.93 -26.77
CA THR I 110 -79.81 2.71 -27.17
C THR I 110 -79.51 3.72 -28.27
N TYR I 111 -78.27 3.78 -28.76
CA TYR I 111 -77.89 4.75 -29.76
C TYR I 111 -77.79 4.17 -31.16
N VAL I 112 -77.34 2.92 -31.29
CA VAL I 112 -77.09 2.31 -32.60
C VAL I 112 -78.35 2.22 -33.45
N GLU I 113 -79.53 2.23 -32.83
CA GLU I 113 -80.79 2.37 -33.53
C GLU I 113 -81.13 3.82 -33.88
N GLU I 114 -80.47 4.79 -33.26
CA GLU I 114 -80.87 6.19 -33.33
C GLU I 114 -79.75 7.11 -33.82
N ILE I 115 -78.50 6.76 -33.52
CA ILE I 115 -77.39 7.67 -33.71
C ILE I 115 -76.81 7.47 -35.10
N THR I 116 -76.14 8.50 -35.61
CA THR I 116 -75.28 8.34 -36.77
C THR I 116 -73.88 7.99 -36.28
N ASP I 117 -72.97 7.74 -37.22
CA ASP I 117 -71.74 7.05 -36.88
C ASP I 117 -70.72 7.96 -36.20
N LEU I 118 -70.83 9.28 -36.43
CA LEU I 118 -69.75 10.18 -36.01
C LEU I 118 -69.73 10.42 -34.49
N PRO I 119 -70.83 10.79 -33.81
CA PRO I 119 -70.68 10.98 -32.35
C PRO I 119 -70.53 9.67 -31.58
N ILE I 120 -71.05 8.56 -32.11
CA ILE I 120 -70.84 7.29 -31.43
C ILE I 120 -69.40 6.82 -31.62
N LYS I 121 -68.76 7.16 -32.74
CA LYS I 121 -67.35 6.81 -32.86
C LYS I 121 -66.44 7.78 -32.12
N LEU I 122 -66.91 8.99 -31.83
CA LEU I 122 -66.21 9.81 -30.84
C LEU I 122 -66.36 9.23 -29.44
N ARG I 123 -67.53 8.64 -29.13
CA ARG I 123 -67.67 7.89 -27.89
C ARG I 123 -66.73 6.69 -27.86
N LEU I 124 -66.54 6.04 -29.02
CA LEU I 124 -65.65 4.89 -29.08
C LEU I 124 -64.21 5.30 -28.93
N ILE I 125 -63.82 6.44 -29.53
CA ILE I 125 -62.44 6.90 -29.36
C ILE I 125 -62.22 7.45 -27.96
N ASP I 126 -63.30 7.76 -27.22
CA ASP I 126 -63.15 7.99 -25.79
C ASP I 126 -62.90 6.68 -25.03
N THR I 127 -63.78 5.68 -25.22
CA THR I 127 -63.74 4.48 -24.40
C THR I 127 -62.62 3.51 -24.77
N LEU I 128 -61.99 3.68 -25.95
CA LEU I 128 -60.73 2.99 -26.21
C LEU I 128 -59.68 3.44 -25.20
N ARG I 129 -59.56 4.75 -25.00
CA ARG I 129 -58.65 5.28 -24.00
C ARG I 129 -59.10 4.92 -22.60
N MET I 130 -60.41 4.94 -22.35
CA MET I 130 -60.93 4.74 -21.00
C MET I 130 -60.72 3.30 -20.52
N VAL I 131 -60.91 2.32 -21.39
CA VAL I 131 -60.85 0.94 -20.98
C VAL I 131 -59.48 0.32 -21.25
N THR I 132 -58.82 0.70 -22.35
CA THR I 132 -57.45 0.24 -22.53
C THR I 132 -56.46 0.96 -21.62
N GLU I 133 -56.84 2.11 -21.07
CA GLU I 133 -56.00 2.82 -20.12
C GLU I 133 -56.39 2.58 -18.68
N GLY I 134 -57.68 2.66 -18.37
CA GLY I 134 -58.13 2.49 -17.01
C GLY I 134 -58.48 1.08 -16.62
N LYS I 135 -57.46 0.22 -16.45
CA LYS I 135 -57.57 -1.05 -15.71
C LYS I 135 -58.57 -2.01 -16.37
N ILE I 136 -58.12 -2.60 -17.49
CA ILE I 136 -58.87 -3.36 -18.49
C ILE I 136 -59.93 -4.29 -17.89
N TYR I 137 -61.17 -4.15 -18.35
CA TYR I 137 -62.33 -4.77 -17.70
C TYR I 137 -62.52 -6.16 -18.32
N VAL I 138 -63.68 -6.78 -18.12
CA VAL I 138 -64.03 -8.06 -18.72
C VAL I 138 -65.26 -7.92 -19.62
N GLU I 139 -66.26 -7.18 -19.15
CA GLU I 139 -67.54 -7.03 -19.84
C GLU I 139 -67.55 -5.87 -20.83
N ILE I 140 -66.69 -4.87 -20.62
CA ILE I 140 -66.41 -3.85 -21.64
C ILE I 140 -65.31 -4.32 -22.57
N GLU I 141 -64.77 -5.52 -22.33
CA GLU I 141 -64.05 -6.21 -23.40
C GLU I 141 -64.99 -6.91 -24.35
N ARG I 142 -66.15 -7.37 -23.87
CA ARG I 142 -67.16 -7.92 -24.78
C ARG I 142 -67.99 -6.79 -25.39
N ALA I 143 -68.19 -5.70 -24.65
CA ALA I 143 -68.66 -4.47 -25.26
C ALA I 143 -67.60 -3.83 -26.13
N ARG I 144 -66.34 -4.20 -25.93
CA ARG I 144 -65.32 -3.85 -26.91
C ARG I 144 -65.50 -4.69 -28.17
N LEU I 145 -65.90 -5.96 -28.01
CA LEU I 145 -66.16 -6.79 -29.17
C LEU I 145 -67.35 -6.26 -29.96
N THR I 146 -68.36 -5.71 -29.27
CA THR I 146 -69.49 -5.16 -30.01
C THR I 146 -69.27 -3.70 -30.41
N LYS I 147 -68.24 -3.05 -29.86
CA LYS I 147 -68.03 -1.67 -30.28
C LYS I 147 -67.07 -1.61 -31.45
N THR I 148 -66.05 -2.49 -31.48
CA THR I 148 -65.27 -2.61 -32.70
C THR I 148 -66.02 -3.44 -33.72
N LEU I 149 -66.96 -4.28 -33.27
CA LEU I 149 -67.91 -4.88 -34.19
C LEU I 149 -68.87 -3.84 -34.72
N ALA I 150 -69.17 -2.82 -33.93
CA ALA I 150 -69.96 -1.71 -34.45
C ALA I 150 -69.17 -0.92 -35.48
N THR I 151 -67.85 -0.75 -35.27
CA THR I 151 -67.02 -0.15 -36.31
C THR I 151 -66.93 -1.04 -37.54
N ILE I 152 -67.03 -2.36 -37.36
CA ILE I 152 -67.17 -3.24 -38.51
C ILE I 152 -68.47 -2.95 -39.23
N LYS I 153 -69.58 -2.92 -38.50
CA LYS I 153 -70.90 -2.70 -39.07
C LYS I 153 -71.10 -1.30 -39.63
N GLU I 154 -70.15 -0.39 -39.42
CA GLU I 154 -70.17 0.90 -40.10
C GLU I 154 -70.11 0.73 -41.61
N GLN I 155 -69.08 0.05 -42.11
CA GLN I 155 -68.97 -0.25 -43.53
C GLN I 155 -69.10 -1.72 -43.84
N ASN I 156 -69.57 -2.51 -42.87
CA ASN I 156 -69.83 -3.95 -42.99
C ASN I 156 -68.55 -4.71 -43.38
N GLY I 157 -67.45 -4.35 -42.72
CA GLY I 157 -66.22 -5.10 -42.85
C GLY I 157 -65.37 -4.73 -44.04
N ASP I 158 -64.10 -4.42 -43.79
CA ASP I 158 -63.13 -4.19 -44.84
C ASP I 158 -61.74 -4.54 -44.32
N VAL I 159 -60.72 -4.08 -45.04
CA VAL I 159 -59.33 -4.29 -44.64
C VAL I 159 -59.02 -3.49 -43.38
N LYS I 160 -59.65 -2.32 -43.23
CA LYS I 160 -59.41 -1.47 -42.07
C LYS I 160 -59.96 -2.11 -40.80
N GLU I 161 -61.14 -2.73 -40.89
CA GLU I 161 -61.67 -3.43 -39.75
C GLU I 161 -61.02 -4.79 -39.56
N ALA I 162 -60.45 -5.36 -40.62
CA ALA I 162 -59.57 -6.51 -40.46
C ALA I 162 -58.33 -6.14 -39.68
N ALA I 163 -57.81 -4.92 -39.89
CA ALA I 163 -56.74 -4.44 -39.05
C ALA I 163 -57.23 -4.13 -37.65
N SER I 164 -58.47 -3.69 -37.52
CA SER I 164 -59.04 -3.36 -36.21
C SER I 164 -59.28 -4.62 -35.39
N ILE I 165 -59.45 -5.77 -36.04
CA ILE I 165 -59.52 -7.00 -35.25
C ILE I 165 -58.14 -7.63 -35.08
N LEU I 166 -57.26 -7.51 -36.09
CA LEU I 166 -55.87 -7.97 -35.97
C LEU I 166 -55.06 -7.21 -34.93
N GLN I 167 -55.49 -6.00 -34.54
CA GLN I 167 -54.88 -5.32 -33.41
C GLN I 167 -55.53 -5.70 -32.08
N GLU I 168 -56.66 -6.40 -32.11
CA GLU I 168 -57.39 -6.73 -30.90
C GLU I 168 -57.67 -8.22 -30.78
N LEU I 169 -56.88 -9.07 -31.44
CA LEU I 169 -57.09 -10.50 -31.32
C LEU I 169 -56.59 -11.04 -29.99
N GLN I 170 -55.29 -10.92 -29.74
CA GLN I 170 -54.63 -11.66 -28.67
C GLN I 170 -54.16 -10.76 -27.54
N VAL I 171 -54.64 -9.52 -27.50
CA VAL I 171 -54.27 -8.59 -26.45
C VAL I 171 -54.91 -8.96 -25.12
N GLU I 172 -56.21 -9.28 -25.14
CA GLU I 172 -56.94 -9.59 -23.92
C GLU I 172 -57.32 -11.06 -23.82
N THR I 173 -56.50 -11.94 -24.40
CA THR I 173 -56.63 -13.37 -24.14
C THR I 173 -55.98 -13.81 -22.84
N TYR I 174 -55.00 -13.04 -22.35
CA TYR I 174 -54.24 -13.43 -21.17
C TYR I 174 -54.56 -12.60 -19.93
N GLY I 175 -55.25 -11.47 -20.07
CA GLY I 175 -55.60 -10.66 -18.93
C GLY I 175 -56.91 -11.09 -18.31
N SER I 176 -57.85 -11.52 -19.15
CA SER I 176 -59.16 -11.95 -18.71
C SER I 176 -59.39 -13.38 -19.21
N MET I 177 -59.63 -14.30 -18.27
CA MET I 177 -59.91 -15.68 -18.65
C MET I 177 -61.31 -15.79 -19.24
N GLU I 178 -61.40 -16.51 -20.36
CA GLU I 178 -62.55 -16.41 -21.25
C GLU I 178 -62.58 -17.68 -22.09
N LYS I 179 -63.79 -18.17 -22.37
CA LYS I 179 -63.94 -19.34 -23.22
C LYS I 179 -65.05 -19.26 -24.26
N LYS I 180 -65.93 -18.26 -24.22
CA LYS I 180 -67.13 -18.29 -25.06
C LYS I 180 -67.22 -17.16 -26.07
N GLU I 181 -67.18 -15.91 -25.61
CA GLU I 181 -67.59 -14.79 -26.45
C GLU I 181 -66.43 -14.24 -27.29
N ARG I 182 -65.23 -14.18 -26.73
CA ARG I 182 -64.06 -13.85 -27.55
C ARG I 182 -63.68 -15.01 -28.45
N VAL I 183 -64.14 -16.22 -28.12
CA VAL I 183 -64.14 -17.33 -29.05
C VAL I 183 -65.23 -17.13 -30.11
N GLU I 184 -66.31 -16.44 -29.74
CA GLU I 184 -67.25 -16.01 -30.77
C GLU I 184 -66.79 -14.75 -31.50
N PHE I 185 -65.64 -14.20 -31.10
CA PHE I 185 -65.03 -13.05 -31.75
C PHE I 185 -63.87 -13.52 -32.62
N ILE I 186 -63.33 -14.69 -32.30
CA ILE I 186 -62.22 -15.24 -33.04
C ILE I 186 -62.73 -15.93 -34.30
N LEU I 187 -64.05 -16.15 -34.39
CA LEU I 187 -64.65 -16.61 -35.63
C LEU I 187 -64.97 -15.46 -36.56
N GLU I 188 -64.79 -14.23 -36.09
CA GLU I 188 -65.28 -13.09 -36.84
C GLU I 188 -64.27 -12.58 -37.85
N GLN I 189 -62.97 -12.79 -37.62
CA GLN I 189 -61.99 -12.28 -38.56
C GLN I 189 -61.81 -13.18 -39.77
N MET I 190 -62.36 -14.40 -39.79
CA MET I 190 -62.14 -15.26 -40.94
C MET I 190 -62.93 -14.77 -42.15
N ARG I 191 -64.11 -14.21 -41.93
CA ARG I 191 -64.79 -13.50 -43.00
C ARG I 191 -64.18 -12.13 -43.22
N LEU I 192 -63.42 -11.61 -42.26
CA LEU I 192 -62.60 -10.43 -42.49
C LEU I 192 -61.25 -10.77 -43.10
N CYS I 193 -61.04 -12.02 -43.50
CA CYS I 193 -59.90 -12.40 -44.31
C CYS I 193 -60.32 -13.07 -45.61
N LEU I 194 -61.57 -13.50 -45.71
CA LEU I 194 -62.14 -13.94 -46.97
C LEU I 194 -62.66 -12.80 -47.83
N ALA I 195 -63.17 -11.74 -47.20
CA ALA I 195 -63.44 -10.50 -47.93
C ALA I 195 -62.16 -9.86 -48.44
N VAL I 196 -61.08 -9.96 -47.68
CA VAL I 196 -59.74 -9.66 -48.19
C VAL I 196 -59.29 -10.71 -49.19
N LYS I 197 -59.79 -11.94 -49.08
CA LYS I 197 -59.38 -13.10 -49.87
C LYS I 197 -57.87 -13.32 -49.73
N ASP I 198 -57.52 -13.69 -48.50
CA ASP I 198 -56.13 -13.99 -48.17
C ASP I 198 -56.11 -15.31 -47.43
N TYR I 199 -55.71 -16.37 -48.14
CA TYR I 199 -55.67 -17.71 -47.56
C TYR I 199 -54.57 -17.84 -46.52
N ILE I 200 -53.45 -17.16 -46.72
CA ILE I 200 -52.37 -17.30 -45.78
C ILE I 200 -52.62 -16.45 -44.53
N ARG I 201 -53.34 -15.34 -44.66
CA ARG I 201 -53.81 -14.64 -43.48
C ARG I 201 -54.89 -15.45 -42.78
N THR I 202 -55.68 -16.20 -43.55
CA THR I 202 -56.61 -17.15 -42.96
C THR I 202 -55.86 -18.25 -42.20
N GLN I 203 -54.63 -18.54 -42.59
CA GLN I 203 -53.84 -19.52 -41.85
C GLN I 203 -53.04 -18.89 -40.70
N ILE I 204 -52.79 -17.58 -40.76
CA ILE I 204 -52.22 -16.90 -39.58
C ILE I 204 -53.27 -16.79 -38.49
N ILE I 205 -54.49 -16.36 -38.87
CA ILE I 205 -55.57 -16.36 -37.90
C ILE I 205 -56.06 -17.75 -37.60
N SER I 206 -55.70 -18.74 -38.43
CA SER I 206 -55.91 -20.13 -38.04
C SER I 206 -54.85 -20.60 -37.06
N LYS I 207 -53.68 -19.98 -37.08
CA LYS I 207 -52.76 -20.15 -35.96
C LYS I 207 -53.31 -19.46 -34.72
N LYS I 208 -54.12 -18.42 -34.92
CA LYS I 208 -54.89 -17.90 -33.81
C LYS I 208 -56.06 -18.83 -33.46
N ILE I 209 -56.53 -19.69 -34.37
CA ILE I 209 -57.64 -20.57 -34.04
C ILE I 209 -57.18 -21.67 -33.07
N ASN I 210 -56.07 -22.32 -33.38
CA ASN I 210 -55.60 -23.43 -32.56
C ASN I 210 -54.74 -23.00 -31.38
N THR I 211 -54.76 -21.73 -31.00
CA THR I 211 -54.28 -21.38 -29.67
C THR I 211 -55.41 -21.39 -28.66
N LYS I 212 -56.66 -21.55 -29.13
CA LYS I 212 -57.83 -21.67 -28.27
C LYS I 212 -58.30 -23.12 -28.23
N PHE I 213 -57.75 -23.87 -27.29
CA PHE I 213 -58.13 -25.26 -27.11
C PHE I 213 -59.18 -25.41 -26.01
N PHE I 214 -59.58 -26.66 -25.77
CA PHE I 214 -60.75 -27.02 -24.96
C PHE I 214 -61.99 -26.26 -25.45
N GLN I 215 -62.41 -26.62 -26.66
CA GLN I 215 -63.58 -25.98 -27.25
C GLN I 215 -64.86 -26.45 -26.56
N GLU I 216 -64.82 -27.66 -25.99
CA GLU I 216 -65.97 -28.32 -25.38
C GLU I 216 -66.40 -27.58 -24.10
N GLU I 217 -67.64 -27.86 -23.66
CA GLU I 217 -68.25 -27.59 -22.37
C GLU I 217 -68.71 -26.13 -22.26
N ASN I 218 -68.49 -25.31 -23.30
CA ASN I 218 -68.71 -23.87 -23.18
C ASN I 218 -70.19 -23.53 -23.09
N THR I 219 -70.95 -23.86 -24.14
CA THR I 219 -72.40 -24.00 -23.98
C THR I 219 -72.79 -25.37 -24.52
N GLU I 220 -74.10 -25.58 -24.70
CA GLU I 220 -74.62 -26.88 -25.12
C GLU I 220 -74.20 -27.22 -26.55
N LYS I 221 -74.51 -26.32 -27.49
CA LYS I 221 -74.11 -26.50 -28.89
C LYS I 221 -73.38 -25.25 -29.39
N LEU I 222 -72.35 -24.82 -28.65
CA LEU I 222 -71.55 -23.72 -29.18
C LEU I 222 -70.64 -24.23 -30.29
N LYS I 223 -69.94 -25.33 -30.04
CA LYS I 223 -68.90 -25.75 -30.98
C LYS I 223 -69.40 -26.66 -32.08
N LEU I 224 -70.52 -27.34 -31.89
CA LEU I 224 -71.14 -28.04 -33.01
C LEU I 224 -71.62 -27.05 -34.08
N LYS I 225 -72.00 -25.84 -33.67
CA LYS I 225 -72.29 -24.77 -34.61
C LYS I 225 -71.04 -24.04 -35.06
N TYR I 226 -70.02 -23.97 -34.21
CA TYR I 226 -68.75 -23.36 -34.57
C TYR I 226 -67.98 -24.18 -35.59
N TYR I 227 -68.27 -25.48 -35.69
CA TYR I 227 -67.61 -26.34 -36.67
C TYR I 227 -67.93 -25.95 -38.10
N ASN I 228 -69.01 -25.21 -38.34
CA ASN I 228 -69.25 -24.62 -39.64
C ASN I 228 -68.19 -23.57 -39.96
N LEU I 229 -67.72 -22.86 -38.94
CA LEU I 229 -66.65 -21.90 -39.15
C LEU I 229 -65.29 -22.57 -39.11
N MET I 230 -65.21 -23.74 -38.47
CA MET I 230 -63.99 -24.53 -38.53
C MET I 230 -63.84 -25.21 -39.88
N ILE I 231 -64.94 -25.56 -40.53
CA ILE I 231 -64.86 -26.11 -41.88
C ILE I 231 -64.82 -25.03 -42.95
N GLN I 232 -65.30 -23.82 -42.65
CA GLN I 232 -65.15 -22.73 -43.62
C GLN I 232 -63.70 -22.26 -43.69
N LEU I 233 -62.88 -22.65 -42.72
CA LEU I 233 -61.46 -22.33 -42.67
C LEU I 233 -60.72 -22.81 -43.91
N ASP I 234 -61.06 -23.99 -44.41
CA ASP I 234 -60.42 -24.57 -45.58
C ASP I 234 -61.42 -25.33 -46.45
N GLN I 235 -62.57 -24.74 -46.75
CA GLN I 235 -63.63 -25.52 -47.37
C GLN I 235 -63.39 -25.78 -48.85
N HIS I 236 -63.41 -24.71 -49.65
CA HIS I 236 -63.20 -24.77 -51.08
C HIS I 236 -61.75 -24.55 -51.46
N GLU I 237 -61.02 -23.85 -50.61
CA GLU I 237 -59.60 -23.57 -50.73
C GLU I 237 -58.72 -24.60 -50.05
N GLY I 238 -59.31 -25.59 -49.40
CA GLY I 238 -58.52 -26.54 -48.63
C GLY I 238 -57.81 -27.53 -49.52
N SER I 239 -56.85 -28.25 -48.95
CA SER I 239 -56.01 -29.18 -49.68
C SER I 239 -56.72 -30.52 -49.90
N TYR I 240 -55.96 -31.54 -50.26
CA TYR I 240 -56.50 -32.89 -50.43
C TYR I 240 -56.27 -33.77 -49.21
N LEU I 241 -55.15 -33.61 -48.51
CA LEU I 241 -54.78 -34.50 -47.42
C LEU I 241 -54.78 -33.83 -46.06
N SER I 242 -54.67 -32.50 -46.00
CA SER I 242 -54.71 -31.75 -44.74
C SER I 242 -56.12 -31.49 -44.27
N ILE I 243 -57.09 -32.25 -44.77
CA ILE I 243 -58.50 -31.93 -44.64
C ILE I 243 -59.28 -33.07 -43.98
N CYS I 244 -58.57 -34.02 -43.39
CA CYS I 244 -59.22 -35.17 -42.78
C CYS I 244 -60.03 -34.77 -41.55
N LYS I 245 -59.41 -34.03 -40.63
CA LYS I 245 -60.15 -33.48 -39.51
C LYS I 245 -61.08 -32.36 -39.95
N HIS I 246 -60.70 -31.66 -41.02
CA HIS I 246 -61.57 -30.65 -41.62
C HIS I 246 -62.83 -31.28 -42.19
N TYR I 247 -62.68 -32.31 -43.01
CA TYR I 247 -63.87 -33.02 -43.49
C TYR I 247 -64.29 -34.15 -42.57
N ARG I 248 -63.91 -34.09 -41.29
CA ARG I 248 -64.59 -34.78 -40.22
C ARG I 248 -65.64 -33.91 -39.53
N ALA I 249 -65.32 -32.63 -39.29
CA ALA I 249 -66.21 -31.72 -38.59
C ALA I 249 -67.42 -31.31 -39.41
N ILE I 250 -67.49 -31.68 -40.69
CA ILE I 250 -68.71 -31.52 -41.48
C ILE I 250 -69.81 -32.46 -40.98
N TYR I 251 -69.43 -33.56 -40.34
CA TYR I 251 -70.34 -34.67 -40.06
C TYR I 251 -70.86 -34.65 -38.63
N ASP I 252 -70.09 -34.10 -37.68
CA ASP I 252 -70.49 -34.08 -36.28
C ASP I 252 -71.61 -33.07 -36.00
N THR I 253 -71.84 -32.12 -36.90
CA THR I 253 -72.91 -31.13 -36.72
C THR I 253 -74.27 -31.72 -37.09
N PRO I 254 -74.46 -32.50 -38.21
CA PRO I 254 -75.76 -33.15 -38.36
C PRO I 254 -75.85 -34.48 -37.63
N CYS I 255 -74.86 -34.80 -36.80
CA CYS I 255 -74.99 -35.96 -35.91
C CYS I 255 -76.11 -35.75 -34.91
N ILE I 256 -76.37 -34.50 -34.52
CA ILE I 256 -77.58 -34.18 -33.79
C ILE I 256 -78.79 -34.31 -34.69
N GLN I 257 -78.65 -33.98 -35.98
CA GLN I 257 -79.79 -33.95 -36.89
C GLN I 257 -80.23 -35.36 -37.26
N ALA I 258 -81.53 -35.58 -37.25
CA ALA I 258 -82.10 -36.78 -37.85
C ALA I 258 -82.45 -36.58 -39.30
N GLU I 259 -81.91 -35.55 -39.94
CA GLU I 259 -82.20 -35.22 -41.32
C GLU I 259 -81.63 -36.29 -42.24
N SER I 260 -82.16 -36.36 -43.46
CA SER I 260 -81.61 -37.24 -44.48
C SER I 260 -81.15 -36.49 -45.72
N GLU I 261 -80.93 -35.18 -45.64
CA GLU I 261 -80.36 -34.43 -46.76
C GLU I 261 -79.09 -33.69 -46.36
N LYS I 262 -79.13 -32.88 -45.30
CA LYS I 262 -77.92 -32.22 -44.82
C LYS I 262 -77.06 -33.19 -44.02
N TRP I 263 -77.69 -34.11 -43.30
CA TRP I 263 -76.94 -35.23 -42.77
C TRP I 263 -76.50 -36.17 -43.88
N GLN I 264 -77.21 -36.19 -45.00
CA GLN I 264 -76.74 -36.96 -46.15
C GLN I 264 -75.55 -36.31 -46.83
N GLN I 265 -75.50 -34.98 -46.94
CA GLN I 265 -74.26 -34.38 -47.42
C GLN I 265 -73.20 -34.39 -46.33
N ALA I 266 -73.59 -34.62 -45.07
CA ALA I 266 -72.56 -34.91 -44.07
C ALA I 266 -71.93 -36.27 -44.32
N LEU I 267 -72.75 -37.26 -44.72
CA LEU I 267 -72.22 -38.55 -45.18
C LEU I 267 -71.38 -38.39 -46.44
N LYS I 268 -71.92 -37.74 -47.46
CA LYS I 268 -71.21 -37.70 -48.73
C LYS I 268 -69.98 -36.80 -48.67
N SER I 269 -70.00 -35.77 -47.85
CA SER I 269 -68.80 -34.99 -47.59
C SER I 269 -67.88 -35.64 -46.56
N VAL I 270 -68.34 -36.67 -45.83
CA VAL I 270 -67.41 -37.43 -44.99
C VAL I 270 -66.88 -38.64 -45.74
N VAL I 271 -67.29 -38.84 -46.98
CA VAL I 271 -66.82 -39.99 -47.75
C VAL I 271 -66.15 -39.61 -49.08
N LEU I 272 -66.46 -38.44 -49.66
CA LEU I 272 -65.93 -38.08 -50.98
C LEU I 272 -64.65 -37.26 -50.90
N TYR I 273 -64.11 -37.06 -49.72
CA TYR I 273 -62.80 -36.43 -49.60
C TYR I 273 -61.68 -37.46 -49.56
N VAL I 274 -62.04 -38.74 -49.55
CA VAL I 274 -61.10 -39.80 -49.87
C VAL I 274 -60.69 -39.71 -51.35
N ILE I 275 -61.62 -39.32 -52.22
CA ILE I 275 -61.28 -39.00 -53.61
C ILE I 275 -60.37 -37.79 -53.68
N LEU I 276 -60.47 -36.88 -52.72
CA LEU I 276 -59.45 -35.84 -52.59
C LEU I 276 -58.14 -36.44 -52.11
N ALA I 277 -58.16 -37.13 -50.99
CA ALA I 277 -56.95 -37.56 -50.30
C ALA I 277 -56.24 -38.68 -51.04
N PRO I 278 -54.98 -38.49 -51.46
CA PRO I 278 -54.29 -39.54 -52.22
C PRO I 278 -53.87 -40.73 -51.38
N PHE I 279 -53.07 -41.62 -51.97
CA PHE I 279 -52.69 -42.92 -51.41
C PHE I 279 -52.09 -42.82 -50.03
N ASP I 280 -52.76 -43.44 -49.07
CA ASP I 280 -52.49 -43.15 -47.68
C ASP I 280 -52.79 -44.40 -46.88
N ASN I 281 -51.99 -44.64 -45.84
CA ASN I 281 -52.37 -45.64 -44.87
C ASN I 281 -53.60 -45.21 -44.11
N GLU I 282 -53.76 -43.91 -43.89
CA GLU I 282 -54.95 -43.36 -43.28
C GLU I 282 -56.14 -43.40 -44.22
N GLN I 283 -55.91 -43.59 -45.51
CA GLN I 283 -57.03 -43.74 -46.44
C GLN I 283 -57.68 -45.11 -46.27
N SER I 284 -56.90 -46.16 -46.47
CA SER I 284 -57.42 -47.51 -46.68
C SER I 284 -58.01 -48.14 -45.43
N ASP I 285 -57.79 -47.54 -44.26
CA ASP I 285 -58.45 -47.98 -43.04
C ASP I 285 -59.64 -47.13 -42.66
N LEU I 286 -59.55 -45.80 -42.85
CA LEU I 286 -60.66 -44.93 -42.49
C LEU I 286 -61.81 -45.06 -43.47
N VAL I 287 -61.56 -45.59 -44.67
CA VAL I 287 -62.68 -45.93 -45.55
C VAL I 287 -63.52 -47.06 -44.99
N HIS I 288 -62.98 -47.86 -44.07
CA HIS I 288 -63.75 -48.86 -43.35
C HIS I 288 -64.05 -48.46 -41.92
N ARG I 289 -63.39 -47.45 -41.38
CA ARG I 289 -63.79 -46.89 -40.11
C ARG I 289 -65.09 -46.12 -40.25
N ILE I 290 -65.22 -45.34 -41.32
CA ILE I 290 -66.47 -44.63 -41.55
C ILE I 290 -67.53 -45.57 -42.13
N SER I 291 -67.11 -46.72 -42.65
CA SER I 291 -68.06 -47.70 -43.13
C SER I 291 -68.69 -48.44 -41.97
N GLY I 292 -70.02 -48.49 -41.96
CA GLY I 292 -70.76 -49.05 -40.85
C GLY I 292 -72.01 -48.25 -40.56
N ASP I 293 -72.17 -47.15 -41.29
CA ASP I 293 -73.38 -46.35 -41.19
C ASP I 293 -74.51 -47.10 -41.88
N LYS I 294 -75.74 -46.80 -41.46
CA LYS I 294 -76.89 -47.46 -42.06
C LYS I 294 -77.27 -46.83 -43.40
N LYS I 295 -77.14 -45.52 -43.51
CA LYS I 295 -77.56 -44.81 -44.72
C LYS I 295 -76.44 -44.64 -45.73
N LEU I 296 -75.26 -45.17 -45.45
CA LEU I 296 -74.10 -44.92 -46.30
C LEU I 296 -74.10 -45.79 -47.55
N GLU I 297 -74.46 -47.07 -47.42
CA GLU I 297 -74.54 -47.98 -48.55
C GLU I 297 -75.78 -47.75 -49.40
N GLU I 298 -76.64 -46.81 -49.00
CA GLU I 298 -77.86 -46.50 -49.74
C GLU I 298 -77.62 -45.41 -50.77
N ILE I 299 -76.38 -45.24 -51.21
CA ILE I 299 -76.03 -44.35 -52.30
C ILE I 299 -75.34 -45.21 -53.34
N PRO I 300 -75.80 -45.22 -54.60
CA PRO I 300 -75.09 -45.99 -55.63
C PRO I 300 -73.75 -45.38 -55.99
N LYS I 301 -73.56 -44.09 -55.69
CA LYS I 301 -72.25 -43.47 -55.79
C LYS I 301 -71.33 -43.94 -54.67
N TYR I 302 -71.89 -44.45 -53.57
CA TYR I 302 -71.05 -45.06 -52.55
C TYR I 302 -70.66 -46.48 -52.95
N LYS I 303 -71.56 -47.19 -53.63
CA LYS I 303 -71.19 -48.46 -54.25
C LYS I 303 -70.13 -48.25 -55.32
N ASP I 304 -70.26 -47.16 -56.09
CA ASP I 304 -69.23 -46.80 -57.06
C ASP I 304 -67.95 -46.41 -56.36
N LEU I 305 -68.07 -45.86 -55.16
CA LEU I 305 -66.93 -45.41 -54.37
C LEU I 305 -66.11 -46.58 -53.84
N LEU I 306 -66.75 -47.42 -53.02
CA LEU I 306 -66.05 -48.54 -52.40
C LEU I 306 -65.74 -49.63 -53.42
N LYS I 307 -66.50 -49.70 -54.52
CA LYS I 307 -66.16 -50.60 -55.61
C LYS I 307 -64.87 -50.17 -56.30
N LEU I 308 -64.64 -48.86 -56.41
CA LEU I 308 -63.42 -48.32 -57.01
C LEU I 308 -62.19 -48.54 -56.14
N PHE I 309 -62.36 -48.90 -54.87
CA PHE I 309 -61.23 -48.94 -53.95
C PHE I 309 -60.53 -50.29 -53.89
N THR I 310 -61.20 -51.36 -54.27
CA THR I 310 -60.63 -52.70 -54.28
C THR I 310 -60.63 -53.24 -55.71
N THR I 311 -59.46 -53.11 -56.37
CA THR I 311 -59.10 -53.50 -57.74
C THR I 311 -59.84 -52.69 -58.81
N MET I 312 -60.79 -51.85 -58.41
CA MET I 312 -61.40 -50.75 -59.15
C MET I 312 -62.23 -51.18 -60.35
N GLU I 313 -61.89 -52.36 -60.88
CA GLU I 313 -62.54 -52.97 -62.01
C GLU I 313 -62.69 -51.98 -63.14
N LEU I 314 -61.54 -51.60 -63.72
CA LEU I 314 -61.34 -50.65 -64.83
C LEU I 314 -62.59 -50.26 -65.60
N MET I 315 -63.42 -49.46 -64.93
CA MET I 315 -64.70 -49.02 -65.42
C MET I 315 -64.53 -47.98 -66.52
N ARG I 316 -65.60 -47.77 -67.28
CA ARG I 316 -65.66 -46.66 -68.20
C ARG I 316 -65.76 -45.37 -67.41
N TRP I 317 -64.95 -44.39 -67.78
CA TRP I 317 -64.96 -43.11 -67.08
C TRP I 317 -66.24 -42.33 -67.34
N SER I 318 -66.89 -42.51 -68.48
CA SER I 318 -68.16 -41.84 -68.71
C SER I 318 -69.30 -42.50 -67.95
N THR I 319 -69.15 -43.75 -67.53
CA THR I 319 -70.11 -44.34 -66.59
C THR I 319 -69.87 -43.83 -65.18
N LEU I 320 -68.63 -43.43 -64.90
CA LEU I 320 -68.38 -42.64 -63.70
C LEU I 320 -68.98 -41.25 -63.82
N VAL I 321 -69.07 -40.72 -65.05
CA VAL I 321 -69.84 -39.50 -65.28
C VAL I 321 -71.33 -39.76 -65.15
N GLU I 322 -71.75 -41.01 -65.40
CA GLU I 322 -73.14 -41.38 -65.19
C GLU I 322 -73.48 -41.42 -63.70
N ASP I 323 -72.72 -42.19 -62.93
CA ASP I 323 -73.02 -42.34 -61.51
C ASP I 323 -72.76 -41.03 -60.76
N TYR I 324 -71.58 -40.46 -60.96
CA TYR I 324 -71.18 -39.27 -60.22
C TYR I 324 -71.66 -37.99 -60.90
N GLY I 325 -72.28 -38.11 -62.07
CA GLY I 325 -72.72 -36.94 -62.80
C GLY I 325 -74.20 -36.73 -62.66
N MET I 326 -74.96 -37.82 -62.56
CA MET I 326 -76.39 -37.73 -62.36
C MET I 326 -76.78 -37.57 -60.89
N GLU I 327 -75.82 -37.24 -60.02
CA GLU I 327 -76.18 -36.72 -58.71
C GLU I 327 -76.73 -35.31 -58.80
N LEU I 328 -76.44 -34.59 -59.87
CA LEU I 328 -77.14 -33.35 -60.21
C LEU I 328 -78.47 -33.62 -60.90
N ARG I 329 -78.75 -34.87 -61.23
CA ARG I 329 -80.03 -35.35 -61.77
C ARG I 329 -80.86 -35.97 -60.64
N LYS I 330 -80.80 -35.33 -59.48
CA LYS I 330 -81.46 -35.82 -58.28
C LYS I 330 -82.67 -34.95 -57.98
N GLY I 331 -83.84 -35.57 -57.79
CA GLY I 331 -85.03 -34.88 -57.34
C GLY I 331 -85.16 -34.93 -55.83
N SER I 332 -84.02 -34.82 -55.16
CA SER I 332 -83.86 -34.91 -53.73
C SER I 332 -82.66 -34.04 -53.37
N LEU I 333 -82.01 -34.36 -52.26
CA LEU I 333 -80.72 -33.81 -51.88
C LEU I 333 -79.75 -33.65 -53.04
N GLU I 334 -79.35 -32.41 -53.30
CA GLU I 334 -78.30 -32.11 -54.26
C GLU I 334 -77.16 -31.43 -53.53
N SER I 335 -77.36 -31.14 -52.25
CA SER I 335 -76.28 -30.68 -51.40
C SER I 335 -75.06 -31.61 -51.31
N PRO I 336 -75.15 -32.95 -51.46
CA PRO I 336 -73.92 -33.70 -51.78
C PRO I 336 -73.31 -33.32 -53.11
N ALA I 337 -74.13 -33.25 -54.17
CA ALA I 337 -73.67 -32.89 -55.50
C ALA I 337 -73.11 -31.47 -55.52
N THR I 338 -73.70 -30.57 -54.75
CA THR I 338 -73.25 -29.18 -54.76
C THR I 338 -72.00 -28.99 -53.90
N ASP I 339 -71.98 -29.63 -52.72
CA ASP I 339 -70.83 -29.50 -51.83
C ASP I 339 -69.58 -30.16 -52.40
N VAL I 340 -69.74 -31.23 -53.17
CA VAL I 340 -68.58 -31.97 -53.64
C VAL I 340 -68.27 -31.61 -55.09
N PHE I 341 -69.22 -31.82 -55.99
CA PHE I 341 -68.98 -31.63 -57.42
C PHE I 341 -69.69 -30.40 -57.98
N GLY I 342 -70.48 -29.71 -57.17
CA GLY I 342 -70.99 -28.41 -57.56
C GLY I 342 -69.96 -27.30 -57.48
N SER I 343 -68.84 -27.56 -56.81
CA SER I 343 -67.70 -26.68 -56.91
C SER I 343 -67.15 -26.70 -58.34
N THR I 344 -66.53 -25.60 -58.73
CA THR I 344 -66.07 -25.45 -60.11
C THR I 344 -64.56 -25.48 -60.22
N GLU I 345 -63.86 -24.58 -59.54
CA GLU I 345 -62.41 -24.58 -59.58
C GLU I 345 -61.81 -25.38 -58.44
N GLU I 346 -62.64 -25.93 -57.57
CA GLU I 346 -62.26 -27.05 -56.71
C GLU I 346 -62.92 -28.34 -57.17
N GLY I 347 -64.12 -28.24 -57.75
CA GLY I 347 -64.79 -29.43 -58.22
C GLY I 347 -64.14 -30.07 -59.42
N GLU I 348 -63.65 -29.26 -60.37
CA GLU I 348 -62.89 -29.80 -61.50
C GLU I 348 -61.55 -30.35 -61.03
N LYS I 349 -61.02 -29.81 -59.94
CA LYS I 349 -59.89 -30.43 -59.28
C LYS I 349 -60.26 -31.79 -58.66
N ARG I 350 -61.54 -32.03 -58.41
CA ARG I 350 -61.96 -33.35 -57.94
C ARG I 350 -62.30 -34.27 -59.11
N TRP I 351 -62.74 -33.70 -60.24
CA TRP I 351 -62.91 -34.48 -61.46
C TRP I 351 -61.57 -34.99 -61.97
N LYS I 352 -60.59 -34.11 -62.04
CA LYS I 352 -59.24 -34.46 -62.46
C LYS I 352 -58.42 -35.07 -61.35
N ASP I 353 -58.84 -34.90 -60.10
CA ASP I 353 -58.31 -35.71 -59.01
C ASP I 353 -58.86 -37.11 -59.07
N LEU I 354 -60.01 -37.29 -59.71
CA LEU I 354 -60.55 -38.61 -59.95
C LEU I 354 -60.02 -39.23 -61.24
N LYS I 355 -59.61 -38.39 -62.19
CA LYS I 355 -58.69 -38.86 -63.23
C LYS I 355 -57.35 -39.26 -62.62
N ASN I 356 -56.93 -38.53 -61.59
CA ASN I 356 -55.78 -38.97 -60.81
C ASN I 356 -56.10 -40.27 -60.08
N ARG I 357 -57.37 -40.53 -59.81
CA ARG I 357 -57.72 -41.84 -59.28
C ARG I 357 -57.65 -42.93 -60.35
N VAL I 358 -58.01 -42.61 -61.60
CA VAL I 358 -57.99 -43.68 -62.60
C VAL I 358 -56.55 -44.02 -62.96
N VAL I 359 -55.68 -43.02 -63.08
CA VAL I 359 -54.30 -43.36 -63.42
C VAL I 359 -53.55 -43.82 -62.18
N GLU I 360 -53.88 -43.25 -61.02
CA GLU I 360 -53.16 -43.58 -59.80
C GLU I 360 -53.55 -44.97 -59.31
N HIS I 361 -54.85 -45.17 -59.15
CA HIS I 361 -55.34 -46.44 -58.65
C HIS I 361 -55.25 -47.53 -59.71
N ASN I 362 -55.46 -47.20 -60.98
CA ASN I 362 -55.33 -48.25 -61.97
C ASN I 362 -53.88 -48.60 -62.30
N ILE I 363 -52.95 -47.67 -62.09
CA ILE I 363 -51.55 -48.09 -62.12
C ILE I 363 -51.23 -48.94 -60.89
N ARG I 364 -51.87 -48.63 -59.76
CA ARG I 364 -51.72 -49.47 -58.57
C ARG I 364 -52.29 -50.87 -58.75
N ILE I 365 -53.29 -51.07 -59.60
CA ILE I 365 -53.80 -52.42 -59.79
C ILE I 365 -53.12 -53.14 -60.95
N MET I 366 -52.58 -52.40 -61.92
CA MET I 366 -51.93 -53.05 -63.04
C MET I 366 -50.51 -53.44 -62.72
N ALA I 367 -50.02 -53.07 -61.54
CA ALA I 367 -48.65 -53.34 -61.08
C ALA I 367 -48.32 -54.82 -61.03
N LYS I 368 -49.33 -55.69 -61.06
CA LYS I 368 -49.10 -57.13 -60.93
C LYS I 368 -48.54 -57.72 -62.21
N TYR I 369 -48.90 -57.14 -63.36
CA TYR I 369 -48.68 -57.80 -64.63
C TYR I 369 -47.58 -57.17 -65.44
N TYR I 370 -46.73 -56.38 -64.80
CA TYR I 370 -45.67 -55.72 -65.53
C TYR I 370 -44.41 -56.55 -65.61
N THR I 371 -43.32 -55.86 -65.98
CA THR I 371 -42.02 -56.24 -66.54
C THR I 371 -42.19 -56.53 -68.04
N ARG I 372 -43.44 -56.64 -68.52
CA ARG I 372 -43.72 -56.87 -69.93
C ARG I 372 -45.06 -56.22 -70.24
N ILE I 373 -45.01 -54.97 -70.71
CA ILE I 373 -46.10 -54.35 -71.45
C ILE I 373 -45.47 -53.26 -72.29
N THR I 374 -46.10 -52.94 -73.42
CA THR I 374 -45.62 -51.86 -74.26
C THR I 374 -46.15 -50.53 -73.71
N MET I 375 -46.04 -49.48 -74.51
CA MET I 375 -46.53 -48.18 -74.10
C MET I 375 -47.94 -47.89 -74.59
N LYS I 376 -48.25 -48.27 -75.83
CA LYS I 376 -49.55 -47.92 -76.40
C LYS I 376 -50.64 -48.81 -75.83
N ARG I 377 -50.28 -50.04 -75.45
CA ARG I 377 -51.21 -50.90 -74.72
C ARG I 377 -51.51 -50.32 -73.35
N MET I 378 -50.53 -49.65 -72.74
CA MET I 378 -50.77 -48.99 -71.47
C MET I 378 -51.73 -47.83 -71.62
N ALA I 379 -51.63 -47.07 -72.72
CA ALA I 379 -52.58 -46.01 -72.98
C ALA I 379 -53.96 -46.57 -73.28
N GLN I 380 -54.03 -47.66 -74.04
CA GLN I 380 -55.27 -48.37 -74.28
C GLN I 380 -55.96 -48.85 -73.00
N LEU I 381 -55.19 -49.36 -72.05
CA LEU I 381 -55.72 -49.92 -70.82
C LEU I 381 -55.94 -48.89 -69.73
N LEU I 382 -55.18 -47.78 -69.72
CA LEU I 382 -55.50 -46.71 -68.78
C LEU I 382 -56.64 -45.83 -69.25
N ASP I 383 -57.25 -46.16 -70.40
CA ASP I 383 -58.45 -45.50 -70.92
C ASP I 383 -58.20 -44.02 -71.22
N LEU I 384 -57.00 -43.72 -71.72
CA LEU I 384 -56.63 -42.34 -71.99
C LEU I 384 -55.57 -42.30 -73.09
N SER I 385 -55.04 -41.11 -73.34
CA SER I 385 -54.20 -40.87 -74.51
C SER I 385 -52.79 -41.40 -74.28
N VAL I 386 -51.89 -41.10 -75.22
CA VAL I 386 -50.47 -41.37 -75.02
C VAL I 386 -49.72 -40.15 -74.50
N ASP I 387 -50.22 -38.95 -74.74
CA ASP I 387 -49.56 -37.77 -74.21
C ASP I 387 -50.04 -37.50 -72.79
N GLU I 388 -51.34 -37.70 -72.57
CA GLU I 388 -51.88 -37.82 -71.23
C GLU I 388 -51.16 -38.91 -70.45
N SER I 389 -50.84 -40.02 -71.13
CA SER I 389 -50.05 -41.09 -70.53
C SER I 389 -48.68 -40.59 -70.10
N GLU I 390 -47.96 -39.92 -70.99
CA GLU I 390 -46.60 -39.49 -70.67
C GLU I 390 -46.58 -38.42 -69.59
N ALA I 391 -47.60 -37.56 -69.56
CA ALA I 391 -47.75 -36.64 -68.44
C ALA I 391 -47.96 -37.39 -67.14
N PHE I 392 -48.77 -38.45 -67.18
CA PHE I 392 -49.00 -39.29 -66.00
C PHE I 392 -47.76 -40.08 -65.62
N LEU I 393 -46.95 -40.42 -66.61
CA LEU I 393 -45.63 -40.96 -66.35
C LEU I 393 -44.76 -39.96 -65.61
N SER I 394 -44.82 -38.69 -66.02
CA SER I 394 -43.97 -37.67 -65.42
C SER I 394 -44.37 -37.38 -63.98
N ASN I 395 -45.67 -37.17 -63.73
CA ASN I 395 -46.06 -36.84 -62.37
C ASN I 395 -46.02 -38.06 -61.46
N LEU I 396 -46.23 -39.26 -62.01
CA LEU I 396 -46.10 -40.42 -61.17
C LEU I 396 -44.66 -40.92 -61.08
N VAL I 397 -43.74 -40.33 -61.83
CA VAL I 397 -42.33 -40.66 -61.62
C VAL I 397 -41.66 -39.62 -60.74
N VAL I 398 -42.21 -38.40 -60.66
CA VAL I 398 -41.76 -37.52 -59.61
C VAL I 398 -42.48 -37.83 -58.32
N ASN I 399 -43.65 -38.48 -58.42
CA ASN I 399 -44.22 -39.17 -57.27
C ASN I 399 -43.27 -40.25 -56.79
N LYS I 400 -42.67 -41.01 -57.73
CA LYS I 400 -41.73 -42.12 -57.57
C LYS I 400 -42.07 -43.06 -56.42
N THR I 401 -43.37 -43.25 -56.19
CA THR I 401 -43.85 -44.05 -55.07
C THR I 401 -43.61 -45.53 -55.31
N ILE I 402 -43.58 -45.95 -56.57
CA ILE I 402 -43.15 -47.27 -56.99
C ILE I 402 -42.16 -47.05 -58.13
N PHE I 403 -41.12 -47.89 -58.20
CA PHE I 403 -39.86 -47.56 -58.88
C PHE I 403 -40.06 -47.56 -60.40
N ALA I 404 -40.53 -46.44 -60.92
CA ALA I 404 -40.81 -46.32 -62.33
C ALA I 404 -39.53 -46.16 -63.15
N LYS I 405 -39.50 -46.83 -64.29
CA LYS I 405 -38.39 -46.71 -65.20
C LYS I 405 -38.97 -46.96 -66.59
N VAL I 406 -39.16 -45.88 -67.34
CA VAL I 406 -39.88 -45.91 -68.59
C VAL I 406 -38.92 -45.52 -69.70
N ASP I 407 -39.45 -45.44 -70.91
CA ASP I 407 -38.67 -45.57 -72.14
C ASP I 407 -39.61 -45.30 -73.30
N ARG I 408 -39.03 -44.90 -74.43
CA ARG I 408 -39.75 -44.91 -75.69
C ARG I 408 -38.85 -45.40 -76.82
N LEU I 409 -37.84 -46.23 -76.47
CA LEU I 409 -36.92 -46.76 -77.49
C LEU I 409 -37.68 -47.68 -78.42
N ALA I 410 -38.55 -48.51 -77.85
CA ALA I 410 -39.62 -49.16 -78.56
C ALA I 410 -40.92 -49.14 -77.77
N GLY I 411 -40.91 -48.70 -76.50
CA GLY I 411 -42.12 -48.54 -75.74
C GLY I 411 -42.36 -49.56 -74.64
N ILE I 412 -41.59 -50.64 -74.61
CA ILE I 412 -41.92 -51.75 -73.73
C ILE I 412 -41.36 -51.43 -72.35
N ILE I 413 -42.16 -50.70 -71.58
CA ILE I 413 -41.84 -50.29 -70.22
C ILE I 413 -43.08 -50.12 -69.37
N ASN I 414 -42.88 -49.63 -68.15
CA ASN I 414 -43.82 -49.85 -67.08
C ASN I 414 -43.47 -48.99 -65.89
N PHE I 415 -44.50 -48.66 -65.11
CA PHE I 415 -44.29 -48.44 -63.69
C PHE I 415 -43.93 -49.78 -63.08
N GLN I 416 -42.94 -49.80 -62.19
CA GLN I 416 -42.27 -51.08 -62.02
C GLN I 416 -41.70 -51.16 -60.61
N ARG I 417 -41.38 -52.40 -60.21
CA ARG I 417 -40.59 -52.75 -59.03
C ARG I 417 -39.12 -52.49 -59.34
N PRO I 418 -38.16 -52.78 -58.42
CA PRO I 418 -36.75 -52.75 -58.82
C PRO I 418 -36.23 -53.88 -59.72
N LYS I 419 -37.14 -54.57 -60.41
CA LYS I 419 -36.87 -55.38 -61.60
C LYS I 419 -36.05 -56.62 -61.29
N ASP I 420 -36.41 -57.31 -60.22
CA ASP I 420 -35.72 -58.47 -59.66
C ASP I 420 -34.25 -58.17 -59.46
N PRO I 421 -33.89 -57.31 -58.50
CA PRO I 421 -32.51 -56.84 -58.42
C PRO I 421 -31.55 -57.79 -57.73
N ASN I 422 -31.92 -59.06 -57.54
CA ASN I 422 -31.12 -59.96 -56.73
C ASN I 422 -30.71 -61.20 -57.50
N ASN I 423 -29.60 -61.77 -57.05
CA ASN I 423 -29.15 -63.13 -57.35
C ASN I 423 -29.96 -64.10 -56.49
N LEU I 424 -29.31 -65.16 -56.03
CA LEU I 424 -29.83 -66.41 -55.49
C LEU I 424 -31.17 -66.46 -54.77
N LEU I 425 -31.76 -65.33 -54.34
CA LEU I 425 -33.12 -65.26 -53.80
C LEU I 425 -34.17 -66.05 -54.59
N ASN I 426 -33.96 -66.18 -55.90
CA ASN I 426 -34.81 -67.04 -56.71
C ASN I 426 -34.73 -68.51 -56.28
N ASP I 427 -33.57 -68.93 -55.79
CA ASP I 427 -33.44 -70.30 -55.33
C ASP I 427 -34.24 -70.49 -54.04
N TRP I 428 -34.04 -69.57 -53.11
CA TRP I 428 -34.74 -69.61 -51.83
C TRP I 428 -36.24 -69.61 -52.06
N SER I 429 -36.74 -68.57 -52.70
CA SER I 429 -38.16 -68.43 -53.01
C SER I 429 -38.66 -69.68 -53.72
N GLN I 430 -38.09 -69.93 -54.90
CA GLN I 430 -38.38 -71.11 -55.70
C GLN I 430 -38.14 -72.39 -54.92
N LYS I 431 -36.89 -72.68 -54.60
CA LYS I 431 -36.63 -73.99 -54.03
C LYS I 431 -36.70 -73.96 -52.52
N LEU I 432 -36.75 -72.80 -51.88
CA LEU I 432 -36.88 -72.91 -50.44
C LEU I 432 -38.26 -72.51 -49.96
N ASN I 433 -38.98 -71.69 -50.71
CA ASN I 433 -40.41 -71.66 -50.48
C ASN I 433 -41.04 -72.98 -50.92
N SER I 434 -40.69 -73.42 -52.15
CA SER I 434 -41.27 -74.65 -52.67
C SER I 434 -40.72 -75.86 -51.95
N LEU I 435 -39.40 -75.95 -51.73
CA LEU I 435 -38.88 -77.13 -51.04
C LEU I 435 -39.09 -77.09 -49.55
N MET I 436 -39.22 -75.91 -48.93
CA MET I 436 -39.63 -75.95 -47.53
C MET I 436 -41.10 -76.30 -47.38
N SER I 437 -41.91 -76.03 -48.41
CA SER I 437 -43.21 -76.70 -48.48
C SER I 437 -43.02 -78.20 -48.68
N LEU I 438 -42.01 -78.58 -49.46
CA LEU I 438 -41.79 -80.00 -49.71
C LEU I 438 -41.22 -80.72 -48.51
N VAL I 439 -40.74 -80.00 -47.49
CA VAL I 439 -40.36 -80.65 -46.26
C VAL I 439 -41.49 -80.46 -45.27
N ASN I 440 -42.46 -79.61 -45.62
CA ASN I 440 -43.70 -79.66 -44.86
C ASN I 440 -44.54 -80.88 -45.21
N LYS I 441 -44.34 -81.42 -46.43
CA LYS I 441 -45.24 -82.41 -47.01
C LYS I 441 -45.43 -83.62 -46.11
N THR I 442 -44.38 -84.42 -45.90
CA THR I 442 -44.48 -85.65 -45.14
C THR I 442 -44.86 -85.38 -43.68
N THR I 443 -44.50 -84.20 -43.15
CA THR I 443 -44.87 -83.82 -41.80
C THR I 443 -46.39 -83.64 -41.66
N HIS I 444 -47.10 -83.25 -42.71
CA HIS I 444 -48.54 -83.36 -42.60
C HIS I 444 -49.15 -84.57 -43.32
N LEU I 445 -48.40 -85.25 -44.18
CA LEU I 445 -48.88 -86.47 -44.81
C LEU I 445 -48.97 -87.63 -43.84
N ILE I 446 -48.17 -87.60 -42.77
CA ILE I 446 -48.39 -88.56 -41.70
C ILE I 446 -49.67 -88.24 -40.93
N ALA I 447 -50.05 -86.96 -40.87
CA ALA I 447 -51.26 -86.58 -40.16
C ALA I 447 -52.50 -87.01 -40.92
N LYS I 448 -52.56 -86.68 -42.21
CA LYS I 448 -53.67 -87.14 -43.04
C LYS I 448 -53.70 -88.65 -43.13
N GLU I 449 -52.53 -89.26 -43.30
CA GLU I 449 -52.43 -90.70 -43.52
C GLU I 449 -52.88 -91.49 -42.29
N GLU I 450 -52.40 -91.08 -41.11
CA GLU I 450 -52.82 -91.74 -39.89
C GLU I 450 -54.27 -91.44 -39.54
N MET I 451 -54.77 -90.26 -39.92
CA MET I 451 -56.16 -89.99 -39.62
C MET I 451 -57.11 -90.71 -40.56
N ILE I 452 -56.69 -90.99 -41.80
CA ILE I 452 -57.59 -91.74 -42.68
C ILE I 452 -57.43 -93.24 -42.51
N HIS I 453 -56.31 -93.69 -41.95
CA HIS I 453 -56.14 -95.12 -41.69
C HIS I 453 -56.69 -95.55 -40.34
N ASN I 454 -57.66 -94.80 -39.80
CA ASN I 454 -58.28 -95.18 -38.53
C ASN I 454 -59.21 -96.37 -38.72
N LEU I 455 -59.88 -96.45 -39.87
CA LEU I 455 -60.97 -97.39 -40.08
C LEU I 455 -60.79 -98.22 -41.36
N GLN I 456 -59.99 -97.72 -42.29
CA GLN I 456 -59.58 -98.52 -43.45
C GLN I 456 -58.07 -98.62 -43.53
N ASN J 182 -5.68 -11.37 -64.00
CA ASN J 182 -4.40 -11.96 -64.34
C ASN J 182 -3.75 -12.45 -63.05
N LEU J 183 -4.10 -13.68 -62.66
CA LEU J 183 -3.64 -14.37 -61.46
C LEU J 183 -2.12 -14.40 -61.27
N PRO J 184 -1.29 -14.46 -62.33
CA PRO J 184 0.14 -14.15 -62.12
C PRO J 184 0.40 -12.68 -61.81
N LYS J 185 -0.23 -11.75 -62.53
CA LYS J 185 0.01 -10.33 -62.29
C LYS J 185 -0.65 -9.88 -60.99
N ALA J 186 -1.84 -10.39 -60.71
CA ALA J 186 -2.45 -10.15 -59.41
C ALA J 186 -1.86 -11.01 -58.32
N ARG J 187 -1.02 -11.99 -58.67
CA ARG J 187 -0.17 -12.66 -57.69
C ARG J 187 1.04 -11.81 -57.34
N ALA J 188 1.59 -11.08 -58.33
CA ALA J 188 2.59 -10.06 -58.02
C ALA J 188 1.98 -8.91 -57.23
N ALA J 189 0.73 -8.57 -57.53
CA ALA J 189 0.01 -7.60 -56.71
C ALA J 189 -0.36 -8.17 -55.35
N LEU J 190 -0.46 -9.50 -55.24
CA LEU J 190 -0.67 -10.13 -53.94
C LEU J 190 0.57 -10.02 -53.08
N THR J 191 1.74 -10.33 -53.66
CA THR J 191 2.98 -10.27 -52.88
C THR J 191 3.39 -8.84 -52.56
N SER J 192 3.23 -7.90 -53.49
CA SER J 192 3.40 -6.49 -53.17
C SER J 192 2.27 -5.97 -52.27
N ALA J 193 1.15 -6.69 -52.21
CA ALA J 193 0.02 -6.21 -51.43
C ALA J 193 0.16 -6.59 -49.95
N ARG J 194 0.57 -7.83 -49.66
CA ARG J 194 0.63 -8.33 -48.29
C ARG J 194 1.71 -7.66 -47.45
N THR J 195 2.67 -6.98 -48.07
CA THR J 195 3.72 -6.27 -47.35
C THR J 195 3.98 -4.84 -47.81
N THR J 196 3.68 -4.49 -49.06
CA THR J 196 3.83 -3.10 -49.46
C THR J 196 2.67 -2.28 -48.92
N ALA J 197 1.44 -2.74 -49.18
CA ALA J 197 0.26 -2.05 -48.67
C ALA J 197 -0.01 -2.36 -47.20
N ASN J 198 0.79 -3.24 -46.60
CA ASN J 198 0.74 -3.43 -45.16
C ASN J 198 1.46 -2.30 -44.42
N ALA J 199 2.19 -1.43 -45.14
CA ALA J 199 2.99 -0.38 -44.55
C ALA J 199 2.41 1.02 -44.78
N ILE J 200 1.42 1.19 -45.65
CA ILE J 200 0.76 2.48 -45.79
C ILE J 200 -0.22 2.61 -44.63
N TYR J 201 -0.20 3.77 -43.98
CA TYR J 201 -0.83 3.96 -42.68
C TYR J 201 -2.34 4.15 -42.80
N CYS J 202 -2.78 5.11 -43.60
CA CYS J 202 -4.22 5.32 -43.73
C CYS J 202 -4.62 5.29 -45.20
N PRO J 203 -4.83 4.09 -45.75
CA PRO J 203 -5.30 3.81 -47.10
C PRO J 203 -6.63 3.08 -46.97
N PRO J 204 -7.68 3.77 -46.46
CA PRO J 204 -8.95 3.07 -46.29
C PRO J 204 -9.64 2.76 -47.60
N LYS J 205 -9.50 3.64 -48.59
CA LYS J 205 -10.13 3.40 -49.88
C LYS J 205 -9.49 2.26 -50.63
N LEU J 206 -8.18 2.31 -50.81
CA LEU J 206 -7.44 1.25 -51.48
C LEU J 206 -7.31 0.00 -50.63
N GLN J 207 -7.58 0.10 -49.33
CA GLN J 207 -7.65 -1.08 -48.49
C GLN J 207 -8.83 -1.96 -48.85
N ALA J 208 -10.00 -1.37 -49.10
CA ALA J 208 -11.14 -2.15 -49.54
C ALA J 208 -10.96 -2.64 -50.97
N THR J 209 -10.14 -1.93 -51.76
CA THR J 209 -9.75 -2.40 -53.08
C THR J 209 -8.90 -3.66 -52.97
N LEU J 210 -7.96 -3.66 -52.03
CA LEU J 210 -7.19 -4.86 -51.70
C LEU J 210 -8.09 -5.95 -51.14
N ASP J 211 -9.18 -5.57 -50.47
CA ASP J 211 -10.14 -6.57 -50.01
C ASP J 211 -10.91 -7.15 -51.18
N MET J 212 -11.13 -6.36 -52.23
CA MET J 212 -11.72 -6.92 -53.43
C MET J 212 -10.73 -7.85 -54.12
N GLN J 213 -9.44 -7.54 -54.07
CA GLN J 213 -8.43 -8.48 -54.53
C GLN J 213 -8.42 -9.73 -53.68
N SER J 214 -8.68 -9.58 -52.40
CA SER J 214 -8.73 -10.71 -51.51
C SER J 214 -10.00 -11.52 -51.68
N GLY J 215 -11.03 -10.96 -52.30
CA GLY J 215 -12.16 -11.77 -52.62
C GLY J 215 -12.00 -12.43 -53.97
N ILE J 216 -11.48 -11.67 -54.93
CA ILE J 216 -11.34 -12.12 -56.30
C ILE J 216 -10.25 -13.17 -56.46
N ILE J 217 -9.04 -12.87 -56.02
CA ILE J 217 -7.92 -13.77 -56.25
C ILE J 217 -8.02 -14.99 -55.35
N HIS J 218 -8.57 -14.81 -54.15
CA HIS J 218 -8.65 -15.95 -53.25
C HIS J 218 -9.88 -16.81 -53.47
N ALA J 219 -10.96 -16.30 -54.05
CA ALA J 219 -11.93 -17.25 -54.58
C ALA J 219 -11.45 -17.81 -55.91
N ALA J 220 -10.53 -17.12 -56.58
CA ALA J 220 -9.92 -17.64 -57.80
C ALA J 220 -8.84 -18.67 -57.51
N GLU J 221 -8.18 -18.59 -56.36
CA GLU J 221 -7.44 -19.70 -55.81
C GLU J 221 -8.34 -20.65 -55.03
N GLU J 222 -9.63 -20.28 -54.89
CA GLU J 222 -10.61 -20.98 -54.06
C GLU J 222 -10.12 -21.17 -52.64
N LYS J 223 -9.67 -20.06 -52.02
CA LYS J 223 -9.30 -20.08 -50.61
C LYS J 223 -10.50 -20.48 -49.75
N ASP J 224 -11.62 -19.78 -49.92
CA ASP J 224 -12.90 -20.25 -49.42
C ASP J 224 -13.99 -19.62 -50.26
N TRP J 225 -15.15 -20.27 -50.27
CA TRP J 225 -16.30 -19.83 -51.04
C TRP J 225 -16.87 -18.53 -50.50
N LYS J 226 -16.74 -18.30 -49.19
CA LYS J 226 -17.49 -17.27 -48.52
C LYS J 226 -16.59 -16.30 -47.74
N THR J 227 -15.37 -16.70 -47.38
CA THR J 227 -14.48 -15.74 -46.72
C THR J 227 -13.94 -14.76 -47.75
N ALA J 228 -13.76 -15.23 -48.99
CA ALA J 228 -13.53 -14.31 -50.09
C ALA J 228 -14.69 -13.33 -50.23
N TYR J 229 -15.91 -13.82 -50.09
CA TYR J 229 -17.06 -12.94 -49.99
C TYR J 229 -17.04 -12.07 -48.73
N SER J 230 -16.41 -12.53 -47.65
CA SER J 230 -16.21 -11.61 -46.53
C SER J 230 -15.21 -10.52 -46.88
N TYR J 231 -14.25 -10.82 -47.75
CA TYR J 231 -13.37 -9.76 -48.23
C TYR J 231 -14.09 -8.81 -49.18
N PHE J 232 -15.02 -9.34 -49.98
CA PHE J 232 -15.94 -8.49 -50.72
C PHE J 232 -16.87 -7.72 -49.81
N TYR J 233 -17.04 -8.19 -48.59
CA TYR J 233 -18.16 -7.75 -47.78
C TYR J 233 -17.71 -6.66 -46.81
N GLU J 234 -16.44 -6.70 -46.41
CA GLU J 234 -15.82 -5.52 -45.83
C GLU J 234 -15.33 -4.58 -46.92
N ALA J 235 -15.01 -5.15 -48.09
CA ALA J 235 -14.72 -4.31 -49.27
C ALA J 235 -15.92 -3.43 -49.60
N PHE J 236 -17.13 -3.99 -49.45
CA PHE J 236 -18.38 -3.30 -49.74
C PHE J 236 -18.56 -2.03 -48.91
N GLU J 237 -18.34 -2.13 -47.61
CA GLU J 237 -18.49 -1.00 -46.70
C GLU J 237 -17.29 -0.06 -46.74
N GLY J 238 -16.26 -0.42 -47.49
CA GLY J 238 -15.18 0.51 -47.77
C GLY J 238 -15.42 1.21 -49.09
N TYR J 239 -16.62 1.03 -49.65
CA TYR J 239 -16.99 1.67 -50.90
C TYR J 239 -18.03 2.74 -50.69
N ASP J 240 -17.87 3.53 -49.64
CA ASP J 240 -18.58 4.79 -49.51
C ASP J 240 -17.61 5.93 -49.75
N SER J 241 -18.17 7.09 -50.13
CA SER J 241 -17.43 8.29 -50.55
C SER J 241 -16.51 7.98 -51.73
N ILE J 242 -16.94 7.05 -52.56
CA ILE J 242 -16.23 6.65 -53.75
C ILE J 242 -17.09 7.11 -54.93
N ASP J 243 -16.41 7.41 -56.03
CA ASP J 243 -17.05 7.95 -57.23
C ASP J 243 -18.09 6.98 -57.77
N SER J 244 -19.24 7.51 -58.19
CA SER J 244 -20.40 6.67 -58.45
C SER J 244 -20.29 5.73 -59.66
N PRO J 245 -19.63 6.08 -60.78
CA PRO J 245 -19.25 5.03 -61.73
C PRO J 245 -18.18 4.08 -61.21
N LYS J 246 -17.31 4.53 -60.30
CA LYS J 246 -16.31 3.65 -59.71
C LYS J 246 -16.98 2.88 -58.60
N ALA J 247 -18.08 3.38 -58.03
CA ALA J 247 -18.80 2.67 -56.98
C ALA J 247 -19.57 1.50 -57.55
N ILE J 248 -20.23 1.73 -58.69
CA ILE J 248 -21.13 0.72 -59.24
C ILE J 248 -20.37 -0.43 -59.87
N THR J 249 -19.12 -0.21 -60.31
CA THR J 249 -18.24 -1.30 -60.70
C THR J 249 -17.53 -1.89 -59.50
N SER J 250 -17.56 -1.20 -58.36
CA SER J 250 -17.04 -1.75 -57.12
C SER J 250 -18.05 -2.64 -56.41
N LEU J 251 -19.20 -2.91 -57.02
CA LEU J 251 -20.14 -3.83 -56.44
C LEU J 251 -20.45 -5.01 -57.35
N LYS J 252 -20.03 -4.98 -58.62
CA LYS J 252 -20.42 -6.03 -59.55
C LYS J 252 -19.80 -7.36 -59.21
N TYR J 253 -18.61 -7.34 -58.62
CA TYR J 253 -17.93 -8.59 -58.30
C TYR J 253 -18.54 -9.27 -57.09
N MET J 254 -19.21 -8.50 -56.23
CA MET J 254 -19.78 -9.11 -55.03
C MET J 254 -21.26 -9.43 -55.18
N LEU J 255 -22.01 -8.64 -55.94
CA LEU J 255 -23.33 -9.08 -56.35
C LEU J 255 -23.23 -10.27 -57.27
N LEU J 256 -22.25 -10.23 -58.17
CA LEU J 256 -21.87 -11.36 -59.01
C LEU J 256 -21.21 -12.48 -58.22
N CYS J 257 -20.69 -12.20 -57.02
CA CYS J 257 -20.30 -13.28 -56.13
C CYS J 257 -21.51 -13.96 -55.52
N LYS J 258 -22.55 -13.16 -55.19
CA LYS J 258 -23.78 -13.75 -54.72
C LYS J 258 -24.48 -14.51 -55.84
N ILE J 259 -24.26 -14.09 -57.08
CA ILE J 259 -24.51 -14.99 -58.22
C ILE J 259 -23.65 -16.23 -58.10
N MET J 260 -22.38 -16.05 -57.77
CA MET J 260 -21.49 -17.15 -57.45
C MET J 260 -21.54 -17.46 -55.94
N LEU J 261 -22.72 -17.89 -55.53
CA LEU J 261 -22.99 -18.23 -54.14
C LEU J 261 -23.84 -19.49 -54.14
N ASN J 262 -23.39 -20.49 -54.90
CA ASN J 262 -24.10 -21.76 -55.02
C ASN J 262 -25.57 -21.57 -55.38
N THR J 263 -26.41 -21.46 -54.36
CA THR J 263 -27.83 -21.18 -54.58
C THR J 263 -28.04 -19.75 -55.05
N PRO J 264 -28.62 -19.58 -56.25
CA PRO J 264 -28.89 -18.25 -56.81
C PRO J 264 -29.91 -17.56 -55.91
N GLU J 265 -29.42 -16.97 -54.83
CA GLU J 265 -30.30 -16.33 -53.85
C GLU J 265 -30.13 -14.80 -53.93
N ASP J 266 -29.73 -14.31 -55.11
CA ASP J 266 -29.43 -12.89 -55.25
C ASP J 266 -30.72 -12.08 -55.34
N VAL J 267 -31.77 -12.70 -55.88
CA VAL J 267 -33.04 -12.00 -56.09
C VAL J 267 -33.71 -11.70 -54.78
N GLN J 268 -33.82 -12.68 -53.90
CA GLN J 268 -34.65 -12.59 -52.72
C GLN J 268 -34.07 -11.67 -51.65
N ALA J 269 -32.79 -11.36 -51.71
CA ALA J 269 -32.15 -10.61 -50.65
C ALA J 269 -31.58 -9.26 -51.07
N LEU J 270 -30.86 -9.20 -52.19
CA LEU J 270 -30.01 -8.03 -52.48
C LEU J 270 -30.63 -7.09 -53.50
N VAL J 271 -31.09 -7.62 -54.63
CA VAL J 271 -31.54 -6.75 -55.69
C VAL J 271 -33.03 -6.43 -55.60
N SER J 272 -33.81 -7.32 -54.98
CA SER J 272 -35.10 -6.86 -54.46
C SER J 272 -34.90 -6.20 -53.11
N GLY J 273 -33.76 -6.44 -52.47
CA GLY J 273 -33.34 -5.60 -51.37
C GLY J 273 -32.94 -4.22 -51.86
N LYS J 274 -32.70 -3.33 -50.90
CA LYS J 274 -32.66 -1.90 -51.22
C LYS J 274 -31.38 -1.48 -51.92
N LEU J 275 -30.36 -2.35 -52.02
CA LEU J 275 -29.06 -1.93 -52.53
C LEU J 275 -29.07 -1.63 -54.02
N ALA J 276 -29.62 -2.52 -54.83
CA ALA J 276 -29.81 -2.24 -56.24
C ALA J 276 -30.87 -1.18 -56.48
N LEU J 277 -31.69 -0.91 -55.48
CA LEU J 277 -32.70 0.13 -55.51
C LEU J 277 -32.19 1.34 -54.74
N ARG J 278 -30.89 1.35 -54.47
CA ARG J 278 -30.22 2.51 -53.88
C ARG J 278 -29.38 3.29 -54.88
N TYR J 279 -28.70 2.64 -55.82
CA TYR J 279 -27.77 3.29 -56.71
C TYR J 279 -28.30 3.19 -58.14
N ALA J 280 -27.46 3.55 -59.11
CA ALA J 280 -27.91 3.69 -60.50
C ALA J 280 -27.55 2.44 -61.30
N GLY J 281 -27.61 1.27 -60.65
CA GLY J 281 -27.24 0.04 -61.31
C GLY J 281 -28.27 -0.43 -62.33
N ARG J 282 -27.75 -1.02 -63.41
CA ARG J 282 -28.59 -1.46 -64.52
C ARG J 282 -28.39 -2.93 -64.84
N GLN J 283 -27.13 -3.36 -64.85
CA GLN J 283 -26.75 -4.71 -65.22
C GLN J 283 -27.19 -5.67 -64.14
N THR J 284 -27.19 -5.16 -62.90
CA THR J 284 -27.67 -5.89 -61.75
C THR J 284 -29.18 -6.11 -61.83
N GLU J 285 -29.85 -5.23 -62.58
CA GLU J 285 -31.28 -5.41 -62.76
C GLU J 285 -31.55 -6.39 -63.90
N ALA J 286 -30.55 -6.68 -64.72
CA ALA J 286 -30.61 -7.89 -65.53
C ALA J 286 -30.24 -9.11 -64.70
N LEU J 287 -29.41 -8.91 -63.66
CA LEU J 287 -29.11 -9.99 -62.74
C LEU J 287 -30.31 -10.38 -61.89
N LYS J 288 -31.29 -9.47 -61.77
CA LYS J 288 -32.60 -9.84 -61.21
C LYS J 288 -33.26 -10.93 -62.02
N CYS J 289 -33.54 -10.64 -63.30
CA CYS J 289 -34.35 -11.55 -64.10
C CYS J 289 -33.61 -12.81 -64.48
N VAL J 290 -32.28 -12.75 -64.67
CA VAL J 290 -31.59 -13.99 -65.00
C VAL J 290 -31.30 -14.77 -63.73
N ALA J 291 -31.14 -14.08 -62.61
CA ALA J 291 -30.98 -14.82 -61.36
C ALA J 291 -32.31 -15.40 -60.89
N GLN J 292 -33.43 -14.96 -61.47
CA GLN J 292 -34.72 -15.52 -61.07
C GLN J 292 -35.23 -16.55 -62.08
N ALA J 293 -35.07 -16.30 -63.38
CA ALA J 293 -35.58 -17.26 -64.34
C ALA J 293 -34.67 -18.47 -64.46
N SER J 294 -33.39 -18.31 -64.17
CA SER J 294 -32.54 -19.46 -63.90
C SER J 294 -32.54 -19.86 -62.45
N LYS J 295 -33.60 -19.52 -61.71
CA LYS J 295 -33.97 -20.20 -60.49
C LYS J 295 -35.18 -21.10 -60.73
N ASN J 296 -35.88 -20.85 -61.83
CA ASN J 296 -37.12 -21.53 -62.15
C ASN J 296 -36.90 -22.93 -62.71
N ARG J 297 -35.66 -23.24 -63.11
CA ARG J 297 -35.21 -24.58 -63.51
C ARG J 297 -35.97 -25.08 -64.74
N SER J 298 -36.28 -24.14 -65.60
CA SER J 298 -36.95 -24.41 -66.87
C SER J 298 -36.14 -23.72 -67.96
N LEU J 299 -34.84 -23.58 -67.72
CA LEU J 299 -33.91 -22.93 -68.64
C LEU J 299 -34.46 -21.58 -69.08
N ALA J 300 -35.06 -21.56 -70.26
CA ALA J 300 -35.65 -20.35 -70.85
C ALA J 300 -34.84 -19.06 -70.70
N ASP J 301 -33.65 -19.12 -70.10
CA ASP J 301 -33.08 -17.92 -69.52
C ASP J 301 -31.71 -17.63 -70.07
N PHE J 302 -30.83 -18.63 -70.06
CA PHE J 302 -29.43 -18.38 -70.40
C PHE J 302 -29.28 -18.12 -71.89
N GLU J 303 -29.97 -18.91 -72.69
CA GLU J 303 -29.98 -18.71 -74.12
C GLU J 303 -30.65 -17.40 -74.50
N LYS J 304 -31.75 -17.06 -73.83
CA LYS J 304 -32.47 -15.81 -74.08
C LYS J 304 -31.65 -14.58 -73.72
N ALA J 305 -31.05 -14.58 -72.54
CA ALA J 305 -30.37 -13.41 -72.02
C ALA J 305 -28.87 -13.49 -72.20
N LEU J 306 -28.39 -14.42 -73.02
CA LEU J 306 -26.98 -14.42 -73.39
C LEU J 306 -26.65 -13.17 -74.18
N THR J 307 -27.55 -12.75 -75.06
CA THR J 307 -27.42 -11.45 -75.71
C THR J 307 -27.58 -10.31 -74.71
N ASP J 308 -28.49 -10.47 -73.75
CA ASP J 308 -28.65 -9.47 -72.70
C ASP J 308 -27.45 -9.41 -71.79
N TYR J 309 -26.68 -10.48 -71.74
CA TYR J 309 -25.43 -10.53 -70.99
C TYR J 309 -24.22 -10.43 -71.89
N ARG J 310 -24.38 -9.89 -73.09
CA ARG J 310 -23.19 -9.66 -73.91
C ARG J 310 -22.33 -8.57 -73.31
N ALA J 311 -22.97 -7.55 -72.73
CA ALA J 311 -22.24 -6.59 -71.90
C ALA J 311 -21.76 -7.20 -70.60
N GLU J 312 -22.43 -8.24 -70.10
CA GLU J 312 -22.06 -8.84 -68.83
C GLU J 312 -21.14 -10.05 -68.99
N LEU J 313 -21.00 -10.48 -70.23
CA LEU J 313 -20.02 -11.47 -70.59
C LEU J 313 -18.73 -10.62 -70.70
N ARG J 314 -18.86 -9.43 -71.32
CA ARG J 314 -17.78 -8.44 -71.51
C ARG J 314 -16.47 -9.09 -71.93
N ASP J 315 -15.41 -8.90 -71.14
CA ASP J 315 -14.17 -9.60 -71.40
C ASP J 315 -14.50 -11.07 -71.44
N ASP J 316 -14.57 -11.62 -72.66
CA ASP J 316 -14.88 -13.03 -72.87
C ASP J 316 -13.95 -13.88 -72.02
N PRO J 317 -12.65 -13.60 -72.11
CA PRO J 317 -11.72 -14.37 -71.26
C PRO J 317 -11.34 -13.69 -69.94
N ILE J 318 -12.25 -13.05 -69.21
CA ILE J 318 -11.84 -12.41 -67.97
C ILE J 318 -12.70 -12.90 -66.81
N ILE J 319 -13.95 -13.23 -67.11
CA ILE J 319 -14.76 -13.82 -66.07
C ILE J 319 -14.78 -15.34 -66.27
N SER J 320 -15.37 -15.82 -67.37
CA SER J 320 -15.29 -17.20 -67.89
C SER J 320 -15.78 -18.30 -66.95
N THR J 321 -16.16 -17.93 -65.74
CA THR J 321 -16.42 -18.88 -64.68
C THR J 321 -17.73 -18.56 -64.01
N HIS J 322 -18.02 -17.27 -63.90
CA HIS J 322 -19.06 -16.80 -63.00
C HIS J 322 -20.43 -17.11 -63.56
N LEU J 323 -20.51 -17.35 -64.87
CA LEU J 323 -21.70 -17.89 -65.47
C LEU J 323 -21.53 -19.33 -65.93
N ALA J 324 -20.29 -19.75 -66.16
CA ALA J 324 -20.05 -21.10 -66.66
C ALA J 324 -20.25 -22.15 -65.59
N LYS J 325 -20.06 -21.80 -64.32
CA LYS J 325 -20.29 -22.81 -63.30
C LYS J 325 -21.78 -22.95 -63.01
N LEU J 326 -22.51 -21.84 -63.07
CA LEU J 326 -23.95 -21.89 -62.89
C LEU J 326 -24.62 -22.63 -64.04
N TYR J 327 -24.37 -22.18 -65.27
CA TYR J 327 -25.02 -22.80 -66.41
C TYR J 327 -24.45 -24.17 -66.73
N ASP J 328 -23.13 -24.31 -66.64
CA ASP J 328 -22.52 -25.61 -66.84
C ASP J 328 -22.69 -26.53 -65.63
N ASN J 329 -23.30 -26.04 -64.56
CA ASN J 329 -23.95 -26.95 -63.63
C ASN J 329 -25.35 -27.28 -64.11
N LEU J 330 -26.02 -26.29 -64.68
CA LEU J 330 -27.42 -26.42 -65.03
C LEU J 330 -27.64 -27.39 -66.20
N LEU J 331 -26.57 -27.68 -66.96
CA LEU J 331 -26.61 -28.79 -67.91
C LEU J 331 -26.98 -30.08 -67.22
N GLU J 332 -26.11 -30.56 -66.33
CA GLU J 332 -26.37 -31.83 -65.68
C GLU J 332 -27.48 -31.75 -64.65
N GLN J 333 -27.83 -30.54 -64.20
CA GLN J 333 -29.07 -30.37 -63.45
C GLN J 333 -30.28 -30.72 -64.32
N ASN J 334 -30.28 -30.25 -65.56
CA ASN J 334 -31.35 -30.61 -66.47
C ASN J 334 -31.29 -32.08 -66.84
N LEU J 335 -30.07 -32.64 -66.91
CA LEU J 335 -29.91 -34.06 -67.20
C LEU J 335 -30.46 -34.90 -66.08
N ILE J 336 -30.28 -34.45 -64.83
CA ILE J 336 -30.94 -35.17 -63.75
C ILE J 336 -32.39 -34.71 -63.60
N ARG J 337 -32.87 -33.85 -64.48
CA ARG J 337 -34.33 -33.75 -64.54
C ARG J 337 -34.93 -34.63 -65.61
N VAL J 338 -34.23 -34.92 -66.69
CA VAL J 338 -34.79 -35.67 -67.80
C VAL J 338 -34.28 -37.11 -67.82
N ILE J 339 -33.06 -37.36 -67.36
CA ILE J 339 -32.51 -38.70 -67.53
C ILE J 339 -32.59 -39.46 -66.21
N GLU J 340 -32.49 -38.76 -65.10
CA GLU J 340 -32.75 -39.35 -63.78
C GLU J 340 -34.09 -40.08 -63.63
N PRO J 341 -35.26 -39.56 -64.05
CA PRO J 341 -36.51 -40.26 -63.73
C PRO J 341 -36.70 -41.60 -64.44
N PHE J 342 -35.98 -41.85 -65.53
CA PHE J 342 -36.16 -43.09 -66.26
C PHE J 342 -34.91 -43.37 -67.06
N SER J 343 -34.45 -44.61 -67.03
CA SER J 343 -33.09 -44.87 -67.51
C SER J 343 -33.04 -44.95 -69.03
N ARG J 344 -33.64 -45.97 -69.60
CA ARG J 344 -33.45 -46.22 -71.02
C ARG J 344 -34.35 -45.32 -71.85
N VAL J 345 -33.78 -44.82 -72.94
CA VAL J 345 -34.44 -43.91 -73.87
C VAL J 345 -33.56 -43.86 -75.11
N GLN J 346 -34.18 -43.71 -76.27
CA GLN J 346 -33.39 -43.42 -77.45
C GLN J 346 -32.96 -41.96 -77.43
N ILE J 347 -31.93 -41.65 -78.22
CA ILE J 347 -31.14 -40.46 -77.94
C ILE J 347 -31.82 -39.17 -78.38
N GLU J 348 -32.77 -39.22 -79.30
CA GLU J 348 -33.25 -37.98 -79.89
C GLU J 348 -34.41 -37.37 -79.11
N HIS J 349 -35.25 -38.21 -78.50
CA HIS J 349 -36.40 -37.70 -77.79
C HIS J 349 -36.04 -37.20 -76.40
N ILE J 350 -35.04 -37.81 -75.78
CA ILE J 350 -34.51 -37.25 -74.56
C ILE J 350 -33.75 -35.96 -74.87
N SER J 351 -33.17 -35.84 -76.05
CA SER J 351 -32.53 -34.61 -76.47
C SER J 351 -33.48 -33.72 -77.23
N SER J 352 -34.79 -34.02 -77.18
CA SER J 352 -35.77 -33.08 -77.73
C SER J 352 -36.00 -31.92 -76.79
N LEU J 353 -35.55 -32.01 -75.54
CA LEU J 353 -35.63 -30.86 -74.65
C LEU J 353 -34.42 -29.96 -74.78
N ILE J 354 -33.41 -30.37 -75.53
CA ILE J 354 -32.31 -29.49 -75.92
C ILE J 354 -32.25 -29.28 -77.42
N LYS J 355 -32.91 -30.14 -78.21
CA LYS J 355 -33.24 -30.01 -79.63
C LYS J 355 -32.05 -30.16 -80.55
N LEU J 356 -30.84 -30.25 -80.01
CA LEU J 356 -29.72 -30.86 -80.71
C LEU J 356 -29.73 -32.32 -80.30
N SER J 357 -29.38 -33.21 -81.21
CA SER J 357 -29.33 -34.60 -80.81
C SER J 357 -27.92 -35.13 -80.70
N LYS J 358 -26.95 -34.50 -81.38
CA LYS J 358 -25.62 -35.07 -81.47
C LYS J 358 -24.49 -34.12 -81.13
N ALA J 359 -24.76 -32.87 -80.77
CA ALA J 359 -23.67 -31.90 -80.70
C ALA J 359 -22.81 -32.07 -79.45
N ASP J 360 -23.38 -31.82 -78.28
CA ASP J 360 -22.60 -31.87 -77.06
C ASP J 360 -23.24 -32.69 -75.95
N VAL J 361 -24.54 -32.95 -76.06
CA VAL J 361 -25.25 -33.72 -75.04
C VAL J 361 -24.74 -35.14 -75.01
N GLU J 362 -24.36 -35.69 -76.17
CA GLU J 362 -23.67 -36.98 -76.19
C GLU J 362 -22.30 -36.88 -75.52
N ARG J 363 -21.58 -35.78 -75.73
CA ARG J 363 -20.28 -35.63 -75.11
C ARG J 363 -20.43 -35.29 -73.64
N LYS J 364 -21.51 -34.61 -73.28
CA LYS J 364 -21.76 -34.33 -71.87
C LYS J 364 -22.13 -35.60 -71.12
N LEU J 365 -22.96 -36.44 -71.72
CA LEU J 365 -23.38 -37.68 -71.09
C LEU J 365 -22.23 -38.69 -71.04
N SER J 366 -21.44 -38.77 -72.11
CA SER J 366 -20.27 -39.64 -72.09
C SER J 366 -19.23 -39.12 -71.11
N GLN J 367 -19.17 -37.81 -70.95
CA GLN J 367 -18.38 -37.24 -69.88
C GLN J 367 -18.91 -37.66 -68.52
N MET J 368 -20.23 -37.75 -68.36
CA MET J 368 -20.79 -38.23 -67.11
C MET J 368 -20.61 -39.73 -66.92
N ILE J 369 -20.41 -40.47 -68.02
CA ILE J 369 -19.92 -41.84 -67.91
C ILE J 369 -18.50 -41.82 -67.36
N LEU J 370 -17.65 -40.97 -67.92
CA LEU J 370 -16.29 -40.78 -67.43
C LEU J 370 -16.24 -40.25 -66.02
N ASP J 371 -17.28 -39.54 -65.59
CA ASP J 371 -17.30 -38.95 -64.27
C ASP J 371 -18.26 -39.67 -63.34
N LYS J 372 -18.86 -40.78 -63.81
CA LYS J 372 -19.51 -41.80 -62.98
C LYS J 372 -20.77 -41.27 -62.29
N LYS J 373 -21.31 -40.19 -62.81
CA LYS J 373 -22.62 -39.70 -62.40
C LYS J 373 -23.73 -40.41 -63.14
N PHE J 374 -23.37 -41.33 -64.02
CA PHE J 374 -24.26 -41.75 -65.09
C PHE J 374 -23.71 -43.05 -65.61
N HIS J 375 -24.34 -44.15 -65.27
CA HIS J 375 -23.78 -45.46 -65.54
C HIS J 375 -24.64 -46.09 -66.61
N GLY J 376 -24.32 -45.78 -67.87
CA GLY J 376 -25.10 -46.28 -68.97
C GLY J 376 -24.26 -46.34 -70.22
N ILE J 377 -24.91 -46.72 -71.31
CA ILE J 377 -24.24 -46.91 -72.58
C ILE J 377 -25.09 -46.28 -73.68
N LEU J 378 -24.48 -45.43 -74.49
CA LEU J 378 -25.24 -44.80 -75.56
C LEU J 378 -25.10 -45.67 -76.81
N ASP J 379 -25.53 -45.15 -77.95
CA ASP J 379 -25.66 -45.92 -79.16
C ASP J 379 -25.81 -44.93 -80.29
N GLN J 380 -25.44 -45.35 -81.49
CA GLN J 380 -25.64 -44.45 -82.62
C GLN J 380 -26.39 -45.15 -83.74
N GLY J 381 -26.09 -46.44 -83.93
CA GLY J 381 -26.69 -47.24 -84.98
C GLY J 381 -28.19 -47.35 -84.86
N GLU J 382 -28.67 -47.57 -83.65
CA GLU J 382 -30.06 -47.36 -83.31
C GLU J 382 -30.25 -46.08 -82.53
N GLY J 383 -29.20 -45.56 -81.91
CA GLY J 383 -29.26 -44.36 -81.11
C GLY J 383 -30.15 -44.56 -79.89
N VAL J 384 -29.87 -45.61 -79.12
CA VAL J 384 -30.69 -46.01 -77.99
C VAL J 384 -29.81 -46.05 -76.75
N LEU J 385 -30.00 -45.08 -75.87
CA LEU J 385 -29.25 -45.03 -74.62
C LEU J 385 -29.90 -45.94 -73.57
N ILE J 386 -29.06 -46.71 -72.87
CA ILE J 386 -29.51 -47.69 -71.89
C ILE J 386 -28.63 -47.57 -70.64
N ILE J 387 -29.26 -47.45 -69.48
CA ILE J 387 -28.55 -47.26 -68.21
C ILE J 387 -28.77 -48.47 -67.32
N PHE J 388 -27.68 -48.96 -66.74
CA PHE J 388 -27.63 -50.15 -65.90
C PHE J 388 -26.26 -50.16 -65.25
N ASP J 389 -26.20 -50.78 -64.07
CA ASP J 389 -24.93 -50.91 -63.36
C ASP J 389 -24.99 -52.03 -62.35
N GLU J 390 -23.89 -52.78 -62.27
CA GLU J 390 -23.57 -53.56 -61.08
C GLU J 390 -22.05 -53.71 -60.98
N PRO J 391 -21.36 -52.76 -60.36
CA PRO J 391 -19.92 -52.95 -60.10
C PRO J 391 -19.58 -54.00 -59.04
N PRO J 392 -20.10 -53.96 -57.81
CA PRO J 392 -19.28 -54.56 -56.73
C PRO J 392 -19.44 -56.07 -56.63
N VAL J 393 -18.32 -56.79 -56.76
CA VAL J 393 -18.25 -58.21 -56.44
C VAL J 393 -16.99 -58.40 -55.59
N ASP J 394 -17.12 -58.31 -54.27
CA ASP J 394 -15.98 -58.60 -53.41
C ASP J 394 -15.68 -60.08 -53.32
N LYS J 395 -16.59 -60.93 -53.80
CA LYS J 395 -16.27 -62.33 -54.00
C LYS J 395 -15.16 -62.48 -55.02
N THR J 396 -15.23 -61.74 -56.11
CA THR J 396 -14.15 -61.76 -57.08
C THR J 396 -13.02 -60.86 -56.60
N TYR J 397 -13.38 -59.65 -56.15
CA TYR J 397 -12.37 -58.63 -55.85
C TYR J 397 -11.55 -59.02 -54.63
N GLU J 398 -12.22 -59.19 -53.49
CA GLU J 398 -11.56 -59.43 -52.21
C GLU J 398 -10.79 -60.74 -52.24
N ALA J 399 -11.43 -61.82 -52.66
CA ALA J 399 -10.76 -63.12 -52.66
C ALA J 399 -9.65 -63.16 -53.69
N ALA J 400 -9.90 -62.57 -54.87
CA ALA J 400 -8.91 -62.64 -55.93
C ALA J 400 -7.66 -61.84 -55.60
N LEU J 401 -7.85 -60.60 -55.14
CA LEU J 401 -6.71 -59.76 -54.80
C LEU J 401 -6.02 -60.26 -53.54
N GLU J 402 -6.78 -60.79 -52.58
CA GLU J 402 -6.15 -61.45 -51.44
C GLU J 402 -5.30 -62.64 -51.88
N THR J 403 -5.74 -63.38 -52.89
CA THR J 403 -4.91 -64.49 -53.37
C THR J 403 -3.72 -64.00 -54.15
N ILE J 404 -3.81 -62.83 -54.78
CA ILE J 404 -2.62 -62.25 -55.40
C ILE J 404 -1.61 -61.89 -54.32
N GLN J 405 -2.10 -61.34 -53.21
CA GLN J 405 -1.27 -61.11 -52.04
C GLN J 405 -0.73 -62.41 -51.47
N ASN J 406 -1.53 -63.47 -51.54
CA ASN J 406 -1.07 -64.79 -51.16
C ASN J 406 0.04 -65.27 -52.06
N MET J 407 -0.03 -64.95 -53.35
CA MET J 407 1.04 -65.29 -54.26
C MET J 407 2.31 -64.53 -53.90
N SER J 408 2.16 -63.27 -53.49
CA SER J 408 3.31 -62.50 -53.04
C SER J 408 3.92 -63.11 -51.78
N LYS J 409 3.09 -63.63 -50.89
CA LYS J 409 3.63 -64.18 -49.65
C LYS J 409 4.18 -65.57 -49.84
N VAL J 410 3.68 -66.29 -50.84
CA VAL J 410 4.31 -67.55 -51.24
C VAL J 410 5.67 -67.27 -51.84
N VAL J 411 5.76 -66.23 -52.68
CA VAL J 411 7.05 -65.77 -53.20
C VAL J 411 7.98 -65.34 -52.07
N ASP J 412 7.42 -64.74 -51.02
CA ASP J 412 8.15 -64.48 -49.79
C ASP J 412 8.56 -65.77 -49.09
N SER J 413 7.85 -66.87 -49.32
CA SER J 413 8.25 -68.13 -48.71
C SER J 413 9.23 -68.91 -49.57
N LEU J 414 9.36 -68.57 -50.85
CA LEU J 414 10.24 -69.33 -51.75
C LEU J 414 11.71 -69.13 -51.43
N TYR J 415 12.04 -68.14 -50.62
CA TYR J 415 13.41 -67.93 -50.19
C TYR J 415 13.71 -68.61 -48.87
N ASN J 416 12.67 -68.85 -48.07
CA ASN J 416 12.79 -69.85 -47.02
C ASN J 416 12.96 -71.23 -47.65
N LYS J 417 12.33 -71.44 -48.82
CA LYS J 417 12.49 -72.68 -49.55
C LYS J 417 13.89 -72.82 -50.11
N ALA J 418 14.30 -71.87 -50.95
CA ALA J 418 15.62 -71.89 -51.54
C ALA J 418 16.72 -71.74 -50.52
N LYS J 419 16.41 -71.15 -49.37
CA LYS J 419 17.33 -71.10 -48.24
C LYS J 419 17.48 -72.45 -47.55
N LYS J 420 16.38 -73.17 -47.33
CA LYS J 420 16.51 -74.46 -46.69
C LYS J 420 17.07 -75.50 -47.65
N LEU J 421 16.98 -75.24 -48.96
CA LEU J 421 17.71 -76.04 -49.92
C LEU J 421 19.20 -75.80 -49.81
N THR J 422 19.60 -74.55 -49.99
CA THR J 422 21.01 -74.21 -50.09
C THR J 422 21.29 -72.86 -49.46
N PRO K 12 28.42 -25.18 -65.17
CA PRO K 12 29.40 -25.58 -66.18
C PRO K 12 28.95 -26.78 -67.00
N LYS K 13 27.65 -27.02 -67.04
CA LYS K 13 27.09 -28.12 -67.80
C LYS K 13 26.26 -27.68 -68.99
N ASN K 14 25.65 -26.50 -68.93
CA ASN K 14 24.59 -26.11 -69.86
C ASN K 14 25.05 -25.90 -71.31
N PRO K 15 26.20 -25.26 -71.61
CA PRO K 15 26.67 -25.30 -73.01
C PRO K 15 27.08 -26.68 -73.44
N ASP K 16 27.50 -27.52 -72.51
CA ASP K 16 27.84 -28.90 -72.82
C ASP K 16 26.58 -29.75 -72.96
N LEU K 17 25.49 -29.36 -72.32
CA LEU K 17 24.20 -29.95 -72.64
C LEU K 17 23.74 -29.51 -74.01
N ARG K 18 24.10 -28.28 -74.40
CA ARG K 18 23.92 -27.87 -75.78
C ARG K 18 24.85 -28.67 -76.69
N ILE K 19 25.97 -29.14 -76.16
CA ILE K 19 26.80 -30.03 -76.97
C ILE K 19 26.11 -31.37 -77.14
N ALA K 20 25.34 -31.83 -76.14
CA ALA K 20 24.50 -33.00 -76.35
C ALA K 20 23.43 -32.74 -77.42
N GLN K 21 22.83 -31.55 -77.35
CA GLN K 21 21.86 -31.07 -78.33
C GLN K 21 22.44 -31.04 -79.75
N LEU K 22 23.72 -30.72 -79.83
CA LEU K 22 24.41 -30.42 -81.06
C LEU K 22 25.14 -31.62 -81.63
N ARG K 23 25.47 -32.61 -80.80
CA ARG K 23 25.85 -33.92 -81.31
C ARG K 23 24.63 -34.69 -81.76
N PHE K 24 23.48 -34.45 -81.13
CA PHE K 24 22.24 -34.99 -81.69
C PHE K 24 21.90 -34.27 -83.00
N LEU K 25 22.19 -32.96 -83.05
CA LEU K 25 22.11 -32.21 -84.30
C LEU K 25 23.04 -32.78 -85.36
N LEU K 26 24.22 -33.22 -84.94
CA LEU K 26 25.08 -33.97 -85.85
C LEU K 26 24.46 -35.30 -86.23
N SER K 27 23.71 -35.91 -85.32
CA SER K 27 23.30 -37.30 -85.52
C SER K 27 22.07 -37.40 -86.42
N LEU K 28 20.93 -36.95 -85.92
CA LEU K 28 19.68 -37.22 -86.63
C LEU K 28 19.43 -36.28 -87.81
N PRO K 29 19.45 -34.92 -87.69
CA PRO K 29 19.07 -34.12 -88.87
C PRO K 29 20.20 -34.05 -89.89
N GLU K 30 20.02 -34.75 -91.00
CA GLU K 30 20.87 -34.58 -92.16
C GLU K 30 20.27 -33.59 -93.14
N HIS K 31 19.11 -33.03 -92.80
CA HIS K 31 18.60 -31.89 -93.54
C HIS K 31 19.53 -30.69 -93.41
N ARG K 32 19.94 -30.40 -92.19
CA ARG K 32 21.09 -29.55 -91.91
C ARG K 32 22.26 -30.50 -91.60
N GLY K 33 22.91 -30.95 -92.66
CA GLY K 33 23.99 -31.92 -92.52
C GLY K 33 25.26 -31.36 -91.92
N ASP K 34 25.36 -30.03 -91.76
CA ASP K 34 26.54 -29.42 -91.15
C ASP K 34 26.21 -28.26 -90.22
N ALA K 35 25.01 -28.24 -89.62
CA ALA K 35 24.71 -27.22 -88.62
C ALA K 35 25.58 -27.42 -87.37
N ALA K 36 25.88 -28.67 -87.04
CA ALA K 36 26.68 -28.99 -85.86
C ALA K 36 28.10 -28.44 -85.96
N VAL K 37 28.70 -28.49 -87.15
CA VAL K 37 30.03 -27.91 -87.27
C VAL K 37 29.94 -26.39 -87.28
N ARG K 38 28.79 -25.83 -87.65
CA ARG K 38 28.65 -24.37 -87.62
C ARG K 38 28.58 -23.85 -86.20
N ASP K 39 27.54 -24.23 -85.44
CA ASP K 39 27.42 -23.62 -84.13
C ASP K 39 28.24 -24.36 -83.06
N GLU K 40 28.62 -25.61 -83.33
CA GLU K 40 29.47 -26.37 -82.42
C GLU K 40 30.95 -26.16 -82.70
N LEU K 41 31.35 -25.93 -83.95
CA LEU K 41 32.69 -25.39 -84.19
C LEU K 41 32.77 -23.94 -83.75
N MET K 42 31.64 -23.25 -83.82
CA MET K 42 31.52 -21.96 -83.16
C MET K 42 31.66 -22.12 -81.65
N ALA K 43 31.26 -23.28 -81.12
CA ALA K 43 31.54 -23.61 -79.72
C ALA K 43 32.93 -24.21 -79.52
N ALA K 44 33.68 -24.44 -80.59
CA ALA K 44 35.04 -24.92 -80.46
C ALA K 44 36.03 -23.76 -80.42
N VAL K 45 35.79 -22.75 -81.26
CA VAL K 45 36.63 -21.56 -81.24
C VAL K 45 36.47 -20.74 -79.97
N ARG K 46 35.34 -20.88 -79.27
CA ARG K 46 35.20 -20.38 -77.91
C ARG K 46 35.35 -21.54 -76.94
N ASP K 47 35.54 -21.22 -75.66
CA ASP K 47 35.61 -22.12 -74.51
C ASP K 47 36.82 -23.05 -74.58
N ASN K 48 37.70 -22.89 -75.59
CA ASN K 48 38.86 -23.73 -75.90
C ASN K 48 38.48 -25.19 -76.10
N ASN K 49 37.23 -25.46 -76.54
CA ASN K 49 36.77 -26.82 -76.67
C ASN K 49 37.39 -27.48 -77.89
N MET K 50 38.12 -28.57 -77.66
CA MET K 50 38.81 -29.25 -78.73
C MET K 50 38.08 -30.49 -79.21
N ALA K 51 37.18 -31.05 -78.39
CA ALA K 51 36.18 -32.05 -78.78
C ALA K 51 35.41 -31.80 -80.08
N PRO K 52 34.95 -30.59 -80.43
CA PRO K 52 34.16 -30.43 -81.68
C PRO K 52 34.95 -30.56 -82.97
N TYR K 53 36.21 -30.96 -82.93
CA TYR K 53 36.84 -31.55 -84.08
C TYR K 53 37.51 -32.87 -83.74
N TYR K 54 37.48 -33.31 -82.48
CA TYR K 54 37.83 -34.70 -82.22
C TYR K 54 36.71 -35.61 -82.65
N GLU K 55 35.56 -35.50 -82.00
CA GLU K 55 34.44 -36.36 -82.35
C GLU K 55 33.85 -35.99 -83.69
N ALA K 56 33.79 -34.70 -84.01
CA ALA K 56 33.40 -34.30 -85.34
C ALA K 56 34.49 -34.55 -86.36
N LEU K 57 35.74 -34.73 -85.95
CA LEU K 57 36.69 -35.31 -86.89
C LEU K 57 36.32 -36.76 -87.18
N CYS K 58 35.86 -37.48 -86.17
CA CYS K 58 35.47 -38.87 -86.37
C CYS K 58 34.11 -38.97 -87.02
N LYS K 59 33.15 -38.16 -86.57
CA LYS K 59 31.75 -38.36 -86.95
C LYS K 59 31.24 -37.39 -87.99
N SER K 60 31.63 -36.13 -87.93
CA SER K 60 31.20 -35.14 -88.91
C SER K 60 32.10 -35.23 -90.15
N LEU K 61 32.15 -34.15 -90.91
CA LEU K 61 32.69 -34.06 -92.26
C LEU K 61 34.18 -34.34 -92.37
N ASP K 62 34.72 -34.18 -93.57
CA ASP K 62 36.09 -34.60 -93.84
C ASP K 62 37.11 -33.57 -93.36
N TRP K 63 36.66 -32.38 -92.92
CA TRP K 63 37.48 -31.32 -92.34
C TRP K 63 38.58 -30.88 -93.30
N GLN K 64 38.19 -30.22 -94.42
CA GLN K 64 39.07 -29.80 -95.51
C GLN K 64 40.32 -29.07 -95.03
N ILE K 65 40.16 -27.90 -94.41
CA ILE K 65 41.22 -27.36 -93.55
C ILE K 65 40.65 -26.58 -92.37
N ASP K 66 40.85 -27.13 -91.17
CA ASP K 66 40.71 -26.43 -89.90
C ASP K 66 41.80 -26.89 -88.95
N VAL K 67 42.95 -27.31 -89.50
CA VAL K 67 43.89 -28.11 -88.74
C VAL K 67 44.72 -27.22 -87.81
N ASP K 68 45.51 -26.31 -88.38
CA ASP K 68 46.42 -25.52 -87.57
C ASP K 68 45.68 -24.45 -86.79
N LEU K 69 44.54 -23.99 -87.31
CA LEU K 69 43.70 -23.02 -86.62
C LEU K 69 43.11 -23.57 -85.34
N LEU K 70 42.92 -24.88 -85.28
CA LEU K 70 42.43 -25.53 -84.08
C LEU K 70 43.50 -26.31 -83.33
N ASN K 71 44.66 -26.53 -83.93
CA ASN K 71 45.77 -27.13 -83.21
C ASN K 71 46.70 -26.12 -82.58
N LYS K 72 46.58 -24.85 -82.95
CA LYS K 72 47.19 -23.80 -82.13
C LYS K 72 46.39 -23.60 -80.86
N MET K 73 45.10 -23.92 -80.89
CA MET K 73 44.25 -23.90 -79.73
C MET K 73 44.20 -25.25 -79.04
N LYS K 74 44.63 -26.31 -79.72
CA LYS K 74 45.00 -27.53 -79.03
C LYS K 74 46.35 -27.36 -78.36
N LYS K 75 47.20 -26.50 -78.93
CA LYS K 75 48.40 -26.09 -78.24
C LYS K 75 48.08 -25.22 -77.04
N ALA K 76 47.12 -24.30 -77.18
CA ALA K 76 46.66 -23.52 -76.03
C ALA K 76 45.93 -24.41 -75.02
N ASN K 77 45.26 -25.45 -75.51
CA ASN K 77 44.71 -26.48 -74.65
C ASN K 77 45.81 -27.19 -73.88
N GLU K 78 46.96 -27.40 -74.54
CA GLU K 78 48.11 -27.97 -73.86
C GLU K 78 48.71 -26.99 -72.87
N ASP K 79 48.60 -25.68 -73.14
CA ASP K 79 49.19 -24.68 -72.26
C ASP K 79 48.38 -24.55 -70.98
N GLU K 80 47.05 -24.46 -71.12
CA GLU K 80 46.18 -24.52 -69.96
C GLU K 80 46.30 -25.85 -69.24
N LEU K 81 46.50 -26.93 -70.01
CA LEU K 81 46.61 -28.26 -69.44
C LEU K 81 47.90 -28.42 -68.64
N LYS K 82 48.97 -27.75 -69.04
CA LYS K 82 50.24 -27.90 -68.35
C LYS K 82 50.43 -26.85 -67.27
N ARG K 83 49.70 -25.73 -67.32
CA ARG K 83 49.65 -24.91 -66.11
C ARG K 83 48.65 -25.49 -65.11
N LEU K 84 47.74 -26.36 -65.56
CA LEU K 84 47.12 -27.27 -64.61
C LEU K 84 48.12 -28.26 -64.07
N ASP K 85 48.95 -28.83 -64.95
CA ASP K 85 49.97 -29.80 -64.59
C ASP K 85 51.20 -29.16 -63.97
N GLU K 86 51.14 -27.88 -63.65
CA GLU K 86 52.08 -27.23 -62.75
C GLU K 86 51.38 -26.62 -61.55
N GLU K 87 50.13 -26.22 -61.72
CA GLU K 87 49.35 -25.70 -60.61
C GLU K 87 49.01 -26.81 -59.61
N LEU K 88 48.87 -28.05 -60.09
CA LEU K 88 48.48 -29.14 -59.18
C LEU K 88 49.58 -29.51 -58.21
N GLU K 89 50.84 -29.52 -58.64
CA GLU K 89 51.90 -29.87 -57.72
C GLU K 89 52.56 -28.65 -57.12
N ASP K 90 52.43 -27.49 -57.76
CA ASP K 90 52.87 -26.23 -57.18
C ASP K 90 51.85 -25.66 -56.21
N ALA K 91 50.67 -26.26 -56.13
CA ALA K 91 49.66 -25.87 -55.16
C ALA K 91 49.46 -26.88 -54.05
N GLU K 92 49.91 -28.13 -54.23
CA GLU K 92 49.75 -29.18 -53.22
C GLU K 92 50.72 -29.04 -52.07
N LYS K 93 51.60 -28.04 -52.10
CA LYS K 93 52.44 -27.72 -50.96
C LYS K 93 51.61 -27.30 -49.76
N ASN K 94 50.48 -26.65 -50.00
CA ASN K 94 49.53 -26.34 -48.94
C ASN K 94 48.83 -27.61 -48.47
N LEU K 95 48.53 -27.65 -47.18
CA LEU K 95 47.84 -28.80 -46.57
C LEU K 95 46.33 -28.59 -46.75
N GLY K 96 45.85 -28.99 -47.91
CA GLY K 96 44.44 -28.91 -48.20
C GLY K 96 43.88 -30.27 -48.56
N GLU K 97 42.90 -30.74 -47.78
CA GLU K 97 42.32 -32.07 -48.01
C GLU K 97 41.48 -32.02 -49.28
N SER K 98 42.01 -32.63 -50.34
CA SER K 98 41.42 -32.69 -51.68
C SER K 98 41.13 -31.31 -52.29
N GLU K 99 41.77 -30.25 -51.78
CA GLU K 99 41.43 -28.90 -52.21
C GLU K 99 42.12 -28.57 -53.51
N ILE K 100 43.39 -28.93 -53.62
CA ILE K 100 44.09 -28.86 -54.89
C ILE K 100 43.54 -29.92 -55.83
N ARG K 101 43.10 -31.05 -55.27
CA ARG K 101 42.40 -32.07 -56.05
C ARG K 101 41.08 -31.54 -56.58
N ASP K 102 40.44 -30.64 -55.82
CA ASP K 102 39.27 -29.94 -56.33
C ASP K 102 39.66 -28.95 -57.41
N ALA K 103 40.79 -28.26 -57.22
CA ALA K 103 41.27 -27.31 -58.22
C ALA K 103 41.66 -27.99 -59.52
N MET K 104 42.12 -29.23 -59.46
CA MET K 104 42.48 -29.92 -60.67
C MET K 104 41.33 -30.72 -61.25
N MET K 105 40.34 -31.09 -60.44
CA MET K 105 39.21 -31.82 -61.01
C MET K 105 38.20 -30.86 -61.61
N ALA K 106 38.17 -29.61 -61.15
CA ALA K 106 37.27 -28.63 -61.76
C ALA K 106 37.73 -28.30 -63.18
N LYS K 107 39.01 -28.01 -63.33
CA LYS K 107 39.51 -27.60 -64.62
C LYS K 107 39.98 -28.78 -65.47
N ALA K 108 40.15 -29.97 -64.87
CA ALA K 108 40.48 -31.17 -65.62
C ALA K 108 39.25 -31.99 -66.01
N GLU K 109 38.22 -32.02 -65.16
CA GLU K 109 36.90 -32.41 -65.65
C GLU K 109 36.35 -31.39 -66.62
N TYR K 110 36.76 -30.12 -66.46
CA TYR K 110 36.53 -29.13 -67.50
C TYR K 110 37.43 -29.34 -68.71
N LEU K 111 38.55 -30.06 -68.54
CA LEU K 111 39.29 -30.52 -69.71
C LEU K 111 38.58 -31.68 -70.38
N CYS K 112 37.89 -32.50 -69.60
CA CYS K 112 37.02 -33.51 -70.19
C CYS K 112 35.86 -32.86 -70.92
N ARG K 113 35.43 -31.68 -70.45
CA ARG K 113 34.53 -30.85 -71.23
C ARG K 113 35.23 -30.33 -72.48
N ILE K 114 36.49 -29.93 -72.34
CA ILE K 114 37.26 -29.41 -73.47
C ILE K 114 37.61 -30.53 -74.43
N GLY K 115 38.14 -31.64 -73.91
CA GLY K 115 38.65 -32.70 -74.73
C GLY K 115 37.80 -33.95 -74.67
N ASP K 116 38.43 -35.07 -74.95
CA ASP K 116 37.74 -36.35 -75.00
C ASP K 116 37.82 -37.05 -73.65
N LYS K 117 37.56 -38.36 -73.65
CA LYS K 117 37.69 -39.24 -72.50
C LYS K 117 39.11 -39.37 -71.97
N GLU K 118 40.13 -38.85 -72.67
CA GLU K 118 41.42 -38.66 -72.02
C GLU K 118 41.29 -37.64 -70.89
N GLY K 119 40.50 -36.59 -71.11
CA GLY K 119 40.19 -35.68 -70.02
C GLY K 119 39.38 -36.35 -68.92
N ALA K 120 38.62 -37.38 -69.28
CA ALA K 120 37.91 -38.16 -68.27
C ALA K 120 38.88 -38.98 -67.43
N LEU K 121 39.75 -39.76 -68.07
CA LEU K 121 40.63 -40.64 -67.30
C LEU K 121 41.68 -39.85 -66.53
N THR K 122 42.13 -38.71 -67.06
CA THR K 122 42.97 -37.85 -66.24
C THR K 122 42.16 -37.05 -65.24
N ALA K 123 40.84 -37.00 -65.40
CA ALA K 123 40.00 -36.25 -64.49
C ALA K 123 39.22 -37.15 -63.55
N PHE K 124 38.37 -38.01 -64.10
CA PHE K 124 37.38 -38.73 -63.29
C PHE K 124 38.05 -39.73 -62.39
N ARG K 125 38.78 -40.67 -62.99
CA ARG K 125 39.51 -41.70 -62.26
C ARG K 125 40.58 -41.12 -61.35
N LYS K 126 41.06 -39.92 -61.63
CA LYS K 126 42.04 -39.31 -60.75
C LYS K 126 41.39 -38.79 -59.47
N THR K 127 40.30 -38.04 -59.58
CA THR K 127 39.59 -37.55 -58.40
C THR K 127 38.56 -38.55 -57.89
N TYR K 128 38.66 -39.82 -58.31
CA TYR K 128 37.65 -40.81 -57.98
C TYR K 128 37.84 -41.38 -56.58
N ASP K 129 39.08 -41.45 -56.12
CA ASP K 129 39.36 -42.30 -54.97
C ASP K 129 39.37 -41.51 -53.68
N LYS K 130 40.03 -40.35 -53.68
CA LYS K 130 40.17 -39.56 -52.48
C LYS K 130 39.06 -38.51 -52.37
N THR K 131 37.87 -38.88 -52.84
CA THR K 131 36.65 -38.17 -52.50
C THR K 131 36.46 -38.14 -50.99
N VAL K 132 36.42 -36.95 -50.42
CA VAL K 132 36.35 -36.80 -48.96
C VAL K 132 35.10 -36.09 -48.48
N ALA K 133 34.42 -35.31 -49.31
CA ALA K 133 33.27 -34.55 -48.84
C ALA K 133 32.10 -34.82 -49.78
N LEU K 134 31.05 -34.04 -49.61
CA LEU K 134 29.84 -34.24 -50.40
C LEU K 134 29.98 -33.66 -51.80
N GLY K 135 30.53 -32.45 -51.93
CA GLY K 135 30.70 -31.82 -53.22
C GLY K 135 31.82 -32.49 -53.97
N HIS K 136 32.76 -33.08 -53.22
CA HIS K 136 33.78 -33.96 -53.76
C HIS K 136 33.23 -35.33 -54.13
N ARG K 137 31.93 -35.56 -53.98
CA ARG K 137 31.20 -36.66 -54.59
C ARG K 137 30.02 -36.19 -55.41
N LEU K 138 29.51 -34.99 -55.12
CA LEU K 138 28.43 -34.42 -55.91
C LEU K 138 28.92 -34.06 -57.29
N ASP K 139 30.14 -33.52 -57.37
CA ASP K 139 30.73 -33.22 -58.66
C ASP K 139 31.20 -34.48 -59.36
N ILE K 140 31.50 -35.52 -58.59
CA ILE K 140 31.77 -36.83 -59.17
C ILE K 140 30.55 -37.34 -59.91
N VAL K 141 29.45 -37.50 -59.17
CA VAL K 141 28.27 -38.15 -59.73
C VAL K 141 27.61 -37.27 -60.77
N PHE K 142 27.52 -35.95 -60.51
CA PHE K 142 26.94 -35.05 -61.51
C PHE K 142 27.86 -34.93 -62.72
N TYR K 143 29.15 -34.78 -62.48
CA TYR K 143 30.07 -34.55 -63.57
C TYR K 143 30.46 -35.83 -64.30
N LEU K 144 29.91 -36.98 -63.90
CA LEU K 144 29.84 -38.14 -64.77
C LEU K 144 28.46 -38.33 -65.41
N LEU K 145 27.40 -37.89 -64.71
CA LEU K 145 26.07 -37.88 -65.30
C LEU K 145 25.99 -37.01 -66.54
N ARG K 146 26.79 -35.95 -66.59
CA ARG K 146 26.84 -35.12 -67.78
C ARG K 146 27.37 -35.92 -68.97
N ILE K 147 28.51 -36.59 -68.82
CA ILE K 147 29.12 -37.25 -69.97
C ILE K 147 28.40 -38.55 -70.31
N GLY K 148 27.83 -39.23 -69.31
CA GLY K 148 26.98 -40.37 -69.60
C GLY K 148 25.70 -39.97 -70.28
N LEU K 149 25.23 -38.75 -70.01
CA LEU K 149 24.09 -38.23 -70.75
C LEU K 149 24.46 -37.82 -72.17
N PHE K 150 25.66 -37.24 -72.35
CA PHE K 150 26.11 -36.74 -73.64
C PHE K 150 26.29 -37.89 -74.61
N TYR K 151 26.77 -39.00 -74.10
CA TYR K 151 26.95 -40.18 -74.91
C TYR K 151 25.77 -41.11 -74.66
N MET K 152 25.79 -42.28 -75.29
CA MET K 152 24.74 -43.27 -75.12
C MET K 152 25.04 -44.23 -73.98
N ASP K 153 25.83 -43.79 -73.01
CA ASP K 153 26.32 -44.64 -71.95
C ASP K 153 25.27 -44.83 -70.88
N ASN K 154 25.22 -46.04 -70.33
CA ASN K 154 24.22 -46.40 -69.36
C ASN K 154 24.82 -46.73 -68.01
N ASP K 155 26.02 -47.30 -67.98
CA ASP K 155 26.65 -47.63 -66.71
C ASP K 155 27.11 -46.39 -65.98
N LEU K 156 27.44 -45.34 -66.73
CA LEU K 156 27.83 -44.08 -66.13
C LEU K 156 26.66 -43.50 -65.36
N ILE K 157 25.60 -43.12 -66.07
CA ILE K 157 24.48 -42.38 -65.49
C ILE K 157 23.67 -43.21 -64.50
N THR K 158 23.61 -44.53 -64.66
CA THR K 158 22.96 -45.34 -63.65
C THR K 158 23.85 -45.62 -62.46
N ARG K 159 25.11 -45.93 -62.70
CA ARG K 159 25.90 -46.49 -61.63
C ARG K 159 26.56 -45.43 -60.77
N ASN K 160 26.85 -44.24 -61.33
CA ASN K 160 27.28 -43.15 -60.45
C ASN K 160 26.16 -42.70 -59.54
N THR K 161 24.92 -42.73 -60.04
CA THR K 161 23.78 -42.43 -59.20
C THR K 161 23.51 -43.53 -58.21
N GLU K 162 23.89 -44.76 -58.55
CA GLU K 162 23.87 -45.82 -57.55
C GLU K 162 24.87 -45.53 -56.45
N LYS K 163 26.04 -45.00 -56.82
CA LYS K 163 27.01 -44.55 -55.83
C LYS K 163 26.46 -43.41 -54.99
N ALA K 164 25.77 -42.47 -55.63
CA ALA K 164 25.19 -41.33 -54.92
C ALA K 164 24.09 -41.77 -53.97
N LYS K 165 23.34 -42.80 -54.36
CA LYS K 165 22.40 -43.40 -53.43
C LYS K 165 23.12 -44.05 -52.27
N SER K 166 24.29 -44.62 -52.52
CA SER K 166 25.07 -45.13 -51.41
C SER K 166 25.83 -44.02 -50.71
N LEU K 167 26.74 -43.36 -51.42
CA LEU K 167 27.77 -42.54 -50.79
C LEU K 167 27.23 -41.20 -50.33
N ILE K 168 26.59 -40.46 -51.24
CA ILE K 168 26.28 -39.05 -51.01
C ILE K 168 25.21 -38.90 -49.95
N GLU K 169 24.25 -39.82 -49.89
CA GLU K 169 23.07 -39.58 -49.08
C GLU K 169 23.32 -39.69 -47.59
N GLU K 170 23.44 -40.93 -47.11
CA GLU K 170 23.19 -41.26 -45.71
C GLU K 170 21.95 -40.51 -45.20
N GLY K 171 20.85 -40.62 -45.94
CA GLY K 171 19.71 -39.75 -45.74
C GLY K 171 19.73 -38.51 -46.64
N GLY K 172 20.85 -37.79 -46.67
CA GLY K 172 21.08 -36.75 -47.65
C GLY K 172 20.26 -35.49 -47.50
N ASP K 173 20.65 -34.52 -48.32
CA ASP K 173 19.97 -33.24 -48.45
C ASP K 173 18.65 -33.44 -49.13
N TRP K 174 17.70 -32.60 -48.78
CA TRP K 174 16.44 -32.60 -49.48
C TRP K 174 16.59 -32.11 -50.91
N ASP K 175 17.43 -31.12 -51.16
CA ASP K 175 17.52 -30.51 -52.48
C ASP K 175 18.23 -31.39 -53.49
N ARG K 176 19.48 -31.75 -53.23
CA ARG K 176 20.29 -32.42 -54.24
C ARG K 176 19.82 -33.84 -54.51
N ARG K 177 19.13 -34.46 -53.56
CA ARG K 177 18.54 -35.76 -53.86
C ARG K 177 17.36 -35.62 -54.80
N ASN K 178 16.64 -34.50 -54.72
CA ASN K 178 15.65 -34.21 -55.74
C ASN K 178 16.32 -33.92 -57.07
N ARG K 179 17.56 -33.40 -57.05
CA ARG K 179 18.31 -33.25 -58.29
C ARG K 179 18.66 -34.63 -58.86
N LEU K 180 19.01 -35.58 -58.00
CA LEU K 180 19.15 -36.97 -58.42
C LEU K 180 17.87 -37.53 -59.01
N LYS K 181 16.72 -37.15 -58.43
CA LYS K 181 15.44 -37.52 -59.01
C LYS K 181 15.26 -36.91 -60.39
N VAL K 182 15.87 -35.74 -60.62
CA VAL K 182 15.76 -35.11 -61.94
C VAL K 182 16.61 -35.88 -62.95
N TYR K 183 17.83 -36.26 -62.57
CA TYR K 183 18.69 -37.01 -63.49
C TYR K 183 18.13 -38.40 -63.78
N GLN K 184 17.61 -39.07 -62.75
CA GLN K 184 16.95 -40.35 -62.94
C GLN K 184 15.68 -40.21 -63.76
N GLY K 185 15.02 -39.05 -63.65
CA GLY K 185 13.89 -38.78 -64.53
C GLY K 185 14.31 -38.58 -65.97
N LEU K 186 15.51 -38.04 -66.18
CA LEU K 186 16.05 -37.95 -67.53
C LEU K 186 16.40 -39.31 -68.09
N TYR K 187 16.82 -40.25 -67.26
CA TYR K 187 16.96 -41.60 -67.80
C TYR K 187 15.59 -42.24 -68.04
N CYS K 188 14.64 -42.00 -67.15
CA CYS K 188 13.31 -42.58 -67.30
C CYS K 188 12.49 -41.91 -68.39
N VAL K 189 13.01 -40.85 -69.00
CA VAL K 189 12.45 -40.35 -70.26
C VAL K 189 13.37 -40.69 -71.43
N ALA K 190 14.63 -41.05 -71.16
CA ALA K 190 15.44 -41.67 -72.19
C ALA K 190 14.90 -43.05 -72.53
N ILE K 191 14.88 -43.95 -71.55
CA ILE K 191 14.05 -45.14 -71.66
C ILE K 191 12.59 -44.73 -71.52
N ARG K 192 11.68 -45.54 -72.05
CA ARG K 192 10.26 -45.25 -71.91
C ARG K 192 9.72 -45.80 -70.60
N ASP K 193 10.10 -45.11 -69.52
CA ASP K 193 9.63 -45.42 -68.17
C ASP K 193 8.65 -44.33 -67.78
N PHE K 194 7.37 -44.59 -68.00
CA PHE K 194 6.38 -43.52 -68.02
C PHE K 194 6.05 -43.02 -66.62
N LYS K 195 5.77 -43.94 -65.70
CA LYS K 195 5.39 -43.52 -64.35
C LYS K 195 6.57 -42.89 -63.62
N GLN K 196 7.80 -43.28 -63.99
CA GLN K 196 8.93 -42.75 -63.25
C GLN K 196 9.41 -41.45 -63.83
N ALA K 197 9.13 -41.19 -65.09
CA ALA K 197 9.42 -39.87 -65.64
C ALA K 197 8.51 -38.82 -65.02
N ALA K 198 7.20 -39.00 -65.19
CA ALA K 198 6.24 -38.01 -64.68
C ALA K 198 6.21 -38.00 -63.16
N GLU K 199 6.40 -39.16 -62.53
CA GLU K 199 6.43 -39.22 -61.08
C GLU K 199 7.70 -38.61 -60.54
N LEU K 200 8.81 -38.83 -61.22
CA LEU K 200 10.05 -38.19 -60.81
C LEU K 200 10.09 -36.71 -61.16
N PHE K 201 9.19 -36.24 -62.02
CA PHE K 201 9.09 -34.82 -62.32
C PHE K 201 7.97 -34.15 -61.54
N LEU K 202 7.72 -34.60 -60.32
CA LEU K 202 6.51 -34.18 -59.63
C LEU K 202 6.70 -32.84 -58.95
N ASP K 203 7.91 -32.56 -58.47
CA ASP K 203 8.14 -31.39 -57.63
C ASP K 203 8.02 -30.09 -58.41
N THR K 204 8.90 -29.90 -59.41
CA THR K 204 9.04 -28.67 -60.20
C THR K 204 9.20 -27.44 -59.30
N VAL K 205 9.90 -27.62 -58.18
CA VAL K 205 10.03 -26.55 -57.19
C VAL K 205 11.50 -26.17 -57.05
N SER K 206 12.35 -27.15 -56.78
CA SER K 206 13.76 -26.91 -56.50
C SER K 206 14.61 -26.86 -57.76
N THR K 207 13.98 -26.80 -58.93
CA THR K 207 14.68 -26.92 -60.20
C THR K 207 14.36 -25.76 -61.14
N PHE K 208 14.51 -24.51 -60.66
CA PHE K 208 14.19 -23.35 -61.48
C PHE K 208 15.09 -23.27 -62.71
N THR K 209 16.37 -22.99 -62.49
CA THR K 209 17.38 -23.05 -63.53
C THR K 209 18.71 -23.22 -62.81
N SER K 210 19.22 -24.44 -62.80
CA SER K 210 20.51 -24.69 -62.19
C SER K 210 21.58 -24.58 -63.27
N TYR K 211 22.83 -24.89 -62.93
CA TYR K 211 23.86 -25.03 -63.93
C TYR K 211 23.72 -26.32 -64.73
N GLU K 212 22.82 -27.19 -64.30
CA GLU K 212 22.44 -28.40 -65.01
C GLU K 212 21.25 -28.19 -65.93
N LEU K 213 20.56 -27.07 -65.81
CA LEU K 213 19.28 -26.83 -66.48
C LEU K 213 19.49 -25.72 -67.50
N MET K 214 19.76 -26.09 -68.74
CA MET K 214 19.94 -25.05 -69.75
C MET K 214 18.60 -24.44 -70.16
N ASP K 215 17.50 -25.15 -69.93
CA ASP K 215 16.18 -24.59 -70.12
C ASP K 215 15.23 -25.29 -69.18
N TYR K 216 14.53 -24.51 -68.37
CA TYR K 216 13.43 -25.06 -67.61
C TYR K 216 12.24 -25.38 -68.49
N LYS K 217 12.07 -24.65 -69.60
CA LYS K 217 10.95 -24.95 -70.49
C LYS K 217 11.14 -26.28 -71.19
N THR K 218 12.38 -26.70 -71.42
CA THR K 218 12.61 -28.06 -71.88
C THR K 218 12.18 -29.07 -70.84
N PHE K 219 12.38 -28.76 -69.55
CA PHE K 219 11.87 -29.61 -68.49
C PHE K 219 10.35 -29.62 -68.49
N VAL K 220 9.73 -28.50 -68.88
CA VAL K 220 8.27 -28.46 -69.00
C VAL K 220 7.81 -29.37 -70.14
N THR K 221 8.57 -29.37 -71.25
CA THR K 221 8.28 -30.32 -72.31
C THR K 221 8.49 -31.75 -71.85
N TYR K 222 9.50 -31.95 -71.01
CA TYR K 222 9.84 -33.30 -70.56
C TYR K 222 8.79 -33.85 -69.62
N THR K 223 8.15 -33.00 -68.83
CA THR K 223 7.07 -33.53 -68.01
C THR K 223 5.76 -33.62 -68.78
N VAL K 224 5.55 -32.77 -69.79
CA VAL K 224 4.27 -32.85 -70.48
C VAL K 224 4.25 -34.05 -71.43
N TYR K 225 5.40 -34.38 -72.03
CA TYR K 225 5.48 -35.43 -73.04
C TYR K 225 5.31 -36.81 -72.46
N VAL K 226 5.38 -36.93 -71.14
CA VAL K 226 5.09 -38.20 -70.47
C VAL K 226 3.84 -38.12 -69.62
N SER K 227 3.44 -36.92 -69.15
CA SER K 227 2.14 -36.79 -68.51
C SER K 227 1.01 -36.79 -69.54
N MET K 228 1.35 -36.84 -70.83
CA MET K 228 0.32 -37.14 -71.82
C MET K 228 0.15 -38.64 -72.04
N ILE K 229 0.93 -39.48 -71.34
CA ILE K 229 0.66 -40.91 -71.39
C ILE K 229 0.28 -41.42 -70.01
N ALA K 230 1.20 -41.30 -69.06
CA ALA K 230 1.07 -42.07 -67.82
C ALA K 230 0.00 -41.49 -66.91
N LEU K 231 -0.43 -40.27 -67.18
CA LEU K 231 -1.29 -39.56 -66.26
C LEU K 231 -2.74 -39.97 -66.48
N GLU K 232 -3.40 -40.44 -65.43
CA GLU K 232 -4.82 -40.75 -65.48
C GLU K 232 -5.61 -39.44 -65.60
N ARG K 233 -6.85 -39.55 -66.06
CA ARG K 233 -7.73 -38.39 -66.24
C ARG K 233 -8.05 -37.63 -64.94
N PRO K 234 -8.41 -38.26 -63.82
CA PRO K 234 -8.49 -37.47 -62.57
C PRO K 234 -7.14 -36.99 -62.11
N ASP K 235 -6.09 -37.73 -62.46
CA ASP K 235 -4.76 -37.23 -62.22
C ASP K 235 -4.41 -36.14 -63.21
N LEU K 236 -5.01 -36.17 -64.42
CA LEU K 236 -4.80 -35.10 -65.39
C LEU K 236 -5.37 -33.79 -64.88
N ARG K 237 -6.62 -33.80 -64.43
CA ARG K 237 -7.15 -32.58 -63.83
C ARG K 237 -6.49 -32.29 -62.50
N GLU K 238 -5.95 -33.32 -61.84
CA GLU K 238 -5.22 -33.07 -60.60
C GLU K 238 -3.90 -32.35 -60.87
N LYS K 239 -3.30 -32.56 -62.03
CA LYS K 239 -2.04 -31.90 -62.32
C LYS K 239 -2.21 -30.61 -63.10
N VAL K 240 -2.78 -30.69 -64.29
CA VAL K 240 -2.76 -29.58 -65.20
C VAL K 240 -3.88 -28.59 -64.90
N ILE K 241 -4.80 -28.97 -64.02
CA ILE K 241 -5.93 -28.13 -63.67
C ILE K 241 -5.93 -27.78 -62.19
N LYS K 242 -5.75 -28.78 -61.33
CA LYS K 242 -5.61 -28.47 -59.90
C LYS K 242 -4.25 -27.86 -59.57
N GLY K 243 -3.23 -28.09 -60.38
CA GLY K 243 -1.94 -27.49 -60.12
C GLY K 243 -1.67 -26.39 -61.12
N ALA K 244 -1.36 -25.20 -60.60
CA ALA K 244 -1.14 -24.05 -61.45
C ALA K 244 0.33 -23.66 -61.56
N GLU K 245 1.19 -24.22 -60.71
CA GLU K 245 2.62 -23.91 -60.70
C GLU K 245 3.31 -24.28 -62.02
N ILE K 246 2.77 -25.23 -62.77
CA ILE K 246 3.32 -25.54 -64.08
C ILE K 246 2.54 -24.83 -65.18
N LEU K 247 1.32 -24.40 -64.89
CA LEU K 247 0.42 -23.82 -65.87
C LEU K 247 0.95 -22.55 -66.50
N GLU K 248 1.58 -21.68 -65.72
CA GLU K 248 1.99 -20.39 -66.26
C GLU K 248 3.21 -20.51 -67.16
N VAL K 249 4.12 -21.45 -66.84
CA VAL K 249 5.25 -21.62 -67.73
C VAL K 249 4.91 -22.45 -68.95
N LEU K 250 3.70 -23.01 -69.01
CA LEU K 250 3.14 -23.52 -70.25
C LEU K 250 1.97 -22.66 -70.71
N HIS K 251 1.63 -21.62 -69.97
CA HIS K 251 0.75 -20.61 -70.50
C HIS K 251 1.44 -19.81 -71.60
N SER K 252 2.76 -19.74 -71.58
CA SER K 252 3.54 -19.29 -72.71
C SER K 252 3.61 -20.31 -73.84
N LEU K 253 3.16 -21.55 -73.60
CA LEU K 253 3.09 -22.59 -74.62
C LEU K 253 1.64 -22.96 -74.82
N PRO K 254 0.85 -22.10 -75.47
CA PRO K 254 -0.60 -22.27 -75.42
C PRO K 254 -1.11 -23.39 -76.32
N ALA K 255 -0.33 -23.81 -77.31
CA ALA K 255 -0.73 -24.95 -78.10
C ALA K 255 -0.56 -26.24 -77.35
N VAL K 256 0.44 -26.29 -76.47
CA VAL K 256 0.61 -27.43 -75.59
C VAL K 256 -0.56 -27.50 -74.61
N ARG K 257 -0.88 -26.36 -74.00
CA ARG K 257 -1.99 -26.27 -73.06
C ARG K 257 -3.31 -26.56 -73.74
N GLN K 258 -3.43 -26.14 -75.00
CA GLN K 258 -4.60 -26.47 -75.81
C GLN K 258 -4.67 -27.97 -76.08
N TYR K 259 -3.52 -28.60 -76.30
CA TYR K 259 -3.51 -30.03 -76.53
C TYR K 259 -3.89 -30.80 -75.28
N LEU K 260 -3.54 -30.27 -74.12
CA LEU K 260 -3.91 -30.94 -72.89
C LEU K 260 -5.38 -30.76 -72.55
N PHE K 261 -5.91 -29.56 -72.75
CA PHE K 261 -7.31 -29.35 -72.43
C PHE K 261 -8.21 -30.00 -73.47
N SER K 262 -7.76 -30.03 -74.71
CA SER K 262 -8.38 -30.85 -75.73
C SER K 262 -8.33 -32.31 -75.37
N LEU K 263 -7.20 -32.74 -74.81
CA LEU K 263 -7.05 -34.10 -74.33
C LEU K 263 -8.02 -34.38 -73.19
N TYR K 264 -8.33 -33.35 -72.41
CA TYR K 264 -9.39 -33.48 -71.44
C TYR K 264 -10.77 -33.45 -72.09
N GLU K 265 -10.88 -32.97 -73.33
CA GLU K 265 -12.15 -32.82 -73.99
C GLU K 265 -12.44 -33.92 -75.00
N CYS K 266 -11.38 -34.46 -75.62
CA CYS K 266 -11.43 -35.37 -76.77
C CYS K 266 -12.09 -34.70 -77.97
N ARG K 267 -11.39 -33.67 -78.45
CA ARG K 267 -11.54 -33.19 -79.82
C ARG K 267 -10.31 -33.64 -80.59
N TYR K 268 -10.52 -34.21 -81.76
CA TYR K 268 -9.48 -35.09 -82.29
C TYR K 268 -8.70 -34.52 -83.46
N SER K 269 -9.18 -33.46 -84.08
CA SER K 269 -8.43 -32.90 -85.18
C SER K 269 -7.23 -32.12 -84.68
N VAL K 270 -7.40 -31.38 -83.57
CA VAL K 270 -6.27 -30.71 -82.95
C VAL K 270 -5.34 -31.71 -82.29
N PHE K 271 -5.83 -32.93 -81.98
CA PHE K 271 -4.91 -33.99 -81.61
C PHE K 271 -3.99 -34.33 -82.76
N PHE K 272 -4.53 -34.34 -83.97
CA PHE K 272 -3.74 -34.67 -85.14
C PHE K 272 -2.74 -33.57 -85.42
N GLN K 273 -3.21 -32.32 -85.31
CA GLN K 273 -2.39 -31.15 -85.55
C GLN K 273 -1.25 -31.06 -84.56
N SER K 274 -1.59 -30.82 -83.31
CA SER K 274 -0.57 -30.55 -82.31
C SER K 274 0.18 -31.81 -81.91
N LEU K 275 -0.45 -32.99 -82.04
CA LEU K 275 0.31 -34.21 -81.87
C LEU K 275 1.29 -34.40 -83.01
N ALA K 276 0.94 -33.95 -84.22
CA ALA K 276 1.90 -34.01 -85.31
C ALA K 276 3.03 -33.03 -85.09
N VAL K 277 2.73 -31.87 -84.48
CA VAL K 277 3.77 -30.91 -84.14
C VAL K 277 4.68 -31.47 -83.06
N VAL K 278 4.08 -32.11 -82.05
CA VAL K 278 4.82 -32.79 -81.00
C VAL K 278 5.67 -33.91 -81.59
N GLU K 279 5.19 -34.52 -82.66
CA GLU K 279 5.99 -35.50 -83.37
C GLU K 279 7.13 -34.83 -84.14
N GLN K 280 6.94 -33.61 -84.63
CA GLN K 280 8.02 -32.91 -85.30
C GLN K 280 9.13 -32.55 -84.31
N GLU K 281 8.75 -32.13 -83.11
CA GLU K 281 9.73 -31.96 -82.06
C GLU K 281 10.35 -33.27 -81.63
N MET K 282 9.55 -34.32 -81.58
CA MET K 282 9.96 -35.65 -81.15
C MET K 282 10.99 -36.27 -82.07
N LYS K 283 10.89 -36.00 -83.38
CA LYS K 283 11.99 -36.27 -84.28
C LYS K 283 13.24 -35.52 -83.86
N LYS K 284 13.09 -34.24 -83.51
CA LYS K 284 14.22 -33.33 -83.39
C LYS K 284 14.69 -33.17 -81.96
N ASP K 285 14.50 -34.18 -81.12
CA ASP K 285 14.96 -34.13 -79.75
C ASP K 285 15.57 -35.47 -79.37
N TRP K 286 16.73 -35.42 -78.71
CA TRP K 286 17.49 -36.60 -78.37
C TRP K 286 16.79 -37.39 -77.27
N LEU K 287 17.38 -38.56 -76.99
CA LEU K 287 16.87 -39.54 -76.01
C LEU K 287 15.47 -40.07 -76.35
N PHE K 288 15.05 -39.88 -77.60
CA PHE K 288 13.74 -40.34 -78.05
C PHE K 288 13.84 -41.29 -79.24
N ALA K 289 14.76 -40.99 -80.15
CA ALA K 289 15.00 -41.75 -81.36
C ALA K 289 14.96 -43.27 -81.22
N PRO K 290 15.43 -43.92 -80.14
CA PRO K 290 15.19 -45.36 -80.02
C PRO K 290 13.84 -45.71 -79.44
N HIS K 291 12.95 -44.75 -79.26
CA HIS K 291 11.83 -44.95 -78.38
C HIS K 291 10.51 -44.40 -78.90
N TYR K 292 10.52 -43.48 -79.86
CA TYR K 292 9.30 -42.76 -80.16
C TYR K 292 8.40 -43.49 -81.14
N ARG K 293 8.89 -44.61 -81.70
CA ARG K 293 8.02 -45.54 -82.43
C ARG K 293 6.87 -46.02 -81.56
N TYR K 294 7.13 -46.29 -80.29
CA TYR K 294 6.07 -46.68 -79.38
C TYR K 294 5.10 -45.54 -79.12
N TYR K 295 5.55 -44.30 -79.33
CA TYR K 295 4.89 -43.15 -78.72
C TYR K 295 3.50 -42.91 -79.30
N VAL K 296 3.46 -42.60 -80.60
CA VAL K 296 2.35 -41.88 -81.22
C VAL K 296 1.07 -42.68 -81.13
N ARG K 297 1.11 -43.91 -81.66
CA ARG K 297 -0.02 -44.82 -81.65
C ARG K 297 -0.48 -45.13 -80.24
N GLU K 298 0.44 -45.22 -79.28
CA GLU K 298 0.04 -45.40 -77.90
C GLU K 298 -0.70 -44.16 -77.41
N MET K 299 -0.15 -42.99 -77.75
CA MET K 299 -0.88 -41.72 -77.63
C MET K 299 -2.27 -41.83 -78.19
N ARG K 300 -2.37 -42.39 -79.39
CA ARG K 300 -3.65 -42.47 -80.07
C ARG K 300 -4.56 -43.46 -79.36
N ILE K 301 -4.01 -44.54 -78.83
CA ILE K 301 -4.92 -45.45 -78.16
C ILE K 301 -5.24 -44.90 -76.79
N HIS K 302 -4.37 -44.02 -76.27
CA HIS K 302 -4.67 -43.27 -75.07
C HIS K 302 -5.85 -42.34 -75.30
N ALA K 303 -6.07 -41.95 -76.57
CA ALA K 303 -7.28 -41.24 -76.93
C ALA K 303 -8.39 -42.20 -77.33
N TYR K 304 -8.05 -43.37 -77.87
CA TYR K 304 -9.09 -44.17 -78.51
C TYR K 304 -9.96 -44.88 -77.51
N SER K 305 -9.35 -45.32 -76.40
CA SER K 305 -10.05 -46.11 -75.40
C SER K 305 -11.17 -45.33 -74.75
N GLN K 306 -10.89 -44.10 -74.34
CA GLN K 306 -11.95 -43.24 -73.82
C GLN K 306 -12.93 -42.87 -74.93
N LEU K 307 -12.43 -42.78 -76.17
CA LEU K 307 -13.30 -42.76 -77.33
C LEU K 307 -14.23 -43.97 -77.34
N LEU K 308 -13.65 -45.16 -77.15
CA LEU K 308 -14.48 -46.34 -76.99
C LEU K 308 -15.27 -46.33 -75.70
N GLU K 309 -14.81 -45.58 -74.70
CA GLU K 309 -15.62 -45.45 -73.50
C GLU K 309 -16.77 -44.47 -73.71
N SER K 310 -16.78 -43.77 -74.85
CA SER K 310 -17.85 -42.88 -75.27
C SER K 310 -19.19 -43.61 -75.29
N TYR K 311 -19.32 -44.59 -76.17
CA TYR K 311 -20.45 -45.50 -76.15
C TYR K 311 -20.09 -46.75 -76.93
N ARG K 312 -21.10 -47.56 -77.23
CA ARG K 312 -20.87 -48.86 -77.84
C ARG K 312 -20.98 -48.85 -79.35
N SER K 313 -22.17 -48.68 -79.91
CA SER K 313 -22.32 -48.92 -81.36
C SER K 313 -22.01 -47.65 -82.14
N LEU K 314 -20.73 -47.52 -82.42
CA LEU K 314 -20.16 -46.34 -83.06
C LEU K 314 -20.12 -46.54 -84.57
N THR K 315 -20.27 -45.44 -85.30
CA THR K 315 -19.99 -45.46 -86.72
C THR K 315 -18.70 -44.68 -86.95
N LEU K 316 -18.06 -44.95 -88.09
CA LEU K 316 -16.80 -44.29 -88.39
C LEU K 316 -16.99 -42.91 -88.98
N GLY K 317 -18.18 -42.61 -89.51
CA GLY K 317 -18.43 -41.32 -90.10
C GLY K 317 -18.51 -40.27 -89.02
N TYR K 318 -19.17 -40.62 -87.91
CA TYR K 318 -19.12 -39.81 -86.70
C TYR K 318 -17.70 -39.66 -86.20
N MET K 319 -16.90 -40.69 -86.38
CA MET K 319 -15.47 -40.60 -86.14
C MET K 319 -14.73 -39.85 -87.21
N ALA K 320 -15.09 -40.03 -88.50
CA ALA K 320 -14.44 -39.30 -89.58
C ALA K 320 -14.73 -37.81 -89.54
N GLU K 321 -15.77 -37.40 -88.80
CA GLU K 321 -15.90 -36.00 -88.41
C GLU K 321 -14.69 -35.55 -87.63
N ALA K 322 -14.26 -36.35 -86.67
CA ALA K 322 -13.07 -36.03 -85.92
C ALA K 322 -11.82 -36.60 -86.55
N PHE K 323 -11.95 -37.43 -87.59
CA PHE K 323 -10.80 -38.08 -88.19
C PHE K 323 -10.47 -37.61 -89.60
N GLY K 324 -11.45 -37.13 -90.35
CA GLY K 324 -11.20 -36.84 -91.74
C GLY K 324 -11.60 -38.00 -92.61
N VAL K 325 -10.63 -38.81 -93.04
CA VAL K 325 -10.92 -39.91 -93.95
C VAL K 325 -10.60 -41.19 -93.20
N GLY K 326 -10.81 -41.18 -91.89
CA GLY K 326 -10.49 -42.32 -91.06
C GLY K 326 -11.45 -43.48 -91.27
N VAL K 327 -11.35 -44.11 -92.45
CA VAL K 327 -12.28 -45.13 -92.88
C VAL K 327 -11.46 -46.38 -93.13
N GLU K 328 -10.52 -46.25 -94.06
CA GLU K 328 -9.46 -47.22 -94.28
C GLU K 328 -8.21 -46.86 -93.51
N PHE K 329 -8.17 -45.67 -92.93
CA PHE K 329 -7.10 -45.33 -92.00
C PHE K 329 -7.23 -46.19 -90.76
N ILE K 330 -8.46 -46.28 -90.25
CA ILE K 330 -8.76 -47.10 -89.09
C ILE K 330 -8.85 -48.58 -89.42
N ASP K 331 -8.77 -48.92 -90.71
CA ASP K 331 -8.64 -50.31 -91.11
C ASP K 331 -7.33 -50.85 -90.60
N GLN K 332 -6.22 -50.32 -91.09
CA GLN K 332 -4.92 -50.77 -90.63
C GLN K 332 -4.64 -50.29 -89.22
N GLU K 333 -5.19 -49.11 -88.87
CA GLU K 333 -4.92 -48.54 -87.56
C GLU K 333 -5.60 -49.35 -86.49
N LEU K 334 -6.92 -49.44 -86.56
CA LEU K 334 -7.67 -50.17 -85.56
C LEU K 334 -7.50 -51.67 -85.70
N SER K 335 -7.30 -52.17 -86.91
CA SER K 335 -7.11 -53.61 -87.06
C SER K 335 -5.76 -54.03 -86.52
N ARG K 336 -4.75 -53.18 -86.68
CA ARG K 336 -3.49 -53.47 -86.00
C ARG K 336 -3.56 -53.23 -84.52
N PHE K 337 -4.39 -52.30 -84.06
CA PHE K 337 -4.47 -52.07 -82.62
C PHE K 337 -5.20 -53.20 -81.92
N ILE K 338 -6.20 -53.78 -82.58
CA ILE K 338 -6.70 -55.06 -82.14
C ILE K 338 -5.61 -56.11 -82.24
N ALA K 339 -4.87 -56.10 -83.34
CA ALA K 339 -3.81 -57.06 -83.60
C ALA K 339 -2.56 -56.81 -82.75
N ALA K 340 -2.46 -55.65 -82.10
CA ALA K 340 -1.38 -55.41 -81.13
C ALA K 340 -1.76 -55.85 -79.74
N GLY K 341 -2.72 -56.79 -79.61
CA GLY K 341 -3.22 -57.23 -78.33
C GLY K 341 -4.00 -56.20 -77.55
N ARG K 342 -4.31 -55.07 -78.16
CA ARG K 342 -4.90 -53.93 -77.49
C ARG K 342 -6.30 -53.74 -78.01
N LEU K 343 -6.95 -52.68 -77.51
CA LEU K 343 -8.16 -52.09 -78.06
C LEU K 343 -9.29 -53.13 -78.13
N HIS K 344 -9.70 -53.52 -76.93
CA HIS K 344 -10.67 -54.59 -76.75
C HIS K 344 -12.02 -54.19 -77.31
N CYS K 345 -12.35 -54.73 -78.48
CA CYS K 345 -13.55 -54.34 -79.21
C CYS K 345 -13.84 -55.41 -80.24
N LYS K 346 -14.90 -55.16 -81.00
CA LYS K 346 -15.18 -55.86 -82.25
C LYS K 346 -15.59 -54.82 -83.27
N ILE K 347 -15.37 -55.13 -84.54
CA ILE K 347 -15.61 -54.17 -85.60
C ILE K 347 -16.25 -54.87 -86.79
N ASP K 348 -17.20 -54.18 -87.42
CA ASP K 348 -17.90 -54.64 -88.61
C ASP K 348 -17.78 -53.57 -89.68
N LYS K 349 -17.93 -54.00 -90.93
CA LYS K 349 -17.92 -53.07 -92.06
C LYS K 349 -19.27 -52.39 -92.25
N VAL K 350 -20.30 -53.19 -92.55
CA VAL K 350 -21.53 -52.63 -93.07
C VAL K 350 -22.60 -52.44 -92.00
N ASN K 351 -22.72 -53.35 -91.03
CA ASN K 351 -23.60 -53.09 -89.91
C ASN K 351 -22.88 -52.28 -88.85
N GLU K 352 -21.55 -52.38 -88.84
CA GLU K 352 -20.63 -51.44 -88.19
C GLU K 352 -20.82 -51.42 -86.67
N ILE K 353 -20.67 -52.59 -86.08
CA ILE K 353 -20.72 -52.74 -84.63
C ILE K 353 -19.38 -52.37 -84.03
N VAL K 354 -19.40 -51.53 -83.02
CA VAL K 354 -18.21 -51.30 -82.21
C VAL K 354 -18.55 -51.79 -80.81
N GLU K 355 -17.57 -52.37 -80.13
CA GLU K 355 -17.82 -53.07 -78.87
C GLU K 355 -16.98 -52.50 -77.74
N THR K 356 -17.63 -52.23 -76.61
CA THR K 356 -16.93 -52.03 -75.35
C THR K 356 -17.34 -53.13 -74.36
N ASN K 357 -16.35 -53.70 -73.68
CA ASN K 357 -16.60 -54.79 -72.73
C ASN K 357 -15.49 -54.96 -71.69
N ARG K 358 -14.80 -56.10 -71.76
CA ARG K 358 -13.71 -56.43 -70.86
C ARG K 358 -14.05 -56.33 -69.38
N PRO K 359 -15.16 -56.96 -68.96
CA PRO K 359 -15.55 -56.93 -67.55
C PRO K 359 -14.58 -57.81 -66.76
N ASP K 360 -13.76 -57.18 -65.92
CA ASP K 360 -12.75 -57.89 -65.13
C ASP K 360 -13.25 -59.15 -64.44
N SER K 361 -14.22 -59.02 -63.55
CA SER K 361 -14.74 -60.19 -62.86
C SER K 361 -15.26 -61.21 -63.87
N LYS K 362 -14.44 -61.50 -64.88
CA LYS K 362 -14.85 -62.42 -65.93
C LYS K 362 -13.95 -63.65 -65.98
N ASN K 363 -12.71 -63.53 -66.42
CA ASN K 363 -11.83 -64.70 -66.51
C ASN K 363 -10.39 -64.45 -66.12
N TRP K 364 -9.86 -63.27 -66.36
CA TRP K 364 -8.41 -63.13 -66.31
C TRP K 364 -7.95 -62.88 -64.90
N GLN K 365 -8.77 -62.14 -64.14
CA GLN K 365 -8.63 -62.08 -62.70
C GLN K 365 -8.72 -63.47 -62.07
N TYR K 366 -9.52 -64.34 -62.66
CA TYR K 366 -9.57 -65.74 -62.26
C TYR K 366 -8.39 -66.54 -62.79
N GLN K 367 -7.57 -65.96 -63.65
CA GLN K 367 -6.56 -66.73 -64.36
C GLN K 367 -5.15 -66.55 -63.83
N GLU K 368 -4.80 -65.29 -63.52
CA GLU K 368 -3.41 -64.90 -63.25
C GLU K 368 -2.75 -65.66 -62.11
N THR K 369 -3.55 -66.08 -61.12
CA THR K 369 -2.98 -66.76 -59.96
C THR K 369 -2.46 -68.14 -60.33
N ILE K 370 -3.16 -68.84 -61.23
CA ILE K 370 -2.62 -70.12 -61.65
C ILE K 370 -1.64 -69.92 -62.80
N LYS K 371 -1.69 -68.77 -63.48
CA LYS K 371 -0.60 -68.38 -64.37
C LYS K 371 0.71 -68.30 -63.61
N LYS K 372 0.68 -67.77 -62.40
CA LYS K 372 1.86 -67.81 -61.54
C LYS K 372 2.07 -69.22 -60.99
N GLY K 373 1.01 -69.83 -60.49
CA GLY K 373 1.11 -71.06 -59.75
C GLY K 373 1.01 -72.29 -60.61
N ASP K 374 1.51 -72.21 -61.84
CA ASP K 374 1.80 -73.40 -62.62
C ASP K 374 3.28 -73.53 -62.94
N LEU K 375 3.88 -72.48 -63.52
CA LEU K 375 5.33 -72.46 -63.66
C LEU K 375 5.99 -72.32 -62.29
N LEU K 376 5.32 -71.62 -61.37
CA LEU K 376 5.78 -71.58 -59.99
C LEU K 376 5.62 -72.94 -59.33
N LEU K 377 4.51 -73.62 -59.61
CA LEU K 377 4.21 -74.90 -58.98
C LEU K 377 5.16 -75.97 -59.46
N ASN K 378 5.32 -76.09 -60.77
CA ASN K 378 6.32 -76.99 -61.33
C ASN K 378 7.73 -76.53 -61.03
N ARG K 379 7.92 -75.23 -60.78
CA ARG K 379 9.25 -74.71 -60.56
C ARG K 379 9.78 -75.11 -59.19
N VAL K 380 9.08 -74.72 -58.13
CA VAL K 380 9.55 -75.08 -56.81
C VAL K 380 9.19 -76.53 -56.49
N GLN K 381 8.23 -77.09 -57.22
CA GLN K 381 8.03 -78.53 -57.18
C GLN K 381 9.23 -79.25 -57.76
N LYS K 382 9.80 -78.69 -58.83
CA LYS K 382 11.04 -79.20 -59.38
C LYS K 382 12.19 -79.00 -58.41
N LEU K 383 12.18 -77.89 -57.68
CA LEU K 383 13.09 -77.70 -56.56
C LEU K 383 12.80 -78.68 -55.43
N SER K 384 11.57 -79.18 -55.32
CA SER K 384 11.20 -80.13 -54.30
C SER K 384 11.58 -81.57 -54.64
N ARG K 385 12.28 -81.78 -55.73
CA ARG K 385 12.73 -83.11 -56.10
C ARG K 385 14.24 -83.20 -56.22
N VAL K 386 14.95 -82.06 -56.20
CA VAL K 386 16.42 -82.06 -56.14
C VAL K 386 16.91 -82.65 -54.82
N ILE K 387 16.09 -82.55 -53.77
CA ILE K 387 16.33 -83.25 -52.51
C ILE K 387 16.31 -84.76 -52.68
N ASN K 388 15.64 -85.26 -53.73
CA ASN K 388 15.47 -86.70 -53.85
C ASN K 388 16.56 -87.31 -54.72
N MET K 389 16.65 -86.89 -55.97
CA MET K 389 17.60 -87.49 -56.91
C MET K 389 18.04 -86.49 -57.98
N ALA L 5 -54.14 -75.38 -31.28
CA ALA L 5 -52.98 -74.54 -31.57
C ALA L 5 -51.76 -74.97 -30.74
N VAL L 6 -51.33 -76.21 -30.92
CA VAL L 6 -50.17 -76.77 -30.24
C VAL L 6 -49.20 -77.32 -31.28
N GLN L 7 -48.01 -76.76 -31.34
CA GLN L 7 -46.98 -77.23 -32.26
C GLN L 7 -46.09 -78.29 -31.63
N LYS L 8 -45.75 -78.13 -30.36
CA LYS L 8 -44.65 -78.89 -29.78
C LYS L 8 -44.75 -78.84 -28.27
N VAL L 9 -44.15 -79.83 -27.62
CA VAL L 9 -43.93 -79.79 -26.18
C VAL L 9 -42.46 -80.14 -25.91
N VAL L 10 -42.04 -79.95 -24.67
CA VAL L 10 -40.74 -80.38 -24.19
C VAL L 10 -40.95 -81.67 -23.42
N VAL L 11 -40.23 -82.71 -23.81
CA VAL L 11 -40.40 -84.03 -23.23
C VAL L 11 -39.16 -84.36 -22.42
N HIS L 12 -39.34 -84.51 -21.12
CA HIS L 12 -38.30 -85.09 -20.32
C HIS L 12 -38.44 -86.60 -20.32
N PRO L 13 -37.41 -87.33 -20.74
CA PRO L 13 -37.48 -88.80 -20.75
C PRO L 13 -37.38 -89.45 -19.38
N LEU L 14 -37.40 -88.65 -18.32
CA LEU L 14 -37.37 -89.15 -16.96
C LEU L 14 -38.61 -89.98 -16.65
N VAL L 15 -39.78 -89.36 -16.79
CA VAL L 15 -41.01 -90.11 -16.52
C VAL L 15 -41.36 -90.99 -17.71
N LEU L 16 -40.75 -90.77 -18.87
CA LEU L 16 -40.73 -91.79 -19.89
C LEU L 16 -39.96 -93.01 -19.43
N LEU L 17 -38.94 -92.83 -18.62
CA LEU L 17 -38.30 -93.98 -18.01
C LEU L 17 -39.19 -94.54 -16.90
N SER L 18 -40.09 -93.73 -16.36
CA SER L 18 -41.15 -94.32 -15.54
C SER L 18 -42.16 -95.08 -16.39
N VAL L 19 -42.28 -94.73 -17.68
CA VAL L 19 -43.05 -95.58 -18.58
C VAL L 19 -42.25 -96.83 -18.90
N VAL L 20 -40.93 -96.76 -18.75
CA VAL L 20 -40.10 -97.95 -18.94
C VAL L 20 -40.26 -98.90 -17.75
N ASP L 21 -40.25 -98.39 -16.52
CA ASP L 21 -40.37 -99.37 -15.44
C ASP L 21 -41.82 -99.70 -15.14
N HIS L 22 -42.78 -98.90 -15.60
CA HIS L 22 -44.13 -99.41 -15.61
C HIS L 22 -44.37 -100.35 -16.77
N PHE L 23 -43.62 -100.17 -17.85
CA PHE L 23 -43.50 -101.20 -18.86
C PHE L 23 -42.84 -102.46 -18.29
N ASN L 24 -42.05 -102.31 -17.23
CA ASN L 24 -41.60 -103.46 -16.46
C ASN L 24 -42.68 -103.94 -15.49
N ARG L 25 -43.62 -103.07 -15.10
CA ARG L 25 -44.70 -103.55 -14.25
C ARG L 25 -45.65 -104.45 -15.03
N ILE L 26 -46.06 -104.01 -16.23
CA ILE L 26 -47.09 -104.72 -16.99
C ILE L 26 -46.62 -106.08 -17.50
N GLY L 27 -45.32 -106.28 -17.67
CA GLY L 27 -44.82 -107.58 -18.04
C GLY L 27 -44.85 -108.60 -16.92
N LYS L 28 -45.13 -108.17 -15.69
CA LYS L 28 -45.09 -109.08 -14.55
C LYS L 28 -46.32 -108.96 -13.65
N VAL L 29 -47.27 -108.08 -13.95
CA VAL L 29 -48.52 -108.07 -13.20
C VAL L 29 -49.59 -108.92 -13.88
N GLY L 30 -49.48 -109.12 -15.20
CA GLY L 30 -50.37 -110.06 -15.85
C GLY L 30 -50.86 -109.71 -17.25
N ASN L 31 -52.18 -109.72 -17.41
CA ASN L 31 -52.85 -109.66 -18.71
C ASN L 31 -52.73 -108.31 -19.39
N GLN L 32 -52.41 -107.25 -18.66
CA GLN L 32 -52.39 -105.91 -19.21
C GLN L 32 -51.19 -105.78 -20.14
N LYS L 33 -51.48 -105.68 -21.44
CA LYS L 33 -50.43 -105.50 -22.43
C LYS L 33 -49.99 -104.05 -22.49
N ARG L 34 -50.92 -103.13 -22.74
CA ARG L 34 -50.56 -101.78 -23.08
C ARG L 34 -50.31 -100.94 -21.82
N VAL L 35 -49.26 -100.12 -21.90
CA VAL L 35 -48.90 -99.21 -20.81
C VAL L 35 -49.74 -97.95 -21.01
N VAL L 36 -50.66 -97.70 -20.09
CA VAL L 36 -51.51 -96.52 -20.12
C VAL L 36 -51.16 -95.71 -18.89
N GLY L 37 -51.08 -94.39 -19.06
CA GLY L 37 -50.84 -93.57 -17.90
C GLY L 37 -51.27 -92.13 -18.05
N VAL L 38 -51.09 -91.34 -17.00
CA VAL L 38 -51.62 -89.99 -16.91
C VAL L 38 -50.47 -89.01 -16.86
N LEU L 39 -50.54 -87.99 -17.71
CA LEU L 39 -49.44 -87.11 -18.04
C LEU L 39 -49.57 -85.83 -17.21
N LEU L 40 -48.57 -85.56 -16.39
CA LEU L 40 -48.54 -84.28 -15.68
C LEU L 40 -47.86 -83.22 -16.54
N GLY L 41 -48.08 -81.96 -16.19
CA GLY L 41 -47.42 -80.88 -16.91
C GLY L 41 -48.17 -79.57 -16.77
N SER L 42 -47.62 -78.54 -17.41
CA SER L 42 -48.15 -77.19 -17.27
C SER L 42 -48.15 -76.48 -18.62
N TRP L 43 -49.31 -75.97 -19.00
CA TRP L 43 -49.41 -75.11 -20.18
C TRP L 43 -48.77 -73.78 -19.89
N GLN L 44 -47.64 -73.52 -20.54
CA GLN L 44 -47.05 -72.20 -20.52
C GLN L 44 -47.38 -71.41 -21.76
N LYS L 45 -47.47 -72.09 -22.89
CA LYS L 45 -47.52 -71.49 -24.22
C LYS L 45 -48.00 -72.61 -25.13
N LYS L 46 -48.07 -72.33 -26.44
CA LYS L 46 -48.18 -73.39 -27.45
C LYS L 46 -47.09 -74.43 -27.29
N VAL L 47 -45.87 -74.01 -26.98
CA VAL L 47 -44.83 -74.89 -26.50
C VAL L 47 -45.08 -75.16 -25.01
N LEU L 48 -44.79 -76.39 -24.61
CA LEU L 48 -45.11 -76.85 -23.27
C LEU L 48 -43.93 -77.69 -22.80
N ASP L 49 -43.89 -77.95 -21.49
CA ASP L 49 -42.95 -78.92 -20.97
C ASP L 49 -43.69 -79.94 -20.14
N VAL L 50 -43.24 -81.18 -20.25
CA VAL L 50 -43.65 -82.26 -19.37
C VAL L 50 -42.46 -82.65 -18.51
N SER L 51 -42.60 -82.47 -17.20
CA SER L 51 -41.55 -82.83 -16.26
C SER L 51 -41.87 -84.08 -15.46
N ASN L 52 -43.14 -84.41 -15.27
CA ASN L 52 -43.52 -85.61 -14.54
C ASN L 52 -44.80 -86.13 -15.18
N SER L 53 -45.24 -87.30 -14.71
CA SER L 53 -46.44 -88.02 -15.11
C SER L 53 -46.62 -89.16 -14.12
N PHE L 54 -47.59 -90.03 -14.39
CA PHE L 54 -47.77 -91.24 -13.61
C PHE L 54 -48.59 -92.24 -14.42
N ALA L 55 -48.34 -93.53 -14.17
CA ALA L 55 -48.84 -94.61 -15.00
C ALA L 55 -49.93 -95.34 -14.24
N VAL L 56 -51.08 -95.51 -14.87
CA VAL L 56 -52.27 -95.87 -14.11
C VAL L 56 -52.45 -97.38 -14.09
N PRO L 57 -52.82 -97.99 -12.94
CA PRO L 57 -53.36 -99.35 -12.97
C PRO L 57 -54.70 -99.36 -13.68
N PHE L 58 -54.69 -99.89 -14.90
CA PHE L 58 -55.77 -99.70 -15.85
C PHE L 58 -56.14 -101.05 -16.45
N ASP L 59 -57.43 -101.28 -16.65
CA ASP L 59 -57.89 -102.45 -17.36
C ASP L 59 -58.89 -102.04 -18.43
N GLU L 60 -58.99 -102.87 -19.45
CA GLU L 60 -59.71 -102.52 -20.66
C GLU L 60 -60.27 -103.81 -21.24
N ASP L 61 -61.59 -103.94 -21.20
CA ASP L 61 -62.26 -105.09 -21.79
C ASP L 61 -62.13 -105.06 -23.30
N ASP L 62 -61.81 -106.21 -23.89
CA ASP L 62 -61.80 -106.32 -25.34
C ASP L 62 -63.20 -106.31 -25.92
N LYS L 63 -64.20 -106.71 -25.15
CA LYS L 63 -65.60 -106.60 -25.51
C LYS L 63 -66.15 -105.35 -24.83
N ASP L 64 -66.73 -104.44 -25.62
CA ASP L 64 -67.10 -103.09 -25.20
C ASP L 64 -65.87 -102.36 -24.66
N ASP L 65 -64.97 -102.04 -25.60
CA ASP L 65 -63.66 -101.44 -25.35
C ASP L 65 -63.63 -100.21 -24.47
N SER L 66 -64.76 -99.53 -24.30
CA SER L 66 -64.86 -98.35 -23.45
C SER L 66 -65.14 -98.72 -22.00
N VAL L 67 -64.19 -99.39 -21.35
CA VAL L 67 -64.25 -99.71 -19.93
C VAL L 67 -62.95 -99.20 -19.31
N TRP L 68 -63.01 -98.04 -18.65
CA TRP L 68 -61.83 -97.38 -18.10
C TRP L 68 -61.64 -97.69 -16.64
N PHE L 69 -60.41 -97.56 -16.17
CA PHE L 69 -60.10 -97.65 -14.75
C PHE L 69 -59.03 -96.64 -14.39
N LEU L 70 -59.48 -95.51 -13.86
CA LEU L 70 -58.64 -94.40 -13.41
C LEU L 70 -59.08 -94.16 -11.98
N ASP L 71 -58.50 -94.93 -11.05
CA ASP L 71 -58.95 -94.92 -9.66
C ASP L 71 -58.64 -93.58 -9.02
N HIS L 72 -59.55 -93.12 -8.18
CA HIS L 72 -59.42 -91.81 -7.58
C HIS L 72 -58.76 -91.85 -6.21
N ASP L 73 -58.67 -93.03 -5.60
CA ASP L 73 -57.57 -93.26 -4.67
C ASP L 73 -56.25 -93.04 -5.37
N TYR L 74 -56.09 -93.65 -6.54
CA TYR L 74 -54.90 -93.46 -7.36
C TYR L 74 -54.84 -92.06 -7.96
N LEU L 75 -55.96 -91.36 -8.11
CA LEU L 75 -55.91 -90.02 -8.70
C LEU L 75 -55.75 -88.94 -7.64
N GLU L 76 -56.70 -88.83 -6.72
CA GLU L 76 -56.85 -87.63 -5.92
C GLU L 76 -55.73 -87.48 -4.90
N ASN L 77 -55.48 -88.51 -4.11
CA ASN L 77 -54.46 -88.43 -3.09
C ASN L 77 -53.06 -88.44 -3.68
N MET L 78 -52.88 -89.11 -4.82
CA MET L 78 -51.62 -89.00 -5.53
C MET L 78 -51.47 -87.63 -6.18
N TYR L 79 -52.58 -86.99 -6.53
CA TYR L 79 -52.49 -85.60 -6.92
C TYR L 79 -52.23 -84.71 -5.70
N GLY L 80 -52.53 -85.20 -4.51
CA GLY L 80 -52.16 -84.46 -3.31
C GLY L 80 -50.70 -84.62 -2.98
N MET L 81 -50.13 -85.77 -3.30
CA MET L 81 -48.69 -85.95 -3.19
C MET L 81 -47.97 -85.15 -4.25
N PHE L 82 -48.41 -85.28 -5.49
CA PHE L 82 -47.77 -84.63 -6.62
C PHE L 82 -48.00 -83.12 -6.57
N LYS L 83 -49.08 -82.70 -5.92
CA LYS L 83 -49.26 -81.31 -5.57
C LYS L 83 -48.39 -80.92 -4.39
N LYS L 84 -48.17 -81.86 -3.47
CA LYS L 84 -47.43 -81.58 -2.25
C LYS L 84 -45.95 -81.41 -2.51
N VAL L 85 -45.40 -82.12 -3.50
CA VAL L 85 -44.01 -81.90 -3.88
C VAL L 85 -43.89 -80.62 -4.70
N ASN L 86 -44.87 -80.33 -5.56
CA ASN L 86 -44.80 -79.13 -6.37
C ASN L 86 -46.21 -78.70 -6.73
N ALA L 87 -46.49 -77.44 -6.46
CA ALA L 87 -47.74 -76.85 -6.93
C ALA L 87 -47.76 -76.64 -8.44
N ARG L 88 -46.59 -76.55 -9.07
CA ARG L 88 -46.52 -76.28 -10.49
C ARG L 88 -46.90 -77.51 -11.31
N GLU L 89 -46.24 -78.64 -11.04
CA GLU L 89 -46.40 -79.85 -11.85
C GLU L 89 -47.72 -80.53 -11.47
N ARG L 90 -48.77 -80.05 -12.09
CA ARG L 90 -50.06 -80.70 -12.04
C ARG L 90 -50.30 -81.45 -13.35
N ILE L 91 -51.52 -81.96 -13.54
CA ILE L 91 -51.88 -82.68 -14.75
C ILE L 91 -51.81 -81.81 -16.00
N VAL L 92 -51.63 -82.45 -17.15
CA VAL L 92 -51.82 -81.78 -18.43
C VAL L 92 -52.57 -82.72 -19.40
N GLY L 93 -52.59 -84.01 -19.09
CA GLY L 93 -53.16 -84.98 -20.02
C GLY L 93 -52.88 -86.41 -19.57
N TRP L 94 -52.69 -87.29 -20.54
CA TRP L 94 -52.53 -88.72 -20.29
C TRP L 94 -51.93 -89.40 -21.51
N TYR L 95 -51.58 -90.69 -21.36
CA TYR L 95 -50.89 -91.40 -22.41
C TYR L 95 -51.27 -92.88 -22.43
N HIS L 96 -50.99 -93.53 -23.55
CA HIS L 96 -51.06 -94.98 -23.69
C HIS L 96 -50.19 -95.39 -24.87
N THR L 97 -49.83 -96.67 -24.93
CA THR L 97 -48.96 -97.12 -26.01
C THR L 97 -49.79 -97.69 -27.16
N GLY L 98 -49.10 -98.21 -28.18
CA GLY L 98 -49.73 -98.53 -29.43
C GLY L 98 -49.62 -97.32 -30.33
N PRO L 99 -49.68 -97.50 -31.63
CA PRO L 99 -49.55 -96.33 -32.51
C PRO L 99 -50.86 -95.61 -32.80
N LYS L 100 -51.96 -96.35 -32.93
CA LYS L 100 -53.17 -95.71 -33.45
C LYS L 100 -54.01 -95.09 -32.35
N LEU L 101 -54.83 -95.91 -31.67
CA LEU L 101 -55.73 -95.41 -30.61
C LEU L 101 -56.27 -96.47 -29.64
N HIS L 102 -57.48 -96.20 -29.13
CA HIS L 102 -58.19 -97.06 -28.19
C HIS L 102 -59.64 -96.58 -28.08
N LYS L 103 -60.59 -97.45 -28.41
CA LYS L 103 -62.01 -97.13 -28.38
C LYS L 103 -62.49 -96.42 -27.11
N ASN L 104 -61.64 -96.38 -26.09
CA ASN L 104 -62.00 -95.74 -24.84
C ASN L 104 -61.39 -94.36 -24.68
N ASP L 105 -60.36 -94.07 -25.48
CA ASP L 105 -59.43 -92.96 -25.28
C ASP L 105 -60.13 -91.63 -25.08
N ILE L 106 -61.07 -91.33 -25.98
CA ILE L 106 -61.85 -90.09 -25.97
C ILE L 106 -62.56 -89.89 -24.63
N ALA L 107 -63.22 -90.95 -24.12
CA ALA L 107 -63.86 -90.89 -22.82
C ALA L 107 -62.86 -90.68 -21.71
N ILE L 108 -61.70 -91.34 -21.82
CA ILE L 108 -60.61 -91.18 -20.86
C ILE L 108 -60.08 -89.75 -20.91
N ASN L 109 -60.17 -89.09 -22.06
CA ASN L 109 -59.80 -87.68 -22.11
C ASN L 109 -60.80 -86.84 -21.34
N GLU L 110 -62.08 -87.15 -21.49
CA GLU L 110 -63.12 -86.31 -20.90
C GLU L 110 -63.25 -86.49 -19.40
N LEU L 111 -62.65 -87.55 -18.84
CA LEU L 111 -62.60 -87.69 -17.40
C LEU L 111 -61.69 -86.63 -16.79
N MET L 112 -60.70 -86.18 -17.54
CA MET L 112 -59.78 -85.21 -16.96
C MET L 112 -59.81 -83.86 -17.64
N LYS L 113 -60.74 -83.64 -18.58
CA LYS L 113 -60.90 -82.30 -19.12
C LYS L 113 -61.61 -81.41 -18.11
N ARG L 114 -62.30 -82.01 -17.14
CA ARG L 114 -62.72 -81.27 -15.95
C ARG L 114 -61.55 -80.80 -15.11
N TYR L 115 -60.36 -81.38 -15.28
CA TYR L 115 -59.20 -80.96 -14.52
C TYR L 115 -58.32 -79.98 -15.26
N CYS L 116 -58.39 -79.92 -16.58
CA CYS L 116 -57.42 -79.15 -17.34
C CYS L 116 -58.10 -78.36 -18.45
N PRO L 117 -57.60 -77.15 -18.73
CA PRO L 117 -58.09 -76.39 -19.91
C PRO L 117 -57.95 -77.16 -21.21
N ASN L 118 -56.91 -77.97 -21.33
CA ASN L 118 -56.74 -78.82 -22.50
C ASN L 118 -56.00 -80.07 -22.04
N SER L 119 -56.77 -81.09 -21.67
CA SER L 119 -56.19 -82.39 -21.38
C SER L 119 -55.76 -83.02 -22.69
N VAL L 120 -54.46 -83.23 -22.84
CA VAL L 120 -53.90 -83.73 -24.08
C VAL L 120 -53.69 -85.23 -23.92
N LEU L 121 -53.93 -85.96 -24.99
CA LEU L 121 -53.56 -87.37 -25.04
C LEU L 121 -52.36 -87.53 -25.95
N VAL L 122 -51.25 -87.94 -25.34
CA VAL L 122 -50.02 -88.12 -26.11
C VAL L 122 -49.73 -89.61 -26.20
N ILE L 123 -49.99 -90.21 -27.36
CA ILE L 123 -49.89 -91.65 -27.48
C ILE L 123 -48.42 -92.01 -27.58
N ILE L 124 -47.97 -92.90 -26.70
CA ILE L 124 -46.55 -93.05 -26.45
C ILE L 124 -46.02 -94.33 -27.06
N ASP L 125 -44.71 -94.48 -27.01
CA ASP L 125 -43.97 -95.52 -27.71
C ASP L 125 -43.03 -96.19 -26.74
N VAL L 126 -43.24 -97.48 -26.49
CA VAL L 126 -42.38 -98.21 -25.56
C VAL L 126 -41.29 -98.94 -26.32
N LYS L 127 -41.51 -99.18 -27.62
CA LYS L 127 -40.57 -99.93 -28.46
C LYS L 127 -40.35 -99.17 -29.76
N PRO L 128 -39.41 -98.23 -29.78
CA PRO L 128 -39.26 -97.38 -30.96
C PRO L 128 -38.57 -98.08 -32.13
N LYS L 129 -39.33 -98.25 -33.20
CA LYS L 129 -38.80 -98.67 -34.48
C LYS L 129 -39.34 -97.79 -35.59
N ASP L 130 -39.71 -96.55 -35.29
CA ASP L 130 -40.64 -95.81 -36.13
C ASP L 130 -39.93 -95.16 -37.32
N LEU L 131 -40.74 -94.85 -38.34
CA LEU L 131 -40.32 -94.17 -39.56
C LEU L 131 -40.58 -92.68 -39.52
N GLY L 132 -41.39 -92.23 -38.58
CA GLY L 132 -41.81 -90.85 -38.51
C GLY L 132 -41.25 -90.11 -37.32
N LEU L 133 -42.04 -90.03 -36.26
CA LEU L 133 -41.76 -89.21 -35.10
C LEU L 133 -41.93 -90.05 -33.83
N PRO L 134 -41.41 -89.60 -32.70
CA PRO L 134 -41.80 -90.18 -31.41
C PRO L 134 -43.22 -89.80 -30.99
N THR L 135 -43.48 -89.96 -29.68
CA THR L 135 -44.73 -89.58 -29.05
C THR L 135 -45.25 -88.21 -29.51
N GLU L 136 -46.55 -88.12 -29.74
CA GLU L 136 -47.13 -86.97 -30.43
C GLU L 136 -48.48 -86.62 -29.83
N ALA L 137 -48.80 -85.33 -29.81
CA ALA L 137 -49.90 -84.79 -29.05
C ALA L 137 -51.21 -84.79 -29.85
N TYR L 138 -52.30 -84.67 -29.11
CA TYR L 138 -53.64 -84.61 -29.70
C TYR L 138 -54.47 -83.71 -28.81
N ILE L 139 -54.87 -82.57 -29.32
CA ILE L 139 -55.49 -81.56 -28.50
C ILE L 139 -57.00 -81.71 -28.61
N SER L 140 -57.71 -81.08 -27.68
CA SER L 140 -59.17 -81.00 -27.75
C SER L 140 -59.60 -80.28 -29.02
N VAL L 141 -60.39 -80.97 -29.83
CA VAL L 141 -60.87 -80.43 -31.10
C VAL L 141 -62.36 -80.68 -31.23
N GLU L 142 -63.03 -79.74 -31.90
CA GLU L 142 -64.45 -79.83 -32.26
C GLU L 142 -64.51 -79.39 -33.73
N GLU L 143 -64.21 -80.33 -34.63
CA GLU L 143 -64.17 -80.01 -36.06
C GLU L 143 -65.47 -80.42 -36.73
N VAL L 144 -66.13 -81.40 -36.12
CA VAL L 144 -67.39 -81.93 -36.61
C VAL L 144 -67.43 -82.21 -38.12
N HIS L 145 -68.10 -81.33 -38.85
CA HIS L 145 -68.33 -81.48 -40.29
C HIS L 145 -68.93 -80.17 -40.80
N ASP L 146 -69.26 -80.10 -42.08
CA ASP L 146 -70.19 -79.11 -42.59
C ASP L 146 -71.62 -79.62 -42.51
N ASP L 147 -71.90 -80.50 -41.56
CA ASP L 147 -73.13 -81.26 -41.58
C ASP L 147 -74.15 -80.71 -40.60
N GLY L 148 -73.72 -80.44 -39.37
CA GLY L 148 -74.64 -80.00 -38.34
C GLY L 148 -75.15 -81.12 -37.46
N THR L 149 -74.30 -82.10 -37.22
CA THR L 149 -74.57 -83.23 -36.35
C THR L 149 -74.24 -82.86 -34.91
N PRO L 150 -74.45 -83.76 -33.93
CA PRO L 150 -73.81 -83.54 -32.63
C PRO L 150 -72.29 -83.49 -32.73
N THR L 151 -71.68 -82.82 -31.75
CA THR L 151 -70.32 -82.35 -31.88
C THR L 151 -69.30 -83.48 -31.79
N SER L 152 -68.44 -83.56 -32.80
CA SER L 152 -67.34 -84.51 -32.81
C SER L 152 -66.29 -84.09 -31.77
N LYS L 153 -65.66 -85.09 -31.19
CA LYS L 153 -64.77 -84.88 -30.06
C LYS L 153 -63.48 -85.69 -30.18
N THR L 154 -63.35 -86.54 -31.21
CA THR L 154 -62.16 -87.37 -31.40
C THR L 154 -60.96 -86.49 -31.72
N PHE L 155 -59.88 -86.70 -30.98
CA PHE L 155 -58.87 -85.67 -30.77
C PHE L 155 -57.80 -85.77 -31.85
N GLU L 156 -57.67 -84.71 -32.64
CA GLU L 156 -57.00 -84.79 -33.93
C GLU L 156 -55.52 -84.52 -33.81
N HIS L 157 -54.81 -84.80 -34.91
CA HIS L 157 -53.35 -84.83 -34.96
C HIS L 157 -52.85 -83.41 -34.86
N VAL L 158 -52.53 -83.03 -33.62
CA VAL L 158 -51.97 -81.73 -33.27
C VAL L 158 -50.49 -81.97 -32.95
N THR L 159 -49.63 -81.59 -33.88
CA THR L 159 -48.18 -81.78 -33.77
C THR L 159 -47.49 -81.50 -32.42
N SER L 160 -46.51 -82.36 -32.11
CA SER L 160 -45.68 -82.26 -30.93
C SER L 160 -44.25 -82.63 -31.30
N GLU L 161 -43.38 -82.71 -30.28
CA GLU L 161 -42.00 -83.14 -30.46
C GLU L 161 -41.44 -83.60 -29.13
N ILE L 162 -40.19 -84.08 -29.16
CA ILE L 162 -39.41 -84.35 -27.97
C ILE L 162 -38.50 -83.14 -27.77
N GLY L 163 -38.91 -82.24 -26.89
CA GLY L 163 -38.05 -81.12 -26.57
C GLY L 163 -37.12 -81.43 -25.43
N ALA L 164 -35.99 -80.72 -25.38
CA ALA L 164 -35.01 -80.86 -24.33
C ALA L 164 -34.89 -79.54 -23.59
N GLU L 165 -35.15 -79.55 -22.29
CA GLU L 165 -35.27 -78.29 -21.54
C GLU L 165 -33.93 -77.76 -21.05
N GLU L 166 -33.29 -78.47 -20.14
CA GLU L 166 -32.21 -77.92 -19.33
C GLU L 166 -31.07 -78.93 -19.27
N ALA L 167 -30.16 -78.70 -18.31
CA ALA L 167 -28.80 -79.25 -18.34
C ALA L 167 -28.75 -80.75 -18.37
N GLU L 168 -29.07 -81.40 -17.24
CA GLU L 168 -29.55 -82.79 -17.11
C GLU L 168 -28.69 -83.87 -17.79
N GLU L 169 -27.54 -83.51 -18.32
CA GLU L 169 -26.70 -84.40 -19.13
C GLU L 169 -25.43 -84.78 -18.41
N VAL L 170 -25.29 -84.37 -17.15
CA VAL L 170 -24.35 -84.92 -16.20
C VAL L 170 -24.61 -86.42 -16.11
N GLY L 171 -25.89 -86.80 -16.13
CA GLY L 171 -26.26 -88.17 -16.37
C GLY L 171 -26.25 -88.54 -17.83
N VAL L 172 -26.96 -87.78 -18.67
CA VAL L 172 -27.31 -88.25 -20.01
C VAL L 172 -26.10 -88.33 -20.91
N GLU L 173 -25.38 -87.23 -21.07
CA GLU L 173 -24.22 -87.27 -21.95
C GLU L 173 -23.01 -87.89 -21.29
N HIS L 174 -23.08 -88.27 -20.02
CA HIS L 174 -22.13 -89.23 -19.52
C HIS L 174 -22.53 -90.63 -19.92
N LEU L 175 -23.83 -90.88 -20.02
CA LEU L 175 -24.35 -92.17 -20.43
C LEU L 175 -24.39 -92.35 -21.94
N LEU L 176 -23.73 -91.49 -22.69
CA LEU L 176 -23.69 -91.63 -24.14
C LEU L 176 -22.76 -92.79 -24.45
N ARG L 177 -21.54 -92.72 -23.90
CA ARG L 177 -20.52 -93.75 -24.06
C ARG L 177 -20.37 -94.38 -25.44
N ASP L 178 -20.73 -93.63 -26.48
CA ASP L 178 -20.60 -94.10 -27.85
C ASP L 178 -20.53 -92.99 -28.88
N ILE L 179 -21.27 -91.90 -28.67
CA ILE L 179 -21.66 -91.04 -29.78
C ILE L 179 -20.71 -89.84 -29.88
N LYS L 180 -20.62 -89.29 -31.08
CA LYS L 180 -19.75 -88.17 -31.41
C LYS L 180 -20.59 -87.02 -31.95
N ASP L 181 -20.24 -85.79 -31.57
CA ASP L 181 -20.79 -84.62 -32.23
C ASP L 181 -20.14 -84.45 -33.61
N THR L 182 -20.87 -84.79 -34.66
CA THR L 182 -20.35 -84.69 -36.01
C THR L 182 -20.38 -83.23 -36.46
N THR L 183 -19.30 -82.79 -37.10
CA THR L 183 -19.25 -81.47 -37.71
C THR L 183 -19.82 -81.54 -39.12
N VAL L 184 -21.16 -81.40 -39.24
CA VAL L 184 -22.03 -81.86 -40.33
C VAL L 184 -21.45 -81.57 -41.72
N GLY L 185 -21.36 -82.62 -42.53
CA GLY L 185 -20.47 -82.63 -43.66
C GLY L 185 -19.52 -83.78 -43.47
N THR L 186 -19.81 -84.53 -42.41
CA THR L 186 -19.06 -85.71 -42.02
C THR L 186 -20.08 -86.82 -41.84
N LEU L 187 -20.65 -87.26 -42.95
CA LEU L 187 -21.64 -88.34 -43.04
C LEU L 187 -23.00 -88.17 -42.35
N SER L 188 -23.12 -87.23 -41.40
CA SER L 188 -24.41 -87.07 -40.74
C SER L 188 -25.47 -86.69 -41.75
N GLN L 189 -25.05 -85.94 -42.77
CA GLN L 189 -25.94 -85.55 -43.86
C GLN L 189 -26.46 -86.77 -44.62
N ARG L 190 -25.65 -87.82 -44.81
CA ARG L 190 -26.17 -88.97 -45.51
C ARG L 190 -27.00 -89.86 -44.61
N ILE L 191 -26.80 -89.77 -43.30
CA ILE L 191 -27.73 -90.36 -42.36
C ILE L 191 -29.10 -89.73 -42.53
N THR L 192 -29.13 -88.40 -42.60
CA THR L 192 -30.38 -87.72 -42.90
C THR L 192 -30.87 -88.05 -44.30
N ASN L 193 -29.96 -88.41 -45.21
CA ASN L 193 -30.39 -88.81 -46.54
C ASN L 193 -31.12 -90.13 -46.51
N GLN L 194 -30.64 -91.07 -45.70
CA GLN L 194 -31.29 -92.37 -45.58
C GLN L 194 -32.62 -92.23 -44.85
N VAL L 195 -32.68 -91.34 -43.87
CA VAL L 195 -33.89 -91.27 -43.05
C VAL L 195 -34.97 -90.44 -43.76
N HIS L 196 -34.57 -89.40 -44.51
CA HIS L 196 -35.67 -88.67 -45.16
C HIS L 196 -36.00 -89.27 -46.52
N GLY L 197 -35.01 -89.78 -47.22
CA GLY L 197 -35.27 -90.45 -48.48
C GLY L 197 -36.01 -91.74 -48.24
N LEU L 198 -35.40 -92.62 -47.44
CA LEU L 198 -36.03 -93.90 -47.16
C LEU L 198 -37.26 -93.71 -46.27
N LYS L 199 -37.09 -93.09 -45.10
CA LYS L 199 -38.20 -92.91 -44.16
C LYS L 199 -39.22 -91.90 -44.62
N GLY L 200 -38.96 -91.16 -45.69
CA GLY L 200 -39.98 -90.33 -46.28
C GLY L 200 -40.73 -91.05 -47.37
N LEU L 201 -40.02 -91.85 -48.16
CA LEU L 201 -40.66 -92.47 -49.31
C LEU L 201 -41.31 -93.81 -48.98
N ASN L 202 -40.99 -94.41 -47.86
CA ASN L 202 -41.86 -95.47 -47.38
C ASN L 202 -43.14 -94.91 -46.76
N SER L 203 -43.08 -93.68 -46.24
CA SER L 203 -44.30 -92.99 -45.88
C SER L 203 -45.08 -92.62 -47.13
N LYS L 204 -44.38 -92.36 -48.24
CA LYS L 204 -45.03 -92.27 -49.54
C LYS L 204 -45.66 -93.60 -49.93
N LEU L 205 -45.06 -94.72 -49.53
CA LEU L 205 -45.70 -96.01 -49.77
C LEU L 205 -46.92 -96.19 -48.86
N LEU L 206 -46.89 -95.60 -47.66
CA LEU L 206 -48.11 -95.50 -46.88
C LEU L 206 -49.13 -94.59 -47.55
N ASP L 207 -48.67 -93.67 -48.38
CA ASP L 207 -49.60 -92.81 -49.08
C ASP L 207 -50.12 -93.46 -50.36
N ILE L 208 -49.44 -94.49 -50.85
CA ILE L 208 -50.07 -95.29 -51.90
C ILE L 208 -50.90 -96.40 -51.29
N ARG L 209 -50.64 -96.73 -50.02
CA ARG L 209 -51.59 -97.51 -49.23
C ARG L 209 -52.87 -96.72 -49.01
N SER L 210 -52.72 -95.42 -48.77
CA SER L 210 -53.88 -94.54 -48.69
C SER L 210 -54.56 -94.46 -50.05
N TYR L 211 -53.84 -93.98 -51.04
CA TYR L 211 -54.49 -93.68 -52.31
C TYR L 211 -54.60 -94.88 -53.23
N LEU L 212 -54.40 -96.07 -52.70
CA LEU L 212 -54.78 -97.30 -53.36
C LEU L 212 -55.81 -98.09 -52.57
N GLU L 213 -55.63 -98.17 -51.25
CA GLU L 213 -56.58 -98.87 -50.40
C GLU L 213 -57.89 -98.12 -50.27
N LYS L 214 -57.82 -96.79 -50.25
CA LYS L 214 -59.05 -95.99 -50.23
C LYS L 214 -59.80 -96.07 -51.54
N VAL L 215 -59.11 -96.14 -52.66
CA VAL L 215 -59.72 -96.50 -53.94
C VAL L 215 -60.29 -97.91 -53.89
N ALA L 216 -59.62 -98.81 -53.17
CA ALA L 216 -60.06 -100.19 -53.08
C ALA L 216 -61.22 -100.36 -52.09
N THR L 217 -60.99 -100.10 -50.81
CA THR L 217 -61.98 -100.43 -49.78
C THR L 217 -62.30 -99.23 -48.93
N GLY L 218 -61.78 -98.07 -49.27
CA GLY L 218 -61.97 -96.93 -48.41
C GLY L 218 -63.31 -96.26 -48.57
N LYS L 219 -64.03 -96.17 -47.47
CA LYS L 219 -65.29 -95.45 -47.41
C LYS L 219 -65.03 -93.98 -47.12
N LEU L 220 -66.06 -93.28 -46.62
CA LEU L 220 -66.34 -91.84 -46.52
C LEU L 220 -65.12 -90.91 -46.34
N PRO L 221 -64.07 -91.24 -45.52
CA PRO L 221 -62.86 -90.42 -45.62
C PRO L 221 -61.97 -90.71 -46.81
N ILE L 222 -62.50 -91.37 -47.87
CA ILE L 222 -61.79 -91.45 -49.14
C ILE L 222 -61.50 -90.06 -49.70
N ASN L 223 -62.47 -89.17 -49.60
CA ASN L 223 -62.32 -87.81 -50.09
C ASN L 223 -63.18 -86.88 -49.25
N HIS L 224 -63.01 -87.00 -47.94
CA HIS L 224 -63.76 -86.19 -46.98
C HIS L 224 -63.61 -84.70 -47.21
N GLN L 225 -62.41 -84.17 -46.94
CA GLN L 225 -62.15 -82.75 -47.11
C GLN L 225 -60.69 -82.39 -47.15
N ILE L 226 -59.78 -83.34 -47.35
CA ILE L 226 -58.39 -82.92 -47.34
C ILE L 226 -57.60 -83.58 -48.46
N ILE L 227 -58.20 -84.55 -49.13
CA ILE L 227 -57.49 -85.32 -50.13
C ILE L 227 -57.25 -84.49 -51.38
N TYR L 228 -58.30 -83.91 -51.94
CA TYR L 228 -58.13 -83.02 -53.09
C TYR L 228 -57.50 -81.70 -52.66
N GLN L 229 -57.85 -81.27 -51.44
CA GLN L 229 -57.32 -80.06 -50.84
C GLN L 229 -55.82 -80.13 -50.65
N LEU L 230 -55.27 -81.33 -50.47
CA LEU L 230 -53.84 -81.46 -50.42
C LEU L 230 -53.33 -82.24 -51.62
N GLN L 231 -54.22 -82.57 -52.56
CA GLN L 231 -53.80 -82.83 -53.93
C GLN L 231 -53.42 -81.53 -54.62
N ASP L 232 -53.89 -80.39 -54.09
CA ASP L 232 -53.32 -79.10 -54.46
C ASP L 232 -51.84 -79.04 -54.09
N VAL L 233 -51.57 -79.41 -52.84
CA VAL L 233 -50.20 -79.30 -52.37
C VAL L 233 -49.37 -80.39 -53.02
N PHE L 234 -50.00 -81.51 -53.37
CA PHE L 234 -49.40 -82.46 -54.28
C PHE L 234 -49.19 -81.86 -55.67
N ASN L 235 -50.04 -80.91 -56.08
CA ASN L 235 -49.95 -80.26 -57.36
C ASN L 235 -49.06 -79.01 -57.30
N LEU L 236 -48.19 -78.93 -56.29
CA LEU L 236 -47.01 -78.09 -56.46
C LEU L 236 -46.22 -78.50 -57.71
N LEU L 237 -45.64 -79.71 -57.73
CA LEU L 237 -44.90 -80.13 -58.92
C LEU L 237 -44.89 -81.65 -59.15
N PRO L 238 -45.99 -82.22 -59.67
CA PRO L 238 -46.04 -83.67 -59.93
C PRO L 238 -45.88 -84.09 -61.40
N ASP L 239 -45.49 -83.19 -62.32
CA ASP L 239 -45.79 -83.27 -63.75
C ASP L 239 -45.11 -84.46 -64.43
N VAL L 240 -45.47 -84.65 -65.71
CA VAL L 240 -45.41 -85.95 -66.36
C VAL L 240 -44.01 -86.40 -66.78
N SER L 241 -43.43 -85.77 -67.80
CA SER L 241 -42.23 -86.34 -68.42
C SER L 241 -41.00 -86.01 -67.58
N LEU L 242 -40.67 -84.73 -67.47
CA LEU L 242 -39.57 -84.29 -66.62
C LEU L 242 -39.91 -83.04 -65.82
N GLN L 243 -41.16 -82.58 -65.90
CA GLN L 243 -41.84 -81.47 -65.21
C GLN L 243 -41.41 -80.09 -65.72
N GLU L 244 -40.33 -79.99 -66.50
CA GLU L 244 -39.96 -78.82 -67.32
C GLU L 244 -39.87 -77.52 -66.51
N PHE L 245 -38.88 -77.51 -65.61
CA PHE L 245 -38.63 -76.37 -64.72
C PHE L 245 -37.71 -75.34 -65.39
N VAL L 246 -38.18 -74.76 -66.50
CA VAL L 246 -37.30 -74.02 -67.41
C VAL L 246 -36.75 -72.76 -66.74
N LYS L 247 -37.55 -72.15 -65.86
CA LYS L 247 -37.06 -71.05 -65.03
C LYS L 247 -35.95 -71.51 -64.11
N ALA L 248 -36.04 -72.75 -63.63
CA ALA L 248 -35.15 -73.25 -62.60
C ALA L 248 -33.79 -73.68 -63.13
N PHE L 249 -33.53 -73.55 -64.43
CA PHE L 249 -32.25 -74.05 -64.93
C PHE L 249 -31.24 -72.93 -65.13
N TYR L 250 -31.67 -71.76 -65.59
CA TYR L 250 -30.79 -70.60 -65.55
C TYR L 250 -30.95 -69.88 -64.22
N LEU L 251 -32.12 -70.03 -63.58
CA LEU L 251 -32.18 -69.86 -62.14
C LEU L 251 -31.17 -70.78 -61.45
N LYS L 252 -31.03 -72.01 -61.94
CA LYS L 252 -29.98 -72.88 -61.45
C LYS L 252 -28.59 -72.44 -61.89
N THR L 253 -28.48 -71.66 -62.97
CA THR L 253 -27.19 -71.03 -63.25
C THR L 253 -26.90 -69.97 -62.19
N ASN L 254 -27.95 -69.26 -61.75
CA ASN L 254 -27.84 -68.35 -60.61
C ASN L 254 -27.58 -69.12 -59.31
N ASP L 255 -27.89 -70.42 -59.28
CA ASP L 255 -27.65 -71.19 -58.07
C ASP L 255 -26.23 -71.72 -58.04
N GLN L 256 -25.92 -72.60 -58.99
CA GLN L 256 -24.65 -73.28 -59.08
C GLN L 256 -23.53 -72.34 -59.45
N MET L 257 -23.89 -71.17 -59.98
CA MET L 257 -23.14 -69.93 -59.96
C MET L 257 -22.36 -69.77 -58.67
N VAL L 258 -23.10 -69.74 -57.57
CA VAL L 258 -22.55 -69.41 -56.27
C VAL L 258 -21.64 -70.52 -55.77
N VAL L 259 -22.13 -71.77 -55.85
CA VAL L 259 -21.44 -72.91 -55.24
C VAL L 259 -20.15 -73.21 -56.00
N VAL L 260 -20.18 -73.12 -57.33
CA VAL L 260 -18.96 -73.40 -58.06
C VAL L 260 -18.00 -72.22 -58.03
N TYR L 261 -18.49 -70.99 -57.89
CA TYR L 261 -17.55 -69.88 -57.77
C TYR L 261 -16.87 -69.89 -56.41
N LEU L 262 -17.63 -70.20 -55.35
CA LEU L 262 -17.05 -70.34 -54.03
C LEU L 262 -16.10 -71.53 -53.96
N ALA L 263 -16.48 -72.65 -54.56
CA ALA L 263 -15.61 -73.82 -54.54
C ALA L 263 -14.37 -73.58 -55.38
N SER L 264 -14.51 -72.85 -56.47
CA SER L 264 -13.37 -72.61 -57.36
C SER L 264 -12.35 -71.70 -56.69
N LEU L 265 -12.76 -70.47 -56.36
CA LEU L 265 -11.81 -69.51 -55.78
C LEU L 265 -11.39 -69.95 -54.38
N ILE L 266 -12.35 -70.40 -53.60
CA ILE L 266 -12.12 -70.74 -52.20
C ILE L 266 -11.32 -72.02 -52.09
N ARG L 267 -11.58 -72.99 -52.96
CA ARG L 267 -10.75 -74.18 -52.88
C ARG L 267 -9.39 -73.98 -53.51
N SER L 268 -9.22 -72.96 -54.34
CA SER L 268 -7.86 -72.55 -54.66
C SER L 268 -7.18 -71.90 -53.46
N VAL L 269 -7.95 -71.22 -52.60
CA VAL L 269 -7.38 -70.76 -51.34
C VAL L 269 -7.03 -71.95 -50.46
N VAL L 270 -7.86 -72.99 -50.49
CA VAL L 270 -7.57 -74.24 -49.78
C VAL L 270 -6.34 -74.89 -50.39
N ALA L 271 -6.08 -74.64 -51.67
CA ALA L 271 -4.83 -75.09 -52.26
C ALA L 271 -3.63 -74.38 -51.66
N LEU L 272 -3.79 -73.09 -51.35
CA LEU L 272 -2.74 -72.48 -50.54
C LEU L 272 -2.65 -73.11 -49.16
N HIS L 273 -3.80 -73.31 -48.49
CA HIS L 273 -3.89 -73.88 -47.14
C HIS L 273 -3.14 -75.20 -47.02
N ASN L 274 -3.54 -76.17 -47.82
CA ASN L 274 -2.90 -77.47 -47.80
C ASN L 274 -1.49 -77.38 -48.38
N LEU L 275 -1.39 -76.90 -49.62
CA LEU L 275 -0.17 -77.03 -50.42
C LEU L 275 1.03 -76.34 -49.79
N ILE L 276 0.87 -75.10 -49.34
CA ILE L 276 2.05 -74.27 -49.06
C ILE L 276 2.76 -74.74 -47.80
N ASN L 277 2.10 -74.66 -46.66
CA ASN L 277 2.74 -75.10 -45.43
C ASN L 277 2.84 -76.61 -45.34
N ASN L 278 2.07 -77.34 -46.15
CA ASN L 278 2.35 -78.75 -46.34
C ASN L 278 3.75 -78.95 -46.89
N LYS L 279 4.15 -78.12 -47.86
CA LYS L 279 5.50 -78.23 -48.40
C LYS L 279 6.55 -77.76 -47.39
N ILE L 280 6.25 -76.67 -46.67
CA ILE L 280 7.24 -76.09 -45.76
C ILE L 280 7.55 -77.04 -44.61
N ALA L 281 6.50 -77.44 -43.88
CA ALA L 281 6.69 -78.36 -42.77
C ALA L 281 7.10 -79.74 -43.26
N ASN L 282 6.70 -80.05 -44.49
CA ASN L 282 7.14 -81.28 -45.16
C ASN L 282 8.65 -81.35 -45.26
N ARG L 283 9.26 -80.36 -45.93
CA ARG L 283 10.68 -80.47 -46.21
C ARG L 283 11.54 -80.03 -45.04
N ASP L 284 10.96 -79.31 -44.09
CA ASP L 284 11.62 -79.17 -42.80
C ASP L 284 11.73 -80.52 -42.11
N ALA L 285 10.62 -81.25 -42.06
CA ALA L 285 10.64 -82.58 -41.45
C ALA L 285 11.48 -83.55 -42.28
N GLU L 286 11.62 -83.28 -43.57
CA GLU L 286 12.32 -84.21 -44.44
C GLU L 286 13.82 -83.98 -44.39
N LYS L 287 14.28 -82.81 -44.84
CA LYS L 287 15.72 -82.65 -44.92
C LYS L 287 16.32 -82.05 -43.68
N LYS L 288 15.49 -81.53 -42.77
CA LYS L 288 16.05 -81.13 -41.50
C LYS L 288 16.23 -82.31 -40.56
N GLU L 289 15.77 -83.50 -40.94
CA GLU L 289 16.02 -84.72 -40.21
C GLU L 289 17.49 -85.12 -40.23
N GLY L 290 18.21 -84.81 -41.29
CA GLY L 290 19.61 -85.21 -41.42
C GLY L 290 20.55 -84.50 -40.46
N ALA M 81 0.32 -86.61 30.27
CA ALA M 81 -1.11 -86.63 29.98
C ALA M 81 -1.91 -86.75 31.27
N ALA M 82 -2.12 -85.60 31.93
CA ALA M 82 -2.78 -85.62 33.23
C ALA M 82 -4.27 -85.93 33.12
N ASP M 83 -4.95 -85.48 32.06
CA ASP M 83 -6.38 -85.72 31.94
C ASP M 83 -6.79 -86.02 30.50
N LYS M 84 -5.93 -86.71 29.75
CA LYS M 84 -6.15 -86.87 28.31
C LYS M 84 -7.30 -87.80 27.99
N GLN M 85 -7.66 -88.69 28.92
CA GLN M 85 -8.68 -89.69 28.63
C GLN M 85 -10.07 -89.08 28.60
N THR M 86 -10.37 -88.20 29.55
CA THR M 86 -11.68 -87.57 29.62
C THR M 86 -11.90 -86.60 28.47
N LEU M 87 -10.82 -86.06 27.93
CA LEU M 87 -10.90 -85.17 26.78
C LEU M 87 -11.43 -85.90 25.56
N GLN M 88 -11.13 -87.18 25.44
CA GLN M 88 -11.65 -88.03 24.38
C GLN M 88 -13.08 -88.46 24.64
N SER M 89 -13.62 -88.13 25.82
CA SER M 89 -15.03 -88.26 26.09
C SER M 89 -15.76 -86.94 26.03
N GLU M 90 -15.04 -85.81 26.10
CA GLU M 90 -15.64 -84.49 25.98
C GLU M 90 -15.86 -84.08 24.53
N GLN M 91 -15.27 -84.83 23.58
CA GLN M 91 -15.49 -84.53 22.17
C GLN M 91 -16.94 -84.67 21.71
N PRO M 92 -17.79 -85.55 22.23
CA PRO M 92 -19.23 -85.41 21.95
C PRO M 92 -19.95 -84.31 22.73
N LEU M 93 -19.25 -83.37 23.36
CA LEU M 93 -19.88 -82.30 24.13
C LEU M 93 -19.29 -80.96 23.71
N GLN M 94 -20.02 -80.22 22.87
CA GLN M 94 -19.56 -78.91 22.40
C GLN M 94 -20.77 -78.09 21.99
N VAL M 95 -21.02 -76.99 22.69
CA VAL M 95 -22.25 -76.25 22.47
C VAL M 95 -22.00 -74.78 22.80
N ALA M 96 -23.06 -73.95 22.67
CA ALA M 96 -23.22 -72.66 23.34
C ALA M 96 -22.33 -71.50 22.89
N ARG M 97 -22.60 -70.96 21.70
CA ARG M 97 -21.97 -69.73 21.19
C ARG M 97 -22.29 -68.52 22.09
N CYS M 98 -21.58 -67.40 21.86
CA CYS M 98 -21.44 -66.32 22.84
C CYS M 98 -22.71 -65.50 23.02
N THR M 99 -23.13 -64.79 21.97
CA THR M 99 -24.53 -64.39 21.70
C THR M 99 -25.16 -63.52 22.80
N LYS M 100 -24.68 -62.28 22.84
CA LYS M 100 -25.23 -61.26 23.72
C LYS M 100 -26.69 -60.93 23.38
N ILE M 101 -27.52 -60.86 24.42
CA ILE M 101 -28.95 -60.57 24.29
C ILE M 101 -29.15 -59.10 23.94
N ILE M 102 -30.03 -58.84 22.96
CA ILE M 102 -30.46 -57.47 22.70
C ILE M 102 -31.67 -57.16 23.57
N ASN M 103 -32.80 -57.82 23.32
CA ASN M 103 -34.00 -57.58 24.14
C ASN M 103 -34.94 -58.78 24.02
N ALA M 104 -36.20 -58.57 24.41
CA ALA M 104 -37.19 -59.65 24.47
C ALA M 104 -38.47 -59.21 23.78
N ASP M 105 -39.35 -60.18 23.52
CA ASP M 105 -40.73 -59.92 23.15
C ASP M 105 -41.62 -59.97 24.38
N SER M 106 -42.93 -59.96 24.15
CA SER M 106 -43.91 -59.93 25.22
C SER M 106 -44.62 -61.28 25.33
N GLU M 107 -45.09 -61.59 26.54
CA GLU M 107 -45.88 -62.75 26.97
C GLU M 107 -45.11 -64.06 26.94
N ASP M 108 -43.88 -64.06 26.44
CA ASP M 108 -43.19 -65.24 25.97
C ASP M 108 -41.70 -64.98 26.13
N PRO M 109 -40.88 -66.04 26.11
CA PRO M 109 -39.42 -65.79 26.09
C PRO M 109 -38.94 -65.00 24.88
N LYS M 110 -39.08 -65.60 23.68
CA LYS M 110 -38.93 -64.99 22.35
C LYS M 110 -37.84 -63.92 22.26
N TYR M 111 -36.65 -64.30 22.71
CA TYR M 111 -35.62 -63.30 22.95
C TYR M 111 -34.96 -62.89 21.63
N ILE M 112 -34.07 -61.92 21.73
CA ILE M 112 -33.53 -61.19 20.59
C ILE M 112 -32.07 -60.87 20.90
N ILE M 113 -31.18 -61.29 20.00
CA ILE M 113 -29.76 -61.49 20.25
C ILE M 113 -28.98 -61.13 18.99
N ASN M 114 -27.93 -60.31 19.14
CA ASN M 114 -26.86 -60.23 18.16
C ASN M 114 -25.67 -61.07 18.64
N VAL M 115 -24.92 -61.65 17.70
CA VAL M 115 -23.91 -62.60 18.15
C VAL M 115 -22.64 -61.85 18.54
N LYS M 116 -21.90 -61.36 17.54
CA LYS M 116 -20.96 -60.28 17.77
C LYS M 116 -20.99 -59.31 16.60
N GLN M 117 -20.96 -59.87 15.43
CA GLN M 117 -20.68 -59.14 14.20
C GLN M 117 -21.69 -59.40 13.11
N PHE M 118 -22.23 -60.62 13.05
CA PHE M 118 -23.03 -61.08 11.91
C PHE M 118 -24.32 -60.30 11.74
N ALA M 119 -25.25 -60.47 12.67
CA ALA M 119 -26.61 -59.98 12.45
C ALA M 119 -27.32 -59.90 13.78
N LYS M 120 -28.60 -59.55 13.74
CA LYS M 120 -29.47 -59.52 14.89
C LYS M 120 -30.62 -60.50 14.67
N PHE M 121 -31.20 -60.97 15.77
CA PHE M 121 -31.84 -62.28 15.78
C PHE M 121 -33.01 -62.30 16.75
N VAL M 122 -34.05 -63.04 16.41
CA VAL M 122 -35.21 -63.20 17.29
C VAL M 122 -35.24 -64.67 17.71
N VAL M 123 -34.64 -64.97 18.85
CA VAL M 123 -34.23 -66.31 19.18
C VAL M 123 -35.29 -66.99 20.03
N ASP M 124 -35.15 -68.31 20.19
CA ASP M 124 -35.94 -69.08 21.12
C ASP M 124 -34.99 -69.91 21.97
N LEU M 125 -35.52 -70.47 23.06
CA LEU M 125 -34.69 -71.18 24.02
C LEU M 125 -34.73 -72.70 23.85
N SER M 126 -33.60 -73.32 24.17
CA SER M 126 -33.64 -74.72 24.56
C SER M 126 -34.45 -74.84 25.83
N ASP M 127 -35.25 -75.91 25.91
CA ASP M 127 -36.29 -75.97 26.92
C ASP M 127 -35.73 -76.23 28.32
N GLN M 128 -34.53 -76.80 28.41
CA GLN M 128 -33.94 -77.07 29.72
C GLN M 128 -33.05 -75.93 30.19
N VAL M 129 -33.57 -74.71 30.14
CA VAL M 129 -32.95 -73.55 30.79
C VAL M 129 -34.02 -72.84 31.62
N ALA M 130 -33.59 -71.82 32.35
CA ALA M 130 -34.52 -71.00 33.11
C ALA M 130 -34.93 -69.82 32.25
N PRO M 131 -36.22 -69.67 31.94
CA PRO M 131 -36.64 -68.53 31.10
C PRO M 131 -36.60 -67.20 31.82
N THR M 132 -36.42 -67.21 33.13
CA THR M 132 -36.35 -65.96 33.90
C THR M 132 -35.04 -65.23 33.63
N ASP M 133 -33.91 -65.91 33.79
CA ASP M 133 -32.61 -65.26 33.77
C ASP M 133 -32.01 -65.20 32.37
N ILE M 134 -32.80 -64.76 31.40
CA ILE M 134 -32.33 -64.55 30.03
C ILE M 134 -32.59 -63.05 29.79
N GLU M 135 -32.45 -62.28 30.86
CA GLU M 135 -32.79 -60.87 30.80
C GLU M 135 -31.78 -60.10 29.95
N GLU M 136 -32.15 -58.86 29.64
CA GLU M 136 -31.44 -58.11 28.61
C GLU M 136 -30.10 -57.62 29.13
N GLY M 137 -29.19 -57.40 28.19
CA GLY M 137 -27.83 -57.04 28.55
C GLY M 137 -27.09 -58.20 29.17
N MET M 138 -27.07 -59.33 28.47
CA MET M 138 -26.53 -60.58 28.97
C MET M 138 -26.15 -61.42 27.76
N ARG M 139 -25.25 -62.38 27.96
CA ARG M 139 -24.93 -63.35 26.92
C ARG M 139 -25.23 -64.74 27.46
N VAL M 140 -25.97 -65.51 26.68
CA VAL M 140 -26.37 -66.84 27.07
C VAL M 140 -25.56 -67.84 26.26
N GLY M 141 -25.64 -69.10 26.66
CA GLY M 141 -25.27 -70.16 25.75
C GLY M 141 -26.29 -70.21 24.62
N VAL M 142 -25.80 -70.43 23.40
CA VAL M 142 -26.66 -70.50 22.22
C VAL M 142 -26.08 -71.52 21.25
N ASP M 143 -26.94 -72.45 20.84
CA ASP M 143 -26.60 -73.54 19.92
C ASP M 143 -26.10 -73.00 18.57
N ARG M 144 -25.42 -73.87 17.81
CA ARG M 144 -25.02 -73.48 16.46
C ARG M 144 -26.08 -73.88 15.43
N ASN M 145 -26.73 -75.02 15.63
CA ASN M 145 -27.70 -75.52 14.67
C ASN M 145 -29.03 -74.78 14.75
N LYS M 146 -29.63 -74.67 15.93
CA LYS M 146 -30.91 -74.02 16.08
C LYS M 146 -30.82 -72.63 16.68
N TYR M 147 -29.62 -72.22 17.11
CA TYR M 147 -29.38 -71.04 17.93
C TYR M 147 -30.30 -71.00 19.15
N GLN M 148 -30.48 -72.13 19.81
CA GLN M 148 -31.36 -72.16 20.97
C GLN M 148 -30.59 -71.83 22.24
N ILE M 149 -31.29 -71.19 23.17
CA ILE M 149 -30.65 -70.56 24.33
C ILE M 149 -30.21 -71.64 25.32
N HIS M 150 -28.94 -71.61 25.67
CA HIS M 150 -28.38 -72.36 26.78
C HIS M 150 -28.02 -71.36 27.87
N ILE M 151 -27.36 -71.83 28.91
CA ILE M 151 -27.32 -71.10 30.19
C ILE M 151 -26.43 -69.87 30.07
N PRO M 152 -26.77 -68.75 30.72
CA PRO M 152 -25.89 -67.58 30.74
C PRO M 152 -24.96 -67.55 31.93
N LEU M 153 -24.16 -66.50 32.01
CA LEU M 153 -23.33 -66.17 33.14
C LEU M 153 -23.02 -64.69 32.97
N PRO M 154 -22.78 -63.93 34.04
CA PRO M 154 -22.28 -62.56 33.86
C PRO M 154 -20.89 -62.58 33.25
N PRO M 155 -20.68 -61.81 32.17
CA PRO M 155 -19.36 -61.79 31.51
C PRO M 155 -18.20 -61.32 32.39
N LYS M 156 -18.30 -60.13 32.96
CA LYS M 156 -17.15 -59.51 33.62
C LYS M 156 -17.23 -59.74 35.13
N ILE M 157 -16.20 -60.40 35.66
CA ILE M 157 -16.13 -60.86 37.04
C ILE M 157 -14.74 -60.54 37.60
N ASP M 158 -14.38 -61.20 38.71
CA ASP M 158 -13.43 -60.87 39.77
C ASP M 158 -12.16 -60.05 39.45
N PRO M 159 -11.36 -60.28 38.39
CA PRO M 159 -10.20 -59.40 38.19
C PRO M 159 -10.56 -58.06 37.58
N THR M 160 -10.60 -57.02 38.42
CA THR M 160 -10.80 -55.67 37.90
C THR M 160 -9.80 -54.68 38.48
N VAL M 161 -9.48 -54.78 39.77
CA VAL M 161 -8.77 -53.72 40.48
C VAL M 161 -7.56 -54.32 41.20
N THR M 162 -6.52 -53.51 41.36
CA THR M 162 -5.31 -53.89 42.07
C THR M 162 -5.23 -53.19 43.44
N TYR M 174 -0.48 -41.46 53.79
CA TYR M 174 -0.67 -40.12 53.27
C TYR M 174 -0.36 -39.08 54.34
N SER M 175 0.93 -38.91 54.65
CA SER M 175 1.33 -37.93 55.64
C SER M 175 1.25 -36.51 55.09
N ASP M 176 1.26 -36.38 53.76
CA ASP M 176 1.19 -35.08 53.11
C ASP M 176 -0.24 -34.66 52.82
N VAL M 177 -1.19 -35.13 53.64
CA VAL M 177 -2.52 -34.53 53.67
C VAL M 177 -2.33 -33.08 54.10
N GLY M 178 -2.61 -32.17 53.19
CA GLY M 178 -2.29 -30.76 53.30
C GLY M 178 -1.23 -30.36 52.29
N GLY M 179 -1.70 -29.85 51.15
CA GLY M 179 -0.88 -29.24 50.13
C GLY M 179 -1.34 -27.83 49.89
N CYS M 180 -2.02 -27.64 48.76
CA CYS M 180 -2.90 -26.50 48.59
C CYS M 180 -3.94 -26.51 49.71
N LYS M 181 -4.21 -25.34 50.27
CA LYS M 181 -4.78 -25.27 51.61
C LYS M 181 -6.29 -25.45 51.64
N GLU M 182 -7.03 -24.55 51.00
CA GLU M 182 -8.47 -24.49 51.17
C GLU M 182 -9.23 -25.57 50.41
N GLN M 183 -8.52 -26.45 49.73
CA GLN M 183 -9.08 -27.49 48.89
C GLN M 183 -9.52 -28.70 49.71
N ILE M 184 -8.72 -29.05 50.71
CA ILE M 184 -9.04 -30.17 51.58
C ILE M 184 -10.03 -29.73 52.66
N GLU M 185 -10.30 -28.44 52.78
CA GLU M 185 -11.37 -27.99 53.65
C GLU M 185 -12.74 -28.16 53.01
N LYS M 186 -12.87 -27.80 51.73
CA LYS M 186 -14.12 -28.04 51.03
C LYS M 186 -14.30 -29.51 50.73
N LEU M 187 -13.21 -30.20 50.37
CA LEU M 187 -13.21 -31.65 50.26
C LEU M 187 -13.58 -32.29 51.59
N ARG M 188 -13.11 -31.68 52.69
CA ARG M 188 -13.46 -32.16 54.03
C ARG M 188 -14.95 -31.96 54.30
N GLU M 189 -15.53 -30.88 53.76
CA GLU M 189 -16.95 -30.65 53.94
C GLU M 189 -17.77 -31.68 53.16
N VAL M 190 -17.62 -31.67 51.84
CA VAL M 190 -18.49 -32.44 50.96
C VAL M 190 -18.24 -33.93 51.10
N VAL M 191 -17.02 -34.33 51.40
CA VAL M 191 -16.74 -35.75 51.57
C VAL M 191 -17.02 -36.15 53.01
N GLU M 192 -16.53 -35.36 53.97
CA GLU M 192 -16.48 -35.82 55.36
C GLU M 192 -17.85 -35.75 56.03
N THR M 193 -18.65 -34.72 55.72
CA THR M 193 -19.90 -34.54 56.46
C THR M 193 -21.04 -35.54 56.18
N PRO M 194 -21.26 -36.07 54.96
CA PRO M 194 -22.24 -37.17 54.86
C PRO M 194 -21.73 -38.48 55.41
N LEU M 195 -20.43 -38.72 55.35
CA LEU M 195 -19.86 -39.92 55.96
C LEU M 195 -19.92 -39.90 57.48
N LEU M 196 -20.11 -38.73 58.07
CA LEU M 196 -20.07 -38.56 59.52
C LEU M 196 -21.40 -38.08 60.09
N HIS M 197 -21.95 -36.99 59.60
CA HIS M 197 -23.12 -36.47 60.30
C HIS M 197 -24.27 -36.12 59.37
N PRO M 198 -25.38 -36.86 59.45
CA PRO M 198 -26.68 -36.37 58.97
C PRO M 198 -27.41 -35.56 60.04
N GLU M 199 -26.67 -34.71 60.74
CA GLU M 199 -27.19 -33.75 61.71
C GLU M 199 -27.07 -32.34 61.17
N ARG M 200 -26.00 -32.08 60.43
CA ARG M 200 -25.87 -30.83 59.71
C ARG M 200 -26.82 -30.73 58.53
N PHE M 201 -27.25 -31.88 57.98
CA PHE M 201 -28.02 -31.89 56.74
C PHE M 201 -29.52 -31.85 57.00
N VAL M 202 -30.03 -32.87 57.70
CA VAL M 202 -31.46 -33.08 57.78
C VAL M 202 -32.08 -32.16 58.81
N ASN M 203 -31.38 -31.91 59.92
CA ASN M 203 -31.88 -30.97 60.91
C ASN M 203 -31.87 -29.55 60.38
N LEU M 204 -30.93 -29.23 59.49
CA LEU M 204 -30.97 -27.97 58.76
C LEU M 204 -31.75 -28.09 57.46
N GLY M 205 -32.12 -29.31 57.07
CA GLY M 205 -33.12 -29.50 56.04
C GLY M 205 -32.61 -29.55 54.63
N ILE M 206 -31.39 -30.05 54.42
CA ILE M 206 -30.82 -30.11 53.08
C ILE M 206 -30.50 -31.55 52.74
N GLU M 207 -30.15 -31.76 51.51
CA GLU M 207 -29.61 -32.96 50.91
C GLU M 207 -28.12 -33.05 51.18
N PRO M 208 -27.57 -34.26 51.26
CA PRO M 208 -26.12 -34.40 51.35
C PRO M 208 -25.46 -34.00 50.03
N PRO M 209 -24.48 -33.10 50.08
CA PRO M 209 -23.66 -32.84 48.89
C PRO M 209 -22.81 -34.06 48.58
N LYS M 210 -22.98 -34.61 47.38
CA LYS M 210 -22.45 -35.92 47.08
C LYS M 210 -21.26 -35.92 46.13
N GLY M 211 -21.06 -34.87 45.34
CA GLY M 211 -19.95 -34.82 44.42
C GLY M 211 -19.38 -33.42 44.25
N VAL M 212 -18.12 -33.38 43.82
CA VAL M 212 -17.39 -32.15 43.52
C VAL M 212 -16.79 -32.28 42.12
N LEU M 213 -16.97 -31.23 41.30
CA LEU M 213 -16.28 -31.09 40.03
C LEU M 213 -14.91 -30.47 40.28
N LEU M 214 -13.87 -31.29 40.28
CA LEU M 214 -12.53 -30.76 40.40
C LEU M 214 -12.07 -30.20 39.06
N PHE M 215 -11.52 -28.99 39.11
CA PHE M 215 -11.03 -28.33 37.91
C PHE M 215 -9.73 -27.63 38.25
N GLY M 216 -8.76 -27.75 37.35
CA GLY M 216 -7.44 -27.22 37.56
C GLY M 216 -6.47 -27.80 36.57
N PRO M 217 -5.29 -27.20 36.45
CA PRO M 217 -4.27 -27.72 35.52
C PRO M 217 -3.74 -29.05 36.00
N PRO M 218 -3.21 -29.88 35.11
CA PRO M 218 -2.65 -31.17 35.55
C PRO M 218 -1.31 -31.00 36.23
N GLY M 219 -0.84 -32.10 36.81
CA GLY M 219 0.39 -32.06 37.58
C GLY M 219 0.28 -31.24 38.84
N THR M 220 -0.88 -31.26 39.49
CA THR M 220 -1.17 -30.27 40.52
C THR M 220 -1.61 -30.90 41.84
N GLY M 221 -2.24 -32.06 41.82
CA GLY M 221 -2.63 -32.67 43.08
C GLY M 221 -4.08 -33.08 43.19
N LYS M 222 -4.75 -33.27 42.06
CA LYS M 222 -6.01 -34.02 42.08
C LYS M 222 -5.77 -35.42 42.58
N THR M 223 -4.67 -36.03 42.14
CA THR M 223 -4.23 -37.32 42.66
C THR M 223 -3.95 -37.23 44.15
N LEU M 224 -3.32 -36.13 44.57
CA LEU M 224 -2.95 -35.95 45.96
C LEU M 224 -4.17 -35.79 46.85
N CYS M 225 -5.14 -35.00 46.40
CA CYS M 225 -6.31 -34.75 47.23
C CYS M 225 -7.21 -35.98 47.26
N ALA M 226 -7.44 -36.59 46.10
CA ALA M 226 -8.38 -37.71 46.01
C ALA M 226 -7.82 -38.95 46.71
N ARG M 227 -6.53 -39.19 46.56
CA ARG M 227 -5.93 -40.26 47.33
C ARG M 227 -5.69 -39.86 48.77
N ALA M 228 -5.67 -38.56 49.06
CA ALA M 228 -5.60 -38.11 50.45
C ALA M 228 -6.94 -38.25 51.15
N VAL M 229 -8.03 -38.45 50.40
CA VAL M 229 -9.29 -38.85 51.03
C VAL M 229 -9.16 -40.25 51.60
N ALA M 230 -8.40 -41.12 50.92
CA ALA M 230 -8.29 -42.53 51.25
C ALA M 230 -7.57 -42.79 52.57
N ASN M 231 -7.04 -41.77 53.22
CA ASN M 231 -6.53 -41.89 54.58
C ASN M 231 -7.65 -42.15 55.57
N ARG M 232 -8.85 -41.59 55.32
CA ARG M 232 -9.84 -41.48 56.37
C ARG M 232 -11.14 -42.25 56.10
N THR M 233 -11.43 -42.69 54.89
CA THR M 233 -12.66 -43.44 54.67
C THR M 233 -12.60 -44.75 55.47
N ASP M 234 -11.58 -45.52 55.12
CA ASP M 234 -11.26 -46.78 55.73
C ASP M 234 -9.87 -46.89 55.19
N ALA M 235 -9.81 -47.33 53.93
CA ALA M 235 -8.59 -47.50 53.14
C ALA M 235 -8.99 -47.88 51.73
N CYS M 236 -10.09 -47.36 51.17
CA CYS M 236 -10.41 -47.84 49.83
C CYS M 236 -10.26 -46.75 48.80
N PHE M 237 -9.75 -47.12 47.62
CA PHE M 237 -9.60 -46.20 46.50
C PHE M 237 -9.54 -47.00 45.21
N ILE M 238 -10.37 -46.62 44.24
CA ILE M 238 -10.38 -47.18 42.90
C ILE M 238 -10.07 -46.05 41.95
N ARG M 239 -9.23 -46.32 40.95
CA ARG M 239 -8.73 -45.29 40.07
C ARG M 239 -9.08 -45.61 38.63
N VAL M 240 -9.89 -44.75 38.01
CA VAL M 240 -10.42 -45.02 36.69
C VAL M 240 -10.07 -43.83 35.79
N ILE M 241 -9.31 -44.09 34.74
CA ILE M 241 -9.18 -43.16 33.63
C ILE M 241 -10.36 -43.35 32.70
N GLY M 242 -10.95 -42.25 32.23
CA GLY M 242 -12.05 -42.36 31.28
C GLY M 242 -11.63 -42.92 29.94
N SER M 243 -10.41 -42.57 29.50
CA SER M 243 -9.89 -43.02 28.21
C SER M 243 -9.57 -44.51 28.19
N GLU M 244 -9.63 -45.20 29.34
CA GLU M 244 -9.62 -46.65 29.35
C GLU M 244 -10.82 -47.24 28.63
N LEU M 245 -11.95 -46.52 28.60
CA LEU M 245 -13.19 -47.07 28.07
C LEU M 245 -13.35 -46.85 26.56
N VAL M 246 -12.28 -46.52 25.85
CA VAL M 246 -12.36 -46.35 24.41
C VAL M 246 -12.32 -47.74 23.77
N GLN M 247 -13.49 -48.30 23.52
CA GLN M 247 -13.60 -49.65 22.97
C GLN M 247 -14.50 -49.64 21.75
N LYS M 248 -14.51 -50.75 21.02
CA LYS M 248 -15.35 -50.91 19.84
C LYS M 248 -16.52 -51.86 20.09
N TYR M 249 -17.14 -51.78 21.26
CA TYR M 249 -18.26 -52.65 21.59
C TYR M 249 -19.32 -51.87 22.33
N VAL M 250 -20.57 -52.10 21.91
CA VAL M 250 -21.68 -51.21 22.26
C VAL M 250 -22.02 -51.35 23.73
N GLY M 251 -21.92 -50.25 24.46
CA GLY M 251 -22.22 -50.23 25.87
C GLY M 251 -21.24 -50.98 26.74
N GLU M 252 -20.06 -51.34 26.20
CA GLU M 252 -19.05 -51.99 27.03
C GLU M 252 -18.49 -51.01 28.04
N GLY M 253 -18.38 -49.73 27.66
CA GLY M 253 -18.13 -48.71 28.65
C GLY M 253 -19.26 -48.61 29.65
N ALA M 254 -20.51 -48.68 29.16
CA ALA M 254 -21.66 -48.73 30.06
C ALA M 254 -21.70 -50.03 30.84
N ARG M 255 -21.18 -51.11 30.26
CA ARG M 255 -21.05 -52.33 31.04
C ARG M 255 -20.04 -52.14 32.17
N MET M 256 -18.97 -51.38 31.91
CA MET M 256 -18.07 -51.03 33.00
C MET M 256 -18.70 -50.05 33.97
N VAL M 257 -19.71 -49.28 33.56
CA VAL M 257 -20.50 -48.50 34.51
C VAL M 257 -21.29 -49.43 35.41
N ARG M 258 -21.85 -50.51 34.85
CA ARG M 258 -22.52 -51.54 35.64
C ARG M 258 -21.56 -52.21 36.61
N GLU M 259 -20.34 -52.51 36.14
CA GLU M 259 -19.36 -53.19 36.97
C GLU M 259 -18.91 -52.31 38.12
N LEU M 260 -18.66 -51.04 37.83
CA LEU M 260 -18.23 -50.11 38.86
C LEU M 260 -19.33 -49.81 39.86
N PHE M 261 -20.56 -49.56 39.38
CA PHE M 261 -21.65 -49.31 40.32
C PHE M 261 -22.20 -50.58 40.95
N GLU M 262 -21.66 -51.74 40.59
CA GLU M 262 -21.90 -52.94 41.38
C GLU M 262 -20.64 -53.45 42.07
N MET M 263 -19.54 -52.70 42.06
CA MET M 263 -18.44 -52.96 42.98
C MET M 263 -18.35 -51.92 44.08
N ALA M 264 -18.87 -50.72 43.84
CA ALA M 264 -18.83 -49.66 44.85
C ALA M 264 -19.77 -49.96 46.00
N ARG M 265 -20.85 -50.70 45.72
CA ARG M 265 -21.83 -51.02 46.75
C ARG M 265 -21.45 -52.25 47.55
N THR M 266 -20.46 -53.02 47.10
CA THR M 266 -20.02 -54.20 47.83
C THR M 266 -19.26 -53.80 49.09
N LYS M 267 -18.27 -52.95 48.95
CA LYS M 267 -17.48 -52.45 50.06
C LYS M 267 -18.02 -51.10 50.48
N LYS M 268 -17.73 -50.71 51.72
CA LYS M 268 -18.19 -49.45 52.26
C LYS M 268 -17.05 -48.45 52.30
N ALA M 269 -17.40 -47.17 52.18
CA ALA M 269 -16.48 -46.03 52.21
C ALA M 269 -15.40 -46.15 51.13
N CYS M 270 -15.84 -46.33 49.89
CA CYS M 270 -14.93 -46.54 48.79
C CYS M 270 -14.86 -45.31 47.91
N LEU M 271 -13.80 -45.27 47.09
CA LEU M 271 -13.44 -44.08 46.33
C LEU M 271 -13.14 -44.50 44.90
N ILE M 272 -14.05 -44.21 44.00
CA ILE M 272 -13.73 -44.39 42.59
C ILE M 272 -13.37 -43.04 41.99
N PHE M 273 -12.25 -42.97 41.30
CA PHE M 273 -11.77 -41.71 40.76
C PHE M 273 -12.14 -41.58 39.30
N PHE M 274 -12.57 -40.39 38.91
CA PHE M 274 -12.92 -40.10 37.53
C PHE M 274 -11.93 -39.12 36.93
N ASP M 275 -11.64 -39.32 35.65
CA ASP M 275 -10.62 -38.52 34.99
C ASP M 275 -10.87 -38.54 33.49
N GLU M 276 -10.45 -37.46 32.84
CA GLU M 276 -10.71 -37.16 31.42
C GLU M 276 -12.17 -37.32 31.08
N ILE M 277 -12.99 -36.48 31.72
CA ILE M 277 -14.44 -36.66 31.65
C ILE M 277 -15.01 -35.91 30.45
N ASP M 278 -14.13 -35.36 29.59
CA ASP M 278 -14.57 -34.74 28.35
C ASP M 278 -14.82 -35.80 27.27
N ALA M 279 -13.99 -36.84 27.22
CA ALA M 279 -14.25 -37.96 26.32
C ALA M 279 -15.41 -38.81 26.81
N ILE M 280 -15.75 -38.73 28.10
CA ILE M 280 -16.91 -39.44 28.63
C ILE M 280 -18.19 -38.72 28.23
N GLY M 281 -18.15 -37.40 28.11
CA GLY M 281 -19.29 -36.66 27.60
C GLY M 281 -20.13 -36.00 28.69
N GLY M 282 -20.50 -34.75 28.48
CA GLY M 282 -21.58 -34.15 29.24
C GLY M 282 -22.64 -33.61 28.30
N ALA M 283 -22.22 -33.19 27.12
CA ALA M 283 -23.12 -32.64 26.13
C ALA M 283 -23.55 -33.75 25.17
N ARG M 284 -24.86 -33.87 24.96
CA ARG M 284 -25.41 -34.87 24.05
C ARG M 284 -25.20 -34.44 22.60
N PHE M 285 -23.96 -34.61 22.13
CA PHE M 285 -23.68 -34.46 20.73
C PHE M 285 -24.38 -35.57 19.96
N ASP M 286 -25.25 -35.16 19.03
CA ASP M 286 -26.03 -36.07 18.20
C ASP M 286 -26.65 -35.39 16.98
N ASP M 287 -26.54 -36.08 15.85
CA ASP M 287 -27.10 -35.66 14.56
C ASP M 287 -27.48 -36.96 13.85
N GLY M 288 -28.50 -36.95 12.99
CA GLY M 288 -28.84 -38.22 12.37
C GLY M 288 -27.77 -38.95 11.58
N ALA M 289 -26.70 -39.38 12.24
CA ALA M 289 -25.69 -40.23 11.61
C ALA M 289 -25.33 -41.45 12.44
N GLY M 290 -25.28 -41.30 13.77
CA GLY M 290 -25.06 -42.44 14.65
C GLY M 290 -23.65 -43.00 14.70
N GLY M 291 -22.70 -42.22 15.19
CA GLY M 291 -21.32 -42.67 15.29
C GLY M 291 -20.88 -42.95 16.72
N ASP M 292 -20.20 -41.98 17.31
CA ASP M 292 -19.68 -42.10 18.67
C ASP M 292 -20.79 -42.01 19.71
N ASN M 293 -21.43 -43.14 20.02
CA ASN M 293 -22.57 -43.15 20.93
C ASN M 293 -22.40 -44.10 22.11
N GLU M 294 -21.39 -44.97 22.10
CA GLU M 294 -21.07 -45.74 23.29
C GLU M 294 -20.64 -44.81 24.43
N VAL M 295 -19.96 -43.73 24.06
CA VAL M 295 -19.76 -42.57 24.92
C VAL M 295 -21.11 -42.05 25.44
N GLN M 296 -22.09 -41.94 24.55
CA GLN M 296 -23.34 -41.30 24.92
C GLN M 296 -24.19 -42.19 25.82
N ARG M 297 -24.38 -43.45 25.43
CA ARG M 297 -25.18 -44.37 26.24
C ARG M 297 -24.46 -44.73 27.53
N THR M 298 -23.13 -44.78 27.50
CA THR M 298 -22.36 -44.92 28.72
C THR M 298 -22.54 -43.70 29.63
N MET M 299 -22.71 -42.52 29.03
CA MET M 299 -22.92 -41.32 29.82
C MET M 299 -24.32 -41.31 30.44
N LEU M 300 -25.31 -41.84 29.72
CA LEU M 300 -26.66 -41.91 30.28
C LEU M 300 -26.75 -42.96 31.38
N GLU M 301 -26.04 -44.09 31.20
CA GLU M 301 -25.92 -45.08 32.25
C GLU M 301 -25.19 -44.50 33.46
N LEU M 302 -24.25 -43.58 33.20
CA LEU M 302 -23.57 -42.86 34.27
C LEU M 302 -24.53 -41.95 35.01
N ILE M 303 -25.46 -41.29 34.29
CA ILE M 303 -26.49 -40.49 34.93
C ILE M 303 -27.38 -41.36 35.80
N ASN M 304 -27.76 -42.53 35.29
CA ASN M 304 -28.73 -43.37 36.00
C ASN M 304 -28.12 -43.98 37.25
N GLN M 305 -27.00 -44.68 37.10
CA GLN M 305 -26.40 -45.31 38.26
C GLN M 305 -25.69 -44.33 39.19
N LEU M 306 -25.36 -43.12 38.71
CA LEU M 306 -24.68 -42.16 39.57
C LEU M 306 -25.59 -41.56 40.62
N ASP M 307 -26.62 -40.81 40.19
CA ASP M 307 -27.47 -40.07 41.10
C ASP M 307 -28.90 -40.12 40.59
N GLY M 308 -29.80 -40.45 41.49
CA GLY M 308 -31.08 -41.03 41.12
C GLY M 308 -30.84 -42.53 41.06
N PHE M 309 -31.92 -43.30 41.27
CA PHE M 309 -31.88 -44.76 41.22
C PHE M 309 -30.90 -45.35 42.24
N ASP M 310 -31.28 -45.36 43.53
CA ASP M 310 -30.50 -45.77 44.69
C ASP M 310 -29.29 -44.87 44.86
N PRO M 311 -29.44 -43.81 45.67
CA PRO M 311 -28.44 -42.80 46.04
C PRO M 311 -27.14 -43.38 46.63
N ARG M 312 -26.09 -42.58 46.53
CA ARG M 312 -24.73 -42.95 46.95
C ARG M 312 -24.46 -43.66 48.29
N GLY M 313 -24.58 -42.93 49.39
CA GLY M 313 -24.21 -43.43 50.71
C GLY M 313 -22.72 -43.41 50.91
N ASN M 314 -22.14 -44.59 51.16
CA ASN M 314 -20.72 -44.69 51.49
C ASN M 314 -19.88 -44.97 50.23
N ILE M 315 -20.10 -44.14 49.21
CA ILE M 315 -19.31 -44.16 47.98
C ILE M 315 -19.03 -42.71 47.60
N LYS M 316 -17.76 -42.35 47.45
CA LYS M 316 -17.40 -40.98 47.10
C LYS M 316 -16.54 -40.98 45.84
N VAL M 317 -16.96 -40.17 44.87
CA VAL M 317 -16.41 -40.17 43.51
C VAL M 317 -16.22 -38.73 43.11
N LEU M 318 -15.00 -38.38 42.70
CA LEU M 318 -14.72 -37.05 42.19
C LEU M 318 -14.38 -37.13 40.72
N MET M 319 -14.54 -35.99 40.04
CA MET M 319 -14.38 -35.90 38.60
C MET M 319 -13.32 -34.87 38.28
N ALA M 320 -12.31 -35.28 37.53
CA ALA M 320 -11.19 -34.43 37.17
C ALA M 320 -11.41 -33.86 35.78
N THR M 321 -11.22 -32.54 35.66
CA THR M 321 -11.35 -31.89 34.36
C THR M 321 -10.49 -30.64 34.35
N ASN M 322 -10.28 -30.13 33.14
CA ASN M 322 -9.80 -28.77 32.92
C ASN M 322 -10.94 -27.79 32.70
N ARG M 323 -12.14 -28.30 32.38
CA ARG M 323 -13.24 -27.48 31.93
C ARG M 323 -14.55 -27.90 32.58
N PRO M 324 -15.28 -27.00 33.22
CA PRO M 324 -16.71 -27.23 33.49
C PRO M 324 -17.63 -26.89 32.32
N ASP M 325 -17.09 -26.78 31.11
CA ASP M 325 -17.82 -26.28 29.95
C ASP M 325 -18.64 -27.35 29.25
N THR M 326 -18.04 -28.50 28.97
CA THR M 326 -18.66 -29.51 28.12
C THR M 326 -19.43 -30.51 28.96
N LEU M 327 -20.06 -30.03 30.01
CA LEU M 327 -20.70 -30.84 31.02
C LEU M 327 -22.18 -31.02 30.73
N ASP M 328 -22.84 -31.69 31.64
CA ASP M 328 -24.22 -32.08 31.53
C ASP M 328 -25.05 -31.30 32.53
N PRO M 329 -26.08 -30.59 32.07
CA PRO M 329 -27.05 -30.00 33.01
C PRO M 329 -27.82 -31.01 33.83
N ALA M 330 -27.97 -32.24 33.35
CA ALA M 330 -28.47 -33.34 34.16
C ALA M 330 -27.50 -33.76 35.24
N LEU M 331 -26.22 -33.43 35.09
CA LEU M 331 -25.23 -33.61 36.15
C LEU M 331 -24.80 -32.28 36.75
N MET M 332 -25.08 -31.16 36.07
CA MET M 332 -25.18 -29.86 36.72
C MET M 332 -26.54 -29.64 37.36
N ARG M 333 -27.38 -30.66 37.37
CA ARG M 333 -28.47 -30.79 38.33
C ARG M 333 -27.89 -30.63 39.74
N PRO M 334 -28.27 -29.59 40.47
CA PRO M 334 -27.43 -29.13 41.60
C PRO M 334 -27.44 -30.00 42.84
N GLY M 335 -28.05 -31.19 42.82
CA GLY M 335 -27.95 -32.09 43.96
C GLY M 335 -26.84 -33.10 43.75
N ARG M 336 -26.03 -32.88 42.72
CA ARG M 336 -25.06 -33.84 42.24
C ARG M 336 -23.63 -33.37 42.47
N LEU M 337 -23.30 -32.20 41.92
CA LEU M 337 -21.94 -31.68 41.86
C LEU M 337 -22.07 -30.18 42.06
N ASP M 338 -21.92 -29.72 43.30
CA ASP M 338 -22.29 -28.35 43.65
C ASP M 338 -21.17 -27.55 44.29
N ARG M 339 -20.00 -28.14 44.52
CA ARG M 339 -18.94 -27.42 45.24
C ARG M 339 -17.92 -26.77 44.32
N LYS M 340 -17.33 -27.55 43.40
CA LYS M 340 -16.37 -27.08 42.40
C LYS M 340 -15.14 -26.44 43.05
N ILE M 341 -14.35 -27.32 43.69
CA ILE M 341 -13.12 -26.91 44.37
C ILE M 341 -12.10 -26.40 43.36
N GLU M 342 -11.53 -25.23 43.64
CA GLU M 342 -10.57 -24.57 42.78
C GLU M 342 -9.16 -24.64 43.38
N PHE M 343 -8.16 -24.63 42.49
CA PHE M 343 -6.76 -24.74 42.84
C PHE M 343 -5.93 -24.43 41.61
N SER M 344 -4.94 -23.56 41.77
CA SER M 344 -3.96 -23.39 40.71
C SER M 344 -2.54 -23.64 41.18
N LEU M 345 -2.09 -22.91 42.19
CA LEU M 345 -0.71 -22.88 42.63
C LEU M 345 -0.61 -22.61 44.13
N PRO M 346 0.43 -23.11 44.78
CA PRO M 346 0.76 -22.67 46.14
C PRO M 346 1.45 -21.31 46.11
N ASP M 347 1.31 -20.60 47.24
CA ASP M 347 1.57 -19.17 47.25
C ASP M 347 3.05 -18.79 47.36
N LEU M 348 3.65 -19.04 48.52
CA LEU M 348 5.09 -19.10 48.70
C LEU M 348 5.38 -20.29 49.58
N GLU M 349 4.48 -20.50 50.54
CA GLU M 349 4.79 -21.28 51.72
C GLU M 349 4.29 -22.70 51.57
N GLY M 350 3.28 -22.90 50.72
CA GLY M 350 3.02 -24.24 50.22
C GLY M 350 4.22 -24.77 49.47
N ARG M 351 4.90 -23.90 48.71
CA ARG M 351 6.14 -24.30 48.08
C ARG M 351 7.23 -24.59 49.09
N THR M 352 7.26 -23.89 50.23
CA THR M 352 8.21 -24.26 51.28
C THR M 352 7.83 -25.59 51.89
N HIS M 353 6.54 -25.89 51.94
CA HIS M 353 6.07 -27.17 52.45
C HIS M 353 6.49 -28.30 51.51
N ILE M 354 6.43 -28.04 50.20
CA ILE M 354 6.88 -29.05 49.25
C ILE M 354 8.41 -29.13 49.25
N PHE M 355 9.07 -28.02 49.59
CA PHE M 355 10.51 -28.06 49.83
C PHE M 355 10.82 -28.96 51.01
N LYS M 356 9.98 -28.93 52.04
CA LYS M 356 10.14 -29.84 53.16
C LYS M 356 9.89 -31.28 52.72
N ILE M 357 8.87 -31.48 51.87
CA ILE M 357 8.49 -32.83 51.44
C ILE M 357 9.59 -33.48 50.63
N HIS M 358 10.03 -32.83 49.56
CA HIS M 358 11.07 -33.39 48.74
C HIS M 358 12.45 -33.13 49.30
N ALA M 359 12.55 -32.44 50.43
CA ALA M 359 13.81 -32.31 51.12
C ALA M 359 14.05 -33.46 52.07
N ARG M 360 13.05 -33.84 52.86
CA ARG M 360 13.21 -34.96 53.77
C ARG M 360 13.29 -36.27 53.05
N SER M 361 12.73 -36.36 51.84
CA SER M 361 12.67 -37.59 51.08
C SER M 361 13.97 -37.90 50.36
N MET M 362 15.03 -37.12 50.59
CA MET M 362 16.29 -37.37 49.94
C MET M 362 17.40 -36.98 50.91
N SER M 363 18.63 -37.32 50.54
CA SER M 363 19.80 -37.05 51.37
C SER M 363 20.22 -35.62 51.09
N VAL M 364 20.01 -34.75 52.07
CA VAL M 364 20.42 -33.36 51.98
C VAL M 364 21.23 -33.00 53.21
N GLU M 365 21.60 -31.73 53.32
CA GLU M 365 22.14 -31.18 54.54
C GLU M 365 21.07 -30.33 55.22
N ARG M 366 20.90 -30.55 56.53
CA ARG M 366 19.84 -29.91 57.29
C ARG M 366 20.22 -28.54 57.81
N ASP M 367 21.21 -27.90 57.20
CA ASP M 367 21.69 -26.61 57.68
C ASP M 367 21.38 -25.49 56.70
N ILE M 368 20.42 -25.71 55.80
CA ILE M 368 20.16 -24.79 54.71
C ILE M 368 18.73 -24.28 54.81
N ARG M 369 18.43 -23.26 54.00
CA ARG M 369 17.12 -22.63 53.99
C ARG M 369 16.40 -22.91 52.68
N PHE M 370 15.13 -22.53 52.65
CA PHE M 370 14.28 -22.76 51.48
C PHE M 370 13.38 -21.60 51.12
N GLU M 371 13.23 -20.61 51.99
CA GLU M 371 12.42 -19.45 51.66
C GLU M 371 13.05 -18.63 50.55
N LEU M 372 14.38 -18.65 50.46
CA LEU M 372 15.06 -18.04 49.33
C LEU M 372 14.68 -18.77 48.05
N LEU M 373 14.50 -20.08 48.12
CA LEU M 373 14.07 -20.84 46.96
C LEU M 373 12.60 -20.60 46.64
N ALA M 374 11.77 -20.38 47.66
CA ALA M 374 10.37 -20.06 47.40
C ALA M 374 10.24 -18.68 46.80
N ARG M 375 11.17 -17.79 47.12
CA ARG M 375 11.30 -16.55 46.37
C ARG M 375 11.73 -16.82 44.95
N LEU M 376 12.62 -17.79 44.76
CA LEU M 376 13.10 -18.11 43.42
C LEU M 376 12.08 -18.85 42.57
N CYS M 377 10.98 -19.32 43.17
CA CYS M 377 9.95 -20.05 42.46
C CYS M 377 8.69 -19.19 42.45
N PRO M 378 8.47 -18.42 41.39
CA PRO M 378 7.21 -17.67 41.31
C PRO M 378 6.02 -18.55 41.01
N ASN M 379 6.13 -19.37 39.97
CA ASN M 379 5.03 -20.15 39.44
C ASN M 379 5.59 -21.51 39.08
N SER M 380 5.21 -22.53 39.84
CA SER M 380 5.79 -23.86 39.67
C SER M 380 4.88 -24.87 40.34
N THR M 381 5.01 -26.12 39.92
CA THR M 381 4.32 -27.22 40.57
C THR M 381 5.30 -27.93 41.48
N GLY M 382 4.74 -28.71 42.41
CA GLY M 382 5.57 -29.49 43.30
C GLY M 382 6.30 -30.62 42.59
N ALA M 383 5.77 -31.05 41.45
CA ALA M 383 6.53 -31.95 40.60
C ALA M 383 7.76 -31.26 40.05
N GLU M 384 7.63 -29.98 39.68
CA GLU M 384 8.79 -29.21 39.28
C GLU M 384 9.73 -28.95 40.44
N ILE M 385 9.19 -28.81 41.65
CA ILE M 385 10.00 -28.75 42.86
C ILE M 385 10.78 -30.03 43.03
N ARG M 386 10.15 -31.17 42.76
CA ARG M 386 10.85 -32.44 42.80
C ARG M 386 11.93 -32.50 41.72
N SER M 387 11.68 -31.86 40.57
CA SER M 387 12.71 -31.79 39.54
C SER M 387 13.88 -30.94 39.99
N VAL M 388 13.59 -29.90 40.77
CA VAL M 388 14.63 -29.08 41.37
C VAL M 388 15.44 -29.90 42.36
N CYS M 389 14.76 -30.70 43.18
CA CYS M 389 15.45 -31.48 44.21
C CYS M 389 16.29 -32.59 43.60
N THR M 390 15.79 -33.22 42.54
CA THR M 390 16.61 -34.18 41.81
C THR M 390 17.72 -33.51 41.05
N GLU M 391 17.55 -32.24 40.64
CA GLU M 391 18.63 -31.56 39.94
C GLU M 391 19.75 -31.17 40.89
N ALA M 392 19.39 -30.74 42.11
CA ALA M 392 20.39 -30.61 43.17
C ALA M 392 20.99 -31.97 43.50
N GLY M 393 20.21 -33.03 43.32
CA GLY M 393 20.77 -34.35 43.31
C GLY M 393 21.79 -34.57 42.22
N MET M 394 21.59 -33.95 41.04
CA MET M 394 22.53 -34.12 39.94
C MET M 394 23.84 -33.42 40.23
N PHE M 395 23.76 -32.21 40.81
CA PHE M 395 24.99 -31.57 41.28
C PHE M 395 25.60 -32.35 42.43
N ALA M 396 24.77 -33.08 43.19
CA ALA M 396 25.27 -33.96 44.22
C ALA M 396 25.81 -35.27 43.66
N ILE M 397 25.62 -35.52 42.37
CA ILE M 397 26.28 -36.61 41.69
C ILE M 397 27.62 -36.17 41.14
N ARG M 398 27.63 -34.97 40.55
CA ARG M 398 28.84 -34.42 39.93
C ARG M 398 29.97 -34.28 40.93
N ALA M 399 29.78 -33.42 41.91
CA ALA M 399 30.59 -33.51 43.11
C ALA M 399 30.09 -34.69 43.93
N ARG M 400 30.96 -35.19 44.79
CA ARG M 400 30.56 -36.32 45.62
C ARG M 400 29.87 -35.77 46.86
N ARG M 401 28.58 -35.52 46.72
CA ARG M 401 27.79 -34.89 47.77
C ARG M 401 26.63 -35.79 48.14
N LYS M 402 26.44 -35.96 49.44
CA LYS M 402 25.21 -36.55 49.95
C LYS M 402 24.49 -35.64 50.94
N ILE M 403 25.20 -34.71 51.55
CA ILE M 403 24.59 -33.67 52.36
C ILE M 403 24.53 -32.45 51.46
N ALA M 404 23.35 -32.24 50.87
CA ALA M 404 23.20 -31.23 49.82
C ALA M 404 23.28 -29.83 50.40
N THR M 405 24.24 -29.06 49.89
CA THR M 405 24.40 -27.68 50.33
C THR M 405 23.28 -26.81 49.81
N GLU M 406 23.27 -25.56 50.26
CA GLU M 406 22.37 -24.59 49.69
C GLU M 406 22.68 -24.36 48.22
N LYS M 407 23.98 -24.33 47.89
CA LYS M 407 24.41 -23.97 46.54
C LYS M 407 24.05 -25.02 45.51
N ASP M 408 23.89 -26.26 45.95
CA ASP M 408 23.42 -27.30 45.04
C ASP M 408 21.97 -27.02 44.63
N PHE M 409 21.18 -26.52 45.57
CA PHE M 409 19.83 -26.08 45.24
C PHE M 409 19.85 -24.76 44.50
N LEU M 410 20.85 -23.93 44.74
CA LEU M 410 20.94 -22.64 44.04
C LEU M 410 21.23 -22.86 42.57
N GLU M 411 22.19 -23.73 42.27
CA GLU M 411 22.46 -24.10 40.90
C GLU M 411 21.37 -25.00 40.34
N ALA M 412 20.59 -25.64 41.20
CA ALA M 412 19.46 -26.42 40.72
C ALA M 412 18.35 -25.51 40.23
N VAL M 413 18.06 -24.44 40.96
CA VAL M 413 17.02 -23.52 40.53
C VAL M 413 17.51 -22.67 39.38
N ASN M 414 18.76 -22.20 39.46
CA ASN M 414 19.36 -21.43 38.38
C ASN M 414 19.51 -22.27 37.13
N LYS M 415 19.66 -23.58 37.32
CA LYS M 415 19.44 -24.49 36.21
C LYS M 415 18.00 -24.44 35.73
N VAL M 416 17.06 -24.93 36.55
CA VAL M 416 15.75 -25.35 36.05
C VAL M 416 14.90 -24.15 35.61
N ILE M 417 14.83 -23.12 36.43
CA ILE M 417 14.03 -21.96 36.07
C ILE M 417 14.78 -21.00 35.14
N LYS M 418 16.09 -20.87 35.27
CA LYS M 418 16.82 -19.90 34.47
C LYS M 418 17.62 -20.49 33.33
N SER M 419 18.53 -21.44 33.59
CA SER M 419 19.31 -22.07 32.53
C SER M 419 18.58 -23.24 31.88
N TYR M 420 17.25 -23.31 32.04
CA TYR M 420 16.43 -24.35 31.44
C TYR M 420 15.06 -23.81 31.06
N ALA M 421 14.84 -22.48 31.13
CA ALA M 421 13.57 -21.89 30.73
C ALA M 421 13.31 -22.09 29.24
N LYS M 422 14.12 -21.46 28.39
CA LYS M 422 14.10 -21.83 26.99
C LYS M 422 15.44 -22.43 26.60
N PHE M 423 16.50 -21.64 26.69
CA PHE M 423 17.84 -22.13 26.38
C PHE M 423 18.70 -22.14 27.65
N SER M 424 19.38 -21.03 27.92
CA SER M 424 20.23 -20.87 29.08
C SER M 424 20.57 -19.40 29.25
N ALA M 425 19.72 -18.54 28.71
CA ALA M 425 19.97 -17.10 28.80
C ALA M 425 18.72 -16.20 28.77
N THR M 426 18.12 -16.02 29.94
CA THR M 426 16.97 -15.15 30.09
C THR M 426 17.46 -13.79 30.62
N PRO M 427 18.62 -13.77 31.30
CA PRO M 427 19.18 -12.54 31.86
C PRO M 427 20.20 -11.74 31.02
N ARG M 428 21.44 -11.69 31.52
CA ARG M 428 22.54 -10.90 30.94
C ARG M 428 22.11 -9.53 30.45
N TYR M 429 21.48 -8.77 31.35
CA TYR M 429 21.30 -7.33 31.31
C TYR M 429 21.00 -6.89 32.73
N MET M 430 21.67 -5.85 33.20
CA MET M 430 21.43 -5.46 34.58
C MET M 430 20.21 -4.56 34.70
N THR M 431 20.37 -3.28 34.32
CA THR M 431 19.34 -2.27 34.07
C THR M 431 18.36 -2.00 35.21
N TYR M 432 18.50 -2.68 36.34
CA TYR M 432 17.50 -2.78 37.40
C TYR M 432 18.08 -2.54 38.78
N ASN M 433 19.36 -2.85 38.98
CA ASN M 433 19.90 -3.08 40.30
C ASN M 433 21.09 -2.18 40.57
N LYS N 91 5.46 -95.12 26.23
CA LYS N 91 6.50 -94.12 26.46
C LYS N 91 5.94 -92.72 26.33
N GLN N 92 6.80 -91.71 26.54
CA GLN N 92 6.36 -90.33 26.49
C GLN N 92 6.15 -89.85 25.06
N GLU N 93 6.77 -90.52 24.09
CA GLU N 93 6.50 -90.21 22.69
C GLU N 93 5.09 -90.65 22.31
N GLU N 94 4.60 -91.71 22.93
CA GLU N 94 3.26 -92.19 22.64
C GLU N 94 2.18 -91.28 23.22
N GLU N 95 2.32 -90.90 24.50
CA GLU N 95 1.35 -90.01 25.12
C GLU N 95 1.48 -88.60 24.55
N ARG N 96 2.69 -88.20 24.18
CA ARG N 96 2.88 -86.92 23.50
C ARG N 96 2.23 -86.94 22.13
N SER N 97 2.31 -88.07 21.43
CA SER N 97 1.61 -88.20 20.16
C SER N 97 0.11 -88.25 20.37
N LYS N 98 -0.35 -88.76 21.51
CA LYS N 98 -1.76 -88.74 21.84
C LYS N 98 -2.27 -87.32 22.06
N VAL N 99 -1.47 -86.50 22.74
CA VAL N 99 -1.81 -85.09 22.86
C VAL N 99 -1.78 -84.43 21.49
N ASP N 100 -0.83 -84.84 20.64
CA ASP N 100 -0.73 -84.32 19.28
C ASP N 100 -1.93 -84.74 18.43
N ASP N 101 -2.57 -85.85 18.79
CA ASP N 101 -3.75 -86.31 18.09
C ASP N 101 -5.03 -85.79 18.72
N LEU N 102 -4.96 -85.29 19.96
CA LEU N 102 -6.00 -84.40 20.44
C LEU N 102 -6.00 -83.10 19.64
N ARG N 103 -4.82 -82.69 19.19
CA ARG N 103 -4.70 -81.51 18.34
C ARG N 103 -5.11 -81.84 16.93
N GLY N 104 -6.12 -81.13 16.44
CA GLY N 104 -6.49 -81.23 15.04
C GLY N 104 -5.73 -80.22 14.22
N THR N 105 -4.94 -80.69 13.25
CA THR N 105 -3.91 -80.00 12.47
C THR N 105 -4.25 -78.56 12.04
N PRO N 106 -5.47 -78.24 11.55
CA PRO N 106 -5.83 -76.82 11.51
C PRO N 106 -6.13 -76.33 12.93
N MET N 107 -5.18 -75.60 13.50
CA MET N 107 -5.37 -74.97 14.79
C MET N 107 -5.39 -73.47 14.59
N SER N 108 -6.16 -72.81 15.44
CA SER N 108 -6.43 -71.39 15.29
C SER N 108 -5.79 -70.66 16.47
N VAL N 109 -5.81 -69.34 16.41
CA VAL N 109 -5.27 -68.49 17.48
C VAL N 109 -6.37 -67.52 17.87
N GLY N 110 -6.81 -67.60 19.12
CA GLY N 110 -7.92 -66.79 19.57
C GLY N 110 -7.70 -66.29 20.98
N THR N 111 -8.37 -65.19 21.29
CA THR N 111 -8.18 -64.50 22.56
C THR N 111 -9.19 -65.00 23.58
N LEU N 112 -8.73 -65.24 24.80
CA LEU N 112 -9.65 -65.54 25.88
C LEU N 112 -10.42 -64.29 26.29
N GLU N 113 -11.50 -64.52 27.02
CA GLU N 113 -12.17 -63.44 27.73
C GLU N 113 -12.04 -63.63 29.23
N GLU N 114 -12.39 -64.80 29.74
CA GLU N 114 -12.48 -64.99 31.17
C GLU N 114 -12.32 -66.46 31.49
N ILE N 115 -11.58 -66.74 32.56
CA ILE N 115 -11.49 -68.10 33.07
C ILE N 115 -12.86 -68.54 33.55
N ILE N 116 -13.38 -69.57 32.92
CA ILE N 116 -14.50 -70.33 33.45
C ILE N 116 -13.83 -71.53 34.12
N ASP N 117 -13.87 -71.53 35.46
CA ASP N 117 -12.90 -72.22 36.30
C ASP N 117 -12.89 -73.74 36.15
N ASP N 118 -13.95 -74.33 35.59
CA ASP N 118 -14.10 -75.79 35.55
C ASP N 118 -13.63 -76.38 34.25
N ASN N 119 -12.55 -75.81 33.69
CA ASN N 119 -11.73 -76.34 32.60
C ASN N 119 -12.44 -76.42 31.27
N HIS N 120 -13.70 -76.04 31.22
CA HIS N 120 -14.31 -75.69 29.97
C HIS N 120 -14.41 -74.18 29.93
N ALA N 121 -13.99 -73.60 28.80
CA ALA N 121 -13.85 -72.16 28.72
C ALA N 121 -14.73 -71.61 27.61
N ILE N 122 -14.56 -70.33 27.29
CA ILE N 122 -15.35 -69.72 26.24
C ILE N 122 -14.48 -68.70 25.52
N VAL N 123 -14.34 -68.87 24.21
CA VAL N 123 -13.14 -68.39 23.50
C VAL N 123 -13.52 -67.43 22.36
N SER N 124 -13.08 -66.19 22.47
CA SER N 124 -13.21 -65.25 21.37
C SER N 124 -12.17 -65.54 20.28
N THR N 125 -12.62 -65.43 19.05
CA THR N 125 -11.70 -65.31 17.93
C THR N 125 -11.46 -63.81 17.69
N SER N 126 -10.86 -63.47 16.54
CA SER N 126 -10.85 -62.08 16.10
C SER N 126 -12.27 -61.62 15.78
N VAL N 127 -13.12 -62.55 15.37
CA VAL N 127 -14.54 -62.27 15.16
C VAL N 127 -15.42 -62.84 16.26
N GLY N 128 -14.86 -63.63 17.18
CA GLY N 128 -15.53 -64.02 18.41
C GLY N 128 -16.71 -64.97 18.32
N SER N 129 -16.50 -66.21 17.89
CA SER N 129 -17.52 -67.25 17.93
C SER N 129 -17.16 -68.19 19.05
N GLU N 130 -17.92 -68.15 20.15
CA GLU N 130 -17.39 -68.56 21.45
C GLU N 130 -18.26 -69.65 22.03
N HIS N 131 -18.00 -70.89 21.62
CA HIS N 131 -18.64 -72.04 22.22
C HIS N 131 -18.12 -72.28 23.64
N TYR N 132 -18.80 -73.15 24.40
CA TYR N 132 -18.30 -73.55 25.72
C TYR N 132 -17.27 -74.64 25.50
N VAL N 133 -16.08 -74.25 25.04
CA VAL N 133 -15.07 -75.23 24.64
C VAL N 133 -14.29 -75.61 25.88
N SER N 134 -13.53 -76.70 25.81
CA SER N 134 -12.70 -77.12 26.94
C SER N 134 -11.24 -76.89 26.61
N ILE N 135 -10.36 -77.33 27.51
CA ILE N 135 -8.92 -77.13 27.36
C ILE N 135 -8.23 -78.48 27.32
N LEU N 136 -7.20 -78.59 26.48
CA LEU N 136 -6.32 -79.76 26.53
C LEU N 136 -5.55 -79.72 27.84
N SER N 137 -5.83 -80.68 28.71
CA SER N 137 -5.37 -80.65 30.09
C SER N 137 -4.03 -81.36 30.25
N PHE N 138 -3.06 -80.95 29.44
CA PHE N 138 -1.66 -81.20 29.77
C PHE N 138 -0.79 -79.96 29.68
N VAL N 139 -1.07 -79.02 28.78
CA VAL N 139 -0.49 -77.70 28.91
C VAL N 139 -1.08 -77.01 30.12
N ASP N 140 -0.27 -76.16 30.76
CA ASP N 140 -0.68 -75.48 31.98
C ASP N 140 -1.69 -74.40 31.64
N LYS N 141 -2.88 -74.49 32.24
CA LYS N 141 -3.85 -73.41 32.11
C LYS N 141 -3.47 -72.22 32.96
N ASP N 142 -2.67 -72.42 34.01
CA ASP N 142 -2.39 -71.39 34.99
C ASP N 142 -1.15 -70.60 34.63
N LEU N 143 -0.66 -70.73 33.40
CA LEU N 143 0.35 -69.81 32.90
C LEU N 143 -0.26 -68.45 32.60
N LEU N 144 -1.52 -68.41 32.19
CA LEU N 144 -2.09 -67.23 31.57
C LEU N 144 -3.09 -66.54 32.48
N GLU N 145 -3.05 -65.22 32.43
CA GLU N 145 -4.07 -64.38 33.00
C GLU N 145 -5.32 -64.51 32.15
N PRO N 146 -6.50 -64.17 32.69
CA PRO N 146 -7.71 -64.17 31.85
C PRO N 146 -7.61 -63.10 30.78
N GLY N 147 -8.17 -63.41 29.61
CA GLY N 147 -8.05 -62.52 28.49
C GLY N 147 -6.64 -62.53 27.91
N CYS N 148 -6.15 -63.73 27.61
CA CYS N 148 -4.86 -63.88 26.95
C CYS N 148 -5.03 -64.90 25.84
N SER N 149 -4.28 -64.70 24.75
CA SER N 149 -4.45 -65.54 23.56
C SER N 149 -3.91 -66.94 23.80
N VAL N 150 -4.50 -67.92 23.12
CA VAL N 150 -4.18 -69.33 23.28
C VAL N 150 -4.17 -69.98 21.90
N LEU N 151 -3.94 -71.29 21.90
CA LEU N 151 -4.06 -72.09 20.69
C LEU N 151 -5.36 -72.87 20.77
N LEU N 152 -6.16 -72.75 19.72
CA LEU N 152 -7.52 -73.26 19.65
C LEU N 152 -7.66 -74.19 18.46
N ASN N 153 -8.90 -74.60 18.21
CA ASN N 153 -9.23 -75.42 17.06
C ASN N 153 -10.17 -74.64 16.16
N HIS N 154 -10.31 -75.11 14.92
CA HIS N 154 -11.32 -74.60 14.03
C HIS N 154 -12.68 -75.19 14.30
N LYS N 155 -12.77 -76.51 14.38
CA LYS N 155 -14.05 -77.20 14.38
C LYS N 155 -14.75 -77.20 15.72
N VAL N 156 -14.09 -77.67 16.77
CA VAL N 156 -14.66 -77.68 18.10
C VAL N 156 -14.23 -76.48 18.91
N HIS N 157 -13.28 -75.69 18.41
CA HIS N 157 -12.72 -74.49 19.01
C HIS N 157 -12.08 -74.73 20.37
N ALA N 158 -11.72 -75.97 20.69
CA ALA N 158 -11.26 -76.31 22.03
C ALA N 158 -9.88 -75.74 22.29
N VAL N 159 -9.63 -75.41 23.56
CA VAL N 159 -8.36 -74.77 23.91
C VAL N 159 -7.27 -75.82 23.85
N ILE N 160 -6.26 -75.55 23.03
CA ILE N 160 -5.28 -76.57 22.71
C ILE N 160 -3.96 -76.26 23.39
N GLY N 161 -3.46 -75.05 23.20
CA GLY N 161 -2.12 -74.79 23.66
C GLY N 161 -1.92 -73.36 24.15
N VAL N 162 -0.66 -73.06 24.44
CA VAL N 162 -0.28 -71.76 24.96
C VAL N 162 0.27 -70.90 23.82
N LEU N 163 0.08 -69.58 23.94
CA LEU N 163 0.62 -68.67 22.94
C LEU N 163 2.12 -68.48 23.15
N MET N 164 2.79 -67.84 22.20
CA MET N 164 4.21 -67.60 22.34
C MET N 164 4.54 -66.11 22.43
N ASP N 165 4.15 -65.35 21.41
CA ASP N 165 4.50 -63.93 21.34
C ASP N 165 3.58 -63.26 20.32
N ASP N 166 3.89 -62.00 20.01
CA ASP N 166 3.32 -61.32 18.86
C ASP N 166 4.43 -60.63 18.11
N THR N 167 4.54 -60.96 16.84
CA THR N 167 5.59 -60.43 16.00
C THR N 167 4.95 -59.74 14.81
N ASP N 168 5.38 -58.52 14.56
CA ASP N 168 4.87 -57.71 13.48
C ASP N 168 6.08 -57.33 12.64
N PRO N 169 5.95 -56.55 11.55
CA PRO N 169 7.15 -55.95 10.95
C PRO N 169 7.95 -55.00 11.85
N LEU N 170 7.41 -54.63 13.01
CA LEU N 170 8.09 -53.73 13.92
C LEU N 170 8.99 -54.45 14.91
N VAL N 171 8.61 -55.67 15.34
CA VAL N 171 9.41 -56.47 16.27
C VAL N 171 10.81 -56.70 15.72
N THR N 172 10.91 -56.89 14.41
CA THR N 172 12.19 -56.92 13.73
C THR N 172 12.97 -55.62 13.86
N VAL N 173 12.27 -54.49 13.90
CA VAL N 173 12.92 -53.20 13.89
C VAL N 173 13.02 -52.60 15.28
N MET N 174 11.97 -52.80 16.10
CA MET N 174 12.00 -52.35 17.49
C MET N 174 13.11 -53.06 18.26
N LYS N 175 13.11 -54.38 18.24
CA LYS N 175 14.20 -55.13 18.84
C LYS N 175 15.43 -55.00 17.96
N VAL N 176 16.39 -54.22 18.42
CA VAL N 176 17.64 -54.08 17.69
C VAL N 176 18.46 -55.33 17.93
N GLU N 177 18.92 -55.95 16.84
CA GLU N 177 19.54 -57.26 16.96
C GLU N 177 20.94 -57.16 17.54
N LYS N 178 21.80 -56.38 16.90
CA LYS N 178 23.18 -56.24 17.33
C LYS N 178 23.40 -54.81 17.83
N ALA N 179 24.45 -54.64 18.62
CA ALA N 179 24.90 -53.29 18.91
C ALA N 179 25.65 -52.85 17.66
N PRO N 180 25.03 -51.99 16.82
CA PRO N 180 25.38 -51.93 15.39
C PRO N 180 26.81 -51.52 15.10
N GLN N 181 27.18 -50.28 15.45
CA GLN N 181 28.48 -49.68 15.18
C GLN N 181 28.54 -48.29 15.77
N GLU N 182 29.74 -47.72 15.76
CA GLU N 182 29.99 -46.29 16.00
C GLU N 182 29.58 -45.81 17.39
N THR N 183 30.31 -46.28 18.39
CA THR N 183 30.36 -45.55 19.67
C THR N 183 30.82 -44.12 19.45
N TYR N 184 31.97 -43.95 18.80
CA TYR N 184 32.44 -42.66 18.31
C TYR N 184 33.60 -42.97 17.35
N ALA N 185 33.60 -42.31 16.19
CA ALA N 185 34.78 -42.36 15.34
C ALA N 185 35.64 -41.12 15.54
N ASP N 186 35.11 -40.13 16.23
CA ASP N 186 35.78 -38.85 16.41
C ASP N 186 35.23 -38.20 17.67
N ILE N 187 36.03 -38.19 18.71
CA ILE N 187 35.83 -37.22 19.77
C ILE N 187 36.06 -35.84 19.21
N GLY N 188 35.41 -34.86 19.81
CA GLY N 188 35.47 -33.52 19.27
C GLY N 188 34.23 -33.21 18.47
N GLY N 189 33.21 -34.06 18.59
CA GLY N 189 31.95 -33.72 17.97
C GLY N 189 31.22 -32.67 18.77
N LEU N 190 30.79 -33.03 19.98
CA LEU N 190 30.10 -32.10 20.86
C LEU N 190 30.89 -31.87 22.15
N ASP N 191 31.26 -32.95 22.84
CA ASP N 191 32.05 -33.03 24.08
C ASP N 191 31.36 -32.43 25.30
N ASN N 192 30.18 -31.85 25.11
CA ASN N 192 29.47 -31.16 26.19
C ASN N 192 28.30 -32.00 26.67
N GLN N 193 27.38 -32.32 25.76
CA GLN N 193 26.25 -33.16 26.06
C GLN N 193 26.60 -34.62 25.93
N ILE N 194 27.83 -34.90 25.50
CA ILE N 194 28.36 -36.25 25.59
C ILE N 194 28.47 -36.65 27.06
N GLN N 195 29.02 -35.75 27.87
CA GLN N 195 29.07 -35.95 29.30
C GLN N 195 27.66 -35.96 29.89
N GLU N 196 26.75 -35.19 29.31
CA GLU N 196 25.41 -35.09 29.87
C GLU N 196 24.61 -36.35 29.60
N ILE N 197 24.75 -36.90 28.40
CA ILE N 197 24.06 -38.14 28.11
C ILE N 197 24.75 -39.30 28.82
N LYS N 198 26.05 -39.13 29.10
CA LYS N 198 26.80 -40.17 29.77
C LYS N 198 26.41 -40.29 31.23
N GLU N 199 26.56 -39.20 31.98
CA GLU N 199 26.23 -39.23 33.39
C GLU N 199 24.74 -39.11 33.65
N SER N 200 23.96 -38.72 32.66
CA SER N 200 22.53 -38.69 32.83
C SER N 200 21.87 -40.01 32.50
N VAL N 201 22.31 -40.70 31.46
CA VAL N 201 21.69 -41.94 31.04
C VAL N 201 22.53 -43.15 31.43
N GLU N 202 23.81 -43.14 31.06
CA GLU N 202 24.66 -44.31 31.24
C GLU N 202 24.93 -44.59 32.72
N LEU N 203 25.42 -43.59 33.43
CA LEU N 203 25.83 -43.80 34.82
C LEU N 203 24.71 -44.17 35.79
N PRO N 204 23.49 -43.59 35.74
CA PRO N 204 22.43 -44.14 36.60
C PRO N 204 22.01 -45.54 36.17
N LEU N 205 22.11 -45.83 34.88
CA LEU N 205 21.80 -47.18 34.42
C LEU N 205 22.87 -48.16 34.84
N THR N 206 24.11 -47.91 34.42
CA THR N 206 25.22 -48.83 34.65
C THR N 206 25.59 -48.94 36.11
N HIS N 207 25.48 -47.85 36.86
CA HIS N 207 25.80 -47.89 38.29
C HIS N 207 24.64 -47.29 39.07
N PRO N 208 23.58 -48.07 39.31
CA PRO N 208 22.42 -47.55 40.05
C PRO N 208 22.55 -47.68 41.56
N GLU N 209 23.73 -47.34 42.09
CA GLU N 209 23.96 -47.42 43.52
C GLU N 209 24.13 -46.05 44.15
N TYR N 210 24.37 -45.02 43.33
CA TYR N 210 24.44 -43.65 43.80
C TYR N 210 23.11 -43.17 44.33
N TYR N 211 22.02 -43.68 43.76
CA TYR N 211 20.69 -43.25 44.18
C TYR N 211 20.32 -43.76 45.55
N GLU N 212 20.99 -44.83 46.00
CA GLU N 212 20.88 -45.24 47.39
C GLU N 212 21.47 -44.19 48.31
N GLU N 213 22.56 -43.56 47.86
CA GLU N 213 23.28 -42.64 48.72
C GLU N 213 22.55 -41.31 48.87
N MET N 214 21.69 -40.99 47.92
CA MET N 214 21.13 -39.64 47.83
C MET N 214 19.62 -39.61 47.74
N GLY N 215 18.98 -40.71 47.37
CA GLY N 215 17.54 -40.73 47.19
C GLY N 215 17.12 -39.92 45.98
N ILE N 216 17.66 -40.27 44.81
CA ILE N 216 17.33 -39.58 43.57
C ILE N 216 16.59 -40.57 42.68
N LYS N 217 15.60 -40.11 42.03
CA LYS N 217 14.96 -40.88 40.99
C LYS N 217 15.71 -40.72 39.66
N PRO N 218 15.68 -41.74 38.81
CA PRO N 218 16.35 -41.63 37.51
C PRO N 218 15.56 -40.75 36.55
N PRO N 219 16.26 -40.09 35.62
CA PRO N 219 15.57 -39.40 34.53
C PRO N 219 14.85 -40.39 33.62
N LYS N 220 13.56 -40.14 33.42
CA LYS N 220 12.77 -41.08 32.63
C LYS N 220 12.70 -40.67 31.16
N GLY N 221 12.49 -39.39 30.90
CA GLY N 221 12.35 -38.90 29.54
C GLY N 221 13.28 -37.73 29.27
N VAL N 222 14.07 -37.86 28.20
CA VAL N 222 14.98 -36.82 27.77
C VAL N 222 14.80 -36.62 26.27
N ILE N 223 14.59 -35.38 25.85
CA ILE N 223 14.43 -35.03 24.44
C ILE N 223 15.78 -34.56 23.92
N LEU N 224 16.15 -35.02 22.73
CA LEU N 224 17.38 -34.59 22.09
C LEU N 224 17.03 -33.89 20.78
N TYR N 225 17.24 -32.58 20.72
CA TYR N 225 16.60 -31.79 19.69
C TYR N 225 17.47 -30.61 19.32
N GLY N 226 17.29 -30.14 18.07
CA GLY N 226 18.05 -29.03 17.57
C GLY N 226 18.06 -28.97 16.05
N PRO N 227 19.15 -28.43 15.49
CA PRO N 227 19.30 -28.38 14.03
C PRO N 227 19.43 -29.78 13.46
N PRO N 228 18.99 -30.00 12.22
CA PRO N 228 18.99 -31.35 11.65
C PRO N 228 20.40 -31.83 11.33
N GLY N 229 20.66 -33.09 11.63
CA GLY N 229 21.93 -33.69 11.31
C GLY N 229 23.07 -33.20 12.18
N THR N 230 22.76 -32.93 13.43
CA THR N 230 23.76 -32.44 14.37
C THR N 230 24.64 -33.56 14.88
N GLY N 231 24.07 -34.74 15.07
CA GLY N 231 24.74 -35.84 15.73
C GLY N 231 23.76 -36.65 16.55
N LYS N 232 22.50 -36.22 16.55
CA LYS N 232 21.49 -36.77 17.44
C LYS N 232 21.17 -38.21 17.10
N THR N 233 20.91 -38.48 15.82
CA THR N 233 20.74 -39.85 15.38
C THR N 233 22.04 -40.63 15.53
N LEU N 234 23.16 -39.95 15.30
CA LEU N 234 24.45 -40.59 15.45
C LEU N 234 24.74 -40.89 16.91
N LEU N 235 24.25 -40.04 17.82
CA LEU N 235 24.42 -40.35 19.22
C LEU N 235 23.50 -41.46 19.66
N ALA N 236 22.34 -41.58 19.00
CA ALA N 236 21.49 -42.73 19.26
C ALA N 236 22.16 -44.03 18.84
N LYS N 237 22.91 -43.98 17.74
CA LYS N 237 23.66 -45.16 17.35
C LYS N 237 24.92 -45.31 18.19
N ALA N 238 25.33 -44.24 18.87
CA ALA N 238 26.46 -44.31 19.78
C ALA N 238 26.08 -45.08 21.03
N VAL N 239 25.00 -44.67 21.68
CA VAL N 239 24.52 -45.34 22.87
C VAL N 239 23.95 -46.70 22.50
N ALA N 240 23.47 -46.84 21.27
CA ALA N 240 23.14 -48.16 20.74
C ALA N 240 24.37 -49.06 20.70
N ASN N 241 25.48 -48.56 20.18
CA ASN N 241 26.68 -49.38 20.21
C ASN N 241 27.27 -49.43 21.61
N GLN N 242 27.63 -48.28 22.17
CA GLN N 242 28.08 -48.24 23.55
C GLN N 242 26.86 -48.42 24.44
N THR N 243 26.41 -49.66 24.61
CA THR N 243 25.20 -49.93 25.35
C THR N 243 25.53 -50.78 26.54
N SER N 244 24.52 -51.00 27.38
CA SER N 244 24.57 -52.01 28.41
C SER N 244 23.25 -52.74 28.52
N ALA N 245 22.31 -52.43 27.64
CA ALA N 245 20.93 -52.86 27.76
C ALA N 245 20.44 -53.41 26.43
N THR N 246 19.24 -53.97 26.46
CA THR N 246 18.57 -54.36 25.23
C THR N 246 18.07 -53.09 24.56
N PHE N 247 18.85 -52.58 23.60
CA PHE N 247 18.54 -51.31 22.97
C PHE N 247 17.36 -51.45 22.00
N LEU N 248 16.53 -50.43 21.97
CA LEU N 248 15.35 -50.42 21.12
C LEU N 248 15.36 -49.16 20.26
N ARG N 249 15.18 -49.35 18.95
CA ARG N 249 15.19 -48.25 17.99
C ARG N 249 13.81 -48.15 17.35
N VAL N 250 13.16 -47.00 17.52
CA VAL N 250 11.82 -46.75 17.03
C VAL N 250 11.84 -45.45 16.23
N VAL N 251 11.26 -45.48 15.05
CA VAL N 251 10.91 -44.26 14.32
C VAL N 251 9.50 -43.88 14.74
N GLY N 252 9.28 -42.58 14.98
CA GLY N 252 7.99 -42.13 15.47
C GLY N 252 6.84 -42.30 14.48
N SER N 253 7.13 -42.47 13.20
CA SER N 253 6.10 -42.63 12.18
C SER N 253 5.78 -44.10 11.90
N GLU N 254 6.29 -45.02 12.71
CA GLU N 254 5.99 -46.43 12.54
C GLU N 254 4.58 -46.79 12.99
N LEU N 255 3.92 -45.91 13.73
CA LEU N 255 2.69 -46.23 14.44
C LEU N 255 1.44 -45.80 13.68
N ILE N 256 1.52 -45.61 12.38
CA ILE N 256 0.47 -44.94 11.63
C ILE N 256 -0.20 -45.99 10.76
N GLN N 257 -1.46 -46.30 11.05
CA GLN N 257 -2.21 -47.34 10.35
C GLN N 257 -3.58 -46.81 9.97
N LYS N 258 -4.31 -47.58 9.16
CA LYS N 258 -5.69 -47.23 8.83
C LYS N 258 -6.71 -47.99 9.65
N TYR N 259 -6.33 -49.12 10.26
CA TYR N 259 -7.27 -49.90 11.03
C TYR N 259 -7.48 -49.26 12.39
N LEU N 260 -8.65 -49.51 12.97
CA LEU N 260 -9.03 -48.84 14.21
C LEU N 260 -8.34 -49.54 15.37
N GLY N 261 -7.71 -48.75 16.24
CA GLY N 261 -7.04 -49.27 17.41
C GLY N 261 -5.68 -49.89 17.17
N ASP N 262 -5.24 -49.96 15.90
CA ASP N 262 -4.04 -50.70 15.54
C ASP N 262 -2.79 -50.02 16.11
N GLY N 263 -2.75 -48.68 16.02
CA GLY N 263 -1.72 -47.91 16.68
C GLY N 263 -1.55 -48.17 18.16
N PRO N 264 -2.59 -47.99 18.98
CA PRO N 264 -2.49 -48.33 20.41
C PRO N 264 -2.18 -49.79 20.68
N LYS N 265 -2.61 -50.70 19.80
CA LYS N 265 -2.20 -52.09 19.92
C LYS N 265 -0.70 -52.24 19.76
N LEU N 266 -0.12 -51.50 18.82
CA LEU N 266 1.32 -51.56 18.68
C LEU N 266 2.03 -50.73 19.74
N VAL N 267 1.29 -49.89 20.46
CA VAL N 267 1.84 -49.28 21.67
C VAL N 267 1.92 -50.33 22.78
N ARG N 268 0.91 -51.20 22.85
CA ARG N 268 0.90 -52.23 23.88
C ARG N 268 1.97 -53.29 23.61
N GLU N 269 2.07 -53.72 22.35
CA GLU N 269 3.17 -54.61 21.97
C GLU N 269 4.51 -53.91 22.08
N LEU N 270 4.54 -52.60 21.83
CA LEU N 270 5.74 -51.80 21.96
C LEU N 270 6.29 -51.82 23.39
N PHE N 271 5.46 -51.46 24.36
CA PHE N 271 5.91 -51.43 25.74
C PHE N 271 6.03 -52.81 26.34
N ARG N 272 5.34 -53.78 25.75
CA ARG N 272 5.60 -55.18 26.08
C ARG N 272 7.02 -55.58 25.69
N VAL N 273 7.46 -55.18 24.49
CA VAL N 273 8.84 -55.36 24.09
C VAL N 273 9.77 -54.58 25.02
N ALA N 274 9.37 -53.36 25.39
CA ALA N 274 10.16 -52.53 26.27
C ALA N 274 10.23 -53.07 27.69
N GLU N 275 9.39 -54.04 28.02
CA GLU N 275 9.33 -54.57 29.37
C GLU N 275 10.10 -55.87 29.55
N GLU N 276 10.02 -56.78 28.58
CA GLU N 276 10.18 -58.20 28.86
C GLU N 276 11.52 -58.76 28.43
N HIS N 277 12.47 -57.92 28.05
CA HIS N 277 13.80 -58.40 27.70
C HIS N 277 14.73 -58.27 28.90
N ALA N 278 14.93 -57.01 29.30
CA ALA N 278 15.76 -56.56 30.42
C ALA N 278 15.59 -55.05 30.54
N PRO N 279 16.41 -54.40 31.38
CA PRO N 279 16.32 -52.95 31.45
C PRO N 279 16.77 -52.45 30.11
N SER N 280 15.84 -52.08 29.24
CA SER N 280 16.20 -51.66 27.88
C SER N 280 16.15 -50.17 27.58
N ILE N 281 17.01 -49.78 26.65
CA ILE N 281 17.14 -48.42 26.15
C ILE N 281 16.21 -48.32 24.95
N VAL N 282 15.10 -47.67 25.17
CA VAL N 282 14.17 -47.36 24.08
C VAL N 282 14.61 -46.04 23.46
N PHE N 283 14.69 -46.00 22.14
CA PHE N 283 14.90 -44.75 21.45
C PHE N 283 13.81 -44.52 20.41
N ILE N 284 13.21 -43.34 20.45
CA ILE N 284 12.12 -42.95 19.59
C ILE N 284 12.51 -41.64 18.92
N ASP N 285 12.44 -41.60 17.59
CA ASP N 285 12.92 -40.46 16.85
C ASP N 285 11.84 -39.93 15.92
N GLU N 286 11.95 -38.63 15.63
CA GLU N 286 11.07 -37.88 14.73
C GLU N 286 9.60 -37.97 15.16
N ILE N 287 9.32 -37.42 16.33
CA ILE N 287 7.96 -37.31 16.80
C ILE N 287 7.48 -35.86 16.76
N ASP N 288 8.32 -34.95 16.27
CA ASP N 288 7.87 -33.63 15.86
C ASP N 288 7.06 -33.67 14.58
N ALA N 289 7.13 -34.78 13.85
CA ALA N 289 6.33 -35.03 12.68
C ALA N 289 5.11 -35.87 12.99
N ILE N 290 4.48 -35.66 14.15
CA ILE N 290 3.26 -36.39 14.46
C ILE N 290 2.20 -35.35 14.82
N GLY N 291 2.59 -34.08 14.89
CA GLY N 291 1.66 -33.02 15.26
C GLY N 291 0.71 -32.50 14.19
N THR N 292 1.23 -31.77 13.20
CA THR N 292 0.41 -31.21 12.11
C THR N 292 0.40 -32.10 10.88
N LYS N 293 0.07 -33.38 11.11
CA LYS N 293 0.27 -34.43 10.12
C LYS N 293 -1.05 -35.15 9.87
N ARG N 294 -1.37 -35.28 8.59
CA ARG N 294 -2.56 -35.96 8.10
C ARG N 294 -2.12 -36.90 6.99
N TYR N 295 -2.77 -38.06 6.91
CA TYR N 295 -2.21 -39.15 6.12
C TYR N 295 -3.29 -39.87 5.31
N ASP N 296 -2.81 -40.64 4.35
CA ASP N 296 -3.63 -41.36 3.38
C ASP N 296 -4.29 -42.61 3.92
N SER N 297 -3.48 -43.57 4.37
CA SER N 297 -3.96 -44.81 4.96
C SER N 297 -4.48 -44.51 6.37
N ASN N 298 -5.69 -43.95 6.42
CA ASN N 298 -6.14 -43.32 7.65
C ASN N 298 -7.66 -43.15 7.63
N SER N 299 -8.24 -43.14 8.83
CA SER N 299 -9.60 -42.71 9.11
C SER N 299 -9.59 -41.20 9.40
N GLY N 300 -10.64 -40.70 10.06
CA GLY N 300 -10.70 -39.33 10.55
C GLY N 300 -9.48 -38.88 11.34
N GLY N 301 -8.74 -37.93 10.74
CA GLY N 301 -7.36 -37.64 11.09
C GLY N 301 -7.11 -37.07 12.47
N GLU N 302 -7.86 -36.02 12.84
CA GLU N 302 -7.69 -35.41 14.15
C GLU N 302 -8.09 -36.33 15.29
N ARG N 303 -8.93 -37.32 15.03
CA ARG N 303 -9.35 -38.27 16.05
C ARG N 303 -8.89 -39.68 15.73
N GLU N 304 -7.67 -39.85 15.24
CA GLU N 304 -7.04 -41.15 15.14
C GLU N 304 -5.74 -41.21 15.95
N ILE N 305 -4.79 -40.32 15.64
CA ILE N 305 -3.49 -40.30 16.28
C ILE N 305 -3.54 -39.58 17.62
N GLN N 306 -4.60 -38.82 17.85
CA GLN N 306 -4.90 -38.34 19.20
C GLN N 306 -5.13 -39.50 20.15
N ARG N 307 -5.72 -40.59 19.63
CA ARG N 307 -6.00 -41.75 20.46
C ARG N 307 -4.76 -42.59 20.64
N THR N 308 -3.92 -42.67 19.61
CA THR N 308 -2.70 -43.47 19.70
C THR N 308 -1.66 -42.79 20.58
N MET N 309 -1.42 -41.49 20.33
CA MET N 309 -0.60 -40.67 21.21
C MET N 309 -1.18 -40.54 22.60
N LEU N 310 -2.51 -40.64 22.72
CA LEU N 310 -3.13 -40.76 24.02
C LEU N 310 -2.74 -42.04 24.72
N GLU N 311 -2.71 -43.15 23.98
CA GLU N 311 -2.23 -44.42 24.53
C GLU N 311 -0.75 -44.34 24.87
N LEU N 312 0.00 -43.55 24.11
CA LEU N 312 1.39 -43.28 24.45
C LEU N 312 1.50 -42.48 25.74
N LEU N 313 0.59 -41.53 25.94
CA LEU N 313 0.61 -40.73 27.16
C LEU N 313 0.23 -41.58 28.36
N ASN N 314 -0.68 -42.53 28.17
CA ASN N 314 -1.08 -43.39 29.29
C ASN N 314 -0.05 -44.46 29.58
N GLN N 315 0.52 -45.07 28.56
CA GLN N 315 1.38 -46.23 28.69
C GLN N 315 2.84 -45.85 28.91
N LEU N 316 3.27 -44.76 28.29
CA LEU N 316 4.63 -44.25 28.35
C LEU N 316 5.05 -43.87 29.76
N ASP N 317 4.44 -42.83 30.31
CA ASP N 317 4.79 -42.40 31.64
C ASP N 317 3.52 -42.09 32.42
N GLY N 318 2.59 -43.02 32.41
CA GLY N 318 1.52 -42.97 33.36
C GLY N 318 1.78 -43.97 34.45
N PHE N 319 1.07 -45.10 34.38
CA PHE N 319 1.22 -46.15 35.37
C PHE N 319 2.31 -47.14 34.98
N ASP N 320 1.98 -48.43 35.10
CA ASP N 320 2.88 -49.56 34.79
C ASP N 320 4.34 -49.33 35.17
N SER N 321 4.54 -49.10 36.47
CA SER N 321 5.84 -48.83 37.16
C SER N 321 7.11 -48.89 36.33
N ARG N 322 7.63 -47.71 35.98
CA ARG N 322 8.82 -47.55 35.16
C ARG N 322 9.94 -48.46 35.65
N GLY N 323 10.29 -48.33 36.92
CA GLY N 323 11.39 -49.10 37.47
C GLY N 323 12.69 -48.70 36.83
N ASP N 324 13.22 -49.57 35.97
CA ASP N 324 14.39 -49.23 35.18
C ASP N 324 14.04 -49.56 33.73
N VAL N 325 13.38 -48.60 33.07
CA VAL N 325 13.09 -48.67 31.64
C VAL N 325 13.53 -47.33 31.06
N LYS N 326 14.65 -47.32 30.34
CA LYS N 326 15.14 -46.08 29.78
C LYS N 326 14.38 -45.78 28.49
N VAL N 327 13.96 -44.52 28.34
CA VAL N 327 13.24 -44.05 27.15
C VAL N 327 13.81 -42.70 26.75
N ILE N 328 14.32 -42.61 25.52
CA ILE N 328 14.91 -41.40 24.98
C ILE N 328 14.25 -41.10 23.66
N MET N 329 13.72 -39.88 23.51
CA MET N 329 13.08 -39.46 22.29
C MET N 329 13.84 -38.27 21.70
N ALA N 330 13.58 -37.99 20.43
CA ALA N 330 14.36 -36.99 19.72
C ALA N 330 13.53 -36.34 18.63
N THR N 331 13.70 -35.02 18.50
CA THR N 331 13.05 -34.25 17.44
C THR N 331 14.08 -33.33 16.81
N ASN N 332 13.61 -32.43 15.94
CA ASN N 332 14.37 -31.29 15.47
C ASN N 332 13.70 -29.97 15.80
N ARG N 333 12.38 -29.92 15.74
CA ARG N 333 11.62 -28.76 16.15
C ARG N 333 10.79 -29.11 17.38
N ILE N 334 10.07 -28.12 17.89
CA ILE N 334 9.45 -28.22 19.22
C ILE N 334 7.99 -27.78 19.22
N GLU N 335 7.51 -27.20 18.13
CA GLU N 335 6.29 -26.41 18.18
C GLU N 335 5.05 -27.28 18.19
N THR N 336 5.07 -28.38 17.45
CA THR N 336 3.92 -29.27 17.38
C THR N 336 3.78 -30.14 18.62
N LEU N 337 4.70 -30.02 19.56
CA LEU N 337 4.69 -30.83 20.76
C LEU N 337 3.50 -30.44 21.62
N ASP N 338 2.67 -31.42 21.92
CA ASP N 338 1.67 -31.27 22.97
C ASP N 338 2.41 -31.14 24.30
N PRO N 339 2.18 -30.07 25.07
CA PRO N 339 2.90 -29.91 26.35
C PRO N 339 2.49 -30.90 27.43
N ALA N 340 1.45 -31.71 27.22
CA ALA N 340 1.02 -32.70 28.21
C ALA N 340 2.03 -33.82 28.41
N LEU N 341 2.91 -34.04 27.44
CA LEU N 341 4.05 -34.94 27.63
C LEU N 341 5.32 -34.19 27.98
N ILE N 342 5.43 -32.93 27.55
CA ILE N 342 6.56 -32.07 27.87
C ILE N 342 6.62 -31.78 29.37
N ARG N 343 5.48 -31.81 30.05
CA ARG N 343 5.42 -31.53 31.48
C ARG N 343 6.20 -32.59 32.27
N PRO N 344 6.79 -32.20 33.41
CA PRO N 344 7.68 -33.12 34.13
C PRO N 344 6.92 -34.29 34.74
N GLY N 345 7.72 -35.24 35.22
CA GLY N 345 7.21 -36.57 35.49
C GLY N 345 7.41 -37.41 34.25
N ARG N 346 6.82 -36.96 33.15
CA ARG N 346 6.90 -37.67 31.87
C ARG N 346 8.25 -37.50 31.20
N ILE N 347 8.61 -36.28 30.85
CA ILE N 347 9.89 -36.01 30.24
C ILE N 347 10.65 -35.08 31.16
N ASP N 348 11.88 -35.45 31.50
CA ASP N 348 12.59 -34.75 32.55
C ASP N 348 13.59 -33.74 31.97
N ARG N 349 14.42 -34.18 31.03
CA ARG N 349 15.47 -33.32 30.52
C ARG N 349 15.22 -33.02 29.06
N LYS N 350 15.39 -31.76 28.68
CA LYS N 350 15.28 -31.32 27.31
C LYS N 350 16.63 -30.75 26.91
N ILE N 351 17.32 -31.44 26.02
CA ILE N 351 18.72 -31.13 25.71
C ILE N 351 18.80 -30.60 24.29
N GLU N 352 19.24 -29.35 24.15
CA GLU N 352 19.46 -28.74 22.86
C GLU N 352 20.81 -29.17 22.28
N PHE N 353 21.07 -28.73 21.06
CA PHE N 353 22.33 -29.01 20.42
C PHE N 353 22.73 -27.78 19.63
N PRO N 354 23.90 -27.25 19.90
CA PRO N 354 24.37 -26.11 19.11
C PRO N 354 25.18 -26.60 17.93
N LEU N 355 25.51 -25.71 17.02
CA LEU N 355 26.49 -26.04 16.01
C LEU N 355 27.89 -25.84 16.59
N PRO N 356 28.87 -26.70 16.23
CA PRO N 356 30.10 -26.77 17.03
C PRO N 356 31.01 -25.56 16.88
N ASP N 357 31.83 -25.32 17.90
CA ASP N 357 32.81 -24.24 17.85
C ASP N 357 34.09 -24.73 17.21
N GLU N 358 34.97 -23.80 16.89
CA GLU N 358 36.18 -24.05 16.12
C GLU N 358 37.18 -24.97 16.81
N LYS N 359 37.13 -25.07 18.13
CA LYS N 359 38.04 -25.99 18.83
C LYS N 359 37.63 -27.42 18.60
N THR N 360 36.32 -27.68 18.59
CA THR N 360 35.80 -28.99 18.26
C THR N 360 35.77 -29.25 16.76
N LYS N 361 35.77 -28.20 15.94
CA LYS N 361 35.75 -28.37 14.49
C LYS N 361 37.01 -29.06 14.00
N LYS N 362 38.16 -28.74 14.62
CA LYS N 362 39.45 -29.19 14.12
C LYS N 362 39.58 -30.70 14.18
N ARG N 363 38.90 -31.33 15.14
CA ARG N 363 38.94 -32.77 15.24
C ARG N 363 38.02 -33.41 14.20
N ILE N 364 36.92 -32.74 13.86
CA ILE N 364 36.03 -33.31 12.87
C ILE N 364 36.59 -33.12 11.47
N PHE N 365 37.10 -31.92 11.19
CA PHE N 365 37.86 -31.66 9.96
C PHE N 365 39.06 -32.58 9.85
N GLN N 366 39.75 -32.80 10.96
CA GLN N 366 40.97 -33.58 10.91
C GLN N 366 40.68 -35.06 10.73
N ILE N 367 39.66 -35.56 11.43
CA ILE N 367 39.40 -36.99 11.40
C ILE N 367 38.61 -37.36 10.14
N HIS N 368 37.82 -36.41 9.62
CA HIS N 368 37.27 -36.61 8.28
C HIS N 368 38.35 -36.58 7.21
N THR N 369 39.49 -35.93 7.48
CA THR N 369 40.63 -35.98 6.58
C THR N 369 41.70 -36.94 7.05
N SER N 370 41.43 -37.71 8.11
CA SER N 370 42.41 -38.65 8.63
C SER N 370 42.65 -39.83 7.70
N ARG N 371 41.73 -40.08 6.77
CA ARG N 371 41.88 -41.22 5.88
C ARG N 371 41.90 -40.77 4.43
N MET N 372 42.72 -39.77 4.15
CA MET N 372 42.89 -39.30 2.78
C MET N 372 44.29 -38.70 2.63
N THR N 373 44.86 -38.87 1.43
CA THR N 373 46.11 -38.24 1.07
C THR N 373 45.87 -36.75 0.86
N LEU N 374 46.65 -35.92 1.54
CA LEU N 374 46.38 -34.50 1.51
C LEU N 374 47.70 -33.75 1.55
N ALA N 375 47.84 -32.78 0.65
CA ALA N 375 48.97 -31.86 0.68
C ALA N 375 48.80 -30.98 1.90
N ASP N 376 49.52 -31.29 2.97
CA ASP N 376 49.26 -30.72 4.28
C ASP N 376 49.74 -29.28 4.42
N ASP N 377 50.28 -28.68 3.35
CA ASP N 377 50.70 -27.29 3.39
C ASP N 377 49.51 -26.35 3.50
N VAL N 378 48.34 -26.79 3.02
CA VAL N 378 47.14 -25.99 3.13
C VAL N 378 46.70 -25.96 4.59
N THR N 379 45.92 -24.93 4.93
CA THR N 379 45.49 -24.73 6.30
C THR N 379 43.99 -24.99 6.38
N LEU N 380 43.60 -25.87 7.30
CA LEU N 380 42.18 -26.10 7.53
C LEU N 380 41.53 -24.93 8.26
N ASP N 381 42.31 -24.06 8.90
CA ASP N 381 41.77 -23.02 9.76
C ASP N 381 40.98 -21.97 9.01
N ASP N 382 41.19 -21.84 7.70
CA ASP N 382 40.30 -21.03 6.88
C ASP N 382 38.91 -21.66 6.81
N LEU N 383 38.88 -22.99 6.65
CA LEU N 383 37.61 -23.70 6.64
C LEU N 383 36.99 -23.73 8.03
N ILE N 384 37.84 -23.79 9.06
CA ILE N 384 37.37 -23.84 10.44
C ILE N 384 36.84 -22.47 10.88
N MET N 385 37.42 -21.40 10.34
CA MET N 385 37.01 -20.05 10.72
C MET N 385 35.84 -19.54 9.89
N ALA N 386 35.87 -19.78 8.58
CA ALA N 386 35.03 -19.09 7.62
C ALA N 386 33.54 -19.36 7.81
N LYS N 387 33.14 -20.62 7.65
CA LYS N 387 31.74 -20.99 7.83
C LYS N 387 31.39 -20.98 9.32
N ASP N 388 30.39 -20.18 9.68
CA ASP N 388 30.06 -19.96 11.07
C ASP N 388 29.03 -20.95 11.62
N ASP N 389 28.09 -21.41 10.81
CA ASP N 389 27.02 -22.30 11.29
C ASP N 389 26.99 -23.60 10.49
N LEU N 390 28.15 -24.21 10.35
CA LEU N 390 28.23 -25.52 9.71
C LEU N 390 27.65 -26.61 10.58
N SER N 391 27.13 -27.66 9.93
CA SER N 391 26.93 -28.92 10.60
C SER N 391 28.17 -29.78 10.36
N GLY N 392 28.18 -30.96 10.97
CA GLY N 392 29.25 -31.88 10.66
C GLY N 392 29.13 -32.50 9.30
N ALA N 393 27.93 -32.47 8.72
CA ALA N 393 27.75 -32.89 7.33
C ALA N 393 28.34 -31.87 6.37
N ASP N 394 28.52 -30.63 6.81
CA ASP N 394 29.23 -29.66 5.99
C ASP N 394 30.72 -29.95 6.01
N ILE N 395 31.23 -30.35 7.16
CA ILE N 395 32.61 -30.79 7.29
C ILE N 395 32.83 -32.04 6.46
N LYS N 396 31.87 -32.97 6.53
CA LYS N 396 31.92 -34.19 5.76
C LYS N 396 31.87 -33.90 4.27
N ALA N 397 30.99 -32.99 3.87
CA ALA N 397 30.77 -32.73 2.45
C ALA N 397 31.93 -31.96 1.84
N ILE N 398 32.53 -31.05 2.60
CA ILE N 398 33.71 -30.35 2.11
C ILE N 398 34.91 -31.29 2.07
N CYS N 399 35.09 -32.07 3.14
CA CYS N 399 36.23 -32.97 3.24
C CYS N 399 36.13 -34.16 2.30
N THR N 400 34.96 -34.44 1.74
CA THR N 400 34.90 -35.37 0.62
C THR N 400 34.99 -34.65 -0.71
N GLU N 401 34.43 -33.44 -0.78
CA GLU N 401 34.33 -32.70 -2.02
C GLU N 401 35.67 -32.21 -2.53
N ALA N 402 36.59 -31.86 -1.63
CA ALA N 402 37.92 -31.47 -2.06
C ALA N 402 38.68 -32.66 -2.65
N GLY N 403 38.44 -33.86 -2.12
CA GLY N 403 38.97 -35.05 -2.75
C GLY N 403 38.28 -35.38 -4.05
N LEU N 404 37.05 -34.91 -4.22
CA LEU N 404 36.40 -35.02 -5.53
C LEU N 404 37.02 -34.04 -6.52
N MET N 405 37.61 -32.95 -6.02
CA MET N 405 38.20 -31.98 -6.94
C MET N 405 39.64 -32.33 -7.27
N ALA N 406 40.40 -32.85 -6.31
CA ALA N 406 41.75 -33.31 -6.60
C ALA N 406 41.71 -34.63 -7.36
N LEU N 407 40.95 -35.60 -6.85
CA LEU N 407 40.73 -36.85 -7.55
C LEU N 407 39.84 -36.70 -8.77
N ARG N 408 39.22 -35.53 -8.95
CA ARG N 408 38.60 -35.19 -10.22
C ARG N 408 39.64 -35.17 -11.35
N GLU N 409 40.85 -34.71 -11.05
CA GLU N 409 41.94 -34.73 -12.01
C GLU N 409 43.06 -35.69 -11.62
N ARG N 410 42.69 -36.81 -10.97
CA ARG N 410 43.58 -37.92 -10.60
C ARG N 410 44.73 -37.48 -9.69
N ARG N 411 44.54 -36.40 -8.94
CA ARG N 411 45.55 -35.92 -8.01
C ARG N 411 45.27 -36.49 -6.64
N MET N 412 46.27 -37.17 -6.07
CA MET N 412 46.08 -37.82 -4.78
C MET N 412 45.98 -36.80 -3.66
N LYS N 413 46.73 -35.71 -3.76
CA LYS N 413 46.74 -34.69 -2.72
C LYS N 413 46.01 -33.45 -3.20
N VAL N 414 45.57 -32.63 -2.24
CA VAL N 414 44.56 -31.62 -2.47
C VAL N 414 45.16 -30.24 -2.27
N THR N 415 45.02 -29.40 -3.30
CA THR N 415 45.42 -28.01 -3.21
C THR N 415 44.36 -27.20 -2.48
N ASN N 416 44.73 -25.98 -2.08
CA ASN N 416 43.82 -25.14 -1.30
C ASN N 416 42.65 -24.67 -2.14
N GLU N 417 42.85 -24.49 -3.45
CA GLU N 417 41.78 -24.05 -4.33
C GLU N 417 40.73 -25.13 -4.54
N ASP N 418 41.09 -26.40 -4.31
CA ASP N 418 40.07 -27.44 -4.27
C ASP N 418 39.27 -27.39 -2.98
N PHE N 419 39.85 -26.82 -1.92
CA PHE N 419 39.04 -26.51 -0.75
C PHE N 419 38.18 -25.28 -0.98
N LYS N 420 38.65 -24.38 -1.85
CA LYS N 420 37.85 -23.21 -2.20
C LYS N 420 36.63 -23.61 -3.02
N LYS N 421 36.86 -24.37 -4.09
CA LYS N 421 35.77 -24.92 -4.89
C LYS N 421 34.95 -25.92 -4.09
N SER N 422 35.57 -26.54 -3.09
CA SER N 422 34.87 -27.48 -2.24
C SER N 422 33.86 -26.77 -1.35
N LYS N 423 34.29 -25.74 -0.63
CA LYS N 423 33.37 -25.05 0.27
C LYS N 423 32.38 -24.17 -0.50
N GLU N 424 32.78 -23.66 -1.67
CA GLU N 424 31.84 -22.93 -2.51
C GLU N 424 30.89 -23.85 -3.24
N ASN N 425 31.28 -25.13 -3.36
CA ASN N 425 30.41 -26.12 -3.98
C ASN N 425 29.39 -26.63 -2.96
N VAL N 426 29.81 -26.76 -1.71
CA VAL N 426 28.90 -27.23 -0.67
C VAL N 426 27.95 -26.12 -0.26
N LEU N 427 28.48 -25.01 0.23
CA LEU N 427 27.64 -23.89 0.62
C LEU N 427 27.23 -23.12 -0.62
N TYR N 428 25.94 -22.89 -0.74
CA TYR N 428 25.33 -22.20 -1.85
C TYR N 428 24.42 -21.09 -1.31
N LYS N 429 24.16 -20.11 -2.18
CA LYS N 429 23.30 -18.95 -1.89
C LYS N 429 23.77 -18.21 -0.64
N LYS N 430 25.04 -17.82 -0.65
CA LYS N 430 25.64 -17.07 0.44
C LYS N 430 25.09 -15.64 0.40
N GLN N 431 24.20 -15.33 1.35
CA GLN N 431 23.51 -14.05 1.36
C GLN N 431 24.44 -12.94 1.86
N GLU N 432 25.21 -12.35 0.93
CA GLU N 432 26.25 -11.38 1.29
C GLU N 432 25.99 -10.01 0.69
N GLY N 433 25.81 -9.96 -0.63
CA GLY N 433 25.55 -8.71 -1.31
C GLY N 433 24.31 -8.81 -2.20
N THR N 434 24.47 -8.50 -3.48
CA THR N 434 23.37 -8.56 -4.44
C THR N 434 22.10 -7.84 -3.98
N PRO N 435 21.02 -8.62 -3.75
CA PRO N 435 19.67 -8.19 -3.34
C PRO N 435 19.68 -6.99 -2.40
N GLU N 436 20.07 -7.21 -1.15
CA GLU N 436 20.13 -6.11 -0.20
C GLU N 436 21.53 -5.95 0.43
N GLY N 437 22.05 -7.01 1.03
CA GLY N 437 23.35 -7.01 1.68
C GLY N 437 23.51 -5.80 2.59
N LEU N 438 22.42 -5.40 3.23
CA LEU N 438 22.41 -4.24 4.13
C LEU N 438 23.55 -4.31 5.15
N TYR N 439 24.08 -5.50 5.40
CA TYR N 439 25.05 -5.74 6.47
C TYR N 439 26.36 -5.00 6.25
N LEU N 440 26.74 -4.74 4.99
CA LEU N 440 27.93 -3.99 4.69
C LEU N 440 27.78 -2.52 5.06
N TYR O 16 16.92 -121.36 -57.90
CA TYR O 16 16.85 -120.09 -58.61
C TYR O 16 15.42 -119.71 -58.95
N LEU O 17 14.51 -120.61 -58.61
CA LEU O 17 13.12 -120.47 -59.01
C LEU O 17 12.41 -119.40 -58.19
N SER O 18 12.26 -119.64 -56.88
CA SER O 18 11.61 -118.64 -56.05
C SER O 18 12.62 -117.82 -55.27
N LYS O 19 13.84 -117.66 -55.79
CA LYS O 19 14.86 -116.74 -55.27
C LYS O 19 14.65 -115.31 -55.73
N ILE O 20 13.41 -114.99 -56.11
CA ILE O 20 13.07 -113.75 -56.75
C ILE O 20 12.28 -112.81 -55.85
N GLU O 21 11.24 -113.30 -55.20
CA GLU O 21 10.12 -112.45 -54.81
C GLU O 21 10.26 -111.92 -53.40
N GLU O 22 11.14 -112.50 -52.60
CA GLU O 22 11.17 -112.13 -51.18
C GLU O 22 11.92 -110.82 -50.97
N LEU O 23 13.03 -110.64 -51.70
CA LEU O 23 13.66 -109.32 -51.77
C LEU O 23 12.74 -108.31 -52.42
N GLN O 24 11.90 -108.77 -53.35
CA GLN O 24 10.87 -107.93 -53.93
C GLN O 24 9.75 -107.62 -52.93
N LEU O 25 9.63 -108.40 -51.86
CA LEU O 25 8.77 -108.01 -50.75
C LEU O 25 9.50 -107.09 -49.80
N ILE O 26 10.83 -107.19 -49.74
CA ILE O 26 11.64 -106.25 -48.98
C ILE O 26 11.64 -104.87 -49.66
N VAL O 27 11.35 -104.83 -50.96
CA VAL O 27 10.95 -103.58 -51.62
C VAL O 27 9.75 -102.97 -50.92
N ASN O 28 8.78 -103.79 -50.57
CA ASN O 28 7.52 -103.33 -49.99
C ASN O 28 7.61 -103.01 -48.53
N ASP O 29 8.81 -102.84 -47.96
CA ASP O 29 8.96 -102.41 -46.59
C ASP O 29 8.98 -100.90 -46.45
N LYS O 30 8.44 -100.18 -47.43
CA LYS O 30 8.09 -98.78 -47.27
C LYS O 30 6.89 -98.59 -46.35
N SER O 31 6.13 -99.65 -46.10
CA SER O 31 5.07 -99.60 -45.11
C SER O 31 5.66 -99.48 -43.71
N GLN O 32 6.90 -99.90 -43.53
CA GLN O 32 7.63 -99.58 -42.32
C GLN O 32 7.94 -98.09 -42.26
N ASN O 33 8.04 -97.45 -43.41
CA ASN O 33 8.36 -96.03 -43.46
C ASN O 33 7.10 -95.16 -43.48
N LEU O 34 6.10 -95.57 -44.26
CA LEU O 34 4.83 -94.86 -44.23
C LEU O 34 4.11 -95.09 -42.92
N ARG O 35 4.05 -96.34 -42.48
CA ARG O 35 3.60 -96.65 -41.13
C ARG O 35 4.61 -96.28 -40.07
N ARG O 36 5.84 -95.95 -40.45
CA ARG O 36 6.69 -95.27 -39.48
C ARG O 36 6.16 -93.88 -39.22
N LEU O 37 5.78 -93.16 -40.28
CA LEU O 37 5.13 -91.86 -40.11
C LEU O 37 3.80 -92.00 -39.40
N GLN O 38 3.09 -93.11 -39.62
CA GLN O 38 1.82 -93.31 -38.94
C GLN O 38 2.04 -93.68 -37.49
N ALA O 39 3.13 -94.38 -37.19
CA ALA O 39 3.43 -94.73 -35.82
C ALA O 39 3.90 -93.52 -35.04
N GLN O 40 4.76 -92.71 -35.67
CA GLN O 40 5.12 -91.40 -35.16
C GLN O 40 3.88 -90.57 -34.87
N ARG O 41 2.96 -90.51 -35.83
CA ARG O 41 1.73 -89.74 -35.69
C ARG O 41 0.85 -90.26 -34.57
N ASN O 42 0.80 -91.58 -34.41
CA ASN O 42 0.09 -92.19 -33.29
C ASN O 42 0.67 -91.74 -31.97
N GLU O 43 2.00 -91.70 -31.89
CA GLU O 43 2.64 -91.17 -30.70
C GLU O 43 2.34 -89.70 -30.51
N LEU O 44 2.31 -88.95 -31.62
CA LEU O 44 2.10 -87.51 -31.59
C LEU O 44 0.75 -87.17 -31.02
N ASN O 45 -0.31 -87.59 -31.70
CA ASN O 45 -1.64 -87.22 -31.27
C ASN O 45 -2.07 -88.01 -30.04
N ALA O 46 -1.49 -89.19 -29.82
CA ALA O 46 -1.77 -89.92 -28.60
C ALA O 46 -1.25 -89.17 -27.39
N LYS O 47 -0.08 -88.57 -27.51
CA LYS O 47 0.47 -87.82 -26.40
C LYS O 47 -0.01 -86.38 -26.37
N VAL O 48 -0.55 -85.87 -27.47
CA VAL O 48 -1.35 -84.65 -27.42
C VAL O 48 -2.59 -84.89 -26.59
N ARG O 49 -3.23 -86.05 -26.80
CA ARG O 49 -4.39 -86.42 -26.00
C ARG O 49 -4.01 -86.61 -24.55
N LEU O 50 -2.88 -87.27 -24.29
CA LEU O 50 -2.43 -87.45 -22.92
C LEU O 50 -1.98 -86.13 -22.30
N LEU O 51 -1.64 -85.16 -23.13
CA LEU O 51 -1.48 -83.80 -22.64
C LEU O 51 -2.81 -83.18 -22.27
N ARG O 52 -3.86 -83.51 -23.03
CA ARG O 52 -5.17 -82.95 -22.74
C ARG O 52 -5.84 -83.62 -21.54
N GLU O 53 -5.43 -84.83 -21.20
CA GLU O 53 -6.06 -85.47 -20.06
C GLU O 53 -5.48 -84.99 -18.74
N GLU O 54 -4.37 -84.27 -18.81
CA GLU O 54 -3.75 -83.65 -17.65
C GLU O 54 -4.64 -82.63 -16.97
N LEU O 55 -5.56 -82.03 -17.71
CA LEU O 55 -6.32 -80.87 -17.34
C LEU O 55 -7.34 -81.11 -16.25
N GLN O 56 -7.45 -82.33 -15.71
CA GLN O 56 -8.18 -82.52 -14.47
C GLN O 56 -7.42 -81.96 -13.29
N LEU O 57 -6.10 -81.79 -13.42
CA LEU O 57 -5.32 -81.15 -12.39
C LEU O 57 -5.71 -79.69 -12.21
N LEU O 58 -6.29 -79.08 -13.25
CA LEU O 58 -6.84 -77.73 -13.15
C LEU O 58 -7.98 -77.64 -12.15
N GLN O 59 -8.65 -78.76 -11.89
CA GLN O 59 -9.86 -78.79 -11.07
C GLN O 59 -9.58 -78.87 -9.59
N GLU O 60 -8.38 -78.50 -9.14
CA GLU O 60 -8.04 -78.64 -7.73
C GLU O 60 -7.81 -77.29 -7.08
N GLN O 61 -8.28 -76.23 -7.73
CA GLN O 61 -8.56 -74.88 -7.24
C GLN O 61 -7.35 -74.09 -6.74
N GLY O 62 -6.16 -74.69 -6.69
CA GLY O 62 -4.96 -73.95 -6.36
C GLY O 62 -4.76 -73.73 -4.87
N SER O 63 -3.57 -74.04 -4.37
CA SER O 63 -3.26 -73.76 -2.97
C SER O 63 -2.89 -72.30 -2.84
N TYR O 64 -3.77 -71.55 -2.18
CA TYR O 64 -3.67 -70.11 -2.04
C TYR O 64 -2.43 -69.70 -1.27
N VAL O 65 -2.02 -68.45 -1.44
CA VAL O 65 -0.79 -67.97 -0.82
C VAL O 65 -0.99 -67.80 0.68
N GLY O 66 -0.07 -68.33 1.46
CA GLY O 66 -0.06 -68.14 2.88
C GLY O 66 1.04 -67.18 3.31
N GLU O 67 0.78 -66.46 4.39
CA GLU O 67 1.67 -65.42 4.89
C GLU O 67 2.19 -65.88 6.25
N VAL O 68 3.37 -66.46 6.24
CA VAL O 68 4.01 -66.99 7.44
C VAL O 68 4.90 -65.90 8.00
N VAL O 69 4.70 -65.57 9.27
CA VAL O 69 5.62 -64.70 9.97
C VAL O 69 6.92 -65.48 10.19
N ARG O 70 6.82 -66.56 10.95
CA ARG O 70 7.95 -67.42 11.25
C ARG O 70 7.39 -68.72 11.79
N ALA O 71 8.25 -69.72 11.89
CA ALA O 71 7.83 -71.00 12.45
C ALA O 71 8.21 -71.08 13.92
N MET O 72 7.62 -72.06 14.59
CA MET O 72 8.06 -72.43 15.93
C MET O 72 8.41 -73.91 15.92
N ASP O 73 8.64 -74.48 17.09
CA ASP O 73 9.04 -75.88 17.18
C ASP O 73 7.85 -76.81 16.95
N LYS O 74 8.08 -78.11 17.20
CA LYS O 74 7.10 -79.20 17.06
C LYS O 74 6.55 -79.31 15.64
N LYS O 75 7.39 -78.97 14.66
CA LYS O 75 7.13 -79.12 13.23
C LYS O 75 5.92 -78.31 12.77
N LYS O 76 5.66 -77.20 13.46
CA LYS O 76 4.50 -76.38 13.17
C LYS O 76 4.95 -74.96 12.92
N VAL O 77 4.07 -74.19 12.29
CA VAL O 77 4.40 -72.86 11.83
C VAL O 77 3.39 -71.87 12.38
N LEU O 78 3.55 -70.61 12.00
CA LEU O 78 2.56 -69.58 12.30
C LEU O 78 2.16 -68.97 10.95
N VAL O 79 0.97 -69.30 10.50
CA VAL O 79 0.41 -68.74 9.28
C VAL O 79 -0.61 -67.70 9.68
N LYS O 80 -0.40 -66.48 9.20
CA LYS O 80 -1.44 -65.46 9.24
C LYS O 80 -2.08 -65.32 7.88
N VAL O 81 -3.26 -65.91 7.73
CA VAL O 81 -3.97 -65.90 6.45
C VAL O 81 -4.21 -64.49 5.99
N HIS O 82 -3.96 -64.26 4.68
CA HIS O 82 -4.10 -63.01 3.89
C HIS O 82 -4.80 -61.90 4.65
N PRO O 83 -6.13 -61.87 4.58
CA PRO O 83 -6.85 -60.92 5.42
C PRO O 83 -7.47 -61.57 6.66
N GLU O 84 -6.83 -62.57 7.25
CA GLU O 84 -7.43 -63.21 8.43
C GLU O 84 -6.38 -63.29 9.53
N GLY O 85 -6.70 -64.03 10.58
CA GLY O 85 -5.86 -64.10 11.76
C GLY O 85 -4.75 -65.12 11.70
N LYS O 86 -4.21 -65.47 12.87
CA LYS O 86 -3.07 -66.36 12.97
C LYS O 86 -3.54 -67.81 13.11
N PHE O 87 -2.84 -68.73 12.44
CA PHE O 87 -3.22 -70.13 12.45
C PHE O 87 -1.96 -70.97 12.49
N VAL O 88 -1.73 -71.62 13.61
CA VAL O 88 -0.69 -72.63 13.72
C VAL O 88 -1.20 -73.91 13.10
N VAL O 89 -0.46 -74.43 12.13
CA VAL O 89 -0.82 -75.64 11.42
C VAL O 89 0.42 -76.50 11.27
N ASP O 90 0.22 -77.74 10.83
CA ASP O 90 1.32 -78.66 10.61
C ASP O 90 1.77 -78.56 9.14
N VAL O 91 3.00 -79.02 8.90
CA VAL O 91 3.67 -78.80 7.64
C VAL O 91 3.54 -80.05 6.78
N ASP O 92 3.90 -79.90 5.50
CA ASP O 92 4.01 -81.06 4.62
C ASP O 92 5.39 -81.68 4.78
N LYS O 93 5.70 -82.66 3.94
CA LYS O 93 6.92 -83.42 4.07
C LYS O 93 7.97 -83.03 3.04
N ASN O 94 7.55 -82.52 1.88
CA ASN O 94 8.48 -82.14 0.83
C ASN O 94 9.15 -80.81 1.12
N ILE O 95 8.74 -80.14 2.20
CA ILE O 95 9.34 -78.89 2.65
C ILE O 95 9.70 -79.05 4.11
N ASP O 96 10.68 -78.26 4.55
CA ASP O 96 11.31 -78.46 5.84
C ASP O 96 11.04 -77.31 6.79
N ILE O 97 11.31 -77.57 8.07
CA ILE O 97 11.34 -76.51 9.07
C ILE O 97 12.49 -75.57 8.78
N ASN O 98 13.61 -76.12 8.29
CA ASN O 98 14.76 -75.28 7.94
C ASN O 98 14.50 -74.51 6.66
N ASP O 99 13.60 -74.99 5.82
CA ASP O 99 13.23 -74.25 4.63
C ASP O 99 12.36 -73.04 4.93
N VAL O 100 11.85 -72.93 6.16
CA VAL O 100 11.01 -71.80 6.55
C VAL O 100 11.88 -70.55 6.64
N THR O 101 11.73 -69.69 5.69
CA THR O 101 12.35 -68.39 5.81
C THR O 101 11.41 -67.45 6.55
N PRO O 102 11.93 -66.57 7.39
CA PRO O 102 11.08 -65.59 8.06
C PRO O 102 10.50 -64.58 7.09
N ASN O 103 9.17 -64.46 7.12
CA ASN O 103 8.40 -63.49 6.35
C ASN O 103 8.54 -63.72 4.84
N CYS O 104 8.71 -64.97 4.46
CA CYS O 104 8.55 -65.39 3.08
C CYS O 104 7.20 -66.09 2.97
N ARG O 105 6.60 -66.03 1.79
CA ARG O 105 5.24 -66.52 1.70
C ARG O 105 5.20 -67.93 1.13
N VAL O 106 4.11 -68.64 1.43
CA VAL O 106 4.01 -70.06 1.18
C VAL O 106 2.75 -70.31 0.37
N ALA O 107 2.65 -71.53 -0.17
CA ALA O 107 1.42 -72.02 -0.77
C ALA O 107 0.76 -72.90 0.28
N LEU O 108 -0.38 -72.42 0.76
CA LEU O 108 -1.14 -73.10 1.80
C LEU O 108 -2.35 -73.76 1.16
N ARG O 109 -2.52 -75.04 1.43
CA ARG O 109 -3.73 -75.71 1.00
C ARG O 109 -4.91 -75.26 1.85
N ASN O 110 -6.10 -75.41 1.28
CA ASN O 110 -7.35 -75.13 1.97
C ASN O 110 -7.94 -76.39 2.57
N ASP O 111 -7.25 -77.51 2.41
CA ASP O 111 -7.73 -78.83 2.79
C ASP O 111 -7.92 -78.97 4.29
N SER O 112 -6.82 -78.94 5.03
CA SER O 112 -6.83 -78.87 6.48
C SER O 112 -5.88 -77.78 6.91
N TYR O 113 -5.68 -76.83 5.99
CA TYR O 113 -4.65 -75.79 6.06
C TYR O 113 -3.28 -76.43 6.23
N THR O 114 -3.07 -77.49 5.46
CA THR O 114 -1.82 -78.22 5.53
C THR O 114 -0.73 -77.39 4.88
N LEU O 115 0.30 -77.06 5.67
CA LEU O 115 1.36 -76.19 5.18
C LEU O 115 2.18 -76.95 4.17
N HIS O 116 1.90 -76.70 2.90
CA HIS O 116 2.18 -77.64 1.84
C HIS O 116 3.35 -77.26 0.95
N LYS O 117 3.36 -76.04 0.42
CA LYS O 117 4.43 -75.62 -0.46
C LYS O 117 4.88 -74.26 0.01
N ILE O 118 6.02 -73.79 -0.50
CA ILE O 118 6.59 -72.49 -0.14
C ILE O 118 6.76 -71.69 -1.41
N LEU O 119 6.33 -70.44 -1.40
CA LEU O 119 6.32 -69.69 -2.63
C LEU O 119 7.43 -68.66 -2.68
N PRO O 120 8.39 -68.82 -3.59
CA PRO O 120 9.41 -67.79 -3.78
C PRO O 120 8.81 -66.53 -4.39
N ASN O 121 8.69 -65.48 -3.59
CA ASN O 121 7.99 -64.29 -4.08
C ASN O 121 8.57 -63.00 -3.53
N LYS O 122 8.22 -61.91 -4.22
CA LYS O 122 8.42 -60.58 -3.69
C LYS O 122 7.08 -60.16 -3.08
N VAL O 123 7.12 -59.29 -2.06
CA VAL O 123 5.90 -58.99 -1.31
C VAL O 123 5.03 -57.78 -1.64
N ASP O 124 5.61 -56.58 -1.63
CA ASP O 124 4.82 -55.37 -1.86
C ASP O 124 4.35 -55.10 -3.29
N PRO O 125 3.71 -53.94 -3.49
CA PRO O 125 3.19 -53.53 -4.79
C PRO O 125 4.26 -53.52 -5.87
N LEU O 126 5.50 -53.96 -5.53
CA LEU O 126 6.69 -54.08 -6.37
C LEU O 126 6.39 -54.06 -7.87
N VAL O 127 5.37 -54.78 -8.31
CA VAL O 127 4.96 -54.75 -9.70
C VAL O 127 4.36 -53.40 -10.08
N SER O 128 3.49 -52.85 -9.23
CA SER O 128 2.72 -51.66 -9.61
C SER O 128 3.62 -50.44 -9.70
N LEU O 129 4.65 -50.39 -8.87
CA LEU O 129 5.54 -49.24 -8.87
C LEU O 129 7.00 -49.61 -8.70
N MET O 130 7.28 -50.88 -8.43
CA MET O 130 8.65 -51.33 -8.27
C MET O 130 9.39 -51.14 -9.59
N MET O 131 8.73 -51.51 -10.68
CA MET O 131 9.31 -51.38 -12.01
C MET O 131 8.62 -50.28 -12.80
N VAL O 132 8.52 -49.10 -12.19
CA VAL O 132 7.87 -47.96 -12.84
C VAL O 132 8.87 -47.03 -13.51
N GLU O 133 9.87 -47.62 -14.17
CA GLU O 133 10.89 -46.84 -14.86
C GLU O 133 10.42 -46.37 -16.23
N LYS O 134 11.24 -45.56 -16.89
CA LYS O 134 10.92 -45.04 -18.21
C LYS O 134 11.63 -45.83 -19.30
N VAL O 135 12.05 -47.05 -18.96
CA VAL O 135 12.75 -47.97 -19.85
C VAL O 135 13.83 -47.29 -20.71
N PRO O 136 13.75 -47.48 -22.04
CA PRO O 136 14.72 -46.92 -22.98
C PRO O 136 14.26 -45.58 -23.55
N ASP O 137 15.13 -44.92 -24.32
CA ASP O 137 14.80 -43.64 -24.92
C ASP O 137 15.71 -43.28 -26.10
N SER O 138 16.76 -42.52 -25.81
CA SER O 138 17.70 -42.06 -26.81
C SER O 138 19.10 -41.82 -26.24
N THR O 139 19.92 -41.09 -26.98
CA THR O 139 21.33 -40.86 -26.71
C THR O 139 21.61 -39.40 -26.34
N TYR O 140 22.91 -39.10 -26.25
CA TYR O 140 23.37 -37.90 -25.58
C TYR O 140 23.30 -36.70 -26.49
N GLU O 141 23.02 -36.90 -27.77
CA GLU O 141 23.26 -35.87 -28.75
C GLU O 141 22.28 -34.71 -28.66
N MET O 142 21.13 -34.91 -28.02
CA MET O 142 20.06 -33.93 -27.97
C MET O 142 20.03 -33.19 -26.65
N ILE O 143 21.19 -33.00 -26.04
CA ILE O 143 21.30 -32.33 -24.76
C ILE O 143 21.79 -30.90 -24.95
N GLY O 144 23.05 -30.73 -25.37
CA GLY O 144 23.57 -29.45 -25.80
C GLY O 144 23.68 -28.35 -24.77
N GLY O 145 24.66 -28.43 -23.87
CA GLY O 145 25.02 -27.24 -23.13
C GLY O 145 25.30 -27.40 -21.65
N LEU O 146 24.62 -28.31 -20.98
CA LEU O 146 24.86 -28.42 -19.55
C LEU O 146 25.91 -29.48 -19.27
N ASP O 147 27.07 -29.36 -19.90
CA ASP O 147 27.99 -30.49 -19.98
C ASP O 147 28.87 -30.58 -18.74
N LYS O 148 29.11 -29.46 -18.06
CA LYS O 148 29.77 -29.55 -16.76
C LYS O 148 28.86 -30.19 -15.74
N GLN O 149 27.56 -29.93 -15.85
CA GLN O 149 26.58 -30.64 -15.04
C GLN O 149 26.59 -32.12 -15.37
N ILE O 150 26.81 -32.47 -16.64
CA ILE O 150 26.99 -33.86 -17.03
C ILE O 150 28.24 -34.44 -16.40
N LYS O 151 29.29 -33.63 -16.26
CA LYS O 151 30.48 -34.12 -15.57
C LYS O 151 30.21 -34.34 -14.08
N GLU O 152 29.33 -33.53 -13.51
CA GLU O 152 28.90 -33.77 -12.13
C GLU O 152 28.06 -35.03 -12.05
N ILE O 153 27.30 -35.33 -13.10
CA ILE O 153 26.56 -36.57 -13.19
C ILE O 153 27.50 -37.76 -13.24
N LYS O 154 28.62 -37.59 -13.95
CA LYS O 154 29.67 -38.61 -13.98
C LYS O 154 30.24 -38.82 -12.60
N GLU O 155 30.40 -37.73 -11.83
CA GLU O 155 30.88 -37.84 -10.46
C GLU O 155 29.88 -38.57 -9.57
N VAL O 156 28.65 -38.09 -9.52
CA VAL O 156 27.67 -38.60 -8.57
C VAL O 156 27.22 -40.02 -8.92
N ILE O 157 27.26 -40.38 -10.19
CA ILE O 157 26.70 -41.63 -10.65
C ILE O 157 27.77 -42.56 -11.17
N GLU O 158 28.55 -42.11 -12.16
CA GLU O 158 29.25 -43.05 -13.01
C GLU O 158 30.47 -43.64 -12.31
N LEU O 159 31.12 -42.89 -11.45
CA LEU O 159 32.21 -43.50 -10.67
C LEU O 159 31.67 -44.43 -9.59
N PRO O 160 30.56 -44.14 -8.88
CA PRO O 160 29.89 -45.23 -8.15
C PRO O 160 29.21 -46.26 -9.03
N VAL O 161 29.10 -46.00 -10.34
CA VAL O 161 28.74 -47.09 -11.25
C VAL O 161 29.98 -47.86 -11.66
N LYS O 162 30.97 -47.17 -12.23
CA LYS O 162 32.10 -47.87 -12.85
C LYS O 162 33.11 -48.35 -11.80
N HIS O 163 33.71 -47.42 -11.06
CA HIS O 163 34.78 -47.79 -10.13
C HIS O 163 34.49 -47.29 -8.72
N PRO O 164 33.49 -47.88 -8.05
CA PRO O 164 33.19 -47.47 -6.67
C PRO O 164 34.30 -47.83 -5.71
N GLU O 165 34.97 -48.95 -5.96
CA GLU O 165 36.06 -49.35 -5.08
C GLU O 165 37.33 -48.57 -5.36
N LEU O 166 37.49 -48.05 -6.58
CA LEU O 166 38.60 -47.14 -6.80
C LEU O 166 38.32 -45.79 -6.16
N PHE O 167 37.04 -45.46 -5.95
CA PHE O 167 36.80 -44.29 -5.13
C PHE O 167 36.92 -44.59 -3.64
N GLU O 168 36.47 -45.76 -3.21
CA GLU O 168 36.45 -46.10 -1.79
C GLU O 168 37.81 -46.57 -1.32
N ALA O 169 38.75 -46.72 -2.25
CA ALA O 169 40.14 -46.97 -1.93
C ALA O 169 40.72 -45.79 -1.15
N LEU O 170 40.21 -44.59 -1.45
CA LEU O 170 40.50 -43.45 -0.59
C LEU O 170 39.91 -43.64 0.80
N GLY O 171 38.63 -43.99 0.88
CA GLY O 171 38.00 -44.29 2.16
C GLY O 171 36.85 -43.39 2.53
N ILE O 172 36.23 -42.69 1.58
CA ILE O 172 35.12 -41.79 1.88
C ILE O 172 33.90 -42.22 1.08
N ALA O 173 32.75 -41.57 1.33
CA ALA O 173 31.48 -42.02 0.81
C ALA O 173 31.05 -41.27 -0.44
N GLN O 174 29.90 -41.62 -1.00
CA GLN O 174 29.54 -41.22 -2.35
C GLN O 174 28.32 -40.30 -2.34
N PRO O 175 28.20 -39.37 -3.30
CA PRO O 175 27.00 -38.54 -3.37
C PRO O 175 25.84 -39.26 -4.03
N LYS O 176 24.62 -38.77 -3.84
CA LYS O 176 23.46 -39.56 -4.24
C LYS O 176 22.57 -38.93 -5.30
N GLY O 177 22.38 -37.61 -5.32
CA GLY O 177 21.43 -37.02 -6.23
C GLY O 177 21.71 -35.55 -6.39
N VAL O 178 21.25 -35.01 -7.52
CA VAL O 178 21.72 -33.71 -8.00
C VAL O 178 20.76 -32.58 -7.72
N LEU O 179 19.49 -32.87 -7.40
CA LEU O 179 18.42 -31.89 -7.22
C LEU O 179 18.37 -30.92 -8.39
N LEU O 180 17.99 -31.44 -9.56
CA LEU O 180 18.00 -30.63 -10.77
C LEU O 180 16.80 -29.67 -10.74
N TYR O 181 17.08 -28.45 -10.27
CA TYR O 181 16.00 -27.49 -10.15
C TYR O 181 16.16 -26.40 -11.20
N GLY O 182 15.11 -26.19 -11.98
CA GLY O 182 15.09 -25.17 -13.02
C GLY O 182 13.75 -25.20 -13.72
N PRO O 183 13.66 -24.60 -14.91
CA PRO O 183 12.41 -24.62 -15.66
C PRO O 183 12.00 -26.07 -15.89
N PRO O 184 10.81 -26.46 -15.41
CA PRO O 184 10.14 -27.77 -15.38
C PRO O 184 10.81 -29.00 -16.02
N GLY O 185 12.07 -29.29 -15.68
CA GLY O 185 12.75 -30.44 -16.24
C GLY O 185 13.95 -30.18 -17.12
N THR O 186 14.24 -28.89 -17.38
CA THR O 186 15.33 -28.28 -18.19
C THR O 186 16.44 -29.29 -18.45
N GLY O 187 16.32 -30.01 -19.56
CA GLY O 187 17.25 -31.07 -19.89
C GLY O 187 17.12 -32.10 -18.80
N LYS O 188 15.87 -32.47 -18.46
CA LYS O 188 15.64 -33.41 -17.38
C LYS O 188 14.86 -34.67 -17.72
N THR O 189 13.74 -34.59 -18.46
CA THR O 189 13.11 -35.86 -18.75
C THR O 189 13.96 -36.66 -19.74
N LEU O 190 14.19 -36.08 -20.92
CA LEU O 190 14.97 -36.79 -21.94
C LEU O 190 16.44 -36.83 -21.56
N LEU O 191 16.87 -35.94 -20.67
CA LEU O 191 18.26 -35.94 -20.23
C LEU O 191 18.57 -37.15 -19.37
N ALA O 192 17.95 -37.23 -18.20
CA ALA O 192 18.34 -38.28 -17.28
C ALA O 192 17.70 -39.61 -17.69
N ARG O 193 16.63 -39.54 -18.47
CA ARG O 193 16.11 -40.77 -19.05
C ARG O 193 16.99 -41.27 -20.18
N ALA O 194 17.40 -40.38 -21.10
CA ALA O 194 18.19 -40.80 -22.25
C ALA O 194 19.57 -41.27 -21.83
N VAL O 195 20.19 -40.57 -20.88
CA VAL O 195 21.53 -40.96 -20.49
C VAL O 195 21.53 -42.23 -19.67
N ALA O 196 20.74 -42.28 -18.61
CA ALA O 196 20.71 -43.44 -17.73
C ALA O 196 19.86 -44.58 -18.28
N HIS O 197 19.37 -44.45 -19.52
CA HIS O 197 18.95 -45.63 -20.27
C HIS O 197 20.13 -46.54 -20.55
N HIS O 198 21.34 -46.00 -20.59
CA HIS O 198 22.50 -46.74 -21.05
C HIS O 198 23.39 -47.18 -19.89
N THR O 199 22.77 -47.65 -18.80
CA THR O 199 23.51 -48.24 -17.71
C THR O 199 23.07 -49.69 -17.50
N ASP O 200 22.16 -50.11 -18.37
CA ASP O 200 21.76 -51.48 -18.71
C ASP O 200 20.96 -52.23 -17.67
N CYS O 201 21.06 -51.85 -16.39
CA CYS O 201 20.12 -52.32 -15.38
C CYS O 201 19.87 -51.22 -14.35
N THR O 202 20.79 -50.28 -14.27
CA THR O 202 21.01 -49.57 -13.04
C THR O 202 20.25 -48.27 -12.95
N PHE O 203 19.04 -48.20 -13.48
CA PHE O 203 18.24 -46.97 -13.44
C PHE O 203 16.78 -47.38 -13.50
N ILE O 204 16.14 -47.42 -12.35
CA ILE O 204 14.74 -47.81 -12.25
C ILE O 204 13.99 -46.58 -11.77
N ARG O 205 13.61 -45.71 -12.70
CA ARG O 205 13.03 -44.42 -12.39
C ARG O 205 11.59 -44.65 -11.98
N VAL O 206 11.36 -44.90 -10.69
CA VAL O 206 10.00 -45.15 -10.23
C VAL O 206 9.15 -43.89 -10.25
N SER O 207 9.80 -42.71 -10.36
CA SER O 207 9.27 -41.36 -10.59
C SER O 207 8.61 -40.77 -9.35
N GLY O 208 8.39 -41.60 -8.33
CA GLY O 208 8.28 -41.24 -6.93
C GLY O 208 7.37 -40.12 -6.45
N SER O 209 6.60 -39.49 -7.33
CA SER O 209 5.68 -38.46 -6.83
C SER O 209 4.37 -38.41 -7.59
N GLU O 210 4.01 -39.46 -8.33
CA GLU O 210 3.00 -39.35 -9.37
C GLU O 210 1.60 -39.21 -8.78
N LEU O 211 1.12 -40.24 -8.09
CA LEU O 211 -0.17 -40.15 -7.40
C LEU O 211 -0.03 -39.71 -5.97
N VAL O 212 0.89 -38.78 -5.68
CA VAL O 212 1.64 -38.58 -4.43
C VAL O 212 0.86 -38.86 -3.15
N GLN O 213 -0.44 -38.55 -3.12
CA GLN O 213 -1.33 -38.99 -2.06
C GLN O 213 -1.81 -40.42 -2.20
N LYS O 214 -1.31 -41.18 -3.18
CA LYS O 214 -1.59 -42.60 -3.27
C LYS O 214 -0.35 -43.47 -3.47
N PHE O 215 0.60 -43.08 -4.32
CA PHE O 215 1.81 -43.89 -4.44
C PHE O 215 2.70 -43.80 -3.22
N ILE O 216 2.51 -42.79 -2.39
CA ILE O 216 3.34 -42.57 -1.22
C ILE O 216 2.46 -42.74 0.01
N GLY O 217 2.79 -43.75 0.82
CA GLY O 217 2.14 -43.91 2.10
C GLY O 217 0.80 -44.60 2.11
N GLU O 218 -0.04 -44.33 1.10
CA GLU O 218 -1.25 -45.10 0.95
C GLU O 218 -0.87 -46.50 0.48
N GLY O 219 -0.95 -47.48 1.38
CA GLY O 219 -0.53 -48.83 1.09
C GLY O 219 0.93 -49.10 1.36
N ALA O 220 1.75 -48.09 1.09
CA ALA O 220 3.18 -48.16 1.36
C ALA O 220 3.41 -47.08 2.41
N ARG O 221 3.25 -47.44 3.68
CA ARG O 221 3.45 -46.51 4.78
C ARG O 221 4.93 -46.17 4.82
N MET O 222 5.72 -47.11 5.30
CA MET O 222 7.16 -46.94 5.31
C MET O 222 7.49 -47.29 3.87
N VAL O 223 7.38 -46.29 3.00
CA VAL O 223 7.59 -46.44 1.56
C VAL O 223 8.78 -47.37 1.14
N ARG O 224 9.51 -47.87 2.13
CA ARG O 224 10.57 -48.85 2.02
C ARG O 224 10.30 -50.11 1.19
N GLU O 225 9.03 -50.36 0.85
CA GLU O 225 8.71 -51.20 -0.29
C GLU O 225 9.52 -50.81 -1.52
N LEU O 226 9.56 -49.50 -1.83
CA LEU O 226 10.49 -48.97 -2.82
C LEU O 226 11.94 -49.32 -2.49
N PHE O 227 12.28 -49.33 -1.22
CA PHE O 227 13.66 -49.56 -0.86
C PHE O 227 13.99 -51.04 -0.92
N VAL O 228 12.99 -51.89 -0.70
CA VAL O 228 13.13 -53.32 -0.93
C VAL O 228 13.26 -53.60 -2.43
N MET O 229 12.55 -52.81 -3.26
CA MET O 229 12.78 -52.86 -4.71
C MET O 229 14.22 -52.53 -5.03
N ALA O 230 14.70 -51.39 -4.52
CA ALA O 230 16.00 -50.86 -4.89
C ALA O 230 17.14 -51.70 -4.34
N ARG O 231 16.92 -52.41 -3.24
CA ARG O 231 17.88 -53.40 -2.77
C ARG O 231 17.85 -54.66 -3.60
N GLU O 232 16.66 -55.23 -3.78
CA GLU O 232 16.54 -56.47 -4.53
C GLU O 232 16.61 -56.26 -6.02
N HIS O 233 16.76 -55.03 -6.46
CA HIS O 233 17.20 -54.68 -7.80
C HIS O 233 18.37 -53.74 -7.65
N ALA O 234 19.38 -54.18 -6.88
CA ALA O 234 20.52 -53.36 -6.48
C ALA O 234 21.18 -52.49 -7.56
N PRO O 235 21.18 -52.87 -8.84
CA PRO O 235 21.34 -51.82 -9.88
C PRO O 235 20.04 -51.05 -10.11
N SER O 236 19.84 -49.97 -9.36
CA SER O 236 18.68 -49.11 -9.58
C SER O 236 19.01 -47.67 -9.22
N ILE O 237 18.15 -46.76 -9.68
CA ILE O 237 18.21 -45.34 -9.34
C ILE O 237 16.79 -44.83 -9.11
N ILE O 238 16.54 -44.32 -7.91
CA ILE O 238 15.22 -43.82 -7.52
C ILE O 238 15.13 -42.35 -7.89
N PHE O 239 13.98 -41.95 -8.44
CA PHE O 239 13.72 -40.55 -8.77
C PHE O 239 12.39 -40.13 -8.19
N MET O 240 12.30 -38.85 -7.78
CA MET O 240 11.08 -38.26 -7.27
C MET O 240 10.90 -36.85 -7.82
N ASP O 241 9.73 -36.27 -7.58
CA ASP O 241 9.46 -34.92 -8.06
C ASP O 241 9.14 -33.96 -6.91
N SER O 259 2.30 -33.63 4.40
CA SER O 259 2.52 -34.10 5.76
C SER O 259 3.03 -35.52 5.68
N GLU O 260 2.43 -36.27 4.76
CA GLU O 260 2.97 -37.55 4.34
C GLU O 260 4.34 -37.40 3.72
N VAL O 261 4.52 -36.36 2.90
CA VAL O 261 5.80 -36.05 2.26
C VAL O 261 6.87 -35.82 3.32
N GLN O 262 6.48 -35.24 4.45
CA GLN O 262 7.39 -35.12 5.58
C GLN O 262 7.67 -36.47 6.23
N ARG O 263 6.66 -37.32 6.35
CA ARG O 263 6.84 -38.65 6.92
C ARG O 263 7.80 -39.48 6.09
N THR O 264 7.47 -39.69 4.81
CA THR O 264 8.28 -40.46 3.88
C THR O 264 9.66 -39.86 3.69
N MET O 265 9.73 -38.52 3.66
CA MET O 265 10.99 -37.80 3.82
C MET O 265 11.78 -38.34 4.99
N LEU O 266 11.13 -38.46 6.14
CA LEU O 266 11.87 -38.95 7.30
C LEU O 266 12.26 -40.40 7.18
N GLU O 267 11.49 -41.23 6.46
CA GLU O 267 11.98 -42.60 6.32
C GLU O 267 13.07 -42.73 5.26
N LEU O 268 13.08 -41.86 4.24
CA LEU O 268 14.27 -41.66 3.43
C LEU O 268 15.46 -41.42 4.31
N LEU O 269 15.34 -40.43 5.19
CA LEU O 269 16.40 -40.11 6.12
C LEU O 269 16.64 -41.21 7.14
N ASN O 270 15.67 -42.10 7.37
CA ASN O 270 15.96 -43.24 8.20
C ASN O 270 16.82 -44.25 7.47
N GLN O 271 16.60 -44.45 6.18
CA GLN O 271 17.54 -45.31 5.46
C GLN O 271 18.81 -44.57 5.09
N LEU O 272 18.68 -43.50 4.30
CA LEU O 272 19.86 -42.95 3.64
C LEU O 272 20.78 -42.20 4.57
N ASP O 273 20.50 -42.01 5.87
CA ASP O 273 21.52 -41.48 6.77
C ASP O 273 22.41 -42.62 7.28
N GLY O 274 23.29 -43.07 6.39
CA GLY O 274 24.37 -43.97 6.74
C GLY O 274 23.98 -45.41 6.96
N PHE O 275 22.82 -45.84 6.51
CA PHE O 275 22.31 -47.19 6.78
C PHE O 275 21.80 -47.75 5.45
N GLU O 276 22.71 -48.30 4.64
CA GLU O 276 22.45 -48.42 3.21
C GLU O 276 23.07 -49.67 2.59
N ALA O 277 22.26 -50.41 1.83
CA ALA O 277 22.69 -51.70 1.29
C ALA O 277 23.44 -51.57 -0.03
N THR O 278 22.75 -51.20 -1.11
CA THR O 278 23.47 -51.03 -2.38
C THR O 278 23.86 -49.57 -2.57
N LYS O 279 24.44 -49.06 -1.49
CA LYS O 279 25.44 -48.02 -1.28
C LYS O 279 25.00 -46.58 -1.38
N ASN O 280 24.13 -46.24 -2.31
CA ASN O 280 23.63 -44.89 -2.47
C ASN O 280 22.46 -44.86 -3.42
N ILE O 281 22.32 -45.96 -4.19
CA ILE O 281 21.34 -46.12 -5.26
C ILE O 281 21.70 -44.88 -6.07
N LYS O 282 20.80 -43.90 -6.04
CA LYS O 282 20.93 -42.59 -6.65
C LYS O 282 19.63 -41.85 -6.35
N VAL O 283 19.22 -41.69 -5.07
CA VAL O 283 17.92 -40.99 -4.98
C VAL O 283 18.01 -39.53 -5.44
N ILE O 284 17.04 -39.12 -6.26
CA ILE O 284 17.00 -37.78 -6.86
C ILE O 284 15.60 -37.23 -6.74
N MET O 285 15.47 -36.00 -6.24
CA MET O 285 14.23 -35.26 -6.34
C MET O 285 14.48 -34.06 -7.25
N ALA O 286 13.42 -33.55 -7.88
CA ALA O 286 13.50 -32.33 -8.67
C ALA O 286 12.20 -31.58 -8.51
N THR O 287 12.30 -30.28 -8.20
CA THR O 287 11.18 -29.37 -8.23
C THR O 287 11.70 -28.01 -8.68
N ASN O 288 10.89 -26.98 -8.54
CA ASN O 288 11.38 -25.69 -9.01
C ASN O 288 10.93 -24.47 -8.23
N ARG O 289 11.52 -23.35 -8.64
CA ARG O 289 11.07 -21.96 -8.51
C ARG O 289 11.22 -21.36 -7.12
N ILE O 290 11.14 -22.18 -6.06
CA ILE O 290 11.45 -21.86 -4.66
C ILE O 290 11.62 -23.22 -4.00
N ASP O 291 12.64 -23.38 -3.17
CA ASP O 291 12.76 -24.63 -2.43
C ASP O 291 12.33 -24.44 -0.97
N ILE O 292 11.03 -24.24 -0.74
CA ILE O 292 10.51 -24.07 0.62
C ILE O 292 9.64 -25.25 1.02
N LEU O 293 10.02 -26.42 0.54
CA LEU O 293 9.64 -27.64 1.23
C LEU O 293 10.26 -27.65 2.63
N ASP O 294 9.76 -28.57 3.46
CA ASP O 294 10.17 -28.63 4.86
C ASP O 294 11.66 -28.98 4.96
N SER O 295 12.43 -28.08 5.55
CA SER O 295 13.87 -28.03 5.37
C SER O 295 14.64 -29.09 6.13
N ALA O 296 13.96 -30.02 6.78
CA ALA O 296 14.61 -31.18 7.37
C ALA O 296 15.05 -32.19 6.32
N LEU O 297 14.77 -31.94 5.04
CA LEU O 297 15.45 -32.57 3.92
C LEU O 297 16.63 -31.75 3.46
N LEU O 298 16.56 -30.43 3.58
CA LEU O 298 17.47 -29.51 2.93
C LEU O 298 18.85 -29.46 3.57
N ARG O 299 19.13 -30.33 4.52
CA ARG O 299 20.50 -30.54 4.95
C ARG O 299 21.31 -31.13 3.80
N PRO O 300 22.52 -30.63 3.57
CA PRO O 300 23.36 -31.18 2.49
C PRO O 300 23.84 -32.60 2.75
N GLY O 301 23.82 -33.06 3.99
CA GLY O 301 24.18 -34.44 4.25
C GLY O 301 23.07 -35.40 3.88
N ARG O 302 21.93 -34.86 3.47
CA ARG O 302 20.78 -35.61 3.01
C ARG O 302 20.68 -35.61 1.50
N ILE O 303 20.95 -34.48 0.87
CA ILE O 303 21.08 -34.40 -0.58
C ILE O 303 22.41 -33.72 -0.84
N ASP O 304 23.33 -34.45 -1.43
CA ASP O 304 24.70 -33.98 -1.55
C ASP O 304 24.82 -32.96 -2.66
N ARG O 305 24.53 -33.37 -3.88
CA ARG O 305 24.63 -32.48 -5.02
C ARG O 305 23.35 -31.66 -5.17
N LYS O 306 23.51 -30.37 -5.42
CA LYS O 306 22.40 -29.45 -5.56
C LYS O 306 22.68 -28.51 -6.72
N ILE O 307 22.00 -28.73 -7.84
CA ILE O 307 22.35 -28.11 -9.11
C ILE O 307 21.17 -27.31 -9.64
N GLU O 308 21.36 -26.01 -9.74
CA GLU O 308 20.42 -25.13 -10.43
C GLU O 308 20.53 -25.34 -11.93
N PHE O 309 19.41 -25.09 -12.61
CA PHE O 309 19.41 -25.07 -14.07
C PHE O 309 19.13 -23.69 -14.60
N PRO O 310 20.14 -22.99 -15.09
CA PRO O 310 19.93 -21.68 -15.65
C PRO O 310 19.39 -21.78 -17.06
N PRO O 311 18.94 -20.68 -17.65
CA PRO O 311 18.71 -20.66 -19.09
C PRO O 311 20.00 -20.88 -19.85
N PRO O 312 20.00 -21.77 -20.83
CA PRO O 312 21.22 -22.03 -21.61
C PRO O 312 21.62 -20.81 -22.44
N ASN O 313 22.92 -20.70 -22.70
CA ASN O 313 23.45 -19.54 -23.39
C ASN O 313 23.27 -19.66 -24.89
N GLU O 314 23.62 -18.58 -25.58
CA GLU O 314 23.48 -18.50 -27.04
C GLU O 314 24.37 -19.52 -27.74
N GLU O 315 25.47 -19.91 -27.10
CA GLU O 315 26.21 -21.07 -27.56
C GLU O 315 25.37 -22.34 -27.43
N ALA O 316 24.77 -22.54 -26.25
CA ALA O 316 23.99 -23.76 -26.02
C ALA O 316 22.65 -23.71 -26.75
N ARG O 317 22.01 -22.52 -26.77
CA ARG O 317 20.80 -22.35 -27.56
C ARG O 317 21.09 -22.53 -29.04
N LEU O 318 22.29 -22.15 -29.46
CA LEU O 318 22.73 -22.38 -30.83
C LEU O 318 22.92 -23.87 -31.10
N ASP O 319 23.45 -24.60 -30.12
CA ASP O 319 23.72 -26.01 -30.30
C ASP O 319 22.43 -26.81 -30.37
N ILE O 320 21.51 -26.54 -29.45
CA ILE O 320 20.18 -27.16 -29.52
C ILE O 320 19.44 -26.72 -30.78
N LEU O 321 19.73 -25.51 -31.25
CA LEU O 321 19.17 -25.07 -32.52
C LEU O 321 19.70 -25.90 -33.67
N LYS O 322 20.97 -26.33 -33.59
CA LYS O 322 21.47 -27.29 -34.55
C LYS O 322 20.79 -28.65 -34.39
N ILE O 323 20.50 -29.04 -33.13
CA ILE O 323 19.97 -30.37 -32.85
C ILE O 323 18.58 -30.54 -33.44
N HIS O 324 17.65 -29.69 -33.04
CA HIS O 324 16.30 -29.85 -33.54
C HIS O 324 16.07 -29.12 -34.85
N SER O 325 17.04 -28.33 -35.31
CA SER O 325 16.97 -27.86 -36.68
C SER O 325 17.55 -28.86 -37.67
N ARG O 326 18.21 -29.91 -37.17
CA ARG O 326 18.92 -30.84 -38.04
C ARG O 326 17.97 -31.69 -38.87
N LYS O 327 16.88 -32.16 -38.26
CA LYS O 327 16.06 -33.16 -38.93
C LYS O 327 15.02 -32.55 -39.86
N MET O 328 15.06 -31.25 -40.10
CA MET O 328 14.04 -30.62 -40.91
C MET O 328 14.40 -30.66 -42.38
N ASN O 329 13.40 -30.37 -43.21
CA ASN O 329 13.65 -29.92 -44.57
C ASN O 329 14.26 -28.53 -44.48
N LEU O 330 15.48 -28.39 -44.96
CA LEU O 330 16.26 -27.20 -44.72
C LEU O 330 16.48 -26.41 -46.00
N THR O 331 16.56 -25.09 -45.85
CA THR O 331 16.93 -24.21 -46.94
C THR O 331 18.32 -23.64 -46.65
N ARG O 332 19.21 -23.78 -47.63
CA ARG O 332 20.57 -23.27 -47.49
C ARG O 332 20.56 -21.74 -47.46
N GLY O 333 21.53 -21.19 -46.75
CA GLY O 333 21.55 -19.75 -46.54
C GLY O 333 20.76 -19.34 -45.31
N ILE O 334 21.18 -19.82 -44.15
CA ILE O 334 20.51 -19.49 -42.90
C ILE O 334 21.56 -19.19 -41.83
N ASN O 335 21.25 -18.20 -40.98
CA ASN O 335 22.09 -17.89 -39.82
C ASN O 335 21.28 -18.23 -38.58
N LEU O 336 21.83 -19.15 -37.80
CA LEU O 336 21.16 -19.60 -36.59
C LEU O 336 21.57 -18.76 -35.38
N ARG O 337 22.74 -18.12 -35.47
CA ARG O 337 23.22 -17.29 -34.37
C ARG O 337 22.37 -16.05 -34.22
N LYS O 338 21.74 -15.61 -35.30
CA LYS O 338 20.75 -14.54 -35.20
C LYS O 338 19.57 -14.99 -34.38
N ILE O 339 19.11 -16.21 -34.61
CA ILE O 339 17.88 -16.68 -33.98
C ILE O 339 18.13 -17.01 -32.51
N ALA O 340 19.25 -17.67 -32.22
CA ALA O 340 19.64 -17.91 -30.83
C ALA O 340 20.00 -16.62 -30.13
N GLU O 341 20.46 -15.63 -30.89
CA GLU O 341 20.62 -14.29 -30.34
C GLU O 341 19.29 -13.67 -29.97
N LEU O 342 18.25 -13.93 -30.78
CA LEU O 342 16.93 -13.38 -30.47
C LEU O 342 16.29 -14.07 -29.28
N MET O 343 16.80 -15.22 -28.88
CA MET O 343 16.25 -15.93 -27.74
C MET O 343 16.63 -15.22 -26.45
N PRO O 344 15.69 -15.10 -25.51
CA PRO O 344 16.03 -14.55 -24.20
C PRO O 344 16.69 -15.59 -23.29
N GLY O 345 16.71 -16.83 -23.76
CA GLY O 345 17.13 -17.94 -22.92
C GLY O 345 15.94 -18.83 -22.64
N ALA O 346 15.93 -20.01 -23.25
CA ALA O 346 14.85 -20.97 -23.08
C ALA O 346 15.07 -21.78 -21.81
N SER O 347 14.15 -22.70 -21.58
CA SER O 347 14.42 -23.90 -20.80
C SER O 347 14.52 -25.07 -21.77
N GLY O 348 15.66 -25.16 -22.45
CA GLY O 348 15.93 -26.27 -23.33
C GLY O 348 15.54 -26.10 -24.79
N ALA O 349 14.26 -25.98 -25.08
CA ALA O 349 13.83 -26.23 -26.46
C ALA O 349 12.75 -25.26 -26.92
N GLU O 350 12.99 -23.96 -26.78
CA GLU O 350 12.23 -23.01 -27.58
C GLU O 350 12.56 -23.15 -29.05
N VAL O 351 13.76 -23.64 -29.35
CA VAL O 351 14.22 -24.18 -30.62
C VAL O 351 13.13 -25.02 -31.28
N LYS O 352 12.63 -26.00 -30.53
CA LYS O 352 11.68 -26.95 -31.08
C LYS O 352 10.38 -26.28 -31.45
N GLY O 353 9.92 -25.33 -30.62
CA GLY O 353 8.72 -24.58 -30.94
C GLY O 353 8.90 -23.70 -32.16
N VAL O 354 10.09 -23.12 -32.31
CA VAL O 354 10.37 -22.30 -33.49
C VAL O 354 10.47 -23.18 -34.74
N CYS O 355 10.98 -24.40 -34.58
CA CYS O 355 11.03 -25.32 -35.70
C CYS O 355 9.64 -25.77 -36.11
N THR O 356 8.77 -26.00 -35.14
CA THR O 356 7.46 -26.52 -35.45
C THR O 356 6.55 -25.44 -35.99
N GLU O 357 6.67 -24.23 -35.47
CA GLU O 357 5.86 -23.16 -36.04
C GLU O 357 6.42 -22.69 -37.37
N ALA O 358 7.73 -22.82 -37.57
CA ALA O 358 8.31 -22.44 -38.86
C ALA O 358 7.92 -23.44 -39.94
N GLY O 359 8.03 -24.73 -39.64
CA GLY O 359 7.54 -25.73 -40.57
C GLY O 359 6.04 -25.74 -40.70
N MET O 360 5.34 -25.23 -39.68
CA MET O 360 3.90 -25.06 -39.80
C MET O 360 3.57 -23.91 -40.74
N TYR O 361 4.38 -22.85 -40.72
CA TYR O 361 4.26 -21.78 -41.71
C TYR O 361 4.58 -22.32 -43.10
N ALA O 362 5.52 -23.25 -43.18
CA ALA O 362 5.78 -23.95 -44.42
C ALA O 362 4.77 -25.05 -44.68
N LEU O 363 3.81 -25.25 -43.79
CA LEU O 363 2.87 -26.33 -44.00
C LEU O 363 1.51 -25.80 -44.44
N ARG O 364 1.03 -24.76 -43.75
CA ARG O 364 -0.18 -24.07 -44.17
C ARG O 364 0.01 -23.47 -45.55
N GLU O 365 1.14 -22.83 -45.77
CA GLU O 365 1.55 -22.49 -47.12
C GLU O 365 2.13 -23.75 -47.75
N ARG O 366 2.03 -23.84 -49.08
CA ARG O 366 2.65 -24.93 -49.83
C ARG O 366 4.12 -24.57 -49.92
N ARG O 367 4.88 -24.94 -48.89
CA ARG O 367 6.30 -24.68 -48.90
C ARG O 367 7.06 -25.94 -48.53
N VAL O 368 8.07 -26.23 -49.33
CA VAL O 368 9.01 -27.29 -49.04
C VAL O 368 10.44 -26.79 -48.95
N HIS O 369 10.67 -25.51 -49.18
CA HIS O 369 11.87 -24.85 -48.72
C HIS O 369 11.54 -24.04 -47.48
N VAL O 370 12.32 -24.21 -46.41
CA VAL O 370 12.02 -23.54 -45.15
C VAL O 370 13.09 -22.50 -44.87
N THR O 371 12.85 -21.25 -45.28
CA THR O 371 13.83 -20.19 -45.11
C THR O 371 13.82 -19.70 -43.67
N GLN O 372 14.77 -18.82 -43.36
CA GLN O 372 14.93 -18.27 -42.02
C GLN O 372 13.74 -17.40 -41.62
N GLU O 373 13.00 -16.88 -42.60
CA GLU O 373 11.86 -16.02 -42.33
C GLU O 373 10.74 -16.77 -41.61
N ASP O 374 10.54 -18.04 -41.93
CA ASP O 374 9.60 -18.88 -41.20
C ASP O 374 10.01 -19.01 -39.75
N PHE O 375 11.31 -19.14 -39.52
CA PHE O 375 11.82 -19.26 -38.17
C PHE O 375 11.67 -17.96 -37.39
N GLU O 376 11.83 -16.83 -38.08
CA GLU O 376 11.74 -15.56 -37.38
C GLU O 376 10.31 -15.19 -37.07
N MET O 377 9.38 -15.50 -37.98
CA MET O 377 7.97 -15.36 -37.65
C MET O 377 7.56 -16.35 -36.58
N ALA O 378 8.21 -17.51 -36.55
CA ALA O 378 7.98 -18.46 -35.48
C ALA O 378 8.47 -17.93 -34.13
N VAL O 379 9.59 -17.22 -34.12
CA VAL O 379 10.07 -16.57 -32.92
C VAL O 379 9.10 -15.49 -32.48
N ALA O 380 8.56 -14.74 -33.44
CA ALA O 380 7.60 -13.70 -33.13
C ALA O 380 6.30 -14.27 -32.59
N LYS O 381 5.95 -15.48 -32.99
CA LYS O 381 4.78 -16.13 -32.40
C LYS O 381 5.06 -16.57 -30.97
N VAL O 382 6.24 -17.15 -30.74
CA VAL O 382 6.57 -17.72 -29.44
C VAL O 382 6.86 -16.61 -28.45
N MET O 383 7.62 -15.61 -28.87
CA MET O 383 8.17 -14.67 -27.90
C MET O 383 7.58 -13.29 -28.09
N GLN O 384 6.80 -12.82 -27.09
CA GLN O 384 6.08 -11.55 -27.25
C GLN O 384 5.72 -10.98 -25.87
N LYS O 385 4.75 -10.04 -25.85
CA LYS O 385 4.08 -9.45 -24.68
C LYS O 385 4.92 -8.60 -23.74
N ASP O 386 5.26 -7.39 -24.18
CA ASP O 386 5.61 -6.30 -23.27
C ASP O 386 4.78 -5.07 -23.63
N SER O 387 4.35 -4.33 -22.60
CA SER O 387 3.39 -3.24 -22.80
C SER O 387 3.40 -2.20 -21.69
N GLU O 388 2.32 -1.40 -21.63
CA GLU O 388 1.87 -0.56 -20.50
C GLU O 388 2.90 0.46 -19.98
N LYS O 389 3.12 1.50 -20.78
CA LYS O 389 3.94 2.64 -20.36
C LYS O 389 3.15 3.56 -19.43
N ASN O 390 3.69 4.77 -19.21
CA ASN O 390 3.18 5.78 -18.25
C ASN O 390 3.21 5.25 -16.82
N MET O 391 4.08 4.29 -16.54
CA MET O 391 4.38 3.85 -15.19
C MET O 391 5.88 3.73 -15.00
N SER O 392 6.65 4.68 -15.51
CA SER O 392 8.12 4.61 -15.55
C SER O 392 8.67 5.26 -14.29
N ILE O 393 8.19 4.80 -13.14
CA ILE O 393 8.85 5.06 -11.88
C ILE O 393 9.97 4.01 -11.88
N LYS O 394 11.00 4.23 -11.05
CA LYS O 394 12.27 3.50 -11.00
C LYS O 394 13.02 3.73 -12.30
N ASP P 39 17.17 -120.96 -49.61
CA ASP P 39 16.40 -121.43 -48.47
C ASP P 39 14.91 -121.33 -48.75
N LEU P 40 14.53 -121.71 -49.97
CA LEU P 40 13.23 -121.41 -50.55
C LEU P 40 12.08 -122.20 -49.93
N TYR P 41 12.36 -123.05 -48.95
CA TYR P 41 11.34 -123.69 -48.14
C TYR P 41 10.45 -122.68 -47.44
N SER P 42 11.04 -121.91 -46.52
CA SER P 42 10.30 -120.90 -45.78
C SER P 42 10.84 -119.50 -45.99
N ARG P 43 11.74 -119.31 -46.96
CA ARG P 43 12.08 -117.96 -47.39
C ARG P 43 10.84 -117.24 -47.90
N TYR P 44 10.00 -117.95 -48.64
CA TYR P 44 8.84 -117.37 -49.25
C TYR P 44 7.76 -116.97 -48.26
N LYS P 45 7.57 -117.74 -47.20
CA LYS P 45 6.38 -117.64 -46.36
C LYS P 45 6.48 -116.57 -45.28
N LYS P 46 7.64 -116.40 -44.68
CA LYS P 46 7.74 -115.74 -43.38
C LYS P 46 7.50 -114.24 -43.44
N LEU P 47 7.69 -113.59 -44.59
CA LEU P 47 7.48 -112.15 -44.64
C LEU P 47 5.99 -111.80 -44.67
N GLN P 48 5.16 -112.77 -45.04
CA GLN P 48 3.71 -112.58 -45.01
C GLN P 48 3.18 -112.54 -43.58
N GLN P 49 3.81 -113.29 -42.68
CA GLN P 49 3.46 -113.24 -41.26
C GLN P 49 3.73 -111.85 -40.70
N GLU P 50 4.81 -111.22 -41.16
CA GLU P 50 5.12 -109.83 -40.86
C GLU P 50 4.63 -108.91 -41.95
N LEU P 51 3.45 -109.19 -42.48
CA LEU P 51 2.76 -108.31 -43.41
C LEU P 51 1.33 -108.06 -42.98
N GLU P 52 0.69 -109.11 -42.44
CA GLU P 52 -0.70 -109.06 -42.00
C GLU P 52 -0.90 -108.06 -40.88
N PHE P 53 0.05 -108.02 -39.94
CA PHE P 53 -0.17 -107.27 -38.71
C PHE P 53 -0.11 -105.78 -38.97
N LEU P 54 0.90 -105.34 -39.70
CA LEU P 54 0.94 -103.96 -40.16
C LEU P 54 -0.12 -103.62 -41.19
N GLU P 55 -0.73 -104.62 -41.86
CA GLU P 55 -1.99 -104.33 -42.51
C GLU P 55 -3.04 -103.93 -41.48
N VAL P 56 -3.07 -104.62 -40.32
CA VAL P 56 -4.15 -104.37 -39.37
C VAL P 56 -3.95 -103.02 -38.69
N GLN P 57 -2.72 -102.69 -38.27
CA GLN P 57 -2.55 -101.38 -37.66
C GLN P 57 -2.51 -100.29 -38.69
N GLU P 58 -2.08 -100.60 -39.92
CA GLU P 58 -2.22 -99.66 -41.03
C GLU P 58 -3.68 -99.28 -41.23
N GLU P 59 -4.58 -100.25 -41.09
CA GLU P 59 -6.00 -99.95 -41.04
C GLU P 59 -6.33 -99.14 -39.79
N TYR P 60 -5.62 -99.38 -38.70
CA TYR P 60 -6.19 -99.06 -37.40
C TYR P 60 -5.80 -97.66 -36.91
N ILE P 61 -4.68 -97.12 -37.41
CA ILE P 61 -4.22 -95.80 -36.99
C ILE P 61 -5.23 -94.72 -37.37
N LYS P 62 -5.92 -94.90 -38.50
CA LYS P 62 -7.02 -94.01 -38.87
C LYS P 62 -8.15 -94.05 -37.85
N ASP P 63 -8.41 -95.22 -37.28
CA ASP P 63 -9.44 -95.33 -36.26
C ASP P 63 -9.04 -94.62 -34.99
N GLU P 64 -7.77 -94.75 -34.60
CA GLU P 64 -7.35 -94.10 -33.36
C GLU P 64 -7.28 -92.60 -33.51
N GLN P 65 -6.77 -92.12 -34.65
CA GLN P 65 -6.81 -90.70 -34.96
C GLN P 65 -8.25 -90.20 -35.01
N LYS P 66 -9.16 -91.04 -35.50
CA LYS P 66 -10.58 -90.73 -35.50
C LYS P 66 -11.13 -90.63 -34.07
N ASN P 67 -10.55 -91.37 -33.14
CA ASN P 67 -10.91 -91.18 -31.74
C ASN P 67 -10.29 -89.92 -31.16
N LEU P 68 -9.11 -89.56 -31.61
CA LEU P 68 -8.46 -88.38 -31.07
C LEU P 68 -9.09 -87.11 -31.61
N LYS P 69 -9.81 -87.20 -32.71
CA LYS P 69 -10.69 -86.12 -33.11
C LYS P 69 -11.79 -85.92 -32.08
N LYS P 70 -12.37 -87.03 -31.59
CA LYS P 70 -13.44 -86.96 -30.60
C LYS P 70 -12.94 -86.32 -29.32
N GLU P 71 -11.96 -86.95 -28.68
CA GLU P 71 -11.47 -86.43 -27.40
C GLU P 71 -10.70 -85.13 -27.55
N PHE P 72 -10.25 -84.83 -28.75
CA PHE P 72 -9.74 -83.50 -29.04
C PHE P 72 -10.87 -82.48 -28.94
N LEU P 73 -12.04 -82.82 -29.49
CA LEU P 73 -13.17 -81.92 -29.36
C LEU P 73 -13.68 -81.89 -27.91
N HIS P 74 -13.58 -83.01 -27.21
CA HIS P 74 -13.96 -83.02 -25.80
C HIS P 74 -13.06 -82.14 -24.98
N ALA P 75 -11.77 -82.13 -25.30
CA ALA P 75 -10.86 -81.22 -24.62
C ALA P 75 -11.22 -79.77 -24.94
N GLN P 76 -11.55 -79.51 -26.20
CA GLN P 76 -11.84 -78.14 -26.65
C GLN P 76 -13.11 -77.58 -26.04
N GLU P 77 -14.16 -78.40 -26.05
CA GLU P 77 -15.44 -78.00 -25.50
C GLU P 77 -15.37 -78.08 -23.98
N GLU P 78 -14.48 -78.95 -23.50
CA GLU P 78 -14.29 -79.13 -22.06
C GLU P 78 -13.75 -77.87 -21.40
N VAL P 79 -12.87 -77.18 -22.13
CA VAL P 79 -12.27 -75.94 -21.64
C VAL P 79 -13.33 -74.97 -21.18
N LYS P 80 -14.44 -74.89 -21.91
CA LYS P 80 -15.51 -73.97 -21.53
C LYS P 80 -16.76 -74.80 -21.30
N ARG P 81 -16.86 -75.39 -20.10
CA ARG P 81 -18.13 -75.91 -19.63
C ARG P 81 -18.50 -75.05 -18.45
N ILE P 82 -17.52 -74.97 -17.53
CA ILE P 82 -17.66 -74.37 -16.22
C ILE P 82 -17.39 -72.87 -16.27
N GLN P 83 -17.39 -72.31 -17.47
CA GLN P 83 -17.07 -70.93 -17.69
C GLN P 83 -18.26 -70.13 -18.19
N SER P 84 -18.10 -68.80 -18.12
CA SER P 84 -18.76 -67.80 -18.95
C SER P 84 -20.20 -67.53 -18.54
N ILE P 85 -20.73 -68.38 -17.68
CA ILE P 85 -22.09 -68.18 -17.20
C ILE P 85 -22.05 -67.31 -15.94
N PRO P 86 -21.38 -67.80 -14.87
CA PRO P 86 -21.23 -67.10 -13.61
C PRO P 86 -19.76 -66.81 -13.34
N LEU P 87 -19.14 -65.98 -14.16
CA LEU P 87 -17.73 -65.67 -14.00
C LEU P 87 -17.46 -64.53 -13.00
N VAL P 88 -16.69 -64.84 -11.97
CA VAL P 88 -16.33 -63.88 -10.95
C VAL P 88 -15.11 -63.13 -11.46
N ILE P 89 -14.86 -61.95 -10.87
CA ILE P 89 -13.79 -61.09 -11.34
C ILE P 89 -12.84 -60.83 -10.18
N GLY P 90 -11.57 -61.18 -10.36
CA GLY P 90 -10.51 -60.77 -9.48
C GLY P 90 -9.48 -59.95 -10.22
N GLN P 91 -8.27 -59.94 -9.66
CA GLN P 91 -7.18 -59.26 -10.34
C GLN P 91 -5.89 -60.05 -10.24
N PHE P 92 -5.07 -59.92 -11.27
CA PHE P 92 -3.76 -60.53 -11.27
C PHE P 92 -2.89 -59.90 -10.18
N LEU P 93 -2.03 -60.72 -9.58
CA LEU P 93 -0.97 -60.14 -8.76
C LEU P 93 0.42 -60.49 -9.26
N GLU P 94 0.77 -61.77 -9.28
CA GLU P 94 2.13 -62.20 -9.59
C GLU P 94 2.06 -63.59 -10.20
N ALA P 95 3.19 -64.03 -10.75
CA ALA P 95 3.29 -65.33 -11.39
C ALA P 95 4.61 -65.98 -11.00
N VAL P 96 4.52 -67.10 -10.28
CA VAL P 96 5.73 -67.82 -9.90
C VAL P 96 6.35 -68.48 -11.12
N ASP P 97 5.55 -69.24 -11.86
CA ASP P 97 6.10 -70.18 -12.83
C ASP P 97 5.17 -70.29 -14.01
N GLN P 98 5.35 -71.33 -14.81
CA GLN P 98 4.45 -71.61 -15.92
C GLN P 98 3.07 -71.96 -15.40
N ASN P 99 2.05 -71.41 -16.06
CA ASN P 99 0.60 -71.69 -15.95
C ASN P 99 0.11 -71.91 -14.51
N THR P 100 0.68 -71.14 -13.59
CA THR P 100 0.27 -71.17 -12.18
C THR P 100 0.77 -69.87 -11.58
N ALA P 101 -0.12 -69.11 -10.94
CA ALA P 101 0.20 -67.72 -10.63
C ALA P 101 -0.57 -67.26 -9.40
N ILE P 102 -0.33 -66.01 -9.02
CA ILE P 102 -0.92 -65.37 -7.85
C ILE P 102 -1.93 -64.34 -8.35
N VAL P 103 -3.13 -64.40 -7.80
CA VAL P 103 -4.21 -63.49 -8.16
C VAL P 103 -4.94 -63.04 -6.90
N GLY P 104 -4.93 -61.73 -6.67
CA GLY P 104 -5.81 -61.16 -5.68
C GLY P 104 -7.25 -61.18 -6.17
N SER P 105 -8.16 -60.85 -5.28
CA SER P 105 -9.55 -60.99 -5.61
C SER P 105 -10.34 -59.77 -5.17
N THR P 106 -11.51 -59.60 -5.78
CA THR P 106 -12.51 -58.66 -5.31
C THR P 106 -13.32 -59.22 -4.15
N THR P 107 -13.02 -60.44 -3.70
CA THR P 107 -13.54 -60.95 -2.44
C THR P 107 -12.73 -60.48 -1.25
N GLY P 108 -11.50 -60.01 -1.47
CA GLY P 108 -10.71 -59.48 -0.38
C GLY P 108 -9.46 -60.28 -0.05
N SER P 109 -9.38 -61.50 -0.53
CA SER P 109 -8.26 -62.36 -0.22
C SER P 109 -7.43 -62.65 -1.48
N ASN P 110 -6.28 -63.27 -1.28
CA ASN P 110 -5.34 -63.55 -2.35
C ASN P 110 -5.24 -65.06 -2.54
N TYR P 111 -4.90 -65.47 -3.76
CA TYR P 111 -4.85 -66.88 -4.09
C TYR P 111 -3.64 -67.16 -4.98
N TYR P 112 -3.21 -68.41 -4.96
CA TYR P 112 -2.17 -68.92 -5.84
C TYR P 112 -2.73 -70.15 -6.55
N VAL P 113 -3.20 -69.97 -7.77
CA VAL P 113 -3.99 -70.98 -8.45
C VAL P 113 -3.31 -71.38 -9.76
N ARG P 114 -3.72 -72.52 -10.28
CA ARG P 114 -3.24 -72.98 -11.57
C ARG P 114 -3.98 -72.25 -12.67
N ILE P 115 -3.25 -71.60 -13.56
CA ILE P 115 -3.88 -70.76 -14.55
C ILE P 115 -3.77 -71.47 -15.90
N LEU P 116 -4.57 -71.04 -16.86
CA LEU P 116 -4.73 -71.84 -18.06
C LEU P 116 -3.56 -71.67 -19.02
N SER P 117 -3.51 -72.58 -19.97
CA SER P 117 -2.70 -72.42 -21.16
C SER P 117 -3.41 -71.61 -22.22
N THR P 118 -4.64 -71.19 -21.94
CA THR P 118 -5.46 -70.50 -22.93
C THR P 118 -4.94 -69.09 -23.17
N ILE P 119 -4.66 -68.37 -22.11
CA ILE P 119 -4.32 -66.96 -22.20
C ILE P 119 -2.89 -66.84 -22.72
N ASP P 120 -2.66 -65.86 -23.60
CA ASP P 120 -1.30 -65.49 -23.95
C ASP P 120 -0.56 -65.00 -22.71
N ARG P 121 0.68 -65.47 -22.57
CA ARG P 121 1.39 -65.34 -21.31
C ARG P 121 1.89 -63.93 -21.06
N GLU P 122 1.95 -63.11 -22.09
CA GLU P 122 2.41 -61.73 -21.95
C GLU P 122 1.27 -60.77 -21.69
N LEU P 123 0.06 -61.27 -21.53
CA LEU P 123 -1.05 -60.40 -21.22
C LEU P 123 -1.23 -60.21 -19.76
N LEU P 124 -0.32 -60.71 -18.93
CA LEU P 124 -0.49 -60.65 -17.49
C LEU P 124 0.59 -59.79 -16.85
N LYS P 125 0.91 -58.67 -17.48
CA LYS P 125 1.76 -57.70 -16.79
C LYS P 125 1.03 -56.95 -15.67
N PRO P 126 -0.14 -56.27 -15.88
CA PRO P 126 -0.62 -55.41 -14.81
C PRO P 126 -1.40 -56.20 -13.79
N ASN P 127 -2.07 -55.52 -12.87
CA ASN P 127 -3.02 -56.19 -11.99
C ASN P 127 -4.41 -56.16 -12.64
N ALA P 128 -4.49 -56.84 -13.78
CA ALA P 128 -5.60 -56.71 -14.72
C ALA P 128 -6.86 -57.38 -14.20
N SER P 129 -8.01 -56.88 -14.67
CA SER P 129 -9.32 -57.44 -14.33
C SER P 129 -9.43 -58.82 -14.97
N VAL P 130 -9.52 -59.85 -14.15
CA VAL P 130 -9.46 -61.21 -14.67
C VAL P 130 -10.69 -61.99 -14.23
N ALA P 131 -10.95 -63.06 -14.97
CA ALA P 131 -12.11 -63.91 -14.77
C ALA P 131 -11.68 -65.19 -14.05
N LEU P 132 -12.48 -65.61 -13.09
CA LEU P 132 -12.22 -66.77 -12.26
C LEU P 132 -13.52 -67.54 -12.04
N HIS P 133 -13.39 -68.79 -11.64
CA HIS P 133 -14.51 -69.60 -11.20
C HIS P 133 -14.81 -69.27 -9.76
N LYS P 134 -16.08 -69.41 -9.38
CA LYS P 134 -16.53 -69.40 -7.99
C LYS P 134 -15.76 -70.43 -7.19
N HIS P 135 -15.96 -71.70 -7.50
CA HIS P 135 -15.40 -72.76 -6.69
C HIS P 135 -13.94 -72.95 -6.97
N SER P 136 -13.64 -73.40 -8.19
CA SER P 136 -12.28 -73.69 -8.63
C SER P 136 -11.31 -72.52 -8.65
N ASN P 137 -11.82 -71.32 -8.94
CA ASN P 137 -10.99 -70.11 -9.00
C ASN P 137 -9.78 -70.27 -9.93
N ALA P 138 -10.07 -70.41 -11.23
CA ALA P 138 -9.06 -70.60 -12.26
C ALA P 138 -9.05 -69.42 -13.21
N LEU P 139 -7.85 -68.96 -13.54
CA LEU P 139 -7.75 -67.90 -14.55
C LEU P 139 -8.11 -68.44 -15.91
N VAL P 140 -9.23 -67.98 -16.42
CA VAL P 140 -9.68 -68.30 -17.77
C VAL P 140 -9.54 -67.09 -18.67
N ASP P 141 -10.01 -65.93 -18.22
CA ASP P 141 -9.96 -64.76 -19.07
C ASP P 141 -9.37 -63.59 -18.29
N VAL P 142 -8.73 -62.71 -19.05
CA VAL P 142 -8.17 -61.47 -18.58
C VAL P 142 -8.88 -60.36 -19.34
N LEU P 143 -9.40 -59.38 -18.62
CA LEU P 143 -10.01 -58.22 -19.25
C LEU P 143 -9.09 -57.03 -19.06
N PRO P 144 -8.36 -56.60 -20.08
CA PRO P 144 -7.43 -55.47 -19.93
C PRO P 144 -8.11 -54.13 -19.64
N PRO P 145 -9.25 -53.76 -20.24
CA PRO P 145 -9.89 -52.52 -19.77
C PRO P 145 -10.64 -52.73 -18.46
N GLU P 146 -10.97 -51.60 -17.85
CA GLU P 146 -11.96 -51.56 -16.77
C GLU P 146 -12.85 -50.37 -17.09
N ALA P 147 -13.99 -50.29 -16.39
CA ALA P 147 -15.28 -49.69 -16.82
C ALA P 147 -15.10 -48.33 -17.49
N ASP P 148 -14.69 -47.29 -16.78
CA ASP P 148 -14.50 -45.96 -17.37
C ASP P 148 -13.67 -45.10 -16.42
N SER P 149 -13.42 -43.85 -16.82
CA SER P 149 -12.88 -42.89 -15.88
C SER P 149 -14.01 -42.26 -15.06
N SER P 150 -14.83 -41.44 -15.68
CA SER P 150 -16.06 -41.01 -15.04
C SER P 150 -17.27 -41.04 -15.98
N ILE P 151 -17.09 -40.55 -17.21
CA ILE P 151 -18.22 -40.32 -18.10
C ILE P 151 -17.99 -41.02 -19.43
N MET P 152 -16.71 -41.10 -19.84
CA MET P 152 -16.24 -41.82 -21.02
C MET P 152 -16.94 -41.39 -22.30
N MET P 153 -16.64 -40.16 -22.74
CA MET P 153 -16.77 -39.66 -24.12
C MET P 153 -18.16 -39.60 -24.76
N LEU P 154 -19.21 -40.01 -24.03
CA LEU P 154 -20.64 -39.89 -24.37
C LEU P 154 -21.07 -40.81 -25.52
N THR P 155 -20.10 -41.38 -26.23
CA THR P 155 -20.10 -42.60 -27.03
C THR P 155 -20.97 -42.56 -28.29
N SER P 156 -21.93 -41.65 -28.40
CA SER P 156 -22.69 -41.69 -29.63
C SER P 156 -22.87 -40.37 -30.37
N ASP P 157 -23.64 -39.48 -29.76
CA ASP P 157 -24.33 -38.45 -30.54
C ASP P 157 -24.42 -37.10 -29.87
N GLN P 158 -24.12 -36.99 -28.59
CA GLN P 158 -24.46 -35.83 -27.79
C GLN P 158 -23.60 -34.62 -28.11
N LYS P 159 -22.64 -34.83 -28.98
CA LYS P 159 -21.94 -33.84 -29.77
C LYS P 159 -22.92 -32.85 -30.40
N PRO P 160 -22.82 -31.56 -30.08
CA PRO P 160 -23.91 -30.61 -30.37
C PRO P 160 -23.93 -29.96 -31.74
N ASP P 161 -22.91 -30.26 -32.54
CA ASP P 161 -22.69 -29.81 -33.93
C ASP P 161 -23.11 -28.43 -34.42
N VAL P 162 -22.10 -27.54 -34.46
CA VAL P 162 -22.15 -26.14 -34.94
C VAL P 162 -20.70 -25.66 -34.76
N MET P 163 -19.87 -25.94 -35.76
CA MET P 163 -18.44 -25.58 -35.72
C MET P 163 -17.73 -25.59 -37.08
N TYR P 164 -18.17 -26.44 -37.99
CA TYR P 164 -17.46 -26.58 -39.25
C TYR P 164 -18.15 -25.85 -40.39
N ALA P 165 -19.43 -26.14 -40.56
CA ALA P 165 -20.23 -25.48 -41.59
C ALA P 165 -21.10 -24.39 -40.96
N ASP P 166 -20.90 -24.14 -39.66
CA ASP P 166 -21.68 -23.12 -38.96
C ASP P 166 -21.03 -22.60 -37.68
N ILE P 167 -20.60 -21.35 -37.70
CA ILE P 167 -19.97 -20.68 -36.57
C ILE P 167 -19.88 -19.17 -36.85
N GLY P 168 -20.17 -18.34 -35.85
CA GLY P 168 -20.10 -16.92 -36.07
C GLY P 168 -18.80 -16.39 -35.50
N GLY P 169 -17.84 -16.19 -36.38
CA GLY P 169 -16.63 -15.45 -36.09
C GLY P 169 -15.60 -16.05 -35.17
N MET P 170 -14.88 -17.09 -35.59
CA MET P 170 -13.73 -17.54 -34.84
C MET P 170 -12.63 -18.04 -35.80
N ASP P 171 -12.38 -17.30 -36.89
CA ASP P 171 -11.61 -17.82 -38.01
C ASP P 171 -10.15 -18.06 -37.66
N ILE P 172 -9.61 -17.26 -36.74
CA ILE P 172 -8.28 -17.54 -36.21
C ILE P 172 -8.26 -18.88 -35.51
N GLN P 173 -9.20 -19.07 -34.59
CA GLN P 173 -9.13 -20.24 -33.73
C GLN P 173 -9.67 -21.48 -34.44
N LYS P 174 -10.70 -21.30 -35.29
CA LYS P 174 -11.17 -22.39 -36.15
C LYS P 174 -10.08 -22.81 -37.11
N GLN P 175 -9.39 -21.80 -37.67
CA GLN P 175 -8.32 -22.03 -38.62
C GLN P 175 -7.18 -22.80 -37.96
N GLU P 176 -6.82 -22.40 -36.75
CA GLU P 176 -5.66 -23.01 -36.10
C GLU P 176 -5.98 -24.39 -35.55
N VAL P 177 -7.17 -24.55 -34.95
CA VAL P 177 -7.60 -25.86 -34.46
C VAL P 177 -7.74 -26.82 -35.63
N ARG P 178 -8.19 -26.32 -36.78
CA ARG P 178 -8.24 -27.12 -37.99
C ARG P 178 -6.84 -27.54 -38.42
N GLU P 179 -5.90 -26.57 -38.42
CA GLU P 179 -4.49 -26.84 -38.73
C GLU P 179 -3.86 -27.82 -37.76
N ALA P 180 -4.38 -27.89 -36.54
CA ALA P 180 -3.71 -28.54 -35.44
C ALA P 180 -4.40 -29.81 -35.01
N VAL P 181 -5.49 -30.17 -35.68
CA VAL P 181 -6.24 -31.38 -35.37
C VAL P 181 -6.44 -32.18 -36.65
N GLU P 182 -7.01 -31.53 -37.67
CA GLU P 182 -7.50 -32.28 -38.81
C GLU P 182 -6.37 -32.66 -39.76
N LEU P 183 -5.57 -31.66 -40.13
CA LEU P 183 -4.35 -31.90 -40.89
C LEU P 183 -3.34 -32.83 -40.20
N PRO P 184 -3.18 -32.85 -38.86
CA PRO P 184 -2.42 -33.96 -38.25
C PRO P 184 -3.05 -35.32 -38.43
N LEU P 185 -4.37 -35.41 -38.40
CA LEU P 185 -5.04 -36.71 -38.32
C LEU P 185 -4.91 -37.48 -39.62
N THR P 186 -4.79 -36.78 -40.75
CA THR P 186 -4.68 -37.45 -42.03
C THR P 186 -3.28 -37.31 -42.60
N HIS P 187 -2.79 -36.07 -42.68
CA HIS P 187 -1.53 -35.79 -43.35
C HIS P 187 -0.40 -35.93 -42.34
N PHE P 188 -0.13 -37.17 -41.98
CA PHE P 188 1.00 -37.43 -41.10
C PHE P 188 2.31 -37.33 -41.87
N GLU P 189 2.28 -37.55 -43.18
CA GLU P 189 3.50 -37.51 -43.95
C GLU P 189 3.91 -36.09 -44.32
N LEU P 190 3.02 -35.13 -44.16
CA LEU P 190 3.46 -33.74 -44.20
C LEU P 190 4.27 -33.37 -42.97
N TYR P 191 4.07 -34.09 -41.86
CA TYR P 191 4.96 -34.07 -40.72
C TYR P 191 6.20 -34.93 -40.92
N LYS P 192 6.48 -35.36 -42.16
CA LYS P 192 7.64 -36.18 -42.46
C LYS P 192 8.56 -35.57 -43.49
N GLN P 193 8.04 -35.12 -44.64
CA GLN P 193 8.90 -34.52 -45.65
C GLN P 193 9.47 -33.19 -45.21
N ILE P 194 8.80 -32.52 -44.29
CA ILE P 194 9.37 -31.36 -43.64
C ILE P 194 9.88 -31.89 -42.31
N GLY P 195 9.14 -32.84 -41.72
CA GLY P 195 9.62 -33.54 -40.55
C GLY P 195 9.43 -32.72 -39.29
N ILE P 196 8.18 -32.40 -38.96
CA ILE P 196 7.97 -31.30 -38.04
C ILE P 196 7.79 -31.80 -36.62
N ASP P 197 6.62 -32.38 -36.31
CA ASP P 197 6.16 -32.97 -35.05
C ASP P 197 4.73 -33.48 -35.10
N PRO P 198 4.36 -34.37 -34.19
CA PRO P 198 2.96 -34.55 -33.85
C PRO P 198 2.42 -33.34 -33.12
N PRO P 199 1.08 -33.15 -33.10
CA PRO P 199 0.49 -32.05 -32.32
C PRO P 199 0.33 -32.39 -30.85
N ARG P 200 0.10 -31.37 -30.03
CA ARG P 200 -0.18 -31.58 -28.60
C ARG P 200 -1.27 -30.59 -28.20
N GLY P 201 -1.41 -30.36 -26.88
CA GLY P 201 -2.49 -29.60 -26.29
C GLY P 201 -2.66 -28.15 -26.70
N VAL P 202 -3.68 -27.47 -26.21
CA VAL P 202 -3.93 -26.07 -26.59
C VAL P 202 -4.83 -25.42 -25.55
N LEU P 203 -4.82 -24.09 -25.52
CA LEU P 203 -5.56 -23.26 -24.58
C LEU P 203 -6.35 -22.22 -25.35
N MET P 204 -7.48 -21.80 -24.77
CA MET P 204 -8.30 -20.73 -25.31
C MET P 204 -8.54 -19.71 -24.23
N TYR P 205 -8.73 -18.47 -24.65
CA TYR P 205 -9.13 -17.46 -23.67
C TYR P 205 -10.04 -16.44 -24.35
N GLY P 206 -11.19 -16.25 -23.72
CA GLY P 206 -12.21 -15.35 -24.20
C GLY P 206 -13.26 -15.12 -23.14
N PRO P 207 -13.79 -13.90 -23.08
CA PRO P 207 -14.82 -13.54 -22.10
C PRO P 207 -16.08 -14.38 -22.19
N PRO P 208 -16.92 -14.40 -21.13
CA PRO P 208 -18.06 -15.31 -21.09
C PRO P 208 -19.17 -14.96 -22.05
N GLY P 209 -19.10 -15.50 -23.26
CA GLY P 209 -20.01 -15.13 -24.30
C GLY P 209 -19.29 -14.98 -25.62
N CYS P 210 -18.06 -15.46 -25.65
CA CYS P 210 -17.30 -15.51 -26.88
C CYS P 210 -17.43 -16.86 -27.57
N GLY P 211 -18.36 -17.70 -27.13
CA GLY P 211 -18.60 -18.96 -27.80
C GLY P 211 -17.50 -19.95 -27.52
N LYS P 212 -17.14 -20.02 -26.25
CA LYS P 212 -15.95 -20.75 -25.86
C LYS P 212 -16.15 -22.25 -25.97
N THR P 213 -17.34 -22.73 -25.63
CA THR P 213 -17.54 -24.18 -25.56
C THR P 213 -17.90 -24.76 -26.92
N MET P 214 -18.58 -23.98 -27.77
CA MET P 214 -19.12 -24.41 -29.06
C MET P 214 -18.08 -25.08 -29.95
N LEU P 215 -16.88 -24.50 -29.98
CA LEU P 215 -15.79 -25.03 -30.79
C LEU P 215 -15.41 -26.43 -30.34
N ALA P 216 -15.30 -26.65 -29.03
CA ALA P 216 -15.05 -27.98 -28.51
C ALA P 216 -16.22 -28.91 -28.77
N LYS P 217 -17.43 -28.36 -28.74
CA LYS P 217 -18.66 -29.15 -28.92
C LYS P 217 -18.70 -29.84 -30.27
N ALA P 218 -18.46 -29.10 -31.34
CA ALA P 218 -18.55 -29.83 -32.59
C ALA P 218 -17.18 -30.13 -33.19
N VAL P 219 -16.12 -29.74 -32.51
CA VAL P 219 -14.88 -30.45 -32.80
C VAL P 219 -15.02 -31.88 -32.30
N ALA P 220 -15.72 -32.06 -31.18
CA ALA P 220 -16.17 -33.38 -30.78
C ALA P 220 -17.11 -33.99 -31.81
N HIS P 221 -17.97 -33.20 -32.44
CA HIS P 221 -18.87 -33.80 -33.42
C HIS P 221 -18.17 -34.23 -34.69
N HIS P 222 -17.55 -33.27 -35.39
CA HIS P 222 -17.35 -33.44 -36.83
C HIS P 222 -16.19 -34.37 -37.14
N THR P 223 -15.38 -34.70 -36.14
CA THR P 223 -14.49 -35.84 -36.28
C THR P 223 -14.99 -36.96 -35.39
N THR P 224 -14.46 -38.17 -35.64
CA THR P 224 -14.85 -39.35 -34.90
C THR P 224 -13.79 -39.68 -33.85
N ALA P 225 -13.31 -38.66 -33.16
CA ALA P 225 -12.24 -38.86 -32.20
C ALA P 225 -12.79 -39.31 -30.86
N ALA P 226 -11.95 -40.00 -30.07
CA ALA P 226 -12.37 -40.56 -28.79
C ALA P 226 -12.49 -39.47 -27.72
N PHE P 227 -13.50 -38.62 -27.84
CA PHE P 227 -13.56 -37.33 -27.14
C PHE P 227 -13.87 -37.55 -25.66
N ILE P 228 -12.88 -38.04 -24.92
CA ILE P 228 -13.13 -38.28 -23.51
C ILE P 228 -12.93 -36.98 -22.75
N ARG P 229 -14.03 -36.26 -22.54
CA ARG P 229 -14.02 -35.01 -21.80
C ARG P 229 -14.10 -35.29 -20.31
N VAL P 230 -13.62 -34.35 -19.49
CA VAL P 230 -14.07 -34.20 -18.10
C VAL P 230 -14.20 -32.71 -17.78
N VAL P 231 -14.73 -32.44 -16.58
CA VAL P 231 -14.57 -31.16 -15.91
C VAL P 231 -13.83 -31.47 -14.61
N GLY P 232 -13.04 -30.53 -14.11
CA GLY P 232 -12.17 -30.82 -13.00
C GLY P 232 -12.60 -30.20 -11.70
N SER P 233 -13.83 -29.69 -11.65
CA SER P 233 -14.37 -29.24 -10.38
C SER P 233 -14.77 -30.38 -9.47
N GLU P 234 -14.85 -31.59 -10.01
CA GLU P 234 -15.05 -32.80 -9.25
C GLU P 234 -13.74 -33.32 -8.64
N PHE P 235 -12.59 -32.77 -9.04
CA PHE P 235 -11.29 -33.29 -8.60
C PHE P 235 -11.07 -33.07 -7.11
N VAL P 236 -11.67 -32.04 -6.54
CA VAL P 236 -11.51 -31.74 -5.13
C VAL P 236 -12.51 -32.56 -4.31
N GLN P 237 -11.99 -33.33 -3.36
CA GLN P 237 -12.73 -34.42 -2.76
C GLN P 237 -12.48 -34.52 -1.27
N LYS P 238 -12.87 -35.65 -0.66
CA LYS P 238 -12.52 -35.92 0.72
C LYS P 238 -11.43 -36.97 0.90
N TYR P 239 -11.57 -38.14 0.31
CA TYR P 239 -10.50 -39.12 0.45
C TYR P 239 -9.31 -38.70 -0.42
N LEU P 240 -8.12 -39.08 0.04
CA LEU P 240 -6.89 -38.44 -0.40
C LEU P 240 -6.31 -39.17 -1.60
N GLY P 241 -6.00 -38.41 -2.65
CA GLY P 241 -5.54 -38.98 -3.91
C GLY P 241 -6.64 -39.32 -4.87
N GLU P 242 -7.85 -38.83 -4.61
CA GLU P 242 -9.02 -39.33 -5.34
C GLU P 242 -9.08 -38.76 -6.74
N GLY P 243 -9.06 -37.42 -6.85
CA GLY P 243 -8.84 -36.72 -8.11
C GLY P 243 -7.62 -37.16 -8.91
N PRO P 244 -6.45 -37.36 -8.27
CA PRO P 244 -5.36 -38.02 -9.00
C PRO P 244 -5.69 -39.39 -9.60
N ARG P 245 -6.43 -40.21 -8.88
CA ARG P 245 -6.91 -41.46 -9.46
C ARG P 245 -7.86 -41.21 -10.61
N MET P 246 -8.65 -40.14 -10.52
CA MET P 246 -9.56 -39.79 -11.60
C MET P 246 -8.79 -39.42 -12.85
N VAL P 247 -7.79 -38.56 -12.71
CA VAL P 247 -7.02 -38.08 -13.86
C VAL P 247 -6.18 -39.22 -14.44
N ARG P 248 -5.78 -40.17 -13.62
CA ARG P 248 -5.02 -41.28 -14.19
C ARG P 248 -5.91 -42.37 -14.74
N ASP P 249 -7.18 -42.39 -14.34
CA ASP P 249 -8.15 -43.15 -15.10
C ASP P 249 -8.35 -42.52 -16.47
N VAL P 250 -8.36 -41.18 -16.51
CA VAL P 250 -8.49 -40.46 -17.78
C VAL P 250 -7.28 -40.72 -18.67
N PHE P 251 -6.10 -40.75 -18.08
CA PHE P 251 -4.91 -40.74 -18.92
C PHE P 251 -4.39 -42.14 -19.21
N ARG P 252 -4.62 -43.07 -18.31
CA ARG P 252 -4.34 -44.45 -18.67
C ARG P 252 -5.43 -44.99 -19.58
N LEU P 253 -6.66 -44.48 -19.40
CA LEU P 253 -7.68 -44.68 -20.42
C LEU P 253 -7.29 -44.04 -21.73
N ALA P 254 -6.58 -42.91 -21.67
CA ALA P 254 -6.17 -42.20 -22.88
C ALA P 254 -5.13 -43.00 -23.63
N LYS P 255 -4.03 -43.33 -22.94
CA LYS P 255 -2.97 -44.16 -23.48
C LYS P 255 -3.47 -45.54 -23.88
N GLU P 256 -4.53 -46.01 -23.24
CA GLU P 256 -5.21 -47.23 -23.67
C GLU P 256 -5.75 -47.08 -25.08
N ASN P 257 -6.64 -46.12 -25.30
CA ASN P 257 -7.46 -46.19 -26.50
C ASN P 257 -6.76 -45.67 -27.74
N ALA P 258 -6.50 -44.37 -27.82
CA ALA P 258 -6.21 -43.82 -29.13
C ALA P 258 -5.58 -42.43 -29.04
N PRO P 259 -4.74 -42.07 -30.00
CA PRO P 259 -4.30 -40.67 -30.12
C PRO P 259 -5.31 -39.81 -30.85
N ALA P 260 -6.60 -39.92 -30.52
CA ALA P 260 -7.56 -39.26 -31.39
C ALA P 260 -7.77 -37.80 -31.00
N ILE P 261 -8.54 -37.54 -29.93
CA ILE P 261 -8.71 -36.25 -29.22
C ILE P 261 -9.28 -36.63 -27.88
N ILE P 262 -8.69 -36.18 -26.77
CA ILE P 262 -9.23 -36.43 -25.44
C ILE P 262 -9.20 -35.13 -24.65
N PHE P 263 -10.33 -34.79 -24.04
CA PHE P 263 -10.65 -33.40 -23.72
C PHE P 263 -10.88 -33.16 -22.24
N ILE P 264 -10.32 -32.05 -21.75
CA ILE P 264 -10.54 -31.58 -20.39
C ILE P 264 -10.74 -30.07 -20.42
N ASP P 265 -11.97 -29.62 -20.25
CA ASP P 265 -12.23 -28.21 -19.99
C ASP P 265 -12.06 -28.03 -18.49
N GLU P 266 -10.97 -27.38 -18.10
CA GLU P 266 -10.70 -27.13 -16.71
C GLU P 266 -9.74 -25.95 -16.57
N ILE P 267 -10.14 -24.98 -15.77
CA ILE P 267 -9.60 -23.65 -15.97
C ILE P 267 -9.61 -22.88 -14.64
N ASP P 268 -9.41 -21.56 -14.73
CA ASP P 268 -9.18 -20.53 -13.74
C ASP P 268 -9.87 -20.73 -12.39
N ALA P 269 -9.13 -20.38 -11.32
CA ALA P 269 -9.51 -20.40 -9.90
C ALA P 269 -9.59 -21.83 -9.36
N ILE P 270 -9.02 -22.80 -10.07
CA ILE P 270 -8.78 -24.10 -9.50
C ILE P 270 -7.31 -24.43 -9.71
N ALA P 271 -6.71 -23.87 -10.77
CA ALA P 271 -5.38 -24.27 -11.16
C ALA P 271 -4.41 -23.09 -11.13
N THR P 272 -4.61 -22.17 -10.20
CA THR P 272 -3.84 -20.93 -10.17
C THR P 272 -2.38 -21.19 -9.80
N LYS P 273 -1.53 -20.22 -10.15
CA LYS P 273 -0.09 -20.40 -10.04
C LYS P 273 0.44 -20.10 -8.64
N ARG P 274 -0.42 -19.79 -7.69
CA ARG P 274 0.05 -19.62 -6.32
C ARG P 274 0.36 -20.98 -5.72
N PHE P 275 1.64 -21.29 -5.62
CA PHE P 275 2.05 -22.62 -5.18
C PHE P 275 2.38 -22.55 -3.70
N ASP P 276 2.96 -21.42 -3.31
CA ASP P 276 3.65 -21.30 -2.03
C ASP P 276 2.75 -20.59 -1.01
N ALA P 277 1.68 -21.31 -0.65
CA ALA P 277 0.71 -20.79 0.32
C ALA P 277 0.18 -21.99 1.10
N GLN P 278 0.41 -21.98 2.41
CA GLN P 278 0.10 -23.11 3.28
C GLN P 278 -1.31 -22.94 3.85
N THR P 279 -2.23 -22.66 2.95
CA THR P 279 -3.60 -22.27 3.26
C THR P 279 -4.39 -23.37 3.95
N GLY P 280 -4.54 -24.51 3.30
CA GLY P 280 -5.47 -25.51 3.74
C GLY P 280 -5.99 -26.16 2.48
N ALA P 281 -6.35 -27.44 2.57
CA ALA P 281 -6.54 -28.32 1.41
C ALA P 281 -5.34 -28.26 0.47
N ASP P 282 -4.17 -28.05 1.07
CA ASP P 282 -2.95 -28.04 0.29
C ASP P 282 -2.84 -29.41 -0.39
N ARG P 283 -3.44 -30.43 0.24
CA ARG P 283 -3.49 -31.76 -0.30
C ARG P 283 -4.16 -31.62 -1.66
N GLU P 284 -5.29 -30.92 -1.71
CA GLU P 284 -5.92 -30.76 -3.02
C GLU P 284 -5.07 -29.88 -3.93
N VAL P 285 -4.48 -28.83 -3.37
CA VAL P 285 -3.57 -27.96 -4.11
C VAL P 285 -2.39 -28.75 -4.65
N ARG P 287 -2.03 -32.09 -4.93
CA ARG P 287 -2.36 -33.23 -5.77
C ARG P 287 -2.83 -32.77 -7.14
N ILE P 288 -3.36 -31.55 -7.24
CA ILE P 288 -3.85 -31.09 -8.53
C ILE P 288 -2.72 -30.43 -9.31
N LEU P 289 -1.88 -29.66 -8.62
CA LEU P 289 -0.73 -29.05 -9.29
C LEU P 289 0.26 -30.11 -9.74
N LEU P 290 0.66 -30.98 -8.83
CA LEU P 290 1.51 -32.11 -9.21
C LEU P 290 0.78 -33.11 -10.09
N GLU P 291 -0.55 -33.08 -10.10
CA GLU P 291 -1.28 -33.95 -11.02
C GLU P 291 -1.11 -33.49 -12.45
N LEU P 292 -1.36 -32.20 -12.69
CA LEU P 292 -1.27 -31.68 -14.05
C LEU P 292 0.17 -31.65 -14.51
N LEU P 293 1.09 -31.37 -13.58
CA LEU P 293 2.50 -31.52 -13.88
C LEU P 293 2.84 -32.96 -14.24
N ASN P 294 2.73 -33.86 -13.28
CA ASN P 294 3.17 -35.25 -13.40
C ASN P 294 2.47 -36.03 -14.50
N GLN P 295 1.26 -35.62 -14.88
CA GLN P 295 0.53 -36.34 -15.90
C GLN P 295 0.50 -35.63 -17.25
N MET P 296 0.53 -34.31 -17.27
CA MET P 296 0.59 -33.61 -18.54
C MET P 296 1.97 -33.12 -18.88
N ASP P 297 2.61 -32.40 -17.96
CA ASP P 297 3.93 -31.83 -18.20
C ASP P 297 4.97 -32.94 -18.08
N GLY P 298 5.33 -33.55 -19.21
CA GLY P 298 6.28 -34.65 -19.15
C GLY P 298 6.19 -35.55 -20.36
N PHE P 299 5.16 -35.31 -21.17
CA PHE P 299 4.90 -36.00 -22.43
C PHE P 299 4.50 -37.48 -22.52
N ASP P 300 3.43 -37.66 -23.28
CA ASP P 300 2.76 -38.90 -23.71
C ASP P 300 3.38 -39.40 -25.00
N GLN P 301 3.72 -38.47 -25.90
CA GLN P 301 4.43 -38.58 -27.18
C GLN P 301 3.66 -39.23 -28.32
N ASN P 302 2.59 -39.96 -28.05
CA ASN P 302 2.01 -40.81 -29.09
C ASN P 302 0.51 -40.89 -28.99
N VAL P 303 -0.09 -40.16 -28.05
CA VAL P 303 -1.46 -40.43 -27.66
C VAL P 303 -2.02 -39.17 -27.01
N ASN P 304 -3.35 -39.06 -27.01
CA ASN P 304 -4.10 -37.92 -26.49
C ASN P 304 -3.65 -36.63 -27.19
N VAL P 305 -3.97 -36.59 -28.47
CA VAL P 305 -3.81 -35.35 -29.22
C VAL P 305 -4.73 -34.30 -28.62
N LYS P 306 -4.12 -33.26 -28.06
CA LYS P 306 -4.74 -31.96 -27.81
C LYS P 306 -5.90 -32.03 -26.81
N VAL P 307 -5.53 -32.22 -25.55
CA VAL P 307 -6.37 -31.73 -24.47
C VAL P 307 -6.52 -30.23 -24.67
N ILE P 308 -7.75 -29.73 -24.60
CA ILE P 308 -8.02 -28.32 -24.84
C ILE P 308 -8.55 -27.69 -23.57
N MET P 309 -7.85 -26.68 -23.07
CA MET P 309 -8.27 -25.99 -21.87
C MET P 309 -8.69 -24.59 -22.27
N ALA P 310 -9.75 -24.03 -21.66
CA ALA P 310 -10.25 -22.72 -22.11
C ALA P 310 -10.96 -21.83 -21.10
N THR P 311 -10.51 -20.58 -21.02
CA THR P 311 -11.09 -19.52 -20.17
C THR P 311 -10.35 -18.20 -20.40
N ASN P 312 -11.10 -17.09 -20.45
CA ASN P 312 -10.48 -15.77 -20.53
C ASN P 312 -9.20 -15.51 -19.73
N ARG P 313 -9.22 -15.73 -18.42
CA ARG P 313 -8.15 -15.16 -17.63
C ARG P 313 -7.17 -16.24 -17.19
N ALA P 314 -5.89 -15.89 -17.23
CA ALA P 314 -4.83 -16.84 -16.98
C ALA P 314 -3.90 -16.29 -15.92
N ASP P 315 -4.16 -16.64 -14.66
CA ASP P 315 -3.16 -16.56 -13.60
C ASP P 315 -2.87 -17.97 -13.13
N THR P 316 -3.03 -18.92 -14.03
CA THR P 316 -3.02 -20.31 -13.63
C THR P 316 -1.66 -20.97 -13.80
N LEU P 317 -1.07 -20.85 -14.97
CA LEU P 317 0.10 -21.66 -15.28
C LEU P 317 1.04 -20.92 -16.22
N ASP P 318 1.63 -21.68 -17.18
CA ASP P 318 2.56 -21.34 -18.33
C ASP P 318 4.01 -21.82 -18.32
N PRO P 319 4.60 -22.07 -17.13
CA PRO P 319 5.92 -22.68 -17.22
C PRO P 319 5.65 -24.12 -17.63
N ALA P 320 4.60 -24.71 -17.05
CA ALA P 320 4.16 -26.04 -17.37
C ALA P 320 3.35 -26.13 -18.66
N LEU P 321 2.69 -25.07 -19.17
CA LEU P 321 1.92 -25.31 -20.38
C LEU P 321 2.64 -24.79 -21.64
N LEU P 322 2.83 -23.48 -21.72
CA LEU P 322 3.40 -22.88 -22.93
C LEU P 322 4.91 -22.88 -22.71
N ARG P 323 5.57 -23.94 -23.17
CA ARG P 323 6.93 -24.20 -22.73
C ARG P 323 7.91 -24.27 -23.88
N PRO P 324 9.20 -24.05 -23.61
CA PRO P 324 10.23 -24.52 -24.54
C PRO P 324 10.16 -26.02 -24.71
N GLY P 325 9.84 -26.46 -25.92
CA GLY P 325 9.66 -27.88 -26.19
C GLY P 325 8.23 -28.36 -26.11
N ARG P 326 7.53 -28.07 -25.01
CA ARG P 326 6.15 -28.48 -24.83
C ARG P 326 5.25 -27.86 -25.90
N LEU P 327 5.54 -26.59 -26.21
CA LEU P 327 4.79 -25.84 -27.21
C LEU P 327 5.08 -26.47 -28.59
N ASP P 328 4.38 -27.57 -28.85
CA ASP P 328 4.23 -28.11 -30.19
C ASP P 328 2.97 -27.61 -30.86
N ARG P 329 1.87 -27.59 -30.10
CA ARG P 329 0.67 -26.83 -30.48
C ARG P 329 0.10 -26.06 -29.31
N LYS P 330 0.85 -25.89 -28.21
CA LYS P 330 0.36 -25.17 -27.04
C LYS P 330 0.27 -23.70 -27.41
N ILE P 331 -0.86 -23.31 -27.96
CA ILE P 331 -1.02 -22.01 -28.60
C ILE P 331 -2.08 -21.23 -27.85
N GLU P 332 -1.76 -19.99 -27.49
CA GLU P 332 -2.74 -19.09 -26.93
C GLU P 332 -3.76 -18.70 -27.97
N PHE P 333 -5.03 -18.59 -27.55
CA PHE P 333 -6.12 -18.29 -28.46
C PHE P 333 -6.81 -16.99 -28.09
N PRO P 334 -6.48 -15.91 -28.77
CA PRO P 334 -7.06 -14.61 -28.45
C PRO P 334 -8.43 -14.41 -29.07
N LEU P 335 -8.99 -13.23 -28.87
CA LEU P 335 -10.36 -12.92 -29.24
C LEU P 335 -10.60 -12.66 -30.72
N PRO P 336 -11.83 -12.87 -31.18
CA PRO P 336 -12.21 -12.35 -32.51
C PRO P 336 -12.58 -10.87 -32.49
N ASP P 337 -13.04 -10.41 -33.66
CA ASP P 337 -13.25 -9.01 -33.97
C ASP P 337 -14.33 -8.85 -35.03
N ARG P 338 -14.30 -7.72 -35.74
CA ARG P 338 -15.10 -7.37 -36.92
C ARG P 338 -14.93 -8.40 -38.04
N ARG P 339 -15.49 -8.00 -39.19
CA ARG P 339 -15.42 -8.71 -40.47
C ARG P 339 -15.88 -10.14 -40.44
N GLN P 340 -16.77 -10.41 -39.50
CA GLN P 340 -17.35 -11.72 -39.32
C GLN P 340 -18.47 -11.42 -38.38
N LYS P 341 -18.51 -10.17 -37.92
CA LYS P 341 -19.57 -9.82 -36.98
C LYS P 341 -20.91 -9.80 -37.69
N ARG P 342 -20.91 -9.33 -38.93
CA ARG P 342 -22.13 -9.37 -39.72
C ARG P 342 -22.34 -10.76 -40.29
N LEU P 343 -21.36 -11.64 -40.11
CA LEU P 343 -21.55 -13.02 -40.49
C LEU P 343 -22.12 -13.82 -39.32
N ILE P 344 -21.82 -13.38 -38.10
CA ILE P 344 -22.63 -13.80 -36.95
C ILE P 344 -24.07 -13.38 -37.18
N PHE P 345 -24.24 -12.17 -37.70
CA PHE P 345 -25.56 -11.73 -38.13
C PHE P 345 -26.13 -12.61 -39.22
N SER P 346 -25.32 -12.98 -40.20
CA SER P 346 -25.84 -13.65 -41.38
C SER P 346 -26.26 -15.07 -41.06
N THR P 347 -25.48 -15.75 -40.21
CA THR P 347 -25.79 -17.14 -39.89
C THR P 347 -26.98 -17.25 -38.97
N ILE P 348 -27.02 -16.45 -37.91
CA ILE P 348 -28.01 -16.68 -36.88
C ILE P 348 -29.36 -16.15 -37.30
N THR P 349 -29.40 -15.11 -38.12
CA THR P 349 -30.67 -14.62 -38.63
C THR P 349 -31.23 -15.46 -39.76
N SER P 350 -30.47 -16.45 -40.25
CA SER P 350 -31.07 -17.43 -41.14
C SER P 350 -31.99 -18.39 -40.40
N LYS P 351 -31.87 -18.47 -39.07
CA LYS P 351 -32.78 -19.29 -38.27
C LYS P 351 -34.19 -18.73 -38.26
N MET P 352 -34.34 -17.43 -38.14
CA MET P 352 -35.66 -16.83 -38.09
C MET P 352 -36.22 -16.69 -39.50
N ASN P 353 -37.32 -15.97 -39.62
CA ASN P 353 -38.11 -15.97 -40.84
C ASN P 353 -37.80 -14.80 -41.77
N LEU P 354 -37.20 -13.76 -41.18
CA LEU P 354 -36.73 -12.55 -41.87
C LEU P 354 -37.68 -11.57 -42.58
N SER P 355 -38.99 -11.70 -42.38
CA SER P 355 -39.98 -10.83 -43.06
C SER P 355 -39.68 -10.84 -44.56
N GLU P 356 -39.35 -9.69 -45.17
CA GLU P 356 -38.95 -9.77 -46.57
C GLU P 356 -37.71 -8.96 -46.87
N GLU P 357 -37.61 -7.79 -46.25
CA GLU P 357 -36.75 -6.71 -46.72
C GLU P 357 -36.33 -5.81 -45.55
N VAL P 358 -36.09 -6.37 -44.39
CA VAL P 358 -35.59 -5.60 -43.27
C VAL P 358 -34.12 -5.93 -43.12
N ASP P 359 -33.28 -4.94 -43.35
CA ASP P 359 -31.87 -5.19 -43.55
C ASP P 359 -31.12 -5.26 -42.21
N LEU P 360 -29.89 -5.74 -42.31
CA LEU P 360 -29.15 -6.26 -41.17
C LEU P 360 -27.75 -5.71 -41.04
N GLU P 361 -27.10 -5.35 -42.15
CA GLU P 361 -25.75 -4.79 -42.20
C GLU P 361 -25.66 -3.41 -41.55
N ASP P 362 -26.80 -2.76 -41.34
CA ASP P 362 -26.94 -1.38 -40.91
C ASP P 362 -26.41 -1.12 -39.53
N TYR P 363 -26.10 -2.15 -38.74
CA TYR P 363 -25.87 -1.93 -37.34
C TYR P 363 -24.46 -2.22 -36.89
N VAL P 364 -23.73 -3.13 -37.54
CA VAL P 364 -22.29 -3.15 -37.34
C VAL P 364 -21.69 -2.24 -38.39
N ALA P 365 -21.49 -1.00 -37.99
CA ALA P 365 -20.50 -0.12 -38.59
C ALA P 365 -19.93 0.69 -37.44
N ARG P 366 -20.32 0.30 -36.23
CA ARG P 366 -20.28 1.12 -35.02
C ARG P 366 -19.67 0.32 -33.88
N PRO P 367 -19.19 0.95 -32.81
CA PRO P 367 -18.78 0.20 -31.63
C PRO P 367 -19.98 -0.43 -30.94
N ASP P 368 -20.03 -1.76 -30.97
CA ASP P 368 -21.10 -2.50 -30.32
C ASP P 368 -20.52 -3.46 -29.28
N LYS P 369 -19.55 -4.28 -29.70
CA LYS P 369 -18.81 -5.22 -28.84
C LYS P 369 -19.75 -6.18 -28.14
N ILE P 370 -20.40 -7.01 -28.95
CA ILE P 370 -21.61 -7.72 -28.57
C ILE P 370 -21.40 -9.23 -28.67
N SER P 371 -20.16 -9.59 -28.31
CA SER P 371 -19.59 -10.94 -28.25
C SER P 371 -20.49 -12.09 -28.61
N GLY P 372 -20.29 -12.59 -29.83
CA GLY P 372 -20.98 -13.70 -30.44
C GLY P 372 -22.19 -14.35 -29.78
N ALA P 373 -22.01 -14.87 -28.57
CA ALA P 373 -23.13 -15.52 -27.91
C ALA P 373 -24.31 -14.58 -27.74
N ASP P 374 -24.03 -13.27 -27.73
CA ASP P 374 -25.08 -12.32 -27.43
C ASP P 374 -25.86 -11.89 -28.64
N ILE P 375 -25.35 -12.09 -29.86
CA ILE P 375 -26.18 -11.92 -31.05
C ILE P 375 -27.33 -12.92 -31.04
N ASN P 376 -27.11 -14.10 -30.48
CA ASN P 376 -28.20 -15.04 -30.28
C ASN P 376 -29.23 -14.52 -29.29
N SER P 377 -28.79 -13.83 -28.24
CA SER P 377 -29.73 -13.21 -27.33
C SER P 377 -30.49 -12.08 -28.01
N ILE P 378 -29.83 -11.40 -28.94
CA ILE P 378 -30.50 -10.41 -29.79
C ILE P 378 -31.56 -11.07 -30.64
N CYS P 379 -31.27 -12.28 -31.12
CA CYS P 379 -32.22 -12.97 -31.99
C CYS P 379 -33.38 -13.57 -31.20
N GLN P 380 -33.13 -13.93 -29.94
CA GLN P 380 -34.20 -14.50 -29.12
C GLN P 380 -35.09 -13.41 -28.55
N GLU P 381 -34.48 -12.31 -28.10
CA GLU P 381 -35.28 -11.19 -27.60
C GLU P 381 -36.01 -10.49 -28.72
N SER P 382 -35.36 -10.37 -29.87
CA SER P 382 -35.96 -9.70 -31.01
C SER P 382 -37.03 -10.58 -31.66
N GLY P 383 -36.66 -11.82 -31.97
CA GLY P 383 -37.58 -12.74 -32.59
C GLY P 383 -38.73 -13.11 -31.67
N MET P 384 -38.42 -13.51 -30.43
CA MET P 384 -39.45 -13.80 -29.43
C MET P 384 -40.24 -12.57 -29.04
N LEU P 385 -39.65 -11.38 -29.18
CA LEU P 385 -40.42 -10.14 -29.07
C LEU P 385 -41.45 -10.02 -30.17
N ALA P 386 -41.11 -10.49 -31.37
CA ALA P 386 -42.14 -10.56 -32.40
C ALA P 386 -43.10 -11.74 -32.17
N VAL P 387 -42.68 -12.75 -31.40
CA VAL P 387 -43.56 -13.85 -31.03
C VAL P 387 -44.54 -13.43 -29.93
N ARG P 388 -44.20 -12.39 -29.17
CA ARG P 388 -45.20 -11.72 -28.35
C ARG P 388 -46.31 -11.15 -29.22
N GLU P 389 -45.96 -10.72 -30.43
CA GLU P 389 -46.94 -10.32 -31.42
C GLU P 389 -47.34 -11.50 -32.31
N ASN P 390 -46.69 -12.66 -32.14
CA ASN P 390 -46.93 -13.90 -32.90
C ASN P 390 -46.81 -13.69 -34.40
N ARG P 391 -45.93 -12.78 -34.79
CA ARG P 391 -45.70 -12.52 -36.20
C ARG P 391 -44.24 -12.79 -36.57
N TYR P 392 -44.06 -13.68 -37.54
CA TYR P 392 -42.75 -14.09 -38.01
C TYR P 392 -42.05 -13.01 -38.83
N ILE P 393 -42.77 -11.98 -39.23
CA ILE P 393 -42.18 -10.81 -39.87
C ILE P 393 -41.33 -10.08 -38.84
N VAL P 394 -40.08 -9.85 -39.19
CA VAL P 394 -39.09 -9.23 -38.33
C VAL P 394 -38.71 -7.89 -38.93
N LEU P 395 -38.82 -6.84 -38.13
CA LEU P 395 -38.56 -5.48 -38.61
C LEU P 395 -37.59 -4.76 -37.66
N ALA P 396 -37.34 -3.48 -37.93
CA ALA P 396 -36.24 -2.75 -37.29
C ALA P 396 -36.46 -2.50 -35.80
N LYS P 397 -37.71 -2.61 -35.33
CA LYS P 397 -37.96 -2.52 -33.89
C LYS P 397 -37.35 -3.69 -33.16
N ASP P 398 -37.21 -4.82 -33.84
CA ASP P 398 -36.51 -5.95 -33.24
C ASP P 398 -35.02 -5.66 -33.11
N PHE P 399 -34.47 -4.82 -33.98
CA PHE P 399 -33.11 -4.34 -33.76
C PHE P 399 -33.04 -3.40 -32.57
N GLU P 400 -33.97 -2.43 -32.54
CA GLU P 400 -33.83 -1.33 -31.60
C GLU P 400 -34.17 -1.75 -30.18
N LYS P 401 -35.15 -2.64 -30.03
CA LYS P 401 -35.50 -3.12 -28.71
C LYS P 401 -34.49 -4.14 -28.19
N ALA P 402 -33.77 -4.80 -29.09
CA ALA P 402 -32.65 -5.63 -28.69
C ALA P 402 -31.35 -4.85 -28.67
N TYR P 403 -31.44 -3.52 -28.76
CA TYR P 403 -30.41 -2.62 -28.26
C TYR P 403 -30.85 -1.99 -26.95
N LYS P 404 -32.06 -2.30 -26.49
CA LYS P 404 -32.62 -1.78 -25.26
C LYS P 404 -32.92 -2.90 -24.26
N THR P 405 -32.40 -4.09 -24.52
CA THR P 405 -32.59 -5.22 -23.63
C THR P 405 -31.24 -5.82 -23.28
N VAL P 406 -30.19 -5.42 -24.00
CA VAL P 406 -28.87 -6.02 -24.01
C VAL P 406 -27.92 -4.85 -23.71
N ILE P 407 -26.68 -4.93 -24.16
CA ILE P 407 -25.43 -4.35 -23.63
C ILE P 407 -25.42 -2.81 -23.49
N LYS P 408 -26.57 -2.16 -23.71
CA LYS P 408 -26.82 -0.72 -23.56
C LYS P 408 -26.33 -0.07 -22.27
N LYS P 409 -26.03 -0.89 -21.26
CA LYS P 409 -25.70 -0.44 -19.92
C LYS P 409 -24.29 0.10 -19.61
N ASP P 410 -23.88 -0.15 -18.36
CA ASP P 410 -22.59 0.29 -17.82
C ASP P 410 -22.44 1.79 -18.00
N GLU P 411 -21.84 2.17 -19.12
CA GLU P 411 -21.61 3.57 -19.47
C GLU P 411 -21.22 3.50 -20.93
N GLN P 412 -22.15 3.90 -21.81
CA GLN P 412 -21.90 3.83 -23.25
C GLN P 412 -20.61 4.55 -23.65
N GLU P 413 -20.33 5.66 -22.99
CA GLU P 413 -19.13 6.44 -23.31
C GLU P 413 -18.74 7.39 -22.18
N HIS P 414 -17.44 7.44 -21.87
CA HIS P 414 -16.98 8.36 -20.82
C HIS P 414 -16.19 9.51 -21.49
N GLU P 415 -15.27 9.15 -22.40
CA GLU P 415 -14.74 9.97 -23.48
C GLU P 415 -14.01 11.31 -23.19
N PHE P 416 -13.01 11.12 -22.34
CA PHE P 416 -12.15 12.11 -21.74
C PHE P 416 -11.02 11.31 -21.07
N TYR P 417 -9.83 11.89 -20.98
CA TYR P 417 -8.66 11.23 -20.39
C TYR P 417 -8.44 9.84 -20.98
N LYS Q 29 -96.18 -71.80 2.91
CA LYS Q 29 -95.05 -72.69 3.19
C LYS Q 29 -93.85 -72.34 2.33
N LEU Q 30 -93.23 -71.19 2.61
CA LEU Q 30 -92.09 -70.73 1.81
C LEU Q 30 -90.96 -70.16 2.66
N LEU Q 31 -90.90 -70.50 3.95
CA LEU Q 31 -89.83 -69.99 4.81
C LEU Q 31 -88.53 -70.76 4.67
N GLU Q 32 -88.58 -71.97 4.09
CA GLU Q 32 -87.36 -72.77 3.94
C GLU Q 32 -86.46 -72.22 2.85
N HIS Q 33 -87.01 -71.48 1.89
CA HIS Q 33 -86.22 -70.92 0.81
C HIS Q 33 -85.30 -69.82 1.31
N LYS Q 34 -85.84 -68.92 2.13
CA LYS Q 34 -84.99 -67.91 2.75
C LYS Q 34 -84.16 -68.50 3.88
N GLU Q 35 -84.69 -69.55 4.53
CA GLU Q 35 -83.98 -70.22 5.61
C GLU Q 35 -82.74 -70.97 5.14
N ILE Q 36 -82.69 -71.38 3.87
CA ILE Q 36 -81.51 -72.01 3.32
C ILE Q 36 -80.74 -70.97 2.51
N ASP Q 37 -81.43 -69.92 2.09
CA ASP Q 37 -80.78 -68.88 1.27
C ASP Q 37 -79.87 -68.01 2.12
N GLY Q 38 -80.30 -67.66 3.33
CA GLY Q 38 -79.47 -66.83 4.19
C GLY Q 38 -78.29 -67.60 4.76
N ARG Q 39 -78.48 -68.89 5.05
CA ARG Q 39 -77.37 -69.71 5.51
C ARG Q 39 -76.41 -70.02 4.37
N LEU Q 40 -76.95 -70.15 3.16
CA LEU Q 40 -76.09 -70.36 2.00
C LEU Q 40 -75.30 -69.10 1.66
N LYS Q 41 -75.91 -67.93 1.88
CA LYS Q 41 -75.19 -66.68 1.64
C LYS Q 41 -74.19 -66.41 2.76
N GLU Q 42 -74.48 -66.87 3.98
CA GLU Q 42 -73.55 -66.68 5.09
C GLU Q 42 -72.36 -67.61 4.98
N LEU Q 43 -72.61 -68.87 4.63
CA LEU Q 43 -71.51 -69.81 4.37
C LEU Q 43 -70.80 -69.48 3.07
N ARG Q 44 -71.45 -68.74 2.17
CA ARG Q 44 -70.79 -68.27 0.96
C ARG Q 44 -69.89 -67.08 1.24
N GLU Q 45 -70.31 -66.21 2.16
CA GLU Q 45 -69.49 -65.06 2.53
C GLU Q 45 -68.30 -65.49 3.38
N GLN Q 46 -68.53 -66.41 4.32
CA GLN Q 46 -67.43 -66.96 5.11
C GLN Q 46 -66.56 -67.86 4.27
N LEU Q 47 -67.16 -68.53 3.27
CA LEU Q 47 -66.39 -69.37 2.36
C LEU Q 47 -65.50 -68.53 1.46
N LYS Q 48 -66.00 -67.39 1.00
CA LYS Q 48 -65.23 -66.52 0.13
C LYS Q 48 -64.15 -65.77 0.92
N GLU Q 49 -64.49 -65.35 2.13
CA GLU Q 49 -63.54 -64.63 2.96
C GLU Q 49 -62.45 -65.53 3.51
N LEU Q 50 -62.77 -66.78 3.84
CA LEU Q 50 -61.79 -67.70 4.39
C LEU Q 50 -60.97 -68.35 3.29
N THR Q 51 -61.64 -68.82 2.24
CA THR Q 51 -60.93 -69.43 1.12
C THR Q 51 -60.17 -68.40 0.31
N LYS Q 52 -60.60 -67.13 0.33
CA LYS Q 52 -59.85 -66.09 -0.37
C LYS Q 52 -58.51 -65.82 0.30
N GLN Q 53 -58.51 -65.70 1.63
CA GLN Q 53 -57.26 -65.56 2.36
C GLN Q 53 -56.47 -66.85 2.36
N TYR Q 54 -57.16 -67.99 2.20
CA TYR Q 54 -56.46 -69.26 2.00
C TYR Q 54 -55.75 -69.29 0.65
N GLU Q 55 -56.31 -68.61 -0.34
CA GLU Q 55 -55.67 -68.53 -1.65
C GLU Q 55 -54.53 -67.52 -1.64
N LYS Q 56 -54.67 -66.43 -0.89
CA LYS Q 56 -53.57 -65.49 -0.73
C LYS Q 56 -52.43 -66.12 0.06
N SER Q 57 -52.77 -66.91 1.08
CA SER Q 57 -51.76 -67.65 1.83
C SER Q 57 -51.17 -68.78 1.01
N GLU Q 58 -51.93 -69.30 0.05
CA GLU Q 58 -51.36 -70.26 -0.89
C GLU Q 58 -50.39 -69.56 -1.83
N ASN Q 59 -50.67 -68.31 -2.19
CA ASN Q 59 -49.72 -67.52 -2.96
C ASN Q 59 -48.49 -67.17 -2.13
N ASP Q 60 -48.65 -67.05 -0.81
CA ASP Q 60 -47.50 -66.85 0.05
C ASP Q 60 -46.72 -68.15 0.24
N LEU Q 61 -47.42 -69.28 0.23
CA LEU Q 61 -46.75 -70.57 0.32
C LEU Q 61 -45.99 -70.88 -0.95
N LYS Q 62 -46.50 -70.42 -2.10
CA LYS Q 62 -45.72 -70.45 -3.32
C LYS Q 62 -44.62 -69.42 -3.28
N ALA Q 63 -44.83 -68.32 -2.56
CA ALA Q 63 -43.81 -67.30 -2.41
C ALA Q 63 -42.69 -67.75 -1.48
N LEU Q 64 -42.89 -68.85 -0.76
CA LEU Q 64 -41.80 -69.48 -0.01
C LEU Q 64 -40.76 -70.01 -0.98
N GLN Q 65 -41.20 -70.40 -2.18
CA GLN Q 65 -40.26 -70.79 -3.23
C GLN Q 65 -39.59 -69.58 -3.86
N SER Q 66 -40.17 -68.38 -3.72
CA SER Q 66 -39.63 -67.20 -4.36
C SER Q 66 -38.34 -66.74 -3.69
N VAL Q 67 -37.38 -66.32 -4.51
CA VAL Q 67 -36.00 -66.09 -4.09
C VAL Q 67 -35.71 -64.60 -4.08
N GLY Q 68 -35.02 -64.14 -3.03
CA GLY Q 68 -34.53 -62.78 -3.02
C GLY Q 68 -33.46 -62.59 -4.09
N GLN Q 69 -33.73 -61.70 -5.03
CA GLN Q 69 -32.84 -61.39 -6.14
C GLN Q 69 -31.72 -60.48 -5.64
N ILE Q 70 -30.69 -60.32 -6.44
CA ILE Q 70 -29.48 -59.65 -5.98
C ILE Q 70 -29.44 -58.22 -6.51
N VAL Q 71 -29.09 -57.29 -5.65
CA VAL Q 71 -28.91 -55.92 -6.07
C VAL Q 71 -27.51 -55.77 -6.65
N GLY Q 72 -27.45 -55.41 -7.92
CA GLY Q 72 -26.19 -55.20 -8.60
C GLY Q 72 -26.34 -54.05 -9.57
N GLU Q 73 -25.23 -53.71 -10.21
CA GLU Q 73 -25.24 -52.64 -11.21
C GLU Q 73 -24.29 -52.97 -12.35
N VAL Q 74 -24.67 -52.49 -13.54
CA VAL Q 74 -23.88 -52.73 -14.73
C VAL Q 74 -22.65 -51.83 -14.73
N LEU Q 75 -21.47 -52.44 -14.70
CA LEU Q 75 -20.25 -51.69 -14.90
C LEU Q 75 -20.11 -51.27 -16.35
N LYS Q 76 -20.11 -52.25 -17.25
CA LYS Q 76 -20.12 -52.05 -18.68
C LYS Q 76 -20.55 -53.33 -19.35
N GLN Q 77 -21.10 -53.20 -20.55
CA GLN Q 77 -21.46 -54.36 -21.35
C GLN Q 77 -20.27 -54.80 -22.17
N LEU Q 78 -19.91 -56.09 -22.08
CA LEU Q 78 -18.81 -56.60 -22.87
C LEU Q 78 -19.26 -57.05 -24.25
N THR Q 79 -20.11 -58.08 -24.32
CA THR Q 79 -20.61 -58.59 -25.58
C THR Q 79 -22.12 -58.59 -25.53
N GLU Q 80 -22.73 -59.26 -26.51
CA GLU Q 80 -24.17 -59.40 -26.59
C GLU Q 80 -24.77 -60.08 -25.37
N GLU Q 81 -24.06 -61.01 -24.76
CA GLU Q 81 -24.55 -61.65 -23.55
C GLU Q 81 -23.60 -61.56 -22.39
N LYS Q 82 -22.37 -61.11 -22.58
CA LYS Q 82 -21.46 -60.94 -21.46
C LYS Q 82 -21.58 -59.54 -20.92
N PHE Q 83 -21.90 -59.45 -19.64
CA PHE Q 83 -22.19 -58.18 -18.99
C PHE Q 83 -21.28 -58.08 -17.78
N ILE Q 84 -20.35 -57.13 -17.85
CA ILE Q 84 -19.52 -56.79 -16.71
C ILE Q 84 -20.36 -55.97 -15.73
N VAL Q 85 -20.70 -56.59 -14.61
CA VAL Q 85 -21.51 -55.97 -13.58
C VAL Q 85 -20.74 -56.05 -12.27
N LYS Q 86 -21.30 -55.44 -11.24
CA LYS Q 86 -20.70 -55.49 -9.92
C LYS Q 86 -21.78 -55.69 -8.87
N ALA Q 87 -21.53 -56.61 -7.95
CA ALA Q 87 -22.36 -56.72 -6.77
C ALA Q 87 -22.21 -55.48 -5.92
N THR Q 88 -23.35 -54.94 -5.48
CA THR Q 88 -23.39 -53.69 -4.76
C THR Q 88 -22.69 -53.74 -3.41
N ASN Q 89 -22.61 -54.91 -2.78
CA ASN Q 89 -21.93 -55.07 -1.52
C ASN Q 89 -20.59 -55.76 -1.66
N GLY Q 90 -19.95 -55.67 -2.83
CA GLY Q 90 -18.70 -56.36 -3.02
C GLY Q 90 -18.32 -56.61 -4.47
N PRO Q 91 -18.07 -57.88 -4.78
CA PRO Q 91 -17.24 -58.24 -5.94
C PRO Q 91 -17.88 -58.00 -7.30
N ARG Q 92 -17.15 -58.36 -8.36
CA ARG Q 92 -17.52 -58.05 -9.72
C ARG Q 92 -17.72 -59.33 -10.51
N TYR Q 93 -18.60 -59.26 -11.51
CA TYR Q 93 -19.04 -60.44 -12.23
C TYR Q 93 -19.25 -60.12 -13.69
N VAL Q 94 -19.42 -61.18 -14.48
CA VAL Q 94 -19.85 -61.09 -15.87
C VAL Q 94 -20.96 -62.12 -16.04
N VAL Q 95 -22.19 -61.66 -16.23
CA VAL Q 95 -23.32 -62.56 -16.40
C VAL Q 95 -24.17 -62.11 -17.57
N GLY Q 96 -25.33 -62.75 -17.75
CA GLY Q 96 -26.22 -62.45 -18.85
C GLY Q 96 -27.64 -62.30 -18.38
N CYS Q 97 -28.52 -61.98 -19.32
CA CYS Q 97 -29.91 -61.63 -18.99
C CYS Q 97 -30.77 -62.90 -18.97
N ARG Q 98 -32.09 -62.72 -18.88
CA ARG Q 98 -32.93 -63.91 -18.79
C ARG Q 98 -33.19 -64.50 -20.16
N ARG Q 99 -34.14 -63.90 -20.88
CA ARG Q 99 -34.32 -64.13 -22.31
C ARG Q 99 -34.72 -62.85 -22.99
N GLN Q 100 -35.43 -61.99 -22.25
CA GLN Q 100 -36.23 -60.92 -22.84
C GLN Q 100 -36.05 -59.62 -22.09
N LEU Q 101 -34.87 -59.38 -21.55
CA LEU Q 101 -34.67 -58.32 -20.59
C LEU Q 101 -34.36 -56.98 -21.23
N ASP Q 102 -34.39 -56.91 -22.57
CA ASP Q 102 -34.13 -55.70 -23.36
C ASP Q 102 -32.73 -55.15 -23.06
N LYS Q 103 -31.75 -55.93 -23.50
CA LYS Q 103 -30.34 -55.70 -23.21
C LYS Q 103 -29.84 -54.36 -23.74
N SER Q 104 -30.47 -53.84 -24.79
CA SER Q 104 -30.13 -52.51 -25.28
C SER Q 104 -30.45 -51.43 -24.26
N LYS Q 105 -31.49 -51.63 -23.46
CA LYS Q 105 -31.83 -50.67 -22.43
C LYS Q 105 -30.91 -50.76 -21.23
N LEU Q 106 -30.14 -51.82 -21.12
CA LEU Q 106 -29.10 -51.89 -20.10
C LEU Q 106 -27.97 -50.99 -20.52
N LYS Q 107 -27.84 -49.87 -19.84
CA LYS Q 107 -26.77 -48.95 -20.11
C LYS Q 107 -25.94 -48.79 -18.84
N PRO Q 108 -24.62 -48.67 -18.96
CA PRO Q 108 -23.74 -48.75 -17.78
C PRO Q 108 -23.95 -47.65 -16.76
N GLY Q 109 -24.41 -48.06 -15.59
CA GLY Q 109 -24.81 -47.12 -14.58
C GLY Q 109 -26.24 -47.40 -14.16
N THR Q 110 -26.89 -48.36 -14.83
CA THR Q 110 -28.20 -48.82 -14.42
C THR Q 110 -28.04 -49.83 -13.31
N ARG Q 111 -29.13 -50.09 -12.61
CA ARG Q 111 -29.18 -51.10 -11.55
C ARG Q 111 -29.91 -52.31 -12.11
N VAL Q 112 -29.39 -53.49 -11.78
CA VAL Q 112 -30.02 -54.73 -12.15
C VAL Q 112 -30.28 -55.53 -10.87
N ALA Q 113 -31.27 -56.39 -10.96
CA ALA Q 113 -31.45 -57.47 -10.00
C ALA Q 113 -31.04 -58.77 -10.68
N LEU Q 114 -30.26 -59.56 -9.96
CA LEU Q 114 -29.66 -60.77 -10.48
C LEU Q 114 -30.34 -61.97 -9.87
N ASP Q 115 -30.09 -63.14 -10.43
CA ASP Q 115 -30.41 -64.37 -9.73
C ASP Q 115 -29.51 -64.49 -8.50
N MET Q 116 -29.96 -65.25 -7.51
CA MET Q 116 -29.12 -65.50 -6.34
C MET Q 116 -28.04 -66.53 -6.68
N THR Q 117 -28.45 -67.68 -7.19
CA THR Q 117 -27.52 -68.79 -7.37
C THR Q 117 -26.86 -68.74 -8.74
N THR Q 118 -27.65 -68.77 -9.80
CA THR Q 118 -27.13 -68.69 -11.16
C THR Q 118 -26.52 -67.33 -11.45
N LEU Q 119 -26.97 -66.30 -10.74
CA LEU Q 119 -26.41 -64.95 -10.67
C LEU Q 119 -26.58 -64.18 -11.98
N THR Q 120 -27.33 -64.73 -12.92
CA THR Q 120 -27.61 -64.04 -14.17
C THR Q 120 -28.65 -62.95 -13.94
N ILE Q 121 -28.73 -62.02 -14.92
CA ILE Q 121 -29.51 -60.81 -14.74
C ILE Q 121 -30.99 -61.15 -14.83
N MET Q 122 -31.78 -60.66 -13.87
CA MET Q 122 -33.21 -60.92 -13.81
C MET Q 122 -34.08 -59.73 -14.19
N ARG Q 123 -33.68 -58.51 -13.86
CA ARG Q 123 -34.51 -57.32 -14.05
C ARG Q 123 -33.59 -56.11 -13.93
N TYR Q 124 -34.10 -54.95 -14.31
CA TYR Q 124 -33.48 -53.65 -14.07
C TYR Q 124 -34.54 -52.69 -13.58
N LEU Q 125 -34.26 -51.95 -12.51
CA LEU Q 125 -35.23 -50.97 -12.02
C LEU Q 125 -35.15 -49.63 -12.75
N PRO Q 126 -35.19 -48.53 -12.00
CA PRO Q 126 -35.08 -47.26 -12.72
C PRO Q 126 -33.63 -47.09 -13.14
N ARG Q 127 -32.83 -47.03 -12.07
CA ARG Q 127 -31.41 -46.76 -11.92
C ARG Q 127 -30.95 -46.61 -10.47
N GLU Q 128 -31.42 -45.53 -9.84
CA GLU Q 128 -31.06 -45.07 -8.50
C GLU Q 128 -31.83 -43.78 -8.29
N VAL Q 129 -31.97 -43.30 -7.06
CA VAL Q 129 -32.68 -42.03 -6.87
C VAL Q 129 -31.98 -40.99 -5.99
N ASP Q 130 -31.10 -41.44 -5.06
CA ASP Q 130 -30.46 -40.59 -4.04
C ASP Q 130 -31.47 -39.77 -3.24
N PRO Q 131 -32.15 -40.38 -2.24
CA PRO Q 131 -33.39 -39.81 -1.68
C PRO Q 131 -33.31 -38.47 -0.94
N LEU Q 132 -32.16 -37.79 -0.94
CA LEU Q 132 -32.16 -36.37 -0.62
C LEU Q 132 -33.00 -35.56 -1.60
N VAL Q 133 -33.12 -36.05 -2.83
CA VAL Q 133 -33.97 -35.44 -3.84
C VAL Q 133 -35.45 -35.66 -3.51
N TYR Q 134 -35.77 -36.82 -2.90
CA TYR Q 134 -37.15 -37.16 -2.56
C TYR Q 134 -37.78 -36.17 -1.61
N ASN Q 135 -37.04 -35.77 -0.60
CA ASN Q 135 -37.58 -35.02 0.52
C ASN Q 135 -37.80 -33.55 0.19
N MET Q 136 -37.50 -33.12 -1.03
CA MET Q 136 -37.78 -31.77 -1.47
C MET Q 136 -38.50 -31.70 -2.80
N SER Q 137 -38.65 -32.82 -3.53
CA SER Q 137 -39.34 -32.80 -4.81
C SER Q 137 -40.82 -33.05 -4.65
N HIS Q 138 -41.17 -34.20 -4.07
CA HIS Q 138 -42.55 -34.54 -3.76
C HIS Q 138 -43.01 -33.90 -2.45
N GLU Q 139 -42.12 -33.17 -1.79
CA GLU Q 139 -42.47 -32.25 -0.72
C GLU Q 139 -43.36 -31.12 -1.20
N ASP Q 140 -43.26 -30.74 -2.48
CA ASP Q 140 -43.99 -29.67 -3.13
C ASP Q 140 -45.50 -29.90 -3.12
N PRO Q 141 -46.27 -29.00 -2.51
CA PRO Q 141 -47.73 -29.18 -2.49
C PRO Q 141 -48.43 -28.47 -3.64
N GLY Q 142 -49.61 -28.96 -4.01
CA GLY Q 142 -50.45 -28.24 -4.96
C GLY Q 142 -51.04 -27.00 -4.33
N ASN Q 143 -51.43 -26.06 -5.18
CA ASN Q 143 -51.85 -24.73 -4.73
C ASN Q 143 -53.11 -24.30 -5.50
N VAL Q 144 -53.69 -23.19 -5.04
CA VAL Q 144 -54.56 -22.38 -5.88
C VAL Q 144 -53.69 -21.70 -6.96
N SER Q 145 -54.31 -21.42 -8.10
CA SER Q 145 -53.59 -20.82 -9.22
C SER Q 145 -53.34 -19.34 -8.96
N TYR Q 146 -52.85 -18.64 -9.99
CA TYR Q 146 -52.39 -17.25 -9.98
C TYR Q 146 -53.52 -16.23 -9.71
N SER Q 147 -54.76 -16.67 -9.51
CA SER Q 147 -55.77 -15.83 -8.90
C SER Q 147 -55.40 -15.46 -7.46
N GLU Q 148 -54.60 -16.30 -6.79
CA GLU Q 148 -54.13 -16.02 -5.44
C GLU Q 148 -53.28 -14.75 -5.38
N ILE Q 149 -52.48 -14.51 -6.40
CA ILE Q 149 -51.68 -13.29 -6.48
C ILE Q 149 -52.42 -12.28 -7.34
N GLY Q 150 -51.96 -11.04 -7.27
CA GLY Q 150 -52.53 -10.01 -8.10
C GLY Q 150 -51.56 -8.87 -8.24
N GLY Q 151 -51.82 -8.04 -9.24
CA GLY Q 151 -50.99 -6.89 -9.50
C GLY Q 151 -49.67 -7.27 -10.13
N LEU Q 152 -49.61 -8.43 -10.75
CA LEU Q 152 -48.40 -8.94 -11.38
C LEU Q 152 -48.70 -9.52 -12.74
N SER Q 153 -49.69 -8.94 -13.43
CA SER Q 153 -50.20 -9.49 -14.68
C SER Q 153 -49.16 -9.39 -15.79
N GLU Q 154 -48.27 -8.40 -15.71
CA GLU Q 154 -47.15 -8.36 -16.63
C GLU Q 154 -46.18 -9.48 -16.34
N GLN Q 155 -45.96 -9.77 -15.06
CA GLN Q 155 -45.09 -10.86 -14.66
C GLN Q 155 -45.75 -12.20 -14.95
N ILE Q 156 -47.06 -12.29 -14.70
CA ILE Q 156 -47.83 -13.50 -14.98
C ILE Q 156 -47.81 -13.80 -16.47
N ARG Q 157 -48.04 -12.77 -17.28
CA ARG Q 157 -48.19 -12.99 -18.72
C ARG Q 157 -46.85 -13.20 -19.40
N GLU Q 158 -45.87 -12.35 -19.11
CA GLU Q 158 -44.59 -12.45 -19.82
C GLU Q 158 -43.74 -13.57 -19.25
N LEU Q 159 -43.78 -13.75 -17.94
CA LEU Q 159 -43.13 -14.92 -17.35
C LEU Q 159 -43.83 -16.20 -17.76
N ARG Q 160 -45.14 -16.12 -17.98
CA ARG Q 160 -45.89 -17.20 -18.62
C ARG Q 160 -45.40 -17.44 -20.03
N GLU Q 161 -45.03 -16.38 -20.75
CA GLU Q 161 -44.47 -16.54 -22.10
C GLU Q 161 -43.11 -17.21 -22.08
N VAL Q 162 -42.27 -16.91 -21.09
CA VAL Q 162 -40.93 -17.46 -21.07
C VAL Q 162 -40.90 -18.86 -20.46
N ILE Q 163 -41.94 -19.26 -19.72
CA ILE Q 163 -41.97 -20.56 -19.05
C ILE Q 163 -42.90 -21.53 -19.77
N GLU Q 164 -44.18 -21.18 -19.89
CA GLU Q 164 -45.19 -22.19 -20.18
C GLU Q 164 -45.23 -22.56 -21.65
N LEU Q 165 -44.81 -21.66 -22.53
CA LEU Q 165 -44.98 -21.86 -23.96
C LEU Q 165 -44.23 -23.06 -24.55
N PRO Q 166 -42.92 -23.28 -24.33
CA PRO Q 166 -42.27 -24.39 -25.03
C PRO Q 166 -42.58 -25.77 -24.44
N LEU Q 167 -43.49 -25.89 -23.50
CA LEU Q 167 -44.04 -27.20 -23.19
C LEU Q 167 -45.46 -27.35 -23.73
N THR Q 168 -46.23 -26.27 -23.75
CA THR Q 168 -47.52 -26.29 -24.45
C THR Q 168 -47.31 -26.40 -25.95
N ASN Q 169 -46.56 -25.46 -26.52
CA ASN Q 169 -46.16 -25.64 -27.90
C ASN Q 169 -44.78 -25.05 -28.14
N PRO Q 170 -43.75 -25.90 -28.20
CA PRO Q 170 -42.43 -25.44 -28.63
C PRO Q 170 -42.29 -25.31 -30.14
N GLU Q 171 -43.31 -25.64 -30.92
CA GLU Q 171 -43.17 -25.65 -32.35
C GLU Q 171 -43.55 -24.32 -32.99
N LEU Q 172 -44.21 -23.44 -32.25
CA LEU Q 172 -44.30 -22.06 -32.69
C LEU Q 172 -42.92 -21.41 -32.66
N PHE Q 173 -42.13 -21.76 -31.64
CA PHE Q 173 -40.70 -21.42 -31.64
C PHE Q 173 -40.00 -22.04 -32.83
N GLN Q 174 -40.40 -23.25 -33.22
CA GLN Q 174 -39.83 -23.94 -34.35
C GLN Q 174 -40.45 -23.53 -35.67
N ARG Q 175 -41.70 -23.04 -35.66
CA ARG Q 175 -42.19 -22.33 -36.82
C ARG Q 175 -41.36 -21.09 -37.08
N VAL Q 176 -40.99 -20.38 -36.00
CA VAL Q 176 -39.95 -19.39 -36.13
C VAL Q 176 -38.61 -20.06 -36.43
N GLY Q 177 -38.30 -21.15 -35.72
CA GLY Q 177 -37.01 -21.78 -35.80
C GLY Q 177 -36.14 -21.56 -34.58
N ILE Q 178 -36.28 -20.42 -33.91
CA ILE Q 178 -35.38 -20.01 -32.85
C ILE Q 178 -35.68 -20.81 -31.59
N ILE Q 179 -34.61 -21.23 -30.91
CA ILE Q 179 -34.64 -21.96 -29.64
C ILE Q 179 -35.36 -21.14 -28.59
N PRO Q 180 -36.23 -21.74 -27.78
CA PRO Q 180 -36.84 -21.00 -26.68
C PRO Q 180 -35.81 -20.66 -25.62
N PRO Q 181 -36.07 -19.64 -24.79
CA PRO Q 181 -35.15 -19.32 -23.68
C PRO Q 181 -35.17 -20.34 -22.57
N LYS Q 182 -34.40 -20.09 -21.52
CA LYS Q 182 -34.11 -21.09 -20.50
C LYS Q 182 -34.71 -20.76 -19.14
N GLY Q 183 -34.37 -19.61 -18.56
CA GLY Q 183 -34.82 -19.30 -17.22
C GLY Q 183 -34.68 -17.84 -16.93
N CYS Q 184 -35.15 -17.45 -15.74
CA CYS Q 184 -35.15 -16.06 -15.31
C CYS Q 184 -34.87 -15.96 -13.82
N LEU Q 185 -34.79 -14.74 -13.33
CA LEU Q 185 -34.55 -14.47 -11.91
C LEU Q 185 -35.49 -13.39 -11.41
N LEU Q 186 -36.21 -13.70 -10.34
CA LEU Q 186 -37.08 -12.75 -9.67
C LEU Q 186 -36.34 -12.11 -8.51
N TYR Q 187 -36.63 -10.84 -8.25
CA TYR Q 187 -35.99 -10.13 -7.17
C TYR Q 187 -36.93 -9.09 -6.61
N GLY Q 188 -36.38 -8.21 -5.78
CA GLY Q 188 -37.15 -7.21 -5.09
C GLY Q 188 -36.91 -7.33 -3.60
N PRO Q 189 -37.86 -6.86 -2.79
CA PRO Q 189 -37.77 -7.05 -1.36
C PRO Q 189 -38.00 -8.52 -1.01
N PRO Q 190 -37.47 -9.00 0.10
CA PRO Q 190 -37.68 -10.40 0.48
C PRO Q 190 -39.12 -10.64 0.94
N GLY Q 191 -39.56 -11.88 0.74
CA GLY Q 191 -40.85 -12.31 1.23
C GLY Q 191 -42.04 -11.69 0.54
N THR Q 192 -41.84 -11.04 -0.60
CA THR Q 192 -42.93 -10.45 -1.36
C THR Q 192 -43.74 -11.48 -2.12
N GLY Q 193 -43.45 -12.76 -1.97
CA GLY Q 193 -44.25 -13.79 -2.59
C GLY Q 193 -43.58 -14.38 -3.80
N LYS Q 194 -42.24 -14.34 -3.82
CA LYS Q 194 -41.50 -15.07 -4.84
C LYS Q 194 -41.76 -16.57 -4.71
N THR Q 195 -41.67 -17.06 -3.47
CA THR Q 195 -42.01 -18.45 -3.18
C THR Q 195 -43.48 -18.71 -3.44
N LEU Q 196 -44.32 -17.73 -3.12
CA LEU Q 196 -45.75 -17.85 -3.37
C LEU Q 196 -46.06 -17.88 -4.86
N LEU Q 197 -45.34 -17.09 -5.65
CA LEU Q 197 -45.50 -17.12 -7.10
C LEU Q 197 -45.02 -18.45 -7.66
N ALA Q 198 -43.93 -18.97 -7.10
CA ALA Q 198 -43.46 -20.30 -7.49
C ALA Q 198 -44.48 -21.37 -7.14
N ARG Q 199 -45.23 -21.17 -6.07
CA ARG Q 199 -46.30 -22.11 -5.74
C ARG Q 199 -47.49 -21.93 -6.66
N ALA Q 200 -47.68 -20.72 -7.20
CA ALA Q 200 -48.70 -20.53 -8.22
C ALA Q 200 -48.32 -21.25 -9.51
N VAL Q 201 -47.04 -21.24 -9.86
CA VAL Q 201 -46.58 -22.06 -10.99
C VAL Q 201 -46.72 -23.54 -10.67
N ALA Q 202 -46.47 -23.91 -9.40
CA ALA Q 202 -46.66 -25.26 -8.89
C ALA Q 202 -48.10 -25.71 -8.95
N SER Q 203 -49.03 -24.77 -8.91
CA SER Q 203 -50.43 -25.05 -9.19
C SER Q 203 -50.75 -25.04 -10.66
N GLN Q 204 -49.94 -24.38 -11.48
CA GLN Q 204 -50.37 -24.22 -12.86
C GLN Q 204 -49.99 -25.43 -13.72
N LEU Q 205 -48.72 -25.85 -13.66
CA LEU Q 205 -48.28 -26.93 -14.54
C LEU Q 205 -48.56 -28.30 -13.95
N ASP Q 206 -48.40 -28.44 -12.62
CA ASP Q 206 -48.80 -29.62 -11.84
C ASP Q 206 -48.06 -30.90 -12.23
N CYS Q 207 -46.84 -30.78 -12.76
CA CYS Q 207 -46.22 -31.95 -13.37
C CYS Q 207 -44.94 -32.43 -12.69
N ASN Q 208 -43.87 -31.64 -12.70
CA ASN Q 208 -42.53 -32.20 -12.56
C ASN Q 208 -41.66 -31.32 -11.67
N PHE Q 209 -42.21 -30.90 -10.54
CA PHE Q 209 -41.60 -29.82 -9.78
C PHE Q 209 -40.49 -30.31 -8.86
N LEU Q 210 -39.32 -29.75 -9.09
CA LEU Q 210 -38.11 -30.03 -8.33
C LEU Q 210 -37.71 -28.71 -7.72
N LYS Q 211 -38.13 -28.48 -6.48
CA LYS Q 211 -37.93 -27.20 -5.83
C LYS Q 211 -37.01 -27.41 -4.64
N VAL Q 212 -35.90 -26.68 -4.66
CA VAL Q 212 -34.81 -26.88 -3.71
C VAL Q 212 -34.65 -25.57 -2.94
N VAL Q 213 -34.48 -25.67 -1.62
CA VAL Q 213 -34.21 -24.50 -0.80
C VAL Q 213 -32.84 -23.93 -1.08
N SER Q 214 -31.92 -24.73 -1.62
CA SER Q 214 -30.70 -24.27 -2.29
C SER Q 214 -29.71 -23.57 -1.35
N SER Q 215 -29.68 -24.04 -0.10
CA SER Q 215 -28.60 -23.73 0.82
C SER Q 215 -28.15 -24.91 1.66
N SER Q 216 -28.83 -26.04 1.56
CA SER Q 216 -28.49 -27.26 2.27
C SER Q 216 -27.58 -28.19 1.47
N ILE Q 217 -26.70 -27.63 0.63
CA ILE Q 217 -25.98 -28.45 -0.33
C ILE Q 217 -24.58 -28.77 0.17
N VAL Q 218 -23.98 -27.85 0.91
CA VAL Q 218 -22.61 -28.00 1.43
C VAL Q 218 -22.68 -28.55 2.85
N ASP Q 219 -22.47 -29.86 3.01
CA ASP Q 219 -22.64 -30.44 4.33
C ASP Q 219 -21.39 -30.25 5.18
N LYS Q 220 -20.32 -31.01 4.89
CA LYS Q 220 -18.97 -30.55 5.22
C LYS Q 220 -17.97 -31.04 4.19
N TYR Q 221 -18.39 -31.72 3.13
CA TYR Q 221 -17.50 -32.30 2.14
C TYR Q 221 -17.39 -31.35 0.96
N ILE Q 222 -16.58 -31.72 -0.02
CA ILE Q 222 -16.28 -30.87 -1.16
C ILE Q 222 -17.18 -31.20 -2.34
N GLY Q 223 -17.05 -32.40 -2.89
CA GLY Q 223 -17.75 -32.77 -4.11
C GLY Q 223 -19.08 -33.44 -3.86
N GLU Q 224 -19.44 -33.61 -2.59
CA GLU Q 224 -20.76 -34.12 -2.23
C GLU Q 224 -21.85 -33.17 -2.70
N SER Q 225 -21.60 -31.87 -2.55
CA SER Q 225 -22.47 -30.83 -3.09
C SER Q 225 -22.61 -30.98 -4.59
N ALA Q 226 -21.48 -31.13 -5.28
CA ALA Q 226 -21.48 -31.34 -6.71
C ALA Q 226 -22.19 -32.63 -7.07
N ARG Q 227 -21.98 -33.69 -6.30
CA ARG Q 227 -22.58 -34.99 -6.62
C ARG Q 227 -24.10 -34.95 -6.50
N LEU Q 228 -24.60 -34.19 -5.52
CA LEU Q 228 -26.03 -33.92 -5.46
C LEU Q 228 -26.50 -33.11 -6.65
N ILE Q 229 -25.69 -32.15 -7.10
CA ILE Q 229 -26.03 -31.35 -8.28
C ILE Q 229 -26.11 -32.22 -9.53
N ARG Q 230 -25.12 -33.09 -9.71
CA ARG Q 230 -25.11 -34.02 -10.84
C ARG Q 230 -26.28 -34.98 -10.78
N GLU Q 231 -26.63 -35.44 -9.58
CA GLU Q 231 -27.75 -36.38 -9.47
C GLU Q 231 -29.08 -35.70 -9.79
N MET Q 232 -29.26 -34.47 -9.31
CA MET Q 232 -30.48 -33.74 -9.62
C MET Q 232 -30.57 -33.41 -11.10
N PHE Q 233 -29.43 -33.06 -11.71
CA PHE Q 233 -29.46 -32.72 -13.13
C PHE Q 233 -29.57 -33.97 -14.00
N ASN Q 234 -29.19 -35.11 -13.47
CA ASN Q 234 -29.41 -36.34 -14.21
C ASN Q 234 -30.84 -36.81 -14.09
N TYR Q 235 -31.46 -36.60 -12.94
CA TYR Q 235 -32.89 -36.85 -12.80
C TYR Q 235 -33.69 -35.88 -13.67
N ALA Q 236 -33.22 -34.65 -13.79
CA ALA Q 236 -33.81 -33.69 -14.72
C ALA Q 236 -33.54 -34.07 -16.16
N ARG Q 237 -32.43 -34.74 -16.41
CA ARG Q 237 -32.17 -35.25 -17.75
C ARG Q 237 -33.05 -36.46 -18.04
N ASP Q 238 -33.45 -37.18 -16.99
CA ASP Q 238 -34.33 -38.33 -17.14
C ASP Q 238 -35.72 -37.89 -17.56
N HIS Q 239 -36.38 -37.12 -16.71
CA HIS Q 239 -37.75 -36.75 -16.99
C HIS Q 239 -37.75 -35.53 -17.88
N GLN Q 240 -38.57 -35.58 -18.92
CA GLN Q 240 -38.56 -34.53 -19.95
C GLN Q 240 -39.01 -33.18 -19.41
N PRO Q 241 -40.29 -33.00 -18.88
CA PRO Q 241 -40.78 -31.64 -18.63
C PRO Q 241 -40.44 -31.12 -17.23
N CYS Q 242 -39.19 -31.29 -16.81
CA CYS Q 242 -38.79 -30.96 -15.45
C CYS Q 242 -38.81 -29.46 -15.20
N ILE Q 243 -39.18 -29.10 -13.98
CA ILE Q 243 -39.17 -27.73 -13.51
C ILE Q 243 -38.24 -27.66 -12.31
N ILE Q 244 -37.35 -26.67 -12.32
CA ILE Q 244 -36.44 -26.42 -11.21
C ILE Q 244 -36.89 -25.12 -10.58
N PHE Q 245 -36.90 -25.08 -9.25
CA PHE Q 245 -36.98 -23.81 -8.55
C PHE Q 245 -35.92 -23.76 -7.49
N MET Q 246 -35.26 -22.62 -7.37
CA MET Q 246 -34.26 -22.40 -6.35
C MET Q 246 -34.51 -21.07 -5.67
N ASP Q 247 -34.20 -21.04 -4.38
CA ASP Q 247 -34.36 -19.85 -3.57
C ASP Q 247 -33.08 -19.66 -2.77
N GLU Q 248 -32.91 -18.45 -2.20
CA GLU Q 248 -31.71 -17.99 -1.45
C GLU Q 248 -30.40 -18.44 -2.10
N ILE Q 249 -30.21 -17.99 -3.34
CA ILE Q 249 -29.07 -18.39 -4.16
C ILE Q 249 -27.75 -17.85 -3.61
N ASP Q 250 -27.81 -16.81 -2.79
CA ASP Q 250 -26.61 -16.11 -2.34
C ASP Q 250 -25.79 -16.93 -1.37
N ALA Q 251 -26.40 -17.96 -0.77
CA ALA Q 251 -25.63 -18.88 0.06
C ALA Q 251 -24.99 -19.98 -0.77
N ILE Q 252 -25.28 -20.02 -2.07
CA ILE Q 252 -24.73 -21.08 -2.90
C ILE Q 252 -24.23 -20.53 -4.23
N GLY Q 253 -24.66 -19.32 -4.60
CA GLY Q 253 -24.12 -18.67 -5.78
C GLY Q 253 -22.86 -17.90 -5.46
N GLY Q 254 -23.00 -16.90 -4.60
CA GLY Q 254 -21.87 -16.15 -4.13
C GLY Q 254 -21.17 -15.31 -5.20
N ARG Q 255 -20.01 -14.79 -4.81
CA ARG Q 255 -19.19 -13.94 -5.65
C ARG Q 255 -17.75 -14.43 -5.56
N ARG Q 256 -17.07 -14.47 -6.71
CA ARG Q 256 -15.66 -14.86 -6.74
C ARG Q 256 -14.80 -13.63 -6.52
N PHE Q 257 -14.24 -13.51 -5.31
CA PHE Q 257 -13.22 -12.52 -5.04
C PHE Q 257 -11.86 -13.19 -5.20
N SER Q 258 -10.80 -12.49 -4.81
CA SER Q 258 -9.49 -13.10 -4.75
C SER Q 258 -9.47 -14.17 -3.67
N GLU Q 259 -8.86 -15.31 -4.02
CA GLU Q 259 -8.90 -16.48 -3.16
C GLU Q 259 -7.91 -16.34 -2.01
N GLY Q 260 -8.48 -16.15 -0.82
CA GLY Q 260 -7.74 -16.02 0.42
C GLY Q 260 -8.48 -16.75 1.54
N THR Q 261 -9.73 -17.14 1.27
CA THR Q 261 -10.56 -17.84 2.23
C THR Q 261 -10.41 -19.36 2.08
N SER Q 262 -11.39 -20.10 2.56
CA SER Q 262 -11.32 -21.56 2.46
C SER Q 262 -12.66 -22.29 2.53
N ALA Q 263 -13.77 -21.57 2.36
CA ALA Q 263 -15.07 -22.27 2.41
C ALA Q 263 -16.03 -21.84 1.31
N ASP Q 264 -15.85 -20.66 0.70
CA ASP Q 264 -16.63 -20.34 -0.49
C ASP Q 264 -15.85 -20.51 -1.78
N ARG Q 265 -14.62 -21.01 -1.73
CA ARG Q 265 -14.05 -21.67 -2.89
C ARG Q 265 -14.88 -22.90 -3.23
N GLU Q 266 -15.40 -23.59 -2.21
CA GLU Q 266 -16.39 -24.66 -2.43
C GLU Q 266 -17.60 -24.13 -3.18
N ILE Q 267 -17.99 -22.90 -2.88
CA ILE Q 267 -19.08 -22.22 -3.57
C ILE Q 267 -18.60 -21.72 -4.94
N GLN Q 268 -17.29 -21.61 -5.13
CA GLN Q 268 -16.81 -21.29 -6.47
C GLN Q 268 -16.83 -22.52 -7.37
N ARG Q 269 -16.37 -23.68 -6.86
CA ARG Q 269 -16.42 -24.92 -7.63
C ARG Q 269 -17.86 -25.38 -7.85
N THR Q 270 -18.67 -25.36 -6.79
CA THR Q 270 -20.10 -25.62 -6.89
C THR Q 270 -20.78 -24.61 -7.81
N LEU Q 271 -20.33 -23.36 -7.75
CA LEU Q 271 -20.80 -22.34 -8.67
C LEU Q 271 -20.41 -22.67 -10.10
N MET Q 272 -19.28 -23.35 -10.28
CA MET Q 272 -18.85 -23.75 -11.61
C MET Q 272 -19.57 -25.00 -12.08
N GLU Q 273 -20.05 -25.81 -11.14
CA GLU Q 273 -21.02 -26.85 -11.48
C GLU Q 273 -22.29 -26.22 -12.00
N LEU Q 274 -22.62 -25.04 -11.50
CA LEU Q 274 -23.73 -24.31 -12.10
C LEU Q 274 -23.34 -23.69 -13.44
N LEU Q 275 -22.10 -23.22 -13.57
CA LEU Q 275 -21.70 -22.51 -14.78
C LEU Q 275 -21.64 -23.46 -15.96
N ASN Q 276 -21.06 -24.64 -15.76
CA ASN Q 276 -21.13 -25.66 -16.79
C ASN Q 276 -22.55 -26.21 -16.89
N GLN Q 277 -23.10 -26.64 -15.77
CA GLN Q 277 -24.23 -27.56 -15.80
C GLN Q 277 -25.57 -26.85 -15.87
N MET Q 278 -25.59 -25.55 -16.07
CA MET Q 278 -26.76 -24.93 -16.66
C MET Q 278 -26.69 -24.92 -18.18
N ASP Q 279 -25.51 -25.14 -18.74
CA ASP Q 279 -25.34 -25.28 -20.18
C ASP Q 279 -24.92 -26.70 -20.54
N GLY Q 280 -23.80 -27.18 -20.01
CA GLY Q 280 -23.28 -28.49 -20.35
C GLY Q 280 -22.80 -28.54 -21.80
N PHE Q 281 -22.60 -29.77 -22.27
CA PHE Q 281 -22.55 -29.97 -23.71
C PHE Q 281 -23.95 -30.15 -24.25
N ASP Q 282 -24.70 -31.08 -23.67
CA ASP Q 282 -26.12 -31.21 -23.97
C ASP Q 282 -26.88 -30.11 -23.28
N THR Q 283 -27.67 -29.36 -24.05
CA THR Q 283 -28.60 -28.43 -23.45
C THR Q 283 -29.70 -29.18 -22.73
N LEU Q 284 -30.28 -28.55 -21.74
CA LEU Q 284 -31.38 -29.17 -21.05
C LEU Q 284 -32.65 -29.02 -21.88
N HIS Q 285 -33.38 -30.12 -22.00
CA HIS Q 285 -34.55 -30.20 -22.85
C HIS Q 285 -35.76 -30.21 -21.95
N ARG Q 286 -36.57 -29.15 -22.07
CA ARG Q 286 -37.77 -28.91 -21.25
C ARG Q 286 -37.46 -28.92 -19.76
N VAL Q 287 -36.27 -28.46 -19.39
CA VAL Q 287 -35.91 -28.35 -17.99
C VAL Q 287 -35.77 -26.86 -17.68
N LYS Q 288 -36.83 -26.27 -17.16
CA LYS Q 288 -36.83 -24.85 -16.85
C LYS Q 288 -36.17 -24.63 -15.50
N MET Q 289 -35.58 -23.45 -15.34
CA MET Q 289 -34.91 -23.07 -14.11
C MET Q 289 -35.47 -21.75 -13.61
N ILE Q 290 -36.20 -21.80 -12.50
CA ILE Q 290 -36.82 -20.63 -11.92
C ILE Q 290 -36.01 -20.23 -10.70
N MET Q 291 -35.48 -19.01 -10.75
CA MET Q 291 -34.55 -18.55 -9.75
C MET Q 291 -35.16 -17.39 -9.00
N ALA Q 292 -34.95 -17.40 -7.68
CA ALA Q 292 -35.45 -16.33 -6.82
C ALA Q 292 -34.40 -16.07 -5.76
N THR Q 293 -34.04 -14.80 -5.59
CA THR Q 293 -33.09 -14.39 -4.57
C THR Q 293 -33.61 -13.12 -3.90
N ASN Q 294 -32.92 -12.73 -2.84
CA ASN Q 294 -33.19 -11.45 -2.22
C ASN Q 294 -32.18 -10.39 -2.60
N ARG Q 295 -30.88 -10.71 -2.55
CA ARG Q 295 -29.91 -9.81 -3.15
C ARG Q 295 -29.35 -10.42 -4.44
N PRO Q 296 -29.74 -9.88 -5.59
CA PRO Q 296 -29.09 -10.27 -6.85
C PRO Q 296 -27.86 -9.45 -7.21
N ASP Q 297 -27.24 -8.78 -6.25
CA ASP Q 297 -26.04 -8.01 -6.54
C ASP Q 297 -24.79 -8.88 -6.42
N THR Q 298 -24.70 -9.64 -5.33
CA THR Q 298 -23.51 -10.42 -5.00
C THR Q 298 -23.39 -11.71 -5.79
N LEU Q 299 -24.28 -11.99 -6.73
CA LEU Q 299 -24.09 -13.17 -7.55
C LEU Q 299 -23.03 -12.91 -8.61
N ASP Q 300 -22.55 -13.97 -9.22
CA ASP Q 300 -21.45 -13.87 -10.17
C ASP Q 300 -21.92 -13.23 -11.46
N PRO Q 301 -21.20 -12.21 -11.98
CA PRO Q 301 -21.54 -11.65 -13.30
C PRO Q 301 -21.36 -12.63 -14.46
N ALA Q 302 -20.59 -13.71 -14.24
CA ALA Q 302 -20.54 -14.79 -15.21
C ALA Q 302 -21.89 -15.49 -15.33
N LEU Q 303 -22.59 -15.65 -14.22
CA LEU Q 303 -23.97 -16.13 -14.25
C LEU Q 303 -24.90 -15.13 -14.91
N LEU Q 304 -24.63 -13.83 -14.79
CA LEU Q 304 -25.57 -12.80 -15.17
C LEU Q 304 -25.69 -12.60 -16.68
N ARG Q 305 -24.96 -13.37 -17.49
CA ARG Q 305 -25.12 -13.26 -18.93
C ARG Q 305 -26.38 -13.99 -19.36
N PRO Q 306 -27.09 -13.51 -20.38
CA PRO Q 306 -28.34 -14.16 -20.79
C PRO Q 306 -28.09 -15.49 -21.49
N GLY Q 307 -29.18 -16.21 -21.70
CA GLY Q 307 -29.08 -17.56 -22.20
C GLY Q 307 -29.14 -18.56 -21.06
N ARG Q 308 -28.24 -18.41 -20.08
CA ARG Q 308 -28.37 -19.11 -18.81
C ARG Q 308 -29.64 -18.67 -18.10
N LEU Q 309 -29.67 -17.40 -17.71
CA LEU Q 309 -30.88 -16.77 -17.20
C LEU Q 309 -31.20 -15.58 -18.09
N ASP Q 310 -32.40 -15.58 -18.66
CA ASP Q 310 -32.74 -14.64 -19.71
C ASP Q 310 -32.94 -13.23 -19.17
N ARG Q 311 -33.61 -13.09 -18.03
CA ARG Q 311 -34.05 -11.77 -17.63
C ARG Q 311 -34.22 -11.73 -16.11
N LYS Q 312 -33.97 -10.56 -15.55
CA LYS Q 312 -34.17 -10.31 -14.12
C LYS Q 312 -35.41 -9.46 -13.97
N ILE Q 313 -36.47 -10.06 -13.46
CA ILE Q 313 -37.77 -9.41 -13.35
C ILE Q 313 -37.99 -8.97 -11.91
N HIS Q 314 -38.41 -7.73 -11.74
CA HIS Q 314 -38.57 -7.13 -10.44
C HIS Q 314 -39.94 -7.46 -9.87
N ILE Q 315 -39.98 -7.86 -8.61
CA ILE Q 315 -41.22 -7.98 -7.85
C ILE Q 315 -41.20 -6.92 -6.76
N ASP Q 316 -42.25 -6.11 -6.72
CA ASP Q 316 -42.28 -4.92 -5.87
C ASP Q 316 -42.95 -5.24 -4.53
N LEU Q 317 -43.26 -4.19 -3.77
CA LEU Q 317 -44.15 -4.27 -2.63
C LEU Q 317 -45.59 -4.26 -3.13
N PRO Q 318 -46.54 -4.85 -2.39
CA PRO Q 318 -47.92 -4.92 -2.89
C PRO Q 318 -48.62 -3.57 -3.01
N ASN Q 319 -49.26 -3.33 -4.15
CA ASN Q 319 -50.09 -2.15 -4.32
C ASN Q 319 -51.43 -2.38 -3.64
N GLU Q 320 -52.37 -1.47 -3.91
CA GLU Q 320 -53.54 -1.36 -3.05
C GLU Q 320 -54.63 -2.36 -3.44
N GLN Q 321 -54.67 -2.79 -4.70
CA GLN Q 321 -55.49 -3.97 -5.00
C GLN Q 321 -54.69 -5.26 -4.80
N ALA Q 322 -53.39 -5.15 -4.54
CA ALA Q 322 -52.66 -6.34 -4.14
C ALA Q 322 -52.83 -6.56 -2.64
N ARG Q 323 -52.67 -5.47 -1.88
CA ARG Q 323 -53.04 -5.48 -0.46
C ARG Q 323 -54.52 -5.79 -0.29
N LEU Q 324 -55.36 -5.25 -1.16
CA LEU Q 324 -56.79 -5.43 -0.95
C LEU Q 324 -57.25 -6.78 -1.47
N ASP Q 325 -56.92 -7.11 -2.73
CA ASP Q 325 -57.42 -8.35 -3.30
C ASP Q 325 -56.78 -9.56 -2.64
N ILE Q 326 -55.47 -9.48 -2.36
CA ILE Q 326 -54.82 -10.50 -1.56
C ILE Q 326 -55.36 -10.50 -0.13
N LEU Q 327 -55.76 -9.33 0.38
CA LEU Q 327 -56.38 -9.26 1.71
C LEU Q 327 -57.77 -9.86 1.73
N LYS Q 328 -58.48 -9.82 0.59
CA LYS Q 328 -59.84 -10.31 0.53
C LYS Q 328 -59.86 -11.81 0.27
N ILE Q 329 -58.83 -12.31 -0.41
CA ILE Q 329 -58.53 -13.74 -0.34
C ILE Q 329 -58.26 -14.13 1.10
N HIS Q 330 -57.53 -13.28 1.82
CA HIS Q 330 -57.36 -13.50 3.25
C HIS Q 330 -58.59 -13.12 4.07
N ALA Q 331 -59.53 -12.38 3.51
CA ALA Q 331 -60.77 -12.08 4.21
C ALA Q 331 -61.88 -13.07 3.90
N GLY Q 332 -61.55 -14.22 3.32
CA GLY Q 332 -62.53 -15.21 2.97
C GLY Q 332 -63.19 -15.89 4.15
N PRO Q 333 -62.44 -16.77 4.89
CA PRO Q 333 -63.03 -17.57 5.97
C PRO Q 333 -63.19 -16.81 7.27
N ILE Q 334 -63.89 -15.69 7.23
CA ILE Q 334 -63.97 -14.76 8.34
C ILE Q 334 -65.43 -14.49 8.65
N THR Q 335 -65.79 -14.61 9.94
CA THR Q 335 -67.16 -14.44 10.41
C THR Q 335 -67.42 -12.96 10.68
N LYS Q 336 -67.34 -12.18 9.61
CA LYS Q 336 -67.43 -10.73 9.67
C LYS Q 336 -68.88 -10.28 9.66
N HIS Q 337 -69.06 -8.98 9.46
CA HIS Q 337 -70.37 -8.39 9.26
C HIS Q 337 -70.24 -7.33 8.18
N GLY Q 338 -71.27 -6.51 8.03
CA GLY Q 338 -71.22 -5.34 7.18
C GLY Q 338 -70.56 -4.18 7.89
N GLU Q 339 -69.31 -4.36 8.28
CA GLU Q 339 -68.59 -3.41 9.11
C GLU Q 339 -67.20 -3.16 8.55
N ILE Q 340 -66.73 -3.99 7.65
CA ILE Q 340 -65.29 -4.07 7.41
C ILE Q 340 -64.86 -2.94 6.50
N ASP Q 341 -64.47 -1.82 7.11
CA ASP Q 341 -63.71 -0.76 6.45
C ASP Q 341 -62.34 -1.32 6.15
N TYR Q 342 -62.14 -1.66 4.88
CA TYR Q 342 -60.87 -2.22 4.46
C TYR Q 342 -59.81 -1.14 4.28
N GLU Q 343 -60.21 0.12 4.11
CA GLU Q 343 -59.20 1.13 3.84
C GLU Q 343 -58.63 1.71 5.13
N ALA Q 344 -59.30 1.45 6.25
CA ALA Q 344 -58.65 1.58 7.55
C ALA Q 344 -57.38 0.75 7.59
N ILE Q 345 -57.50 -0.52 7.18
CA ILE Q 345 -56.34 -1.40 7.04
C ILE Q 345 -55.39 -0.86 5.97
N VAL Q 346 -55.86 -0.75 4.73
CA VAL Q 346 -54.99 -0.59 3.58
C VAL Q 346 -54.34 0.80 3.56
N LYS Q 347 -55.13 1.84 3.76
CA LYS Q 347 -54.54 3.17 3.86
C LYS Q 347 -53.75 3.33 5.16
N LEU Q 348 -54.18 2.66 6.24
CA LEU Q 348 -53.28 2.60 7.39
C LEU Q 348 -52.15 1.60 7.21
N SER Q 349 -52.17 0.78 6.15
CA SER Q 349 -51.01 -0.02 5.78
C SER Q 349 -50.10 0.81 4.89
N ASP Q 350 -48.87 0.33 4.70
CA ASP Q 350 -47.89 0.99 3.85
C ASP Q 350 -47.06 -0.04 3.08
N GLY Q 351 -47.74 -1.04 2.51
CA GLY Q 351 -47.02 -2.05 1.77
C GLY Q 351 -46.77 -3.27 2.63
N PHE Q 352 -47.58 -4.31 2.44
CA PHE Q 352 -47.52 -5.47 3.31
C PHE Q 352 -47.84 -6.71 2.48
N ASN Q 353 -46.97 -7.72 2.58
CA ASN Q 353 -47.02 -8.86 1.70
C ASN Q 353 -48.20 -9.77 2.06
N GLY Q 354 -48.32 -10.87 1.32
CA GLY Q 354 -49.43 -11.79 1.52
C GLY Q 354 -49.40 -12.45 2.88
N ALA Q 355 -48.21 -12.80 3.36
CA ALA Q 355 -48.06 -13.27 4.72
C ALA Q 355 -48.21 -12.15 5.76
N ASP Q 356 -47.99 -10.91 5.36
CA ASP Q 356 -48.26 -9.80 6.26
C ASP Q 356 -49.76 -9.55 6.34
N LEU Q 357 -50.52 -9.93 5.31
CA LEU Q 357 -51.96 -9.85 5.40
C LEU Q 357 -52.52 -11.10 6.09
N ARG Q 358 -51.77 -12.20 6.06
CA ARG Q 358 -52.01 -13.28 7.00
C ARG Q 358 -51.78 -12.79 8.43
N ASN Q 359 -50.81 -11.90 8.61
CA ASN Q 359 -50.55 -11.36 9.93
C ASN Q 359 -51.66 -10.40 10.35
N VAL Q 360 -52.18 -9.62 9.39
CA VAL Q 360 -53.25 -8.67 9.68
C VAL Q 360 -54.55 -9.39 9.99
N CYS Q 361 -54.98 -10.29 9.10
CA CYS Q 361 -56.23 -11.01 9.32
C CYS Q 361 -56.12 -11.97 10.50
N THR Q 362 -54.96 -12.62 10.64
CA THR Q 362 -54.78 -13.61 11.69
C THR Q 362 -54.75 -12.95 13.06
N GLU Q 363 -53.90 -11.94 13.22
CA GLU Q 363 -53.79 -11.33 14.54
C GLU Q 363 -54.95 -10.38 14.83
N ALA Q 364 -55.60 -9.87 13.79
CA ALA Q 364 -56.89 -9.19 13.99
C ALA Q 364 -57.91 -10.18 14.53
N GLY Q 365 -57.93 -11.39 13.98
CA GLY Q 365 -58.74 -12.44 14.58
C GLY Q 365 -58.28 -12.83 15.96
N MET Q 366 -56.99 -12.64 16.27
CA MET Q 366 -56.52 -12.89 17.62
C MET Q 366 -57.06 -11.84 18.57
N PHE Q 367 -57.22 -10.61 18.10
CA PHE Q 367 -57.93 -9.62 18.91
C PHE Q 367 -59.43 -9.91 18.94
N ALA Q 368 -59.95 -10.67 17.97
CA ALA Q 368 -61.33 -11.12 18.06
C ALA Q 368 -61.47 -12.23 19.10
N ILE Q 369 -60.40 -13.02 19.30
CA ILE Q 369 -60.35 -13.96 20.41
C ILE Q 369 -60.24 -13.21 21.73
N ARG Q 370 -59.56 -12.05 21.72
CA ARG Q 370 -59.56 -11.17 22.88
C ARG Q 370 -60.96 -10.67 23.15
N ALA Q 371 -61.44 -10.96 24.37
CA ALA Q 371 -62.82 -10.79 24.87
C ALA Q 371 -63.84 -11.68 24.14
N ASP Q 372 -63.35 -12.64 23.34
CA ASP Q 372 -64.12 -13.74 22.76
C ASP Q 372 -65.30 -13.26 21.91
N HIS Q 373 -65.01 -12.29 21.05
CA HIS Q 373 -65.98 -11.91 20.02
C HIS Q 373 -66.01 -13.02 19.00
N ASP Q 374 -67.04 -13.88 19.08
CA ASP Q 374 -67.18 -15.01 18.16
C ASP Q 374 -67.38 -14.57 16.71
N PHE Q 375 -67.90 -13.36 16.51
CA PHE Q 375 -68.01 -12.72 15.21
C PHE Q 375 -66.67 -12.07 14.88
N VAL Q 376 -66.64 -11.24 13.84
CA VAL Q 376 -65.43 -10.49 13.50
C VAL Q 376 -65.79 -9.01 13.42
N VAL Q 377 -65.14 -8.22 14.26
CA VAL Q 377 -65.31 -6.77 14.27
C VAL Q 377 -64.17 -6.13 13.48
N GLN Q 378 -64.45 -4.98 12.87
CA GLN Q 378 -63.46 -4.30 12.04
C GLN Q 378 -62.33 -3.70 12.86
N GLU Q 379 -62.60 -3.31 14.11
CA GLU Q 379 -61.64 -2.51 14.87
C GLU Q 379 -60.41 -3.29 15.29
N ASP Q 380 -60.50 -4.63 15.25
CA ASP Q 380 -59.34 -5.45 15.52
C ASP Q 380 -58.35 -5.45 14.37
N PHE Q 381 -58.82 -5.15 13.17
CA PHE Q 381 -57.94 -5.06 12.01
C PHE Q 381 -57.02 -3.87 12.13
N MET Q 382 -57.55 -2.74 12.60
CA MET Q 382 -56.71 -1.58 12.85
C MET Q 382 -55.72 -1.85 13.96
N LYS Q 383 -56.11 -2.66 14.95
CA LYS Q 383 -55.19 -3.08 15.99
C LYS Q 383 -54.06 -3.93 15.42
N ALA Q 384 -54.39 -4.81 14.46
CA ALA Q 384 -53.36 -5.56 13.77
C ALA Q 384 -52.46 -4.63 12.95
N VAL Q 385 -53.03 -3.57 12.40
CA VAL Q 385 -52.23 -2.58 11.68
C VAL Q 385 -51.27 -1.87 12.64
N ARG Q 386 -51.75 -1.59 13.86
CA ARG Q 386 -50.91 -0.97 14.89
C ARG Q 386 -49.76 -1.88 15.29
N LYS Q 387 -50.06 -3.17 15.46
CA LYS Q 387 -49.04 -4.11 15.91
C LYS Q 387 -48.01 -4.37 14.83
N VAL Q 388 -48.45 -4.54 13.59
CA VAL Q 388 -47.50 -4.93 12.55
C VAL Q 388 -46.74 -3.71 12.02
N ALA Q 389 -47.46 -2.61 11.76
CA ALA Q 389 -46.80 -1.36 11.37
C ALA Q 389 -45.94 -0.81 12.49
N ASP Q 390 -46.29 -1.12 13.75
CA ASP Q 390 -45.37 -0.92 14.86
C ASP Q 390 -44.17 -1.85 14.77
N SER Q 391 -44.37 -3.07 14.29
CA SER Q 391 -43.27 -4.04 14.29
C SER Q 391 -42.38 -3.93 13.07
N LYS Q 392 -42.64 -2.96 12.18
CA LYS Q 392 -41.75 -2.70 11.05
C LYS Q 392 -40.46 -1.94 11.47
N LYS Q 393 -40.34 -1.56 12.74
CA LYS Q 393 -39.20 -0.79 13.22
C LYS Q 393 -37.88 -1.54 13.17
N LEU Q 394 -37.91 -2.87 13.18
CA LEU Q 394 -36.69 -3.65 13.27
C LEU Q 394 -36.11 -4.02 11.92
N GLU Q 395 -36.69 -3.54 10.82
CA GLU Q 395 -36.36 -4.00 9.49
C GLU Q 395 -35.94 -2.84 8.61
N SER Q 396 -34.76 -2.97 7.97
CA SER Q 396 -34.19 -1.98 7.07
C SER Q 396 -33.58 -2.69 5.86
N LYS Q 397 -32.94 -1.91 4.98
CA LYS Q 397 -32.32 -2.38 3.72
C LYS Q 397 -33.37 -3.08 2.85
N LEU Q 398 -34.25 -2.25 2.31
CA LEU Q 398 -35.49 -2.72 1.66
C LEU Q 398 -35.31 -3.16 0.21
N ASP Q 399 -34.13 -3.03 -0.40
CA ASP Q 399 -34.04 -3.29 -1.82
C ASP Q 399 -32.64 -3.79 -2.20
N TYR Q 400 -32.61 -4.53 -3.31
CA TYR Q 400 -31.34 -4.94 -3.93
C TYR Q 400 -31.57 -4.93 -5.45
N LYS Q 401 -31.03 -3.90 -6.11
CA LYS Q 401 -31.25 -3.71 -7.53
C LYS Q 401 -30.08 -4.28 -8.33
N PRO Q 402 -30.26 -5.33 -9.12
CA PRO Q 402 -29.14 -5.99 -9.76
C PRO Q 402 -28.59 -5.22 -10.94
N VAL Q 403 -27.31 -5.49 -11.22
CA VAL Q 403 -26.65 -5.21 -12.49
C VAL Q 403 -26.61 -3.72 -12.83
N ARG R 44 -93.70 -76.72 -4.85
CA ARG R 44 -93.08 -76.88 -3.54
C ARG R 44 -91.77 -77.64 -3.64
N THR R 45 -90.93 -77.25 -4.60
CA THR R 45 -89.66 -77.92 -4.83
C THR R 45 -88.45 -76.98 -4.82
N ARG R 46 -88.66 -75.66 -4.71
CA ARG R 46 -87.54 -74.74 -4.65
C ARG R 46 -86.81 -74.85 -3.32
N LEU R 47 -87.54 -75.22 -2.25
CA LEU R 47 -86.90 -75.45 -0.96
C LEU R 47 -86.08 -76.74 -0.98
N LEU R 48 -86.40 -77.67 -1.87
CA LEU R 48 -85.64 -78.91 -1.97
C LEU R 48 -84.34 -78.69 -2.75
N ASP R 49 -84.41 -77.91 -3.83
CA ASP R 49 -83.20 -77.63 -4.60
C ASP R 49 -82.28 -76.67 -3.85
N SER R 50 -82.86 -75.66 -3.20
CA SER R 50 -82.07 -74.78 -2.35
C SER R 50 -81.60 -75.50 -1.10
N GLU R 51 -82.32 -76.55 -0.68
CA GLU R 51 -81.89 -77.36 0.46
C GLU R 51 -80.74 -78.27 0.10
N ILE R 52 -80.75 -78.86 -1.10
CA ILE R 52 -79.60 -79.64 -1.56
C ILE R 52 -78.42 -78.72 -1.84
N LYS R 53 -78.69 -77.49 -2.26
CA LYS R 53 -77.65 -76.50 -2.36
C LYS R 53 -77.19 -75.99 -1.00
N ILE R 54 -77.98 -76.21 0.05
CA ILE R 54 -77.58 -75.81 1.39
C ILE R 54 -76.75 -76.90 2.05
N MET R 55 -77.07 -78.17 1.79
CA MET R 55 -76.18 -79.24 2.20
C MET R 55 -74.90 -79.21 1.38
N LYS R 56 -74.99 -78.76 0.13
CA LYS R 56 -73.81 -78.48 -0.66
C LYS R 56 -73.11 -77.22 -0.17
N SER R 57 -73.82 -76.36 0.56
CA SER R 57 -73.18 -75.19 1.17
C SER R 57 -72.48 -75.58 2.46
N GLU R 58 -72.98 -76.62 3.14
CA GLU R 58 -72.29 -77.13 4.32
C GLU R 58 -71.08 -77.97 3.93
N VAL R 59 -71.19 -78.73 2.84
CA VAL R 59 -70.04 -79.49 2.35
C VAL R 59 -69.01 -78.56 1.73
N LEU R 60 -69.49 -77.56 0.98
CA LEU R 60 -68.59 -76.59 0.34
C LEU R 60 -68.00 -75.61 1.34
N ARG R 61 -68.68 -75.37 2.46
CA ARG R 61 -68.09 -74.61 3.55
C ARG R 61 -67.14 -75.47 4.37
N VAL R 62 -67.38 -76.78 4.41
CA VAL R 62 -66.42 -77.69 5.03
C VAL R 62 -65.17 -77.80 4.16
N THR R 63 -65.31 -77.60 2.85
CA THR R 63 -64.17 -77.55 1.96
C THR R 63 -63.63 -76.12 1.83
N HIS R 64 -64.34 -75.15 2.38
CA HIS R 64 -63.76 -73.82 2.54
C HIS R 64 -62.98 -73.75 3.84
N GLU R 65 -63.32 -74.61 4.80
CA GLU R 65 -62.50 -74.80 5.99
C GLU R 65 -61.53 -75.96 5.83
N LEU R 66 -61.56 -76.64 4.68
CA LEU R 66 -60.50 -77.59 4.33
C LEU R 66 -59.50 -76.94 3.39
N GLN R 67 -60.02 -76.18 2.42
CA GLN R 67 -59.18 -75.27 1.65
C GLN R 67 -58.63 -74.16 2.51
N ALA R 68 -59.37 -73.74 3.54
CA ALA R 68 -58.83 -72.78 4.50
C ALA R 68 -57.99 -73.50 5.54
N MET R 69 -58.64 -74.33 6.36
CA MET R 69 -57.96 -74.90 7.51
C MET R 69 -56.91 -75.95 7.11
N LYS R 70 -57.28 -76.85 6.21
CA LYS R 70 -56.39 -77.95 5.87
C LYS R 70 -55.16 -77.47 5.11
N ASP R 71 -55.34 -76.49 4.21
CA ASP R 71 -54.17 -75.87 3.59
C ASP R 71 -53.39 -75.04 4.60
N LYS R 72 -54.10 -74.34 5.49
CA LYS R 72 -53.49 -73.54 6.54
C LYS R 72 -52.60 -74.35 7.49
N ILE R 73 -52.89 -75.65 7.65
CA ILE R 73 -52.01 -76.55 8.38
C ILE R 73 -50.64 -76.59 7.74
N LYS R 74 -50.57 -76.97 6.46
CA LYS R 74 -49.29 -77.09 5.75
C LYS R 74 -48.61 -75.74 5.60
N GLU R 75 -49.36 -74.76 5.06
CA GLU R 75 -48.92 -73.41 4.79
C GLU R 75 -48.38 -72.75 6.05
N ASN R 76 -49.25 -72.52 7.03
CA ASN R 76 -48.84 -71.74 8.17
C ASN R 76 -48.06 -72.56 9.18
N SER R 77 -48.16 -73.89 9.15
CA SER R 77 -47.24 -74.69 9.93
C SER R 77 -45.82 -74.48 9.44
N GLU R 78 -45.62 -74.61 8.13
CA GLU R 78 -44.29 -74.38 7.56
C GLU R 78 -43.86 -72.92 7.60
N LYS R 79 -44.80 -71.98 7.69
CA LYS R 79 -44.44 -70.58 7.81
C LYS R 79 -44.04 -70.20 9.23
N ILE R 80 -44.69 -70.78 10.24
CA ILE R 80 -44.19 -70.70 11.61
C ILE R 80 -42.83 -71.35 11.69
N LYS R 81 -42.64 -72.46 10.96
CA LYS R 81 -41.36 -73.12 10.87
C LYS R 81 -40.29 -72.22 10.26
N VAL R 82 -40.64 -71.42 9.25
CA VAL R 82 -39.67 -70.53 8.60
C VAL R 82 -39.20 -69.44 9.57
N ASN R 83 -40.11 -68.91 10.38
CA ASN R 83 -39.74 -68.06 11.51
C ASN R 83 -38.99 -68.81 12.60
N LYS R 84 -39.10 -70.14 12.61
CA LYS R 84 -38.60 -70.94 13.72
C LYS R 84 -37.23 -71.55 13.42
N THR R 85 -36.89 -71.67 12.11
CA THR R 85 -35.68 -72.30 11.54
C THR R 85 -34.40 -71.97 12.31
N LEU R 86 -34.04 -70.72 12.22
CA LEU R 86 -33.12 -70.08 13.11
C LEU R 86 -33.95 -68.91 13.62
N PRO R 87 -33.42 -68.09 14.51
CA PRO R 87 -33.90 -66.72 14.59
C PRO R 87 -33.81 -66.01 13.25
N TYR R 88 -34.94 -65.50 12.78
CA TYR R 88 -35.10 -65.24 11.36
C TYR R 88 -34.58 -63.86 10.98
N LEU R 89 -33.27 -63.70 11.16
CA LEU R 89 -32.47 -62.49 10.87
C LEU R 89 -33.18 -61.17 10.57
N VAL R 90 -33.37 -60.36 11.61
CA VAL R 90 -33.99 -59.06 11.47
C VAL R 90 -33.06 -58.15 10.65
N SER R 91 -33.58 -57.61 9.55
CA SER R 91 -32.79 -56.73 8.70
C SER R 91 -33.44 -55.38 8.46
N ASN R 92 -32.98 -54.67 7.43
CA ASN R 92 -33.50 -53.36 7.09
C ASN R 92 -34.07 -53.36 5.68
N VAL R 93 -35.21 -52.71 5.53
CA VAL R 93 -35.74 -52.41 4.21
C VAL R 93 -35.07 -51.14 3.72
N ILE R 94 -34.50 -51.19 2.51
CA ILE R 94 -33.88 -49.99 1.98
C ILE R 94 -34.91 -49.12 1.27
N GLU R 95 -35.58 -49.66 0.25
CA GLU R 95 -36.73 -48.98 -0.33
C GLU R 95 -37.77 -50.02 -0.72
N LEU R 96 -38.89 -49.53 -1.23
CA LEU R 96 -40.01 -50.38 -1.64
C LEU R 96 -40.58 -49.83 -2.94
N LEU R 97 -40.60 -50.66 -3.97
CA LEU R 97 -41.19 -50.30 -5.26
C LEU R 97 -42.47 -51.10 -5.49
N ASP R 98 -43.20 -50.71 -6.54
CA ASP R 98 -44.51 -51.29 -6.78
C ASP R 98 -44.69 -51.63 -8.25
N VAL R 99 -43.61 -52.06 -8.90
CA VAL R 99 -43.65 -52.40 -10.32
C VAL R 99 -44.29 -53.77 -10.50
N LYS R 120 -45.31 -53.96 -3.13
CA LYS R 120 -45.31 -55.24 -3.82
C LYS R 120 -43.90 -55.78 -3.98
N CYS R 121 -42.93 -54.85 -4.12
CA CYS R 121 -41.53 -55.20 -4.28
C CYS R 121 -40.73 -54.44 -3.23
N ALA R 122 -39.65 -55.03 -2.74
CA ALA R 122 -38.89 -54.37 -1.69
C ALA R 122 -37.42 -54.76 -1.77
N VAL R 123 -36.56 -53.88 -1.25
CA VAL R 123 -35.13 -54.13 -1.19
C VAL R 123 -34.76 -54.32 0.28
N ILE R 124 -34.09 -55.43 0.56
CA ILE R 124 -33.69 -55.78 1.92
C ILE R 124 -32.21 -55.48 2.05
N LYS R 125 -31.82 -54.83 3.16
CA LYS R 125 -30.46 -54.91 3.64
C LYS R 125 -30.44 -55.77 4.89
N THR R 126 -29.64 -56.83 4.84
CA THR R 126 -29.48 -57.66 6.02
C THR R 126 -28.74 -56.91 7.11
N SER R 127 -28.75 -57.49 8.31
CA SER R 127 -27.93 -56.98 9.38
C SER R 127 -26.46 -57.40 9.22
N THR R 128 -26.20 -58.26 8.23
CA THR R 128 -24.86 -58.47 7.68
C THR R 128 -24.51 -57.42 6.65
N ARG R 129 -25.39 -56.42 6.45
CA ARG R 129 -25.22 -55.32 5.50
C ARG R 129 -25.12 -55.83 4.07
N GLN R 130 -26.04 -56.73 3.72
CA GLN R 130 -26.07 -57.33 2.40
C GLN R 130 -27.44 -57.12 1.80
N THR R 131 -27.47 -56.78 0.52
CA THR R 131 -28.69 -56.38 -0.15
C THR R 131 -29.30 -57.56 -0.90
N TYR R 132 -30.63 -57.65 -0.83
CA TYR R 132 -31.38 -58.69 -1.51
C TYR R 132 -32.68 -58.05 -1.95
N PHE R 133 -32.83 -57.83 -3.24
CA PHE R 133 -34.11 -57.40 -3.75
C PHE R 133 -35.08 -58.57 -3.81
N LEU R 134 -36.33 -58.31 -3.48
CA LEU R 134 -37.37 -59.26 -3.80
C LEU R 134 -38.46 -58.58 -4.60
N PRO R 135 -38.99 -59.24 -5.63
CA PRO R 135 -40.18 -58.74 -6.31
C PRO R 135 -41.45 -59.20 -5.62
N VAL R 136 -41.34 -60.08 -4.62
CA VAL R 136 -42.48 -60.61 -3.88
C VAL R 136 -42.18 -60.41 -2.39
N ILE R 137 -43.05 -59.66 -1.71
CA ILE R 137 -42.80 -59.34 -0.31
C ILE R 137 -43.08 -60.54 0.57
N GLY R 138 -44.33 -61.00 0.60
CA GLY R 138 -44.66 -62.16 1.42
C GLY R 138 -45.72 -61.95 2.48
N LEU R 139 -45.33 -62.08 3.75
CA LEU R 139 -46.27 -62.27 4.84
C LEU R 139 -46.73 -60.97 5.48
N VAL R 140 -46.43 -59.82 4.89
CA VAL R 140 -46.91 -58.52 5.36
C VAL R 140 -47.45 -57.74 4.17
N ASP R 141 -47.91 -56.52 4.44
CA ASP R 141 -48.35 -55.62 3.39
C ASP R 141 -47.38 -54.47 3.24
N ALA R 142 -47.33 -53.94 2.01
CA ALA R 142 -46.46 -52.79 1.72
C ALA R 142 -46.95 -51.53 2.41
N GLU R 143 -48.24 -51.45 2.73
CA GLU R 143 -48.76 -50.33 3.50
C GLU R 143 -48.35 -50.42 4.96
N LYS R 144 -48.17 -51.65 5.45
CA LYS R 144 -47.78 -51.85 6.84
C LYS R 144 -46.35 -51.40 7.07
N LEU R 145 -45.49 -51.61 6.08
CA LEU R 145 -44.10 -51.22 6.19
C LEU R 145 -43.83 -49.91 5.47
N LYS R 146 -42.58 -49.49 5.56
CA LYS R 146 -42.06 -48.33 4.86
C LYS R 146 -40.57 -48.57 4.68
N PRO R 147 -39.91 -47.87 3.77
CA PRO R 147 -38.45 -47.94 3.69
C PRO R 147 -37.79 -47.46 4.97
N GLY R 148 -36.75 -48.20 5.38
CA GLY R 148 -36.05 -47.90 6.61
C GLY R 148 -36.66 -48.58 7.82
N ASP R 149 -36.90 -49.89 7.73
CA ASP R 149 -37.51 -50.62 8.83
C ASP R 149 -36.70 -51.86 9.17
N LEU R 150 -36.78 -52.22 10.45
CA LEU R 150 -36.26 -53.49 10.92
C LEU R 150 -37.27 -54.59 10.67
N VAL R 151 -36.91 -55.56 9.85
CA VAL R 151 -37.83 -56.62 9.47
C VAL R 151 -37.16 -57.97 9.65
N GLY R 152 -37.99 -58.98 9.89
CA GLY R 152 -37.53 -60.36 9.98
C GLY R 152 -37.62 -61.02 8.61
N VAL R 153 -36.49 -61.56 8.19
CA VAL R 153 -36.32 -62.11 6.84
C VAL R 153 -35.76 -63.51 6.98
N ASN R 154 -36.27 -64.44 6.18
CA ASN R 154 -35.74 -65.80 6.21
C ASN R 154 -34.30 -65.82 5.74
N LYS R 155 -33.50 -66.66 6.40
CA LYS R 155 -32.12 -66.86 5.99
C LYS R 155 -32.03 -67.58 4.66
N ASP R 156 -33.07 -68.32 4.28
CA ASP R 156 -33.02 -69.19 3.13
C ASP R 156 -33.83 -68.64 1.96
N SER R 157 -35.13 -68.43 2.18
CA SER R 157 -35.98 -67.95 1.10
C SER R 157 -35.80 -66.46 0.86
N TYR R 158 -35.29 -65.74 1.85
CA TYR R 158 -35.19 -64.28 1.87
C TYR R 158 -36.55 -63.65 1.58
N LEU R 159 -37.49 -64.01 2.44
CA LEU R 159 -38.86 -63.51 2.37
C LEU R 159 -39.06 -62.58 3.55
N ILE R 160 -39.77 -61.48 3.33
CA ILE R 160 -40.07 -60.57 4.43
C ILE R 160 -41.13 -61.21 5.31
N LEU R 161 -40.72 -61.71 6.46
CA LEU R 161 -41.58 -62.56 7.28
C LEU R 161 -42.45 -61.75 8.23
N GLU R 162 -41.84 -60.99 9.13
CA GLU R 162 -42.60 -60.25 10.12
C GLU R 162 -41.98 -58.88 10.31
N THR R 163 -42.76 -57.97 10.88
CA THR R 163 -42.25 -56.67 11.28
C THR R 163 -41.83 -56.76 12.74
N LEU R 164 -40.68 -56.18 13.06
CA LEU R 164 -40.22 -56.22 14.44
C LEU R 164 -40.97 -55.20 15.27
N PRO R 165 -41.45 -55.57 16.46
CA PRO R 165 -41.85 -54.59 17.47
C PRO R 165 -40.69 -54.10 18.33
N THR R 166 -39.57 -53.73 17.69
CA THR R 166 -38.38 -53.28 18.41
C THR R 166 -37.81 -51.99 17.82
N GLU R 167 -38.53 -51.36 16.90
CA GLU R 167 -38.19 -50.04 16.41
C GLU R 167 -38.47 -49.04 17.52
N TYR R 168 -37.52 -48.92 18.45
CA TYR R 168 -37.68 -48.05 19.62
C TYR R 168 -37.01 -46.68 19.53
N ASP R 169 -36.14 -46.51 18.53
CA ASP R 169 -35.43 -45.26 18.28
C ASP R 169 -34.55 -44.68 19.40
N SER R 170 -33.28 -45.07 19.42
CA SER R 170 -32.32 -44.59 20.41
C SER R 170 -32.28 -43.06 20.56
N ARG R 171 -32.15 -42.63 21.83
CA ARG R 171 -32.11 -41.22 22.29
C ARG R 171 -33.44 -40.45 22.31
N VAL R 172 -34.25 -40.56 21.25
CA VAL R 172 -35.54 -39.89 21.24
C VAL R 172 -36.43 -40.51 22.30
N LYS R 173 -36.82 -41.78 22.10
CA LYS R 173 -37.62 -42.49 23.08
C LYS R 173 -36.98 -42.43 24.46
N ALA R 174 -35.68 -42.11 24.53
CA ALA R 174 -35.05 -41.75 25.78
C ALA R 174 -35.16 -40.26 26.08
N MET R 175 -35.52 -39.46 25.06
CA MET R 175 -35.69 -38.02 25.25
C MET R 175 -37.06 -37.69 25.80
N GLU R 176 -38.03 -38.61 25.61
CA GLU R 176 -39.37 -38.46 26.16
C GLU R 176 -39.32 -38.54 27.68
N VAL R 177 -39.61 -37.42 28.33
CA VAL R 177 -39.60 -37.40 29.80
C VAL R 177 -40.84 -38.14 30.29
N ASP R 178 -40.62 -39.31 30.88
CA ASP R 178 -41.71 -40.15 31.37
C ASP R 178 -42.01 -39.92 32.85
N GLU R 179 -41.10 -39.28 33.59
CA GLU R 179 -41.31 -39.09 35.02
C GLU R 179 -42.39 -38.05 35.29
N ARG R 180 -42.37 -36.95 34.53
CA ARG R 180 -43.20 -35.76 34.68
C ARG R 180 -43.13 -35.21 36.11
N PRO R 181 -42.06 -34.51 36.46
CA PRO R 181 -41.98 -33.90 37.80
C PRO R 181 -43.05 -32.83 37.95
N THR R 182 -43.50 -32.66 39.19
CA THR R 182 -44.58 -31.73 39.46
C THR R 182 -44.04 -30.31 39.57
N GLU R 183 -44.80 -29.37 39.01
CA GLU R 183 -44.62 -27.93 39.26
C GLU R 183 -45.99 -27.29 39.04
N GLN R 184 -46.65 -26.96 40.14
CA GLN R 184 -47.84 -26.14 40.03
C GLN R 184 -47.44 -24.68 39.77
N TYR R 185 -48.42 -23.87 39.44
CA TYR R 185 -48.13 -22.48 39.12
C TYR R 185 -47.87 -21.60 40.36
N SER R 186 -47.80 -22.16 41.57
CA SER R 186 -47.43 -21.37 42.74
C SER R 186 -45.94 -21.05 42.73
N ASP R 187 -45.15 -21.80 41.97
CA ASP R 187 -43.71 -21.56 41.92
C ASP R 187 -43.37 -20.39 41.02
N ILE R 188 -44.21 -20.12 40.01
CA ILE R 188 -43.91 -19.06 39.06
C ILE R 188 -44.35 -17.73 39.67
N GLY R 189 -43.42 -17.04 40.30
CA GLY R 189 -43.73 -15.76 40.91
C GLY R 189 -43.14 -14.61 40.12
N GLY R 190 -44.00 -13.70 39.65
CA GLY R 190 -43.57 -12.55 38.91
C GLY R 190 -43.88 -12.59 37.42
N LEU R 191 -44.19 -13.76 36.87
CA LEU R 191 -44.49 -13.88 35.44
C LEU R 191 -45.93 -14.34 35.21
N ASP R 192 -46.86 -13.81 36.00
CA ASP R 192 -48.22 -14.32 35.98
C ASP R 192 -48.99 -13.85 34.75
N LYS R 193 -48.65 -12.67 34.24
CA LYS R 193 -49.17 -12.26 32.94
C LYS R 193 -48.61 -13.15 31.83
N GLN R 194 -47.38 -13.59 31.99
CA GLN R 194 -46.80 -14.55 31.06
C GLN R 194 -47.40 -15.93 31.24
N ILE R 195 -47.89 -16.24 32.45
CA ILE R 195 -48.71 -17.42 32.63
C ILE R 195 -50.01 -17.30 31.85
N GLN R 196 -50.62 -16.12 31.88
CA GLN R 196 -51.91 -15.93 31.23
C GLN R 196 -51.81 -15.98 29.71
N GLU R 197 -50.88 -15.21 29.13
CA GLU R 197 -50.67 -15.25 27.69
C GLU R 197 -50.08 -16.59 27.26
N LEU R 198 -49.36 -17.24 28.16
CA LEU R 198 -48.87 -18.59 27.95
C LEU R 198 -50.03 -19.58 27.77
N VAL R 199 -51.01 -19.52 28.68
CA VAL R 199 -52.14 -20.45 28.64
C VAL R 199 -53.05 -20.13 27.45
N GLU R 200 -53.31 -18.83 27.21
CA GLU R 200 -54.12 -18.41 26.07
C GLU R 200 -53.45 -18.74 24.75
N ALA R 201 -52.12 -18.77 24.74
CA ALA R 201 -51.38 -19.11 23.54
C ALA R 201 -51.30 -20.62 23.30
N ILE R 202 -51.17 -21.42 24.36
CA ILE R 202 -50.68 -22.79 24.24
C ILE R 202 -51.67 -23.79 24.81
N VAL R 203 -52.17 -23.55 26.02
CA VAL R 203 -52.95 -24.57 26.73
C VAL R 203 -54.33 -24.74 26.09
N LEU R 204 -54.98 -23.64 25.75
CA LEU R 204 -56.29 -23.69 25.09
C LEU R 204 -56.31 -24.22 23.66
N PRO R 205 -55.25 -24.07 22.83
CA PRO R 205 -55.23 -24.88 21.59
C PRO R 205 -55.19 -26.39 21.81
N MET R 206 -54.70 -26.86 22.96
CA MET R 206 -54.77 -28.28 23.27
C MET R 206 -56.19 -28.70 23.64
N ASN R 207 -56.95 -27.83 24.30
CA ASN R 207 -58.28 -28.16 24.76
C ASN R 207 -59.36 -27.83 23.73
N HIS R 208 -59.43 -26.56 23.32
CA HIS R 208 -60.59 -26.08 22.57
C HIS R 208 -60.13 -25.32 21.33
N LYS R 209 -60.06 -26.02 20.20
CA LYS R 209 -59.90 -25.34 18.92
C LYS R 209 -61.22 -24.80 18.42
N GLU R 210 -62.34 -25.26 19.01
CA GLU R 210 -63.64 -24.66 18.75
C GLU R 210 -63.71 -23.26 19.31
N LYS R 211 -62.91 -22.97 20.34
CA LYS R 211 -62.72 -21.60 20.79
C LYS R 211 -62.04 -20.75 19.74
N PHE R 212 -61.27 -21.38 18.84
CA PHE R 212 -60.57 -20.69 17.77
C PHE R 212 -61.38 -20.71 16.47
N GLU R 213 -62.00 -21.85 16.16
CA GLU R 213 -62.52 -22.08 14.81
C GLU R 213 -64.04 -22.07 14.73
N ASN R 214 -64.73 -21.72 15.82
CA ASN R 214 -66.06 -21.14 15.68
C ASN R 214 -65.97 -19.67 15.37
N LEU R 215 -64.89 -19.02 15.83
CA LEU R 215 -64.49 -17.73 15.32
C LEU R 215 -63.85 -17.85 13.95
N GLY R 216 -63.05 -18.88 13.74
CA GLY R 216 -62.60 -19.24 12.41
C GLY R 216 -61.42 -18.45 11.89
N ILE R 217 -60.27 -18.54 12.55
CA ILE R 217 -59.05 -18.04 11.92
C ILE R 217 -57.95 -19.11 11.83
N GLN R 218 -57.35 -19.50 12.97
CA GLN R 218 -56.06 -20.20 13.14
C GLN R 218 -55.80 -20.48 14.62
N PRO R 219 -54.93 -21.43 14.92
CA PRO R 219 -54.30 -21.48 16.25
C PRO R 219 -52.95 -20.79 16.22
N PRO R 220 -52.36 -20.49 17.38
CA PRO R 220 -51.00 -19.93 17.40
C PRO R 220 -49.96 -20.96 16.97
N LYS R 221 -48.78 -20.44 16.62
CA LYS R 221 -47.68 -21.25 16.08
C LYS R 221 -46.35 -20.84 16.72
N GLY R 222 -45.99 -21.48 17.83
CA GLY R 222 -44.68 -21.28 18.43
C GLY R 222 -44.54 -20.05 19.28
N VAL R 223 -43.92 -20.19 20.46
CA VAL R 223 -43.77 -19.10 21.42
C VAL R 223 -42.30 -19.04 21.84
N LEU R 224 -41.72 -17.83 21.84
CA LEU R 224 -40.34 -17.62 22.25
C LEU R 224 -40.26 -17.12 23.69
N MET R 225 -39.47 -17.79 24.51
CA MET R 225 -39.20 -17.37 25.87
C MET R 225 -37.76 -16.87 25.92
N TYR R 226 -37.55 -15.67 26.48
CA TYR R 226 -36.23 -15.10 26.55
C TYR R 226 -36.14 -14.08 27.68
N GLY R 227 -34.90 -13.71 28.00
CA GLY R 227 -34.59 -12.88 29.13
C GLY R 227 -33.28 -13.33 29.75
N PRO R 228 -32.96 -12.86 30.96
CA PRO R 228 -31.81 -13.40 31.69
C PRO R 228 -32.01 -14.86 32.05
N PRO R 229 -30.94 -15.65 32.11
CA PRO R 229 -31.07 -17.10 32.23
C PRO R 229 -31.33 -17.60 33.64
N GLY R 230 -31.68 -16.74 34.58
CA GLY R 230 -32.08 -17.19 35.88
C GLY R 230 -33.51 -16.78 36.13
N THR R 231 -34.09 -16.05 35.17
CA THR R 231 -35.48 -15.67 35.29
C THR R 231 -36.44 -16.85 35.21
N GLY R 232 -36.00 -17.97 34.64
CA GLY R 232 -36.81 -19.16 34.71
C GLY R 232 -37.42 -19.55 33.38
N LYS R 233 -36.77 -20.46 32.68
CA LYS R 233 -37.30 -21.02 31.46
C LYS R 233 -37.64 -22.48 31.59
N THR R 234 -37.16 -23.12 32.65
CA THR R 234 -37.54 -24.48 32.97
C THR R 234 -38.93 -24.53 33.61
N LEU R 235 -39.36 -23.41 34.20
CA LEU R 235 -40.60 -23.39 34.98
C LEU R 235 -41.83 -23.58 34.09
N LEU R 236 -41.78 -23.10 32.85
CA LEU R 236 -42.87 -23.36 31.93
C LEU R 236 -42.81 -24.79 31.41
N ALA R 237 -41.62 -25.37 31.37
CA ALA R 237 -41.47 -26.74 30.88
C ALA R 237 -42.03 -27.74 31.88
N ARG R 238 -41.63 -27.62 33.15
CA ARG R 238 -42.15 -28.55 34.15
C ARG R 238 -43.55 -28.17 34.58
N ALA R 239 -43.89 -26.88 34.55
CA ALA R 239 -45.24 -26.44 34.89
C ALA R 239 -46.24 -26.91 33.84
N CYS R 240 -45.93 -26.71 32.56
CA CYS R 240 -46.82 -27.22 31.52
C CYS R 240 -46.70 -28.73 31.37
N ALA R 241 -45.59 -29.30 31.83
CA ALA R 241 -45.48 -30.76 31.84
C ALA R 241 -46.48 -31.38 32.81
N ALA R 242 -46.39 -31.00 34.09
CA ALA R 242 -47.27 -31.60 35.08
C ALA R 242 -48.70 -31.09 35.01
N GLN R 243 -48.88 -29.78 34.90
CA GLN R 243 -50.20 -29.17 34.98
C GLN R 243 -51.05 -29.44 33.75
N THR R 244 -50.49 -29.30 32.56
CA THR R 244 -51.26 -29.66 31.37
C THR R 244 -51.01 -31.13 31.04
N LYS R 245 -52.11 -31.89 31.02
CA LYS R 245 -52.06 -33.34 30.92
C LYS R 245 -51.81 -33.72 29.46
N ALA R 246 -50.55 -33.67 29.07
CA ALA R 246 -50.14 -34.18 27.76
C ALA R 246 -48.71 -34.65 27.87
N THR R 247 -48.30 -35.44 26.89
CA THR R 247 -46.98 -36.06 26.92
C THR R 247 -45.90 -35.01 26.72
N PHE R 248 -45.20 -34.67 27.80
CA PHE R 248 -44.14 -33.67 27.75
C PHE R 248 -42.94 -34.24 26.99
N LEU R 249 -42.61 -33.61 25.87
CA LEU R 249 -41.40 -33.91 25.14
C LEU R 249 -40.46 -32.72 25.22
N LYS R 250 -39.17 -32.99 25.37
CA LYS R 250 -38.15 -31.96 25.48
C LYS R 250 -37.17 -32.07 24.32
N LEU R 251 -36.38 -31.01 24.11
CA LEU R 251 -35.36 -30.99 23.06
C LEU R 251 -34.33 -29.95 23.45
N ALA R 252 -33.05 -30.24 23.26
CA ALA R 252 -31.99 -29.31 23.58
C ALA R 252 -31.31 -28.79 22.32
N GLY R 253 -30.49 -27.75 22.52
CA GLY R 253 -29.73 -27.13 21.46
C GLY R 253 -28.63 -27.99 20.88
N PRO R 254 -27.61 -28.33 21.68
CA PRO R 254 -26.53 -29.20 21.17
C PRO R 254 -26.94 -30.64 20.86
N GLN R 255 -28.22 -31.00 21.05
CA GLN R 255 -28.72 -32.29 20.60
C GLN R 255 -29.00 -32.33 19.10
N LEU R 256 -28.53 -31.34 18.33
CA LEU R 256 -28.60 -31.38 16.88
C LEU R 256 -27.24 -31.30 16.21
N VAL R 257 -26.15 -31.63 16.92
CA VAL R 257 -24.79 -31.53 16.38
C VAL R 257 -24.02 -32.80 16.75
N GLN R 258 -23.77 -33.64 15.76
CA GLN R 258 -22.97 -34.85 15.92
C GLN R 258 -21.81 -34.71 14.93
N MET R 259 -20.60 -35.06 15.35
CA MET R 259 -19.39 -34.97 14.52
C MET R 259 -19.61 -35.61 13.15
N PHE R 260 -20.18 -36.81 13.19
CA PHE R 260 -20.55 -37.59 12.02
C PHE R 260 -21.76 -36.97 11.34
N ILE R 261 -21.67 -36.73 10.04
CA ILE R 261 -22.63 -35.90 9.34
C ILE R 261 -23.21 -36.72 8.18
N GLY R 262 -24.12 -36.11 7.41
CA GLY R 262 -24.67 -36.74 6.23
C GLY R 262 -26.07 -36.27 5.92
N ASP R 263 -26.80 -35.81 6.94
CA ASP R 263 -28.10 -35.13 6.84
C ASP R 263 -28.50 -34.59 8.21
N GLY R 264 -29.33 -33.55 8.22
CA GLY R 264 -29.97 -33.11 9.42
C GLY R 264 -31.41 -33.56 9.52
N ALA R 265 -31.72 -34.68 8.86
CA ALA R 265 -33.11 -35.11 8.64
C ALA R 265 -33.41 -36.50 9.18
N LYS R 266 -32.67 -37.00 10.18
CA LYS R 266 -33.01 -38.29 10.78
C LYS R 266 -33.48 -38.13 12.21
N LEU R 267 -32.68 -37.48 13.07
CA LEU R 267 -33.09 -37.30 14.46
C LEU R 267 -34.24 -36.31 14.55
N VAL R 268 -34.21 -35.27 13.72
CA VAL R 268 -35.30 -34.30 13.65
C VAL R 268 -36.56 -34.95 13.11
N ARG R 269 -36.46 -35.60 11.96
CA ARG R 269 -37.65 -36.03 11.24
C ARG R 269 -38.25 -37.27 11.89
N ASP R 270 -37.41 -38.12 12.49
CA ASP R 270 -37.97 -39.21 13.26
C ASP R 270 -38.21 -38.82 14.70
N ALA R 271 -37.79 -37.62 15.10
CA ALA R 271 -38.16 -37.15 16.42
C ALA R 271 -39.54 -36.52 16.41
N PHE R 272 -39.83 -35.65 15.45
CA PHE R 272 -41.20 -35.16 15.30
C PHE R 272 -42.13 -36.18 14.70
N ALA R 273 -41.67 -36.92 13.67
CA ALA R 273 -42.45 -38.04 13.15
C ALA R 273 -42.59 -39.14 14.18
N LEU R 274 -41.62 -39.26 15.10
CA LEU R 274 -41.86 -40.03 16.32
C LEU R 274 -43.01 -39.42 17.11
N ALA R 275 -42.95 -38.12 17.36
CA ALA R 275 -43.89 -37.47 18.27
C ALA R 275 -45.23 -37.14 17.65
N LYS R 276 -45.51 -37.62 16.43
CA LYS R 276 -46.80 -37.30 15.82
C LYS R 276 -47.92 -38.12 16.43
N GLU R 277 -47.59 -39.19 17.16
CA GLU R 277 -48.61 -40.04 17.74
C GLU R 277 -48.58 -40.11 19.25
N LYS R 278 -47.43 -40.35 19.87
CA LYS R 278 -47.44 -40.61 21.31
C LYS R 278 -47.04 -39.37 22.10
N ALA R 279 -46.70 -38.29 21.40
CA ALA R 279 -46.61 -36.99 22.06
C ALA R 279 -47.08 -35.82 21.19
N PRO R 280 -48.33 -35.82 20.65
CA PRO R 280 -48.63 -34.73 19.70
C PRO R 280 -49.26 -33.52 20.37
N SER R 281 -48.72 -33.10 21.51
CA SER R 281 -49.24 -31.87 22.09
C SER R 281 -48.18 -30.97 22.73
N ILE R 282 -47.08 -31.54 23.21
CA ILE R 282 -46.10 -30.73 23.94
C ILE R 282 -44.69 -31.08 23.50
N ILE R 283 -43.96 -30.09 22.98
CA ILE R 283 -42.56 -30.23 22.60
C ILE R 283 -41.80 -29.01 23.11
N PHE R 284 -40.80 -29.23 23.95
CA PHE R 284 -40.02 -28.14 24.55
C PHE R 284 -38.62 -28.12 23.93
N ILE R 285 -38.38 -27.13 23.07
CA ILE R 285 -37.04 -26.90 22.57
C ILE R 285 -36.30 -26.00 23.56
N ASP R 286 -35.06 -26.37 23.89
CA ASP R 286 -34.29 -25.60 24.84
C ASP R 286 -32.97 -25.20 24.18
N GLU R 287 -32.47 -24.03 24.59
CA GLU R 287 -31.33 -23.29 24.00
C GLU R 287 -31.34 -23.35 22.46
N LEU R 288 -32.43 -22.82 21.89
CA LEU R 288 -32.51 -22.71 20.44
C LEU R 288 -31.57 -21.64 19.92
N ASP R 289 -31.17 -20.70 20.76
CA ASP R 289 -30.12 -19.73 20.42
C ASP R 289 -28.75 -20.36 20.29
N ALA R 290 -28.53 -21.57 20.82
CA ALA R 290 -27.24 -22.24 20.67
C ALA R 290 -27.05 -22.75 19.25
N ILE R 291 -28.16 -23.06 18.56
CA ILE R 291 -28.11 -23.47 17.16
C ILE R 291 -28.68 -22.42 16.23
N GLY R 292 -29.47 -21.48 16.73
CA GLY R 292 -29.95 -20.43 15.87
C GLY R 292 -28.85 -19.41 15.76
N THR R 293 -28.07 -19.51 14.68
CA THR R 293 -26.90 -18.70 14.49
C THR R 293 -27.08 -17.90 13.20
N LYS R 294 -26.90 -16.59 13.31
CA LYS R 294 -27.03 -15.70 12.17
C LYS R 294 -25.98 -16.05 11.11
N ARG R 295 -26.46 -16.30 9.89
CA ARG R 295 -25.63 -16.85 8.84
C ARG R 295 -24.64 -15.82 8.32
N PHE R 296 -23.75 -16.28 7.45
CA PHE R 296 -22.57 -15.54 7.04
C PHE R 296 -22.38 -15.69 5.53
N ASP R 297 -21.56 -14.80 4.97
CA ASP R 297 -20.98 -15.01 3.65
C ASP R 297 -19.47 -14.77 3.82
N SER R 298 -18.78 -15.79 4.30
CA SER R 298 -17.35 -15.75 4.58
C SER R 298 -16.79 -17.17 4.46
N GLU R 299 -15.47 -17.30 4.64
CA GLU R 299 -14.74 -18.50 4.25
C GLU R 299 -13.84 -18.94 5.40
N LYS R 300 -13.60 -20.26 5.49
CA LYS R 300 -12.83 -20.93 6.55
C LYS R 300 -13.36 -20.66 7.96
N ALA R 301 -14.65 -20.34 8.08
CA ALA R 301 -15.24 -20.03 9.38
C ALA R 301 -16.74 -20.18 9.35
N GLY R 302 -17.34 -20.66 10.45
CA GLY R 302 -18.77 -20.70 10.56
C GLY R 302 -19.39 -22.05 10.27
N ASP R 303 -20.71 -22.15 10.42
CA ASP R 303 -21.42 -23.40 10.24
C ASP R 303 -22.48 -23.26 9.15
N ARG R 304 -22.47 -24.21 8.20
CA ARG R 304 -23.53 -24.27 7.20
C ARG R 304 -24.45 -25.46 7.45
N GLU R 305 -24.18 -26.21 8.52
CA GLU R 305 -24.96 -27.38 8.89
C GLU R 305 -26.25 -27.01 9.63
N VAL R 306 -26.26 -27.30 10.95
CA VAL R 306 -27.36 -27.05 11.93
C VAL R 306 -28.72 -26.66 11.35
N GLN R 307 -28.73 -25.47 10.76
CA GLN R 307 -29.89 -24.93 10.04
C GLN R 307 -30.59 -25.96 9.14
N ARG R 308 -29.89 -27.02 8.70
CA ARG R 308 -30.56 -28.13 8.02
C ARG R 308 -31.51 -28.86 8.95
N THR R 309 -31.09 -29.07 10.20
CA THR R 309 -31.94 -29.71 11.19
C THR R 309 -33.14 -28.85 11.51
N MET R 310 -32.97 -27.53 11.46
CA MET R 310 -33.98 -26.59 11.95
C MET R 310 -34.96 -26.22 10.85
N LEU R 311 -34.49 -26.11 9.61
CA LEU R 311 -35.40 -25.98 8.49
C LEU R 311 -36.00 -27.32 8.09
N GLU R 312 -35.41 -28.43 8.54
CA GLU R 312 -36.08 -29.72 8.43
C GLU R 312 -37.11 -29.89 9.54
N LEU R 313 -36.87 -29.23 10.67
CA LEU R 313 -37.84 -29.17 11.76
C LEU R 313 -39.10 -28.45 11.30
N LEU R 314 -38.92 -27.22 10.77
CA LEU R 314 -40.02 -26.48 10.16
C LEU R 314 -40.57 -27.21 8.94
N ASN R 315 -39.70 -27.92 8.22
CA ASN R 315 -40.11 -28.53 6.96
C ASN R 315 -41.01 -29.73 7.18
N GLN R 316 -40.57 -30.71 7.96
CA GLN R 316 -41.39 -31.85 8.30
C GLN R 316 -42.59 -31.47 9.15
N LEU R 317 -42.43 -30.49 10.04
CA LEU R 317 -43.52 -30.17 10.95
C LEU R 317 -44.66 -29.44 10.23
N ASP R 318 -44.35 -28.31 9.61
CA ASP R 318 -45.36 -27.43 9.05
C ASP R 318 -45.31 -27.50 7.53
N GLY R 319 -46.48 -27.33 6.90
CA GLY R 319 -46.57 -27.33 5.46
C GLY R 319 -46.87 -28.69 4.87
N PHE R 320 -46.15 -29.72 5.31
CA PHE R 320 -46.30 -31.06 4.76
C PHE R 320 -47.36 -31.79 5.57
N GLN R 321 -48.56 -31.90 5.00
CA GLN R 321 -49.79 -32.20 5.72
C GLN R 321 -49.94 -31.32 6.97
N PRO R 322 -50.31 -30.04 6.81
CA PRO R 322 -50.38 -29.13 7.97
C PRO R 322 -51.51 -29.50 8.92
N ASN R 323 -51.09 -30.06 10.04
CA ASN R 323 -52.01 -30.54 11.07
C ASN R 323 -51.68 -29.79 12.36
N THR R 324 -52.71 -29.31 13.05
CA THR R 324 -52.50 -28.60 14.29
C THR R 324 -52.40 -29.55 15.46
N GLN R 325 -51.44 -30.48 15.38
CA GLN R 325 -51.21 -31.49 16.41
C GLN R 325 -49.83 -31.35 17.04
N VAL R 326 -49.36 -30.12 17.23
CA VAL R 326 -48.01 -29.87 17.71
C VAL R 326 -47.96 -28.46 18.28
N LYS R 327 -47.18 -28.28 19.35
CA LYS R 327 -46.97 -26.99 19.98
C LYS R 327 -45.48 -26.80 20.18
N VAL R 328 -44.92 -25.79 19.54
CA VAL R 328 -43.48 -25.53 19.55
C VAL R 328 -43.18 -24.57 20.68
N ILE R 329 -42.36 -25.01 21.63
CA ILE R 329 -41.99 -24.19 22.77
C ILE R 329 -40.48 -24.07 22.79
N ALA R 330 -39.98 -22.85 22.61
CA ALA R 330 -38.56 -22.59 22.61
C ALA R 330 -38.21 -21.52 23.64
N ALA R 331 -37.14 -21.78 24.39
CA ALA R 331 -36.70 -20.87 25.45
C ALA R 331 -35.23 -20.58 25.21
N THR R 332 -34.97 -19.49 24.48
CA THR R 332 -33.61 -19.04 24.20
C THR R 332 -33.18 -18.08 25.28
N ASN R 333 -31.90 -18.13 25.63
CA ASN R 333 -31.36 -17.12 26.55
C ASN R 333 -31.29 -15.76 25.86
N ARG R 334 -30.77 -15.73 24.64
CA ARG R 334 -30.69 -14.51 23.87
C ARG R 334 -31.36 -14.70 22.51
N VAL R 335 -31.73 -13.58 21.90
CA VAL R 335 -32.44 -13.62 20.62
C VAL R 335 -31.54 -13.19 19.45
N ASP R 336 -30.55 -12.34 19.69
CA ASP R 336 -29.82 -11.66 18.62
C ASP R 336 -28.94 -12.59 17.77
N ILE R 337 -28.70 -13.82 18.22
CA ILE R 337 -27.93 -14.75 17.41
C ILE R 337 -28.81 -15.46 16.39
N LEU R 338 -30.10 -15.59 16.70
CA LEU R 338 -31.05 -16.33 15.87
C LEU R 338 -31.20 -15.72 14.48
N ASP R 339 -31.55 -16.57 13.51
CA ASP R 339 -31.84 -16.11 12.17
C ASP R 339 -33.16 -15.32 12.18
N PRO R 340 -33.35 -14.40 11.24
CA PRO R 340 -34.67 -13.80 11.06
C PRO R 340 -35.68 -14.75 10.41
N ALA R 341 -35.23 -15.84 9.78
CA ALA R 341 -36.12 -16.81 9.17
C ALA R 341 -36.65 -17.84 10.16
N LEU R 342 -36.41 -17.65 11.45
CA LEU R 342 -36.84 -18.60 12.47
C LEU R 342 -37.93 -18.05 13.38
N LEU R 343 -38.33 -16.80 13.19
CA LEU R 343 -39.14 -16.10 14.18
C LEU R 343 -40.29 -15.33 13.56
N ARG R 344 -40.54 -15.51 12.26
CA ARG R 344 -41.27 -14.55 11.45
C ARG R 344 -42.75 -14.32 11.81
N SER R 345 -43.63 -15.28 11.52
CA SER R 345 -45.02 -15.12 11.96
C SER R 345 -45.66 -16.44 12.37
N GLY R 346 -45.11 -17.55 11.91
CA GLY R 346 -45.72 -18.85 12.10
C GLY R 346 -44.68 -19.87 12.47
N ARG R 347 -43.43 -19.41 12.49
CA ARG R 347 -42.34 -20.22 13.01
C ARG R 347 -42.40 -20.22 14.53
N LEU R 348 -42.20 -19.06 15.14
CA LEU R 348 -42.54 -18.80 16.52
C LEU R 348 -43.36 -17.50 16.55
N ASP R 349 -44.63 -17.63 16.90
CA ASP R 349 -45.55 -16.51 16.74
C ASP R 349 -45.31 -15.42 17.79
N ARG R 350 -44.93 -15.80 19.00
CA ARG R 350 -44.82 -14.85 20.11
C ARG R 350 -43.37 -14.64 20.51
N LYS R 351 -43.12 -13.46 21.10
CA LYS R 351 -41.80 -13.09 21.63
C LYS R 351 -42.06 -12.71 23.08
N ILE R 352 -41.99 -13.68 23.97
CA ILE R 352 -42.33 -13.47 25.37
C ILE R 352 -41.03 -13.29 26.14
N GLU R 353 -40.76 -12.04 26.53
CA GLU R 353 -39.58 -11.71 27.30
C GLU R 353 -39.83 -11.91 28.78
N PHE R 354 -38.76 -12.22 29.50
CA PHE R 354 -38.78 -12.41 30.95
C PHE R 354 -37.87 -11.39 31.58
N PRO R 355 -38.39 -10.41 32.33
CA PRO R 355 -37.50 -9.42 32.95
C PRO R 355 -36.91 -9.92 34.25
N MET R 356 -36.01 -9.12 34.84
CA MET R 356 -35.30 -9.46 36.06
C MET R 356 -36.27 -9.53 37.24
N PRO R 357 -36.09 -10.51 38.15
CA PRO R 357 -36.86 -10.52 39.40
C PRO R 357 -36.54 -9.28 40.23
N ASN R 358 -37.50 -8.38 40.32
CA ASN R 358 -37.23 -7.01 40.75
C ASN R 358 -36.78 -6.89 42.20
N GLU R 359 -37.67 -7.14 43.15
CA GLU R 359 -37.25 -7.43 44.51
C GLU R 359 -37.85 -8.72 45.02
N GLU R 360 -39.18 -8.84 44.89
CA GLU R 360 -39.92 -9.85 45.64
C GLU R 360 -40.02 -11.16 44.90
N ALA R 361 -39.61 -11.21 43.64
CA ALA R 361 -39.44 -12.50 43.00
C ALA R 361 -38.08 -13.08 43.36
N ARG R 362 -37.13 -12.23 43.77
CA ARG R 362 -35.89 -12.74 44.34
C ARG R 362 -36.13 -13.32 45.72
N ALA R 363 -36.86 -12.58 46.57
CA ALA R 363 -37.24 -13.10 47.88
C ALA R 363 -38.21 -14.26 47.74
N ARG R 364 -39.01 -14.24 46.69
CA ARG R 364 -40.01 -15.27 46.50
C ARG R 364 -39.38 -16.59 46.08
N ILE R 365 -38.61 -16.56 44.99
CA ILE R 365 -37.96 -17.78 44.49
C ILE R 365 -36.85 -18.22 45.45
N MET R 366 -36.20 -17.27 46.12
CA MET R 366 -35.29 -17.58 47.20
C MET R 366 -36.02 -18.27 48.36
N GLN R 367 -37.27 -17.89 48.61
CA GLN R 367 -38.05 -18.56 49.63
C GLN R 367 -38.52 -19.94 49.15
N ILE R 368 -38.70 -20.09 47.83
CA ILE R 368 -39.03 -21.39 47.25
C ILE R 368 -37.88 -22.36 47.48
N HIS R 369 -36.65 -21.86 47.38
CA HIS R 369 -35.51 -22.71 47.74
C HIS R 369 -35.46 -22.98 49.22
N SER R 370 -35.85 -22.02 50.05
CA SER R 370 -35.85 -22.22 51.49
C SER R 370 -37.19 -22.68 52.02
N ARG R 371 -38.02 -23.28 51.17
CA ARG R 371 -39.28 -23.84 51.65
C ARG R 371 -39.07 -25.12 52.43
N LYS R 372 -38.30 -26.05 51.88
CA LYS R 372 -38.09 -27.36 52.47
C LYS R 372 -36.90 -27.38 53.44
N MET R 373 -36.06 -26.37 53.40
CA MET R 373 -34.93 -26.33 54.32
C MET R 373 -35.39 -25.76 55.67
N ASN R 374 -34.70 -26.18 56.72
CA ASN R 374 -35.03 -25.69 58.06
C ASN R 374 -34.56 -24.25 58.18
N VAL R 375 -35.52 -23.33 58.25
CA VAL R 375 -35.24 -21.91 58.26
C VAL R 375 -35.68 -21.37 59.61
N SER R 376 -34.73 -20.74 60.32
CA SER R 376 -35.07 -20.03 61.53
C SER R 376 -35.97 -18.84 61.20
N PRO R 377 -36.93 -18.52 62.07
CA PRO R 377 -37.83 -17.38 61.80
C PRO R 377 -37.17 -16.01 61.92
N ASP R 378 -35.88 -15.93 62.23
CA ASP R 378 -35.15 -14.66 62.27
C ASP R 378 -34.64 -14.28 60.88
N VAL R 379 -35.50 -14.36 59.88
CA VAL R 379 -35.15 -14.14 58.50
C VAL R 379 -36.15 -13.15 57.92
N ASN R 380 -35.65 -12.03 57.43
CA ASN R 380 -36.45 -11.05 56.70
C ASN R 380 -36.01 -11.11 55.24
N TYR R 381 -36.86 -11.71 54.40
CA TYR R 381 -36.55 -11.90 52.98
C TYR R 381 -36.44 -10.57 52.24
N GLU R 382 -37.10 -9.53 52.73
CA GLU R 382 -37.01 -8.24 52.07
C GLU R 382 -35.70 -7.53 52.39
N GLU R 383 -35.15 -7.78 53.57
CA GLU R 383 -33.77 -7.37 53.85
C GLU R 383 -32.82 -8.01 52.87
N LEU R 384 -32.95 -9.33 52.73
CA LEU R 384 -32.07 -10.12 51.87
C LEU R 384 -32.19 -9.68 50.43
N ALA R 385 -33.36 -9.88 49.81
CA ALA R 385 -33.53 -9.58 48.39
C ALA R 385 -33.51 -8.08 48.10
N ARG R 386 -33.75 -7.25 49.10
CA ARG R 386 -33.57 -5.82 48.90
C ARG R 386 -32.09 -5.44 48.82
N CYS R 387 -31.25 -6.02 49.68
CA CYS R 387 -29.83 -5.70 49.57
C CYS R 387 -29.14 -6.49 48.47
N THR R 388 -29.85 -7.39 47.80
CA THR R 388 -29.35 -7.97 46.55
C THR R 388 -29.47 -6.91 45.47
N ASP R 389 -28.44 -6.77 44.66
CA ASP R 389 -28.50 -5.98 43.45
C ASP R 389 -28.10 -6.86 42.27
N ASP R 390 -28.95 -6.87 41.24
CA ASP R 390 -28.70 -7.49 39.94
C ASP R 390 -28.50 -9.00 40.06
N PHE R 391 -29.47 -9.67 40.67
CA PHE R 391 -29.43 -11.12 40.76
C PHE R 391 -30.51 -11.70 39.85
N ASN R 392 -30.17 -12.76 39.13
CA ASN R 392 -31.19 -13.60 38.52
C ASN R 392 -31.53 -14.72 39.50
N GLY R 393 -32.53 -15.54 39.18
CA GLY R 393 -32.90 -16.63 40.06
C GLY R 393 -31.88 -17.76 40.09
N ALA R 394 -30.99 -17.80 39.10
CA ALA R 394 -29.78 -18.60 39.21
C ALA R 394 -28.94 -18.15 40.40
N GLN R 395 -28.90 -16.84 40.63
CA GLN R 395 -28.18 -16.28 41.76
C GLN R 395 -29.03 -16.18 43.02
N CYS R 396 -30.35 -16.13 42.91
CA CYS R 396 -31.19 -16.33 44.09
C CYS R 396 -30.98 -17.73 44.64
N LYS R 397 -30.97 -18.71 43.74
CA LYS R 397 -30.71 -20.08 44.11
C LYS R 397 -29.28 -20.24 44.60
N ALA R 398 -28.33 -19.53 43.98
CA ALA R 398 -26.94 -19.64 44.38
C ALA R 398 -26.72 -19.06 45.77
N VAL R 399 -27.35 -17.93 46.06
CA VAL R 399 -27.25 -17.33 47.39
C VAL R 399 -27.96 -18.19 48.42
N CYS R 400 -29.09 -18.81 48.06
CA CYS R 400 -29.85 -19.56 49.06
C CYS R 400 -29.18 -20.91 49.38
N VAL R 401 -28.70 -21.62 48.36
CA VAL R 401 -27.98 -22.86 48.60
C VAL R 401 -26.62 -22.58 49.25
N GLU R 402 -25.97 -21.47 48.88
CA GLU R 402 -24.74 -21.06 49.56
C GLU R 402 -25.00 -20.60 51.00
N ALA R 403 -26.24 -20.20 51.31
CA ALA R 403 -26.61 -20.04 52.70
C ALA R 403 -26.75 -21.40 53.36
N GLY R 404 -27.19 -22.41 52.60
CA GLY R 404 -27.17 -23.77 53.13
C GLY R 404 -25.77 -24.29 53.40
N MET R 405 -24.81 -23.90 52.57
CA MET R 405 -23.47 -24.44 52.70
C MET R 405 -22.63 -23.65 53.71
N ILE R 406 -22.77 -22.32 53.72
CA ILE R 406 -22.12 -21.51 54.73
C ILE R 406 -22.76 -21.78 56.09
N ALA R 407 -24.07 -22.01 56.13
CA ALA R 407 -24.70 -22.52 57.33
C ALA R 407 -24.31 -23.95 57.64
N LEU R 408 -23.78 -24.67 56.65
CA LEU R 408 -23.36 -26.05 56.83
C LEU R 408 -21.91 -26.18 57.30
N ARG R 409 -21.12 -25.10 57.19
CA ARG R 409 -19.71 -25.16 57.58
C ARG R 409 -19.55 -25.41 59.07
N ARG R 410 -20.05 -24.49 59.90
CA ARG R 410 -19.87 -24.62 61.34
C ARG R 410 -20.75 -25.70 61.97
N GLY R 411 -21.74 -26.20 61.24
CA GLY R 411 -22.58 -27.26 61.78
C GLY R 411 -23.74 -26.71 62.58
N ALA R 412 -24.40 -25.69 62.05
CA ALA R 412 -25.57 -25.15 62.70
C ALA R 412 -26.74 -26.12 62.58
N THR R 413 -27.68 -26.00 63.52
CA THR R 413 -28.85 -26.86 63.49
C THR R 413 -29.86 -26.40 62.45
N GLU R 414 -29.90 -25.12 62.13
CA GLU R 414 -30.81 -24.62 61.10
C GLU R 414 -30.11 -23.51 60.31
N LEU R 415 -30.81 -22.99 59.31
CA LEU R 415 -30.32 -21.84 58.57
C LEU R 415 -30.37 -20.58 59.41
N THR R 416 -29.38 -19.72 59.20
CA THR R 416 -29.24 -18.49 59.95
C THR R 416 -29.17 -17.31 58.99
N HIS R 417 -29.71 -16.17 59.43
CA HIS R 417 -29.82 -14.98 58.58
C HIS R 417 -28.45 -14.43 58.22
N GLU R 418 -27.47 -14.60 59.12
CA GLU R 418 -26.09 -14.26 58.80
C GLU R 418 -25.56 -15.09 57.66
N ASP R 419 -25.94 -16.37 57.60
CA ASP R 419 -25.51 -17.23 56.52
C ASP R 419 -26.22 -16.90 55.22
N TYR R 420 -27.45 -16.39 55.30
CA TYR R 420 -28.07 -15.78 54.12
C TYR R 420 -27.29 -14.55 53.68
N MET R 421 -26.90 -13.71 54.64
CA MET R 421 -26.17 -12.48 54.34
C MET R 421 -24.76 -12.77 53.85
N GLU R 422 -24.27 -13.97 54.14
CA GLU R 422 -22.95 -14.42 53.73
C GLU R 422 -23.05 -14.93 52.30
N GLY R 423 -24.22 -15.44 51.95
CA GLY R 423 -24.48 -15.94 50.61
C GLY R 423 -24.69 -14.75 49.70
N ILE R 424 -25.24 -13.67 50.26
CA ILE R 424 -25.47 -12.43 49.53
C ILE R 424 -24.16 -12.00 48.90
N LEU R 425 -23.06 -12.34 49.57
CA LEU R 425 -21.75 -12.00 49.07
C LEU R 425 -20.87 -13.24 48.96
N GLU R 426 -21.36 -14.24 48.22
CA GLU R 426 -20.61 -15.47 48.03
C GLU R 426 -19.26 -15.10 47.42
N VAL R 427 -18.25 -15.02 48.27
CA VAL R 427 -16.88 -14.66 47.88
C VAL R 427 -16.74 -13.45 46.94
N GLN R 428 -17.50 -12.40 47.23
CA GLN R 428 -17.52 -11.16 46.44
C GLN R 428 -17.58 -11.40 44.92
N ALA R 429 -18.50 -12.25 44.49
CA ALA R 429 -18.67 -12.59 43.08
C ALA R 429 -17.34 -12.97 42.43
N LYS R 430 -16.60 -11.96 41.97
CA LYS R 430 -15.30 -12.14 41.34
C LYS R 430 -14.12 -12.01 42.33
N LYS R 431 -14.44 -11.83 43.60
CA LYS R 431 -13.45 -11.71 44.69
C LYS R 431 -12.38 -10.62 44.57
N LYS R 432 -11.12 -11.04 44.36
CA LYS R 432 -9.94 -10.17 44.24
C LYS R 432 -9.70 -9.27 45.48
N ALA R 433 -10.47 -8.19 45.57
CA ALA R 433 -10.41 -7.22 46.68
C ALA R 433 -9.13 -6.40 46.93
N ASN R 434 -8.25 -6.28 45.94
CA ASN R 434 -7.05 -5.47 46.12
C ASN R 434 -7.51 -4.04 46.41
N LEU R 435 -7.03 -3.50 47.52
CA LEU R 435 -7.42 -2.14 47.86
C LEU R 435 -6.29 -1.19 47.48
N GLN R 436 -5.41 -1.68 46.61
CA GLN R 436 -4.42 -0.84 45.92
C GLN R 436 -5.19 0.12 45.04
N TYR R 437 -4.76 1.39 45.05
CA TYR R 437 -5.22 2.53 44.25
C TYR R 437 -6.56 3.08 44.70
N TYR R 438 -7.25 2.38 45.59
CA TYR R 438 -8.54 2.87 46.04
C TYR R 438 -8.46 3.46 47.43
N ALA R 439 -7.45 3.04 48.20
CA ALA R 439 -6.99 3.70 49.44
C ALA R 439 -8.04 3.76 50.56
N SER S 5 -13.25 -5.28 -3.98
CA SER S 5 -13.27 -4.60 -2.69
C SER S 5 -12.00 -3.82 -2.45
N ALA S 6 -11.86 -3.25 -1.24
CA ALA S 6 -10.68 -2.47 -0.89
C ALA S 6 -10.50 -2.35 0.62
N GLY S 7 -10.75 -3.45 1.34
CA GLY S 7 -10.62 -3.46 2.78
C GLY S 7 -11.42 -2.34 3.42
N PHE S 8 -10.77 -1.53 4.26
CA PHE S 8 -11.44 -0.42 4.90
C PHE S 8 -12.14 0.48 3.90
N ASP S 9 -12.21 0.06 2.63
CA ASP S 9 -12.97 0.71 1.58
C ASP S 9 -14.45 0.78 1.91
N ARG S 10 -14.99 -0.17 2.66
CA ARG S 10 -16.35 -0.07 3.16
C ARG S 10 -16.47 0.88 4.33
N HIS S 11 -15.38 1.47 4.78
CA HIS S 11 -15.41 2.32 5.96
C HIS S 11 -14.92 3.73 5.68
N ILE S 12 -13.77 3.87 5.02
CA ILE S 12 -13.15 5.18 4.86
C ILE S 12 -12.99 5.51 3.39
N THR S 13 -12.42 6.69 3.13
CA THR S 13 -12.33 7.23 1.77
C THR S 13 -11.01 6.80 1.15
N ILE S 14 -10.97 5.55 0.69
CA ILE S 14 -9.83 5.03 -0.05
C ILE S 14 -10.32 4.46 -1.37
N PHE S 15 -9.41 4.38 -2.33
CA PHE S 15 -9.74 3.87 -3.66
C PHE S 15 -9.98 2.37 -3.63
N SER S 16 -11.26 1.98 -3.71
CA SER S 16 -11.63 0.58 -3.69
C SER S 16 -10.89 -0.14 -4.81
N PRO S 17 -10.17 -1.22 -4.47
CA PRO S 17 -9.42 -2.01 -5.46
C PRO S 17 -10.12 -2.31 -6.79
N GLU S 18 -10.34 -1.28 -7.63
CA GLU S 18 -11.01 -1.36 -8.91
C GLU S 18 -10.99 0.03 -9.55
N GLY S 19 -11.38 1.02 -8.75
CA GLY S 19 -11.44 2.40 -9.22
C GLY S 19 -12.63 3.20 -8.71
N ARG S 20 -12.85 3.17 -7.41
CA ARG S 20 -13.96 3.89 -6.79
C ARG S 20 -13.75 4.02 -5.29
N LEU S 21 -14.79 4.41 -4.57
CA LEU S 21 -14.76 4.54 -3.12
C LEU S 21 -16.19 4.52 -2.60
N TYR S 22 -16.41 3.71 -1.58
CA TYR S 22 -17.74 3.27 -1.25
C TYR S 22 -18.53 4.27 -0.44
N GLN S 23 -17.86 5.21 0.20
CA GLN S 23 -18.55 6.12 1.12
C GLN S 23 -19.40 7.14 0.37
N VAL S 24 -18.87 7.71 -0.71
CA VAL S 24 -19.61 8.73 -1.44
C VAL S 24 -20.75 8.11 -2.22
N GLU S 25 -20.55 6.94 -2.78
CA GLU S 25 -21.68 6.25 -3.40
C GLU S 25 -22.65 5.67 -2.38
N TYR S 26 -22.27 5.58 -1.11
CA TYR S 26 -23.28 5.45 -0.07
C TYR S 26 -24.00 6.77 0.17
N ALA S 27 -23.28 7.88 0.00
CA ALA S 27 -23.89 9.18 0.21
C ALA S 27 -24.77 9.61 -0.93
N PHE S 28 -24.65 8.98 -2.10
CA PHE S 28 -25.55 9.23 -3.21
C PHE S 28 -26.98 8.86 -2.86
N LYS S 29 -27.17 7.80 -2.10
CA LYS S 29 -28.48 7.41 -1.61
C LYS S 29 -28.72 7.86 -0.19
N ALA S 30 -27.80 8.65 0.39
CA ALA S 30 -28.09 9.27 1.68
C ALA S 30 -29.20 10.31 1.55
N ILE S 31 -29.34 10.89 0.35
CA ILE S 31 -30.46 11.78 0.08
C ILE S 31 -31.77 11.00 0.08
N ASN S 32 -31.73 9.77 -0.43
CA ASN S 32 -32.95 9.03 -0.75
C ASN S 32 -33.74 8.58 0.48
N GLN S 33 -33.16 8.66 1.67
CA GLN S 33 -33.96 8.47 2.86
C GLN S 33 -34.75 9.71 3.24
N GLY S 34 -34.59 10.80 2.49
CA GLY S 34 -35.41 11.98 2.75
C GLY S 34 -36.86 11.79 2.33
N GLY S 35 -37.09 11.08 1.23
CA GLY S 35 -38.44 10.85 0.75
C GLY S 35 -39.06 12.11 0.17
N LEU S 36 -38.47 12.64 -0.91
CA LEU S 36 -38.89 13.95 -1.38
C LEU S 36 -38.58 14.06 -2.87
N THR S 37 -39.26 14.99 -3.53
CA THR S 37 -39.16 15.16 -4.97
C THR S 37 -39.21 16.65 -5.33
N SER S 38 -38.28 17.09 -6.17
CA SER S 38 -38.06 18.50 -6.44
C SER S 38 -37.89 18.73 -7.93
N VAL S 39 -38.54 19.76 -8.45
CA VAL S 39 -38.46 20.09 -9.88
C VAL S 39 -38.19 21.58 -10.06
N ALA S 40 -37.15 21.89 -10.84
CA ALA S 40 -36.85 23.22 -11.34
C ALA S 40 -37.14 23.29 -12.83
N VAL S 41 -37.63 24.45 -13.28
CA VAL S 41 -37.99 24.68 -14.67
C VAL S 41 -37.36 25.98 -15.12
N ARG S 42 -36.60 25.94 -16.21
CA ARG S 42 -36.03 27.12 -16.83
C ARG S 42 -36.12 26.97 -18.34
N GLY S 43 -37.16 27.54 -18.93
CA GLY S 43 -37.30 27.46 -20.36
C GLY S 43 -37.44 28.83 -21.00
N LYS S 44 -37.62 29.85 -20.16
CA LYS S 44 -37.71 31.23 -20.58
C LYS S 44 -37.13 32.08 -19.48
N ASP S 45 -37.50 33.37 -19.43
CA ASP S 45 -36.93 34.32 -18.48
C ASP S 45 -37.33 34.09 -17.02
N CYS S 46 -38.09 33.03 -16.75
CA CYS S 46 -38.42 32.64 -15.40
C CYS S 46 -37.84 31.27 -15.09
N ALA S 47 -37.99 30.86 -13.84
CA ALA S 47 -37.44 29.63 -13.30
C ALA S 47 -38.27 29.27 -12.08
N VAL S 48 -38.76 28.04 -12.07
CA VAL S 48 -39.83 27.63 -11.17
C VAL S 48 -39.32 26.49 -10.32
N ILE S 49 -39.56 26.57 -9.01
CA ILE S 49 -39.20 25.51 -8.08
C ILE S 49 -40.47 24.96 -7.46
N VAL S 50 -40.61 23.63 -7.45
CA VAL S 50 -41.77 23.01 -6.85
C VAL S 50 -41.34 21.73 -6.13
N THR S 51 -41.82 21.58 -4.90
CA THR S 51 -41.47 20.44 -4.05
C THR S 51 -42.58 20.25 -3.04
N GLN S 52 -42.99 19.00 -2.80
CA GLN S 52 -44.04 18.75 -1.83
C GLN S 52 -43.53 18.91 -0.40
N LYS S 53 -44.47 18.82 0.54
CA LYS S 53 -44.15 18.52 1.92
C LYS S 53 -44.90 17.26 2.33
N LYS S 54 -44.50 16.66 3.45
CA LYS S 54 -45.18 15.50 4.00
C LYS S 54 -45.29 15.72 5.51
N VAL S 55 -46.38 16.37 5.91
CA VAL S 55 -46.65 16.64 7.32
C VAL S 55 -47.76 15.71 7.78
N PRO S 56 -47.45 14.76 8.66
CA PRO S 56 -48.52 13.89 9.19
C PRO S 56 -49.16 14.40 10.47
N ASP S 57 -48.52 15.34 11.16
CA ASP S 57 -48.94 15.72 12.50
C ASP S 57 -49.74 17.02 12.45
N LYS S 58 -50.84 17.04 13.20
CA LYS S 58 -51.57 18.27 13.44
C LYS S 58 -50.88 19.17 14.46
N LEU S 59 -50.05 18.59 15.33
CA LEU S 59 -49.27 19.39 16.26
C LEU S 59 -48.04 20.01 15.61
N LEU S 60 -47.70 19.58 14.40
CA LEU S 60 -46.56 20.11 13.68
C LEU S 60 -47.00 21.34 12.89
N ASP S 61 -46.14 22.35 12.84
CA ASP S 61 -46.49 23.62 12.23
C ASP S 61 -46.41 23.51 10.70
N SER S 62 -46.48 24.64 10.01
CA SER S 62 -46.40 24.63 8.55
C SER S 62 -45.30 25.51 7.99
N SER S 63 -44.98 26.63 8.64
CA SER S 63 -43.88 27.47 8.17
C SER S 63 -42.53 26.80 8.42
N THR S 64 -42.46 25.91 9.41
CA THR S 64 -41.24 25.24 9.79
C THR S 64 -40.89 24.06 8.90
N VAL S 65 -41.57 23.92 7.76
CA VAL S 65 -41.44 22.77 6.90
C VAL S 65 -40.73 23.11 5.59
N THR S 66 -40.77 24.39 5.20
CA THR S 66 -40.39 24.81 3.85
C THR S 66 -38.90 24.67 3.61
N HIS S 67 -38.54 24.00 2.52
CA HIS S 67 -37.16 23.84 2.12
C HIS S 67 -36.71 24.87 1.09
N LEU S 68 -37.59 25.78 0.69
CA LEU S 68 -37.17 26.91 -0.13
C LEU S 68 -36.39 27.89 0.74
N PHE S 69 -35.14 28.12 0.37
CA PHE S 69 -34.19 28.82 1.22
C PHE S 69 -33.62 30.01 0.48
N LYS S 70 -34.08 31.20 0.84
CA LYS S 70 -33.67 32.44 0.22
C LYS S 70 -32.27 32.78 0.71
N ILE S 71 -31.26 32.33 -0.03
CA ILE S 71 -29.89 32.69 0.30
C ILE S 71 -29.66 34.17 0.04
N THR S 72 -29.88 34.58 -1.19
CA THR S 72 -29.72 35.97 -1.58
C THR S 72 -31.06 36.40 -2.16
N GLU S 73 -31.29 37.72 -2.17
CA GLU S 73 -32.48 38.34 -2.70
C GLU S 73 -32.80 37.92 -4.13
N ASN S 74 -31.78 37.68 -4.95
CA ASN S 74 -31.99 37.20 -6.30
C ASN S 74 -31.67 35.71 -6.41
N ILE S 75 -31.12 35.10 -5.37
CA ILE S 75 -30.64 33.73 -5.46
C ILE S 75 -31.39 32.89 -4.45
N GLY S 76 -32.30 32.06 -4.94
CA GLY S 76 -33.02 31.12 -4.10
C GLY S 76 -32.49 29.71 -4.32
N CYS S 77 -32.75 28.86 -3.35
CA CYS S 77 -32.32 27.48 -3.47
C CYS S 77 -33.31 26.59 -2.76
N VAL S 78 -33.20 25.29 -3.00
CA VAL S 78 -34.00 24.32 -2.30
C VAL S 78 -33.10 23.12 -2.01
N MET S 79 -33.44 22.39 -0.96
CA MET S 79 -32.58 21.36 -0.44
C MET S 79 -33.25 20.01 -0.44
N THR S 80 -32.44 18.97 -0.62
CA THR S 80 -32.86 17.59 -0.47
C THR S 80 -32.01 16.94 0.61
N GLY S 81 -32.18 15.64 0.81
CA GLY S 81 -31.37 14.95 1.78
C GLY S 81 -31.84 15.20 3.20
N MET S 82 -30.91 15.03 4.13
CA MET S 82 -31.23 15.24 5.54
C MET S 82 -31.17 16.72 5.89
N THR S 83 -31.76 17.05 7.02
CA THR S 83 -32.04 18.44 7.33
C THR S 83 -30.80 19.19 7.79
N ALA S 84 -29.96 18.54 8.59
CA ALA S 84 -28.86 19.24 9.25
C ALA S 84 -27.77 19.63 8.27
N ASP S 85 -27.41 18.70 7.37
CA ASP S 85 -26.43 19.00 6.32
C ASP S 85 -26.93 20.09 5.41
N SER S 86 -28.22 20.06 5.11
CA SER S 86 -28.83 21.03 4.22
C SER S 86 -28.80 22.43 4.82
N ARG S 87 -29.20 22.54 6.09
CA ARG S 87 -29.20 23.83 6.78
C ARG S 87 -27.78 24.37 6.95
N SER S 88 -26.83 23.50 7.30
CA SER S 88 -25.45 23.94 7.47
C SER S 88 -24.87 24.43 6.16
N GLN S 89 -25.19 23.73 5.08
CA GLN S 89 -24.80 24.18 3.75
C GLN S 89 -25.49 25.49 3.39
N VAL S 90 -26.69 25.72 3.94
CA VAL S 90 -27.38 26.98 3.70
C VAL S 90 -26.62 28.14 4.34
N GLN S 91 -26.23 28.02 5.62
CA GLN S 91 -25.51 29.15 6.20
C GLN S 91 -24.10 29.29 5.65
N ARG S 92 -23.50 28.19 5.17
CA ARG S 92 -22.24 28.31 4.47
C ARG S 92 -22.40 29.10 3.18
N ALA S 93 -23.48 28.86 2.45
CA ALA S 93 -23.68 29.54 1.18
C ALA S 93 -24.02 31.01 1.39
N ARG S 94 -24.84 31.30 2.39
CA ARG S 94 -25.13 32.70 2.74
C ARG S 94 -23.87 33.41 3.16
N TYR S 95 -23.04 32.72 3.93
CA TYR S 95 -21.81 33.30 4.45
C TYR S 95 -20.85 33.63 3.32
N GLU S 96 -20.62 32.68 2.42
CA GLU S 96 -19.67 32.90 1.34
C GLU S 96 -20.20 33.89 0.31
N ALA S 97 -21.52 33.92 0.12
CA ALA S 97 -22.09 34.91 -0.79
C ALA S 97 -21.95 36.31 -0.23
N ALA S 98 -22.15 36.45 1.07
CA ALA S 98 -21.91 37.71 1.72
C ALA S 98 -20.44 38.07 1.72
N ASN S 99 -19.57 37.06 1.69
CA ASN S 99 -18.14 37.33 1.55
C ASN S 99 -17.82 37.79 0.14
N TRP S 100 -18.56 37.31 -0.86
CA TRP S 100 -18.41 37.87 -2.20
C TRP S 100 -18.83 39.32 -2.21
N LYS S 101 -19.90 39.63 -1.50
CA LYS S 101 -20.40 41.01 -1.49
C LYS S 101 -19.45 41.92 -0.74
N TYR S 102 -18.79 41.40 0.29
CA TYR S 102 -17.87 42.26 1.01
C TYR S 102 -16.56 42.41 0.26
N LYS S 103 -15.97 41.29 -0.15
CA LYS S 103 -14.65 41.31 -0.75
C LYS S 103 -14.68 41.89 -2.15
N TYR S 104 -15.80 41.75 -2.86
CA TYR S 104 -15.85 42.08 -4.28
C TYR S 104 -16.82 43.21 -4.58
N GLY S 105 -17.70 43.55 -3.65
CA GLY S 105 -18.49 44.74 -3.74
C GLY S 105 -19.73 44.63 -4.60
N TYR S 106 -20.10 43.44 -5.04
CA TYR S 106 -21.24 43.30 -5.92
C TYR S 106 -21.83 41.91 -5.77
N GLU S 107 -22.81 41.63 -6.61
CA GLU S 107 -23.60 40.41 -6.49
C GLU S 107 -22.82 39.19 -6.94
N ILE S 108 -22.90 38.13 -6.14
CA ILE S 108 -22.21 36.89 -6.51
C ILE S 108 -22.94 36.22 -7.67
N PRO S 109 -22.22 35.72 -8.67
CA PRO S 109 -22.84 34.84 -9.64
C PRO S 109 -23.18 33.51 -9.00
N VAL S 110 -24.34 32.99 -9.35
CA VAL S 110 -24.78 31.71 -8.84
C VAL S 110 -23.91 30.58 -9.39
N ASP S 111 -23.32 30.77 -10.57
CA ASP S 111 -22.41 29.78 -11.11
C ASP S 111 -21.11 29.74 -10.30
N MET S 112 -20.55 30.92 -10.03
CA MET S 112 -19.36 31.01 -9.18
C MET S 112 -19.65 30.48 -7.79
N LEU S 113 -20.85 30.76 -7.28
CA LEU S 113 -21.27 30.27 -5.97
C LEU S 113 -21.33 28.76 -5.95
N CYS S 114 -21.89 28.17 -7.00
CA CYS S 114 -22.00 26.71 -7.08
C CYS S 114 -20.63 26.08 -7.23
N LYS S 115 -19.70 26.77 -7.90
CA LYS S 115 -18.31 26.35 -7.92
C LYS S 115 -17.72 26.32 -6.53
N ARG S 116 -17.97 27.38 -5.74
CA ARG S 116 -17.39 27.47 -4.41
C ARG S 116 -17.95 26.40 -3.49
N ILE S 117 -19.27 26.20 -3.52
CA ILE S 117 -19.92 25.19 -2.69
C ILE S 117 -19.46 23.79 -3.08
N ALA S 118 -19.29 23.57 -4.38
CA ALA S 118 -18.77 22.30 -4.86
C ALA S 118 -17.33 22.09 -4.42
N ASP S 119 -16.58 23.18 -4.30
CA ASP S 119 -15.23 23.07 -3.76
C ASP S 119 -15.26 22.72 -2.28
N ILE S 120 -16.23 23.25 -1.54
CA ILE S 120 -16.36 22.91 -0.13
C ILE S 120 -16.73 21.44 0.03
N SER S 121 -17.58 20.94 -0.86
CA SER S 121 -17.90 19.52 -0.89
C SER S 121 -16.67 18.70 -1.24
N GLN S 122 -15.77 19.25 -2.06
CA GLN S 122 -14.50 18.59 -2.30
C GLN S 122 -13.62 18.63 -1.06
N VAL S 123 -13.79 19.65 -0.21
CA VAL S 123 -13.00 19.69 1.02
C VAL S 123 -13.45 18.59 1.98
N TYR S 124 -14.76 18.45 2.17
CA TYR S 124 -15.24 17.35 3.01
C TYR S 124 -15.00 15.99 2.37
N THR S 125 -14.98 15.93 1.05
CA THR S 125 -14.76 14.69 0.33
C THR S 125 -13.31 14.24 0.44
N GLN S 126 -12.39 15.19 0.34
CA GLN S 126 -10.98 14.85 0.17
C GLN S 126 -10.39 14.31 1.46
N ASN S 127 -10.60 15.00 2.56
CA ASN S 127 -10.05 14.54 3.82
C ASN S 127 -10.93 13.46 4.41
N ALA S 128 -10.30 12.47 5.03
CA ALA S 128 -11.02 11.42 5.73
C ALA S 128 -11.34 11.89 7.14
N GLU S 129 -12.01 11.01 7.91
CA GLU S 129 -12.55 11.30 9.24
C GLU S 129 -13.44 12.55 9.26
N MET S 130 -14.13 12.79 8.16
CA MET S 130 -15.00 13.95 8.01
C MET S 130 -16.26 13.50 7.32
N ARG S 131 -17.40 13.70 7.97
CA ARG S 131 -18.66 13.16 7.50
C ARG S 131 -19.16 13.96 6.30
N PRO S 132 -19.31 13.32 5.14
CA PRO S 132 -19.40 14.10 3.89
C PRO S 132 -20.78 14.58 3.49
N LEU S 133 -21.60 15.07 4.44
CA LEU S 133 -22.74 15.97 4.19
C LEU S 133 -23.75 15.45 3.17
N GLY S 134 -24.51 14.42 3.55
CA GLY S 134 -25.43 13.79 2.62
C GLY S 134 -26.67 14.59 2.26
N CYS S 135 -26.49 15.67 1.49
CA CYS S 135 -27.60 16.44 0.98
C CYS S 135 -27.22 17.05 -0.37
N CYS S 136 -28.20 17.29 -1.21
CA CYS S 136 -27.99 17.91 -2.52
C CYS S 136 -28.72 19.24 -2.59
N MET S 137 -28.13 20.18 -3.31
CA MET S 137 -28.67 21.53 -3.41
C MET S 137 -29.12 21.79 -4.84
N ILE S 138 -30.25 22.47 -4.99
CA ILE S 138 -30.71 22.97 -6.27
C ILE S 138 -30.78 24.49 -6.19
N LEU S 139 -30.22 25.16 -7.19
CA LEU S 139 -29.92 26.58 -7.13
C LEU S 139 -30.60 27.31 -8.27
N ILE S 140 -31.10 28.51 -8.00
CA ILE S 140 -31.62 29.39 -9.06
C ILE S 140 -31.21 30.83 -8.78
N GLY S 141 -31.00 31.56 -9.87
CA GLY S 141 -30.74 32.98 -9.78
C GLY S 141 -31.05 33.66 -11.10
N ILE S 142 -30.70 34.94 -11.17
CA ILE S 142 -30.79 35.73 -12.39
C ILE S 142 -29.40 36.27 -12.69
N ASP S 143 -28.91 36.03 -13.88
CA ASP S 143 -27.71 36.70 -14.36
C ASP S 143 -28.08 37.57 -15.55
N GLU S 144 -27.52 38.77 -15.57
CA GLU S 144 -27.72 39.68 -16.68
C GLU S 144 -27.05 39.15 -17.93
N GLU S 145 -27.73 39.34 -19.06
CA GLU S 145 -27.43 38.78 -20.38
C GLU S 145 -27.40 37.26 -20.39
N GLN S 146 -27.95 36.60 -19.36
CA GLN S 146 -27.95 35.16 -19.26
C GLN S 146 -29.27 34.58 -18.80
N GLY S 147 -30.21 35.42 -18.34
CA GLY S 147 -31.52 34.95 -17.94
C GLY S 147 -31.51 34.38 -16.53
N PRO S 148 -32.47 33.50 -16.24
CA PRO S 148 -32.43 32.73 -15.00
C PRO S 148 -31.53 31.51 -15.11
N GLN S 149 -31.05 31.06 -13.97
CA GLN S 149 -30.03 30.01 -13.90
C GLN S 149 -30.41 28.99 -12.86
N VAL S 150 -30.27 27.73 -13.26
CA VAL S 150 -30.47 26.58 -12.41
C VAL S 150 -29.15 25.86 -12.31
N TYR S 151 -28.76 25.47 -11.10
CA TYR S 151 -27.59 24.66 -10.88
C TYR S 151 -27.89 23.58 -9.87
N LYS S 152 -26.97 22.65 -9.74
CA LYS S 152 -27.11 21.54 -8.83
C LYS S 152 -25.78 21.26 -8.17
N CYS S 153 -25.80 21.06 -6.85
CA CYS S 153 -24.60 20.72 -6.12
C CYS S 153 -24.79 19.38 -5.43
N ASP S 154 -24.01 18.42 -5.85
CA ASP S 154 -24.05 17.07 -5.34
C ASP S 154 -23.21 16.96 -4.08
N PRO S 155 -23.44 15.92 -3.26
CA PRO S 155 -22.49 15.64 -2.18
C PRO S 155 -21.10 15.26 -2.67
N ALA S 156 -20.99 14.75 -3.90
CA ALA S 156 -19.69 14.44 -4.47
C ALA S 156 -18.94 15.67 -4.94
N GLY S 157 -19.57 16.84 -4.93
CA GLY S 157 -18.97 18.03 -5.48
C GLY S 157 -19.03 18.13 -6.98
N TYR S 158 -19.54 17.10 -7.63
CA TYR S 158 -19.70 17.08 -9.08
C TYR S 158 -20.92 17.92 -9.39
N TYR S 159 -20.70 19.20 -9.68
CA TYR S 159 -21.82 20.09 -9.87
C TYR S 159 -22.14 20.23 -11.34
N CYS S 160 -23.34 20.73 -11.61
CA CYS S 160 -23.78 20.99 -12.97
C CYS S 160 -24.91 22.01 -12.93
N GLY S 161 -25.41 22.35 -14.10
CA GLY S 161 -26.55 23.22 -14.23
C GLY S 161 -27.27 23.02 -15.54
N PHE S 162 -28.59 22.91 -15.49
CA PHE S 162 -29.37 22.55 -16.67
C PHE S 162 -30.81 22.94 -16.44
N LYS S 163 -31.61 22.85 -17.50
CA LYS S 163 -32.87 23.57 -17.57
C LYS S 163 -33.99 22.84 -16.83
N ALA S 164 -34.32 21.64 -17.28
CA ALA S 164 -35.41 20.87 -16.71
C ALA S 164 -34.83 19.94 -15.65
N THR S 165 -35.05 20.27 -14.39
CA THR S 165 -34.27 19.68 -13.32
C THR S 165 -35.20 19.02 -12.32
N ALA S 166 -34.76 17.89 -11.77
CA ALA S 166 -35.53 17.18 -10.75
C ALA S 166 -34.57 16.34 -9.92
N ALA S 167 -34.67 16.47 -8.60
CA ALA S 167 -33.82 15.70 -7.71
C ALA S 167 -34.59 15.35 -6.46
N GLY S 168 -34.03 14.45 -5.66
CA GLY S 168 -34.75 13.88 -4.56
C GLY S 168 -34.62 12.38 -4.49
N VAL S 169 -35.73 11.67 -4.71
CA VAL S 169 -35.76 10.21 -4.58
C VAL S 169 -36.15 9.55 -5.91
N LYS S 170 -37.19 10.06 -6.56
CA LYS S 170 -37.91 9.34 -7.62
C LYS S 170 -37.75 9.99 -8.98
N GLN S 171 -36.53 10.31 -9.39
CA GLN S 171 -36.35 11.20 -10.52
C GLN S 171 -35.74 10.53 -11.73
N THR S 172 -35.60 9.21 -11.74
CA THR S 172 -35.44 8.53 -13.00
C THR S 172 -36.72 8.64 -13.82
N GLU S 173 -37.87 8.53 -13.13
CA GLU S 173 -39.16 8.70 -13.77
C GLU S 173 -39.39 10.15 -14.13
N SER S 174 -38.85 11.07 -13.35
CA SER S 174 -39.09 12.47 -13.61
C SER S 174 -38.19 12.98 -14.72
N THR S 175 -36.90 12.67 -14.65
CA THR S 175 -35.98 13.06 -15.72
C THR S 175 -36.28 12.35 -17.02
N SER S 176 -36.66 11.07 -16.96
CA SER S 176 -37.12 10.40 -18.16
C SER S 176 -38.43 10.99 -18.66
N PHE S 177 -39.28 11.43 -17.72
CA PHE S 177 -40.52 12.10 -18.09
C PHE S 177 -40.26 13.41 -18.81
N LEU S 178 -39.27 14.17 -18.36
CA LEU S 178 -38.97 15.44 -18.99
C LEU S 178 -38.19 15.26 -20.27
N GLU S 179 -37.41 14.18 -20.38
CA GLU S 179 -36.88 13.78 -21.68
C GLU S 179 -38.01 13.48 -22.65
N LYS S 180 -39.07 12.83 -22.16
CA LYS S 180 -40.29 12.71 -22.94
C LYS S 180 -41.03 14.03 -23.10
N LYS S 181 -40.78 14.99 -22.22
CA LYS S 181 -41.52 16.24 -22.26
C LYS S 181 -40.75 17.37 -22.91
N VAL S 182 -39.57 17.71 -22.39
CA VAL S 182 -38.77 18.76 -23.01
C VAL S 182 -37.93 18.06 -24.06
N LYS S 183 -38.56 17.83 -25.20
CA LYS S 183 -37.89 17.55 -26.46
C LYS S 183 -38.50 18.36 -27.58
N LYS S 184 -39.77 18.75 -27.44
CA LYS S 184 -40.37 19.78 -28.24
C LYS S 184 -39.93 21.13 -27.69
N LYS S 185 -39.65 22.07 -28.60
CA LYS S 185 -38.98 23.31 -28.27
C LYS S 185 -39.94 24.47 -28.11
N PHE S 186 -41.09 24.27 -27.47
CA PHE S 186 -42.01 25.36 -27.20
C PHE S 186 -41.39 26.37 -26.24
N ASP S 187 -41.94 27.58 -26.25
CA ASP S 187 -41.61 28.53 -25.22
C ASP S 187 -42.24 28.07 -23.91
N TRP S 188 -41.73 28.61 -22.81
CA TRP S 188 -42.14 28.18 -21.48
C TRP S 188 -42.58 29.46 -20.79
N THR S 189 -43.82 29.83 -21.05
CA THR S 189 -44.31 31.18 -20.78
C THR S 189 -44.97 31.29 -19.41
N PHE S 190 -44.24 30.85 -18.38
CA PHE S 190 -44.50 31.17 -16.97
C PHE S 190 -45.75 30.50 -16.40
N GLU S 191 -46.55 29.91 -17.26
CA GLU S 191 -47.60 28.97 -16.89
C GLU S 191 -47.56 27.75 -17.77
N GLN S 192 -46.83 27.84 -18.87
CA GLN S 192 -46.27 26.65 -19.47
C GLN S 192 -45.28 26.01 -18.52
N THR S 193 -44.48 26.85 -17.85
CA THR S 193 -43.58 26.35 -16.81
C THR S 193 -44.36 25.77 -15.65
N VAL S 194 -45.28 26.56 -15.10
CA VAL S 194 -46.03 26.15 -13.92
C VAL S 194 -46.93 24.97 -14.24
N GLU S 195 -47.52 24.98 -15.43
CA GLU S 195 -48.34 23.88 -15.89
C GLU S 195 -47.52 22.60 -16.01
N THR S 196 -46.36 22.67 -16.66
CA THR S 196 -45.55 21.48 -16.82
C THR S 196 -44.87 21.05 -15.53
N ALA S 197 -44.80 21.94 -14.54
CA ALA S 197 -44.20 21.57 -13.26
C ALA S 197 -45.22 20.90 -12.36
N ILE S 198 -46.38 21.53 -12.19
CA ILE S 198 -47.43 20.96 -11.35
C ILE S 198 -47.95 19.68 -11.98
N THR S 199 -48.02 19.65 -13.30
CA THR S 199 -48.44 18.41 -13.95
C THR S 199 -47.31 17.41 -14.07
N CYS S 200 -46.04 17.86 -14.07
CA CYS S 200 -44.96 16.88 -14.16
C CYS S 200 -44.79 16.15 -12.84
N LEU S 201 -44.84 16.90 -11.74
CA LEU S 201 -44.97 16.29 -10.42
C LEU S 201 -46.28 15.54 -10.29
N SER S 202 -47.31 15.97 -11.02
CA SER S 202 -48.54 15.21 -11.10
C SER S 202 -48.50 14.14 -12.17
N THR S 203 -47.33 13.80 -12.67
CA THR S 203 -47.15 12.54 -13.36
C THR S 203 -46.27 11.60 -12.58
N VAL S 204 -45.23 12.11 -11.93
CA VAL S 204 -44.34 11.25 -11.18
C VAL S 204 -45.00 10.82 -9.88
N LEU S 205 -45.56 11.77 -9.15
CA LEU S 205 -46.36 11.43 -7.98
C LEU S 205 -47.81 11.19 -8.32
N SER S 206 -48.37 12.06 -9.18
CA SER S 206 -49.72 11.93 -9.76
C SER S 206 -50.80 11.87 -8.67
N ILE S 207 -50.88 12.95 -7.91
CA ILE S 207 -51.80 13.04 -6.78
C ILE S 207 -52.76 14.22 -6.94
N ASP S 208 -52.24 15.40 -7.30
CA ASP S 208 -53.00 16.65 -7.48
C ASP S 208 -53.81 17.01 -6.23
N PHE S 209 -53.06 17.21 -5.16
CA PHE S 209 -53.52 17.44 -3.80
C PHE S 209 -53.86 18.91 -3.57
N LYS S 210 -53.99 19.24 -2.29
CA LYS S 210 -54.31 20.57 -1.83
C LYS S 210 -53.21 21.55 -2.25
N PRO S 211 -53.54 22.83 -2.40
CA PRO S 211 -52.50 23.84 -2.67
C PRO S 211 -51.57 24.15 -1.49
N SER S 212 -51.57 23.36 -0.42
CA SER S 212 -50.76 23.64 0.75
C SER S 212 -49.50 22.80 0.86
N GLU S 213 -49.34 21.77 0.04
CA GLU S 213 -48.22 20.86 0.25
C GLU S 213 -47.01 21.17 -0.59
N ILE S 214 -47.19 21.44 -1.84
CA ILE S 214 -46.08 21.87 -2.68
C ILE S 214 -45.76 23.33 -2.40
N GLU S 215 -44.48 23.57 -2.18
CA GLU S 215 -43.88 24.88 -2.20
C GLU S 215 -43.38 25.17 -3.60
N VAL S 216 -43.69 26.36 -4.09
CA VAL S 216 -43.24 26.84 -5.39
C VAL S 216 -42.50 28.15 -5.17
N GLY S 217 -41.22 28.19 -5.54
CA GLY S 217 -40.45 29.41 -5.51
C GLY S 217 -40.08 29.81 -6.93
N VAL S 218 -40.57 30.95 -7.37
CA VAL S 218 -40.33 31.38 -8.74
C VAL S 218 -39.34 32.53 -8.71
N VAL S 219 -38.60 32.67 -9.80
CA VAL S 219 -37.90 33.91 -10.09
C VAL S 219 -38.10 34.17 -11.57
N THR S 220 -38.22 35.45 -11.93
CA THR S 220 -38.56 35.82 -13.29
C THR S 220 -37.79 37.08 -13.59
N VAL S 221 -37.40 37.24 -14.85
CA VAL S 221 -36.65 38.40 -15.31
C VAL S 221 -37.34 39.73 -15.00
N GLU S 222 -38.65 39.68 -14.76
CA GLU S 222 -39.40 40.89 -14.43
C GLU S 222 -38.95 41.32 -13.03
N ASN S 223 -39.45 40.61 -12.04
CA ASN S 223 -39.04 40.85 -10.66
C ASN S 223 -37.98 39.80 -10.37
N PRO S 224 -36.70 40.12 -10.60
CA PRO S 224 -35.63 39.13 -10.34
C PRO S 224 -35.39 38.82 -8.87
N LYS S 225 -36.16 39.40 -7.96
CA LYS S 225 -36.11 38.97 -6.57
C LYS S 225 -36.66 37.56 -6.46
N PHE S 226 -35.99 36.76 -5.64
CA PHE S 226 -36.45 35.41 -5.36
C PHE S 226 -37.79 35.46 -4.64
N ARG S 227 -38.73 34.64 -5.12
CA ARG S 227 -40.12 34.83 -4.78
C ARG S 227 -40.78 33.48 -4.52
N ILE S 228 -41.30 33.31 -3.31
CA ILE S 228 -41.97 32.08 -2.90
C ILE S 228 -43.47 32.33 -2.96
N LEU S 229 -44.19 31.39 -3.57
CA LEU S 229 -45.59 31.61 -3.90
C LEU S 229 -46.49 31.50 -2.68
N THR S 230 -47.73 31.90 -2.89
CA THR S 230 -48.74 32.05 -1.86
C THR S 230 -49.84 31.01 -2.09
N GLU S 231 -50.52 30.63 -1.00
CA GLU S 231 -51.56 29.61 -1.02
C GLU S 231 -52.65 29.89 -2.03
N ALA S 232 -53.09 31.14 -2.12
CA ALA S 232 -54.18 31.49 -3.02
C ALA S 232 -53.73 31.44 -4.47
N GLU S 233 -52.51 31.88 -4.76
CA GLU S 233 -52.04 31.87 -6.15
C GLU S 233 -51.54 30.49 -6.55
N ILE S 234 -51.08 29.68 -5.59
CA ILE S 234 -50.84 28.27 -5.84
C ILE S 234 -52.14 27.57 -6.17
N ASP S 235 -53.23 27.97 -5.48
CA ASP S 235 -54.55 27.44 -5.82
C ASP S 235 -54.98 27.92 -7.20
N ALA S 236 -54.62 29.16 -7.55
CA ALA S 236 -55.01 29.72 -8.83
C ALA S 236 -54.30 29.02 -9.98
N HIS S 237 -53.01 28.74 -9.81
CA HIS S 237 -52.30 28.00 -10.83
C HIS S 237 -52.67 26.53 -10.80
N LEU S 238 -53.15 26.03 -9.67
CA LEU S 238 -53.57 24.64 -9.60
C LEU S 238 -54.87 24.43 -10.35
N VAL S 239 -55.84 25.32 -10.15
CA VAL S 239 -57.06 25.23 -10.93
C VAL S 239 -56.86 25.74 -12.35
N ALA S 240 -55.76 26.45 -12.61
CA ALA S 240 -55.47 26.92 -13.96
C ALA S 240 -55.05 25.77 -14.87
N LEU S 241 -54.67 24.63 -14.29
CA LEU S 241 -54.44 23.41 -15.03
C LEU S 241 -55.42 22.31 -14.66
N ALA S 242 -56.53 22.66 -14.02
CA ALA S 242 -57.56 21.69 -13.67
C ALA S 242 -58.72 21.85 -14.64
N GLU S 243 -58.65 21.13 -15.75
CA GLU S 243 -59.73 21.12 -16.74
C GLU S 243 -60.17 19.70 -17.03
N GLY T 4 -4.80 15.07 13.99
CA GLY T 4 -3.36 14.94 13.82
C GLY T 4 -2.89 13.55 13.44
N TYR T 5 -3.51 12.97 12.41
CA TYR T 5 -3.04 11.72 11.83
C TYR T 5 -2.03 12.01 10.73
N SER T 6 -1.88 11.08 9.79
CA SER T 6 -1.02 11.21 8.63
C SER T 6 0.50 11.23 8.83
N PHE T 7 1.02 10.06 9.13
CA PHE T 7 2.44 9.79 9.25
C PHE T 7 2.49 8.74 8.14
N SER T 8 2.18 9.23 6.92
CA SER T 8 1.98 8.50 5.66
C SER T 8 0.63 7.77 5.76
N LEU T 9 0.45 6.75 4.93
CA LEU T 9 -0.75 5.93 4.90
C LEU T 9 -0.27 4.85 3.98
N THR T 10 0.70 5.25 3.19
CA THR T 10 1.36 4.40 2.22
C THR T 10 2.49 3.60 2.82
N THR T 11 2.41 2.29 2.73
CA THR T 11 3.55 1.43 2.99
C THR T 11 3.93 0.75 1.68
N PHE T 12 5.15 0.21 1.66
CA PHE T 12 5.55 -0.59 0.53
C PHE T 12 4.82 -1.92 0.54
N SER T 13 4.64 -2.49 -0.64
CA SER T 13 4.23 -3.88 -0.73
C SER T 13 5.38 -4.76 -0.31
N PRO T 14 5.12 -6.03 0.01
CA PRO T 14 6.25 -6.98 0.15
C PRO T 14 7.04 -7.15 -1.14
N SER T 15 6.40 -6.96 -2.28
CA SER T 15 7.13 -6.77 -3.53
C SER T 15 7.89 -5.46 -3.56
N GLY T 16 7.47 -4.44 -2.82
CA GLY T 16 8.11 -3.15 -2.85
C GLY T 16 7.28 -2.07 -3.49
N LYS T 17 6.17 -2.42 -4.10
CA LYS T 17 5.34 -1.47 -4.83
C LYS T 17 4.39 -0.77 -3.87
N LEU T 18 3.59 0.14 -4.42
CA LEU T 18 2.69 0.98 -3.63
C LEU T 18 1.29 0.78 -4.21
N VAL T 19 0.42 0.15 -3.42
CA VAL T 19 -0.78 -0.47 -3.97
C VAL T 19 -1.84 0.56 -4.32
N GLN T 20 -2.08 1.52 -3.43
CA GLN T 20 -3.14 2.51 -3.63
C GLN T 20 -2.85 3.45 -4.78
N ILE T 21 -1.57 3.68 -5.08
CA ILE T 21 -1.20 4.42 -6.27
C ILE T 21 -1.57 3.64 -7.52
N GLU T 22 -1.35 2.34 -7.49
CA GLU T 22 -1.72 1.49 -8.62
C GLU T 22 -3.22 1.40 -8.77
N TYR T 23 -3.94 1.49 -7.65
CA TYR T 23 -5.39 1.55 -7.73
C TYR T 23 -5.86 2.91 -8.20
N ALA T 24 -5.05 3.94 -7.98
CA ALA T 24 -5.38 5.25 -8.52
C ALA T 24 -5.16 5.29 -10.01
N LEU T 25 -4.11 4.61 -10.48
CA LEU T 25 -3.90 4.42 -11.91
C LEU T 25 -5.01 3.57 -12.50
N ALA T 26 -5.53 2.63 -11.70
CA ALA T 26 -6.71 1.87 -12.11
C ALA T 26 -7.93 2.77 -12.19
N ALA T 27 -8.01 3.77 -11.31
CA ALA T 27 -9.13 4.70 -11.37
C ALA T 27 -9.01 5.63 -12.57
N VAL T 28 -7.78 5.92 -13.00
CA VAL T 28 -7.60 6.75 -14.19
C VAL T 28 -7.92 5.96 -15.44
N ALA T 29 -7.31 4.78 -15.58
CA ALA T 29 -7.42 4.01 -16.82
C ALA T 29 -8.81 3.42 -16.99
N GLY T 30 -9.56 3.27 -15.91
CA GLY T 30 -10.93 2.80 -16.02
C GLY T 30 -11.95 3.87 -16.29
N GLY T 31 -11.54 4.97 -16.91
CA GLY T 31 -12.41 6.10 -17.14
C GLY T 31 -12.75 6.30 -18.59
N ALA T 32 -12.04 7.23 -19.22
CA ALA T 32 -12.52 7.85 -20.44
C ALA T 32 -11.40 7.86 -21.48
N PRO T 33 -11.72 7.81 -22.78
CA PRO T 33 -10.71 8.16 -23.80
C PRO T 33 -10.90 9.52 -24.51
N SER T 34 -9.81 10.28 -24.54
CA SER T 34 -9.71 11.60 -25.17
C SER T 34 -8.36 11.68 -25.90
N VAL T 35 -8.05 12.81 -26.54
CA VAL T 35 -6.79 12.90 -27.28
C VAL T 35 -6.01 14.23 -27.28
N GLY T 36 -4.69 14.12 -27.26
CA GLY T 36 -3.80 15.26 -27.25
C GLY T 36 -2.65 15.12 -28.22
N ILE T 37 -2.46 16.05 -29.15
CA ILE T 37 -1.45 15.91 -30.20
C ILE T 37 -0.67 17.22 -30.33
N LYS T 38 0.66 17.12 -30.29
CA LYS T 38 1.54 18.25 -30.54
C LYS T 38 1.84 18.33 -32.03
N ALA T 39 1.53 19.48 -32.64
CA ALA T 39 1.82 19.72 -34.04
C ALA T 39 3.07 20.57 -34.17
N ALA T 40 3.46 20.89 -35.41
CA ALA T 40 4.68 21.63 -35.66
C ALA T 40 4.58 23.08 -35.22
N ASN T 41 3.38 23.65 -35.28
CA ASN T 41 3.17 25.04 -34.93
C ASN T 41 2.54 25.25 -33.55
N GLY T 42 1.49 24.49 -33.23
CA GLY T 42 0.84 24.59 -31.94
C GLY T 42 0.54 23.20 -31.44
N VAL T 43 -0.24 23.13 -30.36
CA VAL T 43 -0.65 21.84 -29.80
C VAL T 43 -2.16 21.79 -29.73
N VAL T 44 -2.74 20.73 -30.26
CA VAL T 44 -4.18 20.56 -30.30
C VAL T 44 -4.59 19.56 -29.24
N LEU T 45 -5.48 19.98 -28.33
CA LEU T 45 -6.12 19.12 -27.37
C LEU T 45 -7.58 18.95 -27.73
N ALA T 46 -8.11 17.76 -27.48
CA ALA T 46 -9.50 17.48 -27.85
C ALA T 46 -10.11 16.50 -26.88
N THR T 47 -11.37 16.76 -26.51
CA THR T 47 -12.23 15.84 -25.79
C THR T 47 -13.42 15.46 -26.65
N GLU T 48 -14.26 14.58 -26.11
CA GLU T 48 -15.53 14.23 -26.72
C GLU T 48 -16.53 14.20 -25.57
N LYS T 49 -17.10 15.34 -25.24
CA LYS T 49 -17.89 15.50 -24.02
C LYS T 49 -19.36 15.33 -24.38
N LYS T 50 -19.88 14.13 -24.19
CA LYS T 50 -21.30 13.89 -24.33
C LYS T 50 -21.94 13.93 -22.96
N GLN T 51 -23.16 14.45 -22.90
CA GLN T 51 -23.86 14.53 -21.63
C GLN T 51 -24.42 13.15 -21.27
N LYS T 52 -24.68 12.97 -19.97
CA LYS T 52 -25.29 11.72 -19.52
C LYS T 52 -26.76 11.66 -19.88
N SER T 53 -27.43 12.82 -19.88
CA SER T 53 -28.82 12.93 -20.29
C SER T 53 -28.89 13.78 -21.56
N ILE T 54 -30.12 14.13 -21.94
CA ILE T 54 -30.33 15.08 -23.02
C ILE T 54 -30.59 16.46 -22.49
N LEU T 55 -30.26 16.71 -21.22
CA LEU T 55 -30.69 17.92 -20.54
C LEU T 55 -29.55 18.88 -20.28
N TYR T 56 -28.32 18.37 -20.28
CA TYR T 56 -27.21 19.10 -19.67
C TYR T 56 -26.74 20.22 -20.57
N ASP T 57 -26.40 21.35 -19.95
CA ASP T 57 -25.81 22.44 -20.68
C ASP T 57 -24.31 22.20 -20.82
N GLU T 58 -23.85 22.29 -22.06
CA GLU T 58 -22.43 22.16 -22.37
C GLU T 58 -21.73 23.51 -22.39
N ARG T 59 -22.47 24.58 -22.10
CA ARG T 59 -21.90 25.90 -21.98
C ARG T 59 -21.48 26.19 -20.55
N SER T 60 -21.62 25.23 -19.64
CA SER T 60 -21.30 25.44 -18.23
C SER T 60 -19.91 24.91 -17.87
N VAL T 61 -19.68 23.63 -18.06
CA VAL T 61 -18.42 23.01 -17.66
C VAL T 61 -17.58 22.79 -18.92
N HIS T 62 -16.28 23.05 -18.81
CA HIS T 62 -15.41 23.07 -19.97
C HIS T 62 -14.13 22.32 -19.65
N LYS T 63 -13.93 21.18 -20.31
CA LYS T 63 -12.79 20.31 -20.02
C LYS T 63 -11.48 20.96 -20.45
N VAL T 64 -11.45 21.50 -21.66
CA VAL T 64 -10.27 22.24 -22.11
C VAL T 64 -10.21 23.53 -21.33
N GLU T 65 -9.17 23.68 -20.53
CA GLU T 65 -9.07 24.86 -19.71
C GLU T 65 -7.70 25.49 -19.85
N PRO T 66 -7.63 26.78 -20.15
CA PRO T 66 -6.36 27.48 -20.10
C PRO T 66 -5.92 27.74 -18.67
N ILE T 67 -4.61 27.73 -18.49
CA ILE T 67 -4.01 28.28 -17.28
C ILE T 67 -3.29 29.58 -17.56
N THR T 68 -2.55 29.67 -18.67
CA THR T 68 -2.02 30.93 -19.14
C THR T 68 -2.66 31.17 -20.50
N LYS T 69 -2.55 32.40 -21.01
CA LYS T 69 -3.03 32.75 -22.33
C LYS T 69 -2.28 32.03 -23.45
N HIS T 70 -1.13 31.41 -23.16
CA HIS T 70 -0.45 30.61 -24.17
C HIS T 70 -0.39 29.15 -23.76
N ILE T 71 -1.07 28.77 -22.67
CA ILE T 71 -0.96 27.43 -22.10
C ILE T 71 -2.36 26.85 -21.95
N GLY T 72 -2.63 25.74 -22.65
CA GLY T 72 -3.84 24.98 -22.46
C GLY T 72 -3.55 23.64 -21.78
N LEU T 73 -4.61 23.02 -21.29
CA LEU T 73 -4.43 21.84 -20.44
C LEU T 73 -5.73 21.06 -20.35
N VAL T 74 -5.62 19.74 -20.28
CA VAL T 74 -6.69 18.84 -19.84
C VAL T 74 -6.11 17.82 -18.87
N TYR T 75 -6.93 16.87 -18.45
CA TYR T 75 -6.60 16.06 -17.29
C TYR T 75 -6.92 14.60 -17.56
N SER T 76 -6.87 13.78 -16.51
CA SER T 76 -7.31 12.39 -16.66
C SER T 76 -8.01 11.91 -15.40
N GLY T 77 -9.32 12.12 -15.34
CA GLY T 77 -10.01 11.72 -14.14
C GLY T 77 -11.29 12.48 -13.87
N MET T 78 -11.42 13.08 -12.70
CA MET T 78 -12.65 13.73 -12.28
C MET T 78 -12.46 15.24 -12.18
N GLY T 79 -13.48 15.96 -12.62
CA GLY T 79 -13.60 17.39 -12.43
C GLY T 79 -13.39 17.97 -11.03
N PRO T 80 -14.02 17.44 -9.98
CA PRO T 80 -13.89 18.07 -8.65
C PRO T 80 -12.48 18.08 -8.08
N ASP T 81 -11.65 17.08 -8.40
CA ASP T 81 -10.22 17.23 -8.17
C ASP T 81 -9.59 18.26 -9.09
N TYR T 82 -10.01 18.25 -10.35
CA TYR T 82 -9.37 19.00 -11.42
C TYR T 82 -9.49 20.49 -11.18
N ARG T 83 -10.62 20.93 -10.65
CA ARG T 83 -10.82 22.34 -10.37
C ARG T 83 -9.91 22.81 -9.24
N VAL T 84 -9.65 21.93 -8.27
CA VAL T 84 -8.78 22.28 -7.16
C VAL T 84 -7.35 22.43 -7.64
N LEU T 85 -6.84 21.41 -8.34
CA LEU T 85 -5.45 21.49 -8.78
C LEU T 85 -5.26 22.52 -9.88
N VAL T 86 -6.30 22.79 -10.67
CA VAL T 86 -6.25 23.94 -11.59
C VAL T 86 -6.09 25.23 -10.82
N HIS T 87 -6.88 25.39 -9.76
CA HIS T 87 -6.81 26.60 -8.94
C HIS T 87 -5.43 26.77 -8.32
N ARG T 88 -4.84 25.65 -7.91
CA ARG T 88 -3.47 25.64 -7.43
C ARG T 88 -2.48 26.08 -8.50
N ALA T 89 -2.64 25.55 -9.71
CA ALA T 89 -1.70 25.87 -10.78
C ALA T 89 -1.84 27.29 -11.26
N ARG T 90 -3.08 27.80 -11.30
CA ARG T 90 -3.34 29.19 -11.60
C ARG T 90 -2.63 30.10 -10.61
N LYS T 91 -2.82 29.83 -9.31
CA LYS T 91 -2.20 30.67 -8.30
C LYS T 91 -0.69 30.57 -8.33
N LEU T 92 -0.17 29.38 -8.64
CA LEU T 92 1.26 29.17 -8.75
C LEU T 92 1.84 29.95 -9.93
N ALA T 93 1.14 29.94 -11.05
CA ALA T 93 1.55 30.73 -12.21
C ALA T 93 1.48 32.22 -11.89
N GLN T 94 0.52 32.61 -11.07
CA GLN T 94 0.49 33.98 -10.59
C GLN T 94 1.67 34.28 -9.68
N GLN T 95 2.17 33.28 -8.95
CA GLN T 95 3.35 33.50 -8.13
C GLN T 95 4.58 33.71 -8.98
N TYR T 96 4.71 32.92 -10.05
CA TYR T 96 5.80 33.13 -11.01
C TYR T 96 5.70 34.51 -11.63
N TYR T 97 4.48 34.92 -11.97
CA TYR T 97 4.34 36.22 -12.60
C TYR T 97 4.53 37.36 -11.61
N LEU T 98 4.28 37.12 -10.33
CA LEU T 98 4.56 38.15 -9.35
C LEU T 98 6.05 38.27 -9.10
N VAL T 99 6.77 37.15 -9.14
CA VAL T 99 8.22 37.23 -8.95
C VAL T 99 8.89 37.81 -10.17
N TYR T 100 8.58 37.25 -11.33
CA TYR T 100 9.42 37.45 -12.50
C TYR T 100 8.83 38.40 -13.53
N GLN T 101 7.53 38.70 -13.43
CA GLN T 101 6.82 39.59 -14.35
C GLN T 101 6.96 39.11 -15.79
N GLU T 102 6.77 37.81 -15.98
CA GLU T 102 7.09 37.16 -17.22
C GLU T 102 6.24 35.92 -17.33
N PRO T 103 5.77 35.55 -18.52
CA PRO T 103 4.93 34.35 -18.66
C PRO T 103 5.73 33.07 -18.45
N ILE T 104 5.19 32.20 -17.59
CA ILE T 104 5.94 31.06 -17.05
C ILE T 104 6.15 30.01 -18.14
N PRO T 105 7.34 29.44 -18.27
CA PRO T 105 7.51 28.26 -19.13
C PRO T 105 6.81 27.07 -18.53
N THR T 106 6.33 26.20 -19.42
CA THR T 106 5.45 25.10 -19.02
C THR T 106 6.18 24.08 -18.16
N ALA T 107 7.48 23.90 -18.38
CA ALA T 107 8.26 22.94 -17.62
C ALA T 107 8.38 23.34 -16.17
N GLN T 108 8.27 24.64 -15.90
CA GLN T 108 8.28 25.08 -14.52
C GLN T 108 7.01 24.64 -13.80
N LEU T 109 5.87 24.70 -14.49
CA LEU T 109 4.63 24.18 -13.94
C LEU T 109 4.70 22.67 -13.81
N VAL T 110 5.43 22.03 -14.72
CA VAL T 110 5.66 20.60 -14.64
C VAL T 110 6.38 20.23 -13.35
N GLN T 111 7.49 20.92 -13.07
CA GLN T 111 8.27 20.62 -11.87
C GLN T 111 7.49 20.95 -10.61
N ARG T 112 6.89 22.14 -10.57
CA ARG T 112 6.25 22.58 -9.35
C ARG T 112 4.97 21.81 -9.09
N VAL T 113 4.08 21.74 -10.07
CA VAL T 113 2.80 21.07 -9.89
C VAL T 113 2.99 19.58 -9.74
N ALA T 114 3.95 19.02 -10.47
CA ALA T 114 4.26 17.60 -10.32
C ALA T 114 4.83 17.30 -8.93
N SER T 115 5.60 18.23 -8.38
CA SER T 115 6.07 18.07 -7.01
C SER T 115 4.92 18.20 -6.01
N VAL T 116 3.92 19.01 -6.34
CA VAL T 116 2.75 19.15 -5.47
C VAL T 116 1.97 17.85 -5.44
N MET T 117 1.73 17.26 -6.61
CA MET T 117 1.02 15.99 -6.67
C MET T 117 1.86 14.87 -6.06
N GLN T 118 3.18 14.99 -6.15
CA GLN T 118 4.06 14.03 -5.49
C GLN T 118 3.93 14.14 -3.97
N GLU T 119 3.75 15.36 -3.47
CA GLU T 119 3.43 15.53 -2.07
C GLU T 119 2.10 14.88 -1.72
N TYR T 120 1.10 15.00 -2.60
CA TYR T 120 -0.19 14.38 -2.29
C TYR T 120 -0.14 12.87 -2.34
N THR T 121 0.79 12.30 -3.11
CA THR T 121 1.04 10.88 -3.00
C THR T 121 1.69 10.54 -1.67
N GLN T 122 2.59 11.41 -1.22
CA GLN T 122 3.31 11.22 0.05
C GLN T 122 2.44 10.83 1.24
N SER T 123 1.56 11.73 1.68
CA SER T 123 0.71 11.46 2.84
C SER T 123 -0.64 10.84 2.50
N GLY T 124 -1.42 10.55 3.54
CA GLY T 124 -2.41 9.48 3.50
C GLY T 124 -3.80 9.82 4.00
N GLY T 125 -3.90 10.79 4.91
CA GLY T 125 -5.20 11.18 5.43
C GLY T 125 -6.10 11.66 4.30
N VAL T 126 -5.49 11.77 3.12
CA VAL T 126 -6.15 12.22 1.92
C VAL T 126 -5.82 11.22 0.83
N ARG T 127 -6.70 11.09 -0.12
CA ARG T 127 -6.28 10.24 -1.21
C ARG T 127 -5.34 11.00 -2.14
N PRO T 128 -4.51 10.31 -2.88
CA PRO T 128 -3.86 10.95 -4.03
C PRO T 128 -4.90 11.25 -5.09
N PHE T 129 -4.64 12.30 -5.85
CA PHE T 129 -5.55 12.70 -6.90
C PHE T 129 -5.42 11.76 -8.09
N GLY T 130 -6.55 11.18 -8.52
CA GLY T 130 -6.53 10.28 -9.65
C GLY T 130 -6.57 10.98 -10.99
N VAL T 131 -5.53 11.76 -11.29
CA VAL T 131 -5.48 12.59 -12.49
C VAL T 131 -4.07 12.56 -13.07
N SER T 132 -3.95 12.24 -14.35
CA SER T 132 -2.72 12.51 -15.09
C SER T 132 -2.97 13.71 -16.00
N LEU T 133 -2.03 14.63 -16.04
CA LEU T 133 -2.32 15.86 -16.76
C LEU T 133 -1.75 15.82 -18.17
N LEU T 134 -2.41 16.57 -19.05
CA LEU T 134 -2.01 16.73 -20.43
C LEU T 134 -1.81 18.23 -20.62
N ILE T 135 -0.57 18.65 -20.63
CA ILE T 135 -0.19 20.04 -20.51
C ILE T 135 0.39 20.49 -21.83
N CYS T 136 0.04 21.69 -22.26
CA CYS T 136 0.61 22.19 -23.51
C CYS T 136 0.72 23.69 -23.50
N GLY T 137 1.70 24.17 -24.23
CA GLY T 137 1.95 25.58 -24.31
C GLY T 137 3.05 25.83 -25.32
N TRP T 138 2.92 26.94 -26.02
CA TRP T 138 3.82 27.28 -27.10
C TRP T 138 4.78 28.34 -26.58
N ASN T 139 5.79 27.88 -25.86
CA ASN T 139 6.69 28.75 -25.12
C ASN T 139 7.98 28.90 -25.90
N GLU T 140 8.26 30.12 -26.34
CA GLU T 140 9.51 30.52 -27.01
C GLU T 140 9.75 29.72 -28.28
N GLY T 141 8.86 29.87 -29.24
CA GLY T 141 9.06 29.27 -30.54
C GLY T 141 8.59 27.83 -30.62
N ARG T 142 9.07 27.02 -29.70
CA ARG T 142 8.68 25.62 -29.68
C ARG T 142 7.40 25.45 -28.88
N PRO T 143 6.38 24.83 -29.43
CA PRO T 143 5.30 24.30 -28.58
C PRO T 143 5.77 23.04 -27.86
N TYR T 144 5.04 22.70 -26.81
CA TYR T 144 5.41 21.57 -25.98
C TYR T 144 4.17 20.81 -25.56
N LEU T 145 4.36 19.52 -25.25
CA LEU T 145 3.25 18.65 -24.85
C LEU T 145 3.77 17.67 -23.81
N PHE T 146 3.25 17.78 -22.60
CA PHE T 146 3.80 17.11 -21.44
C PHE T 146 2.72 16.29 -20.77
N GLN T 147 3.03 15.05 -20.43
CA GLN T 147 2.08 14.15 -19.81
C GLN T 147 2.52 13.77 -18.41
N SER T 148 1.77 14.20 -17.41
CA SER T 148 2.08 13.89 -16.04
C SER T 148 1.42 12.58 -15.66
N ASP T 149 1.34 12.34 -14.36
CA ASP T 149 0.67 11.17 -13.81
C ASP T 149 -0.01 11.57 -12.52
N PRO T 150 -0.84 10.69 -11.94
CA PRO T 150 -1.17 10.84 -10.52
C PRO T 150 0.01 10.70 -9.60
N SER T 151 1.02 9.91 -9.98
CA SER T 151 2.12 9.61 -9.07
C SER T 151 3.27 10.61 -9.16
N GLY T 152 3.00 11.86 -9.57
CA GLY T 152 3.96 12.93 -9.42
C GLY T 152 5.01 13.04 -10.50
N ALA T 153 5.15 12.05 -11.38
CA ALA T 153 6.11 12.17 -12.47
C ALA T 153 5.50 12.90 -13.65
N TYR T 154 6.20 12.84 -14.78
CA TYR T 154 5.78 13.55 -15.98
C TYR T 154 6.45 12.92 -17.19
N PHE T 155 5.94 13.26 -18.36
CA PHE T 155 6.50 12.78 -19.61
C PHE T 155 6.42 13.90 -20.64
N ALA T 156 6.70 13.53 -21.88
CA ALA T 156 6.77 14.47 -22.99
C ALA T 156 6.55 13.68 -24.27
N TRP T 157 5.55 14.05 -25.06
CA TRP T 157 5.14 13.27 -26.19
C TRP T 157 4.96 14.14 -27.43
N LYS T 158 5.15 13.53 -28.59
CA LYS T 158 4.73 14.18 -29.83
C LYS T 158 3.21 14.14 -29.96
N ALA T 159 2.61 13.11 -29.40
CA ALA T 159 1.17 12.99 -29.21
C ALA T 159 0.95 11.97 -28.11
N THR T 160 -0.08 12.15 -27.30
CA THR T 160 -0.31 11.21 -26.21
C THR T 160 -1.76 11.19 -25.76
N ALA T 161 -2.33 9.99 -25.70
CA ALA T 161 -3.72 9.82 -25.27
C ALA T 161 -3.77 8.95 -24.02
N MET T 162 -4.98 8.79 -23.49
CA MET T 162 -5.23 7.97 -22.28
C MET T 162 -6.68 7.49 -22.02
N GLY T 163 -6.75 6.24 -21.51
CA GLY T 163 -7.99 5.65 -21.07
C GLY T 163 -8.42 4.40 -21.81
N LYS T 164 -9.67 4.37 -22.26
CA LYS T 164 -10.19 3.22 -22.97
C LYS T 164 -9.54 3.09 -24.33
N ASN T 165 -9.07 1.88 -24.64
CA ASN T 165 -8.39 1.56 -25.90
C ASN T 165 -7.17 2.45 -26.09
N TYR T 166 -6.44 2.69 -25.00
CA TYR T 166 -5.36 3.66 -25.04
C TYR T 166 -4.18 3.12 -25.83
N VAL T 167 -4.00 1.81 -25.84
CA VAL T 167 -3.03 1.21 -26.75
C VAL T 167 -3.57 1.23 -28.18
N ASN T 168 -4.90 1.16 -28.33
CA ASN T 168 -5.47 1.15 -29.66
C ASN T 168 -5.45 2.53 -30.29
N GLY T 169 -5.92 3.54 -29.56
CA GLY T 169 -5.77 4.90 -30.02
C GLY T 169 -4.33 5.35 -30.04
N LYS T 170 -3.49 4.79 -29.17
CA LYS T 170 -2.09 5.18 -29.12
C LYS T 170 -1.34 4.66 -30.33
N THR T 171 -1.56 3.40 -30.69
CA THR T 171 -0.99 2.87 -31.92
C THR T 171 -1.63 3.49 -33.15
N PHE T 172 -2.90 3.90 -33.04
CA PHE T 172 -3.53 4.58 -34.16
C PHE T 172 -2.95 5.97 -34.34
N LEU T 173 -2.46 6.59 -33.28
CA LEU T 173 -1.67 7.80 -33.45
C LEU T 173 -0.28 7.45 -33.95
N GLU T 174 0.25 6.31 -33.52
CA GLU T 174 1.57 5.90 -33.96
C GLU T 174 1.56 5.54 -35.44
N LYS T 175 0.47 4.96 -35.90
CA LYS T 175 0.33 4.68 -37.32
C LYS T 175 -0.08 5.93 -38.08
N ARG T 176 -1.14 6.58 -37.62
CA ARG T 176 -1.75 7.70 -38.35
C ARG T 176 -0.86 8.93 -38.34
N TYR T 177 -0.50 9.41 -37.15
CA TYR T 177 0.27 10.64 -37.08
C TYR T 177 1.75 10.37 -37.33
N ASN T 178 2.49 11.46 -37.47
CA ASN T 178 3.92 11.40 -37.72
C ASN T 178 4.55 12.64 -37.10
N GLU T 179 5.80 12.93 -37.49
CA GLU T 179 6.54 14.07 -36.96
C GLU T 179 5.96 15.40 -37.42
N ASP T 180 5.84 15.61 -38.72
CA ASP T 180 5.52 16.91 -39.28
C ASP T 180 4.07 16.96 -39.75
N LEU T 181 3.27 17.76 -39.08
CA LEU T 181 1.89 18.03 -39.50
C LEU T 181 1.64 19.52 -39.37
N GLU T 182 0.40 19.91 -39.60
CA GLU T 182 -0.05 21.26 -39.28
C GLU T 182 -1.11 21.20 -38.20
N LEU T 183 -1.67 22.37 -37.91
CA LEU T 183 -2.74 22.46 -36.92
C LEU T 183 -3.98 21.71 -37.39
N GLU T 184 -4.44 22.00 -38.61
CA GLU T 184 -5.62 21.33 -39.15
C GLU T 184 -5.35 19.88 -39.44
N ASP T 185 -4.08 19.54 -39.69
CA ASP T 185 -3.70 18.15 -39.80
C ASP T 185 -3.79 17.45 -38.45
N ALA T 186 -3.41 18.14 -37.39
CA ALA T 186 -3.49 17.57 -36.05
C ALA T 186 -4.94 17.44 -35.61
N ILE T 187 -5.79 18.37 -36.02
CA ILE T 187 -7.22 18.24 -35.75
C ILE T 187 -7.80 17.12 -36.61
N HIS T 188 -7.22 16.93 -37.80
CA HIS T 188 -7.69 15.89 -38.70
C HIS T 188 -7.43 14.51 -38.12
N THR T 189 -6.18 14.24 -37.75
CA THR T 189 -5.86 12.95 -37.13
C THR T 189 -6.37 12.89 -35.70
N ALA T 190 -6.70 14.04 -35.11
CA ALA T 190 -7.25 14.04 -33.76
C ALA T 190 -8.71 13.65 -33.76
N ILE T 191 -9.45 14.06 -34.79
CA ILE T 191 -10.82 13.56 -34.96
C ILE T 191 -10.79 12.13 -35.45
N LEU T 192 -9.77 11.80 -36.26
CA LEU T 192 -9.62 10.43 -36.75
C LEU T 192 -9.34 9.46 -35.60
N THR T 193 -8.58 9.91 -34.60
CA THR T 193 -8.43 9.09 -33.42
C THR T 193 -9.53 9.35 -32.39
N LEU T 194 -10.32 10.40 -32.57
CA LEU T 194 -11.41 10.65 -31.65
C LEU T 194 -12.58 9.73 -31.92
N LYS T 195 -13.07 9.72 -33.16
CA LYS T 195 -14.10 8.78 -33.60
C LYS T 195 -13.60 7.35 -33.71
N GLU T 196 -12.28 7.13 -33.49
CA GLU T 196 -11.70 5.80 -33.49
C GLU T 196 -12.31 4.91 -32.41
N SER T 197 -12.59 5.47 -31.23
CA SER T 197 -13.24 4.70 -30.20
C SER T 197 -14.44 5.41 -29.57
N PHE T 198 -14.82 6.58 -30.07
CA PHE T 198 -15.99 7.26 -29.54
C PHE T 198 -17.26 6.62 -30.08
N GLU T 199 -18.40 7.13 -29.62
CA GLU T 199 -19.67 6.69 -30.14
C GLU T 199 -19.91 7.30 -31.52
N GLY T 200 -21.00 6.88 -32.15
CA GLY T 200 -21.32 7.42 -33.47
C GLY T 200 -21.84 8.84 -33.41
N GLN T 201 -22.58 9.16 -32.36
CA GLN T 201 -23.19 10.49 -32.22
C GLN T 201 -22.10 11.44 -31.73
N MET T 202 -21.48 12.15 -32.67
CA MET T 202 -20.43 13.11 -32.37
C MET T 202 -20.78 14.41 -33.06
N THR T 203 -21.31 15.37 -32.30
CA THR T 203 -21.80 16.62 -32.84
C THR T 203 -20.84 17.72 -32.46
N GLU T 204 -21.22 18.96 -32.79
CA GLU T 204 -20.46 20.14 -32.40
C GLU T 204 -20.32 20.29 -30.90
N ASP T 205 -21.28 19.79 -30.13
CA ASP T 205 -21.25 19.90 -28.68
C ASP T 205 -20.67 18.68 -28.00
N ASN T 206 -20.48 17.58 -28.72
CA ASN T 206 -19.82 16.45 -28.10
C ASN T 206 -18.32 16.66 -28.07
N ILE T 207 -17.68 16.77 -29.22
CA ILE T 207 -16.27 17.07 -29.29
C ILE T 207 -16.04 18.52 -28.87
N GLU T 208 -14.86 18.78 -28.30
CA GLU T 208 -14.48 20.13 -27.89
C GLU T 208 -12.97 20.22 -27.88
N VAL T 209 -12.45 21.21 -28.59
CA VAL T 209 -11.03 21.30 -28.95
C VAL T 209 -10.49 22.63 -28.45
N GLY T 210 -9.29 22.60 -27.89
CA GLY T 210 -8.51 23.80 -27.63
C GLY T 210 -7.11 23.65 -28.17
N ILE T 211 -6.64 24.67 -28.87
CA ILE T 211 -5.33 24.62 -29.52
C ILE T 211 -4.39 25.60 -28.84
N CYS T 212 -3.10 25.48 -29.12
CA CYS T 212 -2.09 26.43 -28.62
C CYS T 212 -1.21 26.79 -29.81
N ASN T 213 -1.55 27.88 -30.46
CA ASN T 213 -0.66 28.50 -31.43
C ASN T 213 0.54 29.10 -30.72
N GLU T 214 1.57 29.42 -31.50
CA GLU T 214 2.67 30.19 -30.94
C GLU T 214 2.22 31.61 -30.61
N ALA T 215 1.17 32.10 -31.29
CA ALA T 215 0.48 33.31 -30.85
C ALA T 215 -0.21 33.12 -29.50
N GLY T 216 -0.51 31.89 -29.10
CA GLY T 216 -1.04 31.62 -27.79
C GLY T 216 -2.15 30.58 -27.82
N PHE T 217 -2.66 30.29 -26.64
CA PHE T 217 -3.77 29.37 -26.49
C PHE T 217 -5.03 29.94 -27.14
N ARG T 218 -5.83 29.06 -27.70
CA ARG T 218 -7.12 29.38 -28.27
C ARG T 218 -8.08 28.24 -28.02
N ARG T 219 -9.02 28.43 -27.11
CA ARG T 219 -10.09 27.48 -26.88
C ARG T 219 -11.07 27.65 -28.03
N LEU T 220 -11.22 26.61 -28.85
CA LEU T 220 -12.08 26.73 -30.01
C LEU T 220 -13.54 26.60 -29.59
N THR T 221 -14.41 27.11 -30.44
CA THR T 221 -15.82 27.09 -30.16
C THR T 221 -16.50 25.97 -30.93
N PRO T 222 -17.70 25.54 -30.52
CA PRO T 222 -18.47 24.60 -31.35
C PRO T 222 -18.97 25.19 -32.66
N THR T 223 -18.86 26.51 -32.85
CA THR T 223 -19.06 27.10 -34.17
C THR T 223 -18.05 26.54 -35.15
N GLU T 224 -16.77 26.82 -34.93
CA GLU T 224 -15.73 26.36 -35.83
C GLU T 224 -15.48 24.87 -35.71
N VAL T 225 -15.82 24.28 -34.57
CA VAL T 225 -15.82 22.83 -34.48
C VAL T 225 -16.89 22.26 -35.39
N LYS T 226 -18.06 22.90 -35.44
CA LYS T 226 -19.09 22.52 -36.40
C LYS T 226 -18.68 22.85 -37.82
N ASP T 227 -17.75 23.79 -37.99
CA ASP T 227 -17.28 24.12 -39.33
C ASP T 227 -16.27 23.10 -39.82
N TYR T 228 -15.50 22.54 -38.90
CA TYR T 228 -14.46 21.58 -39.28
C TYR T 228 -14.98 20.16 -39.20
N LEU T 229 -15.49 19.76 -38.02
CA LEU T 229 -15.86 18.37 -37.76
C LEU T 229 -17.17 17.97 -38.42
N ALA T 230 -17.82 18.84 -39.19
CA ALA T 230 -18.91 18.42 -40.06
C ALA T 230 -18.26 17.68 -41.22
N ALA T 231 -18.08 16.37 -41.02
CA ALA T 231 -17.37 15.46 -41.91
C ALA T 231 -15.96 15.97 -42.22
N ILE T 232 -15.15 16.06 -41.18
CA ILE T 232 -13.73 16.29 -41.39
C ILE T 232 -13.15 14.97 -41.85
N ALA T 233 -13.10 14.78 -43.18
CA ALA T 233 -12.98 13.48 -43.83
C ALA T 233 -13.91 12.43 -43.20
N ARG U 3 -5.63 1.52 14.89
CA ARG U 3 -5.64 0.30 14.09
C ARG U 3 -5.06 0.53 12.71
N TYR U 4 -4.48 1.70 12.47
CA TYR U 4 -4.12 2.12 11.13
C TYR U 4 -2.62 2.33 10.95
N ASP U 5 -1.84 2.10 11.99
CA ASP U 5 -0.38 2.13 11.88
C ASP U 5 0.11 0.85 11.23
N SER U 6 0.70 0.95 10.04
CA SER U 6 1.22 -0.24 9.37
C SER U 6 2.38 -0.84 10.15
N ARG U 7 3.57 -0.27 10.02
CA ARG U 7 4.58 -0.27 11.08
C ARG U 7 5.09 1.15 11.28
N THR U 8 5.62 1.70 10.18
CA THR U 8 6.05 3.09 9.99
C THR U 8 7.26 3.48 10.81
N THR U 9 7.60 2.76 11.89
CA THR U 9 8.73 3.17 12.74
C THR U 9 9.15 2.03 13.60
N ILE U 10 9.03 0.82 13.09
CA ILE U 10 9.37 -0.28 13.96
C ILE U 10 10.30 -1.37 13.47
N PHE U 11 11.00 -1.88 14.46
CA PHE U 11 11.89 -3.04 14.38
C PHE U 11 11.15 -4.32 14.02
N SER U 12 11.88 -5.26 13.47
CA SER U 12 11.41 -6.64 13.54
C SER U 12 11.46 -7.10 14.98
N PRO U 13 10.57 -8.02 15.36
CA PRO U 13 10.56 -8.53 16.73
C PRO U 13 11.87 -9.20 17.08
N GLU U 14 12.83 -9.15 16.16
CA GLU U 14 14.13 -9.76 16.38
C GLU U 14 15.23 -8.70 16.54
N GLY U 15 15.81 -8.28 15.43
CA GLY U 15 16.87 -7.29 15.46
C GLY U 15 17.16 -6.63 14.12
N ARG U 16 16.12 -6.43 13.32
CA ARG U 16 16.30 -5.79 12.01
C ARG U 16 15.25 -4.70 11.77
N LEU U 17 15.17 -4.23 10.53
CA LEU U 17 14.24 -3.17 10.17
C LEU U 17 13.38 -3.58 8.98
N TYR U 18 12.11 -3.22 9.08
CA TYR U 18 11.09 -3.65 8.15
C TYR U 18 11.16 -2.91 6.82
N GLN U 19 11.06 -1.58 6.87
CA GLN U 19 10.87 -0.78 5.68
C GLN U 19 12.12 -0.72 4.81
N VAL U 20 13.29 -0.72 5.42
CA VAL U 20 14.52 -0.41 4.69
C VAL U 20 14.88 -1.57 3.77
N GLU U 21 14.57 -2.79 4.20
CA GLU U 21 14.75 -3.97 3.37
C GLU U 21 13.91 -3.87 2.10
N TYR U 22 12.66 -3.47 2.25
CA TYR U 22 11.77 -3.36 1.10
C TYR U 22 12.11 -2.17 0.24
N ALA U 23 12.70 -1.13 0.83
CA ALA U 23 13.26 -0.04 0.04
C ALA U 23 14.39 -0.56 -0.83
N MET U 24 15.24 -1.43 -0.27
CA MET U 24 16.29 -2.04 -1.07
C MET U 24 15.72 -3.01 -2.09
N GLU U 25 14.54 -3.55 -1.81
CA GLU U 25 13.82 -4.31 -2.82
C GLU U 25 13.29 -3.44 -3.93
N ALA U 26 13.04 -2.16 -3.65
CA ALA U 26 12.62 -1.25 -4.71
C ALA U 26 13.81 -0.67 -5.46
N ILE U 27 15.01 -0.73 -4.88
CA ILE U 27 16.17 -0.14 -5.54
C ILE U 27 16.61 -0.96 -6.75
N GLY U 28 16.76 -2.28 -6.56
CA GLY U 28 17.42 -3.09 -7.57
C GLY U 28 16.65 -3.26 -8.86
N HIS U 29 15.36 -2.92 -8.84
CA HIS U 29 14.52 -2.97 -10.02
C HIS U 29 14.50 -1.60 -10.70
N ALA U 30 15.67 -1.18 -11.17
CA ALA U 30 15.80 0.14 -11.80
C ALA U 30 16.96 0.09 -12.78
N GLY U 31 17.24 1.25 -13.40
CA GLY U 31 18.36 1.35 -14.31
C GLY U 31 19.69 1.36 -13.58
N THR U 32 20.78 1.40 -14.34
CA THR U 32 22.10 1.21 -13.78
C THR U 32 23.04 2.34 -14.18
N CYS U 33 23.77 2.86 -13.20
CA CYS U 33 24.76 3.91 -13.34
C CYS U 33 26.10 3.38 -12.82
N LEU U 34 27.17 4.12 -13.10
CA LEU U 34 28.47 3.79 -12.51
C LEU U 34 29.40 4.99 -12.58
N GLY U 35 30.27 5.06 -11.58
CA GLY U 35 31.39 5.99 -11.60
C GLY U 35 32.69 5.22 -11.63
N ILE U 36 33.69 5.83 -12.25
CA ILE U 36 34.91 5.14 -12.59
C ILE U 36 36.07 5.73 -11.83
N LEU U 37 37.16 4.98 -11.78
CA LEU U 37 38.39 5.45 -11.14
C LEU U 37 39.13 6.35 -12.12
N ALA U 38 39.02 7.66 -11.94
CA ALA U 38 39.76 8.57 -12.79
C ALA U 38 40.31 9.68 -11.91
N ASN U 39 41.57 10.04 -12.15
CA ASN U 39 42.23 11.04 -11.33
C ASN U 39 41.94 12.43 -11.90
N ASP U 40 41.95 12.52 -13.23
CA ASP U 40 41.72 13.77 -13.94
C ASP U 40 40.25 13.88 -14.37
N GLY U 41 39.41 14.19 -13.39
CA GLY U 41 37.99 14.19 -13.64
C GLY U 41 37.42 12.86 -13.24
N VAL U 42 36.15 12.60 -13.56
CA VAL U 42 35.50 11.36 -13.26
C VAL U 42 34.28 11.27 -14.16
N LEU U 43 33.83 10.05 -14.47
CA LEU U 43 32.71 9.89 -15.37
C LEU U 43 31.59 9.14 -14.67
N LEU U 44 30.45 9.10 -15.37
CA LEU U 44 29.28 8.35 -14.95
C LEU U 44 28.62 7.80 -16.20
N ALA U 45 28.12 6.58 -16.06
CA ALA U 45 27.33 5.93 -17.10
C ALA U 45 25.96 5.60 -16.54
N ALA U 46 24.94 5.75 -17.38
CA ALA U 46 23.57 5.58 -16.94
C ALA U 46 22.80 4.84 -18.03
N GLU U 47 21.58 4.43 -17.69
CA GLU U 47 20.76 3.61 -18.55
C GLU U 47 19.42 4.29 -18.78
N ARG U 48 19.09 4.54 -20.05
CA ARG U 48 17.85 5.22 -20.37
C ARG U 48 16.69 4.26 -20.18
N ARG U 49 16.00 4.38 -19.05
CA ARG U 49 14.70 3.74 -18.88
C ARG U 49 13.70 4.40 -19.81
N ASN U 50 12.65 3.64 -20.15
CA ASN U 50 11.51 4.10 -20.96
C ASN U 50 11.99 4.60 -22.33
N ILE U 51 12.50 3.66 -23.12
CA ILE U 51 13.17 3.96 -24.37
C ILE U 51 12.17 3.93 -25.53
N HIS U 52 10.89 4.12 -25.22
CA HIS U 52 9.85 4.27 -26.22
C HIS U 52 10.12 5.48 -27.11
N LYS U 53 9.70 5.38 -28.37
CA LYS U 53 10.19 6.27 -29.42
C LYS U 53 9.42 7.57 -29.54
N LEU U 54 8.19 7.67 -29.04
CA LEU U 54 7.35 8.84 -29.29
C LEU U 54 7.56 9.96 -28.29
N LEU U 55 8.71 9.95 -27.61
CA LEU U 55 9.02 10.94 -26.60
C LEU U 55 9.58 12.20 -27.26
N ASP U 56 10.16 13.07 -26.45
CA ASP U 56 10.73 14.31 -26.94
C ASP U 56 12.23 14.43 -26.68
N GLU U 57 12.71 13.98 -25.52
CA GLU U 57 14.14 13.92 -25.16
C GLU U 57 14.83 15.27 -25.26
N VAL U 58 14.10 16.34 -24.92
CA VAL U 58 14.63 17.70 -24.96
C VAL U 58 15.15 18.13 -23.61
N PHE U 59 15.32 17.19 -22.69
CA PHE U 59 15.67 17.50 -21.31
C PHE U 59 17.17 17.61 -21.09
N PHE U 60 17.97 16.96 -21.96
CA PHE U 60 19.44 16.92 -21.98
C PHE U 60 20.04 16.22 -20.77
N SER U 61 19.21 15.68 -19.88
CA SER U 61 19.62 14.94 -18.71
C SER U 61 18.39 14.27 -18.13
N GLU U 62 18.52 13.00 -17.75
CA GLU U 62 17.44 12.35 -17.03
C GLU U 62 17.89 11.78 -15.69
N LYS U 63 19.04 11.14 -15.63
CA LYS U 63 19.61 10.70 -14.37
C LYS U 63 20.59 11.69 -13.78
N ILE U 64 21.25 12.47 -14.64
CA ILE U 64 22.29 13.37 -14.17
C ILE U 64 21.63 14.65 -13.66
N TYR U 65 22.12 15.15 -12.53
CA TYR U 65 21.67 16.43 -12.00
C TYR U 65 22.90 17.18 -11.52
N LYS U 66 23.41 18.05 -12.40
CA LYS U 66 24.54 18.91 -12.08
C LYS U 66 24.13 19.83 -10.95
N LEU U 67 24.67 19.56 -9.77
CA LEU U 67 24.00 20.16 -8.63
C LEU U 67 24.50 21.58 -8.35
N ASN U 68 25.80 21.79 -8.13
CA ASN U 68 26.19 23.15 -7.78
C ASN U 68 26.92 23.82 -8.94
N GLU U 69 28.19 23.51 -9.18
CA GLU U 69 28.90 24.01 -10.36
C GLU U 69 29.74 22.90 -10.93
N ASP U 70 30.35 22.15 -10.01
CA ASP U 70 31.40 21.19 -10.30
C ASP U 70 31.06 19.84 -9.70
N MET U 71 29.78 19.60 -9.48
CA MET U 71 29.29 18.40 -8.81
C MET U 71 27.97 18.01 -9.43
N ALA U 72 27.82 16.72 -9.70
CA ALA U 72 26.57 16.19 -10.21
C ALA U 72 26.24 14.91 -9.46
N CYS U 73 25.18 14.25 -9.92
CA CYS U 73 24.70 13.04 -9.27
C CYS U 73 23.86 12.25 -10.23
N SER U 74 24.07 10.94 -10.24
CA SER U 74 23.10 10.02 -10.81
C SER U 74 22.00 9.77 -9.78
N VAL U 75 21.08 8.88 -10.12
CA VAL U 75 19.92 8.62 -9.26
C VAL U 75 19.35 7.24 -9.63
N ALA U 76 18.77 6.57 -8.63
CA ALA U 76 18.10 5.30 -8.86
C ALA U 76 17.00 5.14 -7.83
N GLY U 77 15.75 5.07 -8.30
CA GLY U 77 14.61 4.90 -7.43
C GLY U 77 13.42 5.72 -7.89
N ILE U 78 12.59 6.12 -6.92
CA ILE U 78 11.44 6.97 -7.23
C ILE U 78 11.92 8.34 -7.61
N THR U 79 11.40 8.86 -8.73
CA THR U 79 11.98 10.01 -9.39
C THR U 79 11.75 11.30 -8.61
N SER U 80 10.50 11.69 -8.42
CA SER U 80 10.21 13.03 -7.94
C SER U 80 10.50 13.21 -6.47
N ASP U 81 10.50 12.12 -5.69
CA ASP U 81 11.04 12.17 -4.34
C ASP U 81 12.48 12.61 -4.35
N ALA U 82 13.28 12.00 -5.22
CA ALA U 82 14.66 12.39 -5.37
C ALA U 82 14.80 13.76 -6.00
N ASN U 83 13.81 14.20 -6.78
CA ASN U 83 13.84 15.57 -7.30
C ASN U 83 13.67 16.57 -6.18
N VAL U 84 12.82 16.24 -5.20
CA VAL U 84 12.74 17.03 -3.97
C VAL U 84 14.09 17.00 -3.25
N LEU U 85 14.77 15.86 -3.31
CA LEU U 85 16.08 15.76 -2.67
C LEU U 85 17.14 16.56 -3.43
N THR U 86 16.94 16.79 -4.74
CA THR U 86 17.88 17.62 -5.48
C THR U 86 17.63 19.09 -5.21
N ASN U 87 16.37 19.47 -5.11
CA ASN U 87 16.03 20.85 -4.78
C ASN U 87 16.51 21.18 -3.39
N GLU U 88 16.29 20.25 -2.46
CA GLU U 88 16.78 20.40 -1.11
C GLU U 88 18.29 20.39 -1.05
N LEU U 89 18.92 19.54 -1.85
CA LEU U 89 20.37 19.40 -1.82
C LEU U 89 21.05 20.65 -2.37
N ARG U 90 20.55 21.16 -3.49
CA ARG U 90 21.09 22.39 -4.04
C ARG U 90 20.76 23.57 -3.14
N LEU U 91 19.64 23.49 -2.43
CA LEU U 91 19.36 24.45 -1.37
C LEU U 91 20.40 24.40 -0.25
N ILE U 92 20.91 23.21 0.06
CA ILE U 92 21.80 23.07 1.19
C ILE U 92 23.21 23.46 0.82
N ALA U 93 23.70 22.95 -0.30
CA ALA U 93 25.04 23.31 -0.76
C ALA U 93 25.08 24.75 -1.21
N GLN U 94 24.01 25.21 -1.87
CA GLN U 94 23.95 26.61 -2.27
C GLN U 94 23.74 27.51 -1.07
N ARG U 95 23.07 27.00 -0.04
CA ARG U 95 23.01 27.66 1.25
C ARG U 95 24.37 27.78 1.89
N TYR U 96 25.17 26.71 1.82
CA TYR U 96 26.53 26.72 2.33
C TYR U 96 27.38 27.73 1.59
N LEU U 97 27.17 27.82 0.28
CA LEU U 97 27.83 28.83 -0.52
C LEU U 97 27.38 30.22 -0.12
N LEU U 98 26.11 30.37 0.24
CA LEU U 98 25.65 31.65 0.77
C LEU U 98 26.28 31.94 2.11
N GLN U 99 26.58 30.89 2.88
CA GLN U 99 27.18 31.08 4.17
C GLN U 99 28.62 31.51 4.07
N TYR U 100 29.38 30.94 3.14
CA TYR U 100 30.82 31.11 3.15
C TYR U 100 31.41 31.76 1.93
N GLN U 101 30.67 31.86 0.83
CA GLN U 101 31.22 32.05 -0.51
C GLN U 101 32.34 31.06 -0.77
N GLU U 102 32.07 29.80 -0.45
CA GLU U 102 32.95 28.70 -0.71
C GLU U 102 32.06 27.50 -0.97
N PRO U 103 32.34 26.72 -2.01
CA PRO U 103 31.55 25.51 -2.26
C PRO U 103 31.81 24.45 -1.19
N ILE U 104 30.98 23.42 -1.24
CA ILE U 104 30.94 22.41 -0.18
C ILE U 104 32.20 21.54 -0.29
N PRO U 105 32.69 21.01 0.83
CA PRO U 105 33.70 19.95 0.75
C PRO U 105 33.16 18.58 0.43
N CYS U 106 31.91 18.50 -0.03
CA CYS U 106 31.34 17.42 -0.84
C CYS U 106 31.03 16.16 -0.03
N GLU U 107 31.44 16.10 1.24
CA GLU U 107 31.06 14.94 2.03
C GLU U 107 29.99 15.27 3.04
N GLN U 108 30.15 16.40 3.73
CA GLN U 108 29.20 16.79 4.75
C GLN U 108 27.82 17.11 4.17
N LEU U 109 27.78 17.48 2.88
CA LEU U 109 26.52 17.50 2.15
C LEU U 109 25.87 16.13 2.12
N VAL U 110 26.68 15.10 1.84
CA VAL U 110 26.15 13.75 1.72
C VAL U 110 25.69 13.23 3.06
N THR U 111 26.49 13.49 4.11
CA THR U 111 26.10 13.12 5.45
C THR U 111 24.84 13.85 5.89
N ALA U 112 24.70 15.11 5.46
CA ALA U 112 23.50 15.87 5.76
C ALA U 112 22.27 15.23 5.15
N LEU U 113 22.38 14.82 3.88
CA LEU U 113 21.25 14.19 3.21
C LEU U 113 20.95 12.82 3.82
N CYS U 114 21.99 12.11 4.27
CA CYS U 114 21.79 10.87 4.99
C CYS U 114 21.06 11.09 6.30
N ASP U 115 21.31 12.23 6.95
CA ASP U 115 20.55 12.56 8.15
C ASP U 115 19.11 12.91 7.80
N ILE U 116 18.91 13.51 6.62
CA ILE U 116 17.57 13.88 6.17
C ILE U 116 16.73 12.64 5.96
N LYS U 117 17.28 11.63 5.29
CA LYS U 117 16.55 10.39 5.12
C LYS U 117 16.42 9.65 6.45
N GLN U 118 17.44 9.80 7.30
CA GLN U 118 17.47 9.10 8.57
C GLN U 118 16.34 9.56 9.50
N ALA U 119 16.04 10.86 9.50
CA ALA U 119 14.94 11.39 10.29
C ALA U 119 13.61 10.74 9.90
N TYR U 120 13.45 10.40 8.64
CA TYR U 120 12.33 9.58 8.23
C TYR U 120 12.49 8.12 8.61
N THR U 121 13.72 7.65 8.84
CA THR U 121 13.84 6.27 9.26
C THR U 121 13.43 6.09 10.71
N GLN U 122 13.87 6.96 11.62
CA GLN U 122 13.48 6.77 13.01
C GLN U 122 12.01 7.08 13.25
N PHE U 123 11.61 8.31 12.94
CA PHE U 123 10.22 8.70 13.17
C PHE U 123 9.61 9.42 11.98
N GLY U 124 8.57 10.20 12.25
CA GLY U 124 7.86 10.94 11.23
C GLY U 124 6.59 10.21 10.83
N GLY U 125 6.49 8.95 11.24
CA GLY U 125 5.34 8.12 10.92
C GLY U 125 5.12 8.11 9.43
N LYS U 126 6.17 7.80 8.68
CA LYS U 126 6.06 7.79 7.23
C LYS U 126 7.05 6.91 6.48
N ARG U 127 6.87 6.90 5.17
CA ARG U 127 7.66 6.16 4.21
C ARG U 127 8.97 6.88 3.95
N PRO U 128 10.12 6.26 4.17
CA PRO U 128 11.38 6.90 3.84
C PRO U 128 11.65 6.84 2.35
N PHE U 129 12.76 7.44 1.96
CA PHE U 129 13.16 7.45 0.56
C PHE U 129 13.90 6.16 0.23
N GLY U 130 13.32 5.36 -0.66
CA GLY U 130 14.01 4.17 -1.14
C GLY U 130 14.86 4.46 -2.36
N VAL U 131 15.67 5.51 -2.29
CA VAL U 131 16.47 5.96 -3.42
C VAL U 131 17.93 5.95 -3.02
N SER U 132 18.75 5.24 -3.76
CA SER U 132 20.19 5.36 -3.68
C SER U 132 20.71 6.11 -4.90
N LEU U 133 21.79 6.86 -4.71
CA LEU U 133 22.26 7.71 -5.79
C LEU U 133 23.75 8.00 -5.62
N LEU U 134 24.31 8.66 -6.63
CA LEU U 134 25.75 8.81 -6.77
C LEU U 134 26.21 10.22 -6.42
N TYR U 135 27.52 10.37 -6.30
CA TYR U 135 28.10 11.66 -5.96
C TYR U 135 29.43 11.81 -6.66
N ILE U 136 29.59 12.89 -7.41
CA ILE U 136 30.84 13.21 -8.08
C ILE U 136 31.21 14.65 -7.80
N GLY U 137 32.49 14.96 -7.86
CA GLY U 137 32.92 16.32 -7.64
C GLY U 137 34.41 16.41 -7.46
N TRP U 138 34.82 17.57 -6.96
CA TRP U 138 36.22 17.94 -6.83
C TRP U 138 36.35 18.93 -5.68
N ASP U 139 37.49 18.88 -4.99
CA ASP U 139 37.70 19.82 -3.90
C ASP U 139 39.15 20.24 -3.85
N LYS U 140 39.50 20.93 -2.78
CA LYS U 140 40.86 21.35 -2.51
C LYS U 140 41.61 20.37 -1.63
N HIS U 141 40.99 19.27 -1.25
CA HIS U 141 41.55 18.42 -0.22
C HIS U 141 41.62 16.95 -0.58
N TYR U 142 40.79 16.49 -1.50
CA TYR U 142 40.89 15.13 -2.00
C TYR U 142 40.74 15.04 -3.49
N GLY U 143 40.59 16.16 -4.19
CA GLY U 143 40.38 16.13 -5.62
C GLY U 143 39.02 15.58 -5.96
N PHE U 144 38.95 14.83 -7.05
CA PHE U 144 37.69 14.29 -7.53
C PHE U 144 37.26 13.14 -6.65
N GLN U 145 35.96 13.10 -6.34
CA GLN U 145 35.47 12.23 -5.30
C GLN U 145 34.29 11.42 -5.80
N LEU U 146 34.07 10.28 -5.16
CA LEU U 146 33.01 9.36 -5.53
C LEU U 146 32.34 8.85 -4.27
N TYR U 147 31.02 9.02 -4.21
CA TYR U 147 30.29 8.61 -3.03
C TYR U 147 28.97 7.99 -3.44
N GLN U 148 28.40 7.23 -2.52
CA GLN U 148 27.15 6.52 -2.74
C GLN U 148 26.21 6.73 -1.56
N SER U 149 24.99 7.15 -1.84
CA SER U 149 23.91 7.29 -0.87
C SER U 149 23.22 5.95 -0.60
N ASP U 150 22.59 5.88 0.57
CA ASP U 150 21.84 4.72 1.01
C ASP U 150 20.55 5.22 1.62
N PRO U 151 19.48 4.43 1.56
CA PRO U 151 18.30 4.73 2.38
C PRO U 151 18.53 4.50 3.86
N SER U 152 19.57 3.75 4.22
CA SER U 152 19.86 3.46 5.61
C SER U 152 20.47 4.64 6.36
N GLY U 153 20.74 5.75 5.68
CA GLY U 153 21.48 6.84 6.28
C GLY U 153 22.97 6.61 6.25
N ASN U 154 23.43 5.52 5.66
CA ASN U 154 24.84 5.28 5.47
C ASN U 154 25.26 5.90 4.14
N TYR U 155 26.56 6.07 3.97
CA TYR U 155 27.11 6.55 2.71
C TYR U 155 28.44 5.86 2.47
N GLY U 156 28.73 5.54 1.21
CA GLY U 156 29.93 4.81 0.87
C GLY U 156 30.94 5.69 0.16
N GLY U 157 32.16 5.71 0.67
CA GLY U 157 33.22 6.40 -0.02
C GLY U 157 33.86 5.50 -1.03
N TRP U 158 33.43 5.58 -2.28
CA TRP U 158 33.75 4.54 -3.26
C TRP U 158 34.81 4.97 -4.24
N LYS U 159 35.29 3.98 -4.99
CA LYS U 159 35.98 4.18 -6.25
C LYS U 159 35.25 3.54 -7.41
N ALA U 160 34.51 2.46 -7.16
CA ALA U 160 33.68 1.84 -8.19
C ALA U 160 32.38 1.44 -7.53
N THR U 161 31.29 2.00 -8.00
CA THR U 161 30.02 1.92 -7.29
C THR U 161 29.20 0.72 -7.76
N CYS U 162 27.93 0.72 -7.37
CA CYS U 162 27.07 -0.46 -7.45
C CYS U 162 25.61 -0.02 -7.56
N ILE U 163 24.85 -0.69 -8.43
CA ILE U 163 23.40 -0.55 -8.51
C ILE U 163 22.93 -1.98 -8.25
N GLY U 164 21.63 -2.26 -8.39
CA GLY U 164 21.07 -3.52 -7.92
C GLY U 164 21.35 -4.74 -8.78
N ASN U 165 20.30 -5.52 -9.05
CA ASN U 165 20.47 -6.83 -9.68
C ASN U 165 21.04 -6.71 -11.09
N ASN U 166 20.75 -5.61 -11.78
CA ASN U 166 21.35 -5.35 -13.07
C ASN U 166 22.83 -5.00 -12.95
N SER U 167 23.34 -4.73 -11.75
CA SER U 167 24.71 -4.32 -11.58
C SER U 167 25.52 -5.17 -10.62
N ALA U 168 24.99 -6.30 -10.16
CA ALA U 168 25.80 -7.15 -9.29
C ALA U 168 26.93 -7.81 -10.06
N ALA U 169 26.62 -8.34 -11.25
CA ALA U 169 27.64 -8.90 -12.12
C ALA U 169 28.56 -7.82 -12.66
N ALA U 170 28.07 -6.58 -12.74
CA ALA U 170 28.93 -5.45 -13.06
C ALA U 170 29.98 -5.25 -11.98
N VAL U 171 29.60 -5.38 -10.71
CA VAL U 171 30.55 -5.19 -9.63
C VAL U 171 31.52 -6.37 -9.57
N SER U 172 31.05 -7.57 -9.92
CA SER U 172 31.96 -8.69 -10.08
C SER U 172 32.95 -8.44 -11.20
N MET U 173 32.50 -7.78 -12.27
CA MET U 173 33.39 -7.41 -13.35
C MET U 173 34.39 -6.36 -12.90
N LEU U 174 33.96 -5.41 -12.07
CA LEU U 174 34.86 -4.35 -11.62
C LEU U 174 35.90 -4.88 -10.64
N LYS U 175 35.53 -5.86 -9.83
CA LYS U 175 36.57 -6.54 -9.06
C LYS U 175 37.45 -7.36 -9.97
N GLN U 176 36.87 -7.90 -11.05
CA GLN U 176 37.65 -8.62 -12.04
C GLN U 176 38.46 -7.69 -12.94
N ASP U 177 37.96 -6.50 -13.21
CA ASP U 177 38.64 -5.57 -14.11
C ASP U 177 38.97 -4.28 -13.39
N TYR U 178 39.50 -4.42 -12.18
CA TYR U 178 39.97 -3.27 -11.43
C TYR U 178 41.15 -2.62 -12.13
N LYS U 179 40.99 -1.36 -12.50
CA LYS U 179 42.08 -0.59 -13.06
C LYS U 179 42.65 0.30 -11.98
N GLU U 180 43.95 0.57 -12.09
CA GLU U 180 44.63 1.28 -11.02
C GLU U 180 45.82 2.04 -11.59
N GLY U 181 45.83 3.34 -11.36
CA GLY U 181 46.91 4.17 -11.85
C GLY U 181 46.52 4.86 -13.13
N GLU U 182 45.85 4.14 -14.04
CA GLU U 182 45.42 4.76 -15.28
C GLU U 182 44.22 5.64 -15.00
N MET U 183 44.41 6.93 -15.21
CA MET U 183 43.34 7.90 -15.15
C MET U 183 42.79 8.20 -16.51
N THR U 184 43.29 7.53 -17.55
CA THR U 184 42.86 7.76 -18.91
C THR U 184 41.39 7.41 -19.05
N LEU U 185 40.60 8.43 -19.41
CA LEU U 185 39.15 8.33 -19.32
C LEU U 185 38.61 7.33 -20.33
N LYS U 186 39.27 7.19 -21.48
CA LYS U 186 38.79 6.30 -22.52
C LYS U 186 39.02 4.84 -22.14
N SER U 187 39.98 4.57 -21.26
CA SER U 187 40.08 3.23 -20.67
C SER U 187 38.84 2.91 -19.86
N ALA U 188 38.33 3.90 -19.13
CA ALA U 188 37.08 3.71 -18.43
C ALA U 188 35.89 3.78 -19.38
N LEU U 189 36.06 4.33 -20.58
CA LEU U 189 34.97 4.40 -21.53
C LEU U 189 34.76 3.07 -22.22
N ALA U 190 35.84 2.44 -22.66
CA ALA U 190 35.73 1.10 -23.22
C ALA U 190 35.47 0.08 -22.11
N LEU U 191 35.97 0.37 -20.90
CA LEU U 191 35.73 -0.51 -19.76
C LEU U 191 34.25 -0.47 -19.37
N ALA U 192 33.68 0.72 -19.31
CA ALA U 192 32.26 0.86 -19.00
C ALA U 192 31.41 0.42 -20.19
N ILE U 193 31.95 0.51 -21.40
CA ILE U 193 31.25 -0.02 -22.55
C ILE U 193 31.24 -1.54 -22.51
N LYS U 194 32.22 -2.13 -21.83
CA LYS U 194 32.18 -3.56 -21.58
C LYS U 194 31.21 -3.89 -20.46
N VAL U 195 31.12 -3.02 -19.45
CA VAL U 195 30.20 -3.25 -18.33
C VAL U 195 28.76 -3.19 -18.81
N LEU U 196 28.39 -2.11 -19.50
CA LEU U 196 27.05 -2.03 -20.05
C LEU U 196 26.90 -2.91 -21.29
N ASN U 197 28.01 -3.34 -21.89
CA ASN U 197 27.89 -4.27 -23.00
C ASN U 197 27.42 -5.63 -22.51
N LYS U 198 27.93 -6.06 -21.36
CA LYS U 198 27.48 -7.34 -20.82
C LYS U 198 26.23 -7.19 -19.98
N THR U 199 26.32 -6.41 -18.91
CA THR U 199 25.32 -6.41 -17.85
C THR U 199 23.99 -5.83 -18.29
N MET U 200 24.02 -4.77 -19.07
CA MET U 200 22.80 -4.34 -19.71
C MET U 200 22.47 -5.31 -20.84
N ASP U 201 21.19 -5.64 -20.96
CA ASP U 201 20.71 -6.54 -21.99
C ASP U 201 20.39 -5.82 -23.28
N VAL U 202 20.88 -4.59 -23.44
CA VAL U 202 20.73 -3.86 -24.68
C VAL U 202 21.60 -4.53 -25.74
N SER U 203 20.99 -4.93 -26.84
CA SER U 203 21.72 -5.58 -27.92
C SER U 203 22.64 -4.57 -28.60
N LYS U 204 23.93 -4.88 -28.58
CA LYS U 204 25.02 -4.12 -29.22
C LYS U 204 25.19 -2.70 -28.66
N LEU U 205 24.62 -2.42 -27.48
CA LEU U 205 24.82 -1.18 -26.72
C LEU U 205 24.41 0.05 -27.55
N SER U 206 23.10 0.16 -27.75
CA SER U 206 22.55 1.33 -28.42
C SER U 206 22.75 2.59 -27.57
N ALA U 207 23.04 3.70 -28.24
CA ALA U 207 23.31 4.96 -27.55
C ALA U 207 22.06 5.57 -26.92
N GLU U 208 20.88 5.23 -27.41
CA GLU U 208 19.65 5.83 -26.92
C GLU U 208 19.14 5.14 -25.68
N LYS U 209 19.79 4.05 -25.28
CA LYS U 209 19.46 3.37 -24.04
C LYS U 209 20.46 3.69 -22.93
N VAL U 210 21.50 4.45 -23.24
CA VAL U 210 22.61 4.68 -22.32
C VAL U 210 22.82 6.18 -22.13
N GLU U 211 23.77 6.52 -21.27
CA GLU U 211 24.15 7.89 -20.99
C GLU U 211 25.56 7.90 -20.45
N ILE U 212 26.35 8.91 -20.81
CA ILE U 212 27.70 9.11 -20.29
C ILE U 212 27.87 10.60 -20.01
N ALA U 213 28.41 10.94 -18.84
CA ALA U 213 28.79 12.32 -18.55
C ALA U 213 30.04 12.36 -17.68
N THR U 214 30.95 13.27 -17.99
CA THR U 214 32.19 13.37 -17.23
C THR U 214 32.25 14.70 -16.49
N LEU U 215 33.34 14.86 -15.75
CA LEU U 215 33.55 16.00 -14.88
C LEU U 215 35.05 16.16 -14.73
N THR U 216 35.64 17.07 -15.48
CA THR U 216 37.08 17.18 -15.59
C THR U 216 37.55 18.54 -15.11
N ARG U 217 38.74 18.55 -14.52
CA ARG U 217 39.39 19.78 -14.09
C ARG U 217 39.85 20.51 -15.34
N GLU U 218 39.49 21.78 -15.44
CA GLU U 218 39.94 22.62 -16.55
C GLU U 218 40.30 23.98 -15.98
N ASN U 219 41.58 24.17 -15.66
CA ASN U 219 42.19 25.48 -15.48
C ASN U 219 41.60 26.30 -14.34
N GLY U 220 40.93 25.65 -13.41
CA GLY U 220 40.30 26.39 -12.35
C GLY U 220 38.80 26.45 -12.50
N LYS U 221 38.25 25.69 -13.44
CA LYS U 221 36.82 25.68 -13.64
C LYS U 221 36.17 24.39 -13.19
N THR U 222 36.90 23.27 -13.31
CA THR U 222 36.39 21.91 -13.07
C THR U 222 35.13 21.67 -13.90
N VAL U 223 35.34 21.64 -15.22
CA VAL U 223 34.20 21.64 -16.14
C VAL U 223 33.52 20.29 -16.13
N ILE U 224 32.26 20.30 -16.54
CA ILE U 224 31.42 19.11 -16.57
C ILE U 224 30.98 18.91 -18.02
N ARG U 225 31.24 17.72 -18.54
CA ARG U 225 30.94 17.41 -19.92
C ARG U 225 29.72 16.50 -19.97
N VAL U 226 28.58 17.10 -20.30
CA VAL U 226 27.38 16.33 -20.65
C VAL U 226 27.49 16.13 -22.16
N LEU U 227 28.22 15.08 -22.54
CA LEU U 227 28.69 14.87 -23.89
C LEU U 227 27.56 14.38 -24.80
N LYS U 228 27.72 14.64 -26.09
CA LYS U 228 26.69 14.34 -27.08
C LYS U 228 26.80 12.88 -27.51
N GLN U 229 26.08 12.52 -28.59
CA GLN U 229 25.88 11.11 -28.92
C GLN U 229 26.79 10.58 -30.02
N LYS U 230 27.41 11.45 -30.81
CA LYS U 230 28.24 10.97 -31.93
C LYS U 230 29.54 10.36 -31.41
N GLU U 231 30.13 10.96 -30.39
CA GLU U 231 31.29 10.36 -29.74
C GLU U 231 30.90 9.11 -28.97
N VAL U 232 29.64 9.02 -28.53
CA VAL U 232 29.14 7.77 -28.00
C VAL U 232 29.09 6.71 -29.09
N GLU U 233 28.70 7.12 -30.31
CA GLU U 233 28.65 6.19 -31.43
C GLU U 233 30.03 5.68 -31.81
N GLN U 234 31.03 6.57 -31.82
CA GLN U 234 32.37 6.09 -32.11
C GLN U 234 32.97 5.35 -30.93
N LEU U 235 32.42 5.52 -29.73
CA LEU U 235 32.81 4.66 -28.63
C LEU U 235 32.20 3.27 -28.80
N ILE U 236 31.01 3.21 -29.40
CA ILE U 236 30.39 1.93 -29.71
C ILE U 236 31.18 1.21 -30.79
N LYS U 237 31.56 1.94 -31.86
CA LYS U 237 32.33 1.34 -32.94
C LYS U 237 33.74 0.99 -32.47
N LYS U 238 34.30 1.79 -31.58
CA LYS U 238 35.61 1.49 -31.02
C LYS U 238 35.53 0.27 -30.12
N HIS U 239 34.45 0.15 -29.35
CA HIS U 239 34.33 -0.96 -28.41
C HIS U 239 33.99 -2.26 -29.11
N GLU U 240 33.21 -2.20 -30.19
CA GLU U 240 32.97 -3.38 -31.00
C GLU U 240 34.17 -3.72 -31.85
N GLU U 241 35.00 -2.72 -32.16
CA GLU U 241 36.33 -3.00 -32.67
C GLU U 241 37.17 -3.73 -31.64
N GLU U 242 36.99 -3.42 -30.36
CA GLU U 242 37.65 -4.18 -29.32
C GLU U 242 37.02 -5.56 -29.16
N GLU U 243 35.78 -5.71 -29.59
CA GLU U 243 35.21 -7.05 -29.68
C GLU U 243 35.83 -7.82 -30.84
N ALA U 244 36.18 -7.13 -31.92
CA ALA U 244 36.92 -7.79 -33.00
C ALA U 244 38.31 -8.19 -32.52
N LYS U 245 38.93 -7.33 -31.70
CA LYS U 245 40.19 -7.68 -31.05
C LYS U 245 40.02 -8.86 -30.10
N ALA U 246 38.85 -8.97 -29.48
CA ALA U 246 38.57 -10.11 -28.61
C ALA U 246 38.39 -11.39 -29.42
N GLU U 247 37.88 -11.30 -30.64
CA GLU U 247 37.73 -12.48 -31.48
C GLU U 247 38.91 -12.70 -32.42
N ARG U 248 40.00 -11.97 -32.23
CA ARG U 248 41.25 -12.35 -32.91
C ARG U 248 41.80 -13.70 -32.46
N GLU U 249 41.47 -14.16 -31.26
CA GLU U 249 42.06 -15.37 -30.68
C GLU U 249 41.44 -16.66 -31.23
N LYS U 250 40.49 -16.57 -32.15
CA LYS U 250 39.89 -17.75 -32.75
C LYS U 250 40.61 -18.10 -34.04
N SER V 1 0.38 -6.75 27.08
CA SER V 1 1.04 -6.00 26.00
C SER V 1 1.24 -6.85 24.75
N TYR V 2 1.88 -6.24 23.76
CA TYR V 2 2.16 -6.86 22.48
C TYR V 2 3.65 -6.72 22.20
N ASP V 3 4.05 -6.98 20.96
CA ASP V 3 5.35 -6.52 20.47
C ASP V 3 5.22 -5.23 19.70
N ARG V 4 4.91 -4.12 20.39
CA ARG V 4 4.56 -2.85 19.76
C ARG V 4 5.27 -1.71 20.49
N ALA V 5 4.74 -0.50 20.31
CA ALA V 5 5.38 0.78 20.68
C ALA V 5 5.80 0.86 22.15
N ILE V 6 6.65 1.86 22.41
CA ILE V 6 7.46 1.93 23.63
C ILE V 6 6.64 2.16 24.90
N THR V 7 5.39 2.56 24.77
CA THR V 7 4.61 2.94 25.94
C THR V 7 4.15 1.77 26.78
N VAL V 8 3.94 0.60 26.18
CA VAL V 8 3.25 -0.48 26.88
C VAL V 8 4.22 -1.26 27.75
N PHE V 9 3.80 -1.51 28.99
CA PHE V 9 4.51 -2.43 29.84
C PHE V 9 3.90 -3.82 29.66
N SER V 10 4.73 -4.84 29.81
CA SER V 10 4.28 -6.20 29.61
C SER V 10 3.43 -6.64 30.79
N PRO V 11 2.67 -7.74 30.65
CA PRO V 11 2.00 -8.30 31.83
C PRO V 11 2.94 -8.73 32.94
N ASP V 12 4.20 -9.02 32.64
CA ASP V 12 5.21 -9.12 33.68
C ASP V 12 6.07 -7.87 33.77
N GLY V 13 5.64 -6.76 33.16
CA GLY V 13 6.29 -5.48 33.36
C GLY V 13 7.60 -5.32 32.60
N HIS V 14 7.53 -5.28 31.28
CA HIS V 14 8.72 -5.16 30.45
C HIS V 14 8.46 -4.28 29.24
N LEU V 15 9.57 -3.86 28.63
CA LEU V 15 9.57 -3.06 27.42
C LEU V 15 10.37 -3.80 26.36
N PHE V 16 9.66 -4.42 25.42
CA PHE V 16 10.29 -5.40 24.54
C PHE V 16 11.24 -4.73 23.55
N GLN V 17 10.86 -3.55 23.06
CA GLN V 17 11.64 -2.85 22.05
C GLN V 17 12.98 -2.36 22.57
N VAL V 18 13.15 -2.28 23.88
CA VAL V 18 14.45 -1.97 24.46
C VAL V 18 15.46 -3.05 24.12
N GLU V 19 15.12 -4.29 24.48
CA GLU V 19 16.03 -5.39 24.19
C GLU V 19 16.04 -5.71 22.71
N TYR V 20 14.97 -5.37 22.00
CA TYR V 20 14.97 -5.52 20.55
C TYR V 20 15.97 -4.58 19.91
N ALA V 21 16.10 -3.38 20.47
CA ALA V 21 17.19 -2.49 20.08
C ALA V 21 18.54 -2.99 20.59
N GLN V 22 18.55 -3.75 21.68
CA GLN V 22 19.80 -4.34 22.15
C GLN V 22 20.27 -5.48 21.27
N GLU V 23 19.39 -5.99 20.38
CA GLU V 23 19.81 -7.03 19.46
C GLU V 23 20.76 -6.48 18.40
N ALA V 24 20.41 -5.34 17.80
CA ALA V 24 21.28 -4.73 16.79
C ALA V 24 22.59 -4.27 17.39
N VAL V 25 22.59 -3.94 18.69
CA VAL V 25 23.84 -3.74 19.41
C VAL V 25 24.59 -5.06 19.52
N LYS V 26 23.91 -6.12 19.93
CA LYS V 26 24.53 -7.43 20.08
C LYS V 26 24.94 -8.02 18.75
N LYS V 27 24.27 -7.66 17.66
CA LYS V 27 24.64 -8.10 16.33
C LYS V 27 25.44 -7.03 15.60
N GLY V 28 26.25 -6.29 16.35
CA GLY V 28 27.16 -5.34 15.75
C GLY V 28 28.59 -5.83 15.82
N SER V 29 29.51 -5.05 15.28
CA SER V 29 30.91 -5.43 15.30
C SER V 29 31.49 -5.21 16.70
N THR V 30 32.61 -5.87 16.94
CA THR V 30 33.19 -5.89 18.28
C THR V 30 34.26 -4.82 18.43
N ALA V 31 34.30 -4.23 19.62
CA ALA V 31 35.32 -3.25 19.95
C ALA V 31 35.65 -3.38 21.43
N VAL V 32 36.91 -3.13 21.76
CA VAL V 32 37.42 -3.24 23.12
C VAL V 32 38.06 -1.92 23.51
N GLY V 33 38.24 -1.75 24.81
CA GLY V 33 38.88 -0.57 25.34
C GLY V 33 39.27 -0.76 26.79
N VAL V 34 40.49 -0.39 27.13
CA VAL V 34 40.97 -0.43 28.51
C VAL V 34 41.59 0.92 28.85
N ARG V 35 41.54 1.26 30.13
CA ARG V 35 42.20 2.48 30.60
C ARG V 35 43.58 2.11 31.10
N GLY V 36 44.58 2.82 30.62
CA GLY V 36 45.89 2.76 31.21
C GLY V 36 45.94 3.68 32.40
N ARG V 37 47.05 3.59 33.14
CA ARG V 37 47.26 4.54 34.22
C ARG V 37 47.48 5.94 33.68
N ASP V 38 48.18 6.05 32.55
CA ASP V 38 48.23 7.28 31.80
C ASP V 38 47.75 7.11 30.38
N ILE V 39 48.13 6.04 29.70
CA ILE V 39 47.80 5.83 28.30
C ILE V 39 46.61 4.91 28.21
N VAL V 40 45.43 5.48 28.15
CA VAL V 40 44.21 4.76 27.85
C VAL V 40 44.26 4.34 26.38
N VAL V 41 43.51 3.30 26.05
CA VAL V 41 43.68 2.67 24.74
C VAL V 41 42.41 1.92 24.37
N LEU V 42 42.20 1.74 23.08
CA LEU V 42 41.03 1.03 22.60
C LEU V 42 41.32 0.50 21.20
N GLY V 43 40.37 -0.25 20.67
CA GLY V 43 40.51 -0.76 19.32
C GLY V 43 39.27 -1.53 18.91
N VAL V 44 38.88 -1.31 17.66
CA VAL V 44 37.76 -2.02 17.06
C VAL V 44 38.34 -3.12 16.18
N GLU V 45 37.58 -4.19 16.01
CA GLU V 45 37.93 -5.25 15.09
C GLU V 45 37.03 -5.16 13.86
N LYS V 46 37.29 -6.08 12.92
CA LYS V 46 36.48 -6.29 11.72
C LYS V 46 36.44 -5.04 10.85
N LYS V 47 37.62 -4.63 10.37
CA LYS V 47 37.69 -3.58 9.38
C LYS V 47 37.04 -4.02 8.07
N SER V 48 37.34 -5.26 7.63
CA SER V 48 36.69 -5.92 6.49
C SER V 48 36.82 -5.12 5.20
N VAL V 49 38.07 -5.00 4.71
CA VAL V 49 38.36 -4.18 3.53
C VAL V 49 37.77 -4.82 2.29
N ALA V 50 36.95 -4.06 1.56
CA ALA V 50 36.21 -4.54 0.41
C ALA V 50 36.80 -4.12 -0.92
N LYS V 51 38.08 -3.72 -0.93
CA LYS V 51 38.94 -3.57 -2.10
C LYS V 51 38.53 -2.45 -3.05
N LEU V 52 37.42 -1.76 -2.83
CA LEU V 52 36.99 -0.78 -3.82
C LEU V 52 36.52 0.53 -3.19
N GLN V 53 36.98 0.87 -1.99
CA GLN V 53 36.44 2.00 -1.27
C GLN V 53 37.55 2.71 -0.50
N ASP V 54 37.23 3.90 -0.01
CA ASP V 54 38.03 4.59 0.99
C ASP V 54 37.46 4.28 2.37
N GLU V 55 38.32 4.36 3.38
CA GLU V 55 37.98 3.92 4.72
C GLU V 55 38.12 5.02 5.76
N ARG V 56 38.56 6.22 5.36
CA ARG V 56 38.55 7.34 6.28
C ARG V 56 37.14 7.81 6.59
N THR V 57 36.18 7.48 5.72
CA THR V 57 34.78 7.84 5.90
C THR V 57 34.05 6.84 6.77
N VAL V 58 34.56 5.63 6.90
CA VAL V 58 33.93 4.59 7.70
C VAL V 58 34.62 4.48 9.07
N ARG V 59 35.48 5.43 9.40
CA ARG V 59 36.21 5.41 10.66
C ARG V 59 35.26 5.60 11.84
N LYS V 60 35.12 4.56 12.64
CA LYS V 60 34.12 4.50 13.70
C LYS V 60 34.56 5.17 14.98
N ILE V 61 35.71 5.84 14.99
CA ILE V 61 36.27 6.40 16.21
C ILE V 61 36.58 7.87 15.95
N CYS V 62 36.07 8.74 16.80
CA CYS V 62 36.42 10.14 16.73
C CYS V 62 36.60 10.71 18.13
N ALA V 63 36.56 12.03 18.25
CA ALA V 63 36.60 12.69 19.54
C ALA V 63 35.57 13.81 19.55
N LEU V 64 35.14 14.17 20.75
CA LEU V 64 34.39 15.39 20.97
C LEU V 64 35.25 16.51 21.49
N ASP V 65 36.01 16.24 22.53
CA ASP V 65 37.02 17.10 23.09
C ASP V 65 38.33 16.34 23.01
N ASP V 66 39.42 17.03 23.27
CA ASP V 66 40.74 16.44 23.15
C ASP V 66 41.05 15.46 24.26
N ASN V 67 40.30 15.50 25.36
CA ASN V 67 40.47 14.54 26.44
C ASN V 67 39.69 13.27 26.26
N VAL V 68 38.76 13.23 25.31
CA VAL V 68 37.78 12.15 25.24
C VAL V 68 37.86 11.50 23.87
N CYS V 69 37.45 10.23 23.83
CA CYS V 69 37.56 9.42 22.63
C CYS V 69 36.26 8.66 22.44
N MET V 70 35.86 8.50 21.18
CA MET V 70 34.53 8.02 20.85
C MET V 70 34.57 6.60 20.31
N ALA V 71 33.57 5.83 20.74
CA ALA V 71 33.35 4.47 20.26
C ALA V 71 31.89 4.14 20.48
N PHE V 72 31.39 3.15 19.75
CA PHE V 72 29.97 2.84 19.78
C PHE V 72 29.77 1.39 19.36
N ALA V 73 28.51 1.01 19.26
CA ALA V 73 28.10 -0.31 18.77
C ALA V 73 26.85 -0.13 17.92
N GLY V 74 26.27 -1.24 17.49
CA GLY V 74 25.02 -1.17 16.75
C GLY V 74 25.21 -0.62 15.35
N LEU V 75 24.24 0.17 14.91
CA LEU V 75 24.31 0.76 13.58
C LEU V 75 25.10 2.06 13.65
N THR V 76 25.31 2.67 12.49
CA THR V 76 26.28 3.75 12.39
C THR V 76 25.67 5.14 12.36
N ALA V 77 24.53 5.31 11.69
CA ALA V 77 24.02 6.65 11.41
C ALA V 77 23.45 7.29 12.65
N ASP V 78 22.81 6.49 13.51
CA ASP V 78 22.38 6.97 14.82
C ASP V 78 23.56 7.44 15.64
N ALA V 79 24.65 6.69 15.60
CA ALA V 79 25.87 7.11 16.29
C ALA V 79 26.45 8.38 15.67
N ARG V 80 26.23 8.57 14.36
CA ARG V 80 26.65 9.82 13.72
C ARG V 80 25.85 11.00 14.26
N ILE V 81 24.55 10.78 14.49
CA ILE V 81 23.71 11.82 15.08
C ILE V 81 24.16 12.12 16.51
N VAL V 82 24.47 11.07 17.27
CA VAL V 82 24.91 11.24 18.65
C VAL V 82 26.26 11.95 18.70
N ILE V 83 27.12 11.66 17.72
CA ILE V 83 28.42 12.32 17.65
C ILE V 83 28.27 13.80 17.36
N ASN V 84 27.45 14.14 16.35
CA ASN V 84 27.32 15.54 15.99
C ASN V 84 26.62 16.34 17.08
N ARG V 85 25.54 15.77 17.62
CA ARG V 85 24.83 16.34 18.77
C ARG V 85 25.75 16.52 19.97
N ALA V 86 26.67 15.58 20.17
CA ALA V 86 27.53 15.65 21.33
C ALA V 86 28.71 16.59 21.08
N ARG V 87 29.07 16.80 19.82
CA ARG V 87 30.04 17.85 19.50
C ARG V 87 29.46 19.20 19.81
N VAL V 88 28.20 19.40 19.42
CA VAL V 88 27.49 20.63 19.74
C VAL V 88 27.34 20.77 21.25
N GLU V 89 27.15 19.65 21.95
CA GLU V 89 26.91 19.75 23.38
C GLU V 89 28.19 20.03 24.15
N CYS V 90 29.27 19.31 23.83
CA CYS V 90 30.54 19.56 24.52
C CYS V 90 31.08 20.92 24.15
N GLN V 91 30.80 21.36 22.92
CA GLN V 91 31.17 22.71 22.55
C GLN V 91 30.34 23.73 23.31
N SER V 92 29.10 23.38 23.63
CA SER V 92 28.25 24.29 24.39
C SER V 92 28.68 24.36 25.84
N HIS V 93 29.04 23.21 26.43
CA HIS V 93 29.62 23.19 27.76
C HIS V 93 30.89 24.00 27.80
N ARG V 94 31.72 23.83 26.77
CA ARG V 94 32.91 24.64 26.56
C ARG V 94 32.58 26.12 26.51
N LEU V 95 31.45 26.48 25.89
CA LEU V 95 31.07 27.88 25.80
C LEU V 95 30.59 28.40 27.15
N THR V 96 29.73 27.62 27.81
CA THR V 96 29.17 28.03 29.09
C THR V 96 30.24 27.97 30.18
N VAL V 97 30.89 26.81 30.32
CA VAL V 97 31.87 26.65 31.36
C VAL V 97 33.25 26.58 30.72
N GLU V 98 34.21 27.29 31.30
CA GLU V 98 35.53 27.36 30.71
C GLU V 98 36.43 26.24 31.18
N ASP V 99 35.86 25.11 31.57
CA ASP V 99 36.65 23.97 32.01
C ASP V 99 36.70 22.89 30.95
N PRO V 100 37.70 22.00 31.04
CA PRO V 100 37.79 20.89 30.09
C PRO V 100 36.51 20.09 30.27
N VAL V 101 35.79 19.79 29.19
CA VAL V 101 34.52 19.11 29.38
C VAL V 101 34.75 17.72 29.96
N THR V 102 34.03 17.39 31.04
CA THR V 102 34.24 16.13 31.71
C THR V 102 33.45 15.00 31.05
N VAL V 103 33.92 13.77 31.31
CA VAL V 103 33.26 12.58 30.78
C VAL V 103 31.90 12.37 31.42
N GLU V 104 31.78 12.59 32.73
CA GLU V 104 30.57 12.26 33.47
C GLU V 104 29.39 13.11 33.03
N TYR V 105 29.66 14.39 32.79
CA TYR V 105 28.66 15.33 32.31
C TYR V 105 28.12 14.92 30.94
N ILE V 106 29.00 14.69 29.98
CA ILE V 106 28.55 14.41 28.63
C ILE V 106 27.92 13.02 28.54
N THR V 107 28.33 12.09 29.40
CA THR V 107 27.66 10.79 29.40
C THR V 107 26.27 10.89 29.99
N ARG V 108 26.10 11.76 31.00
CA ARG V 108 24.75 12.07 31.47
C ARG V 108 23.92 12.70 30.37
N TYR V 109 24.56 13.53 29.54
CA TYR V 109 23.88 14.14 28.41
C TYR V 109 23.41 13.08 27.42
N ILE V 110 24.28 12.12 27.12
CA ILE V 110 23.97 11.17 26.06
C ILE V 110 22.94 10.17 26.53
N ALA V 111 23.18 9.55 27.68
CA ALA V 111 22.27 8.54 28.21
C ALA V 111 20.92 9.15 28.57
N SER V 112 20.95 10.38 29.09
CA SER V 112 19.72 11.10 29.35
C SER V 112 18.98 11.41 28.05
N LEU V 113 19.72 11.79 27.01
CA LEU V 113 19.10 12.12 25.73
C LEU V 113 18.47 10.90 25.10
N LYS V 114 19.10 9.74 25.27
CA LYS V 114 18.48 8.52 24.77
C LYS V 114 17.28 8.15 25.61
N GLN V 115 17.29 8.50 26.90
CA GLN V 115 16.15 8.20 27.74
C GLN V 115 14.93 9.01 27.37
N ARG V 116 15.06 10.34 27.39
CA ARG V 116 13.95 11.20 27.00
C ARG V 116 13.61 11.06 25.54
N TYR V 117 14.56 10.62 24.72
CA TYR V 117 14.26 10.23 23.37
C TYR V 117 13.39 8.98 23.34
N THR V 118 13.63 8.07 24.29
CA THR V 118 12.92 6.80 24.30
C THR V 118 11.50 6.99 24.79
N GLN V 119 11.29 7.90 25.74
CA GLN V 119 9.96 8.08 26.32
C GLN V 119 8.98 8.69 25.34
N SER V 120 9.48 9.38 24.31
CA SER V 120 8.62 10.13 23.42
C SER V 120 7.92 9.19 22.43
N ASN V 121 6.93 9.73 21.72
CA ASN V 121 5.95 8.93 21.01
C ASN V 121 6.40 8.72 19.57
N GLY V 122 6.43 7.45 19.16
CA GLY V 122 6.70 7.10 17.78
C GLY V 122 8.10 7.42 17.31
N ARG V 123 9.07 7.48 18.23
CA ARG V 123 10.44 7.83 17.89
C ARG V 123 11.33 6.63 18.13
N ARG V 124 11.90 6.10 17.05
CA ARG V 124 12.63 4.84 17.10
C ARG V 124 13.92 5.00 17.87
N PRO V 125 14.09 4.30 18.99
CA PRO V 125 15.24 4.54 19.87
C PRO V 125 16.56 4.16 19.23
N PHE V 126 17.62 4.78 19.74
CA PHE V 126 18.95 4.60 19.17
C PHE V 126 19.48 3.22 19.53
N GLY V 127 19.62 2.36 18.53
CA GLY V 127 20.10 1.01 18.78
C GLY V 127 21.62 0.92 18.76
N ILE V 128 22.26 1.70 19.63
CA ILE V 128 23.71 1.74 19.73
C ILE V 128 24.09 1.59 21.20
N SER V 129 25.38 1.43 21.44
CA SER V 129 25.91 1.41 22.80
C SER V 129 27.32 1.97 22.75
N ALA V 130 27.53 3.11 23.41
CA ALA V 130 28.77 3.84 23.25
C ALA V 130 29.78 3.46 24.32
N LEU V 131 31.04 3.77 24.02
CA LEU V 131 32.16 3.50 24.91
C LEU V 131 32.95 4.79 25.01
N ILE V 132 33.05 5.32 26.23
CA ILE V 132 33.50 6.69 26.43
C ILE V 132 34.71 6.62 27.35
N VAL V 133 35.85 7.10 26.87
CA VAL V 133 37.08 7.10 27.64
C VAL V 133 37.58 8.54 27.72
N GLY V 134 37.86 8.99 28.93
CA GLY V 134 38.46 10.29 29.12
C GLY V 134 39.32 10.30 30.37
N PHE V 135 40.32 11.16 30.36
CA PHE V 135 41.19 11.33 31.51
C PHE V 135 41.49 12.82 31.65
N ASP V 136 40.65 13.51 32.41
CA ASP V 136 40.67 14.97 32.49
C ASP V 136 41.02 15.45 33.89
N PHE V 137 40.25 15.03 34.90
CA PHE V 137 40.39 15.54 36.25
C PHE V 137 41.68 14.98 36.81
N ASP V 138 42.76 15.76 36.67
CA ASP V 138 44.13 15.34 36.90
C ASP V 138 44.48 14.12 36.06
N GLY V 139 43.92 14.04 34.85
CA GLY V 139 44.18 12.92 33.95
C GLY V 139 43.72 11.57 34.46
N THR V 140 42.67 11.56 35.28
CA THR V 140 42.23 10.32 35.89
C THR V 140 41.48 9.49 34.87
N PRO V 141 41.97 8.29 34.54
CA PRO V 141 41.37 7.51 33.44
C PRO V 141 40.01 6.97 33.80
N ARG V 142 39.05 7.14 32.89
CA ARG V 142 37.67 6.76 33.12
C ARG V 142 37.07 6.24 31.82
N LEU V 143 36.32 5.15 31.92
CA LEU V 143 35.53 4.67 30.79
C LEU V 143 34.14 4.32 31.26
N TYR V 144 33.15 4.85 30.55
CA TYR V 144 31.77 4.54 30.81
C TYR V 144 31.21 3.84 29.58
N GLN V 145 30.33 2.89 29.84
CA GLN V 145 29.53 2.25 28.81
C GLN V 145 28.15 2.87 28.83
N THR V 146 27.42 2.66 27.74
CA THR V 146 26.04 3.11 27.68
C THR V 146 25.13 1.90 27.50
N ASP V 147 23.88 2.18 27.21
CA ASP V 147 22.90 1.15 26.94
C ASP V 147 21.84 1.74 26.03
N PRO V 148 21.14 0.92 25.25
CA PRO V 148 19.93 1.42 24.58
C PRO V 148 18.83 1.86 25.53
N SER V 149 18.86 1.43 26.79
CA SER V 149 18.06 2.11 27.80
C SER V 149 18.63 3.50 28.08
N GLY V 150 19.94 3.65 28.02
CA GLY V 150 20.52 4.91 28.39
C GLY V 150 21.03 4.87 29.81
N THR V 151 21.78 3.84 30.15
CA THR V 151 22.42 3.75 31.46
C THR V 151 23.92 3.77 31.22
N TYR V 152 24.52 4.93 31.43
CA TYR V 152 25.97 5.02 31.47
C TYR V 152 26.48 4.34 32.74
N HIS V 153 27.65 3.73 32.64
CA HIS V 153 28.13 2.93 33.75
C HIS V 153 29.67 2.86 33.68
N ALA V 154 30.31 3.24 34.76
CA ALA V 154 31.77 3.21 34.82
C ALA V 154 32.28 1.78 34.89
N TRP V 155 33.20 1.45 34.00
CA TRP V 155 33.98 0.21 34.06
C TRP V 155 35.46 0.55 34.15
N LYS V 156 36.26 -0.50 34.29
CA LYS V 156 37.71 -0.38 34.16
C LYS V 156 38.23 -0.96 32.86
N ALA V 157 37.45 -1.85 32.24
CA ALA V 157 37.72 -2.35 30.90
C ALA V 157 36.38 -2.64 30.24
N ASN V 158 36.38 -2.80 28.92
CA ASN V 158 35.12 -3.05 28.24
C ASN V 158 35.37 -3.76 26.92
N ALA V 159 34.38 -4.54 26.50
CA ALA V 159 34.35 -5.21 25.21
C ALA V 159 32.89 -5.34 24.81
N ILE V 160 32.59 -5.08 23.54
CA ILE V 160 31.23 -5.09 23.04
C ILE V 160 31.16 -5.93 21.77
N GLY V 161 30.00 -5.91 21.13
CA GLY V 161 29.85 -6.53 19.83
C GLY V 161 29.34 -7.95 19.96
N ARG V 162 29.43 -8.68 18.85
CA ARG V 162 29.01 -10.07 18.84
C ARG V 162 30.02 -10.92 19.60
N GLY V 163 29.58 -11.53 20.70
CA GLY V 163 30.47 -12.35 21.50
C GLY V 163 31.30 -11.58 22.50
N ALA V 164 30.71 -10.59 23.15
CA ALA V 164 31.44 -9.81 24.13
C ALA V 164 31.63 -10.55 25.45
N LYS V 165 30.82 -11.58 25.71
CA LYS V 165 30.99 -12.36 26.92
C LYS V 165 32.25 -13.19 26.87
N SER V 166 32.63 -13.62 25.66
CA SER V 166 33.88 -14.36 25.49
C SER V 166 35.07 -13.46 25.72
N VAL V 167 35.05 -12.27 25.11
CA VAL V 167 36.19 -11.36 25.19
C VAL V 167 36.32 -10.79 26.59
N ARG V 168 35.19 -10.38 27.18
CA ARG V 168 35.20 -9.91 28.56
C ARG V 168 35.56 -11.03 29.52
N GLU V 169 35.19 -12.26 29.19
CA GLU V 169 35.62 -13.40 29.98
C GLU V 169 37.13 -13.60 29.88
N PHE V 170 37.71 -13.29 28.72
CA PHE V 170 39.17 -13.28 28.62
C PHE V 170 39.76 -12.16 29.45
N LEU V 171 39.10 -11.00 29.48
CA LEU V 171 39.63 -9.88 30.23
C LEU V 171 39.57 -10.12 31.72
N GLU V 172 38.58 -10.89 32.17
CA GLU V 172 38.56 -11.35 33.55
C GLU V 172 39.72 -12.30 33.80
N LYS V 173 40.09 -13.08 32.79
CA LYS V 173 41.29 -13.90 32.83
C LYS V 173 42.56 -13.10 32.52
N ASN V 174 42.41 -11.81 32.21
CA ASN V 174 43.53 -10.95 31.87
C ASN V 174 43.54 -9.72 32.77
N TYR V 175 42.67 -9.68 33.76
CA TYR V 175 42.64 -8.52 34.63
C TYR V 175 43.84 -8.54 35.56
N THR V 176 44.91 -7.91 35.11
CA THR V 176 46.15 -7.83 35.86
C THR V 176 46.53 -6.37 36.08
N ASP V 177 45.93 -5.76 37.10
CA ASP V 177 46.19 -4.36 37.40
C ASP V 177 47.34 -4.18 38.39
N GLU V 178 47.96 -5.28 38.78
CA GLU V 178 49.08 -5.25 39.72
C GLU V 178 50.36 -4.79 39.04
N ALA V 179 50.42 -4.95 37.72
CA ALA V 179 51.60 -4.57 36.95
C ALA V 179 51.73 -3.05 36.85
N ILE V 180 51.37 -2.36 37.94
CA ILE V 180 51.44 -0.90 38.02
C ILE V 180 50.73 -0.29 36.81
N GLU V 181 51.40 0.63 36.12
CA GLU V 181 50.80 1.22 34.93
C GLU V 181 51.77 1.21 33.75
N THR V 182 52.65 0.22 33.71
CA THR V 182 53.61 0.10 32.62
C THR V 182 52.84 0.04 31.31
N ASP V 183 52.78 1.17 30.62
CA ASP V 183 52.04 1.25 29.37
C ASP V 183 52.48 0.20 28.37
N ASP V 184 53.60 -0.47 28.64
CA ASP V 184 53.94 -1.66 27.88
C ASP V 184 52.93 -2.78 28.11
N LEU V 185 52.43 -2.90 29.34
CA LEU V 185 51.38 -3.88 29.59
C LEU V 185 50.04 -3.37 29.07
N THR V 186 49.91 -2.06 28.86
CA THR V 186 48.76 -1.57 28.14
C THR V 186 48.84 -1.96 26.68
N ILE V 187 50.04 -1.84 26.08
CA ILE V 187 50.24 -2.17 24.67
C ILE V 187 50.05 -3.67 24.45
N LYS V 188 50.71 -4.48 25.26
CA LYS V 188 50.56 -5.93 25.17
C LYS V 188 49.20 -6.38 25.68
N LEU V 189 48.52 -5.53 26.44
CA LEU V 189 47.18 -5.85 26.90
C LEU V 189 46.17 -5.68 25.78
N VAL V 190 46.28 -4.59 25.03
CA VAL V 190 45.46 -4.40 23.84
C VAL V 190 45.84 -5.43 22.78
N ILE V 191 47.12 -5.80 22.75
CA ILE V 191 47.57 -6.87 21.88
C ILE V 191 46.99 -8.20 22.34
N LYS V 192 46.69 -8.32 23.63
CA LYS V 192 46.03 -9.52 24.13
C LYS V 192 44.55 -9.51 23.82
N ALA V 193 43.94 -8.33 23.81
CA ALA V 193 42.52 -8.23 23.47
C ALA V 193 42.30 -8.48 21.99
N LEU V 194 43.12 -7.85 21.14
CA LEU V 194 43.10 -8.12 19.71
C LEU V 194 43.58 -9.53 19.42
N LEU V 195 44.44 -10.07 20.28
CA LEU V 195 44.77 -11.48 20.22
C LEU V 195 43.56 -12.33 20.54
N GLU V 196 42.74 -11.90 21.50
CA GLU V 196 41.51 -12.60 21.82
C GLU V 196 40.33 -12.10 21.03
N VAL V 197 40.56 -11.54 19.83
CA VAL V 197 39.46 -11.16 18.96
C VAL V 197 38.81 -12.42 18.44
N VAL V 198 37.57 -12.29 17.96
CA VAL V 198 36.81 -13.45 17.51
C VAL V 198 37.39 -14.05 16.26
N GLN V 199 38.05 -13.24 15.43
CA GLN V 199 38.84 -13.75 14.32
C GLN V 199 40.32 -13.61 14.56
N SER V 200 40.74 -12.53 15.23
CA SER V 200 42.14 -12.12 15.40
C SER V 200 42.88 -12.13 14.05
N GLY V 201 42.28 -11.44 13.07
CA GLY V 201 42.73 -11.52 11.70
C GLY V 201 44.07 -10.86 11.43
N GLY V 202 44.48 -9.91 12.28
CA GLY V 202 45.76 -9.25 12.16
C GLY V 202 45.75 -8.04 11.25
N LYS V 203 44.83 -7.98 10.29
CA LYS V 203 44.71 -6.84 9.39
C LYS V 203 43.43 -6.07 9.60
N ASN V 204 42.38 -6.69 10.11
CA ASN V 204 41.11 -6.02 10.38
C ASN V 204 41.06 -5.37 11.75
N ILE V 205 42.18 -5.29 12.44
CA ILE V 205 42.23 -4.74 13.78
C ILE V 205 42.64 -3.28 13.70
N GLU V 206 41.87 -2.42 14.36
CA GLU V 206 42.17 -1.01 14.45
C GLU V 206 42.33 -0.66 15.93
N LEU V 207 43.30 0.20 16.24
CA LEU V 207 43.56 0.57 17.62
C LEU V 207 43.95 2.04 17.69
N ALA V 208 43.61 2.68 18.79
CA ALA V 208 43.96 4.06 19.03
C ALA V 208 44.20 4.26 20.51
N VAL V 209 45.25 5.02 20.84
CA VAL V 209 45.65 5.23 22.22
C VAL V 209 45.66 6.72 22.52
N MET V 210 45.87 7.03 23.79
CA MET V 210 46.06 8.39 24.27
C MET V 210 46.83 8.31 25.58
N ARG V 211 47.83 9.18 25.73
CA ARG V 211 48.60 9.24 26.96
C ARG V 211 47.99 10.19 27.98
N ARG V 212 46.67 10.40 27.92
CA ARG V 212 45.83 11.29 28.73
C ARG V 212 46.18 12.77 28.58
N ASP V 213 47.20 13.10 27.78
CA ASP V 213 47.68 14.45 27.59
C ASP V 213 47.89 14.72 26.12
N GLN V 214 48.03 13.66 25.32
CA GLN V 214 48.25 13.75 23.90
C GLN V 214 46.91 13.82 23.19
N SER V 215 46.96 13.75 21.87
CA SER V 215 45.75 13.60 21.07
C SER V 215 45.49 12.11 20.85
N LEU V 216 44.56 11.82 19.95
CA LEU V 216 44.31 10.44 19.58
C LEU V 216 45.44 9.94 18.69
N LYS V 217 46.04 8.84 19.08
CA LYS V 217 47.17 8.29 18.35
C LYS V 217 46.73 7.03 17.62
N ILE V 218 46.54 7.15 16.32
CA ILE V 218 46.14 6.04 15.46
C ILE V 218 47.38 5.24 15.15
N LEU V 219 47.28 3.92 15.25
CA LEU V 219 48.46 3.07 15.15
C LEU V 219 48.67 2.60 13.72
N ASN V 220 49.64 1.71 13.52
CA ASN V 220 49.95 1.14 12.23
C ASN V 220 49.91 -0.38 12.34
N PRO V 221 49.35 -1.09 11.35
CA PRO V 221 49.27 -2.56 11.39
C PRO V 221 50.56 -3.27 10.98
N GLU V 222 51.69 -2.66 11.27
CA GLU V 222 53.00 -3.26 11.14
C GLU V 222 53.77 -3.21 12.45
N GLU V 223 53.62 -2.10 13.18
CA GLU V 223 53.97 -2.12 14.59
C GLU V 223 53.02 -3.05 15.35
N ILE V 224 51.74 -3.04 14.97
CA ILE V 224 50.77 -3.95 15.55
C ILE V 224 51.05 -5.38 15.08
N GLU V 225 51.57 -5.52 13.86
CA GLU V 225 52.00 -6.85 13.41
C GLU V 225 53.23 -7.30 14.19
N LYS V 226 54.08 -6.35 14.59
CA LYS V 226 55.17 -6.68 15.50
C LYS V 226 54.65 -7.01 16.89
N TYR V 227 53.48 -6.48 17.24
CA TYR V 227 52.89 -6.80 18.53
C TYR V 227 52.26 -8.18 18.51
N VAL V 228 51.71 -8.58 17.37
CA VAL V 228 51.28 -9.96 17.20
C VAL V 228 52.48 -10.87 17.10
N ALA V 229 53.61 -10.34 16.63
CA ALA V 229 54.83 -11.14 16.52
C ALA V 229 55.41 -11.42 17.89
N GLU V 230 55.47 -10.41 18.76
CA GLU V 230 55.92 -10.66 20.12
C GLU V 230 54.86 -11.38 20.93
N ILE V 231 53.60 -11.30 20.50
CA ILE V 231 52.53 -12.03 21.16
C ILE V 231 52.67 -13.52 20.89
N GLU V 232 52.88 -13.89 19.63
CA GLU V 232 53.11 -15.29 19.30
C GLU V 232 54.48 -15.75 19.77
N LYS V 233 55.42 -14.81 19.93
CA LYS V 233 56.71 -15.15 20.50
C LYS V 233 56.57 -15.52 21.97
N GLU V 234 55.80 -14.74 22.72
CA GLU V 234 55.53 -15.08 24.11
C GLU V 234 54.65 -16.32 24.22
N LYS V 235 53.80 -16.56 23.23
CA LYS V 235 53.05 -17.80 23.17
C LYS V 235 53.96 -18.99 22.93
N GLU V 236 55.03 -18.79 22.18
CA GLU V 236 56.06 -19.82 22.06
C GLU V 236 56.83 -19.95 23.37
N GLU V 237 56.97 -18.86 24.12
CA GLU V 237 57.62 -18.91 25.41
C GLU V 237 56.75 -19.60 26.47
N ASN V 238 55.45 -19.71 26.21
CA ASN V 238 54.58 -20.42 27.14
C ASN V 238 54.87 -21.92 27.11
N GLU V 239 55.22 -22.46 25.95
CA GLU V 239 55.55 -23.88 25.84
C GLU V 239 56.91 -24.18 26.44
N TYR W 7 -5.11 -6.85 26.83
CA TYR W 7 -6.35 -6.10 27.05
C TYR W 7 -6.06 -4.90 27.96
N ASP W 8 -6.86 -3.84 27.83
CA ASP W 8 -6.64 -2.55 28.51
C ASP W 8 -5.26 -2.10 28.05
N ARG W 9 -5.09 -2.12 26.72
CA ARG W 9 -3.84 -1.78 26.06
C ARG W 9 -3.51 -0.29 25.96
N GLY W 10 -3.68 0.44 27.07
CA GLY W 10 -3.37 1.84 27.13
C GLY W 10 -3.66 2.50 28.45
N VAL W 11 -3.39 3.81 28.51
CA VAL W 11 -3.62 4.59 29.72
C VAL W 11 -4.96 5.31 29.71
N ASN W 12 -5.90 4.84 28.89
CA ASN W 12 -7.11 5.59 28.62
C ASN W 12 -8.29 4.65 28.52
N THR W 13 -8.12 3.40 28.93
CA THR W 13 -9.18 2.41 28.79
C THR W 13 -9.27 1.54 30.03
N PHE W 14 -10.32 1.76 30.82
CA PHE W 14 -10.49 1.05 32.08
C PHE W 14 -10.91 -0.38 31.82
N SER W 15 -10.99 -1.15 32.88
CA SER W 15 -11.55 -2.47 32.89
C SER W 15 -13.03 -2.39 33.17
N PRO W 16 -13.79 -3.43 32.83
CA PRO W 16 -15.14 -3.55 33.41
C PRO W 16 -15.14 -3.77 34.91
N GLU W 17 -13.99 -4.08 35.49
CA GLU W 17 -13.83 -4.15 36.94
C GLU W 17 -13.08 -2.95 37.50
N GLY W 18 -11.82 -2.80 37.11
CA GLY W 18 -11.01 -1.69 37.58
C GLY W 18 -10.62 -0.76 36.46
N ARG W 19 -9.42 -0.21 36.54
CA ARG W 19 -8.92 0.72 35.54
C ARG W 19 -8.07 0.00 34.49
N LEU W 20 -7.07 0.71 33.98
CA LEU W 20 -6.16 0.16 32.99
C LEU W 20 -4.85 -0.16 33.69
N PHE W 21 -4.81 -1.31 34.37
CA PHE W 21 -3.63 -1.74 35.11
C PHE W 21 -2.35 -1.66 34.30
N GLN W 22 -1.70 -0.49 34.34
CA GLN W 22 -0.46 -0.32 33.62
C GLN W 22 0.57 0.38 34.47
N VAL W 23 0.11 1.33 35.30
CA VAL W 23 0.82 1.61 36.54
C VAL W 23 0.84 0.35 37.39
N GLU W 24 -0.24 -0.44 37.32
CA GLU W 24 -0.25 -1.77 37.90
C GLU W 24 0.81 -2.67 37.26
N TYR W 25 0.98 -2.57 35.94
CA TYR W 25 2.13 -3.24 35.31
C TYR W 25 3.46 -2.71 35.81
N ALA W 26 3.52 -1.45 36.24
CA ALA W 26 4.78 -0.95 36.81
C ALA W 26 4.98 -1.45 38.23
N ILE W 27 3.87 -1.67 38.97
CA ILE W 27 3.93 -2.33 40.27
C ILE W 27 4.49 -3.72 40.11
N GLU W 28 4.09 -4.41 39.04
CA GLU W 28 4.77 -5.63 38.64
C GLU W 28 6.24 -5.36 38.32
N ALA W 29 6.54 -4.20 37.72
CA ALA W 29 7.92 -3.90 37.36
C ALA W 29 8.75 -3.39 38.52
N ILE W 30 8.21 -3.32 39.74
CA ILE W 30 9.05 -2.96 40.88
C ILE W 30 9.79 -4.19 41.41
N LYS W 31 9.10 -5.33 41.44
CA LYS W 31 9.58 -6.53 42.14
C LYS W 31 10.86 -7.08 41.54
N LEU W 32 11.08 -6.89 40.25
CA LEU W 32 12.33 -7.27 39.60
C LEU W 32 13.53 -6.47 40.11
N GLY W 33 13.31 -5.31 40.73
CA GLY W 33 14.42 -4.57 41.30
C GLY W 33 14.90 -5.18 42.60
N SER W 34 16.11 -4.78 42.99
CA SER W 34 16.69 -5.23 44.24
C SER W 34 16.00 -4.58 45.42
N THR W 35 16.28 -5.12 46.60
CA THR W 35 15.54 -4.70 47.78
C THR W 35 16.24 -3.55 48.49
N ALA W 36 15.48 -2.92 49.38
CA ALA W 36 15.99 -1.87 50.26
C ALA W 36 15.07 -1.81 51.47
N ILE W 37 15.66 -1.50 52.63
CA ILE W 37 14.93 -1.50 53.89
C ILE W 37 15.16 -0.17 54.59
N GLY W 38 14.08 0.51 54.91
CA GLY W 38 14.13 1.70 55.74
C GLY W 38 13.43 1.43 57.06
N ILE W 39 13.99 1.95 58.14
CA ILE W 39 13.44 1.81 59.47
C ILE W 39 13.41 3.18 60.13
N GLN W 40 12.24 3.59 60.58
CA GLN W 40 12.15 4.80 61.38
C GLN W 40 12.28 4.46 62.86
N THR W 41 13.42 4.82 63.43
CA THR W 41 13.57 4.82 64.86
C THR W 41 13.41 6.28 65.28
N SER W 42 12.87 6.50 66.48
CA SER W 42 12.87 7.84 67.06
C SER W 42 14.28 8.39 67.22
N GLU W 43 15.26 7.50 67.42
CA GLU W 43 16.66 7.89 67.41
C GLU W 43 17.10 8.36 66.03
N GLY W 44 16.44 7.89 64.99
CA GLY W 44 16.71 8.33 63.64
C GLY W 44 16.25 7.30 62.65
N VAL W 45 16.13 7.73 61.41
CA VAL W 45 15.75 6.83 60.33
C VAL W 45 17.01 6.26 59.69
N CYS W 46 17.13 4.93 59.73
CA CYS W 46 18.23 4.24 59.09
C CYS W 46 17.72 3.52 57.85
N LEU W 47 18.63 3.22 56.93
CA LEU W 47 18.23 2.66 55.65
C LEU W 47 19.39 1.92 55.02
N ALA W 48 19.07 0.87 54.26
CA ALA W 48 20.06 0.08 53.56
C ALA W 48 19.47 -0.46 52.26
N VAL W 49 20.34 -1.04 51.44
CA VAL W 49 19.97 -1.48 50.10
C VAL W 49 20.97 -2.55 49.69
N GLU W 50 20.59 -3.36 48.70
CA GLU W 50 21.50 -4.35 48.10
C GLU W 50 21.92 -3.88 46.73
N LYS W 51 23.22 -3.96 46.44
CA LYS W 51 23.72 -3.41 45.18
C LYS W 51 23.64 -4.39 44.02
N ARG W 52 23.93 -5.67 44.27
CA ARG W 52 23.98 -6.74 43.27
C ARG W 52 25.01 -6.40 42.17
N ILE W 53 26.27 -6.37 42.60
CA ILE W 53 27.37 -6.12 41.68
C ILE W 53 27.61 -7.36 40.83
N THR W 54 27.79 -7.16 39.53
CA THR W 54 27.95 -8.28 38.62
C THR W 54 29.41 -8.46 38.17
N SER W 55 30.08 -7.38 37.80
CA SER W 55 31.42 -7.49 37.23
C SER W 55 32.48 -6.98 38.21
N PRO W 56 33.72 -7.46 38.08
CA PRO W 56 34.82 -6.76 38.74
C PRO W 56 35.09 -5.40 38.13
N LEU W 57 34.82 -5.25 36.82
CA LEU W 57 34.90 -3.94 36.20
C LEU W 57 33.80 -3.03 36.70
N MET W 58 32.69 -3.60 37.14
CA MET W 58 31.55 -2.87 37.66
C MET W 58 31.97 -2.16 38.93
N GLU W 59 32.25 -0.88 38.80
CA GLU W 59 32.71 -0.09 39.91
C GLU W 59 31.55 0.10 40.87
N PRO W 60 31.73 -0.18 42.16
CA PRO W 60 30.58 -0.22 43.08
C PRO W 60 29.99 1.15 43.38
N SER W 61 30.82 2.17 43.54
CA SER W 61 30.29 3.49 43.86
C SER W 61 29.64 4.17 42.66
N SER W 62 29.86 3.64 41.46
CA SER W 62 29.10 4.07 40.30
C SER W 62 27.61 3.74 40.42
N ILE W 63 27.27 2.69 41.15
CA ILE W 63 25.87 2.38 41.41
C ILE W 63 25.41 3.20 42.61
N GLU W 64 24.41 4.04 42.39
CA GLU W 64 23.82 4.83 43.46
C GLU W 64 22.44 4.28 43.78
N LYS W 65 22.13 4.21 45.07
CA LYS W 65 20.78 3.95 45.54
C LYS W 65 20.30 5.01 46.49
N ILE W 66 21.17 5.46 47.39
CA ILE W 66 20.86 6.53 48.31
C ILE W 66 21.52 7.80 47.82
N VAL W 67 20.71 8.83 47.59
CA VAL W 67 21.21 10.13 47.25
C VAL W 67 20.85 11.09 48.38
N GLU W 68 21.50 12.23 48.40
CA GLU W 68 21.22 13.28 49.36
C GLU W 68 20.33 14.32 48.70
N ILE W 69 19.05 14.29 49.02
CA ILE W 69 18.19 15.38 48.57
C ILE W 69 18.49 16.64 49.34
N ASP W 70 18.26 16.63 50.64
CA ASP W 70 18.61 17.75 51.49
C ASP W 70 19.61 17.23 52.49
N ALA W 71 20.26 18.14 53.23
CA ALA W 71 21.24 17.81 54.25
C ALA W 71 20.70 16.92 55.35
N HIS W 72 19.38 16.84 55.51
CA HIS W 72 18.79 15.82 56.36
C HIS W 72 17.83 14.92 55.58
N ILE W 73 17.81 14.96 54.25
CA ILE W 73 16.87 14.18 53.47
C ILE W 73 17.61 13.29 52.49
N GLY W 74 17.43 11.97 52.65
CA GLY W 74 17.94 11.01 51.70
C GLY W 74 16.83 10.36 50.90
N CYS W 75 17.22 9.38 50.09
CA CYS W 75 16.29 8.73 49.18
C CYS W 75 16.71 7.29 48.95
N ALA W 76 15.82 6.57 48.25
CA ALA W 76 16.06 5.18 47.85
C ALA W 76 15.08 4.85 46.73
N MET W 77 15.60 4.19 45.72
CA MET W 77 14.93 3.99 44.44
C MET W 77 14.48 2.55 44.28
N SER W 78 13.94 2.24 43.11
CA SER W 78 13.50 0.88 42.78
C SER W 78 13.47 0.71 41.27
N GLY W 79 14.01 -0.42 40.81
CA GLY W 79 13.90 -0.81 39.42
C GLY W 79 14.58 0.11 38.42
N LEU W 80 13.77 0.89 37.69
CA LEU W 80 14.31 1.80 36.69
C LEU W 80 14.98 2.99 37.36
N ILE W 81 16.11 3.40 36.80
CA ILE W 81 17.01 4.33 37.46
C ILE W 81 16.78 5.76 36.96
N ALA W 82 16.59 5.93 35.66
CA ALA W 82 16.72 7.24 35.06
C ALA W 82 15.54 8.15 35.34
N ASP W 83 14.33 7.60 35.37
CA ASP W 83 13.17 8.38 35.78
C ASP W 83 13.30 8.82 37.22
N ALA W 84 13.86 7.94 38.06
CA ALA W 84 14.14 8.29 39.44
C ALA W 84 15.16 9.41 39.52
N LYS W 85 16.16 9.39 38.63
CA LYS W 85 17.15 10.47 38.59
C LYS W 85 16.50 11.79 38.18
N THR W 86 15.51 11.72 37.29
CA THR W 86 14.73 12.90 36.95
C THR W 86 13.98 13.43 38.17
N LEU W 87 13.46 12.50 38.98
CA LEU W 87 12.74 12.90 40.18
C LEU W 87 13.67 13.47 41.23
N ILE W 88 14.92 13.00 41.26
CA ILE W 88 15.90 13.52 42.21
C ILE W 88 16.28 14.93 41.84
N ASP W 89 16.53 15.15 40.56
CA ASP W 89 16.89 16.47 40.07
C ASP W 89 15.75 17.46 40.31
N LYS W 90 14.53 17.05 39.96
CA LYS W 90 13.34 17.84 40.20
C LYS W 90 13.14 18.15 41.67
N ALA W 91 13.36 17.14 42.52
CA ALA W 91 13.10 17.30 43.94
C ALA W 91 14.08 18.26 44.57
N ARG W 92 15.37 18.15 44.21
CA ARG W 92 16.36 19.07 44.73
C ARG W 92 16.13 20.48 44.23
N VAL W 93 15.66 20.60 42.99
CA VAL W 93 15.22 21.88 42.45
C VAL W 93 14.09 22.47 43.29
N GLU W 94 13.12 21.64 43.65
CA GLU W 94 11.91 22.18 44.26
C GLU W 94 12.11 22.48 45.73
N THR W 95 12.89 21.67 46.43
CA THR W 95 13.32 22.01 47.78
C THR W 95 14.19 23.25 47.76
N GLN W 96 15.01 23.38 46.72
CA GLN W 96 15.80 24.59 46.56
C GLN W 96 14.92 25.80 46.30
N ASN W 97 13.75 25.58 45.70
CA ASN W 97 12.78 26.64 45.56
C ASN W 97 12.14 26.96 46.91
N HIS W 98 11.94 25.93 47.73
CA HIS W 98 11.33 26.13 49.04
C HIS W 98 12.26 26.90 49.95
N TRP W 99 13.53 26.58 49.93
CA TRP W 99 14.47 27.40 50.65
C TRP W 99 14.63 28.75 49.98
N PHE W 100 14.51 28.76 48.65
CA PHE W 100 14.76 29.97 47.88
C PHE W 100 13.71 31.03 48.17
N THR W 101 12.51 30.58 48.49
CA THR W 101 11.37 31.44 48.71
C THR W 101 10.90 31.41 50.15
N TYR W 102 11.53 30.59 50.99
CA TYR W 102 11.06 30.44 52.35
C TYR W 102 12.18 30.41 53.39
N ASN W 103 13.45 30.39 52.97
CA ASN W 103 14.62 30.34 53.87
C ASN W 103 14.61 29.15 54.80
N GLU W 104 14.01 28.04 54.38
CA GLU W 104 13.85 26.91 55.26
C GLU W 104 13.65 25.65 54.43
N THR W 105 13.77 24.50 55.08
CA THR W 105 13.68 23.22 54.40
C THR W 105 12.22 22.92 54.10
N MET W 106 11.98 22.40 52.90
CA MET W 106 10.69 21.79 52.61
C MET W 106 10.53 20.58 53.51
N THR W 107 9.35 20.43 54.10
CA THR W 107 9.10 19.24 54.90
C THR W 107 9.01 18.02 54.01
N VAL W 108 9.53 16.92 54.54
CA VAL W 108 9.75 15.69 53.79
C VAL W 108 8.43 15.12 53.29
N GLU W 109 7.35 15.38 54.02
CA GLU W 109 6.02 15.03 53.56
C GLU W 109 5.63 15.88 52.36
N SER W 110 5.81 17.20 52.45
CA SER W 110 5.53 18.06 51.32
C SER W 110 6.52 17.85 50.19
N VAL W 111 7.73 17.36 50.51
CA VAL W 111 8.62 16.87 49.47
C VAL W 111 7.97 15.72 48.72
N THR W 112 7.43 14.77 49.47
CA THR W 112 6.89 13.54 48.89
C THR W 112 5.63 13.82 48.09
N GLN W 113 4.80 14.73 48.58
CA GLN W 113 3.62 15.13 47.85
C GLN W 113 4.00 15.97 46.66
N ALA W 114 5.09 16.74 46.79
CA ALA W 114 5.58 17.54 45.68
C ALA W 114 6.05 16.66 44.53
N VAL W 115 6.70 15.54 44.84
CA VAL W 115 7.01 14.58 43.80
C VAL W 115 5.75 13.89 43.33
N SER W 116 4.85 13.63 44.25
CA SER W 116 3.64 12.87 44.03
C SER W 116 2.62 13.60 43.20
N ASN W 117 2.82 14.90 42.96
CA ASN W 117 1.95 15.60 42.02
C ASN W 117 2.15 15.10 40.60
N LEU W 118 3.40 15.06 40.14
CA LEU W 118 3.65 14.58 38.79
C LEU W 118 4.18 13.16 38.80
N ALA W 119 4.00 12.44 39.91
CA ALA W 119 4.07 10.99 39.88
C ALA W 119 3.07 10.44 38.88
N LEU W 120 1.85 10.97 38.89
CA LEU W 120 0.92 10.76 37.80
C LEU W 120 0.58 12.12 37.24
N GLN W 121 1.46 12.63 36.39
CA GLN W 121 1.11 13.58 35.35
C GLN W 121 1.60 13.07 34.01
N PHE W 122 1.56 11.75 33.86
CA PHE W 122 1.82 11.10 32.60
C PHE W 122 0.82 11.59 31.56
N GLY W 123 1.30 11.88 30.38
CA GLY W 123 0.39 12.28 29.33
C GLY W 123 1.07 12.35 27.99
N GLU W 124 0.50 11.67 27.01
CA GLU W 124 1.04 11.65 25.66
C GLU W 124 0.34 12.65 24.76
N GLU W 125 -0.81 13.17 25.20
CA GLU W 125 -1.52 14.24 24.53
C GLU W 125 -2.14 15.15 25.59
N ASP W 126 -2.57 16.32 25.13
CA ASP W 126 -3.32 17.32 25.91
C ASP W 126 -2.57 17.79 27.16
N SER W 133 5.33 11.59 29.87
CA SER W 133 4.46 11.02 28.84
C SER W 133 3.88 9.70 29.29
N ARG W 134 4.69 8.66 29.22
CA ARG W 134 4.33 7.35 29.73
C ARG W 134 4.43 7.34 31.25
N PRO W 135 3.76 6.40 31.91
CA PRO W 135 3.92 6.29 33.37
C PRO W 135 5.29 5.78 33.76
N PHE W 136 5.57 5.86 35.06
CA PHE W 136 6.89 5.54 35.60
C PHE W 136 6.89 4.20 36.31
N GLY W 137 8.09 3.68 36.55
CA GLY W 137 8.26 2.34 37.11
C GLY W 137 9.12 2.24 38.35
N VAL W 138 8.98 3.14 39.30
CA VAL W 138 9.87 3.20 40.45
C VAL W 138 9.11 3.55 41.73
N ALA W 139 9.29 2.72 42.75
CA ALA W 139 8.83 3.01 44.10
C ALA W 139 9.95 3.70 44.86
N LEU W 140 9.58 4.56 45.81
CA LEU W 140 10.56 5.39 46.47
C LEU W 140 10.45 5.30 47.98
N LEU W 141 11.62 5.29 48.63
CA LEU W 141 11.75 5.38 50.07
C LEU W 141 12.44 6.68 50.41
N PHE W 142 11.85 7.45 51.32
CA PHE W 142 12.35 8.76 51.70
C PHE W 142 12.67 8.78 53.18
N GLY W 143 13.83 9.30 53.51
CA GLY W 143 14.21 9.49 54.89
C GLY W 143 14.46 10.96 55.15
N GLY W 144 13.89 11.45 56.24
CA GLY W 144 14.10 12.84 56.58
C GLY W 144 14.02 13.02 58.08
N VAL W 145 14.38 14.22 58.53
CA VAL W 145 14.14 14.66 59.89
C VAL W 145 13.56 16.06 59.77
N ASP W 146 12.26 16.18 59.96
CA ASP W 146 11.59 17.47 59.97
C ASP W 146 11.55 18.00 61.40
N GLU W 147 10.68 18.97 61.65
CA GLU W 147 10.44 19.45 63.01
C GLU W 147 9.77 18.38 63.87
N LYS W 148 9.11 17.40 63.26
CA LYS W 148 8.61 16.23 63.96
C LYS W 148 9.66 15.14 64.09
N GLY W 149 10.90 15.43 63.76
CA GLY W 149 11.99 14.50 63.95
C GLY W 149 12.16 13.52 62.82
N PRO W 150 12.40 12.26 63.15
CA PRO W 150 12.61 11.26 62.11
C PRO W 150 11.34 10.94 61.36
N GLN W 151 11.48 10.85 60.04
CA GLN W 151 10.38 10.58 59.13
C GLN W 151 10.81 9.54 58.11
N LEU W 152 10.00 8.50 57.97
CA LEU W 152 10.22 7.48 56.96
C LEU W 152 9.00 7.39 56.07
N PHE W 153 9.18 7.64 54.78
CA PHE W 153 8.08 7.82 53.86
C PHE W 153 8.26 6.86 52.71
N HIS W 154 7.15 6.39 52.15
CA HIS W 154 7.23 5.49 51.01
C HIS W 154 6.11 5.78 50.03
N MET W 155 6.47 5.99 48.78
CA MET W 155 5.46 6.19 47.76
C MET W 155 5.59 5.11 46.68
N ASP W 156 4.74 5.24 45.68
CA ASP W 156 4.57 4.25 44.62
C ASP W 156 4.62 4.98 43.29
N PRO W 157 4.70 4.26 42.17
CA PRO W 157 4.56 4.93 40.86
C PRO W 157 3.21 5.58 40.62
N SER W 158 2.17 5.18 41.33
CA SER W 158 0.90 5.88 41.22
C SER W 158 0.82 7.10 42.12
N GLY W 159 1.86 7.39 42.88
CA GLY W 159 1.83 8.54 43.76
C GLY W 159 0.96 8.40 44.98
N THR W 160 0.32 7.26 45.17
CA THR W 160 -0.52 7.08 46.34
C THR W 160 0.38 6.82 47.53
N PHE W 161 0.73 7.90 48.23
CA PHE W 161 1.72 7.88 49.28
C PHE W 161 1.10 7.50 50.62
N VAL W 162 1.82 6.69 51.40
CA VAL W 162 1.53 6.48 52.80
C VAL W 162 2.86 6.44 53.56
N GLN W 163 2.85 6.92 54.78
CA GLN W 163 4.01 6.83 55.65
C GLN W 163 4.12 5.44 56.23
N CYS W 164 5.32 4.87 56.18
CA CYS W 164 5.60 3.57 56.75
C CYS W 164 6.60 3.72 57.88
N ASP W 165 6.54 2.80 58.86
CA ASP W 165 7.49 2.89 59.95
C ASP W 165 8.80 2.18 59.63
N ALA W 166 8.72 1.09 58.88
CA ALA W 166 9.89 0.39 58.39
C ALA W 166 9.44 -0.37 57.14
N ARG W 167 9.83 0.13 55.97
CA ARG W 167 9.36 -0.42 54.72
C ARG W 167 10.49 -1.17 54.00
N ALA W 168 10.14 -2.32 53.45
CA ALA W 168 11.04 -3.09 52.61
C ALA W 168 10.44 -3.20 51.21
N ILE W 169 11.30 -3.12 50.20
CA ILE W 169 10.83 -3.01 48.82
C ILE W 169 11.52 -4.05 47.95
N GLY W 170 11.29 -3.97 46.64
CA GLY W 170 12.13 -4.66 45.69
C GLY W 170 11.84 -6.15 45.67
N SER W 171 12.84 -6.91 45.26
CA SER W 171 12.73 -8.37 45.30
C SER W 171 12.74 -8.86 46.73
N ALA W 172 12.06 -10.00 46.95
CA ALA W 172 11.96 -10.69 48.24
C ALA W 172 11.39 -9.80 49.34
N SER W 173 10.54 -8.85 48.96
CA SER W 173 10.05 -7.87 49.92
C SER W 173 8.99 -8.45 50.85
N GLU W 174 8.42 -9.60 50.50
CA GLU W 174 7.31 -10.16 51.27
C GLU W 174 7.77 -10.61 52.64
N GLY W 175 8.66 -11.60 52.69
CA GLY W 175 9.17 -12.09 53.95
C GLY W 175 10.06 -11.09 54.66
N ALA W 176 10.56 -10.09 53.92
CA ALA W 176 11.25 -8.99 54.56
C ALA W 176 10.28 -8.11 55.33
N GLN W 177 9.09 -7.88 54.77
CA GLN W 177 8.08 -7.13 55.51
C GLN W 177 7.49 -7.96 56.63
N SER W 178 7.35 -9.27 56.41
CA SER W 178 6.75 -10.13 57.42
C SER W 178 7.69 -10.34 58.60
N SER W 179 8.91 -10.77 58.30
CA SER W 179 9.98 -10.88 59.29
C SER W 179 10.35 -9.53 59.88
N LEU W 180 10.13 -8.45 59.13
CA LEU W 180 10.21 -7.11 59.67
C LEU W 180 9.17 -6.91 60.76
N GLN W 181 7.92 -7.27 60.47
CA GLN W 181 6.86 -7.16 61.46
C GLN W 181 7.06 -8.11 62.61
N GLU W 182 7.85 -9.16 62.42
CA GLU W 182 8.29 -9.97 63.53
C GLU W 182 9.20 -9.19 64.46
N VAL W 183 10.08 -8.36 63.92
CA VAL W 183 11.15 -7.77 64.71
C VAL W 183 10.91 -6.30 65.05
N TYR W 184 10.03 -5.61 64.34
CA TYR W 184 9.87 -4.20 64.56
C TYR W 184 8.89 -3.92 65.68
N HIS W 185 9.20 -2.88 66.44
CA HIS W 185 8.23 -2.26 67.35
C HIS W 185 8.59 -0.78 67.43
N LYS W 186 7.88 -0.06 68.29
CA LYS W 186 8.04 1.39 68.34
C LYS W 186 9.26 1.80 69.14
N SER W 187 9.60 1.06 70.18
CA SER W 187 10.63 1.46 71.13
C SER W 187 11.99 0.87 70.76
N MET W 188 12.22 0.69 69.47
CA MET W 188 13.50 0.19 68.98
C MET W 188 14.60 1.22 69.20
N THR W 189 15.84 0.78 69.05
CA THR W 189 16.96 1.70 69.02
C THR W 189 17.63 1.60 67.66
N LEU W 190 18.60 2.49 67.44
CA LEU W 190 19.10 2.71 66.08
C LEU W 190 19.97 1.57 65.60
N LYS W 191 21.07 1.32 66.31
CA LYS W 191 22.03 0.28 65.91
C LYS W 191 21.41 -1.11 66.00
N GLU W 192 20.42 -1.27 66.89
CA GLU W 192 19.61 -2.47 66.92
C GLU W 192 18.86 -2.67 65.61
N ALA W 193 18.24 -1.59 65.12
CA ALA W 193 17.54 -1.67 63.84
C ALA W 193 18.51 -1.85 62.69
N ILE W 194 19.74 -1.37 62.85
CA ILE W 194 20.75 -1.54 61.83
C ILE W 194 21.16 -2.99 61.71
N LYS W 195 21.58 -3.59 62.83
CA LYS W 195 22.04 -4.98 62.77
C LYS W 195 20.89 -5.92 62.49
N SER W 196 19.69 -5.61 62.99
CA SER W 196 18.53 -6.41 62.67
C SER W 196 18.16 -6.29 61.19
N SER W 197 18.34 -5.09 60.63
CA SER W 197 18.06 -4.87 59.22
C SER W 197 18.99 -5.68 58.33
N LEU W 198 20.28 -5.64 58.64
CA LEU W 198 21.21 -6.42 57.82
C LEU W 198 21.11 -7.92 58.09
N ILE W 199 20.57 -8.32 59.25
CA ILE W 199 20.17 -9.71 59.44
C ILE W 199 19.15 -10.11 58.39
N ILE W 200 18.10 -9.28 58.22
CA ILE W 200 17.10 -9.55 57.20
C ILE W 200 17.71 -9.52 55.81
N LEU W 201 18.70 -8.65 55.61
CA LEU W 201 19.36 -8.52 54.32
C LEU W 201 20.12 -9.78 53.95
N LYS W 202 20.96 -10.28 54.86
CA LYS W 202 21.67 -11.51 54.54
C LYS W 202 20.76 -12.72 54.56
N GLN W 203 19.59 -12.63 55.20
CA GLN W 203 18.57 -13.63 54.96
C GLN W 203 18.02 -13.60 53.54
N VAL W 204 17.81 -12.41 52.98
CA VAL W 204 17.14 -12.33 51.68
C VAL W 204 18.13 -12.23 50.52
N MET W 205 19.37 -11.85 50.76
CA MET W 205 20.31 -11.81 49.66
C MET W 205 20.79 -13.23 49.35
N GLU W 206 21.46 -13.37 48.22
CA GLU W 206 21.99 -14.64 47.78
C GLU W 206 23.51 -14.72 47.86
N GLU W 207 24.19 -13.58 47.96
CA GLU W 207 25.63 -13.54 48.04
C GLU W 207 26.07 -13.41 49.49
N LYS W 208 27.36 -13.58 49.72
CA LYS W 208 27.91 -13.35 51.05
C LYS W 208 27.95 -11.86 51.31
N LEU W 209 27.47 -11.47 52.49
CA LEU W 209 27.44 -10.07 52.85
C LEU W 209 28.85 -9.55 53.10
N ASN W 210 29.20 -8.48 52.41
CA ASN W 210 30.50 -7.87 52.56
C ASN W 210 30.33 -6.35 52.46
N ALA W 211 31.44 -5.64 52.32
CA ALA W 211 31.43 -4.19 52.19
C ALA W 211 30.80 -3.72 50.90
N THR W 212 30.73 -4.58 49.89
CA THR W 212 30.35 -4.16 48.56
C THR W 212 28.89 -4.42 48.24
N ASN W 213 28.22 -5.31 48.97
CA ASN W 213 26.85 -5.65 48.65
C ASN W 213 25.90 -4.53 49.02
N ILE W 214 26.20 -3.82 50.11
CA ILE W 214 25.23 -2.94 50.74
C ILE W 214 25.83 -1.55 50.91
N GLU W 215 24.98 -0.63 51.37
CA GLU W 215 25.42 0.68 51.84
C GLU W 215 24.37 1.18 52.82
N LEU W 216 24.78 2.06 53.72
CA LEU W 216 23.87 2.53 54.76
C LEU W 216 23.46 3.98 54.53
N ALA W 217 22.36 4.34 55.19
CA ALA W 217 21.80 5.69 55.08
C ALA W 217 21.18 6.03 56.43
N THR W 218 21.86 6.88 57.20
CA THR W 218 21.53 7.11 58.58
C THR W 218 21.36 8.59 58.86
N VAL W 219 20.10 9.03 58.97
CA VAL W 219 19.79 10.40 59.39
C VAL W 219 19.45 10.35 60.87
N GLN W 220 19.82 11.41 61.58
CA GLN W 220 19.62 11.56 63.01
C GLN W 220 19.16 12.97 63.30
N PRO W 221 18.63 13.24 64.48
CA PRO W 221 18.46 14.65 64.88
C PRO W 221 19.79 15.35 65.11
N GLY W 222 20.68 14.77 65.91
CA GLY W 222 21.98 15.37 66.11
C GLY W 222 22.94 15.17 64.97
N GLN W 223 22.63 14.25 64.08
CA GLN W 223 23.41 13.95 62.90
C GLN W 223 22.49 13.96 61.69
N ASN W 224 21.82 15.10 61.55
CA ASN W 224 21.08 15.43 60.33
C ASN W 224 21.92 15.16 59.10
N PHE W 225 23.13 15.68 59.08
CA PHE W 225 24.09 15.44 58.02
C PHE W 225 24.54 13.98 58.02
N HIS W 226 25.11 13.54 56.88
CA HIS W 226 25.78 12.25 56.70
C HIS W 226 24.81 11.09 56.92
N MET W 227 23.89 10.99 55.97
CA MET W 227 23.02 9.83 55.90
C MET W 227 23.76 8.68 55.22
N PHE W 228 24.74 8.11 55.95
CA PHE W 228 25.70 7.17 55.39
C PHE W 228 26.58 6.64 56.51
N THR W 229 27.20 5.48 56.29
CA THR W 229 28.29 4.98 57.11
C THR W 229 29.42 4.53 56.19
N LYS W 230 30.65 4.93 56.50
CA LYS W 230 31.80 4.64 55.65
C LYS W 230 32.75 3.69 56.37
N GLU W 231 32.84 2.45 55.88
CA GLU W 231 33.71 1.40 56.44
C GLU W 231 33.42 1.05 57.91
N GLU W 232 32.70 1.92 58.61
CA GLU W 232 32.29 1.63 59.98
C GLU W 232 31.38 0.48 59.61
N LEU W 233 30.78 0.71 58.45
CA LEU W 233 29.94 -0.24 57.73
C LEU W 233 30.57 -1.62 57.71
N GLU W 234 31.85 -1.70 57.33
CA GLU W 234 32.60 -2.96 57.40
C GLU W 234 32.68 -3.47 58.82
N GLU W 235 32.82 -2.57 59.78
CA GLU W 235 32.89 -2.98 61.17
C GLU W 235 31.55 -3.52 61.66
N VAL W 236 30.45 -2.93 61.23
CA VAL W 236 29.14 -3.44 61.62
C VAL W 236 28.88 -4.78 60.92
N ILE W 237 29.43 -4.95 59.71
CA ILE W 237 29.41 -6.24 59.03
C ILE W 237 30.13 -7.30 59.86
N LYS W 238 31.34 -7.00 60.32
CA LYS W 238 32.01 -8.00 61.13
C LYS W 238 31.51 -8.03 62.57
N ASP W 239 30.63 -7.11 62.97
CA ASP W 239 30.01 -7.18 64.27
C ASP W 239 28.86 -8.17 64.32
N ILE W 240 28.36 -8.62 63.18
CA ILE W 240 27.30 -9.61 63.19
C ILE W 240 27.97 -10.95 62.95
N ASN X 9 -19.02 -6.59 23.18
CA ASN X 9 -17.93 -6.15 24.03
C ASN X 9 -16.96 -5.25 23.29
N GLN X 10 -16.87 -5.49 21.98
CA GLN X 10 -15.97 -4.74 21.13
C GLN X 10 -16.39 -3.28 20.98
N TYR X 11 -17.67 -2.97 21.19
CA TYR X 11 -18.11 -1.59 21.32
C TYR X 11 -17.84 -1.03 22.71
N ASP X 12 -17.82 -1.89 23.72
CA ASP X 12 -17.76 -1.45 25.11
C ASP X 12 -16.31 -1.31 25.56
N ASN X 13 -15.63 -0.36 24.96
CA ASN X 13 -14.23 -0.15 25.26
C ASN X 13 -13.89 1.31 25.53
N ASP X 14 -14.62 2.25 24.95
CA ASP X 14 -14.21 3.65 24.94
C ASP X 14 -15.36 4.56 25.37
N VAL X 15 -15.08 5.86 25.29
CA VAL X 15 -16.04 6.88 25.74
C VAL X 15 -17.00 7.26 24.63
N THR X 16 -16.49 7.50 23.42
CA THR X 16 -17.29 8.11 22.36
C THR X 16 -18.34 7.15 21.82
N VAL X 17 -18.01 5.88 21.68
CA VAL X 17 -18.86 4.92 20.98
C VAL X 17 -20.09 4.61 21.81
N TRP X 18 -21.26 4.93 21.27
CA TRP X 18 -22.50 4.62 21.95
C TRP X 18 -22.78 3.12 21.91
N SER X 19 -23.30 2.59 23.00
CA SER X 19 -23.69 1.20 23.03
C SER X 19 -24.97 0.99 22.24
N PRO X 20 -25.18 -0.20 21.68
CA PRO X 20 -26.48 -0.52 21.08
C PRO X 20 -27.63 -0.56 22.06
N GLN X 21 -27.36 -0.61 23.36
CA GLN X 21 -28.35 -0.33 24.38
C GLN X 21 -28.27 1.11 24.85
N GLY X 22 -27.45 1.93 24.20
CA GLY X 22 -27.32 3.33 24.57
C GLY X 22 -26.43 3.60 25.76
N ARG X 23 -25.98 2.57 26.46
CA ARG X 23 -25.31 2.74 27.74
C ARG X 23 -23.81 2.52 27.54
N ILE X 24 -23.07 3.60 27.35
CA ILE X 24 -21.62 3.52 27.23
C ILE X 24 -21.08 3.12 28.60
N HIS X 25 -20.70 1.86 28.74
CA HIS X 25 -20.57 1.26 30.06
C HIS X 25 -19.30 1.66 30.78
N GLN X 26 -18.41 2.42 30.14
CA GLN X 26 -17.20 2.87 30.81
C GLN X 26 -17.53 3.79 31.98
N ILE X 27 -18.64 4.53 31.88
CA ILE X 27 -19.13 5.32 32.99
C ILE X 27 -19.51 4.42 34.15
N GLU X 28 -20.15 3.30 33.84
CA GLU X 28 -20.49 2.31 34.86
C GLU X 28 -19.24 1.69 35.45
N TYR X 29 -18.19 1.61 34.63
CA TYR X 29 -16.94 1.03 35.09
C TYR X 29 -16.24 1.98 36.06
N ALA X 30 -16.33 3.27 35.78
CA ALA X 30 -15.85 4.28 36.72
C ALA X 30 -16.69 4.28 37.99
N MET X 31 -17.99 4.03 37.86
CA MET X 31 -18.85 3.85 39.03
C MET X 31 -18.36 2.70 39.90
N GLU X 32 -17.97 1.60 39.26
CA GLU X 32 -17.44 0.46 40.01
C GLU X 32 -16.11 0.78 40.66
N ALA X 33 -15.28 1.57 39.97
CA ALA X 33 -14.05 2.06 40.58
C ALA X 33 -14.31 2.94 41.79
N VAL X 34 -15.42 3.67 41.79
CA VAL X 34 -15.82 4.38 42.99
C VAL X 34 -16.26 3.40 44.06
N LYS X 35 -16.94 2.32 43.67
CA LYS X 35 -17.42 1.32 44.61
C LYS X 35 -16.30 0.53 45.27
N GLN X 36 -15.08 0.57 44.72
CA GLN X 36 -13.97 -0.14 45.31
C GLN X 36 -13.31 0.65 46.45
N GLY X 37 -13.83 1.81 46.79
CA GLY X 37 -13.29 2.61 47.86
C GLY X 37 -13.90 2.26 49.20
N SER X 38 -13.51 3.02 50.21
CA SER X 38 -14.06 2.85 51.54
C SER X 38 -15.43 3.51 51.63
N ALA X 39 -16.21 3.06 52.60
CA ALA X 39 -17.51 3.66 52.84
C ALA X 39 -17.35 4.92 53.67
N THR X 40 -18.29 5.85 53.48
CA THR X 40 -18.32 7.11 54.19
C THR X 40 -19.71 7.71 54.14
N VAL X 41 -20.01 8.55 55.13
CA VAL X 41 -21.34 9.09 55.34
C VAL X 41 -21.24 10.61 55.46
N GLY X 42 -22.06 11.31 54.71
CA GLY X 42 -22.26 12.73 54.93
C GLY X 42 -23.67 13.01 55.39
N LEU X 43 -23.80 13.92 56.35
CA LEU X 43 -25.11 14.25 56.90
C LEU X 43 -25.09 15.68 57.41
N LYS X 44 -26.28 16.20 57.68
CA LYS X 44 -26.40 17.51 58.29
C LYS X 44 -27.62 17.57 59.17
N SER X 45 -27.58 18.49 60.12
CA SER X 45 -28.78 18.91 60.82
C SER X 45 -29.37 20.09 60.06
N LYS X 46 -30.30 20.79 60.69
CA LYS X 46 -30.67 22.09 60.19
C LYS X 46 -29.53 23.08 60.34
N THR X 47 -28.67 22.88 61.33
CA THR X 47 -27.62 23.83 61.66
C THR X 47 -26.22 23.30 61.42
N HIS X 48 -25.97 22.01 61.64
CA HIS X 48 -24.61 21.51 61.65
C HIS X 48 -24.47 20.30 60.76
N ALA X 49 -23.40 20.32 59.95
CA ALA X 49 -23.15 19.30 58.95
C ALA X 49 -21.89 18.54 59.31
N VAL X 50 -22.03 17.21 59.43
CA VAL X 50 -20.92 16.34 59.82
C VAL X 50 -20.78 15.28 58.75
N LEU X 51 -19.54 15.05 58.30
CA LEU X 51 -19.24 13.94 57.42
C LEU X 51 -18.11 13.12 58.01
N VAL X 52 -18.28 11.80 58.00
CA VAL X 52 -17.40 10.86 58.69
C VAL X 52 -17.03 9.76 57.71
N ALA X 53 -15.74 9.50 57.58
CA ALA X 53 -15.21 8.49 56.68
C ALA X 53 -14.44 7.43 57.45
N LEU X 54 -14.04 6.41 56.70
CA LEU X 54 -13.35 5.25 57.21
C LEU X 54 -11.89 5.29 56.79
N LYS X 55 -10.99 5.43 57.76
CA LYS X 55 -9.58 5.25 57.45
C LYS X 55 -9.26 3.76 57.33
N ARG X 56 -8.41 3.45 56.37
CA ARG X 56 -7.89 2.10 56.20
C ARG X 56 -6.40 2.21 55.95
N ALA X 57 -5.69 1.12 56.21
CA ALA X 57 -4.25 1.11 56.05
C ALA X 57 -3.86 0.13 54.96
N GLN X 58 -2.57 0.19 54.61
CA GLN X 58 -2.00 -0.82 53.72
C GLN X 58 -1.39 -1.96 54.52
N SER X 59 -0.61 -1.62 55.53
CA SER X 59 -0.04 -2.60 56.44
C SER X 59 -0.28 -2.11 57.86
N GLU X 60 0.18 -2.89 58.84
CA GLU X 60 -0.04 -2.52 60.24
C GLU X 60 0.90 -1.43 60.66
N LEU X 61 2.17 -1.52 60.25
CA LEU X 61 3.15 -0.50 60.57
C LEU X 61 2.88 0.80 59.83
N ALA X 62 2.29 0.73 58.65
CA ALA X 62 1.91 1.92 57.93
C ALA X 62 0.73 2.60 58.63
N ALA X 63 0.59 3.89 58.38
CA ALA X 63 -0.51 4.65 58.93
C ALA X 63 -1.80 4.28 58.20
N HIS X 64 -2.92 4.81 58.68
CA HIS X 64 -4.18 4.61 58.01
C HIS X 64 -4.40 5.73 57.02
N GLN X 65 -4.88 5.38 55.83
CA GLN X 65 -5.06 6.37 54.78
C GLN X 65 -6.30 7.21 55.05
N LYS X 66 -6.15 8.52 54.96
CA LYS X 66 -7.24 9.45 55.16
C LYS X 66 -8.05 9.63 53.87
N LYS X 67 -9.28 10.11 54.04
CA LYS X 67 -10.14 10.52 52.93
C LYS X 67 -10.69 11.92 53.13
N ILE X 68 -11.02 12.28 54.37
CA ILE X 68 -11.56 13.60 54.65
C ILE X 68 -10.42 14.61 54.67
N LEU X 69 -10.60 15.71 53.93
CA LEU X 69 -9.61 16.77 53.93
C LEU X 69 -10.30 18.12 53.88
N HIS X 70 -9.61 19.12 54.45
CA HIS X 70 -10.08 20.49 54.44
C HIS X 70 -10.00 21.07 53.04
N VAL X 71 -10.95 21.95 52.72
CA VAL X 71 -10.81 22.76 51.53
C VAL X 71 -10.92 24.22 51.92
N ASP X 72 -12.10 24.59 52.44
CA ASP X 72 -12.35 25.95 52.86
C ASP X 72 -12.94 25.87 54.26
N ASN X 73 -13.03 27.03 54.90
CA ASN X 73 -13.51 27.14 56.26
C ASN X 73 -14.96 26.73 56.40
N HIS X 74 -15.71 26.85 55.33
CA HIS X 74 -17.10 26.43 55.30
C HIS X 74 -17.31 25.25 54.37
N ILE X 75 -16.24 24.63 53.87
CA ILE X 75 -16.34 23.57 52.89
C ILE X 75 -15.61 22.34 53.40
N GLY X 76 -16.32 21.22 53.49
CA GLY X 76 -15.69 19.96 53.79
C GLY X 76 -16.13 18.90 52.80
N ILE X 77 -15.20 18.01 52.45
CA ILE X 77 -15.48 16.91 51.54
C ILE X 77 -14.82 15.63 52.04
N SER X 78 -15.47 14.52 51.76
CA SER X 78 -14.83 13.22 51.86
C SER X 78 -14.64 12.67 50.45
N ILE X 79 -13.86 11.60 50.32
CA ILE X 79 -13.52 11.07 49.01
C ILE X 79 -13.44 9.55 49.12
N ALA X 80 -13.62 8.87 48.00
CA ALA X 80 -13.38 7.43 47.90
C ALA X 80 -13.00 7.09 46.46
N GLY X 81 -12.02 6.20 46.32
CA GLY X 81 -11.62 5.74 45.01
C GLY X 81 -10.25 6.21 44.60
N LEU X 82 -10.18 6.96 43.51
CA LEU X 82 -8.89 7.42 43.00
C LEU X 82 -8.35 8.55 43.86
N THR X 83 -7.05 8.79 43.73
CA THR X 83 -6.36 9.81 44.49
C THR X 83 -5.79 10.92 43.62
N ALA X 84 -5.28 10.57 42.44
CA ALA X 84 -4.68 11.58 41.57
C ALA X 84 -5.75 12.50 41.00
N ASP X 85 -6.90 11.93 40.63
CA ASP X 85 -8.04 12.75 40.28
C ASP X 85 -8.57 13.49 41.50
N ALA X 86 -8.47 12.87 42.68
CA ALA X 86 -8.97 13.48 43.89
C ALA X 86 -8.13 14.69 44.28
N ARG X 87 -6.81 14.54 44.22
CA ARG X 87 -5.94 15.67 44.51
C ARG X 87 -5.97 16.67 43.38
N LEU X 88 -6.22 16.20 42.16
CA LEU X 88 -6.35 17.07 41.01
C LEU X 88 -7.53 18.02 41.18
N LEU X 89 -8.68 17.47 41.53
CA LEU X 89 -9.86 18.29 41.76
C LEU X 89 -9.84 18.93 43.13
N CYS X 90 -8.92 18.51 44.00
CA CYS X 90 -8.67 19.25 45.23
C CYS X 90 -7.93 20.52 44.93
N ASN X 91 -6.96 20.45 44.03
CA ASN X 91 -6.20 21.63 43.68
C ASN X 91 -7.04 22.55 42.80
N PHE X 92 -7.86 21.97 41.94
CA PHE X 92 -8.86 22.74 41.24
C PHE X 92 -9.89 23.29 42.20
N MET X 93 -10.16 22.54 43.26
CA MET X 93 -11.20 22.90 44.22
C MET X 93 -10.79 24.11 45.04
N ARG X 94 -9.68 23.97 45.77
CA ARG X 94 -9.09 25.08 46.52
C ARG X 94 -8.72 26.22 45.60
N GLN X 95 -8.34 25.88 44.37
CA GLN X 95 -8.06 26.87 43.34
C GLN X 95 -9.25 27.77 43.10
N GLU X 96 -10.42 27.19 42.83
CA GLU X 96 -11.61 27.98 42.60
C GLU X 96 -12.06 28.70 43.86
N CYS X 97 -11.79 28.10 45.02
CA CYS X 97 -12.06 28.75 46.30
C CYS X 97 -11.30 30.05 46.42
N LEU X 98 -10.00 30.02 46.19
CA LEU X 98 -9.24 31.25 46.25
C LEU X 98 -9.46 32.13 45.03
N ASP X 99 -10.06 31.59 43.96
CA ASP X 99 -10.36 32.42 42.80
C ASP X 99 -11.47 33.40 43.11
N SER X 100 -12.67 32.91 43.40
CA SER X 100 -13.75 33.85 43.68
C SER X 100 -13.61 34.44 45.07
N ARG X 101 -12.93 33.71 45.96
CA ARG X 101 -12.58 34.27 47.26
C ARG X 101 -11.61 35.43 47.10
N PHE X 102 -10.76 35.37 46.09
CA PHE X 102 -9.91 36.51 45.78
C PHE X 102 -10.72 37.62 45.14
N VAL X 103 -11.39 37.32 44.04
CA VAL X 103 -11.95 38.36 43.19
C VAL X 103 -13.20 38.96 43.82
N PHE X 104 -14.21 38.13 44.05
CA PHE X 104 -15.45 38.61 44.64
C PHE X 104 -15.34 38.91 46.11
N ASP X 105 -14.29 38.40 46.76
CA ASP X 105 -14.04 38.57 48.20
C ASP X 105 -15.24 38.07 49.01
N ARG X 106 -15.78 36.93 48.60
CA ARG X 106 -16.89 36.35 49.33
C ARG X 106 -16.67 34.85 49.40
N PRO X 107 -17.18 34.20 50.44
CA PRO X 107 -17.17 32.74 50.45
C PRO X 107 -18.11 32.19 49.40
N LEU X 108 -17.90 30.96 49.06
CA LEU X 108 -18.62 30.49 47.89
C LEU X 108 -19.96 29.87 48.26
N PRO X 109 -21.01 30.20 47.53
CA PRO X 109 -22.19 29.33 47.52
C PRO X 109 -21.82 27.99 46.93
N VAL X 110 -22.43 26.96 47.47
CA VAL X 110 -21.96 25.61 47.19
C VAL X 110 -22.41 25.15 45.82
N SER X 111 -23.64 25.53 45.44
CA SER X 111 -24.29 24.99 44.26
C SER X 111 -23.58 25.41 42.98
N ARG X 112 -23.21 26.69 42.90
CA ARG X 112 -22.49 27.18 41.74
C ARG X 112 -21.12 26.53 41.63
N LEU X 113 -20.49 26.25 42.78
CA LEU X 113 -19.18 25.62 42.79
C LEU X 113 -19.27 24.20 42.27
N VAL X 114 -20.23 23.44 42.77
CA VAL X 114 -20.38 22.05 42.35
C VAL X 114 -20.86 21.96 40.91
N SER X 115 -21.61 22.97 40.45
CA SER X 115 -21.95 23.05 39.04
C SER X 115 -20.71 23.25 38.19
N LEU X 116 -19.77 24.05 38.70
CA LEU X 116 -18.49 24.16 38.02
C LEU X 116 -17.70 22.88 38.07
N ILE X 117 -17.94 22.05 39.09
CA ILE X 117 -17.25 20.77 39.15
C ILE X 117 -17.81 19.81 38.11
N GLY X 118 -19.14 19.76 37.99
CA GLY X 118 -19.75 18.86 37.02
C GLY X 118 -19.46 19.28 35.59
N SER X 119 -19.51 20.59 35.33
CA SER X 119 -19.12 21.10 34.03
C SER X 119 -17.63 20.88 33.79
N LYS X 120 -16.84 20.95 34.84
CA LYS X 120 -15.41 20.65 34.75
C LYS X 120 -15.18 19.21 34.34
N THR X 121 -15.96 18.30 34.89
CA THR X 121 -15.80 16.89 34.58
C THR X 121 -16.57 16.45 33.36
N GLN X 122 -17.35 17.33 32.74
CA GLN X 122 -18.14 16.93 31.58
C GLN X 122 -17.26 16.60 30.39
N ILE X 123 -16.24 17.42 30.16
CA ILE X 123 -15.35 17.21 29.01
C ILE X 123 -14.60 15.88 29.06
N PRO X 124 -13.98 15.46 30.16
CA PRO X 124 -13.36 14.11 30.13
C PRO X 124 -14.36 12.98 30.10
N THR X 125 -15.62 13.23 30.38
CA THR X 125 -16.67 12.26 30.12
C THR X 125 -17.23 12.40 28.72
N GLN X 126 -16.73 13.34 27.94
CA GLN X 126 -17.26 13.41 26.59
C GLN X 126 -16.23 13.12 25.52
N ARG X 127 -15.11 13.82 25.54
CA ARG X 127 -14.20 13.77 24.42
C ARG X 127 -13.40 12.48 24.42
N TYR X 128 -12.93 12.10 23.24
CA TYR X 128 -11.97 11.03 23.11
C TYR X 128 -10.60 11.55 23.47
N GLY X 129 -9.85 10.75 24.21
CA GLY X 129 -8.55 11.16 24.69
C GLY X 129 -8.51 11.37 26.19
N ARG X 130 -9.64 11.35 26.88
CA ARG X 130 -9.66 11.61 28.30
C ARG X 130 -10.46 10.54 29.01
N ARG X 131 -10.06 10.24 30.23
CA ARG X 131 -10.74 9.22 30.99
C ARG X 131 -11.71 9.86 31.97
N PRO X 132 -12.73 9.11 32.39
CA PRO X 132 -13.55 9.56 33.51
C PRO X 132 -12.78 9.47 34.82
N TYR X 133 -13.35 10.07 35.86
CA TYR X 133 -12.65 10.23 37.13
C TYR X 133 -13.32 9.39 38.21
N GLY X 134 -12.54 8.54 38.86
CA GLY X 134 -13.03 7.82 40.03
C GLY X 134 -13.12 8.74 41.22
N VAL X 135 -14.34 9.07 41.64
CA VAL X 135 -14.57 10.16 42.56
C VAL X 135 -15.67 9.80 43.55
N GLY X 136 -15.42 10.08 44.82
CA GLY X 136 -16.37 9.83 45.87
C GLY X 136 -16.64 11.03 46.73
N LEU X 137 -16.76 12.21 46.11
CA LEU X 137 -16.88 13.44 46.87
C LEU X 137 -18.20 13.53 47.62
N LEU X 138 -18.11 13.69 48.94
CA LEU X 138 -19.24 14.05 49.77
C LEU X 138 -18.99 15.46 50.28
N ILE X 139 -20.02 16.29 50.23
CA ILE X 139 -19.88 17.74 50.22
C ILE X 139 -20.75 18.32 51.34
N ALA X 140 -20.13 19.08 52.23
CA ALA X 140 -20.82 19.84 53.26
C ALA X 140 -20.42 21.30 53.15
N GLY X 141 -21.41 22.17 53.06
CA GLY X 141 -21.12 23.56 52.78
C GLY X 141 -22.01 24.50 53.55
N TYR X 142 -21.58 25.76 53.57
CA TYR X 142 -22.30 26.83 54.26
C TYR X 142 -22.35 28.07 53.39
N ASP X 143 -23.46 28.22 52.69
CA ASP X 143 -23.84 29.49 52.10
C ASP X 143 -24.71 30.24 53.11
N ASP X 144 -25.42 31.26 52.63
CA ASP X 144 -26.36 32.00 53.45
C ASP X 144 -27.45 31.13 54.04
N MET X 145 -27.88 30.11 53.32
CA MET X 145 -28.91 29.20 53.79
C MET X 145 -28.33 27.92 54.37
N GLY X 146 -27.17 28.02 55.02
CA GLY X 146 -26.75 27.01 55.95
C GLY X 146 -26.14 25.78 55.33
N PRO X 147 -26.34 24.64 55.97
CA PRO X 147 -25.59 23.43 55.60
C PRO X 147 -26.14 22.80 54.34
N HIS X 148 -25.23 22.23 53.54
CA HIS X 148 -25.65 21.48 52.38
C HIS X 148 -24.79 20.25 52.21
N ILE X 149 -25.43 19.15 51.83
CA ILE X 149 -24.77 17.86 51.65
C ILE X 149 -24.99 17.45 50.20
N PHE X 150 -23.99 17.66 49.37
CA PHE X 150 -24.06 17.21 47.99
C PHE X 150 -23.23 15.95 47.84
N GLN X 151 -23.61 15.12 46.87
CA GLN X 151 -22.82 13.96 46.51
C GLN X 151 -22.54 14.01 45.02
N THR X 152 -21.45 13.36 44.63
CA THR X 152 -20.99 13.40 43.26
C THR X 152 -21.03 12.02 42.64
N CYS X 153 -20.56 11.94 41.40
CA CYS X 153 -20.50 10.72 40.64
C CYS X 153 -19.57 10.94 39.47
N PRO X 154 -18.96 9.89 38.93
CA PRO X 154 -18.23 10.04 37.66
C PRO X 154 -19.10 10.40 36.49
N SER X 155 -20.41 10.19 36.57
CA SER X 155 -21.33 10.65 35.54
C SER X 155 -21.68 12.13 35.69
N ALA X 156 -21.10 12.81 36.68
CA ALA X 156 -21.26 14.25 36.94
C ALA X 156 -22.71 14.64 37.20
N ASN X 157 -23.56 13.69 37.58
CA ASN X 157 -24.94 13.99 37.94
C ASN X 157 -24.95 14.10 39.46
N TYR X 158 -24.47 15.23 39.93
CA TYR X 158 -24.36 15.48 41.36
C TYR X 158 -25.75 15.62 41.97
N PHE X 159 -25.90 15.07 43.16
CA PHE X 159 -27.19 15.08 43.83
C PHE X 159 -27.08 15.90 45.09
N ASP X 160 -28.21 16.45 45.52
CA ASP X 160 -28.33 17.00 46.86
C ASP X 160 -29.12 16.03 47.70
N CYS X 161 -28.80 16.01 49.00
CA CYS X 161 -29.49 15.14 49.93
C CYS X 161 -29.44 15.79 51.29
N ARG X 162 -29.92 15.06 52.28
CA ARG X 162 -29.70 15.38 53.67
C ARG X 162 -28.63 14.51 54.30
N ALA X 163 -28.40 13.32 53.76
CA ALA X 163 -27.40 12.36 54.25
C ALA X 163 -27.24 11.30 53.17
N MET X 164 -25.99 10.95 52.86
CA MET X 164 -25.69 9.83 51.98
C MET X 164 -24.49 9.04 52.50
N SER X 165 -24.20 7.96 51.80
CA SER X 165 -23.13 7.06 52.19
C SER X 165 -22.70 6.29 50.97
N ILE X 166 -21.41 6.28 50.65
CA ILE X 166 -20.92 5.57 49.48
C ILE X 166 -19.67 4.78 49.85
N GLY X 167 -19.42 3.73 49.09
CA GLY X 167 -18.31 2.82 49.29
C GLY X 167 -18.81 1.41 49.41
N ALA X 168 -18.01 0.56 50.05
CA ALA X 168 -18.36 -0.84 50.21
C ALA X 168 -19.46 -1.02 51.25
N ARG X 169 -20.43 -1.88 50.93
CA ARG X 169 -21.61 -2.29 51.71
C ARG X 169 -22.34 -1.14 52.42
N SER X 170 -22.38 0.03 51.79
CA SER X 170 -22.96 1.23 52.38
C SER X 170 -24.47 1.14 52.51
N GLN X 171 -25.10 0.14 51.89
CA GLN X 171 -26.55 0.03 51.81
C GLN X 171 -27.18 -0.20 53.17
N SER X 172 -26.48 -0.93 54.05
CA SER X 172 -26.94 -1.08 55.42
C SER X 172 -26.99 0.26 56.13
N ALA X 173 -25.95 1.07 55.93
CA ALA X 173 -25.95 2.42 56.47
C ALA X 173 -27.02 3.27 55.81
N ARG X 174 -27.32 3.01 54.54
CA ARG X 174 -28.39 3.73 53.85
C ARG X 174 -29.74 3.42 54.49
N THR X 175 -29.95 2.16 54.85
CA THR X 175 -31.16 1.77 55.56
C THR X 175 -31.22 2.43 56.93
N TYR X 176 -30.06 2.53 57.60
CA TYR X 176 -30.01 3.22 58.89
C TYR X 176 -30.38 4.69 58.75
N LEU X 177 -29.88 5.34 57.70
CA LEU X 177 -30.21 6.73 57.43
C LEU X 177 -31.69 6.91 57.17
N GLU X 178 -32.28 5.98 56.41
CA GLU X 178 -33.69 6.07 56.09
C GLU X 178 -34.55 5.87 57.32
N ARG X 179 -34.16 4.95 58.19
CA ARG X 179 -34.90 4.76 59.41
C ARG X 179 -34.51 5.74 60.51
N HIS X 180 -33.60 6.68 60.25
CA HIS X 180 -33.32 7.73 61.21
C HIS X 180 -33.18 9.11 60.58
N MET X 181 -33.69 9.33 59.37
CA MET X 181 -33.65 10.67 58.80
C MET X 181 -34.54 11.65 59.53
N SER X 182 -35.58 11.14 60.20
CA SER X 182 -36.37 11.99 61.08
C SER X 182 -35.55 12.45 62.27
N GLU X 183 -34.61 11.62 62.72
CA GLU X 183 -33.81 11.95 63.90
C GLU X 183 -32.80 13.05 63.63
N PHE X 184 -32.47 13.30 62.37
CA PHE X 184 -31.23 14.00 62.07
C PHE X 184 -31.44 15.50 62.01
N MET X 185 -32.67 15.94 61.73
CA MET X 185 -32.89 17.36 61.55
C MET X 185 -32.87 18.12 62.85
N GLU X 186 -33.19 17.45 63.95
CA GLU X 186 -33.46 18.15 65.19
C GLU X 186 -32.34 18.07 66.21
N CYS X 187 -31.64 16.94 66.26
CA CYS X 187 -30.64 16.74 67.29
C CYS X 187 -29.39 17.56 66.97
N ASN X 188 -28.69 17.97 68.03
CA ASN X 188 -27.49 18.77 67.82
C ASN X 188 -26.30 17.84 67.63
N LEU X 189 -25.09 18.40 67.73
CA LEU X 189 -23.93 17.89 67.03
C LEU X 189 -23.49 16.52 67.54
N ASN X 190 -23.47 16.35 68.86
CA ASN X 190 -22.78 15.20 69.44
C ASN X 190 -23.55 13.90 69.19
N GLU X 191 -24.83 13.88 69.52
CA GLU X 191 -25.59 12.68 69.29
C GLU X 191 -25.85 12.44 67.81
N LEU X 192 -25.83 13.50 67.01
CA LEU X 192 -25.88 13.32 65.56
C LEU X 192 -24.62 12.64 65.05
N VAL X 193 -23.48 12.99 65.64
CA VAL X 193 -22.22 12.33 65.33
C VAL X 193 -22.29 10.86 65.70
N LYS X 194 -22.82 10.55 66.89
CA LYS X 194 -22.87 9.15 67.22
C LYS X 194 -23.99 8.41 66.49
N HIS X 195 -24.95 9.14 65.90
CA HIS X 195 -25.73 8.55 64.82
C HIS X 195 -24.85 8.24 63.63
N GLY X 196 -23.85 9.09 63.37
CA GLY X 196 -22.98 8.87 62.23
C GLY X 196 -22.14 7.60 62.36
N LEU X 197 -21.49 7.45 63.50
CA LEU X 197 -20.78 6.19 63.70
C LEU X 197 -21.72 5.03 64.01
N ARG X 198 -22.98 5.31 64.34
CA ARG X 198 -24.00 4.29 64.24
C ARG X 198 -24.58 4.17 62.85
N ALA X 199 -23.96 4.79 61.85
CA ALA X 199 -24.14 4.39 60.47
C ALA X 199 -22.90 3.67 59.93
N LEU X 200 -21.70 4.06 60.37
CA LEU X 200 -20.51 3.40 59.85
C LEU X 200 -20.33 2.00 60.41
N ARG X 201 -20.87 1.74 61.59
CA ARG X 201 -20.65 0.45 62.24
C ARG X 201 -21.41 -0.68 61.56
N GLU X 202 -22.44 -0.37 60.77
CA GLU X 202 -23.18 -1.36 60.01
C GLU X 202 -22.51 -1.70 58.70
N THR X 203 -21.70 -0.79 58.17
CA THR X 203 -20.79 -1.09 57.08
C THR X 203 -19.56 -1.83 57.56
N LEU X 204 -19.43 -2.03 58.86
CA LEU X 204 -18.40 -2.90 59.35
C LEU X 204 -18.93 -4.31 59.42
N PRO X 205 -18.09 -5.29 59.08
CA PRO X 205 -18.34 -6.65 59.56
C PRO X 205 -18.37 -6.67 61.08
N ALA X 206 -19.34 -7.40 61.61
CA ALA X 206 -19.70 -7.29 63.02
C ALA X 206 -18.76 -8.04 63.94
N GLU X 207 -17.74 -8.71 63.42
CA GLU X 207 -16.75 -9.38 64.26
C GLU X 207 -15.64 -8.45 64.72
N GLN X 208 -15.54 -7.27 64.13
CA GLN X 208 -14.59 -6.28 64.60
C GLN X 208 -15.33 -4.98 64.83
N ASP X 209 -14.72 -4.12 65.65
CA ASP X 209 -15.35 -2.88 66.07
C ASP X 209 -14.60 -1.70 65.48
N LEU X 210 -15.31 -0.58 65.34
CA LEU X 210 -14.70 0.67 64.93
C LEU X 210 -13.74 1.14 66.01
N THR X 211 -12.46 1.15 65.69
CA THR X 211 -11.43 1.51 66.66
C THR X 211 -11.20 3.01 66.63
N THR X 212 -10.09 3.44 67.21
CA THR X 212 -9.72 4.85 67.12
C THR X 212 -9.19 5.18 65.74
N LYS X 213 -8.08 4.54 65.36
CA LYS X 213 -7.25 5.00 64.25
C LYS X 213 -7.88 4.82 62.88
N ASN X 214 -9.00 4.13 62.79
CA ASN X 214 -9.58 3.76 61.50
C ASN X 214 -10.69 4.69 61.03
N VAL X 215 -10.80 5.89 61.60
CA VAL X 215 -11.96 6.72 61.30
C VAL X 215 -11.54 8.18 61.19
N SER X 216 -12.23 8.92 60.33
CA SER X 216 -12.04 10.35 60.16
C SER X 216 -13.37 11.05 60.36
N ILE X 217 -13.35 12.17 61.09
CA ILE X 217 -14.58 12.87 61.46
C ILE X 217 -14.40 14.36 61.20
N GLY X 218 -15.25 14.91 60.36
CA GLY X 218 -15.23 16.33 60.07
C GLY X 218 -16.53 17.03 60.33
N ILE X 219 -16.49 18.18 61.00
CA ILE X 219 -17.69 18.93 61.33
C ILE X 219 -17.53 20.36 60.84
N VAL X 220 -18.53 20.84 60.10
CA VAL X 220 -18.67 22.24 59.78
C VAL X 220 -20.03 22.71 60.27
N GLY X 221 -20.11 23.96 60.71
CA GLY X 221 -21.32 24.52 61.25
C GLY X 221 -21.57 25.91 60.71
N LYS X 222 -22.77 26.42 61.00
CA LYS X 222 -23.10 27.79 60.65
C LYS X 222 -22.30 28.78 61.47
N ASP X 223 -21.91 28.37 62.68
CA ASP X 223 -20.93 29.09 63.47
C ASP X 223 -19.67 28.28 63.69
N LEU X 224 -19.53 27.13 63.03
CA LEU X 224 -18.37 26.27 63.25
C LEU X 224 -17.62 26.04 61.94
N GLU X 225 -16.33 26.34 61.96
CA GLU X 225 -15.44 26.07 60.85
C GLU X 225 -15.28 24.58 60.66
N PHE X 226 -15.08 24.18 59.41
CA PHE X 226 -14.88 22.77 59.06
C PHE X 226 -13.59 22.21 59.66
N THR X 227 -13.74 21.28 60.59
CA THR X 227 -12.60 20.80 61.37
C THR X 227 -12.62 19.28 61.43
N ILE X 228 -11.45 18.67 61.26
CA ILE X 228 -11.30 17.22 61.14
C ILE X 228 -10.60 16.71 62.40
N TYR X 229 -10.87 15.46 62.76
CA TYR X 229 -10.43 14.90 64.03
C TYR X 229 -9.93 13.49 63.84
N ASP X 230 -9.04 13.06 64.74
CA ASP X 230 -8.47 11.71 64.71
C ASP X 230 -7.95 11.38 66.10
N ASP X 231 -8.59 10.40 66.74
CA ASP X 231 -8.12 9.67 67.92
C ASP X 231 -8.13 10.49 69.19
N ASP X 232 -8.44 11.78 69.07
CA ASP X 232 -8.19 12.75 70.12
C ASP X 232 -9.44 13.40 70.63
N ASP X 233 -10.20 14.06 69.76
CA ASP X 233 -11.57 14.41 70.06
C ASP X 233 -12.52 13.32 69.62
N VAL X 234 -12.00 12.35 68.87
CA VAL X 234 -12.74 11.17 68.48
C VAL X 234 -13.02 10.25 69.65
N SER X 235 -12.10 10.12 70.58
CA SER X 235 -12.33 9.31 71.77
C SER X 235 -13.44 9.86 72.67
N PRO X 236 -13.63 11.19 72.84
CA PRO X 236 -14.91 11.64 73.42
C PRO X 236 -16.11 11.36 72.54
N PHE X 237 -15.93 11.14 71.26
CA PHE X 237 -17.04 10.74 70.43
C PHE X 237 -17.17 9.22 70.36
N LEU X 238 -16.06 8.51 70.56
CA LEU X 238 -16.07 7.05 70.64
C LEU X 238 -16.64 6.53 71.94
N GLU X 239 -16.78 7.38 72.95
CA GLU X 239 -17.44 6.98 74.18
C GLU X 239 -18.90 7.39 74.11
N GLY X 240 -19.71 6.84 75.02
CA GLY X 240 -21.14 7.02 74.94
C GLY X 240 -21.78 6.20 73.84
N LEU X 241 -21.36 4.95 73.68
CA LEU X 241 -21.83 4.09 72.59
C LEU X 241 -22.45 2.83 73.14
N GLU X 242 -23.24 2.18 72.30
CA GLU X 242 -23.77 0.87 72.58
C GLU X 242 -22.97 -0.16 71.80
N GLU X 243 -22.96 -1.39 72.33
CA GLU X 243 -22.35 -2.48 71.61
C GLU X 243 -23.27 -2.97 70.51
N ARG X 244 -22.72 -3.77 69.61
CA ARG X 244 -23.53 -4.33 68.53
C ARG X 244 -24.47 -5.39 69.08
N PRO X 245 -25.70 -5.43 68.57
CA PRO X 245 -26.67 -6.42 69.07
C PRO X 245 -26.37 -7.83 68.60
N GLN X 246 -25.45 -8.50 69.29
CA GLN X 246 -25.10 -9.87 68.96
C GLN X 246 -26.13 -10.84 69.50
N THR Y 5 -22.27 -4.09 13.07
CA THR Y 5 -21.72 -5.16 12.24
C THR Y 5 -20.86 -4.58 11.13
N GLY Y 6 -19.94 -3.72 11.53
CA GLY Y 6 -19.07 -3.02 10.61
C GLY Y 6 -19.82 -1.85 10.01
N TYR Y 7 -20.77 -1.31 10.79
CA TYR Y 7 -21.59 -0.20 10.30
C TYR Y 7 -22.27 0.63 11.40
N ASP Y 8 -21.71 0.69 12.60
CA ASP Y 8 -22.34 1.49 13.64
C ASP Y 8 -21.35 2.07 14.61
N LEU Y 9 -20.05 1.93 14.33
CA LEU Y 9 -19.02 2.25 15.30
C LEU Y 9 -18.74 3.75 15.32
N SER Y 10 -18.46 4.32 14.16
CA SER Y 10 -18.08 5.72 14.09
C SER Y 10 -19.27 6.61 13.80
N ALA Y 11 -19.10 7.88 14.15
CA ALA Y 11 -20.09 8.92 13.91
C ALA Y 11 -19.79 9.75 12.68
N SER Y 12 -18.71 9.44 11.96
CA SER Y 12 -18.42 10.10 10.70
C SER Y 12 -18.50 9.16 9.52
N THR Y 13 -18.31 7.86 9.73
CA THR Y 13 -18.46 6.88 8.67
C THR Y 13 -19.94 6.62 8.41
N PHE Y 14 -20.22 6.06 7.24
CA PHE Y 14 -21.59 5.76 6.85
C PHE Y 14 -21.86 4.27 6.92
N SER Y 15 -23.09 3.92 6.59
CA SER Y 15 -23.55 2.56 6.46
C SER Y 15 -23.76 2.23 4.99
N PRO Y 16 -23.77 0.95 4.62
CA PRO Y 16 -23.98 0.61 3.21
C PRO Y 16 -25.39 0.86 2.69
N ASP Y 17 -26.33 1.31 3.53
CA ASP Y 17 -27.55 1.92 3.05
C ASP Y 17 -27.50 3.44 3.12
N GLY Y 18 -26.51 3.99 3.81
CA GLY Y 18 -26.27 5.42 3.80
C GLY Y 18 -26.67 6.16 5.05
N ARG Y 19 -26.38 5.65 6.24
CA ARG Y 19 -26.64 6.41 7.45
C ARG Y 19 -25.63 6.09 8.54
N VAL Y 20 -25.91 6.65 9.73
CA VAL Y 20 -25.07 6.47 10.91
C VAL Y 20 -25.96 5.92 12.02
N PHE Y 21 -25.56 4.80 12.61
CA PHE Y 21 -26.36 4.22 13.67
C PHE Y 21 -26.00 4.77 15.04
N GLN Y 22 -24.90 5.52 15.13
CA GLN Y 22 -24.55 6.17 16.40
C GLN Y 22 -25.64 7.13 16.84
N VAL Y 23 -26.16 7.92 15.89
CA VAL Y 23 -27.24 8.85 16.19
C VAL Y 23 -28.51 8.09 16.53
N GLU Y 24 -28.72 6.96 15.84
CA GLU Y 24 -29.84 6.06 16.12
C GLU Y 24 -29.75 5.53 17.54
N TYR Y 25 -28.53 5.31 18.01
CA TYR Y 25 -28.35 4.82 19.36
C TYR Y 25 -28.56 5.93 20.37
N ALA Y 26 -28.17 7.16 20.02
CA ALA Y 26 -28.31 8.27 20.94
C ALA Y 26 -29.76 8.72 21.06
N MET Y 27 -30.58 8.46 20.05
CA MET Y 27 -31.99 8.87 20.11
C MET Y 27 -32.77 8.02 21.09
N LYS Y 28 -32.66 6.71 20.98
CA LYS Y 28 -33.48 5.79 21.76
C LYS Y 28 -33.08 5.73 23.22
N ALA Y 29 -31.90 6.24 23.58
CA ALA Y 29 -31.58 6.38 24.99
C ALA Y 29 -32.44 7.46 25.65
N VAL Y 30 -32.76 8.51 24.89
CA VAL Y 30 -33.65 9.56 25.40
C VAL Y 30 -35.08 9.05 25.47
N GLU Y 31 -35.43 8.06 24.65
CA GLU Y 31 -36.70 7.37 24.79
C GLU Y 31 -36.80 6.64 26.13
N ASN Y 32 -35.68 6.15 26.64
CA ASN Y 32 -35.67 5.54 27.95
C ASN Y 32 -35.85 6.55 29.07
N SER Y 33 -35.61 7.83 28.82
CA SER Y 33 -35.73 8.85 29.84
C SER Y 33 -37.20 9.13 30.15
N SER Y 34 -37.42 9.86 31.24
CA SER Y 34 -38.78 10.14 31.69
C SER Y 34 -39.46 11.14 30.76
N THR Y 35 -40.77 11.26 30.92
CA THR Y 35 -41.56 12.05 29.99
C THR Y 35 -41.78 13.46 30.53
N ALA Y 36 -41.50 14.44 29.69
CA ALA Y 36 -41.80 15.83 29.94
C ALA Y 36 -42.50 16.37 28.70
N ILE Y 37 -43.59 17.10 28.90
CA ILE Y 37 -44.36 17.66 27.82
C ILE Y 37 -44.26 19.17 27.87
N GLY Y 38 -44.60 19.80 26.76
CA GLY Y 38 -44.69 21.24 26.70
C GLY Y 38 -45.76 21.62 25.72
N ILE Y 39 -46.53 22.63 26.09
CA ILE Y 39 -47.62 23.10 25.22
C ILE Y 39 -47.85 24.57 25.51
N ARG Y 40 -48.13 25.32 24.47
CA ARG Y 40 -48.39 26.74 24.64
C ARG Y 40 -49.88 27.02 24.56
N CYS Y 41 -50.30 27.97 25.38
CA CYS Y 41 -51.60 28.59 25.26
C CYS Y 41 -51.44 29.79 24.35
N LYS Y 42 -52.44 30.66 24.34
CA LYS Y 42 -52.37 31.82 23.47
C LYS Y 42 -51.40 32.89 23.95
N ASP Y 43 -51.08 32.95 25.25
CA ASP Y 43 -50.16 33.98 25.70
C ASP Y 43 -49.07 33.42 26.60
N GLY Y 44 -48.56 32.25 26.28
CA GLY Y 44 -47.44 31.70 27.03
C GLY Y 44 -47.23 30.25 26.70
N VAL Y 45 -46.09 29.74 27.13
CA VAL Y 45 -45.72 28.35 26.95
C VAL Y 45 -45.55 27.73 28.33
N VAL Y 46 -46.07 26.53 28.51
CA VAL Y 46 -46.03 25.82 29.79
C VAL Y 46 -45.34 24.50 29.60
N PHE Y 47 -44.34 24.23 30.45
CA PHE Y 47 -43.66 22.96 30.54
C PHE Y 47 -44.15 22.16 31.73
N GLY Y 48 -44.10 20.83 31.59
CA GLY Y 48 -44.43 19.93 32.66
C GLY Y 48 -43.62 18.66 32.61
N VAL Y 49 -43.02 18.27 33.73
CA VAL Y 49 -42.10 17.14 33.79
C VAL Y 49 -42.70 16.10 34.73
N GLU Y 50 -42.72 14.85 34.29
CA GLU Y 50 -42.90 13.73 35.20
C GLU Y 50 -41.53 13.24 35.63
N LYS Y 51 -41.14 13.57 36.86
CA LYS Y 51 -39.84 13.21 37.41
C LYS Y 51 -40.03 12.29 38.61
N LEU Y 52 -39.23 11.23 38.67
CA LEU Y 52 -39.41 10.20 39.68
C LEU Y 52 -38.39 10.39 40.80
N VAL Y 53 -38.84 10.19 42.03
CA VAL Y 53 -37.96 10.13 43.18
C VAL Y 53 -37.19 8.82 43.09
N LEU Y 54 -35.91 8.84 43.47
CA LEU Y 54 -35.06 7.66 43.31
C LEU Y 54 -35.51 6.51 44.19
N SER Y 55 -35.22 6.55 45.49
CA SER Y 55 -35.99 5.75 46.43
C SER Y 55 -36.50 6.57 47.60
N LYS Y 56 -35.55 7.07 48.39
CA LYS Y 56 -35.88 7.84 49.59
C LYS Y 56 -34.80 8.89 49.83
N LEU Y 57 -33.82 8.95 48.94
CA LEU Y 57 -32.58 9.65 49.17
C LEU Y 57 -32.56 10.98 48.46
N TYR Y 58 -33.52 11.21 47.58
CA TYR Y 58 -33.71 12.48 46.91
C TYR Y 58 -34.31 13.47 47.93
N GLU Y 59 -34.29 14.76 47.62
CA GLU Y 59 -34.61 15.76 48.61
C GLU Y 59 -35.71 16.72 48.17
N GLU Y 60 -36.47 16.35 47.13
CA GLU Y 60 -37.60 17.12 46.58
C GLU Y 60 -37.15 18.52 46.14
N GLY Y 61 -36.37 18.52 45.07
CA GLY Y 61 -35.96 19.79 44.50
C GLY Y 61 -34.54 19.84 44.01
N SER Y 62 -33.85 18.72 44.06
CA SER Y 62 -32.54 18.66 43.41
C SER Y 62 -32.74 18.46 41.91
N ASN Y 63 -31.66 18.73 41.16
CA ASN Y 63 -31.37 18.41 39.76
C ASN Y 63 -32.56 18.44 38.80
N LYS Y 64 -33.37 19.48 38.90
CA LYS Y 64 -34.61 19.56 38.13
C LYS Y 64 -34.32 19.86 36.67
N ARG Y 65 -34.92 19.09 35.78
CA ARG Y 65 -34.61 19.19 34.36
C ARG Y 65 -35.15 20.46 33.72
N LEU Y 66 -36.05 21.17 34.38
CA LEU Y 66 -36.50 22.47 33.88
C LEU Y 66 -35.42 23.49 34.13
N PHE Y 67 -34.90 24.06 33.04
CA PHE Y 67 -33.86 25.07 33.12
C PHE Y 67 -34.48 26.42 32.81
N ASN Y 68 -33.75 27.50 33.05
CA ASN Y 68 -34.19 28.82 32.60
C ASN Y 68 -32.97 29.54 32.06
N VAL Y 69 -32.75 29.40 30.75
CA VAL Y 69 -31.55 29.91 30.12
C VAL Y 69 -31.58 31.43 30.02
N ASP Y 70 -32.65 31.97 29.44
CA ASP Y 70 -32.74 33.38 29.16
C ASP Y 70 -33.79 33.98 30.10
N ARG Y 71 -34.00 35.29 29.94
CA ARG Y 71 -35.11 35.98 30.57
C ARG Y 71 -36.45 35.34 30.28
N HIS Y 72 -36.62 34.81 29.06
CA HIS Y 72 -37.88 34.28 28.60
C HIS Y 72 -37.73 32.88 28.02
N VAL Y 73 -36.55 32.29 28.05
CA VAL Y 73 -36.32 30.98 27.45
C VAL Y 73 -35.71 30.08 28.51
N GLY Y 74 -36.25 28.87 28.62
CA GLY Y 74 -35.63 27.82 29.40
C GLY Y 74 -35.88 26.48 28.75
N MET Y 75 -35.37 25.44 29.41
CA MET Y 75 -35.26 24.15 28.75
C MET Y 75 -36.14 23.10 29.42
N ALA Y 76 -36.42 22.05 28.65
CA ALA Y 76 -37.32 20.98 29.01
C ALA Y 76 -36.65 19.64 28.71
N VAL Y 77 -35.44 19.47 29.25
CA VAL Y 77 -34.54 18.44 28.75
C VAL Y 77 -34.96 17.06 29.21
N ALA Y 78 -34.50 16.07 28.47
CA ALA Y 78 -34.63 14.66 28.83
C ALA Y 78 -33.48 13.93 28.16
N GLY Y 79 -33.05 12.84 28.77
CA GLY Y 79 -31.89 12.12 28.30
C GLY Y 79 -30.77 12.20 29.31
N LEU Y 80 -29.58 12.60 28.87
CA LEU Y 80 -28.47 12.82 29.79
C LEU Y 80 -28.66 14.13 30.53
N LEU Y 81 -28.48 14.08 31.84
CA LEU Y 81 -28.69 15.30 32.61
C LEU Y 81 -27.50 16.25 32.47
N ALA Y 82 -26.29 15.75 32.72
CA ALA Y 82 -25.13 16.62 32.76
C ALA Y 82 -24.75 17.13 31.37
N ASP Y 83 -25.04 16.34 30.34
CA ASP Y 83 -24.87 16.81 28.97
C ASP Y 83 -25.84 17.94 28.68
N ALA Y 84 -27.07 17.84 29.20
CA ALA Y 84 -28.02 18.92 29.07
C ALA Y 84 -27.64 20.12 29.91
N ARG Y 85 -26.89 19.90 30.99
CA ARG Y 85 -26.36 21.02 31.76
C ARG Y 85 -25.31 21.76 30.95
N SER Y 86 -24.41 21.02 30.31
CA SER Y 86 -23.36 21.62 29.50
C SER Y 86 -23.94 22.37 28.32
N LEU Y 87 -24.87 21.74 27.61
CA LEU Y 87 -25.51 22.38 26.48
C LEU Y 87 -26.38 23.54 26.93
N ALA Y 88 -26.93 23.44 28.14
CA ALA Y 88 -27.65 24.57 28.74
C ALA Y 88 -26.72 25.75 28.93
N ASP Y 89 -25.48 25.47 29.30
CA ASP Y 89 -24.51 26.55 29.45
C ASP Y 89 -24.07 27.08 28.10
N ILE Y 90 -24.11 26.23 27.07
CA ILE Y 90 -23.89 26.71 25.70
C ILE Y 90 -25.00 27.66 25.30
N ALA Y 91 -26.23 27.36 25.74
CA ALA Y 91 -27.37 28.22 25.42
C ALA Y 91 -27.28 29.55 26.15
N ARG Y 92 -26.94 29.51 27.44
CA ARG Y 92 -26.76 30.72 28.22
C ARG Y 92 -25.63 31.56 27.67
N GLU Y 93 -24.58 30.88 27.20
CA GLU Y 93 -23.47 31.56 26.53
C GLU Y 93 -23.94 32.22 25.26
N GLU Y 94 -24.85 31.58 24.53
CA GLU Y 94 -25.29 32.15 23.26
C GLU Y 94 -26.19 33.35 23.49
N ALA Y 95 -27.01 33.28 24.54
CA ALA Y 95 -27.78 34.45 24.96
C ALA Y 95 -26.86 35.57 25.41
N SER Y 96 -25.72 35.21 25.98
CA SER Y 96 -24.72 36.22 26.32
C SER Y 96 -24.09 36.79 25.05
N ASN Y 97 -24.04 35.99 23.98
CA ASN Y 97 -23.50 36.51 22.73
C ASN Y 97 -24.45 37.49 22.10
N PHE Y 98 -25.73 37.13 22.03
CA PHE Y 98 -26.70 38.01 21.39
C PHE Y 98 -26.93 39.25 22.23
N ARG Y 99 -27.01 39.07 23.54
CA ARG Y 99 -27.17 40.21 24.43
C ARG Y 99 -25.92 41.06 24.43
N SER Y 100 -24.77 40.44 24.24
CA SER Y 100 -23.52 41.17 24.20
C SER Y 100 -23.40 42.02 22.96
N ASN Y 101 -23.80 41.48 21.82
CA ASN Y 101 -23.57 42.13 20.55
C ASN Y 101 -24.74 42.96 20.10
N PHE Y 102 -25.88 42.81 20.76
CA PHE Y 102 -27.12 43.41 20.29
C PHE Y 102 -27.90 44.09 21.40
N GLY Y 103 -27.75 43.67 22.64
CA GLY Y 103 -28.34 44.38 23.75
C GLY Y 103 -29.82 44.16 23.97
N TYR Y 104 -30.39 43.08 23.44
CA TYR Y 104 -31.80 42.82 23.67
C TYR Y 104 -32.04 41.32 23.59
N ASN Y 105 -33.31 40.95 23.65
CA ASN Y 105 -33.67 39.56 23.85
C ASN Y 105 -33.48 38.74 22.59
N ILE Y 106 -33.04 37.51 22.79
CA ILE Y 106 -32.69 36.62 21.67
C ILE Y 106 -33.96 36.13 20.99
N PRO Y 107 -34.04 36.21 19.66
CA PRO Y 107 -35.09 35.50 18.95
C PRO Y 107 -34.88 34.00 19.03
N LEU Y 108 -35.98 33.29 19.26
CA LEU Y 108 -35.91 31.86 19.52
C LEU Y 108 -35.52 31.09 18.26
N LYS Y 109 -35.86 31.62 17.09
CA LYS Y 109 -35.56 30.96 15.83
C LYS Y 109 -34.06 30.88 15.60
N HIS Y 110 -33.39 32.03 15.64
CA HIS Y 110 -31.96 32.09 15.44
C HIS Y 110 -31.22 31.38 16.55
N LEU Y 111 -31.80 31.41 17.76
CA LEU Y 111 -31.24 30.69 18.89
C LEU Y 111 -31.19 29.19 18.62
N ALA Y 112 -32.33 28.63 18.24
CA ALA Y 112 -32.39 27.21 17.90
C ALA Y 112 -31.55 26.89 16.67
N ASP Y 113 -31.32 27.87 15.80
CA ASP Y 113 -30.41 27.67 14.68
C ASP Y 113 -28.99 27.48 15.17
N ARG Y 114 -28.54 28.32 16.10
CA ARG Y 114 -27.18 28.22 16.62
C ARG Y 114 -26.99 26.92 17.39
N VAL Y 115 -28.00 26.55 18.18
CA VAL Y 115 -27.96 25.28 18.90
C VAL Y 115 -27.93 24.11 17.93
N ALA Y 116 -28.69 24.23 16.83
CA ALA Y 116 -28.79 23.16 15.85
C ALA Y 116 -27.46 22.95 15.13
N MET Y 117 -26.78 24.04 14.80
CA MET Y 117 -25.47 23.91 14.19
C MET Y 117 -24.45 23.37 15.18
N TYR Y 118 -24.62 23.70 16.45
CA TYR Y 118 -23.72 23.21 17.48
C TYR Y 118 -23.83 21.69 17.64
N VAL Y 119 -25.05 21.21 17.88
CA VAL Y 119 -25.27 19.79 18.08
C VAL Y 119 -24.96 19.01 16.80
N HIS Y 120 -25.30 19.60 15.65
CA HIS Y 120 -24.94 19.03 14.35
C HIS Y 120 -23.45 18.83 14.22
N ALA Y 121 -22.68 19.86 14.60
CA ALA Y 121 -21.23 19.74 14.62
C ALA Y 121 -20.77 18.64 15.57
N TYR Y 122 -21.52 18.40 16.64
CA TYR Y 122 -21.23 17.23 17.45
C TYR Y 122 -21.78 15.93 16.88
N THR Y 123 -22.52 15.98 15.77
CA THR Y 123 -22.88 14.75 15.08
C THR Y 123 -21.97 14.45 13.92
N LEU Y 124 -21.16 15.42 13.48
CA LEU Y 124 -20.32 15.21 12.30
C LEU Y 124 -19.18 14.23 12.58
N TYR Y 125 -18.30 14.57 13.49
CA TYR Y 125 -17.00 13.92 13.50
C TYR Y 125 -17.03 12.61 14.27
N SER Y 126 -15.95 11.85 14.09
CA SER Y 126 -15.71 10.62 14.81
C SER Y 126 -15.02 10.85 16.14
N ALA Y 127 -14.47 12.05 16.36
CA ALA Y 127 -13.76 12.30 17.61
C ALA Y 127 -14.73 12.49 18.77
N VAL Y 128 -15.95 12.92 18.50
CA VAL Y 128 -16.93 13.15 19.55
C VAL Y 128 -18.19 12.37 19.21
N ARG Y 129 -18.93 12.06 20.22
CA ARG Y 129 -20.20 11.43 20.02
C ARG Y 129 -21.29 12.46 19.82
N PRO Y 130 -22.43 12.06 19.28
CA PRO Y 130 -23.62 12.90 19.41
C PRO Y 130 -24.07 12.96 20.85
N PHE Y 131 -24.83 14.00 21.14
CA PHE Y 131 -25.35 14.21 22.48
C PHE Y 131 -26.43 13.20 22.82
N GLY Y 132 -26.68 13.03 24.10
CA GLY Y 132 -27.77 12.19 24.53
C GLY Y 132 -28.94 12.99 25.07
N CYS Y 133 -29.28 14.08 24.40
CA CYS Y 133 -30.28 15.01 24.92
C CYS Y 133 -31.27 15.40 23.83
N SER Y 134 -32.47 15.75 24.27
CA SER Y 134 -33.52 16.26 23.40
C SER Y 134 -34.45 17.09 24.26
N PHE Y 135 -34.94 18.21 23.73
CA PHE Y 135 -35.66 19.15 24.59
C PHE Y 135 -36.55 20.08 23.79
N MET Y 136 -37.07 21.06 24.51
CA MET Y 136 -38.04 22.02 24.01
C MET Y 136 -37.51 23.42 24.22
N LEU Y 137 -38.07 24.37 23.47
CA LEU Y 137 -37.74 25.78 23.68
C LEU Y 137 -39.02 26.59 23.79
N GLY Y 138 -39.36 26.93 25.03
CA GLY Y 138 -40.48 27.82 25.26
C GLY Y 138 -40.00 29.24 25.34
N SER Y 139 -40.75 30.16 24.73
CA SER Y 139 -40.41 31.56 24.71
C SER Y 139 -41.70 32.34 24.51
N TYR Y 140 -41.64 33.63 24.83
CA TYR Y 140 -42.79 34.49 24.68
C TYR Y 140 -42.32 35.90 24.40
N SER Y 141 -43.11 36.62 23.60
CA SER Y 141 -42.87 38.02 23.34
C SER Y 141 -44.21 38.74 23.33
N VAL Y 142 -44.15 40.06 23.46
CA VAL Y 142 -45.33 40.86 23.22
C VAL Y 142 -45.37 41.30 21.77
N ASN Y 143 -44.23 41.28 21.09
CA ASN Y 143 -44.18 41.57 19.67
C ASN Y 143 -44.32 40.32 18.83
N ASP Y 144 -44.13 39.16 19.42
CA ASP Y 144 -44.16 37.89 18.70
C ASP Y 144 -45.01 36.82 19.36
N GLY Y 145 -45.33 36.96 20.64
CA GLY Y 145 -46.17 35.99 21.31
C GLY Y 145 -45.40 34.75 21.70
N ALA Y 146 -46.14 33.68 21.95
CA ALA Y 146 -45.58 32.43 22.44
C ALA Y 146 -44.98 31.64 21.30
N GLN Y 147 -43.83 31.03 21.55
CA GLN Y 147 -43.19 30.12 20.60
C GLN Y 147 -42.67 28.92 21.34
N LEU Y 148 -42.84 27.74 20.76
CA LEU Y 148 -42.36 26.51 21.34
C LEU Y 148 -41.70 25.67 20.27
N TYR Y 149 -40.44 25.35 20.44
CA TYR Y 149 -39.69 24.59 19.46
C TYR Y 149 -39.35 23.22 20.02
N MET Y 150 -39.00 22.32 19.11
CA MET Y 150 -38.72 20.91 19.37
C MET Y 150 -37.34 20.55 18.86
N ILE Y 151 -36.54 19.88 19.70
CA ILE Y 151 -35.12 19.69 19.49
C ILE Y 151 -34.78 18.23 19.69
N ASP Y 152 -34.29 17.59 18.64
CA ASP Y 152 -33.90 16.20 18.66
C ASP Y 152 -32.44 16.06 19.09
N PRO Y 153 -31.96 14.83 19.28
CA PRO Y 153 -30.50 14.65 19.37
C PRO Y 153 -29.78 14.85 18.05
N SER Y 154 -30.46 14.71 16.90
CA SER Y 154 -29.71 14.73 15.65
C SER Y 154 -29.39 16.14 15.20
N GLY Y 155 -30.38 17.04 15.24
CA GLY Y 155 -30.13 18.38 14.75
C GLY Y 155 -31.25 18.92 13.89
N VAL Y 156 -32.38 18.22 13.88
CA VAL Y 156 -33.59 18.73 13.24
C VAL Y 156 -34.40 19.44 14.30
N SER Y 157 -34.30 20.76 14.35
CA SER Y 157 -34.97 21.56 15.36
C SER Y 157 -35.95 22.52 14.70
N TYR Y 158 -37.22 22.43 15.09
CA TYR Y 158 -38.25 23.29 14.55
C TYR Y 158 -39.45 23.27 15.49
N GLY Y 159 -40.47 24.05 15.16
CA GLY Y 159 -41.50 24.35 16.13
C GLY Y 159 -42.79 23.56 16.06
N TYR Y 160 -43.41 23.42 17.23
CA TYR Y 160 -44.70 22.78 17.39
C TYR Y 160 -45.65 23.74 18.07
N TRP Y 161 -46.79 23.21 18.51
CA TRP Y 161 -47.51 23.83 19.61
C TRP Y 161 -47.18 23.14 20.92
N GLY Y 162 -46.89 21.84 20.86
CA GLY Y 162 -46.49 21.10 22.04
C GLY Y 162 -45.89 19.77 21.64
N CYS Y 163 -45.18 19.16 22.59
CA CYS Y 163 -44.59 17.86 22.37
C CYS Y 163 -44.42 17.15 23.70
N ALA Y 164 -43.98 15.90 23.60
CA ALA Y 164 -43.73 15.03 24.73
C ALA Y 164 -42.42 14.30 24.47
N ILE Y 165 -41.64 14.10 25.52
CA ILE Y 165 -40.38 13.37 25.40
C ILE Y 165 -40.34 12.35 26.52
N GLY Y 166 -40.13 11.10 26.18
CA GLY Y 166 -40.06 10.08 27.19
C GLY Y 166 -40.64 8.79 26.66
N LYS Y 167 -41.20 8.00 27.58
CA LYS Y 167 -41.72 6.69 27.21
C LYS Y 167 -43.02 6.81 26.41
N ALA Y 168 -44.08 7.32 27.04
CA ALA Y 168 -45.39 7.34 26.38
C ALA Y 168 -45.55 8.63 25.58
N ARG Y 169 -44.68 8.75 24.57
CA ARG Y 169 -44.64 9.96 23.77
C ARG Y 169 -45.86 10.06 22.85
N GLN Y 170 -46.19 8.97 22.17
CA GLN Y 170 -47.39 8.96 21.35
C GLN Y 170 -48.62 8.88 22.23
N ALA Y 171 -48.53 8.16 23.35
CA ALA Y 171 -49.65 7.99 24.24
C ALA Y 171 -49.95 9.23 25.06
N ALA Y 172 -49.14 10.28 24.96
CA ALA Y 172 -49.50 11.56 25.56
C ALA Y 172 -50.06 12.51 24.51
N LYS Y 173 -49.40 12.60 23.35
CA LYS Y 173 -49.84 13.48 22.28
C LYS Y 173 -51.11 12.98 21.61
N THR Y 174 -51.52 11.75 21.90
CA THR Y 174 -52.86 11.30 21.58
C THR Y 174 -53.91 12.22 22.18
N GLU Y 175 -53.75 12.59 23.45
CA GLU Y 175 -54.70 13.42 24.14
C GLU Y 175 -54.25 14.84 24.37
N ILE Y 176 -53.05 15.18 23.92
CA ILE Y 176 -52.67 16.59 23.90
C ILE Y 176 -53.42 17.32 22.80
N GLU Y 177 -53.46 16.74 21.61
CA GLU Y 177 -54.00 17.40 20.43
C GLU Y 177 -55.52 17.58 20.47
N LYS Y 178 -56.23 16.86 21.32
CA LYS Y 178 -57.64 17.11 21.51
C LYS Y 178 -57.92 18.21 22.52
N LEU Y 179 -56.89 18.79 23.12
CA LEU Y 179 -57.10 19.90 24.04
C LEU Y 179 -57.02 21.22 23.28
N GLN Y 180 -57.89 22.15 23.66
CA GLN Y 180 -58.00 23.41 22.92
C GLN Y 180 -56.81 24.30 23.27
N MET Y 181 -55.78 24.20 22.44
CA MET Y 181 -54.52 24.87 22.69
C MET Y 181 -54.59 26.37 22.51
N LYS Y 182 -55.55 26.88 21.73
CA LYS Y 182 -55.53 28.29 21.41
C LYS Y 182 -56.40 29.08 22.36
N GLU Y 183 -57.61 28.63 22.60
CA GLU Y 183 -58.59 29.43 23.31
C GLU Y 183 -58.58 29.20 24.82
N MET Y 184 -57.51 28.68 25.38
CA MET Y 184 -57.36 28.56 26.81
C MET Y 184 -56.24 29.47 27.28
N THR Y 185 -56.43 30.05 28.46
CA THR Y 185 -55.31 30.69 29.12
C THR Y 185 -54.38 29.60 29.64
N CYS Y 186 -53.12 29.97 29.85
CA CYS Y 186 -52.15 29.02 30.39
C CYS Y 186 -52.47 28.58 31.81
N ARG Y 187 -53.28 29.34 32.54
CA ARG Y 187 -53.74 28.92 33.85
C ARG Y 187 -54.68 27.74 33.78
N ASP Y 188 -55.46 27.63 32.70
CA ASP Y 188 -56.19 26.40 32.44
C ASP Y 188 -55.22 25.29 32.09
N ILE Y 189 -54.17 25.65 31.34
CA ILE Y 189 -53.16 24.69 30.90
C ILE Y 189 -52.33 24.17 32.09
N VAL Y 190 -52.41 24.85 33.24
CA VAL Y 190 -51.79 24.33 34.47
C VAL Y 190 -52.39 22.98 34.83
N LYS Y 191 -53.71 22.95 35.04
CA LYS Y 191 -54.33 21.68 35.35
C LYS Y 191 -54.46 20.80 34.12
N GLU Y 192 -54.34 21.36 32.91
CA GLU Y 192 -54.31 20.51 31.73
C GLU Y 192 -53.03 19.68 31.68
N VAL Y 193 -51.87 20.33 31.80
CA VAL Y 193 -50.61 19.60 31.83
C VAL Y 193 -50.55 18.70 33.06
N ALA Y 194 -51.15 19.16 34.17
CA ALA Y 194 -51.23 18.35 35.38
C ALA Y 194 -52.02 17.06 35.15
N LYS Y 195 -53.12 17.16 34.40
CA LYS Y 195 -53.90 15.96 34.19
C LYS Y 195 -53.27 15.06 33.14
N ILE Y 196 -52.59 15.62 32.13
CA ILE Y 196 -52.00 14.77 31.09
C ILE Y 196 -50.80 14.01 31.64
N ILE Y 197 -49.96 14.72 32.41
CA ILE Y 197 -48.83 14.06 33.09
C ILE Y 197 -49.34 13.06 34.10
N TYR Y 198 -50.42 13.42 34.81
CA TYR Y 198 -50.97 12.52 35.81
C TYR Y 198 -51.56 11.26 35.20
N ILE Y 199 -52.12 11.36 33.99
CA ILE Y 199 -52.69 10.18 33.33
C ILE Y 199 -51.61 9.16 33.03
N VAL Y 200 -50.50 9.59 32.46
CA VAL Y 200 -49.48 8.65 32.04
C VAL Y 200 -48.67 8.18 33.24
N HIS Y 201 -48.69 6.85 33.46
CA HIS Y 201 -47.80 6.12 34.36
C HIS Y 201 -47.87 6.64 35.80
N ASP Y 202 -49.04 6.40 36.39
CA ASP Y 202 -49.21 6.70 37.81
C ASP Y 202 -48.26 5.87 38.68
N GLU Y 203 -48.46 4.56 38.74
CA GLU Y 203 -47.60 3.70 39.57
C GLU Y 203 -47.27 2.38 38.89
N VAL Y 204 -47.21 2.32 37.57
CA VAL Y 204 -47.24 1.05 36.85
C VAL Y 204 -45.94 0.29 37.02
N LYS Y 205 -44.86 0.83 36.46
CA LYS Y 205 -43.56 0.21 36.60
C LYS Y 205 -42.84 0.71 37.84
N ASP Y 206 -43.12 1.94 38.24
CA ASP Y 206 -42.41 2.58 39.33
C ASP Y 206 -43.31 2.67 40.55
N LYS Y 207 -42.82 3.36 41.58
CA LYS Y 207 -43.59 3.64 42.78
C LYS Y 207 -44.32 4.97 42.69
N ALA Y 208 -43.59 6.06 42.51
CA ALA Y 208 -44.20 7.38 42.51
C ALA Y 208 -43.42 8.31 41.59
N PHE Y 209 -44.07 9.40 41.22
CA PHE Y 209 -43.46 10.46 40.42
C PHE Y 209 -43.79 11.79 41.06
N GLU Y 210 -43.49 12.86 40.32
CA GLU Y 210 -43.65 14.21 40.82
C GLU Y 210 -43.71 15.13 39.62
N LEU Y 211 -44.53 16.17 39.75
CA LEU Y 211 -44.80 17.09 38.66
C LEU Y 211 -43.97 18.36 38.78
N GLU Y 212 -43.37 18.77 37.67
CA GLU Y 212 -42.71 20.05 37.54
C GLU Y 212 -43.41 20.85 36.44
N LEU Y 213 -43.47 22.18 36.59
CA LEU Y 213 -44.33 22.97 35.71
C LEU Y 213 -43.69 24.33 35.42
N SER Y 214 -42.87 24.40 34.39
CA SER Y 214 -42.31 25.69 34.02
C SER Y 214 -43.33 26.47 33.22
N TRP Y 215 -43.04 27.76 33.04
CA TRP Y 215 -44.09 28.70 32.73
C TRP Y 215 -43.49 30.01 32.24
N VAL Y 216 -43.74 30.35 30.99
CA VAL Y 216 -43.34 31.62 30.41
C VAL Y 216 -44.58 32.23 29.77
N GLY Y 217 -44.66 33.55 29.79
CA GLY Y 217 -45.67 34.18 28.97
C GLY Y 217 -46.09 35.52 29.53
N GLU Y 218 -47.25 35.97 29.04
CA GLU Y 218 -47.79 37.27 29.36
C GLU Y 218 -48.17 37.35 30.83
N LEU Y 219 -48.63 36.25 31.41
CA LEU Y 219 -48.97 36.30 32.81
C LEU Y 219 -47.72 36.36 33.67
N THR Y 220 -46.59 35.89 33.15
CA THR Y 220 -45.30 36.15 33.74
C THR Y 220 -44.74 37.50 33.32
N ASN Y 221 -45.44 38.21 32.41
CA ASN Y 221 -44.92 39.38 31.70
C ASN Y 221 -43.61 39.05 30.99
N GLY Y 222 -43.57 37.93 30.30
CA GLY Y 222 -42.38 37.52 29.61
C GLY Y 222 -41.30 36.91 30.47
N ARG Y 223 -41.51 36.82 31.78
CA ARG Y 223 -40.56 36.13 32.63
C ARG Y 223 -40.68 34.63 32.39
N HIS Y 224 -39.68 33.89 32.81
CA HIS Y 224 -39.77 32.44 32.74
C HIS Y 224 -39.44 31.85 34.09
N GLU Y 225 -40.40 31.10 34.63
CA GLU Y 225 -40.27 30.53 35.95
C GLU Y 225 -41.23 29.36 36.07
N ILE Y 226 -40.97 28.51 37.06
CA ILE Y 226 -41.93 27.48 37.42
C ILE Y 226 -43.17 28.15 37.99
N VAL Y 227 -44.33 27.53 37.82
CA VAL Y 227 -45.49 28.01 38.56
C VAL Y 227 -45.24 27.71 40.03
N PRO Y 228 -45.79 28.48 40.92
CA PRO Y 228 -45.85 28.03 42.31
C PRO Y 228 -46.90 26.95 42.34
N LYS Y 229 -46.52 25.69 42.09
CA LYS Y 229 -47.50 24.64 41.91
C LYS Y 229 -48.28 24.37 43.19
N ASP Y 230 -47.63 24.51 44.34
CA ASP Y 230 -48.33 24.43 45.62
C ASP Y 230 -49.43 25.46 45.73
N ILE Y 231 -49.19 26.65 45.18
CA ILE Y 231 -50.27 27.62 45.02
C ILE Y 231 -51.18 27.13 43.92
N ARG Y 232 -52.49 27.13 44.22
CA ARG Y 232 -53.64 26.72 43.40
C ARG Y 232 -53.71 25.20 43.22
N GLU Y 233 -52.61 24.50 43.52
CA GLU Y 233 -52.49 23.07 43.85
C GLU Y 233 -53.32 22.20 42.89
N GLU Y 234 -53.20 22.55 41.60
CA GLU Y 234 -54.20 22.23 40.60
C GLU Y 234 -54.23 20.76 40.25
N ALA Y 235 -53.10 20.08 40.41
CA ALA Y 235 -52.97 18.69 39.99
C ALA Y 235 -53.81 17.78 40.88
N GLU Y 236 -53.46 17.75 42.17
CA GLU Y 236 -53.92 16.69 43.06
C GLU Y 236 -55.42 16.80 43.30
N LYS Y 237 -55.93 18.03 43.35
CA LYS Y 237 -57.37 18.19 43.43
C LYS Y 237 -58.08 17.75 42.16
N TYR Y 238 -57.41 17.77 41.02
CA TYR Y 238 -57.96 17.21 39.82
C TYR Y 238 -57.49 15.78 39.58
N ALA Y 239 -56.32 15.42 40.13
CA ALA Y 239 -55.79 14.07 39.97
C ALA Y 239 -56.68 13.05 40.68
N LYS Y 240 -57.16 13.39 41.88
CA LYS Y 240 -58.08 12.51 42.57
C LYS Y 240 -59.45 12.49 41.91
N GLU Y 241 -59.73 13.45 41.04
CA GLU Y 241 -60.91 13.45 40.20
C GLU Y 241 -60.69 12.72 38.88
N SER Y 242 -59.47 12.75 38.34
CA SER Y 242 -59.18 12.16 37.05
C SER Y 242 -58.71 10.72 37.15
N LEU Y 243 -58.89 10.07 38.30
CA LEU Y 243 -58.67 8.64 38.42
C LEU Y 243 -59.88 7.83 38.00
N LYS Y 244 -60.98 8.47 37.64
CA LYS Y 244 -62.22 7.76 37.38
C LYS Y 244 -62.96 8.37 36.19
N THR Z 34 -19.31 67.85 5.60
CA THR Z 34 -18.93 68.14 6.98
C THR Z 34 -20.10 68.02 7.93
N THR Z 35 -21.06 68.92 7.76
CA THR Z 35 -22.16 69.04 8.71
C THR Z 35 -23.36 68.23 8.23
N ILE Z 36 -23.82 67.31 9.07
CA ILE Z 36 -24.90 66.40 8.79
C ILE Z 36 -26.01 66.65 9.80
N MET Z 37 -27.22 66.20 9.46
CA MET Z 37 -28.38 66.51 10.27
C MET Z 37 -29.50 65.53 9.99
N ALA Z 38 -30.14 65.07 11.06
CA ALA Z 38 -31.26 64.15 10.93
C ALA Z 38 -32.34 64.51 11.95
N VAL Z 39 -33.52 64.86 11.46
CA VAL Z 39 -34.66 65.14 12.32
C VAL Z 39 -35.76 64.17 11.97
N GLN Z 40 -36.18 63.37 12.94
CA GLN Z 40 -37.32 62.50 12.71
C GLN Z 40 -38.60 63.33 12.75
N PHE Z 41 -39.64 62.77 12.17
CA PHE Z 41 -40.96 63.35 12.25
C PHE Z 41 -41.92 62.20 12.53
N ASP Z 42 -43.22 62.47 12.41
CA ASP Z 42 -44.20 61.50 12.86
C ASP Z 42 -44.25 60.28 11.96
N GLY Z 43 -44.12 60.49 10.65
CA GLY Z 43 -44.12 59.36 9.73
C GLY Z 43 -42.79 58.65 9.71
N GLY Z 44 -41.71 59.40 9.57
CA GLY Z 44 -40.38 58.81 9.48
C GLY Z 44 -39.34 59.80 9.90
N VAL Z 45 -38.23 59.81 9.16
CA VAL Z 45 -37.10 60.66 9.47
C VAL Z 45 -36.75 61.47 8.23
N VAL Z 46 -35.99 62.54 8.45
CA VAL Z 46 -35.50 63.43 7.40
C VAL Z 46 -34.01 63.64 7.60
N LEU Z 47 -33.22 63.33 6.59
CA LEU Z 47 -31.78 63.48 6.65
C LEU Z 47 -31.35 64.65 5.77
N GLY Z 48 -30.10 65.08 5.93
CA GLY Z 48 -29.59 66.17 5.12
C GLY Z 48 -28.16 66.58 5.46
N ALA Z 49 -27.40 66.99 4.45
CA ALA Z 49 -26.00 67.33 4.65
C ALA Z 49 -25.50 68.21 3.51
N ASP Z 50 -24.34 68.81 3.75
CA ASP Z 50 -23.52 69.49 2.74
C ASP Z 50 -22.81 68.46 1.86
N SER Z 51 -21.92 68.91 0.99
CA SER Z 51 -21.12 67.88 0.34
C SER Z 51 -19.61 68.02 0.60
N ARG Z 52 -18.98 69.00 -0.05
CA ARG Z 52 -17.70 69.67 0.26
C ARG Z 52 -16.65 68.91 1.06
N THR Z 53 -16.17 67.78 0.55
CA THR Z 53 -15.03 67.13 1.18
C THR Z 53 -13.76 67.93 0.92
N THR Z 54 -13.12 68.39 1.99
CA THR Z 54 -11.95 69.23 1.90
C THR Z 54 -10.73 68.51 2.47
N THR Z 55 -9.58 69.11 2.24
CA THR Z 55 -8.33 68.71 2.88
C THR Z 55 -7.44 69.94 3.01
N GLY Z 56 -7.00 70.21 4.23
CA GLY Z 56 -6.32 71.46 4.54
C GLY Z 56 -7.26 72.62 4.33
N SER Z 57 -6.86 73.57 3.49
CA SER Z 57 -7.76 74.60 3.00
C SER Z 57 -8.20 74.33 1.57
N TYR Z 58 -8.04 73.12 1.08
CA TYR Z 58 -8.38 72.80 -0.29
C TYR Z 58 -9.53 71.80 -0.34
N ILE Z 59 -10.56 72.15 -1.11
CA ILE Z 59 -11.66 71.24 -1.38
C ILE Z 59 -11.14 70.17 -2.32
N ALA Z 60 -10.97 68.96 -1.80
CA ALA Z 60 -10.65 67.85 -2.69
C ALA Z 60 -11.86 67.45 -3.50
N ASN Z 61 -12.93 67.02 -2.84
CA ASN Z 61 -14.14 66.65 -3.54
C ASN Z 61 -15.17 67.75 -3.36
N ARG Z 62 -15.64 68.28 -4.47
CA ARG Z 62 -16.63 69.34 -4.46
C ARG Z 62 -17.99 68.83 -4.04
N VAL Z 63 -18.36 67.65 -4.51
CA VAL Z 63 -19.69 67.10 -4.26
C VAL Z 63 -19.54 65.65 -3.81
N THR Z 64 -20.19 65.30 -2.71
CA THR Z 64 -19.86 64.09 -1.98
C THR Z 64 -21.11 63.50 -1.37
N ASP Z 65 -21.32 62.20 -1.57
CA ASP Z 65 -22.42 61.46 -0.96
C ASP Z 65 -22.10 61.30 0.51
N LYS Z 66 -22.48 62.31 1.30
CA LYS Z 66 -22.15 62.27 2.73
C LYS Z 66 -23.05 61.31 3.49
N LEU Z 67 -24.26 61.08 3.00
CA LEU Z 67 -25.17 60.12 3.60
C LEU Z 67 -24.85 58.75 3.04
N THR Z 68 -25.34 57.71 3.71
CA THR Z 68 -25.04 56.36 3.29
C THR Z 68 -26.26 55.46 3.48
N PRO Z 69 -26.69 54.79 2.42
CA PRO Z 69 -27.67 53.71 2.60
C PRO Z 69 -27.04 52.48 3.19
N ILE Z 70 -27.76 51.84 4.09
CA ILE Z 70 -27.32 50.55 4.60
C ILE Z 70 -28.43 49.56 4.35
N HIS Z 71 -29.57 49.81 4.99
CA HIS Z 71 -30.78 49.10 4.68
C HIS Z 71 -31.69 50.04 3.89
N ASP Z 72 -32.68 49.47 3.22
CA ASP Z 72 -33.63 50.23 2.44
C ASP Z 72 -34.53 51.10 3.30
N ARG Z 73 -34.59 50.84 4.60
CA ARG Z 73 -35.28 51.70 5.52
C ARG Z 73 -34.37 52.38 6.51
N ILE Z 74 -33.07 52.05 6.51
CA ILE Z 74 -32.15 52.50 7.54
C ILE Z 74 -30.92 53.10 6.87
N PHE Z 75 -30.71 54.39 7.07
CA PHE Z 75 -29.52 55.06 6.57
C PHE Z 75 -28.65 55.51 7.72
N CYS Z 76 -27.49 56.06 7.38
CA CYS Z 76 -26.67 56.75 8.34
C CYS Z 76 -26.07 57.96 7.66
N CYS Z 77 -25.47 58.83 8.44
CA CYS Z 77 -24.64 59.91 7.93
C CYS Z 77 -23.42 60.04 8.82
N ARG Z 78 -22.30 60.35 8.18
CA ARG Z 78 -20.98 60.16 8.77
C ARG Z 78 -20.23 61.48 8.87
N SER Z 79 -19.20 61.49 9.72
CA SER Z 79 -18.31 62.63 9.86
C SER Z 79 -16.95 62.11 10.32
N GLY Z 80 -16.03 63.03 10.54
CA GLY Z 80 -14.69 62.64 10.96
C GLY Z 80 -13.89 62.11 9.78
N SER Z 81 -13.19 61.01 10.03
CA SER Z 81 -12.38 60.39 8.98
C SER Z 81 -13.25 59.77 7.92
N ALA Z 82 -12.82 59.91 6.68
CA ALA Z 82 -13.57 59.38 5.55
C ALA Z 82 -13.47 57.87 5.47
N ALA Z 83 -12.24 57.36 5.33
CA ALA Z 83 -12.01 55.94 5.09
C ALA Z 83 -12.45 55.09 6.26
N ASP Z 84 -12.38 55.65 7.47
CA ASP Z 84 -12.83 54.93 8.65
C ASP Z 84 -14.33 54.70 8.60
N THR Z 85 -15.08 55.77 8.33
CA THR Z 85 -16.54 55.65 8.23
C THR Z 85 -16.96 54.82 7.02
N GLN Z 86 -16.15 54.84 5.96
CA GLN Z 86 -16.39 53.95 4.83
C GLN Z 86 -16.28 52.49 5.26
N ALA Z 87 -15.19 52.16 5.95
CA ALA Z 87 -14.95 50.77 6.36
C ALA Z 87 -15.98 50.30 7.36
N VAL Z 88 -16.33 51.17 8.32
CA VAL Z 88 -17.32 50.82 9.33
C VAL Z 88 -18.69 50.66 8.70
N ALA Z 89 -19.01 51.53 7.74
CA ALA Z 89 -20.27 51.42 7.00
C ALA Z 89 -20.34 50.12 6.22
N ASP Z 90 -19.24 49.69 5.62
CA ASP Z 90 -19.26 48.45 4.87
C ASP Z 90 -19.36 47.26 5.81
N ALA Z 91 -18.76 47.37 6.99
CA ALA Z 91 -18.75 46.26 7.93
C ALA Z 91 -20.12 46.05 8.53
N VAL Z 92 -20.74 47.12 9.02
CA VAL Z 92 -22.06 47.00 9.64
C VAL Z 92 -23.11 46.76 8.57
N THR Z 93 -22.83 47.20 7.34
CA THR Z 93 -23.65 46.81 6.20
C THR Z 93 -23.59 45.30 5.99
N TYR Z 94 -22.40 44.73 6.05
CA TYR Z 94 -22.20 43.30 5.88
C TYR Z 94 -22.91 42.49 6.97
N GLN Z 95 -22.55 42.75 8.22
CA GLN Z 95 -23.07 41.95 9.32
C GLN Z 95 -24.55 42.22 9.56
N LEU Z 96 -24.97 43.46 9.30
CA LEU Z 96 -26.36 43.82 9.50
C LEU Z 96 -27.25 43.18 8.44
N GLY Z 97 -26.82 43.24 7.19
CA GLY Z 97 -27.60 42.62 6.12
C GLY Z 97 -27.64 41.12 6.25
N PHE Z 98 -26.47 40.52 6.50
CA PHE Z 98 -26.37 39.06 6.64
C PHE Z 98 -27.17 38.55 7.83
N HIS Z 99 -27.08 39.27 8.94
CA HIS Z 99 -27.83 38.90 10.12
C HIS Z 99 -29.31 39.14 9.93
N SER Z 100 -29.68 40.15 9.14
CA SER Z 100 -31.08 40.43 8.88
C SER Z 100 -31.71 39.36 8.02
N ILE Z 101 -30.97 38.84 7.04
CA ILE Z 101 -31.49 37.73 6.25
C ILE Z 101 -31.51 36.47 7.07
N GLU Z 102 -30.57 36.33 8.02
CA GLU Z 102 -30.66 35.26 9.00
C GLU Z 102 -31.91 35.37 9.86
N LEU Z 103 -32.33 36.59 10.19
CA LEU Z 103 -33.58 36.76 10.89
C LEU Z 103 -34.77 36.49 9.99
N ASN Z 104 -34.57 36.66 8.68
CA ASN Z 104 -35.62 36.61 7.66
C ASN Z 104 -36.73 37.59 8.00
N GLU Z 105 -36.33 38.79 8.44
CA GLU Z 105 -37.20 39.79 9.05
C GLU Z 105 -36.63 41.16 8.77
N PRO Z 106 -37.47 42.20 8.77
CA PRO Z 106 -36.96 43.56 8.67
C PRO Z 106 -36.16 43.94 9.91
N PRO Z 107 -34.99 44.52 9.74
CA PRO Z 107 -34.13 44.83 10.87
C PRO Z 107 -34.61 46.05 11.65
N LEU Z 108 -33.96 46.27 12.78
CA LEU Z 108 -34.26 47.40 13.64
C LEU Z 108 -33.16 48.44 13.54
N VAL Z 109 -33.56 49.70 13.61
CA VAL Z 109 -32.63 50.82 13.63
C VAL Z 109 -31.78 50.78 14.89
N HIS Z 110 -32.40 50.42 16.00
CA HIS Z 110 -31.70 50.32 17.28
C HIS Z 110 -30.68 49.21 17.28
N THR Z 111 -30.95 48.14 16.53
CA THR Z 111 -29.99 47.05 16.45
C THR Z 111 -28.76 47.45 15.68
N ALA Z 112 -28.96 48.18 14.57
CA ALA Z 112 -27.84 48.70 13.80
C ALA Z 112 -27.04 49.71 14.61
N ALA Z 113 -27.73 50.56 15.36
CA ALA Z 113 -27.06 51.51 16.24
C ALA Z 113 -26.30 50.79 17.35
N SER Z 114 -26.81 49.64 17.77
CA SER Z 114 -26.10 48.81 18.74
C SER Z 114 -24.80 48.30 18.13
N LEU Z 115 -24.85 47.87 16.87
CA LEU Z 115 -23.65 47.34 16.22
C LEU Z 115 -22.61 48.43 16.00
N PHE Z 116 -23.05 49.61 15.59
CA PHE Z 116 -22.12 50.74 15.50
C PHE Z 116 -21.56 51.10 16.86
N LYS Z 117 -22.36 50.97 17.91
CA LYS Z 117 -21.85 51.20 19.26
C LYS Z 117 -20.78 50.17 19.61
N GLU Z 118 -20.95 48.94 19.11
CA GLU Z 118 -19.95 47.90 19.35
C GLU Z 118 -18.64 48.24 18.68
N MET Z 119 -18.66 48.38 17.34
CA MET Z 119 -17.40 48.57 16.61
C MET Z 119 -16.76 49.90 16.92
N CYS Z 120 -17.57 50.93 17.19
CA CYS Z 120 -17.01 52.22 17.53
C CYS Z 120 -16.43 52.22 18.92
N TYR Z 121 -17.07 51.54 19.88
CA TYR Z 121 -16.54 51.58 21.23
C TYR Z 121 -15.29 50.72 21.37
N ARG Z 122 -15.28 49.56 20.73
CA ARG Z 122 -14.20 48.61 20.96
C ARG Z 122 -12.91 49.06 20.31
N TYR Z 123 -13.00 49.85 19.25
CA TYR Z 123 -11.78 50.20 18.55
C TYR Z 123 -11.75 51.69 18.32
N ARG Z 124 -12.16 52.47 19.32
CA ARG Z 124 -12.23 53.92 19.16
C ARG Z 124 -11.01 54.69 19.65
N GLU Z 125 -9.83 54.15 19.38
CA GLU Z 125 -8.60 54.80 19.78
C GLU Z 125 -7.79 55.16 18.55
N ASP Z 126 -8.44 55.09 17.40
CA ASP Z 126 -7.80 55.37 16.13
C ASP Z 126 -8.65 56.30 15.28
N LEU Z 127 -9.92 56.46 15.62
CA LEU Z 127 -10.95 56.77 14.66
C LEU Z 127 -11.62 58.10 14.97
N MET Z 128 -12.37 58.59 13.99
CA MET Z 128 -13.11 59.86 14.08
C MET Z 128 -14.51 59.56 13.56
N ALA Z 129 -15.43 59.27 14.48
CA ALA Z 129 -16.75 58.75 14.14
C ALA Z 129 -17.83 59.77 14.43
N GLY Z 130 -18.46 60.29 13.39
CA GLY Z 130 -19.57 61.20 13.55
C GLY Z 130 -20.85 60.52 13.10
N ILE Z 131 -21.02 59.27 13.51
CA ILE Z 131 -22.07 58.44 12.92
C ILE Z 131 -23.42 58.78 13.53
N ILE Z 132 -24.38 59.09 12.67
CA ILE Z 132 -25.77 59.21 13.07
C ILE Z 132 -26.54 58.17 12.30
N ILE Z 133 -27.18 57.27 13.02
CA ILE Z 133 -28.03 56.24 12.45
C ILE Z 133 -29.43 56.82 12.39
N ALA Z 134 -30.13 56.62 11.29
CA ALA Z 134 -31.51 57.07 11.20
C ALA Z 134 -32.30 56.08 10.36
N GLY Z 135 -33.62 56.15 10.51
CA GLY Z 135 -34.44 55.40 9.58
C GLY Z 135 -35.80 55.03 10.08
N TRP Z 136 -36.76 54.94 9.16
CA TRP Z 136 -38.07 54.45 9.51
C TRP Z 136 -38.00 52.96 9.80
N ASP Z 137 -38.73 52.56 10.83
CA ASP Z 137 -38.77 51.19 11.28
C ASP Z 137 -40.20 50.68 11.19
N PRO Z 138 -40.38 49.43 10.78
CA PRO Z 138 -41.75 48.88 10.77
C PRO Z 138 -42.34 48.72 12.16
N GLN Z 139 -41.55 48.30 13.12
CA GLN Z 139 -42.09 48.07 14.45
C GLN Z 139 -42.30 49.39 15.20
N GLU Z 140 -41.34 50.31 15.11
CA GLU Z 140 -41.37 51.48 15.96
C GLU Z 140 -41.34 52.79 15.20
N GLY Z 141 -41.53 52.77 13.89
CA GLY Z 141 -41.50 53.99 13.11
C GLY Z 141 -40.09 54.56 13.01
N GLY Z 142 -40.02 55.84 12.64
CA GLY Z 142 -38.75 56.53 12.47
C GLY Z 142 -37.95 56.63 13.75
N GLN Z 143 -36.67 56.30 13.66
CA GLN Z 143 -35.77 56.31 14.79
C GLN Z 143 -34.48 57.01 14.42
N VAL Z 144 -34.01 57.84 15.35
CA VAL Z 144 -32.79 58.63 15.17
C VAL Z 144 -31.86 58.34 16.34
N TYR Z 145 -30.72 57.74 16.03
CA TYR Z 145 -29.71 57.42 17.02
C TYR Z 145 -28.42 58.16 16.73
N SER Z 146 -27.77 58.61 17.79
CA SER Z 146 -26.59 59.45 17.69
C SER Z 146 -25.44 58.76 18.38
N VAL Z 147 -24.32 58.65 17.67
CA VAL Z 147 -23.09 58.10 18.23
C VAL Z 147 -21.95 59.06 17.92
N PRO Z 148 -21.39 59.70 18.93
CA PRO Z 148 -20.22 60.55 18.70
C PRO Z 148 -18.94 59.75 18.61
N MET Z 149 -17.81 60.47 18.57
CA MET Z 149 -16.50 59.84 18.47
C MET Z 149 -16.12 59.02 19.70
N GLY Z 150 -16.78 59.25 20.83
CA GLY Z 150 -16.50 58.47 22.02
C GLY Z 150 -16.94 57.02 21.87
N GLY Z 151 -18.17 56.82 21.44
CA GLY Z 151 -18.68 55.49 21.25
C GLY Z 151 -20.01 55.28 21.93
N MET Z 152 -20.48 56.28 22.65
CA MET Z 152 -21.76 56.18 23.32
C MET Z 152 -22.90 56.35 22.31
N MET Z 153 -24.11 56.07 22.76
CA MET Z 153 -25.28 56.00 21.90
C MET Z 153 -26.49 56.58 22.59
N VAL Z 154 -27.30 57.35 21.85
CA VAL Z 154 -28.54 57.89 22.40
C VAL Z 154 -29.57 57.99 21.28
N ARG Z 155 -30.83 57.85 21.63
CA ARG Z 155 -31.91 58.17 20.69
C ARG Z 155 -32.30 59.63 20.89
N GLN Z 156 -32.42 60.36 19.79
CA GLN Z 156 -32.86 61.75 19.82
C GLN Z 156 -33.96 61.96 18.80
N SER Z 157 -34.52 63.16 18.82
CA SER Z 157 -35.49 63.55 17.82
C SER Z 157 -34.87 64.26 16.64
N PHE Z 158 -33.61 64.69 16.78
CA PHE Z 158 -32.96 65.60 15.85
C PHE Z 158 -31.49 65.64 16.21
N ALA Z 159 -30.64 65.81 15.19
CA ALA Z 159 -29.22 65.66 15.42
C ALA Z 159 -28.41 66.46 14.41
N ILE Z 160 -27.32 67.04 14.92
CA ILE Z 160 -26.36 67.83 14.18
C ILE Z 160 -25.11 66.98 13.95
N GLY Z 161 -24.16 67.49 13.19
CA GLY Z 161 -22.88 66.80 13.07
C GLY Z 161 -21.87 67.55 12.24
N GLY Z 162 -20.60 67.47 12.60
CA GLY Z 162 -19.59 68.17 11.84
C GLY Z 162 -19.16 69.46 12.53
N SER Z 163 -18.23 70.14 11.87
CA SER Z 163 -17.56 71.28 12.50
C SER Z 163 -18.48 72.49 12.59
N GLY Z 164 -19.20 72.79 11.51
CA GLY Z 164 -20.08 73.94 11.50
C GLY Z 164 -21.46 73.63 12.06
N SER Z 165 -21.58 72.49 12.73
CA SER Z 165 -22.84 72.10 13.33
C SER Z 165 -23.11 72.80 14.64
N SER Z 166 -22.14 73.54 15.18
CA SER Z 166 -22.35 74.26 16.42
C SER Z 166 -23.35 75.38 16.24
N TYR Z 167 -23.27 76.07 15.12
CA TYR Z 167 -24.01 77.29 14.84
C TYR Z 167 -25.50 77.02 14.77
N ILE Z 168 -25.86 76.02 13.96
CA ILE Z 168 -27.23 75.56 13.92
C ILE Z 168 -27.66 74.93 15.24
N TYR Z 169 -26.72 74.37 16.00
CA TYR Z 169 -27.03 73.94 17.36
C TYR Z 169 -27.26 75.13 18.27
N GLY Z 170 -26.81 76.30 17.84
CA GLY Z 170 -27.22 77.52 18.49
C GLY Z 170 -28.70 77.81 18.34
N TYR Z 171 -29.27 77.53 17.17
CA TYR Z 171 -30.71 77.83 17.08
C TYR Z 171 -31.61 76.60 16.92
N VAL Z 172 -31.10 75.39 17.13
CA VAL Z 172 -31.94 74.22 16.95
C VAL Z 172 -32.94 74.11 18.10
N ASP Z 173 -32.63 74.69 19.25
CA ASP Z 173 -33.56 74.79 20.35
C ASP Z 173 -34.58 75.89 20.14
N ALA Z 174 -34.32 76.81 19.23
CA ALA Z 174 -35.26 77.89 18.97
C ALA Z 174 -36.21 77.56 17.84
N THR Z 175 -35.64 77.28 16.68
CA THR Z 175 -36.43 77.13 15.46
C THR Z 175 -37.23 75.84 15.45
N TYR Z 176 -36.79 74.81 16.18
CA TYR Z 176 -37.57 73.59 16.23
C TYR Z 176 -38.83 73.77 17.07
N ARG Z 177 -39.90 73.19 16.58
CA ARG Z 177 -41.15 73.02 17.28
C ARG Z 177 -41.51 71.55 17.26
N GLU Z 178 -41.92 71.02 18.41
CA GLU Z 178 -42.27 69.60 18.51
C GLU Z 178 -43.52 69.29 17.70
N GLY Z 179 -43.47 68.18 16.97
CA GLY Z 179 -44.59 67.75 16.17
C GLY Z 179 -44.60 68.39 14.81
N MET Z 180 -43.49 68.31 14.09
CA MET Z 180 -43.49 68.89 12.77
C MET Z 180 -44.12 67.96 11.75
N THR Z 181 -44.31 68.49 10.56
CA THR Z 181 -44.72 67.70 9.42
C THR Z 181 -43.46 67.07 8.83
N LYS Z 182 -43.62 66.45 7.68
CA LYS Z 182 -42.45 66.17 6.87
C LYS Z 182 -41.87 67.46 6.32
N GLU Z 183 -42.72 68.30 5.76
CA GLU Z 183 -42.25 69.45 5.00
C GLU Z 183 -41.75 70.57 5.90
N GLU Z 184 -42.19 70.58 7.16
CA GLU Z 184 -41.59 71.49 8.12
C GLU Z 184 -40.19 71.03 8.49
N CYS Z 185 -39.94 69.72 8.40
CA CYS Z 185 -38.58 69.24 8.56
C CYS Z 185 -37.78 69.53 7.30
N LEU Z 186 -38.42 69.50 6.14
CA LEU Z 186 -37.71 69.83 4.90
C LEU Z 186 -37.32 71.30 4.87
N GLN Z 187 -38.24 72.17 5.28
CA GLN Z 187 -37.93 73.59 5.30
C GLN Z 187 -37.03 73.93 6.48
N PHE Z 188 -37.23 73.24 7.59
CA PHE Z 188 -36.43 73.43 8.80
C PHE Z 188 -34.97 73.08 8.55
N THR Z 189 -34.74 71.89 7.99
CA THR Z 189 -33.40 71.50 7.61
C THR Z 189 -32.91 72.25 6.39
N ALA Z 190 -33.83 72.84 5.61
CA ALA Z 190 -33.42 73.63 4.47
C ALA Z 190 -32.77 74.93 4.94
N ASN Z 191 -33.38 75.58 5.93
CA ASN Z 191 -32.77 76.76 6.52
C ASN Z 191 -31.57 76.40 7.35
N ALA Z 192 -31.58 75.18 7.91
CA ALA Z 192 -30.46 74.73 8.74
C ALA Z 192 -29.21 74.53 7.89
N LEU Z 193 -29.36 73.81 6.77
CA LEU Z 193 -28.25 73.68 5.85
C LEU Z 193 -27.97 74.98 5.12
N ALA Z 194 -28.94 75.88 5.06
CA ALA Z 194 -28.68 77.19 4.46
C ALA Z 194 -27.69 77.97 5.32
N LEU Z 195 -27.94 78.05 6.62
CA LEU Z 195 -27.06 78.84 7.47
C LEU Z 195 -25.77 78.10 7.76
N ALA Z 196 -25.82 76.78 7.87
CA ALA Z 196 -24.60 76.04 8.16
C ALA Z 196 -23.70 75.97 6.94
N MET Z 197 -24.27 75.57 5.79
CA MET Z 197 -23.57 75.56 4.52
C MET Z 197 -23.08 76.93 4.11
N GLU Z 198 -23.83 77.97 4.48
CA GLU Z 198 -23.34 79.32 4.23
C GLU Z 198 -22.19 79.69 5.14
N ARG Z 199 -22.32 79.48 6.44
CA ARG Z 199 -21.39 80.08 7.38
C ARG Z 199 -20.07 79.34 7.45
N ASP Z 200 -20.10 78.02 7.54
CA ASP Z 200 -18.88 77.26 7.82
C ASP Z 200 -17.94 77.26 6.62
N GLY Z 201 -16.65 77.44 6.93
CA GLY Z 201 -15.65 77.53 5.87
C GLY Z 201 -15.42 76.21 5.16
N SER Z 202 -15.75 75.11 5.82
CA SER Z 202 -15.63 73.79 5.20
C SER Z 202 -16.96 73.34 4.60
N SER Z 203 -18.06 73.75 5.22
CA SER Z 203 -19.36 73.32 4.72
C SER Z 203 -19.80 74.17 3.55
N GLY Z 204 -20.83 73.68 2.87
CA GLY Z 204 -21.35 74.32 1.68
C GLY Z 204 -21.49 73.31 0.57
N GLY Z 205 -21.35 73.77 -0.66
CA GLY Z 205 -21.37 72.87 -1.80
C GLY Z 205 -22.79 72.67 -2.34
N VAL Z 206 -23.45 71.60 -1.90
CA VAL Z 206 -24.76 71.25 -2.43
C VAL Z 206 -25.57 70.61 -1.32
N ILE Z 207 -26.89 70.68 -1.46
CA ILE Z 207 -27.83 70.24 -0.43
C ILE Z 207 -28.24 68.82 -0.73
N ARG Z 208 -28.02 67.94 0.23
CA ARG Z 208 -28.43 66.55 0.11
C ARG Z 208 -29.50 66.23 1.14
N LEU Z 209 -30.66 65.78 0.66
CA LEU Z 209 -31.80 65.54 1.53
C LEU Z 209 -32.37 64.16 1.27
N ALA Z 210 -33.10 63.65 2.26
CA ALA Z 210 -33.73 62.34 2.17
C ALA Z 210 -34.90 62.29 3.13
N ALA Z 211 -35.99 61.65 2.71
CA ALA Z 211 -37.19 61.52 3.51
C ALA Z 211 -37.56 60.05 3.60
N ILE Z 212 -37.31 59.43 4.74
CA ILE Z 212 -37.58 58.02 4.93
C ILE Z 212 -38.86 57.90 5.73
N ALA Z 213 -39.74 57.01 5.30
CA ALA Z 213 -40.99 56.78 5.99
C ALA Z 213 -41.41 55.34 5.78
N GLU Z 214 -42.69 55.08 6.03
CA GLU Z 214 -43.24 53.75 5.78
C GLU Z 214 -43.24 53.42 4.31
N SER Z 215 -43.48 54.41 3.45
CA SER Z 215 -43.65 54.15 2.04
C SER Z 215 -42.30 54.00 1.35
N GLY Z 216 -41.50 55.06 1.35
CA GLY Z 216 -40.26 55.00 0.62
C GLY Z 216 -39.26 56.02 1.14
N VAL Z 217 -38.15 56.12 0.42
CA VAL Z 217 -37.07 57.03 0.75
C VAL Z 217 -36.97 58.04 -0.36
N GLU Z 218 -37.00 59.31 -0.01
CA GLU Z 218 -37.11 60.40 -0.96
C GLU Z 218 -35.87 61.26 -0.87
N ARG Z 219 -34.85 60.91 -1.65
CA ARG Z 219 -33.62 61.66 -1.71
C ARG Z 219 -33.74 62.74 -2.76
N GLN Z 220 -33.09 63.87 -2.51
CA GLN Z 220 -33.13 64.99 -3.43
C GLN Z 220 -31.90 65.86 -3.24
N VAL Z 221 -31.57 66.58 -4.29
CA VAL Z 221 -30.37 67.41 -4.35
C VAL Z 221 -30.83 68.82 -4.67
N LEU Z 222 -30.48 69.77 -3.80
CA LEU Z 222 -30.94 71.13 -3.96
C LEU Z 222 -29.78 72.10 -4.05
N LEU Z 223 -30.05 73.22 -4.72
CA LEU Z 223 -29.08 74.28 -4.89
C LEU Z 223 -29.85 75.56 -5.20
N GLY Z 224 -29.35 76.68 -4.69
CA GLY Z 224 -30.02 77.95 -4.86
C GLY Z 224 -31.18 78.12 -3.90
N THR AA 43 5.20 65.70 -11.68
CA THR AA 43 4.21 64.64 -11.71
C THR AA 43 2.81 65.20 -11.68
N THR AA 44 2.07 64.96 -12.76
CA THR AA 44 0.71 65.46 -12.91
C THR AA 44 -0.04 64.47 -13.78
N ILE AA 45 -0.83 63.63 -13.15
CA ILE AA 45 -1.71 62.71 -13.87
C ILE AA 45 -3.12 63.24 -13.79
N ALA AA 46 -3.90 62.93 -14.81
CA ALA AA 46 -5.27 63.40 -14.88
C ALA AA 46 -6.07 62.46 -15.77
N GLY AA 47 -7.38 62.46 -15.55
CA GLY AA 47 -8.26 61.62 -16.35
C GLY AA 47 -9.61 62.30 -16.49
N VAL AA 48 -10.37 61.85 -17.49
CA VAL AA 48 -11.67 62.42 -17.77
C VAL AA 48 -12.51 61.33 -18.41
N VAL AA 49 -13.82 61.48 -18.33
CA VAL AA 49 -14.76 60.62 -19.04
C VAL AA 49 -15.53 61.47 -20.02
N TYR AA 50 -15.38 61.19 -21.30
CA TYR AA 50 -16.12 61.92 -22.33
C TYR AA 50 -17.45 61.21 -22.54
N LYS AA 51 -18.14 61.53 -23.64
CA LYS AA 51 -19.48 61.00 -23.91
C LYS AA 51 -19.53 59.48 -24.00
N ASP AA 52 -18.41 58.82 -24.28
CA ASP AA 52 -18.44 57.37 -24.43
C ASP AA 52 -17.47 56.65 -23.53
N GLY AA 53 -16.25 57.15 -23.37
CA GLY AA 53 -15.20 56.44 -22.67
C GLY AA 53 -14.37 57.34 -21.83
N ILE AA 54 -13.12 56.94 -21.59
CA ILE AA 54 -12.23 57.55 -20.62
C ILE AA 54 -10.95 57.94 -21.35
N VAL AA 55 -10.45 59.14 -21.09
CA VAL AA 55 -9.19 59.61 -21.63
C VAL AA 55 -8.27 59.92 -20.46
N LEU AA 56 -7.02 59.44 -20.54
CA LEU AA 56 -6.04 59.59 -19.49
C LEU AA 56 -4.83 60.35 -20.02
N GLY AA 57 -4.22 61.14 -19.14
CA GLY AA 57 -3.04 61.89 -19.47
C GLY AA 57 -2.09 61.98 -18.30
N ALA AA 58 -0.80 62.04 -18.62
CA ALA AA 58 0.23 61.99 -17.60
C ALA AA 58 1.52 62.59 -18.14
N ASP AA 59 2.43 62.88 -17.21
CA ASP AA 59 3.78 63.35 -17.50
C ASP AA 59 4.79 62.38 -16.88
N THR AA 60 5.89 62.15 -17.58
CA THR AA 60 6.85 61.13 -17.14
C THR AA 60 8.24 61.72 -16.92
N ARG AA 61 8.29 62.85 -16.22
CA ARG AA 61 9.55 63.37 -15.69
C ARG AA 61 9.73 62.77 -14.31
N ALA AA 62 10.56 61.73 -14.23
CA ALA AA 62 10.89 61.10 -12.96
C ALA AA 62 12.10 61.84 -12.39
N THR AA 63 11.84 62.71 -11.42
CA THR AA 63 12.92 63.44 -10.78
C THR AA 63 13.37 62.73 -9.52
N GLU AA 64 14.63 62.94 -9.17
CA GLU AA 64 15.20 62.43 -7.93
C GLU AA 64 15.59 63.64 -7.10
N GLY AA 65 14.72 64.01 -6.16
CA GLY AA 65 14.96 65.18 -5.36
C GLY AA 65 14.73 66.42 -6.19
N MET AA 66 15.80 67.12 -6.52
CA MET AA 66 15.70 68.30 -7.36
C MET AA 66 16.36 68.09 -8.71
N VAL AA 67 16.73 66.87 -9.05
CA VAL AA 67 17.46 66.57 -10.27
C VAL AA 67 16.53 65.78 -11.19
N VAL AA 68 16.46 66.22 -12.45
CA VAL AA 68 15.71 65.44 -13.44
C VAL AA 68 16.52 64.18 -13.71
N ALA AA 69 16.10 63.07 -13.12
CA ALA AA 69 16.81 61.83 -13.35
C ALA AA 69 16.36 61.13 -14.63
N ASP AA 70 15.09 61.25 -14.96
CA ASP AA 70 14.53 60.54 -16.10
C ASP AA 70 13.51 61.44 -16.77
N LYS AA 71 13.59 61.47 -18.09
CA LYS AA 71 12.64 62.20 -18.90
C LYS AA 71 11.56 61.29 -19.46
N ASN AA 72 11.61 60.00 -19.14
CA ASN AA 72 10.59 59.08 -19.64
C ASN AA 72 10.51 57.90 -18.67
N CYS AA 73 9.54 57.95 -17.76
CA CYS AA 73 9.23 56.82 -16.88
C CYS AA 73 7.73 56.67 -16.80
N SER AA 74 7.19 55.72 -17.57
CA SER AA 74 5.76 55.59 -17.83
C SER AA 74 5.00 55.26 -16.56
N LYS AA 75 4.23 56.21 -16.07
CA LYS AA 75 3.42 56.00 -14.88
C LYS AA 75 2.00 55.55 -15.20
N ILE AA 76 1.71 55.29 -16.47
CA ILE AA 76 0.44 54.72 -16.87
C ILE AA 76 0.61 53.21 -16.87
N HIS AA 77 -0.30 52.51 -16.21
CA HIS AA 77 -0.14 51.08 -16.00
C HIS AA 77 -1.33 50.30 -16.52
N PHE AA 78 -0.99 49.17 -17.13
CA PHE AA 78 -1.96 48.15 -17.47
C PHE AA 78 -2.62 47.60 -16.22
N ILE AA 79 -3.92 47.34 -16.31
CA ILE AA 79 -4.59 46.52 -15.32
C ILE AA 79 -5.29 45.40 -16.07
N SER AA 80 -6.05 45.77 -17.09
CA SER AA 80 -6.88 44.82 -17.80
C SER AA 80 -7.06 45.38 -19.21
N PRO AA 81 -7.64 44.59 -20.12
CA PRO AA 81 -8.05 45.18 -21.40
C PRO AA 81 -9.05 46.31 -21.28
N ASN AA 82 -9.91 46.32 -20.27
CA ASN AA 82 -10.83 47.44 -20.10
C ASN AA 82 -10.39 48.47 -19.08
N ILE AA 83 -9.60 48.10 -18.07
CA ILE AA 83 -9.25 48.99 -16.98
C ILE AA 83 -7.74 49.17 -17.00
N TYR AA 84 -7.29 50.42 -16.83
CA TYR AA 84 -5.92 50.81 -16.53
C TYR AA 84 -5.89 51.60 -15.24
N CYS AA 85 -4.68 51.99 -14.85
CA CYS AA 85 -4.48 52.87 -13.71
C CYS AA 85 -3.36 53.85 -14.02
N CYS AA 86 -3.24 54.87 -13.19
CA CYS AA 86 -2.16 55.84 -13.26
C CYS AA 86 -1.67 56.15 -11.86
N GLY AA 87 -0.34 56.22 -11.72
CA GLY AA 87 0.27 56.24 -10.41
C GLY AA 87 0.83 57.61 -10.05
N ALA AA 88 0.94 57.82 -8.74
CA ALA AA 88 1.51 59.04 -8.19
C ALA AA 88 2.03 58.76 -6.80
N GLY AA 89 2.92 59.63 -6.33
CA GLY AA 89 3.54 59.42 -5.04
C GLY AA 89 4.77 58.55 -5.18
N THR AA 90 4.90 57.56 -4.30
CA THR AA 90 6.00 56.63 -4.39
C THR AA 90 5.79 55.71 -5.58
N ALA AA 91 6.68 55.81 -6.58
CA ALA AA 91 6.46 55.14 -7.85
C ALA AA 91 6.56 53.63 -7.71
N ALA AA 92 7.52 53.15 -6.90
CA ALA AA 92 7.67 51.71 -6.72
C ALA AA 92 6.50 51.11 -5.96
N ASP AA 93 5.90 51.89 -5.04
CA ASP AA 93 4.68 51.45 -4.38
C ASP AA 93 3.56 51.26 -5.38
N THR AA 94 3.44 52.21 -6.31
CA THR AA 94 2.42 52.11 -7.35
C THR AA 94 2.71 50.94 -8.28
N ASP AA 95 4.00 50.65 -8.51
CA ASP AA 95 4.38 49.57 -9.40
C ASP AA 95 4.04 48.22 -8.80
N MET AA 96 4.48 47.99 -7.56
CA MET AA 96 4.21 46.70 -6.90
C MET AA 96 2.72 46.53 -6.66
N THR AA 97 2.04 47.64 -6.39
CA THR AA 97 0.60 47.58 -6.17
C THR AA 97 -0.13 47.24 -7.47
N THR AA 98 0.25 47.89 -8.57
CA THR AA 98 -0.48 47.70 -9.81
C THR AA 98 -0.17 46.32 -10.40
N GLN AA 99 1.01 45.78 -10.12
CA GLN AA 99 1.32 44.44 -10.56
C GLN AA 99 0.61 43.42 -9.71
N LEU AA 100 0.48 43.72 -8.42
CA LEU AA 100 -0.22 42.84 -7.51
C LEU AA 100 -1.70 42.73 -7.86
N ILE AA 101 -2.38 43.87 -7.90
CA ILE AA 101 -3.82 43.83 -8.08
C ILE AA 101 -4.16 43.49 -9.52
N SER AA 102 -3.30 43.91 -10.47
CA SER AA 102 -3.50 43.51 -11.86
C SER AA 102 -3.32 42.01 -12.02
N SER AA 103 -2.40 41.43 -11.25
CA SER AA 103 -2.29 39.97 -11.20
C SER AA 103 -3.52 39.35 -10.59
N ASN AA 104 -4.10 40.01 -9.59
CA ASN AA 104 -5.27 39.46 -8.91
C ASN AA 104 -6.49 39.52 -9.81
N LEU AA 105 -6.57 40.50 -10.69
CA LEU AA 105 -7.69 40.59 -11.59
C LEU AA 105 -7.48 39.76 -12.84
N GLU AA 106 -6.22 39.49 -13.17
CA GLU AA 106 -5.95 38.46 -14.15
C GLU AA 106 -6.42 37.10 -13.63
N LEU AA 107 -6.15 36.85 -12.34
CA LEU AA 107 -6.54 35.60 -11.72
C LEU AA 107 -8.05 35.49 -11.59
N HIS AA 108 -8.68 36.54 -11.09
CA HIS AA 108 -10.13 36.53 -10.92
C HIS AA 108 -10.84 36.57 -12.25
N SER AA 109 -10.21 37.17 -13.25
CA SER AA 109 -10.84 37.30 -14.55
C SER AA 109 -10.82 35.98 -15.29
N LEU AA 110 -9.63 35.40 -15.47
CA LEU AA 110 -9.54 34.14 -16.18
C LEU AA 110 -10.11 32.99 -15.37
N SER AA 111 -10.08 33.13 -14.04
CA SER AA 111 -10.87 32.25 -13.18
C SER AA 111 -12.35 32.41 -13.46
N THR AA 112 -12.79 33.65 -13.65
CA THR AA 112 -14.19 33.92 -13.90
C THR AA 112 -14.54 33.62 -15.34
N GLY AA 113 -13.72 34.11 -16.27
CA GLY AA 113 -13.94 33.91 -17.67
C GLY AA 113 -14.79 34.97 -18.35
N ARG AA 114 -14.77 36.20 -17.86
CA ARG AA 114 -15.52 37.27 -18.50
C ARG AA 114 -14.82 38.59 -18.22
N LEU AA 115 -15.42 39.68 -18.67
CA LEU AA 115 -14.83 40.99 -18.50
C LEU AA 115 -14.97 41.45 -17.05
N PRO AA 116 -13.91 41.95 -16.43
CA PRO AA 116 -13.98 42.33 -15.02
C PRO AA 116 -14.76 43.61 -14.79
N ARG AA 117 -14.72 44.06 -13.54
CA ARG AA 117 -15.44 45.24 -13.09
C ARG AA 117 -14.50 46.19 -12.37
N VAL AA 118 -14.79 47.49 -12.51
CA VAL AA 118 -13.92 48.50 -11.92
C VAL AA 118 -14.07 48.53 -10.41
N VAL AA 119 -15.28 48.27 -9.92
CA VAL AA 119 -15.58 48.40 -8.50
C VAL AA 119 -14.92 47.30 -7.68
N THR AA 120 -14.62 46.17 -8.30
CA THR AA 120 -13.88 45.12 -7.61
C THR AA 120 -12.46 45.55 -7.33
N ALA AA 121 -11.80 46.13 -8.34
CA ALA AA 121 -10.47 46.69 -8.15
C ALA AA 121 -10.50 47.84 -7.16
N ASN AA 122 -11.59 48.62 -7.18
CA ASN AA 122 -11.79 49.67 -6.20
C ASN AA 122 -11.82 49.10 -4.79
N ARG AA 123 -12.54 48.00 -4.60
CA ARG AA 123 -12.65 47.37 -3.29
C ARG AA 123 -11.31 46.79 -2.85
N MET AA 124 -10.58 46.18 -3.79
CA MET AA 124 -9.28 45.62 -3.49
C MET AA 124 -8.29 46.71 -3.07
N LEU AA 125 -8.34 47.84 -3.75
CA LEU AA 125 -7.37 48.89 -3.46
C LEU AA 125 -7.71 49.61 -2.16
N LYS AA 126 -8.99 49.84 -1.91
CA LYS AA 126 -9.35 50.51 -0.67
C LYS AA 126 -9.10 49.61 0.53
N GLN AA 127 -9.24 48.29 0.34
CA GLN AA 127 -8.97 47.38 1.44
C GLN AA 127 -7.48 47.21 1.63
N MET AA 128 -6.73 47.25 0.54
CA MET AA 128 -5.28 47.13 0.62
C MET AA 128 -4.66 48.35 1.28
N LEU AA 129 -5.04 49.54 0.84
CA LEU AA 129 -4.48 50.75 1.42
C LEU AA 129 -5.00 50.98 2.82
N PHE AA 130 -6.22 50.54 3.09
CA PHE AA 130 -6.72 50.65 4.46
C PHE AA 130 -5.99 49.68 5.38
N ARG AA 131 -5.49 48.58 4.83
CA ARG AA 131 -4.71 47.65 5.63
C ARG AA 131 -3.41 48.27 6.12
N TYR AA 132 -2.68 48.94 5.25
CA TYR AA 132 -1.38 49.46 5.62
C TYR AA 132 -1.45 50.83 6.26
N GLN AA 133 -2.66 51.28 6.60
CA GLN AA 133 -2.89 52.50 7.39
C GLN AA 133 -2.31 53.73 6.67
N GLY AA 134 -2.38 53.71 5.35
CA GLY AA 134 -1.85 54.77 4.53
C GLY AA 134 -0.35 54.92 4.55
N TYR AA 135 0.39 53.90 5.00
CA TYR AA 135 1.85 54.01 5.02
C TYR AA 135 2.40 53.95 3.61
N ILE AA 136 1.81 53.10 2.79
CA ILE AA 136 2.22 52.97 1.39
C ILE AA 136 1.77 54.21 0.64
N GLY AA 137 2.72 54.93 0.07
CA GLY AA 137 2.41 56.16 -0.64
C GLY AA 137 2.01 55.89 -2.08
N ALA AA 138 0.72 56.05 -2.38
CA ALA AA 138 0.23 55.83 -3.73
C ALA AA 138 -1.01 56.70 -3.93
N ALA AA 139 -0.86 57.80 -4.68
CA ALA AA 139 -1.98 58.61 -5.11
C ALA AA 139 -2.36 58.17 -6.51
N LEU AA 140 -3.50 57.52 -6.64
CA LEU AA 140 -3.78 56.72 -7.83
C LEU AA 140 -5.01 57.22 -8.57
N VAL AA 141 -5.10 56.85 -9.84
CA VAL AA 141 -6.27 57.09 -10.68
C VAL AA 141 -6.65 55.79 -11.33
N LEU AA 142 -7.80 55.25 -10.94
CA LEU AA 142 -8.34 54.02 -11.49
C LEU AA 142 -9.28 54.37 -12.63
N GLY AA 143 -9.11 53.71 -13.77
CA GLY AA 143 -10.01 54.01 -14.87
C GLY AA 143 -10.35 52.83 -15.76
N GLY AA 144 -11.63 52.55 -15.94
CA GLY AA 144 -11.99 51.43 -16.79
C GLY AA 144 -13.42 51.54 -17.27
N VAL AA 145 -13.60 51.11 -18.52
CA VAL AA 145 -14.92 51.09 -19.15
C VAL AA 145 -15.48 49.68 -19.01
N ASP AA 146 -16.49 49.53 -18.16
CA ASP AA 146 -17.12 48.24 -17.94
C ASP AA 146 -18.25 48.02 -18.93
N VAL AA 147 -18.99 46.93 -18.71
CA VAL AA 147 -20.24 46.68 -19.41
C VAL AA 147 -21.25 47.76 -19.05
N THR AA 148 -21.23 48.21 -17.80
CA THR AA 148 -22.03 49.37 -17.41
C THR AA 148 -21.52 50.66 -18.02
N GLY AA 149 -20.32 50.67 -18.58
CA GLY AA 149 -19.82 51.82 -19.27
C GLY AA 149 -18.54 52.33 -18.65
N PRO AA 150 -18.18 53.57 -18.92
CA PRO AA 150 -16.96 54.14 -18.36
C PRO AA 150 -17.11 54.44 -16.87
N HIS AA 151 -16.02 54.22 -16.14
CA HIS AA 151 -16.00 54.37 -14.69
C HIS AA 151 -14.63 54.87 -14.27
N LEU AA 152 -14.63 55.91 -13.45
CA LEU AA 152 -13.41 56.61 -13.05
C LEU AA 152 -13.36 56.70 -11.54
N TYR AA 153 -12.17 56.59 -10.97
CA TYR AA 153 -11.97 56.71 -9.54
C TYR AA 153 -10.66 57.41 -9.22
N SER AA 154 -10.72 58.30 -8.23
CA SER AA 154 -9.55 58.93 -7.65
C SER AA 154 -9.26 58.25 -6.33
N ILE AA 155 -8.00 57.88 -6.11
CA ILE AA 155 -7.61 57.02 -5.00
C ILE AA 155 -6.60 57.76 -4.15
N TYR AA 156 -6.90 57.90 -2.87
CA TYR AA 156 -5.97 58.44 -1.90
C TYR AA 156 -5.35 57.31 -1.09
N PRO AA 157 -4.06 57.43 -0.73
CA PRO AA 157 -3.32 56.27 -0.20
C PRO AA 157 -3.78 55.77 1.16
N HIS AA 158 -4.66 56.49 1.85
CA HIS AA 158 -5.27 55.93 3.04
C HIS AA 158 -6.44 55.02 2.68
N GLY AA 159 -7.01 55.20 1.50
CA GLY AA 159 -8.05 54.30 1.05
C GLY AA 159 -9.33 54.99 0.62
N SER AA 160 -9.37 56.31 0.76
CA SER AA 160 -10.55 57.06 0.38
C SER AA 160 -10.57 57.19 -1.14
N THR AA 161 -11.66 56.73 -1.76
CA THR AA 161 -11.78 56.68 -3.20
C THR AA 161 -13.08 57.34 -3.65
N ASP AA 162 -13.03 57.97 -4.82
CA ASP AA 162 -14.11 58.83 -5.28
C ASP AA 162 -14.39 58.63 -6.76
N LYS AA 163 -15.65 58.41 -7.10
CA LYS AA 163 -16.06 58.41 -8.50
C LYS AA 163 -16.35 59.83 -8.95
N LEU AA 164 -15.65 60.27 -10.00
CA LEU AA 164 -15.76 61.62 -10.51
C LEU AA 164 -15.73 61.59 -12.03
N PRO AA 165 -16.31 62.59 -12.70
CA PRO AA 165 -16.17 62.65 -14.16
C PRO AA 165 -14.79 63.01 -14.62
N TYR AA 166 -14.01 63.70 -13.78
CA TYR AA 166 -12.68 64.15 -14.16
C TYR AA 166 -11.86 64.33 -12.91
N VAL AA 167 -10.60 63.90 -12.96
CA VAL AA 167 -9.74 63.89 -11.78
C VAL AA 167 -8.34 64.37 -12.16
N THR AA 168 -7.71 65.05 -11.20
CA THR AA 168 -6.33 65.51 -11.32
C THR AA 168 -5.57 65.11 -10.07
N MET AA 169 -4.46 64.39 -10.26
CA MET AA 169 -3.62 63.98 -9.15
C MET AA 169 -2.18 64.32 -9.49
N GLY AA 170 -1.33 64.35 -8.47
CA GLY AA 170 0.05 64.68 -8.69
C GLY AA 170 0.40 66.08 -8.24
N SER AA 171 1.63 66.51 -8.52
CA SER AA 171 2.16 67.78 -8.04
C SER AA 171 1.45 68.97 -8.67
N GLY AA 172 1.56 69.13 -9.98
CA GLY AA 172 0.92 70.25 -10.66
C GLY AA 172 -0.48 69.91 -11.11
N SER AA 173 -1.18 69.09 -10.33
CA SER AA 173 -2.56 68.74 -10.62
C SER AA 173 -3.50 69.93 -10.49
N LEU AA 174 -3.08 70.97 -9.78
CA LEU AA 174 -3.93 72.13 -9.59
C LEU AA 174 -4.13 72.92 -10.87
N ALA AA 175 -3.09 73.01 -11.70
CA ALA AA 175 -3.23 73.67 -13.00
C ALA AA 175 -4.14 72.85 -13.90
N ALA AA 176 -4.06 71.53 -13.81
CA ALA AA 176 -4.93 70.68 -14.60
C ALA AA 176 -6.37 70.78 -14.12
N MET AA 177 -6.58 70.99 -12.82
CA MET AA 177 -7.93 71.22 -12.32
C MET AA 177 -8.41 72.60 -12.71
N ALA AA 178 -7.49 73.55 -12.93
CA ALA AA 178 -7.88 74.83 -13.49
C ALA AA 178 -8.33 74.67 -14.94
N VAL AA 179 -7.66 73.79 -15.68
CA VAL AA 179 -8.03 73.56 -17.07
C VAL AA 179 -9.39 72.86 -17.14
N PHE AA 180 -9.60 71.86 -16.28
CA PHE AA 180 -10.85 71.12 -16.29
C PHE AA 180 -12.01 71.99 -15.81
N GLU AA 181 -11.91 72.52 -14.58
CA GLU AA 181 -12.95 73.35 -14.00
C GLU AA 181 -13.17 74.63 -14.79
N ASP AA 182 -12.14 75.07 -15.53
CA ASP AA 182 -12.35 76.04 -16.60
C ASP AA 182 -13.28 75.49 -17.66
N LYS AA 183 -12.88 74.40 -18.31
CA LYS AA 183 -13.47 74.04 -19.59
C LYS AA 183 -13.98 72.61 -19.59
N PHE AA 184 -14.70 72.22 -18.56
CA PHE AA 184 -15.41 70.95 -18.56
C PHE AA 184 -16.83 71.20 -19.04
N ARG AA 185 -17.39 70.19 -19.68
CA ARG AA 185 -18.80 70.13 -19.98
C ARG AA 185 -19.19 68.67 -20.10
N PRO AA 186 -20.45 68.32 -19.81
CA PRO AA 186 -20.85 66.92 -19.91
C PRO AA 186 -20.89 66.43 -21.34
N ASP AA 187 -20.50 65.16 -21.49
CA ASP AA 187 -20.48 64.43 -22.77
C ASP AA 187 -19.63 65.14 -23.82
N MET AA 188 -18.35 65.24 -23.52
CA MET AA 188 -17.41 65.77 -24.48
C MET AA 188 -17.10 64.75 -25.56
N GLU AA 189 -16.43 65.22 -26.60
CA GLU AA 189 -16.13 64.34 -27.71
C GLU AA 189 -14.69 63.85 -27.61
N GLU AA 190 -14.22 63.21 -28.68
CA GLU AA 190 -12.94 62.55 -28.64
C GLU AA 190 -11.80 63.55 -28.62
N GLU AA 191 -11.67 64.34 -29.68
CA GLU AA 191 -10.60 65.32 -29.74
C GLU AA 191 -10.89 66.51 -28.84
N GLU AA 192 -12.15 66.67 -28.45
CA GLU AA 192 -12.50 67.60 -27.39
C GLU AA 192 -11.82 67.20 -26.08
N ALA AA 193 -11.94 65.93 -25.71
CA ALA AA 193 -11.32 65.44 -24.49
C ALA AA 193 -9.80 65.40 -24.61
N LYS AA 194 -9.31 65.01 -25.78
CA LYS AA 194 -7.86 64.93 -25.98
C LYS AA 194 -7.23 66.31 -25.96
N ASN AA 195 -7.92 67.28 -26.52
CA ASN AA 195 -7.44 68.65 -26.49
C ASN AA 195 -7.50 69.21 -25.07
N LEU AA 196 -8.54 68.83 -24.32
CA LEU AA 196 -8.68 69.35 -22.96
C LEU AA 196 -7.62 68.77 -22.02
N VAL AA 197 -7.39 67.46 -22.11
CA VAL AA 197 -6.44 66.81 -21.22
C VAL AA 197 -5.02 67.18 -21.60
N SER AA 198 -4.75 67.26 -22.91
CA SER AA 198 -3.45 67.73 -23.38
C SER AA 198 -3.20 69.17 -22.95
N GLU AA 199 -4.26 69.97 -22.94
CA GLU AA 199 -4.18 71.32 -22.40
C GLU AA 199 -3.85 71.29 -20.91
N ALA AA 200 -4.41 70.32 -20.18
CA ALA AA 200 -4.23 70.27 -18.74
C ALA AA 200 -2.82 69.86 -18.36
N ILE AA 201 -2.31 68.80 -19.01
CA ILE AA 201 -0.96 68.34 -18.74
C ILE AA 201 0.04 69.36 -19.24
N ALA AA 202 -0.29 70.06 -20.34
CA ALA AA 202 0.54 71.16 -20.80
C ALA AA 202 0.60 72.27 -19.76
N ALA AA 203 -0.52 72.54 -19.08
CA ALA AA 203 -0.53 73.50 -17.99
C ALA AA 203 0.32 73.04 -16.82
N GLY AA 204 0.36 71.73 -16.58
CA GLY AA 204 1.28 71.21 -15.60
C GLY AA 204 2.73 71.37 -16.03
N ILE AA 205 2.99 71.30 -17.33
CA ILE AA 205 4.36 71.40 -17.82
C ILE AA 205 4.86 72.82 -17.76
N PHE AA 206 4.01 73.79 -18.08
CA PHE AA 206 4.46 75.16 -17.92
C PHE AA 206 4.32 75.65 -16.50
N ASN AA 207 3.71 74.88 -15.62
CA ASN AA 207 3.91 75.07 -14.20
C ASN AA 207 5.14 74.26 -13.80
N ASP AA 208 5.57 74.42 -12.55
CA ASP AA 208 6.76 73.72 -12.09
C ASP AA 208 6.48 72.23 -11.93
N LEU AA 209 7.53 71.44 -12.15
CA LEU AA 209 7.52 69.98 -12.05
C LEU AA 209 6.51 69.36 -13.01
N GLY AA 210 6.56 69.83 -14.26
CA GLY AA 210 5.83 69.18 -15.32
C GLY AA 210 6.70 68.11 -15.93
N SER AA 211 6.93 68.20 -17.24
CA SER AA 211 7.83 67.26 -17.88
C SER AA 211 8.40 67.86 -19.14
N GLY AA 212 9.66 67.54 -19.40
CA GLY AA 212 10.16 67.62 -20.77
C GLY AA 212 9.64 66.46 -21.60
N SER AA 213 9.12 65.44 -20.94
CA SER AA 213 8.40 64.37 -21.60
C SER AA 213 7.17 64.91 -22.32
N ASN AA 214 6.84 64.26 -23.42
CA ASN AA 214 5.62 64.50 -24.16
C ASN AA 214 4.42 64.12 -23.28
N ILE AA 215 3.32 64.83 -23.49
CA ILE AA 215 2.07 64.56 -22.81
C ILE AA 215 1.56 63.20 -23.21
N ASP AA 216 1.41 62.29 -22.25
CA ASP AA 216 1.06 60.93 -22.59
C ASP AA 216 -0.42 60.68 -22.37
N LEU AA 217 -1.06 60.11 -23.39
CA LEU AA 217 -2.51 59.95 -23.38
C LEU AA 217 -2.88 58.49 -23.53
N CYS AA 218 -4.15 58.21 -23.27
CA CYS AA 218 -4.70 56.87 -23.39
C CYS AA 218 -6.20 57.00 -23.56
N VAL AA 219 -6.76 56.27 -24.50
CA VAL AA 219 -8.19 56.31 -24.74
C VAL AA 219 -8.74 54.91 -24.53
N ILE AA 220 -9.74 54.80 -23.66
CA ILE AA 220 -10.45 53.55 -23.46
C ILE AA 220 -11.91 53.80 -23.74
N SER AA 221 -12.45 53.13 -24.75
CA SER AA 221 -13.84 53.27 -25.13
C SER AA 221 -14.54 51.94 -24.87
N LYS AA 222 -15.76 51.82 -25.40
CA LYS AA 222 -16.49 50.58 -25.28
C LYS AA 222 -15.85 49.45 -26.09
N ASN AA 223 -15.10 49.80 -27.14
CA ASN AA 223 -14.46 48.79 -27.96
C ASN AA 223 -12.98 49.08 -28.22
N LYS AA 224 -12.66 50.35 -28.40
CA LYS AA 224 -11.37 50.78 -28.95
C LYS AA 224 -10.41 51.07 -27.80
N LEU AA 225 -9.22 50.48 -27.87
CA LEU AA 225 -8.18 50.71 -26.90
C LEU AA 225 -7.02 51.44 -27.57
N ASP AA 226 -6.70 52.62 -27.07
CA ASP AA 226 -5.68 53.48 -27.64
C ASP AA 226 -4.71 53.89 -26.56
N PHE AA 227 -3.45 54.07 -26.97
CA PHE AA 227 -2.39 54.34 -26.02
C PHE AA 227 -1.32 55.15 -26.72
N LEU AA 228 -1.04 56.34 -26.22
CA LEU AA 228 -0.18 57.30 -26.92
C LEU AA 228 0.92 57.78 -25.99
N ARG AA 229 2.08 57.17 -26.08
CA ARG AA 229 3.29 57.78 -25.57
C ARG AA 229 3.71 58.93 -26.49
N PRO AA 230 3.97 58.73 -27.82
CA PRO AA 230 4.57 59.89 -28.52
C PRO AA 230 3.53 60.89 -29.02
N TYR AA 231 2.77 61.48 -28.10
CA TYR AA 231 1.64 62.29 -28.53
C TYR AA 231 2.08 63.68 -28.97
N THR AA 232 2.68 64.45 -28.06
CA THR AA 232 3.12 65.80 -28.41
C THR AA 232 4.26 66.22 -27.51
N VAL AA 233 5.45 66.36 -28.08
CA VAL AA 233 6.61 66.88 -27.36
C VAL AA 233 6.52 68.41 -27.37
N PRO AA 234 6.46 69.04 -26.23
CA PRO AA 234 6.40 70.51 -26.21
C PRO AA 234 7.77 71.16 -26.27
N ASN AA 235 8.79 70.48 -25.76
CA ASN AA 235 10.09 71.10 -25.50
C ASN AA 235 11.16 70.37 -26.31
N LYS AA 236 11.59 71.02 -27.38
CA LYS AA 236 12.70 70.51 -28.16
C LYS AA 236 14.02 70.84 -27.49
N LYS AA 237 14.93 69.88 -27.48
CA LYS AA 237 16.26 70.13 -26.96
C LYS AA 237 17.08 70.93 -27.97
N GLY AA 238 17.68 72.01 -27.50
CA GLY AA 238 18.56 72.78 -28.35
C GLY AA 238 19.85 72.03 -28.61
N THR AA 239 20.40 72.22 -29.81
CA THR AA 239 21.59 71.48 -30.22
C THR AA 239 22.85 72.11 -29.65
N ARG AA 240 23.87 71.27 -29.46
CA ARG AA 240 25.17 71.78 -29.06
C ARG AA 240 25.80 72.54 -30.21
N LEU AA 241 26.16 73.80 -29.96
CA LEU AA 241 26.80 74.63 -30.96
C LEU AA 241 28.18 74.15 -31.36
N GLY AA 242 28.86 73.43 -30.49
CA GLY AA 242 30.14 72.85 -30.82
C GLY AA 242 30.23 71.43 -30.33
N ARG AA 243 31.46 70.95 -30.19
CA ARG AA 243 31.63 69.60 -29.69
C ARG AA 243 32.72 69.62 -28.63
N TYR AA 244 32.40 68.99 -27.51
CA TYR AA 244 33.37 68.68 -26.46
C TYR AA 244 34.07 67.41 -26.87
N ARG AA 245 34.91 67.51 -27.90
CA ARG AA 245 35.41 66.36 -28.62
C ARG AA 245 36.53 65.69 -27.84
N CYS AA 246 36.43 64.38 -27.69
CA CYS AA 246 37.45 63.62 -26.99
C CYS AA 246 38.46 63.08 -27.99
N GLU AA 247 39.63 62.75 -27.48
CA GLU AA 247 40.69 62.13 -28.24
C GLU AA 247 40.82 60.68 -27.85
N LYS AA 248 40.86 59.80 -28.84
CA LYS AA 248 40.97 58.36 -28.59
C LYS AA 248 42.40 58.07 -28.15
N GLY AA 249 42.65 58.31 -26.86
CA GLY AA 249 43.98 58.12 -26.32
C GLY AA 249 44.48 59.27 -25.47
N THR AA 250 43.61 60.21 -25.10
CA THR AA 250 44.00 61.27 -24.19
C THR AA 250 43.86 60.87 -22.72
N THR AA 251 43.88 59.57 -22.43
CA THR AA 251 43.67 59.05 -21.08
C THR AA 251 44.83 58.13 -20.71
N ALA AA 252 45.45 58.40 -19.57
CA ALA AA 252 46.46 57.50 -19.03
C ALA AA 252 45.79 56.28 -18.41
N VAL AA 253 46.13 55.11 -18.93
CA VAL AA 253 45.53 53.84 -18.50
C VAL AA 253 46.58 53.08 -17.70
N LEU AA 254 46.18 52.52 -16.56
CA LEU AA 254 47.10 51.76 -15.75
C LEU AA 254 47.23 50.31 -16.18
N THR AA 255 46.12 49.57 -16.27
CA THR AA 255 46.21 48.15 -16.58
C THR AA 255 45.00 47.72 -17.38
N GLU AA 256 45.25 47.26 -18.60
CA GLU AA 256 44.19 46.79 -19.49
C GLU AA 256 44.01 45.29 -19.36
N LYS AA 257 42.78 44.83 -19.55
CA LYS AA 257 42.46 43.41 -19.51
C LYS AA 257 41.66 43.05 -20.73
N ILE AA 258 41.92 41.85 -21.26
CA ILE AA 258 41.19 41.31 -22.40
C ILE AA 258 40.66 39.94 -22.02
N THR AA 259 39.37 39.75 -22.19
CA THR AA 259 38.74 38.45 -21.91
C THR AA 259 37.77 38.12 -23.03
N PRO AA 260 38.16 37.26 -23.96
CA PRO AA 260 37.33 36.99 -25.13
C PRO AA 260 36.07 36.22 -24.77
N LEU AA 261 35.10 36.27 -25.67
CA LEU AA 261 33.83 35.61 -25.45
C LEU AA 261 33.55 34.69 -26.64
N GLU AA 262 32.35 34.14 -26.67
CA GLU AA 262 31.95 33.21 -27.71
C GLU AA 262 31.16 33.90 -28.81
N SER BA 1 25.85 61.72 5.03
CA SER BA 1 24.69 60.91 5.38
C SER BA 1 25.04 59.45 5.51
N ILE BA 2 23.98 58.65 5.63
CA ILE BA 2 24.11 57.20 5.60
C ILE BA 2 24.67 56.77 4.26
N MET BA 3 24.21 57.40 3.18
CA MET BA 3 24.80 57.16 1.88
C MET BA 3 26.23 57.67 1.80
N SER BA 4 26.50 58.81 2.42
CA SER BA 4 27.83 59.41 2.38
C SER BA 4 28.72 58.96 3.53
N TYR BA 5 28.41 57.79 4.10
CA TYR BA 5 29.26 57.27 5.17
C TYR BA 5 30.60 56.79 4.62
N ASN BA 6 30.59 56.24 3.41
CA ASN BA 6 31.79 55.72 2.79
C ASN BA 6 32.00 56.27 1.38
N GLY BA 7 31.16 57.19 0.94
CA GLY BA 7 31.33 57.67 -0.41
C GLY BA 7 30.74 56.69 -1.42
N GLY BA 8 31.10 56.91 -2.68
CA GLY BA 8 30.60 56.07 -3.76
C GLY BA 8 30.45 56.80 -5.07
N ALA BA 9 30.90 56.17 -6.16
CA ALA BA 9 30.82 56.76 -7.49
C ALA BA 9 30.74 55.64 -8.52
N VAL BA 10 29.58 55.52 -9.14
CA VAL BA 10 29.29 54.48 -10.12
C VAL BA 10 28.71 55.15 -11.35
N MET BA 11 29.31 54.88 -12.50
CA MET BA 11 28.83 55.42 -13.77
C MET BA 11 28.69 54.30 -14.78
N ALA BA 12 27.61 54.34 -15.55
CA ALA BA 12 27.36 53.38 -16.60
C ALA BA 12 26.89 54.12 -17.84
N MET BA 13 27.52 53.86 -18.97
CA MET BA 13 27.17 54.53 -20.20
C MET BA 13 26.95 53.50 -21.29
N LYS BA 14 25.84 53.62 -21.99
CA LYS BA 14 25.54 52.75 -23.11
C LYS BA 14 26.14 53.33 -24.38
N GLY BA 15 26.89 52.52 -25.10
CA GLY BA 15 27.55 52.92 -26.32
C GLY BA 15 26.71 52.64 -27.55
N LYS BA 16 27.38 52.49 -28.69
CA LYS BA 16 26.68 52.18 -29.93
C LYS BA 16 26.14 50.75 -29.94
N ASN BA 17 27.04 49.78 -29.84
CA ASN BA 17 26.67 48.38 -29.89
C ASN BA 17 27.21 47.64 -28.67
N CYS BA 18 27.95 48.34 -27.83
CA CYS BA 18 28.52 47.80 -26.61
C CYS BA 18 28.05 48.69 -25.47
N VAL BA 19 28.54 48.39 -24.28
CA VAL BA 19 28.17 49.15 -23.10
C VAL BA 19 29.36 49.16 -22.15
N ALA BA 20 29.54 50.28 -21.45
CA ALA BA 20 30.67 50.50 -20.58
C ALA BA 20 30.17 50.85 -19.20
N ILE BA 21 30.96 50.52 -18.19
CA ILE BA 21 30.66 50.83 -16.80
C ILE BA 21 31.98 51.10 -16.09
N ALA BA 22 31.93 51.87 -15.01
CA ALA BA 22 33.12 52.26 -14.26
C ALA BA 22 32.71 52.66 -12.86
N ALA BA 23 33.67 52.60 -11.94
CA ALA BA 23 33.40 52.99 -10.55
C ALA BA 23 34.69 53.44 -9.89
N ASP BA 24 34.53 54.16 -8.79
CA ASP BA 24 35.62 54.65 -7.98
C ASP BA 24 36.28 53.51 -7.22
N ARG BA 25 37.36 53.85 -6.50
CA ARG BA 25 38.08 52.83 -5.76
C ARG BA 25 38.30 53.15 -4.30
N ARG BA 26 38.09 54.40 -3.88
CA ARG BA 26 38.34 54.76 -2.49
C ARG BA 26 37.36 54.09 -1.55
N PHE BA 27 37.90 53.36 -0.59
CA PHE BA 27 37.11 52.79 0.49
C PHE BA 27 37.57 53.41 1.80
N GLY BA 28 36.62 53.70 2.68
CA GLY BA 28 36.97 54.16 4.00
C GLY BA 28 35.79 54.76 4.72
N ILE BA 29 36.08 55.21 5.94
CA ILE BA 29 35.09 55.85 6.79
C ILE BA 29 35.01 57.31 6.35
N GLN BA 30 34.05 58.04 6.93
CA GLN BA 30 33.65 59.41 6.62
C GLN BA 30 34.79 60.38 6.29
N ALA BA 31 35.84 60.38 7.11
CA ALA BA 31 36.99 61.19 6.84
C ALA BA 31 38.24 60.37 6.58
N GLN BA 32 38.28 59.13 7.03
CA GLN BA 32 39.46 58.30 6.93
C GLN BA 32 39.22 57.22 5.89
N MET BA 33 40.01 57.26 4.83
CA MET BA 33 40.02 56.17 3.88
C MET BA 33 40.64 54.93 4.51
N VAL BA 34 40.34 53.79 3.92
CA VAL BA 34 40.92 52.54 4.38
C VAL BA 34 41.78 51.98 3.27
N THR BA 35 41.19 51.82 2.09
CA THR BA 35 41.87 51.13 1.00
C THR BA 35 41.30 51.56 -0.33
N THR BA 36 42.00 51.16 -1.39
CA THR BA 36 41.69 51.57 -2.75
C THR BA 36 41.40 50.38 -3.66
N ASP BA 37 41.16 49.22 -3.09
CA ASP BA 37 41.01 48.02 -3.89
C ASP BA 37 39.63 47.41 -3.70
N PHE BA 38 38.69 48.22 -3.22
CA PHE BA 38 37.37 47.72 -2.91
C PHE BA 38 36.56 47.55 -4.19
N GLN BA 39 36.00 46.36 -4.38
CA GLN BA 39 35.20 46.07 -5.57
C GLN BA 39 33.78 46.53 -5.36
N LYS BA 40 33.21 47.17 -6.38
CA LYS BA 40 31.81 47.53 -6.38
C LYS BA 40 31.05 47.01 -7.60
N ILE BA 41 31.75 46.59 -8.65
CA ILE BA 41 31.13 46.09 -9.87
C ILE BA 41 31.24 44.57 -9.84
N PHE BA 42 30.12 43.90 -10.07
CA PHE BA 42 30.17 42.48 -9.89
C PHE BA 42 29.60 41.76 -11.09
N PRO BA 43 30.23 40.67 -11.50
CA PRO BA 43 29.72 39.92 -12.67
C PRO BA 43 28.47 39.15 -12.31
N MET BA 44 27.42 39.41 -13.06
CA MET BA 44 26.15 38.71 -12.89
C MET BA 44 25.88 38.04 -14.23
N GLY BA 45 26.48 36.88 -14.43
CA GLY BA 45 26.41 36.25 -15.72
C GLY BA 45 27.33 36.92 -16.73
N ASP BA 46 27.31 36.35 -17.94
CA ASP BA 46 28.18 36.82 -19.01
C ASP BA 46 27.58 38.04 -19.68
N ARG BA 47 28.46 39.00 -19.99
CA ARG BA 47 28.13 40.26 -20.67
C ARG BA 47 27.07 41.04 -19.90
N LEU BA 48 27.13 40.96 -18.57
CA LEU BA 48 26.13 41.58 -17.72
C LEU BA 48 26.74 41.78 -16.35
N TYR BA 49 26.98 43.03 -15.98
CA TYR BA 49 27.55 43.38 -14.70
C TYR BA 49 26.58 44.23 -13.91
N ILE BA 50 26.91 44.38 -12.62
CA ILE BA 50 26.11 45.19 -11.71
C ILE BA 50 27.05 46.15 -11.00
N GLY BA 51 26.51 47.28 -10.58
CA GLY BA 51 27.25 48.27 -9.81
C GLY BA 51 26.44 48.67 -8.59
N LEU BA 52 27.11 48.72 -7.45
CA LEU BA 52 26.47 49.02 -6.18
C LEU BA 52 27.23 50.12 -5.46
N ALA BA 53 26.53 51.18 -5.11
CA ALA BA 53 27.11 52.29 -4.37
C ALA BA 53 26.27 52.55 -3.14
N GLY BA 54 26.88 53.21 -2.15
CA GLY BA 54 26.21 53.51 -0.90
C GLY BA 54 26.88 52.82 0.27
N LEU BA 55 26.08 52.12 1.07
CA LEU BA 55 26.64 51.38 2.20
C LEU BA 55 27.23 50.07 1.72
N ALA BA 56 28.53 49.89 2.00
CA ALA BA 56 29.26 48.72 1.51
C ALA BA 56 28.79 47.43 2.16
N THR BA 57 28.22 47.53 3.36
CA THR BA 57 27.66 46.35 3.99
C THR BA 57 26.44 45.85 3.24
N ASP BA 58 25.59 46.79 2.80
CA ASP BA 58 24.47 46.41 1.96
C ASP BA 58 24.95 45.94 0.59
N VAL BA 59 26.08 46.48 0.13
CA VAL BA 59 26.67 46.06 -1.13
C VAL BA 59 27.09 44.60 -1.05
N GLN BA 60 27.80 44.24 0.00
CA GLN BA 60 28.29 42.87 0.12
C GLN BA 60 27.17 41.91 0.48
N THR BA 61 26.27 42.33 1.37
CA THR BA 61 25.18 41.46 1.81
C THR BA 61 24.22 41.18 0.68
N VAL BA 62 23.70 42.24 0.08
CA VAL BA 62 22.72 42.11 -0.99
C VAL BA 62 23.40 41.57 -2.25
N ALA BA 63 24.70 41.80 -2.38
CA ALA BA 63 25.46 41.19 -3.47
C ALA BA 63 25.47 39.67 -3.34
N GLN BA 64 25.75 39.17 -2.14
CA GLN BA 64 25.69 37.74 -1.90
C GLN BA 64 24.27 37.22 -2.02
N ARG BA 65 23.29 38.03 -1.66
CA ARG BA 65 21.90 37.61 -1.69
C ARG BA 65 21.39 37.46 -3.11
N LEU BA 66 21.66 38.47 -3.94
CA LEU BA 66 21.21 38.43 -5.33
C LEU BA 66 22.02 37.42 -6.12
N LYS BA 67 23.29 37.25 -5.75
CA LYS BA 67 24.08 36.18 -6.34
C LYS BA 67 23.47 34.82 -6.01
N PHE BA 68 23.04 34.66 -4.76
CA PHE BA 68 22.42 33.43 -4.30
C PHE BA 68 21.16 33.12 -5.08
N ARG BA 69 20.24 34.08 -5.16
CA ARG BA 69 19.00 33.87 -5.90
C ARG BA 69 19.27 33.70 -7.39
N LEU BA 70 20.34 34.33 -7.89
CA LEU BA 70 20.74 34.16 -9.27
C LEU BA 70 21.14 32.73 -9.56
N ASN BA 71 21.94 32.13 -8.67
CA ASN BA 71 22.31 30.74 -8.85
C ASN BA 71 21.11 29.83 -8.69
N LEU BA 72 20.15 30.23 -7.86
CA LEU BA 72 18.90 29.47 -7.75
C LEU BA 72 18.15 29.44 -9.07
N TYR BA 73 17.95 30.61 -9.68
CA TYR BA 73 17.16 30.66 -10.90
C TYR BA 73 17.88 30.02 -12.06
N GLU BA 74 19.16 30.34 -12.24
CA GLU BA 74 19.87 29.79 -13.38
C GLU BA 74 20.26 28.33 -13.17
N LEU BA 75 20.12 27.80 -11.97
CA LEU BA 75 20.18 26.35 -11.84
C LEU BA 75 18.82 25.68 -11.99
N LYS BA 76 17.73 26.39 -11.71
CA LYS BA 76 16.43 25.83 -12.04
C LYS BA 76 16.18 25.84 -13.53
N GLU BA 77 16.64 26.88 -14.22
CA GLU BA 77 16.52 26.97 -15.66
C GLU BA 77 17.89 27.26 -16.22
N GLY BA 78 18.39 26.36 -17.05
CA GLY BA 78 19.77 26.39 -17.49
C GLY BA 78 20.15 27.56 -18.36
N ARG BA 79 19.15 28.26 -18.90
CA ARG BA 79 19.43 29.47 -19.66
C ARG BA 79 19.92 30.59 -18.74
N GLN BA 80 20.57 31.57 -19.34
CA GLN BA 80 20.96 32.75 -18.58
C GLN BA 80 19.76 33.65 -18.36
N ILE BA 81 19.93 34.59 -17.47
CA ILE BA 81 18.86 35.47 -17.07
C ILE BA 81 18.72 36.58 -18.11
N LYS BA 82 17.53 37.09 -18.23
CA LYS BA 82 17.30 38.30 -18.98
C LYS BA 82 17.48 39.50 -18.05
N PRO BA 83 17.92 40.65 -18.57
CA PRO BA 83 18.20 41.78 -17.69
C PRO BA 83 16.95 42.38 -17.06
N TYR BA 84 15.83 42.34 -17.76
CA TYR BA 84 14.57 42.81 -17.19
C TYR BA 84 14.11 41.87 -16.10
N THR BA 85 14.36 40.58 -16.29
CA THR BA 85 14.04 39.60 -15.26
C THR BA 85 14.88 39.85 -14.01
N LEU BA 86 16.17 40.14 -14.21
CA LEU BA 86 17.05 40.49 -13.11
C LEU BA 86 16.58 41.75 -12.42
N MET BA 87 16.17 42.74 -13.20
CA MET BA 87 15.63 43.99 -12.65
C MET BA 87 14.39 43.74 -11.82
N SER BA 88 13.56 42.78 -12.26
CA SER BA 88 12.39 42.40 -11.50
C SER BA 88 12.77 41.75 -10.17
N MET BA 89 13.83 40.93 -10.19
CA MET BA 89 14.28 40.31 -8.95
C MET BA 89 14.88 41.34 -8.01
N VAL BA 90 15.53 42.36 -8.56
CA VAL BA 90 16.13 43.41 -7.75
C VAL BA 90 15.06 44.26 -7.09
N ALA BA 91 14.06 44.68 -7.87
CA ALA BA 91 12.98 45.49 -7.32
C ALA BA 91 12.14 44.69 -6.34
N ASN BA 92 12.01 43.39 -6.59
CA ASN BA 92 11.38 42.51 -5.63
C ASN BA 92 12.17 42.49 -4.33
N LEU BA 93 13.49 42.33 -4.44
CA LEU BA 93 14.33 42.17 -3.25
C LEU BA 93 14.37 43.45 -2.44
N LEU BA 94 14.40 44.58 -3.11
CA LEU BA 94 14.37 45.86 -2.41
C LEU BA 94 13.01 46.10 -1.79
N TYR BA 95 11.95 45.70 -2.46
CA TYR BA 95 10.63 45.91 -1.91
C TYR BA 95 10.34 44.97 -0.75
N GLU BA 96 11.10 43.88 -0.63
CA GLU BA 96 11.08 43.06 0.58
C GLU BA 96 11.47 43.89 1.79
N LYS BA 97 12.44 44.78 1.64
CA LYS BA 97 12.80 45.70 2.71
C LYS BA 97 12.08 47.02 2.51
N ARG BA 98 10.75 46.92 2.47
CA ARG BA 98 9.91 48.10 2.30
C ARG BA 98 9.98 48.99 3.52
N PHE BA 99 10.04 48.39 4.70
CA PHE BA 99 10.21 49.15 5.93
C PHE BA 99 11.46 48.74 6.69
N GLY BA 100 12.26 47.84 6.14
CA GLY BA 100 13.54 47.50 6.71
C GLY BA 100 14.71 47.81 5.79
N PRO BA 101 14.73 49.00 5.19
CA PRO BA 101 15.44 49.17 3.91
C PRO BA 101 16.95 49.16 4.05
N TYR BA 102 17.62 48.74 2.98
CA TYR BA 102 19.05 48.92 2.90
C TYR BA 102 19.37 50.30 2.36
N TYR BA 103 20.64 50.56 2.17
CA TYR BA 103 21.11 51.88 1.79
C TYR BA 103 22.04 51.73 0.59
N THR BA 104 21.45 51.65 -0.59
CA THR BA 104 22.23 51.51 -1.80
C THR BA 104 21.42 51.98 -3.00
N GLU BA 105 22.09 52.05 -4.13
CA GLU BA 105 21.47 52.32 -5.43
C GLU BA 105 22.04 51.33 -6.43
N PRO BA 106 21.26 50.34 -6.81
CA PRO BA 106 21.76 49.35 -7.77
C PRO BA 106 21.74 49.88 -9.18
N VAL BA 107 22.70 49.43 -9.98
CA VAL BA 107 22.77 49.74 -11.40
C VAL BA 107 23.04 48.45 -12.15
N ILE BA 108 22.11 48.05 -13.02
CA ILE BA 108 22.30 46.90 -13.89
C ILE BA 108 22.75 47.39 -15.25
N ALA BA 109 23.89 46.87 -15.71
CA ALA BA 109 24.39 47.18 -17.05
C ALA BA 109 24.72 45.86 -17.73
N GLY BA 110 23.93 45.49 -18.72
CA GLY BA 110 24.18 44.24 -19.40
C GLY BA 110 23.59 44.21 -20.79
N LEU BA 111 24.26 43.47 -21.66
CA LEU BA 111 23.85 43.32 -23.04
C LEU BA 111 22.65 42.40 -23.14
N ASP BA 112 22.17 42.25 -24.35
CA ASP BA 112 21.18 41.22 -24.60
C ASP BA 112 21.84 39.86 -24.49
N PRO BA 113 21.14 38.85 -23.95
CA PRO BA 113 21.73 37.51 -23.91
C PRO BA 113 21.85 36.85 -25.27
N LYS BA 114 20.96 37.17 -26.21
CA LYS BA 114 21.00 36.56 -27.53
C LYS BA 114 21.64 37.46 -28.56
N THR BA 115 21.09 38.65 -28.77
CA THR BA 115 21.71 39.63 -29.63
C THR BA 115 22.72 40.39 -28.81
N PHE BA 116 23.27 41.45 -29.40
CA PHE BA 116 24.31 42.25 -28.75
C PHE BA 116 23.75 43.47 -28.04
N LYS BA 117 22.44 43.51 -27.87
CA LYS BA 117 21.76 44.77 -27.54
C LYS BA 117 22.05 45.20 -26.11
N PRO BA 118 22.71 46.34 -25.92
CA PRO BA 118 23.05 46.78 -24.56
C PRO BA 118 21.82 47.28 -23.83
N PHE BA 119 21.91 47.21 -22.50
CA PHE BA 119 20.80 47.62 -21.65
C PHE BA 119 21.36 48.19 -20.36
N ILE BA 120 20.78 49.32 -19.94
CA ILE BA 120 21.15 49.95 -18.68
C ILE BA 120 19.87 50.28 -17.91
N CYS BA 121 19.94 50.11 -16.59
CA CYS BA 121 18.88 50.58 -15.71
C CYS BA 121 19.49 50.80 -14.34
N SER BA 122 18.78 51.58 -13.53
CA SER BA 122 19.18 51.84 -12.17
C SER BA 122 17.94 51.99 -11.31
N LEU BA 123 18.08 51.60 -10.05
CA LEU BA 123 16.95 51.62 -9.12
C LEU BA 123 17.35 52.33 -7.84
N ASP BA 124 16.35 52.59 -7.02
CA ASP BA 124 16.54 53.31 -5.78
C ASP BA 124 16.80 52.33 -4.64
N LEU BA 125 16.75 52.84 -3.42
CA LEU BA 125 16.88 52.00 -2.24
C LEU BA 125 15.59 51.29 -1.89
N ILE BA 126 14.51 51.59 -2.60
CA ILE BA 126 13.23 50.92 -2.39
C ILE BA 126 12.87 50.00 -3.55
N GLY BA 127 13.51 50.18 -4.69
CA GLY BA 127 13.23 49.35 -5.84
C GLY BA 127 12.41 50.05 -6.89
N CYS BA 128 12.69 51.33 -7.13
CA CYS BA 128 11.96 52.07 -8.15
C CYS BA 128 12.65 51.91 -9.48
N PRO BA 129 12.03 51.28 -10.46
CA PRO BA 129 12.70 51.02 -11.74
C PRO BA 129 12.83 52.27 -12.59
N MET BA 130 13.94 52.33 -13.32
CA MET BA 130 14.23 53.46 -14.18
C MET BA 130 15.24 53.03 -15.22
N VAL BA 131 14.83 53.01 -16.48
CA VAL BA 131 15.71 52.68 -17.60
C VAL BA 131 16.01 53.97 -18.36
N THR BA 132 17.22 54.04 -18.93
CA THR BA 132 17.54 55.11 -19.88
C THR BA 132 18.18 54.51 -21.11
N ASP BA 133 18.73 55.38 -21.97
CA ASP BA 133 19.41 54.95 -23.18
C ASP BA 133 20.84 55.44 -23.25
N ASP BA 134 21.18 56.49 -22.52
CA ASP BA 134 22.47 57.16 -22.61
C ASP BA 134 23.41 56.73 -21.49
N PHE BA 135 22.97 56.91 -20.24
CA PHE BA 135 23.80 56.66 -19.07
C PHE BA 135 22.89 56.53 -17.87
N VAL BA 136 23.37 55.81 -16.87
CA VAL BA 136 22.81 55.80 -15.53
C VAL BA 136 23.98 55.96 -14.57
N VAL BA 137 23.79 56.83 -13.57
CA VAL BA 137 24.84 57.13 -12.61
C VAL BA 137 24.28 56.98 -11.21
N SER BA 138 25.16 56.72 -10.26
CA SER BA 138 24.76 56.52 -8.88
C SER BA 138 25.96 56.82 -7.98
N GLY BA 139 25.66 57.19 -6.74
CA GLY BA 139 26.67 57.50 -5.77
C GLY BA 139 26.40 58.81 -5.08
N THR BA 140 27.40 59.25 -4.31
CA THR BA 140 27.26 60.47 -3.52
C THR BA 140 27.28 61.69 -4.41
N CYS BA 141 28.34 61.85 -5.19
CA CYS BA 141 28.40 62.91 -6.17
C CYS BA 141 27.38 62.64 -7.27
N ALA BA 142 26.59 63.64 -7.62
CA ALA BA 142 25.62 63.47 -8.68
C ALA BA 142 25.80 64.45 -9.83
N GLU BA 143 25.75 65.76 -9.54
CA GLU BA 143 25.74 66.78 -10.58
C GLU BA 143 27.06 66.83 -11.33
N GLN BA 144 28.11 66.35 -10.67
CA GLN BA 144 29.34 66.00 -11.34
C GLN BA 144 29.05 65.07 -12.51
N MET BA 145 28.39 63.95 -12.23
CA MET BA 145 28.20 62.95 -13.26
C MET BA 145 27.10 63.35 -14.23
N TYR BA 146 26.06 64.04 -13.76
CA TYR BA 146 25.03 64.51 -14.66
C TYR BA 146 25.55 65.61 -15.56
N GLY BA 147 26.43 66.45 -15.02
CA GLY BA 147 27.01 67.51 -15.82
C GLY BA 147 27.94 66.97 -16.90
N MET BA 148 28.80 66.02 -16.53
CA MET BA 148 29.72 65.46 -17.51
C MET BA 148 28.99 64.61 -18.55
N CYS BA 149 28.07 63.77 -18.10
CA CYS BA 149 27.39 62.86 -19.02
C CYS BA 149 26.38 63.59 -19.89
N GLU BA 150 25.72 64.62 -19.36
CA GLU BA 150 24.94 65.48 -20.22
C GLU BA 150 25.80 66.42 -21.04
N SER BA 151 27.10 66.51 -20.74
CA SER BA 151 28.00 67.36 -21.48
C SER BA 151 28.74 66.64 -22.59
N LEU BA 152 28.74 65.31 -22.56
CA LEU BA 152 29.66 64.56 -23.40
C LEU BA 152 29.00 63.47 -24.24
N TRP BA 153 27.76 63.09 -23.94
CA TRP BA 153 27.22 61.88 -24.51
C TRP BA 153 26.84 62.05 -25.97
N GLU BA 154 27.26 61.11 -26.78
CA GLU BA 154 26.90 61.03 -28.17
C GLU BA 154 26.09 59.76 -28.40
N PRO BA 155 25.16 59.78 -29.36
CA PRO BA 155 24.30 58.61 -29.53
C PRO BA 155 25.02 57.38 -30.03
N ASN BA 156 25.92 57.52 -30.98
CA ASN BA 156 26.50 56.38 -31.68
C ASN BA 156 28.01 56.46 -31.53
N MET BA 157 28.57 55.63 -30.67
CA MET BA 157 29.94 55.81 -30.22
C MET BA 157 30.72 54.53 -30.38
N ASP BA 158 31.85 54.61 -31.07
CA ASP BA 158 32.85 53.56 -31.02
C ASP BA 158 33.30 53.32 -29.58
N PRO BA 159 33.72 52.10 -29.25
CA PRO BA 159 34.20 51.83 -27.88
C PRO BA 159 35.42 52.64 -27.48
N ASP BA 160 36.15 53.19 -28.44
CA ASP BA 160 37.28 54.05 -28.10
C ASP BA 160 36.81 55.37 -27.54
N HIS BA 161 35.94 56.09 -28.26
CA HIS BA 161 35.49 57.37 -27.75
C HIS BA 161 34.43 57.20 -26.66
N LEU BA 162 33.76 56.05 -26.64
CA LEU BA 162 32.97 55.69 -25.46
C LEU BA 162 33.88 55.59 -24.25
N PHE BA 163 35.02 54.91 -24.44
CA PHE BA 163 35.98 54.70 -23.37
C PHE BA 163 36.58 56.01 -22.88
N GLU BA 164 37.00 56.86 -23.81
CA GLU BA 164 37.64 58.12 -23.46
C GLU BA 164 36.62 59.10 -22.90
N THR BA 165 35.39 59.04 -23.41
CA THR BA 165 34.33 59.91 -22.93
C THR BA 165 33.97 59.60 -21.49
N ILE BA 166 33.76 58.32 -21.19
CA ILE BA 166 33.46 57.92 -19.83
C ILE BA 166 34.70 58.07 -18.95
N SER BA 167 35.89 58.09 -19.57
CA SER BA 167 37.12 58.34 -18.84
C SER BA 167 37.18 59.78 -18.35
N GLN BA 168 36.90 60.73 -19.23
CA GLN BA 168 36.94 62.13 -18.83
C GLN BA 168 35.81 62.46 -17.87
N ALA BA 169 34.65 61.82 -18.07
CA ALA BA 169 33.52 62.05 -17.19
C ALA BA 169 33.80 61.54 -15.79
N MET BA 170 34.36 60.34 -15.68
CA MET BA 170 34.71 59.79 -14.38
C MET BA 170 35.84 60.57 -13.73
N LEU BA 171 36.85 60.97 -14.52
CA LEU BA 171 37.99 61.64 -13.95
C LEU BA 171 37.63 63.01 -13.42
N ASN BA 172 36.98 63.82 -14.24
CA ASN BA 172 36.66 65.17 -13.82
C ASN BA 172 35.54 65.18 -12.79
N ALA BA 173 34.57 64.27 -12.96
CA ALA BA 173 33.44 64.20 -12.04
C ALA BA 173 33.87 63.72 -10.66
N VAL BA 174 34.68 62.68 -10.62
CA VAL BA 174 35.13 62.14 -9.34
C VAL BA 174 36.17 63.05 -8.70
N ASP BA 175 37.02 63.68 -9.51
CA ASP BA 175 37.98 64.63 -8.97
C ASP BA 175 37.30 65.89 -8.44
N ARG BA 176 36.12 66.20 -8.95
CA ARG BA 176 35.35 67.26 -8.31
C ARG BA 176 34.77 66.80 -6.98
N ASP BA 177 34.44 65.51 -6.86
CA ASP BA 177 33.99 64.98 -5.59
C ASP BA 177 35.16 64.89 -4.63
N ALA BA 178 34.84 64.99 -3.33
CA ALA BA 178 35.84 64.92 -2.28
C ALA BA 178 35.91 63.52 -1.67
N VAL BA 179 34.78 62.95 -1.30
CA VAL BA 179 34.78 61.72 -0.52
C VAL BA 179 35.03 60.47 -1.34
N SER BA 180 35.05 60.57 -2.66
CA SER BA 180 35.17 59.40 -3.52
C SER BA 180 36.29 59.67 -4.52
N GLY BA 181 37.19 58.70 -4.64
CA GLY BA 181 38.30 58.84 -5.58
C GLY BA 181 39.28 57.70 -5.53
N MET BA 182 40.56 58.06 -5.59
CA MET BA 182 41.70 57.18 -5.28
C MET BA 182 41.76 55.99 -6.23
N GLY BA 183 41.60 56.26 -7.51
CA GLY BA 183 41.59 55.22 -8.51
C GLY BA 183 40.20 55.02 -9.10
N VAL BA 184 40.19 54.63 -10.37
CA VAL BA 184 38.98 54.37 -11.13
C VAL BA 184 39.16 53.06 -11.88
N ILE BA 185 38.21 52.13 -11.70
CA ILE BA 185 38.20 50.87 -12.41
C ILE BA 185 37.09 50.91 -13.46
N VAL BA 186 37.36 50.28 -14.61
CA VAL BA 186 36.53 50.40 -15.81
C VAL BA 186 36.29 49.01 -16.40
N HIS BA 187 35.02 48.68 -16.62
CA HIS BA 187 34.62 47.49 -17.38
C HIS BA 187 33.83 47.91 -18.60
N ILE BA 188 34.49 47.98 -19.75
CA ILE BA 188 33.85 48.12 -21.04
C ILE BA 188 33.65 46.73 -21.61
N ILE BA 189 32.39 46.35 -21.84
CA ILE BA 189 32.10 45.01 -22.31
C ILE BA 189 31.43 45.07 -23.66
N GLU BA 190 31.48 43.95 -24.37
CA GLU BA 190 30.83 43.79 -25.67
C GLU BA 190 30.49 42.32 -25.84
N LYS BA 191 29.84 41.99 -26.96
CA LYS BA 191 29.51 40.61 -27.29
C LYS BA 191 30.76 39.77 -27.50
N ASP BA 192 31.79 40.36 -28.10
CA ASP BA 192 32.94 39.60 -28.53
C ASP BA 192 33.92 39.32 -27.41
N LYS BA 193 34.09 40.27 -26.50
CA LYS BA 193 35.04 40.11 -25.41
C LYS BA 193 34.65 41.02 -24.27
N ILE BA 194 35.44 40.98 -23.20
CA ILE BA 194 35.23 41.80 -22.02
C ILE BA 194 36.55 42.50 -21.71
N THR BA 195 36.49 43.82 -21.59
CA THR BA 195 37.67 44.63 -21.38
C THR BA 195 37.56 45.35 -20.04
N THR BA 196 38.62 45.24 -19.25
CA THR BA 196 38.69 45.95 -17.97
C THR BA 196 39.98 46.76 -17.96
N ARG BA 197 39.84 48.07 -17.82
CA ARG BA 197 41.00 48.93 -17.70
C ARG BA 197 40.90 49.76 -16.44
N THR BA 198 42.00 49.83 -15.72
CA THR BA 198 42.16 50.69 -14.57
C THR BA 198 42.85 51.96 -15.00
N LEU BA 199 42.41 53.09 -14.47
CA LEU BA 199 42.86 54.38 -14.97
C LEU BA 199 43.71 55.11 -13.95
N LYS BA 200 44.62 55.93 -14.46
CA LYS BA 200 45.52 56.71 -13.61
C LYS BA 200 44.77 57.93 -13.09
N ALA BA 201 44.12 57.74 -11.95
CA ALA BA 201 43.39 58.80 -11.30
C ALA BA 201 44.28 59.52 -10.29
N ARG BA 202 43.79 60.66 -9.82
CA ARG BA 202 44.51 61.40 -8.80
C ARG BA 202 44.40 60.70 -7.46
N MET BA 203 45.52 60.59 -6.76
CA MET BA 203 45.59 59.97 -5.46
C MET BA 203 45.55 61.00 -4.34
N ASP BA 204 45.15 62.22 -4.65
CA ASP BA 204 45.13 63.29 -3.68
C ASP BA 204 43.97 63.15 -2.69
N MET CA 1 38.96 53.78 21.01
CA MET CA 1 39.65 54.25 22.21
C MET CA 1 41.05 53.67 22.27
N GLU CA 2 41.13 52.39 22.65
CA GLU CA 2 42.43 51.74 22.81
C GLU CA 2 42.92 51.22 21.47
N TYR CA 3 44.05 50.53 21.48
CA TYR CA 3 44.77 50.33 20.23
C TYR CA 3 45.25 48.90 20.08
N LEU CA 4 45.32 48.47 18.83
CA LEU CA 4 46.07 47.28 18.43
C LEU CA 4 46.48 47.47 16.99
N ILE CA 5 47.43 46.67 16.55
CA ILE CA 5 48.02 46.82 15.22
C ILE CA 5 48.23 45.44 14.60
N GLY CA 6 47.97 45.38 13.28
CA GLY CA 6 47.82 44.15 12.53
C GLY CA 6 48.64 44.05 11.25
N ILE CA 7 49.91 44.42 11.31
CA ILE CA 7 50.76 44.52 10.11
C ILE CA 7 50.91 43.16 9.43
N GLN CA 8 50.55 43.11 8.15
CA GLN CA 8 50.73 41.94 7.32
C GLN CA 8 52.05 42.02 6.56
N GLY CA 9 52.81 40.92 6.60
CA GLY CA 9 54.05 40.83 5.88
C GLY CA 9 53.96 39.92 4.67
N PRO CA 10 55.11 39.56 4.09
CA PRO CA 10 55.09 38.59 2.98
C PRO CA 10 54.68 37.20 3.41
N ASP CA 11 55.25 36.68 4.49
CA ASP CA 11 54.93 35.33 4.97
C ASP CA 11 54.59 35.33 6.45
N TYR CA 12 54.37 36.50 7.02
CA TYR CA 12 54.18 36.58 8.47
C TYR CA 12 53.15 37.65 8.79
N VAL CA 13 52.50 37.49 9.94
CA VAL CA 13 51.58 38.48 10.44
C VAL CA 13 52.07 38.95 11.80
N LEU CA 14 52.43 40.23 11.88
CA LEU CA 14 52.90 40.83 13.12
C LEU CA 14 51.77 41.66 13.71
N VAL CA 15 51.34 41.29 14.92
CA VAL CA 15 50.27 42.00 15.61
C VAL CA 15 50.71 42.35 17.02
N ALA CA 16 50.09 43.39 17.57
CA ALA CA 16 50.41 43.85 18.93
C ALA CA 16 49.22 44.60 19.48
N SER CA 17 48.76 44.19 20.65
CA SER CA 17 47.63 44.83 21.32
C SER CA 17 48.07 45.39 22.66
N ASP CA 18 47.12 45.91 23.42
CA ASP CA 18 47.36 46.46 24.75
C ASP CA 18 46.99 45.46 25.82
N ARG CA 19 47.17 45.85 27.08
CA ARG CA 19 46.83 45.02 28.22
C ARG CA 19 45.94 45.79 29.18
N VAL CA 20 45.29 46.82 28.68
CA VAL CA 20 44.63 47.83 29.50
C VAL CA 20 43.15 47.49 29.61
N ALA CA 21 42.62 47.55 30.82
CA ALA CA 21 41.19 47.39 31.07
C ALA CA 21 40.71 48.45 32.06
N ALA CA 22 40.96 49.70 31.73
CA ALA CA 22 40.56 50.84 32.53
C ALA CA 22 39.05 51.01 32.58
N SER CA 23 38.57 51.74 33.61
CA SER CA 23 37.18 52.19 33.65
C SER CA 23 37.14 53.69 33.97
N ASN CA 24 37.37 54.51 32.94
CA ASN CA 24 37.00 55.91 32.79
C ASN CA 24 37.73 56.87 33.74
N ILE CA 25 38.32 56.35 34.81
CA ILE CA 25 39.03 57.17 35.76
C ILE CA 25 40.37 56.50 35.99
N VAL CA 26 40.31 55.24 36.38
CA VAL CA 26 41.47 54.49 36.78
C VAL CA 26 41.67 53.35 35.80
N GLN CA 27 42.89 52.83 35.77
CA GLN CA 27 43.17 51.59 35.08
C GLN CA 27 42.96 50.47 36.09
N MET CA 28 41.86 49.74 35.91
CA MET CA 28 41.59 48.64 36.82
C MET CA 28 42.54 47.48 36.55
N LYS CA 29 43.04 47.37 35.31
CA LYS CA 29 43.78 46.19 34.94
C LYS CA 29 44.81 46.51 33.87
N ASP CA 30 46.05 46.08 34.11
CA ASP CA 30 47.16 46.34 33.21
C ASP CA 30 47.78 45.06 32.66
N ASP CA 31 47.06 43.95 32.74
CA ASP CA 31 47.53 42.69 32.17
C ASP CA 31 46.40 42.00 31.43
N HIS CA 32 45.65 42.76 30.65
CA HIS CA 32 44.54 42.20 29.91
C HIS CA 32 45.04 41.56 28.62
N ASP CA 33 44.23 40.68 28.06
CA ASP CA 33 44.53 40.09 26.76
C ASP CA 33 43.30 40.21 25.87
N LYS CA 34 43.52 40.63 24.63
CA LYS CA 34 42.48 40.66 23.62
C LYS CA 34 42.80 39.74 22.45
N MET CA 35 43.92 39.02 22.53
CA MET CA 35 44.38 38.15 21.47
C MET CA 35 43.74 36.78 21.65
N PHE CA 36 42.97 36.36 20.65
CA PHE CA 36 42.12 35.18 20.77
C PHE CA 36 42.53 34.14 19.75
N LYS CA 37 43.03 33.01 20.25
CA LYS CA 37 43.50 31.92 19.39
C LYS CA 37 42.31 31.21 18.79
N MET CA 38 41.97 31.59 17.57
CA MET CA 38 40.84 30.97 16.91
C MET CA 38 41.19 29.56 16.45
N SER CA 39 42.34 29.43 15.81
CA SER CA 39 42.82 28.13 15.37
C SER CA 39 44.33 28.18 15.36
N GLU CA 40 44.95 27.26 14.62
CA GLU CA 40 46.39 27.15 14.63
C GLU CA 40 47.07 28.10 13.67
N LYS CA 41 46.31 28.80 12.84
CA LYS CA 41 46.91 29.76 11.92
C LYS CA 41 46.09 31.03 11.83
N ILE CA 42 45.04 31.16 12.65
CA ILE CA 42 44.06 32.24 12.53
C ILE CA 42 43.83 32.83 13.91
N LEU CA 43 43.93 34.16 14.00
CA LEU CA 43 43.79 34.91 15.22
C LEU CA 43 42.77 36.03 15.05
N LEU CA 44 42.33 36.55 16.19
CA LEU CA 44 41.29 37.57 16.24
C LEU CA 44 41.72 38.69 17.17
N LEU CA 45 41.50 39.93 16.73
CA LEU CA 45 41.54 41.06 17.63
C LEU CA 45 40.23 41.82 17.59
N CYS CA 46 39.91 42.41 18.74
CA CYS CA 46 38.61 43.00 18.98
C CYS CA 46 38.71 44.19 19.91
N VAL CA 47 38.12 45.31 19.50
CA VAL CA 47 37.88 46.45 20.37
C VAL CA 47 36.46 46.94 20.10
N GLY CA 48 35.62 46.87 21.12
CA GLY CA 48 34.26 47.37 20.99
C GLY CA 48 33.53 47.42 22.31
N GLU CA 49 32.23 47.13 22.29
CA GLU CA 49 31.46 47.09 23.52
C GLU CA 49 31.82 45.84 24.30
N ALA CA 50 32.37 46.04 25.50
CA ALA CA 50 33.02 45.00 26.28
C ALA CA 50 32.10 43.85 26.66
N GLY CA 51 30.80 44.08 26.72
CA GLY CA 51 29.87 42.98 26.89
C GLY CA 51 29.81 42.15 25.63
N ASP CA 52 29.75 42.82 24.47
CA ASP CA 52 29.66 42.12 23.20
C ASP CA 52 30.93 41.36 22.84
N THR CA 53 32.06 41.80 23.38
CA THR CA 53 33.35 41.22 23.05
C THR CA 53 33.44 39.79 23.52
N VAL CA 54 33.11 39.56 24.80
CA VAL CA 54 33.28 38.25 25.40
C VAL CA 54 32.31 37.26 24.78
N GLN CA 55 31.04 37.65 24.67
CA GLN CA 55 30.00 36.80 24.09
C GLN CA 55 30.30 36.49 22.64
N PHE CA 56 30.83 37.48 21.93
CA PHE CA 56 31.17 37.28 20.54
C PHE CA 56 32.36 36.34 20.41
N ALA CA 57 33.30 36.41 21.36
CA ALA CA 57 34.42 35.48 21.36
C ALA CA 57 33.96 34.07 21.70
N GLU CA 58 32.92 33.95 22.53
CA GLU CA 58 32.33 32.66 22.81
C GLU CA 58 31.73 32.05 21.55
N TYR CA 59 30.85 32.81 20.88
CA TYR CA 59 30.14 32.30 19.73
C TYR CA 59 31.08 31.98 18.58
N ILE CA 60 31.97 32.92 18.27
CA ILE CA 60 32.83 32.75 17.12
C ILE CA 60 33.93 31.75 17.42
N GLN CA 61 34.56 31.89 18.59
CA GLN CA 61 35.68 31.01 18.97
C GLN CA 61 35.23 29.57 19.09
N LYS CA 62 34.19 29.35 19.91
CA LYS CA 62 33.68 28.00 20.10
C LYS CA 62 33.01 27.47 18.83
N ASN CA 63 32.48 28.35 18.00
CA ASN CA 63 31.85 27.87 16.78
C ASN CA 63 32.89 27.42 15.77
N VAL CA 64 34.01 28.14 15.69
CA VAL CA 64 35.15 27.72 14.88
C VAL CA 64 35.68 26.38 15.37
N GLN CA 65 35.79 26.22 16.69
CA GLN CA 65 36.26 24.95 17.22
C GLN CA 65 35.25 23.84 16.99
N LEU CA 66 33.97 24.20 16.88
CA LEU CA 66 32.96 23.20 16.54
C LEU CA 66 33.11 22.75 15.09
N TYR CA 67 33.46 23.67 14.20
CA TYR CA 67 33.83 23.28 12.85
C TYR CA 67 35.05 22.39 12.86
N LYS CA 68 36.04 22.76 13.67
CA LYS CA 68 37.34 22.10 13.64
C LYS CA 68 37.24 20.67 14.13
N MET CA 69 36.53 20.47 15.23
CA MET CA 69 36.26 19.10 15.64
C MET CA 69 35.29 18.41 14.71
N ARG CA 70 34.41 19.17 14.07
CA ARG CA 70 33.31 18.54 13.34
C ARG CA 70 33.81 17.88 12.06
N ASN CA 71 34.32 18.66 11.12
CA ASN CA 71 34.87 18.09 9.90
C ASN CA 71 36.24 17.47 10.16
N GLY CA 72 37.08 18.18 10.90
CA GLY CA 72 38.37 17.61 11.23
C GLY CA 72 39.52 18.47 10.79
N TYR CA 73 39.23 19.63 10.21
CA TYR CA 73 40.29 20.47 9.69
C TYR CA 73 39.83 21.92 9.71
N GLU CA 74 40.81 22.81 9.61
CA GLU CA 74 40.66 24.23 9.86
C GLU CA 74 40.02 24.93 8.65
N LEU CA 75 39.22 25.94 8.95
CA LEU CA 75 38.67 26.81 7.92
C LEU CA 75 39.76 27.59 7.19
N SER CA 76 39.40 28.06 6.00
CA SER CA 76 40.11 29.15 5.41
C SER CA 76 39.88 30.40 6.25
N PRO CA 77 40.86 31.29 6.31
CA PRO CA 77 40.62 32.57 6.98
C PRO CA 77 39.59 33.43 6.26
N THR CA 78 39.47 33.25 4.94
CA THR CA 78 38.59 34.08 4.14
C THR CA 78 37.12 33.81 4.45
N ALA CA 79 36.71 32.55 4.34
CA ALA CA 79 35.31 32.20 4.57
C ALA CA 79 34.97 32.29 6.06
N ALA CA 80 35.99 32.21 6.91
CA ALA CA 80 35.79 32.52 8.32
C ALA CA 80 35.48 34.00 8.51
N ALA CA 81 36.20 34.86 7.78
CA ALA CA 81 35.94 36.28 7.85
C ALA CA 81 34.56 36.61 7.31
N ASN CA 82 34.16 35.93 6.24
CA ASN CA 82 32.82 36.09 5.71
C ASN CA 82 31.78 35.55 6.68
N PHE CA 83 32.15 34.54 7.45
CA PHE CA 83 31.25 34.03 8.46
C PHE CA 83 31.01 35.03 9.56
N THR CA 84 32.08 35.66 10.05
CA THR CA 84 31.95 36.60 11.14
C THR CA 84 31.24 37.86 10.71
N ARG CA 85 31.63 38.40 9.54
CA ARG CA 85 30.94 39.55 8.98
C ARG CA 85 29.48 39.22 8.69
N ARG CA 86 29.22 37.98 8.29
CA ARG CA 86 27.85 37.51 8.17
C ARG CA 86 27.13 37.60 9.50
N ASN CA 87 27.80 37.23 10.58
CA ASN CA 87 27.15 37.23 11.88
C ASN CA 87 26.91 38.65 12.38
N LEU CA 88 27.81 39.58 12.10
CA LEU CA 88 27.55 40.98 12.43
C LEU CA 88 26.40 41.52 11.60
N ALA CA 89 26.36 41.14 10.33
CA ALA CA 89 25.32 41.63 9.45
C ALA CA 89 23.95 41.09 9.86
N ASP CA 90 23.93 39.90 10.42
CA ASP CA 90 22.68 39.38 10.94
C ASP CA 90 22.34 40.03 12.28
N CYS CA 91 23.35 40.26 13.10
CA CYS CA 91 23.16 40.79 14.44
C CYS CA 91 22.72 42.24 14.44
N LEU CA 92 23.11 43.02 13.42
CA LEU CA 92 22.92 44.46 13.46
C LEU CA 92 21.45 44.84 13.36
N ARG CA 93 20.82 44.50 12.24
CA ARG CA 93 19.41 44.79 12.04
C ARG CA 93 18.58 43.84 12.89
N SER CA 94 18.56 44.11 14.19
CA SER CA 94 17.89 43.26 15.16
C SER CA 94 17.59 44.10 16.39
N ARG CA 95 16.87 43.50 17.33
CA ARG CA 95 16.64 44.15 18.61
C ARG CA 95 17.88 44.25 19.46
N THR CA 96 18.90 43.43 19.19
CA THR CA 96 20.17 43.49 19.89
C THR CA 96 21.29 43.46 18.86
N PRO CA 97 21.83 44.60 18.50
CA PRO CA 97 23.05 44.64 17.69
C PRO CA 97 24.28 44.61 18.58
N TYR CA 98 25.41 44.33 17.96
CA TYR CA 98 26.70 44.40 18.62
C TYR CA 98 27.46 45.60 18.09
N HIS CA 99 28.26 46.21 18.94
CA HIS CA 99 29.12 47.31 18.50
C HIS CA 99 30.55 46.94 18.86
N VAL CA 100 31.18 46.17 17.98
CA VAL CA 100 32.58 45.80 18.15
C VAL CA 100 33.30 46.01 16.83
N ASN CA 101 34.62 46.14 16.92
CA ASN CA 101 35.47 46.49 15.80
C ASN CA 101 36.60 45.48 15.75
N LEU CA 102 36.81 44.88 14.58
CA LEU CA 102 37.57 43.65 14.50
C LEU CA 102 38.65 43.73 13.43
N LEU CA 103 39.59 42.80 13.57
CA LEU CA 103 40.51 42.45 12.49
C LEU CA 103 40.99 41.02 12.72
N LEU CA 104 41.14 40.29 11.62
CA LEU CA 104 41.57 38.90 11.66
C LEU CA 104 42.97 38.74 11.13
N ALA CA 105 43.62 37.67 11.56
CA ALA CA 105 44.99 37.38 11.20
C ALA CA 105 45.10 35.90 10.85
N GLY CA 106 44.90 35.57 9.59
CA GLY CA 106 44.90 34.19 9.17
C GLY CA 106 46.19 33.82 8.50
N TYR CA 107 46.41 32.51 8.39
CA TYR CA 107 47.53 32.00 7.60
C TYR CA 107 47.06 30.78 6.85
N ASP CA 108 47.47 30.67 5.59
CA ASP CA 108 47.20 29.51 4.77
C ASP CA 108 48.51 28.89 4.33
N GLU CA 109 48.50 27.56 4.21
CA GLU CA 109 49.60 26.87 3.58
C GLU CA 109 49.64 27.15 2.08
N HIS CA 110 48.51 27.49 1.50
CA HIS CA 110 48.41 27.78 0.08
C HIS CA 110 48.50 29.27 -0.22
N GLU CA 111 47.72 30.08 0.48
CA GLU CA 111 47.69 31.50 0.21
C GLU CA 111 48.69 32.28 1.05
N GLY CA 112 49.38 31.62 1.97
CA GLY CA 112 50.24 32.34 2.88
C GLY CA 112 49.38 33.12 3.86
N PRO CA 113 49.96 34.14 4.44
CA PRO CA 113 49.24 34.91 5.45
C PRO CA 113 48.19 35.81 4.83
N ALA CA 114 47.17 36.13 5.63
CA ALA CA 114 46.03 36.89 5.16
C ALA CA 114 45.56 37.83 6.29
N LEU CA 115 45.18 39.03 5.90
CA LEU CA 115 44.82 40.09 6.84
C LEU CA 115 43.44 40.62 6.50
N TYR CA 116 42.55 40.62 7.47
CA TYR CA 116 41.21 41.15 7.26
C TYR CA 116 40.88 42.15 8.35
N TYR CA 117 39.85 42.95 8.11
CA TYR CA 117 39.53 44.08 8.99
C TYR CA 117 38.03 44.32 8.97
N MET CA 118 37.41 44.25 10.13
CA MET CA 118 35.97 44.45 10.16
C MET CA 118 35.61 45.83 10.69
N ASP CA 119 34.31 46.00 10.93
CA ASP CA 119 33.71 47.29 11.28
C ASP CA 119 32.75 47.00 12.43
N TYR CA 120 32.20 48.07 13.01
CA TYR CA 120 30.97 47.93 13.78
C TYR CA 120 29.76 48.01 12.89
N LEU CA 121 29.99 48.20 11.59
CA LEU CA 121 28.95 48.20 10.58
C LEU CA 121 29.18 47.10 9.56
N ALA CA 122 29.93 46.07 9.96
CA ALA CA 122 30.09 44.80 9.22
C ALA CA 122 30.66 45.02 7.82
N ALA CA 123 31.90 45.49 7.77
CA ALA CA 123 32.57 45.75 6.51
C ALA CA 123 33.75 44.81 6.34
N LEU CA 124 33.81 44.15 5.19
CA LEU CA 124 34.95 43.31 4.85
C LEU CA 124 36.09 44.17 4.32
N ALA CA 125 37.32 43.75 4.61
CA ALA CA 125 38.48 44.50 4.16
C ALA CA 125 39.68 43.58 4.02
N LYS CA 126 40.61 43.97 3.16
CA LYS CA 126 41.85 43.24 2.92
C LYS CA 126 42.98 44.27 2.96
N ALA CA 127 43.87 44.14 3.93
CA ALA CA 127 44.78 45.26 4.12
C ALA CA 127 46.24 44.82 4.08
N PRO CA 128 47.16 45.76 3.91
CA PRO CA 128 48.57 45.45 4.18
C PRO CA 128 48.88 45.60 5.65
N PHE CA 129 48.06 46.40 6.33
CA PHE CA 129 48.24 46.74 7.74
C PHE CA 129 46.97 47.42 8.20
N ALA CA 130 46.58 47.19 9.45
CA ALA CA 130 45.33 47.73 9.97
C ALA CA 130 45.42 47.94 11.47
N ALA CA 131 44.57 48.84 11.96
CA ALA CA 131 44.59 49.22 13.36
C ALA CA 131 43.21 49.73 13.75
N HIS CA 132 43.08 50.07 15.03
CA HIS CA 132 41.83 50.63 15.54
C HIS CA 132 42.15 51.80 16.44
N GLY CA 133 41.09 52.41 16.97
CA GLY CA 133 41.23 53.43 17.99
C GLY CA 133 41.73 54.77 17.49
N TYR CA 134 41.87 55.72 18.40
CA TYR CA 134 42.33 57.05 18.06
C TYR CA 134 43.81 57.08 17.71
N GLY CA 135 44.58 56.12 18.21
CA GLY CA 135 45.99 56.10 17.91
C GLY CA 135 46.29 55.70 16.47
N ALA CA 136 45.29 55.11 15.79
CA ALA CA 136 45.46 54.55 14.46
C ALA CA 136 45.86 55.59 13.43
N PHE CA 137 45.46 56.84 13.66
CA PHE CA 137 45.86 57.95 12.79
C PHE CA 137 47.37 58.17 12.87
N LEU CA 138 47.84 58.45 14.08
CA LEU CA 138 49.24 58.81 14.32
C LEU CA 138 50.16 57.65 13.99
N THR CA 139 49.67 56.44 14.18
CA THR CA 139 50.47 55.29 13.79
C THR CA 139 50.48 55.08 12.28
N LEU CA 140 49.31 55.14 11.62
CA LEU CA 140 49.26 54.63 10.25
C LEU CA 140 49.88 55.61 9.27
N SER CA 141 50.02 56.88 9.66
CA SER CA 141 50.79 57.80 8.83
C SER CA 141 52.25 57.39 8.77
N ILE CA 142 52.82 57.05 9.92
CA ILE CA 142 54.22 56.61 9.98
C ILE CA 142 54.37 55.26 9.30
N LEU CA 143 53.40 54.37 9.53
CA LEU CA 143 53.46 53.04 8.94
C LEU CA 143 53.25 53.10 7.44
N ASP CA 144 52.49 54.09 6.98
CA ASP CA 144 52.40 54.42 5.57
C ASP CA 144 53.72 54.97 5.05
N ARG CA 145 54.45 55.70 5.88
CA ARG CA 145 55.67 56.33 5.42
C ARG CA 145 56.79 55.32 5.23
N TYR CA 146 56.94 54.38 6.14
CA TYR CA 146 58.09 53.49 6.09
C TYR CA 146 57.68 52.08 5.72
N TYR CA 147 56.73 51.95 4.81
CA TYR CA 147 56.23 50.64 4.46
C TYR CA 147 57.05 50.05 3.33
N THR CA 148 57.29 48.75 3.42
CA THR CA 148 57.81 47.96 2.34
C THR CA 148 56.90 46.75 2.28
N PRO CA 149 56.41 46.37 1.09
CA PRO CA 149 55.66 45.12 0.99
C PRO CA 149 56.50 43.90 1.27
N THR CA 150 57.69 43.83 0.69
CA THR CA 150 58.56 42.68 0.90
C THR CA 150 59.62 43.06 1.95
N ILE CA 151 59.18 43.02 3.20
CA ILE CA 151 60.00 43.50 4.30
C ILE CA 151 60.24 42.35 5.27
N SER CA 152 61.41 42.37 5.92
CA SER CA 152 61.73 41.34 6.88
C SER CA 152 60.98 41.61 8.17
N ARG CA 153 60.82 40.55 8.95
CA ARG CA 153 60.06 40.65 10.19
C ARG CA 153 60.79 41.49 11.23
N GLU CA 154 62.11 41.58 11.14
CA GLU CA 154 62.86 42.35 12.13
C GLU CA 154 62.76 43.83 11.84
N ARG CA 155 62.65 44.20 10.56
CA ARG CA 155 62.34 45.59 10.24
C ARG CA 155 60.95 45.96 10.70
N ALA CA 156 60.04 45.00 10.69
CA ALA CA 156 58.70 45.24 11.21
C ALA CA 156 58.73 45.39 12.72
N VAL CA 157 59.59 44.61 13.38
CA VAL CA 157 59.80 44.75 14.82
C VAL CA 157 60.36 46.13 15.14
N GLU CA 158 61.37 46.56 14.39
CA GLU CA 158 62.02 47.82 14.68
C GLU CA 158 61.12 49.00 14.35
N LEU CA 159 60.39 48.92 13.25
CA LEU CA 159 59.43 49.96 12.92
C LEU CA 159 58.29 49.98 13.92
N LEU CA 160 57.99 48.83 14.52
CA LEU CA 160 57.01 48.79 15.58
C LEU CA 160 57.53 49.47 16.85
N ARG CA 161 58.82 49.27 17.14
CA ARG CA 161 59.47 49.96 18.24
C ARG CA 161 59.41 51.46 18.04
N LYS CA 162 59.75 51.90 16.83
CA LYS CA 162 59.68 53.31 16.46
C LYS CA 162 58.28 53.86 16.64
N CYS CA 163 57.29 53.12 16.16
CA CYS CA 163 55.92 53.59 16.16
C CYS CA 163 55.37 53.68 17.57
N LEU CA 164 55.76 52.74 18.42
CA LEU CA 164 55.39 52.80 19.82
C LEU CA 164 56.10 53.94 20.54
N GLU CA 165 57.33 54.24 20.14
CA GLU CA 165 58.03 55.37 20.74
C GLU CA 165 57.38 56.69 20.36
N GLU CA 166 56.91 56.84 19.13
CA GLU CA 166 56.08 57.98 18.80
C GLU CA 166 54.71 57.92 19.46
N LEU CA 167 54.26 56.73 19.86
CA LEU CA 167 52.99 56.62 20.54
C LEU CA 167 53.08 57.18 21.95
N GLN CA 168 54.24 57.11 22.58
CA GLN CA 168 54.38 57.75 23.89
C GLN CA 168 54.63 59.23 23.80
N LYS CA 169 54.74 59.77 22.59
CA LYS CA 169 55.12 61.16 22.42
C LYS CA 169 53.94 62.11 22.46
N ARG CA 170 52.97 61.95 21.58
CA ARG CA 170 51.85 62.85 21.51
C ARG CA 170 50.56 62.08 21.65
N PHE CA 171 50.47 61.24 22.66
CA PHE CA 171 49.19 60.62 22.94
C PHE CA 171 48.82 60.87 24.39
N ILE CA 172 47.54 61.07 24.61
CA ILE CA 172 47.07 61.57 25.88
C ILE CA 172 47.00 60.49 26.96
N LEU CA 173 46.75 59.25 26.60
CA LEU CA 173 46.56 58.22 27.61
C LEU CA 173 47.90 57.66 28.06
N ASN CA 174 47.84 56.60 28.86
CA ASN CA 174 49.05 56.01 29.41
C ASN CA 174 49.61 54.96 28.45
N LEU CA 175 48.86 53.86 28.27
CA LEU CA 175 49.18 52.69 27.46
C LEU CA 175 50.60 52.15 27.66
N PRO CA 176 50.91 51.55 28.80
CA PRO CA 176 52.29 51.10 29.01
C PRO CA 176 52.69 49.84 28.26
N THR CA 177 51.84 48.80 28.27
CA THR CA 177 52.29 47.46 27.95
C THR CA 177 51.55 46.91 26.75
N PHE CA 178 52.31 46.50 25.73
CA PHE CA 178 51.74 46.00 24.49
C PHE CA 178 52.22 44.57 24.24
N SER CA 179 51.29 43.64 24.21
CA SER CA 179 51.59 42.26 23.89
C SER CA 179 51.71 42.11 22.37
N VAL CA 180 52.51 41.14 21.94
CA VAL CA 180 52.86 40.95 20.53
C VAL CA 180 52.73 39.48 20.18
N ARG CA 181 52.09 39.18 19.06
CA ARG CA 181 52.23 37.87 18.44
C ARG CA 181 52.90 37.97 17.08
N ILE CA 182 53.23 36.81 16.54
CA ILE CA 182 53.70 36.68 15.16
C ILE CA 182 53.16 35.36 14.62
N ILE CA 183 52.77 35.39 13.36
CA ILE CA 183 52.31 34.21 12.64
C ILE CA 183 53.38 33.88 11.59
N ASP CA 184 53.55 32.60 11.28
CA ASP CA 184 54.53 32.19 10.28
C ASP CA 184 53.92 31.03 9.47
N LYS CA 185 54.80 30.27 8.84
CA LYS CA 185 54.41 28.98 8.27
C LYS CA 185 53.96 28.01 9.35
N ASN CA 186 54.54 28.07 10.55
CA ASN CA 186 54.15 27.15 11.61
C ASN CA 186 52.80 27.56 12.18
N GLY CA 187 52.74 28.76 12.76
CA GLY CA 187 51.52 29.26 13.34
C GLY CA 187 51.78 30.39 14.31
N ILE CA 188 51.12 30.32 15.47
CA ILE CA 188 51.16 31.40 16.44
C ILE CA 188 52.43 31.26 17.25
N HIS CA 189 53.19 32.34 17.35
CA HIS CA 189 54.33 32.40 18.24
C HIS CA 189 54.24 33.70 19.01
N ASP CA 190 54.30 33.61 20.32
CA ASP CA 190 54.18 34.80 21.15
C ASP CA 190 55.52 35.47 21.26
N LEU CA 191 55.58 36.72 20.83
CA LEU CA 191 56.73 37.54 21.12
C LEU CA 191 56.53 38.20 22.47
N ASP CA 192 57.57 38.86 22.96
CA ASP CA 192 57.55 39.38 24.32
C ASP CA 192 56.59 40.55 24.46
N ASN CA 193 56.16 40.78 25.69
CA ASN CA 193 55.38 41.95 26.03
C ASN CA 193 56.26 43.18 25.88
N ILE CA 194 55.70 44.24 25.32
CA ILE CA 194 56.48 45.43 25.00
C ILE CA 194 55.95 46.56 25.84
N SER CA 195 56.81 47.06 26.72
CA SER CA 195 56.58 48.23 27.52
C SER CA 195 57.79 49.14 27.42
N PHE CA 196 57.66 50.36 27.95
CA PHE CA 196 58.72 51.34 27.79
C PHE CA 196 58.95 52.16 29.05
N PRO CA 197 60.21 52.39 29.40
CA PRO CA 197 60.54 53.48 30.33
C PRO CA 197 60.29 54.82 29.65
N LYS CA 198 59.45 55.64 30.28
CA LYS CA 198 59.09 56.93 29.70
C LYS CA 198 60.24 57.92 29.80
N GLN CA 199 60.55 58.35 31.02
CA GLN CA 199 61.64 59.28 31.24
C GLN CA 199 62.82 58.59 31.90
N THR DA 59 29.10 54.23 50.09
CA THR DA 59 29.25 52.88 49.58
C THR DA 59 30.63 52.68 48.99
N THR DA 60 31.39 51.77 49.61
CA THR DA 60 32.68 51.35 49.09
C THR DA 60 33.03 49.99 49.67
N THR DA 61 33.23 49.03 48.80
CA THR DA 61 33.67 47.69 49.11
C THR DA 61 35.04 47.47 48.49
N LEU DA 62 35.74 46.48 48.99
CA LEU DA 62 37.02 46.09 48.41
C LEU DA 62 37.30 44.64 48.77
N ALA DA 63 38.18 44.03 47.98
CA ALA DA 63 38.65 42.69 48.25
C ALA DA 63 39.97 42.51 47.52
N PHE DA 64 40.86 41.72 48.11
CA PHE DA 64 42.09 41.40 47.43
C PHE DA 64 42.59 40.05 47.91
N LYS DA 65 43.10 39.26 46.98
CA LYS DA 65 43.74 38.01 47.36
C LYS DA 65 45.24 38.20 47.42
N PHE DA 66 45.87 37.39 48.25
CA PHE DA 66 47.31 37.40 48.44
C PHE DA 66 47.70 36.00 48.91
N ARG DA 67 48.96 35.87 49.34
CA ARG DA 67 49.58 34.61 49.73
C ARG DA 67 48.73 33.83 50.74
N HIS DA 68 48.27 34.51 51.77
CA HIS DA 68 47.39 33.88 52.74
C HIS DA 68 45.95 34.26 52.42
N GLY DA 69 45.48 33.80 51.27
CA GLY DA 69 44.05 33.81 51.00
C GLY DA 69 43.51 35.18 50.62
N VAL DA 70 42.21 35.36 50.81
CA VAL DA 70 41.50 36.52 50.30
C VAL DA 70 40.99 37.36 51.47
N ILE DA 71 41.13 38.67 51.35
CA ILE DA 71 40.64 39.64 52.31
C ILE DA 71 39.43 40.34 51.71
N VAL DA 72 38.31 40.33 52.44
CA VAL DA 72 37.06 40.91 52.00
C VAL DA 72 36.63 41.97 53.00
N ALA DA 73 36.55 43.22 52.54
CA ALA DA 73 36.26 44.33 53.44
C ALA DA 73 35.20 45.24 52.84
N ALA DA 74 34.27 45.68 53.68
CA ALA DA 74 33.20 46.53 53.18
C ALA DA 74 32.65 47.41 54.30
N ASP DA 75 31.89 48.42 53.90
CA ASP DA 75 31.15 49.26 54.83
C ASP DA 75 29.72 48.75 54.97
N SER DA 76 28.88 49.52 55.67
CA SER DA 76 27.50 49.08 55.83
C SER DA 76 26.50 50.22 55.72
N ARG DA 77 26.90 51.36 55.18
CA ARG DA 77 26.03 52.50 55.05
C ARG DA 77 25.19 52.39 53.78
N ALA DA 78 23.87 52.40 53.95
CA ALA DA 78 22.95 52.48 52.82
C ALA DA 78 22.10 53.73 53.01
N THR DA 79 22.16 54.62 52.04
CA THR DA 79 21.36 55.82 52.08
C THR DA 79 20.31 55.80 50.99
N ALA DA 80 19.38 56.75 51.05
CA ALA DA 80 18.38 56.95 50.01
C ALA DA 80 18.57 58.38 49.53
N GLY DA 81 19.42 58.55 48.53
CA GLY DA 81 19.74 59.87 48.03
C GLY DA 81 20.56 60.66 49.04
N ALA DA 82 19.93 61.65 49.66
CA ALA DA 82 20.56 62.44 50.70
C ALA DA 82 20.14 62.00 52.10
N TYR DA 83 19.37 60.95 52.20
CA TYR DA 83 18.84 60.48 53.48
C TYR DA 83 19.37 59.10 53.80
N ILE DA 84 19.91 58.93 54.99
CA ILE DA 84 20.42 57.64 55.43
C ILE DA 84 19.26 56.71 55.71
N ALA DA 85 19.21 55.60 54.98
CA ALA DA 85 18.28 54.54 55.36
C ALA DA 85 18.78 53.85 56.62
N SER DA 86 19.94 53.20 56.53
CA SER DA 86 20.50 52.48 57.67
C SER DA 86 22.01 52.57 57.63
N GLN DA 87 22.61 52.05 58.69
CA GLN DA 87 24.05 51.91 58.82
C GLN DA 87 24.47 50.49 59.06
N THR DA 88 23.53 49.55 59.01
CA THR DA 88 23.72 48.18 59.47
C THR DA 88 23.48 47.20 58.34
N VAL DA 89 24.02 47.50 57.17
CA VAL DA 89 23.63 46.77 55.97
C VAL DA 89 24.76 45.83 55.57
N LYS DA 90 24.51 44.54 55.69
CA LYS DA 90 25.51 43.53 55.36
C LYS DA 90 25.66 43.45 53.86
N LYS DA 91 26.56 44.26 53.32
CA LYS DA 91 26.73 44.36 51.88
C LYS DA 91 27.40 43.11 51.31
N VAL DA 92 28.27 42.48 52.10
CA VAL DA 92 28.90 41.24 51.67
C VAL DA 92 27.84 40.14 51.81
N ILE DA 93 27.27 39.73 50.69
CA ILE DA 93 26.30 38.65 50.70
C ILE DA 93 27.04 37.32 50.81
N GLU DA 94 26.83 36.62 51.92
CA GLU DA 94 27.50 35.34 52.14
C GLU DA 94 26.86 34.28 51.28
N ILE DA 95 27.56 33.88 50.23
CA ILE DA 95 27.02 32.90 49.31
C ILE DA 95 27.07 31.50 49.90
N ASN DA 96 28.25 31.05 50.26
CA ASN DA 96 28.40 29.66 50.64
C ASN DA 96 29.31 29.56 51.85
N PRO DA 97 29.51 28.36 52.40
CA PRO DA 97 30.70 28.14 53.22
C PRO DA 97 32.01 28.24 52.45
N TYR DA 98 31.94 28.29 51.13
CA TYR DA 98 33.12 28.40 50.29
C TYR DA 98 33.04 29.54 49.29
N LEU DA 99 31.97 30.33 49.30
CA LEU DA 99 31.80 31.46 48.39
C LEU DA 99 31.20 32.65 49.11
N LEU DA 100 31.64 33.84 48.70
CA LEU DA 100 31.14 35.11 49.22
C LEU DA 100 31.03 36.11 48.08
N GLY DA 101 29.97 36.93 48.12
CA GLY DA 101 29.75 37.95 47.12
C GLY DA 101 29.40 39.27 47.76
N THR DA 102 29.40 40.33 46.97
CA THR DA 102 29.23 41.69 47.48
C THR DA 102 27.93 42.29 46.94
N MET DA 103 27.48 43.37 47.58
CA MET DA 103 26.41 44.19 47.02
C MET DA 103 27.05 45.48 46.52
N ALA DA 104 27.26 45.54 45.22
CA ALA DA 104 27.93 46.70 44.61
C ALA DA 104 27.00 47.25 43.53
N GLY DA 105 26.09 48.13 43.95
CA GLY DA 105 25.15 48.70 43.01
C GLY DA 105 23.94 47.80 42.92
N GLY DA 106 22.76 48.32 43.25
CA GLY DA 106 21.55 47.53 43.19
C GLY DA 106 21.38 46.63 44.38
N ALA DA 107 20.22 46.71 45.05
CA ALA DA 107 20.06 45.91 46.25
C ALA DA 107 19.46 44.56 45.91
N ALA DA 108 18.25 44.55 45.36
CA ALA DA 108 17.59 43.31 45.03
C ALA DA 108 18.18 42.69 43.78
N ASP DA 109 18.98 43.46 43.03
CA ASP DA 109 19.76 42.88 41.97
C ASP DA 109 20.85 41.99 42.54
N CYS DA 110 21.59 42.49 43.52
CA CYS DA 110 22.63 41.66 44.13
C CYS DA 110 22.00 40.59 45.01
N SER DA 111 20.94 40.93 45.72
CA SER DA 111 20.29 39.99 46.62
C SER DA 111 19.64 38.86 45.84
N PHE DA 112 18.81 39.22 44.87
CA PHE DA 112 18.16 38.26 43.99
C PHE DA 112 19.19 37.46 43.21
N TRP DA 113 19.97 38.15 42.38
CA TRP DA 113 20.78 37.46 41.38
C TRP DA 113 21.89 36.66 42.04
N GLU DA 114 22.44 37.16 43.15
CA GLU DA 114 23.40 36.34 43.86
C GLU DA 114 22.72 35.19 44.60
N ARG DA 115 21.46 35.36 45.03
CA ARG DA 115 20.76 34.23 45.62
C ARG DA 115 20.49 33.15 44.58
N LEU DA 116 20.13 33.57 43.37
CA LEU DA 116 19.90 32.64 42.27
C LEU DA 116 21.19 31.96 41.86
N LEU DA 117 22.31 32.65 41.97
CA LEU DA 117 23.57 32.00 41.64
C LEU DA 117 23.96 31.01 42.73
N ALA DA 118 23.65 31.33 43.99
CA ALA DA 118 23.90 30.37 45.07
C ALA DA 118 23.02 29.14 44.90
N ARG DA 119 21.78 29.36 44.51
CA ARG DA 119 20.89 28.29 44.05
C ARG DA 119 21.55 27.45 42.97
N GLN DA 120 22.10 28.10 41.96
CA GLN DA 120 22.59 27.37 40.80
C GLN DA 120 23.85 26.58 41.11
N CYS DA 121 24.71 27.14 41.96
CA CYS DA 121 25.88 26.39 42.40
C CYS DA 121 25.49 25.22 43.27
N ARG DA 122 24.42 25.38 44.05
CA ARG DA 122 23.87 24.26 44.78
C ARG DA 122 23.37 23.17 43.85
N ILE DA 123 22.75 23.56 42.74
CA ILE DA 123 22.32 22.61 41.72
C ILE DA 123 23.51 21.89 41.12
N TYR DA 124 24.57 22.64 40.83
CA TYR DA 124 25.79 22.07 40.24
C TYR DA 124 26.42 21.06 41.17
N GLU DA 125 26.55 21.40 42.44
CA GLU DA 125 27.27 20.53 43.34
C GLU DA 125 26.40 19.35 43.75
N LEU DA 126 25.09 19.50 43.71
CA LEU DA 126 24.25 18.34 43.94
C LEU DA 126 24.23 17.39 42.74
N ARG DA 127 24.29 17.92 41.53
CA ARG DA 127 24.32 17.04 40.37
C ARG DA 127 25.65 16.35 40.19
N ASN DA 128 26.74 17.10 40.32
CA ASN DA 128 28.04 16.62 39.96
C ASN DA 128 28.86 16.14 41.14
N LYS DA 129 28.27 16.20 42.35
CA LYS DA 129 28.89 15.76 43.60
C LYS DA 129 30.22 16.47 43.83
N GLU DA 130 30.28 17.76 43.49
CA GLU DA 130 31.58 18.39 43.34
C GLU DA 130 31.47 19.89 43.48
N ARG DA 131 32.38 20.47 44.25
CA ARG DA 131 32.34 21.89 44.54
C ARG DA 131 32.69 22.68 43.28
N ILE DA 132 31.99 23.81 43.09
CA ILE DA 132 32.14 24.53 41.84
C ILE DA 132 33.40 25.38 41.88
N SER DA 133 33.93 25.66 40.70
CA SER DA 133 34.97 26.66 40.57
C SER DA 133 34.36 28.05 40.69
N VAL DA 134 35.21 29.02 40.99
CA VAL DA 134 34.76 30.40 41.12
C VAL DA 134 34.53 31.01 39.75
N ALA DA 135 35.37 30.63 38.79
CA ALA DA 135 35.33 31.22 37.45
C ALA DA 135 34.04 30.87 36.72
N ALA DA 136 33.57 29.63 36.89
CA ALA DA 136 32.36 29.22 36.21
C ALA DA 136 31.14 29.91 36.81
N ALA DA 137 31.15 30.12 38.13
CA ALA DA 137 30.03 30.79 38.77
C ALA DA 137 29.97 32.26 38.36
N SER DA 138 31.14 32.91 38.30
CA SER DA 138 31.20 34.27 37.79
C SER DA 138 30.78 34.33 36.33
N LYS DA 139 31.11 33.28 35.59
CA LYS DA 139 30.77 33.18 34.18
C LYS DA 139 29.26 33.13 33.99
N LEU DA 140 28.61 32.21 34.69
CA LEU DA 140 27.17 32.04 34.53
C LEU DA 140 26.41 33.21 35.14
N LEU DA 141 27.00 33.85 36.14
CA LEU DA 141 26.47 35.12 36.62
C LEU DA 141 26.45 36.15 35.51
N ALA DA 142 27.55 36.26 34.77
CA ALA DA 142 27.61 37.22 33.67
C ALA DA 142 26.64 36.84 32.57
N ASN DA 143 26.43 35.54 32.35
CA ASN DA 143 25.45 35.10 31.38
C ASN DA 143 24.04 35.50 31.80
N MET DA 144 23.75 35.41 33.10
CA MET DA 144 22.42 35.75 33.55
C MET DA 144 22.19 37.26 33.55
N VAL DA 145 23.23 38.03 33.86
CA VAL DA 145 23.09 39.47 33.87
C VAL DA 145 22.98 40.01 32.45
N TYR DA 146 23.66 39.37 31.50
CA TYR DA 146 23.73 39.85 30.13
C TYR DA 146 22.38 39.89 29.45
N GLN DA 147 21.46 39.06 29.87
CA GLN DA 147 20.15 38.92 29.25
C GLN DA 147 19.23 40.05 29.51
N TYR DA 148 19.67 41.04 30.27
CA TYR DA 148 18.89 42.22 30.56
C TYR DA 148 19.74 43.45 30.35
N LYS DA 149 20.66 43.36 29.39
CA LYS DA 149 21.61 44.43 29.15
C LYS DA 149 20.90 45.64 28.57
N GLY DA 150 21.18 46.81 29.12
CA GLY DA 150 20.52 48.02 28.73
C GLY DA 150 19.17 48.23 29.34
N MET DA 151 18.69 47.28 30.14
CA MET DA 151 17.36 47.41 30.73
C MET DA 151 17.38 48.11 32.07
N GLY DA 152 18.47 48.77 32.42
CA GLY DA 152 18.51 49.59 33.61
C GLY DA 152 18.75 48.77 34.87
N LEU DA 153 19.86 48.05 34.93
CA LEU DA 153 20.22 47.30 36.12
C LEU DA 153 21.61 47.71 36.58
N SER DA 154 21.74 48.00 37.87
CA SER DA 154 23.02 48.31 38.48
C SER DA 154 23.49 47.07 39.22
N MET DA 155 24.65 46.55 38.82
CA MET DA 155 25.28 45.44 39.52
C MET DA 155 26.75 45.40 39.13
N GLY DA 156 27.63 45.65 40.09
CA GLY DA 156 29.06 45.63 39.79
C GLY DA 156 29.84 44.82 40.80
N THR DA 157 29.28 43.69 41.21
CA THR DA 157 29.74 43.02 42.42
C THR DA 157 31.09 42.32 42.21
N MET DA 158 31.59 41.81 43.33
CA MET DA 158 32.83 41.06 43.36
C MET DA 158 32.53 39.62 43.80
N ILE DA 159 33.28 38.70 43.23
CA ILE DA 159 33.08 37.28 43.48
C ILE DA 159 34.34 36.74 44.14
N CYS DA 160 34.17 36.16 45.32
CA CYS DA 160 35.29 35.69 46.11
C CYS DA 160 35.07 34.26 46.53
N GLY DA 161 36.12 33.47 46.43
CA GLY DA 161 36.05 32.08 46.82
C GLY DA 161 37.41 31.42 46.71
N TRP DA 162 37.41 30.11 46.88
CA TRP DA 162 38.63 29.32 46.79
C TRP DA 162 38.48 28.28 45.69
N ASP DA 163 39.58 28.05 44.97
CA ASP DA 163 39.60 27.13 43.85
C ASP DA 163 40.54 25.98 44.17
N LYS DA 164 40.33 24.86 43.46
CA LYS DA 164 41.35 23.84 43.38
C LYS DA 164 42.63 24.39 42.77
N ARG DA 165 42.50 25.38 41.88
CA ARG DA 165 43.66 26.13 41.44
C ARG DA 165 44.19 27.08 42.50
N GLY DA 166 43.41 27.38 43.53
CA GLY DA 166 43.90 28.16 44.64
C GLY DA 166 42.96 29.28 45.02
N PRO DA 167 43.49 30.48 45.14
CA PRO DA 167 42.63 31.65 45.41
C PRO DA 167 41.75 31.96 44.22
N GLY DA 168 40.53 32.38 44.50
CA GLY DA 168 39.58 32.70 43.46
C GLY DA 168 38.98 34.07 43.61
N LEU DA 169 39.27 34.96 42.66
CA LEU DA 169 38.82 36.34 42.72
C LEU DA 169 38.38 36.77 41.33
N TYR DA 170 37.12 37.16 41.20
CA TYR DA 170 36.59 37.62 39.94
C TYR DA 170 35.77 38.87 40.16
N TYR DA 171 35.57 39.61 39.08
CA TYR DA 171 34.94 40.91 39.16
C TYR DA 171 34.01 41.07 37.97
N VAL DA 172 32.71 41.05 38.25
CA VAL DA 172 31.69 41.00 37.22
C VAL DA 172 30.85 42.26 37.34
N ASP DA 173 30.53 42.88 36.22
CA ASP DA 173 29.71 44.08 36.20
C ASP DA 173 28.43 43.84 35.40
N SER DA 174 27.51 44.80 35.55
CA SER DA 174 26.28 44.79 34.77
C SER DA 174 26.54 45.01 33.29
N GLU DA 175 27.69 45.58 32.93
CA GLU DA 175 28.03 45.74 31.53
C GLU DA 175 28.76 44.56 30.94
N GLY DA 176 28.69 43.40 31.59
CA GLY DA 176 29.40 42.24 31.11
C GLY DA 176 30.89 42.37 31.28
N ASN DA 177 31.34 43.08 32.31
CA ASN DA 177 32.76 43.33 32.48
C ASN DA 177 33.36 42.29 33.43
N ARG DA 178 33.12 41.02 33.10
CA ARG DA 178 33.65 39.92 33.88
C ARG DA 178 35.15 39.83 33.70
N ILE DA 179 35.90 40.13 34.75
CA ILE DA 179 37.35 40.04 34.73
C ILE DA 179 37.83 39.36 36.00
N SER DA 180 39.02 38.80 35.93
CA SER DA 180 39.74 38.43 37.13
C SER DA 180 40.67 39.56 37.53
N GLY DA 181 41.51 39.29 38.53
CA GLY DA 181 42.47 40.27 38.98
C GLY DA 181 42.90 39.95 40.39
N ALA DA 182 43.63 40.88 40.98
CA ALA DA 182 44.20 40.68 42.31
C ALA DA 182 43.66 41.63 43.36
N THR DA 183 43.38 42.87 43.01
CA THR DA 183 42.82 43.85 43.93
C THR DA 183 41.63 44.53 43.29
N PHE DA 184 40.55 44.68 44.05
CA PHE DA 184 39.38 45.39 43.55
C PHE DA 184 38.73 46.17 44.67
N SER DA 185 37.96 47.18 44.26
CA SER DA 185 37.21 48.04 45.15
C SER DA 185 36.12 48.70 44.33
N VAL DA 186 34.88 48.57 44.77
CA VAL DA 186 33.75 49.12 44.04
C VAL DA 186 33.09 50.14 44.95
N GLY DA 187 32.48 51.15 44.36
CA GLY DA 187 31.68 52.08 45.12
C GLY DA 187 32.10 53.51 44.86
N SER DA 188 31.49 54.41 45.61
CA SER DA 188 31.71 55.84 45.39
C SER DA 188 33.12 56.24 45.79
N GLY DA 189 33.55 55.88 46.99
CA GLY DA 189 34.90 56.22 47.40
C GLY DA 189 35.88 55.10 47.16
N SER DA 190 35.61 54.29 46.12
CA SER DA 190 36.48 53.17 45.81
C SER DA 190 37.86 53.64 45.34
N VAL DA 191 37.92 54.81 44.71
CA VAL DA 191 39.19 55.37 44.25
C VAL DA 191 40.08 55.72 45.42
N TYR DA 192 39.49 56.05 46.57
CA TYR DA 192 40.26 56.26 47.78
C TYR DA 192 40.91 54.96 48.20
N ALA DA 193 40.16 53.86 48.08
CA ALA DA 193 40.65 52.56 48.50
C ALA DA 193 41.71 52.03 47.56
N TYR DA 194 41.64 52.40 46.28
CA TYR DA 194 42.75 52.06 45.39
C TYR DA 194 43.96 52.92 45.71
N GLY DA 195 43.73 54.14 46.20
CA GLY DA 195 44.83 54.96 46.67
C GLY DA 195 45.57 54.34 47.83
N VAL DA 196 44.90 54.19 48.97
CA VAL DA 196 45.59 53.74 50.18
C VAL DA 196 45.89 52.24 50.12
N MET DA 197 45.02 51.46 49.48
CA MET DA 197 45.28 50.04 49.33
C MET DA 197 46.43 49.78 48.39
N ASP DA 198 46.42 50.45 47.23
CA ASP DA 198 47.50 50.25 46.28
C ASP DA 198 48.79 50.90 46.75
N ARG DA 199 48.73 51.85 47.67
CA ARG DA 199 49.88 52.16 48.49
C ARG DA 199 50.33 50.94 49.27
N GLY DA 200 49.50 50.48 50.20
CA GLY DA 200 49.96 49.48 51.12
C GLY DA 200 49.96 48.05 50.62
N TYR DA 201 49.84 47.82 49.31
CA TYR DA 201 49.69 46.46 48.82
C TYR DA 201 51.02 45.74 48.75
N SER DA 202 51.01 44.49 49.21
CA SER DA 202 51.99 43.50 48.79
C SER DA 202 51.28 42.16 48.68
N TYR DA 203 51.94 41.20 48.04
CA TYR DA 203 51.42 39.85 47.99
C TYR DA 203 51.76 39.05 49.23
N ASP DA 204 52.89 39.33 49.86
CA ASP DA 204 53.41 38.54 50.96
C ASP DA 204 53.08 39.13 52.31
N LEU DA 205 51.94 39.81 52.41
CA LEU DA 205 51.53 40.39 53.68
C LEU DA 205 51.13 39.30 54.66
N GLU DA 206 50.99 39.70 55.91
CA GLU DA 206 50.49 38.75 56.88
C GLU DA 206 49.00 38.96 57.08
N VAL DA 207 48.47 38.27 58.06
CA VAL DA 207 47.02 38.22 58.25
C VAL DA 207 46.54 39.48 58.95
N GLU DA 208 47.14 39.80 60.09
CA GLU DA 208 46.79 41.02 60.79
C GLU DA 208 47.31 42.24 60.06
N GLN DA 209 48.38 42.08 59.28
CA GLN DA 209 48.85 43.14 58.40
C GLN DA 209 47.78 43.52 57.39
N ALA DA 210 47.21 42.53 56.72
CA ALA DA 210 46.15 42.80 55.76
C ALA DA 210 44.89 43.27 56.47
N TYR DA 211 44.69 42.83 57.72
CA TYR DA 211 43.55 43.28 58.51
C TYR DA 211 43.60 44.77 58.77
N ASP DA 212 44.75 45.25 59.25
CA ASP DA 212 44.87 46.66 59.55
C ASP DA 212 45.05 47.48 58.28
N LEU DA 213 45.52 46.84 57.22
CA LEU DA 213 45.63 47.52 55.93
C LEU DA 213 44.27 47.82 55.36
N ALA DA 214 43.46 46.77 55.19
CA ALA DA 214 42.14 46.96 54.60
C ALA DA 214 41.22 47.71 55.55
N ARG DA 215 41.41 47.51 56.85
CA ARG DA 215 40.63 48.21 57.86
C ARG DA 215 40.94 49.69 57.84
N ARG DA 216 42.24 50.01 57.74
CA ARG DA 216 42.68 51.39 57.55
C ARG DA 216 42.13 51.98 56.26
N ALA DA 217 42.06 51.16 55.20
CA ALA DA 217 41.63 51.63 53.90
C ALA DA 217 40.14 51.98 53.91
N ILE DA 218 39.34 51.12 54.53
CA ILE DA 218 37.93 51.40 54.73
C ILE DA 218 37.75 52.64 55.60
N TYR DA 219 38.63 52.80 56.60
CA TYR DA 219 38.55 53.96 57.48
C TYR DA 219 38.82 55.25 56.72
N GLN DA 220 39.76 55.22 55.79
CA GLN DA 220 40.04 56.41 54.99
C GLN DA 220 38.92 56.67 54.00
N ALA DA 221 38.40 55.61 53.39
CA ALA DA 221 37.38 55.76 52.36
C ALA DA 221 36.08 56.30 52.95
N THR DA 222 35.60 55.66 54.02
CA THR DA 222 34.45 56.16 54.75
C THR DA 222 34.72 57.50 55.40
N TYR DA 223 35.99 57.79 55.70
CA TYR DA 223 36.31 59.10 56.23
C TYR DA 223 36.13 60.18 55.19
N ARG DA 224 36.51 59.91 53.94
CA ARG DA 224 36.47 60.97 52.95
C ARG DA 224 35.15 61.04 52.21
N ASP DA 225 34.51 59.90 51.98
CA ASP DA 225 33.23 59.91 51.30
C ASP DA 225 32.14 60.36 52.26
N ALA DA 226 31.13 61.02 51.69
CA ALA DA 226 29.92 61.31 52.44
C ALA DA 226 28.92 60.16 52.41
N TYR DA 227 29.13 59.19 51.53
CA TYR DA 227 28.20 58.11 51.29
C TYR DA 227 28.61 56.80 51.94
N SER DA 228 29.72 56.77 52.66
CA SER DA 228 30.26 55.51 53.14
C SER DA 228 30.43 55.56 54.65
N GLY DA 229 30.06 54.47 55.30
CA GLY DA 229 30.15 54.41 56.75
C GLY DA 229 29.38 53.22 57.30
N GLY DA 230 28.95 53.37 58.54
CA GLY DA 230 28.28 52.28 59.22
C GLY DA 230 29.27 51.36 59.91
N ALA DA 231 29.00 50.06 59.79
CA ALA DA 231 29.91 49.07 60.31
C ALA DA 231 30.96 48.71 59.27
N VAL DA 232 32.07 48.15 59.74
CA VAL DA 232 33.15 47.71 58.88
C VAL DA 232 33.16 46.18 58.93
N ASN DA 233 32.66 45.56 57.87
CA ASN DA 233 32.63 44.12 57.79
C ASN DA 233 33.92 43.60 57.19
N LEU DA 234 34.47 42.59 57.84
CA LEU DA 234 35.75 42.03 57.43
C LEU DA 234 35.64 40.51 57.47
N TYR DA 235 35.71 39.89 56.30
CA TYR DA 235 35.72 38.44 56.17
C TYR DA 235 37.03 38.02 55.56
N HIS DA 236 37.44 36.80 55.84
CA HIS DA 236 38.69 36.26 55.32
C HIS DA 236 38.47 34.90 54.70
N VAL DA 237 38.64 34.83 53.39
CA VAL DA 237 38.56 33.56 52.67
C VAL DA 237 39.88 32.85 52.82
N ARG DA 238 39.82 31.58 53.20
CA ARG DA 238 40.96 30.73 53.36
C ARG DA 238 40.94 29.69 52.25
N GLU DA 239 41.81 28.69 52.39
CA GLU DA 239 41.74 27.55 51.49
C GLU DA 239 40.49 26.72 51.74
N ASP DA 240 40.26 26.31 52.97
CA ASP DA 240 39.17 25.42 53.33
C ASP DA 240 37.80 26.08 53.16
N GLY DA 241 37.73 27.36 53.46
CA GLY DA 241 36.49 28.11 53.39
C GLY DA 241 36.71 29.44 54.05
N TRP DA 242 35.71 30.31 53.91
CA TRP DA 242 35.89 31.65 54.43
C TRP DA 242 35.79 31.66 55.94
N ILE DA 243 36.25 32.77 56.53
CA ILE DA 243 36.19 32.98 57.96
C ILE DA 243 35.85 34.44 58.20
N ARG DA 244 34.80 34.68 58.97
CA ARG DA 244 34.53 36.03 59.43
C ARG DA 244 35.64 36.50 60.35
N VAL DA 245 36.08 37.74 60.18
CA VAL DA 245 37.07 38.28 61.09
C VAL DA 245 36.36 39.12 62.14
N SER DA 246 35.75 40.22 61.69
CA SER DA 246 35.21 41.22 62.61
C SER DA 246 34.32 42.17 61.84
N SER DA 247 33.71 43.09 62.60
CA SER DA 247 32.95 44.21 62.04
C SER DA 247 33.05 45.33 63.08
N ASP DA 248 33.60 46.47 62.69
CA ASP DA 248 34.01 47.50 63.62
C ASP DA 248 33.34 48.82 63.30
N ASN DA 249 33.00 49.60 64.32
CA ASN DA 249 32.44 50.91 64.06
C ASN DA 249 33.52 51.86 63.56
N VAL DA 250 33.07 52.82 62.75
CA VAL DA 250 33.97 53.85 62.22
C VAL DA 250 34.47 54.74 63.35
N ALA DA 251 33.59 55.06 64.30
CA ALA DA 251 33.99 55.91 65.41
C ALA DA 251 34.99 55.21 66.32
N ASP DA 252 34.91 53.90 66.43
CA ASP DA 252 35.88 53.15 67.22
C ASP DA 252 37.24 53.17 66.56
N LEU DA 253 37.26 52.98 65.23
CA LEU DA 253 38.50 53.09 64.48
C LEU DA 253 38.95 54.53 64.35
N HIS DA 254 38.07 55.48 64.66
CA HIS DA 254 38.47 56.86 64.67
C HIS DA 254 39.21 57.20 65.94
N GLU DA 255 38.64 56.85 67.09
CA GLU DA 255 39.32 57.07 68.35
C GLU DA 255 40.58 56.22 68.44
N LYS DA 256 40.55 55.04 67.82
CA LYS DA 256 41.72 54.20 67.75
C LYS DA 256 42.77 54.79 66.81
N TYR DA 257 42.36 55.16 65.62
CA TYR DA 257 43.29 55.43 64.54
C TYR DA 257 43.73 56.87 64.45
N SER DA 258 43.03 57.80 65.11
CA SER DA 258 43.56 59.15 65.23
C SER DA 258 44.73 59.20 66.19
N GLY DA 259 44.84 58.23 67.08
CA GLY DA 259 45.82 58.27 68.14
C GLY DA 259 45.13 58.37 69.48
N ARG EA 28 -1.23 62.73 30.49
CA ARG EA 28 -1.82 61.41 30.28
C ARG EA 28 -1.94 60.67 31.60
N PHE EA 29 -2.33 59.40 31.51
CA PHE EA 29 -2.46 58.53 32.68
C PHE EA 29 -1.16 58.38 33.44
N SER EA 30 -1.17 58.76 34.68
CA SER EA 30 -0.09 58.38 35.57
C SER EA 30 -0.47 57.12 36.31
N PRO EA 31 0.43 56.14 36.40
CA PRO EA 31 0.10 54.94 37.16
C PRO EA 31 0.22 55.12 38.66
N TYR EA 32 1.02 56.05 39.13
CA TYR EA 32 1.35 56.11 40.54
C TYR EA 32 0.79 57.38 41.15
N VAL EA 33 0.40 57.28 42.41
CA VAL EA 33 -0.03 58.44 43.19
C VAL EA 33 0.28 58.15 44.65
N PHE EA 34 0.52 59.21 45.41
CA PHE EA 34 0.91 59.10 46.81
C PHE EA 34 -0.33 59.24 47.68
N ASN EA 35 -0.52 58.30 48.59
CA ASN EA 35 -1.71 58.31 49.43
C ASN EA 35 -1.45 58.77 50.84
N GLY EA 36 -0.20 58.82 51.28
CA GLY EA 36 0.09 59.12 52.66
C GLY EA 36 0.33 57.86 53.47
N GLY EA 37 0.63 58.07 54.75
CA GLY EA 37 0.86 56.98 55.67
C GLY EA 37 2.13 57.19 56.48
N THR EA 38 2.18 56.52 57.63
CA THR EA 38 3.35 56.49 58.48
C THR EA 38 3.26 55.26 59.37
N ILE EA 39 4.30 54.43 59.33
CA ILE EA 39 4.29 53.13 59.99
C ILE EA 39 5.40 53.11 61.02
N LEU EA 40 5.09 52.63 62.21
CA LEU EA 40 6.12 52.39 63.21
C LEU EA 40 6.03 50.96 63.72
N ALA EA 41 7.18 50.29 63.73
CA ALA EA 41 7.29 48.95 64.27
C ALA EA 41 8.51 48.90 65.18
N ILE EA 42 8.31 48.29 66.35
CA ILE EA 42 9.36 48.12 67.34
C ILE EA 42 9.43 46.66 67.73
N ALA EA 43 10.57 46.04 67.50
CA ALA EA 43 10.83 44.68 67.97
C ALA EA 43 11.18 44.74 69.44
N GLY EA 44 10.23 44.40 70.31
CA GLY EA 44 10.47 44.31 71.73
C GLY EA 44 11.21 43.04 72.08
N GLU EA 45 11.36 42.81 73.38
CA GLU EA 45 12.13 41.66 73.81
C GLU EA 45 11.36 40.37 73.60
N ASP EA 46 10.06 40.39 73.87
CA ASP EA 46 9.21 39.26 73.55
C ASP EA 46 7.90 39.72 72.94
N PHE EA 47 7.92 40.86 72.27
CA PHE EA 47 6.72 41.48 71.76
C PHE EA 47 7.10 42.30 70.54
N ALA EA 48 6.09 42.76 69.82
CA ALA EA 48 6.32 43.57 68.62
C ALA EA 48 5.19 44.57 68.52
N ILE EA 49 5.52 45.86 68.52
CA ILE EA 49 4.51 46.90 68.54
C ILE EA 49 4.50 47.59 67.19
N VAL EA 50 3.37 47.49 66.50
CA VAL EA 50 3.20 48.08 65.18
C VAL EA 50 2.01 49.03 65.25
N ALA EA 51 2.27 50.32 65.10
CA ALA EA 51 1.23 51.32 65.08
C ALA EA 51 1.31 52.10 63.77
N SER EA 52 0.15 52.58 63.34
CA SER EA 52 0.06 53.37 62.12
C SER EA 52 -1.21 54.20 62.19
N ASP EA 53 -1.16 55.39 61.64
CA ASP EA 53 -2.31 56.28 61.65
C ASP EA 53 -3.40 55.76 60.71
N THR EA 54 -4.57 56.39 60.81
CA THR EA 54 -5.74 55.93 60.09
C THR EA 54 -6.18 56.95 59.04
N ARG EA 55 -5.49 58.09 58.99
CA ARG EA 55 -5.84 59.16 58.08
C ARG EA 55 -5.53 58.76 56.64
N LEU EA 56 -6.50 58.93 55.76
CA LEU EA 56 -6.33 58.63 54.34
C LEU EA 56 -6.71 59.87 53.53
N SER EA 57 -5.83 60.26 52.63
CA SER EA 57 -5.97 61.52 51.93
C SER EA 57 -5.28 61.46 50.58
N GLU EA 58 -5.48 62.51 49.79
CA GLU EA 58 -4.74 62.68 48.55
C GLU EA 58 -4.72 64.17 48.22
N GLY EA 59 -3.53 64.68 47.89
CA GLY EA 59 -3.40 66.02 47.39
C GLY EA 59 -3.73 67.04 48.45
N PHE EA 60 -4.93 67.61 48.33
CA PHE EA 60 -5.44 68.52 49.34
C PHE EA 60 -6.84 68.10 49.75
N SER EA 61 -7.09 66.80 49.73
CA SER EA 61 -8.39 66.29 50.12
C SER EA 61 -8.21 65.03 50.94
N ILE EA 62 -8.95 64.96 52.03
CA ILE EA 62 -8.90 63.84 52.95
C ILE EA 62 -9.93 62.84 52.47
N HIS EA 63 -9.51 61.61 52.22
CA HIS EA 63 -10.49 60.62 51.83
C HIS EA 63 -11.25 60.10 53.03
N THR EA 64 -10.54 59.68 54.07
CA THR EA 64 -11.17 59.36 55.34
C THR EA 64 -10.17 59.55 56.46
N ARG EA 65 -10.68 59.50 57.67
CA ARG EA 65 -9.83 59.51 58.86
C ARG EA 65 -9.69 58.11 59.45
N ASP EA 66 -10.13 57.09 58.70
CA ASP EA 66 -10.15 55.74 59.25
C ASP EA 66 -9.61 54.79 58.18
N SER EA 67 -8.34 54.45 58.30
CA SER EA 67 -7.68 53.49 57.43
C SER EA 67 -6.53 52.84 58.15
N PRO EA 68 -6.75 51.73 58.85
CA PRO EA 68 -5.65 51.06 59.54
C PRO EA 68 -4.73 50.33 58.55
N LYS EA 69 -3.46 50.72 58.55
CA LYS EA 69 -2.48 50.09 57.67
C LYS EA 69 -1.88 48.86 58.30
N CYS EA 70 -2.28 48.53 59.53
CA CYS EA 70 -1.82 47.33 60.19
C CYS EA 70 -2.69 46.15 59.80
N TYR EA 71 -2.07 45.01 59.54
CA TYR EA 71 -2.82 43.84 59.11
C TYR EA 71 -2.29 42.61 59.81
N LYS EA 72 -3.10 42.08 60.72
CA LYS EA 72 -2.75 40.93 61.54
C LYS EA 72 -2.73 39.70 60.65
N LEU EA 73 -1.53 39.23 60.33
CA LEU EA 73 -1.44 38.12 59.40
C LEU EA 73 -1.62 36.80 60.13
N THR EA 74 -0.72 36.52 61.06
CA THR EA 74 -0.87 35.39 61.96
C THR EA 74 -1.04 35.92 63.36
N ASP EA 75 -0.98 35.01 64.33
CA ASP EA 75 -0.92 35.42 65.72
C ASP EA 75 0.42 36.01 66.09
N LYS EA 76 1.47 35.72 65.34
CA LYS EA 76 2.78 36.30 65.60
C LYS EA 76 3.33 36.99 64.35
N THR EA 77 2.47 37.56 63.51
CA THR EA 77 2.94 38.37 62.39
C THR EA 77 1.85 39.35 62.00
N VAL EA 78 2.21 40.63 62.02
CA VAL EA 78 1.36 41.73 61.56
C VAL EA 78 2.20 42.56 60.61
N ILE EA 79 1.61 42.97 59.48
CA ILE EA 79 2.32 43.79 58.51
C ILE EA 79 1.74 45.20 58.52
N GLY EA 80 2.61 46.18 58.29
CA GLY EA 80 2.20 47.52 57.96
C GLY EA 80 2.66 47.84 56.54
N CYS EA 81 1.77 48.50 55.80
CA CYS EA 81 1.99 48.78 54.39
C CYS EA 81 1.55 50.21 54.09
N SER EA 82 2.40 50.95 53.40
CA SER EA 82 2.09 52.32 53.01
C SER EA 82 2.44 52.55 51.54
N GLY EA 83 2.21 53.78 51.10
CA GLY EA 83 2.47 54.15 49.73
C GLY EA 83 1.22 54.13 48.88
N PHE EA 84 1.27 53.48 47.72
CA PHE EA 84 0.09 53.39 46.89
C PHE EA 84 -0.89 52.38 47.48
N HIS EA 85 -2.12 52.83 47.70
CA HIS EA 85 -3.03 52.09 48.54
C HIS EA 85 -3.59 50.86 47.84
N GLY EA 86 -3.86 50.97 46.54
CA GLY EA 86 -4.44 49.84 45.82
C GLY EA 86 -3.48 48.67 45.71
N ASP EA 87 -2.19 48.96 45.59
CA ASP EA 87 -1.20 47.90 45.62
C ASP EA 87 -1.07 47.30 47.00
N CYS EA 88 -1.36 48.09 48.04
CA CYS EA 88 -1.36 47.55 49.39
C CYS EA 88 -2.52 46.57 49.56
N LEU EA 89 -3.69 46.93 49.01
CA LEU EA 89 -4.84 46.04 49.08
C LEU EA 89 -4.60 44.77 48.28
N THR EA 90 -4.22 44.94 47.01
CA THR EA 90 -3.96 43.84 46.10
C THR EA 90 -2.91 42.90 46.64
N LEU EA 91 -1.76 43.46 47.01
CA LEU EA 91 -0.65 42.71 47.53
C LEU EA 91 -1.01 42.00 48.82
N THR EA 92 -1.81 42.67 49.65
CA THR EA 92 -2.30 42.06 50.89
C THR EA 92 -3.10 40.81 50.61
N LYS EA 93 -4.00 40.89 49.64
CA LYS EA 93 -4.83 39.75 49.30
C LYS EA 93 -4.00 38.62 48.70
N ILE EA 94 -2.97 38.98 47.94
CA ILE EA 94 -2.05 38.00 47.41
C ILE EA 94 -1.32 37.28 48.54
N ILE EA 95 -0.91 38.05 49.55
CA ILE EA 95 -0.20 37.51 50.70
C ILE EA 95 -1.06 36.52 51.45
N GLU EA 96 -2.32 36.89 51.69
CA GLU EA 96 -3.24 36.02 52.41
C GLU EA 96 -3.51 34.74 51.64
N ALA EA 97 -3.60 34.87 50.31
CA ALA EA 97 -3.75 33.71 49.45
C ALA EA 97 -2.57 32.77 49.58
N ARG EA 98 -1.36 33.31 49.58
CA ARG EA 98 -0.18 32.45 49.65
C ARG EA 98 0.02 31.89 51.05
N LEU EA 99 -0.49 32.59 52.07
CA LEU EA 99 -0.60 32.00 53.40
C LEU EA 99 -1.45 30.75 53.36
N LYS EA 100 -2.58 30.83 52.67
CA LYS EA 100 -3.43 29.66 52.52
C LYS EA 100 -2.77 28.59 51.67
N MET EA 101 -1.90 29.00 50.74
CA MET EA 101 -1.18 28.04 49.94
C MET EA 101 -0.17 27.27 50.77
N TYR EA 102 0.59 27.99 51.61
CA TYR EA 102 1.58 27.34 52.46
C TYR EA 102 0.91 26.45 53.48
N LYS EA 103 -0.18 26.91 54.07
CA LYS EA 103 -0.77 26.15 55.15
C LYS EA 103 -1.55 24.96 54.62
N HIS EA 104 -2.38 25.18 53.62
CA HIS EA 104 -3.15 24.08 53.04
C HIS EA 104 -2.28 23.16 52.21
N SER EA 105 -1.08 23.59 51.88
CA SER EA 105 -0.06 22.72 51.33
C SER EA 105 0.72 21.98 52.41
N ASN EA 106 0.89 22.59 53.57
CA ASN EA 106 2.02 22.25 54.42
C ASN EA 106 1.62 22.09 55.88
N ASN EA 107 0.35 22.29 56.19
CA ASN EA 107 -0.28 21.91 57.45
C ASN EA 107 0.28 22.68 58.63
N LYS EA 108 0.81 23.88 58.37
CA LYS EA 108 1.43 24.71 59.39
C LYS EA 108 1.57 26.12 58.86
N ALA EA 109 1.85 27.05 59.78
CA ALA EA 109 1.99 28.45 59.41
C ALA EA 109 3.42 28.78 59.04
N MET EA 110 3.60 29.96 58.45
CA MET EA 110 4.92 30.41 58.06
C MET EA 110 5.65 31.00 59.26
N THR EA 111 6.97 31.04 59.15
CA THR EA 111 7.76 31.86 60.05
C THR EA 111 7.79 33.26 59.45
N THR EA 112 8.15 34.24 60.25
CA THR EA 112 8.17 35.64 59.85
C THR EA 112 9.19 35.90 58.75
N GLY EA 113 10.39 35.32 58.88
CA GLY EA 113 11.39 35.48 57.86
C GLY EA 113 11.06 34.78 56.56
N ALA EA 114 10.27 33.71 56.64
CA ALA EA 114 9.79 33.07 55.42
C ALA EA 114 8.83 33.97 54.68
N ILE EA 115 8.01 34.70 55.43
CA ILE EA 115 7.14 35.70 54.85
C ILE EA 115 7.97 36.82 54.23
N ALA EA 116 9.07 37.17 54.87
CA ALA EA 116 9.98 38.17 54.32
C ALA EA 116 10.61 37.68 53.03
N ALA EA 117 10.94 36.39 52.97
CA ALA EA 117 11.55 35.81 51.79
C ALA EA 117 10.59 35.80 50.63
N MET EA 118 9.42 35.19 50.84
CA MET EA 118 8.41 35.06 49.80
C MET EA 118 7.92 36.43 49.35
N LEU EA 119 7.71 37.33 50.30
CA LEU EA 119 7.33 38.70 49.99
C LEU EA 119 8.39 39.39 49.17
N SER EA 120 9.65 39.18 49.51
CA SER EA 120 10.73 39.84 48.79
C SER EA 120 10.83 39.32 47.36
N THR EA 121 10.55 38.03 47.16
CA THR EA 121 10.49 37.50 45.81
C THR EA 121 9.32 38.09 45.04
N ILE EA 122 8.20 38.33 45.72
CA ILE EA 122 7.07 38.95 45.08
C ILE EA 122 7.39 40.38 44.67
N LEU EA 123 8.14 41.08 45.53
CA LEU EA 123 8.57 42.43 45.21
C LEU EA 123 9.54 42.44 44.04
N TYR EA 124 10.38 41.42 43.95
CA TYR EA 124 11.25 41.37 42.79
C TYR EA 124 10.48 40.96 41.55
N SER EA 125 9.36 40.26 41.73
CA SER EA 125 8.61 39.72 40.60
C SER EA 125 8.00 40.80 39.72
N ARG EA 126 7.90 42.02 40.23
CA ARG EA 126 7.41 43.14 39.44
C ARG EA 126 8.52 44.16 39.35
N ARG EA 127 9.72 43.68 38.96
CA ARG EA 127 10.92 44.50 38.95
C ARG EA 127 10.78 45.69 38.01
N PHE EA 128 10.29 45.46 36.81
CA PHE EA 128 10.22 46.51 35.82
C PHE EA 128 8.94 47.32 35.90
N PHE EA 129 7.97 46.91 36.72
CA PHE EA 129 6.83 47.76 37.02
C PHE EA 129 6.60 47.64 38.51
N PRO EA 130 7.25 48.48 39.30
CA PRO EA 130 7.28 48.28 40.74
C PRO EA 130 5.99 48.67 41.42
N TYR EA 131 5.92 48.35 42.70
CA TYR EA 131 4.90 48.93 43.56
C TYR EA 131 5.42 50.21 44.19
N TYR EA 132 4.54 51.19 44.28
CA TYR EA 132 4.83 52.41 45.02
C TYR EA 132 4.36 52.21 46.45
N VAL EA 133 5.05 51.30 47.14
CA VAL EA 133 4.59 50.77 48.42
C VAL EA 133 5.79 50.53 49.34
N TYR EA 134 5.70 51.04 50.56
CA TYR EA 134 6.65 50.67 51.60
C TYR EA 134 6.03 49.62 52.50
N ASN EA 135 6.88 48.74 53.04
CA ASN EA 135 6.41 47.58 53.77
C ASN EA 135 7.29 47.30 54.97
N ILE EA 136 6.67 47.07 56.12
CA ILE EA 136 7.36 46.64 57.32
C ILE EA 136 6.60 45.45 57.87
N ILE EA 137 7.31 44.36 58.16
CA ILE EA 137 6.73 43.20 58.82
C ILE EA 137 7.16 43.20 60.27
N GLY EA 138 6.20 43.20 61.17
CA GLY EA 138 6.48 42.94 62.57
C GLY EA 138 5.98 41.57 62.99
N GLY EA 139 6.57 41.00 64.01
CA GLY EA 139 6.06 39.76 64.56
C GLY EA 139 7.11 39.09 65.42
N LEU EA 140 6.72 37.95 65.97
CA LEU EA 140 7.63 37.21 66.82
C LEU EA 140 8.36 36.14 66.02
N ASP EA 141 9.54 35.79 66.51
CA ASP EA 141 10.34 34.73 65.89
C ASP EA 141 9.86 33.38 66.41
N GLU EA 142 10.65 32.34 66.14
CA GLU EA 142 10.39 31.05 66.76
C GLU EA 142 10.82 31.01 68.21
N GLU EA 143 11.61 31.99 68.64
CA GLU EA 143 11.98 32.09 70.03
C GLU EA 143 11.02 32.99 70.81
N GLY EA 144 9.99 33.51 70.17
CA GLY EA 144 9.07 34.38 70.85
C GLY EA 144 9.64 35.73 71.19
N LYS EA 145 10.52 36.26 70.34
CA LYS EA 145 11.14 37.56 70.54
C LYS EA 145 10.77 38.44 69.36
N GLY EA 146 10.91 39.76 69.56
CA GLY EA 146 10.51 40.71 68.54
C GLY EA 146 11.31 40.58 67.26
N ALA EA 147 10.65 40.91 66.16
CA ALA EA 147 11.18 40.65 64.82
C ALA EA 147 10.60 41.68 63.87
N VAL EA 148 11.46 42.51 63.31
CA VAL EA 148 11.08 43.55 62.36
C VAL EA 148 11.86 43.30 61.08
N TYR EA 149 11.14 43.21 59.98
CA TYR EA 149 11.75 43.14 58.67
C TYR EA 149 11.30 44.38 57.90
N SER EA 150 12.24 45.31 57.73
CA SER EA 150 11.99 46.47 56.88
C SER EA 150 11.96 46.04 55.44
N PHE EA 151 11.38 46.90 54.59
CA PHE EA 151 11.33 46.59 53.17
C PHE EA 151 11.52 47.87 52.39
N ASP EA 152 11.74 47.70 51.11
CA ASP EA 152 11.84 48.81 50.17
C ASP EA 152 10.92 48.50 49.01
N PRO EA 153 10.57 49.45 48.15
CA PRO EA 153 9.67 49.13 47.03
C PRO EA 153 10.30 48.27 45.94
N VAL EA 154 11.55 47.86 46.08
CA VAL EA 154 12.13 46.93 45.12
C VAL EA 154 12.32 45.52 45.68
N GLY EA 155 12.50 45.37 47.00
CA GLY EA 155 12.52 44.03 47.55
C GLY EA 155 13.71 43.63 48.40
N SER EA 156 14.48 44.57 48.91
CA SER EA 156 15.49 44.22 49.89
C SER EA 156 14.91 44.34 51.29
N TYR EA 157 15.51 43.60 52.23
CA TYR EA 157 14.93 43.52 53.55
C TYR EA 157 15.98 43.15 54.58
N GLN EA 158 15.65 43.38 55.83
CA GLN EA 158 16.44 42.94 56.97
C GLN EA 158 15.59 42.96 58.22
N ARG EA 159 16.15 42.39 59.29
CA ARG EA 159 15.52 42.39 60.60
C ARG EA 159 16.27 43.38 61.47
N ASP EA 160 15.56 44.39 61.94
CA ASP EA 160 16.11 45.38 62.84
C ASP EA 160 15.22 45.52 64.06
N SER EA 161 15.46 46.57 64.83
CA SER EA 161 14.75 46.75 66.09
C SER EA 161 13.54 47.66 65.97
N PHE EA 162 13.56 48.58 65.02
CA PHE EA 162 12.55 49.62 64.92
C PHE EA 162 12.64 50.25 63.54
N LYS EA 163 11.49 50.44 62.90
CA LYS EA 163 11.43 51.15 61.63
C LYS EA 163 10.17 52.01 61.57
N ALA EA 164 10.34 53.21 61.02
CA ALA EA 164 9.22 54.10 60.75
C ALA EA 164 9.27 54.46 59.27
N GLY EA 165 8.25 54.03 58.54
CA GLY EA 165 8.14 54.33 57.13
C GLY EA 165 7.08 55.38 56.91
N GLY EA 166 6.99 55.86 55.68
CA GLY EA 166 5.96 56.81 55.34
C GLY EA 166 6.46 58.24 55.30
N SER EA 167 5.54 59.18 55.44
CA SER EA 167 5.89 60.59 55.27
C SER EA 167 6.75 61.09 56.42
N ALA EA 168 6.46 60.64 57.63
CA ALA EA 168 7.17 61.10 58.82
C ALA EA 168 8.34 60.21 59.17
N SER EA 169 8.95 59.57 58.16
CA SER EA 169 10.01 58.61 58.42
C SER EA 169 11.25 59.29 58.98
N ALA EA 170 11.66 60.39 58.36
CA ALA EA 170 12.79 61.15 58.90
C ALA EA 170 12.38 61.97 60.11
N MET EA 171 11.09 62.11 60.38
CA MET EA 171 10.67 62.77 61.61
C MET EA 171 10.90 61.92 62.85
N LEU EA 172 11.12 60.63 62.69
CA LEU EA 172 11.03 59.74 63.84
C LEU EA 172 12.32 59.02 64.17
N GLN EA 173 13.10 58.64 63.17
CA GLN EA 173 14.29 57.81 63.39
C GLN EA 173 15.33 58.37 64.38
N PRO EA 174 15.74 59.65 64.36
CA PRO EA 174 16.82 60.05 65.28
C PRO EA 174 16.41 60.05 66.74
N LEU EA 175 15.14 60.32 67.04
CA LEU EA 175 14.67 60.20 68.41
C LEU EA 175 14.72 58.76 68.86
N LEU EA 176 14.37 57.83 67.98
CA LEU EA 176 14.48 56.41 68.29
C LEU EA 176 15.93 56.00 68.49
N ASP EA 177 16.84 56.62 67.75
CA ASP EA 177 18.26 56.38 67.96
C ASP EA 177 18.72 56.91 69.30
N ASN EA 178 18.09 58.00 69.76
CA ASN EA 178 18.38 58.50 71.09
C ASN EA 178 17.78 57.61 72.15
N GLN EA 179 16.67 56.94 71.84
CA GLN EA 179 15.96 56.20 72.85
C GLN EA 179 16.22 54.71 72.78
N VAL EA 180 15.97 54.10 71.62
CA VAL EA 180 16.14 52.65 71.52
C VAL EA 180 17.62 52.32 71.47
N GLY EA 181 18.33 52.89 70.51
CA GLY EA 181 19.76 52.65 70.43
C GLY EA 181 20.57 53.38 71.47
N PHE EA 182 19.97 54.40 72.10
CA PHE EA 182 20.62 55.28 73.08
C PHE EA 182 21.84 55.95 72.46
N LYS EA 183 21.78 56.24 71.17
CA LYS EA 183 22.96 56.69 70.47
C LYS EA 183 23.21 58.16 70.76
N ASN EA 184 24.47 58.55 70.54
CA ASN EA 184 25.01 59.88 70.85
C ASN EA 184 24.78 60.24 72.31
N MET EA 185 24.90 59.27 73.21
CA MET EA 185 24.70 59.51 74.63
C MET EA 185 25.95 59.08 75.40
N GLN EA 186 26.37 59.93 76.32
CA GLN EA 186 27.54 59.66 77.12
C GLN EA 186 27.09 59.28 78.53
N ASN EA 187 27.67 58.19 79.06
CA ASN EA 187 27.44 57.69 80.40
C ASN EA 187 25.99 57.30 80.62
N VAL EA 188 25.33 56.90 79.55
CA VAL EA 188 23.94 56.46 79.58
C VAL EA 188 23.96 54.96 79.35
N GLU EA 189 23.56 54.21 80.37
CA GLU EA 189 23.47 52.77 80.26
C GLU EA 189 22.33 52.36 79.35
N HIS EA 190 22.35 51.11 78.93
CA HIS EA 190 21.37 50.59 78.00
C HIS EA 190 20.38 49.71 78.78
N VAL EA 191 19.30 50.33 79.25
CA VAL EA 191 18.21 49.60 79.89
C VAL EA 191 17.42 48.91 78.78
N PRO EA 192 17.03 47.66 78.95
CA PRO EA 192 16.08 47.06 78.00
C PRO EA 192 14.72 47.72 78.12
N LEU EA 193 14.15 48.07 76.96
CA LEU EA 193 12.90 48.81 76.92
C LEU EA 193 11.77 47.90 77.34
N SER EA 194 10.97 48.35 78.30
CA SER EA 194 9.84 47.56 78.75
C SER EA 194 8.67 47.78 77.79
N LEU EA 195 7.53 47.21 78.15
CA LEU EA 195 6.35 47.31 77.30
C LEU EA 195 5.70 48.68 77.44
N ASP EA 196 5.30 49.03 78.66
CA ASP EA 196 4.56 50.27 78.89
C ASP EA 196 5.38 51.51 78.60
N ARG EA 197 6.69 51.45 78.90
CA ARG EA 197 7.59 52.51 78.49
C ARG EA 197 7.53 52.73 76.99
N ALA EA 198 7.61 51.64 76.23
CA ALA EA 198 7.50 51.72 74.78
C ALA EA 198 6.14 52.23 74.33
N MET EA 199 5.08 51.88 75.06
CA MET EA 199 3.75 52.40 74.76
C MET EA 199 3.70 53.90 74.88
N ARG EA 200 4.24 54.42 75.99
CA ARG EA 200 4.38 55.84 76.20
C ARG EA 200 5.20 56.51 75.11
N LEU EA 201 6.28 55.85 74.69
CA LEU EA 201 7.11 56.38 73.61
C LEU EA 201 6.32 56.49 72.32
N VAL EA 202 5.55 55.46 72.00
CA VAL EA 202 4.74 55.44 70.79
C VAL EA 202 3.71 56.56 70.81
N LYS EA 203 3.05 56.76 71.94
CA LYS EA 203 2.05 57.82 72.02
C LYS EA 203 2.71 59.20 71.91
N ASP EA 204 3.88 59.35 72.51
CA ASP EA 204 4.55 60.65 72.45
C ASP EA 204 5.06 60.95 71.05
N VAL EA 205 5.55 59.93 70.33
CA VAL EA 205 6.08 60.21 69.00
C VAL EA 205 4.94 60.42 68.01
N PHE EA 206 3.79 59.78 68.23
CA PHE EA 206 2.69 60.05 67.32
C PHE EA 206 2.03 61.39 67.62
N ILE EA 207 2.09 61.85 68.87
CA ILE EA 207 1.67 63.23 69.14
C ILE EA 207 2.61 64.21 68.45
N SER EA 208 3.92 64.04 68.69
CA SER EA 208 4.90 65.00 68.21
C SER EA 208 4.99 65.03 66.69
N ALA EA 209 4.98 63.85 66.06
CA ALA EA 209 4.94 63.80 64.60
C ALA EA 209 3.59 64.24 64.08
N ALA EA 210 2.53 64.01 64.85
CA ALA EA 210 1.20 64.48 64.45
C ALA EA 210 1.10 66.00 64.47
N GLU EA 211 1.97 66.67 65.23
CA GLU EA 211 1.94 68.12 65.24
C GLU EA 211 2.48 68.71 63.95
N ARG EA 212 3.33 67.97 63.23
CA ARG EA 212 4.04 68.55 62.11
C ARG EA 212 3.73 67.93 60.76
N ASP EA 213 3.31 66.68 60.71
CA ASP EA 213 2.99 66.07 59.43
C ASP EA 213 1.57 66.41 59.04
N VAL EA 214 1.38 66.65 57.74
CA VAL EA 214 0.04 66.81 57.19
C VAL EA 214 -0.59 65.48 56.84
N TYR EA 215 0.19 64.41 56.70
CA TYR EA 215 -0.32 63.10 56.35
C TYR EA 215 -0.57 62.23 57.58
N THR EA 216 -0.67 62.84 58.74
CA THR EA 216 -0.68 62.05 59.96
C THR EA 216 -1.66 62.66 60.94
N GLY EA 217 -2.53 61.83 61.48
CA GLY EA 217 -3.33 62.25 62.62
C GLY EA 217 -4.69 61.59 62.62
N ASP EA 218 -5.56 62.19 63.42
CA ASP EA 218 -6.98 61.98 63.63
C ASP EA 218 -7.27 60.72 64.46
N ALA EA 219 -6.31 59.78 64.59
CA ALA EA 219 -6.42 58.52 65.31
C ALA EA 219 -5.09 57.81 65.20
N LEU EA 220 -4.99 56.66 65.86
CA LEU EA 220 -3.79 55.83 65.77
C LEU EA 220 -4.16 54.38 66.05
N ARG EA 221 -3.92 53.52 65.09
CA ARG EA 221 -4.09 52.07 65.25
C ARG EA 221 -2.83 51.51 65.88
N ILE EA 222 -3.00 50.82 67.00
CA ILE EA 222 -1.90 50.28 67.77
C ILE EA 222 -2.07 48.77 67.85
N CYS EA 223 -1.03 48.05 67.50
CA CYS EA 223 -1.05 46.60 67.47
C CYS EA 223 0.12 46.06 68.30
N ILE EA 224 -0.15 45.03 69.09
CA ILE EA 224 0.79 44.49 70.04
C ILE EA 224 0.85 42.99 69.86
N VAL EA 225 1.98 42.49 69.43
CA VAL EA 225 2.19 41.06 69.23
C VAL EA 225 2.89 40.54 70.47
N THR EA 226 2.15 39.79 71.27
CA THR EA 226 2.66 39.09 72.42
C THR EA 226 2.84 37.63 72.06
N LYS EA 227 3.34 36.85 73.00
CA LYS EA 227 3.36 35.40 72.88
C LYS EA 227 2.03 34.77 73.23
N GLU EA 228 1.03 35.59 73.50
CA GLU EA 228 -0.26 35.13 73.99
C GLU EA 228 -1.40 35.71 73.19
N GLY EA 229 -1.12 36.48 72.15
CA GLY EA 229 -2.12 37.06 71.30
C GLY EA 229 -1.69 38.43 70.86
N ILE EA 230 -2.57 39.08 70.10
CA ILE EA 230 -2.32 40.41 69.57
C ILE EA 230 -3.39 41.33 70.11
N ARG EA 231 -2.94 42.42 70.72
CA ARG EA 231 -3.83 43.41 71.28
C ARG EA 231 -3.90 44.61 70.36
N GLU EA 232 -5.09 45.17 70.22
CA GLU EA 232 -5.23 46.40 69.47
C GLU EA 232 -5.68 47.50 70.41
N GLU EA 233 -5.36 48.73 70.02
CA GLU EA 233 -5.63 49.88 70.84
C GLU EA 233 -5.65 51.10 69.96
N THR EA 234 -6.76 51.82 69.97
CA THR EA 234 -6.91 53.01 69.14
C THR EA 234 -6.84 54.25 70.02
N VAL EA 235 -5.89 55.13 69.70
CA VAL EA 235 -5.72 56.40 70.38
C VAL EA 235 -5.96 57.51 69.38
N SER EA 236 -6.86 58.43 69.71
CA SER EA 236 -7.20 59.54 68.84
C SER EA 236 -6.03 60.52 68.75
N LEU EA 237 -6.08 61.37 67.73
CA LEU EA 237 -5.09 62.42 67.54
C LEU EA 237 -5.82 63.72 67.21
N ARG EA 238 -5.08 64.72 66.77
CA ARG EA 238 -5.66 66.02 66.47
C ARG EA 238 -6.46 65.95 65.17
N LYS EA 239 -7.48 66.79 65.08
CA LYS EA 239 -8.50 66.63 64.05
C LYS EA 239 -8.36 67.58 62.88
N ASP EA 240 -7.36 68.43 62.88
CA ASP EA 240 -7.07 69.18 61.68
C ASP EA 240 -6.27 68.34 60.71
N THR FA 45 -8.35 53.76 28.05
CA THR FA 45 -8.78 55.07 27.57
C THR FA 45 -7.85 56.15 28.07
N GLN FA 46 -7.21 56.86 27.15
CA GLN FA 46 -6.35 57.97 27.53
C GLN FA 46 -7.13 59.28 27.56
N ASN FA 47 -7.90 59.55 26.52
CA ASN FA 47 -8.54 60.84 26.37
C ASN FA 47 -10.05 60.67 26.41
N PRO FA 48 -10.68 60.97 27.54
CA PRO FA 48 -12.14 60.86 27.62
C PRO FA 48 -12.81 61.95 26.81
N MET FA 49 -13.75 61.56 25.96
CA MET FA 49 -14.47 62.56 25.17
C MET FA 49 -15.61 63.17 25.96
N VAL FA 50 -16.63 62.37 26.27
CA VAL FA 50 -17.80 62.86 26.96
C VAL FA 50 -17.69 62.42 28.41
N THR FA 51 -17.67 63.40 29.29
CA THR FA 51 -17.42 63.16 30.70
C THR FA 51 -18.66 63.46 31.53
N GLY FA 52 -18.73 62.82 32.69
CA GLY FA 52 -19.73 63.16 33.68
C GLY FA 52 -19.23 64.28 34.56
N THR FA 53 -19.78 64.34 35.76
CA THR FA 53 -19.40 65.32 36.76
C THR FA 53 -19.64 64.69 38.13
N SER FA 54 -19.66 65.54 39.17
CA SER FA 54 -19.72 65.09 40.55
C SER FA 54 -21.02 64.36 40.86
N VAL FA 55 -20.90 63.32 41.68
CA VAL FA 55 -22.01 62.47 42.09
C VAL FA 55 -22.08 62.49 43.61
N LEU FA 56 -23.27 62.68 44.17
CA LEU FA 56 -23.43 62.75 45.61
C LEU FA 56 -24.07 61.47 46.13
N GLY FA 57 -23.48 60.92 47.20
CA GLY FA 57 -24.05 59.76 47.82
C GLY FA 57 -23.84 59.76 49.32
N VAL FA 58 -24.82 59.32 50.09
CA VAL FA 58 -24.71 59.30 51.53
C VAL FA 58 -25.64 58.24 52.09
N LYS FA 59 -25.20 57.60 53.17
CA LYS FA 59 -26.04 56.69 53.92
C LYS FA 59 -27.06 57.47 54.73
N PHE FA 60 -28.09 56.77 55.15
CA PHE FA 60 -29.02 57.27 56.15
C PHE FA 60 -29.55 56.06 56.90
N GLU FA 61 -30.46 56.33 57.84
CA GLU FA 61 -31.01 55.29 58.69
C GLU FA 61 -31.87 54.36 57.86
N GLY FA 62 -31.35 53.17 57.61
CA GLY FA 62 -32.08 52.18 56.86
C GLY FA 62 -31.99 52.35 55.36
N GLY FA 63 -30.95 53.02 54.87
CA GLY FA 63 -30.79 53.06 53.42
C GLY FA 63 -29.61 53.92 53.02
N VAL FA 64 -29.52 54.13 51.71
CA VAL FA 64 -28.54 55.01 51.10
C VAL FA 64 -29.26 55.84 50.04
N VAL FA 65 -29.10 57.15 50.08
CA VAL FA 65 -29.60 58.03 49.04
C VAL FA 65 -28.42 58.56 48.23
N ILE FA 66 -28.56 58.49 46.91
CA ILE FA 66 -27.55 58.90 45.95
C ILE FA 66 -28.23 59.70 44.85
N ALA FA 67 -27.73 60.90 44.58
CA ALA FA 67 -28.28 61.72 43.52
C ALA FA 67 -27.17 62.30 42.66
N ALA FA 68 -27.51 62.65 41.41
CA ALA FA 68 -26.59 63.26 40.48
C ALA FA 68 -27.38 63.90 39.34
N ASP FA 69 -26.69 64.69 38.52
CA ASP FA 69 -27.38 65.42 37.47
C ASP FA 69 -27.59 64.54 36.24
N MET FA 70 -28.01 65.16 35.14
CA MET FA 70 -28.38 64.50 33.91
C MET FA 70 -27.70 65.16 32.73
N LEU FA 71 -26.45 65.54 32.94
CA LEU FA 71 -25.71 66.38 32.00
C LEU FA 71 -24.52 65.63 31.42
N GLY FA 72 -24.44 65.59 30.09
CA GLY FA 72 -23.39 64.91 29.37
C GLY FA 72 -22.55 65.80 28.48
N SER FA 73 -22.10 66.93 29.00
CA SER FA 73 -21.42 67.94 28.19
C SER FA 73 -20.12 67.42 27.59
N TYR FA 74 -19.75 68.02 26.46
CA TYR FA 74 -18.51 67.69 25.77
C TYR FA 74 -17.62 68.92 25.79
N GLY FA 75 -16.49 68.80 26.49
CA GLY FA 75 -15.54 69.89 26.57
C GLY FA 75 -16.13 71.07 27.33
N SER FA 76 -16.48 72.11 26.59
CA SER FA 76 -17.27 73.19 27.14
C SER FA 76 -18.71 73.16 26.67
N LEU FA 77 -19.00 72.39 25.63
CA LEU FA 77 -20.34 72.40 25.05
C LEU FA 77 -21.22 71.39 25.76
N ALA FA 78 -22.37 71.86 26.26
CA ALA FA 78 -23.41 70.99 26.78
C ALA FA 78 -24.11 70.34 25.60
N ARG FA 79 -23.53 69.23 25.14
CA ARG FA 79 -24.08 68.56 23.98
C ARG FA 79 -25.24 67.65 24.37
N PHE FA 80 -25.23 67.13 25.60
CA PHE FA 80 -26.24 66.19 26.05
C PHE FA 80 -26.73 66.62 27.42
N ARG FA 81 -27.78 67.43 27.46
CA ARG FA 81 -28.36 67.87 28.70
C ARG FA 81 -29.46 66.94 29.20
N ASN FA 82 -29.50 65.71 28.69
CA ASN FA 82 -30.52 64.74 29.12
C ASN FA 82 -29.90 63.36 29.00
N ILE FA 83 -29.35 62.86 30.11
CA ILE FA 83 -28.85 61.50 30.20
C ILE FA 83 -29.21 60.93 31.56
N SER FA 84 -28.77 59.70 31.80
CA SER FA 84 -28.95 59.05 33.09
C SER FA 84 -27.59 58.54 33.57
N ARG FA 85 -27.09 59.15 34.63
CA ARG FA 85 -25.74 58.87 35.12
C ARG FA 85 -25.75 57.81 36.22
N ILE FA 86 -26.91 57.20 36.48
CA ILE FA 86 -27.05 56.29 37.61
C ILE FA 86 -27.57 54.96 37.09
N MET FA 87 -26.89 53.87 37.44
CA MET FA 87 -27.38 52.54 37.14
C MET FA 87 -28.02 51.93 38.38
N ARG FA 88 -29.27 51.50 38.23
CA ARG FA 88 -29.97 50.79 39.30
C ARG FA 88 -29.64 49.31 39.17
N VAL FA 89 -28.87 48.81 40.13
CA VAL FA 89 -28.70 47.37 40.26
C VAL FA 89 -29.98 46.90 40.93
N ASN FA 90 -30.33 45.63 40.76
CA ASN FA 90 -31.63 45.01 41.00
C ASN FA 90 -32.40 45.40 42.27
N ASN FA 91 -31.90 45.04 43.45
CA ASN FA 91 -32.68 45.26 44.67
C ASN FA 91 -31.89 45.79 45.84
N SER FA 92 -30.61 45.45 45.99
CA SER FA 92 -29.86 45.82 47.17
C SER FA 92 -28.94 47.00 46.88
N THR FA 93 -28.18 46.92 45.81
CA THR FA 93 -27.26 47.99 45.47
C THR FA 93 -27.68 48.70 44.21
N MET FA 94 -26.80 49.61 43.78
CA MET FA 94 -27.11 50.69 42.86
C MET FA 94 -25.83 51.42 42.56
N LEU FA 95 -25.67 51.89 41.32
CA LEU FA 95 -24.40 52.44 40.86
C LEU FA 95 -24.57 53.86 40.33
N GLY FA 96 -23.72 54.75 40.82
CA GLY FA 96 -23.50 56.02 40.18
C GLY FA 96 -22.05 56.13 39.77
N ALA FA 97 -21.78 56.92 38.73
CA ALA FA 97 -20.43 57.02 38.21
C ALA FA 97 -20.21 58.38 37.55
N SER FA 98 -18.95 58.65 37.26
CA SER FA 98 -18.53 59.83 36.51
C SER FA 98 -17.45 59.43 35.53
N GLY FA 99 -16.95 60.37 34.75
CA GLY FA 99 -15.97 60.02 33.73
C GLY FA 99 -16.66 59.72 32.42
N ASP FA 100 -16.07 58.79 31.66
CA ASP FA 100 -16.58 58.47 30.34
C ASP FA 100 -17.93 57.76 30.43
N TYR FA 101 -18.92 58.35 29.79
CA TYR FA 101 -20.25 57.77 29.79
C TYR FA 101 -20.30 56.54 28.90
N ALA FA 102 -19.45 56.48 27.88
CA ALA FA 102 -19.37 55.28 27.06
C ALA FA 102 -18.86 54.11 27.88
N ASP FA 103 -17.90 54.37 28.76
CA ASP FA 103 -17.45 53.35 29.69
C ASP FA 103 -18.55 52.99 30.67
N PHE FA 104 -19.35 53.98 31.07
CA PHE FA 104 -20.49 53.73 31.95
C PHE FA 104 -21.51 52.82 31.28
N GLN FA 105 -21.69 52.99 29.97
CA GLN FA 105 -22.53 52.09 29.20
C GLN FA 105 -21.92 50.70 29.16
N TYR FA 106 -20.59 50.63 29.03
CA TYR FA 106 -19.91 49.36 28.89
C TYR FA 106 -19.99 48.56 30.17
N LEU FA 107 -19.71 49.20 31.31
CA LEU FA 107 -19.79 48.54 32.58
C LEU FA 107 -21.22 48.25 32.96
N LYS FA 108 -22.14 49.08 32.47
CA LYS FA 108 -23.56 48.78 32.62
C LYS FA 108 -23.91 47.49 31.89
N GLN FA 109 -23.29 47.28 30.72
CA GLN FA 109 -23.56 46.06 29.96
C GLN FA 109 -22.99 44.84 30.66
N VAL FA 110 -21.75 44.94 31.11
CA VAL FA 110 -21.06 43.80 31.73
C VAL FA 110 -21.72 43.46 33.07
N LEU FA 111 -21.92 44.48 33.90
CA LEU FA 111 -22.56 44.30 35.20
C LEU FA 111 -23.97 43.78 35.08
N GLY FA 112 -24.76 44.37 34.18
CA GLY FA 112 -26.12 43.92 33.98
C GLY FA 112 -26.18 42.48 33.51
N GLN FA 113 -25.19 42.09 32.70
CA GLN FA 113 -25.08 40.69 32.30
C GLN FA 113 -24.80 39.79 33.49
N MET FA 114 -23.88 40.20 34.37
CA MET FA 114 -23.55 39.37 35.53
C MET FA 114 -24.72 39.25 36.49
N VAL FA 115 -25.50 40.33 36.61
CA VAL FA 115 -26.71 40.30 37.41
C VAL FA 115 -27.70 39.30 36.81
N ILE FA 116 -27.85 39.33 35.48
CA ILE FA 116 -28.67 38.35 34.78
C ILE FA 116 -28.17 36.92 35.05
N ASP FA 117 -26.85 36.77 35.16
CA ASP FA 117 -26.26 35.45 35.37
C ASP FA 117 -26.61 34.90 36.73
N GLU FA 118 -26.37 35.67 37.79
CA GLU FA 118 -26.61 35.12 39.13
C GLU FA 118 -28.10 35.05 39.42
N GLU FA 119 -28.90 35.93 38.81
CA GLU FA 119 -30.34 35.78 38.90
C GLU FA 119 -30.82 34.49 38.24
N LEU FA 120 -30.29 34.18 37.07
CA LEU FA 120 -30.69 32.96 36.38
C LEU FA 120 -30.02 31.71 36.94
N LEU FA 121 -29.11 31.86 37.91
CA LEU FA 121 -28.71 30.70 38.69
C LEU FA 121 -29.88 30.14 39.49
N GLY FA 122 -30.69 31.02 40.07
CA GLY FA 122 -31.80 30.56 40.89
C GLY FA 122 -31.39 29.92 42.19
N ASP FA 123 -30.19 30.21 42.68
CA ASP FA 123 -29.69 29.62 43.91
C ASP FA 123 -30.22 30.29 45.17
N GLY FA 124 -30.93 31.41 45.04
CA GLY FA 124 -31.31 32.17 46.20
C GLY FA 124 -30.22 33.07 46.73
N HIS FA 125 -29.18 33.31 45.96
CA HIS FA 125 -28.07 34.14 46.38
C HIS FA 125 -27.80 35.20 45.32
N SER FA 126 -27.52 36.42 45.76
CA SER FA 126 -27.17 37.51 44.87
C SER FA 126 -25.76 37.98 45.20
N TYR FA 127 -25.36 39.08 44.57
CA TYR FA 127 -24.11 39.72 44.89
C TYR FA 127 -24.31 40.65 46.08
N SER FA 128 -23.35 40.64 46.99
CA SER FA 128 -23.32 41.72 47.97
C SER FA 128 -22.86 42.97 47.26
N PRO FA 129 -23.26 44.15 47.73
CA PRO FA 129 -22.67 45.40 47.21
C PRO FA 129 -21.18 45.46 47.46
N ARG FA 130 -20.73 44.85 48.56
CA ARG FA 130 -19.30 44.76 48.84
C ARG FA 130 -18.59 43.85 47.86
N ALA FA 131 -19.23 42.77 47.40
CA ALA FA 131 -18.59 41.91 46.41
C ALA FA 131 -18.53 42.62 45.06
N ILE FA 132 -19.51 43.46 44.78
CA ILE FA 132 -19.47 44.32 43.60
C ILE FA 132 -18.31 45.28 43.71
N HIS FA 133 -18.10 45.83 44.90
CA HIS FA 133 -16.97 46.71 45.15
C HIS FA 133 -15.65 45.96 44.97
N SER FA 134 -15.63 44.70 45.37
CA SER FA 134 -14.45 43.86 45.22
C SER FA 134 -14.15 43.59 43.75
N TRP FA 135 -15.15 43.10 43.02
CA TRP FA 135 -14.97 42.73 41.63
C TRP FA 135 -14.66 43.95 40.77
N LEU FA 136 -15.35 45.05 41.05
CA LEU FA 136 -15.09 46.28 40.33
C LEU FA 136 -13.69 46.80 40.63
N THR FA 137 -13.24 46.60 41.86
CA THR FA 137 -11.90 47.00 42.25
C THR FA 137 -10.86 46.19 41.49
N ARG FA 138 -11.06 44.88 41.40
CA ARG FA 138 -10.14 44.02 40.65
C ARG FA 138 -10.17 44.35 39.18
N ALA FA 139 -11.35 44.69 38.67
CA ALA FA 139 -11.52 44.97 37.25
C ALA FA 139 -10.81 46.26 36.88
N MET FA 140 -10.95 47.29 37.70
CA MET FA 140 -10.33 48.56 37.38
C MET FA 140 -8.83 48.51 37.61
N TYR FA 141 -8.41 47.82 38.67
CA TYR FA 141 -6.98 47.74 38.92
C TYR FA 141 -6.28 46.93 37.85
N SER FA 142 -6.90 45.86 37.40
CA SER FA 142 -6.35 45.14 36.26
C SER FA 142 -6.45 45.96 34.99
N ARG FA 143 -7.46 46.83 34.90
CA ARG FA 143 -7.65 47.65 33.71
C ARG FA 143 -6.52 48.66 33.57
N ARG FA 144 -6.25 49.41 34.63
CA ARG FA 144 -5.12 50.32 34.62
C ARG FA 144 -3.80 49.61 34.70
N SER FA 145 -3.79 48.33 35.09
CA SER FA 145 -2.53 47.61 35.19
C SER FA 145 -1.92 47.37 33.82
N LYS FA 146 -2.74 47.34 32.78
CA LYS FA 146 -2.24 47.24 31.43
C LYS FA 146 -2.00 48.59 30.80
N MET FA 147 -1.85 49.64 31.62
CA MET FA 147 -1.59 51.01 31.20
C MET FA 147 -2.66 51.56 30.27
N ASN FA 148 -3.87 51.02 30.37
CA ASN FA 148 -4.99 51.43 29.56
C ASN FA 148 -6.16 51.56 30.51
N PRO FA 149 -6.28 52.67 31.21
CA PRO FA 149 -7.37 52.81 32.19
C PRO FA 149 -8.71 53.03 31.52
N LEU FA 150 -9.75 52.95 32.33
CA LEU FA 150 -11.06 53.42 31.93
C LEU FA 150 -11.38 54.66 32.74
N TRP FA 151 -11.58 55.78 32.06
CA TRP FA 151 -11.67 57.08 32.68
C TRP FA 151 -13.00 57.18 33.40
N ASN FA 152 -13.02 56.79 34.68
CA ASN FA 152 -14.26 56.72 35.42
C ASN FA 152 -14.02 57.11 36.87
N THR FA 153 -15.12 57.39 37.58
CA THR FA 153 -15.06 57.65 39.02
C THR FA 153 -16.36 57.12 39.61
N MET FA 154 -16.29 55.98 40.28
CA MET FA 154 -17.50 55.23 40.56
C MET FA 154 -17.82 55.16 42.05
N VAL FA 155 -19.12 55.20 42.31
CA VAL FA 155 -19.68 55.17 43.66
C VAL FA 155 -20.76 54.10 43.70
N ILE FA 156 -20.61 53.15 44.61
CA ILE FA 156 -21.53 52.04 44.78
C ILE FA 156 -22.32 52.26 46.05
N GLY FA 157 -23.64 52.26 45.94
CA GLY FA 157 -24.47 52.32 47.11
C GLY FA 157 -25.34 51.09 47.26
N GLY FA 158 -25.31 50.48 48.44
CA GLY FA 158 -26.06 49.26 48.67
C GLY FA 158 -26.80 49.34 49.97
N TYR FA 159 -27.83 48.52 50.10
CA TYR FA 159 -28.51 48.33 51.36
C TYR FA 159 -28.98 46.88 51.42
N ALA FA 160 -28.38 46.11 52.31
CA ALA FA 160 -28.70 44.70 52.42
C ALA FA 160 -28.47 44.27 53.84
N ASP FA 161 -29.34 43.38 54.32
CA ASP FA 161 -29.30 42.79 55.67
C ASP FA 161 -29.43 43.88 56.74
N GLY FA 162 -30.21 44.91 56.42
CA GLY FA 162 -30.39 46.00 57.35
C GLY FA 162 -29.22 46.95 57.32
N GLU FA 163 -28.33 46.76 56.36
CA GLU FA 163 -27.01 47.36 56.39
C GLU FA 163 -26.81 48.29 55.22
N SER FA 164 -26.52 49.54 55.52
CA SER FA 164 -26.14 50.46 54.47
C SER FA 164 -24.68 50.27 54.12
N PHE FA 165 -24.42 50.20 52.83
CA PHE FA 165 -23.07 50.12 52.30
C PHE FA 165 -22.86 51.27 51.34
N LEU FA 166 -21.68 51.85 51.40
CA LEU FA 166 -21.33 52.93 50.47
C LEU FA 166 -19.84 52.79 50.17
N GLY FA 167 -19.53 52.20 49.02
CA GLY FA 167 -18.14 52.04 48.64
C GLY FA 167 -17.72 52.90 47.49
N TYR FA 168 -16.50 53.43 47.57
CA TYR FA 168 -15.89 54.21 46.51
C TYR FA 168 -15.00 53.31 45.66
N VAL FA 169 -14.98 53.56 44.35
CA VAL FA 169 -14.02 52.94 43.44
C VAL FA 169 -13.45 54.05 42.56
N ASP FA 170 -12.11 54.13 42.52
CA ASP FA 170 -11.40 55.04 41.65
C ASP FA 170 -11.13 54.38 40.29
N MET FA 171 -10.85 55.21 39.29
CA MET FA 171 -10.13 54.74 38.12
C MET FA 171 -8.79 54.15 38.50
N LEU FA 172 -8.07 54.79 39.41
CA LEU FA 172 -6.79 54.29 39.87
C LEU FA 172 -6.90 53.12 40.84
N GLY FA 173 -8.09 52.60 41.09
CA GLY FA 173 -8.25 51.47 41.98
C GLY FA 173 -8.20 51.81 43.45
N VAL FA 174 -8.05 53.09 43.79
CA VAL FA 174 -8.11 53.49 45.19
C VAL FA 174 -9.55 53.35 45.65
N ALA FA 175 -9.80 52.41 46.54
CA ALA FA 175 -11.16 52.04 46.85
C ALA FA 175 -11.31 51.93 48.36
N TYR FA 176 -12.37 52.52 48.89
CA TYR FA 176 -12.55 52.55 50.34
C TYR FA 176 -14.04 52.66 50.64
N GLU FA 177 -14.36 52.75 51.92
CA GLU FA 177 -15.72 52.95 52.38
C GLU FA 177 -15.84 54.28 53.08
N ALA FA 178 -17.04 54.85 53.06
CA ALA FA 178 -17.30 56.14 53.66
C ALA FA 178 -18.79 56.26 53.92
N PRO FA 179 -19.22 57.01 54.94
CA PRO FA 179 -20.65 57.29 55.10
C PRO FA 179 -21.17 58.27 54.07
N SER FA 180 -20.29 59.04 53.43
CA SER FA 180 -20.71 60.04 52.47
C SER FA 180 -19.62 60.23 51.43
N LEU FA 181 -19.96 59.96 50.18
CA LEU FA 181 -19.05 60.13 49.06
C LEU FA 181 -19.49 61.31 48.20
N ALA FA 182 -18.51 62.16 47.90
CA ALA FA 182 -18.73 63.32 47.04
C ALA FA 182 -17.55 63.44 46.10
N THR FA 183 -17.80 63.23 44.81
CA THR FA 183 -16.73 63.14 43.82
C THR FA 183 -16.50 64.50 43.18
N GLY FA 184 -15.49 64.52 42.31
CA GLY FA 184 -15.20 65.68 41.48
C GLY FA 184 -14.84 66.90 42.31
N TYR FA 185 -15.59 67.97 42.10
CA TYR FA 185 -15.46 69.12 42.96
C TYR FA 185 -16.24 68.98 44.25
N GLY FA 186 -17.16 68.00 44.33
CA GLY FA 186 -17.93 67.84 45.55
C GLY FA 186 -17.08 67.41 46.73
N ALA FA 187 -15.96 66.74 46.45
CA ALA FA 187 -14.93 66.56 47.44
C ALA FA 187 -14.39 67.90 47.94
N TYR FA 188 -14.21 68.85 47.03
CA TYR FA 188 -13.72 70.17 47.42
C TYR FA 188 -14.82 71.03 48.00
N LEU FA 189 -16.07 70.77 47.65
CA LEU FA 189 -17.14 71.68 48.01
C LEU FA 189 -18.13 71.06 48.99
N ALA FA 190 -18.77 69.95 48.62
CA ALA FA 190 -19.84 69.42 49.45
C ALA FA 190 -19.34 68.54 50.57
N GLN FA 191 -18.19 67.90 50.38
CA GLN FA 191 -17.67 66.99 51.40
C GLN FA 191 -17.35 67.65 52.74
N PRO FA 192 -16.87 68.90 52.84
CA PRO FA 192 -16.84 69.54 54.16
C PRO FA 192 -18.22 69.80 54.75
N LEU FA 193 -19.25 69.99 53.92
CA LEU FA 193 -20.60 70.09 54.48
C LEU FA 193 -21.06 68.73 54.97
N LEU FA 194 -20.69 67.68 54.24
CA LEU FA 194 -21.04 66.32 54.63
C LEU FA 194 -20.42 65.97 55.96
N ARG FA 195 -19.10 66.10 56.07
CA ARG FA 195 -18.42 65.79 57.31
C ARG FA 195 -18.75 66.79 58.40
N GLU FA 196 -19.16 67.99 58.01
CA GLU FA 196 -19.70 68.96 58.96
C GLU FA 196 -20.95 68.41 59.64
N VAL FA 197 -21.85 67.83 58.86
CA VAL FA 197 -23.07 67.32 59.46
C VAL FA 197 -22.84 66.00 60.16
N LEU FA 198 -22.00 65.14 59.58
CA LEU FA 198 -21.75 63.84 60.16
C LEU FA 198 -20.98 63.92 61.47
N GLU FA 199 -20.00 64.81 61.54
CA GLU FA 199 -19.38 65.10 62.82
C GLU FA 199 -20.34 65.88 63.71
N LYS FA 200 -21.21 66.68 63.10
CA LYS FA 200 -22.23 67.40 63.87
C LYS FA 200 -23.30 66.45 64.37
N GLN FA 201 -23.61 65.41 63.60
CA GLN FA 201 -24.60 64.43 64.04
C GLN FA 201 -24.27 63.08 63.42
N PRO FA 202 -24.14 62.03 64.22
CA PRO FA 202 -23.73 60.73 63.66
C PRO FA 202 -24.80 60.06 62.81
N VAL FA 203 -26.07 60.14 63.20
CA VAL FA 203 -27.13 59.44 62.50
C VAL FA 203 -27.90 60.45 61.65
N LEU FA 204 -28.78 59.94 60.79
CA LEU FA 204 -29.56 60.80 59.91
C LEU FA 204 -30.95 60.21 59.71
N SER FA 205 -31.80 61.00 59.08
CA SER FA 205 -33.04 60.50 58.51
C SER FA 205 -32.87 60.40 57.00
N GLN FA 206 -33.91 59.89 56.36
CA GLN FA 206 -33.98 60.01 54.91
C GLN FA 206 -34.25 61.45 54.52
N THR FA 207 -35.04 62.16 55.33
CA THR FA 207 -35.44 63.52 55.01
C THR FA 207 -34.29 64.48 55.16
N GLU FA 208 -33.53 64.34 56.26
CA GLU FA 208 -32.40 65.21 56.54
C GLU FA 208 -31.34 65.09 55.46
N ALA FA 209 -30.96 63.85 55.14
CA ALA FA 209 -29.98 63.61 54.10
C ALA FA 209 -30.51 64.04 52.75
N ARG FA 210 -31.80 63.83 52.50
CA ARG FA 210 -32.38 64.15 51.20
C ARG FA 210 -32.37 65.65 50.95
N ASP FA 211 -32.89 66.41 51.89
CA ASP FA 211 -32.88 67.87 51.78
C ASP FA 211 -31.47 68.42 51.77
N LEU FA 212 -30.57 67.78 52.50
CA LEU FA 212 -29.18 68.20 52.52
C LEU FA 212 -28.54 68.03 51.15
N VAL FA 213 -28.86 66.93 50.47
CA VAL FA 213 -28.40 66.71 49.11
C VAL FA 213 -28.98 67.75 48.17
N GLU FA 214 -30.25 68.13 48.40
CA GLU FA 214 -30.85 69.20 47.62
C GLU FA 214 -30.11 70.51 47.80
N ARG FA 215 -29.63 70.77 49.02
CA ARG FA 215 -28.84 71.97 49.27
C ARG FA 215 -27.48 71.89 48.58
N CYS FA 216 -26.83 70.74 48.64
CA CYS FA 216 -25.48 70.62 48.10
C CYS FA 216 -25.51 70.66 46.58
N MET FA 217 -26.47 69.97 45.97
CA MET FA 217 -26.70 70.05 44.53
C MET FA 217 -27.05 71.46 44.11
N ARG FA 218 -27.75 72.20 44.96
CA ARG FA 218 -28.03 73.60 44.68
C ARG FA 218 -26.74 74.41 44.63
N VAL FA 219 -25.85 74.17 45.59
CA VAL FA 219 -24.59 74.90 45.66
C VAL FA 219 -23.70 74.58 44.47
N LEU FA 220 -23.61 73.30 44.13
CA LEU FA 220 -22.89 72.88 42.94
C LEU FA 220 -23.49 73.48 41.69
N TYR FA 221 -24.80 73.72 41.67
CA TYR FA 221 -25.33 74.46 40.55
C TYR FA 221 -24.98 75.93 40.64
N TYR FA 222 -24.66 76.44 41.83
CA TYR FA 222 -24.24 77.84 41.89
C TYR FA 222 -22.85 78.06 41.33
N ARG FA 223 -21.93 77.09 41.49
CA ARG FA 223 -20.59 77.49 41.04
C ARG FA 223 -19.80 76.44 40.26
N ASP FA 224 -20.45 75.43 39.69
CA ASP FA 224 -19.75 74.50 38.80
C ASP FA 224 -20.02 74.89 37.35
N ALA FA 225 -18.96 74.91 36.54
CA ALA FA 225 -19.12 75.09 35.10
C ALA FA 225 -19.59 73.83 34.41
N ARG FA 226 -19.62 72.71 35.13
CA ARG FA 226 -20.19 71.46 34.63
C ARG FA 226 -21.42 71.09 35.47
N SER FA 227 -22.27 72.08 35.73
CA SER FA 227 -23.51 71.86 36.43
C SER FA 227 -24.68 72.18 35.53
N TYR FA 228 -25.83 71.61 35.86
CA TYR FA 228 -27.02 71.77 35.04
C TYR FA 228 -28.24 71.58 35.92
N ASN FA 229 -29.28 72.36 35.63
CA ASN FA 229 -30.42 72.44 36.55
C ASN FA 229 -31.44 71.35 36.23
N ARG FA 230 -30.96 70.12 36.29
CA ARG FA 230 -31.79 68.94 36.06
C ARG FA 230 -31.06 67.76 36.66
N PHE FA 231 -31.61 67.19 37.72
CA PHE FA 231 -30.94 66.07 38.36
C PHE FA 231 -31.94 65.00 38.72
N GLN FA 232 -31.40 63.81 38.94
CA GLN FA 232 -32.16 62.64 39.35
C GLN FA 232 -31.66 62.17 40.71
N ILE FA 233 -32.60 61.67 41.50
CA ILE FA 233 -32.35 61.19 42.85
C ILE FA 233 -32.74 59.73 42.90
N ALA FA 234 -31.92 58.93 43.57
CA ALA FA 234 -32.16 57.52 43.75
C ALA FA 234 -31.88 57.16 45.21
N THR FA 235 -32.49 56.08 45.67
CA THR FA 235 -32.34 55.63 47.04
C THR FA 235 -32.58 54.14 47.12
N VAL FA 236 -31.60 53.43 47.67
CA VAL FA 236 -31.81 52.05 48.09
C VAL FA 236 -32.25 52.07 49.55
N THR FA 237 -33.34 51.35 49.81
CA THR FA 237 -33.79 51.04 51.15
C THR FA 237 -34.05 49.55 51.17
N GLU FA 238 -34.62 49.09 52.28
CA GLU FA 238 -35.14 47.73 52.27
C GLU FA 238 -36.42 47.62 51.45
N LYS FA 239 -37.08 48.75 51.17
CA LYS FA 239 -38.15 48.77 50.18
C LYS FA 239 -37.62 48.64 48.76
N GLY FA 240 -36.32 48.82 48.56
CA GLY FA 240 -35.69 48.49 47.31
C GLY FA 240 -35.04 49.70 46.69
N VAL FA 241 -34.90 49.65 45.37
CA VAL FA 241 -34.20 50.66 44.60
C VAL FA 241 -35.22 51.61 44.02
N GLU FA 242 -35.03 52.90 44.24
CA GLU FA 242 -35.99 53.91 43.82
C GLU FA 242 -35.27 55.03 43.08
N ILE FA 243 -35.80 55.44 41.94
CA ILE FA 243 -35.22 56.52 41.14
C ILE FA 243 -36.25 57.62 41.01
N GLU FA 244 -35.85 58.84 41.38
CA GLU FA 244 -36.76 59.97 41.25
C GLU FA 244 -36.59 60.64 39.89
N GLY FA 245 -37.44 61.64 39.64
CA GLY FA 245 -37.51 62.24 38.34
C GLY FA 245 -36.44 63.29 38.11
N PRO FA 246 -36.53 63.94 36.94
CA PRO FA 246 -35.55 65.00 36.60
C PRO FA 246 -35.78 66.26 37.40
N LEU FA 247 -35.35 66.25 38.66
CA LEU FA 247 -35.62 67.37 39.54
C LEU FA 247 -34.62 68.49 39.28
N SER FA 248 -34.95 69.69 39.75
CA SER FA 248 -34.16 70.87 39.45
C SER FA 248 -33.94 71.66 40.73
N THR FA 249 -33.13 72.72 40.65
CA THR FA 249 -32.73 73.51 41.79
C THR FA 249 -33.39 74.87 41.77
N GLU FA 250 -33.18 75.64 42.83
CA GLU FA 250 -33.83 76.92 43.06
C GLU FA 250 -32.76 77.93 43.45
N THR FA 251 -32.44 78.84 42.55
CA THR FA 251 -31.29 79.70 42.74
C THR FA 251 -31.67 80.97 43.50
N ASN FA 252 -30.64 81.70 43.89
CA ASN FA 252 -30.80 83.05 44.43
C ASN FA 252 -29.84 83.97 43.70
N TRP FA 253 -30.32 85.17 43.39
CA TRP FA 253 -29.49 86.14 42.70
C TRP FA 253 -29.72 87.55 43.25
N ASP FA 254 -30.02 87.65 44.55
CA ASP FA 254 -30.26 88.94 45.15
C ASP FA 254 -28.99 89.75 45.35
N ILE FA 255 -27.85 89.08 45.49
CA ILE FA 255 -26.58 89.78 45.63
C ILE FA 255 -26.12 90.42 44.33
N ALA FA 256 -26.70 90.03 43.20
CA ALA FA 256 -26.40 90.67 41.92
C ALA FA 256 -26.89 92.10 41.87
N HIS FA 257 -27.89 92.44 42.68
CA HIS FA 257 -28.39 93.80 42.76
C HIS FA 257 -27.40 94.73 43.45
N MET FA 258 -26.48 94.19 44.23
CA MET FA 258 -25.34 94.95 44.70
C MET FA 258 -24.42 95.24 43.53
N ILE FA 259 -23.61 96.29 43.69
CA ILE FA 259 -22.66 96.66 42.65
C ILE FA 259 -21.48 95.70 42.65
N SER GA 4 20.16 148.60 47.58
CA SER GA 4 20.69 147.26 47.83
C SER GA 4 20.96 146.55 46.51
N SER GA 5 22.09 146.86 45.89
CA SER GA 5 22.34 146.45 44.51
C SER GA 5 23.60 145.59 44.41
N ALA GA 6 23.48 144.36 44.88
CA ALA GA 6 24.59 143.42 44.86
C ALA GA 6 25.16 143.28 43.46
N GLY GA 7 24.29 142.97 42.50
CA GLY GA 7 24.72 142.81 41.13
C GLY GA 7 23.68 142.25 40.20
N PHE GA 8 23.88 140.99 39.80
CA PHE GA 8 22.98 140.33 38.87
C PHE GA 8 21.63 140.04 39.49
N ASP GA 9 21.38 140.58 40.70
CA ASP GA 9 20.09 140.55 41.36
C ASP GA 9 19.00 141.22 40.54
N ARG GA 10 19.34 142.23 39.75
CA ARG GA 10 18.39 142.79 38.81
C ARG GA 10 18.16 141.93 37.58
N HIS GA 11 18.87 140.79 37.49
CA HIS GA 11 18.77 139.97 36.30
C HIS GA 11 18.33 138.54 36.60
N ILE GA 12 18.93 137.90 37.60
CA ILE GA 12 18.69 136.49 37.85
C ILE GA 12 18.13 136.30 39.25
N THR GA 13 17.87 135.03 39.59
CA THR GA 13 17.20 134.69 40.84
C THR GA 13 18.26 134.42 41.91
N ILE GA 14 18.80 135.51 42.47
CA ILE GA 14 19.72 135.44 43.59
C ILE GA 14 19.20 136.32 44.71
N PHE GA 15 19.67 136.06 45.92
CA PHE GA 15 19.26 136.80 47.10
C PHE GA 15 19.86 138.20 47.05
N SER GA 16 19.06 139.18 47.44
CA SER GA 16 19.56 140.53 47.58
C SER GA 16 20.38 140.63 48.85
N PRO GA 17 21.19 141.67 49.01
CA PRO GA 17 21.58 142.08 50.35
C PRO GA 17 20.34 142.44 51.11
N GLU GA 18 20.24 141.83 52.30
CA GLU GA 18 19.20 141.87 53.35
C GLU GA 18 18.10 140.82 53.20
N GLY GA 19 17.59 140.59 52.00
CA GLY GA 19 16.60 139.55 51.88
C GLY GA 19 15.58 139.41 50.76
N ARG GA 20 15.87 139.82 49.54
CA ARG GA 20 14.86 139.58 48.51
C ARG GA 20 15.48 139.11 47.21
N LEU GA 21 14.66 139.05 46.18
CA LEU GA 21 15.10 138.78 44.83
C LEU GA 21 14.17 139.48 43.86
N TYR GA 22 14.78 140.16 42.89
CA TYR GA 22 14.07 141.20 42.17
C TYR GA 22 13.19 140.68 41.06
N GLN GA 23 13.42 139.45 40.61
CA GLN GA 23 12.71 138.95 39.44
C GLN GA 23 11.26 138.61 39.76
N VAL GA 24 11.02 137.98 40.90
CA VAL GA 24 9.67 137.58 41.25
C VAL GA 24 8.83 138.79 41.63
N GLU GA 25 9.42 139.74 42.34
CA GLU GA 25 8.70 140.97 42.59
C GLU GA 25 8.59 141.86 41.36
N TYR GA 26 9.36 141.60 40.30
CA TYR GA 26 8.98 142.12 39.00
C TYR GA 26 7.81 141.35 38.42
N ALA GA 27 7.71 140.06 38.73
CA ALA GA 27 6.63 139.25 38.20
C ALA GA 27 5.32 139.48 38.95
N PHE GA 28 5.38 140.08 40.13
CA PHE GA 28 4.16 140.46 40.84
C PHE GA 28 3.36 141.49 40.06
N LYS GA 29 4.03 142.40 39.37
CA LYS GA 29 3.37 143.35 38.50
C LYS GA 29 3.42 142.94 37.05
N ALA GA 30 3.91 141.73 36.75
CA ALA GA 30 3.78 141.20 35.40
C ALA GA 30 2.32 140.93 35.06
N ILE GA 31 1.51 140.64 36.07
CA ILE GA 31 0.07 140.51 35.87
C ILE GA 31 -0.53 141.86 35.49
N ASN GA 32 -0.03 142.93 36.09
CA ASN GA 32 -0.70 144.23 36.04
C ASN GA 32 -0.67 144.88 34.66
N GLN GA 33 0.15 144.37 33.74
CA GLN GA 33 0.01 144.82 32.36
C GLN GA 33 -1.14 144.15 31.63
N GLY GA 34 -1.84 143.22 32.29
CA GLY GA 34 -3.01 142.62 31.67
C GLY GA 34 -4.18 143.59 31.58
N GLY GA 35 -4.35 144.42 32.60
CA GLY GA 35 -5.45 145.38 32.61
C GLY GA 35 -6.79 144.72 32.84
N LEU GA 36 -6.98 144.08 34.00
CA LEU GA 36 -8.15 143.25 34.18
C LEU GA 36 -8.46 143.16 35.67
N THR GA 37 -9.70 142.80 35.99
CA THR GA 37 -10.19 142.76 37.36
C THR GA 37 -11.14 141.58 37.54
N SER GA 38 -10.92 140.82 38.61
CA SER GA 38 -11.58 139.54 38.82
C SER GA 38 -12.06 139.42 40.25
N VAL GA 39 -13.30 138.95 40.43
CA VAL GA 39 -13.88 138.80 41.77
C VAL GA 39 -14.51 137.41 41.89
N ALA GA 40 -14.12 136.69 42.95
CA ALA GA 40 -14.75 135.47 43.42
C ALA GA 40 -15.51 135.74 44.70
N VAL GA 41 -16.65 135.06 44.85
CA VAL GA 41 -17.52 135.21 46.01
C VAL GA 41 -17.87 133.82 46.54
N ARG GA 42 -17.61 133.59 47.83
CA ARG GA 42 -18.00 132.36 48.49
C ARG GA 42 -18.48 132.72 49.89
N GLY GA 43 -19.79 132.84 50.04
CA GLY GA 43 -20.35 133.14 51.35
C GLY GA 43 -21.40 132.12 51.78
N LYS GA 44 -21.77 131.27 50.84
CA LYS GA 44 -22.72 130.19 51.10
C LYS GA 44 -22.35 129.04 50.18
N ASP GA 45 -23.31 128.15 49.90
CA ASP GA 45 -23.05 126.94 49.12
C ASP GA 45 -22.76 127.18 47.65
N CYS GA 46 -22.70 128.43 47.22
CA CYS GA 46 -22.30 128.79 45.88
C CYS GA 46 -21.03 129.61 45.91
N ALA GA 47 -20.51 129.88 44.72
CA ALA GA 47 -19.25 130.57 44.50
C ALA GA 47 -19.30 131.17 43.11
N VAL GA 48 -19.04 132.48 43.03
CA VAL GA 48 -19.36 133.28 41.86
C VAL GA 48 -18.07 133.88 41.33
N ILE GA 49 -17.87 133.80 40.03
CA ILE GA 49 -16.71 134.40 39.36
C ILE GA 49 -17.22 135.45 38.39
N VAL GA 50 -16.62 136.64 38.46
CA VAL GA 50 -16.99 137.72 37.55
C VAL GA 50 -15.75 138.48 37.13
N THR GA 51 -15.63 138.73 35.82
CA THR GA 51 -14.48 139.41 35.26
C THR GA 51 -14.90 140.04 33.95
N GLN GA 52 -14.48 141.27 33.69
CA GLN GA 52 -14.85 141.93 32.44
C GLN GA 52 -14.06 141.37 31.27
N LYS GA 53 -14.44 141.82 30.07
CA LYS GA 53 -13.57 141.77 28.91
C LYS GA 53 -13.36 143.18 28.39
N LYS GA 54 -12.36 143.33 27.52
CA LYS GA 54 -12.09 144.61 26.88
C LYS GA 54 -11.80 144.33 25.40
N VAL GA 55 -12.85 144.29 24.60
CA VAL GA 55 -12.74 144.04 23.16
C VAL GA 55 -12.97 145.36 22.44
N PRO GA 56 -11.94 145.91 21.80
CA PRO GA 56 -12.13 147.14 21.02
C PRO GA 56 -12.46 146.90 19.56
N ASP GA 57 -12.25 145.69 19.04
CA ASP GA 57 -12.33 145.43 17.62
C ASP GA 57 -13.65 144.76 17.27
N LYS GA 58 -14.27 145.23 16.20
CA LYS GA 58 -15.41 144.55 15.62
C LYS GA 58 -15.01 143.32 14.83
N LEU GA 59 -13.77 143.27 14.34
CA LEU GA 59 -13.27 142.08 13.67
C LEU GA 59 -12.85 141.00 14.64
N LEU GA 60 -12.76 141.31 15.93
CA LEU GA 60 -12.40 140.35 16.94
C LEU GA 60 -13.64 139.63 17.43
N ASP GA 61 -13.52 138.34 17.69
CA ASP GA 61 -14.67 137.51 18.04
C ASP GA 61 -15.05 137.74 19.49
N SER GA 62 -15.93 136.89 20.02
CA SER GA 62 -16.36 137.02 21.41
C SER GA 62 -16.15 135.77 22.24
N SER GA 63 -16.26 134.58 21.65
CA SER GA 63 -16.01 133.36 22.38
C SER GA 63 -14.52 133.19 22.67
N THR GA 64 -13.67 133.79 21.84
CA THR GA 64 -12.23 133.67 21.95
C THR GA 64 -11.64 134.60 23.01
N VAL GA 65 -12.47 135.19 23.86
CA VAL GA 65 -12.04 136.20 24.82
C VAL GA 65 -12.11 135.67 26.25
N THR GA 66 -12.94 134.67 26.49
CA THR GA 66 -13.31 134.27 27.85
C THR GA 66 -12.15 133.63 28.59
N HIS GA 67 -11.89 134.14 29.79
CA HIS GA 67 -10.85 133.58 30.65
C HIS GA 67 -11.39 132.60 31.67
N LEU GA 68 -12.69 132.33 31.68
CA LEU GA 68 -13.23 131.25 32.48
C LEU GA 68 -12.85 129.92 31.87
N PHE GA 69 -12.11 129.12 32.61
CA PHE GA 69 -11.46 127.93 32.08
C PHE GA 69 -11.88 126.71 32.87
N LYS GA 70 -12.76 125.91 32.27
CA LYS GA 70 -13.29 124.71 32.89
C LYS GA 70 -12.22 123.64 32.87
N ILE GA 71 -11.44 123.58 33.94
CA ILE GA 71 -10.45 122.51 34.07
C ILE GA 71 -11.14 121.18 34.26
N THR GA 72 -11.94 121.08 35.31
CA THR GA 72 -12.67 119.87 35.61
C THR GA 72 -14.14 120.26 35.66
N GLU GA 73 -15.01 119.27 35.49
CA GLU GA 73 -16.46 119.44 35.52
C GLU GA 73 -16.95 120.12 36.78
N ASN GA 74 -16.30 119.88 37.91
CA ASN GA 74 -16.66 120.55 39.14
C ASN GA 74 -15.66 121.65 39.50
N ILE GA 75 -14.57 121.76 38.75
CA ILE GA 75 -13.50 122.68 39.12
C ILE GA 75 -13.30 123.68 38.00
N GLY GA 76 -13.74 124.91 38.20
CA GLY GA 76 -13.52 125.98 37.27
C GLY GA 76 -12.45 126.91 37.77
N CYS GA 77 -11.87 127.66 36.84
CA CYS GA 77 -10.85 128.61 37.23
C CYS GA 77 -10.92 129.80 36.29
N VAL GA 78 -10.23 130.87 36.67
CA VAL GA 78 -10.10 132.03 35.82
C VAL GA 78 -8.67 132.53 35.96
N MET GA 79 -8.21 133.22 34.93
CA MET GA 79 -6.81 133.58 34.82
C MET GA 79 -6.62 135.07 34.71
N THR GA 80 -5.50 135.54 35.23
CA THR GA 80 -5.06 136.92 35.07
C THR GA 80 -3.69 136.90 34.41
N GLY GA 81 -3.07 138.06 34.27
CA GLY GA 81 -1.75 138.12 33.69
C GLY GA 81 -1.78 137.99 32.19
N MET GA 82 -0.65 137.55 31.64
CA MET GA 82 -0.55 137.38 30.20
C MET GA 82 -1.15 136.04 29.78
N THR GA 83 -1.43 135.95 28.48
CA THR GA 83 -2.27 134.88 27.97
C THR GA 83 -1.54 133.55 27.90
N ALA GA 84 -0.28 133.57 27.49
CA ALA GA 84 0.43 132.33 27.19
C ALA GA 84 0.76 131.55 28.45
N ASP GA 85 1.23 132.23 29.49
CA ASP GA 85 1.50 131.60 30.78
C ASP GA 85 0.22 131.04 31.37
N SER GA 86 -0.88 131.78 31.22
CA SER GA 86 -2.17 131.38 31.76
C SER GA 86 -2.67 130.11 31.09
N ARG GA 87 -2.63 130.08 29.76
CA ARG GA 87 -3.07 128.92 29.00
C ARG GA 87 -2.20 127.69 29.28
N SER GA 88 -0.87 127.90 29.34
CA SER GA 88 0.03 126.79 29.62
C SER GA 88 -0.22 126.21 31.00
N GLN GA 89 -0.46 127.08 31.96
CA GLN GA 89 -0.83 126.66 33.30
C GLN GA 89 -2.18 125.95 33.29
N VAL GA 90 -3.06 126.32 32.35
CA VAL GA 90 -4.34 125.65 32.22
C VAL GA 90 -4.15 124.20 31.78
N GLN GA 91 -3.36 123.95 30.74
CA GLN GA 91 -3.20 122.54 30.35
C GLN GA 91 -2.35 121.76 31.32
N ARG GA 92 -1.47 122.43 32.07
CA ARG GA 92 -0.77 121.75 33.14
C ARG GA 92 -1.74 121.31 34.23
N ALA GA 93 -2.70 122.16 34.56
CA ALA GA 93 -3.64 121.83 35.62
C ALA GA 93 -4.60 120.74 35.19
N ARG GA 94 -5.07 120.81 33.95
CA ARG GA 94 -5.92 119.75 33.41
C ARG GA 94 -5.17 118.44 33.39
N TYR GA 95 -3.90 118.50 33.00
CA TYR GA 95 -3.08 117.31 32.88
C TYR GA 95 -2.87 116.66 34.24
N GLU GA 96 -2.50 117.44 35.25
CA GLU GA 96 -2.22 116.87 36.56
C GLU GA 96 -3.50 116.44 37.25
N ALA GA 97 -4.62 117.11 36.98
CA ALA GA 97 -5.88 116.69 37.56
C ALA GA 97 -6.33 115.37 36.97
N ALA GA 98 -6.13 115.21 35.66
CA ALA GA 98 -6.40 113.94 35.02
C ALA GA 98 -5.43 112.87 35.50
N ASN GA 99 -4.23 113.27 35.91
CA ASN GA 99 -3.31 112.32 36.50
C ASN GA 99 -3.76 111.90 37.89
N TRP GA 100 -4.41 112.81 38.62
CA TRP GA 100 -5.04 112.43 39.87
C TRP GA 100 -6.14 111.41 39.62
N LYS GA 101 -6.91 111.63 38.56
CA LYS GA 101 -8.01 110.73 38.27
C LYS GA 101 -7.51 109.38 37.81
N TYR GA 102 -6.38 109.35 37.12
CA TYR GA 102 -5.87 108.06 36.68
C TYR GA 102 -5.18 107.34 37.82
N LYS GA 103 -4.26 108.02 38.48
CA LYS GA 103 -3.44 107.39 39.50
C LYS GA 103 -4.23 107.07 40.76
N TYR GA 104 -5.26 107.85 41.05
CA TYR GA 104 -5.96 107.76 42.33
C TYR GA 104 -7.40 107.34 42.19
N GLY GA 105 -7.96 107.42 41.00
CA GLY GA 105 -9.25 106.83 40.71
C GLY GA 105 -10.44 107.66 41.10
N TYR GA 106 -10.24 108.92 41.49
CA TYR GA 106 -11.36 109.73 41.94
C TYR GA 106 -11.02 111.20 41.71
N GLU GA 107 -11.93 112.04 42.18
CA GLU GA 107 -11.87 113.47 41.92
C GLU GA 107 -10.76 114.15 42.70
N ILE GA 108 -10.00 114.99 42.02
CA ILE GA 108 -8.92 115.72 42.70
C ILE GA 108 -9.53 116.80 43.59
N PRO GA 109 -9.03 116.95 44.82
CA PRO GA 109 -9.37 118.14 45.60
C PRO GA 109 -8.72 119.36 44.99
N VAL GA 110 -9.48 120.45 44.98
CA VAL GA 110 -8.97 121.70 44.46
C VAL GA 110 -7.89 122.27 45.36
N ASP GA 111 -7.92 121.93 46.65
CA ASP GA 111 -6.85 122.35 47.54
C ASP GA 111 -5.55 121.62 47.24
N MET GA 112 -5.63 120.30 47.08
CA MET GA 112 -4.48 119.50 46.68
C MET GA 112 -3.96 119.94 45.31
N LEU GA 113 -4.88 120.28 44.41
CA LEU GA 113 -4.51 120.75 43.09
C LEU GA 113 -3.75 122.06 43.18
N CYS GA 114 -4.24 122.99 44.01
CA CYS GA 114 -3.58 124.27 44.19
C CYS GA 114 -2.21 124.11 44.84
N LYS GA 115 -2.09 123.11 45.72
CA LYS GA 115 -0.79 122.74 46.25
C LYS GA 115 0.15 122.30 45.15
N ARG GA 116 -0.33 121.45 44.24
CA ARG GA 116 0.51 120.92 43.18
C ARG GA 116 0.95 122.02 42.22
N ILE GA 117 0.01 122.88 41.82
CA ILE GA 117 0.31 123.97 40.91
C ILE GA 117 1.28 124.95 41.55
N ALA GA 118 1.09 125.20 42.85
CA ALA GA 118 2.02 126.07 43.58
C ALA GA 118 3.40 125.43 43.67
N ASP GA 119 3.46 124.11 43.72
CA ASP GA 119 4.74 123.43 43.69
C ASP GA 119 5.40 123.58 42.32
N ILE GA 120 4.60 123.56 41.26
CA ILE GA 120 5.15 123.75 39.91
C ILE GA 120 5.68 125.17 39.76
N SER GA 121 4.98 126.14 40.35
CA SER GA 121 5.49 127.50 40.39
C SER GA 121 6.76 127.60 41.21
N GLN GA 122 6.90 126.76 42.24
CA GLN GA 122 8.16 126.68 42.94
C GLN GA 122 9.23 126.04 42.08
N VAL GA 123 8.85 125.17 41.14
CA VAL GA 123 9.84 124.58 40.26
C VAL GA 123 10.40 125.63 39.31
N TYR GA 124 9.52 126.43 38.69
CA TYR GA 124 10.00 127.51 37.84
C TYR GA 124 10.69 128.61 38.62
N THR GA 125 10.30 128.80 39.88
CA THR GA 125 10.89 129.81 40.73
C THR GA 125 12.30 129.43 41.16
N GLN GA 126 12.49 128.15 41.48
CA GLN GA 126 13.70 127.71 42.15
C GLN GA 126 14.88 127.73 41.19
N ASN GA 127 14.72 127.12 40.03
CA ASN GA 127 15.81 127.08 39.09
C ASN GA 127 15.89 128.39 38.31
N ALA GA 128 17.12 128.83 38.04
CA ALA GA 128 17.33 130.01 37.22
C ALA GA 128 17.31 129.61 35.75
N GLU GA 129 17.49 130.62 34.88
CA GLU GA 129 17.36 130.52 33.42
C GLU GA 129 16.02 129.92 33.00
N MET GA 130 14.98 130.20 33.78
CA MET GA 130 13.66 129.69 33.51
C MET GA 130 12.67 130.81 33.78
N ARG GA 131 11.89 131.16 32.77
CA ARG GA 131 11.03 132.33 32.83
C ARG GA 131 9.82 132.06 33.71
N PRO GA 132 9.66 132.80 34.80
CA PRO GA 132 8.77 132.33 35.86
C PRO GA 132 7.29 132.69 35.73
N LEU GA 133 6.70 132.60 34.53
CA LEU GA 133 5.26 132.47 34.29
C LEU GA 133 4.40 133.56 34.95
N GLY GA 134 4.49 134.77 34.43
CA GLY GA 134 3.79 135.89 35.03
C GLY GA 134 2.28 135.90 34.87
N CYS GA 135 1.59 134.99 35.57
CA CYS GA 135 0.14 134.96 35.61
C CYS GA 135 -0.32 134.40 36.94
N CYS GA 136 -1.50 134.81 37.38
CA CYS GA 136 -2.09 134.33 38.62
C CYS GA 136 -3.39 133.59 38.33
N MET GA 137 -3.67 132.56 39.12
CA MET GA 137 -4.84 131.72 38.92
C MET GA 137 -5.80 131.90 40.08
N ILE GA 138 -7.09 131.94 39.77
CA ILE GA 138 -8.14 131.90 40.79
C ILE GA 138 -8.97 130.65 40.54
N LEU GA 139 -9.21 129.89 41.61
CA LEU GA 139 -9.71 128.53 41.54
C LEU GA 139 -11.01 128.40 42.32
N ILE GA 140 -11.96 127.63 41.79
CA ILE GA 140 -13.16 127.27 42.52
C ILE GA 140 -13.52 125.80 42.29
N GLY GA 141 -14.09 125.19 43.31
CA GLY GA 141 -14.61 123.85 43.20
C GLY GA 141 -15.65 123.59 44.27
N ILE GA 142 -16.08 122.34 44.34
CA ILE GA 142 -16.97 121.85 45.39
C ILE GA 142 -16.27 120.69 46.09
N ASP GA 143 -16.16 120.78 47.41
CA ASP GA 143 -15.73 119.64 48.20
C ASP GA 143 -16.87 119.24 49.11
N GLU GA 144 -17.08 117.93 49.22
CA GLU GA 144 -18.09 117.38 50.11
C GLU GA 144 -17.70 117.63 51.56
N GLU GA 145 -18.70 117.95 52.37
CA GLU GA 145 -18.62 118.41 53.76
C GLU GA 145 -17.79 119.69 53.90
N GLN GA 146 -17.53 120.41 52.81
CA GLN GA 146 -16.73 121.62 52.84
C GLN GA 146 -17.32 122.75 52.00
N GLY GA 147 -18.32 122.48 51.18
CA GLY GA 147 -18.98 123.51 50.40
C GLY GA 147 -18.20 123.84 49.14
N PRO GA 148 -18.38 125.05 48.62
CA PRO GA 148 -17.54 125.53 47.53
C PRO GA 148 -16.22 126.11 48.05
N GLN GA 149 -15.23 126.10 47.18
CA GLN GA 149 -13.87 126.45 47.56
C GLN GA 149 -13.27 127.40 46.54
N VAL GA 150 -12.63 128.44 47.07
CA VAL GA 150 -11.90 129.42 46.29
C VAL GA 150 -10.45 129.33 46.72
N TYR GA 151 -9.54 129.31 45.74
CA TYR GA 151 -8.12 129.35 46.02
C TYR GA 151 -7.45 130.31 45.06
N LYS GA 152 -6.20 130.60 45.33
CA LYS GA 152 -5.42 131.52 44.51
C LYS GA 152 -4.01 130.99 44.39
N CYS GA 153 -3.49 131.01 43.16
CA CYS GA 153 -2.12 130.59 42.90
C CYS GA 153 -1.34 131.74 42.32
N ASP GA 154 -0.36 132.19 43.06
CA ASP GA 154 0.49 133.30 42.67
C ASP GA 154 1.62 132.81 41.79
N PRO GA 155 2.27 133.71 41.04
CA PRO GA 155 3.52 133.32 40.37
C PRO GA 155 4.63 132.98 41.34
N ALA GA 156 4.59 133.50 42.56
CA ALA GA 156 5.57 133.15 43.57
C ALA GA 156 5.36 131.76 44.16
N GLY GA 157 4.25 131.10 43.84
CA GLY GA 157 3.90 129.84 44.45
C GLY GA 157 3.31 129.97 45.83
N TYR GA 158 3.24 131.18 46.36
CA TYR GA 158 2.64 131.43 47.66
C TYR GA 158 1.14 131.39 47.46
N TYR GA 159 0.55 130.23 47.70
CA TYR GA 159 -0.87 130.08 47.41
C TYR GA 159 -1.68 130.31 48.67
N CYS GA 160 -2.98 130.54 48.48
CA CYS GA 160 -3.90 130.70 49.57
C CYS GA 160 -5.31 130.42 49.06
N GLY GA 161 -6.27 130.53 49.97
CA GLY GA 161 -7.66 130.41 49.62
C GLY GA 161 -8.56 131.09 50.62
N PHE GA 162 -9.51 131.89 50.14
CA PHE GA 162 -10.32 132.72 51.02
C PHE GA 162 -11.58 133.11 50.26
N LYS GA 163 -12.51 133.74 51.00
CA LYS GA 163 -13.90 133.80 50.57
C LYS GA 163 -14.14 134.91 49.57
N ALA GA 164 -13.92 136.15 49.97
CA ALA GA 164 -14.17 137.31 49.13
C ALA GA 164 -12.87 137.67 48.42
N THR GA 165 -12.80 137.36 47.14
CA THR GA 165 -11.53 137.33 46.45
C THR GA 165 -11.57 138.27 45.24
N ALA GA 166 -10.45 138.93 44.98
CA ALA GA 166 -10.34 139.81 43.82
C ALA GA 166 -8.88 139.93 43.44
N ALA GA 167 -8.58 139.73 42.16
CA ALA GA 167 -7.20 139.82 41.69
C ALA GA 167 -7.21 140.38 40.28
N GLY GA 168 -6.03 140.76 39.81
CA GLY GA 168 -5.94 141.50 38.57
C GLY GA 168 -5.01 142.69 38.70
N VAL GA 169 -5.57 143.89 38.58
CA VAL GA 169 -4.80 145.13 38.57
C VAL GA 169 -5.19 146.03 39.74
N LYS GA 170 -6.49 146.23 39.95
CA LYS GA 170 -7.01 147.32 40.75
C LYS GA 170 -7.70 146.84 42.03
N GLN GA 171 -7.04 146.00 42.80
CA GLN GA 171 -7.74 145.27 43.85
C GLN GA 171 -7.32 145.65 45.25
N THR GA 172 -6.51 146.70 45.41
CA THR GA 172 -6.45 147.34 46.71
C THR GA 172 -7.78 148.00 47.02
N GLU GA 173 -8.38 148.61 46.00
CA GLU GA 173 -9.69 149.22 46.14
C GLU GA 173 -10.77 148.15 46.29
N SER GA 174 -10.58 147.00 45.65
CA SER GA 174 -11.59 145.98 45.70
C SER GA 174 -11.52 145.20 47.00
N THR GA 175 -10.32 144.79 47.40
CA THR GA 175 -10.17 144.09 48.67
C THR GA 175 -10.46 144.99 49.85
N SER GA 176 -10.07 146.26 49.77
CA SER GA 176 -10.46 147.21 50.81
C SER GA 176 -11.96 147.45 50.78
N PHE GA 177 -12.55 147.43 49.57
CA PHE GA 177 -13.99 147.55 49.44
C PHE GA 177 -14.72 146.38 50.09
N LEU GA 178 -14.19 145.17 49.94
CA LEU GA 178 -14.85 144.02 50.52
C LEU GA 178 -14.56 143.90 52.01
N GLU GA 179 -13.43 144.42 52.47
CA GLU GA 179 -13.24 144.63 53.89
C GLU GA 179 -14.27 145.59 54.44
N LYS GA 180 -14.60 146.62 53.68
CA LYS GA 180 -15.74 147.46 54.01
C LYS GA 180 -17.07 146.75 53.79
N LYS GA 181 -17.09 145.70 52.97
CA LYS GA 181 -18.35 145.04 52.65
C LYS GA 181 -18.55 143.76 53.42
N VAL GA 182 -17.64 142.79 53.31
CA VAL GA 182 -17.78 141.56 54.07
C VAL GA 182 -17.10 141.83 55.41
N LYS GA 183 -17.85 142.49 56.28
CA LYS GA 183 -17.60 142.50 57.70
C LYS GA 183 -18.87 142.27 58.47
N LYS GA 184 -20.02 142.59 57.88
CA LYS GA 184 -21.30 142.12 58.34
C LYS GA 184 -21.48 140.69 57.86
N LYS GA 185 -22.06 139.86 58.72
CA LYS GA 185 -22.09 138.41 58.53
C LYS GA 185 -23.40 137.92 57.96
N PHE GA 186 -23.97 138.62 56.98
CA PHE GA 186 -25.18 138.15 56.33
C PHE GA 186 -24.91 136.86 55.56
N ASP GA 187 -25.98 136.13 55.28
CA ASP GA 187 -25.89 135.04 54.34
C ASP GA 187 -25.71 135.60 52.93
N TRP GA 188 -25.22 134.75 52.04
CA TRP GA 188 -24.88 135.19 50.69
C TRP GA 188 -25.67 134.26 49.78
N THR GA 189 -26.92 134.63 49.56
CA THR GA 189 -27.92 133.71 49.03
C THR GA 189 -28.04 133.81 47.52
N PHE GA 190 -26.90 133.68 46.84
CA PHE GA 190 -26.80 133.38 45.41
C PHE GA 190 -27.24 134.54 44.51
N GLU GA 191 -27.84 135.56 45.09
CA GLU GA 191 -28.04 136.85 44.46
C GLU GA 191 -27.65 137.97 45.40
N GLN GA 192 -27.50 137.62 46.68
CA GLN GA 192 -26.63 138.41 47.53
C GLN GA 192 -25.20 138.32 47.04
N THR GA 193 -24.80 137.13 46.60
CA THR GA 193 -23.48 136.96 45.98
C THR GA 193 -23.40 137.73 44.68
N VAL GA 194 -24.35 137.48 43.78
CA VAL GA 194 -24.33 138.09 42.45
C VAL GA 194 -24.52 139.58 42.55
N GLU GA 195 -25.39 140.01 43.46
CA GLU GA 195 -25.59 141.43 43.72
C GLU GA 195 -24.32 142.09 44.21
N THR GA 196 -23.67 141.50 45.21
CA THR GA 196 -22.45 142.11 45.74
C THR GA 196 -21.28 141.97 44.80
N ALA GA 197 -21.36 141.07 43.82
CA ALA GA 197 -20.27 140.92 42.86
C ALA GA 197 -20.42 141.92 41.71
N ILE GA 198 -21.59 141.98 41.12
CA ILE GA 198 -21.83 142.91 40.02
C ILE GA 198 -21.78 144.34 40.54
N THR GA 199 -22.25 144.55 41.75
CA THR GA 199 -22.14 145.88 42.33
C THR GA 199 -20.77 146.15 42.91
N CYS GA 200 -20.01 145.12 43.31
CA CYS GA 200 -18.68 145.39 43.85
C CYS GA 200 -17.73 145.77 42.73
N LEU GA 201 -17.80 145.04 41.61
CA LEU GA 201 -17.14 145.46 40.39
C LEU GA 201 -17.72 146.77 39.89
N SER GA 202 -19.00 147.02 40.17
CA SER GA 202 -19.58 148.32 39.89
C SER GA 202 -19.34 149.33 41.00
N THR GA 203 -18.41 149.05 41.91
CA THR GA 203 -17.84 150.11 42.72
C THR GA 203 -16.39 150.36 42.37
N VAL GA 204 -15.64 149.30 42.07
CA VAL GA 204 -14.23 149.48 41.75
C VAL GA 204 -14.09 150.03 40.33
N LEU GA 205 -14.80 149.44 39.38
CA LEU GA 205 -14.84 150.01 38.05
C LEU GA 205 -15.97 151.02 37.89
N SER GA 206 -17.15 150.68 38.43
CA SER GA 206 -18.32 151.55 38.52
C SER GA 206 -18.78 152.05 37.14
N ILE GA 207 -19.16 151.09 36.30
CA ILE GA 207 -19.54 151.37 34.93
C ILE GA 207 -20.97 150.90 34.65
N ASP GA 208 -21.31 149.67 35.06
CA ASP GA 208 -22.62 149.03 34.87
C ASP GA 208 -23.03 149.01 33.39
N PHE GA 209 -22.20 148.33 32.63
CA PHE GA 209 -22.23 148.22 31.18
C PHE GA 209 -23.19 147.13 30.72
N LYS GA 210 -23.03 146.77 29.44
CA LYS GA 210 -23.84 145.76 28.79
C LYS GA 210 -23.64 144.41 29.48
N PRO GA 211 -24.62 143.51 29.40
CA PRO GA 211 -24.43 142.16 29.92
C PRO GA 211 -23.48 141.27 29.10
N SER GA 212 -22.70 141.82 28.18
CA SER GA 212 -21.84 141.02 27.32
C SER GA 212 -20.37 141.06 27.72
N GLU GA 213 -19.97 141.94 28.64
CA GLU GA 213 -18.54 142.11 28.89
C GLU GA 213 -18.04 141.30 30.07
N ILE GA 214 -18.74 141.30 31.16
CA ILE GA 214 -18.38 140.46 32.28
C ILE GA 214 -18.80 139.03 32.01
N GLU GA 215 -17.86 138.13 32.21
CA GLU GA 215 -18.09 136.71 32.32
C GLU GA 215 -18.32 136.37 33.78
N VAL GA 216 -19.35 135.57 34.03
CA VAL GA 216 -19.68 135.07 35.36
C VAL GA 216 -19.73 133.56 35.29
N GLY GA 217 -18.87 132.90 36.07
CA GLY GA 217 -18.91 131.46 36.21
C GLY GA 217 -19.29 131.09 37.63
N VAL GA 218 -20.43 130.43 37.77
CA VAL GA 218 -20.92 130.11 39.10
C VAL GA 218 -20.75 128.60 39.31
N VAL GA 219 -20.60 128.23 40.57
CA VAL GA 219 -20.80 126.85 40.97
C VAL GA 219 -21.59 126.89 42.26
N THR GA 220 -22.47 125.92 42.45
CA THR GA 220 -23.39 125.93 43.57
C THR GA 220 -23.55 124.50 44.01
N VAL GA 221 -23.76 124.30 45.31
CA VAL GA 221 -23.95 122.97 45.89
C VAL GA 221 -25.04 122.16 45.21
N GLU GA 222 -26.03 122.83 44.63
CA GLU GA 222 -27.12 122.16 43.93
C GLU GA 222 -26.56 121.44 42.71
N ASN GA 223 -26.19 122.22 41.69
CA ASN GA 223 -25.55 121.65 40.52
C ASN GA 223 -24.08 121.94 40.71
N PRO GA 224 -23.31 121.03 41.32
CA PRO GA 224 -21.88 121.28 41.53
C PRO GA 224 -21.04 121.25 40.27
N LYS GA 225 -21.63 121.05 39.10
CA LYS GA 225 -20.91 121.24 37.86
C LYS GA 225 -20.55 122.70 37.68
N PHE GA 226 -19.34 122.94 37.21
CA PHE GA 226 -18.90 124.29 36.90
C PHE GA 226 -19.72 124.87 35.78
N ARG GA 227 -20.18 126.10 35.98
CA ARG GA 227 -21.26 126.63 35.16
C ARG GA 227 -20.99 128.08 34.82
N ILE GA 228 -20.89 128.36 33.52
CA ILE GA 228 -20.63 129.71 33.02
C ILE GA 228 -21.95 130.29 32.54
N LEU GA 229 -22.22 131.53 32.94
CA LEU GA 229 -23.53 132.12 32.75
C LEU GA 229 -23.78 132.54 31.31
N THR GA 230 -25.04 132.87 31.06
CA THR GA 230 -25.56 133.15 29.73
C THR GA 230 -25.94 134.63 29.66
N GLU GA 231 -25.91 135.19 28.44
CA GLU GA 231 -26.19 136.60 28.19
C GLU GA 231 -27.53 137.05 28.75
N ALA GA 232 -28.57 136.22 28.58
CA ALA GA 232 -29.90 136.60 29.02
C ALA GA 232 -30.01 136.59 30.54
N GLU GA 233 -29.38 135.60 31.18
CA GLU GA 233 -29.46 135.52 32.64
C GLU GA 233 -28.48 136.47 33.31
N ILE GA 234 -27.39 136.80 32.63
CA ILE GA 234 -26.53 137.89 33.08
C ILE GA 234 -27.30 139.20 33.00
N ASP GA 235 -28.11 139.37 31.96
CA ASP GA 235 -28.97 140.53 31.87
C ASP GA 235 -30.04 140.51 32.96
N ALA GA 236 -30.51 139.31 33.31
CA ALA GA 236 -31.56 139.19 34.33
C ALA GA 236 -31.00 139.53 35.71
N HIS GA 237 -29.79 139.08 36.01
CA HIS GA 237 -29.18 139.45 37.27
C HIS GA 237 -28.68 140.89 37.25
N LEU GA 238 -28.42 141.42 36.06
CA LEU GA 238 -27.99 142.82 35.97
C LEU GA 238 -29.15 143.75 36.25
N VAL GA 239 -30.31 143.49 35.66
CA VAL GA 239 -31.48 144.28 35.99
C VAL GA 239 -32.06 143.92 37.34
N ALA GA 240 -31.66 142.77 37.89
CA ALA GA 240 -32.13 142.38 39.22
C ALA GA 240 -31.50 143.23 40.31
N LEU GA 241 -30.41 143.93 39.99
CA LEU GA 241 -29.83 144.92 40.87
C LEU GA 241 -29.89 146.32 40.28
N ALA GA 242 -30.73 146.53 39.27
CA ALA GA 242 -30.91 147.85 38.68
C ALA GA 242 -32.22 148.43 39.18
N GLU GA 243 -32.16 149.13 40.30
CA GLU GA 243 -33.32 149.81 40.86
C GLU GA 243 -33.02 151.28 41.11
N GLU HA 2 16.77 122.20 29.57
CA GLU HA 2 17.72 123.27 29.84
C GLU HA 2 19.03 123.10 29.07
N ARG HA 3 20.09 123.75 29.57
CA ARG HA 3 21.32 123.86 28.81
C ARG HA 3 22.41 122.96 29.38
N GLY HA 4 22.46 122.81 30.69
CA GLY HA 4 23.61 122.19 31.33
C GLY HA 4 24.58 123.17 31.95
N TYR HA 5 24.05 124.09 32.77
CA TYR HA 5 24.89 124.98 33.58
C TYR HA 5 25.19 124.31 34.92
N SER HA 6 25.52 125.16 35.91
CA SER HA 6 25.83 124.86 37.32
C SER HA 6 27.27 124.44 37.56
N PHE HA 7 28.15 125.43 37.53
CA PHE HA 7 29.57 125.26 37.75
C PHE HA 7 29.91 126.06 39.00
N SER HA 8 29.32 125.65 40.12
CA SER HA 8 29.50 126.30 41.43
C SER HA 8 29.16 127.79 41.40
N LEU HA 9 27.85 128.09 41.36
CA LEU HA 9 27.37 129.47 41.34
C LEU HA 9 27.95 130.20 42.54
N THR HA 10 28.45 129.41 43.48
CA THR HA 10 29.09 129.90 44.69
C THR HA 10 30.60 129.93 44.56
N THR HA 11 31.19 131.11 44.72
CA THR HA 11 32.62 131.23 44.93
C THR HA 11 32.86 131.74 46.33
N PHE HA 12 34.09 131.58 46.80
CA PHE HA 12 34.47 132.16 48.07
C PHE HA 12 34.57 133.67 47.92
N SER HA 13 34.35 134.38 49.03
CA SER HA 13 34.71 135.77 49.10
C SER HA 13 36.22 135.89 49.15
N PRO HA 14 36.77 137.08 48.87
CA PRO HA 14 38.19 137.29 49.19
C PRO HA 14 38.50 137.16 50.66
N SER HA 15 37.52 137.43 51.53
CA SER HA 15 37.61 137.02 52.92
C SER HA 15 37.53 135.51 53.08
N GLY HA 16 36.91 134.79 52.16
CA GLY HA 16 36.74 133.37 52.29
C GLY HA 16 35.32 132.92 52.53
N LYS HA 17 34.42 133.87 52.78
CA LYS HA 17 33.04 133.55 53.12
C LYS HA 17 32.23 133.35 51.85
N LEU HA 18 30.95 133.04 52.03
CA LEU HA 18 30.05 132.71 50.92
C LEU HA 18 28.87 133.66 51.04
N VAL HA 19 28.74 134.57 50.06
CA VAL HA 19 27.93 135.77 50.24
C VAL HA 19 26.45 135.46 50.14
N GLN HA 20 26.05 134.67 49.14
CA GLN HA 20 24.64 134.40 48.91
C GLN HA 20 24.02 133.57 50.01
N ILE HA 21 24.81 132.74 50.68
CA ILE HA 21 24.34 132.03 51.86
C ILE HA 21 24.05 133.00 52.99
N GLU HA 22 24.91 134.01 53.14
CA GLU HA 22 24.69 135.03 54.16
C GLU HA 22 23.50 135.90 53.81
N TYR HA 23 23.24 136.08 52.53
CA TYR HA 23 22.03 136.78 52.12
C TYR HA 23 20.81 135.91 52.29
N ALA HA 24 20.99 134.60 52.27
CA ALA HA 24 19.87 133.70 52.55
C ALA HA 24 19.55 133.70 54.03
N LEU HA 25 20.60 133.78 54.87
CA LEU HA 25 20.39 133.98 56.30
C LEU HA 25 19.76 135.34 56.57
N ALA HA 26 20.09 136.33 55.73
CA ALA HA 26 19.42 137.61 55.79
C ALA HA 26 17.96 137.49 55.40
N ALA HA 27 17.66 136.58 54.46
CA ALA HA 27 16.27 136.36 54.08
C ALA HA 27 15.50 135.64 55.17
N VAL HA 28 16.18 134.80 55.95
CA VAL HA 28 15.52 134.11 57.05
C VAL HA 28 15.28 135.08 58.20
N ALA HA 29 16.33 135.78 58.63
CA ALA HA 29 16.24 136.62 59.82
C ALA HA 29 15.39 137.85 59.59
N GLY HA 30 15.21 138.26 58.34
CA GLY HA 30 14.34 139.38 58.05
C GLY HA 30 12.88 139.02 57.88
N GLY HA 31 12.45 137.93 58.50
CA GLY HA 31 11.10 137.43 58.34
C GLY HA 31 10.26 137.58 59.58
N ALA HA 32 10.15 136.49 60.32
CA ALA HA 32 9.06 136.33 61.26
C ALA HA 32 9.60 135.85 62.61
N PRO HA 33 8.97 136.19 63.73
CA PRO HA 33 9.25 135.47 64.99
C PRO HA 33 8.18 134.48 65.48
N SER HA 34 8.64 133.29 65.85
CA SER HA 34 7.81 132.20 66.39
C SER HA 34 8.56 131.57 67.57
N VAL HA 35 8.14 130.39 68.02
CA VAL HA 35 8.83 129.77 69.16
C VAL HA 35 8.74 128.23 69.30
N GLY HA 36 9.86 127.64 69.68
CA GLY HA 36 9.98 126.20 69.86
C GLY HA 36 10.66 125.83 71.17
N ILE HA 37 10.03 125.02 72.02
CA ILE HA 37 10.57 124.73 73.35
C ILE HA 37 10.48 123.23 73.61
N LYS HA 38 11.59 122.63 74.01
CA LYS HA 38 11.62 121.24 74.43
C LYS HA 38 11.34 121.16 75.92
N ALA HA 39 10.32 120.40 76.30
CA ALA HA 39 9.98 120.19 77.69
C ALA HA 39 10.49 118.83 78.14
N ALA HA 40 10.24 118.48 79.41
CA ALA HA 40 10.75 117.25 79.99
C ALA HA 40 10.05 116.02 79.41
N ASN HA 41 8.80 116.16 79.03
CA ASN HA 41 8.02 115.04 78.51
C ASN HA 41 7.85 115.05 77.00
N GLY HA 42 7.52 116.20 76.42
CA GLY HA 42 7.35 116.33 74.99
C GLY HA 42 8.00 117.62 74.53
N VAL HA 43 7.76 117.97 73.27
CA VAL HA 43 8.28 119.22 72.72
C VAL HA 43 7.12 120.04 72.17
N VAL HA 44 7.04 121.30 72.58
CA VAL HA 44 5.96 122.19 72.17
C VAL HA 44 6.50 123.14 71.11
N LEU HA 45 5.87 123.15 69.94
CA LEU HA 45 6.12 124.12 68.90
C LEU HA 45 4.92 125.05 68.77
N ALA HA 46 5.20 126.31 68.47
CA ALA HA 46 4.12 127.30 68.40
C ALA HA 46 4.44 128.36 67.37
N THR HA 47 3.42 128.74 66.59
CA THR HA 47 3.45 129.90 65.71
C THR HA 47 2.42 130.91 66.17
N GLU HA 48 2.39 132.04 65.47
CA GLU HA 48 1.36 133.06 65.66
C GLU HA 48 0.95 133.48 64.25
N LYS HA 49 0.01 132.77 63.66
CA LYS HA 49 -0.31 132.92 62.25
C LYS HA 49 -1.51 133.85 62.12
N LYS HA 50 -1.24 135.12 61.89
CA LYS HA 50 -2.29 136.08 61.58
C LYS HA 50 -2.37 136.23 60.07
N GLN HA 51 -3.59 136.40 59.58
CA GLN HA 51 -3.79 136.58 58.15
C GLN HA 51 -3.40 138.00 57.74
N LYS HA 52 -3.11 138.17 56.45
CA LYS HA 52 -2.80 139.50 55.95
C LYS HA 52 -4.06 140.34 55.81
N SER HA 53 -5.19 139.70 55.49
CA SER HA 53 -6.47 140.36 55.42
C SER HA 53 -7.38 139.80 56.51
N ILE HA 54 -8.65 140.16 56.44
CA ILE HA 54 -9.65 139.57 57.32
C ILE HA 54 -10.41 138.47 56.61
N LEU HA 55 -9.87 137.97 55.51
CA LEU HA 55 -10.62 137.09 54.63
C LEU HA 55 -10.13 135.66 54.67
N TYR HA 56 -8.89 135.46 55.10
CA TYR HA 56 -8.18 134.22 54.83
C TYR HA 56 -8.68 133.10 55.73
N ASP HA 57 -8.79 131.91 55.16
CA ASP HA 57 -9.12 130.73 55.94
C ASP HA 57 -7.85 130.20 56.58
N GLU HA 58 -7.92 130.00 57.90
CA GLU HA 58 -6.82 129.41 58.66
C GLU HA 58 -6.98 127.91 58.79
N ARG HA 59 -8.02 127.35 58.18
CA ARG HA 59 -8.20 125.92 58.14
C ARG HA 59 -7.58 125.30 56.89
N SER HA 60 -6.90 126.10 56.08
CA SER HA 60 -6.30 125.63 54.84
C SER HA 60 -4.81 125.33 55.00
N VAL HA 61 -4.02 126.32 55.36
CA VAL HA 61 -2.58 126.17 55.44
C VAL HA 61 -2.20 126.04 56.90
N HIS HA 62 -1.27 125.14 57.21
CA HIS HA 62 -0.95 124.79 58.59
C HIS HA 62 0.56 124.74 58.76
N LYS HA 63 1.10 125.67 59.54
CA LYS HA 63 2.54 125.80 59.72
C LYS HA 63 3.11 124.63 60.49
N VAL HA 64 2.47 124.26 61.60
CA VAL HA 64 2.88 123.07 62.33
C VAL HA 64 2.51 121.85 61.51
N GLU HA 65 3.52 121.12 61.07
CA GLU HA 65 3.25 119.99 60.24
C GLU HA 65 3.98 118.75 60.75
N PRO HA 66 3.26 117.65 60.94
CA PRO HA 66 3.93 116.39 61.25
C PRO HA 66 4.60 115.81 60.03
N ILE HA 67 5.70 115.12 60.28
CA ILE HA 67 6.28 114.23 59.29
C ILE HA 67 6.08 112.78 59.68
N THR HA 68 6.28 112.44 60.94
CA THR HA 68 5.90 111.14 61.46
C THR HA 68 4.83 111.40 62.51
N LYS HA 69 4.12 110.35 62.91
CA LYS HA 69 3.14 110.42 63.99
C LYS HA 69 3.75 110.75 65.35
N HIS HA 70 5.08 110.66 65.49
CA HIS HA 70 5.70 111.10 66.73
C HIS HA 70 6.64 112.27 66.48
N ILE HA 71 6.65 112.83 65.28
CA ILE HA 71 7.60 113.87 64.89
C ILE HA 71 6.83 115.07 64.34
N GLY HA 72 6.97 116.21 65.01
CA GLY HA 72 6.47 117.47 64.50
C GLY HA 72 7.60 118.38 64.08
N LEU HA 73 7.24 119.42 63.32
CA LEU HA 73 8.26 120.25 62.68
C LEU HA 73 7.66 121.57 62.23
N VAL HA 74 8.45 122.64 62.32
CA VAL HA 74 8.21 123.91 61.64
C VAL HA 74 9.50 124.38 61.01
N TYR HA 75 9.47 125.57 60.42
CA TYR HA 75 10.53 125.98 59.50
C TYR HA 75 10.94 127.41 59.78
N SER HA 76 11.74 127.99 58.87
CA SER HA 76 12.06 129.41 59.00
C SER HA 76 12.15 130.05 57.63
N GLY HA 77 11.03 130.53 57.12
CA GLY HA 77 11.05 131.12 55.80
C GLY HA 77 9.73 131.11 55.07
N MET HA 78 9.71 130.54 53.88
CA MET HA 78 8.52 130.59 53.03
C MET HA 78 7.93 129.18 52.87
N GLY HA 79 6.60 129.14 52.89
CA GLY HA 79 5.82 127.96 52.54
C GLY HA 79 6.14 127.22 51.25
N PRO HA 80 6.25 127.90 50.09
CA PRO HA 80 6.45 127.15 48.84
C PRO HA 80 7.76 126.37 48.76
N ASP HA 81 8.82 126.82 49.40
CA ASP HA 81 9.96 125.94 49.64
C ASP HA 81 9.63 124.83 50.61
N TYR HA 82 8.90 125.18 51.67
CA TYR HA 82 8.68 124.31 52.82
C TYR HA 82 7.89 123.08 52.43
N ARG HA 83 6.93 123.24 51.53
CA ARG HA 83 6.14 122.11 51.08
C ARG HA 83 6.99 121.13 50.27
N VAL HA 84 7.95 121.66 49.52
CA VAL HA 84 8.82 120.80 48.72
C VAL HA 84 9.73 119.98 49.62
N LEU HA 85 10.44 120.66 50.53
CA LEU HA 85 11.35 119.92 51.38
C LEU HA 85 10.62 119.05 52.40
N VAL HA 86 9.41 119.43 52.79
CA VAL HA 86 8.56 118.52 53.57
C VAL HA 86 8.27 117.26 52.78
N HIS HA 87 7.89 117.42 51.51
CA HIS HA 87 7.58 116.27 50.67
C HIS HA 87 8.79 115.36 50.51
N ARG HA 88 9.98 115.97 50.41
CA ARG HA 88 11.23 115.22 50.40
C ARG HA 88 11.44 114.46 51.70
N ALA HA 89 11.19 115.11 52.83
CA ALA HA 89 11.44 114.46 54.11
C ALA HA 89 10.43 113.36 54.39
N ARG HA 90 9.18 113.57 53.99
CA ARG HA 90 8.15 112.55 54.07
C ARG HA 90 8.56 111.32 53.28
N LYS HA 91 8.97 111.51 52.03
CA LYS HA 91 9.35 110.37 51.20
C LYS HA 91 10.60 109.69 51.74
N LEU HA 92 11.52 110.47 52.29
CA LEU HA 92 12.74 109.91 52.88
C LEU HA 92 12.42 109.07 54.10
N ALA HA 93 11.50 109.55 54.94
CA ALA HA 93 11.06 108.77 56.08
C ALA HA 93 10.33 107.52 55.65
N GLN HA 94 9.62 107.60 54.52
CA GLN HA 94 9.05 106.40 53.94
C GLN HA 94 10.12 105.45 53.45
N GLN HA 95 11.27 105.97 53.01
CA GLN HA 95 12.35 105.10 52.59
C GLN HA 95 12.96 104.37 53.77
N TYR HA 96 13.12 105.09 54.89
CA TYR HA 96 13.57 104.44 56.13
C TYR HA 96 12.58 103.37 56.56
N TYR HA 97 11.30 103.68 56.45
CA TYR HA 97 10.31 102.71 56.89
C TYR HA 97 10.19 101.55 55.92
N LEU HA 98 10.53 101.75 54.65
CA LEU HA 98 10.53 100.63 53.74
C LEU HA 98 11.73 99.74 53.98
N VAL HA 99 12.87 100.33 54.33
CA VAL HA 99 14.04 99.50 54.61
C VAL HA 99 13.89 98.78 55.94
N TYR HA 100 13.57 99.53 56.99
CA TYR HA 100 13.74 99.05 58.34
C TYR HA 100 12.46 98.64 59.03
N GLN HA 101 11.31 99.04 58.50
CA GLN HA 101 9.98 98.73 59.06
C GLN HA 101 9.88 99.22 60.50
N GLU HA 102 10.34 100.44 60.72
CA GLU HA 102 10.54 100.95 62.06
C GLU HA 102 10.47 102.47 61.99
N PRO HA 103 9.90 103.13 62.99
CA PRO HA 103 9.82 104.60 62.95
C PRO HA 103 11.18 105.27 63.12
N ILE HA 104 11.48 106.19 62.22
CA ILE HA 104 12.83 106.73 62.05
C ILE HA 104 13.19 107.63 63.23
N PRO HA 105 14.38 107.50 63.79
CA PRO HA 105 14.85 108.51 64.75
C PRO HA 105 15.10 109.83 64.06
N THR HA 106 14.89 110.90 64.81
CA THR HA 106 14.88 112.25 64.26
C THR HA 106 16.27 112.66 63.76
N ALA HA 107 17.31 112.16 64.41
CA ALA HA 107 18.68 112.51 64.03
C ALA HA 107 19.04 111.96 62.66
N GLN HA 108 18.36 110.89 62.26
CA GLN HA 108 18.59 110.37 60.92
C GLN HA 108 18.03 111.33 59.88
N LEU HA 109 16.87 111.92 60.16
CA LEU HA 109 16.33 112.95 59.29
C LEU HA 109 17.21 114.19 59.31
N VAL HA 110 17.83 114.45 60.45
CA VAL HA 110 18.77 115.55 60.58
C VAL HA 110 19.94 115.36 59.63
N GLN HA 111 20.56 114.18 59.66
CA GLN HA 111 21.72 113.92 58.81
C GLN HA 111 21.34 113.90 57.34
N ARG HA 112 20.26 113.20 57.01
CA ARG HA 112 19.90 113.03 55.62
C ARG HA 112 19.37 114.33 55.02
N VAL HA 113 18.38 114.93 55.67
CA VAL HA 113 17.76 116.15 55.14
C VAL HA 113 18.75 117.31 55.18
N ALA HA 114 19.57 117.36 56.23
CA ALA HA 114 20.60 118.39 56.31
C ALA HA 114 21.63 118.23 55.23
N SER HA 115 21.94 116.98 54.86
CA SER HA 115 22.84 116.74 53.73
C SER HA 115 22.19 117.13 52.41
N VAL HA 116 20.86 116.98 52.33
CA VAL HA 116 20.14 117.37 51.12
C VAL HA 116 20.20 118.89 50.95
N MET HA 117 19.93 119.62 52.03
CA MET HA 117 20.01 121.07 51.96
C MET HA 117 21.45 121.54 51.75
N GLN HA 118 22.42 120.77 52.25
CA GLN HA 118 23.81 121.06 52.00
C GLN HA 118 24.14 120.89 50.52
N GLU HA 119 23.53 119.90 49.88
CA GLU HA 119 23.63 119.78 48.44
C GLU HA 119 23.02 120.97 47.74
N TYR HA 120 21.88 121.47 48.24
CA TYR HA 120 21.27 122.63 47.58
C TYR HA 120 22.08 123.89 47.77
N THR HA 121 22.85 123.99 48.85
CA THR HA 121 23.84 125.06 48.94
C THR HA 121 24.96 124.87 47.93
N GLN HA 122 25.46 123.65 47.83
CA GLN HA 122 26.57 123.34 46.94
C GLN HA 122 26.40 123.87 45.52
N SER HA 123 25.44 123.32 44.80
CA SER HA 123 25.20 123.73 43.42
C SER HA 123 24.70 125.18 43.35
N GLY HA 124 25.01 125.85 42.25
CA GLY HA 124 24.41 127.13 41.94
C GLY HA 124 23.16 126.97 41.09
N GLY HA 125 22.90 127.95 40.22
CA GLY HA 125 21.72 127.89 39.37
C GLY HA 125 20.48 128.08 40.22
N VAL HA 126 20.14 127.05 40.99
CA VAL HA 126 19.00 127.12 41.88
C VAL HA 126 19.43 127.92 43.10
N ARG HA 127 18.50 128.57 43.71
CA ARG HA 127 18.91 129.19 44.96
C ARG HA 127 18.98 128.15 46.05
N PRO HA 128 19.76 128.38 47.09
CA PRO HA 128 19.57 127.61 48.32
C PRO HA 128 18.25 128.00 48.97
N PHE HA 129 17.68 127.05 49.69
CA PHE HA 129 16.41 127.28 50.35
C PHE HA 129 16.61 128.13 51.58
N GLY HA 130 15.88 129.23 51.67
CA GLY HA 130 16.01 130.12 52.82
C GLY HA 130 15.18 129.67 54.00
N VAL HA 131 15.51 128.50 54.56
CA VAL HA 131 14.74 127.89 55.64
C VAL HA 131 15.69 127.24 56.64
N SER HA 132 15.54 127.57 57.92
CA SER HA 132 16.14 126.79 59.00
C SER HA 132 15.03 125.99 59.65
N LEU HA 133 15.29 124.72 59.92
CA LEU HA 133 14.21 123.90 60.41
C LEU HA 133 14.22 123.77 61.92
N LEU HA 134 13.03 123.56 62.47
CA LEU HA 134 12.83 123.36 63.90
C LEU HA 134 12.14 122.00 64.00
N ILE HA 135 12.91 121.01 64.38
CA ILE HA 135 12.54 119.61 64.27
C ILE HA 135 12.34 119.06 65.67
N CYS HA 136 11.31 118.25 65.85
CA CYS HA 136 11.10 117.68 67.17
C CYS HA 136 10.41 116.33 67.06
N GLY HA 137 10.72 115.48 68.04
CA GLY HA 137 10.16 114.16 68.07
C GLY HA 137 10.59 113.49 69.36
N TRP HA 138 9.68 112.67 69.88
CA TRP HA 138 9.88 112.03 71.17
C TRP HA 138 10.27 110.58 70.89
N ASN HA 139 11.54 110.39 70.58
CA ASN HA 139 12.04 109.11 70.09
C ASN HA 139 12.74 108.39 71.24
N GLU HA 140 12.18 107.25 71.63
CA GLU HA 140 12.76 106.33 72.63
C GLU HA 140 12.96 107.02 73.97
N GLY HA 141 11.86 107.44 74.58
CA GLY HA 141 11.92 107.98 75.92
C GLY HA 141 12.27 109.45 75.97
N ARG HA 142 13.36 109.81 75.33
CA ARG HA 142 13.78 111.21 75.31
C ARG HA 142 13.11 111.92 74.15
N PRO HA 143 12.43 113.04 74.38
CA PRO HA 143 12.13 113.95 73.29
C PRO HA 143 13.37 114.71 72.87
N TYR HA 144 13.31 115.27 71.67
CA TYR HA 144 14.46 115.97 71.10
C TYR HA 144 13.99 117.22 70.37
N LEU HA 145 14.91 118.18 70.25
CA LEU HA 145 14.61 119.45 69.60
C LEU HA 145 15.85 119.92 68.86
N PHE HA 146 15.76 119.97 67.54
CA PHE HA 146 16.93 120.14 66.69
C PHE HA 146 16.71 121.33 65.77
N GLN HA 147 17.70 122.20 65.67
CA GLN HA 147 17.61 123.40 64.85
C GLN HA 147 18.60 123.35 63.71
N SER HA 148 18.10 123.26 62.49
CA SER HA 148 18.95 123.24 61.32
C SER HA 148 19.22 124.66 60.85
N ASP HA 149 19.69 124.78 59.62
CA ASP HA 149 19.94 126.07 59.00
C ASP HA 149 19.61 125.95 57.51
N PRO HA 150 19.57 127.06 56.78
CA PRO HA 150 19.69 126.96 55.33
C PRO HA 150 21.01 126.39 54.85
N SER HA 151 22.09 126.58 55.60
CA SER HA 151 23.41 126.18 55.13
C SER HA 151 23.77 124.75 55.50
N GLY HA 152 22.79 123.87 55.70
CA GLY HA 152 23.05 122.44 55.77
C GLY HA 152 23.48 121.91 57.11
N ALA HA 153 23.82 122.76 58.08
CA ALA HA 153 24.18 122.28 59.40
C ALA HA 153 22.94 122.09 60.26
N TYR HA 154 23.16 121.90 61.55
CA TYR HA 154 22.08 121.63 62.49
C TYR HA 154 22.55 121.94 63.89
N PHE HA 155 21.60 122.03 64.81
CA PHE HA 155 21.89 122.27 66.21
C PHE HA 155 20.92 121.46 67.06
N ALA HA 156 20.93 121.76 68.35
CA ALA HA 156 20.15 121.02 69.33
C ALA HA 156 19.98 121.95 70.53
N TRP HA 157 18.74 122.21 70.93
CA TRP HA 157 18.46 123.20 71.93
C TRP HA 157 17.47 122.68 72.96
N LYS HA 158 17.56 123.21 74.17
CA LYS HA 158 16.49 122.99 75.14
C LYS HA 158 15.27 123.83 74.78
N ALA HA 159 15.51 124.97 74.16
CA ALA HA 159 14.45 125.90 73.75
C ALA HA 159 15.04 126.87 72.75
N THR HA 160 14.19 127.38 71.86
CA THR HA 160 14.65 128.34 70.85
C THR HA 160 13.52 129.16 70.24
N ALA HA 161 13.92 130.20 69.52
CA ALA HA 161 13.00 131.11 68.85
C ALA HA 161 13.86 131.90 67.86
N MET HA 162 13.33 132.14 66.66
CA MET HA 162 14.11 132.86 65.67
C MET HA 162 13.35 133.97 64.94
N GLY HA 163 14.12 134.82 64.28
CA GLY HA 163 13.59 135.94 63.52
C GLY HA 163 13.66 137.29 64.18
N LYS HA 164 12.54 138.01 64.19
CA LYS HA 164 12.48 139.34 64.80
C LYS HA 164 12.63 139.24 66.30
N ASN HA 165 13.53 140.06 66.85
CA ASN HA 165 13.84 140.10 68.29
C ASN HA 165 14.29 138.74 68.78
N TYR HA 166 15.08 138.05 67.97
CA TYR HA 166 15.44 136.67 68.28
C TYR HA 166 16.39 136.60 69.44
N VAL HA 167 17.22 137.63 69.62
CA VAL HA 167 18.00 137.73 70.84
C VAL HA 167 17.11 138.14 72.01
N ASN HA 168 16.05 138.88 71.73
CA ASN HA 168 15.17 139.32 72.80
C ASN HA 168 14.28 138.20 73.28
N GLY HA 169 13.61 137.51 72.36
CA GLY HA 169 12.87 136.32 72.72
C GLY HA 169 13.78 135.19 73.17
N LYS HA 170 15.01 135.16 72.66
CA LYS HA 170 15.95 134.10 73.04
C LYS HA 170 16.43 134.28 74.47
N THR HA 171 16.79 135.51 74.84
CA THR HA 171 17.12 135.78 76.23
C THR HA 171 15.90 135.70 77.13
N PHE HA 172 14.72 136.00 76.59
CA PHE HA 172 13.50 135.85 77.37
C PHE HA 172 13.19 134.38 77.62
N LEU HA 173 13.59 133.50 76.72
CA LEU HA 173 13.54 132.08 77.04
C LEU HA 173 14.66 131.72 77.99
N GLU HA 174 15.81 132.37 77.86
CA GLU HA 174 16.95 132.09 78.72
C GLU HA 174 16.64 132.54 80.14
N LYS HA 175 15.93 133.65 80.28
CA LYS HA 175 15.51 134.09 81.60
C LYS HA 175 14.29 133.32 82.08
N ARG HA 176 13.25 133.26 81.24
CA ARG HA 176 11.97 132.69 81.62
C ARG HA 176 12.04 131.18 81.80
N TYR HA 177 12.47 130.47 80.76
CA TYR HA 177 12.46 129.02 80.84
C TYR HA 177 13.70 128.52 81.57
N ASN HA 178 13.68 127.22 81.86
CA ASN HA 178 14.77 126.56 82.56
C ASN HA 178 14.83 125.11 82.07
N GLU HA 179 15.54 124.27 82.82
CA GLU HA 179 15.70 122.87 82.46
C GLU HA 179 14.41 122.08 82.60
N ASP HA 180 13.80 122.09 83.76
CA ASP HA 180 12.69 121.19 84.08
C ASP HA 180 11.37 121.95 84.04
N LEU HA 181 10.53 121.61 83.08
CA LEU HA 181 9.17 122.12 83.02
C LEU HA 181 8.24 120.97 82.67
N GLU HA 182 6.97 121.30 82.46
CA GLU HA 182 6.03 120.35 81.90
C GLU HA 182 5.56 120.84 80.54
N LEU HA 183 4.60 120.11 79.99
CA LEU HA 183 4.03 120.48 78.71
C LEU HA 183 3.27 121.80 78.82
N GLU HA 184 2.36 121.91 79.79
CA GLU HA 184 1.59 123.13 79.97
C GLU HA 184 2.48 124.27 80.46
N ASP HA 185 3.58 123.93 81.13
CA ASP HA 185 4.57 124.93 81.48
C ASP HA 185 5.29 125.44 80.24
N ALA HA 186 5.57 124.54 79.30
CA ALA HA 186 6.22 124.95 78.06
C ALA HA 186 5.28 125.75 77.18
N ILE HA 187 3.99 125.45 77.22
CA ILE HA 187 3.02 126.27 76.52
C ILE HA 187 2.85 127.59 77.24
N HIS HA 188 3.03 127.58 78.55
CA HIS HA 188 2.91 128.79 79.34
C HIS HA 188 4.01 129.79 79.00
N THR HA 189 5.27 129.33 79.08
CA THR HA 189 6.38 130.20 78.70
C THR HA 189 6.47 130.38 77.20
N ALA HA 190 5.80 129.51 76.44
CA ALA HA 190 5.79 129.66 74.99
C ALA HA 190 4.83 130.76 74.55
N ILE HA 191 3.70 130.89 75.25
CA ILE HA 191 2.82 132.02 75.00
C ILE HA 191 3.43 133.26 75.60
N LEU HA 192 4.14 133.11 76.73
CA LEU HA 192 4.82 134.25 77.35
C LEU HA 192 5.91 134.81 76.44
N THR HA 193 6.59 133.94 75.71
CA THR HA 193 7.52 134.45 74.71
C THR HA 193 6.84 134.69 73.37
N LEU HA 194 5.61 134.22 73.19
CA LEU HA 194 4.91 134.48 71.94
C LEU HA 194 4.37 135.89 71.90
N LYS HA 195 3.59 136.27 72.92
CA LYS HA 195 3.12 137.65 73.08
C LYS HA 195 4.22 138.61 73.46
N GLU HA 196 5.44 138.10 73.69
CA GLU HA 196 6.59 138.94 74.01
C GLU HA 196 6.91 139.90 72.87
N SER HA 197 6.78 139.45 71.62
CA SER HA 197 6.99 140.35 70.48
C SER HA 197 5.86 140.29 69.46
N PHE HA 198 4.81 139.54 69.70
CA PHE HA 198 3.70 139.51 68.77
C PHE HA 198 2.84 140.77 68.92
N GLU HA 199 1.82 140.87 68.07
CA GLU HA 199 0.87 141.95 68.20
C GLU HA 199 -0.08 141.68 69.36
N GLY HA 200 -0.93 142.67 69.65
CA GLY HA 200 -1.87 142.50 70.74
C GLY HA 200 -3.01 141.56 70.39
N GLN HA 201 -3.43 141.55 69.13
CA GLN HA 201 -4.54 140.72 68.69
C GLN HA 201 -4.02 139.30 68.50
N MET HA 202 -4.19 138.47 69.52
CA MET HA 202 -3.76 137.08 69.50
C MET HA 202 -4.93 136.22 69.93
N THR HA 203 -5.60 135.62 68.97
CA THR HA 203 -6.82 134.85 69.20
C THR HA 203 -6.50 133.37 69.06
N GLU HA 204 -7.55 132.55 69.14
CA GLU HA 204 -7.42 131.11 68.91
C GLU HA 204 -6.91 130.77 67.53
N ASP HA 205 -7.17 131.61 66.53
CA ASP HA 205 -6.75 131.35 65.18
C ASP HA 205 -5.43 132.03 64.83
N ASN HA 206 -4.94 132.94 65.67
CA ASN HA 206 -3.64 133.51 65.39
C ASN HA 206 -2.54 132.55 65.83
N ILE HA 207 -2.45 132.25 67.11
CA ILE HA 207 -1.51 131.26 67.61
C ILE HA 207 -1.94 129.87 67.15
N GLU HA 208 -0.95 128.98 66.98
CA GLU HA 208 -1.23 127.61 66.60
C GLU HA 208 -0.07 126.74 67.07
N VAL HA 209 -0.39 125.70 67.83
CA VAL HA 209 0.57 124.94 68.62
C VAL HA 209 0.48 123.48 68.21
N GLY HA 210 1.63 122.83 68.07
CA GLY HA 210 1.71 121.38 67.97
C GLY HA 210 2.73 120.84 68.94
N ILE HA 211 2.36 119.80 69.67
CA ILE HA 211 3.22 119.24 70.71
C ILE HA 211 3.67 117.85 70.28
N CYS HA 212 4.66 117.31 70.98
CA CYS HA 212 5.14 115.94 70.76
C CYS HA 212 5.27 115.31 72.13
N ASN HA 213 4.23 114.60 72.53
CA ASN HA 213 4.31 113.72 73.69
C ASN HA 213 5.18 112.53 73.35
N GLU HA 214 5.58 111.79 74.39
CA GLU HA 214 6.23 110.52 74.15
C GLU HA 214 5.25 109.51 73.58
N ALA HA 215 3.95 109.69 73.83
CA ALA HA 215 2.92 108.99 73.09
C ALA HA 215 2.90 109.36 71.62
N GLY HA 216 3.42 110.52 71.25
CA GLY HA 216 3.55 110.90 69.86
C GLY HA 216 3.21 112.36 69.63
N PHE HA 217 3.33 112.75 68.37
CA PHE HA 217 2.96 114.09 67.95
C PHE HA 217 1.46 114.30 68.11
N ARG HA 218 1.11 115.54 68.44
CA ARG HA 218 -0.27 115.97 68.55
C ARG HA 218 -0.37 117.41 68.10
N ARG HA 219 -0.92 117.64 66.91
CA ARG HA 219 -1.21 118.99 66.44
C ARG HA 219 -2.44 119.46 67.20
N LEU HA 220 -2.28 120.49 68.01
CA LEU HA 220 -3.39 120.96 68.81
C LEU HA 220 -4.36 121.77 67.96
N THR HA 221 -5.58 121.87 68.43
CA THR HA 221 -6.61 122.59 67.70
C THR HA 221 -6.82 123.97 68.32
N PRO HA 222 -7.41 124.91 67.58
CA PRO HA 222 -7.81 126.19 68.19
C PRO HA 222 -8.93 126.07 69.20
N THR HA 223 -9.58 124.91 69.30
CA THR HA 223 -10.47 124.65 70.43
C THR HA 223 -9.70 124.69 71.73
N GLU HA 224 -8.75 123.77 71.91
CA GLU HA 224 -7.97 123.72 73.15
C GLU HA 224 -6.97 124.86 73.24
N VAL HA 225 -6.56 125.42 72.10
CA VAL HA 225 -5.78 126.64 72.15
C VAL HA 225 -6.63 127.77 72.70
N LYS HA 226 -7.91 127.83 72.32
CA LYS HA 226 -8.83 128.77 72.93
C LYS HA 226 -9.14 128.42 74.37
N ASP HA 227 -8.94 127.16 74.75
CA ASP HA 227 -9.16 126.78 76.14
C ASP HA 227 -7.99 127.17 77.01
N TYR HA 228 -6.78 127.16 76.44
CA TYR HA 228 -5.60 127.48 77.22
C TYR HA 228 -5.25 128.95 77.08
N LEU HA 229 -5.07 129.44 75.85
CA LEU HA 229 -4.56 130.78 75.60
C LEU HA 229 -5.60 131.87 75.84
N ALA HA 230 -6.81 131.53 76.28
CA ALA HA 230 -7.74 132.53 76.78
C ALA HA 230 -7.22 132.96 78.16
N ALA HA 231 -6.34 133.95 78.13
CA ALA HA 231 -5.58 134.45 79.27
C ALA HA 231 -4.83 133.33 79.99
N ILE HA 232 -3.89 132.73 79.26
CA ILE HA 232 -2.95 131.81 79.89
C ILE HA 232 -1.96 132.70 80.63
N ALA HA 233 -2.25 132.96 81.91
CA ALA HA 233 -1.70 134.08 82.67
C ALA HA 233 -1.69 135.38 81.87
N SER IA 1 24.39 133.79 30.87
CA SER IA 1 25.00 132.65 30.23
C SER IA 1 26.50 132.61 30.50
N ARG IA 2 27.28 133.02 29.49
CA ARG IA 2 28.73 133.04 29.59
C ARG IA 2 29.23 134.29 30.30
N ARG IA 3 28.31 135.12 30.78
CA ARG IA 3 28.66 136.27 31.61
C ARG IA 3 28.57 135.91 33.09
N TYR IA 4 28.38 134.64 33.41
CA TYR IA 4 28.03 134.23 34.76
C TYR IA 4 29.08 133.33 35.40
N ASP IA 5 30.17 133.04 34.68
CA ASP IA 5 31.28 132.31 35.27
C ASP IA 5 32.10 133.25 36.15
N SER IA 6 32.14 132.98 37.46
CA SER IA 6 32.93 133.82 38.36
C SER IA 6 34.42 133.70 38.05
N ARG IA 7 35.05 132.63 38.51
CA ARG IA 7 36.21 132.04 37.85
C ARG IA 7 36.00 130.54 37.72
N THR IA 8 35.79 129.91 38.87
CA THR IA 8 35.40 128.51 39.08
C THR IA 8 36.45 127.49 38.67
N THR IA 9 37.44 127.85 37.86
CA THR IA 9 38.44 126.86 37.44
C THR IA 9 39.65 127.53 36.87
N ILE IA 10 39.90 128.75 37.30
CA ILE IA 10 41.01 129.45 36.70
C ILE IA 10 42.14 129.97 37.56
N PHE IA 11 43.29 129.97 36.91
CA PHE IA 11 44.56 130.53 37.36
C PHE IA 11 44.47 132.05 37.57
N SER IA 12 45.35 132.56 38.41
CA SER IA 12 45.67 133.97 38.30
C SER IA 12 46.41 134.21 37.00
N PRO IA 13 46.30 135.41 36.42
CA PRO IA 13 47.16 135.75 35.28
C PRO IA 13 48.61 136.00 35.66
N GLU IA 14 48.85 136.01 36.98
CA GLU IA 14 50.17 136.20 37.54
C GLU IA 14 50.82 134.84 37.67
N GLY IA 15 50.03 133.86 38.10
CA GLY IA 15 50.54 132.51 38.25
C GLY IA 15 50.13 131.71 39.47
N ARG IA 16 48.99 132.02 40.08
CA ARG IA 16 48.60 131.23 41.24
C ARG IA 16 47.11 130.92 41.12
N LEU IA 17 46.54 130.34 42.17
CA LEU IA 17 45.15 129.90 42.12
C LEU IA 17 44.27 130.78 42.99
N TYR IA 18 43.11 131.09 42.45
CA TYR IA 18 42.18 132.06 43.02
C TYR IA 18 41.45 131.50 44.23
N GLN IA 19 40.73 130.40 44.04
CA GLN IA 19 39.79 129.90 45.04
C GLN IA 19 40.48 129.34 46.26
N VAL IA 20 41.64 128.69 46.07
CA VAL IA 20 42.24 127.89 47.14
C VAL IA 20 42.80 128.81 48.21
N GLU IA 21 43.30 129.97 47.81
CA GLU IA 21 43.75 130.99 48.74
C GLU IA 21 42.62 131.43 49.65
N TYR IA 22 41.44 131.68 49.07
CA TYR IA 22 40.31 132.14 49.85
C TYR IA 22 39.72 131.02 50.68
N ALA IA 23 39.87 129.78 50.23
CA ALA IA 23 39.53 128.64 51.06
C ALA IA 23 40.41 128.61 52.30
N MET IA 24 41.71 128.89 52.12
CA MET IA 24 42.60 128.98 53.27
C MET IA 24 42.29 130.20 54.12
N GLU IA 25 41.69 131.23 53.52
CA GLU IA 25 41.16 132.34 54.29
C GLU IA 25 39.93 131.93 55.09
N ALA IA 26 39.20 130.93 54.64
CA ALA IA 26 38.07 130.45 55.42
C ALA IA 26 38.50 129.43 56.47
N ILE IA 27 39.69 128.84 56.33
CA ILE IA 27 40.12 127.82 57.28
C ILE IA 27 40.49 128.43 58.63
N GLY IA 28 41.32 129.48 58.62
CA GLY IA 28 41.93 129.97 59.85
C GLY IA 28 40.96 130.61 60.82
N HIS IA 29 39.77 130.94 60.35
CA HIS IA 29 38.73 131.50 61.19
C HIS IA 29 37.81 130.40 61.71
N ALA IA 30 38.39 129.50 62.50
CA ALA IA 30 37.66 128.36 63.03
C ALA IA 30 38.29 127.92 64.34
N GLY IA 31 37.76 126.84 64.92
CA GLY IA 31 38.31 126.29 66.13
C GLY IA 31 39.62 125.57 65.87
N THR IA 32 40.22 125.07 66.95
CA THR IA 32 41.57 124.53 66.87
C THR IA 32 41.65 123.13 67.46
N CYS IA 33 42.30 122.23 66.73
CA CYS IA 33 42.53 120.85 67.11
C CYS IA 33 44.03 120.60 67.10
N LEU IA 34 44.46 119.46 67.66
CA LEU IA 34 45.85 119.05 67.56
C LEU IA 34 45.99 117.56 67.82
N GLY IA 35 46.98 116.97 67.16
CA GLY IA 35 47.42 115.63 67.47
C GLY IA 35 48.84 115.66 67.99
N ILE IA 36 49.14 114.70 68.85
CA ILE IA 36 50.37 114.74 69.63
C ILE IA 36 51.26 113.58 69.25
N LEU IA 37 52.53 113.69 69.62
CA LEU IA 37 53.49 112.63 69.38
C LEU IA 37 53.33 111.58 70.47
N ALA IA 38 52.65 110.49 70.16
CA ALA IA 38 52.53 109.41 71.12
C ALA IA 38 52.71 108.09 70.39
N ASN IA 39 53.47 107.19 71.00
CA ASN IA 39 53.78 105.91 70.36
C ASN IA 39 52.68 104.91 70.69
N ASP IA 40 52.21 104.94 71.94
CA ASP IA 40 51.17 104.05 72.43
C ASP IA 40 49.79 104.71 72.33
N GLY IA 41 49.28 104.76 71.12
CA GLY IA 41 48.06 105.49 70.88
C GLY IA 41 48.39 106.88 70.43
N VAL IA 42 47.37 107.75 70.34
CA VAL IA 42 47.56 109.13 69.94
C VAL IA 42 46.32 109.89 70.41
N LEU IA 43 46.47 111.18 70.64
CA LEU IA 43 45.35 111.97 71.13
C LEU IA 43 45.04 113.10 70.17
N LEU IA 44 43.93 113.75 70.46
CA LEU IA 44 43.47 114.94 69.75
C LEU IA 44 42.80 115.86 70.73
N ALA IA 45 43.04 117.16 70.54
CA ALA IA 45 42.39 118.20 71.32
C ALA IA 45 41.63 119.10 70.37
N ALA IA 46 40.46 119.56 70.82
CA ALA IA 46 39.57 120.33 69.97
C ALA IA 46 38.96 121.44 70.80
N GLU IA 47 38.30 122.36 70.12
CA GLU IA 47 37.76 123.57 70.73
C GLU IA 47 36.27 123.65 70.45
N ARG IA 48 35.47 123.71 71.50
CA ARG IA 48 34.01 123.77 71.34
C ARG IA 48 33.62 125.16 70.87
N ARG IA 49 33.37 125.28 69.57
CA ARG IA 49 32.70 126.46 69.04
C ARG IA 49 31.26 126.46 69.53
N ASN IA 50 30.67 127.67 69.57
CA ASN IA 50 29.27 127.90 69.93
C ASN IA 50 28.96 127.36 71.33
N ILE IA 51 29.58 128.01 72.30
CA ILE IA 51 29.56 127.53 73.69
C ILE IA 51 28.39 128.15 74.45
N HIS IA 52 27.37 128.60 73.71
CA HIS IA 52 26.13 129.08 74.31
C HIS IA 52 25.47 127.98 75.14
N LYS IA 53 24.76 128.39 76.19
CA LYS IA 53 24.38 127.48 77.26
C LYS IA 53 23.08 126.73 77.02
N LEU IA 54 22.21 127.20 76.13
CA LEU IA 54 20.86 126.63 76.00
C LEU IA 54 20.81 125.46 75.03
N LEU IA 55 21.96 124.84 74.77
CA LEU IA 55 22.06 123.74 73.85
C LEU IA 55 21.67 122.43 74.54
N ASP IA 56 21.97 121.32 73.90
CA ASP IA 56 21.67 120.01 74.44
C ASP IA 56 22.90 119.15 74.69
N GLU IA 57 23.89 119.20 73.79
CA GLU IA 57 25.19 118.51 73.93
C GLU IA 57 25.05 117.00 74.12
N VAL IA 58 24.05 116.41 73.48
CA VAL IA 58 23.78 114.98 73.59
C VAL IA 58 24.43 114.21 72.44
N PHE IA 59 25.33 114.87 71.72
CA PHE IA 59 25.91 114.28 70.52
C PHE IA 59 27.14 113.43 70.79
N PHE IA 60 27.82 113.68 71.91
CA PHE IA 60 29.01 113.00 72.42
C PHE IA 60 30.24 113.21 71.54
N SER IA 61 30.12 113.99 70.47
CA SER IA 61 31.20 114.32 69.56
C SER IA 61 30.73 115.45 68.67
N GLU IA 62 31.58 116.45 68.46
CA GLU IA 62 31.26 117.48 67.48
C GLU IA 62 32.34 117.62 66.42
N LYS IA 63 33.61 117.60 66.79
CA LYS IA 63 34.69 117.59 65.82
C LYS IA 63 35.18 116.19 65.51
N ILE IA 64 35.06 115.28 66.47
CA ILE IA 64 35.61 113.94 66.30
C ILE IA 64 34.62 113.11 65.49
N TYR IA 65 35.13 112.33 64.55
CA TYR IA 65 34.31 111.39 63.81
C TYR IA 65 35.07 110.09 63.70
N LYS IA 66 34.78 109.17 64.61
CA LYS IA 66 35.37 107.83 64.61
C LYS IA 66 34.96 107.14 63.34
N LEU IA 67 35.91 106.99 62.43
CA LEU IA 67 35.45 106.69 61.09
C LEU IA 67 35.23 105.20 60.88
N ASN IA 68 36.24 104.34 61.07
CA ASN IA 68 36.01 102.94 60.77
C ASN IA 68 35.90 102.12 62.04
N GLU IA 69 37.00 101.79 62.70
CA GLU IA 69 36.94 101.13 64.00
C GLU IA 69 37.99 101.72 64.91
N ASP IA 70 39.13 101.99 64.31
CA ASP IA 70 40.37 102.32 65.00
C ASP IA 70 40.95 103.61 64.44
N MET IA 71 40.10 104.43 63.83
CA MET IA 71 40.52 105.63 63.14
C MET IA 71 39.44 106.69 63.33
N ALA IA 72 39.88 107.90 63.62
CA ALA IA 72 38.97 109.03 63.74
C ALA IA 72 39.56 110.23 63.05
N CYS IA 73 38.89 111.36 63.18
CA CYS IA 73 39.31 112.57 62.50
C CYS IA 73 38.70 113.78 63.20
N SER IA 74 39.52 114.81 63.38
CA SER IA 74 39.00 116.12 63.68
C SER IA 74 38.57 116.78 62.38
N VAL IA 75 38.15 118.04 62.46
CA VAL IA 75 37.62 118.75 61.30
C VAL IA 75 37.73 120.25 61.56
N ALA IA 76 37.91 121.03 60.50
CA ALA IA 76 37.92 122.48 60.60
C ALA IA 76 37.44 123.06 59.27
N GLY IA 77 36.32 123.78 59.32
CA GLY IA 77 35.76 124.40 58.14
C GLY IA 77 34.25 124.31 58.11
N ILE IA 78 33.69 124.28 56.90
CA ILE IA 78 32.25 124.15 56.73
C ILE IA 78 31.84 122.75 57.14
N THR IA 79 30.79 122.67 57.97
CA THR IA 79 30.49 121.45 58.70
C THR IA 79 29.93 120.37 57.78
N SER IA 80 28.78 120.63 57.15
CA SER IA 80 28.03 119.57 56.50
C SER IA 80 28.66 119.13 55.20
N ASP IA 81 29.45 120.00 54.55
CA ASP IA 81 30.30 119.56 53.45
C ASP IA 81 31.25 118.47 53.90
N ALA IA 82 31.91 118.69 55.03
CA ALA IA 82 32.78 117.69 55.59
C ALA IA 82 32.01 116.50 56.12
N ASN IA 83 30.75 116.67 56.49
CA ASN IA 83 29.94 115.53 56.89
C ASN IA 83 29.67 114.63 55.69
N VAL IA 84 29.46 115.24 54.52
CA VAL IA 84 29.41 114.49 53.27
C VAL IA 84 30.73 113.79 53.03
N LEU IA 85 31.84 114.44 53.40
CA LEU IA 85 33.14 113.81 53.25
C LEU IA 85 33.36 112.68 54.25
N THR IA 86 32.66 112.70 55.38
CA THR IA 86 32.78 111.59 56.32
C THR IA 86 31.94 110.41 55.87
N ASN IA 87 30.76 110.69 55.34
CA ASN IA 87 29.92 109.64 54.80
C ASN IA 87 30.59 108.98 53.62
N GLU IA 88 31.17 109.80 52.75
CA GLU IA 88 31.93 109.31 51.62
C GLU IA 88 33.18 108.57 52.06
N LEU IA 89 33.85 109.08 53.10
CA LEU IA 89 35.09 108.48 53.56
C LEU IA 89 34.84 107.12 54.18
N ARG IA 90 33.83 107.03 55.04
CA ARG IA 90 33.47 105.75 55.63
C ARG IA 90 32.93 104.80 54.59
N LEU IA 91 32.30 105.35 53.55
CA LEU IA 91 31.93 104.56 52.39
C LEU IA 91 33.16 103.99 51.68
N ILE IA 92 34.26 104.74 51.65
CA ILE IA 92 35.41 104.31 50.87
C ILE IA 92 36.25 103.32 51.66
N ALA IA 93 36.53 103.63 52.93
CA ALA IA 93 37.27 102.71 53.77
C ALA IA 93 36.45 101.48 54.09
N GLN IA 94 35.16 101.66 54.31
CA GLN IA 94 34.28 100.53 54.55
C GLN IA 94 34.06 99.73 53.29
N ARG IA 95 34.11 100.41 52.14
CA ARG IA 95 34.15 99.74 50.85
C ARG IA 95 35.41 98.91 50.69
N TYR IA 96 36.55 99.45 51.10
CA TYR IA 96 37.81 98.73 51.06
C TYR IA 96 37.75 97.51 51.96
N LEU IA 97 37.12 97.66 53.12
CA LEU IA 97 36.89 96.53 54.01
C LEU IA 97 35.98 95.51 53.36
N LEU IA 98 34.99 95.97 52.59
CA LEU IA 98 34.17 95.04 51.84
C LEU IA 98 34.97 94.35 50.76
N GLN IA 99 35.97 95.04 50.23
CA GLN IA 99 36.79 94.45 49.18
C GLN IA 99 37.70 93.38 49.72
N TYR IA 100 38.29 93.60 50.89
CA TYR IA 100 39.38 92.75 51.34
C TYR IA 100 39.14 92.00 52.63
N GLN IA 101 38.13 92.39 53.41
CA GLN IA 101 38.05 92.09 54.84
C GLN IA 101 39.36 92.41 55.53
N GLU IA 102 39.86 93.61 55.25
CA GLU IA 102 41.03 94.15 55.88
C GLU IA 102 40.82 95.65 55.92
N PRO IA 103 41.09 96.30 57.06
CA PRO IA 103 40.98 97.76 57.12
C PRO IA 103 42.04 98.44 56.31
N ILE IA 104 41.87 99.74 56.15
CA ILE IA 104 42.68 100.54 55.24
C ILE IA 104 44.09 100.67 55.81
N PRO IA 105 45.10 100.80 54.98
CA PRO IA 105 46.42 101.22 55.45
C PRO IA 105 46.56 102.71 55.71
N CYS IA 106 45.44 103.43 55.73
CA CYS IA 106 45.25 104.73 56.39
C CYS IA 106 45.88 105.89 55.63
N GLU IA 107 46.64 105.63 54.57
CA GLU IA 107 47.18 106.74 53.80
C GLU IA 107 46.47 106.88 52.47
N GLN IA 108 46.27 105.76 51.78
CA GLN IA 108 45.64 105.79 50.48
C GLN IA 108 44.19 106.24 50.55
N LEU IA 109 43.55 106.07 51.71
CA LEU IA 109 42.29 106.73 51.99
C LEU IA 109 42.44 108.25 51.92
N VAL IA 110 43.49 108.77 52.53
CA VAL IA 110 43.70 110.20 52.59
C VAL IA 110 44.01 110.75 51.21
N THR IA 111 44.87 110.03 50.47
CA THR IA 111 45.17 110.43 49.09
C THR IA 111 43.94 110.36 48.22
N ALA IA 112 43.07 109.39 48.47
CA ALA IA 112 41.82 109.28 47.74
C ALA IA 112 40.95 110.51 47.96
N LEU IA 113 40.81 110.93 49.23
CA LEU IA 113 40.00 112.09 49.53
C LEU IA 113 40.63 113.36 48.97
N CYS IA 114 41.96 113.42 48.95
CA CYS IA 114 42.65 114.53 48.31
C CYS IA 114 42.38 114.57 46.82
N ASP IA 115 42.23 113.41 46.20
CA ASP IA 115 41.84 113.37 44.80
C ASP IA 115 40.39 113.81 44.62
N ILE IA 116 39.56 113.50 45.61
CA ILE IA 116 38.14 113.87 45.57
C ILE IA 116 38.00 115.39 45.59
N LYS IA 117 38.72 116.05 46.49
CA LYS IA 117 38.70 117.50 46.51
C LYS IA 117 39.39 118.07 45.27
N GLN IA 118 40.41 117.37 44.80
CA GLN IA 118 41.18 117.84 43.67
C GLN IA 118 40.37 117.90 42.39
N ALA IA 119 39.48 116.92 42.19
CA ALA IA 119 38.59 116.93 41.03
C ALA IA 119 37.70 118.17 41.01
N TYR IA 120 37.35 118.66 42.20
CA TYR IA 120 36.54 119.84 42.37
C TYR IA 120 37.34 121.11 42.10
N THR IA 121 38.61 121.10 42.50
CA THR IA 121 39.49 122.25 42.33
C THR IA 121 39.49 122.77 40.90
N GLN IA 122 39.96 121.95 39.97
CA GLN IA 122 39.99 122.34 38.57
C GLN IA 122 38.88 121.60 37.83
N PHE IA 123 39.15 121.30 36.57
CA PHE IA 123 38.22 120.59 35.67
C PHE IA 123 36.87 121.28 35.42
N GLY IA 124 36.27 121.87 36.45
CA GLY IA 124 34.99 122.54 36.27
C GLY IA 124 34.47 123.49 37.32
N GLY IA 125 33.38 124.15 36.96
CA GLY IA 125 32.72 125.11 37.83
C GLY IA 125 32.09 124.55 39.08
N LYS IA 126 32.93 124.27 40.07
CA LYS IA 126 32.46 123.72 41.33
C LYS IA 126 33.30 124.24 42.48
N ARG IA 127 32.66 124.97 43.40
CA ARG IA 127 33.37 125.50 44.56
C ARG IA 127 33.92 124.29 45.30
N PRO IA 128 35.23 124.33 45.63
CA PRO IA 128 35.82 123.17 46.31
C PRO IA 128 35.59 123.24 47.80
N PHE IA 129 36.06 122.21 48.49
CA PHE IA 129 35.92 122.15 49.94
C PHE IA 129 37.05 122.93 50.60
N GLY IA 130 36.70 123.99 51.31
CA GLY IA 130 37.68 124.72 52.08
C GLY IA 130 37.83 124.18 53.48
N VAL IA 131 37.99 122.87 53.60
CA VAL IA 131 38.04 122.20 54.89
C VAL IA 131 39.36 121.44 54.97
N SER IA 132 40.13 121.73 56.01
CA SER IA 132 41.26 120.91 56.39
C SER IA 132 40.91 120.13 57.65
N LEU IA 133 41.48 118.92 57.77
CA LEU IA 133 41.09 118.06 58.87
C LEU IA 133 42.20 117.06 59.17
N LEU IA 134 42.00 116.32 60.26
CA LEU IA 134 43.05 115.49 60.84
C LEU IA 134 42.84 114.02 60.55
N TYR IA 135 43.86 113.23 60.85
CA TYR IA 135 43.81 111.79 60.62
C TYR IA 135 44.59 111.08 61.71
N ILE IA 136 43.93 110.13 62.37
CA ILE IA 136 44.57 109.31 63.39
C ILE IA 136 44.24 107.86 63.12
N GLY IA 137 45.11 106.97 63.58
CA GLY IA 137 44.85 105.56 63.40
C GLY IA 137 46.07 104.72 63.72
N TRP IA 138 45.99 103.47 63.28
CA TRP IA 138 46.98 102.45 63.59
C TRP IA 138 46.98 101.42 62.47
N ASP IA 139 48.14 100.84 62.19
CA ASP IA 139 48.20 99.82 61.15
C ASP IA 139 49.20 98.75 61.56
N LYS IA 140 49.48 97.87 60.61
CA LYS IA 140 50.46 96.81 60.76
C LYS IA 140 51.83 97.21 60.26
N HIS IA 141 51.99 98.44 59.80
CA HIS IA 141 53.20 98.80 59.07
C HIS IA 141 53.86 100.07 59.56
N TYR IA 142 53.12 100.97 60.19
CA TYR IA 142 53.72 102.14 60.80
C TYR IA 142 53.15 102.43 62.17
N GLY IA 143 52.26 101.60 62.68
CA GLY IA 143 51.63 101.86 63.96
C GLY IA 143 50.69 103.04 63.88
N PHE IA 144 50.65 103.82 64.94
CA PHE IA 144 49.74 104.96 65.02
C PHE IA 144 50.25 106.09 64.15
N GLN IA 145 49.32 106.73 63.44
CA GLN IA 145 49.69 107.62 62.36
C GLN IA 145 48.97 108.95 62.51
N LEU IA 146 49.57 109.98 61.94
CA LEU IA 146 49.05 111.34 62.01
C LEU IA 146 49.16 111.98 60.65
N TYR IA 147 48.03 112.47 60.14
CA TYR IA 147 48.03 113.08 58.82
C TYR IA 147 47.14 114.30 58.84
N GLN IA 148 47.34 115.16 57.84
CA GLN IA 148 46.61 116.41 57.70
C GLN IA 148 46.14 116.57 56.26
N SER IA 149 44.84 116.83 56.09
CA SER IA 149 44.23 117.15 54.81
C SER IA 149 44.41 118.61 54.44
N ASP IA 150 44.32 118.88 53.14
CA ASP IA 150 44.43 120.20 52.58
C ASP IA 150 43.34 120.35 51.54
N PRO IA 151 42.85 121.57 51.31
CA PRO IA 151 42.02 121.81 50.12
C PRO IA 151 42.79 121.76 48.84
N SER IA 152 44.11 121.86 48.90
CA SER IA 152 44.95 121.83 47.71
C SER IA 152 45.09 120.44 47.10
N GLY IA 153 44.54 119.41 47.74
CA GLY IA 153 44.81 118.05 47.33
C GLY IA 153 46.11 117.52 47.86
N ASN IA 154 46.83 118.30 48.65
CA ASN IA 154 48.02 117.83 49.33
C ASN IA 154 47.63 117.20 50.65
N TYR IA 155 48.54 116.44 51.23
CA TYR IA 155 48.34 115.88 52.56
C TYR IA 155 49.67 115.84 53.28
N GLY IA 156 49.66 116.11 54.58
CA GLY IA 156 50.88 116.18 55.35
C GLY IA 156 51.02 114.99 56.28
N GLY IA 157 52.17 114.32 56.20
CA GLY IA 157 52.46 113.27 57.14
C GLY IA 157 53.09 113.84 58.38
N TRP IA 158 52.30 114.10 59.41
CA TRP IA 158 52.75 114.93 60.51
C TRP IA 158 53.08 114.13 61.75
N LYS IA 159 53.71 114.83 62.69
CA LYS IA 159 53.76 114.43 64.09
C LYS IA 159 53.11 115.46 65.00
N ALA IA 160 53.12 116.73 64.62
CA ALA IA 160 52.43 117.78 65.36
C ALA IA 160 51.78 118.71 64.34
N THR IA 161 50.47 118.79 64.38
CA THR IA 161 49.72 119.42 63.31
C THR IA 161 49.49 120.90 63.57
N CYS IA 162 48.60 121.49 62.78
CA CYS IA 162 48.45 122.94 62.68
C CYS IA 162 47.03 123.28 62.27
N ILE IA 163 46.46 124.32 62.90
CA ILE IA 163 45.20 124.92 62.48
C ILE IA 163 45.60 126.37 62.20
N GLY IA 164 44.66 127.26 61.93
CA GLY IA 164 44.97 128.57 61.41
C GLY IA 164 45.51 129.58 62.41
N ASN IA 165 44.96 130.79 62.39
CA ASN IA 165 45.53 131.90 63.14
C ASN IA 165 45.49 131.66 64.64
N ASN IA 166 44.49 130.92 65.10
CA ASN IA 166 44.43 130.52 66.49
C ASN IA 166 45.49 129.48 66.84
N SER IA 167 46.15 128.88 65.85
CA SER IA 167 47.11 127.82 66.12
C SER IA 167 48.50 128.08 65.54
N ALA IA 168 48.78 129.28 65.03
CA ALA IA 168 50.13 129.54 64.54
C ALA IA 168 51.12 129.62 65.70
N ALA IA 169 50.74 130.35 66.75
CA ALA IA 169 51.56 130.42 67.95
C ALA IA 169 51.60 129.08 68.67
N ALA IA 170 50.56 128.26 68.48
CA ALA IA 170 50.60 126.89 68.97
C ALA IA 170 51.70 126.09 68.30
N VAL IA 171 51.87 126.27 66.98
CA VAL IA 171 52.90 125.54 66.27
C VAL IA 171 54.27 126.09 66.62
N SER IA 172 54.36 127.39 66.90
CA SER IA 172 55.61 127.93 67.44
C SER IA 172 55.92 127.34 68.79
N MET IA 173 54.88 127.08 69.59
CA MET IA 173 55.07 126.42 70.87
C MET IA 173 55.51 124.98 70.69
N LEU IA 174 54.96 124.28 69.69
CA LEU IA 174 55.31 122.89 69.49
C LEU IA 174 56.73 122.74 68.95
N LYS IA 175 57.19 123.70 68.14
CA LYS IA 175 58.60 123.70 67.81
C LYS IA 175 59.42 124.07 69.04
N GLN IA 176 58.88 124.93 69.89
CA GLN IA 176 59.55 125.27 71.14
C GLN IA 176 59.45 124.15 72.17
N ASP IA 177 58.36 123.38 72.17
CA ASP IA 177 58.16 122.33 73.17
C ASP IA 177 58.03 120.99 72.48
N TYR IA 178 58.92 120.73 71.54
CA TYR IA 178 58.97 119.43 70.89
C TYR IA 178 59.38 118.36 71.89
N LYS IA 179 58.51 117.37 72.06
CA LYS IA 179 58.82 116.23 72.89
C LYS IA 179 59.20 115.07 72.00
N GLU IA 180 60.08 114.22 72.50
CA GLU IA 180 60.63 113.17 71.66
C GLU IA 180 61.03 111.98 72.51
N GLY IA 181 60.46 110.82 72.20
CA GLY IA 181 60.77 109.63 72.94
C GLY IA 181 59.71 109.35 73.98
N GLU IA 182 59.23 110.38 74.66
CA GLU IA 182 58.17 110.17 75.64
C GLU IA 182 56.86 109.97 74.91
N MET IA 183 56.31 108.78 75.06
CA MET IA 183 54.98 108.45 74.57
C MET IA 183 53.94 108.59 75.66
N THR IA 184 54.35 109.03 76.85
CA THR IA 184 53.44 109.17 77.97
C THR IA 184 52.38 110.20 77.66
N LEU IA 185 51.12 109.74 77.65
CA LEU IA 185 50.04 110.54 77.11
C LEU IA 185 49.77 111.77 77.94
N LYS IA 186 50.00 111.66 79.25
CA LYS IA 186 49.71 112.77 80.15
C LYS IA 186 50.73 113.89 79.99
N SER IA 187 51.93 113.58 79.50
CA SER IA 187 52.86 114.62 79.09
C SER IA 187 52.28 115.44 77.94
N ALA IA 188 51.61 114.76 77.01
CA ALA IA 188 50.91 115.46 75.95
C ALA IA 188 49.63 116.09 76.45
N LEU IA 189 49.11 115.62 77.59
CA LEU IA 189 47.87 116.21 78.11
C LEU IA 189 48.13 117.52 78.82
N ALA IA 190 49.18 117.58 79.64
CA ALA IA 190 49.56 118.85 80.23
C ALA IA 190 50.22 119.74 79.19
N LEU IA 191 50.87 119.14 78.20
CA LEU IA 191 51.48 119.91 77.11
C LEU IA 191 50.40 120.57 76.26
N ALA IA 192 49.37 119.80 75.90
CA ALA IA 192 48.25 120.36 75.15
C ALA IA 192 47.40 121.27 76.01
N ILE IA 193 47.40 121.04 77.32
CA ILE IA 193 46.71 121.95 78.23
C ILE IA 193 47.47 123.26 78.31
N LYS IA 194 48.77 123.23 78.04
CA LYS IA 194 49.54 124.46 77.90
C LYS IA 194 49.28 125.13 76.57
N VAL IA 195 49.11 124.32 75.52
CA VAL IA 195 48.83 124.86 74.19
C VAL IA 195 47.48 125.56 74.15
N LEU IA 196 46.43 124.88 74.59
CA LEU IA 196 45.13 125.52 74.67
C LEU IA 196 45.03 126.47 75.85
N ASN IA 197 45.95 126.35 76.80
CA ASN IA 197 45.95 127.31 77.89
C ASN IA 197 46.40 128.67 77.39
N LYS IA 198 47.40 128.70 76.51
CA LYS IA 198 47.84 129.98 75.96
C LYS IA 198 47.03 130.37 74.76
N THR IA 199 47.05 129.56 73.70
CA THR IA 199 46.62 129.95 72.38
C THR IA 199 45.10 130.14 72.32
N MET IA 200 44.35 129.27 72.97
CA MET IA 200 42.94 129.56 73.14
C MET IA 200 42.78 130.67 74.18
N ASP IA 201 41.88 131.60 73.88
CA ASP IA 201 41.60 132.71 74.77
C ASP IA 201 40.56 132.37 75.82
N VAL IA 202 40.30 131.08 76.04
CA VAL IA 202 39.42 130.63 77.10
C VAL IA 202 40.12 130.88 78.43
N SER IA 203 39.46 131.65 79.30
CA SER IA 203 40.01 131.94 80.61
C SER IA 203 40.04 130.68 81.46
N LYS IA 204 41.25 130.32 81.91
CA LYS IA 204 41.54 129.18 82.80
C LYS IA 204 41.17 127.83 82.21
N LEU IA 205 40.95 127.74 80.89
CA LEU IA 205 40.74 126.50 80.14
C LEU IA 205 39.54 125.71 80.68
N SER IA 206 38.35 126.28 80.43
CA SER IA 206 37.12 125.60 80.78
C SER IA 206 36.95 124.33 79.95
N ALA IA 207 36.41 123.29 80.57
CA ALA IA 207 36.23 122.00 79.91
C ALA IA 207 35.12 122.03 78.86
N GLU IA 208 34.18 122.95 78.98
CA GLU IA 208 33.06 122.98 78.05
C GLU IA 208 33.39 123.72 76.78
N LYS IA 209 34.57 124.30 76.70
CA LYS IA 209 35.04 124.93 75.48
C LYS IA 209 36.05 124.06 74.74
N VAL IA 210 36.42 122.92 75.30
CA VAL IA 210 37.50 122.08 74.78
C VAL IA 210 36.99 120.66 74.56
N GLU IA 211 37.88 119.83 74.03
CA GLU IA 211 37.59 118.43 73.78
C GLU IA 211 38.91 117.67 73.73
N ILE IA 212 38.92 116.44 74.24
CA ILE IA 212 40.08 115.56 74.18
C ILE IA 212 39.58 114.16 73.84
N ALA IA 213 40.23 113.49 72.90
CA ALA IA 213 39.95 112.08 72.64
C ALA IA 213 41.22 111.36 72.23
N THR IA 214 41.41 110.15 72.74
CA THR IA 214 42.61 109.38 72.43
C THR IA 214 42.24 108.13 71.65
N LEU IA 215 43.29 107.38 71.29
CA LEU IA 215 43.17 106.20 70.44
C LEU IA 215 44.36 105.32 70.78
N THR IA 216 44.14 104.32 71.60
CA THR IA 216 45.21 103.52 72.17
C THR IA 216 45.09 102.07 71.77
N ARG IA 217 46.23 101.42 71.60
CA ARG IA 217 46.28 100.00 71.31
C ARG IA 217 45.89 99.26 72.57
N GLU IA 218 44.94 98.34 72.45
CA GLU IA 218 44.53 97.50 73.57
C GLU IA 218 44.33 96.09 73.04
N ASN IA 219 45.38 95.27 73.15
CA ASN IA 219 45.29 93.81 73.07
C ASN IA 219 44.78 93.29 71.73
N GLY IA 220 44.85 94.09 70.69
CA GLY IA 220 44.33 93.66 69.42
C GLY IA 220 43.04 94.36 69.06
N LYS IA 221 42.67 95.36 69.83
CA LYS IA 221 41.44 96.10 69.55
C LYS IA 221 41.71 97.50 69.02
N THR IA 222 42.80 98.12 69.47
CA THR IA 222 43.14 99.53 69.19
C THR IA 222 41.97 100.43 69.58
N VAL IA 223 41.73 100.48 70.89
CA VAL IA 223 40.51 101.12 71.38
C VAL IA 223 40.63 102.63 71.26
N ILE IA 224 39.47 103.27 71.23
CA ILE IA 224 39.36 104.72 71.09
C ILE IA 224 38.65 105.25 72.32
N ARG IA 225 39.28 106.20 72.99
CA ARG IA 225 38.74 106.74 74.22
C ARG IA 225 38.17 108.14 73.94
N VAL IA 226 36.86 108.22 73.82
CA VAL IA 226 36.16 109.50 73.84
C VAL IA 226 35.86 109.77 75.31
N LEU IA 227 36.84 110.35 75.98
CA LEU IA 227 36.87 110.43 77.42
C LEU IA 227 35.91 111.49 77.94
N LYS IA 228 35.49 111.32 79.20
CA LYS IA 228 34.49 112.18 79.82
C LYS IA 228 35.16 113.43 80.38
N GLN IA 229 34.42 114.19 81.18
CA GLN IA 229 34.83 115.55 81.54
C GLN IA 229 35.47 115.66 82.92
N LYS IA 230 35.29 114.67 83.81
CA LYS IA 230 35.84 114.79 85.16
C LYS IA 230 37.35 114.64 85.16
N GLU IA 231 37.86 113.73 84.33
CA GLU IA 231 39.30 113.62 84.15
C GLU IA 231 39.86 114.82 83.39
N VAL IA 232 39.02 115.47 82.59
CA VAL IA 232 39.41 116.75 82.03
C VAL IA 232 39.54 117.79 83.12
N GLU IA 233 38.63 117.75 84.10
CA GLU IA 233 38.68 118.68 85.23
C GLU IA 233 39.92 118.48 86.07
N GLN IA 234 40.28 117.23 86.34
CA GLN IA 234 41.51 117.01 87.09
C GLN IA 234 42.74 117.25 86.23
N LEU IA 235 42.60 117.25 84.91
CA LEU IA 235 43.70 117.71 84.08
C LEU IA 235 43.83 119.23 84.15
N ILE IA 236 42.71 119.92 84.33
CA ILE IA 236 42.74 121.37 84.53
C ILE IA 236 43.38 121.70 85.87
N LYS IA 237 42.98 120.99 86.92
CA LYS IA 237 43.55 121.23 88.24
C LYS IA 237 45.01 120.81 88.30
N LYS IA 238 45.36 119.75 87.57
CA LYS IA 238 46.74 119.32 87.50
C LYS IA 238 47.58 120.32 86.73
N HIS IA 239 47.02 120.88 85.67
CA HIS IA 239 47.76 121.81 84.84
C HIS IA 239 47.90 123.17 85.49
N GLU IA 240 46.90 123.60 86.24
CA GLU IA 240 47.02 124.83 87.01
C GLU IA 240 47.87 124.61 88.24
N GLU IA 241 47.96 123.36 88.71
CA GLU IA 241 49.00 123.01 89.66
C GLU IA 241 50.38 123.13 89.03
N GLU IA 242 50.48 122.82 87.73
CA GLU IA 242 51.75 123.06 87.04
C GLU IA 242 51.96 124.55 86.80
N GLU IA 243 50.89 125.34 86.82
CA GLU IA 243 51.06 126.79 86.81
C GLU IA 243 51.57 127.26 88.17
N ALA IA 244 51.16 126.59 89.25
CA ALA IA 244 51.73 126.89 90.56
C ALA IA 244 53.21 126.51 90.59
N LYS IA 245 53.55 125.39 89.95
CA LYS IA 245 54.95 125.02 89.79
C LYS IA 245 55.71 126.03 88.94
N ALA IA 246 55.01 126.63 87.97
CA ALA IA 246 55.63 127.68 87.16
C ALA IA 246 55.86 128.95 87.97
N GLU IA 247 55.00 129.24 88.95
CA GLU IA 247 55.19 130.42 89.77
C GLU IA 247 55.94 130.12 91.07
N ARG IA 248 56.54 128.94 91.19
CA ARG IA 248 57.50 128.72 92.27
C ARG IA 248 58.75 129.58 92.13
N GLU IA 249 59.11 130.02 90.93
CA GLU IA 249 60.37 130.72 90.69
C GLU IA 249 60.33 132.20 91.10
N LYS IA 250 59.21 132.67 91.64
CA LYS IA 250 59.13 134.04 92.11
C LYS IA 250 59.44 134.12 93.60
N SER JA 1 41.97 138.81 22.47
CA SER JA 1 41.76 137.92 23.59
C SER JA 1 41.86 138.65 24.93
N TYR JA 2 41.72 137.88 26.01
CA TYR JA 2 41.78 138.38 27.37
C TYR JA 2 42.79 137.55 28.13
N ASP JA 3 42.79 137.69 29.45
CA ASP JA 3 43.43 136.69 30.31
C ASP JA 3 42.41 135.68 30.82
N ARG JA 4 41.91 134.81 29.96
CA ARG JA 4 40.79 133.92 30.26
C ARG JA 4 41.08 132.53 29.70
N ALA JA 5 40.01 131.75 29.54
CA ALA JA 5 40.04 130.30 29.27
C ALA JA 5 40.88 129.91 28.04
N ILE JA 6 41.19 128.61 27.98
CA ILE JA 6 42.23 128.06 27.12
C ILE JA 6 41.94 128.16 25.64
N THR JA 7 40.70 128.44 25.26
CA THR JA 7 40.31 128.40 23.87
C THR JA 7 40.82 129.59 23.06
N VAL JA 8 40.99 130.75 23.68
CA VAL JA 8 41.20 131.97 22.92
C VAL JA 8 42.67 132.11 22.53
N PHE JA 9 42.91 132.44 21.27
CA PHE JA 9 44.22 132.85 20.84
C PHE JA 9 44.33 134.35 20.96
N SER JA 10 45.54 134.82 21.23
CA SER JA 10 45.77 136.24 21.42
C SER JA 10 45.71 136.95 20.08
N PRO JA 11 45.59 138.29 20.06
CA PRO JA 11 45.75 139.02 18.80
C PRO JA 11 47.10 138.86 18.15
N ASP JA 12 48.15 138.52 18.91
CA ASP JA 12 49.38 138.04 18.32
C ASP JA 12 49.49 136.52 18.40
N GLY JA 13 48.40 135.81 18.67
CA GLY JA 13 48.39 134.37 18.57
C GLY JA 13 49.08 133.66 19.71
N HIS JA 14 48.53 133.75 20.92
CA HIS JA 14 49.11 133.13 22.09
C HIS JA 14 48.05 132.57 23.01
N LEU JA 15 48.51 131.72 23.92
CA LEU JA 15 47.69 131.10 24.95
C LEU JA 15 48.29 131.44 26.30
N PHE JA 16 47.68 132.39 27.00
CA PHE JA 16 48.33 133.00 28.15
C PHE JA 16 48.41 132.03 29.32
N GLN JA 17 47.36 131.23 29.51
CA GLN JA 17 47.28 130.31 30.63
C GLN JA 17 48.31 129.20 30.58
N VAL JA 18 48.89 128.95 29.40
CA VAL JA 18 49.98 127.99 29.29
C VAL JA 18 51.18 128.48 30.08
N GLU JA 19 51.64 129.69 29.79
CA GLU JA 19 52.78 130.23 30.51
C GLU JA 19 52.41 130.62 31.92
N TYR JA 20 51.13 130.90 32.17
CA TYR JA 20 50.67 131.13 33.52
C TYR JA 20 50.78 129.87 34.36
N ALA JA 21 50.53 128.72 33.74
CA ALA JA 21 50.83 127.45 34.38
C ALA JA 21 52.32 127.19 34.45
N GLN JA 22 53.10 127.77 33.53
CA GLN JA 22 54.55 127.64 33.61
C GLN JA 22 55.14 128.47 34.73
N GLU JA 23 54.37 129.40 35.29
CA GLU JA 23 54.86 130.17 36.42
C GLU JA 23 54.97 129.31 37.67
N ALA JA 24 53.93 128.53 37.97
CA ALA JA 24 53.96 127.66 39.14
C ALA JA 24 55.01 126.57 38.99
N VAL JA 25 55.32 126.19 37.76
CA VAL JA 25 56.49 125.36 37.50
C VAL JA 25 57.76 126.13 37.83
N LYS JA 26 57.87 127.36 37.32
CA LYS JA 26 59.05 128.18 37.56
C LYS JA 26 59.18 128.60 39.01
N LYS JA 27 58.07 128.69 39.74
CA LYS JA 27 58.08 128.99 41.17
C LYS JA 27 57.96 127.73 42.00
N GLY JA 28 58.52 126.63 41.50
CA GLY JA 28 58.58 125.40 42.26
C GLY JA 28 59.98 125.13 42.76
N SER JA 29 60.14 124.05 43.49
CA SER JA 29 61.46 123.69 44.01
C SER JA 29 62.33 123.12 42.90
N THR JA 30 63.62 123.13 43.14
CA THR JA 30 64.59 122.77 42.13
C THR JA 30 64.98 121.30 42.22
N ALA JA 31 65.17 120.69 41.06
CA ALA JA 31 65.63 119.31 40.99
C ALA JA 31 66.51 119.15 39.77
N VAL JA 32 67.51 118.30 39.87
CA VAL JA 32 68.47 118.05 38.81
C VAL JA 32 68.49 116.55 38.51
N GLY JA 33 69.03 116.23 37.35
CA GLY JA 33 69.17 114.85 36.95
C GLY JA 33 70.09 114.72 35.75
N VAL JA 34 71.04 113.78 35.82
CA VAL JA 34 71.93 113.47 34.72
C VAL JA 34 71.91 111.98 34.47
N ARG JA 35 72.17 111.61 33.22
CA ARG JA 35 72.30 110.21 32.87
C ARG JA 35 73.76 109.81 32.94
N GLY JA 36 74.04 108.73 33.65
CA GLY JA 36 75.33 108.11 33.58
C GLY JA 36 75.37 107.19 32.38
N ARG JA 37 76.56 106.68 32.09
CA ARG JA 37 76.68 105.68 31.06
C ARG JA 37 75.99 104.39 31.47
N ASP JA 38 76.09 104.04 32.75
CA ASP JA 38 75.26 102.99 33.32
C ASP JA 38 74.44 103.48 34.50
N ILE JA 39 75.02 104.28 35.38
CA ILE JA 39 74.33 104.72 36.58
C ILE JA 39 73.79 106.11 36.36
N VAL JA 40 72.55 106.19 35.92
CA VAL JA 40 71.81 107.43 35.87
C VAL JA 40 71.52 107.88 37.29
N VAL JA 41 71.29 109.18 37.46
CA VAL JA 41 71.25 109.74 38.80
C VAL JA 41 70.46 111.03 38.79
N LEU JA 42 69.89 111.39 39.93
CA LEU JA 42 69.13 112.62 40.06
C LEU JA 42 69.10 113.03 41.51
N GLY JA 43 68.50 114.19 41.76
CA GLY JA 43 68.36 114.66 43.13
C GLY JA 43 67.60 115.96 43.16
N VAL JA 44 66.73 116.06 44.15
CA VAL JA 44 65.96 117.27 44.40
C VAL JA 44 66.62 118.01 45.55
N GLU JA 45 66.46 119.32 45.56
CA GLU JA 45 66.91 120.14 46.67
C GLU JA 45 65.70 120.60 47.49
N LYS JA 46 65.99 121.35 48.55
CA LYS JA 46 65.00 122.01 49.42
C LYS JA 46 64.05 121.00 50.05
N LYS JA 47 64.63 120.11 50.86
CA LYS JA 47 63.82 119.23 51.69
C LYS JA 47 63.04 120.03 52.73
N SER JA 48 63.70 120.98 53.39
CA SER JA 48 63.09 121.97 54.30
C SER JA 48 62.34 121.29 55.45
N VAL JA 49 63.10 120.63 56.33
CA VAL JA 49 62.52 119.86 57.42
C VAL JA 49 61.89 120.80 58.44
N ALA JA 50 60.61 120.57 58.74
CA ALA JA 50 59.82 121.45 59.60
C ALA JA 50 59.61 120.88 60.99
N LYS JA 51 60.44 119.93 61.41
CA LYS JA 51 60.63 119.46 62.78
C LYS JA 51 59.42 118.75 63.40
N LEU JA 52 58.28 118.67 62.71
CA LEU JA 52 57.11 118.10 63.36
C LEU JA 52 56.34 117.15 62.45
N GLN JA 53 56.98 116.54 61.46
CA GLN JA 53 56.28 115.75 60.47
C GLN JA 53 57.10 114.54 60.07
N ASP JA 54 56.47 113.63 59.35
CA ASP JA 54 57.14 112.57 58.62
C ASP JA 54 57.33 113.02 57.18
N GLU JA 55 58.35 112.45 56.54
CA GLU JA 55 58.78 112.90 55.23
C GLU JA 55 58.75 111.80 54.19
N ARG JA 56 58.38 110.57 54.57
CA ARG JA 56 58.18 109.53 53.57
C ARG JA 56 56.93 109.79 52.73
N THR JA 57 56.01 110.60 53.24
CA THR JA 57 54.79 110.96 52.55
C THR JA 57 55.00 112.12 51.58
N VAL JA 58 56.04 112.92 51.79
CA VAL JA 58 56.31 114.06 50.94
C VAL JA 58 57.42 113.73 49.93
N ARG JA 59 57.77 112.46 49.83
CA ARG JA 59 58.83 112.02 48.91
C ARG JA 59 58.40 112.23 47.47
N LYS JA 60 59.08 113.15 46.79
CA LYS JA 60 58.69 113.61 45.46
C LYS JA 60 59.19 112.71 44.34
N ILE JA 61 59.79 111.57 44.66
CA ILE JA 61 60.43 110.72 43.67
C ILE JA 61 59.88 109.32 43.84
N CYS JA 62 59.36 108.74 42.76
CA CYS JA 62 58.95 107.34 42.80
C CYS JA 62 59.34 106.66 41.50
N ALA JA 63 58.72 105.53 41.21
CA ALA JA 63 58.91 104.83 39.95
C ALA JA 63 57.56 104.36 39.44
N LEU JA 64 57.49 104.17 38.14
CA LEU JA 64 56.38 103.46 37.52
C LEU JA 64 56.72 102.02 37.21
N ASP JA 65 57.84 101.81 36.54
CA ASP JA 65 58.44 100.53 36.28
C ASP JA 65 59.82 100.57 36.91
N ASP JA 66 60.46 99.41 36.97
CA ASP JA 66 61.75 99.29 37.62
C ASP JA 66 62.87 99.92 36.81
N ASN JA 67 62.65 100.17 35.51
CA ASN JA 67 63.64 100.83 34.69
C ASN JA 67 63.55 102.34 34.74
N VAL JA 68 62.49 102.89 35.29
CA VAL JA 68 62.20 104.31 35.13
C VAL JA 68 62.07 104.95 36.51
N CYS JA 69 62.33 106.25 36.55
CA CYS JA 69 62.37 107.00 37.80
C CYS JA 69 61.61 108.30 37.62
N MET JA 70 60.91 108.72 38.66
CA MET JA 70 59.96 109.80 38.55
C MET JA 70 60.46 111.07 39.23
N ALA JA 71 60.19 112.20 38.58
CA ALA JA 71 60.49 113.52 39.11
C ALA JA 71 59.56 114.50 38.42
N PHE JA 72 59.37 115.65 39.05
CA PHE JA 72 58.40 116.62 38.55
C PHE JA 72 58.77 118.01 39.03
N ALA JA 73 57.91 118.97 38.73
CA ALA JA 73 58.03 120.34 39.20
C ALA JA 73 56.64 120.85 39.52
N GLY JA 74 56.54 122.14 39.85
CA GLY JA 74 55.24 122.74 40.09
C GLY JA 74 54.61 122.27 41.39
N LEU JA 75 53.30 122.09 41.36
CA LEU JA 75 52.60 121.63 42.54
C LEU JA 75 52.63 120.12 42.61
N THR JA 76 52.09 119.56 43.68
CA THR JA 76 52.32 118.16 43.99
C THR JA 76 51.15 117.26 43.64
N ALA JA 77 49.91 117.71 43.84
CA ALA JA 77 48.76 116.82 43.76
C ALA JA 77 48.45 116.44 42.32
N ASP JA 78 48.64 117.38 41.41
CA ASP JA 78 48.54 117.09 39.98
C ASP JA 78 49.55 116.03 39.58
N ALA JA 79 50.78 116.15 40.09
CA ALA JA 79 51.80 115.16 39.84
C ALA JA 79 51.44 113.81 40.46
N ARG JA 80 50.69 113.84 41.57
CA ARG JA 80 50.20 112.61 42.17
C ARG JA 80 49.20 111.93 41.25
N ILE JA 81 48.34 112.73 40.59
CA ILE JA 81 47.39 112.19 39.63
C ILE JA 81 48.12 111.60 38.43
N VAL JA 82 49.15 112.30 37.96
CA VAL JA 82 49.93 111.84 36.82
C VAL JA 82 50.69 110.58 37.17
N ILE JA 83 51.16 110.47 38.41
CA ILE JA 83 51.85 109.28 38.86
C ILE JA 83 50.92 108.09 38.89
N ASN JA 84 49.74 108.25 39.49
CA ASN JA 84 48.82 107.12 39.62
C ASN JA 84 48.30 106.69 38.27
N ARG JA 85 47.90 107.66 37.45
CA ARG JA 85 47.48 107.43 36.07
C ARG JA 85 48.57 106.75 35.26
N ALA JA 86 49.82 107.10 35.51
CA ALA JA 86 50.89 106.53 34.73
C ALA JA 86 51.31 105.17 35.27
N ARG JA 87 51.03 104.89 36.54
CA ARG JA 87 51.19 103.54 37.06
C ARG JA 87 50.18 102.61 36.40
N VAL JA 88 48.94 103.09 36.30
CA VAL JA 88 47.91 102.33 35.59
C VAL JA 88 48.28 102.17 34.13
N GLU JA 89 48.91 103.19 33.55
CA GLU JA 89 49.20 103.12 32.13
C GLU JA 89 50.37 102.19 31.83
N CYS JA 90 51.46 102.31 32.59
CA CYS JA 90 52.60 101.43 32.37
C CYS JA 90 52.25 100.01 32.74
N GLN JA 91 51.38 99.85 33.72
CA GLN JA 91 50.89 98.53 34.05
C GLN JA 91 50.01 97.98 32.93
N SER JA 92 49.31 98.87 32.23
CA SER JA 92 48.47 98.44 31.12
C SER JA 92 49.31 98.05 29.92
N HIS JA 93 50.35 98.83 29.63
CA HIS JA 93 51.32 98.48 28.60
C HIS JA 93 51.97 97.15 28.93
N ARG JA 94 52.34 96.97 30.19
CA ARG JA 94 52.83 95.70 30.72
C ARG JA 94 51.83 94.58 30.47
N LEU JA 95 50.55 94.86 30.60
CA LEU JA 95 49.53 93.83 30.38
C LEU JA 95 49.40 93.53 28.89
N THR JA 96 49.32 94.56 28.07
CA THR JA 96 49.15 94.38 26.64
C THR JA 96 50.43 93.83 26.02
N VAL JA 97 51.54 94.52 26.25
CA VAL JA 97 52.79 94.11 25.65
C VAL JA 97 53.69 93.54 26.74
N GLU JA 98 54.33 92.41 26.46
CA GLU JA 98 55.14 91.75 27.46
C GLU JA 98 56.56 92.26 27.48
N ASP JA 99 56.78 93.49 27.05
CA ASP JA 99 58.12 94.06 27.05
C ASP JA 99 58.29 95.07 28.17
N PRO JA 100 59.54 95.33 28.57
CA PRO JA 100 59.80 96.33 29.62
C PRO JA 100 59.23 97.64 29.08
N VAL JA 101 58.40 98.33 29.86
CA VAL JA 101 57.78 99.53 29.32
C VAL JA 101 58.84 100.59 29.02
N THR JA 102 58.80 101.15 27.81
CA THR JA 102 59.83 102.10 27.41
C THR JA 102 59.50 103.51 27.88
N VAL JA 103 60.54 104.33 27.95
CA VAL JA 103 60.40 105.72 28.35
C VAL JA 103 59.64 106.53 27.29
N GLU JA 104 59.92 106.29 26.01
CA GLU JA 104 59.38 107.12 24.94
C GLU JA 104 57.87 106.98 24.83
N TYR JA 105 57.39 105.76 25.00
CA TYR JA 105 55.97 105.46 24.99
C TYR JA 105 55.23 106.17 26.10
N ILE JA 106 55.70 106.02 27.34
CA ILE JA 106 54.98 106.59 28.47
C ILE JA 106 55.10 108.10 28.50
N THR JA 107 56.18 108.66 27.96
CA THR JA 107 56.27 110.11 27.87
C THR JA 107 55.32 110.65 26.81
N ARG JA 108 55.14 109.91 25.72
CA ARG JA 108 54.08 110.26 24.76
C ARG JA 108 52.72 110.19 25.42
N TYR JA 109 52.53 109.21 26.31
CA TYR JA 109 51.29 109.11 27.04
C TYR JA 109 51.05 110.32 27.93
N ILE JA 110 52.09 110.76 28.62
CA ILE JA 110 51.92 111.82 29.61
C ILE JA 110 51.74 113.16 28.93
N ALA JA 111 52.65 113.49 28.02
CA ALA JA 111 52.60 114.77 27.33
C ALA JA 111 51.36 114.86 26.45
N SER JA 112 50.98 113.74 25.83
CA SER JA 112 49.75 113.70 25.07
C SER JA 112 48.54 113.89 25.98
N LEU JA 113 48.57 113.28 27.16
CA LEU JA 113 47.46 113.38 28.09
C LEU JA 113 47.30 114.79 28.60
N LYS JA 114 48.41 115.49 28.79
CA LYS JA 114 48.32 116.88 29.18
C LYS JA 114 47.84 117.73 28.03
N GLN JA 115 48.16 117.32 26.80
CA GLN JA 115 47.70 118.08 25.64
C GLN JA 115 46.20 117.99 25.45
N ARG JA 116 45.68 116.77 25.34
CA ARG JA 116 44.23 116.59 25.20
C ARG JA 116 43.49 116.98 26.46
N TYR JA 117 44.17 116.96 27.60
CA TYR JA 117 43.62 117.56 28.80
C TYR JA 117 43.51 119.06 28.66
N THR JA 118 44.48 119.67 27.97
CA THR JA 118 44.53 121.11 27.86
C THR JA 118 43.48 121.62 26.88
N GLN JA 119 43.22 120.85 25.82
CA GLN JA 119 42.29 121.29 24.80
C GLN JA 119 40.85 121.30 25.28
N SER JA 120 40.55 120.55 26.33
CA SER JA 120 39.17 120.38 26.77
C SER JA 120 38.71 121.60 27.54
N ASN JA 121 37.40 121.66 27.78
CA ASN JA 121 36.73 122.89 28.20
C ASN JA 121 36.67 122.97 29.71
N GLY JA 122 37.14 124.08 30.26
CA GLY JA 122 37.03 124.35 31.68
C GLY JA 122 37.82 123.44 32.57
N ARG JA 123 38.91 122.85 32.05
CA ARG JA 123 39.71 121.91 32.81
C ARG JA 123 41.08 122.50 33.04
N ARG JA 124 41.39 122.77 34.32
CA ARG JA 124 42.60 123.51 34.67
C ARG JA 124 43.84 122.68 34.39
N PRO JA 125 44.72 123.12 33.50
CA PRO JA 125 45.83 122.29 33.07
C PRO JA 125 46.84 122.03 34.16
N PHE JA 126 47.58 120.94 33.99
CA PHE JA 126 48.52 120.48 35.01
C PHE JA 126 49.73 121.41 35.03
N GLY JA 127 49.89 122.17 36.10
CA GLY JA 127 51.00 123.08 36.21
C GLY JA 127 52.25 122.43 36.76
N ILE JA 128 52.72 121.37 36.10
CA ILE JA 128 53.89 120.62 36.51
C ILE JA 128 54.81 120.47 35.31
N SER JA 129 56.00 119.94 35.56
CA SER JA 129 56.94 119.62 34.48
C SER JA 129 57.77 118.43 34.96
N ALA JA 130 57.63 117.31 34.28
CA ALA JA 130 58.22 116.08 34.78
C ALA JA 130 59.60 115.84 34.20
N LEU JA 131 60.36 114.98 34.89
CA LEU JA 131 61.70 114.60 34.49
C LEU JA 131 61.76 113.09 34.51
N ILE JA 132 62.04 112.49 33.36
CA ILE JA 132 61.82 111.06 33.17
C ILE JA 132 63.14 110.47 32.75
N VAL JA 133 63.65 109.54 33.54
CA VAL JA 133 64.91 108.88 33.26
C VAL JA 133 64.66 107.38 33.19
N GLY JA 134 65.11 106.75 32.11
CA GLY JA 134 65.04 105.31 32.00
C GLY JA 134 66.17 104.80 31.15
N PHE JA 135 66.55 103.55 31.41
CA PHE JA 135 67.60 102.91 30.62
C PHE JA 135 67.18 101.46 30.43
N ASP JA 136 66.45 101.20 29.34
CA ASP JA 136 65.81 99.92 29.09
C ASP JA 136 66.35 99.24 27.86
N PHE JA 137 66.31 99.90 26.70
CA PHE JA 137 66.68 99.28 25.44
C PHE JA 137 68.19 99.10 25.44
N ASP JA 138 68.61 97.91 25.87
CA ASP JA 138 70.00 97.58 26.19
C ASP JA 138 70.57 98.54 27.24
N GLY JA 139 69.72 98.98 28.16
CA GLY JA 139 70.11 99.90 29.23
C GLY JA 139 70.57 101.25 28.75
N THR JA 140 70.06 101.70 27.62
CA THR JA 140 70.51 102.96 27.04
C THR JA 140 69.94 104.13 27.83
N PRO JA 141 70.77 104.95 28.45
CA PRO JA 141 70.28 106.01 29.35
C PRO JA 141 69.57 107.12 28.59
N ARG JA 142 68.38 107.49 29.08
CA ARG JA 142 67.55 108.49 28.43
C ARG JA 142 66.85 109.32 29.48
N LEU JA 143 66.80 110.64 29.26
CA LEU JA 143 65.99 111.51 30.08
C LEU JA 143 65.21 112.45 29.19
N TYR JA 144 63.91 112.53 29.44
CA TYR JA 144 63.04 113.45 28.74
C TYR JA 144 62.49 114.42 29.76
N GLN JA 145 62.33 115.67 29.33
CA GLN JA 145 61.62 116.68 30.08
C GLN JA 145 60.23 116.82 29.50
N THR JA 146 59.35 117.43 30.28
CA THR JA 146 58.01 117.72 29.79
C THR JA 146 57.79 119.22 29.78
N ASP JA 147 56.55 119.60 29.58
CA ASP JA 147 56.16 120.99 29.60
C ASP JA 147 54.70 121.05 30.01
N PRO JA 148 54.25 122.18 30.58
CA PRO JA 148 52.79 122.38 30.72
C PRO JA 148 52.06 122.46 29.40
N SER JA 149 52.74 122.72 28.28
CA SER JA 149 52.15 122.44 26.98
C SER JA 149 52.04 120.95 26.76
N GLY JA 150 53.00 120.18 27.26
CA GLY JA 150 53.00 118.77 26.98
C GLY JA 150 53.94 118.46 25.83
N THR JA 151 55.15 118.97 25.92
CA THR JA 151 56.19 118.64 24.94
C THR JA 151 57.30 117.90 25.68
N TYR JA 152 57.29 116.59 25.56
CA TYR JA 152 58.42 115.80 26.03
C TYR JA 152 59.61 116.05 25.11
N HIS JA 153 60.80 116.02 25.68
CA HIS JA 153 61.99 116.40 24.93
C HIS JA 153 63.21 115.72 25.54
N ALA JA 154 63.95 115.00 24.72
CA ALA JA 154 65.14 114.31 25.18
C ALA JA 154 66.26 115.31 25.46
N TRP JA 155 66.83 115.21 26.66
CA TRP JA 155 68.06 115.91 27.03
C TRP JA 155 69.13 114.89 27.43
N LYS JA 156 70.32 115.39 27.70
CA LYS JA 156 71.37 114.61 28.32
C LYS JA 156 71.58 114.96 29.78
N ALA JA 157 71.15 116.15 30.19
CA ALA JA 157 71.13 116.56 31.58
C ALA JA 157 69.95 117.51 31.75
N ASN JA 158 69.55 117.73 32.99
CA ASN JA 158 68.41 118.63 33.22
C ASN JA 158 68.47 119.21 34.62
N ALA JA 159 67.89 120.41 34.74
CA ALA JA 159 67.71 121.10 36.01
C ALA JA 159 66.46 121.96 35.89
N ILE JA 160 65.64 121.96 36.92
CA ILE JA 160 64.37 122.68 36.91
C ILE JA 160 64.25 123.52 38.17
N GLY JA 161 63.08 124.12 38.34
CA GLY JA 161 62.79 124.83 39.56
C GLY JA 161 63.10 126.31 39.44
N ARG JA 162 63.12 126.98 40.58
CA ARG JA 162 63.45 128.40 40.61
C ARG JA 162 64.94 128.59 40.35
N GLY JA 163 65.26 129.25 39.25
CA GLY JA 163 66.66 129.48 38.93
C GLY JA 163 67.33 128.33 38.20
N ALA JA 164 66.62 127.70 37.27
CA ALA JA 164 67.20 126.59 36.53
C ALA JA 164 68.18 127.06 35.47
N LYS JA 165 68.11 128.33 35.06
CA LYS JA 165 69.06 128.83 34.08
C LYS JA 165 70.45 128.95 34.67
N SER JA 166 70.52 129.23 35.97
CA SER JA 166 71.80 129.28 36.66
C SER JA 166 72.41 127.89 36.77
N VAL JA 167 71.61 126.92 37.18
CA VAL JA 167 72.12 125.57 37.41
C VAL JA 167 72.46 124.90 36.08
N ARG JA 168 71.59 125.06 35.09
CA ARG JA 168 71.86 124.54 33.77
C ARG JA 168 73.03 125.26 33.12
N GLU JA 169 73.20 126.55 33.44
CA GLU JA 169 74.39 127.26 33.01
C GLU JA 169 75.65 126.71 33.65
N PHE JA 170 75.54 126.25 34.90
CA PHE JA 170 76.66 125.54 35.51
C PHE JA 170 76.90 124.21 34.81
N LEU JA 171 75.83 123.52 34.41
CA LEU JA 171 75.99 122.23 33.76
C LEU JA 171 76.61 122.36 32.40
N GLU JA 172 76.34 123.47 31.72
CA GLU JA 172 77.06 123.79 30.49
C GLU JA 172 78.53 124.03 30.78
N LYS JA 173 78.84 124.61 31.94
CA LYS JA 173 80.19 124.73 32.42
C LYS JA 173 80.70 123.44 33.05
N ASN JA 174 79.87 122.42 33.14
CA ASN JA 174 80.24 121.16 33.75
C ASN JA 174 79.98 120.01 32.79
N TYR JA 175 79.62 120.32 31.55
CA TYR JA 175 79.36 119.26 30.58
C TYR JA 175 80.67 118.63 30.15
N THR JA 176 81.09 117.61 30.88
CA THR JA 176 82.22 116.79 30.48
C THR JA 176 81.72 115.56 29.75
N ASP JA 177 82.21 115.37 28.52
CA ASP JA 177 82.09 114.07 27.87
C ASP JA 177 83.08 113.09 28.48
N GLU JA 178 84.04 113.69 29.20
CA GLU JA 178 85.14 113.07 29.95
C GLU JA 178 85.18 111.54 30.04
N ALA JA 179 84.59 111.00 31.10
CA ALA JA 179 84.52 109.56 31.27
C ALA JA 179 83.11 109.08 30.96
N ILE JA 180 82.49 109.72 29.96
CA ILE JA 180 81.14 109.40 29.52
C ILE JA 180 80.18 109.34 30.71
N GLU JA 181 80.06 108.15 31.30
CA GLU JA 181 79.18 107.95 32.44
C GLU JA 181 79.97 107.35 33.61
N THR JA 182 81.13 107.92 33.88
CA THR JA 182 81.98 107.44 34.97
C THR JA 182 81.19 107.41 36.27
N ASP JA 183 81.08 106.21 36.85
CA ASP JA 183 80.36 106.00 38.09
C ASP JA 183 80.84 106.96 39.17
N ASP JA 184 82.10 107.37 39.07
CA ASP JA 184 82.67 108.29 40.03
C ASP JA 184 82.48 109.73 39.60
N LEU JA 185 82.57 110.01 38.30
CA LEU JA 185 82.30 111.35 37.81
C LEU JA 185 80.79 111.59 37.75
N THR JA 186 80.00 110.53 37.74
CA THR JA 186 78.57 110.71 37.94
C THR JA 186 78.29 111.12 39.39
N ILE JA 187 78.96 110.49 40.34
CA ILE JA 187 78.77 110.77 41.75
C ILE JA 187 79.26 112.18 42.08
N LYS JA 188 80.47 112.52 41.66
CA LYS JA 188 81.00 113.86 41.86
C LYS JA 188 80.32 114.87 40.96
N LEU JA 189 79.64 114.40 39.91
CA LEU JA 189 78.89 115.30 39.05
C LEU JA 189 77.59 115.73 39.70
N VAL JA 190 76.89 114.77 40.32
CA VAL JA 190 75.71 115.10 41.11
C VAL JA 190 76.13 115.89 42.35
N ILE JA 191 77.31 115.59 42.88
CA ILE JA 191 77.86 116.37 43.97
C ILE JA 191 78.21 117.78 43.50
N LYS JA 192 78.49 117.94 42.20
CA LYS JA 192 78.72 119.26 41.66
C LYS JA 192 77.41 119.99 41.41
N ALA JA 193 76.36 119.26 41.07
CA ALA JA 193 75.06 119.89 40.87
C ALA JA 193 74.46 120.32 42.20
N LEU JA 194 74.50 119.44 43.19
CA LEU JA 194 74.10 119.79 44.54
C LEU JA 194 75.04 120.81 45.15
N LEU JA 195 76.30 120.80 44.72
CA LEU JA 195 77.22 121.87 45.07
C LEU JA 195 76.77 123.18 44.44
N GLU JA 196 76.26 123.13 43.21
CA GLU JA 196 75.73 124.31 42.56
C GLU JA 196 74.25 124.51 42.82
N VAL JA 197 73.74 124.00 43.94
CA VAL JA 197 72.36 124.26 44.32
C VAL JA 197 72.24 125.71 44.72
N VAL JA 198 71.01 126.23 44.71
CA VAL JA 198 70.80 127.65 44.99
C VAL JA 198 71.10 127.98 46.44
N GLN JA 199 70.93 127.01 47.34
CA GLN JA 199 71.40 127.17 48.71
C GLN JA 199 72.61 126.30 49.00
N SER JA 200 72.68 125.11 48.39
CA SER JA 200 73.66 124.06 48.69
C SER JA 200 73.76 123.82 50.19
N GLY JA 201 72.60 123.58 50.81
CA GLY JA 201 72.49 123.52 52.26
C GLY JA 201 73.15 122.31 52.90
N GLY JA 202 73.33 121.23 52.14
CA GLY JA 202 74.00 120.04 52.63
C GLY JA 202 73.08 119.06 53.33
N LYS JA 203 71.98 119.53 53.88
CA LYS JA 203 71.01 118.66 54.54
C LYS JA 203 69.68 118.59 53.81
N ASN JA 204 69.33 119.61 53.03
CA ASN JA 204 68.09 119.62 52.27
C ASN JA 204 68.24 118.97 50.90
N ILE JA 205 69.35 118.32 50.64
CA ILE JA 205 69.62 117.71 49.34
C ILE JA 205 69.22 116.25 49.40
N GLU JA 206 68.44 115.82 48.40
CA GLU JA 206 68.04 114.44 48.25
C GLU JA 206 68.53 113.95 46.90
N LEU JA 207 69.01 112.71 46.85
CA LEU JA 207 69.55 112.16 45.62
C LEU JA 207 69.19 110.68 45.53
N ALA JA 208 69.01 110.20 44.30
CA ALA JA 208 68.72 108.81 44.04
C ALA JA 208 69.37 108.41 42.73
N VAL JA 209 69.95 107.21 42.70
CA VAL JA 209 70.68 106.74 41.53
C VAL JA 209 70.09 105.41 41.09
N MET JA 210 70.58 104.95 39.96
CA MET JA 210 70.24 103.63 39.42
C MET JA 210 71.38 103.24 38.48
N ARG JA 211 71.82 101.99 38.59
CA ARG JA 211 72.86 101.47 37.70
C ARG JA 211 72.29 100.86 36.44
N ARG JA 212 71.11 101.32 36.01
CA ARG JA 212 70.32 100.89 34.85
C ARG JA 212 69.84 99.45 34.94
N ASP JA 213 70.20 98.72 35.99
CA ASP JA 213 69.86 97.32 36.19
C ASP JA 213 69.37 97.10 37.60
N GLN JA 214 69.71 98.02 38.50
CA GLN JA 214 69.31 97.93 39.89
C GLN JA 214 67.95 98.57 40.07
N SER JA 215 67.53 98.71 41.32
CA SER JA 215 66.36 99.48 41.66
C SER JA 215 66.77 100.92 41.94
N LEU JA 216 65.84 101.69 42.48
CA LEU JA 216 66.15 103.04 42.90
C LEU JA 216 66.97 102.99 44.18
N LYS JA 217 68.12 103.65 44.17
CA LYS JA 217 69.03 103.62 45.31
C LYS JA 217 69.00 104.99 45.97
N ILE JA 218 68.32 105.07 47.10
CA ILE JA 218 68.21 106.29 47.88
C ILE JA 218 69.48 106.42 48.72
N LEU JA 219 70.06 107.61 48.74
CA LEU JA 219 71.38 107.79 49.34
C LEU JA 219 71.24 108.18 50.81
N ASN JA 220 72.37 108.51 51.43
CA ASN JA 220 72.42 108.96 52.81
C ASN JA 220 73.16 110.28 52.88
N PRO JA 221 72.69 111.24 53.69
CA PRO JA 221 73.34 112.56 53.78
C PRO JA 221 74.55 112.59 54.72
N GLU JA 222 75.28 111.48 54.77
CA GLU JA 222 76.56 111.38 55.42
C GLU JA 222 77.62 110.87 54.47
N GLU JA 223 77.26 109.92 53.61
CA GLU JA 223 78.05 109.68 52.42
C GLU JA 223 78.01 110.87 51.50
N ILE JA 224 76.84 111.51 51.40
CA ILE JA 224 76.73 112.74 50.63
C ILE JA 224 77.45 113.87 51.33
N GLU JA 225 77.49 113.84 52.67
CA GLU JA 225 78.30 114.82 53.39
C GLU JA 225 79.78 114.56 53.17
N LYS JA 226 80.15 113.30 52.97
CA LYS JA 226 81.52 112.98 52.55
C LYS JA 226 81.76 113.43 51.11
N TYR JA 227 80.71 113.51 50.32
CA TYR JA 227 80.85 113.97 48.94
C TYR JA 227 81.01 115.48 48.91
N VAL JA 228 80.33 116.18 49.82
CA VAL JA 228 80.59 117.60 49.98
C VAL JA 228 81.95 117.82 50.61
N ALA JA 229 82.43 116.85 51.39
CA ALA JA 229 83.74 116.95 52.01
C ALA JA 229 84.85 116.82 50.98
N GLU JA 230 84.73 115.84 50.08
CA GLU JA 230 85.71 115.74 49.00
C GLU JA 230 85.50 116.83 47.95
N ILE JA 231 84.29 117.40 47.90
CA ILE JA 231 84.03 118.51 47.00
C ILE JA 231 84.75 119.76 47.48
N GLU JA 232 84.62 120.07 48.76
CA GLU JA 232 85.36 121.20 49.33
C GLU JA 232 86.85 120.90 49.42
N LYS JA 233 87.22 119.62 49.49
CA LYS JA 233 88.62 119.24 49.46
C LYS JA 233 89.22 119.53 48.09
N GLU JA 234 88.50 119.17 47.02
CA GLU JA 234 88.96 119.49 45.68
C GLU JA 234 88.88 120.98 45.41
N LYS JA 235 87.95 121.68 46.06
CA LYS JA 235 87.92 123.14 45.99
C LYS JA 235 89.14 123.74 46.68
N GLU JA 236 89.62 123.10 47.75
CA GLU JA 236 90.89 123.51 48.33
C GLU JA 236 92.05 123.16 47.42
N GLU JA 237 91.91 122.08 46.64
CA GLU JA 237 92.93 121.71 45.66
C GLU JA 237 92.94 122.65 44.46
N ASN JA 238 91.86 123.40 44.24
CA ASN JA 238 91.85 124.39 43.17
C ASN JA 238 92.78 125.55 43.47
N GLU JA 239 92.91 125.93 44.73
CA GLU JA 239 93.79 127.02 45.12
C GLU JA 239 95.25 126.57 45.09
N TYR KA 7 38.17 142.42 20.58
CA TYR KA 7 36.90 142.36 19.88
C TYR KA 7 36.83 141.08 19.06
N ASP KA 8 35.60 140.75 18.60
CA ASP KA 8 35.29 139.51 17.88
C ASP KA 8 35.78 138.41 18.82
N ARG KA 9 35.38 138.58 20.08
CA ARG KA 9 35.77 137.69 21.17
C ARG KA 9 35.13 136.31 21.17
N GLY KA 10 35.70 135.42 20.37
CA GLY KA 10 35.26 134.04 20.33
C GLY KA 10 35.16 133.45 18.94
N VAL KA 11 34.73 132.18 18.89
CA VAL KA 11 34.56 131.47 17.63
C VAL KA 11 33.14 131.53 17.11
N ASN KA 12 32.35 132.49 17.57
CA ASN KA 12 30.92 132.48 17.34
C ASN KA 12 30.42 133.90 17.08
N THR KA 13 31.34 134.83 16.83
CA THR KA 13 30.95 136.22 16.65
C THR KA 13 31.74 136.85 15.52
N PHE KA 14 31.07 137.08 14.39
CA PHE KA 14 31.72 137.61 13.22
C PHE KA 14 32.03 139.09 13.40
N SER KA 15 32.72 139.65 12.44
CA SER KA 15 32.94 141.07 12.32
C SER KA 15 31.82 141.69 11.52
N PRO KA 16 31.62 143.00 11.64
CA PRO KA 16 30.82 143.70 10.63
C PRO KA 16 31.44 143.71 9.25
N GLU KA 17 32.71 143.33 9.14
CA GLU KA 17 33.37 143.12 7.86
C GLU KA 17 33.55 141.65 7.52
N GLY KA 18 34.41 140.99 8.28
CA GLY KA 18 34.75 139.60 8.03
C GLY KA 18 34.09 138.52 8.85
N ARG KA 19 34.91 137.65 9.43
CA ARG KA 19 34.38 136.53 10.19
C ARG KA 19 34.96 136.25 11.59
N LEU KA 20 35.68 135.15 11.71
CA LEU KA 20 36.28 134.79 12.99
C LEU KA 20 37.80 134.84 12.88
N PHE KA 21 38.35 136.04 13.07
CA PHE KA 21 39.78 136.26 12.99
C PHE KA 21 40.49 135.60 14.16
N GLN KA 22 40.24 134.32 14.38
CA GLN KA 22 40.89 133.64 15.48
C GLN KA 22 41.63 132.42 15.01
N VAL KA 23 41.08 131.74 14.00
CA VAL KA 23 41.93 130.98 13.09
C VAL KA 23 42.86 131.95 12.38
N GLU KA 24 42.39 133.17 12.12
CA GLU KA 24 43.25 134.25 11.67
C GLU KA 24 44.32 134.57 12.70
N TYR KA 25 43.96 134.57 13.99
CA TYR KA 25 44.99 134.66 15.02
C TYR KA 25 45.95 133.48 15.00
N ALA KA 26 45.51 132.32 14.54
CA ALA KA 26 46.44 131.19 14.43
C ALA KA 26 47.35 131.35 13.21
N ILE KA 27 46.83 131.98 12.15
CA ILE KA 27 47.66 132.36 10.99
C ILE KA 27 48.75 133.31 11.44
N GLU KA 28 48.41 134.23 12.35
CA GLU KA 28 49.43 134.98 13.05
C GLU KA 28 50.35 134.07 13.86
N ALA KA 29 49.80 133.00 14.44
CA ALA KA 29 50.60 132.11 15.25
C ALA KA 29 51.41 131.11 14.43
N ILE KA 30 51.36 131.17 13.10
CA ILE KA 30 52.24 130.30 12.31
C ILE KA 30 53.62 130.92 12.17
N LYS KA 31 53.67 132.23 11.97
CA LYS KA 31 54.89 132.94 11.58
C LYS KA 31 55.98 132.86 12.63
N LEU KA 32 55.61 132.75 13.90
CA LEU KA 32 56.57 132.53 14.98
C LEU KA 32 57.30 131.19 14.88
N GLY KA 33 56.75 130.23 14.15
CA GLY KA 33 57.44 128.97 13.96
C GLY KA 33 58.58 129.08 12.96
N SER KA 34 59.46 128.10 13.00
CA SER KA 34 60.58 128.04 12.09
C SER KA 34 60.11 127.68 10.69
N THR KA 35 61.02 127.85 9.73
CA THR KA 35 60.62 127.71 8.34
C THR KA 35 60.83 126.29 7.85
N ALA KA 36 60.22 126.00 6.70
CA ALA KA 36 60.40 124.75 5.99
C ALA KA 36 60.06 124.99 4.53
N ILE KA 37 60.76 124.28 3.64
CA ILE KA 37 60.63 124.49 2.21
C ILE KA 37 60.36 123.14 1.55
N GLY KA 38 59.27 123.04 0.81
CA GLY KA 38 59.00 121.89 -0.02
C GLY KA 38 59.02 122.30 -1.49
N ILE KA 39 59.58 121.44 -2.32
CA ILE KA 39 59.67 121.67 -3.76
C ILE KA 39 59.18 120.42 -4.47
N GLN KA 40 58.20 120.58 -5.34
CA GLN KA 40 57.79 119.49 -6.19
C GLN KA 40 58.58 119.53 -7.50
N THR KA 41 59.49 118.59 -7.65
CA THR KA 41 60.10 118.33 -8.93
C THR KA 41 59.39 117.11 -9.48
N SER KA 42 59.26 117.03 -10.81
CA SER KA 42 58.77 115.81 -11.43
C SER KA 42 59.67 114.62 -11.12
N GLU KA 43 60.96 114.87 -10.89
CA GLU KA 43 61.87 113.84 -10.41
C GLU KA 43 61.50 113.39 -8.99
N GLY KA 44 60.86 114.26 -8.23
CA GLY KA 44 60.40 113.92 -6.90
C GLY KA 44 60.22 115.16 -6.07
N VAL KA 45 59.48 115.00 -4.99
CA VAL KA 45 59.25 116.10 -4.06
C VAL KA 45 60.33 116.06 -2.99
N CYS KA 46 61.11 117.12 -2.88
CA CYS KA 46 62.10 117.26 -1.84
C CYS KA 46 61.64 118.28 -0.82
N LEU KA 47 62.20 118.20 0.38
CA LEU KA 47 61.72 119.06 1.47
C LEU KA 47 62.81 119.20 2.52
N ALA KA 48 62.82 120.35 3.19
CA ALA KA 48 63.77 120.64 4.26
C ALA KA 48 63.13 121.55 5.28
N VAL KA 49 63.83 121.72 6.41
CA VAL KA 49 63.29 122.45 7.55
C VAL KA 49 64.48 122.93 8.36
N GLU KA 50 64.27 123.94 9.20
CA GLU KA 50 65.27 124.42 10.14
C GLU KA 50 64.89 123.98 11.54
N LYS KA 51 65.86 123.44 12.29
CA LYS KA 51 65.56 122.88 13.61
C LYS KA 51 65.59 123.91 14.72
N ARG KA 52 66.56 124.83 14.69
CA ARG KA 52 66.80 125.85 15.71
C ARG KA 52 67.06 125.20 17.08
N ILE KA 53 68.18 124.50 17.13
CA ILE KA 53 68.61 123.84 18.35
C ILE KA 53 69.14 124.91 19.32
N THR KA 54 68.73 124.81 20.58
CA THR KA 54 69.12 125.80 21.57
C THR KA 54 70.20 125.31 22.52
N SER KA 55 70.07 124.09 23.03
CA SER KA 55 70.98 123.59 24.05
C SER KA 55 71.90 122.52 23.49
N PRO KA 56 73.08 122.33 24.08
CA PRO KA 56 73.83 121.09 23.82
C PRO KA 56 73.15 119.88 24.39
N LEU KA 57 72.41 120.04 25.49
CA LEU KA 57 71.59 118.96 26.02
C LEU KA 57 70.44 118.64 25.09
N MET KA 58 70.00 119.63 24.32
CA MET KA 58 68.90 119.50 23.37
C MET KA 58 69.33 118.52 22.30
N GLU KA 59 68.85 117.30 22.44
CA GLU KA 59 69.19 116.25 21.51
C GLU KA 59 68.51 116.54 20.18
N PRO KA 60 69.23 116.53 19.06
CA PRO KA 60 68.65 117.01 17.80
C PRO KA 60 67.60 116.09 17.21
N SER KA 61 67.79 114.77 17.29
CA SER KA 61 66.81 113.87 16.72
C SER KA 61 65.54 113.75 17.55
N SER KA 62 65.57 114.26 18.79
CA SER KA 62 64.35 114.41 19.57
C SER KA 62 63.39 115.41 18.93
N ILE KA 63 63.91 116.39 18.21
CA ILE KA 63 63.04 117.32 17.49
C ILE KA 63 62.67 116.68 16.15
N GLU KA 64 61.38 116.49 15.93
CA GLU KA 64 60.88 115.96 14.67
C GLU KA 64 60.17 117.08 13.91
N LYS KA 65 60.40 117.13 12.61
CA LYS KA 65 59.63 117.97 11.72
C LYS KA 65 59.04 117.17 10.57
N ILE KA 66 59.81 116.23 10.02
CA ILE KA 66 59.34 115.36 8.97
C ILE KA 66 59.04 114.00 9.59
N VAL KA 67 57.81 113.54 9.44
CA VAL KA 67 57.43 112.21 9.84
C VAL KA 67 57.04 111.43 8.60
N GLU KA 68 56.99 110.12 8.73
CA GLU KA 68 56.57 109.23 7.66
C GLU KA 68 55.11 108.87 7.89
N ILE KA 69 54.22 109.48 7.13
CA ILE KA 69 52.83 109.03 7.17
C ILE KA 69 52.69 107.69 6.47
N ASP KA 70 52.97 107.67 5.18
CA ASP KA 70 52.97 106.41 4.44
C ASP KA 70 54.38 106.24 3.90
N ALA KA 71 54.68 105.04 3.38
CA ALA KA 71 55.98 104.71 2.81
C ALA KA 71 56.37 105.60 1.64
N HIS KA 72 55.42 106.30 1.03
CA HIS KA 72 55.76 107.37 0.11
C HIS KA 72 55.18 108.71 0.54
N ILE KA 73 54.70 108.85 1.77
CA ILE KA 73 54.07 110.09 2.21
C ILE KA 73 54.78 110.61 3.45
N GLY KA 74 55.36 111.81 3.33
CA GLY KA 74 55.92 112.51 4.46
C GLY KA 74 55.09 113.72 4.86
N CYS KA 75 55.63 114.48 5.82
CA CYS KA 75 54.91 115.61 6.37
C CYS KA 75 55.88 116.67 6.84
N ALA KA 76 55.32 117.82 7.22
CA ALA KA 76 56.06 118.93 7.77
C ALA KA 76 55.07 119.85 8.49
N MET KA 77 55.47 120.29 9.67
CA MET KA 77 54.60 120.95 10.62
C MET KA 77 54.92 122.44 10.70
N SER KA 78 54.25 123.13 11.63
CA SER KA 78 54.47 124.54 11.87
C SER KA 78 54.02 124.91 13.28
N GLY KA 79 54.86 125.67 13.98
CA GLY KA 79 54.50 126.23 15.27
C GLY KA 79 54.22 125.23 16.38
N LEU KA 80 52.94 125.05 16.72
CA LEU KA 80 52.56 124.13 17.77
C LEU KA 80 52.71 122.70 17.31
N ILE KA 81 53.22 121.85 18.20
CA ILE KA 81 53.68 120.52 17.85
C ILE KA 81 52.61 119.47 18.13
N ALA KA 82 51.92 119.59 19.26
CA ALA KA 82 51.16 118.47 19.78
C ALA KA 82 49.86 118.23 19.02
N ASP KA 83 49.19 119.30 18.60
CA ASP KA 83 48.02 119.15 17.75
C ASP KA 83 48.40 118.52 16.43
N ALA KA 84 49.56 118.90 15.90
CA ALA KA 84 50.09 118.29 14.69
C ALA KA 84 50.35 116.81 14.91
N LYS KA 85 50.85 116.44 16.10
CA LYS KA 85 51.07 115.04 16.42
C LYS KA 85 49.75 114.26 16.48
N THR KA 86 48.70 114.92 16.95
CA THR KA 86 47.37 114.33 16.91
C THR KA 86 46.93 114.11 15.47
N LEU KA 87 47.25 115.07 14.60
CA LEU KA 87 46.90 114.92 13.19
C LEU KA 87 47.71 113.83 12.51
N ILE KA 88 48.95 113.62 12.96
CA ILE KA 88 49.78 112.57 12.39
C ILE KA 88 49.24 111.21 12.77
N ASP KA 89 48.89 111.06 14.05
CA ASP KA 89 48.34 109.81 14.54
C ASP KA 89 47.03 109.49 13.84
N LYS KA 90 46.16 110.49 13.76
CA LYS KA 90 44.88 110.36 13.05
C LYS KA 90 45.08 110.02 11.59
N ALA KA 91 46.05 110.67 10.94
CA ALA KA 91 46.25 110.48 9.51
C ALA KA 91 46.76 109.09 9.21
N ARG KA 92 47.70 108.60 10.02
CA ARG KA 92 48.22 107.25 9.83
C ARG KA 92 47.14 106.21 10.11
N VAL KA 93 46.28 106.50 11.09
CA VAL KA 93 45.10 105.68 11.35
C VAL KA 93 44.20 105.63 10.12
N GLU KA 94 43.97 106.77 9.49
CA GLU KA 94 42.95 106.82 8.46
C GLU KA 94 43.46 106.28 7.13
N THR KA 95 44.73 106.51 6.82
CA THR KA 95 45.35 105.83 5.69
C THR KA 95 45.41 104.34 5.95
N GLN KA 96 45.64 103.95 7.20
CA GLN KA 96 45.60 102.54 7.54
C GLN KA 96 44.19 101.97 7.38
N ASN KA 97 43.19 102.81 7.54
CA ASN KA 97 41.82 102.40 7.24
C ASN KA 97 41.63 102.27 5.74
N HIS KA 98 42.27 103.14 4.98
CA HIS KA 98 42.13 103.11 3.53
C HIS KA 98 42.79 101.88 2.95
N TRP KA 99 43.96 101.53 3.45
CA TRP KA 99 44.54 100.27 3.06
C TRP KA 99 43.74 99.11 3.65
N PHE KA 100 43.19 99.32 4.84
CA PHE KA 100 42.51 98.26 5.57
C PHE KA 100 41.25 97.83 4.84
N THR KA 101 40.63 98.77 4.16
CA THR KA 101 39.36 98.57 3.47
C THR KA 101 39.51 98.64 1.97
N TYR KA 102 40.70 98.94 1.48
CA TYR KA 102 40.88 99.11 0.04
C TYR KA 102 42.13 98.47 -0.52
N ASN KA 103 43.01 97.91 0.33
CA ASN KA 103 44.26 97.25 -0.08
C ASN KA 103 45.18 98.16 -0.87
N GLU KA 104 45.12 99.46 -0.62
CA GLU KA 104 45.86 100.42 -1.43
C GLU KA 104 46.06 101.70 -0.63
N THR KA 105 46.95 102.54 -1.11
CA THR KA 105 47.30 103.78 -0.43
C THR KA 105 46.21 104.80 -0.64
N MET KA 106 45.85 105.51 0.41
CA MET KA 106 45.04 106.71 0.27
C MET KA 106 45.83 107.72 -0.53
N THR KA 107 45.18 108.35 -1.50
CA THR KA 107 45.86 109.39 -2.26
C THR KA 107 46.09 110.60 -1.37
N VAL KA 108 47.25 111.23 -1.60
CA VAL KA 108 47.80 112.28 -0.75
C VAL KA 108 46.85 113.47 -0.71
N GLU KA 109 46.13 113.70 -1.80
CA GLU KA 109 45.09 114.71 -1.81
C GLU KA 109 43.93 114.33 -0.90
N SER KA 110 43.44 113.10 -1.01
CA SER KA 110 42.40 112.63 -0.12
C SER KA 110 42.90 112.46 1.30
N VAL KA 111 44.22 112.25 1.48
CA VAL KA 111 44.82 112.37 2.79
C VAL KA 111 44.63 113.77 3.33
N THR KA 112 44.93 114.77 2.51
CA THR KA 112 44.93 116.15 2.94
C THR KA 112 43.52 116.65 3.20
N GLN KA 113 42.57 116.20 2.39
CA GLN KA 113 41.18 116.54 2.62
C GLN KA 113 40.65 115.78 3.81
N ALA KA 114 41.17 114.56 4.03
CA ALA KA 114 40.77 113.77 5.18
C ALA KA 114 41.20 114.43 6.48
N VAL KA 115 42.37 115.04 6.51
CA VAL KA 115 42.76 115.85 7.65
C VAL KA 115 41.94 117.13 7.69
N SER KA 116 41.67 117.68 6.51
CA SER KA 116 41.04 118.96 6.35
C SER KA 116 39.56 118.93 6.69
N ASN KA 117 38.99 117.75 6.91
CA ASN KA 117 37.63 117.71 7.42
C ASN KA 117 37.55 118.21 8.84
N LEU KA 118 38.40 117.69 9.73
CA LEU KA 118 38.38 118.14 11.11
C LEU KA 118 39.52 119.11 11.38
N ALA KA 119 40.12 119.66 10.33
CA ALA KA 119 40.90 120.88 10.49
C ALA KA 119 40.05 121.98 11.10
N LEU KA 120 38.82 122.12 10.61
CA LEU KA 120 37.81 122.91 11.32
C LEU KA 120 36.65 121.98 11.62
N GLN KA 121 36.81 121.21 12.69
CA GLN KA 121 35.69 120.70 13.47
C GLN KA 121 35.89 121.06 14.93
N PHE KA 122 36.46 122.23 15.14
CA PHE KA 122 36.57 122.83 16.46
C PHE KA 122 35.18 123.02 17.02
N GLY KA 123 34.99 122.69 18.28
CA GLY KA 123 33.72 122.93 18.91
C GLY KA 123 33.77 122.69 20.39
N GLU KA 124 33.31 123.70 21.14
CA GLU KA 124 33.29 123.62 22.60
C GLU KA 124 31.92 123.21 23.12
N GLU KA 125 30.91 123.28 22.26
CA GLU KA 125 29.57 122.79 22.55
C GLU KA 125 28.98 122.19 21.29
N ASP KA 126 27.88 121.44 21.47
CA ASP KA 126 27.07 120.87 20.41
C ASP KA 126 27.84 119.93 19.48
N SER KA 133 38.16 121.02 20.22
CA SER KA 133 37.41 122.06 20.91
C SER KA 133 37.77 123.43 20.37
N ARG KA 134 38.92 123.93 20.79
CA ARG KA 134 39.47 125.17 20.29
C ARG KA 134 40.07 124.94 18.91
N PRO KA 135 40.24 125.99 18.10
CA PRO KA 135 40.93 125.83 16.82
C PRO KA 135 42.41 125.53 16.99
N PHE KA 136 43.03 125.17 15.87
CA PHE KA 136 44.42 124.71 15.86
C PHE KA 136 45.34 125.78 15.29
N GLY KA 137 46.64 125.61 15.54
CA GLY KA 137 47.63 126.60 15.16
C GLY KA 137 48.80 126.11 14.33
N VAL KA 138 48.55 125.28 13.32
CA VAL KA 138 49.63 124.64 12.58
C VAL KA 138 49.29 124.56 11.09
N ALA KA 139 50.21 125.04 10.26
CA ALA KA 139 50.15 124.85 8.82
C ALA KA 139 50.94 123.61 8.47
N LEU KA 140 50.55 122.94 7.39
CA LEU KA 140 51.13 121.65 7.06
C LEU KA 140 51.61 121.59 5.63
N LEU KA 141 52.75 120.95 5.45
CA LEU KA 141 53.31 120.62 4.15
C LEU KA 141 53.32 119.11 3.99
N PHE KA 142 52.77 118.63 2.88
CA PHE KA 142 52.63 117.22 2.62
C PHE KA 142 53.38 116.85 1.36
N GLY KA 143 54.15 115.79 1.43
CA GLY KA 143 54.83 115.26 0.26
C GLY KA 143 54.38 113.84 0.01
N GLY KA 144 54.04 113.56 -1.25
CA GLY KA 144 53.63 112.21 -1.59
C GLY KA 144 53.99 111.92 -3.02
N VAL KA 145 53.83 110.65 -3.38
CA VAL KA 145 53.87 110.22 -4.78
C VAL KA 145 52.66 109.31 -4.97
N ASP KA 146 51.64 109.83 -5.62
CA ASP KA 146 50.46 109.05 -5.96
C ASP KA 146 50.65 108.43 -7.34
N GLU KA 147 49.56 107.98 -7.95
CA GLU KA 147 49.59 107.54 -9.34
C GLU KA 147 49.90 108.67 -10.30
N LYS KA 148 49.67 109.92 -9.91
CA LYS KA 148 50.09 111.07 -10.66
C LYS KA 148 51.52 111.49 -10.33
N GLY KA 149 52.25 110.66 -9.59
CA GLY KA 149 53.64 110.90 -9.32
C GLY KA 149 53.88 111.80 -8.14
N PRO KA 150 54.83 112.73 -8.28
CA PRO KA 150 55.15 113.62 -7.17
C PRO KA 150 54.04 114.62 -6.89
N GLN KA 151 53.74 114.79 -5.60
CA GLN KA 151 52.70 115.68 -5.14
C GLN KA 151 53.22 116.48 -3.96
N LEU KA 152 53.06 117.80 -4.05
CA LEU KA 152 53.39 118.70 -2.95
C LEU KA 152 52.18 119.50 -2.56
N PHE KA 153 51.74 119.34 -1.32
CA PHE KA 153 50.47 119.86 -0.86
C PHE KA 153 50.70 120.75 0.33
N HIS KA 154 49.87 121.76 0.49
CA HIS KA 154 49.99 122.64 1.64
C HIS KA 154 48.62 123.08 2.14
N MET KA 155 48.38 122.87 3.42
CA MET KA 155 47.13 123.33 3.99
C MET KA 155 47.40 124.33 5.11
N ASP KA 156 46.32 124.76 5.73
CA ASP KA 156 46.32 125.83 6.71
C ASP KA 156 45.54 125.35 7.93
N PRO KA 157 45.58 126.08 9.05
CA PRO KA 157 44.69 125.73 10.17
C PRO KA 157 43.22 125.87 9.87
N SER KA 158 42.83 126.63 8.86
CA SER KA 158 41.43 126.68 8.46
C SER KA 158 41.05 125.56 7.52
N GLY KA 159 41.99 124.69 7.15
CA GLY KA 159 41.69 123.60 6.25
C GLY KA 159 41.49 124.00 4.81
N THR KA 160 41.63 125.28 4.47
CA THR KA 160 41.45 125.70 3.09
C THR KA 160 42.71 125.31 2.34
N PHE KA 161 42.68 124.14 1.74
CA PHE KA 161 43.83 123.53 1.11
C PHE KA 161 43.99 123.99 -0.33
N VAL KA 162 45.24 124.24 -0.73
CA VAL KA 162 45.60 124.38 -2.14
C VAL KA 162 46.94 123.67 -2.35
N GLN KA 163 47.10 123.10 -3.55
CA GLN KA 163 48.35 122.49 -3.92
C GLN KA 163 49.36 123.56 -4.33
N CYS KA 164 50.57 123.46 -3.81
CA CYS KA 164 51.65 124.37 -4.15
C CYS KA 164 52.76 123.61 -4.85
N ASP KA 165 53.50 124.30 -5.72
CA ASP KA 165 54.58 123.61 -6.41
C ASP KA 165 55.87 123.63 -5.59
N ALA KA 166 56.08 124.70 -4.84
CA ALA KA 166 57.21 124.79 -3.91
C ALA KA 166 56.81 125.81 -2.86
N ARG KA 167 56.47 125.33 -1.68
CA ARG KA 167 55.94 126.20 -0.63
C ARG KA 167 56.97 126.38 0.48
N ALA KA 168 57.09 127.62 0.96
CA ALA KA 168 57.90 127.94 2.12
C ALA KA 168 57.01 128.50 3.21
N ILE KA 169 57.29 128.15 4.46
CA ILE KA 169 56.39 128.45 5.56
C ILE KA 169 57.16 129.11 6.69
N GLY KA 170 56.49 129.33 7.83
CA GLY KA 170 57.18 129.63 9.06
C GLY KA 170 57.70 131.05 9.08
N SER KA 171 58.73 131.27 9.87
CA SER KA 171 59.39 132.56 9.90
C SER KA 171 60.15 132.80 8.60
N ALA KA 172 60.26 134.09 8.23
CA ALA KA 172 60.97 134.57 7.04
C ALA KA 172 60.45 133.95 5.75
N SER KA 173 59.17 133.59 5.72
CA SER KA 173 58.60 132.88 4.59
C SER KA 173 58.38 133.78 3.39
N GLU KA 174 58.39 135.09 3.59
CA GLU KA 174 58.06 136.02 2.52
C GLU KA 174 59.12 136.02 1.44
N GLY KA 175 60.35 136.42 1.78
CA GLY KA 175 61.43 136.43 0.82
C GLY KA 175 61.87 135.04 0.41
N ALA KA 176 61.51 134.03 1.21
CA ALA KA 176 61.72 132.65 0.79
C ALA KA 176 60.77 132.29 -0.34
N GLN KA 177 59.52 132.73 -0.26
CA GLN KA 177 58.59 132.51 -1.37
C GLN KA 177 58.93 133.37 -2.56
N SER KA 178 59.41 134.58 -2.32
CA SER KA 178 59.71 135.50 -3.42
C SER KA 178 60.96 135.06 -4.16
N SER KA 179 62.05 134.87 -3.41
CA SER KA 179 63.28 134.31 -3.94
C SER KA 179 63.09 132.89 -4.45
N LEU KA 180 62.12 132.17 -3.90
CA LEU KA 180 61.70 130.91 -4.48
C LEU KA 180 61.15 131.11 -5.88
N GLN KA 181 60.23 132.07 -6.04
CA GLN KA 181 59.68 132.39 -7.34
C GLN KA 181 60.71 132.95 -8.28
N GLU KA 182 61.80 133.49 -7.74
CA GLU KA 182 62.95 133.84 -8.57
C GLU KA 182 63.59 132.59 -9.16
N VAL KA 183 63.68 131.51 -8.39
CA VAL KA 183 64.49 130.38 -8.80
C VAL KA 183 63.68 129.19 -9.29
N TYR KA 184 62.39 129.12 -8.99
CA TYR KA 184 61.63 127.95 -9.35
C TYR KA 184 61.09 128.05 -10.76
N HIS KA 185 61.07 126.91 -11.44
CA HIS KA 185 60.31 126.74 -12.66
C HIS KA 185 59.86 125.29 -12.72
N LYS KA 186 59.24 124.91 -13.82
CA LYS KA 186 58.65 123.58 -13.91
C LYS KA 186 59.68 122.51 -14.25
N SER KA 187 60.69 122.85 -15.04
CA SER KA 187 61.63 121.89 -15.58
C SER KA 187 62.87 121.77 -14.71
N MET KA 188 62.70 121.96 -13.41
CA MET KA 188 63.79 121.83 -12.47
C MET KA 188 64.22 120.36 -12.34
N THR KA 189 65.37 120.15 -11.74
CA THR KA 189 65.79 118.81 -11.37
C THR KA 189 65.91 118.73 -9.85
N LEU KA 190 66.14 117.52 -9.35
CA LEU KA 190 65.96 117.25 -7.93
C LEU KA 190 67.07 117.88 -7.10
N LYS KA 191 68.31 117.45 -7.34
CA LYS KA 191 69.45 117.93 -6.56
C LYS KA 191 69.69 119.40 -6.77
N GLU KA 192 69.31 119.92 -7.94
CA GLU KA 192 69.28 121.36 -8.17
C GLU KA 192 68.33 122.05 -7.21
N ALA KA 193 67.12 121.50 -7.05
CA ALA KA 193 66.18 122.08 -6.11
C ALA KA 193 66.64 121.89 -4.67
N ILE KA 194 67.43 120.86 -4.42
CA ILE KA 194 67.97 120.63 -3.08
C ILE KA 194 68.98 121.70 -2.73
N LYS KA 195 70.00 121.86 -3.57
CA LYS KA 195 71.05 122.83 -3.26
C LYS KA 195 70.51 124.25 -3.35
N SER KA 196 69.58 124.51 -4.26
CA SER KA 196 68.95 125.82 -4.32
C SER KA 196 68.10 126.08 -3.09
N SER KA 197 67.45 125.04 -2.59
CA SER KA 197 66.62 125.17 -1.39
C SER KA 197 67.46 125.51 -0.18
N LEU KA 198 68.57 124.81 0.00
CA LEU KA 198 69.42 125.11 1.14
C LEU KA 198 70.19 126.42 0.96
N ILE KA 199 70.36 126.88 -0.28
CA ILE KA 199 70.81 128.25 -0.51
C ILE KA 199 69.84 129.23 0.12
N ILE KA 200 68.55 129.06 -0.15
CA ILE KA 200 67.54 129.92 0.46
C ILE KA 200 67.53 129.76 1.97
N LEU KA 201 67.81 128.54 2.45
CA LEU KA 201 67.83 128.27 3.89
C LEU KA 201 68.94 129.03 4.59
N LYS KA 202 70.16 128.93 4.08
CA LYS KA 202 71.23 129.67 4.71
C LYS KA 202 71.14 131.17 4.45
N GLN KA 203 70.38 131.59 3.44
CA GLN KA 203 70.00 132.98 3.36
C GLN KA 203 69.07 133.40 4.49
N VAL KA 204 68.10 132.56 4.84
CA VAL KA 204 67.09 132.98 5.81
C VAL KA 204 67.41 132.56 7.24
N MET KA 205 68.30 131.58 7.42
CA MET KA 205 68.63 131.23 8.79
C MET KA 205 69.63 132.25 9.34
N GLU KA 206 69.84 132.17 10.65
CA GLU KA 206 70.76 133.06 11.34
C GLU KA 206 72.02 132.37 11.81
N GLU KA 207 72.01 131.04 11.88
CA GLU KA 207 73.17 130.29 12.32
C GLU KA 207 73.95 129.78 11.12
N LYS KA 208 75.14 129.25 11.38
CA LYS KA 208 75.91 128.62 10.34
C LYS KA 208 75.28 127.28 10.00
N LEU KA 209 75.10 127.03 8.71
CA LEU KA 209 74.50 125.79 8.24
C LEU KA 209 75.43 124.62 8.49
N ASN KA 210 74.94 123.61 9.20
CA ASN KA 210 75.71 122.43 9.48
C ASN KA 210 74.77 121.23 9.40
N ALA KA 211 75.24 120.08 9.89
CA ALA KA 211 74.46 118.86 9.89
C ALA KA 211 73.28 118.93 10.84
N THR KA 212 73.31 119.82 11.81
CA THR KA 212 72.34 119.83 12.89
C THR KA 212 71.20 120.81 12.69
N ASN KA 213 71.38 121.81 11.82
CA ASN KA 213 70.35 122.82 11.66
C ASN KA 213 69.15 122.28 10.88
N ILE KA 214 69.41 121.40 9.94
CA ILE KA 214 68.42 121.04 8.93
C ILE KA 214 68.25 119.52 8.90
N GLU KA 215 67.27 119.08 8.11
CA GLU KA 215 67.11 117.68 7.73
C GLU KA 215 66.37 117.64 6.41
N LEU KA 216 66.55 116.57 5.65
CA LEU KA 216 65.95 116.49 4.33
C LEU KA 216 64.82 115.47 4.29
N ALA KA 217 63.99 115.61 3.26
CA ALA KA 217 62.83 114.75 3.06
C ALA KA 217 62.62 114.59 1.57
N THR KA 218 63.00 113.43 1.05
CA THR KA 218 63.10 113.22 -0.39
C THR KA 218 62.29 111.99 -0.81
N VAL KA 219 61.12 112.22 -1.39
CA VAL KA 219 60.33 111.15 -1.98
C VAL KA 219 60.59 111.17 -3.48
N GLN KA 220 60.60 109.99 -4.09
CA GLN KA 220 60.85 109.79 -5.50
C GLN KA 220 59.87 108.75 -6.03
N PRO KA 221 59.72 108.64 -7.34
CA PRO KA 221 59.02 107.46 -7.87
C PRO KA 221 59.78 106.16 -7.66
N GLY KA 222 61.06 106.12 -8.04
CA GLY KA 222 61.86 104.94 -7.79
C GLY KA 222 62.32 104.78 -6.38
N GLN KA 223 62.24 105.85 -5.60
CA GLN KA 223 62.61 105.86 -4.20
C GLN KA 223 61.46 106.46 -3.41
N ASN KA 224 60.30 105.84 -3.60
CA ASN KA 224 59.13 106.07 -2.75
C ASN KA 224 59.51 106.04 -1.27
N PHE KA 225 60.21 104.99 -0.87
CA PHE KA 225 60.72 104.86 0.49
C PHE KA 225 61.82 105.90 0.75
N HIS KA 226 62.09 106.13 2.03
CA HIS KA 226 63.21 106.94 2.54
C HIS KA 226 63.11 108.39 2.07
N MET KA 227 62.11 109.05 2.63
CA MET KA 227 61.98 110.49 2.46
C MET KA 227 62.91 111.20 3.43
N PHE KA 228 64.22 111.10 3.15
CA PHE KA 228 65.27 111.50 4.09
C PHE KA 228 66.62 111.39 3.38
N THR KA 229 67.61 112.11 3.90
CA THR KA 229 69.03 111.90 3.56
C THR KA 229 69.83 111.85 4.85
N LYS KA 230 70.70 110.85 4.98
CA LYS KA 230 71.47 110.64 6.20
C LYS KA 230 72.95 110.90 5.95
N GLU KA 231 73.46 112.00 6.50
CA GLU KA 231 74.87 112.41 6.35
C GLU KA 231 75.33 112.65 4.91
N GLU KA 232 74.55 112.16 3.93
CA GLU KA 232 74.84 112.44 2.53
C GLU KA 232 74.56 113.91 2.61
N LEU KA 233 73.61 114.17 3.49
CA LEU KA 233 73.18 115.49 3.93
C LEU KA 233 74.37 116.37 4.27
N GLU KA 234 75.30 115.86 5.09
CA GLU KA 234 76.55 116.56 5.39
C GLU KA 234 77.36 116.79 4.12
N GLU KA 235 77.34 115.81 3.23
CA GLU KA 235 78.09 115.96 1.99
C GLU KA 235 77.46 117.02 1.09
N VAL KA 236 76.13 117.10 1.04
CA VAL KA 236 75.50 118.15 0.25
C VAL KA 236 75.73 119.52 0.90
N ILE KA 237 75.83 119.54 2.23
CA ILE KA 237 76.24 120.75 2.95
C ILE KA 237 77.63 121.20 2.51
N LYS KA 238 78.59 120.29 2.49
CA LYS KA 238 79.91 120.71 2.05
C LYS KA 238 80.01 120.80 0.53
N ASP KA 239 78.99 120.40 -0.22
CA ASP KA 239 78.98 120.60 -1.66
C ASP KA 239 78.58 122.01 -2.05
N ILE KA 240 78.03 122.78 -1.13
CA ILE KA 240 77.70 124.16 -1.44
C ILE KA 240 78.82 125.01 -0.89
N ASN LA 9 25.92 148.36 20.89
CA ASN LA 9 26.86 147.37 20.40
C ASN LA 9 26.92 146.16 21.32
N GLN LA 10 26.67 146.42 22.60
CA GLN LA 10 26.72 145.38 23.62
C GLN LA 10 25.61 144.36 23.46
N TYR LA 11 24.50 144.74 22.80
CA TYR LA 11 23.49 143.77 22.39
C TYR LA 11 23.90 143.04 21.11
N ASP LA 12 24.68 143.68 20.26
CA ASP LA 12 24.98 143.17 18.93
C ASP LA 12 26.21 142.28 18.97
N ASN LA 13 26.06 141.16 19.65
CA ASN LA 13 27.17 140.24 19.80
C ASN LA 13 26.80 138.80 19.50
N ASP LA 14 25.54 138.42 19.71
CA ASP LA 14 25.16 137.01 19.69
C ASP LA 14 23.93 136.79 18.83
N VAL LA 15 23.47 135.54 18.84
CA VAL LA 15 22.35 135.12 18.00
C VAL LA 15 21.01 135.37 18.68
N THR LA 16 20.88 135.00 19.96
CA THR LA 16 19.59 134.97 20.62
C THR LA 16 19.05 136.37 20.89
N VAL LA 17 19.92 137.30 21.27
CA VAL LA 17 19.50 138.61 21.75
C VAL LA 17 18.94 139.44 20.60
N TRP LA 18 17.67 139.80 20.70
CA TRP LA 18 17.07 140.67 19.69
C TRP LA 18 17.60 142.08 19.80
N SER LA 19 17.81 142.71 18.66
CA SER LA 19 18.23 144.10 18.65
C SER LA 19 17.04 144.99 18.99
N PRO LA 20 17.30 146.17 19.58
CA PRO LA 20 16.22 147.15 19.76
C PRO LA 20 15.66 147.70 18.46
N GLN LA 21 16.34 147.51 17.34
CA GLN LA 21 15.75 147.69 16.02
C GLN LA 21 15.24 146.37 15.46
N GLY LA 22 15.26 145.31 16.24
CA GLY LA 22 14.78 144.01 15.79
C GLY LA 22 15.75 143.24 14.93
N ARG LA 23 16.87 143.83 14.53
CA ARG LA 23 17.74 143.24 13.54
C ARG LA 23 18.97 142.69 14.22
N ILE LA 24 18.95 141.40 14.53
CA ILE LA 24 20.10 140.73 15.13
C ILE LA 24 21.19 140.69 14.08
N HIS LA 25 22.19 141.57 14.21
CA HIS LA 25 23.02 141.90 13.07
C HIS LA 25 24.08 140.86 12.77
N GLN LA 26 24.19 139.80 13.58
CA GLN LA 26 25.15 138.74 13.29
C GLN LA 26 24.82 138.03 11.99
N ILE LA 27 23.53 137.97 11.65
CA ILE LA 27 23.11 137.45 10.35
C ILE LA 27 23.66 138.33 9.23
N GLU LA 28 23.61 139.64 9.43
CA GLU LA 28 24.18 140.58 8.47
C GLU LA 28 25.69 140.42 8.41
N TYR LA 29 26.29 140.02 9.52
CA TYR LA 29 27.73 139.84 9.55
C TYR LA 29 28.12 138.60 8.78
N ALA LA 30 27.30 137.55 8.87
CA ALA LA 30 27.49 136.38 8.03
C ALA LA 30 27.26 136.70 6.57
N MET LA 31 26.31 137.59 6.29
CA MET LA 31 26.10 138.10 4.93
C MET LA 31 27.37 138.76 4.41
N GLU LA 32 28.03 139.55 5.25
CA GLU LA 32 29.26 140.19 4.84
C GLU LA 32 30.38 139.18 4.63
N ALA LA 33 30.41 138.14 5.46
CA ALA LA 33 31.35 137.05 5.26
C ALA LA 33 31.11 136.33 3.93
N VAL LA 34 29.85 136.28 3.49
CA VAL LA 34 29.57 135.78 2.15
C VAL LA 34 30.08 136.76 1.10
N LYS LA 35 29.95 138.07 1.37
CA LYS LA 35 30.40 139.09 0.44
C LYS LA 35 31.91 139.14 0.28
N GLN LA 36 32.67 138.53 1.19
CA GLN LA 36 34.12 138.51 1.07
C GLN LA 36 34.62 137.42 0.14
N GLY LA 37 33.73 136.66 -0.48
CA GLY LA 37 34.11 135.61 -1.40
C GLY LA 37 34.26 136.11 -2.82
N SER LA 38 34.52 135.19 -3.72
CA SER LA 38 34.63 135.51 -5.14
C SER LA 38 33.23 135.64 -5.73
N ALA LA 39 33.17 136.34 -6.84
CA ALA LA 39 31.91 136.47 -7.56
C ALA LA 39 31.67 135.25 -8.44
N THR LA 40 30.39 134.96 -8.66
CA THR LA 40 29.98 133.82 -9.48
C THR LA 40 28.55 134.04 -9.94
N VAL LA 41 28.22 133.40 -11.06
CA VAL LA 41 26.96 133.60 -11.76
C VAL LA 41 26.31 132.24 -11.99
N GLY LA 42 25.05 132.12 -11.65
CA GLY LA 42 24.24 130.98 -12.07
C GLY LA 42 23.14 131.44 -13.01
N LEU LA 43 22.89 130.65 -14.04
CA LEU LA 43 21.88 130.99 -15.03
C LEU LA 43 21.34 129.72 -15.66
N LYS LA 44 20.22 129.85 -16.35
CA LYS LA 44 19.68 128.75 -17.10
C LYS LA 44 18.96 129.25 -18.35
N SER LA 45 18.84 128.37 -19.31
CA SER LA 45 17.92 128.56 -20.42
C SER LA 45 16.60 127.92 -20.02
N LYS LA 46 15.73 127.76 -21.00
CA LYS LA 46 14.60 126.86 -20.79
C LYS LA 46 15.05 125.42 -20.67
N THR LA 47 16.17 125.08 -21.30
CA THR LA 47 16.64 123.70 -21.36
C THR LA 47 17.94 123.45 -20.61
N HIS LA 48 18.86 124.41 -20.60
CA HIS LA 48 20.20 124.14 -20.11
C HIS LA 48 20.63 125.18 -19.09
N ALA LA 49 21.19 124.68 -17.99
CA ALA LA 49 21.57 125.50 -16.85
C ALA LA 49 23.08 125.48 -16.71
N VAL LA 50 23.68 126.67 -16.72
CA VAL LA 50 25.12 126.83 -16.63
C VAL LA 50 25.43 127.75 -15.45
N LEU LA 51 26.36 127.34 -14.60
CA LEU LA 51 26.86 128.21 -13.56
C LEU LA 51 28.39 128.28 -13.66
N VAL LA 52 28.91 129.50 -13.56
CA VAL LA 52 30.31 129.80 -13.81
C VAL LA 52 30.84 130.63 -12.65
N ALA LA 53 31.96 130.20 -12.07
CA ALA LA 53 32.58 130.87 -10.95
C ALA LA 53 33.99 131.32 -11.30
N LEU LA 54 34.57 132.05 -10.35
CA LEU LA 54 35.88 132.65 -10.48
C LEU LA 54 36.88 131.89 -9.61
N LYS LA 55 37.85 131.24 -10.24
CA LYS LA 55 38.95 130.70 -9.47
C LYS LA 55 39.92 131.82 -9.10
N ARG LA 56 40.44 131.73 -7.88
CA ARG LA 56 41.47 132.62 -7.40
C ARG LA 56 42.52 131.79 -6.69
N ALA LA 57 43.71 132.35 -6.58
CA ALA LA 57 44.82 131.63 -5.96
C ALA LA 57 45.26 132.34 -4.70
N GLN LA 58 46.13 131.67 -3.95
CA GLN LA 58 46.78 132.31 -2.83
C GLN LA 58 48.13 132.91 -3.25
N SER LA 59 48.91 132.14 -3.98
CA SER LA 59 50.16 132.62 -4.54
C SER LA 59 50.21 132.21 -6.01
N GLU LA 60 51.29 132.56 -6.69
CA GLU LA 60 51.39 132.26 -8.11
C GLU LA 60 51.74 130.80 -8.33
N LEU LA 61 52.65 130.26 -7.51
CA LEU LA 61 53.03 128.86 -7.60
C LEU LA 61 51.91 127.94 -7.14
N ALA LA 62 51.08 128.41 -6.22
CA ALA LA 62 49.92 127.63 -5.79
C ALA LA 62 48.89 127.60 -6.91
N ALA LA 63 48.03 126.59 -6.86
CA ALA LA 63 46.96 126.47 -7.82
C ALA LA 63 45.87 127.49 -7.52
N HIS LA 64 44.89 127.57 -8.39
CA HIS LA 64 43.76 128.45 -8.16
C HIS LA 64 42.67 127.67 -7.42
N GLN LA 65 42.07 128.31 -6.42
CA GLN LA 65 41.08 127.63 -5.61
C GLN LA 65 39.76 127.53 -6.36
N LYS LA 66 39.18 126.34 -6.37
CA LYS LA 66 37.91 126.09 -7.01
C LYS LA 66 36.75 126.45 -6.09
N LYS LA 67 35.59 126.66 -6.70
CA LYS LA 67 34.32 126.83 -6.00
C LYS LA 67 33.24 125.90 -6.51
N ILE LA 68 33.21 125.66 -7.82
CA ILE LA 68 32.21 124.78 -8.41
C ILE LA 68 32.61 123.35 -8.15
N LEU LA 69 31.67 122.55 -7.65
CA LEU LA 69 31.92 121.13 -7.44
C LEU LA 69 30.67 120.34 -7.76
N HIS LA 70 30.90 119.10 -8.18
CA HIS LA 70 29.83 118.15 -8.48
C HIS LA 70 29.13 117.73 -7.20
N VAL LA 71 27.83 117.49 -7.30
CA VAL LA 71 27.12 116.81 -6.22
C VAL LA 71 26.43 115.59 -6.80
N ASP LA 72 25.49 115.84 -7.70
CA ASP LA 72 24.73 114.77 -8.33
C ASP LA 72 24.77 115.03 -9.82
N ASN LA 73 24.34 114.02 -10.59
CA ASN LA 73 24.35 114.07 -12.03
C ASN LA 73 23.47 115.16 -12.59
N HIS LA 74 22.44 115.53 -11.84
CA HIS LA 74 21.55 116.60 -12.23
C HIS LA 74 21.66 117.79 -11.29
N ILE LA 75 22.65 117.80 -10.41
CA ILE LA 75 22.78 118.84 -9.41
C ILE LA 75 24.16 119.48 -9.52
N GLY LA 76 24.18 120.79 -9.70
CA GLY LA 76 25.43 121.53 -9.64
C GLY LA 76 25.28 122.74 -8.74
N ILE LA 77 26.35 123.06 -8.01
CA ILE LA 77 26.38 124.21 -7.13
C ILE LA 77 27.72 124.92 -7.25
N SER LA 78 27.67 126.24 -7.07
CA SER LA 78 28.87 127.01 -6.82
C SER LA 78 28.82 127.49 -5.37
N ILE LA 79 29.94 128.02 -4.87
CA ILE LA 79 30.05 128.40 -3.47
C ILE LA 79 30.91 129.65 -3.39
N ALA LA 80 30.74 130.42 -2.31
CA ALA LA 80 31.62 131.53 -1.99
C ALA LA 80 31.61 131.74 -0.48
N GLY LA 81 32.78 132.01 0.07
CA GLY LA 81 32.90 132.32 1.48
C GLY LA 81 33.61 131.23 2.27
N LEU LA 82 32.92 130.64 3.23
CA LEU LA 82 33.55 129.63 4.08
C LEU LA 82 33.69 128.32 3.32
N THR LA 83 34.57 127.46 3.85
CA THR LA 83 34.85 126.17 3.25
C THR LA 83 34.44 125.00 4.13
N ALA LA 84 34.63 125.12 5.44
CA ALA LA 84 34.30 124.04 6.35
C ALA LA 84 32.79 123.84 6.43
N ASP LA 85 32.05 124.95 6.47
CA ASP LA 85 30.61 124.85 6.32
C ASP LA 85 30.23 124.39 4.92
N ALA LA 86 31.01 124.78 3.92
CA ALA LA 86 30.71 124.41 2.55
C ALA LA 86 30.91 122.93 2.33
N ARG LA 87 32.01 122.38 2.84
CA ARG LA 87 32.22 120.95 2.72
C ARG LA 87 31.32 120.19 3.67
N LEU LA 88 30.94 120.82 4.78
CA LEU LA 88 30.01 120.23 5.72
C LEU LA 88 28.66 120.01 5.07
N LEU LA 89 28.12 121.04 4.43
CA LEU LA 89 26.86 120.93 3.74
C LEU LA 89 27.02 120.27 2.38
N CYS LA 90 28.25 120.08 1.92
CA CYS LA 90 28.48 119.22 0.77
C CYS LA 90 28.34 117.77 1.16
N ASN LA 91 28.83 117.42 2.32
CA ASN LA 91 28.71 116.04 2.78
C ASN LA 91 27.29 115.75 3.22
N PHE LA 92 26.64 116.75 3.83
CA PHE LA 92 25.22 116.65 4.07
C PHE LA 92 24.45 116.63 2.77
N MET LA 93 24.97 117.32 1.76
CA MET LA 93 24.29 117.47 0.50
C MET LA 93 24.28 116.17 -0.29
N ARG LA 94 25.48 115.66 -0.58
CA ARG LA 94 25.64 114.35 -1.22
C ARG LA 94 25.03 113.26 -0.35
N GLN LA 95 25.11 113.45 0.97
CA GLN LA 95 24.48 112.54 1.91
C GLN LA 95 22.99 112.39 1.64
N GLU LA 96 22.28 113.52 1.58
CA GLU LA 96 20.85 113.45 1.32
C GLU LA 96 20.54 112.97 -0.09
N CYS LA 97 21.46 113.26 -1.03
CA CYS LA 97 21.34 112.75 -2.38
C CYS LA 97 21.33 111.23 -2.39
N LEU LA 98 22.31 110.62 -1.73
CA LEU LA 98 22.31 109.15 -1.68
C LEU LA 98 21.27 108.63 -0.71
N ASP LA 99 20.71 109.47 0.16
CA ASP LA 99 19.66 109.02 1.05
C ASP LA 99 18.39 108.71 0.30
N SER LA 100 17.79 109.72 -0.31
CA SER LA 100 16.55 109.45 -1.03
C SER LA 100 16.82 108.77 -2.36
N ARG LA 101 18.02 108.97 -2.90
CA ARG LA 101 18.46 108.21 -4.06
C ARG LA 101 18.59 106.74 -3.72
N PHE LA 102 18.96 106.43 -2.49
CA PHE LA 102 18.95 105.05 -2.04
C PHE LA 102 17.54 104.56 -1.82
N VAL LA 103 16.78 105.25 -0.98
CA VAL LA 103 15.52 104.70 -0.47
C VAL LA 103 14.45 104.79 -1.54
N PHE LA 104 14.13 106.00 -2.00
CA PHE LA 104 13.10 106.17 -3.01
C PHE LA 104 13.53 105.74 -4.40
N ASP LA 105 14.85 105.59 -4.60
CA ASP LA 105 15.44 105.22 -5.88
C ASP LA 105 15.01 106.18 -6.98
N ARG LA 106 15.02 107.46 -6.66
CA ARG LA 106 14.68 108.47 -7.64
C ARG LA 106 15.63 109.63 -7.47
N PRO LA 107 15.91 110.38 -8.54
CA PRO LA 107 16.67 111.61 -8.39
C PRO LA 107 15.84 112.65 -7.65
N LEU LA 108 16.51 113.62 -7.13
CA LEU LA 108 15.78 114.48 -6.22
C LEU LA 108 15.18 115.68 -6.94
N PRO LA 109 13.92 115.99 -6.63
CA PRO LA 109 13.42 117.33 -6.92
C PRO LA 109 14.18 118.33 -6.09
N VAL LA 110 14.41 119.49 -6.69
CA VAL LA 110 15.38 120.43 -6.12
C VAL LA 110 14.78 121.15 -4.94
N SER LA 111 13.49 121.49 -5.02
CA SER LA 111 12.84 122.38 -4.07
C SER LA 111 12.77 121.75 -2.69
N ARG LA 112 12.38 120.48 -2.63
CA ARG LA 112 12.32 119.78 -1.35
C ARG LA 112 13.70 119.64 -0.74
N LEU LA 113 14.72 119.47 -1.57
CA LEU LA 113 16.09 119.34 -1.08
C LEU LA 113 16.56 120.64 -0.46
N VAL LA 114 16.36 121.75 -1.17
CA VAL LA 114 16.80 123.04 -0.67
C VAL LA 114 15.97 123.47 0.53
N SER LA 115 14.71 123.04 0.60
CA SER LA 115 13.93 123.26 1.80
C SER LA 115 14.53 122.51 2.99
N LEU LA 116 15.04 121.31 2.73
CA LEU LA 116 15.77 120.61 3.78
C LEU LA 116 17.08 121.31 4.13
N ILE LA 117 17.64 122.05 3.18
CA ILE LA 117 18.86 122.79 3.49
C ILE LA 117 18.54 123.99 4.38
N GLY LA 118 17.47 124.71 4.07
CA GLY LA 118 17.13 125.87 4.88
C GLY LA 118 16.66 125.48 6.27
N SER LA 119 15.87 124.41 6.36
CA SER LA 119 15.49 123.87 7.66
C SER LA 119 16.69 123.31 8.39
N LYS LA 120 17.65 122.76 7.66
CA LYS LA 120 18.90 122.29 8.24
C LYS LA 120 19.68 123.44 8.86
N THR LA 121 19.69 124.58 8.19
CA THR LA 121 20.44 125.72 8.69
C THR LA 121 19.63 126.60 9.63
N GLN LA 122 18.36 126.29 9.86
CA GLN LA 122 17.55 127.13 10.73
C GLN LA 122 18.00 127.05 12.17
N ILE LA 123 18.34 125.85 12.63
CA ILE LA 123 18.75 125.66 14.03
C ILE LA 123 20.03 126.42 14.37
N PRO LA 124 21.13 126.38 13.58
CA PRO LA 124 22.28 127.21 13.96
C PRO LA 124 22.06 128.70 13.80
N THR LA 125 21.01 129.09 13.08
CA THR LA 125 20.59 130.48 13.09
C THR LA 125 19.61 130.76 14.22
N GLN LA 126 19.26 129.77 15.00
CA GLN LA 126 18.35 130.09 16.08
C GLN LA 126 18.96 129.89 17.45
N ARG LA 127 19.50 128.71 17.73
CA ARG LA 127 19.87 128.39 19.08
C ARG LA 127 21.16 129.08 19.48
N TYR LA 128 21.32 129.25 20.79
CA TYR LA 128 22.58 129.70 21.35
C TYR LA 128 23.54 128.51 21.39
N GLY LA 129 24.79 128.76 21.04
CA GLY LA 129 25.77 127.70 20.96
C GLY LA 129 26.21 127.39 19.56
N ARG LA 130 25.54 127.92 18.54
CA ARG LA 130 25.87 127.59 17.15
C ARG LA 130 26.02 128.87 16.35
N ARG LA 131 26.91 128.82 15.38
CA ARG LA 131 27.14 129.98 14.55
C ARG LA 131 26.37 129.86 13.24
N PRO LA 132 26.08 130.98 12.59
CA PRO LA 132 25.58 130.93 11.22
C PRO LA 132 26.67 130.52 10.26
N TYR LA 133 26.26 130.21 9.04
CA TYR LA 133 27.16 129.61 8.06
C TYR LA 133 27.42 130.58 6.91
N GLY LA 134 28.69 130.87 6.65
CA GLY LA 134 29.06 131.63 5.47
C GLY LA 134 28.92 130.80 4.22
N VAL LA 135 27.92 131.12 3.39
CA VAL LA 135 27.50 130.22 2.32
C VAL LA 135 27.14 131.03 1.08
N GLY LA 136 27.62 130.54 -0.06
CA GLY LA 136 27.35 131.18 -1.33
C GLY LA 136 26.81 130.20 -2.35
N LEU LA 137 25.92 129.31 -1.93
CA LEU LA 137 25.45 128.26 -2.84
C LEU LA 137 24.61 128.80 -3.97
N LEU LA 138 25.05 128.52 -5.20
CA LEU LA 138 24.24 128.72 -6.39
C LEU LA 138 23.90 127.34 -6.95
N ILE LA 139 22.64 127.16 -7.31
CA ILE LA 139 22.02 125.85 -7.43
C ILE LA 139 21.41 125.72 -8.82
N ALA LA 140 21.82 124.68 -9.53
CA ALA LA 140 21.23 124.31 -10.81
C ALA LA 140 20.78 122.85 -10.73
N GLY LA 141 19.51 122.63 -11.07
CA GLY LA 141 18.95 121.31 -10.86
C GLY LA 141 18.03 120.89 -11.99
N TYR LA 142 17.74 119.60 -12.01
CA TYR LA 142 16.85 119.00 -13.00
C TYR LA 142 15.90 118.04 -12.34
N ASP LA 143 14.70 118.52 -12.07
CA ASP LA 143 13.56 117.68 -11.77
C ASP LA 143 12.84 117.40 -13.08
N ASP LA 144 11.60 116.93 -12.98
CA ASP LA 144 10.74 116.71 -14.14
C ASP LA 144 10.52 117.97 -14.95
N MET LA 145 10.45 119.13 -14.30
CA MET LA 145 10.25 120.39 -14.98
C MET LA 145 11.56 121.14 -15.21
N GLY LA 146 12.64 120.41 -15.43
CA GLY LA 146 13.80 120.99 -16.06
C GLY LA 146 14.70 121.78 -15.14
N PRO LA 147 15.33 122.81 -15.69
CA PRO LA 147 16.42 123.48 -14.97
C PRO LA 147 15.88 124.40 -13.90
N HIS LA 148 16.62 124.49 -12.79
CA HIS LA 148 16.27 125.44 -11.74
C HIS LA 148 17.53 126.05 -11.17
N ILE LA 149 17.44 127.35 -10.91
CA ILE LA 149 18.56 128.13 -10.38
C ILE LA 149 18.11 128.72 -9.06
N PHE LA 150 18.51 128.10 -7.96
CA PHE LA 150 18.22 128.62 -6.64
C PHE LA 150 19.47 129.29 -6.09
N GLN LA 151 19.26 130.27 -5.22
CA GLN LA 151 20.35 130.88 -4.49
C GLN LA 151 20.06 130.81 -3.00
N THR LA 152 21.11 130.84 -2.21
CA THR LA 152 21.00 130.68 -0.78
C THR LA 152 21.46 131.93 -0.07
N CYS LA 153 21.46 131.86 1.26
CA CYS LA 153 21.87 132.95 2.12
C CYS LA 153 22.10 132.36 3.51
N PRO LA 154 22.92 133.00 4.33
CA PRO LA 154 23.02 132.58 5.74
C PRO LA 154 21.74 132.83 6.53
N SER LA 155 20.83 133.67 6.04
CA SER LA 155 19.52 133.82 6.64
C SER LA 155 18.55 132.73 6.24
N ALA LA 156 18.99 131.76 5.43
CA ALA LA 156 18.23 130.60 4.97
C ALA LA 156 16.97 130.98 4.20
N ASN LA 157 16.90 132.19 3.67
CA ASN LA 157 15.77 132.62 2.85
C ASN LA 157 16.22 132.41 1.42
N TYR LA 158 16.19 131.16 1.00
CA TYR LA 158 16.62 130.78 -0.33
C TYR LA 158 15.66 131.32 -1.38
N PHE LA 159 16.21 131.78 -2.48
CA PHE LA 159 15.42 132.37 -3.53
C PHE LA 159 15.50 131.52 -4.77
N ASP LA 160 14.48 131.60 -5.60
CA ASP LA 160 14.55 131.07 -6.95
C ASP LA 160 14.71 132.25 -7.90
N CYS LA 161 15.39 132.00 -9.01
CA CYS LA 161 15.60 133.02 -10.01
C CYS LA 161 15.78 132.33 -11.34
N ARG LA 162 16.11 133.13 -12.35
CA ARG LA 162 16.58 132.63 -13.62
C ARG LA 162 18.08 132.78 -13.78
N ALA LA 163 18.68 133.71 -13.05
CA ALA LA 163 20.12 133.98 -13.07
C ALA LA 163 20.43 134.89 -11.91
N MET LA 164 21.49 134.58 -11.15
CA MET LA 164 22.00 135.45 -10.11
C MET LA 164 23.52 135.47 -10.12
N SER LA 165 24.07 136.31 -9.25
CA SER LA 165 25.52 136.50 -9.17
C SER LA 165 25.82 137.04 -7.79
N ILE LA 166 26.75 136.40 -7.08
CA ILE LA 166 27.11 136.86 -5.75
C ILE LA 166 28.62 136.86 -5.59
N GLY LA 167 29.10 137.70 -4.68
CA GLY LA 167 30.50 137.88 -4.41
C GLY LA 167 30.86 139.35 -4.54
N ALA LA 168 32.15 139.61 -4.77
CA ALA LA 168 32.62 140.97 -4.88
C ALA LA 168 32.20 141.60 -6.21
N ARG LA 169 31.74 142.87 -6.13
CA ARG LA 169 31.27 143.75 -7.20
C ARG LA 169 30.36 143.08 -8.23
N SER LA 170 29.52 142.16 -7.78
CA SER LA 170 28.67 141.39 -8.66
C SER LA 170 27.54 142.22 -9.26
N GLN LA 171 27.34 143.45 -8.78
CA GLN LA 171 26.22 144.29 -9.16
C GLN LA 171 26.30 144.70 -10.63
N SER LA 172 27.51 144.90 -11.15
CA SER LA 172 27.69 145.16 -12.57
C SER LA 172 27.22 143.98 -13.40
N ALA LA 173 27.56 142.76 -12.95
CA ALA LA 173 27.05 141.56 -13.61
C ALA LA 173 25.55 141.44 -13.43
N ARG LA 174 25.02 141.92 -12.30
CA ARG LA 174 23.57 141.90 -12.09
C ARG LA 174 22.87 142.81 -13.09
N THR LA 175 23.46 143.98 -13.36
CA THR LA 175 22.93 144.86 -14.39
C THR LA 175 23.02 144.22 -15.77
N TYR LA 176 24.10 143.49 -16.02
CA TYR LA 176 24.24 142.78 -17.29
C TYR LA 176 23.16 141.72 -17.45
N LEU LA 177 22.87 140.99 -16.36
CA LEU LA 177 21.81 139.99 -16.37
C LEU LA 177 20.46 140.62 -16.63
N GLU LA 178 20.20 141.76 -16.01
CA GLU LA 178 18.93 142.44 -16.18
C GLU LA 178 18.77 142.95 -17.60
N ARG LA 179 19.83 143.48 -18.18
CA ARG LA 179 19.74 143.93 -19.56
C ARG LA 179 19.94 142.80 -20.57
N HIS LA 180 20.09 141.54 -20.12
CA HIS LA 180 20.10 140.43 -21.05
C HIS LA 180 19.31 139.22 -20.57
N MET LA 181 18.38 139.40 -19.62
CA MET LA 181 17.55 138.26 -19.20
C MET LA 181 16.59 137.83 -20.30
N SER LA 182 16.24 138.74 -21.20
CA SER LA 182 15.48 138.36 -22.39
C SER LA 182 16.30 137.44 -23.29
N GLU LA 183 17.62 137.63 -23.31
CA GLU LA 183 18.48 136.86 -24.19
C GLU LA 183 18.63 135.42 -23.73
N PHE LA 184 18.35 135.13 -22.47
CA PHE LA 184 18.87 133.92 -21.85
C PHE LA 184 17.93 132.75 -22.02
N MET LA 185 16.64 133.02 -22.22
CA MET LA 185 15.69 131.94 -22.27
C MET LA 185 15.76 131.18 -23.58
N GLU LA 186 16.21 131.82 -24.64
CA GLU LA 186 16.07 131.26 -25.97
C GLU LA 186 17.34 130.69 -26.55
N CYS LA 187 18.47 131.29 -26.25
CA CYS LA 187 19.73 130.87 -26.86
C CYS LA 187 20.19 129.56 -26.25
N ASN LA 188 20.90 128.76 -27.05
CA ASN LA 188 21.37 127.48 -26.54
C ASN LA 188 22.72 127.67 -25.88
N LEU LA 189 23.43 126.57 -25.64
CA LEU LA 189 24.38 126.47 -24.54
C LEU LA 189 25.59 127.38 -24.73
N ASN LA 190 26.15 127.41 -25.94
CA ASN LA 190 27.47 128.00 -26.14
C ASN LA 190 27.43 129.51 -26.01
N GLU LA 191 26.52 130.16 -26.73
CA GLU LA 191 26.46 131.61 -26.64
C GLU LA 191 25.87 132.05 -25.31
N LEU LA 192 25.09 131.20 -24.66
CA LEU LA 192 24.64 131.50 -23.31
C LEU LA 192 25.82 131.48 -22.33
N VAL LA 193 26.74 130.54 -22.56
CA VAL LA 193 27.97 130.49 -21.78
C VAL LA 193 28.79 131.76 -21.99
N LYS LA 194 28.93 132.19 -23.24
CA LYS LA 194 29.70 133.40 -23.42
C LYS LA 194 28.94 134.65 -23.01
N HIS LA 195 27.61 134.56 -22.86
CA HIS LA 195 26.94 135.56 -22.04
C HIS LA 195 27.39 135.47 -20.60
N GLY LA 196 27.66 134.25 -20.12
CA GLY LA 196 28.08 134.08 -18.74
C GLY LA 196 29.42 134.72 -18.45
N LEU LA 197 30.43 134.44 -19.28
CA LEU LA 197 31.69 135.12 -19.11
C LEU LA 197 31.62 136.57 -19.58
N ARG LA 198 30.60 136.95 -20.34
CA ARG LA 198 30.26 138.36 -20.47
C ARG LA 198 29.40 138.87 -19.33
N ALA LA 199 29.25 138.10 -18.27
CA ALA LA 199 28.85 138.65 -16.98
C ALA LA 199 30.00 138.67 -16.00
N LEU LA 200 30.90 137.69 -16.05
CA LEU LA 200 32.01 137.68 -15.10
C LEU LA 200 33.05 138.74 -15.42
N ARG LA 201 33.15 139.16 -16.67
CA ARG LA 201 34.19 140.10 -17.07
C ARG LA 201 33.94 141.51 -16.56
N GLU LA 202 32.70 141.83 -16.19
CA GLU LA 202 32.35 143.11 -15.60
C GLU LA 202 32.62 143.16 -14.12
N THR LA 203 32.63 142.02 -13.46
CA THR LA 203 33.14 141.89 -12.11
C THR LA 203 34.65 141.87 -12.06
N LEU LA 204 35.29 141.85 -13.22
CA LEU LA 204 36.71 142.03 -13.25
C LEU LA 204 37.04 143.51 -13.33
N PRO LA 205 38.08 143.94 -12.65
CA PRO LA 205 38.73 145.19 -13.03
C PRO LA 205 39.23 145.11 -14.45
N ALA LA 206 39.00 146.18 -15.19
CA ALA LA 206 39.14 146.17 -16.64
C ALA LA 206 40.58 146.26 -17.12
N GLU LA 207 41.55 146.34 -16.22
CA GLU LA 207 42.94 146.35 -16.62
C GLU LA 207 43.51 144.95 -16.78
N GLN LA 208 42.79 143.92 -16.33
CA GLN LA 208 43.21 142.56 -16.56
C GLN LA 208 42.04 141.80 -17.17
N ASP LA 209 42.36 140.70 -17.83
CA ASP LA 209 41.38 139.93 -18.56
C ASP LA 209 41.18 138.58 -17.89
N LEU LA 210 40.01 138.00 -18.12
CA LEU LA 210 39.72 136.64 -17.67
C LEU LA 210 40.61 135.67 -18.42
N THR LA 211 41.52 135.02 -17.71
CA THR LA 211 42.47 134.12 -18.32
C THR LA 211 41.88 132.72 -18.37
N THR LA 212 42.74 131.74 -18.60
CA THR LA 212 42.29 130.36 -18.55
C THR LA 212 42.09 129.90 -17.12
N LYS LA 213 43.16 129.92 -16.32
CA LYS LA 213 43.21 129.18 -15.07
C LYS LA 213 42.36 129.78 -13.97
N ASN LA 214 41.77 130.94 -14.17
CA ASN LA 214 41.07 131.65 -13.11
C ASN LA 214 39.56 131.46 -13.14
N VAL LA 215 39.05 130.45 -13.83
CA VAL LA 215 37.61 130.35 -14.03
C VAL LA 215 37.18 128.90 -13.94
N SER LA 216 35.96 128.69 -13.45
CA SER LA 216 35.33 127.37 -13.39
C SER LA 216 33.99 127.44 -14.08
N ILE LA 217 33.68 126.42 -14.88
CA ILE LA 217 32.48 126.41 -15.71
C ILE LA 217 31.78 125.08 -15.56
N GLY LA 218 30.54 125.11 -15.11
CA GLY LA 218 29.74 123.90 -14.99
C GLY LA 218 28.43 123.95 -15.74
N ILE LA 219 28.11 122.89 -16.48
CA ILE LA 219 26.89 122.84 -17.26
C ILE LA 219 26.12 121.57 -16.91
N VAL LA 220 24.86 121.73 -16.60
CA VAL LA 220 23.92 120.63 -16.49
C VAL LA 220 22.77 120.89 -17.45
N GLY LA 221 22.22 119.82 -18.02
CA GLY LA 221 21.15 119.92 -18.98
C GLY LA 221 20.07 118.90 -18.71
N LYS LA 222 18.95 119.06 -19.43
CA LYS LA 222 17.88 118.07 -19.36
C LYS LA 222 18.30 116.76 -19.98
N ASP LA 223 19.22 116.81 -20.94
CA ASP LA 223 19.89 115.63 -21.43
C ASP LA 223 21.38 115.67 -21.15
N LEU LA 224 21.86 116.62 -20.36
CA LEU LA 224 23.28 116.75 -20.08
C LEU LA 224 23.56 116.67 -18.59
N GLU LA 225 24.43 115.75 -18.22
CA GLU LA 225 24.90 115.61 -16.86
C GLU LA 225 25.72 116.83 -16.46
N PHE LA 226 25.66 117.17 -15.17
CA PHE LA 226 26.43 118.29 -14.64
C PHE LA 226 27.93 118.07 -14.70
N THR LA 227 28.60 118.86 -15.52
CA THR LA 227 30.00 118.63 -15.83
C THR LA 227 30.77 119.93 -15.73
N ILE LA 228 31.96 119.87 -15.13
CA ILE LA 228 32.77 121.04 -14.81
C ILE LA 228 34.00 121.03 -15.70
N TYR LA 229 34.54 122.21 -16.00
CA TYR LA 229 35.61 122.36 -16.98
C TYR LA 229 36.66 123.33 -16.48
N ASP LA 230 37.88 123.16 -16.99
CA ASP LA 230 39.01 124.03 -16.63
C ASP LA 230 40.06 123.93 -17.73
N ASP LA 231 40.26 125.06 -18.43
CA ASP LA 231 41.40 125.35 -19.30
C ASP LA 231 41.40 124.54 -20.60
N ASP LA 232 40.46 123.61 -20.72
CA ASP LA 232 40.53 122.57 -21.72
C ASP LA 232 39.37 122.61 -22.69
N ASP LA 233 38.15 122.51 -22.19
CA ASP LA 233 36.97 122.88 -22.96
C ASP LA 233 36.63 124.34 -22.74
N VAL LA 234 37.28 124.96 -21.75
CA VAL LA 234 37.15 126.38 -21.50
C VAL LA 234 37.79 127.21 -22.60
N SER LA 235 38.89 126.78 -23.15
CA SER LA 235 39.53 127.50 -24.25
C SER LA 235 38.67 127.53 -25.53
N PRO LA 236 37.90 126.48 -25.89
CA PRO LA 236 36.85 126.70 -26.90
C PRO LA 236 35.75 127.62 -26.44
N PHE LA 237 35.57 127.82 -25.15
CA PHE LA 237 34.60 128.80 -24.70
C PHE LA 237 35.25 130.16 -24.51
N LEU LA 238 36.57 130.19 -24.26
CA LEU LA 238 37.32 131.43 -24.18
C LEU LA 238 37.57 132.07 -25.53
N GLU LA 239 37.37 131.34 -26.61
CA GLU LA 239 37.46 131.92 -27.93
C GLU LA 239 36.06 132.33 -28.39
N GLY LA 240 36.02 133.14 -29.45
CA GLY LA 240 34.76 133.73 -29.86
C GLY LA 240 34.29 134.83 -28.96
N LEU LA 241 35.20 135.70 -28.52
CA LEU LA 241 34.90 136.75 -27.56
C LEU LA 241 35.23 138.11 -28.15
N GLU LA 242 34.65 139.14 -27.54
CA GLU LA 242 34.98 140.52 -27.83
C GLU LA 242 35.89 141.05 -26.74
N GLU LA 243 36.68 142.04 -27.09
CA GLU LA 243 37.49 142.73 -26.09
C GLU LA 243 36.61 143.70 -25.31
N ARG LA 244 37.17 144.18 -24.20
CA ARG LA 244 36.45 145.15 -23.40
C ARG LA 244 36.41 146.50 -24.10
N PRO LA 245 35.29 147.21 -24.02
CA PRO LA 245 35.19 148.50 -24.70
C PRO LA 245 35.98 149.61 -24.02
N GLN LA 246 37.29 149.64 -24.28
CA GLN LA 246 38.15 150.66 -23.70
C GLN LA 246 38.00 151.99 -24.45
N THR MA 5 19.09 148.68 28.19
CA THR MA 5 19.80 149.39 29.24
C THR MA 5 19.82 148.56 30.52
N GLY MA 6 20.23 147.30 30.36
CA GLY MA 6 20.28 146.35 31.45
C GLY MA 6 18.89 145.76 31.69
N TYR MA 7 18.10 145.63 30.62
CA TYR MA 7 16.74 145.11 30.73
C TYR MA 7 16.11 144.61 29.43
N ASP MA 8 16.91 144.37 28.38
CA ASP MA 8 16.32 143.92 27.13
C ASP MA 8 17.12 142.80 26.50
N LEU MA 9 18.13 142.30 27.20
CA LEU MA 9 19.09 141.39 26.59
C LEU MA 9 18.56 139.96 26.53
N SER MA 10 18.09 139.45 27.66
CA SER MA 10 17.66 138.06 27.73
C SER MA 10 16.15 137.94 27.53
N ALA MA 11 15.74 136.74 27.14
CA ALA MA 11 14.34 136.40 26.95
C ALA MA 11 13.75 135.67 28.15
N SER MA 12 14.53 135.43 29.19
CA SER MA 12 14.01 134.85 30.41
C SER MA 12 14.04 135.82 31.59
N THR MA 13 14.94 136.80 31.55
CA THR MA 13 14.98 137.82 32.59
C THR MA 13 13.87 138.82 32.38
N PHE MA 14 13.55 139.57 33.43
CA PHE MA 14 12.49 140.56 33.38
C PHE MA 14 13.07 141.97 33.37
N SER MA 15 12.18 142.93 33.30
CA SER MA 15 12.48 144.34 33.39
C SER MA 15 12.01 144.88 34.73
N PRO MA 16 12.53 146.00 35.19
CA PRO MA 16 12.08 146.56 36.48
C PRO MA 16 10.68 147.12 36.47
N ASP MA 17 9.98 147.13 35.34
CA ASP MA 17 8.53 147.28 35.34
C ASP MA 17 7.81 145.97 35.15
N GLY MA 18 8.54 144.91 34.78
CA GLY MA 18 7.98 143.59 34.75
C GLY MA 18 7.68 143.03 33.37
N ARG MA 19 8.56 143.20 32.39
CA ARG MA 19 8.36 142.56 31.10
C ARG MA 19 9.68 142.20 30.42
N VAL MA 20 9.56 141.75 29.18
CA VAL MA 20 10.70 141.36 28.35
C VAL MA 20 10.64 142.17 27.07
N PHE MA 21 11.74 142.86 26.75
CA PHE MA 21 11.75 143.66 25.53
C PHE MA 21 12.19 142.86 24.32
N GLN MA 22 12.70 141.65 24.52
CA GLN MA 22 13.05 140.79 23.40
C GLN MA 22 11.84 140.49 22.53
N VAL MA 23 10.70 140.19 23.17
CA VAL MA 23 9.46 139.93 22.46
C VAL MA 23 8.97 141.20 21.80
N GLU MA 24 9.16 142.33 22.48
CA GLU MA 24 8.83 143.64 21.92
C GLU MA 24 9.64 143.92 20.66
N TYR MA 25 10.87 143.43 20.64
CA TYR MA 25 11.72 143.61 19.48
C TYR MA 25 11.29 142.68 18.36
N ALA MA 26 10.86 141.47 18.71
CA ALA MA 26 10.46 140.50 17.70
C ALA MA 26 9.12 140.86 17.06
N MET MA 27 8.28 141.61 17.78
CA MET MA 27 6.99 141.96 17.21
C MET MA 27 7.12 142.99 16.11
N LYS MA 28 7.85 144.07 16.37
CA LYS MA 28 7.93 145.19 15.45
C LYS MA 28 8.75 144.89 14.21
N ALA MA 29 9.53 143.81 14.22
CA ALA MA 29 10.18 143.38 12.99
C ALA MA 29 9.15 142.85 12.00
N VAL MA 30 8.11 142.19 12.49
CA VAL MA 30 7.03 141.71 11.64
C VAL MA 30 6.18 142.87 11.14
N GLU MA 31 6.16 143.98 11.89
CA GLU MA 31 5.55 145.20 11.40
C GLU MA 31 6.29 145.74 10.18
N ASN MA 32 7.60 145.53 10.11
CA ASN MA 32 8.35 145.92 8.93
C ASN MA 32 8.04 145.04 7.72
N SER MA 33 7.48 143.85 7.93
CA SER MA 33 7.20 142.95 6.85
C SER MA 33 5.99 143.43 6.04
N SER MA 34 5.79 142.83 4.88
CA SER MA 34 4.72 143.24 3.98
C SER MA 34 3.36 142.84 4.55
N THR MA 35 2.32 143.39 3.96
CA THR MA 35 0.98 143.22 4.50
C THR MA 35 0.26 142.08 3.79
N ALA MA 36 -0.30 141.19 4.59
CA ALA MA 36 -1.19 140.13 4.13
C ALA MA 36 -2.42 140.16 5.01
N ILE MA 37 -3.60 140.08 4.41
CA ILE MA 37 -4.85 140.11 5.12
C ILE MA 37 -5.53 138.76 4.96
N GLY MA 38 -6.49 138.51 5.84
CA GLY MA 38 -7.33 137.34 5.74
C GLY MA 38 -8.70 137.67 6.28
N ILE MA 39 -9.72 137.17 5.60
CA ILE MA 39 -11.09 137.43 6.01
C ILE MA 39 -11.94 136.27 5.52
N ARG MA 40 -12.89 135.87 6.35
CA ARG MA 40 -13.78 134.78 5.98
C ARG MA 40 -15.12 135.32 5.53
N CYS MA 41 -15.68 134.66 4.54
CA CYS MA 41 -17.06 134.80 4.16
C CYS MA 41 -17.87 133.78 4.97
N LYS MA 42 -19.10 133.56 4.58
CA LYS MA 42 -19.93 132.63 5.31
C LYS MA 42 -19.56 131.17 5.08
N ASP MA 43 -18.93 130.83 3.96
CA ASP MA 43 -18.59 129.43 3.74
C ASP MA 43 -17.13 129.25 3.31
N GLY MA 44 -16.23 130.01 3.90
CA GLY MA 44 -14.82 129.83 3.59
C GLY MA 44 -14.01 131.00 4.11
N VAL MA 45 -12.71 130.80 4.12
CA VAL MA 45 -11.75 131.81 4.54
C VAL MA 45 -10.84 132.10 3.35
N VAL MA 46 -10.58 133.38 3.11
CA VAL MA 46 -9.76 133.82 1.99
C VAL MA 46 -8.58 134.62 2.52
N PHE MA 47 -7.39 134.25 2.06
CA PHE MA 47 -6.16 134.97 2.33
C PHE MA 47 -5.74 135.79 1.11
N GLY MA 48 -5.06 136.89 1.38
CA GLY MA 48 -4.50 137.73 0.34
C GLY MA 48 -3.22 138.39 0.77
N VAL MA 49 -2.18 138.30 -0.06
CA VAL MA 49 -0.85 138.79 0.29
C VAL MA 49 -0.48 139.89 -0.69
N GLU MA 50 0.00 141.01 -0.17
CA GLU MA 50 0.74 141.96 -0.99
C GLU MA 50 2.23 141.62 -0.91
N LYS MA 51 2.76 141.03 -1.96
CA LYS MA 51 4.16 140.61 -2.02
C LYS MA 51 4.88 141.37 -3.12
N LEU MA 52 6.07 141.85 -2.82
CA LEU MA 52 6.79 142.72 -3.74
C LEU MA 52 7.87 141.92 -4.48
N VAL MA 53 8.01 142.20 -5.76
CA VAL MA 53 9.12 141.68 -6.54
C VAL MA 53 10.38 142.40 -6.10
N LEU MA 54 11.50 141.68 -6.03
CA LEU MA 54 12.74 142.26 -5.50
C LEU MA 54 13.26 143.39 -6.37
N SER MA 55 13.89 143.07 -7.50
CA SER MA 55 14.00 144.07 -8.56
C SER MA 55 13.56 143.51 -9.91
N LYS MA 56 14.30 142.52 -10.39
CA LYS MA 56 14.04 141.91 -11.69
C LYS MA 56 14.42 140.44 -11.66
N LEU MA 57 14.87 139.97 -10.50
CA LEU MA 57 15.57 138.71 -10.36
C LEU MA 57 14.66 137.63 -9.82
N TYR MA 58 13.50 138.03 -9.32
CA TYR MA 58 12.47 137.11 -8.88
C TYR MA 58 11.83 136.47 -10.11
N GLU MA 59 11.07 135.40 -9.92
CA GLU MA 59 10.61 134.62 -11.06
C GLU MA 59 9.10 134.42 -11.08
N GLU MA 60 8.35 135.22 -10.32
CA GLU MA 60 6.89 135.21 -10.25
C GLU MA 60 6.37 133.84 -9.81
N GLY MA 61 6.64 133.53 -8.55
CA GLY MA 61 6.12 132.30 -7.99
C GLY MA 61 7.05 131.57 -7.08
N SER MA 62 8.20 132.16 -6.79
CA SER MA 62 9.05 131.60 -5.75
C SER MA 62 8.51 132.02 -4.38
N ASN MA 63 8.99 131.31 -3.35
CA ASN MA 63 8.93 131.58 -1.91
C ASN MA 63 7.66 132.26 -1.39
N LYS MA 64 6.50 131.78 -1.85
CA LYS MA 64 5.24 132.43 -1.54
C LYS MA 64 4.84 132.16 -0.11
N ARG MA 65 4.46 133.23 0.61
CA ARG MA 65 4.19 133.13 2.03
C ARG MA 65 2.91 132.38 2.35
N LEU MA 66 2.04 132.18 1.37
CA LEU MA 66 0.85 131.36 1.58
C LEU MA 66 1.25 129.90 1.61
N PHE MA 67 1.01 129.26 2.75
CA PHE MA 67 1.35 127.86 2.93
C PHE MA 67 0.05 127.06 2.89
N ASN MA 68 0.15 125.73 2.81
CA ASN MA 68 -1.04 124.89 2.97
C ASN MA 68 -0.62 123.69 3.82
N VAL MA 69 -0.79 123.84 5.13
CA VAL MA 69 -0.31 122.84 6.08
C VAL MA 69 -1.17 121.57 6.02
N ASP MA 70 -2.47 121.73 6.16
CA ASP MA 70 -3.37 120.61 6.27
C ASP MA 70 -4.20 120.53 5.00
N ARG MA 71 -5.10 119.56 4.96
CA ARG MA 71 -6.12 119.47 3.94
C ARG MA 71 -6.96 120.75 3.84
N HIS MA 72 -7.21 121.40 4.96
CA HIS MA 72 -8.08 122.55 5.03
C HIS MA 72 -7.43 123.72 5.75
N VAL MA 73 -6.18 123.61 6.17
CA VAL MA 73 -5.51 124.66 6.92
C VAL MA 73 -4.21 125.01 6.21
N GLY MA 74 -3.99 126.32 6.03
CA GLY MA 74 -2.69 126.80 5.59
C GLY MA 74 -2.40 128.13 6.24
N MET MA 75 -1.26 128.69 5.88
CA MET MA 75 -0.72 129.80 6.65
C MET MA 75 -0.65 131.08 5.84
N ALA MA 76 -0.58 132.19 6.56
CA ALA MA 76 -0.61 133.54 6.01
C ALA MA 76 0.51 134.35 6.64
N VAL MA 77 1.73 133.83 6.55
CA VAL MA 77 2.81 134.28 7.40
C VAL MA 77 3.35 135.63 6.95
N ALA MA 78 3.98 136.31 7.89
CA ALA MA 78 4.73 137.53 7.64
C ALA MA 78 5.80 137.63 8.72
N GLY MA 79 6.91 138.28 8.37
CA GLY MA 79 8.05 138.34 9.26
C GLY MA 79 9.21 137.58 8.67
N LEU MA 80 9.80 136.68 9.45
CA LEU MA 80 10.87 135.83 8.93
C LEU MA 80 10.28 134.74 8.06
N LEU MA 81 10.87 134.55 6.87
CA LEU MA 81 10.33 133.54 5.98
C LEU MA 81 10.72 132.14 6.41
N ALA MA 82 12.02 131.92 6.62
CA ALA MA 82 12.51 130.57 6.89
C ALA MA 82 12.08 130.08 8.27
N ASP MA 83 11.94 131.01 9.21
CA ASP MA 83 11.37 130.66 10.51
C ASP MA 83 9.93 130.22 10.37
N ALA MA 84 9.19 130.89 9.48
CA ALA MA 84 7.82 130.48 9.20
C ALA MA 84 7.77 129.17 8.43
N ARG MA 85 8.84 128.86 7.68
CA ARG MA 85 8.93 127.57 7.03
C ARG MA 85 9.11 126.47 8.06
N SER MA 86 10.00 126.70 9.03
CA SER MA 86 10.25 125.73 10.08
C SER MA 86 9.02 125.52 10.94
N LEU MA 87 8.38 126.60 11.36
CA LEU MA 87 7.17 126.50 12.16
C LEU MA 87 6.03 125.92 11.34
N ALA MA 88 6.05 126.16 10.03
CA ALA MA 88 5.09 125.51 9.14
C ALA MA 88 5.27 124.02 9.14
N ASP MA 89 6.52 123.57 9.23
CA ASP MA 89 6.77 122.13 9.32
C ASP MA 89 6.40 121.60 10.69
N ILE MA 90 6.48 122.45 11.72
CA ILE MA 90 5.96 122.06 13.03
C ILE MA 90 4.45 121.86 12.95
N ALA MA 91 3.78 122.70 12.17
CA ALA MA 91 2.34 122.58 12.01
C ALA MA 91 1.96 121.34 11.23
N ARG MA 92 2.67 121.08 10.14
CA ARG MA 92 2.43 119.86 9.36
C ARG MA 92 2.72 118.62 10.18
N GLU MA 93 3.74 118.71 11.02
CA GLU MA 93 4.05 117.64 11.95
C GLU MA 93 2.91 117.43 12.94
N GLU MA 94 2.30 118.52 13.39
CA GLU MA 94 1.24 118.40 14.37
C GLU MA 94 -0.02 117.82 13.76
N ALA MA 95 -0.30 118.20 12.51
CA ALA MA 95 -1.37 117.55 11.76
C ALA MA 95 -1.08 116.08 11.53
N SER MA 96 0.20 115.73 11.40
CA SER MA 96 0.57 114.33 11.34
C SER MA 96 0.37 113.64 12.68
N ASN MA 97 0.48 114.41 13.77
CA ASN MA 97 0.23 113.80 15.07
C ASN MA 97 -1.25 113.52 15.27
N PHE MA 98 -2.09 114.50 14.95
CA PHE MA 98 -3.52 114.32 15.15
C PHE MA 98 -4.08 113.31 14.18
N ARG MA 99 -3.61 113.36 12.93
CA ARG MA 99 -4.04 112.39 11.95
C ARG MA 99 -3.50 111.02 12.28
N SER MA 100 -2.33 110.97 12.89
CA SER MA 100 -1.72 109.71 13.27
C SER MA 100 -2.48 109.05 14.40
N ASN MA 101 -2.89 109.84 15.39
CA ASN MA 101 -3.45 109.29 16.60
C ASN MA 101 -4.95 109.23 16.56
N PHE MA 102 -5.57 109.88 15.59
CA PHE MA 102 -7.00 110.05 15.56
C PHE MA 102 -7.61 109.76 14.21
N GLY MA 103 -6.87 109.92 13.12
CA GLY MA 103 -7.35 109.51 11.82
C GLY MA 103 -8.34 110.44 11.15
N TYR MA 104 -8.41 111.71 11.55
CA TYR MA 104 -9.31 112.64 10.90
C TYR MA 104 -8.75 114.04 11.03
N ASN MA 105 -9.54 115.00 10.59
CA ASN MA 105 -9.03 116.35 10.41
C ASN MA 105 -8.86 117.07 11.73
N ILE MA 106 -7.82 117.88 11.80
CA ILE MA 106 -7.44 118.57 13.03
C ILE MA 106 -8.43 119.71 13.31
N PRO MA 107 -8.95 119.81 14.52
CA PRO MA 107 -9.65 121.03 14.91
C PRO MA 107 -8.68 122.19 15.03
N LEU MA 108 -9.11 123.34 14.53
CA LEU MA 108 -8.24 124.50 14.44
C LEU MA 108 -7.93 125.08 15.81
N LYS MA 109 -8.86 124.92 16.75
CA LYS MA 109 -8.68 125.45 18.10
C LYS MA 109 -7.54 124.76 18.81
N HIS MA 110 -7.60 123.44 18.89
CA HIS MA 110 -6.55 122.67 19.55
C HIS MA 110 -5.24 122.77 18.80
N LEU MA 111 -5.32 122.93 17.48
CA LEU MA 111 -4.14 123.14 16.66
C LEU MA 111 -3.41 124.41 17.06
N ALA MA 112 -4.14 125.52 17.10
CA ALA MA 112 -3.56 126.79 17.52
C ALA MA 112 -3.14 126.76 18.99
N ASP MA 113 -3.75 125.89 19.79
CA ASP MA 113 -3.29 125.70 21.16
C ASP MA 113 -1.90 125.08 21.19
N ARG MA 114 -1.68 124.04 20.39
CA ARG MA 114 -0.39 123.38 20.35
C ARG MA 114 0.69 124.31 19.81
N VAL MA 115 0.34 125.07 18.77
CA VAL MA 115 1.27 126.05 18.22
C VAL MA 115 1.57 127.13 19.24
N ALA MA 116 0.56 127.52 20.01
CA ALA MA 116 0.73 128.59 20.99
C ALA MA 116 1.64 128.15 22.13
N MET MA 117 1.51 126.90 22.57
CA MET MA 117 2.41 126.40 23.59
C MET MA 117 3.82 126.23 23.04
N TYR MA 118 3.93 125.91 21.76
CA TYR MA 118 5.24 125.76 21.12
C TYR MA 118 5.99 127.09 21.08
N VAL MA 119 5.35 128.10 20.50
CA VAL MA 119 5.98 129.42 20.36
C VAL MA 119 6.20 130.04 21.73
N HIS MA 120 5.25 129.83 22.65
CA HIS MA 120 5.41 130.27 24.03
C HIS MA 120 6.65 129.67 24.67
N ALA MA 121 6.85 128.37 24.48
CA ALA MA 121 8.07 127.71 24.94
C ALA MA 121 9.31 128.32 24.30
N TYR MA 122 9.19 128.80 23.07
CA TYR MA 122 10.29 129.57 22.51
C TYR MA 122 10.33 131.01 22.97
N THR MA 123 9.37 131.46 23.77
CA THR MA 123 9.50 132.76 24.42
C THR MA 123 10.00 132.66 25.85
N LEU MA 124 10.00 131.46 26.42
CA LEU MA 124 10.37 131.33 27.82
C LEU MA 124 11.87 131.55 28.03
N TYR MA 125 12.70 130.71 27.43
CA TYR MA 125 14.06 130.60 27.91
C TYR MA 125 14.97 131.65 27.30
N SER MA 126 16.15 131.76 27.89
CA SER MA 126 17.22 132.61 27.40
C SER MA 126 18.08 131.92 26.35
N ALA MA 127 17.97 130.60 26.21
CA ALA MA 127 18.80 129.89 25.25
C ALA MA 127 18.32 130.11 23.82
N VAL MA 128 17.04 130.39 23.64
CA VAL MA 128 16.49 130.61 22.31
C VAL MA 128 15.77 131.95 22.29
N ARG MA 129 15.69 132.50 21.12
CA ARG MA 129 14.94 133.72 20.95
C ARG MA 129 13.49 133.42 20.69
N PRO MA 130 12.61 134.40 20.86
CA PRO MA 130 11.28 134.29 20.27
C PRO MA 130 11.35 134.33 18.76
N PHE MA 131 10.30 133.80 18.14
CA PHE MA 131 10.23 133.75 16.69
C PHE MA 131 10.00 135.14 16.12
N GLY MA 132 10.32 135.29 14.83
CA GLY MA 132 10.03 136.53 14.15
C GLY MA 132 8.87 136.39 13.19
N CYS MA 133 7.81 135.71 13.60
CA CYS MA 133 6.71 135.39 12.71
C CYS MA 133 5.38 135.67 13.37
N SER MA 134 4.39 135.95 12.53
CA SER MA 134 3.01 136.14 12.97
C SER MA 134 2.12 135.84 11.78
N PHE MA 135 0.98 135.19 12.01
CA PHE MA 135 0.21 134.67 10.89
C PHE MA 135 -1.24 134.43 11.26
N MET MA 136 -1.93 133.78 10.32
CA MET MA 136 -3.36 133.52 10.38
C MET MA 136 -3.59 132.02 10.24
N LEU MA 137 -4.77 131.58 10.67
CA LEU MA 137 -5.17 130.20 10.46
C LEU MA 137 -6.56 130.15 9.86
N GLY MA 138 -6.61 129.92 8.56
CA GLY MA 138 -7.88 129.71 7.88
C GLY MA 138 -8.21 128.25 7.85
N SER MA 139 -9.48 127.93 8.09
CA SER MA 139 -9.94 126.55 8.10
C SER MA 139 -11.44 126.57 7.79
N TYR MA 140 -11.95 125.41 7.39
CA TYR MA 140 -13.36 125.29 7.08
C TYR MA 140 -13.81 123.88 7.38
N SER MA 141 -15.05 123.76 7.80
CA SER MA 141 -15.69 122.47 8.00
C SER MA 141 -17.11 122.55 7.51
N VAL MA 142 -17.70 121.38 7.29
CA VAL MA 142 -19.14 121.34 7.05
C VAL MA 142 -19.87 121.13 8.36
N ASN MA 143 -19.18 120.62 9.38
CA ASN MA 143 -19.75 120.49 10.71
C ASN MA 143 -19.50 121.70 11.56
N ASP MA 144 -18.53 122.54 11.17
CA ASP MA 144 -18.15 123.71 11.96
C ASP MA 144 -18.04 124.98 11.15
N GLY MA 145 -17.96 124.90 9.83
CA GLY MA 145 -17.90 126.10 9.02
C GLY MA 145 -16.51 126.72 9.00
N ALA MA 146 -16.47 127.98 8.62
CA ALA MA 146 -15.22 128.70 8.45
C ALA MA 146 -14.71 129.19 9.80
N GLN MA 147 -13.40 129.09 10.00
CA GLN MA 147 -12.74 129.63 11.19
C GLN MA 147 -11.45 130.30 10.76
N LEU MA 148 -11.17 131.45 11.36
CA LEU MA 148 -9.95 132.20 11.07
C LEU MA 148 -9.36 132.68 12.39
N TYR MA 149 -8.14 132.27 12.65
CA TYR MA 149 -7.48 132.63 13.90
C TYR MA 149 -6.31 133.57 13.61
N MET MA 150 -5.87 134.25 14.65
CA MET MA 150 -4.83 135.27 14.62
C MET MA 150 -3.71 134.92 15.59
N ILE MA 151 -2.47 135.00 15.13
CA ILE MA 151 -1.31 134.44 15.81
C ILE MA 151 -0.21 135.49 15.86
N ASP MA 152 0.16 135.87 17.07
CA ASP MA 152 1.19 136.87 17.30
C ASP MA 152 2.56 136.19 17.39
N PRO MA 153 3.65 136.97 17.47
CA PRO MA 153 4.91 136.36 17.89
C PRO MA 153 4.95 135.95 19.35
N SER MA 154 4.12 136.53 20.22
CA SER MA 154 4.29 136.26 21.64
C SER MA 154 3.66 134.93 22.04
N GLY MA 155 2.44 134.67 21.60
CA GLY MA 155 1.77 133.46 22.01
C GLY MA 155 0.33 133.66 22.41
N VAL MA 156 -0.21 134.84 22.12
CA VAL MA 156 -1.63 135.09 22.28
C VAL MA 156 -2.30 134.80 20.95
N SER MA 157 -2.89 133.62 20.81
CA SER MA 157 -3.50 133.18 19.57
C SER MA 157 -4.98 132.94 19.78
N TYR MA 158 -5.82 133.64 19.01
CA TYR MA 158 -7.27 133.48 19.10
C TYR MA 158 -7.88 134.02 17.83
N GLY MA 159 -9.21 133.92 17.73
CA GLY MA 159 -9.86 134.11 16.46
C GLY MA 159 -10.49 135.45 16.16
N TYR MA 160 -10.54 135.78 14.87
CA TYR MA 160 -11.16 136.97 14.35
C TYR MA 160 -12.20 136.57 13.32
N TRP MA 161 -12.68 137.57 12.58
CA TRP MA 161 -13.21 137.30 11.25
C TRP MA 161 -12.17 137.59 10.18
N GLY MA 162 -11.28 138.54 10.45
CA GLY MA 162 -10.20 138.85 9.54
C GLY MA 162 -9.16 139.71 10.24
N CYS MA 163 -7.98 139.77 9.63
CA CYS MA 163 -6.90 140.61 10.14
C CYS MA 163 -5.97 140.99 9.02
N ALA MA 164 -5.01 141.84 9.37
CA ALA MA 164 -3.99 142.33 8.46
C ALA MA 164 -2.67 142.31 9.19
N ILE MA 165 -1.60 141.95 8.49
CA ILE MA 165 -0.27 141.95 9.08
C ILE MA 165 0.65 142.68 8.13
N GLY MA 166 1.36 143.67 8.64
CA GLY MA 166 2.27 144.39 7.80
C GLY MA 166 2.31 145.85 8.22
N LYS MA 167 2.57 146.72 7.24
CA LYS MA 167 2.72 148.14 7.54
C LYS MA 167 1.38 148.78 7.85
N ALA MA 168 0.48 148.83 6.87
CA ALA MA 168 -0.79 149.56 7.05
C ALA MA 168 -1.85 148.63 7.64
N ARG MA 169 -1.55 148.18 8.86
CA ARG MA 169 -2.40 147.21 9.52
C ARG MA 169 -3.71 147.84 9.97
N GLN MA 170 -3.63 149.00 10.61
CA GLN MA 170 -4.85 149.72 10.98
C GLN MA 170 -5.49 150.33 9.76
N ALA MA 171 -4.68 150.79 8.81
CA ALA MA 171 -5.19 151.42 7.61
C ALA MA 171 -5.80 150.43 6.63
N ALA MA 172 -5.74 149.14 6.90
CA ALA MA 172 -6.49 148.18 6.11
C ALA MA 172 -7.78 147.76 6.82
N LYS MA 173 -7.67 147.46 8.12
CA LYS MA 173 -8.83 147.05 8.90
C LYS MA 173 -9.78 148.19 9.16
N THR MA 174 -9.38 149.42 8.85
CA THR MA 174 -10.31 150.53 8.75
C THR MA 174 -11.43 150.23 7.77
N GLU MA 175 -11.07 149.71 6.59
CA GLU MA 175 -12.04 149.43 5.55
C GLU MA 175 -12.33 147.95 5.37
N ILE MA 176 -11.71 147.09 6.15
CA ILE MA 176 -12.14 145.70 6.17
C ILE MA 176 -13.48 145.57 6.89
N GLU MA 177 -13.60 146.21 8.05
CA GLU MA 177 -14.75 146.05 8.91
C GLU MA 177 -16.03 146.66 8.37
N LYS MA 178 -15.94 147.56 7.40
CA LYS MA 178 -17.13 148.06 6.73
C LYS MA 178 -17.59 147.17 5.59
N LEU MA 179 -16.88 146.08 5.32
CA LEU MA 179 -17.32 145.16 4.29
C LEU MA 179 -18.18 144.08 4.91
N GLN MA 180 -19.23 143.68 4.18
CA GLN MA 180 -20.21 142.75 4.73
C GLN MA 180 -19.63 141.34 4.70
N MET MA 181 -19.03 140.98 5.84
CA MET MA 181 -18.29 139.73 5.96
C MET MA 181 -19.19 138.51 5.97
N LYS MA 182 -20.46 138.65 6.34
CA LYS MA 182 -21.28 137.47 6.52
C LYS MA 182 -22.07 137.14 5.28
N GLU MA 183 -22.71 138.14 4.69
CA GLU MA 183 -23.68 137.88 3.63
C GLU MA 183 -23.06 137.93 2.24
N MET MA 184 -21.76 137.77 2.11
CA MET MA 184 -21.10 137.65 0.83
C MET MA 184 -20.55 136.25 0.66
N THR MA 185 -20.61 135.73 -0.56
CA THR MA 185 -19.83 134.54 -0.87
C THR MA 185 -18.37 134.94 -0.95
N CYS MA 186 -17.50 133.95 -0.77
CA CYS MA 186 -16.07 134.21 -0.87
C CYS MA 186 -15.63 134.62 -2.28
N ARG MA 187 -16.43 134.30 -3.29
CA ARG MA 187 -16.14 134.77 -4.64
C ARG MA 187 -16.30 136.27 -4.77
N ASP MA 188 -17.22 136.86 -4.01
CA ASP MA 188 -17.23 138.31 -3.89
C ASP MA 188 -16.01 138.79 -3.14
N ILE MA 189 -15.59 138.02 -2.13
CA ILE MA 189 -14.45 138.36 -1.30
C ILE MA 189 -13.14 138.25 -2.10
N VAL MA 190 -13.18 137.61 -3.27
CA VAL MA 190 -12.03 137.61 -4.17
C VAL MA 190 -11.68 139.03 -4.59
N LYS MA 191 -12.63 139.71 -5.22
CA LYS MA 191 -12.37 141.08 -5.60
C LYS MA 191 -12.41 142.02 -4.41
N GLU MA 192 -13.00 141.60 -3.28
CA GLU MA 192 -12.92 142.42 -2.08
C GLU MA 192 -11.50 142.48 -1.55
N VAL MA 193 -10.88 141.32 -1.34
CA VAL MA 193 -9.49 141.28 -0.88
C VAL MA 193 -8.58 141.89 -1.94
N ALA MA 194 -8.93 141.71 -3.21
CA ALA MA 194 -8.19 142.31 -4.31
C ALA MA 194 -8.22 143.84 -4.23
N LYS MA 195 -9.38 144.40 -3.90
CA LYS MA 195 -9.45 145.85 -3.86
C LYS MA 195 -8.82 146.40 -2.58
N ILE MA 196 -8.90 145.66 -1.46
CA ILE MA 196 -8.33 146.18 -0.22
C ILE MA 196 -6.81 146.15 -0.28
N ILE MA 197 -6.25 145.04 -0.77
CA ILE MA 197 -4.81 144.95 -0.98
C ILE MA 197 -4.36 145.96 -2.02
N TYR MA 198 -5.16 146.14 -3.07
CA TYR MA 198 -4.82 147.09 -4.11
C TYR MA 198 -4.83 148.54 -3.62
N ILE MA 199 -5.71 148.85 -2.67
CA ILE MA 199 -5.77 150.22 -2.13
C ILE MA 199 -4.48 150.56 -1.41
N VAL MA 200 -4.02 149.68 -0.54
CA VAL MA 200 -2.86 149.99 0.27
C VAL MA 200 -1.58 149.86 -0.56
N HIS MA 201 -0.84 150.97 -0.65
CA HIS MA 201 0.55 151.04 -1.13
C HIS MA 201 0.68 150.50 -2.55
N ASP MA 202 0.08 151.25 -3.48
CA ASP MA 202 0.25 150.93 -4.89
C ASP MA 202 1.72 151.06 -5.32
N GLU MA 203 2.25 152.28 -5.34
CA GLU MA 203 3.64 152.48 -5.75
C GLU MA 203 4.37 153.51 -4.89
N VAL MA 204 4.01 153.64 -3.61
CA VAL MA 204 4.42 154.82 -2.84
C VAL MA 204 5.90 154.78 -2.50
N LYS MA 205 6.29 153.83 -1.67
CA LYS MA 205 7.68 153.66 -1.31
C LYS MA 205 8.40 152.74 -2.30
N ASP MA 206 7.68 151.80 -2.87
CA ASP MA 206 8.25 150.78 -3.72
C ASP MA 206 7.89 151.05 -5.18
N LYS MA 207 8.26 150.11 -6.03
CA LYS MA 207 7.90 150.14 -7.45
C LYS MA 207 6.60 149.39 -7.72
N ALA MA 208 6.55 148.10 -7.40
CA ALA MA 208 5.39 147.30 -7.73
C ALA MA 208 5.22 146.20 -6.68
N PHE MA 209 4.01 145.64 -6.64
CA PHE MA 209 3.69 144.52 -5.79
C PHE MA 209 2.94 143.48 -6.61
N GLU MA 210 2.39 142.50 -5.92
CA GLU MA 210 1.73 141.38 -6.57
C GLU MA 210 0.81 140.75 -5.54
N LEU MA 211 -0.33 140.27 -6.02
CA LEU MA 211 -1.38 139.73 -5.16
C LEU MA 211 -1.34 138.21 -5.12
N GLU MA 212 -1.43 137.67 -3.92
CA GLU MA 212 -1.63 136.25 -3.69
C GLU MA 212 -2.96 136.05 -2.96
N LEU MA 213 -3.63 134.93 -3.23
CA LEU MA 213 -5.00 134.78 -2.77
C LEU MA 213 -5.30 133.34 -2.41
N SER MA 214 -5.03 132.95 -1.18
CA SER MA 214 -5.37 131.60 -0.75
C SER MA 214 -6.85 131.54 -0.40
N TRP MA 215 -7.34 130.32 -0.26
CA TRP MA 215 -8.76 130.09 -0.40
C TRP MA 215 -9.12 128.70 0.14
N VAL MA 216 -9.90 128.68 1.21
CA VAL MA 216 -10.43 127.45 1.77
C VAL MA 216 -11.94 127.63 1.91
N GLY MA 217 -12.68 126.56 1.75
CA GLY MA 217 -14.07 126.62 2.12
C GLY MA 217 -14.92 125.64 1.35
N GLU MA 218 -16.22 125.90 1.39
CA GLU MA 218 -17.22 125.04 0.79
C GLU MA 218 -17.10 125.02 -0.72
N LEU MA 219 -16.69 126.14 -1.32
CA LEU MA 219 -16.53 126.13 -2.77
C LEU MA 219 -15.29 125.35 -3.15
N THR MA 220 -14.33 125.23 -2.25
CA THR MA 220 -13.25 124.27 -2.40
C THR MA 220 -13.64 122.88 -1.94
N ASN MA 221 -14.85 122.72 -1.39
CA ASN MA 221 -15.29 121.54 -0.65
C ASN MA 221 -14.31 121.21 0.47
N GLY MA 222 -13.91 122.22 1.24
CA GLY MA 222 -12.99 122.02 2.32
C GLY MA 222 -11.54 121.88 1.91
N ARG MA 223 -11.23 121.95 0.62
CA ARG MA 223 -9.84 121.96 0.21
C ARG MA 223 -9.25 123.31 0.51
N HIS MA 224 -7.92 123.39 0.51
CA HIS MA 224 -7.27 124.67 0.69
C HIS MA 224 -6.28 124.87 -0.44
N GLU MA 225 -6.46 125.96 -1.17
CA GLU MA 225 -5.64 126.23 -2.33
C GLU MA 225 -5.75 127.71 -2.65
N ILE MA 226 -4.78 128.21 -3.41
CA ILE MA 226 -4.89 129.54 -3.98
C ILE MA 226 -6.04 129.55 -4.99
N VAL MA 227 -6.68 130.69 -5.15
CA VAL MA 227 -7.62 130.81 -6.27
C VAL MA 227 -6.78 130.79 -7.54
N PRO MA 228 -7.33 130.33 -8.64
CA PRO MA 228 -6.69 130.61 -9.92
C PRO MA 228 -6.95 132.07 -10.20
N LYS MA 229 -6.08 132.96 -9.73
CA LYS MA 229 -6.37 134.40 -9.78
C LYS MA 229 -6.43 134.90 -11.22
N ASP MA 230 -5.61 134.32 -12.10
CA ASP MA 230 -5.69 134.62 -13.53
C ASP MA 230 -7.07 134.30 -14.08
N ILE MA 231 -7.68 133.22 -13.60
CA ILE MA 231 -9.08 132.97 -13.89
C ILE MA 231 -9.91 133.97 -13.11
N ARG MA 232 -10.85 134.61 -13.81
CA ARG MA 232 -11.80 135.63 -13.38
C ARG MA 232 -11.14 136.99 -13.11
N GLU MA 233 -9.81 136.98 -12.97
CA GLU MA 233 -8.87 138.10 -13.10
C GLU MA 233 -9.38 139.36 -12.40
N GLU MA 234 -9.90 139.13 -11.19
CA GLU MA 234 -10.85 140.03 -10.54
C GLU MA 234 -10.22 141.33 -10.08
N ALA MA 235 -8.92 141.31 -9.82
CA ALA MA 235 -8.24 142.46 -9.25
C ALA MA 235 -8.13 143.58 -10.27
N GLU MA 236 -7.42 143.30 -11.37
CA GLU MA 236 -6.95 144.35 -12.26
C GLU MA 236 -8.10 145.00 -13.00
N LYS MA 237 -9.14 144.22 -13.32
CA LYS MA 237 -10.34 144.82 -13.88
C LYS MA 237 -11.08 145.68 -12.89
N TYR MA 238 -10.92 145.42 -11.60
CA TYR MA 238 -11.47 146.32 -10.59
C TYR MA 238 -10.43 147.30 -10.09
N ALA MA 239 -9.14 146.96 -10.19
CA ALA MA 239 -8.08 147.85 -9.75
C ALA MA 239 -8.02 149.10 -10.62
N LYS MA 240 -8.19 148.94 -11.92
CA LYS MA 240 -8.24 150.10 -12.80
C LYS MA 240 -9.51 150.90 -12.62
N GLU MA 241 -10.52 150.30 -11.98
CA GLU MA 241 -11.73 151.00 -11.58
C GLU MA 241 -11.61 151.63 -10.20
N SER MA 242 -10.84 151.03 -9.30
CA SER MA 242 -10.72 151.51 -7.94
C SER MA 242 -9.57 152.49 -7.75
N LEU MA 243 -9.00 153.01 -8.84
CA LEU MA 243 -8.05 154.10 -8.75
C LEU MA 243 -8.71 155.47 -8.68
N LYS MA 244 -10.03 155.52 -8.76
CA LYS MA 244 -10.73 156.79 -8.86
C LYS MA 244 -12.02 156.78 -8.05
N THR NA 34 -18.48 86.20 29.62
CA THR NA 34 -17.85 85.61 28.44
C THR NA 34 -18.37 86.24 27.16
N THR NA 35 -19.65 85.99 26.89
CA THR NA 35 -20.24 86.36 25.61
C THR NA 35 -20.90 87.73 25.73
N ILE NA 36 -20.49 88.66 24.87
CA ILE NA 36 -20.97 90.03 24.84
C ILE NA 36 -21.61 90.29 23.49
N MET NA 37 -22.43 91.34 23.44
CA MET NA 37 -23.22 91.59 22.25
C MET NA 37 -23.67 93.03 22.21
N ALA NA 38 -23.55 93.65 21.04
CA ALA NA 38 -24.00 95.02 20.87
C ALA NA 38 -24.67 95.19 19.50
N VAL NA 39 -25.94 95.55 19.52
CA VAL NA 39 -26.68 95.81 18.28
C VAL NA 39 -27.15 97.26 18.33
N GLN NA 40 -26.71 98.04 17.35
CA GLN NA 40 -27.23 99.40 17.25
C GLN NA 40 -28.65 99.36 16.70
N PHE NA 41 -29.37 100.44 16.94
CA PHE NA 41 -30.67 100.63 16.33
C PHE NA 41 -30.72 102.07 15.86
N ASP NA 42 -31.91 102.53 15.49
CA ASP NA 42 -32.03 103.82 14.82
C ASP NA 42 -31.73 104.97 15.78
N GLY NA 43 -32.20 104.86 17.01
CA GLY NA 43 -31.93 105.90 17.99
C GLY NA 43 -30.53 105.83 18.54
N GLY NA 44 -30.13 104.65 18.98
CA GLY NA 44 -28.82 104.46 19.58
C GLY NA 44 -28.37 103.02 19.45
N VAL NA 45 -27.78 102.51 20.52
CA VAL NA 45 -27.24 101.17 20.55
C VAL NA 45 -27.82 100.43 21.75
N VAL NA 46 -27.71 99.10 21.69
CA VAL NA 46 -28.16 98.20 22.75
C VAL NA 46 -27.03 97.23 23.05
N LEU NA 47 -26.61 97.18 24.30
CA LEU NA 47 -25.54 96.30 24.74
C LEU NA 47 -26.13 95.17 25.59
N GLY NA 48 -25.33 94.15 25.83
CA GLY NA 48 -25.77 93.04 26.66
C GLY NA 48 -24.76 91.92 26.79
N ALA NA 49 -24.73 91.27 27.96
CA ALA NA 49 -23.75 90.24 28.23
C ALA NA 49 -24.21 89.35 29.37
N ASP NA 50 -23.53 88.20 29.50
CA ASP NA 50 -23.60 87.31 30.65
C ASP NA 50 -22.82 87.89 31.81
N SER NA 51 -22.67 87.14 32.90
CA SER NA 51 -21.73 87.66 33.88
C SER NA 51 -20.54 86.73 34.15
N ARG NA 52 -20.79 85.63 34.88
CA ARG NA 52 -20.04 84.38 34.97
C ARG NA 52 -18.54 84.39 34.67
N THR NA 53 -17.76 85.14 35.42
CA THR NA 53 -16.30 85.04 35.30
C THR NA 53 -15.83 83.72 35.91
N THR NA 54 -15.20 82.90 35.08
CA THR NA 54 -14.75 81.57 35.49
C THR NA 54 -13.24 81.49 35.46
N THR NA 55 -12.72 80.41 36.02
CA THR NA 55 -11.33 80.03 35.90
C THR NA 55 -11.23 78.51 35.96
N GLY NA 56 -10.59 77.92 34.95
CA GLY NA 56 -10.61 76.49 34.77
C GLY NA 56 -12.02 76.00 34.52
N SER NA 57 -12.49 75.08 35.35
CA SER NA 57 -13.90 74.74 35.38
C SER NA 57 -14.60 75.33 36.59
N TYR NA 58 -14.02 76.33 37.23
CA TYR NA 58 -14.60 76.92 38.41
C TYR NA 58 -14.99 78.37 38.17
N ILE NA 59 -16.25 78.68 38.48
CA ILE NA 59 -16.71 80.06 38.44
C ILE NA 59 -16.08 80.79 39.62
N ALA NA 60 -15.14 81.68 39.31
CA ALA NA 60 -14.62 82.54 40.35
C ALA NA 60 -15.64 83.59 40.73
N ASN NA 61 -16.02 84.44 39.79
CA ASN NA 61 -17.01 85.47 40.06
C ASN NA 61 -18.31 85.05 39.41
N ARG NA 62 -19.35 84.96 40.24
CA ARG NA 62 -20.67 84.58 39.77
C ARG NA 62 -21.31 85.68 38.97
N VAL NA 63 -21.16 86.92 39.39
CA VAL NA 63 -21.81 88.05 38.75
C VAL NA 63 -20.78 89.15 38.53
N THR NA 64 -20.74 89.67 37.31
CA THR NA 64 -19.59 90.46 36.88
C THR NA 64 -20.05 91.55 35.93
N ASP NA 65 -19.61 92.77 36.18
CA ASP NA 65 -19.86 93.91 35.30
C ASP NA 65 -19.01 93.73 34.05
N LYS NA 66 -19.55 92.99 33.08
CA LYS NA 66 -18.78 92.71 31.88
C LYS NA 66 -18.72 93.91 30.95
N LEU NA 67 -19.71 94.79 31.00
CA LEU NA 67 -19.71 96.02 30.23
C LEU NA 67 -18.94 97.07 31.01
N THR NA 68 -18.54 98.13 30.32
CA THR NA 68 -17.76 99.16 30.95
C THR NA 68 -18.16 100.54 30.44
N PRO NA 69 -18.52 101.45 31.34
CA PRO NA 69 -18.67 102.85 30.95
C PRO NA 69 -17.32 103.50 30.74
N ILE NA 70 -17.23 104.33 29.71
CA ILE NA 70 -16.04 105.14 29.53
C ILE NA 70 -16.49 106.58 29.47
N HIS NA 71 -17.27 106.90 28.46
CA HIS NA 71 -17.96 108.17 28.40
C HIS NA 71 -19.42 107.92 28.71
N ASP NA 72 -20.13 108.99 29.05
CA ASP NA 72 -21.54 108.93 29.37
C ASP NA 72 -22.40 108.57 28.17
N ARG NA 73 -21.86 108.69 26.96
CA ARG NA 73 -22.53 108.22 25.77
C ARG NA 73 -21.82 107.06 25.10
N ILE NA 74 -20.64 106.67 25.59
CA ILE NA 74 -19.79 105.71 24.90
C ILE NA 74 -19.38 104.63 25.89
N PHE NA 75 -19.83 103.40 25.64
CA PHE NA 75 -19.42 102.27 26.47
C PHE NA 75 -18.57 101.32 25.64
N CYS NA 76 -18.09 100.28 26.32
CA CYS NA 76 -17.47 99.17 25.62
C CYS NA 76 -17.86 97.89 26.36
N CYS NA 77 -17.58 96.77 25.74
CA CYS NA 77 -17.67 95.48 26.40
C CYS NA 77 -16.49 94.62 25.98
N ARG NA 78 -15.98 93.85 26.93
CA ARG NA 78 -14.66 93.27 26.87
C ARG NA 78 -14.73 91.75 26.90
N SER NA 79 -13.64 91.12 26.47
CA SER NA 79 -13.49 89.67 26.54
C SER NA 79 -12.01 89.36 26.62
N GLY NA 80 -11.68 88.07 26.66
CA GLY NA 80 -10.30 87.67 26.78
C GLY NA 80 -9.80 87.82 28.20
N SER NA 81 -8.60 88.36 28.34
CA SER NA 81 -8.01 88.56 29.64
C SER NA 81 -8.73 89.67 30.40
N ALA NA 82 -8.90 89.44 31.69
CA ALA NA 82 -9.60 90.40 32.52
C ALA NA 82 -8.76 91.63 32.79
N ALA NA 83 -7.60 91.43 33.41
CA ALA NA 83 -6.76 92.54 33.86
C ALA NA 83 -6.25 93.37 32.70
N ASP NA 84 -6.07 92.73 31.54
CA ASP NA 84 -5.64 93.46 30.36
C ASP NA 84 -6.70 94.44 29.91
N THR NA 85 -7.94 93.97 29.79
CA THR NA 85 -9.04 94.82 29.39
C THR NA 85 -9.36 95.87 30.44
N GLN NA 86 -9.10 95.55 31.72
CA GLN NA 86 -9.23 96.54 32.77
C GLN NA 86 -8.23 97.67 32.57
N ALA NA 87 -6.96 97.32 32.32
CA ALA NA 87 -5.92 98.32 32.18
C ALA NA 87 -6.12 99.16 30.92
N VAL NA 88 -6.52 98.50 29.83
CA VAL NA 88 -6.74 99.22 28.58
C VAL NA 88 -7.96 100.13 28.70
N ALA NA 89 -8.99 99.65 29.40
CA ALA NA 89 -10.17 100.47 29.66
C ALA NA 89 -9.82 101.70 30.48
N ASP NA 90 -8.96 101.55 31.48
CA ASP NA 90 -8.58 102.69 32.30
C ASP NA 90 -7.70 103.65 31.52
N ALA NA 91 -6.89 103.13 30.61
CA ALA NA 91 -5.97 103.97 29.85
C ALA NA 91 -6.72 104.80 28.83
N VAL NA 92 -7.60 104.17 28.05
CA VAL NA 92 -8.33 104.89 27.03
C VAL NA 92 -9.41 105.76 27.69
N THR NA 93 -9.85 105.36 28.88
CA THR NA 93 -10.67 106.23 29.70
C THR NA 93 -9.93 107.51 30.06
N TYR NA 94 -8.67 107.36 30.48
CA TYR NA 94 -7.82 108.49 30.85
C TYR NA 94 -7.58 109.42 29.68
N GLN NA 95 -7.00 108.89 28.61
CA GLN NA 95 -6.61 109.73 27.48
C GLN NA 95 -7.82 110.24 26.72
N LEU NA 96 -8.88 109.44 26.69
CA LEU NA 96 -10.08 109.84 25.99
C LEU NA 96 -10.81 110.95 26.72
N GLY NA 97 -10.95 110.81 28.04
CA GLY NA 97 -11.61 111.85 28.81
C GLY NA 97 -10.80 113.14 28.84
N PHE NA 98 -9.49 113.01 29.07
CA PHE NA 98 -8.61 114.17 29.13
C PHE NA 98 -8.54 114.89 27.79
N HIS NA 99 -8.45 114.12 26.71
CA HIS NA 99 -8.44 114.71 25.39
C HIS NA 99 -9.80 115.30 25.03
N SER NA 100 -10.87 114.71 25.53
CA SER NA 100 -12.20 115.24 25.26
C SER NA 100 -12.44 116.57 25.95
N ILE NA 101 -11.94 116.72 27.18
CA ILE NA 101 -12.04 118.00 27.85
C ILE NA 101 -11.10 119.01 27.21
N GLU NA 102 -9.97 118.53 26.66
CA GLU NA 102 -9.13 119.39 25.82
C GLU NA 102 -9.87 119.86 24.57
N LEU NA 103 -10.71 119.01 24.00
CA LEU NA 103 -11.54 119.45 22.88
C LEU NA 103 -12.63 120.38 23.34
N ASN NA 104 -13.03 120.27 24.62
CA ASN NA 104 -14.17 120.96 25.21
C ASN NA 104 -15.43 120.68 24.39
N GLU NA 105 -15.58 119.41 24.01
CA GLU NA 105 -16.57 118.96 23.03
C GLU NA 105 -16.95 117.53 23.36
N PRO NA 106 -18.14 117.08 22.95
CA PRO NA 106 -18.49 115.67 23.08
C PRO NA 106 -17.63 114.81 22.18
N PRO NA 107 -17.09 113.72 22.68
CA PRO NA 107 -16.18 112.90 21.89
C PRO NA 107 -16.92 112.03 20.88
N LEU NA 108 -16.13 111.39 20.02
CA LEU NA 108 -16.65 110.50 19.00
C LEU NA 108 -16.37 109.06 19.38
N VAL NA 109 -17.33 108.19 19.04
CA VAL NA 109 -17.17 106.75 19.24
C VAL NA 109 -16.04 106.22 18.37
N HIS NA 110 -15.96 106.74 17.14
CA HIS NA 110 -14.92 106.32 16.20
C HIS NA 110 -13.53 106.73 16.68
N THR NA 111 -13.45 107.85 17.39
CA THR NA 111 -12.17 108.29 17.90
C THR NA 111 -11.69 107.37 19.02
N ALA NA 112 -12.61 106.99 19.91
CA ALA NA 112 -12.27 106.04 20.96
C ALA NA 112 -11.89 104.68 20.39
N ALA NA 113 -12.61 104.25 19.35
CA ALA NA 113 -12.28 103.01 18.68
C ALA NA 113 -10.93 103.11 17.98
N SER NA 114 -10.58 104.30 17.53
CA SER NA 114 -9.25 104.53 16.96
C SER NA 114 -8.19 104.35 18.02
N LEU NA 115 -8.45 104.87 19.23
CA LEU NA 115 -7.46 104.75 20.31
C LEU NA 115 -7.29 103.32 20.76
N PHE NA 116 -8.40 102.58 20.86
CA PHE NA 116 -8.29 101.16 21.16
C PHE NA 116 -7.58 100.41 20.06
N LYS NA 117 -7.76 100.83 18.81
CA LYS NA 117 -7.01 100.23 17.71
C LYS NA 117 -5.52 100.52 17.86
N GLU NA 118 -5.18 101.70 18.39
CA GLU NA 118 -3.79 102.04 18.63
C GLU NA 118 -3.18 101.13 19.68
N MET NA 119 -3.72 101.16 20.89
CA MET NA 119 -3.10 100.43 22.00
C MET NA 119 -3.19 98.93 21.80
N CYS NA 120 -4.26 98.46 21.16
CA CYS NA 120 -4.38 97.03 20.90
C CYS NA 120 -3.43 96.59 19.81
N TYR NA 121 -3.25 97.40 18.77
CA TYR NA 121 -2.39 96.96 17.69
C TYR NA 121 -0.92 97.00 18.08
N ARG NA 122 -0.53 98.05 18.81
CA ARG NA 122 0.89 98.27 19.05
C ARG NA 122 1.44 97.28 20.07
N TYR NA 123 0.59 96.76 20.94
CA TYR NA 123 1.11 95.90 21.98
C TYR NA 123 0.27 94.66 22.05
N ARG NA 124 -0.03 94.05 20.91
CA ARG NA 124 -0.89 92.87 20.88
C ARG NA 124 -0.28 91.54 21.35
N GLU NA 125 1.00 91.35 21.11
CA GLU NA 125 1.70 90.11 21.45
C GLU NA 125 1.62 89.58 22.88
N ASP NA 126 0.76 90.15 23.73
CA ASP NA 126 0.66 89.71 25.10
C ASP NA 126 -0.78 89.44 25.50
N LEU NA 127 -1.73 89.93 24.72
CA LEU NA 127 -3.03 90.31 25.23
C LEU NA 127 -4.14 89.49 24.56
N MET NA 128 -5.32 89.57 25.18
CA MET NA 128 -6.52 88.88 24.70
C MET NA 128 -7.64 89.90 24.72
N ALA NA 129 -7.88 90.54 23.57
CA ALA NA 129 -8.76 91.70 23.50
C ALA NA 129 -10.03 91.38 22.72
N GLY NA 130 -11.15 91.37 23.43
CA GLY NA 130 -12.44 91.16 22.81
C GLY NA 130 -13.24 92.45 22.84
N ILE NA 131 -12.58 93.56 22.52
CA ILE NA 131 -13.17 94.86 22.79
C ILE NA 131 -14.18 95.22 21.72
N ILE NA 132 -15.40 95.54 22.15
CA ILE NA 132 -16.40 96.13 21.29
C ILE NA 132 -16.73 97.49 21.85
N ILE NA 133 -16.49 98.52 21.05
CA ILE NA 133 -16.83 99.89 21.38
C ILE NA 133 -18.25 100.13 20.89
N ALA NA 134 -19.06 100.78 21.70
CA ALA NA 134 -20.41 101.13 21.26
C ALA NA 134 -20.80 102.46 21.86
N GLY NA 135 -21.81 103.08 21.25
CA GLY NA 135 -22.38 104.23 21.91
C GLY NA 135 -23.09 105.21 21.00
N TRP NA 136 -24.10 105.87 21.54
CA TRP NA 136 -24.73 106.94 20.81
C TRP NA 136 -23.80 108.13 20.71
N ASP NA 137 -23.81 108.75 19.54
CA ASP NA 137 -22.97 109.89 19.24
C ASP NA 137 -23.84 111.07 18.88
N PRO NA 138 -23.47 112.27 19.32
CA PRO NA 138 -24.26 113.44 18.92
C PRO NA 138 -24.15 113.75 17.44
N GLN NA 139 -22.97 113.60 16.85
CA GLN NA 139 -22.82 113.93 15.45
C GLN NA 139 -23.40 112.85 14.55
N GLU NA 140 -23.18 111.58 14.87
CA GLU NA 140 -23.51 110.51 13.94
C GLU NA 140 -24.44 109.46 14.53
N GLY NA 141 -25.03 109.71 15.69
CA GLY NA 141 -25.91 108.74 16.30
C GLY NA 141 -25.15 107.54 16.82
N GLY NA 142 -25.89 106.47 17.06
CA GLY NA 142 -25.32 105.24 17.59
C GLY NA 142 -24.30 104.60 16.67
N GLN NA 143 -23.16 104.22 17.24
CA GLN NA 143 -22.07 103.62 16.49
C GLN NA 143 -21.57 102.39 17.21
N VAL NA 144 -21.30 101.34 16.43
CA VAL NA 144 -20.83 100.06 16.94
C VAL NA 144 -19.55 99.71 16.21
N TYR NA 145 -18.46 99.65 16.95
CA TYR NA 145 -17.16 99.31 16.41
C TYR NA 145 -16.65 98.03 17.07
N SER NA 146 -16.01 97.20 16.27
CA SER NA 146 -15.56 95.88 16.68
C SER NA 146 -14.06 95.80 16.50
N VAL NA 147 -13.37 95.37 17.57
CA VAL NA 147 -11.94 95.15 17.53
C VAL NA 147 -11.66 93.77 18.11
N PRO NA 148 -11.19 92.83 17.31
CA PRO NA 148 -10.81 91.53 17.84
C PRO NA 148 -9.43 91.54 18.45
N MET NA 149 -8.94 90.36 18.81
CA MET NA 149 -7.62 90.20 19.42
C MET NA 149 -6.47 90.58 18.50
N GLY NA 150 -6.71 90.61 17.19
CA GLY NA 150 -5.67 91.01 16.26
C GLY NA 150 -5.30 92.48 16.39
N GLY NA 151 -6.32 93.34 16.39
CA GLY NA 151 -6.08 94.76 16.53
C GLY NA 151 -6.78 95.56 15.45
N MET NA 152 -7.40 94.87 14.51
CA MET NA 152 -8.13 95.56 13.45
C MET NA 152 -9.44 96.11 13.97
N MET NA 153 -10.08 96.93 13.15
CA MET NA 153 -11.26 97.69 13.57
C MET NA 153 -12.27 97.75 12.43
N VAL NA 154 -13.55 97.60 12.77
CA VAL NA 154 -14.61 97.74 11.76
C VAL NA 154 -15.85 98.31 12.44
N ARG NA 155 -16.65 99.04 11.69
CA ARG NA 155 -17.98 99.43 12.15
C ARG NA 155 -18.98 98.38 11.68
N GLN NA 156 -19.84 97.94 12.59
CA GLN NA 156 -20.89 96.99 12.27
C GLN NA 156 -22.21 97.49 12.81
N SER NA 157 -23.27 96.76 12.48
CA SER NA 157 -24.58 97.04 13.03
C SER NA 157 -24.87 96.22 14.28
N PHE NA 158 -24.07 95.20 14.54
CA PHE NA 158 -24.37 94.18 15.54
C PHE NA 158 -23.11 93.34 15.72
N ALA NA 159 -22.90 92.86 16.94
CA ALA NA 159 -21.63 92.23 17.25
C ALA NA 159 -21.77 91.22 18.38
N ILE NA 160 -21.04 90.12 18.22
CA ILE NA 160 -20.96 89.02 19.17
C ILE NA 160 -19.63 89.11 19.91
N GLY NA 161 -19.41 88.26 20.90
CA GLY NA 161 -18.11 88.20 21.53
C GLY NA 161 -18.00 87.11 22.58
N GLY NA 162 -16.85 86.49 22.69
CA GLY NA 162 -16.68 85.44 23.67
C GLY NA 162 -16.78 84.06 23.05
N SER NA 163 -16.63 83.06 23.92
CA SER NA 163 -16.50 81.68 23.45
C SER NA 163 -17.81 81.13 22.93
N GLY NA 164 -18.91 81.35 23.64
CA GLY NA 164 -20.20 80.85 23.23
C GLY NA 164 -20.91 81.77 22.26
N SER NA 165 -20.18 82.73 21.71
CA SER NA 165 -20.75 83.66 20.76
C SER NA 165 -20.86 83.08 19.37
N SER NA 166 -20.30 81.89 19.13
CA SER NA 166 -20.41 81.26 17.83
C SER NA 166 -21.84 80.84 17.52
N TYR NA 167 -22.53 80.34 18.53
CA TYR NA 167 -23.83 79.72 18.41
C TYR NA 167 -24.88 80.73 17.98
N ILE NA 168 -24.93 81.84 18.70
CA ILE NA 168 -25.76 82.96 18.32
C ILE NA 168 -25.31 83.58 17.01
N TYR NA 169 -24.02 83.49 16.68
CA TYR NA 169 -23.56 83.88 15.35
C TYR NA 169 -24.04 82.89 14.30
N GLY NA 170 -24.45 81.71 14.73
CA GLY NA 170 -25.19 80.81 13.87
C GLY NA 170 -26.54 81.36 13.46
N TYR NA 171 -27.25 82.02 14.37
CA TYR NA 171 -28.55 82.53 13.94
C TYR NA 171 -28.67 84.04 13.89
N VAL NA 172 -27.57 84.78 14.00
CA VAL NA 172 -27.68 86.23 13.98
C VAL NA 172 -28.00 86.73 12.58
N ASP NA 173 -27.66 85.95 11.56
CA ASP NA 173 -28.05 86.25 10.20
C ASP NA 173 -29.49 85.87 9.92
N ALA NA 174 -30.08 85.04 10.77
CA ALA NA 174 -31.47 84.65 10.57
C ALA NA 174 -32.43 85.53 11.34
N THR NA 175 -32.25 85.60 12.64
CA THR NA 175 -33.20 86.26 13.52
C THR NA 175 -33.16 87.77 13.38
N TYR NA 176 -32.03 88.34 12.95
CA TYR NA 176 -31.99 89.78 12.76
C TYR NA 176 -32.76 90.19 11.52
N ARG NA 177 -33.47 91.29 11.67
CA ARG NA 177 -34.12 92.01 10.60
C ARG NA 177 -33.62 93.45 10.63
N GLU NA 178 -33.27 94.01 9.47
CA GLU NA 178 -32.77 95.37 9.40
C GLU NA 178 -33.86 96.37 9.76
N GLY NA 179 -33.50 97.36 10.57
CA GLY NA 179 -34.43 98.39 10.97
C GLY NA 179 -35.25 98.00 12.17
N MET NA 180 -34.59 97.56 13.24
CA MET NA 180 -35.35 97.19 14.41
C MET NA 180 -35.71 98.42 15.23
N THR NA 181 -36.56 98.19 16.22
CA THR NA 181 -36.85 99.19 17.22
C THR NA 181 -35.75 99.13 18.27
N LYS NA 182 -35.95 99.86 19.35
CA LYS NA 182 -35.17 99.57 20.54
C LYS NA 182 -35.59 98.22 21.12
N GLU NA 183 -36.90 98.02 21.26
CA GLU NA 183 -37.38 96.87 22.02
C GLU NA 183 -37.27 95.58 21.24
N GLU NA 184 -37.17 95.67 19.91
CA GLU NA 184 -36.85 94.48 19.14
C GLU NA 184 -35.38 94.11 19.32
N CYS NA 185 -34.55 95.10 19.63
CA CYS NA 185 -33.18 94.78 20.00
C CYS NA 185 -33.14 94.24 21.42
N LEU NA 186 -34.03 94.71 22.30
CA LEU NA 186 -34.09 94.19 23.65
C LEU NA 186 -34.57 92.75 23.67
N GLN NA 187 -35.58 92.44 22.87
CA GLN NA 187 -36.07 91.08 22.82
C GLN NA 187 -35.13 90.20 22.00
N PHE NA 188 -34.55 90.78 20.96
CA PHE NA 188 -33.60 90.08 20.09
C PHE NA 188 -32.37 89.64 20.88
N THR NA 189 -31.77 90.58 21.59
CA THR NA 189 -30.65 90.25 22.46
C THR NA 189 -31.09 89.48 23.69
N ALA NA 190 -32.38 89.56 24.04
CA ALA NA 190 -32.87 88.78 25.16
C ALA NA 190 -32.88 87.29 24.82
N ASN NA 191 -33.36 86.97 23.61
CA ASN NA 191 -33.29 85.58 23.16
C ASN NA 191 -31.87 85.18 22.84
N ALA NA 192 -31.05 86.16 22.43
CA ALA NA 192 -29.66 85.87 22.11
C ALA NA 192 -28.88 85.48 23.35
N LEU NA 193 -29.01 86.27 24.41
CA LEU NA 193 -28.39 85.90 25.68
C LEU NA 193 -29.10 84.73 26.32
N ALA NA 194 -30.36 84.47 25.95
CA ALA NA 194 -31.04 83.30 26.46
C ALA NA 194 -30.39 82.03 25.93
N LEU NA 195 -30.16 81.96 24.61
CA LEU NA 195 -29.59 80.75 24.06
C LEU NA 195 -28.10 80.66 24.30
N ALA NA 196 -27.41 81.80 24.31
CA ALA NA 196 -25.97 81.77 24.56
C ALA NA 196 -25.67 81.48 26.01
N MET NA 197 -26.31 82.24 26.92
CA MET NA 197 -26.18 82.00 28.35
C MET NA 197 -26.67 80.63 28.76
N GLU NA 198 -27.67 80.10 28.05
CA GLU NA 198 -28.08 78.73 28.31
C GLU NA 198 -27.05 77.72 27.84
N ARG NA 199 -26.59 77.85 26.60
CA ARG NA 199 -25.86 76.76 25.99
C ARG NA 199 -24.42 76.67 26.46
N ASP NA 200 -23.71 77.80 26.50
CA ASP NA 200 -22.28 77.78 26.74
C ASP NA 200 -21.96 77.41 28.18
N GLY NA 201 -20.94 76.56 28.33
CA GLY NA 201 -20.58 76.07 29.65
C GLY NA 201 -19.96 77.14 30.53
N SER NA 202 -19.41 78.18 29.91
CA SER NA 202 -18.85 79.29 30.67
C SER NA 202 -19.85 80.42 30.80
N SER NA 203 -20.71 80.60 29.81
CA SER NA 203 -21.67 81.69 29.86
C SER NA 203 -22.87 81.32 30.71
N GLY NA 204 -23.66 82.33 31.04
CA GLY NA 204 -24.80 82.19 31.89
C GLY NA 204 -24.77 83.23 32.99
N GLY NA 205 -25.34 82.89 34.12
CA GLY NA 205 -25.28 83.79 35.28
C GLY NA 205 -26.47 84.75 35.31
N VAL NA 206 -26.27 85.96 34.79
CA VAL NA 206 -27.28 86.99 34.86
C VAL NA 206 -27.21 87.85 33.60
N ILE NA 207 -28.32 88.48 33.27
CA ILE NA 207 -28.46 89.23 32.02
C ILE NA 207 -28.14 90.69 32.30
N ARG NA 208 -27.18 91.23 31.57
CA ARG NA 208 -26.82 92.63 31.68
C ARG NA 208 -27.13 93.35 30.39
N LEU NA 209 -27.96 94.38 30.48
CA LEU NA 209 -28.41 95.09 29.29
C LEU NA 209 -28.23 96.59 29.48
N ALA NA 210 -28.19 97.30 28.35
CA ALA NA 210 -28.03 98.74 28.35
C ALA NA 210 -28.59 99.29 27.04
N ALA NA 211 -29.25 100.44 27.13
CA ALA NA 211 -29.83 101.10 25.97
C ALA NA 211 -29.32 102.54 25.92
N ILE NA 212 -28.41 102.81 25.00
CA ILE NA 212 -27.81 104.13 24.88
C ILE NA 212 -28.46 104.81 23.70
N ALA NA 213 -28.84 106.07 23.88
CA ALA NA 213 -29.46 106.85 22.82
C ALA NA 213 -29.11 108.31 23.03
N GLU NA 214 -29.87 109.17 22.37
CA GLU NA 214 -29.70 110.60 22.54
C GLU NA 214 -30.04 111.05 23.95
N SER NA 215 -31.05 110.41 24.56
CA SER NA 215 -31.54 110.86 25.86
C SER NA 215 -30.65 110.36 26.98
N GLY NA 216 -30.57 109.05 27.15
CA GLY NA 216 -29.83 108.51 28.27
C GLY NA 216 -29.40 107.09 28.03
N VAL NA 217 -28.84 106.50 29.08
CA VAL NA 217 -28.35 105.14 29.05
C VAL NA 217 -29.20 104.33 30.02
N GLU NA 218 -29.76 103.23 29.54
CA GLU NA 218 -30.75 102.47 30.28
C GLU NA 218 -30.20 101.08 30.56
N ARG NA 219 -29.49 100.94 31.67
CA ARG NA 219 -28.95 99.66 32.08
C ARG NA 219 -29.97 98.91 32.90
N GLN NA 220 -29.96 97.59 32.77
CA GLN NA 220 -30.90 96.76 33.51
C GLN NA 220 -30.32 95.37 33.67
N VAL NA 221 -30.81 94.67 34.69
CA VAL NA 221 -30.33 93.37 35.08
C VAL NA 221 -31.53 92.43 35.06
N LEU NA 222 -31.45 91.37 34.29
CA LEU NA 222 -32.58 90.47 34.14
C LEU NA 222 -32.21 89.05 34.52
N LEU NA 223 -33.24 88.31 34.94
CA LEU NA 223 -33.10 86.92 35.33
C LEU NA 223 -34.46 86.27 35.21
N GLY NA 224 -34.48 85.00 34.80
CA GLY NA 224 -35.73 84.30 34.60
C GLY NA 224 -36.39 84.67 33.28
N THR OA 43 -3.50 77.55 53.73
CA THR OA 43 -3.76 78.98 53.50
C THR OA 43 -5.16 79.20 52.98
N THR OA 44 -5.96 79.89 53.75
CA THR OA 44 -7.35 80.17 53.40
C THR OA 44 -7.73 81.49 54.05
N ILE OA 45 -7.72 82.55 53.26
CA ILE OA 45 -8.18 83.85 53.71
C ILE OA 45 -9.56 84.10 53.13
N ALA OA 46 -10.34 84.88 53.84
CA ALA OA 46 -11.70 85.18 53.41
C ALA OA 46 -12.14 86.48 54.05
N GLY OA 47 -13.12 87.12 53.42
CA GLY OA 47 -13.65 88.36 53.93
C GLY OA 47 -15.11 88.48 53.56
N VAL OA 48 -15.80 89.35 54.28
CA VAL OA 48 -17.23 89.56 54.07
C VAL OA 48 -17.55 90.99 54.47
N VAL OA 49 -18.65 91.52 53.96
CA VAL OA 49 -19.18 92.81 54.35
C VAL OA 49 -20.54 92.57 54.97
N TYR OA 50 -20.69 92.88 56.25
CA TYR OA 50 -21.98 92.74 56.91
C TYR OA 50 -22.75 94.05 56.71
N LYS OA 51 -23.82 94.25 57.49
CA LYS OA 51 -24.70 95.40 57.34
C LYS OA 51 -23.99 96.74 57.52
N ASP OA 52 -22.86 96.77 58.21
CA ASP OA 52 -22.19 98.04 58.44
C ASP OA 52 -20.74 98.07 57.97
N GLY OA 53 -20.00 97.01 58.20
CA GLY OA 53 -18.56 97.02 57.94
C GLY OA 53 -18.08 95.72 57.36
N ILE OA 54 -16.82 95.42 57.58
CA ILE OA 54 -16.10 94.33 56.92
C ILE OA 54 -15.51 93.44 57.99
N VAL OA 55 -15.65 92.13 57.83
CA VAL OA 55 -15.06 91.14 58.73
C VAL OA 55 -14.11 90.28 57.92
N LEU OA 56 -12.90 90.08 58.44
CA LEU OA 56 -11.85 89.34 57.78
C LEU OA 56 -11.44 88.13 58.62
N GLY OA 57 -11.08 87.05 57.93
CA GLY OA 57 -10.63 85.85 58.59
C GLY OA 57 -9.54 85.16 57.80
N ALA OA 58 -8.65 84.50 58.53
CA ALA OA 58 -7.47 83.89 57.91
C ALA OA 58 -6.94 82.80 58.80
N ASP OA 59 -6.04 81.99 58.21
CA ASP OA 59 -5.30 80.95 58.90
C ASP OA 59 -3.82 81.18 58.73
N THR OA 60 -3.03 80.92 59.77
CA THR OA 60 -1.62 81.25 59.75
C THR OA 60 -0.75 80.03 59.96
N ARG OA 61 -1.05 78.95 59.24
CA ARG OA 61 -0.15 77.82 59.12
C ARG OA 61 0.77 78.08 57.93
N ALA OA 62 1.97 78.54 58.21
CA ALA OA 62 2.98 78.76 57.17
C ALA OA 62 3.74 77.46 56.99
N THR OA 63 3.39 76.74 55.93
CA THR OA 63 4.09 75.50 55.62
C THR OA 63 5.22 75.74 54.64
N GLU OA 64 6.22 74.88 54.72
CA GLU OA 64 7.34 74.89 53.78
C GLU OA 64 7.30 73.56 53.05
N GLY OA 65 6.74 73.59 51.85
CA GLY OA 65 6.57 72.38 51.09
C GLY OA 65 5.48 71.52 51.70
N MET OA 66 5.87 70.42 52.32
CA MET OA 66 4.93 69.55 52.99
C MET OA 66 5.11 69.55 54.49
N VAL OA 67 5.93 70.45 55.03
CA VAL OA 67 6.26 70.47 56.44
C VAL OA 67 5.64 71.71 57.05
N VAL OA 68 4.95 71.52 58.17
CA VAL OA 68 4.43 72.68 58.90
C VAL OA 68 5.63 73.37 59.53
N ALA OA 69 6.06 74.47 58.92
CA ALA OA 69 7.18 75.21 59.47
C ALA OA 69 6.77 76.17 60.56
N ASP OA 70 5.59 76.75 60.45
CA ASP OA 70 5.14 77.77 61.38
C ASP OA 70 3.65 77.59 61.61
N LYS OA 71 3.27 77.66 62.87
CA LYS OA 71 1.88 77.62 63.26
C LYS OA 71 1.31 79.00 63.49
N ASN OA 72 2.10 80.06 63.30
CA ASN OA 72 1.61 81.41 63.50
C ASN OA 72 2.45 82.35 62.64
N CYS OA 73 1.96 82.70 61.46
CA CYS OA 73 2.57 83.70 60.61
C CYS OA 73 1.47 84.59 60.05
N SER OA 74 1.29 85.76 60.66
CA SER OA 74 0.12 86.62 60.44
C SER OA 74 0.12 87.15 59.02
N LYS OA 75 -0.84 86.67 58.23
CA LYS OA 75 -0.99 87.12 56.86
C LYS OA 75 -2.00 88.25 56.72
N ILE OA 76 -2.51 88.77 57.83
CA ILE OA 76 -3.36 89.95 57.83
C ILE OA 76 -2.44 91.14 58.00
N HIS OA 77 -2.60 92.14 57.12
CA HIS OA 77 -1.68 93.25 57.08
C HIS OA 77 -2.39 94.58 57.23
N PHE OA 78 -1.74 95.45 58.00
CA PHE OA 78 -2.10 96.86 58.08
C PHE OA 78 -1.94 97.51 56.71
N ILE OA 79 -2.87 98.40 56.39
CA ILE OA 79 -2.67 99.33 55.30
C ILE OA 79 -2.89 100.72 55.85
N SER OA 80 -4.01 100.91 56.52
CA SER OA 80 -4.43 102.22 56.99
C SER OA 80 -5.29 101.99 58.21
N PRO OA 81 -5.65 103.06 58.93
CA PRO OA 81 -6.70 102.89 59.95
C PRO OA 81 -8.03 102.42 59.43
N ASN OA 82 -8.39 102.73 58.18
CA ASN OA 82 -9.64 102.23 57.64
C ASN OA 82 -9.49 101.00 56.76
N ILE OA 83 -8.36 100.81 56.09
CA ILE OA 83 -8.17 99.75 55.12
C ILE OA 83 -7.07 98.83 55.63
N TYR OA 84 -7.30 97.52 55.53
CA TYR OA 84 -6.31 96.46 55.67
C TYR OA 84 -6.27 95.62 54.41
N CYS OA 85 -5.38 94.63 54.43
CA CYS OA 85 -5.31 93.65 53.35
C CYS OA 85 -5.01 92.29 53.95
N CYS OA 86 -5.17 91.26 53.13
CA CYS OA 86 -4.84 89.89 53.49
C CYS OA 86 -4.15 89.22 52.31
N GLY OA 87 -3.09 88.47 52.61
CA GLY OA 87 -2.18 88.00 51.59
C GLY OA 87 -2.32 86.51 51.33
N ALA OA 88 -1.92 86.12 50.12
CA ALA OA 88 -1.91 84.72 49.72
C ALA OA 88 -0.90 84.55 48.60
N GLY OA 89 -0.49 83.31 48.39
CA GLY OA 89 0.53 83.02 47.40
C GLY OA 89 1.90 83.17 48.00
N THR OA 90 2.79 83.85 47.29
CA THR OA 90 4.13 84.10 47.82
C THR OA 90 4.04 85.13 48.94
N ALA OA 91 4.37 84.71 50.15
CA ALA OA 91 4.14 85.54 51.33
C ALA OA 91 5.04 86.77 51.34
N ALA OA 92 6.30 86.60 50.93
CA ALA OA 92 7.22 87.74 50.92
C ALA OA 92 6.84 88.75 49.85
N ASP OA 93 6.26 88.29 48.74
CA ASP OA 93 5.73 89.21 47.74
C ASP OA 93 4.60 90.04 48.33
N THR OA 94 3.72 89.40 49.08
CA THR OA 94 2.64 90.11 49.74
C THR OA 94 3.17 91.07 50.78
N ASP OA 95 4.25 90.69 51.45
CA ASP OA 95 4.82 91.53 52.50
C ASP OA 95 5.44 92.79 51.92
N MET OA 96 6.31 92.63 50.92
CA MET OA 96 6.96 93.78 50.31
C MET OA 96 5.94 94.66 49.59
N THR OA 97 4.93 94.03 49.02
CA THR OA 97 3.87 94.78 48.36
C THR OA 97 3.05 95.58 49.35
N THR OA 98 2.66 94.95 50.46
CA THR OA 98 1.79 95.62 51.41
C THR OA 98 2.54 96.72 52.16
N GLN OA 99 3.85 96.54 52.33
CA GLN OA 99 4.64 97.59 52.95
C GLN OA 99 4.86 98.73 51.98
N LEU OA 100 5.03 98.39 50.70
CA LEU OA 100 5.22 99.40 49.68
C LEU OA 100 3.99 100.27 49.52
N ILE OA 101 2.84 99.65 49.24
CA ILE OA 101 1.67 100.43 48.94
C ILE OA 101 1.10 101.05 50.21
N SER OA 102 1.26 100.37 51.35
CA SER OA 102 0.87 100.97 52.62
C SER OA 102 1.71 102.18 52.95
N SER OA 103 3.00 102.13 52.57
CA SER OA 103 3.85 103.30 52.67
C SER OA 103 3.37 104.40 51.73
N ASN OA 104 2.90 104.01 50.55
CA ASN OA 104 2.47 104.99 49.56
C ASN OA 104 1.17 105.67 49.99
N LEU OA 105 0.33 104.96 50.73
CA LEU OA 105 -0.91 105.54 51.19
C LEU OA 105 -0.71 106.29 52.48
N GLU OA 106 0.32 105.92 53.24
CA GLU OA 106 0.75 106.78 54.34
C GLU OA 106 1.24 108.12 53.79
N LEU OA 107 2.00 108.05 52.68
CA LEU OA 107 2.52 109.26 52.06
C LEU OA 107 1.42 110.10 51.44
N HIS OA 108 0.54 109.45 50.68
CA HIS OA 108 -0.55 110.18 50.04
C HIS OA 108 -1.56 110.65 51.06
N SER OA 109 -1.70 109.94 52.15
CA SER OA 109 -2.68 110.29 53.15
C SER OA 109 -2.23 111.49 53.96
N LEU OA 110 -1.04 111.41 54.57
CA LEU OA 110 -0.55 112.52 55.36
C LEU OA 110 -0.15 113.70 54.48
N SER OA 111 0.23 113.42 53.24
CA SER OA 111 0.33 114.47 52.24
C SER OA 111 -1.03 115.11 51.98
N THR OA 112 -2.07 114.29 51.93
CA THR OA 112 -3.41 114.79 51.68
C THR OA 112 -4.00 115.39 52.94
N GLY OA 113 -3.89 114.67 54.04
CA GLY OA 113 -4.42 115.10 55.31
C GLY OA 113 -5.84 114.70 55.59
N ARG OA 114 -6.31 113.58 55.04
CA ARG OA 114 -7.66 113.12 55.30
C ARG OA 114 -7.69 111.60 55.19
N LEU OA 115 -8.87 111.02 55.33
CA LEU OA 115 -9.01 109.58 55.27
C LEU OA 115 -8.90 109.10 53.83
N PRO OA 116 -8.11 108.06 53.57
CA PRO OA 116 -7.90 107.61 52.18
C PRO OA 116 -9.10 106.89 51.61
N ARG OA 117 -8.90 106.34 50.42
CA ARG OA 117 -9.93 105.64 49.68
C ARG OA 117 -9.44 104.27 49.24
N VAL OA 118 -10.38 103.32 49.18
CA VAL OA 118 -10.02 101.95 48.85
C VAL OA 118 -9.66 101.83 47.37
N VAL OA 119 -10.33 102.62 46.52
CA VAL OA 119 -10.18 102.49 45.08
C VAL OA 119 -8.83 103.00 44.61
N THR OA 120 -8.20 103.89 45.38
CA THR OA 120 -6.86 104.35 45.06
C THR OA 120 -5.86 103.23 45.23
N ALA OA 121 -5.95 102.52 46.36
CA ALA OA 121 -5.12 101.34 46.59
C ALA OA 121 -5.41 100.27 45.55
N ASN OA 122 -6.69 100.15 45.15
CA ASN OA 122 -7.06 99.23 44.09
C ASN OA 122 -6.35 99.58 42.79
N ARG OA 123 -6.30 100.87 42.46
CA ARG OA 123 -5.64 101.31 41.24
C ARG OA 123 -4.14 101.09 41.31
N MET OA 124 -3.54 101.34 42.48
CA MET OA 124 -2.12 101.13 42.67
C MET OA 124 -1.76 99.66 42.54
N LEU OA 125 -2.60 98.78 43.07
CA LEU OA 125 -2.26 97.36 43.04
C LEU OA 125 -2.49 96.78 41.67
N LYS OA 126 -3.54 97.20 40.97
CA LYS OA 126 -3.77 96.66 39.64
C LYS OA 126 -2.71 97.18 38.67
N GLN OA 127 -2.22 98.39 38.90
CA GLN OA 127 -1.19 98.92 38.02
C GLN OA 127 0.15 98.28 38.34
N MET OA 128 0.38 98.00 39.62
CA MET OA 128 1.62 97.37 40.04
C MET OA 128 1.70 95.94 39.53
N LEU OA 129 0.64 95.16 39.74
CA LEU OA 129 0.65 93.77 39.29
C LEU OA 129 0.58 93.67 37.79
N PHE OA 130 -0.08 94.63 37.14
CA PHE OA 130 -0.09 94.64 35.69
C PHE OA 130 1.28 95.00 35.14
N ARG OA 131 2.06 95.76 35.91
CA ARG OA 131 3.42 96.07 35.48
C ARG OA 131 4.30 94.83 35.41
N TYR OA 132 4.25 93.99 36.42
CA TYR OA 132 5.14 92.84 36.47
C TYR OA 132 4.60 91.64 35.74
N GLN OA 133 3.51 91.80 34.98
CA GLN OA 133 2.95 90.80 34.08
C GLN OA 133 2.56 89.54 34.85
N GLY OA 134 2.08 89.74 36.07
CA GLY OA 134 1.70 88.65 36.94
C GLY OA 134 2.83 87.77 37.42
N TYR OA 135 4.08 88.21 37.32
CA TYR OA 135 5.19 87.39 37.78
C TYR OA 135 5.21 87.32 39.29
N ILE OA 136 4.91 88.43 39.94
CA ILE OA 136 4.85 88.49 41.39
C ILE OA 136 3.61 87.74 41.85
N GLY OA 137 3.82 86.71 42.65
CA GLY OA 137 2.71 85.90 43.13
C GLY OA 137 2.07 86.49 44.36
N ALA OA 138 0.87 87.03 44.21
CA ALA OA 138 0.15 87.62 45.33
C ALA OA 138 -1.35 87.53 45.04
N ALA OA 139 -2.03 86.59 45.71
CA ALA OA 139 -3.47 86.50 45.68
C ALA OA 139 -4.00 87.24 46.91
N LEU OA 140 -4.63 88.39 46.69
CA LEU OA 140 -4.83 89.34 47.78
C LEU OA 140 -6.30 89.62 48.03
N VAL OA 141 -6.59 90.12 49.22
CA VAL OA 141 -7.91 90.60 49.60
C VAL OA 141 -7.76 91.99 50.18
N LEU OA 142 -8.27 92.98 49.46
CA LEU OA 142 -8.26 94.37 49.90
C LEU OA 142 -9.56 94.68 50.63
N GLY OA 143 -9.45 95.28 51.80
CA GLY OA 143 -10.67 95.60 52.51
C GLY OA 143 -10.62 96.87 53.31
N GLY OA 144 -11.56 97.78 53.08
CA GLY OA 144 -11.55 99.02 53.84
C GLY OA 144 -12.90 99.70 53.83
N VAL OA 145 -13.23 100.31 54.96
CA VAL OA 145 -14.47 101.05 55.11
C VAL OA 145 -14.15 102.53 54.90
N ASP OA 146 -14.59 103.07 53.77
CA ASP OA 146 -14.37 104.47 53.45
C ASP OA 146 -15.48 105.34 54.01
N VAL OA 147 -15.43 106.62 53.64
CA VAL OA 147 -16.53 107.54 53.90
C VAL OA 147 -17.77 107.09 53.16
N THR OA 148 -17.59 106.54 51.96
CA THR OA 148 -18.68 105.92 51.23
C THR OA 148 -19.14 104.63 51.88
N GLY OA 149 -18.37 104.07 52.80
CA GLY OA 149 -18.79 102.91 53.54
C GLY OA 149 -17.82 101.77 53.34
N PRO OA 150 -18.26 100.56 53.63
CA PRO OA 150 -17.40 99.38 53.46
C PRO OA 150 -17.18 99.04 51.99
N HIS OA 151 -15.97 98.60 51.69
CA HIS OA 151 -15.56 98.28 50.33
C HIS OA 151 -14.59 97.13 50.34
N LEU OA 152 -14.86 96.14 49.50
CA LEU OA 152 -14.13 94.88 49.48
C LEU OA 152 -13.64 94.61 48.06
N TYR OA 153 -12.45 94.04 47.94
CA TYR OA 153 -11.89 93.68 46.66
C TYR OA 153 -11.11 92.38 46.74
N SER OA 154 -11.28 91.54 45.72
CA SER OA 154 -10.48 90.35 45.52
C SER OA 154 -9.48 90.62 44.42
N ILE OA 155 -8.22 90.29 44.67
CA ILE OA 155 -7.12 90.70 43.82
C ILE OA 155 -6.42 89.46 43.30
N TYR OA 156 -6.30 89.36 41.99
CA TYR OA 156 -5.53 88.31 41.34
C TYR OA 156 -4.20 88.86 40.88
N PRO OA 157 -3.11 88.08 40.96
CA PRO OA 157 -1.77 88.65 40.79
C PRO OA 157 -1.44 89.15 39.40
N HIS OA 158 -2.29 88.90 38.41
CA HIS OA 158 -2.10 89.56 37.13
C HIS OA 158 -2.69 90.96 37.13
N GLY OA 159 -3.62 91.23 38.04
CA GLY OA 159 -4.12 92.57 38.19
C GLY OA 159 -5.63 92.67 38.11
N SER OA 160 -6.30 91.55 37.86
CA SER OA 160 -7.74 91.55 37.77
C SER OA 160 -8.31 91.62 39.18
N THR OA 161 -9.14 92.62 39.43
CA THR OA 161 -9.68 92.89 40.76
C THR OA 161 -11.19 93.02 40.70
N ASP OA 162 -11.86 92.60 41.77
CA ASP OA 162 -13.31 92.45 41.78
C ASP OA 162 -13.90 92.94 43.09
N LYS OA 163 -14.91 93.81 43.01
CA LYS OA 163 -15.68 94.17 44.18
C LYS OA 163 -16.79 93.14 44.41
N LEU OA 164 -16.79 92.53 45.59
CA LEU OA 164 -17.74 91.49 45.93
C LEU OA 164 -18.18 91.67 47.38
N PRO OA 165 -19.37 91.19 47.74
CA PRO OA 165 -19.77 91.23 49.15
C PRO OA 165 -19.00 90.27 50.02
N TYR OA 166 -18.46 89.20 49.44
CA TYR OA 166 -17.75 88.19 50.22
C TYR OA 166 -16.79 87.46 49.29
N VAL OA 167 -15.58 87.21 49.78
CA VAL OA 167 -14.51 86.65 48.98
C VAL OA 167 -13.77 85.57 49.76
N THR OA 168 -13.29 84.57 49.02
CA THR OA 168 -12.47 83.50 49.57
C THR OA 168 -11.26 83.32 48.67
N MET OA 169 -10.07 83.40 49.27
CA MET OA 169 -8.83 83.20 48.54
C MET OA 169 -7.96 82.21 49.32
N GLY OA 170 -6.97 81.66 48.63
CA GLY OA 170 -6.12 80.69 49.28
C GLY OA 170 -6.41 79.26 48.87
N SER OA 171 -5.73 78.31 49.51
CA SER OA 171 -5.82 76.90 49.15
C SER OA 171 -7.19 76.31 49.42
N GLY OA 172 -7.61 76.27 50.67
CA GLY OA 172 -8.91 75.71 51.01
C GLY OA 172 -10.00 76.76 51.00
N SER OA 173 -9.89 77.72 50.09
CA SER OA 173 -10.90 78.75 49.92
C SER OA 173 -12.21 78.20 49.40
N LEU OA 174 -12.19 77.01 48.81
CA LEU OA 174 -13.39 76.42 48.25
C LEU OA 174 -14.36 75.98 49.33
N ALA OA 175 -13.86 75.48 50.45
CA ALA OA 175 -14.72 75.14 51.58
C ALA OA 175 -15.32 76.40 52.19
N ALA OA 176 -14.54 77.47 52.22
CA ALA OA 176 -15.06 78.74 52.73
C ALA OA 176 -16.11 79.31 51.79
N MET OA 177 -15.95 79.10 50.49
CA MET OA 177 -16.98 79.53 49.55
C MET OA 177 -18.21 78.63 49.66
N ALA OA 178 -18.03 77.39 50.11
CA ALA OA 178 -19.17 76.55 50.41
C ALA OA 178 -19.92 77.07 51.63
N VAL OA 179 -19.17 77.58 52.61
CA VAL OA 179 -19.80 78.12 53.81
C VAL OA 179 -20.55 79.40 53.47
N PHE OA 180 -19.93 80.27 52.67
CA PHE OA 180 -20.56 81.52 52.32
C PHE OA 180 -21.76 81.32 51.41
N GLU OA 181 -21.55 80.68 50.26
CA GLU OA 181 -22.62 80.42 49.30
C GLU OA 181 -23.71 79.52 49.89
N ASP OA 182 -23.35 78.72 50.88
CA ASP OA 182 -24.35 78.11 51.74
C ASP OA 182 -25.16 79.17 52.47
N LYS OA 183 -24.50 79.98 53.29
CA LYS OA 183 -25.19 80.73 54.33
C LYS OA 183 -24.87 82.21 54.27
N PHE OA 184 -24.90 82.79 53.08
CA PHE OA 184 -24.83 84.23 52.94
C PHE OA 184 -26.23 84.80 52.90
N ARG OA 185 -26.38 86.01 53.39
CA ARG OA 185 -27.58 86.81 53.21
C ARG OA 185 -27.16 88.26 53.29
N PRO OA 186 -27.89 89.15 52.63
CA PRO OA 186 -27.52 90.58 52.68
C PRO OA 186 -27.77 91.18 54.06
N ASP OA 187 -26.87 92.08 54.43
CA ASP OA 187 -26.89 92.84 55.68
C ASP OA 187 -26.91 91.93 56.91
N MET OA 188 -25.84 91.17 57.04
CA MET OA 188 -25.68 90.33 58.21
C MET OA 188 -25.27 91.17 59.41
N GLU OA 189 -25.30 90.56 60.57
CA GLU OA 189 -24.96 91.28 61.78
C GLU OA 189 -23.54 90.96 62.20
N GLU OA 190 -23.19 91.40 63.41
CA GLU OA 190 -21.81 91.31 63.85
C GLU OA 190 -21.40 89.87 64.15
N GLU OA 191 -22.06 89.25 65.13
CA GLU OA 191 -21.73 87.88 65.46
C GLU OA 191 -22.27 86.91 64.43
N GLU OA 192 -23.23 87.37 63.63
CA GLU OA 192 -23.64 86.63 62.46
C GLU OA 192 -22.47 86.47 61.49
N ALA OA 193 -21.80 87.59 61.19
CA ALA OA 193 -20.66 87.55 60.28
C ALA OA 193 -19.47 86.84 60.90
N LYS OA 194 -19.24 87.05 62.20
CA LYS OA 194 -18.13 86.41 62.88
C LYS OA 194 -18.32 84.91 62.95
N ASN OA 195 -19.55 84.49 63.19
CA ASN OA 195 -19.86 83.07 63.21
C ASN OA 195 -19.74 82.47 61.82
N LEU OA 196 -20.11 83.23 60.80
CA LEU OA 196 -20.06 82.70 59.44
C LEU OA 196 -18.63 82.56 58.96
N VAL OA 197 -17.80 83.58 59.20
CA VAL OA 197 -16.42 83.55 58.73
C VAL OA 197 -15.60 82.56 59.54
N SER OA 198 -15.86 82.50 60.86
CA SER OA 198 -15.21 81.50 61.70
C SER OA 198 -15.61 80.09 61.27
N GLU OA 199 -16.86 79.94 60.85
CA GLU OA 199 -17.30 78.68 60.27
C GLU OA 199 -16.55 78.37 58.97
N ALA OA 200 -16.27 79.41 58.18
CA ALA OA 200 -15.64 79.19 56.89
C ALA OA 200 -14.17 78.80 57.04
N ILE OA 201 -13.44 79.52 57.89
CA ILE OA 201 -12.04 79.20 58.11
C ILE OA 201 -11.92 77.88 58.85
N ALA OA 202 -12.89 77.58 59.72
CA ALA OA 202 -12.96 76.26 60.34
C ALA OA 202 -13.13 75.17 59.30
N ALA OA 203 -13.94 75.43 58.28
CA ALA OA 203 -14.09 74.48 57.19
C ALA OA 203 -12.81 74.32 56.41
N GLY OA 204 -12.03 75.40 56.29
CA GLY OA 204 -10.70 75.25 55.70
C GLY OA 204 -9.78 74.44 56.57
N ILE OA 205 -9.95 74.52 57.89
CA ILE OA 205 -9.07 73.80 58.80
C ILE OA 205 -9.39 72.31 58.81
N PHE OA 206 -10.66 71.96 58.76
CA PHE OA 206 -10.95 70.54 58.66
C PHE OA 206 -10.85 70.02 57.24
N ASN OA 207 -10.66 70.89 56.27
CA ASN OA 207 -10.14 70.47 54.99
C ASN OA 207 -8.61 70.50 55.08
N ASP OA 208 -7.94 70.01 54.04
CA ASP OA 208 -6.49 69.95 54.05
C ASP OA 208 -5.91 71.35 53.92
N LEU OA 209 -4.73 71.52 54.53
CA LEU OA 209 -3.96 72.76 54.55
C LEU OA 209 -4.77 73.91 55.16
N GLY OA 210 -5.36 73.63 56.31
CA GLY OA 210 -5.96 74.67 57.11
C GLY OA 210 -4.92 75.21 58.06
N SER OA 211 -5.20 75.18 59.35
CA SER OA 211 -4.20 75.60 60.32
C SER OA 211 -4.47 74.94 61.65
N GLY OA 212 -3.38 74.60 62.35
CA GLY OA 212 -3.47 74.44 63.78
C GLY OA 212 -3.56 75.78 64.48
N SER OA 213 -3.23 76.85 63.76
CA SER OA 213 -3.47 78.20 64.22
C SER OA 213 -4.96 78.43 64.45
N ASN OA 214 -5.24 79.28 65.42
CA ASN OA 214 -6.59 79.77 65.68
C ASN OA 214 -7.06 80.60 64.49
N ILE OA 215 -8.36 80.58 64.27
CA ILE OA 215 -9.01 81.36 63.22
C ILE OA 215 -8.85 82.84 63.54
N ASP OA 216 -8.19 83.58 62.65
CA ASP OA 216 -7.88 84.96 62.95
C ASP OA 216 -8.86 85.90 62.27
N LEU OA 217 -9.41 86.82 63.05
CA LEU OA 217 -10.48 87.68 62.57
C LEU OA 217 -10.08 89.14 62.70
N CYS OA 218 -10.87 89.98 62.06
CA CYS OA 218 -10.65 91.42 62.08
C CYS OA 218 -11.98 92.08 61.73
N VAL OA 219 -12.34 93.11 62.49
CA VAL OA 219 -13.59 93.82 62.23
C VAL OA 219 -13.24 95.27 61.95
N ILE OA 220 -13.69 95.77 60.81
CA ILE OA 220 -13.55 97.18 60.47
C ILE OA 220 -14.94 97.74 60.23
N SER OA 221 -15.34 98.69 61.05
CA SER OA 221 -16.65 99.31 60.93
C SER OA 221 -16.44 100.78 60.57
N LYS OA 222 -17.52 101.55 60.65
CA LYS OA 222 -17.43 102.98 60.38
C LYS OA 222 -16.61 103.71 61.44
N ASN OA 223 -16.53 103.15 62.65
CA ASN OA 223 -15.76 103.77 63.71
C ASN OA 223 -14.82 102.81 64.43
N LYS OA 224 -15.27 101.58 64.62
CA LYS OA 224 -14.63 100.63 65.52
C LYS OA 224 -13.66 99.76 64.75
N LEU OA 225 -12.43 99.70 65.25
CA LEU OA 225 -11.40 98.84 64.67
C LEU OA 225 -11.07 97.72 65.64
N ASP OA 226 -11.26 96.48 65.18
CA ASP OA 226 -11.08 95.30 66.00
C ASP OA 226 -10.16 94.34 65.28
N PHE OA 227 -9.38 93.60 66.07
CA PHE OA 227 -8.37 92.72 65.51
C PHE OA 227 -8.16 91.57 66.47
N LEU OA 228 -8.38 90.35 66.00
CA LEU OA 228 -8.41 89.18 66.88
C LEU OA 228 -7.48 88.10 66.33
N ARG OA 229 -6.26 88.05 66.86
CA ARG OA 229 -5.45 86.85 66.73
C ARG OA 229 -6.01 85.76 67.65
N PRO OA 230 -6.13 85.96 69.00
CA PRO OA 230 -6.47 84.75 69.78
C PRO OA 230 -7.97 84.48 69.82
N TYR OA 231 -8.58 84.25 68.66
CA TYR OA 231 -10.03 84.18 68.64
C TYR OA 231 -10.53 82.82 69.09
N THR OA 232 -10.16 81.74 68.38
CA THR OA 232 -10.62 80.40 68.75
C THR OA 232 -9.62 79.37 68.26
N VAL OA 233 -8.93 78.72 69.19
CA VAL OA 233 -8.06 77.60 68.86
C VAL OA 233 -8.90 76.34 68.72
N PRO OA 234 -8.91 75.69 67.58
CA PRO OA 234 -9.70 74.47 67.45
C PRO OA 234 -8.96 73.23 67.91
N ASN OA 235 -7.63 73.23 67.81
CA ASN OA 235 -6.83 72.02 67.96
C ASN OA 235 -5.87 72.20 69.13
N LYS OA 236 -6.20 71.54 70.23
CA LYS OA 236 -5.30 71.52 71.37
C LYS OA 236 -4.21 70.48 71.16
N LYS OA 237 -2.98 70.86 71.52
CA LYS OA 237 -1.88 69.90 71.46
C LYS OA 237 -1.98 68.93 72.62
N GLY OA 238 -1.90 67.63 72.30
CA GLY OA 238 -1.86 66.62 73.34
C GLY OA 238 -0.54 66.65 74.07
N THR OA 239 -0.58 66.35 75.37
CA THR OA 239 0.61 66.43 76.20
C THR OA 239 1.48 65.20 76.04
N ARG OA 240 2.78 65.37 76.26
CA ARG OA 240 3.68 64.23 76.29
C ARG OA 240 3.43 63.39 77.53
N LEU OA 241 3.15 62.11 77.31
CA LEU OA 241 2.91 61.19 78.41
C LEU OA 241 4.13 60.94 79.27
N GLY OA 242 5.32 61.12 78.74
CA GLY OA 242 6.53 61.00 79.52
C GLY OA 242 7.47 62.12 79.19
N ARG OA 243 8.75 61.91 79.50
CA ARG OA 243 9.75 62.92 79.20
C ARG OA 243 10.94 62.23 78.55
N TYR OA 244 11.37 62.80 77.44
CA TYR OA 244 12.64 62.45 76.80
C TYR OA 244 13.72 63.24 77.52
N ARG OA 245 13.99 62.84 78.75
CA ARG OA 245 14.75 63.66 79.69
C ARG OA 245 16.23 63.58 79.38
N CYS OA 246 16.88 64.74 79.29
CA CYS OA 246 18.30 64.79 79.04
C CYS OA 246 19.06 64.86 80.35
N GLU OA 247 20.33 64.49 80.28
CA GLU OA 247 21.24 64.58 81.40
C GLU OA 247 22.22 65.71 81.17
N LYS OA 248 22.37 66.56 82.19
CA LYS OA 248 23.28 67.70 82.10
C LYS OA 248 24.72 67.17 82.18
N GLY OA 249 25.21 66.70 81.04
CA GLY OA 249 26.54 66.13 80.98
C GLY OA 249 26.62 64.80 80.27
N THR OA 250 25.56 64.40 79.56
CA THR OA 250 25.62 63.19 78.76
C THR OA 250 26.19 63.44 77.36
N THR OA 251 26.97 64.50 77.19
CA THR OA 251 27.51 64.90 75.90
C THR OA 251 29.02 65.06 75.99
N ALA OA 252 29.74 64.39 75.11
CA ALA OA 252 31.18 64.60 75.01
C ALA OA 252 31.47 65.90 74.29
N VAL OA 253 32.17 66.80 74.97
CA VAL OA 253 32.48 68.13 74.47
C VAL OA 253 33.96 68.17 74.13
N LEU OA 254 34.29 68.71 72.96
CA LEU OA 254 35.69 68.81 72.56
C LEU OA 254 36.39 70.04 73.10
N THR OA 255 35.86 71.24 72.88
CA THR OA 255 36.56 72.45 73.30
C THR OA 255 35.55 73.52 73.69
N GLU OA 256 35.59 73.93 74.95
CA GLU OA 256 34.70 74.96 75.47
C GLU OA 256 35.38 76.33 75.39
N LYS OA 257 34.56 77.35 75.19
CA LYS OA 257 35.05 78.72 75.15
C LYS OA 257 34.20 79.58 76.07
N ILE OA 258 34.85 80.54 76.73
CA ILE OA 258 34.17 81.49 77.61
C ILE OA 258 34.58 82.89 77.18
N THR OA 259 33.59 83.74 76.91
CA THR OA 259 33.84 85.12 76.52
C THR OA 259 32.89 86.00 77.29
N PRO OA 260 33.34 86.66 78.36
CA PRO OA 260 32.43 87.45 79.19
C PRO OA 260 31.94 88.70 78.49
N LEU OA 261 30.85 89.25 79.01
CA LEU OA 261 30.23 90.44 78.44
C LEU OA 261 30.12 91.49 79.53
N GLU OA 262 29.43 92.57 79.19
CA GLU OA 262 29.25 93.68 80.11
C GLU OA 262 27.92 93.62 80.83
N SER PA 1 20.46 69.03 45.24
CA SER PA 1 20.08 70.28 44.60
C SER PA 1 21.15 71.33 44.72
N ILE PA 2 20.77 72.55 44.33
CA ILE PA 2 21.62 73.70 44.53
C ILE PA 2 21.85 73.93 46.01
N MET PA 3 20.80 73.74 46.82
CA MET PA 3 20.96 73.78 48.26
C MET PA 3 21.79 72.62 48.76
N SER PA 4 21.63 71.44 48.16
CA SER PA 4 22.35 70.24 48.60
C SER PA 4 23.66 70.07 47.86
N TYR PA 5 24.22 71.14 47.32
CA TYR PA 5 25.50 71.04 46.64
C TYR PA 5 26.63 70.83 47.64
N ASN PA 6 26.51 71.42 48.82
CA ASN PA 6 27.53 71.30 49.85
C ASN PA 6 26.95 70.87 51.19
N GLY PA 7 25.66 70.56 51.26
CA GLY PA 7 25.10 70.21 52.53
C GLY PA 7 24.82 71.46 53.37
N GLY PA 8 24.57 71.21 54.65
CA GLY PA 8 24.26 72.29 55.57
C GLY PA 8 23.33 71.88 56.70
N ALA PA 9 23.65 72.30 57.92
CA ALA PA 9 22.84 71.99 59.09
C ALA PA 9 23.02 73.08 60.12
N VAL PA 10 21.97 73.86 60.34
CA VAL PA 10 21.96 74.98 61.25
C VAL PA 10 20.75 74.84 62.15
N MET PA 11 20.98 74.89 63.46
CA MET PA 11 19.90 74.80 64.44
C MET PA 11 20.04 75.93 65.44
N ALA PA 12 18.91 76.54 65.79
CA ALA PA 12 18.88 77.59 66.79
C ALA PA 12 17.71 77.33 67.72
N MET PA 13 17.98 77.34 69.02
CA MET PA 13 16.94 77.08 70.00
C MET PA 13 16.95 78.19 71.03
N LYS PA 14 15.78 78.74 71.32
CA LYS PA 14 15.62 79.74 72.34
C LYS PA 14 15.38 79.06 73.69
N GLY PA 15 16.16 79.45 74.68
CA GLY PA 15 16.07 78.89 76.02
C GLY PA 15 15.15 79.69 76.91
N LYS PA 16 15.39 79.60 78.23
CA LYS PA 16 14.58 80.34 79.18
C LYS PA 16 14.90 81.83 79.13
N ASN PA 17 16.14 82.18 79.42
CA ASN PA 17 16.56 83.57 79.46
C ASN PA 17 17.76 83.80 78.57
N CYS PA 18 18.27 82.73 77.96
CA CYS PA 18 19.39 82.77 77.06
C CYS PA 18 18.94 82.15 75.75
N VAL PA 19 19.87 82.02 74.82
CA VAL PA 19 19.58 81.45 73.52
C VAL PA 19 20.82 80.72 73.03
N ALA PA 20 20.60 79.61 72.34
CA ALA PA 20 21.68 78.75 71.88
C ALA PA 20 21.55 78.57 70.38
N ILE PA 21 22.69 78.35 69.72
CA ILE PA 21 22.74 78.07 68.29
C ILE PA 21 23.87 77.09 68.05
N ALA PA 22 23.79 76.35 66.95
CA ALA PA 22 24.77 75.33 66.61
C ALA PA 22 24.70 75.05 65.13
N ALA PA 23 25.79 74.51 64.58
CA ALA PA 23 25.83 74.18 63.16
C ALA PA 23 26.83 73.06 62.92
N ASP PA 24 26.69 72.42 61.77
CA ASP PA 24 27.57 71.35 61.33
C ASP PA 24 28.94 71.91 60.94
N ARG PA 25 29.84 70.99 60.59
CA ARG PA 25 31.18 71.41 60.23
C ARG PA 25 31.66 70.87 58.90
N ARG PA 26 30.99 69.87 58.33
CA ARG PA 26 31.45 69.28 57.07
C ARG PA 26 31.34 70.28 55.92
N PHE PA 27 32.47 70.51 55.27
CA PHE PA 27 32.49 71.29 54.04
C PHE PA 27 32.96 70.39 52.91
N GLY PA 28 32.34 70.55 51.74
CA GLY PA 28 32.83 69.83 50.58
C GLY PA 28 31.82 69.86 49.45
N ILE PA 29 32.20 69.20 48.37
CA ILE PA 29 31.38 69.08 47.18
C ILE PA 29 30.42 67.93 47.44
N GLN PA 30 29.47 67.74 46.52
CA GLN PA 30 28.34 66.80 46.56
C GLN PA 30 28.63 65.43 47.16
N ALA PA 31 29.72 64.81 46.74
CA ALA PA 31 30.12 63.54 47.32
C ALA PA 31 31.44 63.63 48.05
N GLN PA 32 32.27 64.62 47.74
CA GLN PA 32 33.61 64.73 48.29
C GLN PA 32 33.63 65.87 49.28
N MET PA 33 33.89 65.54 50.54
CA MET PA 33 34.14 66.57 51.53
C MET PA 33 35.48 67.23 51.25
N VAL PA 34 35.64 68.42 51.81
CA VAL PA 34 36.90 69.14 51.68
C VAL PA 34 37.51 69.29 53.06
N THR PA 35 36.74 69.85 53.98
CA THR PA 35 37.27 70.20 55.29
C THR PA 35 36.16 70.26 56.32
N THR PA 36 36.58 70.35 57.57
CA THR PA 36 35.68 70.30 58.72
C THR PA 36 35.76 71.56 59.57
N ASP PA 37 36.37 72.62 59.05
CA ASP PA 37 36.61 73.79 59.86
C ASP PA 37 35.89 75.00 59.27
N PHE PA 38 34.89 74.75 58.45
CA PHE PA 38 34.20 75.83 57.76
C PHE PA 38 33.23 76.51 58.72
N GLN PA 39 33.35 77.84 58.81
CA GLN PA 39 32.48 78.61 59.67
C GLN PA 39 31.18 78.95 58.96
N LYS PA 40 30.07 78.79 59.68
CA LYS PA 40 28.78 79.21 59.18
C LYS PA 40 28.05 80.16 60.12
N ILE PA 41 28.48 80.27 61.37
CA ILE PA 41 27.85 81.15 62.36
C ILE PA 41 28.73 82.38 62.49
N PHE PA 42 28.12 83.54 62.39
CA PHE PA 42 28.96 84.71 62.38
C PHE PA 42 28.48 85.74 63.37
N PRO PA 43 29.41 86.39 64.07
CA PRO PA 43 29.02 87.40 65.05
C PRO PA 43 28.54 88.68 64.37
N MET PA 44 27.33 89.09 64.70
CA MET PA 44 26.74 90.31 64.18
C MET PA 44 26.44 91.15 65.41
N GLY PA 45 27.45 91.85 65.89
CA GLY PA 45 27.30 92.56 67.15
C GLY PA 45 27.34 91.63 68.33
N ASP PA 46 27.24 92.24 69.51
CA ASP PA 46 27.32 91.50 70.77
C ASP PA 46 26.00 90.85 71.09
N ARG PA 47 26.09 89.61 71.60
CA ARG PA 47 24.95 88.78 72.00
C ARG PA 47 23.96 88.58 70.86
N LEU PA 48 24.49 88.47 69.65
CA LEU PA 48 23.65 88.38 68.46
C LEU PA 48 24.48 87.75 67.36
N TYR PA 49 24.14 86.52 66.99
CA TYR PA 49 24.83 85.80 65.94
C TYR PA 49 23.89 85.48 64.80
N ILE PA 50 24.49 85.07 63.68
CA ILE PA 50 23.74 84.70 62.50
C ILE PA 50 24.22 83.31 62.05
N GLY PA 51 23.34 82.59 61.39
CA GLY PA 51 23.67 81.30 60.82
C GLY PA 51 23.23 81.25 59.37
N LEU PA 52 24.10 80.73 58.52
CA LEU PA 52 23.84 80.68 57.09
C LEU PA 52 24.12 79.28 56.57
N ALA PA 53 23.13 78.70 55.91
CA ALA PA 53 23.27 77.38 55.32
C ALA PA 53 22.87 77.46 53.86
N GLY PA 54 23.33 76.48 53.07
CA GLY PA 54 23.05 76.45 51.65
C GLY PA 54 24.33 76.56 50.84
N LEU PA 55 24.33 77.48 49.88
CA LEU PA 55 25.51 77.72 49.07
C LEU PA 55 26.52 78.58 49.82
N ALA PA 56 27.71 78.03 50.02
CA ALA PA 56 28.73 78.69 50.83
C ALA PA 56 29.25 79.96 50.17
N THR PA 57 29.14 80.06 48.85
CA THR PA 57 29.52 81.29 48.17
C THR PA 57 28.56 82.41 48.51
N ASP PA 58 27.27 82.10 48.56
CA ASP PA 58 26.30 83.09 49.01
C ASP PA 58 26.48 83.37 50.50
N VAL PA 59 26.94 82.38 51.25
CA VAL PA 59 27.21 82.57 52.67
C VAL PA 59 28.32 83.59 52.87
N GLN PA 60 29.42 83.42 52.14
CA GLN PA 60 30.55 84.31 52.31
C GLN PA 60 30.29 85.67 51.69
N THR PA 61 29.65 85.69 50.52
CA THR PA 61 29.38 86.94 49.81
C THR PA 61 28.40 87.79 50.57
N VAL PA 62 27.23 87.22 50.88
CA VAL PA 62 26.19 87.95 51.57
C VAL PA 62 26.58 88.18 53.02
N ALA PA 63 27.45 87.33 53.56
CA ALA PA 63 28.00 87.58 54.89
C ALA PA 63 28.85 88.85 54.90
N GLN PA 64 29.72 89.00 53.90
CA GLN PA 64 30.50 90.23 53.79
C GLN PA 64 29.61 91.42 53.48
N ARG PA 65 28.53 91.18 52.74
CA ARG PA 65 27.65 92.27 52.34
C ARG PA 65 26.84 92.80 53.52
N LEU PA 66 26.25 91.90 54.31
CA LEU PA 66 25.47 92.31 55.46
C LEU PA 66 26.37 92.83 56.56
N LYS PA 67 27.58 92.28 56.66
CA LYS PA 67 28.57 92.85 57.56
C LYS PA 67 28.90 94.27 57.18
N PHE PA 68 29.06 94.50 55.88
CA PHE PA 68 29.35 95.82 55.33
C PHE PA 68 28.26 96.83 55.68
N ARG PA 69 27.01 96.49 55.36
CA ARG PA 69 25.91 97.39 55.67
C ARG PA 69 25.71 97.54 57.16
N LEU PA 70 26.07 96.51 57.93
CA LEU PA 70 26.01 96.60 59.38
C LEU PA 70 26.99 97.63 59.91
N ASN PA 71 28.22 97.63 59.40
CA ASN PA 71 29.18 98.64 59.80
C ASN PA 71 28.75 100.02 59.34
N LEU PA 72 28.06 100.10 58.20
CA LEU PA 72 27.51 101.37 57.75
C LEU PA 72 26.49 101.92 58.74
N TYR PA 73 25.53 101.09 59.14
CA TYR PA 73 24.47 101.58 60.02
C TYR PA 73 25.00 101.87 61.42
N GLU PA 74 25.78 100.96 61.98
CA GLU PA 74 26.26 101.19 63.33
C GLU PA 74 27.39 102.20 63.40
N LEU PA 75 27.95 102.60 62.26
CA LEU PA 75 28.79 103.79 62.28
C LEU PA 75 28.01 105.07 62.04
N LYS PA 76 26.88 104.99 61.35
CA LYS PA 76 26.03 106.18 61.27
C LYS PA 76 25.34 106.45 62.59
N GLU PA 77 24.93 105.41 63.29
CA GLU PA 77 24.31 105.54 64.59
C GLU PA 77 25.06 104.64 65.55
N GLY PA 78 25.66 105.24 66.58
CA GLY PA 78 26.59 104.55 67.46
C GLY PA 78 25.99 103.45 68.29
N ARG PA 79 24.67 103.42 68.41
CA ARG PA 79 24.00 102.33 69.11
C ARG PA 79 24.12 101.04 68.31
N GLN PA 80 23.92 99.92 69.01
CA GLN PA 80 23.88 98.64 68.31
C GLN PA 80 22.53 98.48 67.63
N ILE PA 81 22.47 97.49 66.78
CA ILE PA 81 21.29 97.26 65.95
C ILE PA 81 20.27 96.49 66.78
N LYS PA 82 19.02 96.69 66.46
CA LYS PA 82 17.97 95.85 66.99
C LYS PA 82 17.80 94.64 66.06
N PRO PA 83 17.38 93.49 66.61
CA PRO PA 83 17.30 92.29 65.77
C PRO PA 83 16.22 92.36 64.72
N TYR PA 84 15.11 93.04 65.00
CA TYR PA 84 14.07 93.23 64.01
C TYR PA 84 14.55 94.16 62.90
N THR PA 85 15.35 95.15 63.28
CA THR PA 85 15.96 96.04 62.30
C THR PA 85 16.90 95.26 61.38
N LEU PA 86 17.68 94.37 61.97
CA LEU PA 86 18.56 93.51 61.20
C LEU PA 86 17.77 92.60 60.28
N MET PA 87 16.67 92.05 60.79
CA MET PA 87 15.78 91.21 59.99
C MET PA 87 15.19 91.98 58.83
N SER PA 88 14.91 93.26 59.04
CA SER PA 88 14.43 94.12 57.96
C SER PA 88 15.50 94.34 56.91
N MET PA 89 16.75 94.49 57.35
CA MET PA 89 17.84 94.66 56.40
C MET PA 89 18.09 93.37 55.61
N VAL PA 90 17.89 92.23 56.26
CA VAL PA 90 18.08 90.95 55.60
C VAL PA 90 17.01 90.71 54.56
N ALA PA 91 15.75 90.93 54.92
CA ALA PA 91 14.65 90.76 53.97
C ALA PA 91 14.74 91.76 52.84
N ASN PA 92 15.22 92.96 53.15
CA ASN PA 92 15.49 93.94 52.12
C ASN PA 92 16.56 93.41 51.16
N LEU PA 93 17.64 92.88 51.72
CA LEU PA 93 18.78 92.47 50.90
C LEU PA 93 18.43 91.26 50.04
N LEU PA 94 17.63 90.35 50.57
CA LEU PA 94 17.18 89.22 49.78
C LEU PA 94 16.18 89.64 48.74
N TYR PA 95 15.33 90.60 49.05
CA TYR PA 95 14.37 91.05 48.07
C TYR PA 95 15.01 91.87 46.97
N GLU PA 96 16.21 92.40 47.22
CA GLU PA 96 17.01 92.97 46.13
C GLU PA 96 17.29 91.95 45.06
N LYS PA 97 17.55 90.70 45.44
CA LYS PA 97 17.70 89.63 44.47
C LYS PA 97 16.37 88.90 44.31
N ARG PA 98 15.38 89.68 43.91
CA ARG PA 98 14.05 89.12 43.70
C ARG PA 98 14.05 88.20 42.49
N PHE PA 99 14.80 88.55 41.45
CA PHE PA 99 14.93 87.69 40.29
C PHE PA 99 16.37 87.32 40.03
N GLY PA 100 17.30 87.73 40.89
CA GLY PA 100 18.67 87.30 40.81
C GLY PA 100 19.13 86.53 42.04
N PRO PA 101 18.33 85.56 42.51
CA PRO PA 101 18.39 85.19 43.92
C PRO PA 101 19.62 84.40 44.30
N TYR PA 102 20.02 84.53 45.56
CA TYR PA 102 21.03 83.65 46.10
C TYR PA 102 20.38 82.37 46.60
N TYR PA 103 21.20 81.50 47.16
CA TYR PA 103 20.75 80.18 47.57
C TYR PA 103 21.17 79.96 49.01
N THR PA 104 20.37 80.45 49.94
CA THR PA 104 20.65 80.29 51.35
C THR PA 104 19.37 80.43 52.16
N GLU PA 105 19.50 80.14 53.45
CA GLU PA 105 18.45 80.36 54.42
C GLU PA 105 19.07 81.02 55.64
N PRO PA 106 18.85 82.31 55.83
CA PRO PA 106 19.45 83.00 56.98
C PRO PA 106 18.68 82.70 58.25
N VAL PA 107 19.42 82.67 59.36
CA VAL PA 107 18.85 82.51 60.69
C VAL PA 107 19.48 83.56 61.60
N ILE PA 108 18.67 84.45 62.14
CA ILE PA 108 19.13 85.43 63.12
C ILE PA 108 18.79 84.91 64.51
N ALA PA 109 19.81 84.82 65.36
CA ALA PA 109 19.59 84.45 66.75
C ALA PA 109 20.32 85.46 67.62
N GLY PA 110 19.55 86.29 68.33
CA GLY PA 110 20.19 87.30 69.16
C GLY PA 110 19.28 87.76 70.27
N LEU PA 111 19.91 88.14 71.37
CA LEU PA 111 19.22 88.62 72.55
C LEU PA 111 18.70 90.04 72.32
N ASP PA 112 18.00 90.53 73.30
CA ASP PA 112 17.67 91.95 73.30
C ASP PA 112 18.94 92.76 73.54
N PRO PA 113 19.09 93.91 72.89
CA PRO PA 113 20.27 94.75 73.16
C PRO PA 113 20.26 95.39 74.54
N LYS PA 114 19.07 95.67 75.09
CA LYS PA 114 18.99 96.31 76.39
C LYS PA 114 18.69 95.31 77.50
N THR PA 115 17.56 94.62 77.41
CA THR PA 115 17.26 93.55 78.34
C THR PA 115 17.94 92.28 77.84
N PHE PA 116 17.64 91.17 78.48
CA PHE PA 116 18.25 89.89 78.16
C PHE PA 116 17.41 89.07 77.19
N LYS PA 117 16.40 89.68 76.59
CA LYS PA 117 15.32 88.94 75.95
C LYS PA 117 15.81 88.27 74.67
N PRO PA 118 15.80 86.94 74.60
CA PRO PA 118 16.28 86.25 73.41
C PRO PA 118 15.29 86.39 72.26
N PHE PA 119 15.83 86.25 71.06
CA PHE PA 119 15.03 86.40 69.85
C PHE PA 119 15.59 85.48 68.77
N ILE PA 120 14.69 84.78 68.09
CA ILE PA 120 15.06 83.93 66.96
C ILE PA 120 14.14 84.23 65.79
N CYS PA 121 14.72 84.19 64.60
CA CYS PA 121 13.92 84.25 63.38
C CYS PA 121 14.74 83.61 62.26
N SER PA 122 14.04 83.23 61.20
CA SER PA 122 14.68 82.65 60.03
C SER PA 122 13.89 83.06 58.81
N LEU PA 123 14.61 83.21 57.70
CA LEU PA 123 14.02 83.68 56.46
C LEU PA 123 14.39 82.73 55.32
N ASP PA 124 13.74 82.95 54.19
CA ASP PA 124 13.92 82.11 53.03
C ASP PA 124 15.01 82.68 52.14
N LEU PA 125 15.09 82.15 50.92
CA LEU PA 125 16.03 82.67 49.94
C LEU PA 125 15.49 83.91 49.24
N ILE PA 126 14.25 84.30 49.52
CA ILE PA 126 13.66 85.50 48.95
C ILE PA 126 13.47 86.58 50.00
N GLY PA 127 13.51 86.22 51.27
CA GLY PA 127 13.34 87.19 52.33
C GLY PA 127 11.99 87.13 52.99
N CYS PA 128 11.46 85.92 53.19
CA CYS PA 128 10.17 85.77 53.83
C CYS PA 128 10.36 85.68 55.34
N PRO PA 129 9.88 86.65 56.11
CA PRO PA 129 10.13 86.65 57.54
C PRO PA 129 9.30 85.61 58.27
N MET PA 130 9.91 85.07 59.33
CA MET PA 130 9.25 84.04 60.13
C MET PA 130 9.94 84.00 61.49
N VAL PA 131 9.21 84.35 62.54
CA VAL PA 131 9.70 84.29 63.91
C VAL PA 131 9.03 83.13 64.62
N THR PA 132 9.76 82.50 65.54
CA THR PA 132 9.16 81.53 66.44
C THR PA 132 9.56 81.82 67.87
N ASP PA 133 9.27 80.90 68.78
CA ASP PA 133 9.63 81.04 70.17
C ASP PA 133 10.48 79.89 70.67
N ASP PA 134 10.43 78.75 70.02
CA ASP PA 134 11.08 77.52 70.47
C ASP PA 134 12.41 77.29 69.76
N PHE PA 135 12.39 77.23 68.43
CA PHE PA 135 13.55 76.89 67.63
C PHE PA 135 13.29 77.35 66.21
N VAL PA 136 14.37 77.61 65.50
CA VAL PA 136 14.38 77.76 64.06
C VAL PA 136 15.53 76.93 63.53
N VAL PA 137 15.27 76.18 62.45
CA VAL PA 137 16.25 75.28 61.87
C VAL PA 137 16.34 75.56 60.39
N SER PA 138 17.49 75.22 59.81
CA SER PA 138 17.73 75.45 58.40
C SER PA 138 18.82 74.50 57.92
N GLY PA 139 18.80 74.21 56.63
CA GLY PA 139 19.75 73.32 56.02
C GLY PA 139 19.09 72.26 55.17
N THR PA 140 19.90 71.30 54.74
CA THR PA 140 19.42 70.26 53.85
C THR PA 140 18.50 69.30 54.59
N CYS PA 141 19.00 68.70 55.65
CA CYS PA 141 18.17 67.86 56.50
C CYS PA 141 17.15 68.73 57.22
N ALA PA 142 15.89 68.32 57.20
CA ALA PA 142 14.86 69.08 57.89
C ALA PA 142 14.12 68.27 58.94
N GLU PA 143 13.50 67.16 58.53
CA GLU PA 143 12.62 66.39 59.43
C GLU PA 143 13.39 65.76 60.55
N GLN PA 144 14.68 65.56 60.33
CA GLN PA 144 15.62 65.29 61.40
C GLN PA 144 15.49 66.35 62.48
N MET PA 145 15.64 67.62 62.10
CA MET PA 145 15.66 68.67 63.10
C MET PA 145 14.27 69.00 63.61
N TYR PA 146 13.26 68.90 62.76
CA TYR PA 146 11.89 69.13 63.22
C TYR PA 146 11.45 68.01 64.14
N GLY PA 147 11.88 66.79 63.85
CA GLY PA 147 11.53 65.67 64.71
C GLY PA 147 12.18 65.77 66.07
N MET PA 148 13.47 66.10 66.10
CA MET PA 148 14.18 66.19 67.37
C MET PA 148 13.70 67.39 68.18
N CYS PA 149 13.55 68.54 67.52
CA CYS PA 149 13.19 69.76 68.24
C CYS PA 149 11.72 69.75 68.65
N GLU PA 150 10.85 69.16 67.85
CA GLU PA 150 9.50 68.92 68.32
C GLU PA 150 9.43 67.76 69.30
N SER PA 151 10.50 66.99 69.44
CA SER PA 151 10.52 65.87 70.36
C SER PA 151 11.13 66.22 71.71
N LEU PA 152 11.82 67.35 71.80
CA LEU PA 152 12.66 67.61 72.96
C LEU PA 152 12.43 68.95 73.62
N TRP PA 153 11.75 69.88 72.96
CA TRP PA 153 11.76 71.26 73.43
C TRP PA 153 10.89 71.46 74.64
N GLU PA 154 11.45 72.12 75.64
CA GLU PA 154 10.74 72.52 76.83
C GLU PA 154 10.68 74.04 76.88
N PRO PA 155 9.64 74.61 77.48
CA PRO PA 155 9.50 76.06 77.45
C PRO PA 155 10.54 76.80 78.27
N ASN PA 156 10.87 76.30 79.44
CA ASN PA 156 11.70 77.04 80.39
C ASN PA 156 12.88 76.18 80.75
N MET PA 157 14.04 76.51 80.20
CA MET PA 157 15.18 75.59 80.22
C MET PA 157 16.41 76.32 80.74
N ASP PA 158 17.03 75.73 81.76
CA ASP PA 158 18.38 76.10 82.14
C ASP PA 158 19.33 75.93 80.95
N PRO PA 159 20.41 76.71 80.89
CA PRO PA 159 21.38 76.55 79.79
C PRO PA 159 22.06 75.20 79.75
N ASP PA 160 22.03 74.45 80.84
CA ASP PA 160 22.58 73.10 80.83
C ASP PA 160 21.71 72.16 80.02
N HIS PA 161 20.43 72.07 80.35
CA HIS PA 161 19.57 71.17 79.60
C HIS PA 161 19.17 71.74 78.26
N LEU PA 162 19.24 73.06 78.11
CA LEU PA 162 19.20 73.65 76.77
C LEU PA 162 20.37 73.14 75.95
N PHE PA 163 21.55 73.15 76.56
CA PHE PA 163 22.77 72.72 75.90
C PHE PA 163 22.73 71.25 75.53
N GLU PA 164 22.32 70.41 76.47
CA GLU PA 164 22.28 68.97 76.23
C GLU PA 164 21.15 68.61 75.28
N THR PA 165 20.04 69.34 75.36
CA THR PA 165 18.91 69.10 74.48
C THR PA 165 19.27 69.40 73.03
N ILE PA 166 19.86 70.57 72.80
CA ILE PA 166 20.27 70.92 71.44
C ILE PA 166 21.46 70.06 71.03
N SER PA 167 22.19 69.50 72.00
CA SER PA 167 23.27 68.57 71.70
C SER PA 167 22.73 67.27 71.13
N GLN PA 168 21.74 66.69 71.79
CA GLN PA 168 21.17 65.43 71.31
C GLN PA 168 20.42 65.64 70.00
N ALA PA 169 19.77 66.80 69.86
CA ALA PA 169 19.04 67.10 68.64
C ALA PA 169 20.00 67.24 67.45
N MET PA 170 21.10 67.97 67.66
CA MET PA 170 22.08 68.12 66.59
C MET PA 170 22.78 66.81 66.29
N LEU PA 171 23.11 66.04 67.33
CA LEU PA 171 23.86 64.80 67.11
C LEU PA 171 23.03 63.77 66.37
N ASN PA 172 21.83 63.50 66.86
CA ASN PA 172 21.01 62.47 66.24
C ASN PA 172 20.47 62.95 64.91
N ALA PA 173 20.12 64.23 64.82
CA ALA PA 173 19.56 64.77 63.58
C ALA PA 173 20.60 64.82 62.47
N VAL PA 174 21.80 65.28 62.79
CA VAL PA 174 22.85 65.38 61.79
C VAL PA 174 23.41 64.00 61.46
N ASP PA 175 23.48 63.12 62.44
CA ASP PA 175 23.93 61.76 62.17
C ASP PA 175 22.92 60.98 61.34
N ARG PA 176 21.65 61.37 61.39
CA ARG PA 176 20.71 60.81 60.45
C ARG PA 176 20.92 61.37 59.05
N ASP PA 177 21.37 62.61 58.94
CA ASP PA 177 21.71 63.16 57.65
C ASP PA 177 22.99 62.54 57.14
N ALA PA 178 23.12 62.48 55.80
CA ALA PA 178 24.29 61.92 55.15
C ALA PA 178 25.27 63.00 54.74
N VAL PA 179 24.79 64.05 54.05
CA VAL PA 179 25.69 65.01 53.43
C VAL PA 179 26.27 66.02 54.39
N SER PA 180 25.80 66.06 55.63
CA SER PA 180 26.20 67.07 56.59
C SER PA 180 26.63 66.39 57.87
N GLY PA 181 27.81 66.75 58.37
CA GLY PA 181 28.30 66.16 59.60
C GLY PA 181 29.68 66.62 59.98
N MET PA 182 30.49 65.65 60.44
CA MET PA 182 31.94 65.79 60.60
C MET PA 182 32.29 66.88 61.61
N GLY PA 183 31.60 66.85 62.74
CA GLY PA 183 31.81 67.85 63.77
C GLY PA 183 30.63 68.80 63.88
N VAL PA 184 30.41 69.27 65.11
CA VAL PA 184 29.33 70.19 65.43
C VAL PA 184 29.90 71.30 66.31
N ILE PA 185 29.70 72.54 65.90
CA ILE PA 185 30.11 73.70 66.68
C ILE PA 185 28.87 74.34 67.31
N VAL PA 186 29.03 74.87 68.52
CA VAL PA 186 27.93 75.31 69.36
C VAL PA 186 28.26 76.68 69.95
N HIS PA 187 27.36 77.64 69.77
CA HIS PA 187 27.41 78.93 70.45
C HIS PA 187 26.15 79.11 71.29
N ILE PA 188 26.27 78.83 72.59
CA ILE PA 188 25.27 79.18 73.58
C ILE PA 188 25.64 80.53 74.17
N ILE PA 189 24.78 81.51 74.00
CA ILE PA 189 25.09 82.86 74.46
C ILE PA 189 24.07 83.30 75.50
N GLU PA 190 24.47 84.29 76.29
CA GLU PA 190 23.60 84.89 77.29
C GLU PA 190 24.05 86.34 77.47
N LYS PA 191 23.33 87.06 78.34
CA LYS PA 191 23.68 88.44 78.65
C LYS PA 191 25.03 88.54 79.34
N ASP PA 192 25.35 87.57 80.19
CA ASP PA 192 26.51 87.67 81.05
C ASP PA 192 27.79 87.29 80.35
N LYS PA 193 27.73 86.30 79.46
CA LYS PA 193 28.93 85.82 78.78
C LYS PA 193 28.52 85.14 77.48
N ILE PA 194 29.52 84.66 76.76
CA ILE PA 194 29.32 83.94 75.51
C ILE PA 194 30.09 82.63 75.59
N THR PA 195 29.40 81.53 75.36
CA THR PA 195 29.99 80.21 75.47
C THR PA 195 29.96 79.52 74.13
N THR PA 196 31.11 78.99 73.73
CA THR PA 196 31.21 78.21 72.50
C THR PA 196 31.83 76.86 72.83
N ARG PA 197 31.08 75.80 72.56
CA ARG PA 197 31.59 74.46 72.76
C ARG PA 197 31.49 73.68 71.46
N THR PA 198 32.56 72.97 71.15
CA THR PA 198 32.61 72.03 70.04
C THR PA 198 32.37 70.63 70.57
N LEU PA 199 31.60 69.85 69.82
CA LEU PA 199 31.13 68.58 70.33
C LEU PA 199 31.75 67.41 69.59
N LYS PA 200 31.88 66.30 70.29
CA LYS PA 200 32.47 65.09 69.73
C LYS PA 200 31.42 64.37 68.89
N ALA PA 201 31.38 64.75 67.62
CA ALA PA 201 30.45 64.16 66.66
C ALA PA 201 31.12 62.99 65.96
N ARG PA 202 30.29 62.22 65.25
CA ARG PA 202 30.82 61.11 64.47
C ARG PA 202 31.54 61.63 63.24
N MET PA 203 32.71 61.07 62.97
CA MET PA 203 33.50 61.43 61.82
C MET PA 203 33.31 60.46 60.67
N ASP PA 204 32.26 59.65 60.73
CA ASP PA 204 32.00 58.65 59.69
C ASP PA 204 31.48 59.27 58.41
N MET QA 1 40.23 67.90 35.18
CA MET QA 1 40.94 67.04 34.24
C MET QA 1 42.36 66.82 34.71
N GLU QA 2 43.20 67.82 34.51
CA GLU QA 2 44.61 67.69 34.83
C GLU QA 2 44.82 68.01 36.32
N TYR QA 3 46.08 68.01 36.75
CA TYR QA 3 46.34 67.92 38.18
C TYR QA 3 47.40 68.92 38.63
N LEU QA 4 47.26 69.36 39.86
CA LEU QA 4 48.33 70.03 40.60
C LEU QA 4 48.09 69.79 42.08
N ILE QA 5 49.09 70.01 42.88
CA ILE QA 5 49.05 69.70 44.31
C ILE QA 5 49.70 70.83 45.10
N GLY QA 6 49.10 71.13 46.25
CA GLY QA 6 49.35 72.32 47.03
C GLY QA 6 49.64 72.11 48.50
N ILE QA 7 50.47 71.13 48.84
CA ILE QA 7 50.69 70.71 50.23
C ILE QA 7 51.29 71.85 51.07
N GLN QA 8 50.59 72.19 52.14
CA GLN QA 8 51.06 73.17 53.11
C GLN QA 8 51.82 72.50 54.24
N GLY QA 9 53.00 73.05 54.56
CA GLY QA 9 53.78 72.55 55.66
C GLY QA 9 53.77 73.48 56.87
N PRO QA 10 54.68 73.25 57.82
CA PRO QA 10 54.79 74.19 58.94
C PRO QA 10 55.31 75.55 58.54
N ASP QA 11 56.40 75.60 57.77
CA ASP QA 11 56.98 76.87 57.36
C ASP QA 11 57.21 76.91 55.85
N TYR QA 12 56.63 75.97 55.12
CA TYR QA 12 56.92 75.87 53.70
C TYR QA 12 55.66 75.46 52.95
N VAL QA 13 55.61 75.83 51.68
CA VAL QA 13 54.54 75.41 50.79
C VAL QA 13 55.15 74.64 49.64
N LEU QA 14 54.80 73.37 49.55
CA LEU QA 14 55.28 72.49 48.48
C LEU QA 14 54.16 72.32 47.47
N VAL QA 15 54.41 72.74 46.23
CA VAL QA 15 53.42 72.63 45.17
C VAL QA 15 54.07 71.98 43.95
N ALA QA 16 53.22 71.35 43.12
CA ALA QA 16 53.70 70.68 41.92
C ALA QA 16 52.55 70.60 40.92
N SER QA 17 52.78 71.08 39.71
CA SER QA 17 51.78 71.05 38.65
C SER QA 17 52.29 70.23 37.48
N ASP QA 18 51.52 70.21 36.40
CA ASP QA 18 51.87 69.49 35.18
C ASP QA 18 52.45 70.45 34.15
N ARG QA 19 52.82 69.90 32.99
CA ARG QA 19 53.34 70.70 31.89
C ARG QA 19 52.56 70.40 30.62
N VAL QA 20 51.35 69.90 30.77
CA VAL QA 20 50.59 69.31 29.69
C VAL QA 20 49.64 70.34 29.12
N ALA QA 21 49.58 70.46 27.80
CA ALA QA 21 48.62 71.31 27.12
C ALA QA 21 48.03 70.57 25.92
N ALA QA 22 47.47 69.40 26.20
CA ALA QA 22 46.84 68.55 25.20
C ALA QA 22 45.56 69.18 24.64
N SER QA 23 45.16 68.71 23.44
CA SER QA 23 43.83 69.04 22.89
C SER QA 23 43.15 67.76 22.43
N ASN QA 24 42.58 67.03 23.39
CA ASN QA 24 41.51 66.04 23.26
C ASN QA 24 41.92 64.77 22.52
N ILE QA 25 42.99 64.81 21.76
CA ILE QA 25 43.46 63.65 21.02
C ILE QA 25 44.94 63.52 21.31
N VAL QA 26 45.67 64.59 21.05
CA VAL QA 26 47.10 64.59 21.14
C VAL QA 26 47.52 65.56 22.24
N GLN QA 27 48.74 65.37 22.71
CA GLN QA 27 49.37 66.35 23.58
C GLN QA 27 50.11 67.32 22.69
N MET QA 28 49.55 68.52 22.55
CA MET QA 28 50.21 69.52 21.73
C MET QA 28 51.46 70.05 22.42
N LYS QA 29 51.50 70.00 23.74
CA LYS QA 29 52.57 70.66 24.47
C LYS QA 29 52.85 69.96 25.77
N ASP QA 30 54.13 69.66 25.99
CA ASP QA 30 54.59 68.95 27.18
C ASP QA 30 55.55 69.77 28.03
N ASP QA 31 55.59 71.07 27.82
CA ASP QA 31 56.40 71.96 28.65
C ASP QA 31 55.62 73.20 29.03
N HIS QA 32 54.37 73.00 29.44
CA HIS QA 32 53.54 74.13 29.82
C HIS QA 32 53.84 74.52 31.26
N ASP QA 33 53.45 75.74 31.62
CA ASP QA 33 53.56 76.21 32.99
C ASP QA 33 52.23 76.81 33.41
N LYS QA 34 51.78 76.46 34.61
CA LYS QA 34 50.61 77.05 35.22
C LYS QA 34 50.95 77.78 36.51
N MET QA 35 52.22 77.81 36.87
CA MET QA 35 52.69 78.42 38.11
C MET QA 35 52.93 79.89 37.86
N PHE QA 36 52.22 80.74 38.59
CA PHE QA 36 52.17 82.17 38.31
C PHE QA 36 52.69 82.95 39.52
N LYS QA 37 53.83 83.60 39.33
CA LYS QA 37 54.47 84.36 40.40
C LYS QA 37 53.69 85.64 40.63
N MET QA 38 52.82 85.60 41.63
CA MET QA 38 52.03 86.77 41.94
C MET QA 38 52.87 87.82 42.62
N SER QA 39 53.65 87.41 43.62
CA SER QA 39 54.53 88.31 44.33
C SER QA 39 55.71 87.49 44.81
N GLU QA 40 56.41 88.02 45.81
CA GLU QA 40 57.63 87.37 46.29
C GLU QA 40 57.35 86.29 47.31
N LYS QA 41 56.12 86.17 47.78
CA LYS QA 41 55.81 85.12 48.74
C LYS QA 41 54.46 84.47 48.44
N ILE QA 42 53.84 84.83 47.31
CA ILE QA 42 52.47 84.42 46.99
C ILE QA 42 52.45 83.90 45.56
N LEU QA 43 51.88 82.72 45.37
CA LEU QA 43 51.79 82.03 44.10
C LEU QA 43 50.36 81.62 43.82
N LEU QA 44 50.11 81.30 42.56
CA LEU QA 44 48.79 80.95 42.05
C LEU QA 44 48.86 79.71 41.21
N LEU QA 45 47.92 78.80 41.44
CA LEU QA 45 47.66 77.72 40.49
C LEU QA 45 46.22 77.76 40.01
N CYS QA 46 46.04 77.31 38.77
CA CYS QA 46 44.79 77.46 38.06
C CYS QA 46 44.58 76.31 37.10
N VAL QA 47 43.40 75.69 37.18
CA VAL QA 47 42.91 74.77 36.17
C VAL QA 47 41.46 75.11 35.90
N GLY QA 48 41.15 75.50 34.67
CA GLY QA 48 39.78 75.78 34.30
C GLY QA 48 39.62 76.00 32.81
N GLU QA 49 38.73 76.92 32.43
CA GLU QA 49 38.56 77.23 31.03
C GLU QA 49 39.74 78.05 30.54
N ALA QA 50 40.47 77.49 29.58
CA ALA QA 50 41.77 77.98 29.16
C ALA QA 50 41.76 79.40 28.61
N GLY QA 51 40.62 79.86 28.11
CA GLY QA 51 40.51 81.26 27.76
C GLY QA 51 40.47 82.12 29.01
N ASP QA 52 39.71 81.68 30.00
CA ASP QA 52 39.55 82.44 31.24
C ASP QA 52 40.83 82.46 32.06
N THR QA 53 41.68 81.45 31.89
CA THR QA 53 42.90 81.32 32.68
C THR QA 53 43.86 82.45 32.41
N VAL QA 54 44.12 82.70 31.13
CA VAL QA 54 45.14 83.68 30.75
C VAL QA 54 44.68 85.07 31.11
N GLN QA 55 43.43 85.40 30.75
CA GLN QA 55 42.85 86.72 31.04
C GLN QA 55 42.76 86.96 32.54
N PHE QA 56 42.45 85.90 33.27
CA PHE QA 56 42.36 86.02 34.71
C PHE QA 56 43.73 86.23 35.32
N ALA QA 57 44.75 85.60 34.74
CA ALA QA 57 46.12 85.81 35.18
C ALA QA 57 46.58 87.22 34.87
N GLU QA 58 46.09 87.78 33.76
CA GLU QA 58 46.38 89.17 33.43
C GLU QA 58 45.81 90.10 34.48
N TYR QA 59 44.50 89.96 34.74
CA TYR QA 59 43.81 90.88 35.63
C TYR QA 59 44.33 90.77 37.05
N ILE QA 60 44.46 89.54 37.55
CA ILE QA 60 44.85 89.34 38.93
C ILE QA 60 46.33 89.60 39.11
N GLN QA 61 47.15 89.06 38.20
CA GLN QA 61 48.60 89.19 38.30
C GLN QA 61 49.02 90.65 38.18
N LYS QA 62 48.60 91.30 37.10
CA LYS QA 62 48.94 92.69 36.89
C LYS QA 62 48.26 93.59 37.90
N ASN QA 63 47.11 93.20 38.43
CA ASN QA 63 46.46 94.04 39.41
C ASN QA 63 47.18 93.98 40.76
N VAL QA 64 47.67 92.80 41.12
CA VAL QA 64 48.51 92.65 42.30
C VAL QA 64 49.78 93.46 42.15
N GLN QA 65 50.38 93.43 40.96
CA GLN QA 65 51.58 94.23 40.74
C GLN QA 65 51.28 95.71 40.74
N LEU QA 66 50.05 96.08 40.38
CA LEU QA 66 49.63 97.47 40.47
C LEU QA 66 49.51 97.91 41.91
N TYR QA 67 49.03 97.01 42.78
CA TYR QA 67 49.06 97.29 44.21
C TYR QA 67 50.49 97.43 44.70
N LYS QA 68 51.36 96.53 44.22
CA LYS QA 68 52.71 96.42 44.75
C LYS QA 68 53.53 97.64 44.39
N MET QA 69 53.43 98.10 43.15
CA MET QA 69 54.06 99.36 42.81
C MET QA 69 53.33 100.53 43.44
N ARG QA 70 52.03 100.39 43.67
CA ARG QA 70 51.25 101.56 44.05
C ARG QA 70 51.54 101.99 45.49
N ASN QA 71 51.23 101.12 46.45
CA ASN QA 71 51.56 101.45 47.84
C ASN QA 71 53.05 101.25 48.11
N GLY QA 72 53.59 100.14 47.62
CA GLY QA 72 55.02 99.94 47.79
C GLY QA 72 55.35 98.65 48.50
N TYR QA 73 54.33 97.87 48.84
CA TYR QA 73 54.57 96.65 49.58
C TYR QA 73 53.47 95.65 49.28
N GLU QA 74 53.76 94.40 49.60
CA GLU QA 74 53.00 93.23 49.18
C GLU QA 74 51.73 93.07 50.03
N LEU QA 75 50.67 92.60 49.39
CA LEU QA 75 49.44 92.23 50.08
C LEU QA 75 49.67 91.08 51.05
N SER QA 76 48.75 90.97 52.00
CA SER QA 76 48.56 89.71 52.68
C SER QA 76 48.02 88.69 51.70
N PRO QA 77 48.36 87.42 51.87
CA PRO QA 77 47.73 86.38 51.03
C PRO QA 77 46.25 86.25 51.28
N THR QA 78 45.79 86.60 52.49
CA THR QA 78 44.41 86.41 52.87
C THR QA 78 43.49 87.36 52.13
N ALA QA 79 43.77 88.66 52.23
CA ALA QA 79 42.91 89.65 51.57
C ALA QA 79 43.10 89.62 50.07
N ALA QA 80 44.23 89.09 49.60
CA ALA QA 80 44.38 88.80 48.18
C ALA QA 80 43.44 87.69 47.77
N ALA QA 81 43.32 86.65 48.60
CA ALA QA 81 42.41 85.55 48.29
C ALA QA 81 40.97 86.03 48.31
N ASN QA 82 40.65 86.92 49.27
CA ASN QA 82 39.33 87.51 49.30
C ASN QA 82 39.11 88.42 48.11
N PHE QA 83 40.17 89.02 47.60
CA PHE QA 83 40.06 89.84 46.41
C PHE QA 83 39.72 89.00 45.19
N THR QA 84 40.41 87.87 45.03
CA THR QA 84 40.19 87.04 43.86
C THR QA 84 38.84 86.37 43.91
N ARG QA 85 38.48 85.81 45.08
CA ARG QA 85 37.15 85.23 45.27
C ARG QA 85 36.07 86.29 45.09
N ARG QA 86 36.37 87.52 45.50
CA ARG QA 86 35.49 88.63 45.21
C ARG QA 86 35.31 88.82 43.72
N ASN QA 87 36.39 88.68 42.96
CA ASN QA 87 36.32 88.90 41.52
C ASN QA 87 35.56 87.78 40.83
N LEU QA 88 35.71 86.53 41.30
CA LEU QA 88 34.89 85.46 40.76
C LEU QA 88 33.43 85.65 41.11
N ALA QA 89 33.17 86.11 42.33
CA ALA QA 89 31.80 86.30 42.76
C ALA QA 89 31.13 87.43 41.98
N ASP QA 90 31.92 88.41 41.56
CA ASP QA 90 31.36 89.46 40.71
C ASP QA 90 31.20 88.95 39.29
N CYS QA 91 32.16 88.17 38.83
CA CYS QA 91 32.17 87.69 37.46
C CYS QA 91 31.09 86.67 37.16
N LEU QA 92 30.65 85.90 38.16
CA LEU QA 92 29.79 84.76 37.92
C LEU QA 92 28.40 85.21 37.50
N ARG QA 93 27.69 85.93 38.37
CA ARG QA 93 26.36 86.41 38.07
C ARG QA 93 26.47 87.58 37.09
N SER QA 94 26.75 87.24 35.83
CA SER QA 94 26.98 88.22 34.79
C SER QA 94 26.72 87.55 33.46
N ARG QA 95 26.78 88.35 32.39
CA ARG QA 95 26.68 87.80 31.05
C ARG QA 95 27.90 87.00 30.65
N THR QA 96 29.03 87.21 31.32
CA THR QA 96 30.25 86.44 31.07
C THR QA 96 30.80 85.98 32.42
N PRO QA 97 30.52 84.75 32.82
CA PRO QA 97 31.21 84.18 33.96
C PRO QA 97 32.49 83.48 33.54
N TYR QA 98 33.31 83.19 34.54
CA TYR QA 98 34.52 82.41 34.33
C TYR QA 98 34.33 81.05 34.96
N HIS QA 99 34.95 80.04 34.37
CA HIS QA 99 34.91 78.70 34.94
C HIS QA 99 36.35 78.24 35.11
N VAL QA 100 36.96 78.65 36.23
CA VAL QA 100 38.31 78.24 36.57
C VAL QA 100 38.34 77.81 38.02
N ASN QA 101 39.35 77.02 38.36
CA ASN QA 101 39.47 76.37 39.66
C ASN QA 101 40.86 76.67 40.19
N LEU QA 102 40.95 77.17 41.41
CA LEU QA 102 42.15 77.84 41.85
C LEU QA 102 42.62 77.31 43.20
N LEU QA 103 43.88 77.61 43.48
CA LEU QA 103 44.43 77.54 44.83
C LEU QA 103 45.61 78.48 44.92
N LEU QA 104 45.75 79.12 46.08
CA LEU QA 104 46.80 80.09 46.31
C LEU QA 104 47.82 79.55 47.29
N ALA QA 105 49.02 80.09 47.21
CA ALA QA 105 50.15 79.67 48.04
C ALA QA 105 50.86 80.91 48.53
N GLY QA 106 50.46 81.41 49.69
CA GLY QA 106 51.02 82.63 50.21
C GLY QA 106 52.02 82.34 51.32
N TYR QA 107 52.82 83.35 51.62
CA TYR QA 107 53.70 83.27 52.78
C TYR QA 107 53.71 84.63 53.46
N ASP QA 108 53.67 84.62 54.78
CA ASP QA 108 53.78 85.81 55.58
C ASP QA 108 54.99 85.72 56.49
N GLU QA 109 55.62 86.88 56.73
CA GLU QA 109 56.63 86.96 57.75
C GLU QA 109 56.03 86.83 59.15
N HIS QA 110 54.76 87.16 59.28
CA HIS QA 110 54.06 87.09 60.56
C HIS QA 110 53.28 85.80 60.72
N GLU QA 111 52.48 85.46 59.72
CA GLU QA 111 51.64 84.28 59.82
C GLU QA 111 52.30 83.03 59.30
N GLY QA 112 53.49 83.15 58.71
CA GLY QA 112 54.11 82.02 58.07
C GLY QA 112 53.36 81.71 56.80
N PRO QA 113 53.48 80.48 56.33
CA PRO QA 113 52.85 80.10 55.07
C PRO QA 113 51.35 79.93 55.22
N ALA QA 114 50.65 80.12 54.10
CA ALA QA 114 49.20 80.09 54.08
C ALA QA 114 48.73 79.44 52.79
N LEU QA 115 47.68 78.63 52.90
CA LEU QA 115 47.16 77.84 51.80
C LEU QA 115 45.68 78.12 51.60
N TYR QA 116 45.31 78.49 50.39
CA TYR QA 116 43.91 78.76 50.10
C TYR QA 116 43.49 77.96 48.87
N TYR QA 117 42.18 77.83 48.68
CA TYR QA 117 41.66 76.96 47.63
C TYR QA 117 40.34 77.53 47.13
N MET QA 118 40.26 77.80 45.85
CA MET QA 118 39.03 78.37 45.32
C MET QA 118 38.22 77.33 44.56
N ASP QA 119 37.18 77.82 43.89
CA ASP QA 119 36.17 77.01 43.24
C ASP QA 119 35.93 77.64 41.87
N TYR QA 120 35.14 76.96 41.04
CA TYR QA 120 34.49 77.64 39.93
C TYR QA 120 33.19 78.27 40.36
N LEU QA 121 32.85 78.11 41.63
CA LEU QA 121 31.69 78.73 42.23
C LEU QA 121 32.10 79.64 43.38
N ALA QA 122 33.36 80.11 43.35
CA ALA QA 122 33.87 81.17 44.23
C ALA QA 122 33.75 80.82 45.71
N ALA QA 123 34.47 79.77 46.12
CA ALA QA 123 34.45 79.33 47.50
C ALA QA 123 35.82 79.54 48.14
N LEU QA 124 35.82 80.18 49.31
CA LEU QA 124 37.04 80.33 50.09
C LEU QA 124 37.32 79.06 50.87
N ALA QA 125 38.61 78.76 51.04
CA ALA QA 125 39.00 77.57 51.78
C ALA QA 125 40.37 77.75 52.39
N LYS QA 126 40.62 77.02 53.48
CA LYS QA 126 41.90 77.02 54.18
C LYS QA 126 42.28 75.56 54.41
N ALA QA 127 43.38 75.12 53.81
CA ALA QA 127 43.58 73.68 53.82
C ALA QA 127 44.95 73.32 54.37
N PRO QA 128 45.14 72.05 54.74
CA PRO QA 128 46.51 71.57 54.99
C PRO QA 128 47.17 71.15 53.69
N PHE QA 129 46.34 70.83 52.70
CA PHE QA 129 46.77 70.32 51.41
C PHE QA 129 45.57 70.36 50.49
N ALA QA 130 45.79 70.64 49.21
CA ALA QA 130 44.70 70.78 48.26
C ALA QA 130 45.16 70.42 46.85
N ALA QA 131 44.20 70.04 46.03
CA ALA QA 131 44.48 69.58 44.68
C ALA QA 131 43.26 69.83 43.80
N HIS QA 132 43.40 69.48 42.53
CA HIS QA 132 42.30 69.61 41.59
C HIS QA 132 42.25 68.35 40.72
N GLY QA 133 41.28 68.33 39.82
CA GLY QA 133 41.21 67.30 38.80
C GLY QA 133 40.75 65.95 39.31
N TYR QA 134 40.68 64.99 38.40
CA TYR QA 134 40.25 63.65 38.75
C TYR QA 134 41.28 62.89 39.55
N GLY QA 135 42.55 63.26 39.43
CA GLY QA 135 43.58 62.58 40.19
C GLY QA 135 43.55 62.90 41.66
N ALA QA 136 42.83 63.98 42.04
CA ALA QA 136 42.81 64.49 43.40
C ALA QA 136 42.24 63.49 44.40
N PHE QA 137 41.36 62.60 43.92
CA PHE QA 137 40.83 61.53 44.75
C PHE QA 137 41.93 60.56 45.16
N LEU QA 138 42.58 59.97 44.15
CA LEU QA 138 43.57 58.93 44.35
C LEU QA 138 44.79 59.47 45.08
N THR QA 139 45.09 60.74 44.87
CA THR QA 139 46.18 61.34 45.61
C THR QA 139 45.79 61.65 47.05
N LEU QA 140 44.62 62.27 47.28
CA LEU QA 140 44.39 62.84 48.60
C LEU QA 140 44.04 61.77 49.63
N SER QA 141 43.63 60.59 49.17
CA SER QA 141 43.49 59.48 50.11
C SER QA 141 44.84 59.09 50.70
N ILE QA 142 45.85 58.98 49.84
CA ILE QA 142 47.19 58.63 50.29
C ILE QA 142 47.79 59.77 51.11
N LEU QA 143 47.55 61.01 50.67
CA LEU QA 143 48.08 62.16 51.37
C LEU QA 143 47.39 62.34 52.70
N ASP QA 144 46.12 61.93 52.79
CA ASP QA 144 45.41 61.83 54.04
C ASP QA 144 46.00 60.73 54.91
N ARG QA 145 46.48 59.66 54.30
CA ARG QA 145 46.98 58.53 55.08
C ARG QA 145 48.32 58.83 55.73
N TYR QA 146 49.22 59.48 55.00
CA TYR QA 146 50.57 59.66 55.52
C TYR QA 146 50.85 61.10 55.87
N TYR QA 147 49.86 61.78 56.43
CA TYR QA 147 50.02 63.18 56.73
C TYR QA 147 50.59 63.36 58.13
N THR QA 148 51.48 64.34 58.25
CA THR QA 148 51.93 64.85 59.51
C THR QA 148 51.81 66.35 59.38
N PRO QA 149 51.22 67.03 60.38
CA PRO QA 149 51.23 68.50 60.36
C PRO QA 149 52.62 69.08 60.49
N THR QA 150 53.40 68.59 61.43
CA THR QA 150 54.75 69.09 61.64
C THR QA 150 55.73 68.13 60.96
N ILE QA 151 55.84 68.28 59.65
CA ILE QA 151 56.60 67.35 58.82
C ILE QA 151 57.70 68.12 58.12
N SER QA 152 58.83 67.45 57.90
CA SER QA 152 59.93 68.08 57.20
C SER QA 152 59.63 68.12 55.71
N ARG QA 153 60.31 69.04 55.03
CA ARG QA 153 60.08 69.23 53.61
C ARG QA 153 60.57 68.04 52.79
N GLU QA 154 61.53 67.30 53.30
CA GLU QA 154 62.05 66.16 52.55
C GLU QA 154 61.13 64.97 52.64
N ARG QA 155 60.42 64.83 53.75
CA ARG QA 155 59.36 63.84 53.82
C ARG QA 155 58.22 64.20 52.89
N ALA QA 156 57.98 65.49 52.70
CA ALA QA 156 56.98 65.92 51.75
C ALA QA 156 57.43 65.64 50.33
N VAL QA 157 58.74 65.80 50.07
CA VAL QA 157 59.30 65.45 48.77
C VAL QA 157 59.14 63.96 48.52
N GLU QA 158 59.48 63.14 49.51
CA GLU QA 158 59.45 61.70 49.32
C GLU QA 158 58.03 61.18 49.21
N LEU QA 159 57.12 61.73 50.01
CA LEU QA 159 55.72 61.37 49.91
C LEU QA 159 55.13 61.85 48.59
N LEU QA 160 55.68 62.92 48.05
CA LEU QA 160 55.27 63.37 46.73
C LEU QA 160 55.77 62.41 45.65
N ARG QA 161 56.98 61.89 45.81
CA ARG QA 161 57.51 60.86 44.92
C ARG QA 161 56.64 59.63 44.95
N LYS QA 162 56.27 59.19 46.14
CA LYS QA 162 55.37 58.06 46.32
C LYS QA 162 54.04 58.29 45.64
N CYS QA 163 53.48 59.48 45.85
CA CYS QA 163 52.15 59.78 45.35
C CYS QA 163 52.14 59.86 43.83
N LEU QA 164 53.20 60.38 43.26
CA LEU QA 164 53.35 60.40 41.81
C LEU QA 164 53.57 59.00 41.26
N GLU QA 165 54.26 58.15 42.02
CA GLU QA 165 54.43 56.77 41.57
C GLU QA 165 53.12 56.01 41.57
N GLU QA 166 52.25 56.24 42.56
CA GLU QA 166 50.91 55.72 42.48
C GLU QA 166 50.07 56.42 41.42
N LEU QA 167 50.46 57.63 41.01
CA LEU QA 167 49.73 58.30 39.96
C LEU QA 167 49.99 57.66 38.61
N GLN QA 168 51.16 57.06 38.41
CA GLN QA 168 51.37 56.33 37.16
C GLN QA 168 50.79 54.95 37.18
N LYS QA 169 50.19 54.54 38.30
CA LYS QA 169 49.73 53.18 38.45
C LYS QA 169 48.32 52.96 37.92
N ARG QA 170 47.34 53.68 38.46
CA ARG QA 170 45.97 53.50 38.06
C ARG QA 170 45.38 54.80 37.58
N PHE QA 171 46.07 55.47 36.68
CA PHE QA 171 45.48 56.64 36.06
C PHE QA 171 45.54 56.49 34.55
N ILE QA 172 44.49 56.94 33.90
CA ILE QA 172 44.29 56.65 32.49
C ILE QA 172 45.14 57.51 31.57
N LEU QA 173 45.47 58.74 31.96
CA LEU QA 173 46.17 59.61 31.04
C LEU QA 173 47.68 59.37 31.12
N ASN QA 174 48.43 60.23 30.45
CA ASN QA 174 49.88 60.06 30.41
C ASN QA 174 50.54 60.76 31.59
N LEU QA 175 50.45 62.09 31.63
CA LEU QA 175 51.03 63.00 32.61
C LEU QA 175 52.50 62.71 32.94
N PRO QA 176 53.43 62.97 32.03
CA PRO QA 176 54.83 62.62 32.33
C PRO QA 176 55.53 63.57 33.30
N THR QA 177 55.39 64.87 33.11
CA THR QA 177 56.33 65.83 33.69
C THR QA 177 55.63 66.79 34.63
N PHE QA 178 56.10 66.83 35.88
CA PHE QA 178 55.50 67.66 36.91
C PHE QA 178 56.52 68.66 37.44
N SER QA 179 56.24 69.93 37.25
CA SER QA 179 57.08 70.98 37.80
C SER QA 179 56.75 71.18 39.28
N VAL QA 180 57.74 71.64 40.04
CA VAL QA 180 57.65 71.74 41.50
C VAL QA 180 58.19 73.10 41.94
N ARG QA 181 57.45 73.79 42.81
CA ARG QA 181 58.03 74.89 43.56
C ARG QA 181 58.05 74.58 45.05
N ILE QA 182 58.74 75.45 45.78
CA ILE QA 182 58.72 75.45 47.24
C ILE QA 182 58.78 76.89 47.71
N ILE QA 183 58.03 77.19 48.76
CA ILE QA 183 58.03 78.48 49.41
C ILE QA 183 58.71 78.31 50.77
N ASP QA 184 59.39 79.34 51.25
CA ASP QA 184 60.04 79.29 52.56
C ASP QA 184 59.89 80.64 53.22
N LYS QA 185 60.76 80.91 54.19
CA LYS QA 185 60.93 82.26 54.72
C LYS QA 185 61.43 83.23 53.66
N ASN QA 186 62.25 82.77 52.72
CA ASN QA 186 62.76 83.66 51.69
C ASN QA 186 61.67 83.95 50.66
N GLY QA 187 61.21 82.91 49.98
CA GLY QA 187 60.18 83.05 48.98
C GLY QA 187 60.12 81.87 48.03
N ILE QA 188 60.04 82.16 46.74
CA ILE QA 188 59.83 81.13 45.73
C ILE QA 188 61.18 80.53 45.41
N HIS QA 189 61.27 79.22 45.45
CA HIS QA 189 62.43 78.49 44.99
C HIS QA 189 61.95 77.36 44.11
N ASP QA 190 62.48 77.29 42.90
CA ASP QA 190 62.05 76.27 41.98
C ASP QA 190 62.80 74.98 42.24
N LEU QA 191 62.07 73.93 42.54
CA LEU QA 191 62.67 72.62 42.56
C LEU QA 191 62.62 72.04 41.16
N ASP QA 192 63.26 70.90 40.98
CA ASP QA 192 63.43 70.34 39.65
C ASP QA 192 62.11 69.82 39.08
N ASN QA 193 62.07 69.75 37.75
CA ASN QA 193 60.97 69.11 37.07
C ASN QA 193 60.98 67.62 37.37
N ILE QA 194 59.81 67.06 37.62
CA ILE QA 194 59.72 65.67 38.05
C ILE QA 194 58.99 64.90 36.97
N SER QA 195 59.71 63.96 36.38
CA SER QA 195 59.19 63.00 35.43
C SER QA 195 59.65 61.61 35.84
N PHE QA 196 59.11 60.59 35.17
CA PHE QA 196 59.39 59.24 35.58
C PHE QA 196 59.57 58.29 34.39
N PRO QA 197 60.57 57.42 34.45
CA PRO QA 197 60.58 56.24 33.58
C PRO QA 197 59.48 55.28 34.00
N LYS QA 198 58.59 54.96 33.05
CA LYS QA 198 57.46 54.09 33.35
C LYS QA 198 57.90 52.65 33.52
N GLN QA 199 58.33 52.02 32.44
CA GLN QA 199 58.79 50.64 32.51
C GLN QA 199 60.30 50.57 32.34
N THR RA 59 42.26 69.81 4.92
CA THR RA 59 42.91 70.93 5.59
C THR RA 59 43.92 70.44 6.60
N THR RA 60 45.18 70.77 6.35
CA THR RA 60 46.25 70.51 7.30
C THR RA 60 47.41 71.44 7.00
N THR RA 61 47.77 72.23 8.00
CA THR RA 61 48.91 73.13 7.98
C THR RA 61 49.91 72.65 9.03
N LEU RA 62 51.15 73.10 8.88
CA LEU RA 62 52.18 72.82 9.87
C LEU RA 62 53.25 73.89 9.78
N ALA RA 63 53.99 74.02 10.87
CA ALA RA 63 55.14 74.90 10.91
C ALA RA 63 56.05 74.43 12.03
N PHE RA 64 57.35 74.61 11.84
CA PHE RA 64 58.28 74.29 12.92
C PHE RA 64 59.51 75.16 12.76
N LYS RA 65 60.02 75.63 13.88
CA LYS RA 65 61.29 76.34 13.86
C LYS RA 65 62.41 75.41 14.27
N PHE RA 66 63.60 75.72 13.77
CA PHE RA 66 64.80 74.96 14.05
C PHE RA 66 65.97 75.91 13.87
N ARG RA 67 67.19 75.34 13.88
CA ARG RA 67 68.45 76.08 13.84
C ARG RA 67 68.49 77.10 12.70
N HIS RA 68 68.11 76.69 11.52
CA HIS RA 68 68.04 77.61 10.40
C HIS RA 68 66.60 78.04 10.20
N GLY RA 69 66.08 78.76 11.19
CA GLY RA 69 64.86 79.51 10.97
C GLY RA 69 63.60 78.64 11.03
N VAL RA 70 62.53 79.14 10.41
CA VAL RA 70 61.21 78.55 10.55
C VAL RA 70 60.76 78.01 9.20
N ILE RA 71 60.17 76.83 9.21
CA ILE RA 71 59.60 76.19 8.04
C ILE RA 71 58.08 76.25 8.15
N VAL RA 72 57.44 76.78 7.12
CA VAL RA 72 56.00 76.97 7.07
C VAL RA 72 55.45 76.21 5.87
N ALA RA 73 54.60 75.21 6.14
CA ALA RA 73 54.10 74.35 5.09
C ALA RA 73 52.59 74.16 5.22
N ALA RA 74 51.90 74.20 4.08
CA ALA RA 74 50.45 74.06 4.12
C ALA RA 74 49.93 73.50 2.80
N ASP RA 75 48.68 73.06 2.83
CA ASP RA 75 47.97 72.65 1.62
C ASP RA 75 47.13 73.80 1.10
N SER RA 76 46.30 73.55 0.09
CA SER RA 76 45.48 74.62 -0.44
C SER RA 76 44.06 74.16 -0.78
N ARG RA 77 43.63 73.01 -0.27
CA ARG RA 77 42.30 72.50 -0.54
C ARG RA 77 41.29 73.13 0.39
N ALA RA 78 40.27 73.78 -0.19
CA ALA RA 78 39.14 74.27 0.59
C ALA RA 78 37.89 73.63 0.01
N THR RA 79 37.17 72.90 0.84
CA THR RA 79 35.93 72.28 0.42
C THR RA 79 34.75 72.93 1.12
N ALA RA 80 33.55 72.58 0.67
CA ALA RA 80 32.31 73.00 1.31
C ALA RA 80 31.58 71.72 1.67
N GLY RA 81 31.84 71.21 2.86
CA GLY RA 81 31.27 69.95 3.29
C GLY RA 81 31.84 68.79 2.51
N ALA RA 82 31.03 68.22 1.61
CA ALA RA 82 31.48 67.14 0.75
C ALA RA 82 31.82 67.62 -0.65
N TYR RA 83 31.78 68.92 -0.88
CA TYR RA 83 32.00 69.50 -2.20
C TYR RA 83 33.23 70.38 -2.19
N ILE RA 84 34.14 70.16 -3.12
CA ILE RA 84 35.34 70.97 -3.24
C ILE RA 84 34.97 72.34 -3.76
N ALA RA 85 35.27 73.37 -2.96
CA ALA RA 85 35.19 74.71 -3.50
C ALA RA 85 36.35 74.97 -4.46
N SER RA 86 37.58 74.93 -3.94
CA SER RA 86 38.76 75.16 -4.75
C SER RA 86 39.91 74.32 -4.25
N GLN RA 87 41.00 74.37 -5.01
CA GLN RA 87 42.25 73.74 -4.66
C GLN RA 87 43.39 74.74 -4.60
N THR RA 88 43.10 76.02 -4.75
CA THR RA 88 44.10 77.06 -4.97
C THR RA 88 44.03 78.10 -3.87
N VAL RA 89 43.93 77.66 -2.63
CA VAL RA 89 43.60 78.56 -1.55
C VAL RA 89 44.85 78.82 -0.71
N LYS RA 90 45.36 80.05 -0.77
CA LYS RA 90 46.55 80.41 -0.04
C LYS RA 90 46.22 80.51 1.44
N LYS RA 91 46.36 79.40 2.15
CA LYS RA 91 45.97 79.33 3.55
C LYS RA 91 46.95 80.10 4.43
N VAL RA 92 48.22 80.13 4.04
CA VAL RA 92 49.21 80.91 4.77
C VAL RA 92 48.97 82.37 4.42
N ILE RA 93 48.37 83.11 5.34
CA ILE RA 93 48.15 84.52 5.14
C ILE RA 93 49.44 85.27 5.42
N GLU RA 94 49.99 85.90 4.38
CA GLU RA 94 51.25 86.62 4.52
C GLU RA 94 50.99 87.93 5.25
N ILE RA 95 51.42 87.98 6.51
CA ILE RA 95 51.18 89.17 7.31
C ILE RA 95 52.12 90.29 6.91
N ASN RA 96 53.41 90.04 7.00
CA ASN RA 96 54.36 91.13 6.85
C ASN RA 96 55.52 90.66 6.00
N PRO RA 97 56.47 91.54 5.66
CA PRO RA 97 57.81 91.06 5.29
C PRO RA 97 58.55 90.36 6.43
N TYR RA 98 58.05 90.45 7.65
CA TYR RA 98 58.65 89.81 8.79
C TYR RA 98 57.69 88.95 9.59
N LEU RA 99 56.43 88.82 9.16
CA LEU RA 99 55.43 88.01 9.84
C LEU RA 99 54.57 87.25 8.84
N LEU RA 100 54.19 86.03 9.24
CA LEU RA 100 53.32 85.17 8.45
C LEU RA 100 52.34 84.46 9.38
N GLY RA 101 51.10 84.30 8.92
CA GLY RA 101 50.09 83.61 9.69
C GLY RA 101 49.34 82.62 8.83
N THR RA 102 48.54 81.76 9.45
CA THR RA 102 47.88 80.66 8.78
C THR RA 102 46.37 80.85 8.81
N MET RA 103 45.67 80.12 7.95
CA MET RA 103 44.23 80.00 8.04
C MET RA 103 43.91 78.61 8.58
N ALA RA 104 43.62 78.53 9.87
CA ALA RA 104 43.38 77.25 10.53
C ALA RA 104 42.01 77.34 11.19
N GLY RA 105 40.97 77.02 10.42
CA GLY RA 105 39.62 77.09 10.93
C GLY RA 105 39.08 78.50 10.74
N GLY RA 106 37.98 78.63 10.00
CA GLY RA 106 37.40 79.93 9.76
C GLY RA 106 38.11 80.69 8.68
N ALA RA 107 37.36 81.17 7.68
CA ALA RA 107 38.02 81.86 6.59
C ALA RA 107 38.12 83.34 6.87
N ALA RA 108 36.98 84.01 7.00
CA ALA RA 108 36.98 85.44 7.24
C ALA RA 108 37.36 85.75 8.67
N ASP RA 109 37.37 84.74 9.53
CA ASP RA 109 37.94 84.91 10.85
C ASP RA 109 39.45 85.08 10.75
N CYS RA 110 40.09 84.18 10.02
CA CYS RA 110 41.54 84.31 9.84
C CYS RA 110 41.87 85.49 8.94
N SER RA 111 41.09 85.69 7.89
CA SER RA 111 41.34 86.77 6.95
C SER RA 111 41.14 88.13 7.60
N PHE RA 112 39.98 88.30 8.21
CA PHE RA 112 39.67 89.53 8.94
C PHE RA 112 40.63 89.74 10.09
N TRP RA 113 40.64 88.82 11.04
CA TRP RA 113 41.31 89.06 12.32
C TRP RA 113 42.81 89.12 12.14
N GLU RA 114 43.36 88.35 11.21
CA GLU RA 114 44.77 88.50 10.93
C GLU RA 114 45.06 89.77 10.14
N ARG RA 115 44.11 90.23 9.32
CA ARG RA 115 44.31 91.52 8.67
C ARG RA 115 44.31 92.65 9.68
N LEU RA 116 43.41 92.57 10.66
CA LEU RA 116 43.35 93.56 11.72
C LEU RA 116 44.59 93.52 12.59
N LEU RA 117 45.17 92.34 12.77
CA LEU RA 117 46.39 92.28 13.55
C LEU RA 117 47.56 92.84 12.75
N ALA RA 118 47.56 92.64 11.43
CA ALA RA 118 48.60 93.24 10.60
C ALA RA 118 48.48 94.76 10.61
N ARG RA 119 47.24 95.25 10.56
CA ARG RA 119 46.93 96.64 10.84
C ARG RA 119 47.53 97.10 12.15
N GLN RA 120 47.31 96.34 13.21
CA GLN RA 120 47.68 96.80 14.53
C GLN RA 120 49.20 96.80 14.72
N CYS RA 121 49.88 95.83 14.13
CA CYS RA 121 51.33 95.82 14.18
C CYS RA 121 51.90 96.96 13.35
N ARG RA 122 51.21 97.32 12.26
CA ARG RA 122 51.59 98.50 11.51
C ARG RA 122 51.44 99.76 12.36
N ILE RA 123 50.38 99.82 13.16
CA ILE RA 123 50.18 100.93 14.09
C ILE RA 123 51.31 100.98 15.11
N TYR RA 124 51.68 99.82 15.65
CA TYR RA 124 52.75 99.72 16.64
C TYR RA 124 54.07 100.20 16.08
N GLU RA 125 54.41 99.74 14.88
CA GLU RA 125 55.73 100.05 14.35
C GLU RA 125 55.77 101.48 13.82
N LEU RA 126 54.62 102.03 13.43
CA LEU RA 126 54.62 103.44 13.08
C LEU RA 126 54.70 104.34 14.30
N ARG RA 127 54.09 103.94 15.41
CA ARG RA 127 54.18 104.76 16.60
C ARG RA 127 55.53 104.69 17.27
N ASN RA 128 56.06 103.48 17.40
CA ASN RA 128 57.23 103.25 18.22
C ASN RA 128 58.50 103.15 17.41
N LYS RA 129 58.40 103.31 16.09
CA LYS RA 129 59.52 103.27 15.15
C LYS RA 129 60.28 101.96 15.26
N GLU RA 130 59.57 100.86 15.47
CA GLU RA 130 60.24 99.67 15.95
C GLU RA 130 59.44 98.42 15.62
N ARG RA 131 60.13 97.41 15.11
CA ARG RA 131 59.46 96.19 14.68
C ARG RA 131 58.93 95.42 15.88
N ILE RA 132 57.75 94.84 15.72
CA ILE RA 132 57.08 94.24 16.86
C ILE RA 132 57.67 92.85 17.14
N SER RA 133 57.57 92.44 18.39
CA SER RA 133 57.85 91.05 18.73
C SER RA 133 56.69 90.17 18.27
N VAL RA 134 56.98 88.88 18.15
CA VAL RA 134 55.96 87.93 17.74
C VAL RA 134 55.02 87.63 18.89
N ALA RA 135 55.57 87.60 20.11
CA ALA RA 135 54.80 87.20 21.29
C ALA RA 135 53.72 88.22 21.61
N ALA RA 136 54.03 89.50 21.45
CA ALA RA 136 53.04 90.53 21.74
C ALA RA 136 51.92 90.52 20.72
N ALA RA 137 52.25 90.24 19.46
CA ALA RA 137 51.22 90.19 18.43
C ALA RA 137 50.31 89.00 18.63
N SER RA 138 50.88 87.85 18.97
CA SER RA 138 50.08 86.68 19.33
C SER RA 138 49.23 86.97 20.57
N LYS RA 139 49.79 87.74 21.50
CA LYS RA 139 49.10 88.11 22.72
C LYS RA 139 47.87 88.94 22.43
N LEU RA 140 48.03 90.02 21.67
CA LEU RA 140 46.93 90.91 21.38
C LEU RA 140 45.93 90.26 20.44
N LEU RA 141 46.40 89.33 19.61
CA LEU RA 141 45.49 88.49 18.85
C LEU RA 141 44.58 87.70 19.79
N ALA RA 142 45.17 87.09 20.81
CA ALA RA 142 44.38 86.32 21.77
C ALA RA 142 43.43 87.22 22.55
N ASN RA 143 43.86 88.46 22.83
CA ASN RA 143 42.97 89.41 23.48
C ASN RA 143 41.79 89.76 22.59
N MET RA 144 42.02 89.90 21.30
CA MET RA 144 40.94 90.26 20.40
C MET RA 144 40.00 89.09 20.17
N VAL RA 145 40.53 87.88 20.12
CA VAL RA 145 39.69 86.71 19.91
C VAL RA 145 38.86 86.41 21.15
N TYR RA 146 39.43 86.68 22.33
CA TYR RA 146 38.79 86.32 23.60
C TYR RA 146 37.46 87.04 23.81
N GLN RA 147 37.29 88.19 23.20
CA GLN RA 147 36.12 89.03 23.40
C GLN RA 147 34.90 88.52 22.74
N TYR RA 148 34.98 87.39 22.04
CA TYR RA 148 33.86 86.77 21.40
C TYR RA 148 33.85 85.29 21.73
N LYS RA 149 34.31 84.96 22.94
CA LYS RA 149 34.45 83.58 23.34
C LYS RA 149 33.08 82.95 23.55
N GLY RA 150 32.90 81.76 22.98
CA GLY RA 150 31.62 81.10 23.02
C GLY RA 150 30.64 81.58 21.99
N MET RA 151 30.99 82.57 21.18
CA MET RA 151 30.06 83.09 20.20
C MET RA 151 30.16 82.40 18.86
N GLY RA 152 30.82 81.24 18.81
CA GLY RA 152 30.82 80.44 17.60
C GLY RA 152 31.82 80.92 16.58
N LEU RA 153 33.10 80.96 16.96
CA LEU RA 153 34.15 81.32 16.03
C LEU RA 153 35.21 80.23 15.99
N SER RA 154 35.58 79.82 14.79
CA SER RA 154 36.63 78.85 14.57
C SER RA 154 37.89 79.61 14.16
N MET RA 155 38.95 79.48 14.96
CA MET RA 155 40.24 80.06 14.62
C MET RA 155 41.31 79.37 15.46
N GLY RA 156 42.20 78.64 14.81
CA GLY RA 156 43.24 77.94 15.54
C GLY RA 156 44.60 78.15 14.92
N THR RA 157 44.87 79.38 14.48
CA THR RA 157 45.97 79.62 13.56
C THR RA 157 47.33 79.55 14.25
N MET RA 158 48.36 79.64 13.42
CA MET RA 158 49.74 79.65 13.87
C MET RA 158 50.37 80.99 13.51
N ILE RA 159 51.26 81.44 14.38
CA ILE RA 159 51.90 82.74 14.25
C ILE RA 159 53.39 82.51 14.08
N CYS RA 160 53.93 83.00 12.96
CA CYS RA 160 55.32 82.77 12.63
C CYS RA 160 56.01 84.08 12.31
N GLY RA 161 57.23 84.21 12.83
CA GLY RA 161 58.00 85.41 12.59
C GLY RA 161 59.38 85.28 13.20
N TRP RA 162 60.10 86.39 13.17
CA TRP RA 162 61.43 86.44 13.74
C TRP RA 162 61.50 87.49 14.85
N ASP RA 163 62.25 87.17 15.89
CA ASP RA 163 62.37 88.04 17.06
C ASP RA 163 63.81 88.51 17.18
N LYS RA 164 63.98 89.62 17.89
CA LYS RA 164 65.29 89.98 18.40
C LYS RA 164 65.83 88.89 19.32
N ARG RA 165 64.94 88.18 20.02
CA ARG RA 165 65.33 86.98 20.72
C ARG RA 165 65.62 85.82 19.77
N GLY RA 166 65.19 85.89 18.52
CA GLY RA 166 65.53 84.88 17.56
C GLY RA 166 64.35 84.39 16.76
N PRO RA 167 64.19 83.06 16.70
CA PRO RA 167 63.00 82.50 16.04
C PRO RA 167 61.76 82.77 16.86
N GLY RA 168 60.66 83.03 16.16
CA GLY RA 168 59.40 83.31 16.81
C GLY RA 168 58.27 82.44 16.32
N LEU RA 169 57.74 81.60 17.21
CA LEU RA 169 56.70 80.65 16.87
C LEU RA 169 55.68 80.61 17.99
N TYR RA 170 54.44 80.94 17.67
CA TYR RA 170 53.37 80.90 18.65
C TYR RA 170 52.15 80.24 18.04
N TYR RA 171 51.27 79.78 18.92
CA TYR RA 171 50.12 78.99 18.50
C TYR RA 171 48.92 79.42 19.31
N VAL RA 172 47.98 80.09 18.65
CA VAL RA 172 46.85 80.74 19.30
C VAL RA 172 45.59 80.08 18.78
N ASP RA 173 44.66 79.79 19.68
CA ASP RA 173 43.38 79.21 19.30
C ASP RA 173 42.23 80.11 19.67
N SER RA 174 41.05 79.76 19.14
CA SER RA 174 39.83 80.46 19.50
C SER RA 174 39.44 80.25 20.95
N GLU RA 175 39.95 79.20 21.58
CA GLU RA 175 39.68 78.98 22.99
C GLU RA 175 40.68 79.66 23.90
N GLY RA 176 41.41 80.65 23.40
CA GLY RA 176 42.41 81.31 24.20
C GLY RA 176 43.60 80.42 24.49
N ASN RA 177 43.92 79.51 23.59
CA ASN RA 177 44.99 78.54 23.84
C ASN RA 177 46.30 79.06 23.26
N ARG RA 178 46.64 80.29 23.63
CA ARG RA 178 47.88 80.88 23.18
C ARG RA 178 49.08 80.21 23.83
N ILE RA 179 49.86 79.50 23.05
CA ILE RA 179 51.05 78.82 23.53
C ILE RA 179 52.19 79.07 22.55
N SER RA 180 53.41 78.93 23.06
CA SER RA 180 54.56 78.80 22.20
C SER RA 180 54.86 77.32 22.00
N GLY RA 181 55.99 77.05 21.35
CA GLY RA 181 56.41 75.68 21.12
C GLY RA 181 57.38 75.64 19.95
N ALA RA 182 57.68 74.41 19.53
CA ALA RA 182 58.66 74.21 18.48
C ALA RA 182 58.08 73.60 17.22
N THR RA 183 57.11 72.70 17.32
CA THR RA 183 56.48 72.08 16.17
C THR RA 183 54.97 72.17 16.32
N PHE RA 184 54.28 72.53 15.24
CA PHE RA 184 52.84 72.57 15.28
C PHE RA 184 52.27 72.15 13.93
N SER RA 185 51.02 71.71 13.97
CA SER RA 185 50.28 71.31 12.79
C SER RA 185 48.80 71.35 13.16
N VAL RA 186 48.02 72.07 12.36
CA VAL RA 186 46.60 72.23 12.64
C VAL RA 186 45.85 71.64 11.46
N GLY RA 187 44.66 71.12 11.71
CA GLY RA 187 43.80 70.69 10.65
C GLY RA 187 43.32 69.27 10.88
N SER RA 188 42.62 68.76 9.86
CA SER RA 188 42.00 67.44 9.98
C SER RA 188 43.05 66.34 10.01
N GLY RA 189 43.97 66.34 9.06
CA GLY RA 189 45.01 65.32 9.05
C GLY RA 189 46.28 65.80 9.72
N SER RA 190 46.14 66.70 10.70
CA SER RA 190 47.30 67.24 11.40
C SER RA 190 48.01 66.17 12.22
N VAL RA 191 47.25 65.18 12.69
CA VAL RA 191 47.83 64.08 13.47
C VAL RA 191 48.75 63.23 12.61
N TYR RA 192 48.49 63.17 11.31
CA TYR RA 192 49.38 62.51 10.39
C TYR RA 192 50.71 63.26 10.33
N ALA RA 193 50.62 64.59 10.34
CA ALA RA 193 51.81 65.42 10.23
C ALA RA 193 52.61 65.39 11.52
N TYR RA 194 51.95 65.21 12.67
CA TYR RA 194 52.73 65.00 13.89
C TYR RA 194 53.36 63.61 13.87
N GLY RA 195 52.72 62.66 13.21
CA GLY RA 195 53.33 61.37 13.02
C GLY RA 195 54.62 61.41 12.22
N VAL RA 196 54.53 61.80 10.96
CA VAL RA 196 55.69 61.74 10.09
C VAL RA 196 56.67 62.87 10.39
N MET RA 197 56.17 64.04 10.81
CA MET RA 197 57.05 65.14 11.19
C MET RA 197 57.79 64.83 12.47
N ASP RA 198 57.07 64.35 13.48
CA ASP RA 198 57.72 64.03 14.73
C ASP RA 198 58.58 62.79 14.65
N ARG RA 199 58.33 61.94 13.65
CA ARG RA 199 59.37 61.01 13.20
C ARG RA 199 60.60 61.77 12.74
N GLY RA 200 60.48 62.53 11.66
CA GLY RA 200 61.66 63.08 11.04
C GLY RA 200 62.21 64.33 11.67
N TYR RA 201 61.81 64.69 12.88
CA TYR RA 201 62.22 65.96 13.44
C TYR RA 201 63.63 65.90 14.01
N SER RA 202 64.40 66.94 13.71
CA SER RA 202 65.55 67.31 14.52
C SER RA 202 65.61 68.84 14.55
N TYR RA 203 66.43 69.36 15.46
CA TYR RA 203 66.69 70.79 15.50
C TYR RA 203 67.77 71.20 14.52
N ASP RA 204 68.73 70.32 14.25
CA ASP RA 204 69.90 70.66 13.46
C ASP RA 204 69.78 70.22 12.02
N LEU RA 205 68.57 70.23 11.49
CA LEU RA 205 68.36 69.85 10.11
C LEU RA 205 68.91 70.91 9.17
N GLU RA 206 69.01 70.56 7.91
CA GLU RA 206 69.40 71.54 6.94
C GLU RA 206 68.17 72.12 6.26
N VAL RA 207 68.41 72.91 5.23
CA VAL RA 207 67.34 73.68 4.61
C VAL RA 207 66.55 72.80 3.66
N GLU RA 208 67.23 72.13 2.74
CA GLU RA 208 66.56 71.22 1.84
C GLU RA 208 66.11 69.96 2.56
N GLN RA 209 66.80 69.61 3.65
CA GLN RA 209 66.35 68.53 4.51
C GLN RA 209 64.97 68.82 5.08
N ALA RA 210 64.81 70.01 5.64
CA ALA RA 210 63.52 70.40 6.17
C ALA RA 210 62.50 70.60 5.06
N TYR RA 211 62.97 70.98 3.88
CA TYR RA 211 62.09 71.12 2.72
C TYR RA 211 61.46 69.80 2.33
N ASP RA 212 62.29 68.78 2.19
CA ASP RA 212 61.77 67.49 1.79
C ASP RA 212 61.08 66.78 2.94
N LEU RA 213 61.43 67.16 4.17
CA LEU RA 213 60.76 66.62 5.35
C LEU RA 213 59.33 67.11 5.42
N ALA RA 214 59.16 68.43 5.44
CA ALA RA 214 57.82 68.99 5.57
C ALA RA 214 57.02 68.75 4.29
N ARG RA 215 57.71 68.73 3.15
CA ARG RA 215 57.05 68.46 1.88
C ARG RA 215 56.54 67.03 1.84
N ARG RA 216 57.37 66.10 2.30
CA ARG RA 216 56.97 64.71 2.47
C ARG RA 216 55.80 64.58 3.45
N ALA RA 217 55.82 65.40 4.51
CA ALA RA 217 54.81 65.31 5.55
C ALA RA 217 53.46 65.77 5.03
N ILE RA 218 53.46 66.88 4.29
CA ILE RA 218 52.25 67.35 3.63
C ILE RA 218 51.77 66.32 2.61
N TYR RA 219 52.71 65.67 1.93
CA TYR RA 219 52.35 64.64 0.96
C TYR RA 219 51.66 63.46 1.61
N GLN RA 220 52.12 63.07 2.80
CA GLN RA 220 51.48 61.97 3.51
C GLN RA 220 50.13 62.39 4.06
N ALA RA 221 50.05 63.61 4.58
CA ALA RA 221 48.83 64.08 5.22
C ALA RA 221 47.71 64.26 4.19
N THR RA 222 48.00 64.96 3.10
CA THR RA 222 47.07 65.08 2.00
C THR RA 222 46.82 63.74 1.33
N TYR RA 223 47.77 62.81 1.41
CA TYR RA 223 47.55 61.50 0.87
C TYR RA 223 46.51 60.73 1.67
N ARG RA 224 46.55 60.87 3.00
CA ARG RA 224 45.65 60.05 3.80
C ARG RA 224 44.32 60.73 4.09
N ASP RA 225 44.32 62.04 4.21
CA ASP RA 225 43.07 62.75 4.45
C ASP RA 225 42.28 62.85 3.15
N ALA RA 226 40.95 62.86 3.30
CA ALA RA 226 40.08 63.16 2.18
C ALA RA 226 39.88 64.66 2.01
N TYR RA 227 40.24 65.45 3.03
CA TYR RA 227 39.96 66.88 3.07
C TYR RA 227 41.17 67.73 2.73
N SER RA 228 42.31 67.13 2.41
CA SER RA 228 43.53 67.89 2.26
C SER RA 228 44.14 67.65 0.90
N GLY RA 229 44.61 68.73 0.27
CA GLY RA 229 45.17 68.63 -1.06
C GLY RA 229 45.35 70.00 -1.68
N GLY RA 230 45.34 70.01 -3.01
CA GLY RA 230 45.58 71.22 -3.74
C GLY RA 230 47.06 71.46 -3.99
N ALA RA 231 47.46 72.70 -3.82
CA ALA RA 231 48.87 73.06 -3.91
C ALA RA 231 49.54 72.90 -2.56
N VAL RA 232 50.86 72.77 -2.60
CA VAL RA 232 51.67 72.66 -1.39
C VAL RA 232 52.47 73.95 -1.26
N ASN RA 233 52.03 74.82 -0.36
CA ASN RA 233 52.72 76.06 -0.14
C ASN RA 233 53.82 75.90 0.90
N LEU RA 234 54.99 76.42 0.57
CA LEU RA 234 56.15 76.28 1.43
C LEU RA 234 56.85 77.63 1.51
N TYR RA 235 56.83 78.22 2.70
CA TYR RA 235 57.54 79.46 2.98
C TYR RA 235 58.60 79.18 4.02
N HIS RA 236 59.64 80.01 4.01
CA HIS RA 236 60.73 79.86 4.95
C HIS RA 236 61.06 81.19 5.62
N VAL RA 237 60.80 81.25 6.91
CA VAL RA 237 61.14 82.42 7.70
C VAL RA 237 62.61 82.35 8.06
N ARG RA 238 63.32 83.42 7.82
CA ARG RA 238 64.72 83.56 8.12
C ARG RA 238 64.88 84.54 9.27
N GLU RA 239 66.12 84.94 9.53
CA GLU RA 239 66.34 86.01 10.48
C GLU RA 239 65.86 87.35 9.95
N ASP RA 240 66.29 87.72 8.74
CA ASP RA 240 65.97 89.02 8.16
C ASP RA 240 64.50 89.17 7.82
N GLY RA 241 63.88 88.08 7.37
CA GLY RA 241 62.50 88.10 6.97
C GLY RA 241 62.21 86.80 6.27
N TRP RA 242 60.93 86.58 6.00
CA TRP RA 242 60.56 85.30 5.42
C TRP RA 242 60.96 85.22 3.95
N ILE RA 243 60.96 84.00 3.43
CA ILE RA 243 61.27 83.75 2.04
C ILE RA 243 60.34 82.66 1.55
N ARG RA 244 59.63 82.93 0.46
CA ARG RA 244 58.88 81.88 -0.21
C ARG RA 244 59.82 80.85 -0.78
N VAL RA 245 59.49 79.58 -0.60
CA VAL RA 245 60.30 78.54 -1.22
C VAL RA 245 59.64 78.10 -2.51
N SER RA 246 58.45 77.52 -2.41
CA SER RA 246 57.82 76.87 -3.54
C SER RA 246 56.37 76.57 -3.21
N SER RA 247 55.67 76.05 -4.21
CA SER RA 247 54.32 75.51 -4.06
C SER RA 247 54.16 74.44 -5.12
N ASP RA 248 53.89 73.20 -4.70
CA ASP RA 248 54.00 72.04 -5.57
C ASP RA 248 52.69 71.28 -5.62
N ASN RA 249 52.37 70.72 -6.78
CA ASN RA 249 51.17 69.90 -6.85
C ASN RA 249 51.37 68.57 -6.13
N VAL RA 250 50.27 68.05 -5.61
CA VAL RA 250 50.29 66.75 -4.95
C VAL RA 250 50.60 65.64 -5.95
N ALA RA 251 50.05 65.76 -7.16
CA ALA RA 251 50.30 64.74 -8.18
C ALA RA 251 51.75 64.74 -8.63
N ASP RA 252 52.39 65.92 -8.63
CA ASP RA 252 53.80 65.99 -8.98
C ASP RA 252 54.65 65.32 -7.93
N LEU RA 253 54.33 65.57 -6.66
CA LEU RA 253 55.03 64.90 -5.57
C LEU RA 253 54.61 63.44 -5.46
N HIS RA 254 53.53 63.06 -6.13
CA HIS RA 254 53.14 61.67 -6.16
C HIS RA 254 53.98 60.90 -7.16
N GLU RA 255 54.07 61.42 -8.38
CA GLU RA 255 54.92 60.79 -9.39
C GLU RA 255 56.38 60.86 -8.98
N LYS RA 256 56.75 61.93 -8.28
CA LYS RA 256 58.10 62.05 -7.75
C LYS RA 256 58.33 61.08 -6.61
N TYR RA 257 57.42 61.06 -5.64
CA TYR RA 257 57.67 60.43 -4.37
C TYR RA 257 57.26 58.97 -4.30
N SER RA 258 56.45 58.49 -5.23
CA SER RA 258 56.23 57.06 -5.33
C SER RA 258 57.45 56.34 -5.87
N GLY RA 259 58.31 57.05 -6.58
CA GLY RA 259 59.43 56.43 -7.27
C GLY RA 259 59.25 56.61 -8.76
N ARG SA 28 7.10 78.96 12.78
CA ARG SA 28 7.21 80.41 12.92
C ARG SA 28 7.91 81.00 11.71
N PHE SA 29 8.21 82.30 11.80
CA PHE SA 29 8.92 83.02 10.76
C PHE SA 29 10.29 82.44 10.47
N SER SA 30 10.49 82.03 9.26
CA SER SA 30 11.83 81.75 8.80
C SER SA 30 12.40 82.97 8.12
N PRO SA 31 13.64 83.36 8.41
CA PRO SA 31 14.23 84.50 7.72
C PRO SA 31 14.72 84.18 6.33
N TYR SA 32 15.05 82.93 6.04
CA TYR SA 32 15.75 82.61 4.80
C TYR SA 32 14.86 81.74 3.92
N VAL SA 33 15.01 81.94 2.61
CA VAL SA 33 14.34 81.10 1.63
C VAL SA 33 15.21 81.08 0.38
N PHE SA 34 15.11 80.01 -0.38
CA PHE SA 34 15.94 79.79 -1.56
C PHE SA 34 15.16 80.23 -2.79
N ASN SA 35 15.77 81.07 -3.60
CA ASN SA 35 15.08 81.61 -4.77
C ASN SA 35 15.52 80.97 -6.07
N GLY SA 36 16.64 80.27 -6.09
CA GLY SA 36 17.18 79.75 -7.33
C GLY SA 36 18.26 80.65 -7.88
N GLY SA 37 18.81 80.23 -9.02
CA GLY SA 37 19.85 80.98 -9.70
C GLY SA 37 21.01 80.10 -10.08
N THR SA 38 21.77 80.57 -11.07
CA THR SA 38 23.01 79.93 -11.51
C THR SA 38 23.84 80.98 -12.25
N ILE SA 39 25.06 81.18 -11.79
CA ILE SA 39 25.92 82.24 -12.27
C ILE SA 39 27.17 81.62 -12.90
N LEU SA 40 27.54 82.10 -14.08
CA LEU SA 40 28.81 81.72 -14.66
C LEU SA 40 29.62 82.95 -15.01
N ALA SA 41 30.89 82.94 -14.59
CA ALA SA 41 31.82 84.00 -14.93
C ALA SA 41 33.11 83.37 -15.40
N ILE SA 42 33.64 83.91 -16.50
CA ILE SA 42 34.90 83.44 -17.08
C ILE SA 42 35.79 84.64 -17.27
N ALA SA 43 36.96 84.61 -16.63
CA ALA SA 43 37.99 85.61 -16.85
C ALA SA 43 38.72 85.28 -18.14
N GLY SA 44 38.40 85.99 -19.22
CA GLY SA 44 39.11 85.84 -20.46
C GLY SA 44 40.45 86.54 -20.42
N GLU SA 45 41.11 86.55 -21.58
CA GLU SA 45 42.45 87.12 -21.63
C GLU SA 45 42.40 88.63 -21.53
N ASP SA 46 41.43 89.26 -22.20
CA ASP SA 46 41.21 90.68 -22.05
C ASP SA 46 39.74 90.99 -21.94
N PHE SA 47 38.97 90.05 -21.41
CA PHE SA 47 37.52 90.16 -21.39
C PHE SA 47 37.03 89.36 -20.20
N ALA SA 48 35.75 89.52 -19.89
CA ALA SA 48 35.14 88.81 -18.77
C ALA SA 48 33.69 88.51 -19.14
N ILE SA 49 33.33 87.24 -19.17
CA ILE SA 49 32.00 86.86 -19.62
C ILE SA 49 31.19 86.36 -18.43
N VAL SA 50 30.12 87.08 -18.11
CA VAL SA 50 29.25 86.75 -16.99
C VAL SA 50 27.86 86.53 -17.53
N ALA SA 51 27.37 85.30 -17.44
CA ALA SA 51 26.04 84.96 -17.86
C ALA SA 51 25.28 84.36 -16.68
N SER SA 52 23.97 84.55 -16.69
CA SER SA 52 23.11 84.02 -15.66
C SER SA 52 21.69 83.94 -16.21
N ASP SA 53 20.96 82.92 -15.80
CA ASP SA 53 19.59 82.75 -16.27
C ASP SA 53 18.67 83.81 -15.68
N THR SA 54 17.46 83.85 -16.21
CA THR SA 54 16.50 84.88 -15.85
C THR SA 54 15.30 84.32 -15.11
N ARG SA 55 15.27 82.99 -14.96
CA ARG SA 55 14.16 82.31 -14.32
C ARG SA 55 14.14 82.61 -12.83
N LEU SA 56 12.98 83.01 -12.32
CA LEU SA 56 12.80 83.28 -10.90
C LEU SA 56 11.63 82.49 -10.39
N SER SA 57 11.84 81.76 -9.30
CA SER SA 57 10.86 80.81 -8.82
C SER SA 57 11.01 80.62 -7.32
N GLU SA 58 10.08 79.86 -6.75
CA GLU SA 58 10.17 79.44 -5.36
C GLU SA 58 9.35 78.17 -5.20
N GLY SA 59 9.94 77.15 -4.57
CA GLY SA 59 9.21 75.97 -4.19
C GLY SA 59 8.78 75.18 -5.40
N PHE SA 60 7.50 75.31 -5.73
CA PHE SA 60 6.96 74.72 -6.94
C PHE SA 60 6.17 75.74 -7.72
N SER SA 61 6.61 76.99 -7.66
CA SER SA 61 5.95 78.05 -8.38
C SER SA 61 7.00 78.98 -8.96
N ILE SA 62 6.79 79.34 -10.22
CA ILE SA 62 7.70 80.21 -10.95
C ILE SA 62 7.21 81.62 -10.73
N HIS SA 63 8.08 82.49 -10.22
CA HIS SA 63 7.66 83.87 -10.06
C HIS SA 63 7.71 84.61 -11.38
N THR SA 64 8.82 84.53 -12.09
CA THR SA 64 8.88 85.04 -13.45
C THR SA 64 9.96 84.29 -14.20
N ARG SA 65 9.97 84.50 -15.51
CA ARG SA 65 11.03 83.97 -16.36
C ARG SA 65 12.03 85.05 -16.73
N ASP SA 66 11.95 86.21 -16.05
CA ASP SA 66 12.78 87.35 -16.43
C ASP SA 66 13.34 87.96 -15.16
N SER SA 67 14.58 87.61 -14.84
CA SER SA 67 15.29 88.17 -13.71
C SER SA 67 16.79 88.08 -13.96
N PRO SA 68 17.39 89.11 -14.57
CA PRO SA 68 18.84 89.08 -14.78
C PRO SA 68 19.61 89.31 -13.49
N LYS SA 69 20.44 88.33 -13.14
CA LYS SA 69 21.25 88.45 -11.92
C LYS SA 69 22.56 89.16 -12.20
N CYS SA 70 22.80 89.55 -13.44
CA CYS SA 70 23.98 90.30 -13.80
C CYS SA 70 23.74 91.78 -13.59
N TYR SA 71 24.73 92.47 -13.02
CA TYR SA 71 24.57 93.89 -12.73
C TYR SA 71 25.84 94.62 -13.09
N LYS SA 72 25.75 95.43 -14.16
CA LYS SA 72 26.87 96.16 -14.70
C LYS SA 72 27.22 97.29 -13.73
N LEU SA 73 28.30 97.12 -12.99
CA LEU SA 73 28.63 98.09 -11.96
C LEU SA 73 29.38 99.26 -12.57
N THR SA 74 30.55 98.98 -13.15
CA THR SA 74 31.28 99.97 -13.91
C THR SA 74 31.33 99.48 -15.34
N ASP SA 75 32.16 100.16 -16.14
CA ASP SA 75 32.45 99.68 -17.48
C ASP SA 75 33.35 98.47 -17.46
N LYS SA 76 34.09 98.24 -16.39
CA LYS SA 76 34.93 97.07 -16.28
C LYS SA 76 34.64 96.29 -15.02
N THR SA 77 33.39 96.29 -14.55
CA THR SA 77 32.99 95.45 -13.42
C THR SA 77 31.51 95.17 -13.51
N VAL SA 78 31.15 93.89 -13.54
CA VAL SA 78 29.77 93.41 -13.50
C VAL SA 78 29.72 92.34 -12.41
N ILE SA 79 28.68 92.37 -11.58
CA ILE SA 79 28.53 91.38 -10.53
C ILE SA 79 27.36 90.46 -10.88
N GLY SA 80 27.50 89.20 -10.48
CA GLY SA 80 26.39 88.28 -10.43
C GLY SA 80 26.12 87.87 -9.00
N CYS SA 81 24.84 87.80 -8.65
CA CYS SA 81 24.43 87.56 -7.27
C CYS SA 81 23.28 86.57 -7.28
N SER SA 82 23.35 85.55 -6.43
CA SER SA 82 22.29 84.57 -6.31
C SER SA 82 21.98 84.31 -4.85
N GLY SA 83 21.04 83.39 -4.63
CA GLY SA 83 20.61 83.04 -3.29
C GLY SA 83 19.34 83.75 -2.88
N PHE SA 84 19.33 84.38 -1.71
CA PHE SA 84 18.16 85.12 -1.29
C PHE SA 84 18.07 86.42 -2.06
N HIS SA 85 16.93 86.64 -2.70
CA HIS SA 85 16.84 87.68 -3.70
C HIS SA 85 16.78 89.08 -3.09
N GLY SA 86 16.08 89.22 -1.96
CA GLY SA 86 15.95 90.53 -1.36
C GLY SA 86 17.26 91.06 -0.82
N ASP SA 87 18.11 90.16 -0.33
CA ASP SA 87 19.45 90.58 0.08
C ASP SA 87 20.30 90.93 -1.14
N CYS SA 88 20.02 90.31 -2.28
CA CYS SA 88 20.72 90.69 -3.50
C CYS SA 88 20.33 92.10 -3.91
N LEU SA 89 19.05 92.42 -3.81
CA LEU SA 89 18.59 93.77 -4.15
C LEU SA 89 19.15 94.79 -3.19
N THR SA 90 18.95 94.54 -1.90
CA THR SA 90 19.41 95.42 -0.83
C THR SA 90 20.91 95.66 -0.92
N LEU SA 91 21.67 94.57 -0.94
CA LEU SA 91 23.12 94.62 -1.00
C LEU SA 91 23.59 95.31 -2.26
N THR SA 92 22.89 95.09 -3.38
CA THR SA 92 23.20 95.75 -4.64
C THR SA 92 23.10 97.26 -4.49
N LYS SA 93 22.01 97.72 -3.87
CA LYS SA 93 21.80 99.15 -3.70
C LYS SA 93 22.83 99.75 -2.75
N ILE SA 94 23.23 98.97 -1.74
CA ILE SA 94 24.31 99.39 -0.84
C ILE SA 94 25.61 99.55 -1.61
N ILE SA 95 25.88 98.61 -2.51
CA ILE SA 95 27.10 98.63 -3.31
C ILE SA 95 27.15 99.86 -4.20
N GLU SA 96 26.02 100.16 -4.86
CA GLU SA 96 25.95 101.32 -5.73
C GLU SA 96 26.12 102.61 -4.95
N ALA SA 97 25.55 102.65 -3.74
CA ALA SA 97 25.73 103.78 -2.86
C ALA SA 97 27.20 103.99 -2.51
N ARG SA 98 27.90 102.91 -2.19
CA ARG SA 98 29.29 103.06 -1.79
C ARG SA 98 30.19 103.33 -2.98
N LEU SA 99 29.77 102.91 -4.18
CA LEU SA 99 30.40 103.37 -5.41
C LEU SA 99 30.33 104.88 -5.51
N LYS SA 100 29.15 105.43 -5.23
CA LYS SA 100 29.01 106.87 -5.23
C LYS SA 100 29.80 107.52 -4.11
N MET SA 101 29.99 106.80 -3.01
CA MET SA 101 30.79 107.33 -1.91
C MET SA 101 32.25 107.41 -2.30
N TYR SA 102 32.78 106.35 -2.93
CA TYR SA 102 34.17 106.35 -3.34
C TYR SA 102 34.43 107.37 -4.42
N LYS SA 103 33.50 107.49 -5.37
CA LYS SA 103 33.76 108.36 -6.51
C LYS SA 103 33.56 109.81 -6.12
N HIS SA 104 32.45 110.13 -5.47
CA HIS SA 104 32.20 111.49 -5.05
C HIS SA 104 33.08 111.91 -3.90
N SER SA 105 33.73 110.96 -3.24
CA SER SA 105 34.80 111.24 -2.31
C SER SA 105 36.14 111.40 -3.00
N ASN SA 106 36.36 110.70 -4.11
CA ASN SA 106 37.71 110.36 -4.52
C ASN SA 106 37.95 110.59 -6.00
N ASN SA 107 36.93 111.05 -6.72
CA ASN SA 107 37.01 111.58 -8.07
C ASN SA 107 37.47 110.55 -9.08
N LYS SA 108 37.22 109.27 -8.79
CA LYS SA 108 37.63 108.17 -9.65
C LYS SA 108 36.86 106.92 -9.25
N ALA SA 109 36.92 105.91 -10.12
CA ALA SA 109 36.21 104.68 -9.88
C ALA SA 109 37.07 103.69 -9.10
N MET SA 110 36.44 102.64 -8.62
CA MET SA 110 37.15 101.61 -7.88
C MET SA 110 37.83 100.64 -8.85
N THR SA 111 38.83 99.96 -8.33
CA THR SA 111 39.35 98.78 -9.01
C THR SA 111 38.48 97.61 -8.57
N THR SA 112 38.55 96.52 -9.33
CA THR SA 112 37.73 95.34 -9.09
C THR SA 112 38.06 94.68 -7.75
N GLY SA 113 39.35 94.56 -7.44
CA GLY SA 113 39.74 93.98 -6.18
C GLY SA 113 39.41 94.86 -4.99
N ALA SA 114 39.34 96.17 -5.19
CA ALA SA 114 38.87 97.06 -4.13
C ALA SA 114 37.40 96.82 -3.83
N ILE SA 115 36.63 96.56 -4.87
CA ILE SA 115 35.24 96.17 -4.71
C ILE SA 115 35.15 94.85 -3.98
N ALA SA 116 36.08 93.93 -4.28
CA ALA SA 116 36.12 92.66 -3.57
C ALA SA 116 36.45 92.85 -2.10
N ALA SA 117 37.34 93.81 -1.81
CA ALA SA 117 37.73 94.08 -0.44
C ALA SA 117 36.58 94.67 0.35
N MET SA 118 36.02 95.76 -0.15
CA MET SA 118 34.94 96.45 0.53
C MET SA 118 33.72 95.56 0.65
N LEU SA 119 33.40 94.83 -0.41
CA LEU SA 119 32.32 93.86 -0.39
C LEU SA 119 32.55 92.78 0.66
N SER SA 120 33.79 92.30 0.76
CA SER SA 120 34.09 91.25 1.71
C SER SA 120 33.96 91.75 3.15
N THR SA 121 34.32 93.01 3.37
CA THR SA 121 34.10 93.61 4.69
C THR SA 121 32.61 93.75 4.98
N ILE SA 122 31.82 94.05 3.96
CA ILE SA 122 30.38 94.14 4.15
C ILE SA 122 29.80 92.77 4.47
N LEU SA 123 30.33 91.73 3.83
CA LEU SA 123 29.88 90.38 4.13
C LEU SA 123 30.28 89.97 5.53
N TYR SA 124 31.44 90.43 5.99
CA TYR SA 124 31.79 90.12 7.37
C TYR SA 124 30.98 90.95 8.33
N SER SA 125 30.47 92.10 7.89
CA SER SA 125 29.78 93.03 8.77
C SER SA 125 28.46 92.48 9.28
N ARG SA 126 27.95 91.44 8.66
CA ARG SA 126 26.74 90.79 9.13
C ARG SA 126 27.09 89.35 9.46
N ARG SA 127 28.15 89.19 10.24
CA ARG SA 127 28.71 87.88 10.55
C ARG SA 127 27.70 86.99 11.27
N PHE SA 128 27.03 87.52 12.27
CA PHE SA 128 26.12 86.74 13.08
C PHE SA 128 24.72 86.67 12.51
N PHE SA 129 24.42 87.47 11.48
CA PHE SA 129 23.17 87.28 10.74
C PHE SA 129 23.52 87.40 9.27
N PRO SA 130 23.89 86.28 8.65
CA PRO SA 130 24.48 86.34 7.32
C PRO SA 130 23.47 86.60 6.22
N TYR SA 131 23.99 86.81 5.03
CA TYR SA 131 23.16 86.76 3.84
C TYR SA 131 23.15 85.36 3.27
N TYR SA 132 21.98 84.94 2.81
CA TYR SA 132 21.84 83.70 2.08
C TYR SA 132 22.04 83.99 0.60
N VAL SA 133 23.26 84.38 0.26
CA VAL SA 133 23.58 84.98 -1.03
C VAL SA 133 24.96 84.51 -1.49
N TYR SA 134 25.04 84.03 -2.73
CA TYR SA 134 26.31 83.79 -3.37
C TYR SA 134 26.64 84.94 -4.29
N ASN SA 135 27.93 85.23 -4.45
CA ASN SA 135 28.37 86.40 -5.17
C ASN SA 135 29.62 86.12 -5.98
N ILE SA 136 29.59 86.54 -7.23
CA ILE SA 136 30.76 86.48 -8.11
C ILE SA 136 30.93 87.84 -8.75
N ILE SA 137 32.14 88.39 -8.69
CA ILE SA 137 32.46 89.63 -9.37
C ILE SA 137 33.29 89.32 -10.60
N GLY SA 138 32.80 89.73 -11.76
CA GLY SA 138 33.61 89.71 -12.95
C GLY SA 138 34.01 91.11 -13.36
N GLY SA 139 35.12 91.22 -14.09
CA GLY SA 139 35.51 92.50 -14.62
C GLY SA 139 36.97 92.49 -15.03
N LEU SA 140 37.40 93.62 -15.56
CA LEU SA 140 38.78 93.74 -15.99
C LEU SA 140 39.64 94.35 -14.90
N ASP SA 141 40.92 94.03 -14.94
CA ASP SA 141 41.88 94.56 -14.00
C ASP SA 141 42.36 95.93 -14.50
N GLU SA 142 43.41 96.45 -13.89
CA GLU SA 142 44.05 97.65 -14.42
C GLU SA 142 44.89 97.36 -15.63
N GLU SA 143 45.18 96.09 -15.89
CA GLU SA 143 45.87 95.71 -17.11
C GLU SA 143 44.92 95.37 -18.24
N GLY SA 144 43.61 95.48 -18.01
CA GLY SA 144 42.66 95.15 -19.05
C GLY SA 144 42.55 93.67 -19.32
N LYS SA 145 42.72 92.84 -18.30
CA LYS SA 145 42.63 91.40 -18.42
C LYS SA 145 41.51 90.91 -17.52
N GLY SA 146 41.04 89.69 -17.80
CA GLY SA 146 39.91 89.15 -17.08
C GLY SA 146 40.19 88.96 -15.60
N ALA SA 147 39.13 89.08 -14.80
CA ALA SA 147 39.26 89.14 -13.35
C ALA SA 147 37.97 88.62 -12.74
N VAL SA 148 38.07 87.50 -12.03
CA VAL SA 148 36.93 86.88 -11.36
C VAL SA 148 37.26 86.79 -9.89
N TYR SA 149 36.38 87.31 -9.06
CA TYR SA 149 36.46 87.17 -7.62
C TYR SA 149 35.25 86.38 -7.17
N SER SA 150 35.48 85.12 -6.81
CA SER SA 150 34.43 84.32 -6.21
C SER SA 150 34.14 84.80 -4.81
N PHE SA 151 32.98 84.42 -4.30
CA PHE SA 151 32.63 84.82 -2.94
C PHE SA 151 31.87 83.68 -2.28
N ASP SA 152 31.73 83.81 -0.98
CA ASP SA 152 30.96 82.87 -0.18
C ASP SA 152 29.98 83.71 0.65
N PRO SA 153 28.95 83.10 1.25
CA PRO SA 153 28.03 83.93 2.06
C PRO SA 153 28.61 84.44 3.36
N VAL SA 154 29.86 84.14 3.69
CA VAL SA 154 30.48 84.72 4.86
C VAL SA 154 31.51 85.80 4.55
N GLY SA 155 32.16 85.74 3.39
CA GLY SA 155 33.03 86.84 3.01
C GLY SA 155 34.46 86.52 2.62
N SER SA 156 34.77 85.28 2.29
CA SER SA 156 36.08 85.00 1.72
C SER SA 156 36.01 85.09 0.20
N TYR SA 157 37.17 85.35 -0.41
CA TYR SA 157 37.16 85.61 -1.84
C TYR SA 157 38.54 85.32 -2.43
N GLN SA 158 38.56 85.20 -3.75
CA GLN SA 158 39.79 85.10 -4.51
C GLN SA 158 39.50 85.41 -5.97
N ARG SA 159 40.58 85.54 -6.73
CA ARG SA 159 40.50 85.77 -8.17
C ARG SA 159 40.89 84.48 -8.86
N ASP SA 160 39.97 83.92 -9.63
CA ASP SA 160 40.21 82.72 -10.41
C ASP SA 160 39.82 82.96 -11.85
N SER SA 161 39.74 81.88 -12.62
CA SER SA 161 39.49 82.00 -14.04
C SER SA 161 38.03 81.83 -14.41
N PHE SA 162 37.27 81.11 -13.61
CA PHE SA 162 35.91 80.73 -13.95
C PHE SA 162 35.23 80.24 -12.69
N LYS SA 163 34.00 80.70 -12.47
CA LYS SA 163 33.18 80.22 -11.36
C LYS SA 163 31.73 80.12 -11.80
N ALA SA 164 31.08 79.05 -11.34
CA ALA SA 164 29.65 78.86 -11.54
C ALA SA 164 29.03 78.63 -10.17
N GLY SA 165 28.19 79.57 -9.75
CA GLY SA 165 27.49 79.47 -8.49
C GLY SA 165 26.04 79.13 -8.73
N GLY SA 166 25.32 78.85 -7.65
CA GLY SA 166 23.91 78.58 -7.76
C GLY SA 166 23.59 77.10 -7.70
N SER SA 167 22.42 76.73 -8.22
CA SER SA 167 21.95 75.37 -8.10
C SER SA 167 22.75 74.41 -8.97
N ALA SA 168 23.15 74.86 -10.16
CA ALA SA 168 23.87 74.01 -11.10
C ALA SA 168 25.38 74.17 -10.96
N SER SA 169 25.86 74.48 -9.76
CA SER SA 169 27.28 74.76 -9.56
C SER SA 169 28.10 73.50 -9.77
N ALA SA 170 27.69 72.39 -9.17
CA ALA SA 170 28.38 71.14 -9.40
C ALA SA 170 28.05 70.54 -10.76
N MET SA 171 27.02 71.05 -11.44
CA MET SA 171 26.76 70.61 -12.80
C MET SA 171 27.77 71.13 -13.80
N LEU SA 172 28.55 72.15 -13.45
CA LEU SA 172 29.30 72.87 -14.47
C LEU SA 172 30.79 72.82 -14.30
N GLN SA 173 31.28 72.82 -13.06
CA GLN SA 173 32.72 72.91 -12.81
C GLN SA 173 33.60 71.84 -13.46
N PRO SA 174 33.28 70.53 -13.45
CA PRO SA 174 34.25 69.57 -14.03
C PRO SA 174 34.40 69.67 -15.53
N LEU SA 175 33.34 70.05 -16.23
CA LEU SA 175 33.47 70.29 -17.66
C LEU SA 175 34.37 71.48 -17.93
N LEU SA 176 34.28 72.51 -17.10
CA LEU SA 176 35.17 73.65 -17.22
C LEU SA 176 36.60 73.27 -16.91
N ASP SA 177 36.79 72.33 -15.98
CA ASP SA 177 38.11 71.81 -15.69
C ASP SA 177 38.65 71.01 -16.88
N ASN SA 178 37.76 70.37 -17.63
CA ASN SA 178 38.17 69.68 -18.84
C ASN SA 178 38.48 70.68 -19.94
N GLN SA 179 37.83 71.83 -19.93
CA GLN SA 179 37.95 72.76 -21.03
C GLN SA 179 38.87 73.92 -20.72
N VAL SA 180 38.61 74.66 -19.65
CA VAL SA 180 39.42 75.81 -19.35
C VAL SA 180 40.77 75.36 -18.79
N GLY SA 181 40.75 74.57 -17.72
CA GLY SA 181 41.98 74.07 -17.17
C GLY SA 181 42.60 72.96 -17.96
N PHE SA 182 41.83 72.34 -18.86
CA PHE SA 182 42.22 71.18 -19.66
C PHE SA 182 42.67 70.03 -18.78
N LYS SA 183 42.05 69.91 -17.61
CA LYS SA 183 42.55 68.98 -16.62
C LYS SA 183 42.12 67.57 -16.95
N ASN SA 184 42.86 66.61 -16.39
CA ASN SA 184 42.73 65.18 -16.66
C ASN SA 184 42.85 64.86 -18.15
N MET SA 185 43.72 65.58 -18.85
CA MET SA 185 43.90 65.36 -20.28
C MET SA 185 45.35 65.05 -20.56
N GLN SA 186 45.57 64.03 -21.38
CA GLN SA 186 46.92 63.62 -21.75
C GLN SA 186 47.19 64.06 -23.18
N ASN SA 187 48.38 64.66 -23.37
CA ASN SA 187 48.88 65.11 -24.67
C ASN SA 187 47.97 66.18 -25.28
N VAL SA 188 47.29 66.94 -24.44
CA VAL SA 188 46.42 68.01 -24.87
C VAL SA 188 47.10 69.30 -24.48
N GLU SA 189 47.49 70.07 -25.49
CA GLU SA 189 48.10 71.36 -25.28
C GLU SA 189 47.09 72.36 -24.73
N HIS SA 190 47.60 73.45 -24.20
CA HIS SA 190 46.77 74.47 -23.58
C HIS SA 190 46.67 75.65 -24.54
N VAL SA 191 45.65 75.64 -25.38
CA VAL SA 191 45.35 76.77 -26.25
C VAL SA 191 44.68 77.84 -25.39
N PRO SA 192 45.06 79.11 -25.55
CA PRO SA 192 44.29 80.17 -24.89
C PRO SA 192 42.90 80.28 -25.50
N LEU SA 193 41.90 80.35 -24.62
CA LEU SA 193 40.51 80.35 -25.05
C LEU SA 193 40.19 81.68 -25.72
N SER SA 194 39.64 81.62 -26.92
CA SER SA 194 39.27 82.84 -27.62
C SER SA 194 37.92 83.31 -27.12
N LEU SA 195 37.39 84.36 -27.75
CA LEU SA 195 36.12 84.91 -27.34
C LEU SA 195 34.96 84.06 -27.81
N ASP SA 196 34.86 83.87 -29.13
CA ASP SA 196 33.72 83.16 -29.72
C ASP SA 196 33.67 81.70 -29.31
N ARG SA 197 34.84 81.07 -29.16
CA ARG SA 197 34.91 79.74 -28.61
C ARG SA 197 34.26 79.68 -27.23
N ALA SA 198 34.62 80.65 -26.38
CA ALA SA 198 34.02 80.73 -25.05
C ALA SA 198 32.54 81.01 -25.11
N MET SA 199 32.08 81.80 -26.10
CA MET SA 199 30.66 82.05 -26.29
C MET SA 199 29.91 80.76 -26.59
N ARG SA 200 30.44 79.98 -27.51
CA ARG SA 200 29.92 78.66 -27.83
C ARG SA 200 29.89 77.75 -26.60
N LEU SA 201 30.95 77.80 -25.79
CA LEU SA 201 31.00 77.01 -24.56
C LEU SA 201 29.89 77.40 -23.61
N VAL SA 202 29.68 78.71 -23.45
CA VAL SA 202 28.64 79.23 -22.57
C VAL SA 202 27.27 78.78 -23.02
N LYS SA 203 27.00 78.86 -24.32
CA LYS SA 203 25.70 78.44 -24.83
C LYS SA 203 25.51 76.95 -24.67
N ASP SA 204 26.56 76.16 -24.86
CA ASP SA 204 26.43 74.72 -24.73
C ASP SA 204 26.24 74.31 -23.28
N VAL SA 205 26.91 74.99 -22.35
CA VAL SA 205 26.76 74.58 -20.95
C VAL SA 205 25.42 75.05 -20.40
N PHE SA 206 24.88 76.17 -20.91
CA PHE SA 206 23.57 76.55 -20.43
C PHE SA 206 22.47 75.72 -21.05
N ILE SA 207 22.69 75.19 -22.27
CA ILE SA 207 21.75 74.20 -22.80
C ILE SA 207 21.80 72.94 -21.96
N SER SA 208 23.01 72.40 -21.73
CA SER SA 208 23.16 71.11 -21.08
C SER SA 208 22.73 71.16 -19.62
N ALA SA 209 23.09 72.22 -18.90
CA ALA SA 209 22.62 72.40 -17.55
C ALA SA 209 21.15 72.73 -17.52
N ALA SA 210 20.65 73.41 -18.56
CA ALA SA 210 19.23 73.71 -18.65
C ALA SA 210 18.40 72.45 -18.86
N GLU SA 211 19.00 71.38 -19.37
CA GLU SA 211 18.25 70.14 -19.54
C GLU SA 211 17.99 69.46 -18.21
N ARG SA 212 18.81 69.72 -17.20
CA ARG SA 212 18.71 68.94 -15.97
C ARG SA 212 18.34 69.73 -14.74
N ASP SA 213 18.62 71.03 -14.69
CA ASP SA 213 18.24 71.80 -13.52
C ASP SA 213 16.80 72.27 -13.63
N VAL SA 214 16.10 72.25 -12.50
CA VAL SA 214 14.77 72.82 -12.42
C VAL SA 214 14.81 74.31 -12.15
N TYR SA 215 15.93 74.84 -11.66
CA TYR SA 215 16.07 76.26 -11.36
C TYR SA 215 16.69 77.04 -12.49
N THR SA 216 16.69 76.49 -13.69
CA THR SA 216 17.47 77.07 -14.77
C THR SA 216 16.70 76.97 -16.06
N GLY SA 217 16.59 78.09 -16.77
CA GLY SA 217 16.11 78.05 -18.13
C GLY SA 217 15.35 79.30 -18.49
N ASP SA 218 14.61 79.17 -19.58
CA ASP SA 218 13.65 80.05 -20.22
C ASP SA 218 14.32 81.22 -20.95
N ALA SA 219 15.58 81.53 -20.67
CA ALA SA 219 16.36 82.61 -21.27
C ALA SA 219 17.76 82.56 -20.66
N LEU SA 220 18.62 83.45 -21.13
CA LEU SA 220 19.96 83.57 -20.58
C LEU SA 220 20.49 84.98 -20.81
N ARG SA 221 20.81 85.68 -19.73
CA ARG SA 221 21.43 86.99 -19.79
C ARG SA 221 22.94 86.79 -19.92
N ILE SA 222 23.50 87.39 -20.96
CA ILE SA 222 24.91 87.24 -21.29
C ILE SA 222 25.55 88.61 -21.25
N CYS SA 223 26.64 88.73 -20.51
CA CYS SA 223 27.34 90.00 -20.35
C CYS SA 223 28.81 89.81 -20.69
N ILE SA 224 29.36 90.78 -21.42
CA ILE SA 224 30.71 90.69 -21.97
C ILE SA 224 31.44 91.98 -21.62
N VAL SA 225 32.46 91.86 -20.80
CA VAL SA 225 33.27 93.00 -20.39
C VAL SA 225 34.49 93.00 -21.29
N THR SA 226 34.54 93.96 -22.19
CA THR SA 226 35.67 94.22 -23.05
C THR SA 226 36.43 95.41 -22.50
N LYS SA 227 37.53 95.76 -23.15
CA LYS SA 227 38.23 97.00 -22.86
C LYS SA 227 37.58 98.19 -23.55
N GLU SA 228 36.46 97.98 -24.21
CA GLU SA 228 35.81 98.98 -25.03
C GLU SA 228 34.35 99.12 -24.70
N GLY SA 229 33.86 98.39 -23.73
CA GLY SA 229 32.49 98.46 -23.29
C GLY SA 229 32.00 97.10 -22.88
N ILE SA 230 30.72 97.04 -22.51
CA ILE SA 230 30.09 95.81 -22.07
C ILE SA 230 28.94 95.50 -23.01
N ARG SA 231 28.96 94.31 -23.57
CA ARG SA 231 27.93 93.87 -24.49
C ARG SA 231 26.98 92.93 -23.76
N GLU SA 232 25.70 93.06 -24.07
CA GLU SA 232 24.72 92.14 -23.53
C GLU SA 232 24.13 91.34 -24.68
N GLU SA 233 23.64 90.15 -24.32
CA GLU SA 233 23.12 89.23 -25.32
C GLU SA 233 22.20 88.26 -24.61
N THR SA 234 20.95 88.20 -25.06
CA THR SA 234 19.97 87.32 -24.45
C THR SA 234 19.70 86.15 -25.38
N VAL SA 235 19.92 84.94 -24.87
CA VAL SA 235 19.63 83.72 -25.60
C VAL SA 235 18.56 82.96 -24.84
N SER SA 236 17.49 82.59 -25.54
CA SER SA 236 16.39 81.88 -24.94
C SER SA 236 16.79 80.45 -24.59
N LEU SA 237 16.00 79.82 -23.72
CA LEU SA 237 16.21 78.43 -23.34
C LEU SA 237 14.88 77.70 -23.40
N ARG SA 238 14.83 76.50 -22.85
CA ARG SA 238 13.61 75.71 -22.89
C ARG SA 238 12.58 76.25 -21.91
N LYS SA 239 11.30 76.06 -22.23
CA LYS SA 239 10.23 76.79 -21.58
C LYS SA 239 9.49 75.98 -20.54
N ASP SA 240 9.88 74.75 -20.29
CA ASP SA 240 9.34 74.04 -19.15
C ASP SA 240 10.09 74.43 -17.89
N THR TA 45 5.08 90.76 13.54
CA THR TA 45 3.92 89.90 13.72
C THR TA 45 4.27 88.45 13.45
N GLN TA 46 4.12 87.61 14.46
CA GLN TA 46 4.37 86.18 14.28
C GLN TA 46 3.10 85.45 13.88
N ASN TA 47 2.01 85.70 14.59
CA ASN TA 47 0.78 84.94 14.41
C ASN TA 47 -0.31 85.85 13.89
N PRO TA 48 -0.62 85.82 12.60
CA PRO TA 48 -1.69 86.64 12.05
C PRO TA 48 -3.05 86.12 12.50
N MET TA 49 -3.87 87.01 13.04
CA MET TA 49 -5.20 86.59 13.46
C MET TA 49 -6.18 86.59 12.29
N VAL TA 50 -6.48 87.76 11.74
CA VAL TA 50 -7.44 87.88 10.67
C VAL TA 50 -6.66 88.06 9.38
N THR TA 51 -6.87 87.14 8.46
CA THR TA 51 -6.08 87.08 7.24
C THR TA 51 -6.96 87.38 6.04
N GLY TA 52 -6.32 87.86 4.98
CA GLY TA 52 -6.96 87.99 3.70
C GLY TA 52 -6.85 86.70 2.92
N THR TA 53 -6.94 86.82 1.60
CA THR TA 53 -6.80 85.70 0.69
C THR TA 53 -6.23 86.23 -0.62
N SER TA 54 -6.35 85.43 -1.67
CA SER TA 54 -5.72 85.72 -2.95
C SER TA 54 -6.29 86.98 -3.60
N VAL TA 55 -5.40 87.74 -4.24
CA VAL TA 55 -5.72 88.99 -4.90
C VAL TA 55 -5.29 88.88 -6.36
N LEU TA 56 -6.16 89.27 -7.29
CA LEU TA 56 -5.86 89.16 -8.71
C LEU TA 56 -5.55 90.53 -9.28
N GLY TA 57 -4.45 90.60 -10.05
CA GLY TA 57 -4.12 91.84 -10.72
C GLY TA 57 -3.46 91.58 -12.05
N VAL TA 58 -3.77 92.40 -13.05
CA VAL TA 58 -3.21 92.23 -14.38
C VAL TA 58 -3.22 93.57 -15.10
N LYS TA 59 -2.21 93.79 -15.92
CA LYS TA 59 -2.17 94.92 -16.81
C LYS TA 59 -3.12 94.70 -17.98
N PHE TA 60 -3.46 95.80 -18.64
CA PHE TA 60 -4.12 95.75 -19.93
C PHE TA 60 -3.71 96.98 -20.69
N GLU TA 61 -4.25 97.13 -21.89
CA GLU TA 61 -3.90 98.22 -22.78
C GLU TA 61 -4.37 99.53 -22.18
N GLY TA 62 -3.43 100.31 -21.67
CA GLY TA 62 -3.76 101.59 -21.11
C GLY TA 62 -4.25 101.54 -19.68
N GLY TA 63 -3.92 100.48 -18.94
CA GLY TA 63 -4.28 100.49 -17.55
C GLY TA 63 -3.91 99.20 -16.85
N VAL TA 64 -4.36 99.08 -15.61
CA VAL TA 64 -4.23 97.88 -14.80
C VAL TA 64 -5.56 97.65 -14.12
N VAL TA 65 -6.08 96.43 -14.23
CA VAL TA 65 -7.27 96.02 -13.48
C VAL TA 65 -6.86 95.05 -12.39
N ILE TA 66 -7.36 95.30 -11.18
CA ILE TA 66 -7.08 94.51 -9.99
C ILE TA 66 -8.38 94.28 -9.25
N ALA TA 67 -8.68 93.02 -8.95
CA ALA TA 67 -9.88 92.69 -8.19
C ALA TA 67 -9.56 91.71 -7.08
N ALA TA 68 -10.42 91.70 -6.05
CA ALA TA 68 -10.29 90.78 -4.93
C ALA TA 68 -11.61 90.74 -4.18
N ASP TA 69 -11.74 89.79 -3.26
CA ASP TA 69 -13.00 89.61 -2.55
C ASP TA 69 -13.11 90.57 -1.37
N MET TA 70 -14.13 90.36 -0.55
CA MET TA 70 -14.48 91.24 0.56
C MET TA 70 -14.65 90.42 1.84
N LEU TA 71 -13.77 89.44 2.02
CA LEU TA 71 -13.92 88.43 3.05
C LEU TA 71 -12.77 88.52 4.05
N GLY TA 72 -13.12 88.63 5.33
CA GLY TA 72 -12.16 88.75 6.41
C GLY TA 72 -12.24 87.64 7.43
N SER TA 73 -12.28 86.39 6.98
CA SER TA 73 -12.51 85.26 7.87
C SER TA 73 -11.41 85.09 8.91
N TYR TA 74 -11.78 84.50 10.04
CA TYR TA 74 -10.86 84.21 11.12
C TYR TA 74 -10.75 82.70 11.28
N GLY TA 75 -9.57 82.16 10.98
CA GLY TA 75 -9.34 80.74 11.11
C GLY TA 75 -10.16 79.97 10.11
N SER TA 76 -11.21 79.31 10.59
CA SER TA 76 -12.21 78.75 9.71
C SER TA 76 -13.49 79.55 9.70
N LEU TA 77 -13.67 80.45 10.66
CA LEU TA 77 -14.93 81.17 10.77
C LEU TA 77 -14.90 82.42 9.90
N ALA TA 78 -15.89 82.55 9.03
CA ALA TA 78 -16.10 83.78 8.28
C ALA TA 78 -16.71 84.80 9.23
N ARG TA 79 -15.84 85.49 9.94
CA ARG TA 79 -16.31 86.46 10.92
C ARG TA 79 -16.65 87.78 10.27
N PHE TA 80 -15.98 88.11 9.17
CA PHE TA 80 -16.17 89.40 8.51
C PHE TA 80 -16.33 89.16 7.01
N ARG TA 81 -17.57 89.00 6.57
CA ARG TA 81 -17.86 88.80 5.16
C ARG TA 81 -18.10 90.12 4.43
N ASN TA 82 -17.67 91.23 5.00
CA ASN TA 82 -17.85 92.53 4.37
C ASN TA 82 -16.69 93.43 4.81
N ILE TA 83 -15.64 93.47 3.98
CA ILE TA 83 -14.52 94.37 4.19
C ILE TA 83 -14.09 94.92 2.84
N SER TA 84 -13.03 95.72 2.87
CA SER TA 84 -12.42 96.26 1.66
C SER TA 84 -10.93 95.97 1.70
N ARG TA 85 -10.49 95.08 0.81
CA ARG TA 85 -9.11 94.60 0.79
C ARG TA 85 -8.24 95.41 -0.15
N ILE TA 86 -8.75 96.50 -0.71
CA ILE TA 86 -8.05 97.24 -1.74
C ILE TA 86 -7.95 98.69 -1.29
N MET TA 87 -6.74 99.24 -1.31
CA MET TA 87 -6.56 100.67 -1.05
C MET TA 87 -6.36 101.41 -2.36
N ARG TA 88 -7.17 102.42 -2.59
CA ARG TA 88 -7.03 103.29 -3.75
C ARG TA 88 -6.07 104.40 -3.40
N VAL TA 89 -4.88 104.36 -4.00
CA VAL TA 89 -3.97 105.48 -3.93
C VAL TA 89 -4.55 106.48 -4.94
N ASN TA 90 -4.23 107.77 -4.77
CA ASN TA 90 -4.88 108.93 -5.36
C ASN TA 90 -5.27 108.87 -6.84
N ASN TA 91 -4.31 108.82 -7.76
CA ASN TA 91 -4.64 108.93 -9.17
C ASN TA 91 -3.91 107.96 -10.07
N SER TA 92 -2.67 107.59 -9.77
CA SER TA 92 -1.88 106.78 -10.68
C SER TA 92 -1.83 105.34 -10.22
N THR TA 93 -1.54 105.10 -8.95
CA THR TA 93 -1.46 103.76 -8.43
C THR TA 93 -2.57 103.47 -7.44
N MET TA 94 -2.46 102.29 -6.84
CA MET TA 94 -3.56 101.60 -6.18
C MET TA 94 -2.99 100.35 -5.55
N LEU TA 95 -3.51 99.98 -4.38
CA LEU TA 95 -2.92 98.91 -3.59
C LEU TA 95 -3.94 97.82 -3.28
N GLY TA 96 -3.56 96.58 -3.55
CA GLY TA 96 -4.24 95.44 -2.98
C GLY TA 96 -3.26 94.64 -2.14
N ALA TA 97 -3.79 93.93 -1.15
CA ALA TA 97 -2.94 93.20 -0.24
C ALA TA 97 -3.67 91.98 0.34
N SER TA 98 -2.88 91.13 0.99
CA SER TA 98 -3.39 89.98 1.72
C SER TA 98 -2.64 89.86 3.03
N GLY TA 99 -2.98 88.87 3.84
CA GLY TA 99 -2.36 88.76 5.14
C GLY TA 99 -3.16 89.50 6.19
N ASP TA 100 -2.47 90.06 7.18
CA ASP TA 100 -3.15 90.71 8.30
C ASP TA 100 -3.83 91.98 7.83
N TYR TA 101 -5.13 92.05 8.07
CA TYR TA 101 -5.89 93.22 7.69
C TYR TA 101 -5.60 94.38 8.63
N ALA TA 102 -5.22 94.09 9.86
CA ALA TA 102 -4.80 95.15 10.78
C ALA TA 102 -3.54 95.82 10.27
N ASP TA 103 -2.61 95.02 9.73
CA ASP TA 103 -1.45 95.60 9.09
C ASP TA 103 -1.83 96.37 7.85
N PHE TA 104 -2.84 95.90 7.13
CA PHE TA 104 -3.33 96.61 5.96
C PHE TA 104 -3.90 97.97 6.34
N GLN TA 105 -4.56 98.04 7.49
CA GLN TA 105 -5.02 99.30 8.03
C GLN TA 105 -3.83 100.19 8.41
N TYR TA 106 -2.79 99.57 8.96
CA TYR TA 106 -1.64 100.33 9.42
C TYR TA 106 -0.88 100.95 8.25
N LEU TA 107 -0.61 100.15 7.24
CA LEU TA 107 0.07 100.64 6.06
C LEU TA 107 -0.81 101.59 5.27
N LYS TA 108 -2.12 101.39 5.35
CA LYS TA 108 -3.05 102.36 4.80
C LYS TA 108 -2.91 103.70 5.49
N GLN TA 109 -2.69 103.67 6.80
CA GLN TA 109 -2.53 104.92 7.54
C GLN TA 109 -1.23 105.61 7.18
N VAL TA 110 -0.14 104.85 7.15
CA VAL TA 110 1.17 105.42 6.88
C VAL TA 110 1.26 105.92 5.45
N LEU TA 111 0.85 105.08 4.51
CA LEU TA 111 0.86 105.44 3.09
C LEU TA 111 -0.04 106.62 2.80
N GLY TA 112 -1.26 106.59 3.34
CA GLY TA 112 -2.18 107.70 3.13
C GLY TA 112 -1.65 109.00 3.69
N GLN TA 113 -0.93 108.90 4.81
CA GLN TA 113 -0.26 110.07 5.35
C GLN TA 113 0.81 110.59 4.40
N MET TA 114 1.62 109.70 3.83
CA MET TA 114 2.68 110.13 2.92
C MET TA 114 2.11 110.75 1.66
N VAL TA 115 0.99 110.22 1.18
CA VAL TA 115 0.29 110.79 0.05
C VAL TA 115 -0.19 112.19 0.38
N ILE TA 116 -0.75 112.38 1.58
CA ILE TA 116 -1.13 113.70 2.07
C ILE TA 116 0.07 114.63 2.12
N ASP TA 117 1.24 114.08 2.45
CA ASP TA 117 2.45 114.89 2.57
C ASP TA 117 2.89 115.42 1.21
N GLU TA 118 3.04 114.53 0.22
CA GLU TA 118 3.56 115.01 -1.06
C GLU TA 118 2.50 115.81 -1.81
N GLU TA 119 1.21 115.52 -1.58
CA GLU TA 119 0.17 116.37 -2.11
C GLU TA 119 0.23 117.77 -1.52
N LEU TA 120 0.43 117.88 -0.22
CA LEU TA 120 0.52 119.18 0.41
C LEU TA 120 1.86 119.86 0.22
N LEU TA 121 2.82 119.19 -0.41
CA LEU TA 121 3.99 119.91 -0.90
C LEU TA 121 3.60 120.90 -2.00
N GLY TA 122 2.68 120.51 -2.89
CA GLY TA 122 2.30 121.40 -3.96
C GLY TA 122 3.38 121.62 -5.00
N ASP TA 123 4.34 120.71 -5.11
CA ASP TA 123 5.44 120.86 -6.05
C ASP TA 123 5.07 120.45 -7.46
N GLY TA 124 3.90 119.86 -7.68
CA GLY TA 124 3.58 119.29 -8.96
C GLY TA 124 4.18 117.92 -9.20
N HIS TA 125 4.63 117.25 -8.16
CA HIS TA 125 5.23 115.94 -8.27
C HIS TA 125 4.58 114.99 -7.28
N SER TA 126 4.32 113.77 -7.72
CA SER TA 126 3.75 112.73 -6.88
C SER TA 126 4.74 111.59 -6.77
N TYR TA 127 4.30 110.50 -6.16
CA TYR TA 127 5.08 109.28 -6.10
C TYR TA 127 4.83 108.49 -7.37
N SER TA 128 5.89 107.92 -7.94
CA SER TA 128 5.68 106.90 -8.94
C SER TA 128 5.19 105.65 -8.24
N PRO TA 129 4.42 104.80 -8.92
CA PRO TA 129 4.09 103.49 -8.36
C PRO TA 129 5.33 102.64 -8.13
N ARG TA 130 6.35 102.84 -8.95
CA ARG TA 130 7.62 102.18 -8.75
C ARG TA 130 8.34 102.67 -7.50
N ALA TA 131 8.23 103.96 -7.19
CA ALA TA 131 8.85 104.46 -5.97
C ALA TA 131 8.12 103.95 -4.75
N ILE TA 132 6.80 103.75 -4.88
CA ILE TA 132 6.03 103.10 -3.84
C ILE TA 132 6.50 101.67 -3.64
N HIS TA 133 6.78 101.00 -4.75
CA HIS TA 133 7.31 99.65 -4.70
C HIS TA 133 8.68 99.62 -4.05
N SER TA 134 9.47 100.66 -4.29
CA SER TA 134 10.79 100.80 -3.69
C SER TA 134 10.69 101.01 -2.19
N TRP TA 135 9.90 102.00 -1.78
CA TRP TA 135 9.79 102.35 -0.37
C TRP TA 135 9.14 101.23 0.42
N LEU TA 136 8.13 100.60 -0.17
CA LEU TA 136 7.47 99.48 0.49
C LEU TA 136 8.42 98.30 0.60
N THR TA 137 9.28 98.14 -0.40
CA THR TA 137 10.28 97.08 -0.36
C THR TA 137 11.27 97.31 0.77
N ARG TA 138 11.74 98.54 0.91
CA ARG TA 138 12.68 98.87 1.98
C ARG TA 138 12.00 98.75 3.34
N ALA TA 139 10.73 99.10 3.40
CA ALA TA 139 10.00 99.07 4.65
C ALA TA 139 9.78 97.64 5.12
N MET TA 140 9.41 96.76 4.19
CA MET TA 140 9.16 95.38 4.59
C MET TA 140 10.45 94.64 4.85
N TYR TA 141 11.48 94.92 4.07
CA TYR TA 141 12.75 94.24 4.29
C TYR TA 141 13.37 94.66 5.60
N SER TA 142 13.28 95.95 5.92
CA SER TA 142 13.70 96.39 7.24
C SER TA 142 12.80 95.84 8.33
N ARG TA 143 11.53 95.63 8.01
CA ARG TA 143 10.58 95.12 8.99
C ARG TA 143 10.92 93.70 9.39
N ARG TA 144 11.09 92.82 8.42
CA ARG TA 144 11.52 91.47 8.69
C ARG TA 144 12.97 91.39 9.13
N SER TA 145 13.76 92.44 8.88
CA SER TA 145 15.16 92.43 9.25
C SER TA 145 15.33 92.43 10.76
N LYS TA 146 14.36 92.97 11.47
CA LYS TA 146 14.36 92.93 12.93
C LYS TA 146 13.67 91.71 13.46
N MET TA 147 13.52 90.66 12.64
CA MET TA 147 12.89 89.39 12.99
C MET TA 147 11.46 89.56 13.47
N ASN TA 148 10.81 90.61 13.05
CA ASN TA 148 9.43 90.89 13.41
C ASN TA 148 8.74 91.31 12.12
N PRO TA 149 8.30 90.36 11.32
CA PRO TA 149 7.69 90.70 10.04
C PRO TA 149 6.29 91.26 10.22
N LEU TA 150 5.76 91.78 9.12
CA LEU TA 150 4.33 92.08 9.03
C LEU TA 150 3.72 91.11 8.05
N TRP TA 151 2.77 90.31 8.54
CA TRP TA 151 2.24 89.18 7.79
C TRP TA 151 1.36 89.71 6.68
N ASN TA 152 1.95 89.94 5.50
CA ASN TA 152 1.25 90.57 4.41
C ASN TA 152 1.70 89.98 3.08
N THR TA 153 0.92 90.24 2.03
CA THR TA 153 1.29 89.86 0.68
C THR TA 153 0.71 90.92 -0.25
N MET TA 154 1.57 91.79 -0.76
CA MET TA 154 1.08 93.03 -1.34
C MET TA 154 1.33 93.12 -2.83
N VAL TA 155 0.36 93.73 -3.51
CA VAL TA 155 0.35 93.92 -4.96
C VAL TA 155 0.05 95.38 -5.24
N ILE TA 156 0.95 96.03 -5.96
CA ILE TA 156 0.83 97.44 -6.32
C ILE TA 156 0.51 97.52 -7.79
N GLY TA 157 -0.58 98.22 -8.11
CA GLY TA 157 -0.90 98.49 -9.49
C GLY TA 157 -0.92 99.97 -9.78
N GLY TA 158 -0.20 100.37 -10.83
CA GLY TA 158 -0.11 101.76 -11.18
C GLY TA 158 -0.31 101.96 -12.66
N TYR TA 159 -0.68 103.18 -13.03
CA TYR TA 159 -0.73 103.57 -14.42
C TYR TA 159 -0.34 105.04 -14.49
N ALA TA 160 0.81 105.32 -15.07
CA ALA TA 160 1.31 106.68 -15.14
C ALA TA 160 2.18 106.80 -16.38
N ASP TA 161 2.09 107.97 -17.02
CA ASP TA 161 2.84 108.32 -18.22
C ASP TA 161 2.54 107.36 -19.37
N GLY TA 162 1.30 106.90 -19.42
CA GLY TA 162 0.89 105.98 -20.45
C GLY TA 162 1.34 104.57 -20.13
N GLU TA 163 1.84 104.37 -18.93
CA GLU TA 163 2.58 103.19 -18.59
C GLU TA 163 1.90 102.39 -17.50
N SER TA 164 1.60 101.15 -17.81
CA SER TA 164 1.09 100.26 -16.79
C SER TA 164 2.24 99.71 -15.97
N PHE TA 165 2.07 99.75 -14.66
CA PHE TA 165 3.02 99.19 -13.72
C PHE TA 165 2.29 98.18 -12.85
N LEU TA 166 2.95 97.07 -12.57
CA LEU TA 166 2.39 96.06 -11.69
C LEU TA 166 3.55 95.45 -10.92
N GLY TA 167 3.72 95.90 -9.68
CA GLY TA 167 4.79 95.38 -8.87
C GLY TA 167 4.31 94.51 -7.71
N TYR TA 168 5.05 93.44 -7.45
CA TYR TA 168 4.80 92.56 -6.33
C TYR TA 168 5.69 92.94 -5.16
N VAL TA 169 5.16 92.84 -3.95
CA VAL TA 169 5.94 92.96 -2.72
C VAL TA 169 5.55 91.80 -1.82
N ASP TA 170 6.56 91.06 -1.34
CA ASP TA 170 6.39 90.00 -0.37
C ASP TA 170 6.50 90.55 1.04
N MET TA 171 5.98 89.78 2.01
CA MET TA 171 6.41 89.91 3.39
C MET TA 171 7.91 89.72 3.51
N LEU TA 172 8.45 88.72 2.82
CA LEU TA 172 9.87 88.45 2.84
C LEU TA 172 10.70 89.42 2.01
N GLY TA 173 10.09 90.45 1.44
CA GLY TA 173 10.81 91.41 0.66
C GLY TA 173 11.17 90.96 -0.75
N VAL TA 174 10.75 89.77 -1.14
CA VAL TA 174 10.94 89.33 -2.51
C VAL TA 174 10.01 90.13 -3.40
N ALA TA 175 10.59 90.99 -4.22
CA ALA TA 175 9.78 91.97 -4.93
C ALA TA 175 10.21 92.00 -6.38
N TYR TA 176 9.23 91.99 -7.29
CA TYR TA 176 9.54 91.93 -8.71
C TYR TA 176 8.39 92.57 -9.49
N GLU TA 177 8.51 92.54 -10.80
CA GLU TA 177 7.47 93.02 -11.69
C GLU TA 177 6.92 91.87 -12.52
N ALA TA 178 5.67 92.01 -12.93
CA ALA TA 178 4.99 90.97 -13.70
C ALA TA 178 3.83 91.62 -14.43
N PRO TA 179 3.44 91.10 -15.60
CA PRO TA 179 2.21 91.56 -16.24
C PRO TA 179 0.96 91.08 -15.53
N SER TA 180 1.06 90.04 -14.71
CA SER TA 180 -0.10 89.47 -14.04
C SER TA 180 0.35 88.85 -12.72
N LEU TA 181 -0.19 89.36 -11.63
CA LEU TA 181 0.08 88.85 -10.30
C LEU TA 181 -1.14 88.15 -9.74
N ALA TA 182 -0.90 86.96 -9.22
CA ALA TA 182 -1.93 86.14 -8.60
C ALA TA 182 -1.35 85.54 -7.33
N THR TA 183 -1.86 85.96 -6.18
CA THR TA 183 -1.29 85.57 -4.89
C THR TA 183 -1.99 84.35 -4.35
N GLY TA 184 -1.48 83.89 -3.20
CA GLY TA 184 -2.11 82.83 -2.43
C GLY TA 184 -2.18 81.54 -3.21
N TYR TA 185 -3.38 81.01 -3.35
CA TYR TA 185 -3.59 79.89 -4.23
C TYR TA 185 -3.72 80.30 -5.68
N GLY TA 186 -3.93 81.58 -5.97
CA GLY TA 186 -4.07 82.00 -7.35
C GLY TA 186 -2.79 81.84 -8.14
N ALA TA 187 -1.65 81.87 -7.46
CA ALA TA 187 -0.41 81.40 -8.05
C ALA TA 187 -0.51 79.94 -8.46
N TYR TA 188 -1.13 79.11 -7.64
CA TYR TA 188 -1.29 77.71 -7.97
C TYR TA 188 -2.42 77.47 -8.96
N LEU TA 189 -3.40 78.36 -9.00
CA LEU TA 189 -4.61 78.10 -9.76
C LEU TA 189 -4.76 79.04 -10.95
N ALA TA 190 -4.82 80.34 -10.71
CA ALA TA 190 -5.14 81.27 -11.78
C ALA TA 190 -3.94 81.67 -12.60
N GLN TA 191 -2.74 81.66 -11.99
CA GLN TA 191 -1.54 82.08 -12.69
C GLN TA 191 -1.20 81.23 -13.92
N PRO TA 192 -1.41 79.90 -13.96
CA PRO TA 192 -1.29 79.22 -15.27
C PRO TA 192 -2.33 79.65 -16.29
N LEU TA 193 -3.51 80.09 -15.86
CA LEU TA 193 -4.46 80.63 -16.83
C LEU TA 193 -3.98 81.98 -17.31
N LEU TA 194 -3.39 82.77 -16.41
CA LEU TA 194 -2.84 84.07 -16.76
C LEU TA 194 -1.75 83.95 -17.78
N ARG TA 195 -0.72 83.15 -17.47
CA ARG TA 195 0.39 82.95 -18.40
C ARG TA 195 -0.04 82.16 -19.62
N GLU TA 196 -1.11 81.39 -19.50
CA GLU TA 196 -1.71 80.75 -20.65
C GLU TA 196 -2.22 81.78 -21.65
N VAL TA 197 -2.90 82.82 -21.15
CA VAL TA 197 -3.43 83.82 -22.06
C VAL TA 197 -2.34 84.77 -22.52
N LEU TA 198 -1.42 85.13 -21.63
CA LEU TA 198 -0.37 86.07 -21.97
C LEU TA 198 0.62 85.48 -22.97
N GLU TA 199 0.98 84.22 -22.79
CA GLU TA 199 1.73 83.53 -23.83
C GLU TA 199 0.87 83.28 -25.05
N LYS TA 200 -0.44 83.09 -24.83
CA LYS TA 200 -1.36 82.92 -25.94
C LYS TA 200 -1.56 84.24 -26.68
N GLN TA 201 -1.55 85.35 -25.97
CA GLN TA 201 -1.69 86.66 -26.60
C GLN TA 201 -0.95 87.70 -25.78
N PRO TA 202 -0.05 88.46 -26.39
CA PRO TA 202 0.75 89.41 -25.62
C PRO TA 202 -0.03 90.61 -25.11
N VAL TA 203 -0.95 91.15 -25.89
CA VAL TA 203 -1.68 92.35 -25.50
C VAL TA 203 -3.07 91.95 -25.04
N LEU TA 204 -3.80 92.92 -24.47
CA LEU TA 204 -5.14 92.66 -23.98
C LEU TA 204 -6.01 93.88 -24.18
N SER TA 205 -7.30 93.70 -23.93
CA SER TA 205 -8.21 94.81 -23.74
C SER TA 205 -8.51 94.94 -22.26
N GLN TA 206 -9.29 95.97 -21.94
CA GLN TA 206 -9.89 96.03 -20.61
C GLN TA 206 -10.96 94.97 -20.47
N THR TA 207 -11.68 94.70 -21.54
CA THR TA 207 -12.79 93.77 -21.50
C THR TA 207 -12.32 92.33 -21.37
N GLU TA 208 -11.29 91.98 -22.14
CA GLU TA 208 -10.73 90.64 -22.12
C GLU TA 208 -10.18 90.29 -20.74
N ALA TA 209 -9.35 91.19 -20.21
CA ALA TA 209 -8.78 91.00 -18.89
C ALA TA 209 -9.85 91.01 -17.83
N ARG TA 210 -10.86 91.87 -17.99
CA ARG TA 210 -11.90 92.01 -16.98
C ARG TA 210 -12.73 90.74 -16.88
N ASP TA 211 -13.24 90.27 -18.01
CA ASP TA 211 -14.01 89.04 -18.03
C ASP TA 211 -13.17 87.84 -17.62
N LEU TA 212 -11.88 87.87 -17.97
CA LEU TA 212 -10.99 86.79 -17.57
C LEU TA 212 -10.83 86.74 -16.05
N VAL TA 213 -10.74 87.91 -15.42
CA VAL TA 213 -10.70 87.99 -13.97
C VAL TA 213 -12.00 87.47 -13.37
N GLU TA 214 -13.13 87.77 -14.03
CA GLU TA 214 -14.41 87.24 -13.59
C GLU TA 214 -14.42 85.71 -13.64
N ARG TA 215 -13.78 85.14 -14.65
CA ARG TA 215 -13.67 83.69 -14.74
C ARG TA 215 -12.78 83.13 -13.65
N CYS TA 216 -11.65 83.78 -13.40
CA CYS TA 216 -10.69 83.25 -12.44
C CYS TA 216 -11.23 83.36 -11.02
N MET TA 217 -11.84 84.49 -10.69
CA MET TA 217 -12.52 84.67 -9.42
C MET TA 217 -13.66 83.67 -9.26
N ARG TA 218 -14.32 83.33 -10.36
CA ARG TA 218 -15.35 82.29 -10.31
C ARG TA 218 -14.74 80.95 -9.93
N VAL TA 219 -13.60 80.61 -10.52
CA VAL TA 219 -12.94 79.33 -10.25
C VAL TA 219 -12.45 79.26 -8.81
N LEU TA 220 -11.84 80.34 -8.34
CA LEU TA 220 -11.44 80.46 -6.95
C LEU TA 220 -12.63 80.36 -6.02
N TYR TA 221 -13.79 80.81 -6.45
CA TYR TA 221 -14.96 80.55 -5.64
C TYR TA 221 -15.40 79.11 -5.74
N TYR TA 222 -15.01 78.40 -6.81
CA TYR TA 222 -15.38 76.99 -6.87
C TYR TA 222 -14.56 76.14 -5.90
N ARG TA 223 -13.28 76.48 -5.65
CA ARG TA 223 -12.56 75.50 -4.84
C ARG TA 223 -11.64 76.07 -3.76
N ASP TA 224 -11.83 77.32 -3.33
CA ASP TA 224 -11.10 77.83 -2.18
C ASP TA 224 -11.98 77.78 -0.95
N ALA TA 225 -11.41 77.29 0.16
CA ALA TA 225 -12.08 77.34 1.45
C ALA TA 225 -12.05 78.73 2.06
N ARG TA 226 -11.27 79.64 1.48
CA ARG TA 226 -11.25 81.04 1.87
C ARG TA 226 -11.77 81.90 0.73
N SER TA 227 -12.87 81.47 0.12
CA SER TA 227 -13.52 82.23 -0.94
C SER TA 227 -14.91 82.63 -0.48
N TYR TA 228 -15.43 83.67 -1.12
CA TYR TA 228 -16.73 84.21 -0.73
C TYR TA 228 -17.32 84.91 -1.94
N ASN TA 229 -18.63 84.81 -2.07
CA ASN TA 229 -19.30 85.23 -3.32
C ASN TA 229 -19.65 86.71 -3.25
N ARG TA 230 -18.62 87.52 -3.04
CA ARG TA 230 -18.76 88.96 -2.97
C ARG TA 230 -17.38 89.55 -3.19
N PHE TA 231 -17.19 90.23 -4.32
CA PHE TA 231 -15.88 90.79 -4.60
C PHE TA 231 -16.01 92.19 -5.17
N GLN TA 232 -14.91 92.91 -5.09
CA GLN TA 232 -14.79 94.26 -5.61
C GLN TA 232 -13.72 94.28 -6.68
N ILE TA 233 -13.96 95.11 -7.69
CA ILE TA 233 -13.08 95.28 -8.84
C ILE TA 233 -12.62 96.72 -8.87
N ALA TA 234 -11.35 96.92 -9.17
CA ALA TA 234 -10.77 98.24 -9.29
C ALA TA 234 -9.89 98.28 -10.53
N THR TA 235 -9.67 99.47 -11.06
CA THR TA 235 -8.88 99.66 -12.27
C THR TA 235 -8.28 101.05 -12.27
N VAL TA 236 -6.98 101.12 -12.41
CA VAL TA 236 -6.30 102.35 -12.74
C VAL TA 236 -6.20 102.44 -14.26
N THR TA 237 -6.62 103.58 -14.80
CA THR TA 237 -6.39 103.96 -16.17
C THR TA 237 -5.83 105.36 -16.14
N GLU TA 238 -5.69 105.95 -17.32
CA GLU TA 238 -5.42 107.38 -17.37
C GLU TA 238 -6.65 108.19 -16.98
N LYS TA 239 -7.83 107.60 -17.04
CA LYS TA 239 -9.02 108.21 -16.45
C LYS TA 239 -8.99 108.17 -14.93
N GLY TA 240 -8.11 107.38 -14.34
CA GLY TA 240 -7.85 107.44 -12.93
C GLY TA 240 -8.15 106.14 -12.25
N VAL TA 241 -8.43 106.23 -10.96
CA VAL TA 241 -8.63 105.08 -10.10
C VAL TA 241 -10.13 104.84 -9.98
N GLU TA 242 -10.55 103.61 -10.25
CA GLU TA 242 -11.97 103.27 -10.24
C GLU TA 242 -12.20 102.02 -9.42
N ILE TA 243 -13.21 102.04 -8.56
CA ILE TA 243 -13.55 100.90 -7.72
C ILE TA 243 -14.97 100.48 -8.03
N GLU TA 244 -15.16 99.21 -8.36
CA GLU TA 244 -16.50 98.72 -8.63
C GLU TA 244 -17.14 98.17 -7.37
N GLY TA 245 -18.40 97.77 -7.49
CA GLY TA 245 -19.19 97.41 -6.34
C GLY TA 245 -18.94 95.98 -5.88
N PRO TA 246 -19.71 95.58 -4.86
CA PRO TA 246 -19.58 94.22 -4.33
C PRO TA 246 -20.16 93.17 -5.28
N LEU TA 247 -19.40 92.85 -6.32
CA LEU TA 247 -19.90 91.95 -7.34
C LEU TA 247 -19.75 90.50 -6.88
N SER TA 248 -20.47 89.61 -7.53
CA SER TA 248 -20.54 88.21 -7.11
C SER TA 248 -20.36 87.31 -8.32
N THR TA 249 -20.28 86.00 -8.07
CA THR TA 249 -19.98 85.02 -9.10
C THR TA 249 -21.22 84.19 -9.41
N GLU TA 250 -21.08 83.34 -10.42
CA GLU TA 250 -22.18 82.55 -10.96
C GLU TA 250 -21.72 81.10 -11.09
N THR TA 251 -22.22 80.25 -10.21
CA THR TA 251 -21.67 78.90 -10.10
C THR TA 251 -22.38 77.95 -11.06
N ASN TA 252 -21.81 76.75 -11.16
CA ASN TA 252 -22.44 75.64 -11.85
C ASN TA 252 -22.38 74.42 -10.94
N TRP TA 253 -23.47 73.67 -10.91
CA TRP TA 253 -23.53 72.47 -10.09
C TRP TA 253 -24.24 71.34 -10.80
N ASP TA 254 -24.12 71.28 -12.13
CA ASP TA 254 -24.78 70.24 -12.91
C ASP TA 254 -24.11 68.89 -12.75
N ILE TA 255 -22.81 68.87 -12.45
CA ILE TA 255 -22.11 67.62 -12.23
C ILE TA 255 -22.49 66.95 -10.92
N ALA TA 256 -23.12 67.69 -10.00
CA ALA TA 256 -23.61 67.10 -8.77
C ALA TA 256 -24.75 66.12 -9.02
N HIS TA 257 -25.45 66.27 -10.13
CA HIS TA 257 -26.51 65.35 -10.49
C HIS TA 257 -25.98 63.99 -10.91
N MET TA 258 -24.71 63.92 -11.29
CA MET TA 258 -24.05 62.65 -11.44
C MET TA 258 -23.83 62.02 -10.07
N ILE TA 259 -23.66 60.71 -10.05
CA ILE TA 259 -23.44 60.00 -8.81
C ILE TA 259 -22.01 60.21 -8.34
ZN ZN UA . -28.50 -82.66 0.93
PG ATP VA . -3.64 -34.49 38.24
O1G ATP VA . -5.18 -35.53 37.67
O2G ATP VA . -4.00 -33.16 38.96
O3G ATP VA . -2.78 -34.12 37.00
PB ATP VA . -1.27 -35.12 39.10
O1B ATP VA . -0.84 -35.07 37.68
O2B ATP VA . -1.05 -33.85 39.92
O3B ATP VA . -2.79 -35.37 39.19
PA ATP VA . 0.23 -35.93 41.17
O1A ATP VA . 0.53 -37.15 41.94
O2A ATP VA . -0.70 -34.98 41.93
O3A ATP VA . -0.50 -36.27 39.83
O5' ATP VA . 1.60 -35.23 40.74
C5' ATP VA . 2.03 -33.92 41.20
C4' ATP VA . 3.09 -34.11 42.24
O4' ATP VA . 3.71 -32.83 42.56
C3' ATP VA . 2.59 -34.65 43.57
O3' ATP VA . 2.61 -36.07 43.59
C2' ATP VA . 3.56 -34.03 44.57
O2' ATP VA . 4.78 -34.76 44.66
C1' ATP VA . 3.80 -32.66 43.96
N9 ATP VA . 2.86 -31.61 44.34
C8 ATP VA . 2.18 -30.80 43.47
N7 ATP VA . 1.40 -29.92 44.05
C5 ATP VA . 1.57 -30.17 45.40
C6 ATP VA . 1.01 -29.59 46.55
N6 ATP VA . 0.13 -28.58 46.53
N1 ATP VA . 1.40 -30.07 47.76
C2 ATP VA . 2.27 -31.08 47.79
N3 ATP VA . 2.88 -31.70 46.78
C4 ATP VA . 2.48 -31.20 45.60
PG ATP WA . 18.49 -35.65 12.00
O1G ATP WA . 17.65 -36.72 11.35
O2G ATP WA . 18.26 -35.51 13.49
O3G ATP WA . 18.53 -34.34 11.26
PB ATP WA . 20.53 -36.83 10.51
O1B ATP WA . 20.06 -38.27 10.42
O2B ATP WA . 20.21 -35.86 9.40
O3B ATP WA . 20.00 -36.20 11.89
PA ATP WA . 22.76 -37.11 12.17
O1A ATP WA . 22.11 -38.35 12.74
O2A ATP WA . 22.73 -35.81 12.95
O3A ATP WA . 22.13 -36.84 10.72
O5' ATP WA . 24.30 -37.45 11.83
C5' ATP WA . 25.35 -36.90 12.61
C4' ATP WA . 25.43 -35.40 12.36
O4' ATP WA . 26.24 -34.79 13.37
C3' ATP WA . 26.05 -35.08 11.02
O3' ATP WA . 25.06 -34.51 10.15
C2' ATP WA . 27.21 -34.15 11.30
O2' ATP WA . 27.04 -32.86 10.69
C1' ATP WA . 27.29 -34.00 12.81
N9 ATP WA . 28.60 -34.49 13.29
C8 ATP WA . 29.17 -35.67 12.96
N7 ATP WA . 30.37 -35.83 13.57
C5 ATP WA . 30.59 -34.72 14.31
C6 ATP WA . 31.66 -34.24 15.22
N6 ATP WA . 32.78 -34.97 15.44
N1 ATP WA . 31.50 -33.02 15.79
C2 ATP WA . 30.40 -32.28 15.57
N3 ATP WA . 29.39 -32.66 14.77
C4 ATP WA . 29.42 -33.85 14.12
PG ATP XA . 8.59 -27.52 -20.72
O1G ATP XA . 8.93 -27.28 -19.28
O2G ATP XA . 8.00 -26.32 -21.42
O3G ATP XA . 7.90 -28.82 -21.04
PB ATP XA . 11.34 -28.21 -20.75
O1B ATP XA . 12.26 -27.04 -20.54
O2B ATP XA . 11.02 -29.18 -19.64
O3B ATP XA . 10.01 -27.71 -21.45
PA ATP XA . 13.14 -30.07 -21.39
O1A ATP XA . 13.83 -29.40 -20.22
O2A ATP XA . 12.44 -31.38 -21.22
O3A ATP XA . 12.06 -29.03 -21.91
O5' ATP XA . 14.17 -30.22 -22.61
C5' ATP XA . 13.72 -30.93 -23.76
C4' ATP XA . 14.91 -31.17 -24.66
O4' ATP XA . 15.54 -29.93 -24.95
C3' ATP XA . 15.94 -32.07 -24.00
O3' ATP XA . 16.08 -33.27 -24.74
C2' ATP XA . 17.24 -31.30 -24.09
O2' ATP XA . 18.24 -32.10 -24.70
C1' ATP XA . 16.96 -30.06 -24.90
N9 ATP XA . 17.46 -28.87 -24.21
C8 ATP XA . 16.70 -27.82 -23.88
N7 ATP XA . 17.43 -26.87 -23.27
C5 ATP XA . 18.69 -27.31 -23.20
C6 ATP XA . 19.95 -26.79 -22.68
N6 ATP XA . 20.02 -25.58 -22.09
N1 ATP XA . 21.04 -27.55 -22.81
C2 ATP XA . 21.00 -28.76 -23.38
N3 ATP XA . 19.89 -29.30 -23.89
C4 ATP XA . 18.71 -28.63 -23.83
PG ATP YA . -17.55 -19.13 -21.67
O1G ATP YA . -15.88 -18.14 -21.63
O2G ATP YA . -17.25 -20.65 -21.50
O3G ATP YA . -18.52 -18.67 -20.55
PB ATP YA . -19.18 -20.11 -23.44
O1B ATP YA . -18.46 -21.40 -23.31
O2B ATP YA . -20.42 -20.00 -22.56
O3B ATP YA . -18.24 -18.94 -23.04
PA ATP YA . -20.45 -21.17 -25.48
O1A ATP YA . -19.67 -21.88 -26.49
O2A ATP YA . -20.82 -21.99 -24.24
O3A ATP YA . -19.68 -19.93 -24.91
O5' ATP YA . -21.73 -20.61 -26.18
C5' ATP YA . -22.78 -21.55 -26.43
C4' ATP YA . -24.02 -20.83 -26.87
O4' ATP YA . -23.72 -19.43 -27.07
C3' ATP YA . -24.58 -21.31 -28.21
O3' ATP YA . -25.54 -22.35 -28.00
C2' ATP YA . -25.23 -20.05 -28.77
O2' ATP YA . -26.51 -19.79 -28.20
C1' ATP YA . -24.26 -18.98 -28.29
N9 ATP YA . -23.15 -18.72 -29.20
C8 ATP YA . -21.83 -18.96 -28.95
N7 ATP YA . -21.04 -18.64 -29.95
C5 ATP YA . -21.89 -18.17 -30.92
C6 ATP YA . -21.68 -17.67 -32.22
N6 ATP YA . -20.48 -17.57 -32.78
N1 ATP YA . -22.76 -17.27 -32.93
C2 ATP YA . -23.98 -17.38 -32.37
N3 ATP YA . -24.30 -17.82 -31.15
C4 ATP YA . -23.21 -18.21 -30.47
PG ATP ZA . -39.11 -14.15 0.17
O1G ATP ZA . -38.55 -14.59 -1.15
O2G ATP ZA . -38.58 -12.81 0.62
O3G ATP ZA . -39.17 -15.18 1.26
PB ATP ZA . -41.52 -14.54 -1.26
O1B ATP ZA . -41.75 -13.55 -2.36
O2B ATP ZA . -41.03 -15.95 -1.52
O3B ATP ZA . -40.66 -13.86 -0.11
PA ATP ZA . -43.91 -15.73 -1.26
O1A ATP ZA . -43.64 -15.65 -2.74
O2A ATP ZA . -43.72 -17.01 -0.51
O3A ATP ZA . -42.96 -14.65 -0.58
O5' ATP ZA . -45.39 -15.20 -0.96
C5' ATP ZA . -45.86 -15.31 0.37
C4' ATP ZA . -47.34 -14.99 0.39
O4' ATP ZA . -47.56 -13.73 -0.22
C3' ATP ZA . -48.12 -16.02 -0.42
O3' ATP ZA . -49.03 -16.71 0.43
C2' ATP ZA . -48.94 -15.21 -1.40
O2' ATP ZA . -50.31 -15.55 -1.31
C1' ATP ZA . -48.70 -13.76 -1.07
N9 ATP ZA . -48.35 -13.01 -2.29
C8 ATP ZA . -47.21 -12.31 -2.42
N7 ATP ZA . -47.14 -11.71 -3.62
C5 ATP ZA . -48.26 -12.04 -4.29
C6 ATP ZA . -48.81 -11.75 -5.62
N6 ATP ZA . -48.14 -10.97 -6.48
N1 ATP ZA . -49.99 -12.28 -5.93
C2 ATP ZA . -50.68 -13.06 -5.07
N3 ATP ZA . -50.23 -13.37 -3.85
C4 ATP ZA . -49.05 -12.90 -3.40
#